data_9G3O
#
_entry.id   9G3O
#
_entity_poly.entity_id   1
_entity_poly.type   'polypeptide(L)'
_entity_poly.pdbx_seq_one_letter_code
;MTLEQAIERAGTKHGNKGWEAALSAIEMANLFKSLRGTGGSGSSMEIYEGKLTAEGLRFGIVASRFNHALVDRLVEGAID
CIVRHGGREEDITLVRVPGSWEIPVAAGELARKEDIDAVIAIGVLIRGATPHFDYIASEVSKGLANLSLELRKPITFGVI
TAD
;
_entity_poly.pdbx_strand_id   A,B,C,D,E,F,G,H,I,J,K,L,M,N,O,P,Q,R,S,T,U,V,W,X,Y,Z,AA,BA,CA,DA,EA,FA,GA,HA,IA,JA,KA,LA,MA,NA,OA,PA,QA,RA,SA,TA,UA,VA,WA,XA,YA,ZA,AB,BB,CB,DB,EB,FB,GB,HB,IB,JB,KB,LB,MB,NB,OB,PB,QB,RB,SB,TB,UB,VB,WB,XB,YB,ZB,AC,BC,CC,DC,EC,FC,GC,HC,IC,JC,KC,LC,MC,NC,OC,PC,QC,RC,SC,TC,UC,VC,WC,XC,YC,ZC,AD,BD,CD,DD,ED,FD,GD,HD,ID,JD,KD,LD,MD,ND,OD,PD
#
# COMPACT_ATOMS: atom_id res chain seq x y z
N GLY A 15 -88.50 33.63 29.90
CA GLY A 15 -87.65 32.47 30.12
C GLY A 15 -87.98 31.31 29.21
N ASN A 16 -89.23 31.26 28.74
CA ASN A 16 -89.69 30.20 27.86
C ASN A 16 -90.65 30.78 26.83
N LYS A 17 -90.67 30.16 25.65
CA LYS A 17 -91.50 30.67 24.56
C LYS A 17 -92.98 30.45 24.80
N GLY A 18 -93.35 29.58 25.73
CA GLY A 18 -94.76 29.44 26.06
C GLY A 18 -95.34 30.71 26.66
N TRP A 19 -94.59 31.32 27.58
CA TRP A 19 -95.00 32.61 28.14
C TRP A 19 -95.06 33.68 27.07
N GLU A 20 -94.06 33.73 26.19
CA GLU A 20 -94.03 34.77 25.16
C GLU A 20 -95.19 34.62 24.18
N ALA A 21 -95.49 33.39 23.77
CA ALA A 21 -96.56 33.18 22.81
C ALA A 21 -97.91 33.58 23.38
N ALA A 22 -98.15 33.28 24.66
CA ALA A 22 -99.42 33.64 25.27
C ALA A 22 -99.57 35.14 25.40
N LEU A 23 -98.47 35.86 25.61
CA LEU A 23 -98.56 37.32 25.75
C LEU A 23 -98.93 37.99 24.44
N SER A 24 -98.40 37.49 23.33
CA SER A 24 -98.78 38.02 22.03
C SER A 24 -100.25 37.77 21.75
N ALA A 25 -100.76 36.60 22.16
CA ALA A 25 -102.15 36.27 21.92
C ALA A 25 -103.08 37.23 22.65
N ILE A 26 -102.76 37.60 23.89
CA ILE A 26 -103.60 38.51 24.65
C ILE A 26 -103.67 39.86 23.94
N GLU A 27 -102.52 40.38 23.53
CA GLU A 27 -102.49 41.68 22.88
C GLU A 27 -103.26 41.66 21.56
N MET A 28 -103.09 40.61 20.76
CA MET A 28 -103.77 40.54 19.49
C MET A 28 -105.27 40.41 19.66
N ALA A 29 -105.72 39.68 20.68
CA ALA A 29 -107.15 39.55 20.93
C ALA A 29 -107.77 40.90 21.26
N ASN A 30 -107.11 41.70 22.08
CA ASN A 30 -107.64 43.01 22.44
C ASN A 30 -107.56 43.99 21.27
N LEU A 31 -106.55 43.85 20.41
CA LEU A 31 -106.43 44.73 19.26
C LEU A 31 -107.58 44.53 18.28
N PHE A 32 -108.01 43.29 18.09
CA PHE A 32 -109.07 43.02 17.12
C PHE A 32 -110.44 43.46 17.62
N LYS A 33 -110.60 43.68 18.92
CA LYS A 33 -111.83 44.27 19.41
C LYS A 33 -111.89 45.76 19.12
N SER A 34 -110.75 46.45 19.11
CA SER A 34 -110.74 47.88 18.81
C SER A 34 -110.99 48.13 17.33
N LEU A 35 -110.35 47.35 16.45
CA LEU A 35 -110.54 47.55 15.02
C LEU A 35 -111.99 47.33 14.61
N ARG A 36 -112.64 46.31 15.17
CA ARG A 36 -114.03 46.00 14.85
C ARG A 36 -114.96 46.74 15.81
N GLY A 37 -114.82 48.07 15.82
CA GLY A 37 -115.61 48.90 16.69
C GLY A 37 -115.87 50.25 16.06
N THR A 38 -116.90 50.92 16.56
CA THR A 38 -117.30 52.23 16.06
C THR A 38 -117.57 53.15 17.25
N GLY A 39 -117.40 54.44 17.02
CA GLY A 39 -117.64 55.42 18.05
C GLY A 39 -117.08 56.77 17.65
N GLY A 40 -117.18 57.72 18.58
CA GLY A 40 -116.67 59.04 18.34
C GLY A 40 -115.15 59.07 18.25
N SER A 41 -114.64 60.04 17.49
CA SER A 41 -113.21 60.19 17.32
C SER A 41 -112.89 61.66 17.08
N GLY A 42 -111.64 62.02 17.34
CA GLY A 42 -111.17 63.38 17.15
C GLY A 42 -110.70 63.64 15.72
N SER A 43 -110.16 64.83 15.52
CA SER A 43 -109.65 65.26 14.23
C SER A 43 -108.16 64.99 14.06
N SER A 44 -107.53 64.32 15.02
CA SER A 44 -106.11 64.06 14.98
C SER A 44 -105.84 62.66 14.41
N MET A 45 -104.59 62.22 14.52
CA MET A 45 -104.21 60.89 14.07
C MET A 45 -104.87 59.83 14.95
N GLU A 46 -105.22 58.70 14.32
CA GLU A 46 -105.88 57.60 15.00
C GLU A 46 -104.89 56.47 15.25
N ILE A 47 -104.81 56.00 16.49
CA ILE A 47 -103.89 54.95 16.89
C ILE A 47 -104.69 53.81 17.51
N TYR A 48 -104.39 52.59 17.09
CA TYR A 48 -104.98 51.38 17.64
C TYR A 48 -103.90 50.57 18.33
N GLU A 49 -104.10 50.27 19.61
CA GLU A 49 -103.18 49.47 20.39
C GLU A 49 -103.94 48.39 21.14
N GLY A 50 -103.20 47.44 21.69
CA GLY A 50 -103.77 46.36 22.45
C GLY A 50 -103.34 46.36 23.90
N LYS A 51 -104.31 46.34 24.81
CA LYS A 51 -104.01 46.23 26.23
C LYS A 51 -103.64 44.79 26.59
N LEU A 52 -103.12 44.62 27.80
CA LEU A 52 -102.71 43.33 28.31
C LEU A 52 -103.61 42.86 29.45
N THR A 53 -104.90 43.13 29.33
CA THR A 53 -105.91 42.63 30.26
C THR A 53 -106.58 41.43 29.62
N ALA A 54 -106.55 40.29 30.32
CA ALA A 54 -107.02 39.02 29.77
C ALA A 54 -108.43 38.67 30.24
N GLU A 55 -109.15 39.61 30.84
CA GLU A 55 -110.47 39.33 31.39
C GLU A 55 -111.50 39.23 30.28
N GLY A 56 -112.27 38.15 30.28
CA GLY A 56 -113.35 37.97 29.34
C GLY A 56 -112.99 37.29 28.03
N LEU A 57 -111.72 36.97 27.81
CA LEU A 57 -111.26 36.35 26.58
C LEU A 57 -111.21 34.83 26.72
N ARG A 58 -111.24 34.14 25.57
CA ARG A 58 -111.22 32.69 25.52
C ARG A 58 -110.14 32.24 24.56
N PHE A 59 -109.30 31.31 25.00
CA PHE A 59 -108.09 30.93 24.29
C PHE A 59 -108.12 29.46 23.91
N GLY A 60 -107.21 29.10 23.00
CA GLY A 60 -106.99 27.72 22.60
C GLY A 60 -105.51 27.41 22.48
N ILE A 61 -105.10 26.25 22.99
CA ILE A 61 -103.71 25.82 22.96
C ILE A 61 -103.63 24.48 22.25
N VAL A 62 -102.62 24.32 21.40
CA VAL A 62 -102.34 23.07 20.68
C VAL A 62 -100.88 22.73 20.92
N ALA A 63 -100.64 21.60 21.57
CA ALA A 63 -99.30 21.21 21.99
C ALA A 63 -98.99 19.80 21.53
N SER A 64 -97.74 19.58 21.12
CA SER A 64 -97.29 18.26 20.69
C SER A 64 -96.62 17.53 21.84
N ARG A 65 -96.45 16.22 21.67
CA ARG A 65 -95.90 15.38 22.72
C ARG A 65 -94.40 15.14 22.56
N PHE A 66 -93.82 15.47 21.41
CA PHE A 66 -92.42 15.20 21.15
C PHE A 66 -91.52 15.74 22.25
N ASN A 67 -90.31 15.19 22.35
CA ASN A 67 -89.33 15.58 23.36
C ASN A 67 -89.84 15.35 24.78
N HIS A 68 -90.84 14.48 24.94
CA HIS A 68 -91.22 13.99 26.25
C HIS A 68 -91.80 15.10 27.14
N ALA A 69 -90.99 15.65 28.06
CA ALA A 69 -91.49 16.52 29.11
C ALA A 69 -91.23 18.00 28.86
N LEU A 70 -90.45 18.35 27.84
CA LEU A 70 -90.12 19.76 27.63
C LEU A 70 -91.37 20.57 27.28
N VAL A 71 -92.31 19.96 26.56
CA VAL A 71 -93.53 20.66 26.19
C VAL A 71 -94.37 20.96 27.43
N ASP A 72 -94.37 20.04 28.41
CA ASP A 72 -95.12 20.28 29.64
C ASP A 72 -94.63 21.54 30.33
N ARG A 73 -93.34 21.83 30.23
CA ARG A 73 -92.81 23.08 30.78
C ARG A 73 -93.37 24.28 30.02
N LEU A 74 -93.47 24.17 28.69
CA LEU A 74 -93.99 25.28 27.90
C LEU A 74 -95.47 25.49 28.13
N VAL A 75 -96.24 24.41 28.22
CA VAL A 75 -97.69 24.54 28.46
C VAL A 75 -97.95 25.14 29.83
N GLU A 76 -97.11 24.81 30.81
CA GLU A 76 -97.27 25.39 32.14
C GLU A 76 -97.09 26.91 32.10
N GLY A 77 -96.09 27.38 31.36
CA GLY A 77 -95.88 28.81 31.25
C GLY A 77 -97.03 29.54 30.57
N ALA A 78 -97.65 28.90 29.58
CA ALA A 78 -98.75 29.55 28.88
C ALA A 78 -99.93 29.82 29.80
N ILE A 79 -100.30 28.82 30.60
CA ILE A 79 -101.45 28.99 31.47
C ILE A 79 -101.15 30.01 32.57
N ASP A 80 -99.91 30.03 33.06
CA ASP A 80 -99.55 30.99 34.08
C ASP A 80 -99.74 32.42 33.59
N CYS A 81 -99.41 32.68 32.32
CA CYS A 81 -99.59 34.00 31.76
C CYS A 81 -101.06 34.40 31.74
N ILE A 82 -101.94 33.47 31.35
CA ILE A 82 -103.35 33.82 31.19
C ILE A 82 -104.01 34.05 32.54
N VAL A 83 -103.68 33.23 33.54
CA VAL A 83 -104.33 33.34 34.83
C VAL A 83 -103.87 34.61 35.56
N ARG A 84 -102.58 34.93 35.48
CA ARG A 84 -102.05 36.05 36.22
C ARG A 84 -102.37 37.41 35.59
N HIS A 85 -102.77 37.43 34.32
CA HIS A 85 -103.17 38.67 33.66
C HIS A 85 -104.67 38.92 33.75
N GLY A 86 -105.41 38.07 34.46
CA GLY A 86 -106.83 38.28 34.68
C GLY A 86 -107.74 37.23 34.09
N GLY A 87 -107.22 36.27 33.34
CA GLY A 87 -108.08 35.27 32.72
C GLY A 87 -108.49 34.18 33.67
N ARG A 88 -109.45 33.37 33.22
CA ARG A 88 -110.00 32.27 33.98
C ARG A 88 -109.63 30.95 33.32
N GLU A 89 -109.27 29.96 34.14
CA GLU A 89 -108.83 28.68 33.62
C GLU A 89 -109.97 27.86 33.04
N GLU A 90 -111.22 28.24 33.26
CA GLU A 90 -112.35 27.59 32.63
C GLU A 90 -112.51 27.99 31.16
N ASP A 91 -111.75 28.97 30.69
CA ASP A 91 -111.88 29.49 29.34
C ASP A 91 -110.75 29.04 28.41
N ILE A 92 -109.97 28.05 28.81
CA ILE A 92 -108.88 27.52 28.00
C ILE A 92 -109.31 26.16 27.47
N THR A 93 -108.88 25.84 26.25
CA THR A 93 -109.11 24.53 25.64
C THR A 93 -107.78 23.96 25.19
N LEU A 94 -107.46 22.76 25.64
CA LEU A 94 -106.19 22.12 25.35
C LEU A 94 -106.40 20.94 24.41
N VAL A 95 -105.62 20.91 23.33
CA VAL A 95 -105.63 19.84 22.35
C VAL A 95 -104.21 19.33 22.21
N ARG A 96 -104.04 18.01 22.26
CA ARG A 96 -102.72 17.38 22.20
C ARG A 96 -102.61 16.54 20.94
N VAL A 97 -101.48 16.69 20.23
CA VAL A 97 -101.25 16.00 18.97
C VAL A 97 -99.96 15.19 19.05
N PRO A 98 -99.77 14.17 18.21
CA PRO A 98 -98.59 13.30 18.37
C PRO A 98 -97.27 13.99 18.05
N GLY A 99 -97.18 14.75 16.96
CA GLY A 99 -95.94 15.34 16.56
C GLY A 99 -96.13 16.73 15.99
N SER A 100 -95.01 17.35 15.61
CA SER A 100 -95.06 18.72 15.08
C SER A 100 -95.78 18.76 13.74
N TRP A 101 -95.63 17.70 12.94
CA TRP A 101 -96.27 17.66 11.63
C TRP A 101 -97.79 17.77 11.72
N GLU A 102 -98.38 17.45 12.87
CA GLU A 102 -99.83 17.43 13.02
C GLU A 102 -100.41 18.72 13.59
N ILE A 103 -99.58 19.70 13.92
CA ILE A 103 -100.07 20.93 14.57
C ILE A 103 -100.99 21.72 13.66
N PRO A 104 -100.63 21.97 12.39
CA PRO A 104 -101.50 22.83 11.56
C PRO A 104 -102.91 22.31 11.37
N VAL A 105 -103.10 21.01 11.17
CA VAL A 105 -104.44 20.49 10.92
C VAL A 105 -105.29 20.58 12.19
N ALA A 106 -104.69 20.32 13.34
CA ALA A 106 -105.43 20.45 14.60
C ALA A 106 -105.77 21.91 14.90
N ALA A 107 -104.86 22.82 14.56
CA ALA A 107 -105.11 24.24 14.80
C ALA A 107 -106.28 24.74 13.97
N GLY A 108 -106.39 24.29 12.73
CA GLY A 108 -107.48 24.74 11.87
C GLY A 108 -108.84 24.38 12.42
N GLU A 109 -108.98 23.17 12.96
CA GLU A 109 -110.24 22.77 13.55
C GLU A 109 -110.58 23.64 14.76
N LEU A 110 -109.59 23.95 15.58
CA LEU A 110 -109.80 24.72 16.80
C LEU A 110 -110.04 26.20 16.54
N ALA A 111 -109.60 26.72 15.39
CA ALA A 111 -109.76 28.12 15.05
C ALA A 111 -110.99 28.39 14.20
N ARG A 112 -111.82 27.39 13.95
CA ARG A 112 -113.01 27.55 13.12
C ARG A 112 -114.29 27.62 13.96
N LYS A 113 -114.18 27.69 15.28
CA LYS A 113 -115.33 27.80 16.16
C LYS A 113 -115.38 29.20 16.76
N GLU A 114 -116.61 29.74 16.86
CA GLU A 114 -116.79 31.16 17.16
C GLU A 114 -116.44 31.50 18.60
N ASP A 115 -116.37 30.51 19.49
CA ASP A 115 -116.08 30.79 20.89
C ASP A 115 -114.62 31.11 21.14
N ILE A 116 -113.72 30.70 20.24
CA ILE A 116 -112.29 30.92 20.42
C ILE A 116 -111.92 32.28 19.86
N ASP A 117 -111.05 32.99 20.58
CA ASP A 117 -110.57 34.31 20.16
C ASP A 117 -109.15 34.28 19.62
N ALA A 118 -108.28 33.44 20.15
CA ALA A 118 -106.93 33.30 19.63
C ALA A 118 -106.42 31.90 19.94
N VAL A 119 -105.44 31.45 19.14
CA VAL A 119 -104.89 30.11 19.22
C VAL A 119 -103.37 30.21 19.42
N ILE A 120 -102.83 29.34 20.26
CA ILE A 120 -101.41 29.31 20.57
C ILE A 120 -100.86 27.93 20.21
N ALA A 121 -99.75 27.90 19.49
CA ALA A 121 -99.13 26.67 19.02
C ALA A 121 -97.78 26.48 19.71
N ILE A 122 -97.58 25.32 20.31
CA ILE A 122 -96.38 25.01 21.08
C ILE A 122 -95.84 23.66 20.64
N GLY A 123 -94.52 23.55 20.56
CA GLY A 123 -93.92 22.28 20.19
C GLY A 123 -92.42 22.38 20.19
N VAL A 124 -91.78 21.23 19.95
CA VAL A 124 -90.33 21.11 19.90
C VAL A 124 -89.96 20.41 18.60
N LEU A 125 -88.96 20.94 17.90
CA LEU A 125 -88.48 20.39 16.65
C LEU A 125 -87.08 19.80 16.84
N ILE A 126 -86.75 18.86 15.98
CA ILE A 126 -85.47 18.16 16.04
C ILE A 126 -84.54 18.74 14.99
N ARG A 127 -83.24 18.68 15.26
CA ARG A 127 -82.21 19.24 14.39
C ARG A 127 -81.16 18.17 14.06
N GLY A 128 -81.64 17.01 13.62
CA GLY A 128 -80.76 15.90 13.31
C GLY A 128 -79.98 16.03 12.02
N ALA A 129 -80.10 17.15 11.32
CA ALA A 129 -79.37 17.38 10.07
C ALA A 129 -79.69 16.30 9.04
N THR A 130 -80.98 15.99 8.90
CA THR A 130 -81.46 15.00 7.96
C THR A 130 -82.58 15.61 7.12
N PRO A 131 -82.73 15.18 5.87
CA PRO A 131 -83.87 15.68 5.08
C PRO A 131 -85.22 15.37 5.69
N HIS A 132 -85.32 14.30 6.49
CA HIS A 132 -86.59 13.95 7.10
C HIS A 132 -87.08 15.08 8.02
N PHE A 133 -86.19 15.66 8.79
CA PHE A 133 -86.56 16.74 9.71
C PHE A 133 -86.54 18.11 9.06
N ASP A 134 -85.65 18.34 8.09
CA ASP A 134 -85.55 19.65 7.48
C ASP A 134 -86.82 20.01 6.71
N TYR A 135 -87.45 19.03 6.06
CA TYR A 135 -88.67 19.30 5.33
C TYR A 135 -89.85 19.47 6.27
N ILE A 136 -89.92 18.66 7.32
CA ILE A 136 -91.02 18.80 8.28
C ILE A 136 -91.00 20.18 8.92
N ALA A 137 -89.81 20.71 9.19
CA ALA A 137 -89.72 21.99 9.89
C ALA A 137 -90.36 23.11 9.08
N SER A 138 -90.12 23.12 7.77
CA SER A 138 -90.61 24.23 6.95
C SER A 138 -92.13 24.23 6.88
N GLU A 139 -92.74 23.05 6.79
CA GLU A 139 -94.18 22.98 6.55
C GLU A 139 -94.98 23.42 7.78
N VAL A 140 -94.43 23.25 8.97
CA VAL A 140 -95.15 23.66 10.17
C VAL A 140 -95.38 25.17 10.16
N SER A 141 -94.35 25.94 9.77
CA SER A 141 -94.46 27.39 9.78
C SER A 141 -95.40 27.89 8.68
N LYS A 142 -95.31 27.30 7.48
CA LYS A 142 -96.12 27.79 6.37
C LYS A 142 -97.60 27.55 6.61
N GLY A 143 -97.95 26.41 7.19
CA GLY A 143 -99.37 26.12 7.40
C GLY A 143 -100.01 27.06 8.39
N LEU A 144 -99.34 27.34 9.51
CA LEU A 144 -99.91 28.25 10.50
C LEU A 144 -100.00 29.66 9.96
N ALA A 145 -99.07 30.06 9.09
CA ALA A 145 -99.12 31.39 8.50
C ALA A 145 -100.31 31.55 7.58
N ASN A 146 -100.53 30.57 6.69
CA ASN A 146 -101.67 30.64 5.77
C ASN A 146 -102.99 30.61 6.51
N LEU A 147 -103.08 29.78 7.56
CA LEU A 147 -104.35 29.57 8.24
C LEU A 147 -104.84 30.85 8.93
N SER A 148 -103.92 31.67 9.43
CA SER A 148 -104.33 32.92 10.07
C SER A 148 -104.85 33.92 9.06
N LEU A 149 -104.33 33.90 7.83
CA LEU A 149 -104.82 34.81 6.79
C LEU A 149 -106.14 34.33 6.21
N GLU A 150 -106.31 33.01 6.07
CA GLU A 150 -107.56 32.49 5.53
C GLU A 150 -108.74 32.77 6.46
N LEU A 151 -108.56 32.54 7.75
CA LEU A 151 -109.65 32.65 8.71
C LEU A 151 -109.72 34.00 9.41
N ARG A 152 -108.71 34.86 9.23
CA ARG A 152 -108.68 36.18 9.85
C ARG A 152 -108.77 36.08 11.39
N LYS A 153 -107.91 35.22 11.95
CA LYS A 153 -107.83 35.03 13.39
C LYS A 153 -106.35 34.95 13.78
N PRO A 154 -105.95 35.55 14.90
CA PRO A 154 -104.53 35.52 15.27
C PRO A 154 -104.09 34.16 15.80
N ILE A 155 -102.99 33.66 15.26
CA ILE A 155 -102.37 32.40 15.68
C ILE A 155 -100.90 32.69 15.96
N THR A 156 -100.43 32.28 17.13
CA THR A 156 -99.10 32.62 17.60
C THR A 156 -98.16 31.42 17.52
N PHE A 157 -96.89 31.71 17.29
CA PHE A 157 -95.87 30.70 17.00
C PHE A 157 -94.99 30.55 18.23
N GLY A 158 -94.99 29.35 18.81
CA GLY A 158 -94.20 29.07 19.98
C GLY A 158 -93.40 27.79 19.89
N VAL A 159 -92.89 27.49 18.70
CA VAL A 159 -92.14 26.25 18.45
C VAL A 159 -90.66 26.54 18.60
N ILE A 160 -89.98 25.74 19.41
CA ILE A 160 -88.55 25.86 19.63
C ILE A 160 -87.84 24.67 19.01
N THR A 161 -86.51 24.69 19.06
CA THR A 161 -85.68 23.63 18.54
C THR A 161 -84.90 22.98 19.68
N ALA A 162 -84.71 21.67 19.58
CA ALA A 162 -83.96 20.90 20.57
C ALA A 162 -84.56 21.06 21.96
N GLY B 15 -80.48 57.47 4.21
CA GLY B 15 -81.80 57.63 4.78
C GLY B 15 -82.27 56.41 5.54
N ASN B 16 -83.59 56.30 5.72
CA ASN B 16 -84.20 55.19 6.44
C ASN B 16 -85.33 54.62 5.62
N LYS B 17 -85.55 53.32 5.78
CA LYS B 17 -86.58 52.64 5.01
C LYS B 17 -87.97 53.16 5.31
N GLY B 18 -88.16 53.86 6.42
CA GLY B 18 -89.44 54.49 6.67
C GLY B 18 -89.77 55.53 5.64
N TRP B 19 -88.79 56.35 5.27
CA TRP B 19 -88.99 57.36 4.23
C TRP B 19 -89.19 56.71 2.87
N GLU B 20 -88.38 55.70 2.54
CA GLU B 20 -88.48 55.05 1.24
C GLU B 20 -89.82 54.34 1.08
N ALA B 21 -90.30 53.68 2.14
CA ALA B 21 -91.55 52.95 2.04
C ALA B 21 -92.75 53.87 1.86
N ALA B 22 -92.69 55.09 2.41
CA ALA B 22 -93.78 56.03 2.22
C ALA B 22 -93.76 56.66 0.84
N LEU B 23 -92.58 56.86 0.26
CA LEU B 23 -92.51 57.36 -1.11
C LEU B 23 -93.14 56.39 -2.10
N SER B 24 -92.83 55.10 -1.96
CA SER B 24 -93.40 54.11 -2.87
C SER B 24 -94.92 54.07 -2.74
N ALA B 25 -95.43 54.15 -1.52
CA ALA B 25 -96.87 54.10 -1.32
C ALA B 25 -97.56 55.30 -1.95
N ILE B 26 -96.95 56.49 -1.86
CA ILE B 26 -97.58 57.67 -2.43
C ILE B 26 -97.66 57.56 -3.94
N GLU B 27 -96.63 56.99 -4.58
CA GLU B 27 -96.62 56.93 -6.03
C GLU B 27 -97.58 55.87 -6.55
N MET B 28 -97.67 54.71 -5.88
CA MET B 28 -98.61 53.68 -6.32
C MET B 28 -100.05 54.09 -6.10
N ALA B 29 -100.33 54.87 -5.06
CA ALA B 29 -101.69 55.34 -4.83
C ALA B 29 -102.15 56.26 -5.95
N ASN B 30 -101.23 57.06 -6.50
CA ASN B 30 -101.57 57.94 -7.60
C ASN B 30 -101.67 57.16 -8.92
N LEU B 31 -100.86 56.13 -9.09
CA LEU B 31 -100.89 55.33 -10.31
C LEU B 31 -102.21 54.60 -10.47
N PHE B 32 -102.77 54.10 -9.36
CA PHE B 32 -104.01 53.34 -9.44
C PHE B 32 -105.23 54.22 -9.68
N LYS B 33 -105.12 55.54 -9.44
CA LYS B 33 -106.23 56.42 -9.76
C LYS B 33 -106.33 56.65 -11.27
N SER B 34 -105.20 56.87 -11.93
CA SER B 34 -105.22 57.11 -13.37
C SER B 34 -105.44 55.83 -14.16
N LEU B 35 -104.94 54.71 -13.65
CA LEU B 35 -105.09 53.43 -14.34
C LEU B 35 -106.53 52.93 -14.29
N ARG B 36 -107.31 53.36 -13.29
CA ARG B 36 -108.71 52.97 -13.16
C ARG B 36 -109.67 54.00 -13.73
N GLY B 37 -109.15 55.08 -14.33
CA GLY B 37 -109.98 56.09 -14.95
C GLY B 37 -110.12 55.87 -16.44
N THR B 38 -110.55 56.93 -17.13
CA THR B 38 -110.71 56.87 -18.58
C THR B 38 -109.35 56.77 -19.25
N GLY B 39 -109.27 55.95 -20.30
CA GLY B 39 -108.04 55.78 -21.03
C GLY B 39 -107.80 56.89 -22.03
N GLY B 40 -106.62 56.85 -22.65
CA GLY B 40 -106.27 57.85 -23.64
C GLY B 40 -107.10 57.72 -24.90
N SER B 41 -107.31 58.86 -25.56
CA SER B 41 -108.09 58.85 -26.80
C SER B 41 -107.42 58.04 -27.89
N GLY B 42 -106.10 58.18 -28.02
CA GLY B 42 -105.34 57.47 -29.02
C GLY B 42 -104.32 58.40 -29.64
N SER B 43 -103.82 57.99 -30.81
CA SER B 43 -102.87 58.74 -31.63
C SER B 43 -101.45 58.66 -31.08
N SER B 44 -101.19 57.89 -30.02
CA SER B 44 -99.85 57.74 -29.50
C SER B 44 -99.86 56.61 -28.47
N MET B 45 -98.67 56.17 -28.09
CA MET B 45 -98.54 55.19 -27.03
C MET B 45 -98.97 55.79 -25.70
N GLU B 46 -99.65 54.99 -24.89
CA GLU B 46 -100.17 55.45 -23.61
C GLU B 46 -99.19 55.11 -22.50
N ILE B 47 -98.82 56.11 -21.71
CA ILE B 47 -97.88 55.95 -20.59
C ILE B 47 -98.59 56.38 -19.32
N TYR B 48 -98.51 55.53 -18.30
CA TYR B 48 -99.07 55.81 -16.98
C TYR B 48 -97.94 55.96 -15.98
N GLU B 49 -97.96 57.04 -15.21
CA GLU B 49 -96.96 57.33 -14.21
C GLU B 49 -97.63 57.90 -12.98
N GLY B 50 -96.94 57.84 -11.85
CA GLY B 50 -97.45 58.33 -10.58
C GLY B 50 -96.72 59.60 -10.15
N LYS B 51 -97.50 60.62 -9.82
CA LYS B 51 -96.96 61.86 -9.29
C LYS B 51 -96.67 61.73 -7.80
N LEU B 52 -95.78 62.58 -7.32
CA LEU B 52 -95.41 62.60 -5.91
C LEU B 52 -96.15 63.73 -5.18
N THR B 53 -97.47 63.62 -5.18
CA THR B 53 -98.35 64.54 -4.46
C THR B 53 -99.33 63.70 -3.65
N ALA B 54 -99.51 64.08 -2.38
CA ALA B 54 -100.29 63.29 -1.43
C ALA B 54 -101.45 64.09 -0.87
N GLU B 55 -102.16 64.81 -1.73
CA GLU B 55 -103.27 65.66 -1.31
C GLU B 55 -104.57 64.91 -1.58
N GLY B 56 -105.25 64.50 -0.53
CA GLY B 56 -106.52 63.80 -0.64
C GLY B 56 -106.45 62.29 -0.54
N LEU B 57 -105.33 61.73 -0.10
CA LEU B 57 -105.15 60.29 -0.01
C LEU B 57 -105.07 59.86 1.45
N ARG B 58 -105.57 58.66 1.72
CA ARG B 58 -105.54 58.06 3.04
C ARG B 58 -104.50 56.94 3.08
N PHE B 59 -103.88 56.75 4.25
CA PHE B 59 -102.82 55.78 4.42
C PHE B 59 -103.01 55.02 5.72
N GLY B 60 -102.50 53.80 5.75
CA GLY B 60 -102.41 53.02 6.98
C GLY B 60 -101.00 52.50 7.17
N ILE B 61 -100.61 52.40 8.44
CA ILE B 61 -99.27 51.97 8.81
C ILE B 61 -99.39 50.86 9.84
N VAL B 62 -98.63 49.78 9.64
CA VAL B 62 -98.53 48.68 10.58
C VAL B 62 -97.07 48.56 10.98
N ALA B 63 -96.79 48.73 12.26
CA ALA B 63 -95.43 48.71 12.78
C ALA B 63 -95.36 47.81 14.01
N SER B 64 -94.34 46.97 14.06
CA SER B 64 -94.15 46.09 15.19
C SER B 64 -93.50 46.86 16.35
N ARG B 65 -93.19 46.13 17.42
CA ARG B 65 -92.69 46.74 18.65
C ARG B 65 -91.28 46.32 19.02
N PHE B 66 -90.87 45.11 18.66
CA PHE B 66 -89.54 44.65 19.02
C PHE B 66 -88.49 45.64 18.54
N ASN B 67 -87.35 45.66 19.23
CA ASN B 67 -86.31 46.67 19.02
C ASN B 67 -86.91 48.07 19.19
N HIS B 68 -87.31 48.31 20.44
CA HIS B 68 -88.05 49.51 20.84
C HIS B 68 -87.56 50.78 20.17
N ALA B 69 -86.25 51.00 20.16
CA ALA B 69 -85.73 52.28 19.68
C ALA B 69 -85.83 52.40 18.16
N LEU B 70 -85.47 51.36 17.42
CA LEU B 70 -85.37 51.47 15.97
C LEU B 70 -86.71 51.79 15.34
N VAL B 71 -87.74 51.00 15.65
CA VAL B 71 -89.00 51.10 14.92
C VAL B 71 -89.63 52.46 15.11
N ASP B 72 -89.37 53.11 16.25
CA ASP B 72 -89.94 54.44 16.47
C ASP B 72 -89.35 55.47 15.51
N ARG B 73 -88.06 55.31 15.16
CA ARG B 73 -87.46 56.21 14.17
C ARG B 73 -88.06 55.99 12.78
N LEU B 74 -88.33 54.74 12.42
CA LEU B 74 -88.91 54.44 11.11
C LEU B 74 -90.31 55.02 10.98
N VAL B 75 -91.12 54.93 12.03
CA VAL B 75 -92.49 55.44 11.95
C VAL B 75 -92.50 56.96 11.82
N GLU B 76 -91.57 57.64 12.50
CA GLU B 76 -91.48 59.09 12.36
C GLU B 76 -91.08 59.49 10.94
N GLY B 77 -90.19 58.73 10.33
CA GLY B 77 -89.83 59.00 8.95
C GLY B 77 -91.00 58.91 8.00
N ALA B 78 -91.83 57.88 8.17
CA ALA B 78 -92.97 57.70 7.26
C ALA B 78 -93.98 58.83 7.38
N ILE B 79 -94.26 59.27 8.61
CA ILE B 79 -95.23 60.34 8.80
C ILE B 79 -94.69 61.66 8.26
N ASP B 80 -93.40 61.90 8.43
CA ASP B 80 -92.80 63.13 7.93
C ASP B 80 -92.90 63.20 6.41
N CYS B 81 -92.70 62.08 5.72
CA CYS B 81 -92.78 62.06 4.27
C CYS B 81 -94.17 62.46 3.79
N ILE B 82 -95.21 61.90 4.41
CA ILE B 82 -96.57 62.15 3.94
C ILE B 82 -96.96 63.60 4.16
N VAL B 83 -96.66 64.13 5.34
CA VAL B 83 -97.11 65.48 5.69
C VAL B 83 -96.41 66.53 4.82
N ARG B 84 -95.14 66.31 4.51
CA ARG B 84 -94.40 67.28 3.73
C ARG B 84 -94.68 67.20 2.24
N HIS B 85 -95.43 66.21 1.78
CA HIS B 85 -95.85 66.12 0.39
C HIS B 85 -97.27 66.61 0.17
N GLY B 86 -97.94 67.10 1.22
CA GLY B 86 -99.28 67.63 1.10
C GLY B 86 -100.34 66.85 1.85
N GLY B 87 -99.99 65.74 2.47
CA GLY B 87 -100.96 64.96 3.21
C GLY B 87 -101.34 65.60 4.52
N ARG B 88 -102.42 65.08 5.11
CA ARG B 88 -102.94 65.54 6.38
C ARG B 88 -102.73 64.46 7.43
N GLU B 89 -102.29 64.87 8.62
CA GLU B 89 -102.09 63.92 9.70
C GLU B 89 -103.40 63.29 10.15
N GLU B 90 -104.53 63.90 9.82
CA GLU B 90 -105.83 63.33 10.17
C GLU B 90 -106.20 62.15 9.29
N ASP B 91 -105.50 61.95 8.17
CA ASP B 91 -105.79 60.88 7.24
C ASP B 91 -104.74 59.77 7.30
N ILE B 92 -104.24 59.48 8.49
CA ILE B 92 -103.29 58.39 8.71
C ILE B 92 -103.82 57.52 9.85
N THR B 93 -103.77 56.22 9.66
CA THR B 93 -104.14 55.24 10.67
C THR B 93 -102.90 54.44 11.06
N LEU B 94 -102.71 54.24 12.37
CA LEU B 94 -101.54 53.55 12.89
C LEU B 94 -101.99 52.38 13.76
N VAL B 95 -101.41 51.20 13.51
CA VAL B 95 -101.71 49.99 14.25
C VAL B 95 -100.39 49.39 14.73
N ARG B 96 -100.32 49.09 16.03
CA ARG B 96 -99.13 48.48 16.63
C ARG B 96 -99.38 47.00 16.91
N VAL B 97 -98.36 46.19 16.70
CA VAL B 97 -98.45 44.74 16.93
C VAL B 97 -97.22 44.31 17.72
N PRO B 98 -97.31 43.15 18.39
CA PRO B 98 -96.18 42.72 19.23
C PRO B 98 -94.89 42.46 18.47
N GLY B 99 -94.95 41.66 17.40
CA GLY B 99 -93.76 41.27 16.69
C GLY B 99 -93.94 41.19 15.19
N SER B 100 -92.91 40.72 14.49
CA SER B 100 -92.97 40.63 13.04
C SER B 100 -93.95 39.56 12.59
N TRP B 101 -94.07 38.48 13.35
CA TRP B 101 -94.99 37.41 12.99
C TRP B 101 -96.41 37.91 12.83
N GLU B 102 -96.78 38.96 13.54
CA GLU B 102 -98.16 39.43 13.54
C GLU B 102 -98.44 40.49 12.47
N ILE B 103 -97.43 40.96 11.74
CA ILE B 103 -97.67 42.03 10.77
C ILE B 103 -98.65 41.63 9.68
N PRO B 104 -98.50 40.46 9.01
CA PRO B 104 -99.40 40.16 7.89
C PRO B 104 -100.86 40.09 8.26
N VAL B 105 -101.19 39.57 9.45
CA VAL B 105 -102.59 39.40 9.81
C VAL B 105 -103.25 40.76 10.03
N ALA B 106 -102.53 41.69 10.66
CA ALA B 106 -103.08 43.02 10.88
C ALA B 106 -103.21 43.79 9.57
N ALA B 107 -102.26 43.60 8.65
CA ALA B 107 -102.32 44.29 7.37
C ALA B 107 -103.57 43.91 6.60
N GLY B 108 -104.05 42.68 6.75
CA GLY B 108 -105.26 42.28 6.06
C GLY B 108 -106.48 43.07 6.49
N GLU B 109 -106.60 43.35 7.79
CA GLU B 109 -107.74 44.10 8.28
C GLU B 109 -107.75 45.52 7.73
N LEU B 110 -106.59 46.18 7.72
CA LEU B 110 -106.52 47.54 7.19
C LEU B 110 -106.81 47.58 5.69
N ALA B 111 -106.29 46.61 4.94
CA ALA B 111 -106.44 46.62 3.50
C ALA B 111 -107.88 46.39 3.06
N ARG B 112 -108.70 45.77 3.91
CA ARG B 112 -110.08 45.48 3.56
C ARG B 112 -111.03 46.63 3.83
N LYS B 113 -110.54 47.74 4.39
CA LYS B 113 -111.36 48.92 4.54
C LYS B 113 -111.43 49.68 3.22
N GLU B 114 -112.55 50.39 3.02
CA GLU B 114 -112.82 51.08 1.77
C GLU B 114 -112.36 52.53 1.78
N ASP B 115 -111.73 53.00 2.85
CA ASP B 115 -111.24 54.37 2.94
C ASP B 115 -109.72 54.43 3.07
N ILE B 116 -109.01 53.38 2.64
CA ILE B 116 -107.55 53.35 2.69
C ILE B 116 -107.04 53.06 1.28
N ASP B 117 -106.06 53.84 0.84
CA ASP B 117 -105.51 53.73 -0.51
C ASP B 117 -104.24 52.90 -0.58
N ALA B 118 -103.46 52.85 0.49
CA ALA B 118 -102.25 52.03 0.51
C ALA B 118 -101.87 51.76 1.96
N VAL B 119 -101.04 50.73 2.14
CA VAL B 119 -100.60 50.28 3.46
C VAL B 119 -99.08 50.19 3.46
N ILE B 120 -98.48 50.59 4.58
CA ILE B 120 -97.04 50.57 4.77
C ILE B 120 -96.73 49.66 5.95
N ALA B 121 -95.84 48.69 5.74
CA ALA B 121 -95.46 47.71 6.76
C ALA B 121 -94.03 47.95 7.21
N ILE B 122 -93.85 48.13 8.52
CA ILE B 122 -92.54 48.42 9.11
C ILE B 122 -92.27 47.41 10.22
N GLY B 123 -91.00 47.11 10.41
CA GLY B 123 -90.60 46.15 11.43
C GLY B 123 -89.14 45.83 11.32
N VAL B 124 -88.65 45.10 12.32
CA VAL B 124 -87.25 44.71 12.42
C VAL B 124 -87.19 43.21 12.61
N LEU B 125 -86.42 42.53 11.76
CA LEU B 125 -86.17 41.09 11.87
C LEU B 125 -84.84 40.89 12.57
N ILE B 126 -84.81 39.97 13.54
CA ILE B 126 -83.65 39.80 14.40
C ILE B 126 -82.92 38.52 14.05
N ARG B 127 -82.98 38.12 12.78
CA ARG B 127 -82.23 36.98 12.30
C ARG B 127 -80.76 37.12 12.66
N GLY B 128 -80.09 35.99 12.81
CA GLY B 128 -78.69 35.97 13.20
C GLY B 128 -78.33 34.80 14.10
N ALA B 129 -79.33 34.23 14.76
CA ALA B 129 -79.14 33.06 15.61
C ALA B 129 -80.53 32.57 16.02
N THR B 130 -80.56 31.56 16.88
CA THR B 130 -81.83 31.05 17.41
C THR B 130 -82.77 30.67 16.26
N PRO B 131 -82.58 29.49 15.63
CA PRO B 131 -83.37 29.13 14.44
C PRO B 131 -84.87 29.35 14.56
N HIS B 132 -85.37 29.55 15.78
CA HIS B 132 -86.76 29.97 15.96
C HIS B 132 -87.09 31.19 15.10
N PHE B 133 -86.14 32.12 14.97
CA PHE B 133 -86.37 33.36 14.24
C PHE B 133 -86.03 33.26 12.76
N ASP B 134 -85.41 32.17 12.30
CA ASP B 134 -85.12 32.03 10.88
C ASP B 134 -86.37 31.66 10.09
N TYR B 135 -87.33 30.96 10.72
CA TYR B 135 -88.57 30.62 10.04
C TYR B 135 -89.52 31.81 9.97
N ILE B 136 -89.52 32.67 10.98
CA ILE B 136 -90.40 33.83 10.97
C ILE B 136 -90.04 34.75 9.81
N ALA B 137 -88.76 34.86 9.50
CA ALA B 137 -88.32 35.82 8.49
C ALA B 137 -88.95 35.50 7.13
N SER B 138 -88.99 34.22 6.76
CA SER B 138 -89.47 33.84 5.43
C SER B 138 -90.97 33.99 5.29
N GLU B 139 -91.72 33.99 6.39
CA GLU B 139 -93.18 34.00 6.30
C GLU B 139 -93.77 35.40 6.22
N VAL B 140 -93.05 36.42 6.67
CA VAL B 140 -93.59 37.78 6.61
C VAL B 140 -93.68 38.27 5.18
N SER B 141 -92.63 38.01 4.38
CA SER B 141 -92.64 38.41 2.97
C SER B 141 -93.74 37.69 2.20
N LYS B 142 -93.89 36.39 2.43
CA LYS B 142 -94.89 35.61 1.70
C LYS B 142 -96.29 36.15 1.95
N GLY B 143 -96.62 36.44 3.21
CA GLY B 143 -97.96 36.90 3.53
C GLY B 143 -98.26 38.25 2.91
N LEU B 144 -97.32 39.18 2.99
CA LEU B 144 -97.55 40.51 2.45
C LEU B 144 -97.71 40.48 0.93
N ALA B 145 -96.92 39.65 0.25
CA ALA B 145 -97.01 39.57 -1.20
C ALA B 145 -98.37 39.02 -1.65
N ASN B 146 -98.86 37.97 -0.98
CA ASN B 146 -100.13 37.38 -1.38
C ASN B 146 -101.29 38.32 -1.13
N LEU B 147 -101.25 39.06 -0.01
CA LEU B 147 -102.33 39.98 0.30
C LEU B 147 -102.48 41.05 -0.77
N SER B 148 -101.36 41.59 -1.25
CA SER B 148 -101.43 42.63 -2.26
C SER B 148 -102.10 42.14 -3.53
N LEU B 149 -101.77 40.92 -3.97
CA LEU B 149 -102.38 40.37 -5.17
C LEU B 149 -103.83 40.01 -4.94
N GLU B 150 -104.17 39.48 -3.76
CA GLU B 150 -105.53 39.05 -3.48
C GLU B 150 -106.48 40.24 -3.40
N LEU B 151 -106.11 41.26 -2.64
CA LEU B 151 -106.98 42.40 -2.40
C LEU B 151 -106.85 43.48 -3.47
N ARG B 152 -105.80 43.42 -4.29
CA ARG B 152 -105.58 44.41 -5.34
C ARG B 152 -105.36 45.81 -4.77
N LYS B 153 -104.49 45.89 -3.77
CA LYS B 153 -104.11 47.13 -3.13
C LYS B 153 -102.60 47.12 -2.92
N PRO B 154 -101.91 48.24 -3.08
CA PRO B 154 -100.45 48.23 -2.89
C PRO B 154 -100.08 48.20 -1.41
N ILE B 155 -99.21 47.25 -1.06
CA ILE B 155 -98.64 47.13 0.28
C ILE B 155 -97.13 47.21 0.14
N THR B 156 -96.52 48.16 0.83
CA THR B 156 -95.10 48.43 0.72
C THR B 156 -94.32 47.77 1.84
N PHE B 157 -93.10 47.34 1.52
CA PHE B 157 -92.27 46.56 2.41
C PHE B 157 -91.21 47.47 3.04
N GLY B 158 -91.28 47.64 4.36
CA GLY B 158 -90.36 48.50 5.08
C GLY B 158 -89.66 47.80 6.24
N VAL B 159 -89.23 46.56 6.04
CA VAL B 159 -88.69 45.72 7.09
C VAL B 159 -87.19 45.59 6.92
N ILE B 160 -86.44 45.87 7.98
CA ILE B 160 -84.98 45.82 7.95
C ILE B 160 -84.48 44.70 8.86
N THR B 161 -83.18 44.49 8.87
CA THR B 161 -82.55 43.42 9.64
C THR B 161 -81.49 44.01 10.56
N ALA B 162 -81.50 43.59 11.82
CA ALA B 162 -80.57 44.09 12.81
C ALA B 162 -79.36 43.17 12.92
N GLY C 15 -79.38 40.14 -28.55
CA GLY C 15 -79.59 41.48 -28.05
C GLY C 15 -79.79 41.52 -26.55
N ASN C 16 -80.35 42.63 -26.06
CA ASN C 16 -80.60 42.76 -24.64
C ASN C 16 -81.83 41.96 -24.24
N LYS C 17 -81.98 41.75 -22.93
CA LYS C 17 -83.07 40.92 -22.44
C LYS C 17 -84.44 41.56 -22.65
N GLY C 18 -84.49 42.86 -22.88
CA GLY C 18 -85.75 43.45 -23.31
C GLY C 18 -86.15 42.98 -24.69
N TRP C 19 -85.16 42.76 -25.56
CA TRP C 19 -85.43 42.18 -26.87
C TRP C 19 -85.83 40.71 -26.74
N GLU C 20 -85.08 39.95 -25.95
CA GLU C 20 -85.37 38.52 -25.80
C GLU C 20 -86.75 38.30 -25.19
N ALA C 21 -87.12 39.12 -24.20
CA ALA C 21 -88.40 38.93 -23.54
C ALA C 21 -89.56 39.22 -24.48
N ALA C 22 -89.42 40.24 -25.33
CA ALA C 22 -90.52 40.64 -26.20
C ALA C 22 -90.80 39.58 -27.28
N LEU C 23 -89.78 38.86 -27.74
CA LEU C 23 -90.02 37.82 -28.73
C LEU C 23 -90.93 36.72 -28.18
N SER C 24 -90.66 36.26 -26.96
CA SER C 24 -91.46 35.19 -26.39
C SER C 24 -92.91 35.59 -26.24
N ALA C 25 -93.18 36.88 -26.06
CA ALA C 25 -94.56 37.33 -25.98
C ALA C 25 -95.24 37.27 -27.34
N ILE C 26 -94.50 37.60 -28.40
CA ILE C 26 -95.06 37.52 -29.76
C ILE C 26 -95.38 36.07 -30.09
N GLU C 27 -94.47 35.16 -29.78
CA GLU C 27 -94.67 33.76 -30.12
C GLU C 27 -95.80 33.14 -29.30
N MET C 28 -95.84 33.43 -28.00
CA MET C 28 -96.85 32.82 -27.15
C MET C 28 -98.23 33.41 -27.38
N ALA C 29 -98.31 34.69 -27.75
CA ALA C 29 -99.61 35.27 -28.03
C ALA C 29 -100.23 34.68 -29.29
N ASN C 30 -99.40 34.29 -30.26
CA ASN C 30 -99.91 33.65 -31.46
C ASN C 30 -100.34 32.21 -31.17
N LEU C 31 -99.56 31.50 -30.35
CA LEU C 31 -99.86 30.11 -30.05
C LEU C 31 -101.22 29.96 -29.40
N PHE C 32 -101.57 30.88 -28.49
CA PHE C 32 -102.85 30.78 -27.81
C PHE C 32 -104.01 30.93 -28.79
N LYS C 33 -103.96 31.91 -29.69
CA LYS C 33 -105.05 32.10 -30.65
C LYS C 33 -105.29 30.83 -31.46
N SER C 34 -104.25 30.05 -31.72
CA SER C 34 -104.43 28.81 -32.46
C SER C 34 -105.07 27.74 -31.60
N LEU C 35 -104.67 27.64 -30.33
CA LEU C 35 -105.20 26.60 -29.46
C LEU C 35 -106.70 26.76 -29.25
N ARG C 36 -107.14 27.99 -28.98
CA ARG C 36 -108.56 28.25 -28.75
C ARG C 36 -109.19 28.79 -30.04
N GLY C 37 -109.30 27.90 -31.01
CA GLY C 37 -109.88 28.24 -32.30
C GLY C 37 -110.22 26.99 -33.08
N THR C 38 -110.10 27.10 -34.40
CA THR C 38 -110.39 25.96 -35.26
C THR C 38 -109.32 24.89 -35.12
N GLY C 39 -109.70 23.65 -35.44
CA GLY C 39 -108.80 22.52 -35.36
C GLY C 39 -107.86 22.45 -36.54
N GLY C 40 -106.99 21.45 -36.51
CA GLY C 40 -106.01 21.23 -37.55
C GLY C 40 -106.56 20.38 -38.69
N SER C 41 -105.63 19.85 -39.49
CA SER C 41 -106.04 19.02 -40.62
C SER C 41 -106.76 17.77 -40.15
N GLY C 42 -106.27 17.15 -39.08
CA GLY C 42 -106.88 15.94 -38.55
C GLY C 42 -106.32 14.68 -39.18
N SER C 43 -106.70 13.54 -38.60
CA SER C 43 -106.27 12.22 -39.03
C SER C 43 -104.77 12.01 -38.82
N SER C 44 -104.13 12.83 -38.00
CA SER C 44 -102.71 12.70 -37.72
C SER C 44 -102.38 13.58 -36.52
N MET C 45 -101.13 13.51 -36.07
CA MET C 45 -100.68 14.30 -34.95
C MET C 45 -100.81 15.79 -35.25
N GLU C 46 -101.23 16.57 -34.26
CA GLU C 46 -101.34 18.01 -34.38
C GLU C 46 -100.13 18.66 -33.69
N ILE C 47 -99.33 19.39 -34.45
CA ILE C 47 -98.18 20.11 -33.94
C ILE C 47 -98.51 21.59 -33.93
N TYR C 48 -98.26 22.25 -32.81
CA TYR C 48 -98.57 23.65 -32.61
C TYR C 48 -97.30 24.46 -32.45
N GLU C 49 -97.35 25.72 -32.89
CA GLU C 49 -96.21 26.61 -32.85
C GLU C 49 -96.69 28.01 -33.21
N GLY C 50 -95.98 29.01 -32.71
CA GLY C 50 -96.32 30.41 -32.95
C GLY C 50 -95.33 31.05 -33.91
N LYS C 51 -95.84 31.88 -34.79
CA LYS C 51 -95.00 32.64 -35.71
C LYS C 51 -94.62 33.97 -35.09
N LEU C 52 -93.66 34.64 -35.73
CA LEU C 52 -93.11 35.89 -35.22
C LEU C 52 -93.73 37.11 -35.89
N THR C 53 -95.02 37.04 -36.21
CA THR C 53 -95.79 38.19 -36.65
C THR C 53 -96.47 38.84 -35.45
N ALA C 54 -96.72 40.15 -35.57
CA ALA C 54 -97.28 40.89 -34.43
C ALA C 54 -98.33 41.90 -34.86
N GLU C 55 -98.85 41.81 -36.08
CA GLU C 55 -99.89 42.72 -36.51
C GLU C 55 -101.23 42.32 -35.91
N GLY C 56 -101.87 43.27 -35.22
CA GLY C 56 -103.14 43.04 -34.58
C GLY C 56 -103.08 42.71 -33.10
N LEU C 57 -101.89 42.49 -32.55
CA LEU C 57 -101.74 42.13 -31.15
C LEU C 57 -101.60 43.37 -30.28
N ARG C 58 -102.07 43.25 -29.04
CA ARG C 58 -101.96 44.28 -28.02
C ARG C 58 -101.03 43.81 -26.90
N PHE C 59 -100.23 44.72 -26.38
CA PHE C 59 -99.19 44.38 -25.42
C PHE C 59 -99.20 45.35 -24.25
N GLY C 60 -98.62 44.91 -23.14
CA GLY C 60 -98.42 45.77 -21.98
C GLY C 60 -97.05 45.54 -21.37
N ILE C 61 -96.34 46.63 -21.04
CA ILE C 61 -95.00 46.55 -20.48
C ILE C 61 -95.01 47.20 -19.11
N VAL C 62 -94.46 46.50 -18.11
CA VAL C 62 -94.32 47.00 -16.76
C VAL C 62 -92.84 47.04 -16.42
N ALA C 63 -92.33 48.22 -16.09
CA ALA C 63 -90.90 48.44 -15.88
C ALA C 63 -90.68 49.19 -14.57
N SER C 64 -89.58 48.85 -13.89
CA SER C 64 -89.22 49.45 -12.61
C SER C 64 -88.28 50.64 -12.85
N ARG C 65 -87.74 51.20 -11.77
CA ARG C 65 -86.82 52.33 -11.83
C ARG C 65 -85.56 51.99 -11.07
N PHE C 66 -84.42 52.10 -11.75
CA PHE C 66 -83.11 51.85 -11.17
C PHE C 66 -82.17 52.84 -11.83
N ASN C 67 -81.64 53.79 -11.04
CA ASN C 67 -81.08 55.03 -11.58
C ASN C 67 -81.97 55.52 -12.71
N HIS C 68 -81.39 55.99 -13.81
CA HIS C 68 -82.22 56.41 -14.95
C HIS C 68 -81.64 55.96 -16.27
N ALA C 69 -80.80 54.93 -16.29
CA ALA C 69 -80.09 54.55 -17.52
C ALA C 69 -80.24 53.08 -17.88
N LEU C 70 -80.12 52.15 -16.91
CA LEU C 70 -79.96 50.75 -17.24
C LEU C 70 -81.27 50.05 -17.56
N VAL C 71 -82.41 50.65 -17.24
CA VAL C 71 -83.71 50.05 -17.52
C VAL C 71 -84.33 50.76 -18.72
N ASP C 72 -83.92 52.00 -18.96
CA ASP C 72 -84.36 52.69 -20.16
C ASP C 72 -83.90 51.96 -21.41
N ARG C 73 -82.69 51.39 -21.38
CA ARG C 73 -82.22 50.61 -22.52
C ARG C 73 -83.07 49.37 -22.74
N LEU C 74 -83.40 48.66 -21.66
CA LEU C 74 -84.18 47.42 -21.81
C LEU C 74 -85.60 47.70 -22.29
N VAL C 75 -86.18 48.82 -21.89
CA VAL C 75 -87.51 49.16 -22.35
C VAL C 75 -87.48 49.55 -23.84
N GLU C 76 -86.45 50.28 -24.26
CA GLU C 76 -86.35 50.64 -25.67
C GLU C 76 -86.11 49.42 -26.55
N GLY C 77 -85.32 48.46 -26.07
CA GLY C 77 -85.13 47.24 -26.82
C GLY C 77 -86.42 46.45 -26.99
N ALA C 78 -87.31 46.52 -26.00
CA ALA C 78 -88.58 45.80 -26.09
C ALA C 78 -89.50 46.44 -27.13
N ILE C 79 -89.64 47.76 -27.09
CA ILE C 79 -90.55 48.43 -28.01
C ILE C 79 -90.07 48.29 -29.45
N ASP C 80 -88.75 48.26 -29.65
CA ASP C 80 -88.21 48.08 -31.00
C ASP C 80 -88.60 46.74 -31.59
N CYS C 81 -88.58 45.68 -30.76
CA CYS C 81 -88.92 44.35 -31.27
C CYS C 81 -90.35 44.28 -31.76
N ILE C 82 -91.28 44.88 -31.02
CA ILE C 82 -92.69 44.82 -31.41
C ILE C 82 -92.94 45.61 -32.68
N VAL C 83 -92.38 46.81 -32.78
CA VAL C 83 -92.68 47.68 -33.92
C VAL C 83 -92.04 47.13 -35.20
N ARG C 84 -90.82 46.60 -35.10
CA ARG C 84 -90.17 46.08 -36.30
C ARG C 84 -90.79 44.78 -36.77
N HIS C 85 -91.29 43.95 -35.86
CA HIS C 85 -91.95 42.70 -36.23
C HIS C 85 -93.41 42.91 -36.60
N GLY C 86 -93.85 44.15 -36.81
CA GLY C 86 -95.13 44.43 -37.42
C GLY C 86 -96.14 45.13 -36.54
N GLY C 87 -95.86 45.33 -35.26
CA GLY C 87 -96.84 45.88 -34.36
C GLY C 87 -97.01 47.38 -34.50
N ARG C 88 -98.05 47.89 -33.85
CA ARG C 88 -98.38 49.30 -33.84
C ARG C 88 -98.02 49.89 -32.48
N GLU C 89 -97.60 51.16 -32.48
CA GLU C 89 -97.36 51.86 -31.23
C GLU C 89 -98.66 52.20 -30.52
N GLU C 90 -99.76 52.33 -31.25
CA GLU C 90 -101.05 52.59 -30.63
C GLU C 90 -101.44 51.48 -29.66
N ASP C 91 -100.92 50.28 -29.87
CA ASP C 91 -101.34 49.08 -29.15
C ASP C 91 -100.29 48.63 -28.14
N ILE C 92 -99.62 49.57 -27.49
CA ILE C 92 -98.71 49.28 -26.39
C ILE C 92 -99.06 50.20 -25.24
N THR C 93 -99.09 49.64 -24.03
CA THR C 93 -99.29 50.39 -22.80
C THR C 93 -98.08 50.18 -21.91
N LEU C 94 -97.49 51.27 -21.42
CA LEU C 94 -96.29 51.24 -20.60
C LEU C 94 -96.60 51.80 -19.21
N VAL C 95 -96.20 51.07 -18.17
CA VAL C 95 -96.43 51.44 -16.79
C VAL C 95 -95.09 51.44 -16.05
N ARG C 96 -94.83 52.49 -15.28
CA ARG C 96 -93.62 52.61 -14.47
C ARG C 96 -93.96 52.49 -12.99
N VAL C 97 -93.14 51.74 -12.25
CA VAL C 97 -93.40 51.50 -10.83
C VAL C 97 -92.12 51.77 -10.05
N PRO C 98 -92.25 52.07 -8.74
CA PRO C 98 -91.06 52.45 -7.97
C PRO C 98 -89.96 51.41 -7.92
N GLY C 99 -90.28 50.13 -7.84
CA GLY C 99 -89.24 49.13 -7.65
C GLY C 99 -89.72 47.75 -8.01
N SER C 100 -88.82 46.78 -7.80
CA SER C 100 -89.10 45.40 -8.18
C SER C 100 -90.25 44.82 -7.38
N TRP C 101 -90.32 45.16 -6.09
CA TRP C 101 -91.35 44.62 -5.22
C TRP C 101 -92.75 44.96 -5.70
N GLU C 102 -92.91 46.03 -6.46
CA GLU C 102 -94.21 46.52 -6.89
C GLU C 102 -94.65 45.97 -8.24
N ILE C 103 -93.82 45.17 -8.91
CA ILE C 103 -94.17 44.70 -10.25
C ILE C 103 -95.40 43.80 -10.23
N PRO C 104 -95.48 42.76 -9.39
CA PRO C 104 -96.62 41.84 -9.50
C PRO C 104 -97.98 42.50 -9.32
N VAL C 105 -98.12 43.47 -8.43
CA VAL C 105 -99.42 44.10 -8.26
C VAL C 105 -99.78 44.92 -9.49
N ALA C 106 -98.79 45.54 -10.14
CA ALA C 106 -99.07 46.31 -11.35
C ALA C 106 -99.31 45.39 -12.54
N ALA C 107 -98.63 44.25 -12.60
CA ALA C 107 -98.87 43.30 -13.67
C ALA C 107 -100.27 42.73 -13.61
N GLY C 108 -100.82 42.58 -12.41
CA GLY C 108 -102.17 42.04 -12.29
C GLY C 108 -103.21 42.92 -12.94
N GLU C 109 -103.08 44.24 -12.78
CA GLU C 109 -104.09 45.13 -13.32
C GLU C 109 -104.16 45.05 -14.84
N LEU C 110 -103.01 44.99 -15.51
CA LEU C 110 -103.01 44.90 -16.97
C LEU C 110 -103.54 43.55 -17.45
N ALA C 111 -103.10 42.46 -16.82
CA ALA C 111 -103.48 41.13 -17.29
C ALA C 111 -104.97 40.89 -17.16
N ARG C 112 -105.68 41.65 -16.33
CA ARG C 112 -107.12 41.49 -16.20
C ARG C 112 -107.91 42.28 -17.24
N LYS C 113 -107.25 43.09 -18.06
CA LYS C 113 -107.94 43.85 -19.09
C LYS C 113 -108.23 42.94 -20.29
N GLU C 114 -109.44 43.08 -20.83
CA GLU C 114 -109.88 42.20 -21.90
C GLU C 114 -109.12 42.44 -23.20
N ASP C 115 -108.46 43.59 -23.35
CA ASP C 115 -107.82 43.98 -24.59
C ASP C 115 -106.29 43.94 -24.51
N ILE C 116 -105.74 43.00 -23.75
CA ILE C 116 -104.30 42.78 -23.66
C ILE C 116 -104.05 41.29 -23.85
N ASP C 117 -103.05 40.96 -24.66
CA ASP C 117 -102.78 39.58 -25.04
C ASP C 117 -101.56 38.99 -24.35
N ALA C 118 -100.60 39.80 -23.95
CA ALA C 118 -99.46 39.34 -23.16
C ALA C 118 -98.87 40.53 -22.43
N VAL C 119 -98.02 40.24 -21.45
CA VAL C 119 -97.42 41.26 -20.59
C VAL C 119 -95.93 40.96 -20.43
N ILE C 120 -95.11 41.99 -20.55
CA ILE C 120 -93.66 41.89 -20.39
C ILE C 120 -93.27 42.62 -19.11
N ALA C 121 -92.47 41.97 -18.27
CA ALA C 121 -92.00 42.54 -17.02
C ALA C 121 -90.49 42.73 -17.08
N ILE C 122 -90.04 43.96 -16.82
CA ILE C 122 -88.62 44.31 -16.90
C ILE C 122 -88.21 44.92 -15.57
N GLY C 123 -87.08 44.46 -15.04
CA GLY C 123 -86.64 44.96 -13.76
C GLY C 123 -85.18 44.68 -13.52
N VAL C 124 -84.71 45.13 -12.36
CA VAL C 124 -83.33 44.97 -11.93
C VAL C 124 -83.33 44.46 -10.50
N LEU C 125 -82.73 43.31 -10.28
CA LEU C 125 -82.54 42.75 -8.95
C LEU C 125 -81.11 42.98 -8.51
N ILE C 126 -80.93 43.60 -7.36
CA ILE C 126 -79.61 43.99 -6.88
C ILE C 126 -79.19 43.03 -5.78
N ARG C 127 -79.66 41.80 -5.86
CA ARG C 127 -79.34 40.79 -4.87
C ARG C 127 -77.84 40.61 -4.74
N GLY C 128 -77.43 40.00 -3.63
CA GLY C 128 -76.02 39.82 -3.33
C GLY C 128 -75.37 40.98 -2.60
N ALA C 129 -76.16 41.89 -2.03
CA ALA C 129 -75.62 43.06 -1.36
C ALA C 129 -75.93 43.05 0.14
N THR C 130 -77.21 42.97 0.51
CA THR C 130 -77.62 43.10 1.89
C THR C 130 -79.01 42.48 2.04
N PRO C 131 -79.37 41.97 3.22
CA PRO C 131 -80.77 41.62 3.45
C PRO C 131 -81.68 42.82 3.21
N HIS C 132 -82.98 42.55 3.17
CA HIS C 132 -84.03 43.40 2.63
C HIS C 132 -84.10 43.29 1.12
N PHE C 133 -83.13 42.63 0.47
CA PHE C 133 -83.14 42.45 -0.96
C PHE C 133 -83.01 40.99 -1.39
N ASP C 134 -82.49 40.11 -0.52
CA ASP C 134 -82.58 38.69 -0.77
C ASP C 134 -83.99 38.15 -0.54
N TYR C 135 -84.83 38.91 0.15
CA TYR C 135 -86.22 38.52 0.35
C TYR C 135 -87.13 39.05 -0.74
N ILE C 136 -86.82 40.20 -1.31
CA ILE C 136 -87.66 40.75 -2.37
C ILE C 136 -87.55 39.91 -3.63
N ALA C 137 -86.35 39.43 -3.93
CA ALA C 137 -86.13 38.70 -5.17
C ALA C 137 -86.99 37.44 -5.24
N SER C 138 -87.07 36.71 -4.13
CA SER C 138 -87.79 35.44 -4.15
C SER C 138 -89.28 35.63 -4.38
N GLU C 139 -89.84 36.77 -3.97
CA GLU C 139 -91.26 36.99 -4.09
C GLU C 139 -91.66 37.52 -5.46
N VAL C 140 -90.75 38.15 -6.20
CA VAL C 140 -91.10 38.70 -7.51
C VAL C 140 -91.33 37.57 -8.52
N SER C 141 -90.49 36.53 -8.49
CA SER C 141 -90.65 35.42 -9.42
C SER C 141 -91.93 34.65 -9.15
N LYS C 142 -92.27 34.45 -7.88
CA LYS C 142 -93.44 33.66 -7.54
C LYS C 142 -94.73 34.36 -7.96
N GLY C 143 -94.81 35.68 -7.79
CA GLY C 143 -96.04 36.38 -8.12
C GLY C 143 -96.37 36.33 -9.59
N LEU C 144 -95.38 36.54 -10.45
CA LEU C 144 -95.62 36.47 -11.88
C LEU C 144 -95.99 35.05 -12.30
N ALA C 145 -95.34 34.04 -11.71
CA ALA C 145 -95.68 32.67 -12.04
C ALA C 145 -97.12 32.35 -11.69
N ASN C 146 -97.57 32.77 -10.51
CA ASN C 146 -98.94 32.47 -10.10
C ASN C 146 -99.96 33.21 -10.97
N LEU C 147 -99.66 34.45 -11.33
CA LEU C 147 -100.62 35.26 -12.08
C LEU C 147 -100.94 34.61 -13.42
N SER C 148 -99.94 34.07 -14.10
CA SER C 148 -100.17 33.47 -15.41
C SER C 148 -101.06 32.24 -15.30
N LEU C 149 -100.80 31.38 -14.31
CA LEU C 149 -101.62 30.18 -14.15
C LEU C 149 -103.02 30.49 -13.63
N GLU C 150 -103.23 31.67 -13.07
CA GLU C 150 -104.53 32.04 -12.51
C GLU C 150 -105.39 32.83 -13.46
N LEU C 151 -104.79 33.59 -14.37
CA LEU C 151 -105.51 34.41 -15.33
C LEU C 151 -105.46 33.86 -16.74
N ARG C 152 -104.59 32.88 -17.01
CA ARG C 152 -104.49 32.26 -18.33
C ARG C 152 -104.08 33.26 -19.39
N LYS C 153 -103.03 34.04 -19.07
CA LYS C 153 -102.46 35.00 -19.99
C LYS C 153 -100.96 34.92 -19.78
N PRO C 154 -100.16 34.73 -20.84
CA PRO C 154 -98.72 34.59 -20.65
C PRO C 154 -98.07 35.87 -20.15
N ILE C 155 -97.04 35.70 -19.32
CA ILE C 155 -96.25 36.81 -18.79
C ILE C 155 -94.79 36.40 -18.88
N THR C 156 -93.96 37.29 -19.43
CA THR C 156 -92.57 36.98 -19.72
C THR C 156 -91.66 37.71 -18.74
N PHE C 157 -90.51 37.10 -18.47
CA PHE C 157 -89.61 37.51 -17.40
C PHE C 157 -88.39 38.18 -18.01
N GLY C 158 -88.15 39.43 -17.63
CA GLY C 158 -87.09 40.23 -18.22
C GLY C 158 -86.19 40.92 -17.23
N VAL C 159 -85.83 40.25 -16.13
CA VAL C 159 -85.10 40.87 -15.03
C VAL C 159 -83.61 40.58 -15.17
N ILE C 160 -82.80 41.60 -14.93
CA ILE C 160 -81.35 41.48 -14.91
C ILE C 160 -80.87 41.50 -13.47
N THR C 161 -79.58 41.23 -13.28
CA THR C 161 -78.94 41.34 -11.98
C THR C 161 -77.88 42.43 -12.05
N ALA C 162 -78.00 43.43 -11.17
CA ALA C 162 -77.06 44.53 -11.13
C ALA C 162 -75.66 44.05 -10.79
N ASN D 16 -83.95 8.27 -23.43
CA ASN D 16 -83.39 7.94 -22.13
C ASN D 16 -84.41 8.18 -21.02
N LYS D 17 -84.66 9.45 -20.71
CA LYS D 17 -85.63 9.85 -19.71
C LYS D 17 -86.95 10.29 -20.33
N GLY D 18 -87.14 10.06 -21.63
CA GLY D 18 -88.38 10.41 -22.28
C GLY D 18 -89.39 9.30 -22.18
N TRP D 19 -88.93 8.06 -22.34
CA TRP D 19 -89.84 6.92 -22.22
C TRP D 19 -90.28 6.73 -20.77
N GLU D 20 -89.41 7.03 -19.80
CA GLU D 20 -89.77 6.86 -18.40
C GLU D 20 -90.94 7.77 -18.04
N ALA D 21 -90.93 9.01 -18.53
CA ALA D 21 -92.08 9.88 -18.34
C ALA D 21 -93.33 9.30 -18.99
N ALA D 22 -93.17 8.71 -20.18
CA ALA D 22 -94.31 8.13 -20.87
C ALA D 22 -94.90 6.96 -20.09
N LEU D 23 -94.05 6.10 -19.53
CA LEU D 23 -94.56 4.97 -18.75
C LEU D 23 -95.41 5.44 -17.59
N SER D 24 -94.91 6.42 -16.84
CA SER D 24 -95.62 6.89 -15.65
C SER D 24 -96.98 7.47 -16.01
N ALA D 25 -97.06 8.17 -17.14
CA ALA D 25 -98.34 8.75 -17.54
C ALA D 25 -99.36 7.67 -17.83
N ILE D 26 -98.95 6.56 -18.44
CA ILE D 26 -99.89 5.49 -18.77
C ILE D 26 -100.44 4.86 -17.51
N GLU D 27 -99.55 4.51 -16.57
CA GLU D 27 -100.00 3.85 -15.34
C GLU D 27 -100.95 4.73 -14.56
N MET D 28 -100.59 6.02 -14.40
CA MET D 28 -101.43 6.93 -13.63
C MET D 28 -102.79 7.11 -14.31
N ALA D 29 -102.80 7.26 -15.63
CA ALA D 29 -104.06 7.47 -16.33
C ALA D 29 -105.00 6.30 -16.13
N ASN D 30 -104.47 5.08 -16.21
CA ASN D 30 -105.30 3.89 -16.00
C ASN D 30 -105.71 3.77 -14.53
N LEU D 31 -104.81 4.10 -13.60
CA LEU D 31 -105.12 3.96 -12.18
C LEU D 31 -106.34 4.78 -11.80
N PHE D 32 -106.48 5.98 -12.37
CA PHE D 32 -107.56 6.86 -12.00
C PHE D 32 -108.90 6.34 -12.49
N LYS D 33 -108.92 5.61 -13.60
CA LYS D 33 -110.14 4.97 -14.04
C LYS D 33 -110.63 3.93 -13.02
N SER D 34 -109.69 3.20 -12.43
CA SER D 34 -110.06 2.20 -11.42
C SER D 34 -110.69 2.86 -10.21
N LEU D 35 -110.07 3.92 -9.70
CA LEU D 35 -110.55 4.55 -8.48
C LEU D 35 -111.95 5.12 -8.67
N ARG D 36 -112.20 5.76 -9.81
CA ARG D 36 -113.50 6.38 -10.05
C ARG D 36 -114.62 5.36 -10.01
N GLY D 37 -114.34 4.11 -10.37
CA GLY D 37 -115.37 3.10 -10.39
C GLY D 37 -115.78 2.64 -9.01
N THR D 38 -116.85 1.85 -8.97
CA THR D 38 -117.37 1.35 -7.71
C THR D 38 -116.42 0.32 -7.11
N GLY D 39 -116.48 0.18 -5.79
CA GLY D 39 -115.62 -0.76 -5.11
C GLY D 39 -116.02 -2.20 -5.37
N GLY D 40 -115.09 -3.10 -5.06
CA GLY D 40 -115.29 -4.52 -5.26
C GLY D 40 -115.89 -5.20 -4.05
N SER D 41 -115.66 -6.51 -3.96
CA SER D 41 -116.16 -7.31 -2.86
C SER D 41 -115.25 -8.50 -2.66
N GLY D 42 -115.37 -9.13 -1.48
CA GLY D 42 -114.56 -10.27 -1.14
C GLY D 42 -114.14 -10.30 0.31
N SER D 43 -114.33 -9.17 1.01
CA SER D 43 -113.98 -9.06 2.42
C SER D 43 -112.48 -9.32 2.63
N SER D 44 -111.67 -8.51 1.94
CA SER D 44 -110.22 -8.60 2.08
C SER D 44 -109.63 -7.26 1.64
N MET D 45 -108.33 -7.13 1.86
CA MET D 45 -107.63 -5.90 1.49
C MET D 45 -107.76 -5.65 -0.01
N GLU D 46 -108.14 -4.43 -0.36
CA GLU D 46 -108.32 -4.03 -1.75
C GLU D 46 -107.05 -3.34 -2.23
N ILE D 47 -106.35 -3.97 -3.16
CA ILE D 47 -105.12 -3.42 -3.72
C ILE D 47 -105.45 -2.84 -5.09
N TYR D 48 -105.10 -1.57 -5.28
CA TYR D 48 -105.28 -0.87 -6.54
C TYR D 48 -103.94 -0.70 -7.23
N GLU D 49 -103.93 -0.81 -8.55
CA GLU D 49 -102.74 -0.54 -9.34
C GLU D 49 -103.16 -0.28 -10.77
N GLY D 50 -102.24 0.28 -11.55
CA GLY D 50 -102.51 0.66 -12.92
C GLY D 50 -101.89 -0.30 -13.92
N LYS D 51 -102.60 -0.52 -15.01
CA LYS D 51 -102.14 -1.38 -16.10
C LYS D 51 -101.36 -0.56 -17.13
N LEU D 52 -100.54 -1.26 -17.90
CA LEU D 52 -99.65 -0.62 -18.86
C LEU D 52 -100.22 -0.54 -20.27
N THR D 53 -101.49 -0.89 -20.45
CA THR D 53 -102.12 -0.69 -21.75
C THR D 53 -102.28 0.81 -22.03
N ALA D 54 -102.30 1.15 -23.31
CA ALA D 54 -102.41 2.54 -23.73
C ALA D 54 -103.60 2.82 -24.63
N GLU D 55 -104.40 1.82 -24.97
CA GLU D 55 -105.45 2.00 -25.95
C GLU D 55 -106.56 2.90 -25.38
N GLY D 56 -107.09 3.76 -26.24
CA GLY D 56 -108.19 4.62 -25.85
C GLY D 56 -107.81 5.75 -24.94
N LEU D 57 -106.56 6.22 -25.00
CA LEU D 57 -106.08 7.29 -24.14
C LEU D 57 -105.55 8.43 -24.99
N ARG D 58 -105.86 9.66 -24.57
CA ARG D 58 -105.43 10.87 -25.23
C ARG D 58 -104.34 11.53 -24.39
N PHE D 59 -103.23 11.86 -25.03
CA PHE D 59 -102.06 12.40 -24.35
C PHE D 59 -101.78 13.81 -24.84
N GLY D 60 -100.86 14.47 -24.14
CA GLY D 60 -100.37 15.78 -24.56
C GLY D 60 -98.91 15.90 -24.18
N ILE D 61 -98.16 16.62 -25.00
CA ILE D 61 -96.75 16.84 -24.77
C ILE D 61 -96.44 18.32 -24.96
N VAL D 62 -95.68 18.90 -24.03
CA VAL D 62 -95.17 20.26 -24.14
C VAL D 62 -93.65 20.20 -24.04
N ALA D 63 -92.97 20.79 -25.01
CA ALA D 63 -91.52 20.74 -25.10
C ALA D 63 -90.97 22.14 -25.39
N SER D 64 -89.69 22.33 -25.08
CA SER D 64 -89.02 23.62 -25.25
C SER D 64 -87.95 23.52 -26.33
N ARG D 65 -87.64 24.66 -26.95
CA ARG D 65 -86.72 24.71 -28.07
C ARG D 65 -85.27 24.96 -27.67
N PHE D 66 -85.01 25.25 -26.40
CA PHE D 66 -83.63 25.44 -25.95
C PHE D 66 -82.88 24.12 -26.04
N ASN D 67 -81.65 24.18 -26.52
CA ASN D 67 -80.82 23.00 -26.72
C ASN D 67 -81.61 21.90 -27.43
N HIS D 68 -82.11 22.25 -28.62
CA HIS D 68 -83.04 21.36 -29.32
C HIS D 68 -82.38 20.03 -29.70
N ALA D 69 -81.06 19.96 -29.68
CA ALA D 69 -80.40 18.70 -30.02
C ALA D 69 -80.79 17.60 -29.04
N LEU D 70 -80.67 17.87 -27.74
CA LEU D 70 -81.01 16.86 -26.74
C LEU D 70 -82.52 16.72 -26.56
N VAL D 71 -83.27 17.80 -26.74
CA VAL D 71 -84.71 17.74 -26.53
C VAL D 71 -85.38 16.89 -27.60
N ASP D 72 -84.91 17.00 -28.85
CA ASP D 72 -85.54 16.28 -29.94
C ASP D 72 -85.48 14.77 -29.70
N ARG D 73 -84.36 14.28 -29.17
CA ARG D 73 -84.24 12.86 -28.87
C ARG D 73 -85.30 12.43 -27.85
N LEU D 74 -85.45 13.22 -26.78
CA LEU D 74 -86.38 12.85 -25.72
C LEU D 74 -87.82 12.84 -26.23
N VAL D 75 -88.19 13.83 -27.06
CA VAL D 75 -89.57 13.91 -27.52
C VAL D 75 -89.93 12.68 -28.34
N GLU D 76 -89.03 12.25 -29.22
CA GLU D 76 -89.29 11.08 -30.04
C GLU D 76 -89.50 9.84 -29.17
N GLY D 77 -88.65 9.66 -28.15
CA GLY D 77 -88.78 8.51 -27.29
C GLY D 77 -90.14 8.43 -26.60
N ALA D 78 -90.75 9.59 -26.36
CA ALA D 78 -92.07 9.60 -25.74
C ALA D 78 -93.09 8.92 -26.63
N ILE D 79 -93.10 9.26 -27.91
CA ILE D 79 -94.06 8.64 -28.83
C ILE D 79 -93.70 7.18 -29.07
N ASP D 80 -92.42 6.84 -29.00
CA ASP D 80 -92.01 5.45 -29.20
C ASP D 80 -92.65 4.54 -28.17
N CYS D 81 -92.67 4.95 -26.91
CA CYS D 81 -93.20 4.09 -25.85
C CYS D 81 -94.72 4.15 -25.74
N ILE D 82 -95.38 5.06 -26.44
CA ILE D 82 -96.83 5.08 -26.43
C ILE D 82 -97.39 4.12 -27.47
N VAL D 83 -96.81 4.11 -28.67
CA VAL D 83 -97.29 3.22 -29.73
C VAL D 83 -97.07 1.77 -29.34
N ARG D 84 -95.97 1.46 -28.66
CA ARG D 84 -95.67 0.08 -28.32
C ARG D 84 -96.76 -0.52 -27.45
N HIS D 85 -97.25 0.23 -26.47
CA HIS D 85 -98.27 -0.24 -25.57
C HIS D 85 -99.68 0.06 -26.06
N GLY D 86 -99.86 0.22 -27.37
CA GLY D 86 -101.15 0.52 -27.95
C GLY D 86 -101.24 1.97 -28.36
N GLY D 87 -102.43 2.55 -28.25
CA GLY D 87 -102.56 3.93 -28.62
C GLY D 87 -102.34 4.13 -30.10
N ARG D 88 -102.10 5.39 -30.48
CA ARG D 88 -101.91 5.74 -31.87
C ARG D 88 -101.57 7.22 -31.94
N GLU D 89 -100.98 7.62 -33.07
CA GLU D 89 -100.54 9.00 -33.26
C GLU D 89 -101.70 9.97 -33.31
N GLU D 90 -102.90 9.51 -33.65
CA GLU D 90 -104.04 10.41 -33.78
C GLU D 90 -104.54 10.95 -32.44
N ASP D 91 -104.13 10.35 -31.33
CA ASP D 91 -104.53 10.79 -30.00
C ASP D 91 -103.37 11.45 -29.26
N ILE D 92 -102.56 12.21 -29.97
CA ILE D 92 -101.46 12.97 -29.39
C ILE D 92 -101.51 14.41 -29.90
N THR D 93 -101.29 15.36 -28.99
CA THR D 93 -101.08 16.75 -29.35
C THR D 93 -99.70 17.17 -28.84
N LEU D 94 -98.97 17.92 -29.65
CA LEU D 94 -97.64 18.39 -29.30
C LEU D 94 -97.61 19.91 -29.39
N VAL D 95 -97.11 20.54 -28.33
CA VAL D 95 -96.98 21.99 -28.25
C VAL D 95 -95.53 22.32 -27.96
N ARG D 96 -94.99 23.32 -28.66
CA ARG D 96 -93.60 23.74 -28.49
C ARG D 96 -93.57 25.18 -28.03
N VAL D 97 -92.72 25.47 -27.05
CA VAL D 97 -92.69 26.80 -26.42
C VAL D 97 -91.25 27.31 -26.46
N PRO D 98 -91.08 28.64 -26.37
CA PRO D 98 -89.73 29.21 -26.50
C PRO D 98 -88.75 28.71 -25.45
N GLY D 99 -89.20 28.53 -24.21
CA GLY D 99 -88.27 28.20 -23.14
C GLY D 99 -88.98 27.58 -21.96
N SER D 100 -88.18 27.28 -20.93
CA SER D 100 -88.70 26.59 -19.76
C SER D 100 -89.75 27.42 -19.03
N TRP D 101 -89.53 28.73 -18.92
CA TRP D 101 -90.43 29.58 -18.14
C TRP D 101 -91.85 29.49 -18.63
N GLU D 102 -92.06 29.16 -19.91
CA GLU D 102 -93.38 29.17 -20.50
C GLU D 102 -94.08 27.82 -20.47
N ILE D 103 -93.45 26.77 -19.94
CA ILE D 103 -94.10 25.46 -19.92
C ILE D 103 -95.37 25.45 -19.10
N PRO D 104 -95.38 25.90 -17.83
CA PRO D 104 -96.58 25.69 -17.00
C PRO D 104 -97.84 26.33 -17.54
N VAL D 105 -97.77 27.50 -18.16
CA VAL D 105 -98.99 28.14 -18.65
C VAL D 105 -99.58 27.36 -19.81
N ALA D 106 -98.73 26.81 -20.68
CA ALA D 106 -99.21 25.99 -21.78
C ALA D 106 -99.77 24.66 -21.27
N ALA D 107 -99.04 24.00 -20.38
CA ALA D 107 -99.52 22.73 -19.84
C ALA D 107 -100.85 22.89 -19.12
N GLY D 108 -101.12 24.08 -18.58
CA GLY D 108 -102.42 24.33 -18.00
C GLY D 108 -103.52 24.35 -19.03
N GLU D 109 -103.25 24.94 -20.20
CA GLU D 109 -104.25 25.01 -21.25
C GLU D 109 -104.63 23.63 -21.74
N LEU D 110 -103.64 22.75 -21.91
CA LEU D 110 -103.93 21.39 -22.37
C LEU D 110 -104.75 20.61 -21.33
N ALA D 111 -104.37 20.71 -20.05
CA ALA D 111 -105.02 19.89 -19.04
C ALA D 111 -106.47 20.30 -18.81
N ARG D 112 -106.80 21.58 -18.97
CA ARG D 112 -108.17 22.03 -18.75
C ARG D 112 -109.13 21.54 -19.82
N LYS D 113 -108.64 20.95 -20.91
CA LYS D 113 -109.52 20.33 -21.88
C LYS D 113 -110.20 19.11 -21.27
N GLU D 114 -111.40 18.80 -21.74
CA GLU D 114 -112.17 17.68 -21.25
C GLU D 114 -111.86 16.39 -22.00
N ASP D 115 -110.92 16.42 -22.94
CA ASP D 115 -110.59 15.28 -23.78
C ASP D 115 -109.10 14.97 -23.70
N ILE D 116 -108.51 15.12 -22.51
CA ILE D 116 -107.11 14.80 -22.27
C ILE D 116 -107.02 14.00 -20.98
N ASP D 117 -106.12 13.02 -20.95
CA ASP D 117 -105.96 12.12 -19.82
C ASP D 117 -104.65 12.30 -19.08
N ALA D 118 -103.56 12.64 -19.77
CA ALA D 118 -102.28 12.89 -19.12
C ALA D 118 -101.51 13.92 -19.92
N VAL D 119 -100.58 14.58 -19.25
CA VAL D 119 -99.70 15.57 -19.87
C VAL D 119 -98.27 15.22 -19.51
N ILE D 120 -97.38 15.32 -20.50
CA ILE D 120 -95.96 15.05 -20.34
C ILE D 120 -95.19 16.33 -20.64
N ALA D 121 -94.28 16.69 -19.75
CA ALA D 121 -93.47 17.90 -19.88
C ALA D 121 -92.01 17.53 -20.06
N ILE D 122 -91.40 18.05 -21.13
CA ILE D 122 -90.01 17.76 -21.46
C ILE D 122 -89.27 19.07 -21.63
N GLY D 123 -88.06 19.15 -21.09
CA GLY D 123 -87.27 20.35 -21.20
C GLY D 123 -85.88 20.16 -20.62
N VAL D 124 -85.09 21.21 -20.72
CA VAL D 124 -83.71 21.21 -20.23
C VAL D 124 -83.49 22.46 -19.38
N LEU D 125 -82.81 22.28 -18.25
CA LEU D 125 -82.52 23.35 -17.30
C LEU D 125 -81.02 23.60 -17.25
N ILE D 126 -80.65 24.69 -16.60
CA ILE D 126 -79.25 25.09 -16.43
C ILE D 126 -78.98 25.23 -14.93
N ARG D 127 -77.95 24.55 -14.45
CA ARG D 127 -77.58 24.58 -13.04
C ARG D 127 -76.42 25.53 -12.75
N GLY D 128 -75.31 25.38 -13.46
CA GLY D 128 -74.15 26.23 -13.23
C GLY D 128 -74.24 27.55 -13.97
N ALA D 129 -75.07 28.45 -13.46
CA ALA D 129 -75.26 29.76 -14.09
C ALA D 129 -75.53 30.78 -12.98
N THR D 130 -75.92 31.99 -13.40
CA THR D 130 -76.20 33.05 -12.46
C THR D 130 -77.51 32.78 -11.71
N PRO D 131 -77.76 33.48 -10.61
CA PRO D 131 -79.02 33.27 -9.87
C PRO D 131 -80.26 33.53 -10.70
N HIS D 132 -80.14 34.25 -11.82
CA HIS D 132 -81.30 34.47 -12.68
C HIS D 132 -81.92 33.15 -13.11
N PHE D 133 -81.09 32.22 -13.57
CA PHE D 133 -81.59 30.90 -13.95
C PHE D 133 -82.09 30.13 -12.74
N ASP D 134 -81.55 30.42 -11.55
CA ASP D 134 -82.02 29.78 -10.33
C ASP D 134 -83.45 30.18 -9.96
N TYR D 135 -83.99 31.23 -10.58
CA TYR D 135 -85.37 31.62 -10.37
C TYR D 135 -86.32 30.92 -11.33
N ILE D 136 -85.94 30.81 -12.60
CA ILE D 136 -86.75 30.05 -13.54
C ILE D 136 -86.78 28.58 -13.15
N ALA D 137 -85.67 28.08 -12.61
CA ALA D 137 -85.57 26.66 -12.29
C ALA D 137 -86.59 26.24 -11.23
N SER D 138 -86.79 27.07 -10.21
CA SER D 138 -87.66 26.67 -9.10
C SER D 138 -89.12 26.75 -9.49
N GLU D 139 -89.51 27.78 -10.23
CA GLU D 139 -90.92 28.00 -10.51
C GLU D 139 -91.51 26.95 -11.43
N VAL D 140 -90.70 26.38 -12.33
CA VAL D 140 -91.23 25.39 -13.26
C VAL D 140 -91.68 24.14 -12.52
N SER D 141 -90.89 23.67 -11.56
CA SER D 141 -91.30 22.51 -10.79
C SER D 141 -92.53 22.80 -9.93
N LYS D 142 -92.56 23.98 -9.30
CA LYS D 142 -93.67 24.30 -8.41
C LYS D 142 -94.99 24.39 -9.18
N GLY D 143 -94.98 25.02 -10.35
CA GLY D 143 -96.23 25.24 -11.07
C GLY D 143 -96.87 23.94 -11.52
N LEU D 144 -96.07 23.01 -12.03
CA LEU D 144 -96.63 21.76 -12.53
C LEU D 144 -97.26 20.95 -11.41
N ALA D 145 -96.62 20.92 -10.23
CA ALA D 145 -97.17 20.18 -9.10
C ALA D 145 -98.50 20.76 -8.67
N ASN D 146 -98.61 22.08 -8.60
CA ASN D 146 -99.86 22.70 -8.19
C ASN D 146 -100.99 22.38 -9.15
N LEU D 147 -100.70 22.40 -10.46
CA LEU D 147 -101.73 22.09 -11.44
C LEU D 147 -102.24 20.67 -11.30
N SER D 148 -101.35 19.72 -11.05
CA SER D 148 -101.76 18.32 -10.97
C SER D 148 -102.77 18.08 -9.85
N LEU D 149 -102.78 18.94 -8.83
CA LEU D 149 -103.69 18.79 -7.71
C LEU D 149 -104.95 19.61 -7.86
N GLU D 150 -104.89 20.74 -8.55
CA GLU D 150 -106.08 21.56 -8.74
C GLU D 150 -107.02 20.95 -9.77
N LEU D 151 -106.48 20.41 -10.86
CA LEU D 151 -107.29 19.83 -11.92
C LEU D 151 -107.54 18.34 -11.74
N ARG D 152 -106.89 17.70 -10.78
CA ARG D 152 -107.06 16.26 -10.54
C ARG D 152 -106.75 15.47 -11.81
N LYS D 153 -105.54 15.68 -12.33
CA LYS D 153 -105.13 15.08 -13.58
C LYS D 153 -103.62 14.93 -13.57
N PRO D 154 -103.08 13.76 -13.87
CA PRO D 154 -101.62 13.58 -13.78
C PRO D 154 -100.87 14.44 -14.78
N ILE D 155 -99.68 14.90 -14.36
CA ILE D 155 -98.78 15.68 -15.19
C ILE D 155 -97.38 15.22 -14.84
N THR D 156 -96.76 14.45 -15.71
CA THR D 156 -95.45 13.88 -15.42
C THR D 156 -94.34 14.87 -15.72
N PHE D 157 -93.21 14.69 -15.04
CA PHE D 157 -92.12 15.66 -14.98
C PHE D 157 -90.88 15.02 -15.57
N GLY D 158 -90.63 15.26 -16.85
CA GLY D 158 -89.48 14.73 -17.54
C GLY D 158 -88.32 15.67 -17.72
N VAL D 159 -88.31 16.81 -17.03
CA VAL D 159 -87.25 17.79 -17.19
C VAL D 159 -85.93 17.21 -16.73
N ILE D 160 -84.86 17.55 -17.43
CA ILE D 160 -83.52 17.10 -17.09
C ILE D 160 -82.62 18.31 -16.89
N THR D 161 -81.34 18.07 -16.59
CA THR D 161 -80.38 19.13 -16.37
C THR D 161 -79.16 18.91 -17.25
N ALA D 162 -78.46 19.99 -17.55
CA ALA D 162 -77.26 19.94 -18.38
C ALA D 162 -76.04 19.55 -17.55
N THR E 12 -94.26 1.92 19.00
CA THR E 12 -94.28 1.32 20.32
C THR E 12 -92.95 0.61 20.58
N LYS E 13 -92.71 -0.49 19.87
CA LYS E 13 -91.49 -1.27 20.03
C LYS E 13 -90.76 -1.57 18.73
N HIS E 14 -91.48 -1.76 17.62
CA HIS E 14 -90.83 -2.19 16.38
C HIS E 14 -89.81 -1.16 15.91
N GLY E 15 -90.22 0.10 15.78
CA GLY E 15 -89.34 1.21 15.53
C GLY E 15 -89.26 1.66 14.08
N ASN E 16 -89.51 0.77 13.12
CA ASN E 16 -89.40 1.18 11.72
C ASN E 16 -90.48 2.21 11.39
N LYS E 17 -90.14 3.10 10.45
CA LYS E 17 -90.96 4.28 10.22
C LYS E 17 -92.38 3.93 9.79
N GLY E 18 -92.61 2.72 9.28
CA GLY E 18 -93.97 2.30 9.03
C GLY E 18 -94.77 2.15 10.31
N TRP E 19 -94.15 1.60 11.35
CA TRP E 19 -94.82 1.48 12.63
C TRP E 19 -95.14 2.85 13.22
N GLU E 20 -94.15 3.74 13.22
CA GLU E 20 -94.35 5.07 13.80
C GLU E 20 -95.39 5.85 13.02
N ALA E 21 -95.33 5.80 11.69
CA ALA E 21 -96.30 6.54 10.88
C ALA E 21 -97.72 6.05 11.13
N ALA E 22 -97.91 4.78 11.43
CA ALA E 22 -99.25 4.27 11.69
C ALA E 22 -99.76 4.67 13.06
N LEU E 23 -98.87 4.81 14.05
CA LEU E 23 -99.32 5.23 15.38
C LEU E 23 -99.91 6.64 15.33
N SER E 24 -99.29 7.54 14.58
CA SER E 24 -99.83 8.88 14.45
C SER E 24 -101.23 8.85 13.83
N ALA E 25 -101.42 8.03 12.80
CA ALA E 25 -102.70 7.99 12.11
C ALA E 25 -103.80 7.48 13.04
N ILE E 26 -103.50 6.50 13.88
CA ILE E 26 -104.51 5.97 14.78
C ILE E 26 -104.92 7.02 15.81
N GLU E 27 -103.96 7.83 16.26
CA GLU E 27 -104.25 8.83 17.28
C GLU E 27 -105.02 10.01 16.70
N MET E 28 -104.63 10.46 15.50
CA MET E 28 -105.31 11.60 14.90
C MET E 28 -106.72 11.24 14.48
N ALA E 29 -106.95 10.01 14.04
CA ALA E 29 -108.30 9.57 13.70
C ALA E 29 -109.21 9.57 14.93
N ASN E 30 -108.67 9.18 16.09
CA ASN E 30 -109.47 9.20 17.32
C ASN E 30 -109.71 10.62 17.81
N LEU E 31 -108.72 11.50 17.64
CA LEU E 31 -108.84 12.87 18.15
C LEU E 31 -109.99 13.60 17.46
N PHE E 32 -110.14 13.41 16.16
CA PHE E 32 -111.13 14.17 15.41
C PHE E 32 -112.56 13.81 15.81
N LYS E 33 -112.82 12.54 16.11
CA LYS E 33 -114.14 12.19 16.61
C LYS E 33 -114.44 12.88 17.93
N SER E 34 -113.45 12.96 18.81
CA SER E 34 -113.64 13.66 20.07
C SER E 34 -113.99 15.12 19.84
N LEU E 35 -113.30 15.78 18.92
CA LEU E 35 -113.57 17.19 18.65
C LEU E 35 -114.97 17.37 18.08
N ARG E 36 -115.38 16.51 17.15
CA ARG E 36 -116.68 16.67 16.52
C ARG E 36 -117.83 16.30 17.44
N GLY E 37 -117.57 15.56 18.51
CA GLY E 37 -118.64 15.07 19.35
C GLY E 37 -119.34 16.15 20.14
N THR E 38 -118.66 16.70 21.15
CA THR E 38 -119.23 17.72 22.02
C THR E 38 -118.16 18.16 22.99
N GLY E 39 -118.47 19.22 23.74
CA GLY E 39 -117.59 19.70 24.77
C GLY E 39 -117.73 18.92 26.07
N GLY E 40 -116.92 19.32 27.06
CA GLY E 40 -116.95 18.70 28.35
C GLY E 40 -118.12 19.16 29.20
N SER E 41 -118.19 18.60 30.41
CA SER E 41 -119.26 18.97 31.32
C SER E 41 -119.20 20.44 31.68
N GLY E 42 -118.02 20.96 31.93
CA GLY E 42 -117.81 22.35 32.26
C GLY E 42 -117.20 22.52 33.64
N SER E 43 -117.02 23.79 34.02
CA SER E 43 -116.47 24.14 35.32
C SER E 43 -115.05 23.64 35.49
N SER E 44 -114.33 23.47 34.39
CA SER E 44 -112.95 23.03 34.42
C SER E 44 -112.36 23.19 33.01
N MET E 45 -111.05 22.97 32.91
CA MET E 45 -110.37 23.09 31.63
C MET E 45 -110.70 21.90 30.75
N GLU E 46 -111.08 22.17 29.51
CA GLU E 46 -111.42 21.12 28.55
C GLU E 46 -110.15 20.58 27.91
N ILE E 47 -110.04 19.26 27.83
CA ILE E 47 -108.88 18.59 27.24
C ILE E 47 -109.38 17.60 26.20
N TYR E 48 -108.78 17.62 25.01
CA TYR E 48 -109.07 16.68 23.94
C TYR E 48 -107.81 15.90 23.63
N GLU E 49 -107.92 14.57 23.63
CA GLU E 49 -106.81 13.70 23.29
C GLU E 49 -107.36 12.50 22.52
N GLY E 50 -106.46 11.83 21.80
CA GLY E 50 -106.78 10.60 21.09
C GLY E 50 -106.04 9.42 21.71
N LYS E 51 -106.72 8.29 21.75
CA LYS E 51 -106.16 7.06 22.30
C LYS E 51 -105.71 6.13 21.18
N LEU E 52 -104.97 5.08 21.57
CA LEU E 52 -104.40 4.14 20.62
C LEU E 52 -105.25 2.87 20.52
N THR E 53 -106.48 3.05 20.04
CA THR E 53 -107.39 1.96 19.76
C THR E 53 -107.88 2.10 18.32
N ALA E 54 -107.81 1.02 17.56
CA ALA E 54 -108.14 1.01 16.14
C ALA E 54 -109.36 0.15 15.84
N GLU E 55 -110.36 0.20 16.72
CA GLU E 55 -111.58 -0.59 16.57
C GLU E 55 -112.59 0.22 15.79
N GLY E 56 -112.80 -0.15 14.52
CA GLY E 56 -113.81 0.50 13.70
C GLY E 56 -113.32 1.66 12.88
N LEU E 57 -112.05 1.69 12.50
CA LEU E 57 -111.47 2.77 11.72
C LEU E 57 -111.04 2.25 10.35
N ARG E 58 -111.23 3.08 9.33
CA ARG E 58 -110.83 2.76 7.96
C ARG E 58 -109.58 3.56 7.59
N PHE E 59 -108.63 2.90 6.97
CA PHE E 59 -107.34 3.49 6.65
C PHE E 59 -107.01 3.28 5.19
N GLY E 60 -106.18 4.16 4.66
CA GLY E 60 -105.66 4.02 3.31
C GLY E 60 -104.17 4.30 3.27
N ILE E 61 -103.47 3.54 2.45
CA ILE E 61 -102.01 3.61 2.35
C ILE E 61 -101.63 3.83 0.89
N VAL E 62 -100.72 4.76 0.66
CA VAL E 62 -100.16 5.05 -0.66
C VAL E 62 -98.65 4.84 -0.57
N ALA E 63 -98.12 3.98 -1.43
CA ALA E 63 -96.71 3.62 -1.38
C ALA E 63 -96.11 3.59 -2.77
N SER E 64 -94.87 4.05 -2.89
CA SER E 64 -94.16 4.06 -4.16
C SER E 64 -93.42 2.74 -4.37
N ARG E 65 -92.97 2.53 -5.61
CA ARG E 65 -92.35 1.26 -6.00
C ARG E 65 -90.83 1.34 -6.08
N PHE E 66 -90.26 2.53 -6.23
CA PHE E 66 -88.81 2.67 -6.27
C PHE E 66 -88.22 2.14 -4.97
N ASN E 67 -87.19 1.30 -5.09
CA ASN E 67 -86.61 0.60 -3.95
C ASN E 67 -87.69 -0.21 -3.21
N HIS E 68 -88.28 -1.16 -3.94
CA HIS E 68 -89.32 -1.99 -3.36
C HIS E 68 -88.79 -2.88 -2.25
N ALA E 69 -87.46 -3.07 -2.16
CA ALA E 69 -86.92 -3.88 -1.09
C ALA E 69 -87.15 -3.22 0.27
N LEU E 70 -86.81 -1.93 0.38
CA LEU E 70 -87.03 -1.23 1.64
C LEU E 70 -88.49 -0.85 1.84
N VAL E 71 -89.19 -0.51 0.77
CA VAL E 71 -90.59 -0.09 0.91
C VAL E 71 -91.43 -1.25 1.40
N ASP E 72 -91.13 -2.47 0.97
CA ASP E 72 -91.97 -3.61 1.31
C ASP E 72 -92.03 -3.82 2.81
N ARG E 73 -90.89 -3.70 3.49
CA ARG E 73 -90.88 -3.84 4.95
C ARG E 73 -91.70 -2.74 5.61
N LEU E 74 -91.58 -1.50 5.13
CA LEU E 74 -92.31 -0.40 5.74
C LEU E 74 -93.81 -0.60 5.62
N VAL E 75 -94.28 -1.03 4.46
CA VAL E 75 -95.72 -1.26 4.30
C VAL E 75 -96.18 -2.40 5.20
N GLU E 76 -95.33 -3.42 5.36
CA GLU E 76 -95.67 -4.49 6.29
C GLU E 76 -95.77 -3.96 7.71
N GLY E 77 -94.80 -3.15 8.14
CA GLY E 77 -94.82 -2.64 9.50
C GLY E 77 -96.06 -1.85 9.82
N ALA E 78 -96.52 -1.02 8.88
CA ALA E 78 -97.72 -0.23 9.13
C ALA E 78 -98.95 -1.12 9.26
N ILE E 79 -99.01 -2.21 8.50
CA ILE E 79 -100.17 -3.10 8.59
C ILE E 79 -100.15 -3.87 9.90
N ASP E 80 -98.97 -4.31 10.34
CA ASP E 80 -98.87 -5.00 11.62
C ASP E 80 -99.33 -4.12 12.76
N CYS E 81 -98.97 -2.84 12.74
CA CYS E 81 -99.35 -1.95 13.83
C CYS E 81 -100.87 -1.86 13.96
N ILE E 82 -101.57 -1.77 12.82
CA ILE E 82 -103.02 -1.59 12.87
C ILE E 82 -103.70 -2.80 13.47
N VAL E 83 -103.29 -4.00 13.08
CA VAL E 83 -103.95 -5.21 13.56
C VAL E 83 -103.66 -5.44 15.04
N ARG E 84 -102.44 -5.14 15.48
CA ARG E 84 -102.10 -5.37 16.88
C ARG E 84 -102.98 -4.55 17.82
N HIS E 85 -103.37 -3.35 17.42
CA HIS E 85 -104.14 -2.46 18.27
C HIS E 85 -105.64 -2.65 18.14
N GLY E 86 -106.09 -3.65 17.38
CA GLY E 86 -107.51 -3.93 17.26
C GLY E 86 -108.10 -3.67 15.89
N GLY E 87 -107.27 -3.42 14.88
CA GLY E 87 -107.77 -3.15 13.55
C GLY E 87 -108.20 -4.41 12.83
N ARG E 88 -108.61 -4.24 11.58
CA ARG E 88 -109.08 -5.32 10.74
C ARG E 88 -108.42 -5.21 9.37
N GLU E 89 -107.86 -6.31 8.88
CA GLU E 89 -107.14 -6.28 7.62
C GLU E 89 -108.04 -5.94 6.43
N GLU E 90 -109.35 -6.13 6.57
CA GLU E 90 -110.26 -5.84 5.48
C GLU E 90 -110.62 -4.36 5.37
N ASP E 91 -110.27 -3.55 6.37
CA ASP E 91 -110.55 -2.11 6.35
C ASP E 91 -109.31 -1.29 6.00
N ILE E 92 -108.43 -1.84 5.16
CA ILE E 92 -107.24 -1.15 4.69
C ILE E 92 -107.22 -1.19 3.18
N THR E 93 -107.00 -0.03 2.55
CA THR E 93 -106.88 0.08 1.11
C THR E 93 -105.45 0.49 0.77
N LEU E 94 -104.87 -0.15 -0.24
CA LEU E 94 -103.50 0.09 -0.65
C LEU E 94 -103.48 0.53 -2.11
N VAL E 95 -102.66 1.54 -2.40
CA VAL E 95 -102.46 2.04 -3.75
C VAL E 95 -100.97 2.15 -4.02
N ARG E 96 -100.53 1.69 -5.19
CA ARG E 96 -99.14 1.77 -5.60
C ARG E 96 -99.00 2.77 -6.74
N VAL E 97 -97.89 3.51 -6.73
CA VAL E 97 -97.65 4.57 -7.71
C VAL E 97 -96.25 4.38 -8.28
N PRO E 98 -95.98 4.83 -9.51
CA PRO E 98 -94.64 4.61 -10.08
C PRO E 98 -93.51 5.20 -9.27
N GLY E 99 -93.69 6.40 -8.72
CA GLY E 99 -92.58 7.08 -8.07
C GLY E 99 -93.07 8.13 -7.10
N SER E 100 -92.10 8.79 -6.46
CA SER E 100 -92.42 9.75 -5.41
C SER E 100 -93.18 10.96 -5.94
N TRP E 101 -92.93 11.35 -7.19
CA TRP E 101 -93.61 12.53 -7.74
C TRP E 101 -95.11 12.35 -7.77
N GLU E 102 -95.61 11.12 -7.70
CA GLU E 102 -97.02 10.84 -7.88
C GLU E 102 -97.76 10.58 -6.56
N ILE E 103 -97.06 10.59 -5.43
CA ILE E 103 -97.73 10.33 -4.15
C ILE E 103 -98.79 11.39 -3.85
N PRO E 104 -98.50 12.69 -3.93
CA PRO E 104 -99.52 13.68 -3.55
C PRO E 104 -100.79 13.59 -4.37
N VAL E 105 -100.68 13.38 -5.68
CA VAL E 105 -101.87 13.35 -6.51
C VAL E 105 -102.71 12.12 -6.21
N ALA E 106 -102.06 10.99 -5.91
CA ALA E 106 -102.80 9.77 -5.58
C ALA E 106 -103.50 9.89 -4.24
N ALA E 107 -102.84 10.47 -3.24
CA ALA E 107 -103.44 10.58 -1.92
C ALA E 107 -104.68 11.46 -1.94
N GLY E 108 -104.71 12.46 -2.82
CA GLY E 108 -105.88 13.31 -2.91
C GLY E 108 -107.14 12.56 -3.28
N GLU E 109 -107.00 11.45 -4.00
CA GLU E 109 -108.17 10.65 -4.37
C GLU E 109 -108.69 9.87 -3.17
N LEU E 110 -107.81 9.28 -2.37
CA LEU E 110 -108.24 8.58 -1.17
C LEU E 110 -108.91 9.54 -0.19
N ALA E 111 -108.33 10.73 0.00
CA ALA E 111 -108.82 11.62 1.03
C ALA E 111 -110.25 12.06 0.78
N ARG E 112 -110.66 12.14 -0.48
CA ARG E 112 -112.00 12.59 -0.81
C ARG E 112 -113.06 11.52 -0.62
N LYS E 113 -112.64 10.27 -0.38
CA LYS E 113 -113.59 9.21 -0.08
C LYS E 113 -114.30 9.49 1.24
N GLU E 114 -115.58 9.15 1.31
CA GLU E 114 -116.37 9.39 2.52
C GLU E 114 -116.11 8.36 3.60
N ASP E 115 -115.46 7.24 3.28
CA ASP E 115 -115.22 6.18 4.25
C ASP E 115 -113.87 6.32 4.94
N ILE E 116 -112.81 6.63 4.20
CA ILE E 116 -111.47 6.68 4.78
C ILE E 116 -111.40 7.78 5.83
N ASP E 117 -110.66 7.49 6.90
CA ASP E 117 -110.49 8.41 8.01
C ASP E 117 -109.08 8.96 8.15
N ALA E 118 -108.07 8.23 7.70
CA ALA E 118 -106.71 8.71 7.71
C ALA E 118 -105.96 8.10 6.54
N VAL E 119 -104.87 8.74 6.15
CA VAL E 119 -104.07 8.32 5.01
C VAL E 119 -102.61 8.32 5.40
N ILE E 120 -101.88 7.30 4.95
CA ILE E 120 -100.47 7.12 5.28
C ILE E 120 -99.69 7.06 3.98
N ALA E 121 -98.62 7.83 3.90
CA ALA E 121 -97.76 7.87 2.73
C ALA E 121 -96.40 7.28 3.09
N ILE E 122 -95.93 6.34 2.26
CA ILE E 122 -94.66 5.68 2.47
C ILE E 122 -93.86 5.76 1.18
N GLY E 123 -92.56 5.97 1.30
CA GLY E 123 -91.70 6.03 0.13
C GLY E 123 -90.26 6.18 0.55
N VAL E 124 -89.38 6.14 -0.45
CA VAL E 124 -87.95 6.35 -0.24
C VAL E 124 -87.47 7.40 -1.23
N LEU E 125 -86.56 8.26 -0.78
CA LEU E 125 -86.03 9.36 -1.58
C LEU E 125 -84.53 9.20 -1.69
N ILE E 126 -84.01 9.37 -2.90
CA ILE E 126 -82.58 9.32 -3.17
C ILE E 126 -82.06 10.74 -3.25
N ARG E 127 -81.19 11.11 -2.31
CA ARG E 127 -80.63 12.46 -2.24
C ARG E 127 -79.15 12.41 -1.90
N GLY E 128 -78.42 11.49 -2.53
CA GLY E 128 -77.00 11.35 -2.26
C GLY E 128 -76.15 11.04 -3.48
N ALA E 129 -76.76 10.99 -4.65
CA ALA E 129 -76.06 10.66 -5.89
C ALA E 129 -76.24 11.70 -6.98
N THR E 130 -77.43 12.29 -7.09
CA THR E 130 -77.75 13.24 -8.15
C THR E 130 -78.07 14.60 -7.56
N PRO E 131 -77.42 15.72 -8.00
CA PRO E 131 -77.78 17.06 -7.50
C PRO E 131 -78.96 17.68 -8.26
N HIS E 132 -79.98 16.87 -8.52
CA HIS E 132 -81.20 17.33 -9.18
C HIS E 132 -82.48 16.87 -8.50
N PHE E 133 -82.44 15.82 -7.69
CA PHE E 133 -83.64 15.30 -7.04
C PHE E 133 -84.20 16.25 -5.99
N ASP E 134 -83.46 17.29 -5.61
CA ASP E 134 -83.96 18.21 -4.59
C ASP E 134 -85.28 18.84 -4.99
N TYR E 135 -85.46 19.09 -6.29
CA TYR E 135 -86.75 19.61 -6.75
C TYR E 135 -87.87 18.62 -6.51
N ILE E 136 -87.62 17.33 -6.78
CA ILE E 136 -88.65 16.32 -6.55
C ILE E 136 -88.95 16.21 -5.06
N ALA E 137 -87.92 16.21 -4.22
CA ALA E 137 -88.12 15.98 -2.80
C ALA E 137 -88.95 17.08 -2.17
N SER E 138 -88.69 18.32 -2.53
CA SER E 138 -89.37 19.45 -1.90
C SER E 138 -90.86 19.46 -2.20
N GLU E 139 -91.27 19.00 -3.38
CA GLU E 139 -92.69 19.07 -3.75
C GLU E 139 -93.53 18.01 -3.06
N VAL E 140 -92.93 16.91 -2.61
CA VAL E 140 -93.68 15.91 -1.89
C VAL E 140 -94.18 16.45 -0.56
N SER E 141 -93.29 17.13 0.18
CA SER E 141 -93.65 17.68 1.48
C SER E 141 -94.69 18.77 1.35
N LYS E 142 -94.58 19.63 0.33
CA LYS E 142 -95.54 20.70 0.16
C LYS E 142 -96.92 20.15 -0.19
N GLY E 143 -96.99 19.26 -1.17
CA GLY E 143 -98.29 18.80 -1.65
C GLY E 143 -99.08 18.07 -0.59
N LEU E 144 -98.41 17.21 0.18
CA LEU E 144 -99.09 16.47 1.22
C LEU E 144 -99.61 17.39 2.31
N ALA E 145 -98.83 18.42 2.67
CA ALA E 145 -99.23 19.34 3.73
C ALA E 145 -100.41 20.19 3.31
N ASN E 146 -100.43 20.67 2.06
CA ASN E 146 -101.55 21.48 1.60
C ASN E 146 -102.85 20.69 1.56
N LEU E 147 -102.78 19.39 1.24
CA LEU E 147 -103.99 18.58 1.14
C LEU E 147 -104.70 18.46 2.48
N SER E 148 -103.94 18.29 3.56
CA SER E 148 -104.56 18.11 4.87
C SER E 148 -105.39 19.32 5.25
N LEU E 149 -104.86 20.52 5.03
CA LEU E 149 -105.61 21.73 5.34
C LEU E 149 -106.85 21.86 4.45
N GLU E 150 -106.72 21.56 3.16
CA GLU E 150 -107.82 21.77 2.23
C GLU E 150 -108.98 20.81 2.51
N LEU E 151 -108.66 19.53 2.68
CA LEU E 151 -109.69 18.51 2.90
C LEU E 151 -110.03 18.29 4.36
N ARG E 152 -109.26 18.86 5.28
CA ARG E 152 -109.53 18.74 6.71
C ARG E 152 -109.55 17.27 7.13
N LYS E 153 -108.47 16.56 6.82
CA LYS E 153 -108.35 15.14 7.06
C LYS E 153 -106.88 14.86 7.35
N PRO E 154 -106.56 14.04 8.36
CA PRO E 154 -105.15 13.81 8.67
C PRO E 154 -104.45 12.95 7.63
N ILE E 155 -103.26 13.39 7.24
CA ILE E 155 -102.37 12.67 6.33
C ILE E 155 -100.99 12.62 6.96
N THR E 156 -100.44 11.42 7.09
CA THR E 156 -99.20 11.21 7.82
C THR E 156 -98.04 10.98 6.87
N PHE E 157 -96.85 11.36 7.33
CA PHE E 157 -95.62 11.33 6.55
C PHE E 157 -94.80 10.12 6.96
N GLY E 158 -94.48 9.26 5.99
CA GLY E 158 -93.68 8.08 6.24
C GLY E 158 -92.55 7.92 5.24
N VAL E 159 -91.92 9.02 4.86
CA VAL E 159 -90.93 9.04 3.78
C VAL E 159 -89.54 8.92 4.38
N ILE E 160 -88.78 7.95 3.88
CA ILE E 160 -87.39 7.73 4.27
C ILE E 160 -86.49 8.42 3.27
N THR E 161 -85.31 8.83 3.72
CA THR E 161 -84.27 9.38 2.87
C THR E 161 -83.06 8.45 2.95
N ALA E 162 -82.51 8.13 1.79
CA ALA E 162 -81.37 7.21 1.72
C ALA E 162 -80.06 7.99 1.78
N ASN F 16 -53.64 -26.52 63.31
CA ASN F 16 -54.54 -27.00 62.27
C ASN F 16 -55.74 -26.07 62.12
N LYS F 17 -56.45 -26.20 61.00
CA LYS F 17 -57.63 -25.40 60.71
C LYS F 17 -58.91 -26.05 61.23
N GLY F 18 -58.80 -26.95 62.19
CA GLY F 18 -59.97 -27.66 62.71
C GLY F 18 -60.55 -26.99 63.93
N TRP F 19 -59.70 -26.60 64.88
CA TRP F 19 -60.20 -26.00 66.11
C TRP F 19 -60.93 -24.69 65.84
N GLU F 20 -60.57 -23.99 64.76
CA GLU F 20 -61.31 -22.79 64.40
C GLU F 20 -62.75 -23.13 64.09
N ALA F 21 -62.98 -24.19 63.34
CA ALA F 21 -64.34 -24.67 63.11
C ALA F 21 -65.01 -25.05 64.43
N ALA F 22 -64.22 -25.49 65.41
CA ALA F 22 -64.78 -25.87 66.70
C ALA F 22 -65.19 -24.64 67.51
N LEU F 23 -64.32 -23.63 67.56
CA LEU F 23 -64.61 -22.47 68.38
C LEU F 23 -65.92 -21.82 67.96
N SER F 24 -66.16 -21.72 66.66
CA SER F 24 -67.40 -21.12 66.17
C SER F 24 -68.62 -21.84 66.73
N ALA F 25 -68.56 -23.17 66.80
CA ALA F 25 -69.74 -23.94 67.21
C ALA F 25 -70.13 -23.64 68.65
N ILE F 26 -69.15 -23.61 69.56
CA ILE F 26 -69.48 -23.37 70.96
C ILE F 26 -70.05 -21.97 71.14
N GLU F 27 -69.43 -20.96 70.51
CA GLU F 27 -69.92 -19.60 70.63
C GLU F 27 -71.37 -19.51 70.18
N MET F 28 -71.67 -20.02 68.99
CA MET F 28 -73.04 -19.94 68.47
C MET F 28 -74.00 -20.78 69.32
N ALA F 29 -73.55 -21.95 69.78
CA ALA F 29 -74.42 -22.80 70.57
C ALA F 29 -74.85 -22.11 71.86
N ASN F 30 -73.92 -21.42 72.52
CA ASN F 30 -74.27 -20.67 73.73
C ASN F 30 -75.13 -19.47 73.39
N LEU F 31 -74.84 -18.79 72.28
CA LEU F 31 -75.59 -17.60 71.91
C LEU F 31 -77.05 -17.93 71.66
N PHE F 32 -77.32 -19.06 71.00
CA PHE F 32 -78.70 -19.41 70.68
C PHE F 32 -79.51 -19.69 71.94
N LYS F 33 -78.85 -20.13 73.02
CA LYS F 33 -79.57 -20.32 74.27
C LYS F 33 -80.08 -19.01 74.83
N SER F 34 -79.28 -17.94 74.72
CA SER F 34 -79.69 -16.66 75.28
C SER F 34 -80.95 -16.13 74.63
N LEU F 35 -80.98 -16.08 73.29
CA LEU F 35 -82.10 -15.46 72.59
C LEU F 35 -83.40 -16.18 72.90
N ARG F 36 -83.38 -17.51 72.90
CA ARG F 36 -84.60 -18.28 73.13
C ARG F 36 -85.14 -18.06 74.53
N GLY F 37 -84.32 -17.59 75.46
CA GLY F 37 -84.75 -17.35 76.83
C GLY F 37 -85.47 -16.03 76.98
N THR F 38 -85.76 -15.69 78.23
CA THR F 38 -86.46 -14.46 78.53
C THR F 38 -85.61 -13.24 78.17
N GLY F 39 -86.28 -12.14 77.84
CA GLY F 39 -85.60 -10.92 77.47
C GLY F 39 -85.02 -10.19 78.67
N GLY F 40 -84.40 -9.05 78.37
CA GLY F 40 -83.75 -8.25 79.40
C GLY F 40 -84.75 -7.42 80.19
N SER F 41 -84.21 -6.69 81.16
CA SER F 41 -85.03 -5.83 82.02
C SER F 41 -85.30 -4.46 81.40
N GLY F 42 -84.74 -4.17 80.23
CA GLY F 42 -84.95 -2.89 79.60
C GLY F 42 -84.10 -1.81 80.23
N SER F 43 -84.41 -0.57 79.86
CA SER F 43 -83.77 0.66 80.31
C SER F 43 -82.40 0.85 79.67
N SER F 44 -81.92 -0.09 78.86
CA SER F 44 -80.64 0.08 78.17
C SER F 44 -80.60 -0.87 76.98
N MET F 45 -79.67 -0.59 76.08
CA MET F 45 -79.50 -1.44 74.90
C MET F 45 -79.07 -2.83 75.32
N GLU F 46 -79.68 -3.85 74.72
CA GLU F 46 -79.38 -5.24 75.03
C GLU F 46 -78.32 -5.74 74.06
N ILE F 47 -77.18 -6.16 74.60
CA ILE F 47 -76.11 -6.75 73.81
C ILE F 47 -76.07 -8.24 74.14
N TYR F 48 -76.32 -9.07 73.14
CA TYR F 48 -76.22 -10.52 73.25
C TYR F 48 -74.88 -10.97 72.68
N GLU F 49 -74.14 -11.76 73.45
CA GLU F 49 -72.91 -12.35 72.95
C GLU F 49 -72.73 -13.70 73.65
N GLY F 50 -72.23 -14.68 72.90
CA GLY F 50 -72.12 -16.03 73.41
C GLY F 50 -70.82 -16.27 74.17
N LYS F 51 -70.88 -17.25 75.08
CA LYS F 51 -69.76 -17.61 75.92
C LYS F 51 -68.89 -18.66 75.23
N LEU F 52 -67.81 -19.06 75.89
CA LEU F 52 -66.93 -20.12 75.43
C LEU F 52 -66.94 -21.33 76.37
N THR F 53 -67.97 -21.46 77.20
CA THR F 53 -68.11 -22.60 78.09
C THR F 53 -68.80 -23.73 77.34
N ALA F 54 -68.10 -24.83 77.13
CA ALA F 54 -68.60 -25.94 76.34
C ALA F 54 -69.45 -26.92 77.13
N GLU F 55 -69.57 -26.74 78.45
CA GLU F 55 -70.24 -27.72 79.28
C GLU F 55 -71.74 -27.76 78.96
N GLY F 56 -72.28 -28.96 78.84
CA GLY F 56 -73.69 -29.16 78.59
C GLY F 56 -74.11 -29.19 77.13
N LEU F 57 -73.16 -29.05 76.20
CA LEU F 57 -73.47 -28.96 74.78
C LEU F 57 -73.19 -30.29 74.10
N ARG F 58 -74.16 -30.76 73.32
CA ARG F 58 -74.02 -31.97 72.50
C ARG F 58 -73.62 -31.58 71.09
N PHE F 59 -72.59 -32.22 70.57
CA PHE F 59 -72.03 -31.89 69.27
C PHE F 59 -72.08 -33.11 68.34
N GLY F 60 -72.29 -32.82 67.05
CA GLY F 60 -72.10 -33.81 66.01
C GLY F 60 -71.00 -33.35 65.07
N ILE F 61 -70.27 -34.32 64.52
CA ILE F 61 -69.22 -34.06 63.53
C ILE F 61 -69.41 -35.01 62.36
N VAL F 62 -69.30 -34.48 61.14
CA VAL F 62 -69.40 -35.24 59.91
C VAL F 62 -68.11 -35.04 59.12
N ALA F 63 -67.45 -36.14 58.77
CA ALA F 63 -66.19 -36.09 58.06
C ALA F 63 -66.20 -37.11 56.93
N SER F 64 -65.38 -36.86 55.91
CA SER F 64 -65.24 -37.73 54.77
C SER F 64 -63.96 -38.54 54.86
N ARG F 65 -63.82 -39.53 53.98
CA ARG F 65 -62.70 -40.45 54.03
C ARG F 65 -61.62 -40.17 53.01
N PHE F 66 -61.94 -39.52 51.89
CA PHE F 66 -60.93 -39.22 50.89
C PHE F 66 -59.84 -38.36 51.49
N ASN F 67 -58.58 -38.73 51.24
CA ASN F 67 -57.42 -38.08 51.84
C ASN F 67 -57.47 -38.22 53.36
N HIS F 68 -57.45 -39.46 53.82
CA HIS F 68 -57.56 -39.74 55.25
C HIS F 68 -56.41 -39.16 56.05
N ALA F 69 -55.26 -38.91 55.40
CA ALA F 69 -54.14 -38.34 56.13
C ALA F 69 -54.49 -36.97 56.68
N LEU F 70 -55.02 -36.09 55.83
CA LEU F 70 -55.35 -34.74 56.27
C LEU F 70 -56.56 -34.74 57.19
N VAL F 71 -57.61 -35.47 56.83
CA VAL F 71 -58.83 -35.48 57.61
C VAL F 71 -58.59 -36.09 58.99
N ASP F 72 -57.58 -36.95 59.12
CA ASP F 72 -57.30 -37.56 60.42
C ASP F 72 -56.91 -36.52 61.46
N ARG F 73 -56.09 -35.55 61.08
CA ARG F 73 -55.65 -34.54 62.04
C ARG F 73 -56.68 -33.43 62.22
N LEU F 74 -57.45 -33.11 61.18
CA LEU F 74 -58.50 -32.10 61.33
C LEU F 74 -59.54 -32.54 62.35
N VAL F 75 -59.98 -33.80 62.30
CA VAL F 75 -60.99 -34.25 63.24
C VAL F 75 -60.41 -34.31 64.65
N GLU F 76 -59.19 -34.83 64.80
CA GLU F 76 -58.58 -34.90 66.12
C GLU F 76 -58.39 -33.51 66.70
N GLY F 77 -57.90 -32.57 65.88
CA GLY F 77 -57.75 -31.21 66.37
C GLY F 77 -59.07 -30.61 66.81
N ALA F 78 -60.15 -30.92 66.11
CA ALA F 78 -61.46 -30.44 66.51
C ALA F 78 -61.88 -31.02 67.85
N ILE F 79 -61.60 -32.30 68.08
CA ILE F 79 -62.01 -32.93 69.33
C ILE F 79 -61.19 -32.38 70.50
N ASP F 80 -59.95 -32.00 70.25
CA ASP F 80 -59.09 -31.46 71.31
C ASP F 80 -59.63 -30.15 71.88
N CYS F 81 -60.50 -29.46 71.16
CA CYS F 81 -60.94 -28.14 71.59
C CYS F 81 -62.21 -28.17 72.43
N ILE F 82 -63.11 -29.10 72.17
CA ILE F 82 -64.31 -29.22 73.01
C ILE F 82 -63.94 -29.71 74.40
N VAL F 83 -63.02 -30.67 74.48
CA VAL F 83 -62.63 -31.22 75.78
C VAL F 83 -61.93 -30.15 76.61
N ARG F 84 -61.04 -29.37 75.99
CA ARG F 84 -60.29 -28.39 76.76
C ARG F 84 -61.18 -27.28 77.31
N HIS F 85 -62.19 -26.87 76.55
CA HIS F 85 -63.13 -25.85 77.01
C HIS F 85 -64.24 -26.42 77.88
N GLY F 86 -64.06 -27.62 78.43
CA GLY F 86 -65.01 -28.17 79.36
C GLY F 86 -66.09 -29.00 78.72
N GLY F 87 -65.69 -29.98 77.90
CA GLY F 87 -66.64 -30.79 77.17
C GLY F 87 -66.37 -32.29 77.24
N ARG F 88 -67.37 -33.04 77.66
CA ARG F 88 -67.23 -34.49 77.75
C ARG F 88 -67.21 -35.11 76.36
N GLU F 89 -66.33 -36.10 76.16
CA GLU F 89 -66.34 -36.86 74.93
C GLU F 89 -67.54 -37.81 74.82
N GLU F 90 -68.29 -37.98 75.91
CA GLU F 90 -69.48 -38.80 75.88
C GLU F 90 -70.62 -38.17 75.10
N ASP F 91 -70.49 -36.90 74.69
CA ASP F 91 -71.53 -36.21 73.96
C ASP F 91 -71.22 -36.00 72.48
N ILE F 92 -69.98 -36.16 72.06
CA ILE F 92 -69.63 -36.05 70.65
C ILE F 92 -70.10 -37.29 69.91
N THR F 93 -70.69 -37.08 68.73
CA THR F 93 -71.06 -38.15 67.81
C THR F 93 -70.33 -37.93 66.49
N LEU F 94 -69.84 -39.01 65.91
CA LEU F 94 -69.04 -38.94 64.69
C LEU F 94 -69.67 -39.79 63.60
N VAL F 95 -69.80 -39.22 62.41
CA VAL F 95 -70.31 -39.91 61.23
C VAL F 95 -69.26 -39.78 60.13
N ARG F 96 -68.93 -40.89 59.49
CA ARG F 96 -68.02 -40.91 58.36
C ARG F 96 -68.80 -41.21 57.09
N VAL F 97 -68.46 -40.50 56.01
CA VAL F 97 -69.17 -40.62 54.74
C VAL F 97 -68.14 -40.83 53.64
N PRO F 98 -68.54 -41.46 52.53
CA PRO F 98 -67.57 -41.75 51.46
C PRO F 98 -66.86 -40.52 50.90
N GLY F 99 -67.61 -39.56 50.38
CA GLY F 99 -67.03 -38.41 49.72
C GLY F 99 -67.72 -37.13 50.12
N SER F 100 -67.24 -36.02 49.54
CA SER F 100 -67.79 -34.72 49.88
C SER F 100 -69.25 -34.60 49.47
N TRP F 101 -69.65 -35.27 48.39
CA TRP F 101 -71.00 -35.15 47.89
C TRP F 101 -72.04 -35.57 48.93
N GLU F 102 -71.65 -36.35 49.92
CA GLU F 102 -72.58 -36.87 50.91
C GLU F 102 -72.57 -36.11 52.22
N ILE F 103 -71.75 -35.06 52.34
CA ILE F 103 -71.73 -34.27 53.57
C ILE F 103 -73.10 -33.67 53.87
N PRO F 104 -73.77 -32.99 52.93
CA PRO F 104 -75.02 -32.31 53.28
C PRO F 104 -76.15 -33.23 53.70
N VAL F 105 -76.34 -34.36 53.02
CA VAL F 105 -77.46 -35.24 53.37
C VAL F 105 -77.23 -35.85 54.74
N ALA F 106 -75.98 -36.16 55.09
CA ALA F 106 -75.68 -36.73 56.40
C ALA F 106 -75.88 -35.69 57.50
N ALA F 107 -75.48 -34.45 57.24
CA ALA F 107 -75.65 -33.40 58.25
C ALA F 107 -77.11 -33.15 58.57
N GLY F 108 -78.00 -33.38 57.61
CA GLY F 108 -79.41 -33.17 57.88
C GLY F 108 -79.98 -34.12 58.89
N GLU F 109 -79.63 -35.41 58.79
CA GLU F 109 -80.13 -36.39 59.75
C GLU F 109 -79.63 -36.08 61.15
N LEU F 110 -78.37 -35.69 61.30
CA LEU F 110 -77.86 -35.29 62.60
C LEU F 110 -78.54 -34.03 63.10
N ALA F 111 -78.63 -33.01 62.25
CA ALA F 111 -79.18 -31.73 62.67
C ALA F 111 -80.65 -31.82 63.04
N ARG F 112 -81.37 -32.84 62.59
CA ARG F 112 -82.77 -33.01 62.91
C ARG F 112 -82.98 -33.75 64.23
N LYS F 113 -81.92 -34.23 64.87
CA LYS F 113 -82.05 -34.89 66.15
C LYS F 113 -82.14 -33.85 67.25
N GLU F 114 -83.10 -34.03 68.15
CA GLU F 114 -83.34 -33.03 69.20
C GLU F 114 -82.17 -32.89 70.15
N ASP F 115 -81.43 -33.97 70.39
CA ASP F 115 -80.35 -33.98 71.36
C ASP F 115 -79.04 -33.42 70.80
N ILE F 116 -79.07 -32.70 69.69
CA ILE F 116 -77.89 -32.08 69.12
C ILE F 116 -78.13 -30.57 69.05
N ASP F 117 -77.07 -29.81 69.27
CA ASP F 117 -77.15 -28.36 69.26
C ASP F 117 -76.12 -27.69 68.36
N ALA F 118 -75.27 -28.45 67.70
CA ALA F 118 -74.32 -27.88 66.75
C ALA F 118 -73.70 -29.01 65.95
N VAL F 119 -73.49 -28.76 64.67
CA VAL F 119 -72.87 -29.72 63.75
C VAL F 119 -71.64 -29.08 63.15
N ILE F 120 -70.57 -29.87 63.04
CA ILE F 120 -69.31 -29.43 62.44
C ILE F 120 -69.07 -30.29 61.21
N ALA F 121 -68.76 -29.65 60.09
CA ALA F 121 -68.53 -30.32 58.82
C ALA F 121 -67.07 -30.19 58.44
N ILE F 122 -66.43 -31.32 58.16
CA ILE F 122 -65.00 -31.37 57.84
C ILE F 122 -64.83 -32.17 56.57
N GLY F 123 -63.97 -31.68 55.68
CA GLY F 123 -63.71 -32.37 54.44
C GLY F 123 -62.70 -31.60 53.62
N VAL F 124 -62.29 -32.21 52.52
CA VAL F 124 -61.31 -31.64 51.61
C VAL F 124 -61.89 -31.63 50.21
N LEU F 125 -61.86 -30.46 49.56
CA LEU F 125 -62.32 -30.29 48.19
C LEU F 125 -61.11 -30.06 47.31
N ILE F 126 -60.97 -30.87 46.28
CA ILE F 126 -59.84 -30.78 45.35
C ILE F 126 -60.20 -29.81 44.23
N ARG F 127 -59.21 -29.04 43.79
CA ARG F 127 -59.37 -28.06 42.72
C ARG F 127 -58.35 -28.32 41.61
N GLY F 128 -58.23 -29.59 41.23
CA GLY F 128 -57.28 -29.97 40.20
C GLY F 128 -57.76 -29.59 38.80
N ALA F 129 -56.85 -29.77 37.83
CA ALA F 129 -57.18 -29.45 36.44
C ALA F 129 -58.29 -30.34 35.89
N THR F 130 -58.52 -31.50 36.49
CA THR F 130 -59.57 -32.38 36.00
C THR F 130 -60.94 -31.73 36.18
N PRO F 131 -61.77 -31.64 35.12
CA PRO F 131 -63.08 -30.99 35.29
C PRO F 131 -64.10 -31.91 35.94
N HIS F 132 -65.35 -31.45 36.03
CA HIS F 132 -66.50 -32.15 36.58
C HIS F 132 -66.50 -32.15 38.11
N PHE F 133 -65.46 -31.64 38.77
CA PHE F 133 -65.45 -31.57 40.22
C PHE F 133 -66.02 -30.27 40.76
N ASP F 134 -66.00 -29.19 39.96
CA ASP F 134 -66.58 -27.93 40.42
C ASP F 134 -68.06 -28.08 40.72
N TYR F 135 -68.75 -28.99 40.02
CA TYR F 135 -70.16 -29.24 40.32
C TYR F 135 -70.32 -29.77 41.74
N ILE F 136 -69.46 -30.70 42.14
CA ILE F 136 -69.52 -31.22 43.50
C ILE F 136 -69.11 -30.14 44.50
N ALA F 137 -68.05 -29.38 44.19
CA ALA F 137 -67.52 -28.42 45.14
C ALA F 137 -68.54 -27.34 45.48
N SER F 138 -69.16 -26.76 44.46
CA SER F 138 -70.08 -25.66 44.69
C SER F 138 -71.30 -26.10 45.47
N GLU F 139 -71.85 -27.29 45.15
CA GLU F 139 -73.08 -27.73 45.79
C GLU F 139 -72.89 -27.99 47.28
N VAL F 140 -71.68 -28.31 47.72
CA VAL F 140 -71.46 -28.63 49.12
C VAL F 140 -71.71 -27.39 49.99
N SER F 141 -71.14 -26.26 49.59
CA SER F 141 -71.32 -25.04 50.36
C SER F 141 -72.79 -24.62 50.40
N LYS F 142 -73.44 -24.62 49.24
CA LYS F 142 -74.82 -24.15 49.18
C LYS F 142 -75.73 -25.00 50.04
N GLY F 143 -75.57 -26.32 49.98
CA GLY F 143 -76.47 -27.19 50.72
C GLY F 143 -76.39 -26.99 52.22
N LEU F 144 -75.18 -26.87 52.75
CA LEU F 144 -75.03 -26.66 54.19
C LEU F 144 -75.68 -25.37 54.63
N ALA F 145 -75.53 -24.31 53.83
CA ALA F 145 -76.11 -23.02 54.20
C ALA F 145 -77.63 -23.09 54.25
N ASN F 146 -78.24 -23.77 53.28
CA ASN F 146 -79.70 -23.87 53.27
C ASN F 146 -80.22 -24.66 54.47
N LEU F 147 -79.52 -25.73 54.85
CA LEU F 147 -79.97 -26.53 55.99
C LEU F 147 -80.06 -25.70 57.26
N SER F 148 -79.07 -24.86 57.50
CA SER F 148 -79.03 -24.09 58.75
C SER F 148 -80.25 -23.21 58.90
N LEU F 149 -80.67 -22.55 57.82
CA LEU F 149 -81.82 -21.65 57.89
C LEU F 149 -83.11 -22.44 57.98
N GLU F 150 -83.21 -23.57 57.27
CA GLU F 150 -84.45 -24.32 57.25
C GLU F 150 -84.71 -24.99 58.58
N LEU F 151 -83.65 -25.38 59.29
CA LEU F 151 -83.77 -26.06 60.57
C LEU F 151 -83.48 -25.17 61.77
N ARG F 152 -82.90 -23.98 61.56
CA ARG F 152 -82.60 -23.05 62.64
C ARG F 152 -81.63 -23.68 63.63
N LYS F 153 -80.42 -23.95 63.15
CA LYS F 153 -79.38 -24.57 63.94
C LYS F 153 -78.03 -24.28 63.30
N PRO F 154 -77.02 -23.83 64.06
CA PRO F 154 -75.73 -23.54 63.43
C PRO F 154 -75.10 -24.79 62.84
N ILE F 155 -74.47 -24.61 61.68
CA ILE F 155 -73.70 -25.68 61.05
C ILE F 155 -72.39 -25.09 60.56
N THR F 156 -71.36 -25.23 61.37
CA THR F 156 -70.08 -24.61 61.06
C THR F 156 -69.46 -25.29 59.83
N PHE F 157 -68.60 -24.53 59.15
CA PHE F 157 -68.02 -24.93 57.88
C PHE F 157 -66.52 -25.09 58.07
N GLY F 158 -66.01 -26.29 57.82
CA GLY F 158 -64.61 -26.57 58.06
C GLY F 158 -63.93 -27.26 56.88
N VAL F 159 -64.36 -26.93 55.69
CA VAL F 159 -63.82 -27.57 54.49
C VAL F 159 -62.54 -26.85 54.06
N ILE F 160 -61.57 -27.61 53.58
CA ILE F 160 -60.29 -27.08 53.15
C ILE F 160 -60.06 -27.49 51.71
N THR F 161 -59.25 -26.71 51.01
CA THR F 161 -58.93 -26.95 49.60
C THR F 161 -57.42 -27.10 49.45
N ALA F 162 -57.00 -28.11 48.70
CA ALA F 162 -55.58 -28.38 48.50
C ALA F 162 -54.95 -27.26 47.68
N GLY G 15 -72.27 9.99 55.05
CA GLY G 15 -71.42 9.46 56.09
C GLY G 15 -70.84 8.11 55.75
N ASN G 16 -70.89 7.19 56.71
CA ASN G 16 -70.40 5.84 56.52
C ASN G 16 -71.54 4.92 56.10
N LYS G 17 -71.17 3.71 55.67
CA LYS G 17 -72.16 2.76 55.20
C LYS G 17 -73.15 2.39 56.28
N GLY G 18 -72.76 2.51 57.55
CA GLY G 18 -73.69 2.23 58.63
C GLY G 18 -74.81 3.25 58.70
N TRP G 19 -74.47 4.52 58.51
CA TRP G 19 -75.50 5.55 58.46
C TRP G 19 -76.51 5.25 57.37
N GLU G 20 -76.03 4.88 56.20
CA GLU G 20 -76.92 4.62 55.06
C GLU G 20 -77.85 3.44 55.35
N ALA G 21 -77.32 2.38 55.97
CA ALA G 21 -78.15 1.20 56.23
C ALA G 21 -79.27 1.51 57.19
N ALA G 22 -79.00 2.31 58.23
CA ALA G 22 -80.05 2.64 59.18
C ALA G 22 -81.15 3.46 58.53
N LEU G 23 -80.80 4.37 57.63
CA LEU G 23 -81.80 5.17 56.95
C LEU G 23 -82.77 4.30 56.15
N SER G 24 -82.24 3.33 55.42
CA SER G 24 -83.09 2.46 54.62
C SER G 24 -84.03 1.65 55.51
N ALA G 25 -83.54 1.21 56.66
CA ALA G 25 -84.36 0.44 57.58
C ALA G 25 -85.53 1.26 58.10
N ILE G 26 -85.29 2.53 58.42
CA ILE G 26 -86.36 3.37 58.96
C ILE G 26 -87.43 3.61 57.92
N GLU G 27 -87.03 3.84 56.67
CA GLU G 27 -88.01 4.12 55.63
C GLU G 27 -88.81 2.87 55.25
N MET G 28 -88.14 1.73 55.13
CA MET G 28 -88.85 0.50 54.81
C MET G 28 -89.80 0.09 55.93
N ALA G 29 -89.37 0.28 57.18
CA ALA G 29 -90.22 -0.08 58.31
C ALA G 29 -91.49 0.75 58.33
N ASN G 30 -91.39 2.04 58.01
CA ASN G 30 -92.57 2.88 57.93
C ASN G 30 -93.42 2.55 56.70
N LEU G 31 -92.77 2.17 55.60
CA LEU G 31 -93.52 1.85 54.39
C LEU G 31 -94.44 0.66 54.60
N PHE G 32 -93.92 -0.40 55.24
CA PHE G 32 -94.74 -1.59 55.45
C PHE G 32 -95.94 -1.29 56.34
N LYS G 33 -95.79 -0.35 57.26
CA LYS G 33 -96.89 0.01 58.14
C LYS G 33 -98.02 0.72 57.39
N SER G 34 -97.71 1.31 56.23
CA SER G 34 -98.72 2.01 55.43
C SER G 34 -99.48 1.05 54.52
N LEU G 35 -98.80 0.08 53.92
CA LEU G 35 -99.48 -0.86 53.04
C LEU G 35 -100.53 -1.67 53.78
N ARG G 36 -100.22 -2.06 55.01
CA ARG G 36 -101.15 -2.86 55.83
C ARG G 36 -102.35 -2.00 56.22
N GLY G 37 -102.27 -0.65 56.15
CA GLY G 37 -103.38 0.22 56.48
C GLY G 37 -104.34 0.41 55.32
N THR G 38 -105.33 1.25 55.56
CA THR G 38 -106.36 1.51 54.55
C THR G 38 -105.77 2.31 53.38
N GLY G 39 -106.45 2.22 52.24
CA GLY G 39 -106.03 2.91 51.05
C GLY G 39 -106.39 4.39 51.07
N GLY G 40 -106.07 5.05 49.96
CA GLY G 40 -106.32 6.47 49.83
C GLY G 40 -107.78 6.77 49.52
N SER G 41 -108.08 8.07 49.45
CA SER G 41 -109.44 8.51 49.17
C SER G 41 -109.91 8.12 47.79
N GLY G 42 -108.98 7.81 46.87
CA GLY G 42 -109.35 7.43 45.53
C GLY G 42 -109.42 8.60 44.58
N SER G 43 -109.85 8.30 43.36
CA SER G 43 -109.99 9.26 42.26
C SER G 43 -108.64 9.74 41.73
N SER G 44 -107.55 9.11 42.13
CA SER G 44 -106.22 9.49 41.65
C SER G 44 -105.26 8.37 42.01
N MET G 45 -104.04 8.46 41.50
CA MET G 45 -103.01 7.49 41.83
C MET G 45 -102.75 7.49 43.33
N GLU G 46 -102.59 6.30 43.88
CA GLU G 46 -102.15 6.14 45.26
C GLU G 46 -100.65 5.94 45.27
N ILE G 47 -99.94 6.86 45.94
CA ILE G 47 -98.49 6.76 46.09
C ILE G 47 -98.21 6.40 47.54
N TYR G 48 -97.54 5.28 47.75
CA TYR G 48 -97.11 4.83 49.07
C TYR G 48 -95.63 5.12 49.24
N GLU G 49 -95.28 5.79 50.34
CA GLU G 49 -93.90 6.10 50.64
C GLU G 49 -93.70 6.05 52.14
N GLY G 50 -92.44 5.93 52.56
CA GLY G 50 -92.10 5.79 53.96
C GLY G 50 -91.46 7.07 54.49
N LYS G 51 -91.95 7.49 55.65
CA LYS G 51 -91.38 8.64 56.34
C LYS G 51 -90.04 8.27 56.96
N LEU G 52 -89.42 9.24 57.64
CA LEU G 52 -88.16 9.02 58.34
C LEU G 52 -88.30 9.31 59.83
N THR G 53 -89.50 9.14 60.37
CA THR G 53 -89.72 9.24 61.80
C THR G 53 -89.48 7.87 62.44
N ALA G 54 -88.63 7.83 63.45
CA ALA G 54 -88.20 6.60 64.10
C ALA G 54 -88.70 6.49 65.53
N GLU G 55 -89.92 6.96 65.78
CA GLU G 55 -90.49 7.00 67.12
C GLU G 55 -91.57 5.92 67.22
N GLY G 56 -91.33 4.93 68.07
CA GLY G 56 -92.21 3.80 68.22
C GLY G 56 -91.77 2.55 67.50
N LEU G 57 -90.57 2.54 66.93
CA LEU G 57 -90.08 1.42 66.14
C LEU G 57 -88.94 0.71 66.88
N ARG G 58 -88.89 -0.61 66.71
CA ARG G 58 -87.87 -1.44 67.32
C ARG G 58 -86.96 -2.02 66.26
N PHE G 59 -85.66 -2.04 66.54
CA PHE G 59 -84.65 -2.36 65.55
C PHE G 59 -83.73 -3.45 66.07
N GLY G 60 -82.99 -4.06 65.14
CA GLY G 60 -82.00 -5.07 65.46
C GLY G 60 -80.77 -4.96 64.58
N ILE G 61 -79.60 -5.18 65.16
CA ILE G 61 -78.33 -5.06 64.47
C ILE G 61 -77.55 -6.34 64.67
N VAL G 62 -76.93 -6.84 63.59
CA VAL G 62 -76.10 -8.03 63.64
C VAL G 62 -74.75 -7.67 63.03
N ALA G 63 -73.68 -7.86 63.79
CA ALA G 63 -72.35 -7.45 63.37
C ALA G 63 -71.35 -8.55 63.71
N SER G 64 -70.24 -8.54 63.00
CA SER G 64 -69.18 -9.54 63.15
C SER G 64 -67.98 -8.94 63.85
N ARG G 65 -67.18 -9.83 64.47
CA ARG G 65 -65.99 -9.40 65.19
C ARG G 65 -64.83 -9.05 64.26
N PHE G 66 -64.77 -9.65 63.07
CA PHE G 66 -63.60 -9.49 62.23
C PHE G 66 -63.35 -8.03 61.91
N ASN G 67 -62.09 -7.62 61.99
CA ASN G 67 -61.67 -6.23 61.79
C ASN G 67 -62.49 -5.30 62.68
N HIS G 68 -62.37 -5.53 63.98
CA HIS G 68 -63.17 -4.77 64.94
C HIS G 68 -62.89 -3.28 64.85
N ALA G 69 -61.74 -2.88 64.32
CA ALA G 69 -61.48 -1.46 64.12
C ALA G 69 -62.51 -0.83 63.19
N LEU G 70 -62.73 -1.44 62.02
CA LEU G 70 -63.68 -0.90 61.07
C LEU G 70 -65.12 -1.14 61.51
N VAL G 71 -65.42 -2.35 61.99
CA VAL G 71 -66.81 -2.72 62.25
C VAL G 71 -67.40 -1.85 63.35
N ASP G 72 -66.58 -1.48 64.35
CA ASP G 72 -67.09 -0.66 65.44
C ASP G 72 -67.56 0.69 64.93
N ARG G 73 -66.82 1.28 63.98
CA ARG G 73 -67.23 2.56 63.43
C ARG G 73 -68.60 2.45 62.77
N LEU G 74 -68.85 1.36 62.05
CA LEU G 74 -70.12 1.20 61.36
C LEU G 74 -71.27 1.05 62.35
N VAL G 75 -71.05 0.34 63.45
CA VAL G 75 -72.13 0.13 64.42
C VAL G 75 -72.46 1.44 65.13
N GLU G 76 -71.45 2.29 65.35
CA GLU G 76 -71.73 3.60 65.94
C GLU G 76 -72.59 4.44 65.01
N GLY G 77 -72.33 4.37 63.71
CA GLY G 77 -73.11 5.16 62.77
C GLY G 77 -74.59 4.80 62.79
N ALA G 78 -74.90 3.51 62.82
CA ALA G 78 -76.30 3.09 62.84
C ALA G 78 -77.00 3.59 64.09
N ILE G 79 -76.33 3.52 65.24
CA ILE G 79 -76.92 3.99 66.49
C ILE G 79 -77.17 5.49 66.42
N ASP G 80 -76.19 6.24 65.89
CA ASP G 80 -76.36 7.69 65.77
C ASP G 80 -77.57 8.04 64.93
N CYS G 81 -77.73 7.38 63.79
CA CYS G 81 -78.80 7.71 62.86
C CYS G 81 -80.17 7.52 63.51
N ILE G 82 -80.35 6.41 64.24
CA ILE G 82 -81.65 6.13 64.83
C ILE G 82 -81.97 7.14 65.93
N VAL G 83 -80.96 7.53 66.71
CA VAL G 83 -81.19 8.48 67.80
C VAL G 83 -81.49 9.87 67.25
N ARG G 84 -80.70 10.32 66.26
CA ARG G 84 -80.91 11.64 65.70
C ARG G 84 -82.31 11.79 65.12
N HIS G 85 -82.89 10.70 64.61
CA HIS G 85 -84.22 10.73 64.02
C HIS G 85 -85.33 10.49 65.02
N GLY G 86 -85.02 10.40 66.31
CA GLY G 86 -86.02 10.35 67.35
C GLY G 86 -86.33 8.97 67.91
N GLY G 87 -85.37 8.07 67.96
CA GLY G 87 -85.57 6.73 68.49
C GLY G 87 -84.70 6.50 69.71
N ARG G 88 -85.25 5.77 70.68
CA ARG G 88 -84.53 5.51 71.92
C ARG G 88 -83.53 4.37 71.73
N GLU G 89 -82.52 4.35 72.60
CA GLU G 89 -81.56 3.26 72.61
C GLU G 89 -82.11 2.01 73.28
N GLU G 90 -83.22 2.12 74.03
CA GLU G 90 -83.83 0.97 74.67
C GLU G 90 -84.60 0.11 73.68
N ASP G 91 -84.83 0.59 72.46
CA ASP G 91 -85.55 -0.16 71.44
C ASP G 91 -84.62 -0.73 70.38
N ILE G 92 -83.37 -0.99 70.75
CA ILE G 92 -82.38 -1.56 69.84
C ILE G 92 -81.80 -2.80 70.48
N THR G 93 -81.74 -3.89 69.71
CA THR G 93 -81.12 -5.14 70.13
C THR G 93 -79.90 -5.41 69.27
N LEU G 94 -78.76 -5.65 69.91
CA LEU G 94 -77.49 -5.85 69.21
C LEU G 94 -76.99 -7.26 69.48
N VAL G 95 -76.65 -7.97 68.42
CA VAL G 95 -76.16 -9.35 68.50
C VAL G 95 -74.88 -9.46 67.69
N ARG G 96 -73.86 -10.07 68.27
CA ARG G 96 -72.55 -10.20 67.65
C ARG G 96 -72.22 -11.67 67.40
N VAL G 97 -71.53 -11.94 66.31
CA VAL G 97 -71.28 -13.32 65.88
C VAL G 97 -69.83 -13.45 65.45
N PRO G 98 -69.29 -14.68 65.47
CA PRO G 98 -67.85 -14.85 65.20
C PRO G 98 -67.40 -14.34 63.84
N GLY G 99 -68.20 -14.52 62.80
CA GLY G 99 -67.72 -14.21 61.46
C GLY G 99 -68.88 -14.00 60.50
N SER G 100 -68.51 -13.74 59.24
CA SER G 100 -69.51 -13.40 58.24
C SER G 100 -70.44 -14.57 57.96
N TRP G 101 -69.92 -15.79 57.99
CA TRP G 101 -70.73 -16.96 57.67
C TRP G 101 -71.93 -17.10 58.59
N GLU G 102 -71.89 -16.54 59.79
CA GLU G 102 -72.96 -16.71 60.76
C GLU G 102 -73.94 -15.56 60.79
N ILE G 103 -73.76 -14.52 59.97
CA ILE G 103 -74.72 -13.42 59.93
C ILE G 103 -76.11 -13.91 59.53
N PRO G 104 -76.28 -14.68 58.45
CA PRO G 104 -77.66 -15.02 58.02
C PRO G 104 -78.43 -15.84 59.03
N VAL G 105 -77.79 -16.82 59.67
CA VAL G 105 -78.50 -17.64 60.65
C VAL G 105 -78.85 -16.81 61.88
N ALA G 106 -77.97 -15.90 62.28
CA ALA G 106 -78.27 -14.99 63.39
C ALA G 106 -79.41 -14.05 63.04
N ALA G 107 -79.42 -13.53 61.81
CA ALA G 107 -80.47 -12.61 61.40
C ALA G 107 -81.83 -13.29 61.35
N GLY G 108 -81.86 -14.61 61.12
CA GLY G 108 -83.13 -15.30 61.06
C GLY G 108 -83.86 -15.34 62.39
N GLU G 109 -83.12 -15.52 63.48
CA GLU G 109 -83.75 -15.56 64.80
C GLU G 109 -84.41 -14.24 65.15
N LEU G 110 -83.72 -13.12 64.88
CA LEU G 110 -84.29 -11.82 65.18
C LEU G 110 -85.55 -11.56 64.37
N ALA G 111 -85.50 -11.89 63.08
CA ALA G 111 -86.62 -11.57 62.18
C ALA G 111 -87.89 -12.32 62.53
N ARG G 112 -87.79 -13.44 63.23
CA ARG G 112 -88.99 -14.21 63.57
C ARG G 112 -89.73 -13.65 64.77
N LYS G 113 -89.09 -12.78 65.55
CA LYS G 113 -89.78 -12.17 66.69
C LYS G 113 -90.82 -11.17 66.22
N GLU G 114 -91.88 -11.04 67.00
CA GLU G 114 -92.97 -10.12 66.67
C GLU G 114 -92.75 -8.72 67.24
N ASP G 115 -91.60 -8.47 67.88
CA ASP G 115 -91.28 -7.16 68.44
C ASP G 115 -90.15 -6.47 67.70
N ILE G 116 -89.69 -7.01 66.58
CA ILE G 116 -88.64 -6.42 65.78
C ILE G 116 -89.21 -6.11 64.40
N ASP G 117 -89.05 -4.87 63.95
CA ASP G 117 -89.63 -4.40 62.71
C ASP G 117 -88.61 -4.22 61.59
N ALA G 118 -87.32 -4.42 61.85
CA ALA G 118 -86.31 -4.28 60.83
C ALA G 118 -85.00 -4.82 61.38
N VAL G 119 -84.13 -5.25 60.48
CA VAL G 119 -82.84 -5.84 60.83
C VAL G 119 -81.78 -5.23 59.94
N ILE G 120 -80.61 -4.97 60.51
CA ILE G 120 -79.48 -4.36 59.82
C ILE G 120 -78.28 -5.27 59.98
N ALA G 121 -77.61 -5.57 58.88
CA ALA G 121 -76.44 -6.44 58.86
C ALA G 121 -75.19 -5.61 58.59
N ILE G 122 -74.17 -5.77 59.42
CA ILE G 122 -72.92 -5.04 59.31
C ILE G 122 -71.79 -6.06 59.26
N GLY G 123 -70.84 -5.86 58.35
CA GLY G 123 -69.74 -6.80 58.24
C GLY G 123 -68.71 -6.32 57.26
N VAL G 124 -67.56 -6.99 57.28
CA VAL G 124 -66.46 -6.71 56.38
C VAL G 124 -65.89 -8.03 55.89
N LEU G 125 -65.61 -8.11 54.59
CA LEU G 125 -65.09 -9.32 53.96
C LEU G 125 -63.73 -9.02 53.35
N ILE G 126 -63.08 -10.08 52.86
CA ILE G 126 -61.76 -9.95 52.24
C ILE G 126 -61.72 -10.78 50.96
N ARG G 127 -61.89 -10.12 49.81
CA ARG G 127 -61.84 -10.83 48.55
C ARG G 127 -60.45 -11.41 48.30
N GLY G 128 -59.40 -10.66 48.62
CA GLY G 128 -58.05 -11.13 48.45
C GLY G 128 -57.62 -12.05 49.58
N ALA G 129 -58.23 -13.24 49.64
CA ALA G 129 -57.93 -14.21 50.69
C ALA G 129 -57.82 -15.59 50.04
N THR G 130 -57.77 -16.62 50.88
CA THR G 130 -57.66 -17.98 50.37
C THR G 130 -58.95 -18.37 49.64
N PRO G 131 -58.87 -19.39 48.77
CA PRO G 131 -60.09 -19.79 48.05
C PRO G 131 -61.23 -20.21 48.96
N HIS G 132 -60.91 -20.73 50.15
CA HIS G 132 -61.96 -21.15 51.07
C HIS G 132 -62.88 -19.99 51.44
N PHE G 133 -62.33 -18.77 51.51
CA PHE G 133 -63.12 -17.60 51.85
C PHE G 133 -63.67 -16.92 50.59
N ASP G 134 -64.29 -17.72 49.73
CA ASP G 134 -65.01 -17.23 48.56
C ASP G 134 -66.41 -17.81 48.48
N TYR G 135 -66.59 -19.08 48.84
CA TYR G 135 -67.94 -19.64 48.95
C TYR G 135 -68.73 -18.88 50.01
N ILE G 136 -68.06 -18.46 51.08
CA ILE G 136 -68.73 -17.72 52.14
C ILE G 136 -69.23 -16.38 51.61
N ALA G 137 -68.40 -15.69 50.83
CA ALA G 137 -68.72 -14.32 50.43
C ALA G 137 -70.04 -14.26 49.67
N SER G 138 -70.25 -15.18 48.73
CA SER G 138 -71.47 -15.15 47.93
C SER G 138 -72.67 -15.64 48.74
N GLU G 139 -72.44 -16.50 49.74
CA GLU G 139 -73.57 -17.09 50.44
C GLU G 139 -74.23 -16.10 51.39
N VAL G 140 -73.49 -15.09 51.85
CA VAL G 140 -74.08 -14.08 52.73
C VAL G 140 -75.18 -13.32 52.00
N SER G 141 -74.91 -12.93 50.74
CA SER G 141 -75.91 -12.20 49.98
C SER G 141 -77.14 -13.06 49.71
N LYS G 142 -76.94 -14.31 49.33
CA LYS G 142 -78.07 -15.19 49.04
C LYS G 142 -78.93 -15.41 50.27
N GLY G 143 -78.31 -15.66 51.42
CA GLY G 143 -79.08 -16.04 52.60
C GLY G 143 -79.99 -14.93 53.08
N LEU G 144 -79.46 -13.70 53.14
CA LEU G 144 -80.25 -12.59 53.62
C LEU G 144 -81.40 -12.28 52.66
N ALA G 145 -81.17 -12.43 51.36
CA ALA G 145 -82.22 -12.16 50.38
C ALA G 145 -83.39 -13.11 50.55
N ASN G 146 -83.11 -14.40 50.75
CA ASN G 146 -84.20 -15.37 50.86
C ASN G 146 -84.98 -15.20 52.15
N LEU G 147 -84.35 -14.68 53.20
CA LEU G 147 -85.08 -14.45 54.46
C LEU G 147 -86.18 -13.43 54.27
N SER G 148 -85.89 -12.32 53.61
CA SER G 148 -86.85 -11.23 53.50
C SER G 148 -88.12 -11.68 52.81
N LEU G 149 -87.98 -12.37 51.68
CA LEU G 149 -89.16 -12.84 50.96
C LEU G 149 -89.91 -13.88 51.77
N GLU G 150 -89.18 -14.76 52.46
CA GLU G 150 -89.82 -15.82 53.24
C GLU G 150 -90.61 -15.25 54.41
N LEU G 151 -89.98 -14.39 55.20
CA LEU G 151 -90.61 -13.84 56.39
C LEU G 151 -91.38 -12.56 56.12
N ARG G 152 -91.20 -11.93 54.96
CA ARG G 152 -91.93 -10.72 54.59
C ARG G 152 -91.65 -9.60 55.60
N LYS G 153 -90.37 -9.24 55.70
CA LYS G 153 -89.91 -8.27 56.68
C LYS G 153 -88.60 -7.67 56.20
N PRO G 154 -88.47 -6.35 56.14
CA PRO G 154 -87.24 -5.77 55.56
C PRO G 154 -85.99 -6.19 56.31
N ILE G 155 -84.96 -6.53 55.55
CA ILE G 155 -83.63 -6.79 56.07
C ILE G 155 -82.65 -6.02 55.21
N THR G 156 -81.86 -5.15 55.84
CA THR G 156 -81.02 -4.21 55.14
C THR G 156 -79.58 -4.71 55.09
N PHE G 157 -78.85 -4.26 54.09
CA PHE G 157 -77.53 -4.76 53.77
C PHE G 157 -76.49 -3.68 54.06
N GLY G 158 -75.48 -4.04 54.84
CA GLY G 158 -74.41 -3.11 55.17
C GLY G 158 -73.05 -3.75 55.17
N VAL G 159 -72.86 -4.78 54.35
CA VAL G 159 -71.61 -5.53 54.33
C VAL G 159 -70.70 -4.93 53.26
N ILE G 160 -69.52 -4.51 53.67
CA ILE G 160 -68.56 -3.88 52.77
C ILE G 160 -67.35 -4.79 52.64
N THR G 161 -66.38 -4.38 51.82
CA THR G 161 -65.17 -5.15 51.59
C THR G 161 -63.96 -4.25 51.72
N ALA G 162 -62.86 -4.82 52.20
CA ALA G 162 -61.63 -4.08 52.40
C ALA G 162 -60.72 -4.21 51.18
N ALA H 10 -95.90 14.61 31.51
CA ALA H 10 -94.78 14.18 30.70
C ALA H 10 -95.10 12.86 30.01
N GLY H 11 -94.12 12.29 29.33
CA GLY H 11 -94.32 10.99 28.71
C GLY H 11 -93.13 10.61 27.86
N THR H 12 -93.26 9.48 27.17
CA THR H 12 -92.23 9.07 26.23
C THR H 12 -92.85 8.11 25.23
N LYS H 13 -91.99 7.52 24.38
CA LYS H 13 -92.37 6.57 23.35
C LYS H 13 -91.24 5.57 23.22
N HIS H 14 -91.17 4.85 22.09
CA HIS H 14 -90.10 3.90 21.87
C HIS H 14 -88.74 4.52 22.20
N GLY H 15 -87.84 3.73 22.82
CA GLY H 15 -86.50 4.19 23.22
C GLY H 15 -86.31 4.08 24.73
N ASN H 16 -87.25 4.63 25.51
CA ASN H 16 -87.18 4.60 27.00
C ASN H 16 -87.53 3.18 27.46
N LYS H 17 -86.88 2.68 28.52
CA LYS H 17 -87.10 1.29 29.04
C LYS H 17 -88.40 1.24 29.85
N GLY H 18 -88.94 2.37 30.30
CA GLY H 18 -90.23 2.41 31.01
C GLY H 18 -91.38 2.06 30.07
N TRP H 19 -91.28 2.41 28.77
CA TRP H 19 -92.35 2.19 27.80
C TRP H 19 -92.39 0.73 27.36
N GLU H 20 -91.22 0.14 27.09
CA GLU H 20 -91.18 -1.26 26.66
C GLU H 20 -91.71 -2.17 27.75
N ALA H 21 -91.31 -1.92 29.01
CA ALA H 21 -91.75 -2.76 30.11
C ALA H 21 -93.26 -2.73 30.26
N ALA H 22 -93.86 -1.54 30.13
CA ALA H 22 -95.31 -1.43 30.24
C ALA H 22 -96.01 -2.18 29.11
N LEU H 23 -95.39 -2.22 27.93
CA LEU H 23 -95.99 -2.96 26.81
C LEU H 23 -96.11 -4.44 27.15
N SER H 24 -95.05 -5.03 27.69
CA SER H 24 -95.06 -6.46 28.00
C SER H 24 -96.13 -6.78 29.03
N ALA H 25 -96.31 -5.91 30.02
CA ALA H 25 -97.28 -6.16 31.07
C ALA H 25 -98.70 -6.22 30.50
N ILE H 26 -99.04 -5.32 29.58
CA ILE H 26 -100.38 -5.33 29.00
C ILE H 26 -100.62 -6.60 28.22
N GLU H 27 -99.64 -7.01 27.40
CA GLU H 27 -99.79 -8.22 26.61
C GLU H 27 -99.91 -9.44 27.49
N MET H 28 -99.09 -9.54 28.53
CA MET H 28 -99.13 -10.68 29.43
C MET H 28 -100.42 -10.69 30.25
N ALA H 29 -100.88 -9.53 30.69
CA ALA H 29 -102.09 -9.48 31.50
C ALA H 29 -103.31 -9.93 30.71
N ASN H 30 -103.37 -9.56 29.44
CA ASN H 30 -104.48 -10.01 28.60
C ASN H 30 -104.37 -11.48 28.26
N LEU H 31 -103.15 -11.98 28.06
CA LEU H 31 -102.95 -13.38 27.69
C LEU H 31 -103.50 -14.31 28.76
N PHE H 32 -103.23 -14.01 30.03
CA PHE H 32 -103.66 -14.91 31.09
C PHE H 32 -105.17 -15.01 31.15
N LYS H 33 -105.87 -13.88 30.98
CA LYS H 33 -107.33 -13.91 30.97
C LYS H 33 -107.87 -14.81 29.87
N SER H 34 -107.17 -14.88 28.74
CA SER H 34 -107.57 -15.78 27.67
C SER H 34 -107.34 -17.24 28.04
N LEU H 35 -106.21 -17.53 28.70
CA LEU H 35 -105.91 -18.91 29.06
C LEU H 35 -106.91 -19.45 30.07
N ARG H 36 -107.27 -18.65 31.07
CA ARG H 36 -108.24 -19.09 32.06
C ARG H 36 -109.67 -19.14 31.53
N GLY H 37 -109.91 -18.64 30.32
CA GLY H 37 -111.24 -18.61 29.77
C GLY H 37 -111.71 -19.97 29.29
N THR H 38 -112.97 -20.01 28.85
CA THR H 38 -113.56 -21.25 28.39
C THR H 38 -112.79 -21.79 27.19
N GLY H 39 -112.59 -23.11 27.18
CA GLY H 39 -111.84 -23.73 26.11
C GLY H 39 -112.55 -23.64 24.78
N GLY H 40 -111.78 -23.81 23.71
CA GLY H 40 -112.31 -23.73 22.37
C GLY H 40 -113.06 -24.98 21.98
N SER H 41 -113.67 -24.92 20.79
CA SER H 41 -114.44 -26.03 20.25
C SER H 41 -113.57 -27.09 19.57
N GLY H 42 -112.26 -26.88 19.52
CA GLY H 42 -111.40 -27.84 18.86
C GLY H 42 -111.48 -27.74 17.35
N SER H 43 -111.17 -28.86 16.69
CA SER H 43 -111.16 -29.02 15.24
C SER H 43 -109.94 -28.40 14.59
N SER H 44 -109.07 -27.72 15.34
CA SER H 44 -107.84 -27.18 14.77
C SER H 44 -106.94 -26.74 15.91
N MET H 45 -105.71 -26.35 15.55
CA MET H 45 -104.76 -25.87 16.52
C MET H 45 -105.20 -24.53 17.07
N GLU H 46 -105.01 -24.34 18.38
CA GLU H 46 -105.37 -23.12 19.07
C GLU H 46 -104.13 -22.27 19.30
N ILE H 47 -104.18 -21.02 18.88
CA ILE H 47 -103.09 -20.07 19.05
C ILE H 47 -103.55 -19.01 20.03
N TYR H 48 -102.81 -18.85 21.12
CA TYR H 48 -103.10 -17.86 22.15
C TYR H 48 -102.07 -16.74 22.05
N GLU H 49 -102.55 -15.49 22.04
CA GLU H 49 -101.67 -14.33 21.99
C GLU H 49 -102.39 -13.17 22.65
N GLY H 50 -101.62 -12.15 23.02
CA GLY H 50 -102.13 -11.03 23.79
C GLY H 50 -102.42 -9.80 22.93
N LYS H 51 -103.42 -9.04 23.36
CA LYS H 51 -103.83 -7.80 22.71
C LYS H 51 -103.27 -6.61 23.46
N LEU H 52 -102.96 -5.55 22.72
CA LEU H 52 -102.47 -4.31 23.31
C LEU H 52 -103.64 -3.41 23.71
N THR H 53 -104.55 -3.93 24.52
CA THR H 53 -105.65 -3.18 25.09
C THR H 53 -105.57 -3.25 26.60
N ALA H 54 -105.79 -2.12 27.27
CA ALA H 54 -105.62 -2.01 28.72
C ALA H 54 -106.92 -1.68 29.44
N GLU H 55 -108.06 -1.79 28.79
CA GLU H 55 -109.32 -1.42 29.42
C GLU H 55 -109.68 -2.42 30.51
N GLY H 56 -109.93 -1.91 31.71
CA GLY H 56 -110.33 -2.74 32.82
C GLY H 56 -109.21 -3.43 33.56
N LEU H 57 -107.96 -3.06 33.31
CA LEU H 57 -106.80 -3.68 33.94
C LEU H 57 -106.27 -2.80 35.07
N ARG H 58 -105.51 -3.43 35.97
CA ARG H 58 -104.93 -2.76 37.12
C ARG H 58 -103.46 -3.13 37.24
N PHE H 59 -102.63 -2.15 37.60
CA PHE H 59 -101.18 -2.32 37.57
C PHE H 59 -100.56 -1.80 38.86
N GLY H 60 -99.30 -2.19 39.06
CA GLY H 60 -98.51 -1.66 40.14
C GLY H 60 -97.09 -1.42 39.67
N ILE H 61 -96.48 -0.37 40.21
CA ILE H 61 -95.15 0.06 39.81
C ILE H 61 -94.31 0.20 41.07
N VAL H 62 -93.08 -0.31 41.03
CA VAL H 62 -92.13 -0.20 42.12
C VAL H 62 -90.88 0.46 41.56
N ALA H 63 -90.48 1.58 42.17
CA ALA H 63 -89.38 2.38 41.68
C ALA H 63 -88.39 2.69 42.78
N SER H 64 -87.12 2.81 42.40
CA SER H 64 -86.04 3.14 43.31
C SER H 64 -85.69 4.61 43.20
N ARG H 65 -85.33 5.21 44.34
CA ARG H 65 -85.05 6.63 44.40
C ARG H 65 -83.64 7.00 43.92
N PHE H 66 -82.75 6.03 43.78
CA PHE H 66 -81.39 6.32 43.35
C PHE H 66 -81.39 6.82 41.91
N ASN H 67 -80.48 7.75 41.61
CA ASN H 67 -80.35 8.34 40.29
C ASN H 67 -81.68 8.97 39.84
N HIS H 68 -82.04 10.03 40.56
CA HIS H 68 -83.35 10.66 40.36
C HIS H 68 -83.54 11.13 38.92
N ALA H 69 -82.46 11.51 38.23
CA ALA H 69 -82.61 12.00 36.87
C ALA H 69 -83.09 10.89 35.93
N LEU H 70 -82.44 9.74 35.98
CA LEU H 70 -82.79 8.65 35.07
C LEU H 70 -84.13 8.02 35.45
N VAL H 71 -84.33 7.71 36.72
CA VAL H 71 -85.48 6.92 37.12
C VAL H 71 -86.77 7.70 36.87
N ASP H 72 -86.73 9.03 37.06
CA ASP H 72 -87.95 9.81 36.96
C ASP H 72 -88.54 9.71 35.56
N ARG H 73 -87.70 9.73 34.53
CA ARG H 73 -88.22 9.68 33.17
C ARG H 73 -88.69 8.29 32.79
N LEU H 74 -88.14 7.24 33.41
CA LEU H 74 -88.66 5.90 33.17
C LEU H 74 -90.05 5.72 33.77
N VAL H 75 -90.29 6.26 34.96
CA VAL H 75 -91.61 6.12 35.57
C VAL H 75 -92.65 6.87 34.75
N GLU H 76 -92.28 8.01 34.18
CA GLU H 76 -93.21 8.74 33.34
C GLU H 76 -93.56 7.96 32.07
N GLY H 77 -92.56 7.29 31.48
CA GLY H 77 -92.84 6.46 30.32
C GLY H 77 -93.82 5.35 30.64
N ALA H 78 -93.62 4.68 31.77
CA ALA H 78 -94.50 3.57 32.15
C ALA H 78 -95.93 4.03 32.32
N ILE H 79 -96.14 5.15 33.02
CA ILE H 79 -97.51 5.63 33.24
C ILE H 79 -98.13 6.10 31.93
N ASP H 80 -97.31 6.67 31.04
CA ASP H 80 -97.81 7.15 29.76
C ASP H 80 -98.36 6.01 28.91
N CYS H 81 -97.65 4.87 28.90
CA CYS H 81 -98.08 3.74 28.08
C CYS H 81 -99.45 3.23 28.50
N ILE H 82 -99.69 3.12 29.81
CA ILE H 82 -100.93 2.55 30.29
C ILE H 82 -102.10 3.45 29.93
N VAL H 83 -101.93 4.77 30.06
CA VAL H 83 -103.03 5.69 29.79
C VAL H 83 -103.37 5.73 28.31
N ARG H 84 -102.34 5.77 27.46
CA ARG H 84 -102.59 5.90 26.02
C ARG H 84 -103.32 4.69 25.47
N HIS H 85 -103.03 3.50 25.99
CA HIS H 85 -103.58 2.27 25.48
C HIS H 85 -104.92 1.90 26.13
N GLY H 86 -105.52 2.81 26.88
CA GLY H 86 -106.85 2.60 27.42
C GLY H 86 -106.91 2.51 28.94
N GLY H 87 -105.79 2.62 29.63
CA GLY H 87 -105.81 2.49 31.07
C GLY H 87 -106.54 3.63 31.74
N ARG H 88 -106.70 3.51 33.05
CA ARG H 88 -107.39 4.49 33.87
C ARG H 88 -106.47 4.87 35.02
N GLU H 89 -106.29 6.17 35.22
CA GLU H 89 -105.30 6.64 36.20
C GLU H 89 -105.60 6.16 37.60
N GLU H 90 -106.88 5.97 37.93
CA GLU H 90 -107.27 5.49 39.25
C GLU H 90 -106.82 4.07 39.52
N ASP H 91 -106.39 3.32 38.50
CA ASP H 91 -106.01 1.92 38.64
C ASP H 91 -104.50 1.71 38.49
N ILE H 92 -103.71 2.63 39.04
CA ILE H 92 -102.26 2.45 39.11
C ILE H 92 -101.83 2.77 40.54
N THR H 93 -101.00 1.90 41.11
CA THR H 93 -100.42 2.10 42.43
C THR H 93 -98.91 2.21 42.27
N LEU H 94 -98.33 3.24 42.88
CA LEU H 94 -96.90 3.49 42.81
C LEU H 94 -96.29 3.34 44.19
N VAL H 95 -95.09 2.76 44.26
CA VAL H 95 -94.36 2.56 45.51
C VAL H 95 -92.91 2.96 45.30
N ARG H 96 -92.40 3.81 46.18
CA ARG H 96 -91.01 4.24 46.16
C ARG H 96 -90.24 3.50 47.25
N VAL H 97 -88.98 3.16 46.97
CA VAL H 97 -88.13 2.47 47.93
C VAL H 97 -86.73 3.07 47.87
N PRO H 98 -85.96 2.92 48.95
CA PRO H 98 -84.61 3.49 48.98
C PRO H 98 -83.75 3.12 47.78
N GLY H 99 -83.57 1.83 47.52
CA GLY H 99 -82.65 1.41 46.48
C GLY H 99 -83.03 0.11 45.82
N SER H 100 -82.13 -0.42 44.97
CA SER H 100 -82.45 -1.61 44.21
C SER H 100 -82.57 -2.84 45.11
N TRP H 101 -81.79 -2.90 46.19
CA TRP H 101 -81.84 -4.07 47.06
C TRP H 101 -83.21 -4.28 47.66
N GLU H 102 -84.00 -3.22 47.82
CA GLU H 102 -85.32 -3.33 48.44
C GLU H 102 -86.44 -3.60 47.45
N ILE H 103 -86.16 -3.59 46.14
CA ILE H 103 -87.24 -3.76 45.16
C ILE H 103 -87.94 -5.10 45.32
N PRO H 104 -87.25 -6.24 45.39
CA PRO H 104 -87.96 -7.52 45.44
C PRO H 104 -88.93 -7.64 46.60
N VAL H 105 -88.55 -7.16 47.79
CA VAL H 105 -89.42 -7.34 48.95
C VAL H 105 -90.70 -6.54 48.79
N ALA H 106 -90.60 -5.31 48.30
CA ALA H 106 -91.79 -4.48 48.09
C ALA H 106 -92.67 -5.05 46.99
N ALA H 107 -92.06 -5.56 45.93
CA ALA H 107 -92.83 -6.14 44.84
C ALA H 107 -93.70 -7.30 45.32
N GLY H 108 -93.20 -8.08 46.27
CA GLY H 108 -93.98 -9.19 46.80
C GLY H 108 -95.24 -8.73 47.49
N GLU H 109 -95.17 -7.61 48.21
CA GLU H 109 -96.35 -7.10 48.89
C GLU H 109 -97.45 -6.74 47.90
N LEU H 110 -97.06 -6.17 46.75
CA LEU H 110 -98.06 -5.78 45.75
C LEU H 110 -98.66 -7.00 45.07
N ALA H 111 -97.82 -7.97 44.68
CA ALA H 111 -98.29 -9.11 43.92
C ALA H 111 -99.36 -9.91 44.64
N ARG H 112 -99.40 -9.84 45.97
CA ARG H 112 -100.38 -10.62 46.72
C ARG H 112 -101.75 -9.98 46.78
N LYS H 113 -101.87 -8.70 46.40
CA LYS H 113 -103.18 -8.06 46.36
C LYS H 113 -104.07 -8.77 45.34
N GLU H 114 -105.31 -9.03 45.73
CA GLU H 114 -106.24 -9.71 44.84
C GLU H 114 -106.68 -8.84 43.67
N ASP H 115 -106.36 -7.55 43.67
CA ASP H 115 -106.81 -6.60 42.66
C ASP H 115 -105.65 -6.02 41.88
N ILE H 116 -104.55 -6.77 41.75
CA ILE H 116 -103.41 -6.37 40.93
C ILE H 116 -103.19 -7.45 39.89
N ASP H 117 -103.15 -7.06 38.62
CA ASP H 117 -102.99 -8.00 37.52
C ASP H 117 -101.57 -8.11 37.01
N ALA H 118 -100.74 -7.08 37.21
CA ALA H 118 -99.35 -7.13 36.78
C ALA H 118 -98.56 -6.13 37.60
N VAL H 119 -97.24 -6.28 37.57
CA VAL H 119 -96.33 -5.45 38.35
C VAL H 119 -95.12 -5.11 37.49
N ILE H 120 -94.65 -3.87 37.60
CA ILE H 120 -93.55 -3.35 36.79
C ILE H 120 -92.46 -2.86 37.75
N ALA H 121 -91.25 -3.37 37.58
CA ALA H 121 -90.12 -3.01 38.43
C ALA H 121 -89.16 -2.12 37.66
N ILE H 122 -88.79 -0.98 38.26
CA ILE H 122 -87.94 0.03 37.62
C ILE H 122 -86.80 0.36 38.57
N GLY H 123 -85.60 0.48 38.02
CA GLY H 123 -84.44 0.82 38.84
C GLY H 123 -83.22 0.96 37.97
N VAL H 124 -82.12 1.34 38.61
CA VAL H 124 -80.84 1.54 37.95
C VAL H 124 -79.76 0.83 38.76
N LEU H 125 -78.88 0.11 38.06
CA LEU H 125 -77.82 -0.66 38.67
C LEU H 125 -76.48 -0.06 38.26
N ILE H 126 -75.53 -0.05 39.19
CA ILE H 126 -74.20 0.54 38.96
C ILE H 126 -73.15 -0.55 39.06
N ARG H 127 -73.51 -1.77 38.67
CA ARG H 127 -72.59 -2.90 38.76
C ARG H 127 -71.36 -2.68 37.90
N GLY H 128 -70.22 -3.20 38.37
CA GLY H 128 -68.97 -3.17 37.65
C GLY H 128 -67.95 -2.21 38.24
N ALA H 129 -68.41 -1.12 38.85
CA ALA H 129 -67.48 -0.12 39.38
C ALA H 129 -66.66 -0.68 40.53
N THR H 130 -67.33 -1.27 41.53
CA THR H 130 -66.67 -1.77 42.73
C THR H 130 -67.52 -2.87 43.33
N PRO H 131 -66.99 -3.61 44.30
CA PRO H 131 -67.83 -4.59 45.01
C PRO H 131 -68.95 -3.94 45.79
N HIS H 132 -69.75 -4.73 46.49
CA HIS H 132 -70.95 -4.32 47.23
C HIS H 132 -72.11 -4.06 46.28
N PHE H 133 -71.91 -4.14 44.96
CA PHE H 133 -72.95 -3.93 43.98
C PHE H 133 -73.14 -5.11 43.05
N ASP H 134 -72.09 -5.89 42.78
CA ASP H 134 -72.26 -7.12 42.02
C ASP H 134 -73.15 -8.10 42.78
N TYR H 135 -72.99 -8.16 44.10
CA TYR H 135 -73.88 -8.96 44.92
C TYR H 135 -75.31 -8.46 44.83
N ILE H 136 -75.50 -7.14 44.90
CA ILE H 136 -76.84 -6.57 44.86
C ILE H 136 -77.51 -6.88 43.53
N ALA H 137 -76.78 -6.74 42.43
CA ALA H 137 -77.38 -6.92 41.12
C ALA H 137 -77.85 -8.36 40.92
N SER H 138 -77.08 -9.33 41.39
CA SER H 138 -77.43 -10.73 41.18
C SER H 138 -78.75 -11.08 41.88
N GLU H 139 -78.92 -10.61 43.12
CA GLU H 139 -80.07 -11.04 43.90
C GLU H 139 -81.36 -10.38 43.43
N VAL H 140 -81.29 -9.20 42.83
CA VAL H 140 -82.50 -8.53 42.36
C VAL H 140 -83.15 -9.34 41.24
N SER H 141 -82.34 -9.85 40.32
CA SER H 141 -82.88 -10.68 39.25
C SER H 141 -83.47 -11.98 39.79
N LYS H 142 -82.77 -12.61 40.73
CA LYS H 142 -83.25 -13.88 41.28
C LYS H 142 -84.59 -13.70 41.98
N GLY H 143 -84.71 -12.67 42.82
CA GLY H 143 -85.90 -12.54 43.63
C GLY H 143 -87.15 -12.27 42.81
N LEU H 144 -87.05 -11.39 41.82
CA LEU H 144 -88.21 -11.06 41.01
C LEU H 144 -88.67 -12.27 40.19
N ALA H 145 -87.73 -13.04 39.67
CA ALA H 145 -88.10 -14.23 38.91
C ALA H 145 -88.82 -15.25 39.79
N ASN H 146 -88.28 -15.52 40.97
CA ASN H 146 -88.87 -16.52 41.85
C ASN H 146 -90.28 -16.11 42.27
N LEU H 147 -90.48 -14.82 42.55
CA LEU H 147 -91.80 -14.36 42.96
C LEU H 147 -92.84 -14.61 41.87
N SER H 148 -92.44 -14.46 40.61
CA SER H 148 -93.39 -14.60 39.51
C SER H 148 -93.94 -16.02 39.43
N LEU H 149 -93.07 -17.03 39.58
CA LEU H 149 -93.52 -18.40 39.49
C LEU H 149 -94.32 -18.81 40.73
N GLU H 150 -93.89 -18.37 41.91
CA GLU H 150 -94.57 -18.77 43.14
C GLU H 150 -95.95 -18.15 43.23
N LEU H 151 -96.10 -16.89 42.81
CA LEU H 151 -97.36 -16.19 42.91
C LEU H 151 -98.21 -16.24 41.66
N ARG H 152 -97.61 -16.58 40.52
CA ARG H 152 -98.33 -16.76 39.26
C ARG H 152 -98.92 -15.45 38.74
N LYS H 153 -98.14 -14.38 38.83
CA LYS H 153 -98.50 -13.11 38.23
C LYS H 153 -97.31 -12.58 37.43
N PRO H 154 -97.53 -12.05 36.23
CA PRO H 154 -96.39 -11.51 35.47
C PRO H 154 -95.73 -10.36 36.21
N ILE H 155 -94.41 -10.29 36.11
CA ILE H 155 -93.63 -9.26 36.78
C ILE H 155 -92.52 -8.83 35.83
N THR H 156 -92.61 -7.61 35.33
CA THR H 156 -91.72 -7.15 34.27
C THR H 156 -90.45 -6.54 34.86
N PHE H 157 -89.39 -6.57 34.07
CA PHE H 157 -88.04 -6.23 34.50
C PHE H 157 -87.59 -4.98 33.74
N GLY H 158 -87.80 -3.82 34.34
CA GLY H 158 -87.36 -2.56 33.78
C GLY H 158 -86.01 -2.09 34.25
N VAL H 159 -85.26 -2.91 34.96
CA VAL H 159 -83.99 -2.49 35.54
C VAL H 159 -82.96 -2.30 34.43
N ILE H 160 -82.33 -1.13 34.40
CA ILE H 160 -81.30 -0.82 33.44
C ILE H 160 -79.97 -0.74 34.17
N THR H 161 -78.89 -0.63 33.40
CA THR H 161 -77.54 -0.48 33.94
C THR H 161 -76.84 0.65 33.22
N ALA H 162 -76.12 1.48 33.98
CA ALA H 162 -75.41 2.62 33.42
C ALA H 162 -73.92 2.35 33.35
N GLY I 15 -79.58 -30.47 12.26
CA GLY I 15 -81.01 -30.37 12.05
C GLY I 15 -81.66 -29.38 13.00
N ASN I 16 -82.99 -29.29 12.92
CA ASN I 16 -83.72 -28.38 13.79
C ASN I 16 -83.54 -28.77 15.25
N LYS I 17 -83.22 -27.79 16.09
CA LYS I 17 -83.26 -28.02 17.53
C LYS I 17 -84.68 -28.15 18.04
N GLY I 18 -85.66 -27.67 17.26
CA GLY I 18 -87.05 -27.90 17.62
C GLY I 18 -87.50 -29.30 17.32
N TRP I 19 -86.90 -29.95 16.33
CA TRP I 19 -87.18 -31.36 16.09
C TRP I 19 -86.69 -32.21 17.26
N GLU I 20 -85.48 -31.94 17.74
CA GLU I 20 -84.94 -32.71 18.85
C GLU I 20 -85.76 -32.52 20.11
N ALA I 21 -86.20 -31.30 20.37
CA ALA I 21 -86.97 -31.05 21.59
C ALA I 21 -88.28 -31.80 21.59
N ALA I 22 -88.87 -32.03 20.42
CA ALA I 22 -90.13 -32.75 20.37
C ALA I 22 -89.96 -34.25 20.55
N LEU I 23 -88.84 -34.81 20.09
CA LEU I 23 -88.57 -36.22 20.35
C LEU I 23 -88.47 -36.49 21.85
N SER I 24 -87.80 -35.60 22.58
CA SER I 24 -87.67 -35.79 24.02
C SER I 24 -89.01 -35.70 24.72
N ALA I 25 -89.94 -34.90 24.20
CA ALA I 25 -91.24 -34.76 24.85
C ALA I 25 -92.13 -35.96 24.58
N ILE I 26 -92.04 -36.54 23.38
CA ILE I 26 -92.80 -37.76 23.10
C ILE I 26 -92.32 -38.90 23.98
N GLU I 27 -91.00 -39.04 24.11
CA GLU I 27 -90.45 -40.13 24.92
C GLU I 27 -90.78 -39.96 26.39
N MET I 28 -90.64 -38.75 26.92
CA MET I 28 -90.89 -38.53 28.34
C MET I 28 -92.36 -38.67 28.69
N ALA I 29 -93.25 -38.27 27.78
CA ALA I 29 -94.67 -38.41 28.04
C ALA I 29 -95.08 -39.87 28.14
N ASN I 30 -94.52 -40.72 27.28
CA ASN I 30 -94.82 -42.15 27.33
C ASN I 30 -94.22 -42.79 28.56
N LEU I 31 -93.02 -42.36 28.96
CA LEU I 31 -92.38 -42.95 30.13
C LEU I 31 -93.21 -42.73 31.38
N PHE I 32 -93.71 -41.52 31.58
CA PHE I 32 -94.48 -41.23 32.78
C PHE I 32 -95.80 -41.99 32.81
N LYS I 33 -96.29 -42.45 31.67
CA LYS I 33 -97.50 -43.25 31.65
C LYS I 33 -97.27 -44.68 32.13
N SER I 34 -96.10 -45.24 31.84
CA SER I 34 -95.78 -46.58 32.31
C SER I 34 -95.50 -46.59 33.81
N LEU I 35 -94.81 -45.56 34.30
CA LEU I 35 -94.53 -45.48 35.73
C LEU I 35 -95.81 -45.38 36.53
N ARG I 36 -96.75 -44.56 36.09
CA ARG I 36 -98.02 -44.41 36.79
C ARG I 36 -98.84 -45.69 36.77
N GLY I 37 -98.59 -46.58 35.81
CA GLY I 37 -99.34 -47.82 35.69
C GLY I 37 -98.75 -48.93 36.52
N THR I 38 -99.33 -50.11 36.37
CA THR I 38 -98.88 -51.28 37.10
C THR I 38 -97.49 -51.69 36.64
N GLY I 39 -96.74 -52.30 37.56
CA GLY I 39 -95.39 -52.74 37.28
C GLY I 39 -95.37 -54.09 36.59
N GLY I 40 -94.18 -54.67 36.53
CA GLY I 40 -93.98 -55.96 35.89
C GLY I 40 -94.49 -57.12 36.73
N SER I 41 -94.44 -58.31 36.13
CA SER I 41 -94.90 -59.51 36.81
C SER I 41 -93.97 -59.96 37.92
N GLY I 42 -92.78 -59.37 38.03
CA GLY I 42 -91.83 -59.76 39.06
C GLY I 42 -90.93 -60.89 38.62
N SER I 43 -90.09 -61.32 39.56
CA SER I 43 -89.11 -62.39 39.38
C SER I 43 -87.96 -61.97 38.47
N SER I 44 -87.88 -60.70 38.08
CA SER I 44 -86.80 -60.23 37.24
C SER I 44 -86.70 -58.71 37.38
N MET I 45 -85.61 -58.16 36.87
CA MET I 45 -85.40 -56.72 36.94
C MET I 45 -86.49 -55.99 36.16
N GLU I 46 -87.03 -54.93 36.77
CA GLU I 46 -88.07 -54.13 36.15
C GLU I 46 -87.44 -52.97 35.40
N ILE I 47 -87.66 -52.92 34.08
CA ILE I 47 -87.10 -51.88 33.23
C ILE I 47 -88.26 -51.04 32.69
N TYR I 48 -88.14 -49.72 32.84
CA TYR I 48 -89.12 -48.77 32.36
C TYR I 48 -88.53 -47.96 31.22
N GLU I 49 -89.32 -47.79 30.16
CA GLU I 49 -88.83 -47.29 28.89
C GLU I 49 -89.93 -46.51 28.21
N GLY I 50 -89.54 -45.56 27.36
CA GLY I 50 -90.49 -44.73 26.64
C GLY I 50 -90.41 -44.90 25.13
N LYS I 51 -91.54 -45.16 24.50
CA LYS I 51 -91.61 -45.38 23.06
C LYS I 51 -91.81 -44.05 22.33
N LEU I 52 -91.45 -44.06 21.04
CA LEU I 52 -91.61 -42.88 20.19
C LEU I 52 -92.89 -42.95 19.37
N THR I 53 -94.03 -43.17 20.03
CA THR I 53 -95.34 -43.16 19.40
C THR I 53 -96.18 -42.06 20.03
N ALA I 54 -96.79 -41.22 19.20
CA ALA I 54 -97.43 -39.98 19.64
C ALA I 54 -98.91 -39.97 19.33
N GLU I 55 -99.60 -41.08 19.58
CA GLU I 55 -101.03 -41.19 19.34
C GLU I 55 -101.76 -41.04 20.67
N GLY I 56 -102.69 -40.10 20.73
CA GLY I 56 -103.47 -39.85 21.92
C GLY I 56 -102.84 -38.91 22.93
N LEU I 57 -101.72 -38.29 22.59
CA LEU I 57 -101.00 -37.42 23.52
C LEU I 57 -101.26 -35.95 23.19
N ARG I 58 -101.36 -35.14 24.23
CA ARG I 58 -101.62 -33.71 24.11
C ARG I 58 -100.36 -32.93 24.45
N PHE I 59 -100.05 -31.93 23.63
CA PHE I 59 -98.82 -31.19 23.74
C PHE I 59 -99.11 -29.69 23.79
N GLY I 60 -98.18 -28.94 24.39
CA GLY I 60 -98.23 -27.50 24.39
C GLY I 60 -96.88 -26.89 24.09
N ILE I 61 -96.86 -25.80 23.31
CA ILE I 61 -95.63 -25.16 22.88
C ILE I 61 -95.67 -23.70 23.33
N VAL I 62 -94.53 -23.20 23.80
CA VAL I 62 -94.37 -21.81 24.22
C VAL I 62 -93.18 -21.23 23.45
N ALA I 63 -93.42 -20.18 22.68
CA ALA I 63 -92.40 -19.57 21.85
C ALA I 63 -92.40 -18.07 22.02
N SER I 64 -91.22 -17.47 21.86
CA SER I 64 -91.04 -16.03 21.95
C SER I 64 -91.08 -15.40 20.56
N ARG I 65 -91.36 -14.08 20.53
CA ARG I 65 -91.45 -13.33 19.28
C ARG I 65 -90.15 -12.62 18.90
N PHE I 66 -89.10 -12.76 19.69
CA PHE I 66 -87.83 -12.12 19.36
C PHE I 66 -87.12 -12.90 18.27
N ASN I 67 -86.75 -12.22 17.20
CA ASN I 67 -86.15 -12.84 16.02
C ASN I 67 -87.07 -13.92 15.46
N HIS I 68 -88.23 -13.48 14.99
CA HIS I 68 -89.22 -14.42 14.46
C HIS I 68 -88.77 -15.09 13.19
N ALA I 69 -87.69 -14.63 12.56
CA ALA I 69 -87.14 -15.34 11.42
C ALA I 69 -86.66 -16.73 11.81
N LEU I 70 -85.82 -16.81 12.85
CA LEU I 70 -85.30 -18.09 13.30
C LEU I 70 -86.34 -18.88 14.09
N VAL I 71 -87.14 -18.20 14.89
CA VAL I 71 -88.03 -18.89 15.82
C VAL I 71 -89.10 -19.66 15.06
N ASP I 72 -89.67 -19.06 14.01
CA ASP I 72 -90.75 -19.72 13.28
C ASP I 72 -90.28 -21.01 12.64
N ARG I 73 -89.02 -21.09 12.23
CA ARG I 73 -88.49 -22.34 11.69
C ARG I 73 -88.47 -23.43 12.75
N LEU I 74 -88.10 -23.07 13.98
CA LEU I 74 -88.02 -24.07 15.04
C LEU I 74 -89.42 -24.57 15.42
N VAL I 75 -90.41 -23.68 15.44
CA VAL I 75 -91.77 -24.10 15.77
C VAL I 75 -92.30 -25.06 14.71
N GLU I 76 -91.99 -24.79 13.45
CA GLU I 76 -92.46 -25.66 12.38
C GLU I 76 -91.87 -27.06 12.50
N GLY I 77 -90.60 -27.15 12.87
CA GLY I 77 -89.98 -28.45 13.02
C GLY I 77 -90.63 -29.29 14.12
N ALA I 78 -90.99 -28.65 15.22
CA ALA I 78 -91.62 -29.38 16.32
C ALA I 78 -92.95 -29.98 15.89
N ILE I 79 -93.76 -29.21 15.16
CA ILE I 79 -95.07 -29.71 14.74
C ILE I 79 -94.91 -30.83 13.73
N ASP I 80 -93.92 -30.71 12.83
CA ASP I 80 -93.68 -31.77 11.86
C ASP I 80 -93.32 -33.08 12.55
N CYS I 81 -92.51 -33.02 13.60
CA CYS I 81 -92.12 -34.24 14.30
C CYS I 81 -93.32 -34.95 14.89
N ILE I 82 -94.25 -34.21 15.49
CA ILE I 82 -95.39 -34.83 16.17
C ILE I 82 -96.32 -35.48 15.17
N VAL I 83 -96.53 -34.86 14.00
CA VAL I 83 -97.44 -35.43 13.02
C VAL I 83 -96.85 -36.70 12.41
N ARG I 84 -95.55 -36.69 12.13
CA ARG I 84 -94.94 -37.84 11.48
C ARG I 84 -94.91 -39.07 12.38
N HIS I 85 -94.88 -38.88 13.69
CA HIS I 85 -94.90 -39.98 14.64
C HIS I 85 -96.32 -40.32 15.10
N GLY I 86 -97.32 -39.96 14.32
CA GLY I 86 -98.69 -40.32 14.61
C GLY I 86 -99.49 -39.29 15.36
N GLY I 87 -98.96 -38.09 15.56
CA GLY I 87 -99.67 -37.08 16.30
C GLY I 87 -100.76 -36.42 15.48
N ARG I 88 -101.72 -35.86 16.19
CA ARG I 88 -102.86 -35.19 15.59
C ARG I 88 -102.75 -33.70 15.88
N GLU I 89 -102.72 -32.90 14.81
CA GLU I 89 -102.48 -31.47 14.97
C GLU I 89 -103.59 -30.76 15.73
N GLU I 90 -104.75 -31.41 15.88
CA GLU I 90 -105.82 -30.87 16.73
C GLU I 90 -105.47 -30.92 18.22
N ASP I 91 -104.42 -31.64 18.60
CA ASP I 91 -104.02 -31.79 20.00
C ASP I 91 -102.74 -31.04 20.31
N ILE I 92 -102.55 -29.87 19.72
CA ILE I 92 -101.41 -29.01 19.98
C ILE I 92 -101.93 -27.62 20.33
N THR I 93 -101.42 -27.03 21.42
CA THR I 93 -101.75 -25.69 21.84
C THR I 93 -100.50 -24.83 21.78
N LEU I 94 -100.61 -23.64 21.18
CA LEU I 94 -99.48 -22.77 20.95
C LEU I 94 -99.70 -21.44 21.67
N VAL I 95 -98.67 -20.98 22.40
CA VAL I 95 -98.71 -19.73 23.14
C VAL I 95 -97.51 -18.89 22.72
N ARG I 96 -97.76 -17.61 22.40
CA ARG I 96 -96.71 -16.70 21.97
C ARG I 96 -96.52 -15.63 23.03
N VAL I 97 -95.27 -15.32 23.36
CA VAL I 97 -94.97 -14.36 24.43
C VAL I 97 -93.99 -13.32 23.92
N PRO I 98 -93.96 -12.14 24.56
CA PRO I 98 -93.06 -11.07 24.10
C PRO I 98 -91.59 -11.44 24.05
N GLY I 99 -91.02 -11.87 25.16
CA GLY I 99 -89.59 -12.11 25.22
C GLY I 99 -89.22 -13.35 26.01
N SER I 100 -87.92 -13.55 26.20
CA SER I 100 -87.46 -14.74 26.93
C SER I 100 -87.83 -14.68 28.40
N TRP I 101 -87.89 -13.48 28.97
CA TRP I 101 -88.18 -13.35 30.39
C TRP I 101 -89.55 -13.91 30.75
N GLU I 102 -90.45 -14.06 29.79
CA GLU I 102 -91.82 -14.45 30.06
C GLU I 102 -92.10 -15.93 29.80
N ILE I 103 -91.14 -16.68 29.30
CA ILE I 103 -91.38 -18.09 28.97
C ILE I 103 -91.67 -18.89 30.23
N PRO I 104 -90.88 -18.79 31.30
CA PRO I 104 -91.16 -19.64 32.48
C PRO I 104 -92.56 -19.46 33.06
N VAL I 105 -93.03 -18.22 33.23
CA VAL I 105 -94.33 -18.03 33.85
C VAL I 105 -95.44 -18.52 32.94
N ALA I 106 -95.29 -18.33 31.62
CA ALA I 106 -96.26 -18.86 30.68
C ALA I 106 -96.27 -20.38 30.72
N ALA I 107 -95.09 -21.00 30.81
CA ALA I 107 -95.03 -22.46 30.86
C ALA I 107 -95.71 -23.01 32.11
N GLY I 108 -95.80 -22.20 33.17
CA GLY I 108 -96.46 -22.67 34.38
C GLY I 108 -97.95 -22.86 34.19
N GLU I 109 -98.60 -21.94 33.47
CA GLU I 109 -100.04 -22.05 33.29
C GLU I 109 -100.40 -23.25 32.43
N LEU I 110 -99.63 -23.51 31.38
CA LEU I 110 -99.88 -24.68 30.55
C LEU I 110 -99.67 -25.97 31.33
N ALA I 111 -98.55 -26.07 32.05
CA ALA I 111 -98.23 -27.31 32.73
C ALA I 111 -99.24 -27.66 33.80
N ARG I 112 -99.96 -26.69 34.33
CA ARG I 112 -100.96 -26.95 35.35
C ARG I 112 -102.26 -27.50 34.79
N LYS I 113 -102.49 -27.39 33.48
CA LYS I 113 -103.71 -27.92 32.88
C LYS I 113 -103.61 -29.44 32.78
N GLU I 114 -104.67 -30.12 33.23
CA GLU I 114 -104.64 -31.57 33.29
C GLU I 114 -104.70 -32.24 31.92
N ASP I 115 -105.05 -31.51 30.87
CA ASP I 115 -105.13 -32.06 29.52
C ASP I 115 -103.82 -31.87 28.74
N ILE I 116 -102.71 -31.65 29.42
CA ILE I 116 -101.42 -31.47 28.79
C ILE I 116 -100.46 -32.51 29.36
N ASP I 117 -99.75 -33.20 28.48
CA ASP I 117 -98.84 -34.26 28.89
C ASP I 117 -97.38 -33.82 28.87
N ALA I 118 -97.02 -32.84 28.06
CA ALA I 118 -95.67 -32.30 28.06
C ALA I 118 -95.70 -30.91 27.45
N VAL I 119 -94.68 -30.12 27.75
CA VAL I 119 -94.57 -28.74 27.29
C VAL I 119 -93.20 -28.55 26.65
N ILE I 120 -93.18 -27.89 25.50
CA ILE I 120 -91.96 -27.62 24.75
C ILE I 120 -91.75 -26.11 24.75
N ALA I 121 -90.54 -25.68 25.10
CA ALA I 121 -90.21 -24.26 25.22
C ALA I 121 -89.17 -23.89 24.18
N ILE I 122 -89.54 -23.00 23.26
CA ILE I 122 -88.67 -22.59 22.15
C ILE I 122 -88.37 -21.11 22.30
N GLY I 123 -87.17 -20.72 21.89
CA GLY I 123 -86.79 -19.32 21.96
C GLY I 123 -85.35 -19.14 21.56
N VAL I 124 -84.96 -17.88 21.42
CA VAL I 124 -83.61 -17.51 21.03
C VAL I 124 -83.09 -16.45 21.99
N LEU I 125 -81.87 -16.64 22.47
CA LEU I 125 -81.22 -15.69 23.38
C LEU I 125 -80.26 -14.79 22.60
N ILE I 126 -79.86 -13.71 23.24
CA ILE I 126 -79.02 -12.68 22.63
C ILE I 126 -77.64 -12.79 23.26
N ARG I 127 -76.72 -13.43 22.55
CA ARG I 127 -75.33 -13.44 22.98
C ARG I 127 -74.74 -12.04 22.82
N GLY I 128 -73.92 -11.65 23.79
CA GLY I 128 -73.46 -10.28 23.86
C GLY I 128 -74.51 -9.39 24.52
N ALA I 129 -74.19 -8.10 24.60
CA ALA I 129 -75.05 -7.14 25.29
C ALA I 129 -75.30 -7.60 26.72
N THR I 130 -74.24 -8.10 27.36
CA THR I 130 -74.36 -8.64 28.71
C THR I 130 -74.96 -7.68 29.73
N PRO I 131 -74.62 -6.36 29.76
CA PRO I 131 -75.13 -5.48 30.82
C PRO I 131 -76.61 -5.66 31.17
N HIS I 132 -77.45 -6.01 30.21
CA HIS I 132 -78.88 -6.23 30.46
C HIS I 132 -79.30 -7.67 30.25
N PHE I 133 -78.98 -8.27 29.10
CA PHE I 133 -79.50 -9.58 28.75
C PHE I 133 -78.78 -10.72 29.46
N ASP I 134 -77.61 -10.47 30.05
CA ASP I 134 -76.90 -11.54 30.75
C ASP I 134 -77.69 -12.06 31.95
N TYR I 135 -78.48 -11.19 32.59
CA TYR I 135 -79.25 -11.60 33.75
C TYR I 135 -80.47 -12.42 33.36
N ILE I 136 -81.11 -12.06 32.24
CA ILE I 136 -82.26 -12.84 31.77
C ILE I 136 -81.82 -14.22 31.32
N ALA I 137 -80.57 -14.36 30.90
CA ALA I 137 -80.11 -15.61 30.30
C ALA I 137 -80.16 -16.76 31.30
N SER I 138 -79.55 -16.58 32.48
CA SER I 138 -79.51 -17.67 33.45
C SER I 138 -80.87 -17.95 34.05
N GLU I 139 -81.80 -16.99 34.00
CA GLU I 139 -83.08 -17.17 34.66
C GLU I 139 -83.99 -18.10 33.88
N VAL I 140 -83.82 -18.20 32.56
CA VAL I 140 -84.70 -19.04 31.76
C VAL I 140 -84.46 -20.51 32.06
N SER I 141 -83.20 -20.93 32.08
CA SER I 141 -82.89 -22.33 32.36
C SER I 141 -83.24 -22.69 33.80
N LYS I 142 -82.93 -21.81 34.75
CA LYS I 142 -83.21 -22.11 36.15
C LYS I 142 -84.71 -22.23 36.39
N GLY I 143 -85.51 -21.35 35.79
CA GLY I 143 -86.94 -21.39 36.02
C GLY I 143 -87.60 -22.64 35.47
N LEU I 144 -87.23 -23.06 34.27
CA LEU I 144 -87.84 -24.24 33.68
C LEU I 144 -87.49 -25.49 34.46
N ALA I 145 -86.25 -25.59 34.93
CA ALA I 145 -85.84 -26.76 35.70
C ALA I 145 -86.64 -26.89 36.99
N ASN I 146 -86.86 -25.79 37.69
CA ASN I 146 -87.60 -25.85 38.94
C ASN I 146 -89.07 -26.20 38.72
N LEU I 147 -89.65 -25.77 37.60
CA LEU I 147 -91.06 -26.03 37.35
C LEU I 147 -91.35 -27.52 37.25
N SER I 148 -90.50 -28.25 36.51
CA SER I 148 -90.77 -29.67 36.30
C SER I 148 -90.71 -30.45 37.60
N LEU I 149 -89.74 -30.14 38.46
CA LEU I 149 -89.63 -30.83 39.74
C LEU I 149 -90.83 -30.53 40.63
N GLU I 150 -91.31 -29.29 40.61
CA GLU I 150 -92.42 -28.90 41.47
C GLU I 150 -93.74 -29.48 40.97
N LEU I 151 -93.96 -29.45 39.66
CA LEU I 151 -95.21 -29.95 39.08
C LEU I 151 -95.15 -31.42 38.71
N ARG I 152 -93.97 -32.04 38.76
CA ARG I 152 -93.80 -33.44 38.40
C ARG I 152 -94.32 -33.72 36.98
N LYS I 153 -93.96 -32.84 36.05
CA LYS I 153 -94.36 -32.93 34.66
C LYS I 153 -93.14 -32.60 33.81
N PRO I 154 -92.94 -33.29 32.69
CA PRO I 154 -91.75 -33.04 31.88
C PRO I 154 -91.86 -31.77 31.05
N ILE I 155 -90.82 -30.94 31.12
CA ILE I 155 -90.70 -29.74 30.29
C ILE I 155 -89.35 -29.81 29.59
N THR I 156 -89.37 -29.66 28.27
CA THR I 156 -88.17 -29.82 27.45
C THR I 156 -87.60 -28.46 27.08
N PHE I 157 -86.31 -28.43 26.84
CA PHE I 157 -85.52 -27.21 26.65
C PHE I 157 -85.14 -27.11 25.18
N GLY I 158 -85.73 -26.13 24.49
CA GLY I 158 -85.48 -25.94 23.08
C GLY I 158 -84.97 -24.54 22.77
N VAL I 159 -84.14 -24.00 23.65
CA VAL I 159 -83.65 -22.63 23.53
C VAL I 159 -82.23 -22.67 23.01
N ILE I 160 -81.95 -21.90 21.96
CA ILE I 160 -80.62 -21.80 21.38
C ILE I 160 -80.14 -20.36 21.51
N THR I 161 -78.89 -20.12 21.10
CA THR I 161 -78.26 -18.81 21.19
C THR I 161 -77.85 -18.33 19.80
N ALA I 162 -77.80 -17.02 19.64
CA ALA I 162 -77.41 -16.40 18.37
C ALA I 162 -78.33 -16.86 17.24
N LYS J 13 -63.84 -52.29 37.33
CA LYS J 13 -63.73 -52.07 38.77
C LYS J 13 -62.87 -50.85 39.07
N HIS J 14 -63.24 -50.13 40.12
CA HIS J 14 -62.51 -48.93 40.53
C HIS J 14 -62.64 -47.84 39.47
N GLY J 15 -61.95 -48.01 38.35
CA GLY J 15 -62.04 -47.04 37.28
C GLY J 15 -63.45 -46.87 36.76
N ASN J 16 -64.21 -47.96 36.69
CA ASN J 16 -65.59 -47.91 36.23
C ASN J 16 -66.42 -47.08 37.20
N LYS J 17 -66.80 -45.87 36.78
CA LYS J 17 -67.52 -44.97 37.66
C LYS J 17 -68.91 -45.48 38.03
N GLY J 18 -69.42 -46.48 37.31
CA GLY J 18 -70.66 -47.11 37.73
C GLY J 18 -70.47 -48.01 38.93
N TRP J 19 -69.26 -48.55 39.10
CA TRP J 19 -68.96 -49.34 40.29
C TRP J 19 -68.83 -48.47 41.51
N GLU J 20 -68.16 -47.32 41.38
CA GLU J 20 -67.98 -46.43 42.52
C GLU J 20 -69.31 -45.90 43.03
N ALA J 21 -70.19 -45.49 42.12
CA ALA J 21 -71.47 -44.94 42.54
C ALA J 21 -72.31 -45.96 43.29
N ALA J 22 -72.30 -47.21 42.84
CA ALA J 22 -73.05 -48.24 43.54
C ALA J 22 -72.48 -48.50 44.92
N LEU J 23 -71.15 -48.46 45.06
CA LEU J 23 -70.54 -48.67 46.37
C LEU J 23 -70.97 -47.57 47.34
N SER J 24 -70.95 -46.32 46.90
CA SER J 24 -71.36 -45.23 47.78
C SER J 24 -72.81 -45.37 48.19
N ALA J 25 -73.66 -45.87 47.30
CA ALA J 25 -75.07 -46.04 47.64
C ALA J 25 -75.26 -47.07 48.74
N ILE J 26 -74.55 -48.19 48.66
CA ILE J 26 -74.70 -49.23 49.68
C ILE J 26 -74.27 -48.72 51.04
N GLU J 27 -73.15 -48.00 51.09
CA GLU J 27 -72.67 -47.48 52.36
C GLU J 27 -73.66 -46.51 52.99
N MET J 28 -74.24 -45.62 52.18
CA MET J 28 -75.12 -44.60 52.71
C MET J 28 -76.45 -45.16 53.16
N ALA J 29 -76.98 -46.14 52.41
CA ALA J 29 -78.26 -46.73 52.79
C ALA J 29 -78.16 -47.52 54.09
N ASN J 30 -76.98 -48.07 54.38
CA ASN J 30 -76.77 -48.74 55.66
C ASN J 30 -76.62 -47.73 56.79
N LEU J 31 -75.92 -46.62 56.53
CA LEU J 31 -75.71 -45.61 57.56
C LEU J 31 -77.02 -45.02 58.02
N PHE J 32 -77.92 -44.72 57.08
CA PHE J 32 -79.21 -44.14 57.45
C PHE J 32 -80.04 -45.11 58.27
N LYS J 33 -79.96 -46.40 57.95
CA LYS J 33 -80.69 -47.39 58.73
C LYS J 33 -80.21 -47.42 60.18
N SER J 34 -78.91 -47.19 60.39
CA SER J 34 -78.38 -47.18 61.76
C SER J 34 -78.78 -45.91 62.50
N LEU J 35 -78.71 -44.75 61.84
CA LEU J 35 -78.99 -43.50 62.53
C LEU J 35 -80.44 -43.39 62.96
N ARG J 36 -81.34 -44.09 62.28
CA ARG J 36 -82.75 -44.04 62.60
C ARG J 36 -83.18 -45.11 63.60
N GLY J 37 -82.24 -45.91 64.10
CA GLY J 37 -82.53 -46.91 65.10
C GLY J 37 -82.09 -46.48 66.49
N THR J 38 -82.15 -47.43 67.41
CA THR J 38 -81.74 -47.17 68.79
C THR J 38 -80.25 -46.85 68.86
N GLY J 39 -79.89 -45.97 69.79
CA GLY J 39 -78.52 -45.56 69.95
C GLY J 39 -77.68 -46.59 70.68
N GLY J 40 -76.40 -46.26 70.87
CA GLY J 40 -75.47 -47.14 71.53
C GLY J 40 -75.65 -47.14 73.04
N SER J 41 -74.88 -48.02 73.68
CA SER J 41 -74.94 -48.14 75.13
C SER J 41 -74.42 -46.89 75.84
N GLY J 42 -73.63 -46.07 75.16
CA GLY J 42 -73.10 -44.86 75.76
C GLY J 42 -71.75 -45.08 76.40
N SER J 43 -71.31 -44.05 77.13
CA SER J 43 -70.03 -44.02 77.84
C SER J 43 -68.84 -43.91 76.90
N SER J 44 -69.07 -43.67 75.61
CA SER J 44 -67.98 -43.52 74.66
C SER J 44 -68.47 -42.71 73.48
N MET J 45 -67.53 -42.15 72.73
CA MET J 45 -67.85 -41.39 71.53
C MET J 45 -68.44 -42.32 70.50
N GLU J 46 -69.77 -42.26 70.32
CA GLU J 46 -70.43 -43.09 69.32
C GLU J 46 -69.84 -42.79 67.94
N ILE J 47 -69.53 -43.84 67.20
CA ILE J 47 -69.05 -43.72 65.82
C ILE J 47 -70.00 -44.50 64.93
N TYR J 48 -70.49 -43.84 63.88
CA TYR J 48 -71.39 -44.44 62.92
C TYR J 48 -70.69 -44.56 61.57
N GLU J 49 -70.80 -45.72 60.94
CA GLU J 49 -70.27 -45.89 59.59
C GLU J 49 -70.98 -47.08 58.95
N GLY J 50 -70.98 -47.09 57.63
CA GLY J 50 -71.74 -48.07 56.87
C GLY J 50 -70.91 -49.26 56.43
N LYS J 51 -71.57 -50.39 56.29
CA LYS J 51 -70.95 -51.65 55.88
C LYS J 51 -71.34 -51.98 54.45
N LEU J 52 -70.45 -52.70 53.76
CA LEU J 52 -70.65 -53.04 52.36
C LEU J 52 -71.45 -54.33 52.23
N THR J 53 -72.64 -54.32 52.80
CA THR J 53 -73.60 -55.42 52.69
C THR J 53 -74.89 -54.87 52.12
N ALA J 54 -75.50 -55.61 51.19
CA ALA J 54 -76.63 -55.13 50.41
C ALA J 54 -77.73 -56.18 50.36
N GLU J 55 -78.05 -56.77 51.50
CA GLU J 55 -79.10 -57.77 51.59
C GLU J 55 -80.34 -57.13 52.21
N GLY J 56 -81.45 -57.21 51.48
CA GLY J 56 -82.69 -56.58 51.91
C GLY J 56 -82.92 -55.18 51.41
N LEU J 57 -81.95 -54.58 50.72
CA LEU J 57 -82.09 -53.22 50.22
C LEU J 57 -82.67 -53.21 48.82
N ARG J 58 -83.35 -52.11 48.48
CA ARG J 58 -83.92 -51.87 47.17
C ARG J 58 -83.29 -50.65 46.55
N PHE J 59 -82.91 -50.75 45.28
CA PHE J 59 -82.24 -49.67 44.57
C PHE J 59 -83.03 -49.26 43.34
N GLY J 60 -82.65 -48.12 42.79
CA GLY J 60 -83.22 -47.63 41.55
C GLY J 60 -82.19 -46.86 40.76
N ILE J 61 -82.08 -47.14 39.46
CA ILE J 61 -81.05 -46.56 38.61
C ILE J 61 -81.71 -45.76 37.50
N VAL J 62 -81.22 -44.55 37.26
CA VAL J 62 -81.68 -43.68 36.19
C VAL J 62 -80.48 -43.38 35.30
N ALA J 63 -80.58 -43.77 34.02
CA ALA J 63 -79.47 -43.64 33.08
C ALA J 63 -79.96 -43.04 31.77
N SER J 64 -79.07 -42.33 31.09
CA SER J 64 -79.38 -41.65 29.86
C SER J 64 -78.82 -42.44 28.67
N ARG J 65 -78.90 -41.87 27.47
CA ARG J 65 -78.49 -42.54 26.25
C ARG J 65 -77.42 -41.81 25.46
N PHE J 66 -77.22 -40.51 25.70
CA PHE J 66 -76.17 -39.78 25.00
C PHE J 66 -74.84 -40.50 25.17
N ASN J 67 -74.23 -40.87 24.04
CA ASN J 67 -73.05 -41.72 24.03
C ASN J 67 -73.34 -43.04 24.74
N HIS J 68 -74.32 -43.77 24.20
CA HIS J 68 -74.77 -44.99 24.85
C HIS J 68 -73.68 -46.05 24.93
N ALA J 69 -72.62 -45.93 24.12
CA ALA J 69 -71.52 -46.88 24.22
C ALA J 69 -70.88 -46.80 25.61
N LEU J 70 -70.54 -45.59 26.06
CA LEU J 70 -69.98 -45.42 27.40
C LEU J 70 -71.00 -45.80 28.47
N VAL J 71 -72.27 -45.42 28.27
CA VAL J 71 -73.27 -45.59 29.32
C VAL J 71 -73.58 -47.05 29.55
N ASP J 72 -73.71 -47.84 28.48
CA ASP J 72 -74.04 -49.25 28.65
C ASP J 72 -72.98 -49.97 29.47
N ARG J 73 -71.72 -49.52 29.38
CA ARG J 73 -70.67 -50.10 30.19
C ARG J 73 -70.83 -49.71 31.65
N LEU J 74 -71.07 -48.42 31.91
CA LEU J 74 -71.20 -47.95 33.28
C LEU J 74 -72.39 -48.61 33.98
N VAL J 75 -73.52 -48.72 33.28
CA VAL J 75 -74.73 -49.24 33.90
C VAL J 75 -74.52 -50.69 34.34
N GLU J 76 -73.85 -51.49 33.52
CA GLU J 76 -73.62 -52.88 33.86
C GLU J 76 -72.66 -53.03 35.02
N GLY J 77 -71.77 -52.05 35.21
CA GLY J 77 -70.91 -52.06 36.39
C GLY J 77 -71.69 -51.87 37.67
N ALA J 78 -72.75 -51.06 37.63
CA ALA J 78 -73.55 -50.82 38.82
C ALA J 78 -74.34 -52.04 39.23
N ILE J 79 -74.94 -52.74 38.26
CA ILE J 79 -75.72 -53.92 38.59
C ILE J 79 -74.83 -55.05 39.09
N ASP J 80 -73.60 -55.13 38.60
CA ASP J 80 -72.67 -56.15 39.09
C ASP J 80 -72.32 -55.90 40.55
N CYS J 81 -72.07 -54.64 40.92
CA CYS J 81 -71.65 -54.33 42.28
C CYS J 81 -72.71 -54.71 43.30
N ILE J 82 -73.98 -54.50 42.96
CA ILE J 82 -75.05 -54.80 43.91
C ILE J 82 -75.23 -56.30 44.06
N VAL J 83 -75.21 -57.04 42.96
CA VAL J 83 -75.49 -58.48 43.02
C VAL J 83 -74.36 -59.21 43.74
N ARG J 84 -73.12 -58.79 43.53
CA ARG J 84 -71.97 -59.44 44.13
C ARG J 84 -71.76 -59.06 45.59
N HIS J 85 -72.52 -58.10 46.11
CA HIS J 85 -72.50 -57.73 47.52
C HIS J 85 -73.72 -58.22 48.27
N GLY J 86 -74.44 -59.19 47.71
CA GLY J 86 -75.57 -59.79 48.38
C GLY J 86 -76.94 -59.34 47.96
N GLY J 87 -77.05 -58.52 46.92
CA GLY J 87 -78.34 -58.00 46.49
C GLY J 87 -79.12 -58.99 45.64
N ARG J 88 -80.27 -58.52 45.17
CA ARG J 88 -81.12 -59.30 44.27
C ARG J 88 -81.52 -58.43 43.08
N GLU J 89 -81.64 -59.06 41.91
CA GLU J 89 -82.09 -58.35 40.73
C GLU J 89 -83.60 -58.10 40.76
N GLU J 90 -84.34 -58.84 41.57
CA GLU J 90 -85.76 -58.57 41.77
C GLU J 90 -85.99 -57.28 42.54
N ASP J 91 -84.93 -56.68 43.09
CA ASP J 91 -85.03 -55.46 43.89
C ASP J 91 -84.32 -54.28 43.24
N ILE J 92 -84.10 -54.32 41.92
CA ILE J 92 -83.53 -53.21 41.17
C ILE J 92 -84.56 -52.72 40.17
N THR J 93 -84.68 -51.40 40.06
CA THR J 93 -85.59 -50.74 39.11
C THR J 93 -84.78 -49.81 38.23
N LEU J 94 -84.80 -50.04 36.92
CA LEU J 94 -84.01 -49.28 35.97
C LEU J 94 -84.91 -48.41 35.10
N VAL J 95 -84.49 -47.16 34.88
CA VAL J 95 -85.22 -46.19 34.07
C VAL J 95 -84.25 -45.56 33.08
N ARG J 96 -84.67 -45.46 31.83
CA ARG J 96 -83.88 -44.83 30.78
C ARG J 96 -84.55 -43.52 30.36
N VAL J 97 -83.72 -42.51 30.07
CA VAL J 97 -84.23 -41.20 29.67
C VAL J 97 -83.45 -40.73 28.45
N PRO J 98 -84.00 -39.76 27.70
CA PRO J 98 -83.31 -39.31 26.49
C PRO J 98 -81.94 -38.68 26.72
N GLY J 99 -81.85 -37.68 27.59
CA GLY J 99 -80.63 -36.93 27.76
C GLY J 99 -80.40 -36.54 29.21
N SER J 100 -79.32 -35.80 29.43
CA SER J 100 -78.95 -35.40 30.78
C SER J 100 -79.96 -34.43 31.38
N TRP J 101 -80.58 -33.59 30.55
CA TRP J 101 -81.57 -32.64 31.07
C TRP J 101 -82.71 -33.35 31.78
N GLU J 102 -83.03 -34.57 31.38
CA GLU J 102 -84.21 -35.27 31.88
C GLU J 102 -83.92 -36.15 33.09
N ILE J 103 -82.67 -36.26 33.53
CA ILE J 103 -82.36 -37.14 34.66
C ILE J 103 -83.06 -36.68 35.94
N PRO J 104 -83.01 -35.39 36.34
CA PRO J 104 -83.61 -35.01 37.62
C PRO J 104 -85.10 -35.30 37.74
N VAL J 105 -85.88 -35.06 36.69
CA VAL J 105 -87.33 -35.26 36.82
C VAL J 105 -87.66 -36.74 36.98
N ALA J 106 -86.86 -37.61 36.36
CA ALA J 106 -87.07 -39.04 36.49
C ALA J 106 -86.57 -39.58 37.83
N ALA J 107 -85.50 -38.99 38.37
CA ALA J 107 -85.01 -39.42 39.68
C ALA J 107 -86.03 -39.13 40.76
N GLY J 108 -86.73 -38.01 40.67
CA GLY J 108 -87.70 -37.65 41.69
C GLY J 108 -88.84 -38.64 41.80
N GLU J 109 -89.27 -39.19 40.67
CA GLU J 109 -90.34 -40.18 40.70
C GLU J 109 -89.92 -41.43 41.45
N LEU J 110 -88.68 -41.87 41.24
CA LEU J 110 -88.19 -43.05 41.96
C LEU J 110 -87.96 -42.74 43.43
N ALA J 111 -87.43 -41.56 43.75
CA ALA J 111 -87.11 -41.22 45.13
C ALA J 111 -88.34 -41.03 46.00
N ARG J 112 -89.53 -40.96 45.42
CA ARG J 112 -90.76 -40.77 46.18
C ARG J 112 -91.45 -42.08 46.51
N LYS J 113 -90.86 -43.21 46.15
CA LYS J 113 -91.45 -44.52 46.45
C LYS J 113 -91.00 -44.99 47.82
N GLU J 114 -91.94 -45.56 48.57
CA GLU J 114 -91.64 -46.06 49.91
C GLU J 114 -90.77 -47.30 49.91
N ASP J 115 -90.53 -47.91 48.75
CA ASP J 115 -89.75 -49.14 48.67
C ASP J 115 -88.28 -48.91 48.37
N ILE J 116 -87.95 -47.83 47.69
CA ILE J 116 -86.57 -47.59 47.29
C ILE J 116 -85.81 -46.98 48.47
N ASP J 117 -84.54 -47.37 48.59
CA ASP J 117 -83.65 -46.88 49.65
C ASP J 117 -82.61 -45.91 49.14
N ALA J 118 -82.10 -46.10 47.93
CA ALA J 118 -81.10 -45.19 47.36
C ALA J 118 -81.24 -45.20 45.86
N VAL J 119 -80.75 -44.14 45.22
CA VAL J 119 -80.88 -43.95 43.78
C VAL J 119 -79.52 -43.57 43.21
N ILE J 120 -79.22 -44.10 42.03
CA ILE J 120 -77.96 -43.85 41.33
C ILE J 120 -78.26 -43.12 40.03
N ALA J 121 -77.46 -42.12 39.72
CA ALA J 121 -77.59 -41.35 38.49
C ALA J 121 -76.35 -41.57 37.63
N ILE J 122 -76.56 -41.99 36.38
CA ILE J 122 -75.47 -42.25 35.44
C ILE J 122 -75.77 -41.48 34.16
N GLY J 123 -74.78 -40.74 33.68
CA GLY J 123 -74.98 -39.95 32.49
C GLY J 123 -73.67 -39.38 31.99
N VAL J 124 -73.73 -38.80 30.80
CA VAL J 124 -72.57 -38.23 30.12
C VAL J 124 -72.86 -36.77 29.81
N LEU J 125 -71.91 -35.91 30.12
CA LEU J 125 -72.04 -34.47 29.91
C LEU J 125 -71.06 -34.01 28.84
N ILE J 126 -71.34 -32.84 28.28
CA ILE J 126 -70.45 -32.15 27.36
C ILE J 126 -70.17 -30.78 27.95
N ARG J 127 -68.89 -30.48 28.16
CA ARG J 127 -68.47 -29.25 28.81
C ARG J 127 -67.56 -28.45 27.89
N GLY J 128 -67.79 -27.15 27.81
CA GLY J 128 -66.93 -26.25 27.07
C GLY J 128 -67.12 -26.25 25.57
N ALA J 129 -68.10 -27.01 25.05
CA ALA J 129 -68.28 -27.08 23.60
C ALA J 129 -69.00 -25.84 23.07
N THR J 130 -70.24 -25.63 23.49
CA THR J 130 -71.05 -24.51 23.04
C THR J 130 -72.13 -24.24 24.08
N PRO J 131 -72.75 -23.07 24.06
CA PRO J 131 -73.90 -22.83 24.93
C PRO J 131 -75.01 -23.83 24.61
N HIS J 132 -76.01 -23.86 25.47
CA HIS J 132 -77.08 -24.86 25.49
C HIS J 132 -76.59 -26.13 26.16
N PHE J 133 -75.32 -26.22 26.55
CA PHE J 133 -74.82 -27.34 27.33
C PHE J 133 -74.06 -26.91 28.57
N ASP J 134 -73.58 -25.67 28.64
CA ASP J 134 -73.12 -25.13 29.92
C ASP J 134 -74.30 -24.81 30.82
N TYR J 135 -75.39 -24.33 30.24
CA TYR J 135 -76.62 -24.14 31.00
C TYR J 135 -77.16 -25.47 31.49
N ILE J 136 -77.13 -26.50 30.64
CA ILE J 136 -77.68 -27.80 31.02
C ILE J 136 -76.88 -28.38 32.18
N ALA J 137 -75.55 -28.35 32.06
CA ALA J 137 -74.72 -29.02 33.06
C ALA J 137 -74.90 -28.41 34.45
N SER J 138 -74.98 -27.09 34.53
CA SER J 138 -75.11 -26.44 35.82
C SER J 138 -76.42 -26.77 36.51
N GLU J 139 -77.40 -27.30 35.78
CA GLU J 139 -78.72 -27.58 36.34
C GLU J 139 -78.93 -29.03 36.71
N VAL J 140 -78.19 -29.96 36.08
CA VAL J 140 -78.28 -31.36 36.47
C VAL J 140 -77.72 -31.55 37.87
N SER J 141 -76.57 -30.92 38.16
CA SER J 141 -75.99 -31.04 39.49
C SER J 141 -76.88 -30.39 40.55
N LYS J 142 -77.39 -29.20 40.26
CA LYS J 142 -78.17 -28.48 41.26
C LYS J 142 -79.46 -29.21 41.59
N GLY J 143 -80.11 -29.79 40.59
CA GLY J 143 -81.38 -30.45 40.83
C GLY J 143 -81.24 -31.68 41.70
N LEU J 144 -80.22 -32.50 41.44
CA LEU J 144 -80.05 -33.72 42.21
C LEU J 144 -79.76 -33.42 43.67
N ALA J 145 -78.98 -32.37 43.93
CA ALA J 145 -78.65 -32.01 45.30
C ALA J 145 -79.89 -31.60 46.09
N ASN J 146 -80.84 -30.92 45.45
CA ASN J 146 -82.04 -30.50 46.16
C ASN J 146 -82.96 -31.67 46.45
N LEU J 147 -83.02 -32.66 45.57
CA LEU J 147 -83.88 -33.82 45.81
C LEU J 147 -83.45 -34.59 47.03
N SER J 148 -82.13 -34.75 47.23
CA SER J 148 -81.63 -35.49 48.38
C SER J 148 -82.10 -34.85 49.68
N LEU J 149 -81.93 -33.54 49.81
CA LEU J 149 -82.25 -32.87 51.06
C LEU J 149 -83.75 -32.78 51.29
N GLU J 150 -84.53 -32.60 50.22
CA GLU J 150 -85.97 -32.45 50.38
C GLU J 150 -86.62 -33.76 50.78
N LEU J 151 -86.25 -34.86 50.14
CA LEU J 151 -86.87 -36.16 50.38
C LEU J 151 -86.09 -37.01 51.38
N ARG J 152 -84.93 -36.58 51.84
CA ARG J 152 -84.15 -37.29 52.84
C ARG J 152 -83.84 -38.71 52.37
N LYS J 153 -83.10 -38.79 51.27
CA LYS J 153 -82.73 -40.04 50.65
C LYS J 153 -81.46 -39.80 49.86
N PRO J 154 -80.51 -40.74 49.88
CA PRO J 154 -79.23 -40.47 49.20
C PRO J 154 -79.33 -40.73 47.70
N ILE J 155 -78.77 -39.80 46.92
CA ILE J 155 -78.73 -39.89 45.47
C ILE J 155 -77.28 -39.70 45.03
N THR J 156 -76.71 -40.72 44.41
CA THR J 156 -75.30 -40.72 44.07
C THR J 156 -75.08 -40.22 42.65
N PHE J 157 -73.91 -39.63 42.44
CA PHE J 157 -73.60 -38.85 41.24
C PHE J 157 -72.57 -39.63 40.42
N GLY J 158 -73.06 -40.50 39.54
CA GLY J 158 -72.18 -41.27 38.67
C GLY J 158 -72.01 -40.62 37.32
N VAL J 159 -72.32 -39.34 37.22
CA VAL J 159 -72.28 -38.63 35.95
C VAL J 159 -70.84 -38.27 35.63
N ILE J 160 -70.40 -38.61 34.42
CA ILE J 160 -69.03 -38.35 34.00
C ILE J 160 -69.03 -37.31 32.90
N THR J 161 -67.84 -36.94 32.42
CA THR J 161 -67.67 -35.92 31.39
C THR J 161 -66.73 -36.44 30.31
N ALA J 162 -66.83 -35.83 29.14
CA ALA J 162 -66.00 -36.19 28.00
C ALA J 162 -66.17 -37.66 27.64
N GLY K 15 -63.23 69.62 31.73
CA GLY K 15 -61.81 69.42 31.66
C GLY K 15 -61.21 68.84 32.93
N ASN K 16 -61.88 69.07 34.05
CA ASN K 16 -61.43 68.59 35.34
C ASN K 16 -62.63 68.18 36.18
N LYS K 17 -62.42 67.20 37.06
CA LYS K 17 -63.52 66.67 37.85
C LYS K 17 -63.99 67.63 38.93
N GLY K 18 -63.20 68.66 39.25
CA GLY K 18 -63.68 69.66 40.17
C GLY K 18 -64.86 70.43 39.63
N TRP K 19 -64.80 70.82 38.36
CA TRP K 19 -65.92 71.47 37.72
C TRP K 19 -67.14 70.54 37.66
N GLU K 20 -66.91 69.27 37.31
CA GLU K 20 -68.03 68.33 37.18
C GLU K 20 -68.70 68.09 38.53
N ALA K 21 -67.91 67.93 39.60
CA ALA K 21 -68.50 67.66 40.90
C ALA K 21 -69.33 68.83 41.39
N ALA K 22 -68.88 70.06 41.16
CA ALA K 22 -69.63 71.22 41.59
C ALA K 22 -70.94 71.36 40.84
N LEU K 23 -70.96 70.95 39.57
CA LEU K 23 -72.19 71.08 38.78
C LEU K 23 -73.26 70.11 39.27
N SER K 24 -72.87 68.90 39.66
CA SER K 24 -73.83 67.97 40.22
C SER K 24 -74.39 68.49 41.54
N ALA K 25 -73.54 69.14 42.34
CA ALA K 25 -73.99 69.66 43.62
C ALA K 25 -75.07 70.73 43.44
N ILE K 26 -74.90 71.61 42.46
CA ILE K 26 -75.89 72.66 42.23
C ILE K 26 -77.22 72.05 41.87
N GLU K 27 -77.22 71.08 40.95
CA GLU K 27 -78.46 70.46 40.52
C GLU K 27 -79.16 69.73 41.66
N MET K 28 -78.39 68.99 42.46
CA MET K 28 -78.97 68.24 43.56
C MET K 28 -79.53 69.17 44.63
N ALA K 29 -78.88 70.30 44.88
CA ALA K 29 -79.40 71.24 45.86
C ALA K 29 -80.75 71.80 45.43
N ASN K 30 -80.90 72.14 44.16
CA ASN K 30 -82.17 72.67 43.68
C ASN K 30 -83.24 71.59 43.61
N LEU K 31 -82.85 70.35 43.36
CA LEU K 31 -83.83 69.27 43.30
C LEU K 31 -84.46 69.02 44.67
N PHE K 32 -83.67 69.11 45.74
CA PHE K 32 -84.18 68.85 47.07
C PHE K 32 -85.09 69.96 47.58
N LYS K 33 -85.02 71.15 47.00
CA LYS K 33 -85.98 72.18 47.34
C LYS K 33 -87.35 71.90 46.71
N SER K 34 -87.38 71.29 45.54
CA SER K 34 -88.65 70.97 44.89
C SER K 34 -89.35 69.82 45.59
N LEU K 35 -88.61 68.77 45.96
CA LEU K 35 -89.23 67.63 46.61
C LEU K 35 -89.85 68.02 47.95
N ARG K 36 -89.15 68.88 48.71
CA ARG K 36 -89.64 69.32 50.02
C ARG K 36 -90.47 70.59 49.86
N GLY K 37 -91.50 70.49 49.04
CA GLY K 37 -92.37 71.62 48.76
C GLY K 37 -93.79 71.16 48.50
N THR K 38 -94.72 72.10 48.65
CA THR K 38 -96.14 71.83 48.45
C THR K 38 -96.75 72.95 47.63
N GLY K 39 -97.81 72.62 46.91
CA GLY K 39 -98.49 73.60 46.08
C GLY K 39 -99.46 72.91 45.14
N GLY K 40 -100.07 73.74 44.29
CA GLY K 40 -101.00 73.22 43.32
C GLY K 40 -100.32 72.37 42.25
N SER K 41 -101.08 71.42 41.70
CA SER K 41 -100.57 70.54 40.67
C SER K 41 -101.71 70.11 39.76
N GLY K 42 -101.35 69.68 38.56
CA GLY K 42 -102.32 69.24 37.58
C GLY K 42 -102.68 67.77 37.74
N SER K 43 -103.47 67.28 36.80
CA SER K 43 -103.91 65.89 36.79
C SER K 43 -103.01 64.99 35.94
N SER K 44 -101.90 65.52 35.43
CA SER K 44 -101.00 64.77 34.57
C SER K 44 -99.85 64.19 35.38
N MET K 45 -98.86 63.65 34.68
CA MET K 45 -97.67 63.12 35.32
C MET K 45 -96.87 64.25 35.98
N GLU K 46 -96.25 63.94 37.11
CA GLU K 46 -95.47 64.89 37.88
C GLU K 46 -93.98 64.63 37.67
N ILE K 47 -93.23 65.67 37.31
CA ILE K 47 -91.81 65.59 37.04
C ILE K 47 -91.08 66.56 37.95
N TYR K 48 -90.01 66.09 38.58
CA TYR K 48 -89.14 66.90 39.41
C TYR K 48 -87.76 66.97 38.77
N GLU K 49 -87.28 68.19 38.51
CA GLU K 49 -85.97 68.42 37.92
C GLU K 49 -85.25 69.49 38.72
N GLY K 50 -83.95 69.61 38.45
CA GLY K 50 -83.12 70.60 39.11
C GLY K 50 -82.55 71.62 38.15
N LYS K 51 -82.76 72.90 38.44
CA LYS K 51 -82.18 73.96 37.65
C LYS K 51 -80.70 74.13 38.00
N LEU K 52 -80.01 74.91 37.18
CA LEU K 52 -78.59 75.19 37.36
C LEU K 52 -78.34 76.64 37.75
N THR K 53 -79.22 77.19 38.57
CA THR K 53 -79.04 78.52 39.15
C THR K 53 -78.51 78.36 40.57
N ALA K 54 -77.37 78.97 40.85
CA ALA K 54 -76.67 78.80 42.11
C ALA K 54 -76.94 79.92 43.10
N GLU K 55 -77.91 80.79 42.83
CA GLU K 55 -78.17 81.93 43.68
C GLU K 55 -78.86 81.50 44.97
N GLY K 56 -78.31 81.94 46.10
CA GLY K 56 -78.92 81.69 47.39
C GLY K 56 -78.49 80.41 48.07
N LEU K 57 -77.67 79.58 47.45
CA LEU K 57 -77.25 78.31 48.01
C LEU K 57 -75.91 78.46 48.71
N ARG K 58 -75.63 77.51 49.62
CA ARG K 58 -74.41 77.51 50.43
C ARG K 58 -73.75 76.13 50.32
N PHE K 59 -72.45 76.13 50.02
CA PHE K 59 -71.74 74.91 49.68
C PHE K 59 -70.60 74.65 50.67
N GLY K 60 -70.10 73.41 50.62
CA GLY K 60 -68.94 73.02 51.37
C GLY K 60 -68.00 72.16 50.54
N ILE K 61 -66.69 72.42 50.65
CA ILE K 61 -65.67 71.70 49.91
C ILE K 61 -64.68 71.10 50.89
N VAL K 62 -64.29 69.85 50.63
CA VAL K 62 -63.29 69.14 51.43
C VAL K 62 -62.24 68.61 50.46
N ALA K 63 -61.01 69.09 50.60
CA ALA K 63 -59.94 68.77 49.67
C ALA K 63 -58.72 68.26 50.42
N SER K 64 -58.04 67.29 49.83
CA SER K 64 -56.82 66.74 50.41
C SER K 64 -55.60 67.41 49.81
N ARG K 65 -54.46 67.22 50.47
CA ARG K 65 -53.22 67.85 50.07
C ARG K 65 -52.35 66.97 49.19
N PHE K 66 -52.63 65.67 49.12
CA PHE K 66 -51.79 64.74 48.38
C PHE K 66 -51.54 65.21 46.95
N ASN K 67 -50.49 64.69 46.34
CA ASN K 67 -50.08 65.05 44.98
C ASN K 67 -49.78 66.53 44.84
N HIS K 68 -49.49 67.20 45.95
CA HIS K 68 -48.93 68.55 45.89
C HIS K 68 -49.91 69.57 45.31
N ALA K 69 -49.76 69.92 44.03
CA ALA K 69 -50.46 71.05 43.45
C ALA K 69 -51.65 70.66 42.58
N LEU K 70 -51.83 69.37 42.29
CA LEU K 70 -52.91 68.98 41.38
C LEU K 70 -54.28 69.28 42.00
N VAL K 71 -54.39 69.17 43.32
CA VAL K 71 -55.66 69.46 43.98
C VAL K 71 -56.00 70.93 43.85
N ASP K 72 -54.99 71.80 43.92
CA ASP K 72 -55.23 73.23 43.77
C ASP K 72 -55.89 73.54 42.44
N ARG K 73 -55.54 72.79 41.40
CA ARG K 73 -56.21 72.93 40.11
C ARG K 73 -57.67 72.53 40.20
N LEU K 74 -57.96 71.45 40.92
CA LEU K 74 -59.34 70.99 41.05
C LEU K 74 -60.17 71.95 41.90
N VAL K 75 -59.60 72.45 42.98
CA VAL K 75 -60.34 73.38 43.83
C VAL K 75 -60.63 74.68 43.09
N GLU K 76 -59.71 75.11 42.22
CA GLU K 76 -59.94 76.32 41.44
C GLU K 76 -61.13 76.13 40.51
N GLY K 77 -61.24 74.97 39.88
CA GLY K 77 -62.37 74.71 38.99
C GLY K 77 -63.70 74.70 39.73
N ALA K 78 -63.71 74.19 40.95
CA ALA K 78 -64.96 74.11 41.71
C ALA K 78 -65.52 75.50 42.00
N ILE K 79 -64.66 76.41 42.44
CA ILE K 79 -65.13 77.75 42.78
C ILE K 79 -65.56 78.50 41.53
N ASP K 80 -64.87 78.29 40.41
CA ASP K 80 -65.24 78.95 39.18
C ASP K 80 -66.67 78.57 38.76
N CYS K 81 -67.04 77.31 38.96
CA CYS K 81 -68.39 76.88 38.62
C CYS K 81 -69.43 77.59 39.46
N ILE K 82 -69.18 77.74 40.77
CA ILE K 82 -70.17 78.31 41.66
C ILE K 82 -70.35 79.80 41.40
N VAL K 83 -69.25 80.52 41.17
CA VAL K 83 -69.33 81.96 40.98
C VAL K 83 -70.00 82.30 39.67
N ARG K 84 -69.67 81.56 38.60
CA ARG K 84 -70.18 81.89 37.28
C ARG K 84 -71.62 81.47 37.07
N HIS K 85 -72.15 80.58 37.90
CA HIS K 85 -73.54 80.18 37.81
C HIS K 85 -74.45 81.01 38.71
N GLY K 86 -73.91 82.03 39.37
CA GLY K 86 -74.71 82.95 40.18
C GLY K 86 -74.41 82.93 41.66
N GLY K 87 -73.55 82.06 42.15
CA GLY K 87 -73.27 81.99 43.56
C GLY K 87 -72.31 83.06 44.03
N ARG K 88 -72.21 83.18 45.34
CA ARG K 88 -71.36 84.17 45.99
C ARG K 88 -70.23 83.46 46.74
N GLU K 89 -69.02 84.00 46.64
CA GLU K 89 -67.86 83.39 47.26
C GLU K 89 -67.85 83.49 48.78
N GLU K 90 -68.72 84.31 49.35
CA GLU K 90 -68.87 84.36 50.80
C GLU K 90 -69.65 83.18 51.36
N ASP K 91 -70.23 82.35 50.49
CA ASP K 91 -71.08 81.23 50.91
C ASP K 91 -70.40 79.88 50.76
N ILE K 92 -69.08 79.85 50.56
CA ILE K 92 -68.33 78.61 50.44
C ILE K 92 -67.51 78.43 51.71
N THR K 93 -67.34 77.17 52.11
CA THR K 93 -66.51 76.82 53.26
C THR K 93 -65.51 75.77 52.82
N LEU K 94 -64.23 76.03 53.03
CA LEU K 94 -63.15 75.16 52.60
C LEU K 94 -62.50 74.50 53.80
N VAL K 95 -62.37 73.17 53.75
CA VAL K 95 -61.72 72.37 54.78
C VAL K 95 -60.65 71.54 54.10
N ARG K 96 -59.44 71.53 54.66
CA ARG K 96 -58.30 70.83 54.09
C ARG K 96 -57.85 69.72 55.02
N VAL K 97 -57.62 68.54 54.45
CA VAL K 97 -57.25 67.36 55.23
C VAL K 97 -55.93 66.80 54.70
N PRO K 98 -55.19 66.01 55.50
CA PRO K 98 -53.86 65.57 55.04
C PRO K 98 -53.88 64.61 53.88
N GLY K 99 -54.75 63.61 53.90
CA GLY K 99 -54.76 62.59 52.86
C GLY K 99 -56.17 62.16 52.51
N SER K 100 -56.25 61.24 51.55
CA SER K 100 -57.55 60.77 51.09
C SER K 100 -58.27 59.97 52.17
N TRP K 101 -57.50 59.25 52.99
CA TRP K 101 -58.11 58.45 54.06
C TRP K 101 -58.90 59.30 55.03
N GLU K 102 -58.63 60.60 55.12
CA GLU K 102 -59.26 61.47 56.09
C GLU K 102 -60.48 62.21 55.56
N ILE K 103 -60.83 62.04 54.30
CA ILE K 103 -61.93 62.82 53.70
C ILE K 103 -63.27 62.47 54.33
N PRO K 104 -63.63 61.19 54.50
CA PRO K 104 -64.97 60.89 55.03
C PRO K 104 -65.26 61.46 56.41
N VAL K 105 -64.30 61.43 57.34
CA VAL K 105 -64.57 61.92 58.68
C VAL K 105 -64.73 63.45 58.68
N ALA K 106 -63.94 64.14 57.86
CA ALA K 106 -64.09 65.59 57.76
C ALA K 106 -65.39 65.96 57.09
N ALA K 107 -65.82 65.18 56.09
CA ALA K 107 -67.07 65.47 55.40
C ALA K 107 -68.26 65.34 56.34
N GLY K 108 -68.25 64.34 57.22
CA GLY K 108 -69.36 64.15 58.13
C GLY K 108 -69.57 65.33 59.05
N GLU K 109 -68.49 65.90 59.57
CA GLU K 109 -68.60 67.07 60.42
C GLU K 109 -69.20 68.25 59.66
N LEU K 110 -68.78 68.44 58.41
CA LEU K 110 -69.22 69.57 57.60
C LEU K 110 -70.65 69.42 57.10
N ALA K 111 -71.16 68.19 57.01
CA ALA K 111 -72.50 67.92 56.52
C ALA K 111 -73.53 67.81 57.63
N ARG K 112 -73.15 68.06 58.88
CA ARG K 112 -74.05 67.96 60.01
C ARG K 112 -74.52 69.32 60.51
N LYS K 113 -74.19 70.40 59.81
CA LYS K 113 -74.61 71.74 60.18
C LYS K 113 -75.67 72.23 59.19
N GLU K 114 -76.68 72.92 59.72
CA GLU K 114 -77.88 73.23 58.96
C GLU K 114 -77.64 74.28 57.88
N ASP K 115 -76.55 75.03 57.97
CA ASP K 115 -76.30 76.09 56.99
C ASP K 115 -75.80 75.53 55.66
N ILE K 116 -75.27 74.32 55.64
CA ILE K 116 -74.72 73.73 54.42
C ILE K 116 -75.82 73.01 53.67
N ASP K 117 -75.82 73.16 52.34
CA ASP K 117 -76.80 72.52 51.48
C ASP K 117 -76.25 71.32 50.72
N ALA K 118 -74.98 71.37 50.31
CA ALA K 118 -74.35 70.23 49.66
C ALA K 118 -72.85 70.28 49.92
N VAL K 119 -72.22 69.12 49.82
CA VAL K 119 -70.79 68.95 50.11
C VAL K 119 -70.11 68.35 48.89
N ILE K 120 -68.90 68.82 48.59
CA ILE K 120 -68.11 68.36 47.44
C ILE K 120 -66.79 67.82 47.96
N ALA K 121 -66.42 66.63 47.50
CA ALA K 121 -65.20 65.96 47.93
C ALA K 121 -64.23 65.87 46.77
N ILE K 122 -62.99 66.31 46.98
CA ILE K 122 -61.97 66.37 45.95
C ILE K 122 -60.69 65.76 46.49
N GLY K 123 -59.98 65.03 45.64
CA GLY K 123 -58.72 64.44 46.06
C GLY K 123 -58.08 63.67 44.94
N VAL K 124 -56.87 63.18 45.21
CA VAL K 124 -56.09 62.40 44.26
C VAL K 124 -55.65 61.11 44.96
N LEU K 125 -55.80 59.99 44.27
CA LEU K 125 -55.41 58.68 44.78
C LEU K 125 -54.20 58.16 44.02
N ILE K 126 -53.46 57.27 44.67
CA ILE K 126 -52.24 56.70 44.11
C ILE K 126 -52.56 55.30 43.60
N ARG K 127 -51.81 54.87 42.58
CA ARG K 127 -52.00 53.58 41.93
C ARG K 127 -50.71 52.79 41.91
N GLY K 128 -50.06 52.70 43.07
CA GLY K 128 -48.78 52.02 43.18
C GLY K 128 -48.83 50.51 43.13
N ALA K 129 -50.02 49.93 42.93
CA ALA K 129 -50.18 48.48 42.84
C ALA K 129 -49.68 47.79 44.11
N THR K 130 -50.08 48.34 45.24
CA THR K 130 -49.72 47.82 46.56
C THR K 130 -50.97 47.66 47.40
N PRO K 131 -50.99 46.67 48.30
CA PRO K 131 -52.15 46.54 49.20
C PRO K 131 -52.38 47.78 50.05
N HIS K 132 -51.33 48.55 50.34
CA HIS K 132 -51.49 49.74 51.17
C HIS K 132 -52.44 50.74 50.51
N PHE K 133 -52.31 50.92 49.20
CA PHE K 133 -53.17 51.87 48.48
C PHE K 133 -54.47 51.25 48.01
N ASP K 134 -54.48 49.96 47.70
CA ASP K 134 -55.69 49.33 47.18
C ASP K 134 -56.80 49.32 48.24
N TYR K 135 -56.43 49.12 49.50
CA TYR K 135 -57.43 49.09 50.56
C TYR K 135 -57.90 50.50 50.90
N ILE K 136 -56.99 51.48 50.90
CA ILE K 136 -57.39 52.85 51.19
C ILE K 136 -58.38 53.35 50.15
N ALA K 137 -58.19 52.95 48.88
CA ALA K 137 -59.06 53.46 47.82
C ALA K 137 -60.50 53.05 48.04
N SER K 138 -60.73 51.80 48.43
CA SER K 138 -62.10 51.31 48.57
C SER K 138 -62.85 52.02 49.68
N GLU K 139 -62.17 52.31 50.79
CA GLU K 139 -62.86 52.84 51.96
C GLU K 139 -63.30 54.28 51.75
N VAL K 140 -62.59 55.04 50.92
CA VAL K 140 -63.00 56.42 50.67
C VAL K 140 -64.36 56.47 50.03
N SER K 141 -64.62 55.59 49.05
CA SER K 141 -65.89 55.60 48.35
C SER K 141 -67.03 55.12 49.24
N LYS K 142 -66.80 54.07 50.02
CA LYS K 142 -67.88 53.51 50.83
C LYS K 142 -68.32 54.48 51.92
N GLY K 143 -67.39 55.20 52.53
CA GLY K 143 -67.76 56.11 53.60
C GLY K 143 -68.62 57.26 53.11
N LEU K 144 -68.25 57.87 51.99
CA LEU K 144 -69.04 58.97 51.45
C LEU K 144 -70.41 58.51 50.98
N ALA K 145 -70.52 57.28 50.50
CA ALA K 145 -71.81 56.75 50.08
C ALA K 145 -72.75 56.56 51.26
N ASN K 146 -72.25 55.96 52.34
CA ASN K 146 -73.08 55.73 53.52
C ASN K 146 -73.49 57.05 54.17
N LEU K 147 -72.59 58.02 54.19
CA LEU K 147 -72.84 59.26 54.91
C LEU K 147 -73.98 60.06 54.27
N SER K 148 -74.11 59.99 52.95
CA SER K 148 -75.18 60.70 52.28
C SER K 148 -76.54 60.07 52.57
N LEU K 149 -76.58 58.75 52.74
CA LEU K 149 -77.83 58.08 53.07
C LEU K 149 -78.21 58.27 54.54
N GLU K 150 -77.23 58.29 55.44
CA GLU K 150 -77.53 58.48 56.85
C GLU K 150 -78.09 59.87 57.12
N LEU K 151 -77.48 60.90 56.54
CA LEU K 151 -77.85 62.28 56.83
C LEU K 151 -78.84 62.87 55.83
N ARG K 152 -79.12 62.17 54.73
CA ARG K 152 -80.07 62.64 53.73
C ARG K 152 -79.64 64.00 53.15
N LYS K 153 -78.37 64.09 52.76
CA LYS K 153 -77.81 65.28 52.15
C LYS K 153 -76.94 64.85 50.98
N PRO K 154 -76.97 65.59 49.86
CA PRO K 154 -76.17 65.19 48.69
C PRO K 154 -74.68 65.47 48.88
N ILE K 155 -73.87 64.45 48.60
CA ILE K 155 -72.41 64.54 48.65
C ILE K 155 -71.87 64.01 47.32
N THR K 156 -71.01 64.80 46.68
CA THR K 156 -70.55 64.52 45.34
C THR K 156 -69.11 64.01 45.36
N PHE K 157 -68.80 63.14 44.40
CA PHE K 157 -67.54 62.42 44.34
C PHE K 157 -66.68 63.02 43.25
N GLY K 158 -65.53 63.57 43.64
CA GLY K 158 -64.62 64.17 42.69
C GLY K 158 -63.18 63.72 42.85
N VAL K 159 -62.98 62.45 43.18
CA VAL K 159 -61.65 61.90 43.43
C VAL K 159 -61.14 61.26 42.15
N ILE K 160 -59.93 61.64 41.73
CA ILE K 160 -59.30 61.09 40.54
C ILE K 160 -58.11 60.24 40.96
N THR K 161 -57.48 59.60 39.98
CA THR K 161 -56.32 58.76 40.19
C THR K 161 -55.12 59.36 39.47
N ALA K 162 -53.95 59.23 40.09
CA ALA K 162 -52.70 59.71 39.52
C ALA K 162 -52.77 61.21 39.25
N GLY L 15 -85.92 42.63 24.63
CA GLY L 15 -86.55 43.80 25.24
C GLY L 15 -85.54 44.73 25.88
N ASN L 16 -86.04 45.56 26.80
CA ASN L 16 -85.22 46.53 27.52
C ASN L 16 -85.49 46.43 29.00
N LYS L 17 -84.45 46.72 29.80
CA LYS L 17 -84.57 46.61 31.24
C LYS L 17 -85.60 47.57 31.82
N GLY L 18 -86.00 48.59 31.07
CA GLY L 18 -87.07 49.44 31.53
C GLY L 18 -88.38 48.68 31.67
N TRP L 19 -88.69 47.83 30.70
CA TRP L 19 -89.89 47.01 30.76
C TRP L 19 -89.79 45.96 31.86
N GLU L 20 -88.62 45.32 31.98
CA GLU L 20 -88.45 44.27 32.98
C GLU L 20 -88.54 44.84 34.38
N ALA L 21 -87.95 46.02 34.61
CA ALA L 21 -87.95 46.59 35.94
C ALA L 21 -89.34 47.02 36.38
N ALA L 22 -90.20 47.41 35.44
CA ALA L 22 -91.56 47.78 35.79
C ALA L 22 -92.44 46.56 36.06
N LEU L 23 -92.18 45.45 35.36
CA LEU L 23 -92.91 44.22 35.65
C LEU L 23 -92.64 43.73 37.08
N SER L 24 -91.38 43.74 37.49
CA SER L 24 -91.05 43.29 38.83
C SER L 24 -91.70 44.16 39.88
N ALA L 25 -91.71 45.48 39.66
CA ALA L 25 -92.31 46.39 40.62
C ALA L 25 -93.81 46.16 40.74
N ILE L 26 -94.49 45.88 39.63
CA ILE L 26 -95.93 45.67 39.70
C ILE L 26 -96.26 44.42 40.49
N GLU L 27 -95.45 43.37 40.35
CA GLU L 27 -95.74 42.12 41.02
C GLU L 27 -95.45 42.20 42.52
N MET L 28 -94.36 42.85 42.90
CA MET L 28 -94.04 42.99 44.33
C MET L 28 -95.03 43.91 45.04
N ALA L 29 -95.55 44.92 44.34
CA ALA L 29 -96.53 45.80 44.96
C ALA L 29 -97.81 45.03 45.29
N ASN L 30 -98.19 44.07 44.44
CA ASN L 30 -99.36 43.26 44.72
C ASN L 30 -99.09 42.21 45.80
N LEU L 31 -97.87 41.68 45.84
CA LEU L 31 -97.54 40.68 46.84
C LEU L 31 -97.58 41.25 48.25
N PHE L 32 -97.15 42.50 48.42
CA PHE L 32 -97.13 43.09 49.76
C PHE L 32 -98.51 43.47 50.26
N LYS L 33 -99.50 43.58 49.37
CA LYS L 33 -100.86 43.84 49.83
C LYS L 33 -101.48 42.59 50.45
N SER L 34 -101.28 41.44 49.81
CA SER L 34 -101.86 40.20 50.34
C SER L 34 -101.09 39.69 51.54
N LEU L 35 -99.77 39.91 51.56
CA LEU L 35 -98.95 39.43 52.67
C LEU L 35 -99.20 40.23 53.95
N ARG L 36 -99.68 41.46 53.83
CA ARG L 36 -100.00 42.30 54.97
C ARG L 36 -101.47 42.27 55.36
N GLY L 37 -102.28 41.46 54.68
CA GLY L 37 -103.68 41.32 54.99
C GLY L 37 -103.95 40.12 55.88
N THR L 38 -105.21 39.72 55.93
CA THR L 38 -105.60 38.55 56.72
C THR L 38 -105.03 37.28 56.10
N GLY L 39 -104.57 36.37 56.97
CA GLY L 39 -104.02 35.11 56.50
C GLY L 39 -105.09 34.09 56.17
N GLY L 40 -104.65 32.96 55.63
CA GLY L 40 -105.56 31.90 55.29
C GLY L 40 -106.17 31.25 56.51
N SER L 41 -107.39 30.74 56.35
CA SER L 41 -108.08 30.09 57.45
C SER L 41 -107.34 28.84 57.89
N GLY L 42 -106.86 28.04 56.95
CA GLY L 42 -106.16 26.82 57.23
C GLY L 42 -106.59 25.73 56.27
N SER L 43 -106.32 24.48 56.66
CA SER L 43 -106.69 23.27 55.94
C SER L 43 -105.81 23.01 54.74
N SER L 44 -104.77 23.82 54.49
CA SER L 44 -103.87 23.59 53.38
C SER L 44 -102.67 24.52 53.53
N MET L 45 -101.64 24.24 52.75
CA MET L 45 -100.47 25.12 52.71
C MET L 45 -100.86 26.47 52.09
N GLU L 46 -100.32 27.54 52.65
CA GLU L 46 -100.62 28.89 52.21
C GLU L 46 -99.59 29.35 51.19
N ILE L 47 -100.05 29.81 50.03
CA ILE L 47 -99.18 30.29 48.96
C ILE L 47 -99.57 31.73 48.66
N TYR L 48 -98.56 32.60 48.60
CA TYR L 48 -98.73 34.00 48.27
C TYR L 48 -98.06 34.29 46.93
N GLU L 49 -98.80 34.91 46.03
CA GLU L 49 -98.31 35.25 44.70
C GLU L 49 -98.80 36.64 44.33
N GLY L 50 -98.13 37.25 43.35
CA GLY L 50 -98.47 38.58 42.89
C GLY L 50 -99.07 38.54 41.50
N LYS L 51 -100.23 39.19 41.36
CA LYS L 51 -100.88 39.32 40.07
C LYS L 51 -100.26 40.46 39.27
N LEU L 52 -100.43 40.38 37.95
CA LEU L 52 -99.92 41.41 37.04
C LEU L 52 -101.04 42.37 36.64
N THR L 53 -101.58 43.05 37.65
CA THR L 53 -102.59 44.09 37.46
C THR L 53 -102.16 45.31 38.24
N ALA L 54 -102.23 46.48 37.61
CA ALA L 54 -101.70 47.72 38.17
C ALA L 54 -102.78 48.77 38.31
N GLU L 55 -103.96 48.37 38.80
CA GLU L 55 -105.09 49.27 38.95
C GLU L 55 -105.16 49.73 40.41
N GLY L 56 -104.87 51.00 40.65
CA GLY L 56 -104.91 51.57 41.97
C GLY L 56 -103.59 51.66 42.70
N LEU L 57 -102.47 51.50 42.00
CA LEU L 57 -101.15 51.53 42.61
C LEU L 57 -100.37 52.75 42.14
N ARG L 58 -99.54 53.29 43.03
CA ARG L 58 -98.68 54.43 42.73
C ARG L 58 -97.24 53.96 42.57
N PHE L 59 -96.50 54.67 41.71
CA PHE L 59 -95.13 54.31 41.40
C PHE L 59 -94.25 55.54 41.37
N GLY L 60 -92.97 55.35 41.64
CA GLY L 60 -91.97 56.38 41.45
C GLY L 60 -90.81 55.85 40.64
N ILE L 61 -90.22 56.73 39.85
CA ILE L 61 -89.12 56.38 38.95
C ILE L 61 -87.98 57.36 39.17
N VAL L 62 -86.77 56.84 39.32
CA VAL L 62 -85.55 57.64 39.42
C VAL L 62 -84.65 57.23 38.27
N ALA L 63 -84.34 58.19 37.39
CA ALA L 63 -83.54 57.94 36.21
C ALA L 63 -82.45 58.99 36.08
N SER L 64 -81.24 58.55 35.79
CA SER L 64 -80.12 59.45 35.62
C SER L 64 -80.16 60.08 34.23
N ARG L 65 -79.14 60.87 33.91
CA ARG L 65 -79.11 61.65 32.69
C ARG L 65 -77.98 61.26 31.74
N PHE L 66 -76.86 60.77 32.25
CA PHE L 66 -75.74 60.43 31.38
C PHE L 66 -76.19 59.44 30.33
N ASN L 67 -75.50 59.45 29.19
CA ASN L 67 -75.90 58.70 28.01
C ASN L 67 -77.32 59.12 27.59
N HIS L 68 -77.39 60.38 27.20
CA HIS L 68 -78.66 61.06 26.90
C HIS L 68 -79.67 60.19 26.16
N ALA L 69 -79.22 59.51 25.11
CA ALA L 69 -80.17 58.78 24.27
C ALA L 69 -80.71 57.53 24.95
N LEU L 70 -79.83 56.74 25.58
CA LEU L 70 -80.26 55.44 26.10
C LEU L 70 -81.32 55.58 27.17
N VAL L 71 -81.07 56.40 28.19
CA VAL L 71 -81.94 56.41 29.36
C VAL L 71 -83.34 56.85 28.99
N ASP L 72 -83.48 57.67 27.95
CA ASP L 72 -84.81 58.10 27.54
C ASP L 72 -85.64 56.94 26.99
N ARG L 73 -84.98 55.98 26.33
CA ARG L 73 -85.69 54.81 25.85
C ARG L 73 -86.14 53.93 27.02
N LEU L 74 -85.30 53.80 28.04
CA LEU L 74 -85.66 52.98 29.19
C LEU L 74 -86.86 53.56 29.95
N VAL L 75 -86.90 54.88 30.10
CA VAL L 75 -88.00 55.49 30.84
C VAL L 75 -89.31 55.34 30.09
N GLU L 76 -89.28 55.42 28.76
CA GLU L 76 -90.49 55.21 27.97
C GLU L 76 -90.99 53.78 28.12
N GLY L 77 -90.08 52.81 28.15
CA GLY L 77 -90.49 51.43 28.37
C GLY L 77 -91.20 51.23 29.68
N ALA L 78 -90.70 51.83 30.76
CA ALA L 78 -91.31 51.63 32.06
C ALA L 78 -92.72 52.22 32.12
N ILE L 79 -92.92 53.40 31.53
CA ILE L 79 -94.24 54.02 31.56
C ILE L 79 -95.23 53.24 30.72
N ASP L 80 -94.76 52.71 29.58
CA ASP L 80 -95.64 51.93 28.71
C ASP L 80 -96.14 50.68 29.43
N CYS L 81 -95.25 50.03 30.19
CA CYS L 81 -95.65 48.82 30.91
C CYS L 81 -96.76 49.11 31.91
N ILE L 82 -96.64 50.20 32.67
CA ILE L 82 -97.61 50.47 33.73
C ILE L 82 -98.97 50.81 33.11
N VAL L 83 -98.98 51.65 32.08
CA VAL L 83 -100.24 52.13 31.53
C VAL L 83 -101.00 51.01 30.86
N ARG L 84 -100.30 50.09 30.20
CA ARG L 84 -100.95 49.00 29.49
C ARG L 84 -101.39 47.87 30.40
N HIS L 85 -101.03 47.90 31.68
CA HIS L 85 -101.51 46.91 32.65
C HIS L 85 -102.65 47.44 33.50
N GLY L 86 -103.12 48.66 33.25
CA GLY L 86 -104.24 49.23 33.97
C GLY L 86 -103.90 50.44 34.81
N GLY L 87 -102.64 50.84 34.88
CA GLY L 87 -102.27 51.99 35.67
C GLY L 87 -102.66 53.29 35.01
N ARG L 88 -102.59 54.36 35.80
CA ARG L 88 -102.91 55.71 35.35
C ARG L 88 -101.64 56.54 35.31
N GLU L 89 -101.48 57.32 34.25
CA GLU L 89 -100.31 58.18 34.13
C GLU L 89 -100.28 59.26 35.20
N GLU L 90 -101.43 59.54 35.84
CA GLU L 90 -101.48 60.51 36.90
C GLU L 90 -100.88 59.99 38.20
N ASP L 91 -100.67 58.68 38.30
CA ASP L 91 -100.13 58.06 39.52
C ASP L 91 -98.68 57.61 39.34
N ILE L 92 -97.90 58.40 38.60
CA ILE L 92 -96.47 58.14 38.41
C ILE L 92 -95.71 59.41 38.75
N THR L 93 -94.63 59.27 39.51
CA THR L 93 -93.73 60.37 39.84
C THR L 93 -92.37 60.10 39.21
N LEU L 94 -91.78 61.11 38.60
CA LEU L 94 -90.50 60.99 37.91
C LEU L 94 -89.52 62.01 38.46
N VAL L 95 -88.32 61.54 38.80
CA VAL L 95 -87.25 62.37 39.33
C VAL L 95 -86.00 62.13 38.51
N ARG L 96 -85.38 63.21 38.04
CA ARG L 96 -84.16 63.15 37.25
C ARG L 96 -82.97 63.57 38.10
N VAL L 97 -81.84 62.89 37.90
CA VAL L 97 -80.60 63.18 38.64
C VAL L 97 -79.45 63.25 37.65
N PRO L 98 -78.36 63.92 38.03
CA PRO L 98 -77.24 64.07 37.07
C PRO L 98 -76.60 62.76 36.65
N GLY L 99 -76.23 61.91 37.59
CA GLY L 99 -75.50 60.70 37.28
C GLY L 99 -75.90 59.51 38.12
N SER L 100 -75.18 58.39 37.94
CA SER L 100 -75.50 57.19 38.68
C SER L 100 -75.18 57.33 40.16
N TRP L 101 -74.13 58.09 40.49
CA TRP L 101 -73.76 58.28 41.89
C TRP L 101 -74.90 58.85 42.71
N GLU L 102 -75.79 59.62 42.09
CA GLU L 102 -76.85 60.31 42.81
C GLU L 102 -78.14 59.50 42.92
N ILE L 103 -78.25 58.34 42.27
CA ILE L 103 -79.50 57.59 42.29
C ILE L 103 -79.90 57.17 43.71
N PRO L 104 -79.03 56.56 44.51
CA PRO L 104 -79.48 56.06 45.83
C PRO L 104 -80.03 57.14 46.75
N VAL L 105 -79.44 58.33 46.73
CA VAL L 105 -79.88 59.38 47.66
C VAL L 105 -81.28 59.85 47.30
N ALA L 106 -81.57 59.99 46.00
CA ALA L 106 -82.89 60.42 45.59
C ALA L 106 -83.93 59.33 45.84
N ALA L 107 -83.55 58.07 45.67
CA ALA L 107 -84.48 56.97 45.92
C ALA L 107 -84.96 56.96 47.36
N GLY L 108 -84.11 57.38 48.31
CA GLY L 108 -84.52 57.42 49.69
C GLY L 108 -85.66 58.38 49.94
N GLU L 109 -85.62 59.55 49.30
CA GLU L 109 -86.69 60.53 49.48
C GLU L 109 -88.02 60.01 48.97
N LEU L 110 -88.03 59.38 47.79
CA LEU L 110 -89.27 58.85 47.25
C LEU L 110 -89.82 57.72 48.11
N ALA L 111 -88.93 56.83 48.58
CA ALA L 111 -89.37 55.67 49.34
C ALA L 111 -89.99 56.05 50.68
N ARG L 112 -89.65 57.21 51.22
CA ARG L 112 -90.14 57.63 52.52
C ARG L 112 -91.51 58.29 52.46
N LYS L 113 -92.06 58.49 51.26
CA LYS L 113 -93.41 59.00 51.14
C LYS L 113 -94.42 57.89 51.38
N GLU L 114 -95.59 58.26 51.88
CA GLU L 114 -96.62 57.30 52.26
C GLU L 114 -97.62 57.02 51.14
N ASP L 115 -97.44 57.60 49.96
CA ASP L 115 -98.33 57.37 48.83
C ASP L 115 -97.63 56.72 47.66
N ILE L 116 -96.52 56.02 47.90
CA ILE L 116 -95.78 55.32 46.86
C ILE L 116 -95.64 53.86 47.28
N ASP L 117 -95.94 52.95 46.35
CA ASP L 117 -95.92 51.52 46.63
C ASP L 117 -94.63 50.83 46.19
N ALA L 118 -93.95 51.35 45.19
CA ALA L 118 -92.68 50.78 44.76
C ALA L 118 -91.90 51.84 43.99
N VAL L 119 -90.60 51.61 43.87
CA VAL L 119 -89.68 52.53 43.22
C VAL L 119 -88.88 51.76 42.17
N ILE L 120 -88.64 52.39 41.02
CA ILE L 120 -87.89 51.82 39.93
C ILE L 120 -86.68 52.71 39.66
N ALA L 121 -85.49 52.11 39.65
CA ALA L 121 -84.23 52.83 39.45
C ALA L 121 -83.64 52.47 38.10
N ILE L 122 -83.36 53.49 37.29
CA ILE L 122 -82.84 53.33 35.94
C ILE L 122 -81.59 54.17 35.78
N GLY L 123 -80.66 53.70 34.96
CA GLY L 123 -79.42 54.40 34.74
C GLY L 123 -78.48 53.57 33.91
N VAL L 124 -77.37 54.21 33.51
CA VAL L 124 -76.35 53.59 32.68
C VAL L 124 -75.01 53.77 33.36
N LEU L 125 -74.29 52.68 33.56
CA LEU L 125 -72.94 52.69 34.10
C LEU L 125 -71.95 52.62 32.95
N ILE L 126 -70.92 53.47 32.99
CA ILE L 126 -70.00 53.62 31.87
C ILE L 126 -68.66 52.98 32.20
N ARG L 127 -68.69 51.94 33.02
CA ARG L 127 -67.47 51.19 33.31
C ARG L 127 -66.81 50.73 32.02
N GLY L 128 -65.49 50.56 32.08
CA GLY L 128 -64.71 50.19 30.93
C GLY L 128 -63.33 50.81 30.90
N ALA L 129 -63.16 51.91 31.63
CA ALA L 129 -61.88 52.60 31.74
C ALA L 129 -62.02 53.65 32.82
N THR L 130 -60.97 54.45 33.00
CA THR L 130 -61.01 55.57 33.94
C THR L 130 -61.43 55.08 35.33
N PRO L 131 -60.50 54.48 36.12
CA PRO L 131 -60.88 53.87 37.40
C PRO L 131 -61.75 54.74 38.31
N HIS L 132 -61.86 56.03 38.01
CA HIS L 132 -62.83 56.88 38.70
C HIS L 132 -64.22 56.27 38.66
N PHE L 133 -64.59 55.64 37.53
CA PHE L 133 -65.92 55.08 37.35
C PHE L 133 -66.06 53.65 37.83
N ASP L 134 -64.95 52.98 38.17
CA ASP L 134 -65.05 51.62 38.68
C ASP L 134 -65.53 51.58 40.13
N TYR L 135 -65.25 52.63 40.90
CA TYR L 135 -65.73 52.71 42.28
C TYR L 135 -67.20 53.08 42.35
N ILE L 136 -67.67 53.92 41.44
CA ILE L 136 -69.07 54.33 41.45
C ILE L 136 -69.97 53.12 41.21
N ALA L 137 -69.52 52.19 40.36
CA ALA L 137 -70.37 51.06 40.00
C ALA L 137 -70.74 50.23 41.22
N SER L 138 -69.78 49.97 42.11
CA SER L 138 -70.03 49.10 43.24
C SER L 138 -70.91 49.74 44.30
N GLU L 139 -70.99 51.06 44.34
CA GLU L 139 -71.71 51.73 45.42
C GLU L 139 -73.19 51.92 45.13
N VAL L 140 -73.60 51.89 43.86
CA VAL L 140 -75.01 52.08 43.54
C VAL L 140 -75.82 50.88 43.97
N SER L 141 -75.31 49.67 43.73
CA SER L 141 -76.00 48.46 44.14
C SER L 141 -76.12 48.37 45.66
N LYS L 142 -75.04 48.69 46.37
CA LYS L 142 -75.04 48.61 47.83
C LYS L 142 -76.10 49.51 48.42
N GLY L 143 -76.18 50.75 47.94
CA GLY L 143 -77.13 51.69 48.51
C GLY L 143 -78.57 51.28 48.27
N LEU L 144 -78.89 50.82 47.06
CA LEU L 144 -80.27 50.44 46.75
C LEU L 144 -80.68 49.22 47.56
N ALA L 145 -79.77 48.26 47.75
CA ALA L 145 -80.12 47.06 48.51
C ALA L 145 -80.42 47.39 49.97
N ASN L 146 -79.60 48.24 50.59
CA ASN L 146 -79.81 48.57 51.99
C ASN L 146 -81.10 49.36 52.19
N LEU L 147 -81.42 50.26 51.28
CA LEU L 147 -82.63 51.05 51.41
C LEU L 147 -83.87 50.18 51.42
N SER L 148 -83.91 49.17 50.55
CA SER L 148 -85.08 48.30 50.47
C SER L 148 -85.30 47.58 51.79
N LEU L 149 -84.23 47.07 52.41
CA LEU L 149 -84.36 46.37 53.67
C LEU L 149 -84.69 47.32 54.82
N GLU L 150 -84.10 48.52 54.80
CA GLU L 150 -84.33 49.47 55.89
C GLU L 150 -85.76 50.00 55.89
N LEU L 151 -86.25 50.42 54.73
CA LEU L 151 -87.58 51.03 54.63
C LEU L 151 -88.68 50.01 54.44
N ARG L 152 -88.35 48.77 54.08
CA ARG L 152 -89.32 47.71 53.86
C ARG L 152 -90.25 48.06 52.70
N LYS L 153 -89.65 48.46 51.59
CA LYS L 153 -90.36 48.77 50.36
C LYS L 153 -89.57 48.19 49.20
N PRO L 154 -90.23 47.66 48.17
CA PRO L 154 -89.48 47.07 47.05
C PRO L 154 -88.90 48.15 46.14
N ILE L 155 -87.60 48.04 45.87
CA ILE L 155 -86.89 48.91 44.94
C ILE L 155 -86.28 48.01 43.86
N THR L 156 -86.60 48.27 42.61
CA THR L 156 -86.19 47.43 41.50
C THR L 156 -84.97 48.02 40.80
N PHE L 157 -84.11 47.13 40.31
CA PHE L 157 -82.82 47.49 39.73
C PHE L 157 -82.93 47.46 38.21
N GLY L 158 -82.77 48.63 37.58
CA GLY L 158 -82.87 48.74 36.14
C GLY L 158 -81.66 49.40 35.50
N VAL L 159 -80.46 49.05 35.95
CA VAL L 159 -79.23 49.73 35.54
C VAL L 159 -78.45 48.80 34.62
N ILE L 160 -78.06 49.32 33.45
CA ILE L 160 -77.33 48.55 32.46
C ILE L 160 -75.93 49.12 32.30
N THR L 161 -75.11 48.47 31.47
CA THR L 161 -73.71 48.84 31.26
C THR L 161 -73.47 49.07 29.78
N ALA L 162 -72.82 50.17 29.45
CA ALA L 162 -72.54 50.53 28.07
C ALA L 162 -71.16 50.04 27.64
N GLY M 15 -79.03 14.54 47.83
CA GLY M 15 -80.14 15.03 47.04
C GLY M 15 -79.89 16.41 46.48
N ASN M 16 -80.96 17.08 46.08
CA ASN M 16 -80.83 18.43 45.54
C ASN M 16 -80.67 19.43 46.67
N LYS M 17 -80.22 20.64 46.30
CA LYS M 17 -79.92 21.64 47.31
C LYS M 17 -81.16 22.15 48.03
N GLY M 18 -82.35 21.93 47.48
CA GLY M 18 -83.56 22.18 48.24
C GLY M 18 -83.69 21.21 49.41
N TRP M 19 -83.26 19.97 49.21
CA TRP M 19 -83.22 19.00 50.30
C TRP M 19 -82.14 19.37 51.32
N GLU M 20 -80.95 19.69 50.84
CA GLU M 20 -79.85 20.02 51.75
C GLU M 20 -80.17 21.25 52.58
N ALA M 21 -80.78 22.27 51.96
CA ALA M 21 -81.07 23.49 52.68
C ALA M 21 -82.12 23.27 53.77
N ALA M 22 -83.11 22.43 53.50
CA ALA M 22 -84.18 22.23 54.46
C ALA M 22 -83.71 21.49 55.71
N LEU M 23 -82.73 20.60 55.58
CA LEU M 23 -82.21 19.91 56.76
C LEU M 23 -81.58 20.88 57.74
N SER M 24 -80.77 21.81 57.26
CA SER M 24 -80.10 22.74 58.15
C SER M 24 -81.09 23.60 58.91
N ALA M 25 -82.26 23.85 58.33
CA ALA M 25 -83.29 24.62 59.04
C ALA M 25 -83.90 23.78 60.16
N ILE M 26 -84.10 22.49 59.92
CA ILE M 26 -84.63 21.61 60.96
C ILE M 26 -83.66 21.54 62.14
N GLU M 27 -82.37 21.37 61.83
CA GLU M 27 -81.38 21.23 62.89
C GLU M 27 -81.19 22.53 63.65
N MET M 28 -81.13 23.66 62.94
CA MET M 28 -80.87 24.93 63.62
C MET M 28 -82.10 25.42 64.39
N ALA M 29 -83.30 25.10 63.93
CA ALA M 29 -84.49 25.50 64.67
C ALA M 29 -84.60 24.76 65.99
N ASN M 30 -84.12 23.51 66.04
CA ASN M 30 -84.13 22.77 67.29
C ASN M 30 -83.04 23.28 68.24
N LEU M 31 -81.87 23.62 67.69
CA LEU M 31 -80.77 24.07 68.53
C LEU M 31 -81.13 25.33 69.29
N PHE M 32 -81.84 26.25 68.64
CA PHE M 32 -82.21 27.50 69.31
C PHE M 32 -83.12 27.25 70.49
N LYS M 33 -84.15 26.41 70.32
CA LYS M 33 -85.07 26.14 71.42
C LYS M 33 -84.33 25.61 72.64
N SER M 34 -83.24 24.87 72.44
CA SER M 34 -82.46 24.37 73.57
C SER M 34 -81.65 25.49 74.21
N LEU M 35 -81.06 26.37 73.41
CA LEU M 35 -80.21 27.42 73.98
C LEU M 35 -81.02 28.37 74.86
N ARG M 36 -82.20 28.78 74.39
CA ARG M 36 -83.04 29.70 75.16
C ARG M 36 -84.11 28.90 75.90
N GLY M 37 -83.66 28.15 76.89
CA GLY M 37 -84.55 27.33 77.69
C GLY M 37 -83.86 26.87 78.96
N THR M 38 -84.22 25.68 79.40
CA THR M 38 -83.62 25.12 80.61
C THR M 38 -82.17 24.73 80.36
N GLY M 39 -81.40 24.70 81.45
CA GLY M 39 -80.00 24.34 81.37
C GLY M 39 -79.79 22.84 81.27
N GLY M 40 -78.51 22.46 81.17
CA GLY M 40 -78.12 21.08 81.07
C GLY M 40 -77.96 20.42 82.42
N SER M 41 -77.27 19.27 82.40
CA SER M 41 -77.04 18.53 83.64
C SER M 41 -76.21 19.35 84.63
N GLY M 42 -75.19 20.04 84.13
CA GLY M 42 -74.33 20.85 84.96
C GLY M 42 -73.16 20.06 85.53
N SER M 43 -72.25 20.81 86.16
CA SER M 43 -71.03 20.25 86.75
C SER M 43 -70.08 19.67 85.71
N SER M 44 -70.27 20.01 84.44
CA SER M 44 -69.40 19.54 83.37
C SER M 44 -69.69 20.38 82.13
N MET M 45 -68.92 20.12 81.08
CA MET M 45 -69.09 20.83 79.82
C MET M 45 -70.48 20.58 79.25
N GLU M 46 -71.08 21.61 78.68
CA GLU M 46 -72.38 21.53 78.03
C GLU M 46 -72.18 21.48 76.52
N ILE M 47 -72.60 20.38 75.90
CA ILE M 47 -72.52 20.22 74.45
C ILE M 47 -73.93 20.34 73.89
N TYR M 48 -74.07 21.16 72.85
CA TYR M 48 -75.36 21.44 72.23
C TYR M 48 -75.39 20.89 70.81
N GLU M 49 -76.58 20.50 70.37
CA GLU M 49 -76.78 19.92 69.05
C GLU M 49 -78.27 19.80 68.81
N GLY M 50 -78.65 19.83 67.54
CA GLY M 50 -80.05 19.76 67.13
C GLY M 50 -80.35 18.41 66.51
N LYS M 51 -81.53 17.88 66.82
CA LYS M 51 -82.00 16.63 66.23
C LYS M 51 -82.77 16.92 64.95
N LEU M 52 -83.05 15.86 64.19
CA LEU M 52 -83.71 15.98 62.91
C LEU M 52 -85.20 15.68 62.98
N THR M 53 -85.83 16.07 64.08
CA THR M 53 -87.28 16.04 64.21
C THR M 53 -87.85 17.39 63.81
N ALA M 54 -89.10 17.38 63.34
CA ALA M 54 -89.70 18.61 62.84
C ALA M 54 -91.16 18.75 63.23
N GLU M 55 -91.64 17.98 64.19
CA GLU M 55 -93.02 18.10 64.64
C GLU M 55 -93.17 19.33 65.53
N GLY M 56 -94.11 20.21 65.18
CA GLY M 56 -94.36 21.41 65.93
C GLY M 56 -93.68 22.67 65.39
N LEU M 57 -92.79 22.54 64.42
CA LEU M 57 -92.06 23.67 63.88
C LEU M 57 -92.82 24.32 62.72
N ARG M 58 -92.62 25.62 62.57
CA ARG M 58 -93.19 26.39 61.48
C ARG M 58 -92.07 26.89 60.58
N PHE M 59 -92.31 26.92 59.27
CA PHE M 59 -91.29 27.22 58.28
C PHE M 59 -91.82 28.19 57.25
N GLY M 60 -90.90 28.85 56.57
CA GLY M 60 -91.22 29.72 55.45
C GLY M 60 -90.23 29.56 54.32
N ILE M 61 -90.72 29.43 53.09
CA ILE M 61 -89.88 29.23 51.91
C ILE M 61 -90.08 30.40 50.97
N VAL M 62 -88.98 30.99 50.50
CA VAL M 62 -89.00 32.08 49.52
C VAL M 62 -88.23 31.60 48.30
N ALA M 63 -88.91 31.59 47.15
CA ALA M 63 -88.35 31.03 45.92
C ALA M 63 -88.54 32.02 44.77
N SER M 64 -87.57 32.05 43.87
CA SER M 64 -87.59 32.94 42.72
C SER M 64 -88.19 32.22 41.51
N ARG M 65 -88.13 32.85 40.34
CA ARG M 65 -88.66 32.28 39.11
C ARG M 65 -87.57 32.30 38.04
N PHE M 66 -87.28 31.14 37.47
CA PHE M 66 -86.30 30.98 36.41
C PHE M 66 -86.86 29.90 35.50
N ASN M 67 -87.21 30.27 34.26
CA ASN M 67 -88.11 29.48 33.42
C ASN M 67 -89.24 28.94 34.32
N HIS M 68 -89.64 27.68 34.13
CA HIS M 68 -90.67 27.12 34.99
C HIS M 68 -90.35 25.69 35.43
N ALA M 69 -89.08 25.28 35.38
CA ALA M 69 -88.73 23.89 35.64
C ALA M 69 -87.65 23.70 36.70
N LEU M 70 -86.58 24.50 36.68
CA LEU M 70 -85.40 24.19 37.47
C LEU M 70 -85.52 24.60 38.93
N VAL M 71 -86.49 25.44 39.28
CA VAL M 71 -86.68 25.88 40.65
C VAL M 71 -87.87 25.14 41.24
N ASP M 72 -88.78 24.69 40.39
CA ASP M 72 -89.88 23.86 40.87
C ASP M 72 -89.35 22.58 41.49
N ARG M 73 -88.29 22.00 40.93
CA ARG M 73 -87.70 20.81 41.51
C ARG M 73 -87.11 21.10 42.89
N LEU M 74 -86.40 22.23 43.03
CA LEU M 74 -85.76 22.53 44.31
C LEU M 74 -86.79 22.84 45.38
N VAL M 75 -87.92 23.44 45.02
CA VAL M 75 -88.97 23.71 46.00
C VAL M 75 -89.65 22.41 46.43
N GLU M 76 -89.86 21.49 45.50
CA GLU M 76 -90.48 20.22 45.86
C GLU M 76 -89.56 19.38 46.74
N GLY M 77 -88.26 19.42 46.48
CA GLY M 77 -87.32 18.73 47.33
C GLY M 77 -87.32 19.27 48.76
N ALA M 78 -87.56 20.57 48.91
CA ALA M 78 -87.58 21.16 50.25
C ALA M 78 -88.81 20.72 51.02
N ILE M 79 -89.99 20.79 50.39
CA ILE M 79 -91.22 20.43 51.09
C ILE M 79 -91.22 18.96 51.47
N ASP M 80 -90.62 18.10 50.63
CA ASP M 80 -90.56 16.69 50.94
C ASP M 80 -89.76 16.42 52.21
N CYS M 81 -88.66 17.15 52.40
CA CYS M 81 -87.82 16.94 53.58
C CYS M 81 -88.58 17.25 54.86
N ILE M 82 -89.35 18.33 54.87
CA ILE M 82 -90.05 18.73 56.08
C ILE M 82 -91.17 17.74 56.40
N VAL M 83 -91.94 17.32 55.40
CA VAL M 83 -93.10 16.47 55.66
C VAL M 83 -92.65 15.07 56.07
N ARG M 84 -91.59 14.54 55.44
CA ARG M 84 -91.14 13.19 55.78
C ARG M 84 -90.46 13.16 57.14
N HIS M 85 -89.77 14.22 57.54
CA HIS M 85 -89.14 14.28 58.84
C HIS M 85 -90.10 14.71 59.95
N GLY M 86 -91.41 14.70 59.68
CA GLY M 86 -92.40 14.84 60.72
C GLY M 86 -93.25 16.08 60.68
N GLY M 87 -92.97 17.03 59.79
CA GLY M 87 -93.68 18.28 59.79
C GLY M 87 -95.06 18.20 59.17
N ARG M 88 -95.82 19.27 59.35
CA ARG M 88 -97.16 19.40 58.81
C ARG M 88 -97.15 20.36 57.64
N GLU M 89 -98.01 20.10 56.65
CA GLU M 89 -98.17 21.04 55.54
C GLU M 89 -98.90 22.30 55.97
N GLU M 90 -99.72 22.23 57.02
CA GLU M 90 -100.40 23.41 57.52
C GLU M 90 -99.41 24.48 57.97
N ASP M 91 -98.20 24.07 58.33
CA ASP M 91 -97.21 24.95 58.95
C ASP M 91 -96.08 25.30 58.00
N ILE M 92 -96.40 25.48 56.72
CA ILE M 92 -95.43 25.96 55.74
C ILE M 92 -96.08 27.11 54.98
N THR M 93 -95.32 28.18 54.76
CA THR M 93 -95.75 29.31 53.94
C THR M 93 -94.76 29.46 52.80
N LEU M 94 -95.28 29.54 51.57
CA LEU M 94 -94.47 29.63 50.36
C LEU M 94 -94.74 30.97 49.67
N VAL M 95 -93.67 31.68 49.31
CA VAL M 95 -93.75 32.97 48.65
C VAL M 95 -92.92 32.92 47.38
N ARG M 96 -93.49 33.41 46.27
CA ARG M 96 -92.81 33.49 44.98
C ARG M 96 -92.49 34.93 44.63
N VAL M 97 -91.29 35.18 44.12
CA VAL M 97 -90.84 36.53 43.79
C VAL M 97 -90.28 36.55 42.38
N PRO M 98 -90.26 37.71 41.73
CA PRO M 98 -89.81 37.76 40.33
C PRO M 98 -88.40 37.28 40.08
N GLY M 99 -87.46 37.55 40.97
CA GLY M 99 -86.07 37.22 40.68
C GLY M 99 -85.22 37.20 41.92
N SER M 100 -83.93 36.95 41.71
CA SER M 100 -83.00 36.82 42.84
C SER M 100 -82.86 38.12 43.60
N TRP M 101 -82.84 39.25 42.90
CA TRP M 101 -82.66 40.55 43.54
C TRP M 101 -83.75 40.85 44.57
N GLU M 102 -84.92 40.22 44.44
CA GLU M 102 -86.06 40.51 45.30
C GLU M 102 -86.15 39.59 46.51
N ILE M 103 -85.24 38.62 46.65
CA ILE M 103 -85.36 37.66 47.75
C ILE M 103 -85.18 38.35 49.11
N PRO M 104 -84.13 39.13 49.35
CA PRO M 104 -83.93 39.66 50.71
C PRO M 104 -85.08 40.48 51.25
N VAL M 105 -85.74 41.29 50.43
CA VAL M 105 -86.86 42.08 50.94
C VAL M 105 -88.03 41.17 51.30
N ALA M 106 -88.24 40.09 50.55
CA ALA M 106 -89.32 39.16 50.87
C ALA M 106 -88.97 38.30 52.07
N ALA M 107 -87.69 37.94 52.23
CA ALA M 107 -87.28 37.17 53.39
C ALA M 107 -87.45 37.96 54.67
N GLY M 108 -87.29 39.28 54.61
CA GLY M 108 -87.45 40.09 55.81
C GLY M 108 -88.85 40.04 56.37
N GLU M 109 -89.86 40.06 55.50
CA GLU M 109 -91.24 40.09 55.97
C GLU M 109 -91.58 38.82 56.76
N LEU M 110 -91.15 37.66 56.27
CA LEU M 110 -91.44 36.41 56.96
C LEU M 110 -90.68 36.31 58.27
N ALA M 111 -89.39 36.66 58.27
CA ALA M 111 -88.57 36.51 59.46
C ALA M 111 -89.05 37.38 60.61
N ARG M 112 -89.82 38.42 60.34
CA ARG M 112 -90.34 39.29 61.38
C ARG M 112 -91.64 38.77 61.99
N LYS M 113 -92.21 37.69 61.45
CA LYS M 113 -93.44 37.14 61.99
C LYS M 113 -93.12 36.29 63.22
N GLU M 114 -93.94 36.45 64.26
CA GLU M 114 -93.68 35.77 65.53
C GLU M 114 -93.85 34.26 65.43
N ASP M 115 -94.53 33.76 64.41
CA ASP M 115 -94.87 32.35 64.29
C ASP M 115 -94.09 31.64 63.18
N ILE M 116 -92.84 32.04 62.96
CA ILE M 116 -91.95 31.38 62.02
C ILE M 116 -90.62 31.15 62.72
N ASP M 117 -90.06 29.95 62.54
CA ASP M 117 -88.87 29.53 63.26
C ASP M 117 -87.61 29.53 62.42
N ALA M 118 -87.75 29.36 61.10
CA ALA M 118 -86.61 29.47 60.18
C ALA M 118 -87.14 29.75 58.80
N VAL M 119 -86.25 30.18 57.91
CA VAL M 119 -86.61 30.56 56.55
C VAL M 119 -85.60 29.95 55.57
N ILE M 120 -86.11 29.39 54.48
CA ILE M 120 -85.29 28.79 53.43
C ILE M 120 -85.40 29.66 52.19
N ALA M 121 -84.26 30.00 51.60
CA ALA M 121 -84.20 30.82 50.39
C ALA M 121 -83.65 29.98 49.24
N ILE M 122 -84.39 29.94 48.14
CA ILE M 122 -84.05 29.12 46.97
C ILE M 122 -84.01 30.04 45.76
N GLY M 123 -82.97 29.93 44.96
CA GLY M 123 -82.86 30.79 43.80
C GLY M 123 -81.85 30.26 42.80
N VAL M 124 -81.72 31.00 41.71
CA VAL M 124 -80.81 30.67 40.61
C VAL M 124 -80.03 31.91 40.25
N LEU M 125 -78.71 31.83 40.35
CA LEU M 125 -77.83 32.91 39.92
C LEU M 125 -77.22 32.53 38.58
N ILE M 126 -77.37 33.41 37.59
CA ILE M 126 -76.94 33.13 36.23
C ILE M 126 -75.66 33.89 35.95
N ARG M 127 -74.87 34.11 37.00
CA ARG M 127 -73.61 34.83 36.88
C ARG M 127 -72.72 34.18 35.84
N GLY M 128 -71.73 34.94 35.38
CA GLY M 128 -70.83 34.49 34.34
C GLY M 128 -71.30 34.73 32.92
N ALA M 129 -72.30 35.60 32.73
CA ALA M 129 -72.86 35.88 31.42
C ALA M 129 -72.63 37.31 30.98
N THR M 130 -73.09 38.29 31.76
CA THR M 130 -73.03 39.69 31.37
C THR M 130 -73.14 40.53 32.63
N PRO M 131 -72.60 41.75 32.64
CA PRO M 131 -72.91 42.68 33.73
C PRO M 131 -74.41 42.90 33.84
N HIS M 132 -74.82 43.54 34.92
CA HIS M 132 -76.18 43.59 35.46
C HIS M 132 -76.49 42.32 36.25
N PHE M 133 -75.64 41.30 36.19
CA PHE M 133 -75.84 40.07 36.94
C PHE M 133 -74.67 39.70 37.82
N ASP M 134 -73.47 40.20 37.54
CA ASP M 134 -72.37 40.08 38.48
C ASP M 134 -72.54 41.01 39.67
N TYR M 135 -73.41 42.02 39.56
CA TYR M 135 -73.68 42.91 40.67
C TYR M 135 -74.83 42.42 41.53
N ILE M 136 -75.81 41.74 40.94
CA ILE M 136 -76.94 41.24 41.72
C ILE M 136 -76.49 40.13 42.65
N ALA M 137 -75.58 39.26 42.18
CA ALA M 137 -75.18 38.11 42.98
C ALA M 137 -74.54 38.54 44.30
N SER M 138 -73.69 39.56 44.27
CA SER M 138 -72.97 39.96 45.46
C SER M 138 -73.90 40.52 46.53
N GLU M 139 -75.02 41.10 46.12
CA GLU M 139 -75.93 41.73 47.08
C GLU M 139 -76.91 40.74 47.70
N VAL M 140 -77.18 39.62 47.03
CA VAL M 140 -78.13 38.66 47.58
C VAL M 140 -77.55 37.94 48.79
N SER M 141 -76.27 37.57 48.73
CA SER M 141 -75.65 36.89 49.86
C SER M 141 -75.54 37.81 51.08
N LYS M 142 -75.22 39.08 50.86
CA LYS M 142 -75.03 39.99 51.97
C LYS M 142 -76.34 40.27 52.71
N GLY M 143 -77.45 40.40 51.97
CA GLY M 143 -78.70 40.73 52.62
C GLY M 143 -79.20 39.64 53.54
N LEU M 144 -79.12 38.39 53.10
CA LEU M 144 -79.52 37.28 53.96
C LEU M 144 -78.62 37.16 55.17
N ALA M 145 -77.31 37.38 54.98
CA ALA M 145 -76.39 37.31 56.11
C ALA M 145 -76.73 38.36 57.16
N ASN M 146 -77.01 39.59 56.73
CA ASN M 146 -77.31 40.66 57.68
C ASN M 146 -78.62 40.40 58.40
N LEU M 147 -79.63 39.90 57.68
CA LEU M 147 -80.94 39.71 58.27
C LEU M 147 -80.90 38.74 59.44
N SER M 148 -80.13 37.66 59.32
CA SER M 148 -80.06 36.68 60.39
C SER M 148 -79.42 37.27 61.65
N LEU M 149 -78.33 38.02 61.48
CA LEU M 149 -77.68 38.62 62.64
C LEU M 149 -78.47 39.77 63.24
N GLU M 150 -79.43 40.31 62.51
CA GLU M 150 -80.21 41.45 62.98
C GLU M 150 -81.54 41.05 63.60
N LEU M 151 -82.12 39.93 63.15
CA LEU M 151 -83.39 39.46 63.67
C LEU M 151 -83.26 38.22 64.56
N ARG M 152 -82.10 37.59 64.58
CA ARG M 152 -81.85 36.44 65.44
C ARG M 152 -82.75 35.27 65.07
N LYS M 153 -82.84 34.98 63.77
CA LYS M 153 -83.60 33.87 63.25
C LYS M 153 -82.75 33.28 62.13
N PRO M 154 -82.49 31.98 62.13
CA PRO M 154 -81.63 31.41 61.09
C PRO M 154 -82.28 31.46 59.71
N ILE M 155 -81.43 31.65 58.71
CA ILE M 155 -81.84 31.66 57.30
C ILE M 155 -80.83 30.85 56.52
N THR M 156 -81.32 29.93 55.70
CA THR M 156 -80.46 28.97 54.99
C THR M 156 -80.40 29.32 53.51
N PHE M 157 -79.27 29.00 52.90
CA PHE M 157 -78.91 29.44 51.57
C PHE M 157 -79.04 28.26 50.60
N GLY M 158 -79.89 28.42 49.59
CA GLY M 158 -80.20 27.35 48.67
C GLY M 158 -80.10 27.72 47.20
N VAL M 159 -79.10 28.50 46.82
CA VAL M 159 -78.99 29.04 45.47
C VAL M 159 -78.07 28.18 44.63
N ILE M 160 -78.48 27.93 43.39
CA ILE M 160 -77.68 27.20 42.42
C ILE M 160 -77.11 28.21 41.41
N THR M 161 -76.23 27.72 40.55
CA THR M 161 -75.67 28.50 39.46
C THR M 161 -76.10 27.87 38.14
N ALA M 162 -76.78 28.65 37.30
CA ALA M 162 -77.25 28.16 36.02
C ALA M 162 -76.09 27.76 35.13
N ASN N 16 -53.11 22.38 65.98
CA ASN N 16 -52.24 23.22 65.18
C ASN N 16 -52.66 24.67 65.29
N LYS N 17 -53.76 25.01 64.64
CA LYS N 17 -54.31 26.36 64.67
C LYS N 17 -55.47 26.50 65.65
N GLY N 18 -55.70 25.49 66.48
CA GLY N 18 -56.75 25.54 67.47
C GLY N 18 -56.27 26.18 68.75
N TRP N 19 -55.05 25.85 69.17
CA TRP N 19 -54.50 26.47 70.37
C TRP N 19 -54.17 27.94 70.14
N GLU N 20 -53.77 28.31 68.92
CA GLU N 20 -53.46 29.71 68.66
C GLU N 20 -54.68 30.58 68.84
N ALA N 21 -55.84 30.12 68.38
CA ALA N 21 -57.08 30.85 68.64
C ALA N 21 -57.35 30.94 70.13
N ALA N 22 -57.08 29.86 70.87
CA ALA N 22 -57.31 29.87 72.32
C ALA N 22 -56.42 30.88 73.02
N LEU N 23 -55.15 30.96 72.63
CA LEU N 23 -54.24 31.92 73.25
C LEU N 23 -54.76 33.34 73.08
N SER N 24 -55.15 33.70 71.85
CA SER N 24 -55.58 35.07 71.60
C SER N 24 -56.81 35.43 72.40
N ALA N 25 -57.72 34.48 72.59
CA ALA N 25 -58.92 34.76 73.37
C ALA N 25 -58.58 35.08 74.82
N ILE N 26 -57.59 34.38 75.38
CA ILE N 26 -57.23 34.61 76.77
C ILE N 26 -56.64 36.00 76.95
N GLU N 27 -55.68 36.37 76.08
CA GLU N 27 -55.03 37.68 76.20
C GLU N 27 -56.05 38.80 76.06
N MET N 28 -56.91 38.71 75.04
CA MET N 28 -57.89 39.77 74.82
C MET N 28 -58.86 39.88 75.97
N ALA N 29 -59.32 38.74 76.50
CA ALA N 29 -60.28 38.78 77.60
C ALA N 29 -59.69 39.47 78.81
N ASN N 30 -58.43 39.17 79.13
CA ASN N 30 -57.78 39.82 80.26
C ASN N 30 -57.51 41.29 79.97
N LEU N 31 -57.12 41.62 78.74
CA LEU N 31 -56.79 43.00 78.40
C LEU N 31 -57.97 43.92 78.65
N PHE N 32 -59.18 43.46 78.36
CA PHE N 32 -60.36 44.31 78.49
C PHE N 32 -60.68 44.59 79.95
N LYS N 33 -60.34 43.67 80.85
CA LYS N 33 -60.51 43.94 82.28
C LYS N 33 -59.62 45.10 82.72
N SER N 34 -58.39 45.15 82.19
CA SER N 34 -57.49 46.24 82.54
C SER N 34 -58.04 47.59 82.09
N LEU N 35 -58.50 47.67 80.84
CA LEU N 35 -58.95 48.94 80.30
C LEU N 35 -60.15 49.47 81.07
N ARG N 36 -61.09 48.60 81.42
CA ARG N 36 -62.29 49.03 82.12
C ARG N 36 -61.97 49.67 83.46
N GLY N 37 -60.88 49.26 84.09
CA GLY N 37 -60.51 49.81 85.39
C GLY N 37 -59.98 51.22 85.30
N THR N 38 -59.82 51.83 86.47
CA THR N 38 -59.33 53.19 86.55
C THR N 38 -57.85 53.26 86.16
N GLY N 39 -57.44 54.43 85.69
CA GLY N 39 -56.07 54.60 85.28
C GLY N 39 -55.11 54.62 86.45
N GLY N 40 -53.82 54.46 86.14
CA GLY N 40 -52.77 54.44 87.13
C GLY N 40 -52.19 55.81 87.38
N SER N 41 -50.95 55.82 87.89
CA SER N 41 -50.24 57.04 88.19
C SER N 41 -48.75 56.78 88.09
N GLY N 42 -48.00 57.88 87.99
CA GLY N 42 -46.55 57.79 87.88
C GLY N 42 -45.97 58.83 86.94
N SER N 43 -46.82 59.49 86.16
CA SER N 43 -46.40 60.52 85.21
C SER N 43 -45.42 59.94 84.19
N SER N 44 -45.87 58.91 83.49
CA SER N 44 -45.09 58.28 82.44
C SER N 44 -46.03 57.57 81.49
N MET N 45 -45.46 57.08 80.39
CA MET N 45 -46.25 56.36 79.39
C MET N 45 -46.90 55.14 80.02
N GLU N 46 -48.21 54.98 79.79
CA GLU N 46 -48.97 53.87 80.33
C GLU N 46 -49.07 52.79 79.27
N ILE N 47 -48.44 51.65 79.52
CA ILE N 47 -48.45 50.51 78.60
C ILE N 47 -49.44 49.49 79.13
N TYR N 48 -50.39 49.10 78.28
CA TYR N 48 -51.39 48.09 78.59
C TYR N 48 -51.06 46.81 77.85
N GLU N 49 -51.29 45.67 78.50
CA GLU N 49 -51.15 44.38 77.86
C GLU N 49 -51.93 43.36 78.66
N GLY N 50 -52.16 42.20 78.04
CA GLY N 50 -52.95 41.14 78.64
C GLY N 50 -52.08 40.01 79.17
N LYS N 51 -52.52 39.43 80.28
CA LYS N 51 -51.85 38.30 80.90
C LYS N 51 -52.42 37.00 80.36
N LEU N 52 -51.64 35.93 80.49
CA LEU N 52 -51.99 34.63 79.94
C LEU N 52 -52.69 33.72 80.93
N THR N 53 -53.05 34.21 82.12
CA THR N 53 -53.85 33.42 83.04
C THR N 53 -55.25 33.21 82.47
N ALA N 54 -55.87 32.10 82.87
CA ALA N 54 -57.20 31.74 82.38
C ALA N 54 -58.23 31.57 83.49
N GLU N 55 -57.85 31.72 84.74
CA GLU N 55 -58.77 31.43 85.84
C GLU N 55 -59.90 32.43 85.90
N GLY N 56 -61.10 31.95 86.19
CA GLY N 56 -62.24 32.81 86.34
C GLY N 56 -62.80 33.37 85.05
N LEU N 57 -62.60 32.66 83.94
CA LEU N 57 -63.06 33.10 82.64
C LEU N 57 -63.98 32.07 82.01
N ARG N 58 -65.05 32.55 81.39
CA ARG N 58 -66.03 31.72 80.72
C ARG N 58 -65.86 31.86 79.22
N PHE N 59 -65.76 30.73 78.52
CA PHE N 59 -65.48 30.70 77.10
C PHE N 59 -66.66 30.08 76.36
N GLY N 60 -66.60 30.19 75.03
CA GLY N 60 -67.56 29.53 74.16
C GLY N 60 -66.88 29.11 72.89
N ILE N 61 -67.33 28.00 72.33
CA ILE N 61 -66.78 27.47 71.09
C ILE N 61 -67.94 27.10 70.17
N VAL N 62 -67.81 27.48 68.90
CA VAL N 62 -68.75 27.09 67.85
C VAL N 62 -67.95 26.40 66.75
N ALA N 63 -68.37 25.19 66.38
CA ALA N 63 -67.66 24.38 65.40
C ALA N 63 -68.64 23.79 64.40
N SER N 64 -68.11 23.39 63.24
CA SER N 64 -68.91 22.86 62.14
C SER N 64 -68.59 21.40 61.91
N ARG N 65 -69.56 20.67 61.36
CA ARG N 65 -69.45 19.24 61.17
C ARG N 65 -68.86 18.83 59.82
N PHE N 66 -68.66 19.78 58.91
CA PHE N 66 -68.04 19.46 57.63
C PHE N 66 -66.60 19.04 57.84
N ASN N 67 -66.18 17.98 57.14
CA ASN N 67 -64.84 17.44 57.28
C ASN N 67 -64.47 17.27 58.75
N HIS N 68 -65.31 16.50 59.45
CA HIS N 68 -65.17 16.39 60.90
C HIS N 68 -63.85 15.78 61.33
N ALA N 69 -63.14 15.11 60.41
CA ALA N 69 -61.85 14.54 60.77
C ALA N 69 -60.86 15.62 61.20
N LEU N 70 -60.70 16.66 60.39
CA LEU N 70 -59.77 17.74 60.73
C LEU N 70 -60.33 18.66 61.80
N VAL N 71 -61.65 18.85 61.84
CA VAL N 71 -62.23 19.78 62.80
C VAL N 71 -62.11 19.21 64.22
N ASP N 72 -62.28 17.91 64.38
CA ASP N 72 -62.24 17.32 65.71
C ASP N 72 -60.89 17.54 66.37
N ARG N 73 -59.81 17.44 65.60
CA ARG N 73 -58.48 17.69 66.15
C ARG N 73 -58.37 19.12 66.67
N LEU N 74 -58.85 20.09 65.89
CA LEU N 74 -58.72 21.49 66.27
C LEU N 74 -59.52 21.79 67.54
N VAL N 75 -60.72 21.24 67.63
CA VAL N 75 -61.58 21.54 68.78
C VAL N 75 -60.92 21.06 70.07
N GLU N 76 -60.34 19.86 70.05
CA GLU N 76 -59.69 19.34 71.24
C GLU N 76 -58.52 20.22 71.66
N GLY N 77 -57.73 20.67 70.70
CA GLY N 77 -56.59 21.52 71.03
C GLY N 77 -57.00 22.80 71.72
N ALA N 78 -58.21 23.29 71.43
CA ALA N 78 -58.69 24.50 72.09
C ALA N 78 -58.84 24.27 73.59
N ILE N 79 -59.46 23.16 74.00
CA ILE N 79 -59.62 22.89 75.41
C ILE N 79 -58.28 22.56 76.06
N ASP N 80 -57.36 21.96 75.29
CA ASP N 80 -56.06 21.63 75.84
C ASP N 80 -55.32 22.87 76.33
N CYS N 81 -55.37 23.96 75.56
CA CYS N 81 -54.63 25.16 75.93
C CYS N 81 -55.37 26.04 76.93
N ILE N 82 -56.64 25.73 77.22
CA ILE N 82 -57.35 26.49 78.24
C ILE N 82 -57.07 25.92 79.62
N VAL N 83 -57.08 24.58 79.75
CA VAL N 83 -56.84 23.96 81.04
C VAL N 83 -55.41 24.23 81.50
N ARG N 84 -54.46 24.26 80.57
CA ARG N 84 -53.06 24.45 80.95
C ARG N 84 -52.86 25.77 81.67
N HIS N 85 -53.48 26.84 81.17
CA HIS N 85 -53.34 28.15 81.75
C HIS N 85 -54.39 28.44 82.82
N GLY N 86 -54.94 27.39 83.43
CA GLY N 86 -55.94 27.56 84.45
C GLY N 86 -57.32 27.20 83.93
N GLY N 87 -58.35 27.88 84.42
CA GLY N 87 -59.68 27.58 83.93
C GLY N 87 -60.11 26.19 84.33
N ARG N 88 -61.14 25.70 83.64
CA ARG N 88 -61.70 24.39 83.94
C ARG N 88 -62.80 24.10 82.93
N GLU N 89 -63.14 22.82 82.80
CA GLU N 89 -64.13 22.39 81.83
C GLU N 89 -65.53 22.90 82.16
N GLU N 90 -65.80 23.24 83.41
CA GLU N 90 -67.13 23.67 83.80
C GLU N 90 -67.48 25.06 83.27
N ASP N 91 -66.50 25.83 82.80
CA ASP N 91 -66.72 27.16 82.25
C ASP N 91 -66.55 27.19 80.74
N ILE N 92 -66.98 26.13 80.07
CA ILE N 92 -66.94 26.05 78.61
C ILE N 92 -68.30 25.58 78.11
N THR N 93 -68.78 26.21 77.03
CA THR N 93 -69.94 25.76 76.28
C THR N 93 -69.51 25.48 74.85
N LEU N 94 -69.98 24.37 74.28
CA LEU N 94 -69.66 23.98 72.93
C LEU N 94 -70.94 23.83 72.12
N VAL N 95 -70.97 24.47 70.95
CA VAL N 95 -72.10 24.42 70.04
C VAL N 95 -71.62 23.92 68.69
N ARG N 96 -72.37 23.01 68.09
CA ARG N 96 -72.02 22.42 66.80
C ARG N 96 -73.10 22.76 65.79
N VAL N 97 -72.69 23.16 64.59
CA VAL N 97 -73.64 23.63 63.57
C VAL N 97 -73.40 22.84 62.29
N PRO N 98 -74.41 22.79 61.41
CA PRO N 98 -74.27 21.97 60.19
C PRO N 98 -73.11 22.39 59.29
N GLY N 99 -72.87 23.69 59.15
CA GLY N 99 -71.88 24.15 58.20
C GLY N 99 -71.40 25.54 58.51
N SER N 100 -70.51 26.03 57.64
CA SER N 100 -69.88 27.33 57.86
C SER N 100 -70.91 28.46 57.83
N TRP N 101 -71.87 28.38 56.91
CA TRP N 101 -72.81 29.50 56.75
C TRP N 101 -73.55 29.80 58.04
N GLU N 102 -73.69 28.83 58.93
CA GLU N 102 -74.48 28.99 60.14
C GLU N 102 -73.67 29.42 61.36
N ILE N 103 -72.35 29.59 61.24
CA ILE N 103 -71.55 29.97 62.41
C ILE N 103 -71.95 31.34 62.95
N PRO N 104 -72.01 32.41 62.14
CA PRO N 104 -72.20 33.74 62.74
C PRO N 104 -73.47 33.91 63.54
N VAL N 105 -74.58 33.29 63.14
CA VAL N 105 -75.82 33.49 63.87
C VAL N 105 -75.74 32.81 65.24
N ALA N 106 -75.09 31.65 65.30
CA ALA N 106 -74.91 30.98 66.59
C ALA N 106 -73.94 31.74 67.48
N ALA N 107 -72.80 32.17 66.91
CA ALA N 107 -71.83 32.92 67.70
C ALA N 107 -72.42 34.21 68.24
N GLY N 108 -73.42 34.76 67.54
CA GLY N 108 -74.10 35.92 68.08
C GLY N 108 -74.91 35.60 69.32
N GLU N 109 -75.56 34.44 69.32
CA GLU N 109 -76.37 34.05 70.48
C GLU N 109 -75.51 33.87 71.72
N LEU N 110 -74.33 33.24 71.56
CA LEU N 110 -73.44 33.05 72.70
C LEU N 110 -72.92 34.37 73.24
N ALA N 111 -72.50 35.28 72.35
CA ALA N 111 -71.87 36.52 72.80
C ALA N 111 -72.85 37.44 73.52
N ARG N 112 -74.12 37.42 73.14
CA ARG N 112 -75.10 38.30 73.78
C ARG N 112 -75.43 37.89 75.20
N LYS N 113 -74.96 36.72 75.65
CA LYS N 113 -75.10 36.36 77.05
C LYS N 113 -74.24 37.28 77.91
N GLU N 114 -74.69 37.49 79.15
CA GLU N 114 -73.98 38.35 80.08
C GLU N 114 -72.94 37.59 80.89
N ASP N 115 -72.75 36.31 80.62
CA ASP N 115 -71.84 35.45 81.38
C ASP N 115 -70.85 34.76 80.45
N ILE N 116 -70.40 35.48 79.42
CA ILE N 116 -69.40 34.98 78.48
C ILE N 116 -68.35 36.07 78.28
N ASP N 117 -67.10 35.67 78.14
CA ASP N 117 -65.98 36.59 78.00
C ASP N 117 -65.30 36.55 76.65
N ALA N 118 -65.25 35.39 76.00
CA ALA N 118 -64.68 35.29 74.66
C ALA N 118 -65.39 34.17 73.92
N VAL N 119 -65.33 34.25 72.59
CA VAL N 119 -65.89 33.23 71.71
C VAL N 119 -64.82 32.81 70.71
N ILE N 120 -64.74 31.51 70.46
CA ILE N 120 -63.79 30.93 69.52
C ILE N 120 -64.57 30.24 68.41
N ALA N 121 -64.22 30.52 67.18
CA ALA N 121 -64.88 29.96 66.00
C ALA N 121 -63.92 29.06 65.25
N ILE N 122 -64.33 27.82 65.00
CA ILE N 122 -63.50 26.83 64.31
C ILE N 122 -64.30 26.27 63.15
N GLY N 123 -63.65 26.11 62.01
CA GLY N 123 -64.32 25.57 60.84
C GLY N 123 -63.34 25.35 59.70
N VAL N 124 -63.87 24.83 58.60
CA VAL N 124 -63.09 24.55 57.41
C VAL N 124 -63.83 25.13 56.20
N LEU N 125 -63.06 25.75 55.30
CA LEU N 125 -63.58 26.39 54.10
C LEU N 125 -63.07 25.65 52.87
N ILE N 126 -63.65 25.98 51.72
CA ILE N 126 -63.26 25.40 50.43
C ILE N 126 -62.88 26.54 49.50
N ARG N 127 -61.69 26.44 48.91
CA ARG N 127 -61.18 27.47 48.00
C ARG N 127 -61.36 27.10 46.53
N GLY N 128 -60.87 25.92 46.13
CA GLY N 128 -60.98 25.50 44.76
C GLY N 128 -62.31 24.87 44.43
N ALA N 129 -63.36 25.69 44.31
CA ALA N 129 -64.70 25.21 44.02
C ALA N 129 -65.42 26.25 43.17
N THR N 130 -66.72 26.06 42.99
CA THR N 130 -67.51 26.98 42.19
C THR N 130 -67.71 28.30 42.94
N PRO N 131 -68.15 29.35 42.25
CA PRO N 131 -68.38 30.63 42.94
C PRO N 131 -69.41 30.55 44.04
N HIS N 132 -70.24 29.50 44.07
CA HIS N 132 -71.20 29.35 45.16
C HIS N 132 -70.50 29.34 46.51
N PHE N 133 -69.42 28.54 46.62
CA PHE N 133 -68.65 28.53 47.86
C PHE N 133 -67.94 29.86 48.10
N ASP N 134 -67.63 30.59 47.02
CA ASP N 134 -67.00 31.90 47.16
C ASP N 134 -67.93 32.93 47.79
N TYR N 135 -69.22 32.63 47.89
CA TYR N 135 -70.17 33.51 48.57
C TYR N 135 -70.26 33.19 50.06
N ILE N 136 -70.31 31.92 50.42
CA ILE N 136 -70.30 31.54 51.82
C ILE N 136 -68.98 31.95 52.46
N ALA N 137 -67.89 31.86 51.70
CA ALA N 137 -66.56 32.14 52.25
C ALA N 137 -66.45 33.58 52.73
N SER N 138 -66.97 34.53 51.96
CA SER N 138 -66.78 35.93 52.31
C SER N 138 -67.64 36.34 53.49
N GLU N 139 -68.88 35.87 53.54
CA GLU N 139 -69.81 36.35 54.55
C GLU N 139 -69.43 35.90 55.95
N VAL N 140 -68.79 34.73 56.08
CA VAL N 140 -68.45 34.23 57.41
C VAL N 140 -67.43 35.14 58.07
N SER N 141 -66.41 35.58 57.33
CA SER N 141 -65.43 36.50 57.91
C SER N 141 -66.06 37.84 58.24
N LYS N 142 -66.90 38.37 57.35
CA LYS N 142 -67.49 39.68 57.57
C LYS N 142 -68.38 39.70 58.81
N GLY N 143 -69.20 38.67 58.98
CA GLY N 143 -70.16 38.68 60.07
C GLY N 143 -69.49 38.67 61.44
N LEU N 144 -68.45 37.85 61.60
CA LEU N 144 -67.79 37.76 62.89
C LEU N 144 -67.13 39.07 63.28
N ALA N 145 -66.50 39.74 62.31
CA ALA N 145 -65.86 41.02 62.61
C ALA N 145 -66.88 42.06 63.05
N ASN N 146 -68.02 42.12 62.38
CA ASN N 146 -69.04 43.09 62.75
C ASN N 146 -69.55 42.86 64.16
N LEU N 147 -69.75 41.60 64.53
CA LEU N 147 -70.24 41.28 65.87
C LEU N 147 -69.25 41.72 66.94
N SER N 148 -67.96 41.51 66.70
CA SER N 148 -66.96 41.83 67.71
C SER N 148 -66.97 43.31 68.06
N LEU N 149 -67.44 44.16 67.15
CA LEU N 149 -67.46 45.59 67.38
C LEU N 149 -68.80 46.09 67.90
N GLU N 150 -69.89 45.42 67.56
CA GLU N 150 -71.20 45.85 68.06
C GLU N 150 -71.39 45.46 69.52
N LEU N 151 -70.94 44.27 69.91
CA LEU N 151 -71.12 43.79 71.27
C LEU N 151 -69.94 44.12 72.18
N ARG N 152 -68.84 44.64 71.63
CA ARG N 152 -67.66 44.98 72.41
C ARG N 152 -67.17 43.75 73.19
N LYS N 153 -66.89 42.69 72.45
CA LYS N 153 -66.50 41.42 73.04
C LYS N 153 -65.65 40.66 72.03
N PRO N 154 -64.48 40.17 72.41
CA PRO N 154 -63.61 39.51 71.42
C PRO N 154 -64.22 38.23 70.87
N ILE N 155 -63.94 37.97 69.60
CA ILE N 155 -64.37 36.77 68.90
C ILE N 155 -63.23 36.37 67.98
N THR N 156 -62.51 35.33 68.34
CA THR N 156 -61.32 34.94 67.59
C THR N 156 -61.70 34.08 66.40
N PHE N 157 -60.84 34.10 65.39
CA PHE N 157 -61.12 33.54 64.06
C PHE N 157 -60.13 32.42 63.77
N GLY N 158 -60.54 31.19 64.04
CA GLY N 158 -59.71 30.03 63.83
C GLY N 158 -60.01 29.25 62.56
N VAL N 159 -60.78 29.81 61.64
CA VAL N 159 -61.14 29.08 60.43
C VAL N 159 -59.89 28.83 59.59
N ILE N 160 -59.85 27.66 58.95
CA ILE N 160 -58.74 27.29 58.08
C ILE N 160 -59.28 26.96 56.69
N THR N 161 -58.40 26.58 55.78
CA THR N 161 -58.77 26.23 54.42
C THR N 161 -58.22 24.86 54.07
N ALA N 162 -58.88 24.22 53.11
CA ALA N 162 -58.47 22.88 52.67
C ALA N 162 -57.36 22.98 51.63
N THR O 12 -42.05 64.30 57.81
CA THR O 12 -41.21 65.45 57.56
C THR O 12 -39.91 65.03 56.87
N LYS O 13 -39.06 64.32 57.61
CA LYS O 13 -37.77 63.87 57.09
C LYS O 13 -37.51 62.39 57.31
N HIS O 14 -37.96 61.81 58.43
CA HIS O 14 -37.61 60.44 58.75
C HIS O 14 -38.10 59.46 57.68
N GLY O 15 -39.40 59.52 57.35
CA GLY O 15 -39.97 58.82 56.23
C GLY O 15 -40.67 57.52 56.57
N ASN O 16 -40.29 56.85 57.67
CA ASN O 16 -40.92 55.59 58.00
C ASN O 16 -42.39 55.81 58.36
N LYS O 17 -43.21 54.80 58.05
CA LYS O 17 -44.66 54.99 58.11
C LYS O 17 -45.15 55.35 59.50
N GLY O 18 -44.36 55.07 60.54
CA GLY O 18 -44.72 55.57 61.85
C GLY O 18 -44.67 57.08 61.93
N TRP O 19 -43.64 57.68 61.32
CA TRP O 19 -43.54 59.13 61.30
C TRP O 19 -44.70 59.75 60.51
N GLU O 20 -44.97 59.21 59.33
CA GLU O 20 -46.04 59.76 58.50
C GLU O 20 -47.39 59.60 59.17
N ALA O 21 -47.66 58.44 59.75
CA ALA O 21 -48.94 58.21 60.41
C ALA O 21 -49.17 59.15 61.57
N ALA O 22 -48.09 59.56 62.25
CA ALA O 22 -48.24 60.48 63.37
C ALA O 22 -48.48 61.91 62.91
N LEU O 23 -47.93 62.30 61.75
CA LEU O 23 -48.16 63.66 61.25
C LEU O 23 -49.63 63.87 60.95
N SER O 24 -50.29 62.88 60.35
CA SER O 24 -51.71 62.99 60.07
C SER O 24 -52.51 63.17 61.35
N ALA O 25 -52.16 62.41 62.40
CA ALA O 25 -52.92 62.49 63.65
C ALA O 25 -52.79 63.86 64.29
N ILE O 26 -51.60 64.47 64.23
CA ILE O 26 -51.41 65.78 64.84
C ILE O 26 -52.23 66.83 64.10
N GLU O 27 -52.35 66.70 62.78
CA GLU O 27 -53.07 67.68 61.99
C GLU O 27 -54.58 67.54 62.16
N MET O 28 -55.08 66.29 62.17
CA MET O 28 -56.51 66.08 62.32
C MET O 28 -56.99 66.46 63.71
N ALA O 29 -56.16 66.24 64.73
CA ALA O 29 -56.53 66.67 66.08
C ALA O 29 -56.65 68.18 66.17
N ASN O 30 -55.79 68.91 65.48
CA ASN O 30 -55.87 70.37 65.50
C ASN O 30 -57.06 70.86 64.68
N LEU O 31 -57.36 70.19 63.57
CA LEU O 31 -58.45 70.63 62.71
C LEU O 31 -59.78 70.62 63.43
N PHE O 32 -60.02 69.58 64.23
CA PHE O 32 -61.33 69.41 64.86
C PHE O 32 -61.61 70.50 65.88
N LYS O 33 -60.59 70.94 66.62
CA LYS O 33 -60.80 72.05 67.54
C LYS O 33 -61.19 73.31 66.79
N SER O 34 -60.56 73.57 65.64
CA SER O 34 -60.93 74.72 64.84
C SER O 34 -62.38 74.65 64.41
N LEU O 35 -62.84 73.48 63.97
CA LEU O 35 -64.22 73.34 63.53
C LEU O 35 -65.19 73.56 64.68
N ARG O 36 -64.88 73.00 65.85
CA ARG O 36 -65.81 73.11 66.98
C ARG O 36 -65.81 74.51 67.59
N GLY O 37 -64.79 75.32 67.32
CA GLY O 37 -64.68 76.61 67.97
C GLY O 37 -65.73 77.61 67.54
N THR O 38 -65.62 78.11 66.31
CA THR O 38 -66.53 79.11 65.78
C THR O 38 -66.14 79.39 64.34
N GLY O 39 -66.99 80.15 63.64
CA GLY O 39 -66.71 80.56 62.29
C GLY O 39 -65.80 81.78 62.24
N GLY O 40 -65.50 82.20 61.02
CA GLY O 40 -64.66 83.35 60.79
C GLY O 40 -65.40 84.65 61.00
N SER O 41 -64.66 85.76 60.80
CA SER O 41 -65.25 87.07 60.97
C SER O 41 -66.38 87.30 59.97
N GLY O 42 -66.18 86.88 58.73
CA GLY O 42 -67.18 87.02 57.69
C GLY O 42 -66.68 87.90 56.54
N SER O 43 -67.57 88.08 55.57
CA SER O 43 -67.28 88.90 54.39
C SER O 43 -66.12 88.33 53.58
N SER O 44 -65.92 87.02 53.65
CA SER O 44 -64.87 86.36 52.89
C SER O 44 -65.08 84.85 53.01
N MET O 45 -64.29 84.10 52.24
CA MET O 45 -64.39 82.65 52.26
C MET O 45 -63.77 82.10 53.53
N GLU O 46 -64.49 81.22 54.21
CA GLU O 46 -64.01 80.61 55.44
C GLU O 46 -63.11 79.43 55.12
N ILE O 47 -61.97 79.34 55.79
CA ILE O 47 -61.00 78.27 55.58
C ILE O 47 -60.66 77.67 56.94
N TYR O 48 -60.69 76.34 57.03
CA TYR O 48 -60.31 75.61 58.22
C TYR O 48 -59.12 74.71 57.88
N GLU O 49 -58.06 74.82 58.68
CA GLU O 49 -56.89 73.99 58.51
C GLU O 49 -56.32 73.64 59.89
N GLY O 50 -55.52 72.59 59.93
CA GLY O 50 -54.81 72.19 61.14
C GLY O 50 -53.32 72.39 60.97
N LYS O 51 -52.67 72.80 62.05
CA LYS O 51 -51.23 73.03 62.06
C LYS O 51 -50.51 71.88 62.74
N LEU O 52 -49.18 71.87 62.61
CA LEU O 52 -48.35 70.79 63.13
C LEU O 52 -47.72 71.19 64.46
N THR O 53 -48.59 71.40 65.46
CA THR O 53 -48.17 71.67 66.83
C THR O 53 -48.89 70.68 67.74
N ALA O 54 -48.13 70.01 68.61
CA ALA O 54 -48.64 68.96 69.48
C ALA O 54 -48.58 69.36 70.95
N GLU O 55 -48.87 70.63 71.25
CA GLU O 55 -48.83 71.14 72.61
C GLU O 55 -50.20 70.96 73.26
N GLY O 56 -50.30 70.00 74.17
CA GLY O 56 -51.53 69.79 74.90
C GLY O 56 -52.48 68.79 74.29
N LEU O 57 -52.00 67.82 73.55
CA LEU O 57 -52.83 66.81 72.90
C LEU O 57 -52.53 65.44 73.48
N ARG O 58 -53.57 64.63 73.64
CA ARG O 58 -53.45 63.26 74.11
C ARG O 58 -53.61 62.28 72.96
N PHE O 59 -52.76 61.28 72.92
CA PHE O 59 -52.72 60.33 71.82
C PHE O 59 -52.76 58.90 72.36
N GLY O 60 -53.24 58.00 71.52
CA GLY O 60 -53.22 56.57 71.83
C GLY O 60 -52.74 55.78 70.63
N ILE O 61 -51.97 54.72 70.91
CA ILE O 61 -51.36 53.90 69.87
C ILE O 61 -51.72 52.45 70.13
N VAL O 62 -52.13 51.75 69.08
CA VAL O 62 -52.44 50.32 69.12
C VAL O 62 -51.52 49.64 68.12
N ALA O 63 -50.76 48.65 68.58
CA ALA O 63 -49.77 47.99 67.75
C ALA O 63 -49.80 46.48 67.96
N SER O 64 -49.63 45.73 66.87
CA SER O 64 -49.61 44.28 66.93
C SER O 64 -48.20 43.77 67.21
N ARG O 65 -48.11 42.48 67.57
CA ARG O 65 -46.86 41.87 67.97
C ARG O 65 -46.22 41.02 66.88
N PHE O 66 -46.99 40.56 65.90
CA PHE O 66 -46.42 39.78 64.82
C PHE O 66 -45.37 40.61 64.09
N ASN O 67 -44.20 40.02 63.86
CA ASN O 67 -43.04 40.72 63.32
C ASN O 67 -42.69 41.93 64.19
N HIS O 68 -42.35 41.64 65.44
CA HIS O 68 -42.01 42.70 66.38
C HIS O 68 -40.72 43.41 65.99
N ALA O 69 -39.91 42.82 65.11
CA ALA O 69 -38.69 43.48 64.66
C ALA O 69 -39.02 44.74 63.87
N LEU O 70 -39.92 44.63 62.89
CA LEU O 70 -40.29 45.79 62.10
C LEU O 70 -41.26 46.70 62.84
N VAL O 71 -42.16 46.13 63.64
CA VAL O 71 -43.13 46.95 64.35
C VAL O 71 -42.45 47.85 65.36
N ASP O 72 -41.38 47.35 65.99
CA ASP O 72 -40.74 48.12 67.06
C ASP O 72 -40.21 49.45 66.54
N ARG O 73 -39.60 49.45 65.37
CA ARG O 73 -39.11 50.69 64.78
C ARG O 73 -40.26 51.65 64.48
N LEU O 74 -41.36 51.13 63.94
CA LEU O 74 -42.49 51.99 63.59
C LEU O 74 -43.07 52.67 64.82
N VAL O 75 -43.23 51.92 65.91
CA VAL O 75 -43.76 52.53 67.13
C VAL O 75 -42.80 53.56 67.67
N GLU O 76 -41.49 53.32 67.54
CA GLU O 76 -40.52 54.32 67.95
C GLU O 76 -40.64 55.57 67.10
N GLY O 77 -40.77 55.42 65.79
CA GLY O 77 -40.86 56.58 64.91
C GLY O 77 -42.04 57.46 65.23
N ALA O 78 -43.19 56.86 65.53
CA ALA O 78 -44.37 57.65 65.85
C ALA O 78 -44.18 58.44 67.15
N ILE O 79 -43.49 57.85 68.12
CA ILE O 79 -43.27 58.54 69.39
C ILE O 79 -42.28 59.68 69.21
N ASP O 80 -41.23 59.48 68.40
CA ASP O 80 -40.28 60.56 68.13
C ASP O 80 -40.95 61.74 67.48
N CYS O 81 -41.87 61.49 66.54
CA CYS O 81 -42.53 62.59 65.85
C CYS O 81 -43.30 63.47 66.82
N ILE O 82 -43.98 62.86 67.78
CA ILE O 82 -44.83 63.63 68.69
C ILE O 82 -43.98 64.53 69.57
N VAL O 83 -42.87 64.03 70.10
CA VAL O 83 -42.04 64.81 71.00
C VAL O 83 -41.35 65.95 70.27
N ARG O 84 -40.90 65.70 69.04
CA ARG O 84 -40.20 66.73 68.28
C ARG O 84 -41.06 67.96 68.06
N HIS O 85 -42.37 67.78 67.88
CA HIS O 85 -43.27 68.87 67.55
C HIS O 85 -43.86 69.53 68.78
N GLY O 86 -43.43 69.15 69.99
CA GLY O 86 -43.89 69.77 71.21
C GLY O 86 -44.73 68.89 72.10
N GLY O 87 -44.81 67.59 71.82
CA GLY O 87 -45.61 66.70 72.63
C GLY O 87 -44.93 66.35 73.94
N ARG O 88 -45.59 65.47 74.69
CA ARG O 88 -45.12 65.02 75.99
C ARG O 88 -45.25 63.52 76.07
N GLU O 89 -44.16 62.84 76.48
CA GLU O 89 -44.16 61.39 76.51
C GLU O 89 -45.17 60.82 77.50
N GLU O 90 -45.61 61.62 78.48
CA GLU O 90 -46.57 61.13 79.46
C GLU O 90 -48.01 61.17 78.97
N ASP O 91 -48.27 61.82 77.83
CA ASP O 91 -49.62 61.90 77.26
C ASP O 91 -49.80 60.94 76.10
N ILE O 92 -49.14 59.78 76.15
CA ILE O 92 -49.27 58.75 75.12
C ILE O 92 -49.61 57.44 75.82
N THR O 93 -50.63 56.75 75.30
CA THR O 93 -51.03 55.44 75.80
C THR O 93 -50.77 54.40 74.72
N LEU O 94 -50.21 53.28 75.11
CA LEU O 94 -49.87 52.21 74.18
C LEU O 94 -50.59 50.92 74.57
N VAL O 95 -51.12 50.22 73.58
CA VAL O 95 -51.79 48.94 73.77
C VAL O 95 -51.22 47.95 72.76
N ARG O 96 -50.93 46.74 73.22
CA ARG O 96 -50.44 45.67 72.36
C ARG O 96 -51.50 44.59 72.24
N VAL O 97 -51.59 44.00 71.04
CA VAL O 97 -52.60 43.00 70.74
C VAL O 97 -51.92 41.80 70.09
N PRO O 98 -52.48 40.60 70.21
CA PRO O 98 -51.79 39.43 69.63
C PRO O 98 -51.54 39.52 68.13
N GLY O 99 -52.50 40.05 67.37
CA GLY O 99 -52.38 40.01 65.92
C GLY O 99 -53.26 41.07 65.28
N SER O 100 -53.19 41.09 63.94
CA SER O 100 -53.89 42.13 63.18
C SER O 100 -55.39 42.02 63.31
N TRP O 101 -55.93 40.81 63.48
CA TRP O 101 -57.37 40.64 63.57
C TRP O 101 -57.96 41.39 64.77
N GLU O 102 -57.14 41.73 65.76
CA GLU O 102 -57.63 42.33 66.98
C GLU O 102 -57.43 43.83 67.06
N ILE O 103 -56.81 44.45 66.06
CA ILE O 103 -56.60 45.90 66.10
C ILE O 103 -57.92 46.66 66.15
N PRO O 104 -58.89 46.40 65.26
CA PRO O 104 -60.11 47.22 65.30
C PRO O 104 -60.85 47.17 66.62
N VAL O 105 -60.95 46.00 67.24
CA VAL O 105 -61.71 45.88 68.49
C VAL O 105 -61.00 46.62 69.61
N ALA O 106 -59.67 46.58 69.61
CA ALA O 106 -58.92 47.28 70.66
C ALA O 106 -59.00 48.79 70.50
N ALA O 107 -58.94 49.28 69.27
CA ALA O 107 -58.97 50.73 69.04
C ALA O 107 -60.32 51.31 69.46
N GLY O 108 -61.39 50.54 69.34
CA GLY O 108 -62.69 51.03 69.75
C GLY O 108 -62.76 51.38 71.22
N GLU O 109 -61.93 50.73 72.05
CA GLU O 109 -61.91 51.05 73.48
C GLU O 109 -61.20 52.36 73.75
N LEU O 110 -60.08 52.62 73.06
CA LEU O 110 -59.41 53.90 73.22
C LEU O 110 -60.28 55.05 72.74
N ALA O 111 -60.96 54.86 71.60
CA ALA O 111 -61.69 55.97 70.99
C ALA O 111 -62.79 56.48 71.91
N ARG O 112 -63.39 55.59 72.71
CA ARG O 112 -64.49 56.00 73.58
C ARG O 112 -64.03 56.73 74.82
N LYS O 113 -62.73 56.77 75.10
CA LYS O 113 -62.21 57.54 76.21
C LYS O 113 -62.46 59.03 75.97
N GLU O 114 -62.77 59.76 77.04
CA GLU O 114 -63.05 61.18 76.94
C GLU O 114 -61.78 62.02 76.82
N ASP O 115 -60.61 61.46 77.10
CA ASP O 115 -59.36 62.20 77.07
C ASP O 115 -58.66 62.10 75.72
N ILE O 116 -58.61 60.90 75.13
CA ILE O 116 -57.87 60.71 73.89
C ILE O 116 -58.48 61.54 72.78
N ASP O 117 -57.62 62.09 71.92
CA ASP O 117 -58.03 62.93 70.81
C ASP O 117 -57.78 62.31 69.45
N ALA O 118 -56.80 61.43 69.33
CA ALA O 118 -56.54 60.74 68.08
C ALA O 118 -55.96 59.37 68.41
N VAL O 119 -56.09 58.45 67.45
CA VAL O 119 -55.64 57.07 67.62
C VAL O 119 -54.84 56.67 66.39
N ILE O 120 -53.75 55.95 66.63
CA ILE O 120 -52.83 55.51 65.58
C ILE O 120 -52.74 54.00 65.64
N ALA O 121 -52.90 53.35 64.48
CA ALA O 121 -52.81 51.91 64.37
C ALA O 121 -51.59 51.53 63.56
N ILE O 122 -50.77 50.63 64.09
CA ILE O 122 -49.54 50.17 63.46
C ILE O 122 -49.55 48.66 63.42
N GLY O 123 -49.08 48.08 62.32
CA GLY O 123 -49.02 46.64 62.20
C GLY O 123 -48.35 46.26 60.91
N VAL O 124 -48.15 44.96 60.73
CA VAL O 124 -47.59 44.40 59.51
C VAL O 124 -48.49 43.27 59.05
N LEU O 125 -48.67 43.16 57.73
CA LEU O 125 -49.54 42.16 57.12
C LEU O 125 -48.71 41.29 56.18
N ILE O 126 -48.91 39.99 56.26
CA ILE O 126 -48.25 39.02 55.39
C ILE O 126 -49.23 38.65 54.28
N ARG O 127 -48.88 39.00 53.05
CA ARG O 127 -49.74 38.73 51.89
C ARG O 127 -48.90 38.26 50.70
N GLY O 128 -47.93 37.38 50.96
CA GLY O 128 -47.07 36.90 49.90
C GLY O 128 -46.71 35.43 50.01
N ALA O 129 -47.25 34.73 50.99
CA ALA O 129 -46.95 33.31 51.21
C ALA O 129 -48.18 32.44 51.29
N THR O 130 -49.28 32.94 51.86
CA THR O 130 -50.49 32.14 52.05
C THR O 130 -51.64 32.77 51.28
N PRO O 131 -52.38 32.02 50.41
CA PRO O 131 -53.55 32.59 49.73
C PRO O 131 -54.84 32.53 50.57
N HIS O 132 -54.71 32.85 51.85
CA HIS O 132 -55.85 32.89 52.77
C HIS O 132 -55.90 34.15 53.63
N PHE O 133 -54.79 34.86 53.80
CA PHE O 133 -54.76 36.04 54.64
C PHE O 133 -55.57 37.20 54.07
N ASP O 134 -56.00 37.11 52.81
CA ASP O 134 -56.75 38.21 52.21
C ASP O 134 -58.01 38.52 53.00
N TYR O 135 -58.64 37.50 53.57
CA TYR O 135 -59.81 37.72 54.41
C TYR O 135 -59.44 38.55 55.64
N ILE O 136 -58.33 38.23 56.28
CA ILE O 136 -57.90 38.99 57.45
C ILE O 136 -57.58 40.43 57.06
N ALA O 137 -56.87 40.61 55.96
CA ALA O 137 -56.41 41.95 55.59
C ALA O 137 -57.58 42.88 55.31
N SER O 138 -58.60 42.39 54.61
CA SER O 138 -59.71 43.25 54.21
C SER O 138 -60.50 43.76 55.40
N GLU O 139 -60.61 42.96 56.47
CA GLU O 139 -61.44 43.36 57.61
C GLU O 139 -60.78 44.42 58.47
N VAL O 140 -59.45 44.55 58.43
CA VAL O 140 -58.79 45.58 59.20
C VAL O 140 -59.15 46.95 58.65
N SER O 141 -59.11 47.10 57.33
CA SER O 141 -59.41 48.39 56.71
C SER O 141 -60.87 48.78 56.92
N LYS O 142 -61.78 47.82 56.84
CA LYS O 142 -63.20 48.12 57.02
C LYS O 142 -63.48 48.55 58.45
N GLY O 143 -63.00 47.77 59.43
CA GLY O 143 -63.37 48.04 60.81
C GLY O 143 -62.86 49.39 61.29
N LEU O 144 -61.62 49.73 60.93
CA LEU O 144 -61.06 51.00 61.36
C LEU O 144 -61.81 52.17 60.74
N ALA O 145 -62.21 52.04 59.48
CA ALA O 145 -62.91 53.12 58.80
C ALA O 145 -64.31 53.33 59.37
N ASN O 146 -65.02 52.26 59.68
CA ASN O 146 -66.36 52.40 60.24
C ASN O 146 -66.32 53.07 61.61
N LEU O 147 -65.28 52.80 62.41
CA LEU O 147 -65.21 53.35 63.76
C LEU O 147 -65.11 54.88 63.73
N SER O 148 -64.33 55.42 62.80
CA SER O 148 -64.15 56.87 62.75
C SER O 148 -65.47 57.58 62.52
N LEU O 149 -66.28 57.08 61.60
CA LEU O 149 -67.58 57.69 61.34
C LEU O 149 -68.50 57.55 62.55
N GLU O 150 -68.51 56.38 63.19
CA GLU O 150 -69.45 56.14 64.29
C GLU O 150 -69.12 57.00 65.50
N LEU O 151 -67.85 57.04 65.89
CA LEU O 151 -67.43 57.78 67.08
C LEU O 151 -67.04 59.22 66.79
N ARG O 152 -66.92 59.60 65.52
CA ARG O 152 -66.59 60.97 65.13
C ARG O 152 -65.26 61.40 65.75
N LYS O 153 -64.23 60.59 65.52
CA LYS O 153 -62.91 60.80 66.08
C LYS O 153 -61.89 60.30 65.05
N PRO O 154 -60.81 61.02 64.82
CA PRO O 154 -59.85 60.58 63.80
C PRO O 154 -59.06 59.36 64.22
N ILE O 155 -58.95 58.40 63.31
CA ILE O 155 -58.16 57.20 63.47
C ILE O 155 -57.30 57.04 62.23
N THR O 156 -55.99 56.89 62.43
CA THR O 156 -55.04 56.90 61.33
C THR O 156 -54.52 55.50 61.03
N PHE O 157 -54.16 55.28 59.79
CA PHE O 157 -53.74 53.97 59.27
C PHE O 157 -52.22 53.94 59.16
N GLY O 158 -51.60 52.97 59.82
CA GLY O 158 -50.16 52.82 59.78
C GLY O 158 -49.73 51.40 59.51
N VAL O 159 -50.45 50.71 58.63
CA VAL O 159 -50.27 49.29 58.39
C VAL O 159 -49.35 49.08 57.19
N ILE O 160 -48.29 48.30 57.40
CA ILE O 160 -47.35 47.93 56.36
C ILE O 160 -47.75 46.59 55.79
N THR O 161 -47.42 46.37 54.52
CA THR O 161 -47.60 45.09 53.86
C THR O 161 -46.22 44.56 53.46
N ALA O 162 -45.97 43.29 53.76
CA ALA O 162 -44.68 42.68 53.47
C ALA O 162 -44.68 42.04 52.09
N ASN P 16 12.43 82.54 24.35
CA ASN P 16 12.16 82.14 25.72
C ASN P 16 10.76 82.59 26.14
N LYS P 17 10.25 81.98 27.21
CA LYS P 17 8.94 82.32 27.75
C LYS P 17 9.01 83.44 28.78
N GLY P 18 10.07 84.25 28.77
CA GLY P 18 10.23 85.30 29.73
C GLY P 18 9.70 86.64 29.26
N TRP P 19 10.02 87.00 28.01
CA TRP P 19 9.57 88.29 27.50
C TRP P 19 8.06 88.38 27.43
N GLU P 20 7.37 87.25 27.29
CA GLU P 20 5.92 87.27 27.32
C GLU P 20 5.42 87.76 28.67
N ALA P 21 6.03 87.26 29.75
CA ALA P 21 5.72 87.79 31.08
C ALA P 21 6.05 89.27 31.17
N ALA P 22 7.05 89.72 30.41
CA ALA P 22 7.42 91.13 30.44
C ALA P 22 6.41 91.99 29.71
N LEU P 23 5.98 91.56 28.52
CA LEU P 23 5.05 92.38 27.72
C LEU P 23 3.77 92.66 28.50
N SER P 24 3.26 91.66 29.20
CA SER P 24 2.05 91.85 29.98
C SER P 24 2.20 92.98 30.99
N ALA P 25 3.36 93.06 31.64
CA ALA P 25 3.55 94.03 32.71
C ALA P 25 3.47 95.46 32.18
N ILE P 26 4.15 95.75 31.06
CA ILE P 26 4.13 97.11 30.54
C ILE P 26 2.73 97.50 30.11
N GLU P 27 2.03 96.61 29.41
CA GLU P 27 0.68 96.92 28.98
C GLU P 27 -0.21 97.28 30.16
N MET P 28 -0.23 96.43 31.19
CA MET P 28 -1.07 96.68 32.35
C MET P 28 -0.61 97.92 33.11
N ALA P 29 0.70 98.12 33.21
CA ALA P 29 1.20 99.28 33.94
C ALA P 29 0.74 100.59 33.29
N ASN P 30 0.77 100.65 31.96
CA ASN P 30 0.27 101.83 31.27
C ASN P 30 -1.24 101.95 31.39
N LEU P 31 -1.94 100.82 31.30
CA LEU P 31 -3.40 100.85 31.36
C LEU P 31 -3.88 101.40 32.70
N PHE P 32 -3.23 101.00 33.80
CA PHE P 32 -3.67 101.45 35.11
C PHE P 32 -3.50 102.94 35.29
N LYS P 33 -2.56 103.56 34.57
CA LYS P 33 -2.41 105.01 34.62
C LYS P 33 -3.63 105.71 34.02
N SER P 34 -4.17 105.17 32.93
CA SER P 34 -5.30 105.80 32.28
C SER P 34 -6.51 105.87 33.20
N LEU P 35 -6.90 104.73 33.78
CA LEU P 35 -8.13 104.68 34.55
C LEU P 35 -8.08 105.63 35.74
N ARG P 36 -6.95 105.68 36.44
CA ARG P 36 -6.83 106.53 37.62
C ARG P 36 -6.92 108.00 37.27
N GLY P 37 -6.69 108.36 36.01
CA GLY P 37 -6.75 109.74 35.58
C GLY P 37 -8.18 110.19 35.31
N THR P 38 -8.28 111.41 34.77
CA THR P 38 -9.59 111.99 34.48
C THR P 38 -10.28 111.20 33.38
N GLY P 39 -11.62 111.22 33.41
CA GLY P 39 -12.41 110.51 32.43
C GLY P 39 -12.45 111.22 31.09
N GLY P 40 -13.18 110.61 30.16
CA GLY P 40 -13.30 111.14 28.82
C GLY P 40 -14.27 112.29 28.72
N SER P 41 -14.38 112.83 27.51
CA SER P 41 -15.28 113.95 27.24
C SER P 41 -16.71 113.51 26.97
N GLY P 42 -16.98 112.21 26.95
CA GLY P 42 -18.32 111.73 26.69
C GLY P 42 -18.66 111.80 25.21
N SER P 43 -19.95 111.59 24.94
CA SER P 43 -20.56 111.61 23.61
C SER P 43 -20.23 110.35 22.82
N SER P 44 -19.41 109.44 23.34
CA SER P 44 -19.12 108.21 22.65
C SER P 44 -18.60 107.19 23.66
N MET P 45 -18.61 105.93 23.25
CA MET P 45 -18.13 104.87 24.12
C MET P 45 -16.63 105.05 24.36
N GLU P 46 -16.22 104.89 25.62
CA GLU P 46 -14.84 105.04 26.01
C GLU P 46 -14.14 103.69 25.96
N ILE P 47 -13.12 103.58 25.13
CA ILE P 47 -12.30 102.38 25.05
C ILE P 47 -10.95 102.69 25.66
N TYR P 48 -10.62 101.98 26.75
CA TYR P 48 -9.32 102.08 27.40
C TYR P 48 -8.45 100.92 26.93
N GLU P 49 -7.24 101.23 26.49
CA GLU P 49 -6.27 100.20 26.17
C GLU P 49 -4.87 100.75 26.44
N GLY P 50 -4.00 99.88 26.96
CA GLY P 50 -2.68 100.31 27.37
C GLY P 50 -1.67 100.31 26.24
N LYS P 51 -0.65 101.15 26.40
CA LYS P 51 0.41 101.31 25.42
C LYS P 51 1.54 100.31 25.68
N LEU P 52 2.55 100.35 24.82
CA LEU P 52 3.75 99.53 24.97
C LEU P 52 4.99 100.39 25.20
N THR P 53 4.82 101.62 25.64
CA THR P 53 5.94 102.50 25.96
C THR P 53 6.37 102.26 27.40
N ALA P 54 7.59 101.75 27.59
CA ALA P 54 8.08 101.36 28.89
C ALA P 54 8.70 102.52 29.67
N GLU P 55 8.81 103.69 29.08
CA GLU P 55 9.52 104.79 29.72
C GLU P 55 8.77 105.29 30.94
N GLY P 56 9.49 105.49 32.03
CA GLY P 56 8.91 106.01 33.26
C GLY P 56 8.38 104.97 34.22
N LEU P 57 8.47 103.69 33.89
CA LEU P 57 7.90 102.62 34.70
C LEU P 57 8.98 101.94 35.52
N ARG P 58 8.71 101.78 36.82
CA ARG P 58 9.60 101.05 37.73
C ARG P 58 9.11 99.61 37.86
N PHE P 59 10.01 98.67 37.71
CA PHE P 59 9.68 97.25 37.72
C PHE P 59 10.43 96.52 38.82
N GLY P 60 9.78 95.51 39.38
CA GLY P 60 10.43 94.56 40.25
C GLY P 60 10.34 93.17 39.63
N ILE P 61 11.36 92.35 39.89
CA ILE P 61 11.39 90.97 39.44
C ILE P 61 11.81 90.08 40.61
N VAL P 62 11.11 88.97 40.78
CA VAL P 62 11.40 87.98 41.82
C VAL P 62 11.64 86.64 41.15
N ALA P 63 12.79 86.04 41.42
CA ALA P 63 13.18 84.77 40.81
C ALA P 63 13.75 83.85 41.87
N SER P 64 13.67 82.55 41.61
CA SER P 64 14.19 81.52 42.50
C SER P 64 15.50 80.98 41.96
N ARG P 65 16.17 80.19 42.80
CA ARG P 65 17.51 79.69 42.48
C ARG P 65 17.52 78.24 42.00
N PHE P 66 16.54 77.44 42.38
CA PHE P 66 16.53 76.05 41.96
C PHE P 66 16.48 75.98 40.44
N ASN P 67 17.33 75.12 39.85
CA ASN P 67 17.48 75.03 38.40
C ASN P 67 17.96 76.36 37.83
N HIS P 68 19.13 76.79 38.28
CA HIS P 68 19.67 78.09 37.88
C HIS P 68 19.94 78.16 36.38
N ALA P 69 20.12 77.02 35.72
CA ALA P 69 20.35 77.04 34.28
C ALA P 69 19.17 77.64 33.55
N LEU P 70 17.96 77.16 33.83
CA LEU P 70 16.78 77.66 33.14
C LEU P 70 16.44 79.07 33.60
N VAL P 71 16.45 79.32 34.91
CA VAL P 71 16.08 80.62 35.43
C VAL P 71 17.05 81.70 34.97
N ASP P 72 18.29 81.33 34.65
CA ASP P 72 19.26 82.31 34.21
C ASP P 72 18.82 82.98 32.91
N ARG P 73 18.30 82.19 31.96
CA ARG P 73 17.91 82.76 30.68
C ARG P 73 16.53 83.40 30.73
N LEU P 74 15.63 82.89 31.58
CA LEU P 74 14.32 83.52 31.71
C LEU P 74 14.44 84.95 32.23
N VAL P 75 15.29 85.16 33.25
CA VAL P 75 15.42 86.52 33.79
C VAL P 75 16.10 87.43 32.78
N GLU P 76 17.16 86.95 32.12
CA GLU P 76 17.84 87.78 31.14
C GLU P 76 16.90 88.13 29.99
N GLY P 77 16.15 87.15 29.50
CA GLY P 77 15.19 87.43 28.44
C GLY P 77 14.17 88.47 28.86
N ALA P 78 13.74 88.43 30.12
CA ALA P 78 12.80 89.43 30.61
C ALA P 78 13.44 90.81 30.63
N ILE P 79 14.70 90.91 31.02
CA ILE P 79 15.35 92.22 31.09
C ILE P 79 15.57 92.78 29.68
N ASP P 80 15.78 91.91 28.70
CA ASP P 80 16.01 92.37 27.33
C ASP P 80 14.80 93.09 26.75
N CYS P 81 13.61 92.90 27.32
CA CYS P 81 12.40 93.45 26.72
C CYS P 81 12.02 94.81 27.27
N ILE P 82 12.31 95.09 28.55
CA ILE P 82 12.04 96.43 29.09
C ILE P 82 12.99 97.44 28.46
N VAL P 83 14.26 97.07 28.30
CA VAL P 83 15.24 98.00 27.72
C VAL P 83 14.87 98.33 26.28
N ARG P 84 14.48 97.31 25.50
CA ARG P 84 14.22 97.56 24.09
C ARG P 84 13.00 98.45 23.88
N HIS P 85 11.97 98.31 24.73
CA HIS P 85 10.79 99.15 24.64
C HIS P 85 10.95 100.47 25.35
N GLY P 86 12.19 100.89 25.62
CA GLY P 86 12.42 102.21 26.19
C GLY P 86 12.45 102.23 27.69
N GLY P 87 13.26 101.36 28.30
CA GLY P 87 13.30 101.24 29.74
C GLY P 87 14.71 101.21 30.32
N ARG P 88 14.98 102.11 31.26
CA ARG P 88 16.28 102.17 31.89
C ARG P 88 16.46 100.98 32.84
N GLU P 89 17.66 100.40 32.83
CA GLU P 89 18.00 99.37 33.81
C GLU P 89 18.19 99.93 35.21
N GLU P 90 18.25 101.25 35.36
CA GLU P 90 18.36 101.87 36.66
C GLU P 90 17.09 101.76 37.49
N ASP P 91 15.98 101.29 36.88
CA ASP P 91 14.71 101.16 37.59
C ASP P 91 14.31 99.74 37.91
N ILE P 92 14.94 98.74 37.30
CA ILE P 92 14.67 97.35 37.61
C ILE P 92 15.30 97.00 38.96
N THR P 93 14.54 96.28 39.79
CA THR P 93 15.02 95.72 41.05
C THR P 93 14.86 94.21 41.00
N LEU P 94 15.86 93.49 41.49
CA LEU P 94 15.88 92.03 41.42
C LEU P 94 16.02 91.45 42.82
N VAL P 95 15.17 90.48 43.14
CA VAL P 95 15.22 89.74 44.40
C VAL P 95 15.33 88.26 44.06
N ARG P 96 16.26 87.58 44.72
CA ARG P 96 16.44 86.14 44.58
C ARG P 96 15.99 85.46 45.87
N VAL P 97 15.29 84.34 45.73
CA VAL P 97 14.74 83.62 46.87
C VAL P 97 15.13 82.15 46.74
N PRO P 98 15.19 81.42 47.86
CA PRO P 98 15.63 80.02 47.80
C PRO P 98 14.79 79.14 46.87
N GLY P 99 13.49 79.04 47.13
CA GLY P 99 12.63 78.13 46.39
C GLY P 99 11.33 78.79 46.01
N SER P 100 10.48 78.01 45.34
CA SER P 100 9.20 78.53 44.87
C SER P 100 8.30 78.92 46.02
N TRP P 101 8.41 78.22 47.16
CA TRP P 101 7.53 78.49 48.29
C TRP P 101 7.65 79.91 48.78
N GLU P 102 8.74 80.60 48.49
CA GLU P 102 8.98 81.94 48.99
C GLU P 102 8.68 83.03 47.98
N ILE P 103 8.21 82.68 46.78
CA ILE P 103 7.87 83.71 45.80
C ILE P 103 6.78 84.64 46.31
N PRO P 104 5.66 84.14 46.85
CA PRO P 104 4.57 85.07 47.21
C PRO P 104 4.91 86.04 48.34
N VAL P 105 5.60 85.58 49.38
CA VAL P 105 5.90 86.49 50.49
C VAL P 105 6.87 87.58 50.05
N ALA P 106 7.81 87.24 49.17
CA ALA P 106 8.75 88.23 48.67
C ALA P 106 8.06 89.25 47.77
N ALA P 107 7.15 88.78 46.93
CA ALA P 107 6.45 89.69 46.03
C ALA P 107 5.61 90.71 46.79
N GLY P 108 5.14 90.35 47.98
CA GLY P 108 4.34 91.29 48.76
C GLY P 108 5.14 92.49 49.23
N GLU P 109 6.36 92.26 49.71
CA GLU P 109 7.18 93.37 50.17
C GLU P 109 7.52 94.32 49.02
N LEU P 110 7.82 93.77 47.85
CA LEU P 110 8.07 94.62 46.69
C LEU P 110 6.81 95.36 46.27
N ALA P 111 5.68 94.64 46.16
CA ALA P 111 4.46 95.23 45.68
C ALA P 111 3.92 96.31 46.61
N ARG P 112 4.33 96.32 47.87
CA ARG P 112 3.88 97.32 48.82
C ARG P 112 4.73 98.58 48.79
N LYS P 113 5.80 98.61 48.00
CA LYS P 113 6.62 99.80 47.87
C LYS P 113 5.97 100.75 46.88
N GLU P 114 5.89 102.03 47.26
CA GLU P 114 5.20 103.01 46.44
C GLU P 114 5.89 103.23 45.10
N ASP P 115 7.20 103.09 45.04
CA ASP P 115 7.97 103.37 43.84
C ASP P 115 7.99 102.21 42.86
N ILE P 116 7.09 101.24 42.99
CA ILE P 116 6.98 100.12 42.06
C ILE P 116 5.59 100.14 41.46
N ASP P 117 5.51 99.75 40.19
CA ASP P 117 4.24 99.74 39.47
C ASP P 117 3.94 98.42 38.77
N ALA P 118 4.83 97.44 38.87
CA ALA P 118 4.57 96.13 38.31
C ALA P 118 5.60 95.16 38.83
N VAL P 119 5.18 93.94 39.12
CA VAL P 119 6.05 92.88 39.61
C VAL P 119 5.96 91.70 38.65
N ILE P 120 7.11 91.09 38.36
CA ILE P 120 7.18 89.92 37.50
C ILE P 120 7.72 88.76 38.33
N ALA P 121 7.03 87.63 38.27
CA ALA P 121 7.40 86.44 39.03
C ALA P 121 7.89 85.36 38.08
N ILE P 122 9.07 84.82 38.37
CA ILE P 122 9.71 83.83 37.52
C ILE P 122 10.15 82.67 38.39
N GLY P 123 9.93 81.45 37.91
CA GLY P 123 10.33 80.28 38.65
C GLY P 123 9.95 79.03 37.88
N VAL P 124 10.39 77.89 38.41
CA VAL P 124 10.16 76.59 37.81
C VAL P 124 9.51 75.69 38.85
N LEU P 125 8.38 75.09 38.48
CA LEU P 125 7.66 74.14 39.33
C LEU P 125 7.83 72.74 38.73
N ILE P 126 8.32 71.81 39.54
CA ILE P 126 8.55 70.44 39.09
C ILE P 126 7.29 69.63 39.33
N ARG P 127 7.00 68.72 38.40
CA ARG P 127 5.83 67.85 38.46
C ARG P 127 6.26 66.38 38.38
N GLY P 128 7.29 66.03 39.14
CA GLY P 128 7.79 64.67 39.13
C GLY P 128 6.90 63.71 39.88
N ALA P 129 7.24 62.43 39.77
CA ALA P 129 6.47 61.39 40.46
C ALA P 129 6.55 61.52 41.97
N THR P 130 7.56 62.19 42.49
CA THR P 130 7.69 62.33 43.94
C THR P 130 6.52 63.16 44.48
N PRO P 131 5.79 62.68 45.49
CA PRO P 131 4.66 63.46 46.02
C PRO P 131 5.11 64.58 46.95
N HIS P 132 4.15 65.27 47.55
CA HIS P 132 4.32 66.36 48.51
C HIS P 132 4.71 67.67 47.83
N PHE P 133 4.93 67.70 46.52
CA PHE P 133 5.25 68.93 45.81
C PHE P 133 4.00 69.64 45.28
N ASP P 134 2.91 68.91 45.05
CA ASP P 134 1.69 69.55 44.58
C ASP P 134 1.19 70.58 45.58
N TYR P 135 1.45 70.36 46.87
CA TYR P 135 1.05 71.34 47.88
C TYR P 135 1.78 72.66 47.65
N ILE P 136 3.08 72.60 47.35
CA ILE P 136 3.83 73.82 47.06
C ILE P 136 3.37 74.43 45.75
N ALA P 137 3.16 73.60 44.73
CA ALA P 137 2.85 74.11 43.40
C ALA P 137 1.53 74.88 43.40
N SER P 138 0.49 74.30 43.98
CA SER P 138 -0.82 74.94 43.94
C SER P 138 -0.84 76.24 44.71
N GLU P 139 -0.18 76.28 45.87
CA GLU P 139 -0.24 77.48 46.70
C GLU P 139 0.44 78.68 46.05
N VAL P 140 1.41 78.43 45.16
CA VAL P 140 2.13 79.55 44.54
C VAL P 140 1.19 80.37 43.67
N SER P 141 0.41 79.70 42.83
CA SER P 141 -0.50 80.42 41.96
C SER P 141 -1.55 81.19 42.75
N LYS P 142 -2.16 80.53 43.74
CA LYS P 142 -3.24 81.16 44.50
C LYS P 142 -2.73 82.40 45.23
N GLY P 143 -1.56 82.31 45.85
CA GLY P 143 -1.07 83.43 46.63
C GLY P 143 -0.83 84.67 45.81
N LEU P 144 -0.22 84.51 44.63
CA LEU P 144 0.05 85.66 43.78
C LEU P 144 -1.25 86.32 43.34
N ALA P 145 -2.26 85.53 43.01
CA ALA P 145 -3.54 86.09 42.57
C ALA P 145 -4.19 86.92 43.68
N ASN P 146 -4.15 86.43 44.91
CA ASN P 146 -4.77 87.16 46.01
C ASN P 146 -4.06 88.48 46.27
N LEU P 147 -2.73 88.49 46.18
CA LEU P 147 -1.97 89.73 46.43
C LEU P 147 -2.39 90.83 45.47
N SER P 148 -2.59 90.50 44.19
CA SER P 148 -2.88 91.53 43.20
C SER P 148 -4.17 92.25 43.54
N LEU P 149 -5.20 91.52 43.95
CA LEU P 149 -6.48 92.13 44.26
C LEU P 149 -6.42 92.90 45.57
N GLU P 150 -5.71 92.37 46.56
CA GLU P 150 -5.67 93.02 47.87
C GLU P 150 -4.89 94.32 47.82
N LEU P 151 -3.87 94.40 46.96
CA LEU P 151 -3.04 95.58 46.84
C LEU P 151 -3.35 96.44 45.62
N ARG P 152 -4.13 95.91 44.66
CA ARG P 152 -4.50 96.65 43.46
C ARG P 152 -3.25 97.04 42.65
N LYS P 153 -2.56 96.01 42.16
CA LYS P 153 -1.35 96.19 41.39
C LYS P 153 -1.10 94.93 40.55
N PRO P 154 -0.80 95.05 39.26
CA PRO P 154 -0.59 93.84 38.46
C PRO P 154 0.62 93.05 38.95
N ILE P 155 0.48 91.73 38.92
CA ILE P 155 1.58 90.83 39.23
C ILE P 155 1.59 89.73 38.19
N THR P 156 2.40 89.90 37.16
CA THR P 156 2.41 88.95 36.06
C THR P 156 2.97 87.61 36.53
N PHE P 157 2.57 86.56 35.82
CA PHE P 157 2.87 85.18 36.18
C PHE P 157 3.77 84.58 35.12
N GLY P 158 4.96 84.15 35.51
CA GLY P 158 5.93 83.65 34.56
C GLY P 158 6.53 82.33 34.96
N VAL P 159 5.75 81.49 35.63
CA VAL P 159 6.25 80.20 36.12
C VAL P 159 6.13 79.17 35.01
N ILE P 160 7.12 78.29 34.95
CA ILE P 160 7.19 77.24 33.93
C ILE P 160 7.27 75.90 34.64
N THR P 161 6.83 74.85 33.95
CA THR P 161 6.84 73.49 34.48
C THR P 161 7.65 72.60 33.55
N ALA P 162 8.51 71.78 34.14
CA ALA P 162 9.35 70.88 33.35
C ALA P 162 8.51 69.82 32.67
N GLY Q 15 -29.27 83.72 21.66
CA GLY Q 15 -28.15 84.20 20.86
C GLY Q 15 -26.82 83.66 21.35
N ASN Q 16 -25.84 84.54 21.44
CA ASN Q 16 -24.50 84.18 21.90
C ASN Q 16 -24.38 84.44 23.40
N LYS Q 17 -23.30 83.91 23.97
CA LYS Q 17 -23.09 84.05 25.41
C LYS Q 17 -22.98 85.50 25.83
N GLY Q 18 -22.57 86.38 24.92
CA GLY Q 18 -22.52 87.79 25.26
C GLY Q 18 -23.89 88.38 25.47
N TRP Q 19 -24.85 88.01 24.63
CA TRP Q 19 -26.22 88.47 24.83
C TRP Q 19 -26.73 88.05 26.20
N GLU Q 20 -26.47 86.80 26.59
CA GLU Q 20 -26.96 86.30 27.87
C GLU Q 20 -26.35 87.06 29.04
N ALA Q 21 -25.04 87.36 28.95
CA ALA Q 21 -24.37 88.05 30.06
C ALA Q 21 -24.94 89.44 30.27
N ALA Q 22 -25.22 90.16 29.19
CA ALA Q 22 -25.76 91.51 29.32
C ALA Q 22 -27.14 91.49 29.96
N LEU Q 23 -27.96 90.49 29.62
CA LEU Q 23 -29.30 90.39 30.21
C LEU Q 23 -29.22 90.24 31.72
N SER Q 24 -28.34 89.37 32.20
CA SER Q 24 -28.20 89.15 33.63
C SER Q 24 -27.76 90.42 34.33
N ALA Q 25 -26.86 91.17 33.71
CA ALA Q 25 -26.38 92.41 34.31
C ALA Q 25 -27.50 93.43 34.47
N ILE Q 26 -28.37 93.53 33.46
CA ILE Q 26 -29.44 94.52 33.53
C ILE Q 26 -30.43 94.16 34.64
N GLU Q 27 -30.74 92.87 34.79
CA GLU Q 27 -31.71 92.47 35.80
C GLU Q 27 -31.14 92.60 37.21
N MET Q 28 -29.88 92.19 37.40
CA MET Q 28 -29.26 92.32 38.72
C MET Q 28 -29.10 93.79 39.11
N ALA Q 29 -28.73 94.64 38.14
CA ALA Q 29 -28.56 96.06 38.43
C ALA Q 29 -29.86 96.68 38.90
N ASN Q 30 -30.97 96.32 38.27
CA ASN Q 30 -32.27 96.83 38.69
C ASN Q 30 -32.70 96.22 40.03
N LEU Q 31 -32.35 94.95 40.26
CA LEU Q 31 -32.74 94.30 41.51
C LEU Q 31 -32.13 95.00 42.72
N PHE Q 32 -30.83 95.32 42.64
CA PHE Q 32 -30.17 95.96 43.76
C PHE Q 32 -30.76 97.32 44.07
N LYS Q 33 -31.25 98.01 43.03
CA LYS Q 33 -31.87 99.31 43.24
C LYS Q 33 -33.19 99.22 43.98
N SER Q 34 -33.83 98.05 43.98
CA SER Q 34 -35.09 97.85 44.67
C SER Q 34 -34.89 97.49 46.14
N LEU Q 35 -33.89 96.66 46.45
CA LEU Q 35 -33.64 96.28 47.83
C LEU Q 35 -33.28 97.49 48.68
N ARG Q 36 -32.51 98.40 48.13
CA ARG Q 36 -32.07 99.61 48.86
C ARG Q 36 -33.26 100.53 49.07
N GLY Q 37 -34.38 100.38 48.33
CA GLY Q 37 -35.55 101.20 48.50
C GLY Q 37 -36.47 100.68 49.59
N THR Q 38 -37.60 101.37 49.74
CA THR Q 38 -38.55 101.02 50.78
C THR Q 38 -39.24 99.70 50.46
N GLY Q 39 -39.78 99.06 51.50
CA GLY Q 39 -40.45 97.80 51.35
C GLY Q 39 -41.86 97.94 50.82
N GLY Q 40 -42.55 96.80 50.73
CA GLY Q 40 -43.90 96.77 50.20
C GLY Q 40 -44.92 97.24 51.22
N SER Q 41 -46.18 97.29 50.76
CA SER Q 41 -47.27 97.74 51.61
C SER Q 41 -47.52 96.80 52.78
N GLY Q 42 -47.04 95.55 52.70
CA GLY Q 42 -47.24 94.60 53.77
C GLY Q 42 -48.49 93.78 53.61
N SER Q 43 -48.76 92.96 54.63
CA SER Q 43 -49.90 92.05 54.69
C SER Q 43 -49.80 90.90 53.71
N SER Q 44 -48.64 90.70 53.09
CA SER Q 44 -48.44 89.60 52.15
C SER Q 44 -46.94 89.45 51.91
N MET Q 45 -46.57 88.37 51.22
CA MET Q 45 -45.18 88.18 50.86
C MET Q 45 -44.68 89.33 50.00
N GLU Q 46 -43.46 89.77 50.28
CA GLU Q 46 -42.76 90.74 49.44
C GLU Q 46 -41.88 89.98 48.46
N ILE Q 47 -42.15 90.16 47.17
CA ILE Q 47 -41.33 89.56 46.12
C ILE Q 47 -40.53 90.67 45.47
N TYR Q 48 -39.21 90.53 45.50
CA TYR Q 48 -38.31 91.47 44.85
C TYR Q 48 -37.81 90.85 43.56
N GLU Q 49 -37.91 91.59 42.46
CA GLU Q 49 -37.43 91.13 41.16
C GLU Q 49 -36.93 92.33 40.38
N GLY Q 50 -36.12 92.04 39.36
CA GLY Q 50 -35.49 93.07 38.56
C GLY Q 50 -36.12 93.17 37.18
N LYS Q 51 -36.42 94.40 36.78
CA LYS Q 51 -36.95 94.65 35.44
C LYS Q 51 -35.84 94.51 34.42
N LEU Q 52 -36.18 94.75 33.15
CA LEU Q 52 -35.22 94.71 32.06
C LEU Q 52 -35.15 96.05 31.33
N THR Q 53 -35.45 97.13 32.04
CA THR Q 53 -35.28 98.47 31.51
C THR Q 53 -33.86 98.94 31.79
N ALA Q 54 -33.16 99.38 30.74
CA ALA Q 54 -31.75 99.75 30.81
C ALA Q 54 -31.55 101.25 30.59
N GLU Q 55 -32.46 102.07 31.10
CA GLU Q 55 -32.43 103.52 30.88
C GLU Q 55 -32.01 104.19 32.19
N GLY Q 56 -30.85 104.83 32.17
CA GLY Q 56 -30.28 105.44 33.35
C GLY Q 56 -29.20 104.64 34.03
N LEU Q 57 -28.76 103.54 33.44
CA LEU Q 57 -27.78 102.65 34.04
C LEU Q 57 -26.46 102.72 33.27
N ARG Q 58 -25.37 102.59 34.03
CA ARG Q 58 -24.02 102.64 33.48
C ARG Q 58 -23.37 101.27 33.61
N PHE Q 59 -22.66 100.85 32.57
CA PHE Q 59 -22.14 99.49 32.47
C PHE Q 59 -20.66 99.51 32.16
N GLY Q 60 -20.03 98.35 32.38
CA GLY Q 60 -18.63 98.16 32.07
C GLY Q 60 -18.36 96.78 31.53
N ILE Q 61 -17.46 96.68 30.55
CA ILE Q 61 -17.13 95.43 29.89
C ILE Q 61 -15.63 95.24 29.93
N VAL Q 62 -15.19 94.03 30.24
CA VAL Q 62 -13.77 93.67 30.27
C VAL Q 62 -13.58 92.46 29.39
N ALA Q 63 -12.73 92.57 28.38
CA ALA Q 63 -12.54 91.51 27.40
C ALA Q 63 -11.05 91.33 27.12
N SER Q 64 -10.70 90.15 26.63
CA SER Q 64 -9.32 89.76 26.36
C SER Q 64 -9.07 89.73 24.86
N ARG Q 65 -7.79 89.89 24.50
CA ARG Q 65 -7.40 89.89 23.09
C ARG Q 65 -7.37 88.49 22.49
N PHE Q 66 -7.13 87.46 23.31
CA PHE Q 66 -6.92 86.12 22.76
C PHE Q 66 -8.12 85.67 21.94
N ASN Q 67 -7.83 85.08 20.78
CA ASN Q 67 -8.85 84.65 19.83
C ASN Q 67 -9.80 85.80 19.51
N HIS Q 68 -9.23 86.87 18.96
CA HIS Q 68 -10.00 88.08 18.69
C HIS Q 68 -11.16 87.81 17.73
N ALA Q 69 -11.08 86.74 16.94
CA ALA Q 69 -12.19 86.39 16.07
C ALA Q 69 -13.44 86.10 16.89
N LEU Q 70 -13.32 85.23 17.89
CA LEU Q 70 -14.48 84.88 18.71
C LEU Q 70 -14.85 86.00 19.66
N VAL Q 71 -13.86 86.61 20.32
CA VAL Q 71 -14.15 87.55 21.38
C VAL Q 71 -14.89 88.77 20.85
N ASP Q 72 -14.56 89.19 19.63
CA ASP Q 72 -15.22 90.36 19.06
C ASP Q 72 -16.70 90.12 18.89
N ARG Q 73 -17.08 88.91 18.47
CA ARG Q 73 -18.49 88.60 18.32
C ARG Q 73 -19.22 88.73 19.65
N LEU Q 74 -18.60 88.29 20.74
CA LEU Q 74 -19.25 88.35 22.04
C LEU Q 74 -19.43 89.79 22.50
N VAL Q 75 -18.44 90.65 22.24
CA VAL Q 75 -18.55 92.03 22.68
C VAL Q 75 -19.62 92.77 21.90
N GLU Q 76 -19.80 92.42 20.62
CA GLU Q 76 -20.89 93.01 19.85
C GLU Q 76 -22.25 92.64 20.43
N GLY Q 77 -22.39 91.38 20.86
CA GLY Q 77 -23.66 90.95 21.41
C GLY Q 77 -24.07 91.73 22.65
N ALA Q 78 -23.12 91.97 23.56
CA ALA Q 78 -23.44 92.71 24.76
C ALA Q 78 -23.86 94.14 24.45
N ILE Q 79 -23.19 94.78 23.49
CA ILE Q 79 -23.57 96.14 23.11
C ILE Q 79 -24.96 96.14 22.50
N ASP Q 80 -25.27 95.17 21.64
CA ASP Q 80 -26.59 95.11 21.03
C ASP Q 80 -27.68 94.98 22.08
N CYS Q 81 -27.47 94.10 23.07
CA CYS Q 81 -28.51 93.85 24.06
C CYS Q 81 -28.84 95.11 24.86
N ILE Q 82 -27.82 95.87 25.25
CA ILE Q 82 -28.05 97.05 26.07
C ILE Q 82 -28.77 98.12 25.26
N VAL Q 83 -28.42 98.26 23.98
CA VAL Q 83 -29.05 99.29 23.15
C VAL Q 83 -30.50 98.91 22.85
N ARG Q 84 -30.75 97.66 22.49
CA ARG Q 84 -32.11 97.24 22.18
C ARG Q 84 -33.05 97.45 23.36
N HIS Q 85 -32.54 97.35 24.57
CA HIS Q 85 -33.35 97.51 25.78
C HIS Q 85 -33.43 98.96 26.26
N GLY Q 86 -32.87 99.90 25.51
CA GLY Q 86 -33.05 101.31 25.79
C GLY Q 86 -31.90 102.00 26.50
N GLY Q 87 -30.67 101.58 26.28
CA GLY Q 87 -29.51 102.18 26.91
C GLY Q 87 -28.59 102.79 25.87
N ARG Q 88 -27.99 103.92 26.22
CA ARG Q 88 -27.12 104.63 25.29
C ARG Q 88 -25.73 104.00 25.27
N GLU Q 89 -25.01 104.23 24.18
CA GLU Q 89 -23.63 103.79 24.08
C GLU Q 89 -22.68 104.69 24.85
N GLU Q 90 -23.11 105.89 25.23
CA GLU Q 90 -22.27 106.78 26.00
C GLU Q 90 -22.17 106.38 27.46
N ASP Q 91 -22.99 105.43 27.91
CA ASP Q 91 -22.96 104.94 29.29
C ASP Q 91 -22.30 103.58 29.40
N ILE Q 92 -21.38 103.25 28.49
CA ILE Q 92 -20.67 101.99 28.49
C ILE Q 92 -19.18 102.28 28.46
N THR Q 93 -18.42 101.64 29.35
CA THR Q 93 -16.98 101.72 29.40
C THR Q 93 -16.39 100.36 29.04
N LEU Q 94 -15.48 100.34 28.08
CA LEU Q 94 -14.88 99.10 27.59
C LEU Q 94 -13.38 99.13 27.88
N VAL Q 95 -12.88 98.05 28.50
CA VAL Q 95 -11.47 97.93 28.85
C VAL Q 95 -10.97 96.58 28.35
N ARG Q 96 -9.82 96.58 27.70
CA ARG Q 96 -9.24 95.37 27.11
C ARG Q 96 -7.91 95.06 27.78
N VAL Q 97 -7.61 93.77 27.92
CA VAL Q 97 -6.45 93.32 28.68
C VAL Q 97 -5.75 92.21 27.90
N PRO Q 98 -4.46 91.99 28.18
CA PRO Q 98 -3.69 91.04 27.36
C PRO Q 98 -4.25 89.62 27.36
N GLY Q 99 -4.74 89.14 28.50
CA GLY Q 99 -5.12 87.74 28.59
C GLY Q 99 -6.08 87.50 29.73
N SER Q 100 -6.45 86.22 29.89
CA SER Q 100 -7.46 85.86 30.88
C SER Q 100 -6.99 86.14 32.29
N TRP Q 101 -5.69 85.94 32.56
CA TRP Q 101 -5.19 86.12 33.91
C TRP Q 101 -5.40 87.52 34.44
N GLU Q 102 -5.57 88.51 33.57
CA GLU Q 102 -5.69 89.90 33.99
C GLU Q 102 -7.13 90.39 34.06
N ILE Q 103 -8.11 89.55 33.73
CA ILE Q 103 -9.50 89.98 33.85
C ILE Q 103 -9.87 90.36 35.27
N PRO Q 104 -9.57 89.54 36.30
CA PRO Q 104 -10.05 89.90 37.65
C PRO Q 104 -9.47 91.18 38.21
N VAL Q 105 -8.19 91.44 37.98
CA VAL Q 105 -7.58 92.66 38.49
C VAL Q 105 -8.14 93.88 37.75
N ALA Q 106 -8.39 93.74 36.44
CA ALA Q 106 -9.01 94.82 35.69
C ALA Q 106 -10.44 95.06 36.14
N ALA Q 107 -11.19 94.00 36.42
CA ALA Q 107 -12.57 94.15 36.86
C ALA Q 107 -12.67 94.82 38.22
N GLY Q 108 -11.63 94.69 39.05
CA GLY Q 108 -11.66 95.31 40.36
C GLY Q 108 -11.65 96.82 40.31
N GLU Q 109 -10.86 97.40 39.38
CA GLU Q 109 -10.80 98.85 39.27
C GLU Q 109 -12.15 99.44 38.87
N LEU Q 110 -12.82 98.82 37.89
CA LEU Q 110 -14.12 99.33 37.46
C LEU Q 110 -15.15 99.25 38.59
N ALA Q 111 -15.16 98.13 39.32
CA ALA Q 111 -16.19 97.92 40.33
C ALA Q 111 -16.08 98.90 41.50
N ARG Q 112 -14.92 99.50 41.71
CA ARG Q 112 -14.76 100.42 42.83
C ARG Q 112 -15.28 101.81 42.52
N LYS Q 113 -15.51 102.13 41.26
CA LYS Q 113 -16.06 103.43 40.90
C LYS Q 113 -17.53 103.53 41.32
N GLU Q 114 -17.95 104.74 41.66
CA GLU Q 114 -19.32 104.98 42.07
C GLU Q 114 -20.24 105.31 40.91
N ASP Q 115 -19.75 105.26 39.68
CA ASP Q 115 -20.56 105.53 38.49
C ASP Q 115 -20.79 104.30 37.63
N ILE Q 116 -20.39 103.12 38.11
CA ILE Q 116 -20.60 101.86 37.39
C ILE Q 116 -21.46 100.97 38.25
N ASP Q 117 -22.55 100.46 37.67
CA ASP Q 117 -23.53 99.66 38.39
C ASP Q 117 -23.48 98.18 38.07
N ALA Q 118 -22.63 97.77 37.13
CA ALA Q 118 -22.52 96.36 36.79
C ALA Q 118 -21.29 96.18 35.90
N VAL Q 119 -20.74 94.98 35.92
CA VAL Q 119 -19.55 94.64 35.16
C VAL Q 119 -19.77 93.30 34.46
N ILE Q 120 -19.29 93.19 33.24
CA ILE Q 120 -19.44 92.01 32.41
C ILE Q 120 -18.06 91.56 31.97
N ALA Q 121 -17.76 90.28 32.15
CA ALA Q 121 -16.48 89.70 31.78
C ALA Q 121 -16.65 88.79 30.56
N ILE Q 122 -15.82 89.00 29.55
CA ILE Q 122 -15.85 88.23 28.32
C ILE Q 122 -14.47 87.65 28.09
N GLY Q 123 -14.41 86.38 27.71
CA GLY Q 123 -13.12 85.75 27.48
C GLY Q 123 -13.28 84.35 26.92
N VAL Q 124 -12.16 83.82 26.46
CA VAL Q 124 -12.10 82.47 25.91
C VAL Q 124 -10.83 81.80 26.44
N LEU Q 125 -10.96 80.56 26.87
CA LEU Q 125 -9.85 79.79 27.42
C LEU Q 125 -9.61 78.55 26.56
N ILE Q 126 -8.54 77.83 26.90
CA ILE Q 126 -8.17 76.63 26.16
C ILE Q 126 -7.77 75.53 27.15
N ARG Q 127 -8.69 74.61 27.42
CA ARG Q 127 -8.39 73.52 28.33
C ARG Q 127 -7.30 72.62 27.77
N GLY Q 128 -7.35 72.33 26.47
CA GLY Q 128 -6.34 71.51 25.84
C GLY Q 128 -5.07 72.29 25.52
N ALA Q 129 -4.36 72.71 26.56
CA ALA Q 129 -3.14 73.48 26.42
C ALA Q 129 -2.09 72.91 27.37
N THR Q 130 -0.99 73.64 27.51
CA THR Q 130 0.08 73.20 28.39
C THR Q 130 -0.38 73.24 29.85
N PRO Q 131 0.28 72.49 30.73
CA PRO Q 131 -0.14 72.50 32.15
C PRO Q 131 -0.09 73.89 32.77
N HIS Q 132 0.80 74.76 32.31
CA HIS Q 132 0.88 76.11 32.86
C HIS Q 132 -0.45 76.85 32.72
N PHE Q 133 -1.19 76.59 31.65
CA PHE Q 133 -2.47 77.25 31.43
C PHE Q 133 -3.62 76.43 32.02
N ASP Q 134 -3.46 76.03 33.27
CA ASP Q 134 -4.52 75.38 34.05
C ASP Q 134 -4.72 76.04 35.39
N TYR Q 135 -3.64 76.48 36.05
CA TYR Q 135 -3.79 77.29 37.25
C TYR Q 135 -4.53 78.58 36.94
N ILE Q 136 -4.30 79.14 35.76
CA ILE Q 136 -4.98 80.37 35.37
C ILE Q 136 -6.48 80.13 35.23
N ALA Q 137 -6.87 79.00 34.62
CA ALA Q 137 -8.26 78.78 34.29
C ALA Q 137 -9.15 78.80 35.53
N SER Q 138 -8.71 78.13 36.60
CA SER Q 138 -9.51 78.07 37.82
C SER Q 138 -9.47 79.39 38.58
N GLU Q 139 -8.39 80.16 38.44
CA GLU Q 139 -8.26 81.36 39.24
C GLU Q 139 -9.15 82.49 38.75
N VAL Q 140 -9.55 82.46 37.48
CA VAL Q 140 -10.45 83.48 36.96
C VAL Q 140 -11.80 83.39 37.67
N SER Q 141 -12.31 82.18 37.82
CA SER Q 141 -13.60 81.99 38.48
C SER Q 141 -13.54 82.42 39.94
N LYS Q 142 -12.48 82.04 40.65
CA LYS Q 142 -12.36 82.40 42.06
C LYS Q 142 -12.28 83.90 42.24
N GLY Q 143 -11.47 84.58 41.42
CA GLY Q 143 -11.23 86.00 41.65
C GLY Q 143 -12.48 86.83 41.48
N LEU Q 144 -13.24 86.58 40.42
CA LEU Q 144 -14.45 87.36 40.17
C LEU Q 144 -15.49 87.11 41.24
N ALA Q 145 -15.58 85.87 41.74
CA ALA Q 145 -16.56 85.56 42.78
C ALA Q 145 -16.28 86.34 44.06
N ASN Q 146 -15.01 86.41 44.46
CA ASN Q 146 -14.67 87.10 45.71
C ASN Q 146 -14.88 88.61 45.61
N LEU Q 147 -14.75 89.17 44.41
CA LEU Q 147 -14.97 90.60 44.23
C LEU Q 147 -16.40 90.98 44.56
N SER Q 148 -17.37 90.22 44.05
CA SER Q 148 -18.77 90.58 44.19
C SER Q 148 -19.18 90.66 45.65
N LEU Q 149 -18.82 89.63 46.43
CA LEU Q 149 -19.16 89.64 47.84
C LEU Q 149 -18.43 90.75 48.59
N GLU Q 150 -17.17 91.00 48.23
CA GLU Q 150 -16.39 92.03 48.91
C GLU Q 150 -16.96 93.42 48.65
N LEU Q 151 -17.18 93.75 47.37
CA LEU Q 151 -17.64 95.07 46.99
C LEU Q 151 -19.16 95.19 46.98
N ARG Q 152 -19.89 94.08 47.03
CA ARG Q 152 -21.36 94.10 47.06
C ARG Q 152 -21.92 94.78 45.81
N LYS Q 153 -21.57 94.20 44.66
CA LYS Q 153 -21.92 94.78 43.38
C LYS Q 153 -21.92 93.68 42.31
N PRO Q 154 -22.99 93.50 41.54
CA PRO Q 154 -23.04 92.36 40.62
C PRO Q 154 -21.90 92.39 39.61
N ILE Q 155 -21.31 91.21 39.40
CA ILE Q 155 -20.32 90.98 38.36
C ILE Q 155 -20.71 89.72 37.62
N THR Q 156 -20.91 89.83 36.32
CA THR Q 156 -21.48 88.76 35.51
C THR Q 156 -20.37 88.01 34.78
N PHE Q 157 -20.66 86.75 34.47
CA PHE Q 157 -19.69 85.81 33.93
C PHE Q 157 -20.03 85.51 32.49
N GLY Q 158 -19.04 85.66 31.60
CA GLY Q 158 -19.24 85.37 30.19
C GLY Q 158 -18.05 84.70 29.56
N VAL Q 159 -17.30 83.94 30.34
CA VAL Q 159 -16.07 83.30 29.88
C VAL Q 159 -16.41 81.90 29.38
N ILE Q 160 -16.10 81.64 28.11
CA ILE Q 160 -16.39 80.35 27.50
C ILE Q 160 -15.08 79.65 27.18
N THR Q 161 -15.16 78.43 26.64
CA THR Q 161 -13.99 77.65 26.30
C THR Q 161 -14.15 77.10 24.89
N ALA Q 162 -13.01 76.98 24.19
CA ALA Q 162 -13.00 76.48 22.82
C ALA Q 162 -12.76 74.98 22.80
N ALA R 10 -50.36 75.44 46.55
CA ALA R 10 -49.67 74.18 46.34
C ALA R 10 -48.90 73.80 47.59
N GLY R 11 -48.11 72.73 47.51
CA GLY R 11 -47.27 72.35 48.63
C GLY R 11 -46.59 71.03 48.36
N THR R 12 -45.88 70.53 49.36
CA THR R 12 -45.27 69.22 49.28
C THR R 12 -45.00 68.70 50.69
N LYS R 13 -44.33 67.56 50.77
CA LYS R 13 -43.96 66.91 52.01
C LYS R 13 -42.61 66.25 51.80
N HIS R 14 -42.26 65.27 52.64
CA HIS R 14 -40.99 64.57 52.49
C HIS R 14 -40.78 64.13 51.05
N GLY R 15 -39.54 64.23 50.54
CA GLY R 15 -39.18 63.87 49.15
C GLY R 15 -38.63 65.08 48.42
N ASN R 16 -39.34 66.21 48.44
CA ASN R 16 -38.89 67.45 47.74
C ASN R 16 -37.76 68.07 48.54
N LYS R 17 -36.77 68.67 47.88
CA LYS R 17 -35.57 69.28 48.55
C LYS R 17 -35.93 70.63 49.14
N GLY R 18 -37.04 71.25 48.72
CA GLY R 18 -37.51 72.52 49.31
C GLY R 18 -38.01 72.32 50.73
N TRP R 19 -38.59 71.15 51.06
CA TRP R 19 -39.14 70.87 52.37
C TRP R 19 -38.04 70.56 53.38
N GLU R 20 -37.06 69.74 52.99
CA GLU R 20 -35.98 69.40 53.91
C GLU R 20 -35.18 70.65 54.29
N ALA R 21 -34.89 71.51 53.31
CA ALA R 21 -34.12 72.71 53.58
C ALA R 21 -34.83 73.61 54.58
N ALA R 22 -36.14 73.76 54.42
CA ALA R 22 -36.90 74.60 55.35
C ALA R 22 -36.89 74.00 56.76
N LEU R 23 -36.86 72.67 56.87
CA LEU R 23 -36.80 72.06 58.18
C LEU R 23 -35.53 72.45 58.93
N SER R 24 -34.39 72.40 58.23
CA SER R 24 -33.12 72.72 58.88
C SER R 24 -33.10 74.16 59.36
N ALA R 25 -33.67 75.07 58.58
CA ALA R 25 -33.67 76.48 58.94
C ALA R 25 -34.42 76.72 60.24
N ILE R 26 -35.57 76.06 60.41
CA ILE R 26 -36.37 76.26 61.62
C ILE R 26 -35.60 75.75 62.83
N GLU R 27 -35.00 74.56 62.71
CA GLU R 27 -34.25 74.00 63.83
C GLU R 27 -33.05 74.87 64.18
N MET R 28 -32.32 75.34 63.18
CA MET R 28 -31.15 76.18 63.43
C MET R 28 -31.54 77.54 63.99
N ALA R 29 -32.64 78.11 63.49
CA ALA R 29 -33.06 79.42 63.95
C ALA R 29 -33.47 79.39 65.42
N ASN R 30 -34.12 78.30 65.85
CA ASN R 30 -34.49 78.17 67.25
C ASN R 30 -33.28 77.87 68.13
N LEU R 31 -32.33 77.10 67.61
CA LEU R 31 -31.15 76.73 68.38
C LEU R 31 -30.35 77.95 68.80
N PHE R 32 -30.16 78.89 67.88
CA PHE R 32 -29.34 80.06 68.19
C PHE R 32 -29.97 80.89 69.30
N LYS R 33 -31.29 81.06 69.27
CA LYS R 33 -31.97 81.80 70.33
C LYS R 33 -31.74 81.16 71.69
N SER R 34 -31.63 79.83 71.73
CA SER R 34 -31.34 79.15 72.99
C SER R 34 -29.91 79.41 73.44
N LEU R 35 -28.96 79.40 72.50
CA LEU R 35 -27.56 79.60 72.86
C LEU R 35 -27.33 81.00 73.42
N ARG R 36 -27.93 82.01 72.80
CA ARG R 36 -27.77 83.38 73.29
C ARG R 36 -28.55 83.65 74.57
N GLY R 37 -29.38 82.72 75.02
CA GLY R 37 -30.20 82.93 76.20
C GLY R 37 -29.39 82.80 77.48
N THR R 38 -30.06 83.07 78.59
CA THR R 38 -29.42 83.01 79.89
C THR R 38 -28.89 81.61 80.17
N GLY R 39 -27.69 81.55 80.73
CA GLY R 39 -27.08 80.26 81.01
C GLY R 39 -27.83 79.49 82.07
N GLY R 40 -27.59 78.17 82.08
CA GLY R 40 -28.24 77.30 83.01
C GLY R 40 -27.65 77.39 84.41
N SER R 41 -28.29 76.68 85.34
CA SER R 41 -27.86 76.65 86.73
C SER R 41 -26.74 75.66 86.98
N GLY R 42 -26.30 74.93 85.96
CA GLY R 42 -25.23 73.96 86.15
C GLY R 42 -25.73 72.70 86.83
N SER R 43 -24.81 72.01 87.50
CA SER R 43 -25.03 70.77 88.24
C SER R 43 -25.13 69.56 87.32
N SER R 44 -25.11 69.74 86.00
CA SER R 44 -25.12 68.61 85.08
C SER R 44 -24.77 69.11 83.69
N MET R 45 -24.60 68.15 82.78
CA MET R 45 -24.30 68.48 81.40
C MET R 45 -25.51 69.14 80.74
N GLU R 46 -25.24 70.16 79.92
CA GLU R 46 -26.27 70.89 79.21
C GLU R 46 -26.33 70.43 77.77
N ILE R 47 -27.51 70.05 77.31
CA ILE R 47 -27.75 69.60 75.95
C ILE R 47 -28.62 70.64 75.26
N TYR R 48 -28.13 71.19 74.16
CA TYR R 48 -28.83 72.20 73.37
C TYR R 48 -29.32 71.55 72.08
N GLU R 49 -30.60 71.74 71.76
CA GLU R 49 -31.15 71.21 70.53
C GLU R 49 -32.32 72.09 70.12
N GLY R 50 -32.71 72.00 68.85
CA GLY R 50 -33.71 72.87 68.28
C GLY R 50 -35.10 72.25 68.21
N LYS R 51 -36.10 73.10 68.32
CA LYS R 51 -37.50 72.70 68.23
C LYS R 51 -38.05 73.02 66.84
N LEU R 52 -38.99 72.19 66.39
CA LEU R 52 -39.65 72.42 65.11
C LEU R 52 -40.87 73.32 65.28
N THR R 53 -40.66 74.51 65.84
CA THR R 53 -41.68 75.53 65.98
C THR R 53 -41.19 76.78 65.26
N ALA R 54 -42.09 77.43 64.52
CA ALA R 54 -41.73 78.58 63.70
C ALA R 54 -42.45 79.86 64.12
N GLU R 55 -43.07 79.88 65.29
CA GLU R 55 -43.82 81.05 65.72
C GLU R 55 -42.87 82.21 66.02
N GLY R 56 -43.13 83.35 65.39
CA GLY R 56 -42.33 84.54 65.62
C GLY R 56 -41.03 84.62 64.87
N LEU R 57 -40.81 83.76 63.88
CA LEU R 57 -39.58 83.74 63.11
C LEU R 57 -39.78 84.40 61.75
N ARG R 58 -38.66 84.79 61.14
CA ARG R 58 -38.66 85.47 59.85
C ARG R 58 -37.61 84.83 58.95
N PHE R 59 -37.94 84.68 57.68
CA PHE R 59 -37.12 83.93 56.74
C PHE R 59 -36.94 84.69 55.44
N GLY R 60 -35.96 84.24 54.67
CA GLY R 60 -35.75 84.74 53.33
C GLY R 60 -35.39 83.60 52.39
N ILE R 61 -35.86 83.72 51.15
CA ILE R 61 -35.68 82.68 50.16
C ILE R 61 -35.08 83.33 48.91
N VAL R 62 -34.08 82.69 48.33
CA VAL R 62 -33.43 83.12 47.11
C VAL R 62 -33.52 81.99 46.10
N ALA R 63 -34.13 82.27 44.95
CA ALA R 63 -34.41 81.25 43.95
C ALA R 63 -33.92 81.68 42.58
N SER R 64 -33.50 80.70 41.78
CA SER R 64 -33.03 80.92 40.43
C SER R 64 -34.14 80.60 39.44
N ARG R 65 -34.17 81.37 38.34
CA ARG R 65 -35.22 81.23 37.34
C ARG R 65 -34.98 80.08 36.37
N PHE R 66 -33.77 79.55 36.30
CA PHE R 66 -33.48 78.47 35.38
C PHE R 66 -34.26 77.22 35.75
N ASN R 67 -34.69 76.46 34.73
CA ASN R 67 -35.45 75.23 34.91
C ASN R 67 -36.73 75.51 35.72
N HIS R 68 -37.61 76.27 35.08
CA HIS R 68 -38.82 76.75 35.77
C HIS R 68 -39.67 75.61 36.29
N ALA R 69 -39.64 74.44 35.63
CA ALA R 69 -40.46 73.33 36.08
C ALA R 69 -40.00 72.82 37.43
N LEU R 70 -38.70 72.56 37.57
CA LEU R 70 -38.19 71.99 38.82
C LEU R 70 -38.21 73.03 39.94
N VAL R 71 -37.71 74.23 39.68
CA VAL R 71 -37.51 75.19 40.76
C VAL R 71 -38.83 75.61 41.36
N ASP R 72 -39.88 75.71 40.53
CA ASP R 72 -41.16 76.21 41.03
C ASP R 72 -41.71 75.32 42.13
N ARG R 73 -41.58 74.00 41.98
CA ARG R 73 -42.13 73.10 42.99
C ARG R 73 -41.28 73.07 44.25
N LEU R 74 -39.98 73.36 44.14
CA LEU R 74 -39.16 73.46 45.34
C LEU R 74 -39.51 74.69 46.16
N VAL R 75 -39.79 75.82 45.52
CA VAL R 75 -40.15 77.02 46.25
C VAL R 75 -41.48 76.83 46.97
N GLU R 76 -42.42 76.11 46.33
CA GLU R 76 -43.69 75.83 46.99
C GLU R 76 -43.51 74.95 48.21
N GLY R 77 -42.62 73.96 48.13
CA GLY R 77 -42.34 73.13 49.29
C GLY R 77 -41.79 73.94 50.45
N ALA R 78 -40.86 74.84 50.16
CA ALA R 78 -40.25 75.65 51.22
C ALA R 78 -41.28 76.52 51.92
N ILE R 79 -42.14 77.18 51.15
CA ILE R 79 -43.15 78.05 51.76
C ILE R 79 -44.16 77.23 52.54
N ASP R 80 -44.47 76.03 52.05
CA ASP R 80 -45.45 75.17 52.73
C ASP R 80 -44.96 74.76 54.11
N CYS R 81 -43.67 74.43 54.22
CA CYS R 81 -43.13 73.97 55.50
C CYS R 81 -43.25 75.05 56.57
N ILE R 82 -42.94 76.30 56.21
CA ILE R 82 -42.93 77.38 57.19
C ILE R 82 -44.34 77.64 57.71
N VAL R 83 -45.33 77.61 56.81
CA VAL R 83 -46.70 77.91 57.22
C VAL R 83 -47.26 76.81 58.10
N ARG R 84 -47.02 75.55 57.73
CA ARG R 84 -47.62 74.45 58.47
C ARG R 84 -47.08 74.38 59.90
N HIS R 85 -45.81 74.71 60.09
CA HIS R 85 -45.17 74.61 61.40
C HIS R 85 -45.33 75.86 62.25
N GLY R 86 -46.19 76.78 61.85
CA GLY R 86 -46.52 77.95 62.67
C GLY R 86 -46.10 79.27 62.08
N GLY R 87 -45.47 79.30 60.92
CA GLY R 87 -45.02 80.54 60.36
C GLY R 87 -46.16 81.45 59.96
N ARG R 88 -45.80 82.67 59.56
CA ARG R 88 -46.75 83.68 59.16
C ARG R 88 -46.33 84.19 57.79
N GLU R 89 -47.31 84.23 56.86
CA GLU R 89 -46.98 84.54 55.47
C GLU R 89 -46.36 85.92 55.31
N GLU R 90 -46.73 86.86 56.18
CA GLU R 90 -46.19 88.20 56.13
C GLU R 90 -44.71 88.26 56.45
N ASP R 91 -44.13 87.19 57.00
CA ASP R 91 -42.73 87.16 57.43
C ASP R 91 -41.87 86.28 56.53
N ILE R 92 -42.13 86.31 55.23
CA ILE R 92 -41.27 85.64 54.25
C ILE R 92 -40.97 86.63 53.14
N THR R 93 -39.70 86.72 52.75
CA THR R 93 -39.26 87.55 51.65
C THR R 93 -38.67 86.65 50.58
N LEU R 94 -39.10 86.83 49.33
CA LEU R 94 -38.64 86.03 48.21
C LEU R 94 -37.88 86.91 47.24
N VAL R 95 -36.81 86.37 46.66
CA VAL R 95 -35.97 87.08 45.70
C VAL R 95 -35.67 86.14 44.54
N ARG R 96 -35.92 86.61 43.32
CA ARG R 96 -35.62 85.87 42.11
C ARG R 96 -34.35 86.44 41.47
N VAL R 97 -33.54 85.57 40.88
CA VAL R 97 -32.30 85.98 40.22
C VAL R 97 -32.16 85.20 38.92
N PRO R 98 -31.39 85.74 37.96
CA PRO R 98 -31.22 85.05 36.68
C PRO R 98 -30.80 83.59 36.80
N GLY R 99 -29.70 83.32 37.48
CA GLY R 99 -29.16 81.97 37.52
C GLY R 99 -28.42 81.64 38.80
N SER R 100 -27.76 80.47 38.81
CA SER R 100 -27.09 80.02 40.01
C SER R 100 -25.89 80.89 40.37
N TRP R 101 -25.20 81.43 39.37
CA TRP R 101 -24.01 82.24 39.64
C TRP R 101 -24.35 83.47 40.47
N GLU R 102 -25.57 83.97 40.39
CA GLU R 102 -25.95 85.17 41.11
C GLU R 102 -26.51 84.91 42.49
N ILE R 103 -26.72 83.65 42.88
CA ILE R 103 -27.33 83.36 44.18
C ILE R 103 -26.51 83.90 45.33
N PRO R 104 -25.20 83.64 45.41
CA PRO R 104 -24.45 84.11 46.60
C PRO R 104 -24.51 85.60 46.82
N VAL R 105 -24.45 86.41 45.77
CA VAL R 105 -24.42 87.85 45.97
C VAL R 105 -25.74 88.34 46.53
N ALA R 106 -26.86 87.83 46.01
CA ALA R 106 -28.17 88.23 46.50
C ALA R 106 -28.39 87.75 47.92
N ALA R 107 -27.92 86.54 48.25
CA ALA R 107 -28.10 86.02 49.60
C ALA R 107 -27.41 86.92 50.62
N GLY R 108 -26.27 87.51 50.26
CA GLY R 108 -25.58 88.39 51.19
C GLY R 108 -26.39 89.63 51.53
N GLU R 109 -27.13 90.17 50.56
CA GLU R 109 -27.95 91.34 50.81
C GLU R 109 -29.03 91.04 51.84
N LEU R 110 -29.61 89.84 51.78
CA LEU R 110 -30.65 89.48 52.72
C LEU R 110 -30.10 89.23 54.11
N ALA R 111 -28.98 88.51 54.21
CA ALA R 111 -28.43 88.12 55.50
C ALA R 111 -28.09 89.32 56.38
N ARG R 112 -27.84 90.49 55.78
CA ARG R 112 -27.45 91.66 56.55
C ARG R 112 -28.63 92.39 57.16
N LYS R 113 -29.86 92.08 56.73
CA LYS R 113 -31.03 92.69 57.35
C LYS R 113 -31.12 92.29 58.81
N GLU R 114 -31.41 93.27 59.66
CA GLU R 114 -31.49 93.00 61.09
C GLU R 114 -32.73 92.19 61.46
N ASP R 115 -33.66 91.99 60.54
CA ASP R 115 -34.93 91.32 60.80
C ASP R 115 -35.07 90.04 60.00
N ILE R 116 -33.95 89.39 59.68
CA ILE R 116 -33.93 88.09 59.01
C ILE R 116 -33.18 87.12 59.91
N ASP R 117 -33.81 85.99 60.23
CA ASP R 117 -33.22 85.00 61.12
C ASP R 117 -32.57 83.83 60.38
N ALA R 118 -32.99 83.55 59.17
CA ALA R 118 -32.39 82.46 58.39
C ALA R 118 -32.67 82.73 56.91
N VAL R 119 -31.91 82.04 56.07
CA VAL R 119 -31.97 82.22 54.62
C VAL R 119 -31.90 80.85 53.95
N ILE R 120 -32.69 80.67 52.91
CA ILE R 120 -32.80 79.39 52.20
C ILE R 120 -32.45 79.64 50.74
N ALA R 121 -31.49 78.89 50.21
CA ALA R 121 -31.03 79.03 48.83
C ALA R 121 -31.52 77.85 48.01
N ILE R 122 -32.15 78.14 46.86
CA ILE R 122 -32.75 77.12 46.00
C ILE R 122 -32.24 77.34 44.58
N GLY R 123 -31.91 76.25 43.91
CA GLY R 123 -31.44 76.35 42.53
C GLY R 123 -31.19 74.97 41.97
N VAL R 124 -30.82 74.95 40.69
CA VAL R 124 -30.55 73.72 39.97
C VAL R 124 -29.23 73.88 39.22
N LEU R 125 -28.38 72.86 39.30
CA LEU R 125 -27.06 72.86 38.67
C LEU R 125 -27.03 71.81 37.58
N ILE R 126 -26.35 72.12 36.47
CA ILE R 126 -26.27 71.23 35.33
C ILE R 126 -24.83 70.81 35.11
N ARG R 127 -24.07 70.69 36.20
CA ARG R 127 -22.66 70.35 36.10
C ARG R 127 -22.48 68.97 35.50
N GLY R 128 -21.38 68.81 34.76
CA GLY R 128 -20.98 67.55 34.16
C GLY R 128 -21.15 67.50 32.66
N ALA R 129 -22.14 68.23 32.13
CA ALA R 129 -22.40 68.17 30.69
C ALA R 129 -21.25 68.77 29.89
N THR R 130 -20.82 69.97 30.24
CA THR R 130 -19.79 70.68 29.50
C THR R 130 -19.11 71.67 30.44
N PRO R 131 -18.00 72.27 30.01
CA PRO R 131 -17.39 73.34 30.83
C PRO R 131 -18.28 74.56 30.93
N HIS R 132 -17.82 75.60 31.62
CA HIS R 132 -18.55 76.82 31.92
C HIS R 132 -19.57 76.60 33.04
N PHE R 133 -19.74 75.36 33.52
CA PHE R 133 -20.65 75.05 34.60
C PHE R 133 -19.99 74.39 35.78
N ASP R 134 -18.90 73.63 35.57
CA ASP R 134 -18.13 73.12 36.70
C ASP R 134 -17.55 74.25 37.52
N TYR R 135 -17.09 75.31 36.84
CA TYR R 135 -16.63 76.50 37.55
C TYR R 135 -17.76 77.14 38.34
N ILE R 136 -18.95 77.24 37.73
CA ILE R 136 -20.08 77.88 38.40
C ILE R 136 -20.46 77.09 39.64
N ALA R 137 -20.51 75.77 39.54
CA ALA R 137 -20.97 74.95 40.65
C ALA R 137 -20.05 75.08 41.85
N SER R 138 -18.74 75.11 41.61
CA SER R 138 -17.78 75.17 42.70
C SER R 138 -17.94 76.45 43.51
N GLU R 139 -18.11 77.59 42.85
CA GLU R 139 -18.10 78.86 43.55
C GLU R 139 -19.39 79.09 44.32
N VAL R 140 -20.50 78.50 43.90
CA VAL R 140 -21.76 78.69 44.61
C VAL R 140 -21.66 78.10 46.01
N SER R 141 -21.09 76.90 46.13
CA SER R 141 -20.91 76.29 47.44
C SER R 141 -19.96 77.10 48.31
N LYS R 142 -18.85 77.58 47.74
CA LYS R 142 -17.89 78.33 48.51
C LYS R 142 -18.51 79.62 49.06
N GLY R 143 -19.21 80.36 48.22
CA GLY R 143 -19.69 81.67 48.64
C GLY R 143 -20.72 81.59 49.75
N LEU R 144 -21.66 80.66 49.64
CA LEU R 144 -22.70 80.54 50.67
C LEU R 144 -22.10 80.12 52.00
N ALA R 145 -21.14 79.21 51.99
CA ALA R 145 -20.51 78.79 53.23
C ALA R 145 -19.77 79.95 53.90
N ASN R 146 -18.99 80.70 53.12
CA ASN R 146 -18.21 81.79 53.70
C ASN R 146 -19.12 82.86 54.30
N LEU R 147 -20.23 83.15 53.63
CA LEU R 147 -21.15 84.16 54.13
C LEU R 147 -21.70 83.76 55.49
N SER R 148 -21.96 82.47 55.68
CA SER R 148 -22.57 82.02 56.94
C SER R 148 -21.66 82.29 58.13
N LEU R 149 -20.37 82.01 57.98
CA LEU R 149 -19.44 82.21 59.08
C LEU R 149 -19.17 83.70 59.32
N GLU R 150 -19.04 84.47 58.24
CA GLU R 150 -18.72 85.88 58.40
C GLU R 150 -19.87 86.66 59.02
N LEU R 151 -21.11 86.32 58.64
CA LEU R 151 -22.29 87.03 59.10
C LEU R 151 -22.96 86.39 60.30
N ARG R 152 -22.67 85.11 60.57
CA ARG R 152 -23.18 84.40 61.75
C ARG R 152 -24.70 84.22 61.68
N LYS R 153 -25.21 83.86 60.52
CA LYS R 153 -26.59 83.48 60.35
C LYS R 153 -26.67 82.18 59.57
N PRO R 154 -27.52 81.23 59.98
CA PRO R 154 -27.62 79.99 59.22
C PRO R 154 -28.10 80.24 57.80
N ILE R 155 -27.55 79.48 56.85
CA ILE R 155 -27.87 79.63 55.44
C ILE R 155 -27.94 78.23 54.84
N THR R 156 -29.14 77.80 54.47
CA THR R 156 -29.37 76.42 54.06
C THR R 156 -29.12 76.25 52.57
N PHE R 157 -28.79 75.03 52.18
CA PHE R 157 -28.32 74.70 50.84
C PHE R 157 -29.35 73.78 50.19
N GLY R 158 -30.28 74.36 49.44
CA GLY R 158 -31.26 73.61 48.70
C GLY R 158 -30.90 73.30 47.27
N VAL R 159 -29.67 73.56 46.86
CA VAL R 159 -29.28 73.40 45.47
C VAL R 159 -29.22 71.91 45.13
N ILE R 160 -29.91 71.53 44.07
CA ILE R 160 -29.91 70.15 43.59
C ILE R 160 -29.16 70.10 42.25
N THR R 161 -28.92 68.89 41.78
CA THR R 161 -28.28 68.66 40.49
C THR R 161 -29.07 67.64 39.71
N ALA R 162 -29.23 67.89 38.41
CA ALA R 162 -30.00 67.02 37.54
C ALA R 162 -29.07 66.20 36.64
N GLY S 15 -9.46 52.11 67.80
CA GLY S 15 -10.28 52.66 68.86
C GLY S 15 -11.19 53.77 68.38
N ASN S 16 -11.92 54.39 69.31
CA ASN S 16 -12.82 55.47 68.95
C ASN S 16 -12.03 56.64 68.39
N LYS S 17 -12.50 57.17 67.26
CA LYS S 17 -11.95 58.42 66.76
C LYS S 17 -12.40 59.60 67.61
N GLY S 18 -13.46 59.42 68.40
CA GLY S 18 -13.85 60.44 69.35
C GLY S 18 -12.97 60.47 70.58
N TRP S 19 -12.38 59.33 70.94
CA TRP S 19 -11.38 59.32 72.01
C TRP S 19 -10.14 60.09 71.59
N GLU S 20 -9.67 59.88 70.36
CA GLU S 20 -8.47 60.58 69.89
C GLU S 20 -8.71 62.08 69.81
N ALA S 21 -9.89 62.50 69.35
CA ALA S 21 -10.17 63.92 69.22
C ALA S 21 -10.16 64.62 70.56
N ALA S 22 -10.54 63.93 71.63
CA ALA S 22 -10.56 64.55 72.95
C ALA S 22 -9.17 64.67 73.54
N LEU S 23 -8.27 63.72 73.25
CA LEU S 23 -6.90 63.85 73.71
C LEU S 23 -6.24 65.09 73.12
N SER S 24 -6.48 65.35 71.83
CA SER S 24 -5.90 66.52 71.20
C SER S 24 -6.44 67.81 71.79
N ALA S 25 -7.69 67.81 72.26
CA ALA S 25 -8.26 69.03 72.82
C ALA S 25 -7.75 69.30 74.22
N ILE S 26 -7.51 68.24 75.01
CA ILE S 26 -6.92 68.42 76.33
C ILE S 26 -5.52 68.98 76.21
N GLU S 27 -4.73 68.43 75.29
CA GLU S 27 -3.35 68.87 75.11
C GLU S 27 -3.28 70.30 74.60
N MET S 28 -4.10 70.64 73.62
CA MET S 28 -4.04 71.98 73.04
C MET S 28 -4.54 73.03 74.02
N ALA S 29 -5.53 72.70 74.83
CA ALA S 29 -6.04 73.65 75.81
C ALA S 29 -4.97 73.99 76.84
N ASN S 30 -4.20 72.99 77.28
CA ASN S 30 -3.14 73.25 78.25
C ASN S 30 -1.99 74.02 77.61
N LEU S 31 -1.68 73.74 76.35
CA LEU S 31 -0.60 74.43 75.69
C LEU S 31 -0.86 75.92 75.61
N PHE S 32 -2.07 76.31 75.22
CA PHE S 32 -2.38 77.72 75.08
C PHE S 32 -2.36 78.45 76.41
N LYS S 33 -2.49 77.74 77.53
CA LYS S 33 -2.40 78.37 78.84
C LYS S 33 -0.98 78.71 79.22
N SER S 34 -0.02 77.88 78.81
CA SER S 34 1.38 78.17 79.10
C SER S 34 1.91 79.30 78.23
N LEU S 35 1.50 79.34 76.96
CA LEU S 35 1.92 80.42 76.08
C LEU S 35 1.43 81.77 76.60
N ARG S 36 0.16 81.84 77.01
CA ARG S 36 -0.39 83.09 77.53
C ARG S 36 0.30 83.53 78.81
N GLY S 37 0.92 82.61 79.54
CA GLY S 37 1.57 82.93 80.79
C GLY S 37 3.00 83.38 80.60
N THR S 38 3.67 83.59 81.73
CA THR S 38 5.06 84.03 81.71
C THR S 38 5.96 82.93 81.14
N GLY S 39 7.06 83.36 80.52
CA GLY S 39 8.00 82.44 79.93
C GLY S 39 8.98 81.90 80.95
N GLY S 40 10.02 81.25 80.43
CA GLY S 40 11.04 80.65 81.27
C GLY S 40 11.98 81.67 81.88
N SER S 41 12.86 81.17 82.76
CA SER S 41 13.82 82.02 83.43
C SER S 41 14.93 82.52 82.51
N GLY S 42 15.02 81.98 81.29
CA GLY S 42 16.05 82.39 80.36
C GLY S 42 17.34 81.59 80.54
N SER S 43 18.34 81.98 79.75
CA SER S 43 19.65 81.36 79.70
C SER S 43 19.63 79.98 79.07
N SER S 44 18.50 79.57 78.50
CA SER S 44 18.40 78.27 77.84
C SER S 44 17.22 78.30 76.90
N MET S 45 17.14 77.28 76.05
CA MET S 45 16.04 77.18 75.09
C MET S 45 14.71 77.05 75.82
N GLU S 46 13.72 77.81 75.36
CA GLU S 46 12.39 77.78 75.95
C GLU S 46 11.52 76.77 75.21
N ILE S 47 11.05 75.75 75.92
CA ILE S 47 10.22 74.70 75.36
C ILE S 47 8.83 74.80 75.95
N TYR S 48 7.82 74.83 75.10
CA TYR S 48 6.42 74.89 75.50
C TYR S 48 5.74 73.57 75.16
N GLU S 49 4.95 73.06 76.10
CA GLU S 49 4.45 71.69 76.05
C GLU S 49 3.09 71.65 76.72
N GLY S 50 2.27 70.69 76.30
CA GLY S 50 0.94 70.52 76.86
C GLY S 50 0.73 69.20 77.56
N LYS S 51 0.25 69.24 78.80
CA LYS S 51 0.04 68.05 79.60
C LYS S 51 -1.35 67.47 79.36
N LEU S 52 -1.50 66.19 79.68
CA LEU S 52 -2.78 65.51 79.54
C LEU S 52 -3.54 65.45 80.86
N THR S 53 -3.73 66.61 81.50
CA THR S 53 -4.52 66.73 82.71
C THR S 53 -5.69 67.67 82.43
N ALA S 54 -6.91 67.24 82.79
CA ALA S 54 -8.13 67.90 82.37
C ALA S 54 -8.94 68.40 83.57
N GLU S 55 -8.26 68.99 84.55
CA GLU S 55 -8.92 69.53 85.73
C GLU S 55 -9.07 71.04 85.58
N GLY S 56 -10.29 71.53 85.71
CA GLY S 56 -10.57 72.95 85.60
C GLY S 56 -10.80 73.46 84.20
N LEU S 57 -10.87 72.57 83.21
CA LEU S 57 -11.02 72.97 81.82
C LEU S 57 -12.46 72.77 81.35
N ARG S 58 -12.94 73.69 80.52
CA ARG S 58 -14.30 73.67 79.99
C ARG S 58 -14.26 73.29 78.53
N PHE S 59 -15.16 72.39 78.13
CA PHE S 59 -15.18 71.82 76.79
C PHE S 59 -16.56 71.96 76.17
N GLY S 60 -16.59 71.98 74.85
CA GLY S 60 -17.84 71.97 74.10
C GLY S 60 -17.78 70.99 72.95
N ILE S 61 -18.88 70.28 72.69
CA ILE S 61 -18.94 69.26 71.65
C ILE S 61 -20.07 69.61 70.70
N VAL S 62 -19.83 69.41 69.40
CA VAL S 62 -20.82 69.64 68.35
C VAL S 62 -20.92 68.37 67.53
N ALA S 63 -22.12 67.79 67.48
CA ALA S 63 -22.35 66.52 66.80
C ALA S 63 -23.58 66.63 65.91
N SER S 64 -23.56 65.86 64.82
CA SER S 64 -24.66 65.79 63.88
C SER S 64 -25.56 64.61 64.18
N ARG S 65 -26.80 64.67 63.69
CA ARG S 65 -27.79 63.62 63.90
C ARG S 65 -27.87 62.61 62.77
N PHE S 66 -27.05 62.75 61.74
CA PHE S 66 -27.06 61.81 60.63
C PHE S 66 -26.34 60.53 61.03
N ASN S 67 -27.01 59.39 60.87
CA ASN S 67 -26.49 58.09 61.31
C ASN S 67 -26.17 58.12 62.81
N HIS S 68 -27.21 58.29 63.60
CA HIS S 68 -27.04 58.39 65.05
C HIS S 68 -26.56 57.08 65.66
N ALA S 69 -26.59 55.98 64.92
CA ALA S 69 -26.02 54.73 65.42
C ALA S 69 -24.52 54.87 65.65
N LEU S 70 -23.80 55.33 64.63
CA LEU S 70 -22.35 55.50 64.75
C LEU S 70 -21.99 56.73 65.57
N VAL S 71 -22.74 57.82 65.41
CA VAL S 71 -22.35 59.09 66.01
C VAL S 71 -22.40 59.01 67.53
N ASP S 72 -23.45 58.39 68.07
CA ASP S 72 -23.59 58.33 69.52
C ASP S 72 -22.44 57.59 70.18
N ARG S 73 -21.88 56.58 69.50
CA ARG S 73 -20.72 55.90 70.04
C ARG S 73 -19.52 56.83 70.14
N LEU S 74 -19.32 57.69 69.13
CA LEU S 74 -18.19 58.60 69.15
C LEU S 74 -18.33 59.65 70.24
N VAL S 75 -19.56 60.15 70.45
CA VAL S 75 -19.76 61.14 71.50
C VAL S 75 -19.48 60.54 72.87
N GLU S 76 -19.88 59.28 73.07
CA GLU S 76 -19.64 58.62 74.36
C GLU S 76 -18.15 58.49 74.63
N GLY S 77 -17.37 58.16 73.61
CA GLY S 77 -15.93 58.02 73.80
C GLY S 77 -15.27 59.31 74.22
N ALA S 78 -15.71 60.43 73.64
CA ALA S 78 -15.12 61.72 74.00
C ALA S 78 -15.36 62.05 75.47
N ILE S 79 -16.57 61.81 75.96
CA ILE S 79 -16.88 62.14 77.35
C ILE S 79 -16.12 61.22 78.29
N ASP S 80 -15.97 59.95 77.93
CA ASP S 80 -15.20 59.01 78.75
C ASP S 80 -13.76 59.47 78.90
N CYS S 81 -13.15 59.95 77.82
CA CYS S 81 -11.78 60.41 77.87
C CYS S 81 -11.60 61.56 78.86
N ILE S 82 -12.53 62.51 78.85
CA ILE S 82 -12.37 63.70 79.69
C ILE S 82 -12.52 63.35 81.16
N VAL S 83 -13.43 62.43 81.49
CA VAL S 83 -13.64 62.07 82.90
C VAL S 83 -12.44 61.29 83.43
N ARG S 84 -11.89 60.38 82.62
CA ARG S 84 -10.79 59.54 83.09
C ARG S 84 -9.52 60.35 83.33
N HIS S 85 -9.34 61.45 82.62
CA HIS S 85 -8.19 62.32 82.81
C HIS S 85 -8.47 63.45 83.80
N GLY S 86 -9.44 63.28 84.67
CA GLY S 86 -9.71 64.24 85.72
C GLY S 86 -10.78 65.27 85.39
N GLY S 87 -11.48 65.12 84.28
CA GLY S 87 -12.48 66.08 83.91
C GLY S 87 -13.76 65.92 84.69
N ARG S 88 -14.53 67.00 84.76
CA ARG S 88 -15.78 67.04 85.48
C ARG S 88 -16.91 67.17 84.47
N GLU S 89 -17.85 66.22 84.49
CA GLU S 89 -18.89 66.18 83.49
C GLU S 89 -19.83 67.38 83.56
N GLU S 90 -19.81 68.13 84.66
CA GLU S 90 -20.55 69.37 84.76
C GLU S 90 -19.97 70.48 83.87
N ASP S 91 -18.77 70.29 83.33
CA ASP S 91 -18.09 71.30 82.52
C ASP S 91 -18.03 70.88 81.05
N ILE S 92 -19.09 70.24 80.55
CA ILE S 92 -19.19 69.85 79.15
C ILE S 92 -20.53 70.36 78.62
N THR S 93 -20.50 71.02 77.46
CA THR S 93 -21.68 71.51 76.77
C THR S 93 -21.82 70.79 75.44
N LEU S 94 -23.02 70.29 75.16
CA LEU S 94 -23.27 69.48 73.97
C LEU S 94 -24.32 70.17 73.10
N VAL S 95 -24.02 70.26 71.79
CA VAL S 95 -24.91 70.87 70.81
C VAL S 95 -25.16 69.86 69.69
N ARG S 96 -26.42 69.67 69.32
CA ARG S 96 -26.80 68.73 68.28
C ARG S 96 -27.34 69.52 67.09
N VAL S 97 -26.92 69.14 65.87
CA VAL S 97 -27.32 69.88 64.67
C VAL S 97 -27.85 68.90 63.64
N PRO S 98 -28.67 69.39 62.70
CA PRO S 98 -29.26 68.50 61.69
C PRO S 98 -28.26 67.71 60.85
N GLY S 99 -27.34 68.40 60.18
CA GLY S 99 -26.44 67.73 59.26
C GLY S 99 -25.02 68.25 59.31
N SER S 100 -24.18 67.77 58.41
CA SER S 100 -22.78 68.19 58.40
C SER S 100 -22.64 69.64 57.97
N TRP S 101 -23.53 70.13 57.11
CA TRP S 101 -23.42 71.49 56.62
C TRP S 101 -23.52 72.53 57.73
N GLU S 102 -24.07 72.15 58.89
CA GLU S 102 -24.33 73.11 59.95
C GLU S 102 -23.28 73.08 61.06
N ILE S 103 -22.31 72.18 61.01
CA ILE S 103 -21.33 72.06 62.09
C ILE S 103 -20.47 73.33 62.18
N PRO S 104 -19.91 73.84 61.07
CA PRO S 104 -19.04 75.02 61.20
C PRO S 104 -19.70 76.22 61.84
N VAL S 105 -20.92 76.57 61.44
CA VAL S 105 -21.55 77.77 61.98
C VAL S 105 -21.91 77.56 63.45
N ALA S 106 -22.33 76.35 63.82
CA ALA S 106 -22.58 76.06 65.23
C ALA S 106 -21.30 76.15 66.04
N ALA S 107 -20.19 75.65 65.50
CA ALA S 107 -18.92 75.72 66.20
C ALA S 107 -18.47 77.15 66.43
N GLY S 108 -18.91 78.08 65.59
CA GLY S 108 -18.54 79.47 65.77
C GLY S 108 -19.14 80.07 67.03
N GLU S 109 -20.41 79.76 67.32
CA GLU S 109 -21.06 80.34 68.48
C GLU S 109 -20.43 79.84 69.77
N LEU S 110 -20.10 78.55 69.82
CA LEU S 110 -19.45 78.00 71.00
C LEU S 110 -18.07 78.61 71.20
N ALA S 111 -17.27 78.65 70.14
CA ALA S 111 -15.89 79.12 70.27
C ALA S 111 -15.82 80.57 70.70
N ARG S 112 -16.85 81.35 70.46
CA ARG S 112 -16.84 82.75 70.85
C ARG S 112 -17.14 82.95 72.33
N LYS S 113 -17.68 81.95 73.02
CA LYS S 113 -17.97 82.06 74.44
C LYS S 113 -16.68 81.98 75.25
N GLU S 114 -16.49 82.93 76.16
CA GLU S 114 -15.24 83.03 76.90
C GLU S 114 -15.04 81.90 77.91
N ASP S 115 -16.10 81.15 78.24
CA ASP S 115 -16.00 80.05 79.19
C ASP S 115 -15.74 78.71 78.51
N ILE S 116 -15.22 78.71 77.29
CA ILE S 116 -14.92 77.50 76.54
C ILE S 116 -13.44 77.55 76.17
N ASP S 117 -12.74 76.45 76.44
CA ASP S 117 -11.30 76.36 76.16
C ASP S 117 -10.98 75.59 74.90
N ALA S 118 -11.84 74.67 74.48
CA ALA S 118 -11.65 73.97 73.22
C ALA S 118 -12.99 73.41 72.77
N VAL S 119 -13.08 73.12 71.48
CA VAL S 119 -14.31 72.62 70.85
C VAL S 119 -13.97 71.37 70.06
N ILE S 120 -14.81 70.34 70.21
CA ILE S 120 -14.64 69.06 69.53
C ILE S 120 -15.81 68.92 68.56
N ALA S 121 -15.51 68.57 67.31
CA ALA S 121 -16.51 68.46 66.25
C ALA S 121 -16.59 67.02 65.78
N ILE S 122 -17.75 66.39 65.97
CA ILE S 122 -17.95 64.99 65.63
C ILE S 122 -19.02 64.91 64.55
N GLY S 123 -18.88 63.93 63.67
CA GLY S 123 -19.85 63.76 62.61
C GLY S 123 -19.41 62.65 61.66
N VAL S 124 -20.32 62.29 60.76
CA VAL S 124 -20.09 61.25 59.77
C VAL S 124 -20.49 61.77 58.41
N LEU S 125 -19.63 61.58 57.42
CA LEU S 125 -19.89 61.99 56.05
C LEU S 125 -20.39 60.80 55.22
N ILE S 126 -20.94 61.11 54.06
CA ILE S 126 -21.56 60.13 53.19
C ILE S 126 -20.65 59.96 51.97
N ARG S 127 -19.84 58.90 51.98
CA ARG S 127 -19.06 58.56 50.80
C ARG S 127 -20.01 58.08 49.70
N GLY S 128 -19.70 58.47 48.46
CA GLY S 128 -20.61 58.25 47.37
C GLY S 128 -21.69 59.32 47.35
N ALA S 129 -22.61 59.18 46.39
CA ALA S 129 -23.65 60.18 46.16
C ALA S 129 -23.03 61.55 45.96
N THR S 130 -21.94 61.58 45.19
CA THR S 130 -21.20 62.82 44.95
C THR S 130 -22.05 63.96 44.42
N PRO S 131 -22.98 63.77 43.45
CA PRO S 131 -23.70 64.91 42.87
C PRO S 131 -24.16 65.97 43.85
N HIS S 132 -24.51 65.60 45.08
CA HIS S 132 -24.95 66.54 46.11
C HIS S 132 -23.99 66.63 47.28
N PHE S 133 -23.63 65.50 47.89
CA PHE S 133 -22.86 65.52 49.12
C PHE S 133 -21.38 65.80 48.90
N ASP S 134 -20.88 65.69 47.67
CA ASP S 134 -19.46 65.97 47.43
C ASP S 134 -19.11 67.41 47.73
N TYR S 135 -20.05 68.33 47.54
CA TYR S 135 -19.78 69.74 47.79
C TYR S 135 -19.78 70.06 49.28
N ILE S 136 -20.66 69.42 50.04
CA ILE S 136 -20.68 69.63 51.48
C ILE S 136 -19.41 69.07 52.12
N ALA S 137 -18.80 68.07 51.49
CA ALA S 137 -17.69 67.37 52.12
C ALA S 137 -16.49 68.29 52.32
N SER S 138 -16.06 68.98 51.26
CA SER S 138 -14.88 69.83 51.38
C SER S 138 -15.14 71.06 52.23
N GLU S 139 -16.40 71.44 52.41
CA GLU S 139 -16.70 72.68 53.12
C GLU S 139 -16.54 72.51 54.63
N VAL S 140 -16.72 71.30 55.14
CA VAL S 140 -16.63 71.09 56.58
C VAL S 140 -15.20 71.27 57.07
N SER S 141 -14.24 70.65 56.38
CA SER S 141 -12.85 70.79 56.80
C SER S 141 -12.35 72.21 56.60
N LYS S 142 -12.70 72.83 55.47
CA LYS S 142 -12.24 74.19 55.22
C LYS S 142 -12.78 75.17 56.24
N GLY S 143 -14.06 75.03 56.61
CA GLY S 143 -14.65 75.97 57.55
C GLY S 143 -14.05 75.88 58.93
N LEU S 144 -13.83 74.66 59.43
CA LEU S 144 -13.27 74.50 60.77
C LEU S 144 -11.86 75.04 60.85
N ALA S 145 -11.06 74.82 59.81
CA ALA S 145 -9.69 75.31 59.80
C ALA S 145 -9.64 76.83 59.87
N ASN S 146 -10.50 77.51 59.12
CA ASN S 146 -10.49 78.96 59.12
C ASN S 146 -10.95 79.54 60.45
N LEU S 147 -11.87 78.85 61.14
CA LEU S 147 -12.39 79.37 62.40
C LEU S 147 -11.29 79.49 63.45
N SER S 148 -10.46 78.45 63.57
CA SER S 148 -9.44 78.45 64.63
C SER S 148 -8.43 79.57 64.42
N LEU S 149 -8.02 79.79 63.18
CA LEU S 149 -7.06 80.86 62.89
C LEU S 149 -7.67 82.22 63.20
N GLU S 150 -8.95 82.40 62.88
CA GLU S 150 -9.58 83.71 63.07
C GLU S 150 -9.86 83.97 64.55
N LEU S 151 -10.32 82.96 65.29
CA LEU S 151 -10.64 83.12 66.70
C LEU S 151 -9.47 82.82 67.62
N ARG S 152 -8.37 82.27 67.09
CA ARG S 152 -7.19 81.92 67.88
C ARG S 152 -7.57 80.99 69.03
N LYS S 153 -8.36 79.97 68.72
CA LYS S 153 -8.83 78.99 69.68
C LYS S 153 -8.74 77.62 69.02
N PRO S 154 -8.34 76.58 69.75
CA PRO S 154 -8.18 75.27 69.11
C PRO S 154 -9.51 74.57 68.87
N ILE S 155 -9.71 74.07 67.66
CA ILE S 155 -10.86 73.25 67.29
C ILE S 155 -10.34 71.97 66.69
N THR S 156 -10.79 70.83 67.20
CA THR S 156 -10.30 69.53 66.80
C THR S 156 -11.27 68.87 65.82
N PHE S 157 -10.73 67.99 65.00
CA PHE S 157 -11.42 67.40 63.87
C PHE S 157 -11.71 65.94 64.19
N GLY S 158 -12.98 65.61 64.39
CA GLY S 158 -13.38 64.26 64.74
C GLY S 158 -14.39 63.69 63.77
N VAL S 159 -14.23 64.00 62.48
CA VAL S 159 -15.17 63.61 61.44
C VAL S 159 -14.58 62.42 60.68
N ILE S 160 -15.37 61.36 60.55
CA ILE S 160 -14.97 60.18 59.80
C ILE S 160 -15.91 59.98 58.62
N THR S 161 -15.62 58.99 57.78
CA THR S 161 -16.40 58.70 56.59
C THR S 161 -16.95 57.28 56.66
N ALA S 162 -18.08 57.07 55.98
CA ALA S 162 -18.73 55.77 55.95
C ALA S 162 -19.06 55.28 57.34
N LYS T 13 22.73 66.34 57.13
CA LYS T 13 22.96 67.51 56.30
C LYS T 13 22.41 67.28 54.89
N HIS T 14 21.89 68.36 54.29
CA HIS T 14 21.34 68.30 52.93
C HIS T 14 20.10 67.41 52.91
N GLY T 15 20.30 66.10 53.03
CA GLY T 15 19.16 65.19 53.03
C GLY T 15 18.20 65.46 54.19
N ASN T 16 18.75 65.83 55.35
CA ASN T 16 17.93 66.13 56.51
C ASN T 16 17.07 67.36 56.22
N LYS T 17 15.78 67.16 56.03
CA LYS T 17 14.89 68.26 55.66
C LYS T 17 14.76 69.30 56.76
N GLY T 18 15.17 68.98 57.99
CA GLY T 18 15.21 69.99 59.02
C GLY T 18 16.36 70.96 58.84
N TRP T 19 17.44 70.51 58.20
CA TRP T 19 18.55 71.39 57.88
C TRP T 19 18.17 72.36 56.75
N GLU T 20 17.50 71.86 55.72
CA GLU T 20 17.11 72.71 54.60
C GLU T 20 16.16 73.82 55.03
N ALA T 21 15.17 73.47 55.86
CA ALA T 21 14.19 74.46 56.28
C ALA T 21 14.84 75.58 57.10
N ALA T 22 15.78 75.22 57.97
CA ALA T 22 16.48 76.24 58.75
C ALA T 22 17.31 77.15 57.86
N LEU T 23 17.96 76.58 56.83
CA LEU T 23 18.75 77.41 55.92
C LEU T 23 17.87 78.42 55.20
N SER T 24 16.71 77.99 54.71
CA SER T 24 15.81 78.91 54.02
C SER T 24 15.34 80.02 54.95
N ALA T 25 15.13 79.71 56.22
CA ALA T 25 14.68 80.72 57.17
C ALA T 25 15.74 81.79 57.37
N ILE T 26 17.01 81.41 57.50
CA ILE T 26 18.07 82.39 57.72
C ILE T 26 18.18 83.33 56.52
N GLU T 27 18.12 82.77 55.31
CA GLU T 27 18.23 83.60 54.12
C GLU T 27 17.10 84.61 54.03
N MET T 28 15.87 84.18 54.33
CA MET T 28 14.72 85.05 54.16
C MET T 28 14.68 86.13 55.23
N ALA T 29 15.06 85.80 56.46
CA ALA T 29 15.03 86.80 57.52
C ALA T 29 16.08 87.89 57.30
N ASN T 30 17.18 87.55 56.61
CA ASN T 30 18.16 88.57 56.25
C ASN T 30 17.66 89.43 55.10
N LEU T 31 17.00 88.81 54.12
CA LEU T 31 16.52 89.55 52.96
C LEU T 31 15.50 90.60 53.38
N PHE T 32 14.59 90.25 54.27
CA PHE T 32 13.57 91.19 54.71
C PHE T 32 14.19 92.35 55.47
N LYS T 33 15.24 92.09 56.25
CA LYS T 33 15.93 93.17 56.96
C LYS T 33 16.54 94.16 55.99
N SER T 34 17.03 93.68 54.84
CA SER T 34 17.61 94.57 53.85
C SER T 34 16.54 95.37 53.12
N LEU T 35 15.44 94.73 52.74
CA LEU T 35 14.42 95.42 51.94
C LEU T 35 13.74 96.52 52.73
N ARG T 36 13.73 96.43 54.06
CA ARG T 36 13.09 97.42 54.90
C ARG T 36 14.03 98.53 55.33
N GLY T 37 15.28 98.52 54.86
CA GLY T 37 16.24 99.56 55.17
C GLY T 37 16.44 100.51 54.00
N THR T 38 17.44 101.37 54.14
CA THR T 38 17.75 102.33 53.10
C THR T 38 18.22 101.61 51.84
N GLY T 39 17.89 102.20 50.69
CA GLY T 39 18.24 101.63 49.41
C GLY T 39 19.69 101.86 49.04
N GLY T 40 20.06 101.36 47.86
CA GLY T 40 21.42 101.48 47.38
C GLY T 40 21.72 102.86 46.82
N SER T 41 22.99 103.05 46.46
CA SER T 41 23.42 104.33 45.92
C SER T 41 22.80 104.63 44.57
N GLY T 42 22.32 103.61 43.86
CA GLY T 42 21.71 103.82 42.57
C GLY T 42 22.69 103.68 41.43
N SER T 43 22.22 104.05 40.24
CA SER T 43 22.98 104.00 38.99
C SER T 43 23.22 102.57 38.50
N SER T 44 22.58 101.58 39.12
CA SER T 44 22.75 100.20 38.68
C SER T 44 21.53 99.42 39.12
N MET T 45 21.33 98.27 38.47
CA MET T 45 20.22 97.38 38.83
C MET T 45 20.47 96.83 40.22
N GLU T 46 19.74 97.36 41.22
CA GLU T 46 19.87 96.86 42.57
C GLU T 46 19.55 95.37 42.62
N ILE T 47 20.39 94.60 43.30
CA ILE T 47 20.17 93.18 43.51
C ILE T 47 20.15 92.92 45.00
N TYR T 48 19.11 92.24 45.46
CA TYR T 48 18.94 91.90 46.87
C TYR T 48 19.03 90.39 47.02
N GLU T 49 19.80 89.94 48.01
CA GLU T 49 19.85 88.52 48.33
C GLU T 49 20.36 88.38 49.75
N GLY T 50 20.04 87.24 50.36
CA GLY T 50 20.31 87.01 51.77
C GLY T 50 21.60 86.24 52.00
N LYS T 51 22.20 86.50 53.16
CA LYS T 51 23.44 85.89 53.57
C LYS T 51 23.19 84.86 54.68
N LEU T 52 24.03 83.84 54.72
CA LEU T 52 23.87 82.75 55.68
C LEU T 52 24.56 83.09 57.01
N THR T 53 24.11 84.20 57.60
CA THR T 53 24.55 84.63 58.92
C THR T 53 23.32 84.78 59.80
N ALA T 54 23.43 84.32 61.05
CA ALA T 54 22.29 84.21 61.95
C ALA T 54 22.63 84.76 63.32
N GLU T 55 23.27 85.93 63.36
CA GLU T 55 23.63 86.58 64.61
C GLU T 55 22.65 87.72 64.87
N GLY T 56 22.00 87.68 66.03
CA GLY T 56 21.00 88.65 66.39
C GLY T 56 19.57 88.28 66.02
N LEU T 57 19.35 87.17 65.31
CA LEU T 57 18.02 86.77 64.90
C LEU T 57 17.37 85.86 65.94
N ARG T 58 16.04 85.90 65.98
CA ARG T 58 15.25 85.04 66.85
C ARG T 58 14.37 84.14 66.00
N PHE T 59 14.30 82.86 66.36
CA PHE T 59 13.54 81.88 65.62
C PHE T 59 12.52 81.21 66.51
N GLY T 60 11.59 80.50 65.87
CA GLY T 60 10.59 79.71 66.56
C GLY T 60 10.24 78.47 65.77
N ILE T 61 10.21 77.32 66.42
CA ILE T 61 10.00 76.03 65.75
C ILE T 61 8.73 75.40 66.29
N VAL T 62 7.88 74.90 65.39
CA VAL T 62 6.66 74.18 65.73
C VAL T 62 6.76 72.79 65.12
N ALA T 63 6.71 71.77 65.96
CA ALA T 63 6.90 70.38 65.53
C ALA T 63 5.83 69.50 66.13
N SER T 64 5.50 68.43 65.42
CA SER T 64 4.46 67.50 65.83
C SER T 64 5.10 66.23 66.39
N ARG T 65 4.27 65.22 66.67
CA ARG T 65 4.73 63.98 67.29
C ARG T 65 4.43 62.73 66.48
N PHE T 66 3.50 62.78 65.53
CA PHE T 66 3.21 61.63 64.69
C PHE T 66 4.48 61.11 64.05
N ASN T 67 4.80 59.84 64.33
CA ASN T 67 6.08 59.26 63.94
C ASN T 67 7.23 60.07 64.54
N HIS T 68 7.25 60.13 65.88
CA HIS T 68 8.22 60.96 66.57
C HIS T 68 9.65 60.51 66.33
N ALA T 69 9.86 59.27 65.87
CA ALA T 69 11.21 58.83 65.54
C ALA T 69 11.80 59.68 64.43
N LEU T 70 11.06 59.85 63.34
CA LEU T 70 11.52 60.72 62.25
C LEU T 70 11.61 62.17 62.70
N VAL T 71 10.64 62.63 63.49
CA VAL T 71 10.56 64.05 63.82
C VAL T 71 11.71 64.46 64.74
N ASP T 72 12.04 63.64 65.73
CA ASP T 72 13.12 64.00 66.65
C ASP T 72 14.43 64.18 65.91
N ARG T 73 14.63 63.45 64.82
CA ARG T 73 15.83 63.62 64.02
C ARG T 73 15.79 64.95 63.27
N LEU T 74 14.66 65.25 62.63
CA LEU T 74 14.54 66.48 61.86
C LEU T 74 14.69 67.71 62.75
N VAL T 75 14.07 67.69 63.93
CA VAL T 75 14.10 68.86 64.80
C VAL T 75 15.52 69.17 65.23
N GLU T 76 16.31 68.16 65.54
CA GLU T 76 17.68 68.38 65.99
C GLU T 76 18.55 68.90 64.84
N GLY T 77 18.21 68.56 63.61
CA GLY T 77 18.92 69.14 62.48
C GLY T 77 18.71 70.64 62.35
N ALA T 78 17.51 71.11 62.70
CA ALA T 78 17.22 72.54 62.59
C ALA T 78 17.97 73.33 63.65
N ILE T 79 18.04 72.83 64.88
CA ILE T 79 18.74 73.56 65.93
C ILE T 79 20.24 73.57 65.68
N ASP T 80 20.77 72.52 65.07
CA ASP T 80 22.19 72.50 64.72
C ASP T 80 22.51 73.56 63.69
N CYS T 81 21.67 73.71 62.67
CA CYS T 81 21.96 74.64 61.59
C CYS T 81 22.02 76.08 62.11
N ILE T 82 21.15 76.44 63.04
CA ILE T 82 21.13 77.81 63.55
C ILE T 82 22.35 78.08 64.42
N VAL T 83 22.71 77.15 65.29
CA VAL T 83 23.80 77.40 66.24
C VAL T 83 25.13 77.46 65.50
N ARG T 84 25.31 76.63 64.49
CA ARG T 84 26.57 76.59 63.75
C ARG T 84 26.70 77.72 62.74
N HIS T 85 25.66 78.52 62.54
CA HIS T 85 25.73 79.70 61.69
C HIS T 85 25.74 80.99 62.49
N GLY T 86 26.07 80.91 63.78
CA GLY T 86 26.21 82.09 64.61
C GLY T 86 25.07 82.41 65.53
N GLY T 87 24.06 81.54 65.64
CA GLY T 87 22.91 81.81 66.46
C GLY T 87 23.15 81.52 67.93
N ARG T 88 22.09 81.69 68.72
CA ARG T 88 22.10 81.37 70.14
C ARG T 88 20.88 80.53 70.49
N GLU T 89 21.07 79.61 71.45
CA GLU T 89 19.95 78.80 71.91
C GLU T 89 19.03 79.59 72.83
N GLU T 90 19.51 80.69 73.40
CA GLU T 90 18.64 81.57 74.18
C GLU T 90 17.64 82.31 73.30
N ASP T 91 17.77 82.22 71.98
CA ASP T 91 16.90 82.91 71.04
C ASP T 91 16.09 81.95 70.19
N ILE T 92 15.90 80.71 70.64
CA ILE T 92 15.05 79.74 69.97
C ILE T 92 13.89 79.39 70.89
N THR T 93 12.69 79.31 70.32
CA THR T 93 11.48 78.93 71.03
C THR T 93 10.85 77.73 70.34
N LEU T 94 10.71 76.63 71.07
CA LEU T 94 10.21 75.38 70.52
C LEU T 94 8.83 75.07 71.08
N VAL T 95 7.93 74.62 70.20
CA VAL T 95 6.56 74.27 70.56
C VAL T 95 6.23 72.91 69.97
N ARG T 96 5.64 72.03 70.78
CA ARG T 96 5.21 70.71 70.34
C ARG T 96 3.70 70.64 70.30
N VAL T 97 3.16 69.94 69.30
CA VAL T 97 1.72 69.80 69.13
C VAL T 97 1.39 68.34 68.86
N PRO T 98 0.13 67.95 69.07
CA PRO T 98 -0.24 66.53 68.87
C PRO T 98 -0.05 66.03 67.46
N GLY T 99 -0.63 66.69 66.45
CA GLY T 99 -0.64 66.18 65.11
C GLY T 99 -0.48 67.29 64.09
N SER T 100 -0.54 66.91 62.82
CA SER T 100 -0.36 67.86 61.74
C SER T 100 -1.51 68.86 61.67
N TRP T 101 -2.72 68.44 62.03
CA TRP T 101 -3.85 69.35 61.99
C TRP T 101 -3.63 70.57 62.87
N GLU T 102 -2.85 70.43 63.94
CA GLU T 102 -2.71 71.49 64.93
C GLU T 102 -1.52 72.42 64.67
N ILE T 103 -0.72 72.16 63.63
CA ILE T 103 0.44 73.00 63.37
C ILE T 103 0.05 74.44 63.05
N PRO T 104 -0.90 74.70 62.14
CA PRO T 104 -1.20 76.11 61.80
C PRO T 104 -1.64 76.98 62.97
N VAL T 105 -2.47 76.48 63.87
CA VAL T 105 -2.97 77.34 64.94
C VAL T 105 -1.85 77.68 65.91
N ALA T 106 -0.88 76.78 66.09
CA ALA T 106 0.27 77.05 66.94
C ALA T 106 1.29 77.95 66.27
N ALA T 107 1.44 77.85 64.95
CA ALA T 107 2.37 78.74 64.25
C ALA T 107 1.90 80.19 64.34
N GLY T 108 0.60 80.41 64.29
CA GLY T 108 0.09 81.77 64.32
C GLY T 108 0.40 82.49 65.62
N GLU T 109 0.38 81.76 66.73
CA GLU T 109 0.70 82.37 68.01
C GLU T 109 2.15 82.84 68.06
N LEU T 110 3.06 82.04 67.50
CA LEU T 110 4.46 82.45 67.46
C LEU T 110 4.68 83.59 66.48
N ALA T 111 4.03 83.54 65.32
CA ALA T 111 4.25 84.55 64.29
C ALA T 111 3.71 85.92 64.68
N ARG T 112 2.94 86.03 65.74
CA ARG T 112 2.38 87.30 66.19
C ARG T 112 3.24 87.99 67.23
N LYS T 113 4.38 87.42 67.59
CA LYS T 113 5.27 88.02 68.57
C LYS T 113 6.23 88.99 67.90
N GLU T 114 6.45 90.13 68.55
CA GLU T 114 7.34 91.14 68.00
C GLU T 114 8.82 90.73 68.05
N ASP T 115 9.15 89.64 68.73
CA ASP T 115 10.53 89.23 68.87
C ASP T 115 10.96 88.20 67.83
N ILE T 116 10.05 87.41 67.31
CA ILE T 116 10.40 86.35 66.37
C ILE T 116 10.55 86.94 64.98
N ASP T 117 11.51 86.43 64.22
CA ASP T 117 11.79 86.86 62.86
C ASP T 117 11.35 85.85 61.81
N ALA T 118 11.45 84.56 62.09
CA ALA T 118 11.02 83.54 61.15
C ALA T 118 10.58 82.31 61.92
N VAL T 119 9.77 81.48 61.29
CA VAL T 119 9.17 80.30 61.91
C VAL T 119 9.37 79.11 61.00
N ILE T 120 9.65 77.95 61.60
CA ILE T 120 9.87 76.71 60.88
C ILE T 120 8.80 75.72 61.28
N ALA T 121 8.25 75.01 60.30
CA ALA T 121 7.25 73.99 60.53
C ALA T 121 7.80 72.63 60.15
N ILE T 122 7.74 71.68 61.08
CA ILE T 122 8.24 70.33 60.87
C ILE T 122 7.14 69.34 61.23
N GLY T 123 6.87 68.40 60.34
CA GLY T 123 5.80 67.45 60.59
C GLY T 123 5.82 66.33 59.57
N VAL T 124 5.00 65.32 59.83
CA VAL T 124 4.91 64.13 59.00
C VAL T 124 3.46 63.96 58.57
N LEU T 125 3.26 63.71 57.28
CA LEU T 125 1.95 63.54 56.69
C LEU T 125 1.75 62.11 56.22
N ILE T 126 0.49 61.74 56.04
CA ILE T 126 0.10 60.46 55.45
C ILE T 126 -0.77 60.78 54.24
N ARG T 127 -0.35 60.30 53.08
CA ARG T 127 -1.01 60.61 51.81
C ARG T 127 -1.48 59.32 51.15
N GLY T 128 -2.71 59.32 50.65
CA GLY T 128 -3.24 58.21 49.88
C GLY T 128 -3.70 57.03 50.69
N ALA T 129 -3.67 57.10 52.03
CA ALA T 129 -4.07 55.96 52.84
C ALA T 129 -5.59 55.83 52.92
N THR T 130 -6.25 56.81 53.51
CA THR T 130 -7.69 56.80 53.69
C THR T 130 -8.16 58.23 53.85
N PRO T 131 -9.46 58.49 53.66
CA PRO T 131 -9.99 59.83 53.97
C PRO T 131 -9.76 60.15 55.44
N HIS T 132 -10.00 61.41 55.80
CA HIS T 132 -9.66 62.01 57.08
C HIS T 132 -8.18 62.37 57.13
N PHE T 133 -7.41 62.05 56.09
CA PHE T 133 -6.03 62.51 55.99
C PHE T 133 -5.71 63.16 54.65
N ASP T 134 -6.51 62.95 53.61
CA ASP T 134 -6.43 63.78 52.43
C ASP T 134 -7.03 65.15 52.69
N TYR T 135 -8.11 65.20 53.48
CA TYR T 135 -8.67 66.47 53.91
C TYR T 135 -7.68 67.21 54.80
N ILE T 136 -7.02 66.50 55.70
CA ILE T 136 -6.09 67.15 56.62
C ILE T 136 -4.92 67.75 55.85
N ALA T 137 -4.34 66.99 54.94
CA ALA T 137 -3.13 67.44 54.25
C ALA T 137 -3.38 68.69 53.45
N SER T 138 -4.51 68.76 52.74
CA SER T 138 -4.79 69.92 51.91
C SER T 138 -4.98 71.19 52.72
N GLU T 139 -5.17 71.08 54.04
CA GLU T 139 -5.44 72.24 54.87
C GLU T 139 -4.22 72.72 55.65
N VAL T 140 -3.24 71.84 55.90
CA VAL T 140 -2.02 72.27 56.54
C VAL T 140 -1.23 73.19 55.61
N SER T 141 -1.13 72.83 54.33
CA SER T 141 -0.42 73.67 53.37
C SER T 141 -1.13 75.01 53.19
N LYS T 142 -2.45 75.00 53.05
CA LYS T 142 -3.18 76.22 52.77
C LYS T 142 -3.10 77.19 53.93
N GLY T 143 -3.17 76.68 55.16
CA GLY T 143 -3.16 77.56 56.31
C GLY T 143 -1.84 78.28 56.49
N LEU T 144 -0.73 77.56 56.32
CA LEU T 144 0.57 78.18 56.51
C LEU T 144 0.83 79.28 55.49
N ALA T 145 0.38 79.06 54.25
CA ALA T 145 0.58 80.06 53.21
C ALA T 145 -0.15 81.35 53.53
N ASN T 146 -1.35 81.27 54.11
CA ASN T 146 -2.10 82.48 54.43
C ASN T 146 -1.48 83.25 55.58
N LEU T 147 -0.90 82.55 56.56
CA LEU T 147 -0.28 83.22 57.69
C LEU T 147 0.90 84.09 57.25
N SER T 148 1.70 83.59 56.31
CA SER T 148 2.85 84.34 55.84
C SER T 148 2.42 85.68 55.26
N LEU T 149 1.43 85.65 54.36
CA LEU T 149 1.03 86.88 53.67
C LEU T 149 0.30 87.83 54.59
N GLU T 150 -0.50 87.31 55.52
CA GLU T 150 -1.28 88.17 56.39
C GLU T 150 -0.39 88.90 57.40
N LEU T 151 0.56 88.19 58.01
CA LEU T 151 1.42 88.76 59.03
C LEU T 151 2.75 89.26 58.51
N ARG T 152 3.06 89.04 57.23
CA ARG T 152 4.29 89.53 56.61
C ARG T 152 5.52 89.01 57.37
N LYS T 153 5.66 87.69 57.37
CA LYS T 153 6.73 87.02 58.07
C LYS T 153 6.94 85.68 57.38
N PRO T 154 8.19 85.24 57.19
CA PRO T 154 8.41 83.99 56.45
C PRO T 154 8.20 82.77 57.33
N ILE T 155 7.49 81.78 56.77
CA ILE T 155 7.21 80.51 57.44
C ILE T 155 7.64 79.41 56.50
N THR T 156 8.62 78.60 56.92
CA THR T 156 9.21 77.60 56.06
C THR T 156 8.54 76.25 56.27
N PHE T 157 8.54 75.45 55.21
CA PHE T 157 7.74 74.22 55.11
C PHE T 157 8.67 73.02 55.16
N GLY T 158 8.95 72.55 56.36
CA GLY T 158 9.80 71.38 56.54
C GLY T 158 9.00 70.10 56.68
N VAL T 159 7.75 70.14 56.25
CA VAL T 159 6.85 68.99 56.40
C VAL T 159 7.15 67.98 55.32
N ILE T 160 7.35 66.73 55.73
CA ILE T 160 7.68 65.64 54.81
C ILE T 160 6.52 64.67 54.73
N THR T 161 6.67 63.64 53.90
CA THR T 161 5.63 62.64 53.69
C THR T 161 6.24 61.25 53.79
N ALA T 162 5.38 60.27 54.05
CA ALA T 162 5.81 58.87 54.16
C ALA T 162 6.87 58.71 55.24
N GLY U 15 4.30 -65.69 74.31
CA GLY U 15 3.62 -65.53 73.04
C GLY U 15 2.24 -64.91 73.17
N ASN U 16 1.64 -65.05 74.35
CA ASN U 16 0.32 -64.51 74.62
C ASN U 16 0.26 -64.01 76.06
N LYS U 17 -0.56 -62.99 76.29
CA LYS U 17 -0.63 -62.38 77.61
C LYS U 17 -1.33 -63.27 78.62
N GLY U 18 -2.05 -64.29 78.18
CA GLY U 18 -2.62 -65.23 79.14
C GLY U 18 -1.56 -66.00 79.90
N TRP U 19 -0.53 -66.45 79.19
CA TRP U 19 0.60 -67.11 79.85
C TRP U 19 1.32 -66.14 80.78
N GLU U 20 1.54 -64.91 80.34
CA GLU U 20 2.26 -63.95 81.17
C GLU U 20 1.48 -63.61 82.43
N ALA U 21 0.18 -63.42 82.33
CA ALA U 21 -0.61 -63.04 83.49
C ALA U 21 -0.63 -64.16 84.53
N ALA U 22 -0.71 -65.40 84.08
CA ALA U 22 -0.72 -66.53 85.01
C ALA U 22 0.61 -66.67 85.73
N LEU U 23 1.72 -66.33 85.07
CA LEU U 23 3.02 -66.46 85.69
C LEU U 23 3.21 -65.44 86.80
N SER U 24 2.72 -64.22 86.61
CA SER U 24 2.78 -63.23 87.67
C SER U 24 1.94 -63.65 88.87
N ALA U 25 0.79 -64.28 88.61
CA ALA U 25 -0.07 -64.71 89.70
C ALA U 25 0.61 -65.75 90.57
N ILE U 26 1.32 -66.70 89.96
CA ILE U 26 2.01 -67.73 90.74
C ILE U 26 3.04 -67.10 91.65
N GLU U 27 3.85 -66.19 91.11
CA GLU U 27 4.90 -65.57 91.90
C GLU U 27 4.31 -64.74 93.04
N MET U 28 3.25 -63.98 92.77
CA MET U 28 2.66 -63.15 93.80
C MET U 28 2.03 -63.99 94.90
N ALA U 29 1.42 -65.13 94.54
CA ALA U 29 0.84 -66.00 95.55
C ALA U 29 1.90 -66.53 96.50
N ASN U 30 3.04 -66.95 95.98
CA ASN U 30 4.11 -67.47 96.82
C ASN U 30 4.76 -66.37 97.64
N LEU U 31 4.82 -65.15 97.11
CA LEU U 31 5.42 -64.04 97.84
C LEU U 31 4.60 -63.70 99.08
N PHE U 32 3.27 -63.75 98.98
CA PHE U 32 2.43 -63.39 100.11
C PHE U 32 2.44 -64.44 101.21
N LYS U 33 2.86 -65.67 100.91
CA LYS U 33 3.05 -66.65 101.97
C LYS U 33 4.30 -66.37 102.78
N SER U 34 5.34 -65.82 102.14
CA SER U 34 6.56 -65.50 102.86
C SER U 34 6.38 -64.29 103.76
N LEU U 35 5.72 -63.24 103.28
CA LEU U 35 5.52 -62.04 104.07
C LEU U 35 4.70 -62.35 105.33
N ARG U 36 3.67 -63.17 105.18
CA ARG U 36 2.80 -63.52 106.31
C ARG U 36 3.33 -64.79 107.00
N GLY U 37 4.59 -64.70 107.45
CA GLY U 37 5.24 -65.81 108.10
C GLY U 37 6.23 -65.32 109.14
N THR U 38 6.56 -66.22 110.06
CA THR U 38 7.49 -65.92 111.14
C THR U 38 8.48 -67.07 111.28
N GLY U 39 9.66 -66.75 111.79
CA GLY U 39 10.68 -67.75 111.98
C GLY U 39 12.02 -67.10 112.26
N GLY U 40 13.04 -67.95 112.38
CA GLY U 40 14.38 -67.46 112.62
C GLY U 40 14.93 -66.70 111.44
N SER U 41 15.83 -65.77 111.74
CA SER U 41 16.47 -64.96 110.71
C SER U 41 17.86 -64.56 111.18
N GLY U 42 18.71 -64.20 110.21
CA GLY U 42 20.06 -63.79 110.50
C GLY U 42 20.16 -62.31 110.79
N SER U 43 21.40 -61.85 110.94
CA SER U 43 21.70 -60.45 111.24
C SER U 43 21.96 -59.63 109.97
N SER U 44 21.79 -60.21 108.80
CA SER U 44 22.07 -59.55 107.54
C SER U 44 20.79 -58.95 106.96
N MET U 45 20.87 -58.50 105.71
CA MET U 45 19.72 -57.96 105.01
C MET U 45 18.70 -59.07 104.76
N GLU U 46 17.42 -58.70 104.80
CA GLU U 46 16.32 -59.64 104.60
C GLU U 46 15.72 -59.44 103.21
N ILE U 47 15.61 -60.52 102.45
CA ILE U 47 15.07 -60.49 101.09
C ILE U 47 13.89 -61.44 101.01
N TYR U 48 12.80 -60.96 100.41
CA TYR U 48 11.61 -61.75 100.16
C TYR U 48 11.42 -61.90 98.65
N GLU U 49 11.34 -63.14 98.19
CA GLU U 49 11.14 -63.44 96.78
C GLU U 49 10.05 -64.48 96.64
N GLY U 50 9.59 -64.66 95.40
CA GLY U 50 8.56 -65.64 95.11
C GLY U 50 9.03 -66.73 94.17
N LYS U 51 8.85 -67.98 94.59
CA LYS U 51 9.18 -69.11 93.73
C LYS U 51 8.09 -69.30 92.68
N LEU U 52 8.39 -70.15 91.70
CA LEU U 52 7.47 -70.45 90.60
C LEU U 52 6.97 -71.89 90.68
N THR U 53 6.71 -72.37 91.89
CA THR U 53 6.09 -73.66 92.11
C THR U 53 4.62 -73.44 92.42
N ALA U 54 3.75 -74.06 91.63
CA ALA U 54 2.32 -73.84 91.69
C ALA U 54 1.58 -74.89 92.49
N GLU U 55 2.30 -75.74 93.23
CA GLU U 55 1.67 -76.83 93.96
C GLU U 55 0.96 -76.31 95.20
N GLY U 56 -0.30 -76.70 95.37
CA GLY U 56 -1.07 -76.35 96.55
C GLY U 56 -1.83 -75.04 96.48
N LEU U 57 -1.70 -74.28 95.40
CA LEU U 57 -2.36 -72.99 95.26
C LEU U 57 -3.67 -73.13 94.51
N ARG U 58 -4.56 -72.15 94.69
CA ARG U 58 -5.88 -72.13 94.09
C ARG U 58 -6.10 -70.79 93.39
N PHE U 59 -6.53 -70.84 92.14
CA PHE U 59 -6.58 -69.67 91.28
C PHE U 59 -8.01 -69.38 90.82
N GLY U 60 -8.20 -68.16 90.31
CA GLY U 60 -9.44 -67.76 89.70
C GLY U 60 -9.20 -66.99 88.41
N ILE U 61 -9.99 -67.27 87.38
CA ILE U 61 -9.87 -66.64 86.07
C ILE U 61 -11.21 -66.01 85.73
N VAL U 62 -11.15 -64.79 85.18
CA VAL U 62 -12.34 -64.07 84.71
C VAL U 62 -12.06 -63.62 83.29
N ALA U 63 -12.85 -64.12 82.34
CA ALA U 63 -12.61 -63.90 80.92
C ALA U 63 -13.88 -63.39 80.26
N SER U 64 -13.71 -62.47 79.32
CA SER U 64 -14.82 -61.91 78.56
C SER U 64 -14.99 -62.65 77.24
N ARG U 65 -16.15 -62.46 76.62
CA ARG U 65 -16.48 -63.16 75.39
C ARG U 65 -16.18 -62.35 74.13
N PHE U 66 -15.91 -61.06 74.26
CA PHE U 66 -15.70 -60.19 73.11
C PHE U 66 -14.64 -60.76 72.17
N ASN U 67 -14.66 -60.31 70.92
CA ASN U 67 -13.74 -60.75 69.89
C ASN U 67 -13.83 -62.25 69.64
N HIS U 68 -14.94 -62.87 70.01
CA HIS U 68 -15.24 -64.23 69.59
C HIS U 68 -14.26 -65.25 70.16
N ALA U 69 -13.27 -65.68 69.39
CA ALA U 69 -12.44 -66.82 69.74
C ALA U 69 -11.06 -66.44 70.26
N LEU U 70 -10.67 -65.17 70.20
CA LEU U 70 -9.32 -64.80 70.61
C LEU U 70 -9.13 -65.02 72.11
N VAL U 71 -10.18 -64.83 72.89
CA VAL U 71 -10.08 -65.05 74.33
C VAL U 71 -9.84 -66.52 74.64
N ASP U 72 -10.47 -67.41 73.86
CA ASP U 72 -10.26 -68.83 74.08
C ASP U 72 -8.79 -69.20 73.95
N ARG U 73 -8.07 -68.52 73.05
CA ARG U 73 -6.63 -68.73 72.95
C ARG U 73 -5.92 -68.27 74.21
N LEU U 74 -6.34 -67.14 74.78
CA LEU U 74 -5.70 -66.63 76.00
C LEU U 74 -6.01 -67.51 77.19
N VAL U 75 -7.26 -67.98 77.32
CA VAL U 75 -7.61 -68.83 78.45
C VAL U 75 -6.87 -70.15 78.38
N GLU U 76 -6.64 -70.66 77.16
CA GLU U 76 -5.89 -71.90 77.01
C GLU U 76 -4.47 -71.75 77.52
N GLY U 77 -3.83 -70.61 77.21
CA GLY U 77 -2.48 -70.37 77.69
C GLY U 77 -2.40 -70.28 79.20
N ALA U 78 -3.42 -69.70 79.84
CA ALA U 78 -3.39 -69.54 81.29
C ALA U 78 -3.38 -70.89 81.98
N ILE U 79 -4.25 -71.81 81.55
CA ILE U 79 -4.33 -73.11 82.21
C ILE U 79 -3.06 -73.92 81.96
N ASP U 80 -2.48 -73.79 80.76
CA ASP U 80 -1.25 -74.51 80.47
C ASP U 80 -0.13 -74.11 81.43
N CYS U 81 -0.06 -72.83 81.78
CA CYS U 81 0.96 -72.38 82.72
C CYS U 81 0.76 -73.02 84.09
N ILE U 82 -0.48 -73.09 84.56
CA ILE U 82 -0.72 -73.58 85.91
C ILE U 82 -0.46 -75.07 86.01
N VAL U 83 -0.87 -75.83 84.99
CA VAL U 83 -0.73 -77.28 85.05
C VAL U 83 0.74 -77.67 84.93
N ARG U 84 1.49 -77.01 84.06
CA ARG U 84 2.88 -77.40 83.80
C ARG U 84 3.83 -76.95 84.89
N HIS U 85 3.43 -76.00 85.73
CA HIS U 85 4.26 -75.56 86.85
C HIS U 85 3.95 -76.31 88.14
N GLY U 86 3.07 -77.31 88.10
CA GLY U 86 2.78 -78.15 89.24
C GLY U 86 1.36 -78.06 89.77
N GLY U 87 0.52 -77.18 89.24
CA GLY U 87 -0.82 -77.04 89.75
C GLY U 87 -1.76 -78.12 89.24
N ARG U 88 -2.94 -78.16 89.86
CA ARG U 88 -3.97 -79.13 89.53
C ARG U 88 -5.17 -78.41 88.93
N GLU U 89 -5.75 -79.00 87.88
CA GLU U 89 -6.87 -78.38 87.19
C GLU U 89 -8.16 -78.39 88.00
N GLU U 90 -8.22 -79.16 89.08
CA GLU U 90 -9.37 -79.12 89.98
C GLU U 90 -9.38 -77.88 90.86
N ASP U 91 -8.31 -77.08 90.86
CA ASP U 91 -8.18 -75.92 91.74
C ASP U 91 -8.37 -74.61 90.99
N ILE U 92 -8.90 -74.63 89.77
CA ILE U 92 -9.15 -73.42 89.00
C ILE U 92 -10.65 -73.18 88.97
N THR U 93 -11.05 -71.91 88.97
CA THR U 93 -12.45 -71.51 88.84
C THR U 93 -12.57 -70.52 87.70
N LEU U 94 -13.44 -70.81 86.74
CA LEU U 94 -13.61 -70.00 85.55
C LEU U 94 -14.96 -69.28 85.60
N VAL U 95 -14.93 -67.97 85.39
CA VAL U 95 -16.12 -67.14 85.33
C VAL U 95 -16.08 -66.38 84.01
N ARG U 96 -17.20 -66.38 83.29
CA ARG U 96 -17.30 -65.74 81.98
C ARG U 96 -18.29 -64.59 82.03
N VAL U 97 -17.90 -63.46 81.47
CA VAL U 97 -18.71 -62.24 81.49
C VAL U 97 -18.94 -61.75 80.07
N PRO U 98 -19.98 -60.95 79.81
CA PRO U 98 -20.28 -60.57 78.42
C PRO U 98 -19.25 -59.68 77.77
N GLY U 99 -18.77 -58.65 78.47
CA GLY U 99 -17.85 -57.70 77.87
C GLY U 99 -16.80 -57.25 78.85
N SER U 100 -15.91 -56.38 78.36
CA SER U 100 -14.81 -55.90 79.19
C SER U 100 -15.32 -55.02 80.32
N TRP U 101 -16.40 -54.28 80.08
CA TRP U 101 -16.95 -53.40 81.10
C TRP U 101 -17.40 -54.17 82.34
N GLU U 102 -17.65 -55.46 82.23
CA GLU U 102 -18.17 -56.26 83.33
C GLU U 102 -17.11 -56.99 84.12
N ILE U 103 -15.84 -56.89 83.74
CA ILE U 103 -14.77 -57.65 84.40
C ILE U 103 -14.59 -57.23 85.86
N PRO U 104 -14.50 -55.94 86.18
CA PRO U 104 -14.23 -55.56 87.57
C PRO U 104 -15.26 -56.05 88.58
N VAL U 105 -16.56 -56.00 88.24
CA VAL U 105 -17.57 -56.40 89.21
C VAL U 105 -17.53 -57.91 89.44
N ALA U 106 -17.28 -58.67 88.38
CA ALA U 106 -17.17 -60.12 88.53
C ALA U 106 -15.92 -60.50 89.30
N ALA U 107 -14.83 -59.76 89.10
CA ALA U 107 -13.59 -60.05 89.81
C ALA U 107 -13.75 -59.83 91.30
N GLY U 108 -14.46 -58.78 91.70
CA GLY U 108 -14.63 -58.50 93.11
C GLY U 108 -15.35 -59.62 93.85
N GLU U 109 -16.38 -60.20 93.23
CA GLU U 109 -17.07 -61.31 93.85
C GLU U 109 -16.16 -62.51 94.02
N LEU U 110 -15.33 -62.78 93.01
CA LEU U 110 -14.45 -63.94 93.02
C LEU U 110 -13.26 -63.78 93.95
N ALA U 111 -12.88 -62.55 94.27
CA ALA U 111 -11.74 -62.27 95.14
C ALA U 111 -12.12 -62.07 96.59
N ARG U 112 -13.40 -62.25 96.94
CA ARG U 112 -13.87 -62.05 98.30
C ARG U 112 -14.09 -63.37 99.04
N LYS U 113 -13.71 -64.49 98.44
CA LYS U 113 -13.84 -65.79 99.07
C LYS U 113 -12.48 -66.32 99.48
N GLU U 114 -12.41 -66.94 100.66
CA GLU U 114 -11.13 -67.26 101.29
C GLU U 114 -10.38 -68.38 100.57
N ASP U 115 -11.06 -69.17 99.74
CA ASP U 115 -10.40 -70.27 99.07
C ASP U 115 -9.51 -69.81 97.91
N ILE U 116 -9.73 -68.62 97.38
CA ILE U 116 -8.98 -68.12 96.24
C ILE U 116 -7.73 -67.41 96.74
N ASP U 117 -6.61 -67.64 96.05
CA ASP U 117 -5.34 -67.02 96.39
C ASP U 117 -4.95 -65.89 95.45
N ALA U 118 -5.28 -65.99 94.16
CA ALA U 118 -5.02 -64.92 93.22
C ALA U 118 -6.04 -65.00 92.09
N VAL U 119 -6.25 -63.87 91.42
CA VAL U 119 -7.24 -63.72 90.36
C VAL U 119 -6.55 -63.21 89.11
N ILE U 120 -6.95 -63.74 87.95
CA ILE U 120 -6.39 -63.37 86.66
C ILE U 120 -7.51 -62.84 85.78
N ALA U 121 -7.28 -61.69 85.16
CA ALA U 121 -8.26 -61.03 84.31
C ALA U 121 -7.79 -61.03 82.86
N ILE U 122 -8.64 -61.51 81.95
CA ILE U 122 -8.30 -61.66 80.54
C ILE U 122 -9.42 -61.06 79.71
N GLY U 123 -9.06 -60.40 78.61
CA GLY U 123 -10.06 -59.82 77.74
C GLY U 123 -9.41 -59.14 76.56
N VAL U 124 -10.27 -58.67 75.65
CA VAL U 124 -9.86 -57.96 74.45
C VAL U 124 -10.63 -56.66 74.37
N LEU U 125 -9.93 -55.57 74.06
CA LEU U 125 -10.52 -54.25 73.94
C LEU U 125 -10.50 -53.81 72.48
N ILE U 126 -11.41 -52.91 72.14
CA ILE U 126 -11.57 -52.41 70.78
C ILE U 126 -10.92 -51.03 70.71
N ARG U 127 -10.44 -50.69 69.51
CA ARG U 127 -9.75 -49.43 69.26
C ARG U 127 -10.40 -48.69 68.09
N GLY U 128 -11.72 -48.55 68.16
CA GLY U 128 -12.46 -47.90 67.09
C GLY U 128 -12.33 -46.40 67.03
N ALA U 129 -11.53 -45.79 67.90
CA ALA U 129 -11.31 -44.34 67.90
C ALA U 129 -12.63 -43.61 68.10
N THR U 130 -13.40 -44.07 69.07
CA THR U 130 -14.69 -43.49 69.43
C THR U 130 -14.74 -43.23 70.93
N PRO U 131 -15.45 -42.19 71.37
CA PRO U 131 -15.59 -41.99 72.82
C PRO U 131 -16.24 -43.16 73.53
N HIS U 132 -17.06 -43.94 72.83
CA HIS U 132 -17.72 -45.08 73.48
C HIS U 132 -16.70 -46.08 73.99
N PHE U 133 -15.65 -46.34 73.20
CA PHE U 133 -14.63 -47.31 73.59
C PHE U 133 -13.51 -46.67 74.42
N ASP U 134 -13.20 -45.40 74.19
CA ASP U 134 -12.10 -44.77 74.91
C ASP U 134 -12.41 -44.66 76.40
N TYR U 135 -13.67 -44.40 76.75
CA TYR U 135 -14.04 -44.29 78.16
C TYR U 135 -14.12 -45.66 78.82
N ILE U 136 -14.63 -46.66 78.10
CA ILE U 136 -14.71 -48.00 78.67
C ILE U 136 -13.32 -48.52 78.98
N ALA U 137 -12.34 -48.21 78.13
CA ALA U 137 -11.00 -48.76 78.33
C ALA U 137 -10.41 -48.29 79.65
N SER U 138 -10.58 -47.02 79.98
CA SER U 138 -9.95 -46.48 81.18
C SER U 138 -10.53 -47.10 82.45
N GLU U 139 -11.84 -47.34 82.47
CA GLU U 139 -12.47 -47.78 83.70
C GLU U 139 -12.12 -49.21 84.05
N VAL U 140 -11.80 -50.04 83.06
CA VAL U 140 -11.43 -51.42 83.34
C VAL U 140 -10.16 -51.47 84.17
N SER U 141 -9.17 -50.64 83.81
CA SER U 141 -7.90 -50.65 84.53
C SER U 141 -8.03 -50.09 85.94
N LYS U 142 -8.79 -49.00 86.09
CA LYS U 142 -8.88 -48.36 87.39
C LYS U 142 -9.60 -49.25 88.41
N GLY U 143 -10.63 -49.96 87.97
CA GLY U 143 -11.37 -50.80 88.91
C GLY U 143 -10.54 -51.94 89.45
N LEU U 144 -9.81 -52.64 88.57
CA LEU U 144 -8.98 -53.74 89.02
C LEU U 144 -7.84 -53.26 89.91
N ALA U 145 -7.34 -52.06 89.67
CA ALA U 145 -6.27 -51.51 90.52
C ALA U 145 -6.77 -51.23 91.93
N ASN U 146 -7.92 -50.58 92.05
CA ASN U 146 -8.49 -50.27 93.36
C ASN U 146 -8.85 -51.52 94.12
N LEU U 147 -9.39 -52.52 93.43
CA LEU U 147 -9.90 -53.71 94.09
C LEU U 147 -8.79 -54.50 94.76
N SER U 148 -7.59 -54.52 94.16
CA SER U 148 -6.48 -55.24 94.77
C SER U 148 -5.98 -54.54 96.02
N LEU U 149 -6.07 -53.21 96.08
CA LEU U 149 -5.67 -52.48 97.29
C LEU U 149 -6.71 -52.58 98.38
N GLU U 150 -7.99 -52.57 98.02
CA GLU U 150 -9.03 -52.67 99.03
C GLU U 150 -9.01 -54.03 99.73
N LEU U 151 -8.87 -55.11 98.97
CA LEU U 151 -8.97 -56.46 99.51
C LEU U 151 -7.63 -57.07 99.86
N ARG U 152 -6.52 -56.43 99.48
CA ARG U 152 -5.18 -56.94 99.77
C ARG U 152 -4.98 -58.33 99.19
N LYS U 153 -5.31 -58.48 97.91
CA LYS U 153 -5.13 -59.73 97.18
C LYS U 153 -4.58 -59.40 95.80
N PRO U 154 -3.65 -60.20 95.27
CA PRO U 154 -3.07 -59.89 93.96
C PRO U 154 -4.03 -60.20 92.82
N ILE U 155 -4.19 -59.22 91.92
CA ILE U 155 -4.99 -59.35 90.72
C ILE U 155 -4.14 -58.93 89.53
N THR U 156 -4.09 -59.77 88.51
CA THR U 156 -3.18 -59.58 87.39
C THR U 156 -3.94 -59.11 86.15
N PHE U 157 -3.26 -58.32 85.34
CA PHE U 157 -3.85 -57.63 84.20
C PHE U 157 -3.41 -58.33 82.92
N GLY U 158 -4.36 -58.88 82.19
CA GLY U 158 -4.07 -59.57 80.95
C GLY U 158 -4.95 -59.16 79.78
N VAL U 159 -5.30 -57.88 79.72
CA VAL U 159 -6.19 -57.35 78.69
C VAL U 159 -5.35 -56.80 77.55
N ILE U 160 -5.66 -57.24 76.33
CA ILE U 160 -4.96 -56.79 75.13
C ILE U 160 -5.91 -55.95 74.30
N THR U 161 -5.39 -55.39 73.22
CA THR U 161 -6.16 -54.58 72.28
C THR U 161 -6.22 -55.25 70.93
N ALA U 162 -7.35 -55.11 70.25
CA ALA U 162 -7.55 -55.67 68.92
C ALA U 162 -7.32 -57.18 68.91
N GLY V 15 23.25 -38.50 88.25
CA GLY V 15 23.03 -39.60 89.17
C GLY V 15 21.91 -40.52 88.72
N ASN V 16 21.37 -41.29 89.67
CA ASN V 16 20.30 -42.23 89.40
C ASN V 16 19.18 -42.04 90.41
N LYS V 17 17.95 -42.32 89.96
CA LYS V 17 16.79 -42.12 90.82
C LYS V 17 16.82 -43.00 92.05
N GLY V 18 17.63 -44.06 92.05
CA GLY V 18 17.78 -44.85 93.26
C GLY V 18 18.37 -44.04 94.40
N TRP V 19 19.39 -43.24 94.09
CA TRP V 19 20.01 -42.38 95.10
C TRP V 19 19.06 -41.28 95.53
N GLU V 20 18.37 -40.66 94.57
CA GLU V 20 17.45 -39.56 94.89
C GLU V 20 16.29 -40.05 95.75
N ALA V 21 15.75 -41.21 95.43
CA ALA V 21 14.60 -41.72 96.17
C ALA V 21 14.96 -42.08 97.60
N ALA V 22 16.19 -42.50 97.85
CA ALA V 22 16.61 -42.81 99.21
C ALA V 22 16.88 -41.56 100.03
N LEU V 23 17.37 -40.49 99.38
CA LEU V 23 17.55 -39.23 100.09
C LEU V 23 16.23 -38.66 100.57
N SER V 24 15.20 -38.67 99.73
CA SER V 24 13.91 -38.16 100.13
C SER V 24 13.34 -38.95 101.29
N ALA V 25 13.48 -40.27 101.25
CA ALA V 25 12.96 -41.12 102.32
C ALA V 25 13.65 -40.83 103.65
N ILE V 26 14.96 -40.59 103.62
CA ILE V 26 15.68 -40.34 104.86
C ILE V 26 15.21 -39.04 105.49
N GLU V 27 14.95 -38.02 104.66
CA GLU V 27 14.58 -36.72 105.20
C GLU V 27 13.15 -36.73 105.74
N MET V 28 12.22 -37.39 105.05
CA MET V 28 10.85 -37.46 105.54
C MET V 28 10.74 -38.30 106.80
N ALA V 29 11.57 -39.33 106.95
CA ALA V 29 11.53 -40.14 108.16
C ALA V 29 11.95 -39.32 109.37
N ASN V 30 12.90 -38.41 109.19
CA ASN V 30 13.33 -37.53 110.28
C ASN V 30 12.30 -36.44 110.56
N LEU V 31 11.63 -35.94 109.53
CA LEU V 31 10.63 -34.89 109.70
C LEU V 31 9.45 -35.38 110.52
N PHE V 32 9.03 -36.63 110.32
CA PHE V 32 7.87 -37.14 111.03
C PHE V 32 8.17 -37.46 112.49
N LYS V 33 9.44 -37.58 112.87
CA LYS V 33 9.77 -37.77 114.28
C LYS V 33 9.61 -36.47 115.06
N SER V 34 10.08 -35.36 114.49
CA SER V 34 9.98 -34.09 115.19
C SER V 34 8.56 -33.53 115.14
N LEU V 35 7.85 -33.78 114.05
CA LEU V 35 6.49 -33.27 113.91
C LEU V 35 5.52 -33.98 114.84
N ARG V 36 5.83 -35.20 115.26
CA ARG V 36 5.00 -35.97 116.17
C ARG V 36 5.45 -35.86 117.62
N GLY V 37 6.48 -35.07 117.90
CA GLY V 37 6.97 -34.86 119.25
C GLY V 37 6.40 -33.61 119.87
N THR V 38 7.04 -33.16 120.94
CA THR V 38 6.61 -31.95 121.63
C THR V 38 6.88 -30.72 120.75
N GLY V 39 5.94 -29.79 120.77
CA GLY V 39 6.08 -28.58 119.98
C GLY V 39 6.95 -27.54 120.66
N GLY V 40 7.22 -26.47 119.93
CA GLY V 40 8.03 -25.39 120.47
C GLY V 40 7.34 -24.65 121.59
N SER V 41 8.14 -24.13 122.52
CA SER V 41 7.59 -23.38 123.64
C SER V 41 6.86 -22.13 123.17
N GLY V 42 7.44 -21.40 122.23
CA GLY V 42 6.87 -20.18 121.70
C GLY V 42 7.95 -19.15 121.51
N SER V 43 7.51 -17.89 121.41
CA SER V 43 8.36 -16.71 121.28
C SER V 43 8.93 -16.55 119.88
N SER V 44 8.56 -17.40 118.92
CA SER V 44 9.03 -17.26 117.55
C SER V 44 8.24 -18.21 116.67
N MET V 45 8.36 -18.02 115.37
CA MET V 45 7.75 -18.93 114.41
C MET V 45 8.42 -20.30 114.49
N GLU V 46 7.63 -21.36 114.38
CA GLU V 46 8.12 -22.73 114.49
C GLU V 46 8.42 -23.27 113.09
N ILE V 47 9.63 -23.78 112.90
CA ILE V 47 10.07 -24.35 111.64
C ILE V 47 10.47 -25.79 111.87
N TYR V 48 9.97 -26.70 111.05
CA TYR V 48 10.29 -28.11 111.09
C TYR V 48 11.06 -28.49 109.84
N GLU V 49 12.20 -29.15 110.02
CA GLU V 49 13.04 -29.58 108.91
C GLU V 49 13.58 -30.96 109.22
N GLY V 50 14.02 -31.66 108.18
CA GLY V 50 14.56 -33.00 108.29
C GLY V 50 16.06 -33.03 108.07
N LYS V 51 16.76 -33.64 109.01
CA LYS V 51 18.20 -33.83 108.89
C LYS V 51 18.51 -35.03 108.00
N LEU V 52 19.72 -35.03 107.44
CA LEU V 52 20.19 -36.12 106.60
C LEU V 52 21.08 -37.07 107.39
N THR V 53 20.50 -37.67 108.41
CA THR V 53 21.15 -38.69 109.23
C THR V 53 20.22 -39.88 109.35
N ALA V 54 20.76 -41.08 109.15
CA ALA V 54 19.96 -42.30 109.06
C ALA V 54 20.38 -43.31 110.12
N GLU V 55 20.60 -42.84 111.34
CA GLU V 55 21.03 -43.70 112.44
C GLU V 55 19.82 -44.06 113.29
N GLY V 56 19.43 -45.33 113.24
CA GLY V 56 18.31 -45.82 114.01
C GLY V 56 16.99 -45.91 113.27
N LEU V 57 16.99 -45.82 111.94
CA LEU V 57 15.77 -45.86 111.15
C LEU V 57 15.73 -47.13 110.32
N ARG V 58 14.51 -47.63 110.10
CA ARG V 58 14.27 -48.82 109.29
C ARG V 58 13.66 -48.42 107.96
N PHE V 59 13.97 -49.18 106.91
CA PHE V 59 13.52 -48.88 105.57
C PHE V 59 13.04 -50.15 104.88
N GLY V 60 12.13 -49.97 103.92
CA GLY V 60 11.73 -51.05 103.04
C GLY V 60 11.83 -50.60 101.59
N ILE V 61 12.15 -51.55 100.72
CA ILE V 61 12.34 -51.27 99.30
C ILE V 61 11.52 -52.28 98.51
N VAL V 62 10.77 -51.79 97.52
CA VAL V 62 10.01 -52.61 96.59
C VAL V 62 10.53 -52.31 95.19
N ALA V 63 11.07 -53.32 94.53
CA ALA V 63 11.67 -53.17 93.21
C ALA V 63 11.16 -54.26 92.28
N SER V 64 10.77 -53.86 91.08
CA SER V 64 10.29 -54.81 90.08
C SER V 64 11.48 -55.52 89.43
N ARG V 65 11.17 -56.36 88.44
CA ARG V 65 12.17 -57.21 87.80
C ARG V 65 12.39 -56.91 86.34
N PHE V 66 11.37 -56.43 85.62
CA PHE V 66 11.53 -56.16 84.20
C PHE V 66 12.70 -55.23 83.97
N ASN V 67 13.29 -55.33 82.78
CA ASN V 67 14.54 -54.64 82.46
C ASN V 67 15.63 -55.03 83.46
N HIS V 68 15.96 -56.32 83.39
CA HIS V 68 16.85 -56.98 84.33
C HIS V 68 18.04 -56.11 84.76
N ALA V 69 18.73 -55.50 83.80
CA ALA V 69 19.97 -54.81 84.10
C ALA V 69 19.72 -53.50 84.85
N LEU V 70 18.74 -52.71 84.40
CA LEU V 70 18.57 -51.36 84.95
C LEU V 70 18.22 -51.40 86.43
N VAL V 71 17.20 -52.17 86.79
CA VAL V 71 16.66 -52.08 88.15
C VAL V 71 17.71 -52.50 89.18
N ASP V 72 18.63 -53.38 88.80
CA ASP V 72 19.68 -53.79 89.73
C ASP V 72 20.61 -52.64 90.07
N ARG V 73 20.86 -51.75 89.11
CA ARG V 73 21.68 -50.57 89.40
C ARG V 73 20.96 -49.62 90.34
N LEU V 74 19.65 -49.45 90.17
CA LEU V 74 18.89 -48.56 91.03
C LEU V 74 18.87 -49.06 92.47
N VAL V 75 18.72 -50.37 92.67
CA VAL V 75 18.65 -50.90 94.03
C VAL V 75 19.99 -50.75 94.73
N GLU V 76 21.10 -50.91 94.00
CA GLU V 76 22.41 -50.71 94.61
C GLU V 76 22.60 -49.26 95.02
N GLY V 77 22.12 -48.32 94.22
CA GLY V 77 22.21 -46.92 94.59
C GLY V 77 21.48 -46.61 95.89
N ALA V 78 20.28 -47.17 96.06
CA ALA V 78 19.50 -46.88 97.25
C ALA V 78 20.17 -47.41 98.51
N ILE V 79 20.74 -48.63 98.43
CA ILE V 79 21.39 -49.21 99.61
C ILE V 79 22.67 -48.44 99.95
N ASP V 80 23.40 -48.00 98.93
CA ASP V 80 24.61 -47.23 99.18
C ASP V 80 24.32 -45.93 99.89
N CYS V 81 23.23 -45.26 99.52
CA CYS V 81 22.87 -44.00 100.17
C CYS V 81 22.61 -44.21 101.65
N ILE V 82 21.86 -45.24 102.01
CA ILE V 82 21.47 -45.43 103.41
C ILE V 82 22.70 -45.77 104.26
N VAL V 83 23.54 -46.66 103.77
CA VAL V 83 24.67 -47.14 104.57
C VAL V 83 25.68 -46.02 104.79
N ARG V 84 25.89 -45.17 103.80
CA ARG V 84 26.88 -44.11 103.92
C ARG V 84 26.38 -42.92 104.71
N HIS V 85 25.10 -42.87 105.08
CA HIS V 85 24.56 -41.82 105.93
C HIS V 85 24.43 -42.27 107.38
N GLY V 86 24.85 -43.48 107.72
CA GLY V 86 24.81 -43.98 109.08
C GLY V 86 23.89 -45.14 109.30
N GLY V 87 23.14 -45.58 108.30
CA GLY V 87 22.23 -46.69 108.46
C GLY V 87 22.96 -48.02 108.52
N ARG V 88 22.22 -49.04 108.94
CA ARG V 88 22.72 -50.40 109.04
C ARG V 88 22.05 -51.27 108.00
N GLU V 89 22.85 -52.11 107.34
CA GLU V 89 22.29 -53.01 106.34
C GLU V 89 21.34 -54.03 106.95
N GLU V 90 21.40 -54.24 108.26
CA GLU V 90 20.49 -55.15 108.93
C GLU V 90 19.09 -54.57 109.07
N ASP V 91 18.93 -53.26 108.87
CA ASP V 91 17.64 -52.58 109.03
C ASP V 91 17.04 -52.20 107.68
N ILE V 92 17.22 -53.04 106.67
CA ILE V 92 16.64 -52.84 105.35
C ILE V 92 15.90 -54.11 104.96
N THR V 93 14.69 -53.96 104.42
CA THR V 93 13.89 -55.05 103.91
C THR V 93 13.72 -54.86 102.40
N LEU V 94 13.89 -55.94 101.64
CA LEU V 94 13.81 -55.89 100.19
C LEU V 94 12.78 -56.91 99.70
N VAL V 95 11.87 -56.46 98.83
CA VAL V 95 10.83 -57.29 98.26
C VAL V 95 10.88 -57.14 96.74
N ARG V 96 10.90 -58.26 96.03
CA ARG V 96 10.93 -58.28 94.58
C ARG V 96 9.56 -58.68 94.03
N VAL V 97 9.15 -58.05 92.94
CA VAL V 97 7.87 -58.33 92.31
C VAL V 97 8.09 -58.50 90.81
N PRO V 98 7.17 -59.17 90.12
CA PRO V 98 7.39 -59.42 88.68
C PRO V 98 7.44 -58.17 87.84
N GLY V 99 6.48 -57.27 87.97
CA GLY V 99 6.41 -56.10 87.12
C GLY V 99 5.95 -54.84 87.83
N SER V 100 5.75 -53.77 87.07
CA SER V 100 5.33 -52.51 87.66
C SER V 100 3.90 -52.58 88.18
N TRP V 101 3.04 -53.35 87.51
CA TRP V 101 1.66 -53.46 87.94
C TRP V 101 1.54 -53.96 89.38
N GLU V 102 2.52 -54.73 89.85
CA GLU V 102 2.44 -55.34 91.16
C GLU V 102 3.06 -54.49 92.27
N ILE V 103 3.70 -53.36 91.94
CA ILE V 103 4.37 -52.58 92.98
C ILE V 103 3.40 -52.07 94.03
N PRO V 104 2.27 -51.43 93.69
CA PRO V 104 1.41 -50.85 94.74
C PRO V 104 0.90 -51.86 95.75
N VAL V 105 0.56 -53.07 95.31
CA VAL V 105 -0.03 -54.03 96.23
C VAL V 105 1.00 -54.49 97.26
N ALA V 106 2.25 -54.71 96.83
CA ALA V 106 3.29 -55.11 97.76
C ALA V 106 3.65 -53.98 98.71
N ALA V 107 3.64 -52.74 98.23
CA ALA V 107 3.95 -51.60 99.08
C ALA V 107 2.99 -51.48 100.24
N GLY V 108 1.73 -51.88 100.04
CA GLY V 108 0.76 -51.82 101.12
C GLY V 108 1.13 -52.74 102.27
N GLU V 109 1.62 -53.94 101.98
CA GLU V 109 1.98 -54.87 103.04
C GLU V 109 3.15 -54.34 103.86
N LEU V 110 4.17 -53.78 103.21
CA LEU V 110 5.31 -53.25 103.94
C LEU V 110 4.91 -52.06 104.79
N ALA V 111 4.07 -51.17 104.25
CA ALA V 111 3.70 -49.95 104.96
C ALA V 111 2.87 -50.23 106.21
N ARG V 112 2.19 -51.37 106.27
CA ARG V 112 1.33 -51.69 107.40
C ARG V 112 2.10 -52.33 108.56
N LYS V 113 3.39 -52.57 108.41
CA LYS V 113 4.20 -53.05 109.51
C LYS V 113 4.57 -51.89 110.43
N GLU V 114 4.75 -52.20 111.70
CA GLU V 114 5.01 -51.18 112.72
C GLU V 114 6.48 -50.94 112.98
N ASP V 115 7.38 -51.60 112.22
CA ASP V 115 8.82 -51.41 112.38
C ASP V 115 9.46 -50.84 111.12
N ILE V 116 8.69 -50.17 110.27
CA ILE V 116 9.20 -49.55 109.06
C ILE V 116 8.82 -48.07 109.09
N ASP V 117 9.80 -47.21 108.79
CA ASP V 117 9.61 -45.77 108.84
C ASP V 117 9.31 -45.15 107.48
N ALA V 118 9.79 -45.75 106.40
CA ALA V 118 9.49 -45.24 105.06
C ALA V 118 9.70 -46.37 104.06
N VAL V 119 9.12 -46.17 102.88
CA VAL V 119 9.16 -47.16 101.81
C VAL V 119 9.63 -46.48 100.53
N ILE V 120 10.47 -47.19 99.77
CA ILE V 120 11.02 -46.70 98.51
C ILE V 120 10.57 -47.64 97.40
N ALA V 121 9.97 -47.09 96.35
CA ALA V 121 9.45 -47.85 95.23
C ALA V 121 10.29 -47.59 93.99
N ILE V 122 10.80 -48.67 93.38
CA ILE V 122 11.68 -48.60 92.21
C ILE V 122 11.11 -49.48 91.12
N GLY V 123 11.34 -49.09 89.88
CA GLY V 123 10.84 -49.84 88.74
C GLY V 123 11.07 -49.09 87.46
N VAL V 124 10.81 -49.78 86.36
CA VAL V 124 10.99 -49.24 85.02
C VAL V 124 9.69 -49.43 84.24
N LEU V 125 9.18 -48.34 83.67
CA LEU V 125 8.00 -48.37 82.82
C LEU V 125 8.46 -48.39 81.36
N ILE V 126 7.85 -49.27 80.56
CA ILE V 126 8.31 -49.51 79.20
C ILE V 126 7.34 -48.89 78.21
N ARG V 127 6.69 -47.80 78.60
CA ARG V 127 5.82 -47.07 77.69
C ARG V 127 6.58 -46.72 76.41
N GLY V 128 5.84 -46.59 75.31
CA GLY V 128 6.42 -46.30 74.02
C GLY V 128 5.69 -46.97 72.88
N ALA V 129 4.95 -48.03 73.18
CA ALA V 129 4.15 -48.75 72.19
C ALA V 129 3.27 -49.74 72.94
N THR V 130 2.54 -50.56 72.19
CA THR V 130 1.72 -51.61 72.79
C THR V 130 0.78 -51.03 73.84
N PRO V 131 -0.35 -50.42 73.44
CA PRO V 131 -1.22 -49.71 74.41
C PRO V 131 -1.55 -50.51 75.67
N HIS V 132 -1.29 -51.82 75.68
CA HIS V 132 -1.39 -52.59 76.91
C HIS V 132 -0.59 -51.94 78.04
N PHE V 133 0.57 -51.38 77.72
CA PHE V 133 1.46 -50.78 78.72
C PHE V 133 1.16 -49.31 79.00
N ASP V 134 0.31 -48.67 78.21
CA ASP V 134 -0.02 -47.26 78.49
C ASP V 134 -0.99 -47.13 79.66
N TYR V 135 -1.82 -48.15 79.89
CA TYR V 135 -2.74 -48.13 81.02
C TYR V 135 -2.05 -48.45 82.33
N ILE V 136 -1.05 -49.34 82.30
CA ILE V 136 -0.32 -49.69 83.51
C ILE V 136 0.39 -48.47 84.07
N ALA V 137 0.91 -47.61 83.20
CA ALA V 137 1.70 -46.47 83.66
C ALA V 137 0.89 -45.57 84.58
N SER V 138 -0.36 -45.29 84.21
CA SER V 138 -1.16 -44.33 84.96
C SER V 138 -1.62 -44.89 86.31
N GLU V 139 -1.66 -46.20 86.48
CA GLU V 139 -2.20 -46.78 87.70
C GLU V 139 -1.18 -46.94 88.81
N VAL V 140 0.11 -46.98 88.48
CA VAL V 140 1.12 -47.15 89.52
C VAL V 140 1.23 -45.89 90.37
N SER V 141 1.21 -44.73 89.73
CA SER V 141 1.26 -43.46 90.47
C SER V 141 0.04 -43.29 91.36
N LYS V 142 -1.15 -43.59 90.84
CA LYS V 142 -2.37 -43.42 91.61
C LYS V 142 -2.35 -44.27 92.88
N GLY V 143 -1.94 -45.52 92.76
CA GLY V 143 -1.95 -46.40 93.92
C GLY V 143 -0.97 -45.96 94.99
N LEU V 144 0.24 -45.57 94.60
CA LEU V 144 1.24 -45.16 95.57
C LEU V 144 0.82 -43.88 96.29
N ALA V 145 0.21 -42.95 95.56
CA ALA V 145 -0.21 -41.69 96.18
C ALA V 145 -1.30 -41.92 97.22
N ASN V 146 -2.29 -42.77 96.91
CA ASN V 146 -3.38 -43.00 97.84
C ASN V 146 -2.90 -43.73 99.09
N LEU V 147 -1.98 -44.68 98.92
CA LEU V 147 -1.47 -45.43 100.07
C LEU V 147 -0.80 -44.52 101.08
N SER V 148 0.00 -43.55 100.59
CA SER V 148 0.70 -42.66 101.50
C SER V 148 -0.26 -41.86 102.34
N LEU V 149 -1.34 -41.36 101.73
CA LEU V 149 -2.32 -40.57 102.47
C LEU V 149 -3.14 -41.44 103.40
N GLU V 150 -3.48 -42.66 102.96
CA GLU V 150 -4.32 -43.53 103.79
C GLU V 150 -3.58 -44.01 105.02
N LEU V 151 -2.35 -44.49 104.85
CA LEU V 151 -1.59 -45.06 105.96
C LEU V 151 -0.80 -44.03 106.74
N ARG V 152 -0.63 -42.82 106.19
CA ARG V 152 0.12 -41.74 106.85
C ARG V 152 1.57 -42.14 107.04
N LYS V 153 2.19 -42.62 105.97
CA LYS V 153 3.59 -42.98 105.94
C LYS V 153 4.17 -42.49 104.62
N PRO V 154 5.41 -42.00 104.61
CA PRO V 154 5.98 -41.51 103.34
C PRO V 154 6.41 -42.64 102.44
N ILE V 155 5.95 -42.60 101.19
CA ILE V 155 6.34 -43.54 100.14
C ILE V 155 6.95 -42.71 99.01
N THR V 156 8.18 -43.04 98.64
CA THR V 156 8.92 -42.27 97.65
C THR V 156 8.85 -42.95 96.28
N PHE V 157 8.84 -42.12 95.24
CA PHE V 157 8.65 -42.55 93.87
C PHE V 157 9.99 -42.61 93.16
N GLY V 158 10.40 -43.82 92.76
CA GLY V 158 11.67 -44.02 92.08
C GLY V 158 11.56 -44.74 90.76
N VAL V 159 10.54 -44.41 89.96
CA VAL V 159 10.21 -45.13 88.75
C VAL V 159 10.62 -44.29 87.54
N ILE V 160 11.37 -44.89 86.62
CA ILE V 160 11.86 -44.21 85.43
C ILE V 160 11.23 -44.82 84.20
N THR V 161 11.52 -44.25 83.03
CA THR V 161 10.95 -44.67 81.76
C THR V 161 12.08 -44.99 80.78
N ALA V 162 11.96 -46.13 80.11
CA ALA V 162 12.98 -46.57 79.17
C ALA V 162 12.63 -46.15 77.74
N GLY W 15 0.88 -9.30 93.06
CA GLY W 15 2.13 -9.81 93.61
C GLY W 15 2.42 -11.23 93.18
N ASN W 16 3.31 -11.89 93.91
CA ASN W 16 3.65 -13.27 93.61
C ASN W 16 2.56 -14.22 94.11
N LYS W 17 2.60 -15.45 93.61
CA LYS W 17 1.55 -16.41 93.94
C LYS W 17 1.58 -16.82 95.40
N GLY W 18 2.69 -16.60 96.11
CA GLY W 18 2.67 -16.78 97.54
C GLY W 18 1.79 -15.74 98.22
N TRP W 19 1.76 -14.53 97.68
CA TRP W 19 0.86 -13.50 98.17
C TRP W 19 -0.59 -13.84 97.81
N GLU W 20 -0.84 -14.22 96.56
CA GLU W 20 -2.19 -14.53 96.13
C GLU W 20 -2.77 -15.70 96.91
N ALA W 21 -1.96 -16.73 97.16
CA ALA W 21 -2.45 -17.90 97.87
C ALA W 21 -2.82 -17.58 99.30
N ALA W 22 -2.04 -16.73 99.96
CA ALA W 22 -2.27 -16.44 101.37
C ALA W 22 -3.55 -15.64 101.58
N LEU W 23 -3.93 -14.79 100.62
CA LEU W 23 -5.18 -14.05 100.77
C LEU W 23 -6.39 -14.98 100.81
N SER W 24 -6.43 -15.96 99.91
CA SER W 24 -7.57 -16.87 99.88
C SER W 24 -7.72 -17.64 101.17
N ALA W 25 -6.62 -17.89 101.86
CA ALA W 25 -6.70 -18.57 103.15
C ALA W 25 -7.29 -17.66 104.21
N ILE W 26 -6.95 -16.38 104.19
CA ILE W 26 -7.53 -15.43 105.14
C ILE W 26 -9.03 -15.31 104.92
N GLU W 27 -9.45 -15.21 103.67
CA GLU W 27 -10.86 -15.04 103.37
C GLU W 27 -11.65 -16.29 103.70
N MET W 28 -11.13 -17.46 103.33
CA MET W 28 -11.87 -18.70 103.54
C MET W 28 -11.90 -19.10 105.01
N ALA W 29 -10.85 -18.77 105.77
CA ALA W 29 -10.87 -19.10 107.19
C ALA W 29 -11.90 -18.27 107.94
N ASN W 30 -12.15 -17.05 107.49
CA ASN W 30 -13.20 -16.22 108.11
C ASN W 30 -14.58 -16.71 107.72
N LEU W 31 -14.76 -17.11 106.47
CA LEU W 31 -16.06 -17.55 105.99
C LEU W 31 -16.56 -18.76 106.78
N PHE W 32 -15.66 -19.70 107.08
CA PHE W 32 -16.08 -20.89 107.82
C PHE W 32 -16.59 -20.54 109.21
N LYS W 33 -15.87 -19.69 109.93
CA LYS W 33 -16.32 -19.32 111.28
C LYS W 33 -17.71 -18.74 111.26
N SER W 34 -18.09 -18.04 110.19
CA SER W 34 -19.44 -17.51 110.10
C SER W 34 -20.46 -18.61 109.82
N LEU W 35 -20.12 -19.56 108.95
CA LEU W 35 -21.08 -20.60 108.59
C LEU W 35 -21.43 -21.47 109.79
N ARG W 36 -20.43 -21.87 110.56
CA ARG W 36 -20.67 -22.71 111.74
C ARG W 36 -20.70 -21.83 112.99
N GLY W 37 -21.75 -21.05 113.09
CA GLY W 37 -21.93 -20.16 114.21
C GLY W 37 -23.36 -19.65 114.27
N THR W 38 -23.51 -18.42 114.74
CA THR W 38 -24.82 -17.81 114.85
C THR W 38 -25.37 -17.48 113.46
N GLY W 39 -26.70 -17.40 113.38
CA GLY W 39 -27.36 -17.10 112.14
C GLY W 39 -27.34 -15.61 111.81
N GLY W 40 -27.92 -15.28 110.66
CA GLY W 40 -27.98 -13.92 110.19
C GLY W 40 -29.20 -13.18 110.72
N SER W 41 -29.51 -12.06 110.07
CA SER W 41 -30.65 -11.25 110.49
C SER W 41 -31.96 -12.04 110.36
N GLY W 42 -32.10 -12.79 109.27
CA GLY W 42 -33.30 -13.58 109.03
C GLY W 42 -34.37 -12.79 108.29
N SER W 43 -35.41 -13.52 107.88
CA SER W 43 -36.53 -12.98 107.14
C SER W 43 -36.13 -12.48 105.76
N SER W 44 -34.97 -12.90 105.26
CA SER W 44 -34.51 -12.50 103.93
C SER W 44 -33.34 -13.41 103.56
N MET W 45 -32.84 -13.24 102.34
CA MET W 45 -31.71 -14.02 101.87
C MET W 45 -30.48 -13.75 102.72
N GLU W 46 -29.72 -14.81 102.99
CA GLU W 46 -28.48 -14.70 103.75
C GLU W 46 -27.30 -14.76 102.78
N ILE W 47 -26.51 -13.70 102.74
CA ILE W 47 -25.32 -13.62 101.90
C ILE W 47 -24.11 -13.73 102.81
N TYR W 48 -23.17 -14.60 102.43
CA TYR W 48 -21.98 -14.87 103.22
C TYR W 48 -20.74 -14.41 102.45
N GLU W 49 -19.71 -14.01 103.21
CA GLU W 49 -18.48 -13.50 102.65
C GLU W 49 -17.48 -13.36 103.79
N GLY W 50 -16.20 -13.45 103.44
CA GLY W 50 -15.11 -13.36 104.40
C GLY W 50 -14.38 -12.04 104.26
N LYS W 51 -14.01 -11.46 105.39
CA LYS W 51 -13.22 -10.24 105.40
C LYS W 51 -11.73 -10.58 105.40
N LEU W 52 -10.90 -9.55 105.17
CA LEU W 52 -9.46 -9.72 105.06
C LEU W 52 -8.73 -9.37 106.34
N THR W 53 -9.34 -9.67 107.49
CA THR W 53 -8.68 -9.60 108.78
C THR W 53 -8.08 -10.95 109.13
N ALA W 54 -7.03 -10.94 109.93
CA ALA W 54 -6.32 -12.17 110.25
C ALA W 54 -5.88 -12.25 111.71
N GLU W 55 -6.42 -11.40 112.57
CA GLU W 55 -6.07 -11.46 113.98
C GLU W 55 -6.80 -12.62 114.65
N GLY W 56 -6.03 -13.49 115.31
CA GLY W 56 -6.57 -14.65 115.99
C GLY W 56 -6.52 -15.95 115.20
N LEU W 57 -6.16 -15.90 113.92
CA LEU W 57 -6.13 -17.09 113.09
C LEU W 57 -4.77 -17.77 113.15
N ARG W 58 -4.79 -19.09 112.98
CA ARG W 58 -3.59 -19.91 112.93
C ARG W 58 -3.43 -20.51 111.54
N PHE W 59 -2.19 -20.59 111.06
CA PHE W 59 -1.92 -20.97 109.69
C PHE W 59 -0.79 -22.00 109.65
N GLY W 60 -0.72 -22.72 108.54
CA GLY W 60 0.37 -23.64 108.27
C GLY W 60 0.81 -23.58 106.83
N ILE W 61 2.11 -23.50 106.58
CA ILE W 61 2.67 -23.40 105.24
C ILE W 61 3.55 -24.62 104.97
N VAL W 62 3.34 -25.27 103.83
CA VAL W 62 4.13 -26.41 103.39
C VAL W 62 4.78 -26.03 102.07
N ALA W 63 6.12 -26.05 102.03
CA ALA W 63 6.88 -25.60 100.88
C ALA W 63 7.93 -26.64 100.50
N SER W 64 8.17 -26.75 99.20
CA SER W 64 9.13 -27.71 98.65
C SER W 64 10.49 -27.05 98.48
N ARG W 65 11.43 -27.75 97.86
CA ARG W 65 12.78 -27.23 97.63
C ARG W 65 13.10 -27.35 96.14
N PHE W 66 13.47 -26.23 95.54
CA PHE W 66 13.86 -26.15 94.13
C PHE W 66 14.96 -25.12 94.06
N ASN W 67 16.18 -25.55 93.73
CA ASN W 67 17.39 -24.79 94.01
C ASN W 67 17.25 -24.16 95.39
N HIS W 68 17.66 -22.91 95.57
CA HIS W 68 17.50 -22.26 96.87
C HIS W 68 17.01 -20.82 96.74
N ALA W 69 16.39 -20.45 95.62
CA ALA W 69 16.03 -19.06 95.38
C ALA W 69 14.57 -18.84 95.00
N LEU W 70 14.00 -19.68 94.14
CA LEU W 70 12.71 -19.34 93.54
C LEU W 70 11.52 -19.67 94.43
N VAL W 71 11.72 -20.46 95.48
CA VAL W 71 10.63 -20.82 96.40
C VAL W 71 10.79 -20.02 97.68
N ASP W 72 12.01 -19.58 97.97
CA ASP W 72 12.21 -18.69 99.10
C ASP W 72 11.44 -17.39 98.92
N ARG W 73 11.38 -16.88 97.68
CA ARG W 73 10.60 -15.68 97.43
C ARG W 73 9.12 -15.90 97.67
N LEU W 74 8.58 -17.04 97.21
CA LEU W 74 7.16 -17.28 97.37
C LEU W 74 6.78 -17.49 98.82
N VAL W 75 7.67 -18.08 99.62
CA VAL W 75 7.38 -18.27 101.04
C VAL W 75 7.41 -16.93 101.77
N GLU W 76 8.36 -16.06 101.40
CA GLU W 76 8.43 -14.75 102.05
C GLU W 76 7.22 -13.89 101.68
N GLY W 77 6.75 -13.99 100.44
CA GLY W 77 5.55 -13.27 100.07
C GLY W 77 4.33 -13.72 100.84
N ALA W 78 4.27 -15.01 101.20
CA ALA W 78 3.14 -15.51 101.96
C ALA W 78 3.15 -14.99 103.39
N ILE W 79 4.31 -15.06 104.06
CA ILE W 79 4.38 -14.63 105.45
C ILE W 79 4.11 -13.14 105.56
N ASP W 80 4.53 -12.35 104.56
CA ASP W 80 4.28 -10.92 104.60
C ASP W 80 2.78 -10.60 104.57
N CYS W 81 2.02 -11.35 103.78
CA CYS W 81 0.58 -11.10 103.67
C CYS W 81 -0.11 -11.31 105.02
N ILE W 82 0.24 -12.37 105.73
CA ILE W 82 -0.41 -12.68 106.99
C ILE W 82 -0.06 -11.63 108.04
N VAL W 83 1.21 -11.25 108.15
CA VAL W 83 1.63 -10.35 109.22
C VAL W 83 1.09 -8.94 108.98
N ARG W 84 1.08 -8.48 107.72
CA ARG W 84 0.61 -7.14 107.44
C ARG W 84 -0.91 -7.04 107.59
N HIS W 85 -1.64 -8.10 107.27
CA HIS W 85 -3.09 -8.11 107.43
C HIS W 85 -3.54 -8.43 108.85
N GLY W 86 -2.61 -8.41 109.81
CA GLY W 86 -2.97 -8.44 111.22
C GLY W 86 -2.52 -9.66 111.99
N GLY W 87 -1.96 -10.67 111.33
CA GLY W 87 -1.62 -11.90 112.00
C GLY W 87 -0.36 -11.81 112.82
N ARG W 88 -0.15 -12.85 113.64
CA ARG W 88 1.02 -12.97 114.49
C ARG W 88 1.98 -14.00 113.91
N GLU W 89 3.27 -13.77 114.12
CA GLU W 89 4.27 -14.76 113.72
C GLU W 89 4.25 -15.98 114.63
N GLU W 90 3.79 -15.81 115.87
CA GLU W 90 3.69 -16.95 116.79
C GLU W 90 2.76 -18.01 116.24
N ASP W 91 1.81 -17.63 115.39
CA ASP W 91 0.74 -18.50 114.93
C ASP W 91 0.92 -18.93 113.48
N ILE W 92 2.17 -19.18 113.09
CA ILE W 92 2.48 -19.75 111.78
C ILE W 92 3.44 -20.91 111.99
N THR W 93 3.18 -22.02 111.29
CA THR W 93 4.05 -23.18 111.29
C THR W 93 4.50 -23.43 109.86
N LEU W 94 5.81 -23.58 109.66
CA LEU W 94 6.40 -23.76 108.34
C LEU W 94 7.09 -25.12 108.27
N VAL W 95 6.80 -25.87 107.21
CA VAL W 95 7.37 -27.21 107.01
C VAL W 95 8.01 -27.27 105.63
N ARG W 96 9.22 -27.79 105.56
CA ARG W 96 9.96 -27.97 104.31
C ARG W 96 10.04 -29.45 103.94
N VAL W 97 9.83 -29.74 102.67
CA VAL W 97 9.83 -31.13 102.19
C VAL W 97 10.72 -31.24 100.97
N PRO W 98 11.21 -32.46 100.67
CA PRO W 98 12.17 -32.60 99.56
C PRO W 98 11.64 -32.17 98.19
N GLY W 99 10.38 -32.41 97.88
CA GLY W 99 9.91 -32.14 96.55
C GLY W 99 8.40 -32.08 96.48
N SER W 100 7.90 -31.88 95.25
CA SER W 100 6.47 -31.71 95.05
C SER W 100 5.70 -32.97 95.41
N TRP W 101 6.25 -34.14 95.10
CA TRP W 101 5.58 -35.41 95.35
C TRP W 101 5.26 -35.60 96.83
N GLU W 102 6.01 -34.96 97.71
CA GLU W 102 5.87 -35.16 99.15
C GLU W 102 4.92 -34.17 99.82
N ILE W 103 4.36 -33.22 99.07
CA ILE W 103 3.52 -32.20 99.69
C ILE W 103 2.26 -32.80 100.30
N PRO W 104 1.46 -33.60 99.58
CA PRO W 104 0.19 -34.06 100.16
C PRO W 104 0.31 -34.81 101.47
N VAL W 105 1.33 -35.65 101.64
CA VAL W 105 1.47 -36.37 102.90
C VAL W 105 1.81 -35.41 104.04
N ALA W 106 2.59 -34.37 103.75
CA ALA W 106 2.93 -33.39 104.78
C ALA W 106 1.75 -32.47 105.07
N ALA W 107 0.96 -32.14 104.05
CA ALA W 107 -0.22 -31.32 104.27
C ALA W 107 -1.25 -32.03 105.14
N GLY W 108 -1.32 -33.36 105.04
CA GLY W 108 -2.29 -34.09 105.85
C GLY W 108 -2.01 -33.96 107.34
N GLU W 109 -0.74 -34.00 107.73
CA GLU W 109 -0.42 -33.96 109.15
C GLU W 109 -0.85 -32.63 109.78
N LEU W 110 -0.63 -31.51 109.09
CA LEU W 110 -1.02 -30.22 109.63
C LEU W 110 -2.53 -30.06 109.68
N ALA W 111 -3.22 -30.46 108.60
CA ALA W 111 -4.66 -30.25 108.53
C ALA W 111 -5.42 -31.05 109.59
N ARG W 112 -4.80 -32.09 110.16
CA ARG W 112 -5.44 -32.87 111.20
C ARG W 112 -5.26 -32.28 112.59
N LYS W 113 -4.45 -31.23 112.73
CA LYS W 113 -4.25 -30.60 114.02
C LYS W 113 -5.43 -29.69 114.35
N GLU W 114 -5.88 -29.76 115.61
CA GLU W 114 -7.07 -29.02 116.02
C GLU W 114 -6.85 -27.50 116.02
N ASP W 115 -5.60 -27.05 116.04
CA ASP W 115 -5.28 -25.64 116.19
C ASP W 115 -4.72 -25.02 114.90
N ILE W 116 -5.22 -25.47 113.74
CA ILE W 116 -4.87 -24.90 112.45
C ILE W 116 -6.16 -24.66 111.69
N ASP W 117 -6.25 -23.49 111.05
CA ASP W 117 -7.49 -23.07 110.39
C ASP W 117 -7.44 -23.15 108.88
N ALA W 118 -6.25 -23.06 108.28
CA ALA W 118 -6.08 -23.25 106.85
C ALA W 118 -4.62 -23.60 106.59
N VAL W 119 -4.36 -24.10 105.39
CA VAL W 119 -3.03 -24.57 104.99
C VAL W 119 -2.72 -24.04 103.59
N ILE W 120 -1.50 -23.53 103.41
CA ILE W 120 -1.03 -23.01 102.12
C ILE W 120 0.05 -23.95 101.62
N ALA W 121 -0.06 -24.36 100.36
CA ALA W 121 0.90 -25.24 99.71
C ALA W 121 1.61 -24.50 98.59
N ILE W 122 2.94 -24.49 98.64
CA ILE W 122 3.77 -23.77 97.69
C ILE W 122 4.75 -24.74 97.07
N GLY W 123 4.88 -24.72 95.75
CA GLY W 123 5.77 -25.65 95.09
C GLY W 123 6.12 -25.21 93.69
N VAL W 124 6.94 -26.01 93.05
CA VAL W 124 7.39 -25.77 91.68
C VAL W 124 7.24 -27.06 90.89
N LEU W 125 6.47 -27.01 89.82
CA LEU W 125 6.33 -28.13 88.91
C LEU W 125 7.16 -27.86 87.67
N ILE W 126 8.04 -28.79 87.32
CA ILE W 126 8.97 -28.60 86.22
C ILE W 126 8.51 -29.42 85.03
N ARG W 127 7.20 -29.60 84.93
CA ARG W 127 6.62 -30.37 83.84
C ARG W 127 7.04 -29.80 82.49
N GLY W 128 6.88 -30.62 81.45
CA GLY W 128 7.29 -30.25 80.12
C GLY W 128 8.74 -30.58 79.79
N ALA W 129 9.40 -31.42 80.59
CA ALA W 129 10.80 -31.75 80.38
C ALA W 129 11.01 -33.22 80.04
N THR W 130 10.55 -34.13 80.89
CA THR W 130 10.80 -35.55 80.72
C THR W 130 9.77 -36.32 81.52
N PRO W 131 9.43 -37.55 81.14
CA PRO W 131 8.64 -38.41 82.03
C PRO W 131 9.34 -38.56 83.37
N HIS W 132 8.61 -39.13 84.33
CA HIS W 132 8.87 -39.11 85.76
C HIS W 132 8.42 -37.78 86.37
N PHE W 133 8.04 -36.80 85.56
CA PHE W 133 7.56 -35.52 86.06
C PHE W 133 6.21 -35.13 85.50
N ASP W 134 5.79 -35.69 84.37
CA ASP W 134 4.41 -35.54 83.93
C ASP W 134 3.46 -36.41 84.75
N TYR W 135 3.99 -37.38 85.48
CA TYR W 135 3.16 -38.20 86.36
C TYR W 135 3.05 -37.63 87.77
N ILE W 136 4.10 -36.95 88.24
CA ILE W 136 4.06 -36.37 89.57
C ILE W 136 3.07 -35.22 89.63
N ALA W 137 3.00 -34.42 88.56
CA ALA W 137 2.16 -33.24 88.57
C ALA W 137 0.69 -33.60 88.76
N SER W 138 0.23 -34.64 88.07
CA SER W 138 -1.19 -34.99 88.12
C SER W 138 -1.61 -35.47 89.50
N GLU W 139 -0.70 -36.04 90.27
CA GLU W 139 -1.05 -36.58 91.58
C GLU W 139 -1.02 -35.52 92.68
N VAL W 140 -0.27 -34.44 92.50
CA VAL W 140 -0.19 -33.42 93.54
C VAL W 140 -1.51 -32.65 93.64
N SER W 141 -2.12 -32.33 92.50
CA SER W 141 -3.39 -31.60 92.54
C SER W 141 -4.50 -32.44 93.13
N LYS W 142 -4.53 -33.74 92.81
CA LYS W 142 -5.61 -34.59 93.30
C LYS W 142 -5.54 -34.78 94.81
N GLY W 143 -4.34 -34.92 95.37
CA GLY W 143 -4.23 -35.18 96.80
C GLY W 143 -4.72 -34.02 97.64
N LEU W 144 -4.35 -32.79 97.27
CA LEU W 144 -4.82 -31.63 98.00
C LEU W 144 -6.32 -31.47 97.87
N ALA W 145 -6.86 -31.73 96.67
CA ALA W 145 -8.31 -31.63 96.48
C ALA W 145 -9.05 -32.60 97.38
N ASN W 146 -8.58 -33.84 97.45
CA ASN W 146 -9.26 -34.84 98.28
C ASN W 146 -9.16 -34.51 99.76
N LEU W 147 -8.00 -34.02 100.20
CA LEU W 147 -7.80 -33.77 101.62
C LEU W 147 -8.78 -32.72 102.14
N SER W 148 -9.05 -31.68 101.36
CA SER W 148 -9.97 -30.64 101.81
C SER W 148 -11.38 -31.17 101.97
N LEU W 149 -11.85 -31.97 101.00
CA LEU W 149 -13.20 -32.51 101.09
C LEU W 149 -13.32 -33.60 102.15
N GLU W 150 -12.22 -34.16 102.61
CA GLU W 150 -12.24 -35.25 103.58
C GLU W 150 -12.04 -34.77 105.00
N LEU W 151 -11.33 -33.65 105.20
CA LEU W 151 -11.08 -33.12 106.53
C LEU W 151 -11.84 -31.83 106.81
N ARG W 152 -12.47 -31.23 105.80
CA ARG W 152 -13.30 -30.05 105.98
C ARG W 152 -12.45 -28.87 106.49
N LYS W 153 -11.31 -28.66 105.85
CA LYS W 153 -10.42 -27.56 106.16
C LYS W 153 -9.89 -27.06 104.82
N PRO W 154 -10.00 -25.77 104.53
CA PRO W 154 -9.55 -25.29 103.21
C PRO W 154 -8.04 -25.40 103.04
N ILE W 155 -7.64 -25.68 101.80
CA ILE W 155 -6.24 -25.76 101.41
C ILE W 155 -6.08 -25.02 100.10
N THR W 156 -5.09 -24.14 100.01
CA THR W 156 -4.92 -23.25 98.87
C THR W 156 -3.71 -23.69 98.06
N PHE W 157 -3.78 -23.44 96.76
CA PHE W 157 -2.85 -23.96 95.77
C PHE W 157 -1.93 -22.85 95.31
N GLY W 158 -0.62 -23.04 95.50
CA GLY W 158 0.35 -22.01 95.22
C GLY W 158 1.54 -22.46 94.38
N VAL W 159 1.29 -23.30 93.38
CA VAL W 159 2.37 -23.92 92.61
C VAL W 159 2.62 -23.13 91.33
N ILE W 160 3.89 -22.95 91.01
CA ILE W 160 4.32 -22.31 89.77
C ILE W 160 4.83 -23.39 88.82
N THR W 161 5.11 -22.97 87.59
CA THR W 161 5.73 -23.84 86.58
C THR W 161 7.09 -23.27 86.23
N ALA W 162 8.13 -24.07 86.39
CA ALA W 162 9.49 -23.64 86.09
C ALA W 162 9.64 -23.33 84.62
N ASN X 16 -28.49 -16.84 81.11
CA ASN X 16 -28.30 -17.76 80.00
C ASN X 16 -28.22 -19.20 80.49
N LYS X 17 -27.10 -19.55 81.10
CA LYS X 17 -26.88 -20.87 81.67
C LYS X 17 -27.10 -20.92 83.17
N GLY X 18 -27.66 -19.85 83.75
CA GLY X 18 -27.94 -19.82 85.16
C GLY X 18 -29.30 -20.39 85.47
N TRP X 19 -30.29 -20.08 84.63
CA TRP X 19 -31.62 -20.64 84.83
C TRP X 19 -31.65 -22.13 84.52
N GLU X 20 -30.85 -22.58 83.56
CA GLU X 20 -30.83 -24.00 83.23
C GLU X 20 -30.36 -24.83 84.42
N ALA X 21 -29.35 -24.36 85.13
CA ALA X 21 -28.94 -25.03 86.36
C ALA X 21 -30.07 -25.03 87.39
N ALA X 22 -30.80 -23.91 87.48
CA ALA X 22 -31.89 -23.83 88.44
C ALA X 22 -32.99 -24.83 88.11
N LEU X 23 -33.34 -24.97 86.83
CA LEU X 23 -34.37 -25.92 86.45
C LEU X 23 -34.01 -27.33 86.87
N SER X 24 -32.78 -27.75 86.59
CA SER X 24 -32.37 -29.11 86.88
C SER X 24 -32.41 -29.40 88.37
N ALA X 25 -32.06 -28.40 89.19
CA ALA X 25 -32.10 -28.60 90.64
C ALA X 25 -33.51 -28.85 91.13
N ILE X 26 -34.49 -28.15 90.55
CA ILE X 26 -35.87 -28.31 90.99
C ILE X 26 -36.38 -29.70 90.66
N GLU X 27 -36.16 -30.15 89.41
CA GLU X 27 -36.65 -31.46 89.00
C GLU X 27 -36.03 -32.56 89.85
N MET X 28 -34.71 -32.51 90.03
CA MET X 28 -34.04 -33.54 90.81
C MET X 28 -34.51 -33.56 92.25
N ALA X 29 -34.67 -32.38 92.85
CA ALA X 29 -35.09 -32.32 94.25
C ALA X 29 -36.46 -32.96 94.42
N ASN X 30 -37.38 -32.68 93.51
CA ASN X 30 -38.71 -33.28 93.59
C ASN X 30 -38.66 -34.78 93.29
N LEU X 31 -37.83 -35.18 92.32
CA LEU X 31 -37.76 -36.59 91.95
C LEU X 31 -37.38 -37.46 93.14
N PHE X 32 -36.48 -36.98 93.99
CA PHE X 32 -36.00 -37.79 95.09
C PHE X 32 -37.08 -37.98 96.16
N LYS X 33 -37.99 -37.01 96.29
CA LYS X 33 -39.12 -37.19 97.20
C LYS X 33 -39.99 -38.34 96.74
N SER X 34 -40.19 -38.47 95.42
CA SER X 34 -41.01 -39.56 94.91
C SER X 34 -40.38 -40.91 95.22
N LEU X 35 -39.08 -41.05 94.95
CA LEU X 35 -38.44 -42.35 95.12
C LEU X 35 -38.46 -42.80 96.58
N ARG X 36 -38.24 -41.87 97.51
CA ARG X 36 -38.21 -42.22 98.91
C ARG X 36 -39.53 -42.80 99.39
N GLY X 37 -40.64 -42.39 98.76
CA GLY X 37 -41.94 -42.87 99.18
C GLY X 37 -42.20 -44.30 98.76
N THR X 38 -43.30 -44.83 99.28
CA THR X 38 -43.66 -46.21 98.98
C THR X 38 -44.12 -46.34 97.53
N GLY X 39 -43.98 -47.55 96.99
CA GLY X 39 -44.37 -47.79 95.62
C GLY X 39 -45.88 -47.77 95.43
N GLY X 40 -46.28 -47.67 94.17
CA GLY X 40 -47.68 -47.62 93.80
C GLY X 40 -48.25 -48.99 93.52
N SER X 41 -49.33 -49.00 92.74
CA SER X 41 -50.00 -50.24 92.36
C SER X 41 -50.70 -50.03 91.03
N GLY X 42 -51.05 -51.14 90.40
CA GLY X 42 -51.72 -51.10 89.11
C GLY X 42 -51.27 -52.21 88.17
N SER X 43 -50.18 -52.89 88.53
CA SER X 43 -49.64 -53.99 87.73
C SER X 43 -49.27 -53.51 86.33
N SER X 44 -48.39 -52.50 86.29
CA SER X 44 -47.90 -51.97 85.03
C SER X 44 -46.57 -51.27 85.28
N MET X 45 -45.92 -50.87 84.20
CA MET X 45 -44.64 -50.18 84.30
C MET X 45 -44.78 -48.90 85.11
N GLU X 46 -43.90 -48.73 86.08
CA GLU X 46 -43.90 -47.56 86.96
C GLU X 46 -42.92 -46.54 86.42
N ILE X 47 -43.42 -45.41 85.96
CA ILE X 47 -42.60 -44.34 85.41
C ILE X 47 -42.49 -43.25 86.48
N TYR X 48 -41.25 -42.88 86.81
CA TYR X 48 -40.96 -41.83 87.76
C TYR X 48 -40.46 -40.60 87.02
N GLU X 49 -40.85 -39.43 87.50
CA GLU X 49 -40.34 -38.17 86.96
C GLU X 49 -40.57 -37.08 87.99
N GLY X 50 -39.89 -35.96 87.78
CA GLY X 50 -39.94 -34.85 88.72
C GLY X 50 -40.80 -33.71 88.20
N LYS X 51 -41.50 -33.05 89.12
CA LYS X 51 -42.33 -31.91 88.81
C LYS X 51 -41.53 -30.61 88.94
N LEU X 52 -42.04 -29.57 88.29
CA LEU X 52 -41.33 -28.30 88.22
C LEU X 52 -41.78 -27.30 89.28
N THR X 53 -42.59 -27.72 90.25
CA THR X 53 -42.93 -26.84 91.35
C THR X 53 -41.71 -26.63 92.23
N ALA X 54 -41.67 -25.48 92.90
CA ALA X 54 -40.54 -25.10 93.76
C ALA X 54 -40.93 -24.85 95.20
N GLU X 55 -42.20 -24.94 95.56
CA GLU X 55 -42.63 -24.54 96.89
C GLU X 55 -42.12 -25.52 97.94
N GLY X 56 -41.72 -24.97 99.09
CA GLY X 56 -41.26 -25.79 100.19
C GLY X 56 -39.90 -26.41 100.00
N LEU X 57 -39.03 -25.77 99.21
CA LEU X 57 -37.70 -26.28 98.94
C LEU X 57 -36.66 -25.26 99.33
N ARG X 58 -35.57 -25.74 99.93
CA ARG X 58 -34.46 -24.92 100.36
C ARG X 58 -33.28 -25.15 99.43
N PHE X 59 -32.70 -24.07 98.92
CA PHE X 59 -31.64 -24.13 97.94
C PHE X 59 -30.37 -23.52 98.51
N GLY X 60 -29.29 -23.71 97.77
CA GLY X 60 -28.02 -23.08 98.09
C GLY X 60 -27.28 -22.76 96.81
N ILE X 61 -26.53 -21.66 96.84
CA ILE X 61 -25.75 -21.22 95.68
C ILE X 61 -24.36 -20.87 96.15
N VAL X 62 -23.35 -21.33 95.40
CA VAL X 62 -21.95 -20.98 95.62
C VAL X 62 -21.43 -20.38 94.32
N ALA X 63 -20.86 -19.18 94.41
CA ALA X 63 -20.37 -18.45 93.24
C ALA X 63 -18.98 -17.89 93.52
N SER X 64 -18.26 -17.57 92.44
CA SER X 64 -16.89 -17.09 92.50
C SER X 64 -16.82 -15.64 92.03
N ARG X 65 -15.80 -14.92 92.52
CA ARG X 65 -15.66 -13.51 92.24
C ARG X 65 -14.82 -13.20 91.01
N PHE X 66 -14.18 -14.20 90.41
CA PHE X 66 -13.41 -13.97 89.20
C PHE X 66 -14.34 -13.59 88.06
N ASN X 67 -13.93 -12.60 87.28
CA ASN X 67 -14.75 -12.07 86.18
C ASN X 67 -16.19 -11.84 86.64
N HIS X 68 -16.31 -11.00 87.67
CA HIS X 68 -17.60 -10.81 88.32
C HIS X 68 -18.64 -10.22 87.38
N ALA X 69 -18.22 -9.63 86.26
CA ALA X 69 -19.18 -9.07 85.32
C ALA X 69 -20.12 -10.15 84.79
N LEU X 70 -19.54 -11.25 84.26
CA LEU X 70 -20.35 -12.32 83.72
C LEU X 70 -21.00 -13.17 84.81
N VAL X 71 -20.34 -13.32 85.95
CA VAL X 71 -20.88 -14.17 87.02
C VAL X 71 -22.13 -13.53 87.62
N ASP X 72 -22.13 -12.20 87.79
CA ASP X 72 -23.26 -11.55 88.43
C ASP X 72 -24.54 -11.77 87.64
N ARG X 73 -24.46 -11.75 86.31
CA ARG X 73 -25.64 -12.01 85.48
C ARG X 73 -26.19 -13.40 85.75
N LEU X 74 -25.30 -14.40 85.79
CA LEU X 74 -25.74 -15.78 85.96
C LEU X 74 -26.40 -15.99 87.32
N VAL X 75 -25.83 -15.38 88.37
CA VAL X 75 -26.35 -15.60 89.72
C VAL X 75 -27.78 -15.06 89.82
N GLU X 76 -28.02 -13.89 89.24
CA GLU X 76 -29.36 -13.31 89.29
C GLU X 76 -30.37 -14.21 88.58
N GLY X 77 -29.99 -14.73 87.41
CA GLY X 77 -30.90 -15.60 86.67
C GLY X 77 -31.32 -16.82 87.47
N ALA X 78 -30.45 -17.28 88.36
CA ALA X 78 -30.79 -18.44 89.19
C ALA X 78 -31.98 -18.13 90.09
N ILE X 79 -31.95 -16.98 90.75
CA ILE X 79 -33.06 -16.61 91.63
C ILE X 79 -34.30 -16.28 90.82
N ASP X 80 -34.12 -15.77 89.60
CA ASP X 80 -35.26 -15.45 88.76
C ASP X 80 -36.12 -16.67 88.47
N CYS X 81 -35.47 -17.80 88.16
CA CYS X 81 -36.22 -18.99 87.80
C CYS X 81 -36.70 -19.79 89.01
N ILE X 82 -36.26 -19.43 90.22
CA ILE X 82 -36.78 -20.11 91.40
C ILE X 82 -38.08 -19.47 91.86
N VAL X 83 -38.14 -18.13 91.87
CA VAL X 83 -39.34 -17.44 92.30
C VAL X 83 -40.50 -17.72 91.35
N ARG X 84 -40.21 -17.84 90.05
CA ARG X 84 -41.28 -18.04 89.08
C ARG X 84 -42.04 -19.33 89.37
N HIS X 85 -41.33 -20.40 89.69
CA HIS X 85 -41.94 -21.69 89.96
C HIS X 85 -42.29 -21.87 91.42
N GLY X 86 -42.49 -20.78 92.15
CA GLY X 86 -42.82 -20.85 93.55
C GLY X 86 -41.64 -20.48 94.42
N GLY X 87 -41.53 -21.10 95.59
CA GLY X 87 -40.41 -20.80 96.44
C GLY X 87 -40.46 -19.37 96.95
N ARG X 88 -39.33 -18.89 97.42
CA ARG X 88 -39.23 -17.55 97.98
C ARG X 88 -37.79 -17.29 98.36
N GLU X 89 -37.46 -16.00 98.51
CA GLU X 89 -36.09 -15.61 98.82
C GLU X 89 -35.65 -16.05 100.19
N GLU X 90 -36.58 -16.31 101.11
CA GLU X 90 -36.21 -16.68 102.46
C GLU X 90 -35.62 -18.09 102.56
N ASP X 91 -35.76 -18.91 101.53
CA ASP X 91 -35.23 -20.27 101.51
C ASP X 91 -34.04 -20.38 100.55
N ILE X 92 -33.21 -19.36 100.51
CA ILE X 92 -31.99 -19.36 99.70
C ILE X 92 -30.83 -18.89 100.57
N THR X 93 -29.69 -19.56 100.43
CA THR X 93 -28.42 -19.11 100.99
C THR X 93 -27.43 -18.92 99.86
N LEU X 94 -26.67 -17.85 99.91
CA LEU X 94 -25.67 -17.54 98.89
C LEU X 94 -24.31 -17.40 99.54
N VAL X 95 -23.32 -18.11 98.98
CA VAL X 95 -21.95 -18.09 99.47
C VAL X 95 -21.04 -17.67 98.32
N ARG X 96 -20.10 -16.77 98.59
CA ARG X 96 -19.17 -16.28 97.57
C ARG X 96 -17.75 -16.64 97.98
N VAL X 97 -16.97 -17.12 97.02
CA VAL X 97 -15.62 -17.63 97.31
C VAL X 97 -14.63 -16.92 96.39
N PRO X 98 -13.36 -16.89 96.77
CA PRO X 98 -12.37 -16.14 95.97
C PRO X 98 -12.24 -16.65 94.54
N GLY X 99 -12.29 -17.96 94.33
CA GLY X 99 -12.02 -18.50 93.01
C GLY X 99 -12.59 -19.89 92.85
N SER X 100 -12.33 -20.45 91.66
CA SER X 100 -12.90 -21.76 91.33
C SER X 100 -12.37 -22.86 92.24
N TRP X 101 -11.08 -22.82 92.57
CA TRP X 101 -10.48 -23.90 93.35
C TRP X 101 -11.19 -24.10 94.68
N GLU X 102 -11.85 -23.08 95.20
CA GLU X 102 -12.45 -23.14 96.52
C GLU X 102 -13.93 -23.53 96.50
N ILE X 103 -14.52 -23.75 95.32
CA ILE X 103 -15.95 -24.09 95.29
C ILE X 103 -16.24 -25.41 95.99
N PRO X 104 -15.57 -26.52 95.67
CA PRO X 104 -16.02 -27.81 96.23
C PRO X 104 -16.03 -27.89 97.73
N VAL X 105 -15.07 -27.26 98.42
CA VAL X 105 -15.05 -27.37 99.88
C VAL X 105 -16.22 -26.63 100.49
N ALA X 106 -16.59 -25.48 99.91
CA ALA X 106 -17.75 -24.74 100.39
C ALA X 106 -19.05 -25.48 100.08
N ALA X 107 -19.19 -25.97 98.85
CA ALA X 107 -20.40 -26.71 98.48
C ALA X 107 -20.58 -27.95 99.34
N GLY X 108 -19.48 -28.51 99.85
CA GLY X 108 -19.61 -29.62 100.78
C GLY X 108 -20.22 -29.19 102.10
N GLU X 109 -19.84 -28.01 102.59
CA GLU X 109 -20.37 -27.54 103.86
C GLU X 109 -21.88 -27.31 103.77
N LEU X 110 -22.35 -26.73 102.66
CA LEU X 110 -23.78 -26.50 102.49
C LEU X 110 -24.56 -27.80 102.41
N ALA X 111 -24.05 -28.78 101.64
CA ALA X 111 -24.82 -30.00 101.41
C ALA X 111 -24.94 -30.84 102.67
N ARG X 112 -23.93 -30.81 103.55
CA ARG X 112 -23.99 -31.61 104.76
C ARG X 112 -25.01 -31.12 105.77
N LYS X 113 -25.59 -29.94 105.55
CA LYS X 113 -26.69 -29.49 106.39
C LYS X 113 -27.91 -30.38 106.16
N GLU X 114 -28.73 -30.50 107.20
CA GLU X 114 -29.93 -31.33 107.15
C GLU X 114 -31.15 -30.57 106.64
N ASP X 115 -30.98 -29.30 106.28
CA ASP X 115 -32.06 -28.43 105.85
C ASP X 115 -31.77 -27.83 104.48
N ILE X 116 -31.16 -28.61 103.59
CA ILE X 116 -30.89 -28.21 102.22
C ILE X 116 -31.30 -29.33 101.30
N ASP X 117 -31.84 -28.98 100.12
CA ASP X 117 -32.35 -29.95 99.17
C ASP X 117 -31.55 -30.01 97.88
N ALA X 118 -31.00 -28.89 97.42
CA ALA X 118 -30.16 -28.88 96.24
C ALA X 118 -29.11 -27.78 96.37
N VAL X 119 -28.02 -27.94 95.63
CA VAL X 119 -26.94 -26.96 95.58
C VAL X 119 -26.65 -26.63 94.12
N ILE X 120 -26.44 -25.36 93.85
CA ILE X 120 -26.13 -24.86 92.51
C ILE X 120 -24.75 -24.21 92.56
N ALA X 121 -23.89 -24.58 91.61
CA ALA X 121 -22.54 -24.06 91.53
C ALA X 121 -22.37 -23.24 90.26
N ILE X 122 -21.91 -22.01 90.41
CA ILE X 122 -21.73 -21.08 89.30
C ILE X 122 -20.30 -20.56 89.32
N GLY X 123 -19.67 -20.48 88.15
CA GLY X 123 -18.32 -20.00 88.08
C GLY X 123 -17.86 -19.88 86.64
N VAL X 124 -16.62 -19.41 86.47
CA VAL X 124 -16.01 -19.23 85.17
C VAL X 124 -14.62 -19.85 85.18
N LEU X 125 -14.29 -20.55 84.10
CA LEU X 125 -13.01 -21.23 83.95
C LEU X 125 -12.23 -20.59 82.81
N ILE X 126 -10.96 -20.96 82.72
CA ILE X 126 -10.05 -20.48 81.68
C ILE X 126 -9.50 -21.68 80.93
N ARG X 127 -9.62 -21.65 79.61
CA ARG X 127 -9.15 -22.75 78.75
C ARG X 127 -7.80 -22.46 78.12
N GLY X 128 -7.68 -21.32 77.42
CA GLY X 128 -6.44 -20.96 76.76
C GLY X 128 -5.43 -20.33 77.69
N ALA X 129 -4.81 -21.12 78.55
CA ALA X 129 -3.84 -20.61 79.51
C ALA X 129 -2.77 -21.69 79.73
N THR X 130 -1.93 -21.47 80.72
CA THR X 130 -0.86 -22.41 81.03
C THR X 130 -1.43 -23.66 81.67
N PRO X 131 -0.64 -24.75 81.73
CA PRO X 131 -1.15 -25.98 82.36
C PRO X 131 -1.54 -25.80 83.82
N HIS X 132 -1.09 -24.73 84.48
CA HIS X 132 -1.50 -24.48 85.86
C HIS X 132 -3.02 -24.41 85.96
N PHE X 133 -3.66 -23.65 85.08
CA PHE X 133 -5.12 -23.59 85.07
C PHE X 133 -5.73 -24.92 84.67
N ASP X 134 -5.02 -25.72 83.88
CA ASP X 134 -5.51 -27.04 83.49
C ASP X 134 -5.59 -27.99 84.67
N TYR X 135 -4.98 -27.66 85.81
CA TYR X 135 -5.08 -28.47 87.02
C TYR X 135 -6.28 -28.06 87.86
N ILE X 136 -6.51 -26.76 88.02
CA ILE X 136 -7.70 -26.31 88.74
C ILE X 136 -8.96 -26.72 87.96
N ALA X 137 -8.88 -26.71 86.64
CA ALA X 137 -10.06 -26.99 85.82
C ALA X 137 -10.58 -28.40 86.06
N SER X 138 -9.69 -29.38 86.15
CA SER X 138 -10.13 -30.77 86.24
C SER X 138 -10.68 -31.08 87.63
N GLU X 139 -10.05 -30.56 88.67
CA GLU X 139 -10.43 -30.96 90.03
C GLU X 139 -11.80 -30.43 90.42
N VAL X 140 -12.21 -29.28 89.88
CA VAL X 140 -13.50 -28.72 90.26
C VAL X 140 -14.64 -29.62 89.80
N SER X 141 -14.56 -30.14 88.57
CA SER X 141 -15.60 -31.05 88.10
C SER X 141 -15.59 -32.35 88.87
N LYS X 142 -14.41 -32.90 89.15
CA LYS X 142 -14.34 -34.19 89.84
C LYS X 142 -14.91 -34.10 91.25
N GLY X 143 -14.59 -33.03 91.98
CA GLY X 143 -15.01 -32.95 93.36
C GLY X 143 -16.51 -32.88 93.53
N LEU X 144 -17.17 -32.09 92.68
CA LEU X 144 -18.62 -31.93 92.80
C LEU X 144 -19.34 -33.25 92.51
N ALA X 145 -18.88 -33.99 91.51
CA ALA X 145 -19.51 -35.27 91.19
C ALA X 145 -19.38 -36.25 92.35
N ASN X 146 -18.21 -36.31 92.97
CA ASN X 146 -18.01 -37.23 94.08
C ASN X 146 -18.93 -36.90 95.25
N LEU X 147 -19.10 -35.61 95.54
CA LEU X 147 -19.96 -35.20 96.65
C LEU X 147 -21.41 -35.61 96.39
N SER X 148 -21.89 -35.45 95.16
CA SER X 148 -23.28 -35.73 94.87
C SER X 148 -23.62 -37.20 95.14
N LEU X 149 -22.63 -38.09 95.10
CA LEU X 149 -22.86 -39.51 95.33
C LEU X 149 -22.61 -39.93 96.77
N GLU X 150 -21.72 -39.25 97.48
CA GLU X 150 -21.46 -39.60 98.87
C GLU X 150 -22.59 -39.14 99.78
N LEU X 151 -23.11 -37.93 99.54
CA LEU X 151 -24.16 -37.37 100.38
C LEU X 151 -25.57 -37.68 99.88
N ARG X 152 -25.70 -38.27 98.69
CA ARG X 152 -27.00 -38.59 98.11
C ARG X 152 -27.88 -37.34 98.04
N LYS X 153 -27.37 -36.32 97.35
CA LYS X 153 -28.03 -35.04 97.26
C LYS X 153 -27.59 -34.36 95.97
N PRO X 154 -28.52 -33.89 95.14
CA PRO X 154 -28.13 -33.31 93.85
C PRO X 154 -27.29 -32.05 94.01
N ILE X 155 -26.35 -31.88 93.09
CA ILE X 155 -25.49 -30.71 93.01
C ILE X 155 -25.30 -30.39 91.53
N THR X 156 -25.95 -29.35 91.06
CA THR X 156 -25.93 -29.05 89.63
C THR X 156 -24.69 -28.25 89.28
N PHE X 157 -24.30 -28.34 88.01
CA PHE X 157 -23.00 -27.87 87.53
C PHE X 157 -23.24 -26.80 86.47
N GLY X 158 -23.21 -25.54 86.88
CA GLY X 158 -23.43 -24.42 86.00
C GLY X 158 -22.18 -23.70 85.54
N VAL X 159 -21.00 -24.29 85.74
CA VAL X 159 -19.76 -23.62 85.36
C VAL X 159 -19.70 -23.46 83.85
N ILE X 160 -19.14 -22.34 83.41
CA ILE X 160 -18.98 -22.05 81.98
C ILE X 160 -17.52 -21.78 81.70
N THR X 161 -17.20 -21.48 80.45
CA THR X 161 -15.83 -21.20 80.03
C THR X 161 -15.78 -19.87 79.30
N ALA X 162 -14.60 -19.27 79.31
CA ALA X 162 -14.40 -17.97 78.66
C ALA X 162 -14.11 -18.18 77.17
N THR Y 12 -28.84 -59.49 69.80
CA THR Y 12 -29.11 -60.69 69.02
C THR Y 12 -29.20 -60.34 67.54
N LYS Y 13 -30.26 -59.63 67.16
CA LYS Y 13 -30.49 -59.24 65.77
C LYS Y 13 -30.77 -57.76 65.58
N HIS Y 14 -31.44 -57.11 66.53
CA HIS Y 14 -31.85 -55.72 66.31
C HIS Y 14 -30.66 -54.81 66.11
N GLY Y 15 -29.70 -54.85 67.04
CA GLY Y 15 -28.42 -54.19 66.89
C GLY Y 15 -28.30 -52.85 67.59
N ASN Y 16 -29.40 -52.13 67.81
CA ASN Y 16 -29.30 -50.83 68.46
C ASN Y 16 -28.83 -50.99 69.90
N LYS Y 17 -28.11 -49.97 70.38
CA LYS Y 17 -27.40 -50.12 71.64
C LYS Y 17 -28.33 -50.38 72.81
N GLY Y 18 -29.62 -50.07 72.68
CA GLY Y 18 -30.56 -50.47 73.71
C GLY Y 18 -30.70 -51.98 73.79
N TRP Y 19 -30.75 -52.65 72.63
CA TRP Y 19 -30.83 -54.10 72.61
C TRP Y 19 -29.58 -54.72 73.22
N GLU Y 20 -28.40 -54.25 72.79
CA GLU Y 20 -27.15 -54.81 73.29
C GLU Y 20 -27.01 -54.57 74.79
N ALA Y 21 -27.32 -53.36 75.25
CA ALA Y 21 -27.18 -53.05 76.67
C ALA Y 21 -28.09 -53.93 77.52
N ALA Y 22 -29.25 -54.33 77.00
CA ALA Y 22 -30.14 -55.18 77.77
C ALA Y 22 -29.67 -56.62 77.81
N LEU Y 23 -29.01 -57.10 76.76
CA LEU Y 23 -28.49 -58.47 76.76
C LEU Y 23 -27.47 -58.67 77.86
N SER Y 24 -26.58 -57.68 78.05
CA SER Y 24 -25.59 -57.77 79.11
C SER Y 24 -26.26 -57.86 80.47
N ALA Y 25 -27.30 -57.05 80.69
CA ALA Y 25 -27.97 -57.03 81.99
C ALA Y 25 -28.63 -58.36 82.30
N ILE Y 26 -29.22 -59.00 81.29
CA ILE Y 26 -29.88 -60.28 81.52
C ILE Y 26 -28.86 -61.34 81.90
N GLU Y 27 -27.67 -61.29 81.28
CA GLU Y 27 -26.66 -62.29 81.55
C GLU Y 27 -26.00 -62.09 82.90
N MET Y 28 -25.71 -60.84 83.26
CA MET Y 28 -25.05 -60.58 84.53
C MET Y 28 -25.99 -60.85 85.70
N ALA Y 29 -27.29 -60.61 85.53
CA ALA Y 29 -28.26 -60.94 86.56
C ALA Y 29 -28.33 -62.43 86.82
N ASN Y 30 -28.22 -63.24 85.75
CA ASN Y 30 -28.24 -64.69 85.91
C ASN Y 30 -26.94 -65.20 86.52
N LEU Y 31 -25.81 -64.57 86.15
CA LEU Y 31 -24.51 -65.05 86.64
C LEU Y 31 -24.43 -64.94 88.16
N PHE Y 32 -24.93 -63.84 88.72
CA PHE Y 32 -24.77 -63.61 90.15
C PHE Y 32 -25.53 -64.62 90.99
N LYS Y 33 -26.71 -65.04 90.54
CA LYS Y 33 -27.41 -66.10 91.27
C LYS Y 33 -26.61 -67.38 91.27
N SER Y 34 -25.99 -67.72 90.14
CA SER Y 34 -25.15 -68.92 90.11
C SER Y 34 -24.01 -68.83 91.11
N LEU Y 35 -23.36 -67.68 91.19
CA LEU Y 35 -22.25 -67.50 92.12
C LEU Y 35 -22.72 -67.64 93.56
N ARG Y 36 -23.85 -67.03 93.90
CA ARG Y 36 -24.32 -67.05 95.28
C ARG Y 36 -24.89 -68.40 95.68
N GLY Y 37 -25.23 -69.25 94.72
CA GLY Y 37 -25.88 -70.50 95.05
C GLY Y 37 -24.98 -71.49 95.75
N THR Y 38 -24.02 -72.06 95.04
CA THR Y 38 -23.12 -73.07 95.60
C THR Y 38 -22.12 -73.44 94.52
N GLY Y 39 -21.11 -74.22 94.92
CA GLY Y 39 -20.12 -74.72 93.99
C GLY Y 39 -20.60 -75.96 93.26
N GLY Y 40 -19.73 -76.46 92.39
CA GLY Y 40 -20.03 -77.64 91.62
C GLY Y 40 -19.85 -78.92 92.43
N SER Y 41 -20.12 -80.04 91.76
CA SER Y 41 -20.00 -81.34 92.42
C SER Y 41 -18.56 -81.59 92.87
N GLY Y 42 -17.59 -81.25 92.02
CA GLY Y 42 -16.19 -81.42 92.32
C GLY Y 42 -15.51 -82.38 91.35
N SER Y 43 -14.23 -82.59 91.59
CA SER Y 43 -13.41 -83.48 90.78
C SER Y 43 -13.31 -83.00 89.33
N SER Y 44 -13.43 -81.69 89.13
CA SER Y 44 -13.31 -81.11 87.80
C SER Y 44 -13.26 -79.59 87.96
N MET Y 45 -13.00 -78.91 86.84
CA MET Y 45 -12.92 -77.46 86.85
C MET Y 45 -14.31 -76.85 86.96
N GLU Y 46 -14.47 -75.91 87.89
CA GLU Y 46 -15.75 -75.25 88.09
C GLU Y 46 -15.91 -74.11 87.09
N ILE Y 47 -17.09 -74.03 86.47
CA ILE Y 47 -17.39 -73.00 85.49
C ILE Y 47 -18.70 -72.32 85.88
N TYR Y 48 -18.70 -70.99 85.87
CA TYR Y 48 -19.90 -70.20 86.13
C TYR Y 48 -20.21 -69.37 84.90
N GLU Y 49 -21.45 -69.46 84.43
CA GLU Y 49 -21.90 -68.67 83.29
C GLU Y 49 -23.35 -68.26 83.52
N GLY Y 50 -23.78 -67.24 82.81
CA GLY Y 50 -25.16 -66.79 82.83
C GLY Y 50 -25.82 -67.04 81.48
N LYS Y 51 -27.09 -67.42 81.52
CA LYS Y 51 -27.87 -67.69 80.32
C LYS Y 51 -28.80 -66.52 80.01
N LEU Y 52 -29.38 -66.56 78.81
CA LEU Y 52 -30.23 -65.47 78.32
C LEU Y 52 -31.71 -65.81 78.51
N THR Y 53 -32.10 -65.94 79.78
CA THR Y 53 -33.49 -66.13 80.17
C THR Y 53 -33.85 -65.07 81.20
N ALA Y 54 -34.96 -64.38 80.98
CA ALA Y 54 -35.40 -63.27 81.82
C ALA Y 54 -36.69 -63.59 82.55
N GLU Y 55 -36.83 -64.82 83.03
CA GLU Y 55 -38.02 -65.26 83.74
C GLU Y 55 -37.84 -64.99 85.24
N GLY Y 56 -38.52 -63.98 85.75
CA GLY Y 56 -38.49 -63.69 87.16
C GLY Y 56 -37.43 -62.71 87.59
N LEU Y 57 -37.02 -61.79 86.73
CA LEU Y 57 -36.01 -60.80 87.04
C LEU Y 57 -36.61 -59.40 87.01
N ARG Y 58 -36.15 -58.55 87.93
CA ARG Y 58 -36.59 -57.16 88.02
C ARG Y 58 -35.49 -56.25 87.48
N PHE Y 59 -35.87 -55.27 86.68
CA PHE Y 59 -34.93 -54.39 86.01
C PHE Y 59 -35.32 -52.94 86.25
N GLY Y 60 -34.32 -52.07 86.15
CA GLY Y 60 -34.55 -50.63 86.22
C GLY Y 60 -33.76 -49.92 85.14
N ILE Y 61 -34.36 -48.88 84.58
CA ILE Y 61 -33.79 -48.13 83.47
C ILE Y 61 -33.76 -46.66 83.83
N VAL Y 62 -32.63 -46.01 83.58
CA VAL Y 62 -32.45 -44.57 83.77
C VAL Y 62 -32.07 -43.98 82.44
N ALA Y 63 -32.83 -42.98 81.98
CA ALA Y 63 -32.62 -42.41 80.66
C ALA Y 63 -32.74 -40.89 80.72
N SER Y 64 -31.89 -40.21 79.96
CA SER Y 64 -31.89 -38.76 79.90
C SER Y 64 -32.86 -38.28 78.81
N ARG Y 65 -33.15 -36.98 78.85
CA ARG Y 65 -34.15 -36.38 77.97
C ARG Y 65 -33.54 -35.61 76.81
N PHE Y 66 -32.28 -35.19 76.91
CA PHE Y 66 -31.64 -34.49 75.81
C PHE Y 66 -31.61 -35.40 74.58
N ASN Y 67 -32.01 -34.85 73.43
CA ASN Y 67 -32.20 -35.62 72.21
C ASN Y 67 -33.15 -36.78 72.43
N HIS Y 68 -34.39 -36.43 72.80
CA HIS Y 68 -35.39 -37.45 73.06
C HIS Y 68 -35.77 -38.22 71.81
N ALA Y 69 -35.44 -37.70 70.62
CA ALA Y 69 -35.73 -38.43 69.40
C ALA Y 69 -34.93 -39.73 69.32
N LEU Y 70 -33.61 -39.64 69.56
CA LEU Y 70 -32.79 -40.84 69.53
C LEU Y 70 -32.93 -41.66 70.80
N VAL Y 71 -33.12 -41.02 71.95
CA VAL Y 71 -33.22 -41.77 73.19
C VAL Y 71 -34.48 -42.63 73.19
N ASP Y 72 -35.56 -42.13 72.59
CA ASP Y 72 -36.83 -42.85 72.65
C ASP Y 72 -36.72 -44.23 72.01
N ARG Y 73 -36.04 -44.31 70.87
CA ARG Y 73 -35.85 -45.60 70.22
C ARG Y 73 -35.02 -46.54 71.08
N LEU Y 74 -33.95 -46.02 71.70
CA LEU Y 74 -33.09 -46.87 72.52
C LEU Y 74 -33.86 -47.45 73.70
N VAL Y 75 -34.67 -46.63 74.38
CA VAL Y 75 -35.43 -47.16 75.50
C VAL Y 75 -36.45 -48.19 75.03
N GLU Y 76 -37.02 -47.98 73.83
CA GLU Y 76 -37.91 -49.00 73.29
C GLU Y 76 -37.17 -50.29 73.02
N GLY Y 77 -35.98 -50.21 72.42
CA GLY Y 77 -35.22 -51.41 72.10
C GLY Y 77 -34.90 -52.24 73.32
N ALA Y 78 -34.53 -51.59 74.42
CA ALA Y 78 -34.20 -52.33 75.64
C ALA Y 78 -35.43 -53.04 76.19
N ILE Y 79 -36.61 -52.42 76.10
CA ILE Y 79 -37.82 -53.05 76.61
C ILE Y 79 -38.22 -54.23 75.74
N ASP Y 80 -38.08 -54.09 74.42
CA ASP Y 80 -38.41 -55.21 73.54
C ASP Y 80 -37.53 -56.42 73.83
N CYS Y 81 -36.24 -56.19 74.10
CA CYS Y 81 -35.34 -57.31 74.36
C CYS Y 81 -35.79 -58.11 75.57
N ILE Y 82 -36.21 -57.42 76.62
CA ILE Y 82 -36.57 -58.10 77.85
C ILE Y 82 -37.80 -58.99 77.66
N VAL Y 83 -38.81 -58.48 76.96
CA VAL Y 83 -40.05 -59.24 76.78
C VAL Y 83 -39.81 -60.44 75.87
N ARG Y 84 -39.01 -60.28 74.83
CA ARG Y 84 -38.77 -61.37 73.89
C ARG Y 84 -38.17 -62.58 74.57
N HIS Y 85 -37.32 -62.37 75.57
CA HIS Y 85 -36.60 -63.45 76.24
C HIS Y 85 -37.35 -64.02 77.43
N GLY Y 86 -38.59 -63.58 77.67
CA GLY Y 86 -39.40 -64.12 78.74
C GLY Y 86 -39.68 -63.16 79.88
N GLY Y 87 -39.37 -61.88 79.73
CA GLY Y 87 -39.60 -60.92 80.78
C GLY Y 87 -41.05 -60.51 80.87
N ARG Y 88 -41.31 -59.57 81.77
CA ARG Y 88 -42.65 -59.07 82.03
C ARG Y 88 -42.60 -57.55 82.11
N GLU Y 89 -43.49 -56.89 81.37
CA GLU Y 89 -43.47 -55.44 81.29
C GLU Y 89 -43.75 -54.78 82.64
N GLU Y 90 -44.38 -55.50 83.57
CA GLU Y 90 -44.70 -54.94 84.88
C GLU Y 90 -43.50 -54.96 85.83
N ASP Y 91 -42.43 -55.67 85.50
CA ASP Y 91 -41.23 -55.74 86.34
C ASP Y 91 -40.13 -54.83 85.83
N ILE Y 92 -40.47 -53.70 85.23
CA ILE Y 92 -39.51 -52.73 84.74
C ILE Y 92 -39.86 -51.37 85.32
N THR Y 93 -38.87 -50.68 85.87
CA THR Y 93 -39.04 -49.34 86.40
C THR Y 93 -38.21 -48.38 85.55
N LEU Y 94 -38.80 -47.24 85.22
CA LEU Y 94 -38.17 -46.24 84.38
C LEU Y 94 -38.07 -44.92 85.12
N VAL Y 95 -36.93 -44.26 85.00
CA VAL Y 95 -36.70 -42.95 85.60
C VAL Y 95 -36.10 -42.03 84.54
N ARG Y 96 -36.61 -40.81 84.46
CA ARG Y 96 -36.11 -39.80 83.53
C ARG Y 96 -35.40 -38.69 84.30
N VAL Y 97 -34.32 -38.18 83.72
CA VAL Y 97 -33.49 -37.17 84.36
C VAL Y 97 -33.26 -36.03 83.37
N PRO Y 98 -33.02 -34.81 83.84
CA PRO Y 98 -32.85 -33.70 82.89
C PRO Y 98 -31.72 -33.89 81.89
N GLY Y 99 -30.59 -34.42 82.33
CA GLY Y 99 -29.42 -34.48 81.47
C GLY Y 99 -28.44 -35.53 81.92
N SER Y 100 -27.36 -35.65 81.16
CA SER Y 100 -26.38 -36.70 81.41
C SER Y 100 -25.68 -36.54 82.75
N TRP Y 101 -25.50 -35.30 83.23
CA TRP Y 101 -24.81 -35.09 84.49
C TRP Y 101 -25.53 -35.75 85.66
N GLU Y 102 -26.81 -36.06 85.50
CA GLU Y 102 -27.62 -36.56 86.60
C GLU Y 102 -27.85 -38.07 86.55
N ILE Y 103 -27.34 -38.76 85.54
CA ILE Y 103 -27.54 -40.21 85.47
C ILE Y 103 -26.91 -40.92 86.65
N PRO Y 104 -25.63 -40.70 86.99
CA PRO Y 104 -25.05 -41.47 88.10
C PRO Y 104 -25.77 -41.32 89.42
N VAL Y 105 -26.21 -40.11 89.76
CA VAL Y 105 -26.85 -39.90 91.05
C VAL Y 105 -28.21 -40.59 91.09
N ALA Y 106 -28.92 -40.60 89.96
CA ALA Y 106 -30.22 -41.25 89.91
C ALA Y 106 -30.09 -42.77 89.99
N ALA Y 107 -29.10 -43.34 89.30
CA ALA Y 107 -28.94 -44.79 89.31
C ALA Y 107 -28.60 -45.30 90.70
N GLY Y 108 -27.90 -44.51 91.50
CA GLY Y 108 -27.58 -44.94 92.85
C GLY Y 108 -28.81 -45.19 93.70
N GLU Y 109 -29.92 -44.52 93.39
CA GLU Y 109 -31.15 -44.75 94.15
C GLU Y 109 -31.80 -46.08 93.77
N LEU Y 110 -31.81 -46.40 92.47
CA LEU Y 110 -32.35 -47.69 92.05
C LEU Y 110 -31.52 -48.84 92.61
N ALA Y 111 -30.20 -48.71 92.57
CA ALA Y 111 -29.33 -49.82 92.93
C ALA Y 111 -29.53 -50.23 94.38
N ARG Y 112 -29.88 -49.29 95.26
CA ARG Y 112 -30.04 -49.61 96.66
C ARG Y 112 -31.36 -50.29 96.98
N LYS Y 113 -32.28 -50.35 96.02
CA LYS Y 113 -33.52 -51.07 96.22
C LYS Y 113 -33.24 -52.56 96.38
N GLU Y 114 -34.01 -53.21 97.25
CA GLU Y 114 -33.82 -54.64 97.51
C GLU Y 114 -34.41 -55.52 96.43
N ASP Y 115 -35.26 -54.97 95.55
CA ASP Y 115 -35.92 -55.75 94.52
C ASP Y 115 -35.15 -55.75 93.20
N ILE Y 116 -34.64 -54.59 92.78
CA ILE Y 116 -33.96 -54.50 91.49
C ILE Y 116 -32.72 -55.37 91.47
N ASP Y 117 -32.47 -56.01 90.32
CA ASP Y 117 -31.33 -56.89 90.13
C ASP Y 117 -30.30 -56.35 89.16
N ALA Y 118 -30.69 -55.52 88.21
CA ALA Y 118 -29.75 -54.90 87.30
C ALA Y 118 -30.28 -53.54 86.90
N VAL Y 119 -29.38 -52.67 86.45
CA VAL Y 119 -29.71 -51.30 86.09
C VAL Y 119 -29.08 -50.99 84.74
N ILE Y 120 -29.83 -50.30 83.89
CA ILE Y 120 -29.42 -49.95 82.54
C ILE Y 120 -29.46 -48.44 82.41
N ALA Y 121 -28.38 -47.86 81.90
CA ALA Y 121 -28.28 -46.42 81.68
C ALA Y 121 -28.23 -46.14 80.20
N ILE Y 122 -29.09 -45.22 79.73
CA ILE Y 122 -29.17 -44.84 78.33
C ILE Y 122 -29.09 -43.33 78.24
N GLY Y 123 -28.40 -42.84 77.22
CA GLY Y 123 -28.28 -41.42 77.03
C GLY Y 123 -27.52 -41.13 75.75
N VAL Y 124 -27.44 -39.85 75.43
CA VAL Y 124 -26.68 -39.38 74.27
C VAL Y 124 -25.77 -38.24 74.72
N LEU Y 125 -24.56 -38.21 74.17
CA LEU Y 125 -23.54 -37.23 74.53
C LEU Y 125 -23.16 -36.44 73.29
N ILE Y 126 -23.07 -35.12 73.42
CA ILE Y 126 -22.66 -34.24 72.35
C ILE Y 126 -21.18 -33.89 72.57
N ARG Y 127 -20.33 -34.32 71.64
CA ARG Y 127 -18.89 -34.10 71.74
C ARG Y 127 -18.32 -33.72 70.39
N GLY Y 128 -19.01 -32.86 69.65
CA GLY Y 128 -18.56 -32.46 68.32
C GLY Y 128 -18.79 -31.00 67.99
N ALA Y 129 -19.32 -30.23 68.95
CA ALA Y 129 -19.62 -28.82 68.71
C ALA Y 129 -19.00 -27.90 69.75
N THR Y 130 -18.92 -28.33 71.01
CA THR Y 130 -18.41 -27.49 72.10
C THR Y 130 -17.16 -28.14 72.70
N PRO Y 131 -16.02 -27.42 72.83
CA PRO Y 131 -14.83 -27.98 73.50
C PRO Y 131 -14.86 -27.83 75.02
N HIS Y 132 -16.03 -28.08 75.61
CA HIS Y 132 -16.21 -28.03 77.05
C HIS Y 132 -16.94 -29.23 77.62
N PHE Y 133 -17.71 -29.97 76.81
CA PHE Y 133 -18.48 -31.10 77.31
C PHE Y 133 -17.59 -32.27 77.75
N ASP Y 134 -16.29 -32.24 77.44
CA ASP Y 134 -15.43 -33.36 77.82
C ASP Y 134 -15.44 -33.57 79.34
N TYR Y 135 -15.56 -32.49 80.11
CA TYR Y 135 -15.66 -32.64 81.55
C TYR Y 135 -16.92 -33.40 81.94
N ILE Y 136 -18.05 -33.08 81.31
CA ILE Y 136 -19.29 -33.78 81.61
C ILE Y 136 -19.18 -35.25 81.22
N ALA Y 137 -18.62 -35.52 80.04
CA ALA Y 137 -18.60 -36.89 79.54
C ALA Y 137 -17.78 -37.81 80.44
N SER Y 138 -16.63 -37.32 80.91
CA SER Y 138 -15.73 -38.17 81.68
C SER Y 138 -16.33 -38.58 83.01
N GLU Y 139 -17.16 -37.73 83.62
CA GLU Y 139 -17.69 -38.03 84.94
C GLU Y 139 -18.81 -39.06 84.89
N VAL Y 140 -19.48 -39.22 83.75
CA VAL Y 140 -20.52 -40.23 83.65
C VAL Y 140 -19.91 -41.63 83.76
N SER Y 141 -18.82 -41.85 83.03
CA SER Y 141 -18.17 -43.16 83.03
C SER Y 141 -17.59 -43.49 84.40
N LYS Y 142 -17.00 -42.51 85.08
CA LYS Y 142 -16.43 -42.76 86.39
C LYS Y 142 -17.51 -43.09 87.41
N GLY Y 143 -18.56 -42.28 87.48
CA GLY Y 143 -19.54 -42.46 88.53
C GLY Y 143 -20.27 -43.78 88.43
N LEU Y 144 -20.63 -44.18 87.21
CA LEU Y 144 -21.33 -45.45 87.04
C LEU Y 144 -20.45 -46.62 87.42
N ALA Y 145 -19.16 -46.56 87.08
CA ALA Y 145 -18.25 -47.66 87.37
C ALA Y 145 -17.99 -47.80 88.87
N ASN Y 146 -17.85 -46.68 89.58
CA ASN Y 146 -17.63 -46.75 91.02
C ASN Y 146 -18.83 -47.33 91.76
N LEU Y 147 -20.05 -47.04 91.28
CA LEU Y 147 -21.24 -47.53 91.94
C LEU Y 147 -21.32 -49.05 91.94
N SER Y 148 -20.97 -49.67 90.81
CA SER Y 148 -21.07 -51.13 90.72
C SER Y 148 -20.20 -51.81 91.76
N LEU Y 149 -18.97 -51.34 91.93
CA LEU Y 149 -18.09 -51.93 92.93
C LEU Y 149 -18.62 -51.69 94.34
N GLU Y 150 -19.12 -50.49 94.63
CA GLU Y 150 -19.54 -50.15 95.98
C GLU Y 150 -20.77 -50.95 96.39
N LEU Y 151 -21.79 -51.01 95.53
CA LEU Y 151 -23.03 -51.69 95.84
C LEU Y 151 -23.04 -53.15 95.43
N ARG Y 152 -22.03 -53.60 94.68
CA ARG Y 152 -21.93 -55.00 94.27
C ARG Y 152 -23.18 -55.44 93.50
N LYS Y 153 -23.50 -54.68 92.45
CA LYS Y 153 -24.68 -54.89 91.65
C LYS Y 153 -24.33 -54.49 90.22
N PRO Y 154 -24.74 -55.25 89.21
CA PRO Y 154 -24.35 -54.90 87.84
C PRO Y 154 -25.10 -53.67 87.32
N ILE Y 155 -24.35 -52.78 86.69
CA ILE Y 155 -24.87 -51.59 86.04
C ILE Y 155 -24.27 -51.53 84.65
N THR Y 156 -25.12 -51.41 83.63
CA THR Y 156 -24.69 -51.52 82.25
C THR Y 156 -24.67 -50.15 81.58
N PHE Y 157 -23.79 -50.01 80.59
CA PHE Y 157 -23.54 -48.76 79.90
C PHE Y 157 -24.25 -48.78 78.55
N GLY Y 158 -25.11 -47.80 78.32
CA GLY Y 158 -25.84 -47.69 77.07
C GLY Y 158 -25.77 -46.30 76.48
N VAL Y 159 -24.63 -45.64 76.58
CA VAL Y 159 -24.47 -44.24 76.22
C VAL Y 159 -23.94 -44.13 74.80
N ILE Y 160 -24.64 -43.37 73.98
CA ILE Y 160 -24.25 -43.10 72.59
C ILE Y 160 -23.51 -41.77 72.57
N THR Y 161 -22.61 -41.64 71.60
CA THR Y 161 -21.91 -40.39 71.33
C THR Y 161 -22.28 -39.92 69.93
N ALA Y 162 -22.63 -38.66 69.80
CA ALA Y 162 -23.04 -38.10 68.52
C ALA Y 162 -21.86 -37.54 67.76
N ASN Z 16 -29.96 -81.32 6.99
CA ASN Z 16 -30.96 -80.82 7.94
C ASN Z 16 -30.59 -81.21 9.37
N LYS Z 17 -31.21 -80.53 10.33
CA LYS Z 17 -30.99 -80.79 11.75
C LYS Z 17 -31.93 -81.84 12.30
N GLY Z 18 -32.50 -82.67 11.44
CA GLY Z 18 -33.45 -83.68 11.88
C GLY Z 18 -32.80 -85.03 12.15
N TRP Z 19 -31.93 -85.47 11.24
CA TRP Z 19 -31.31 -86.77 11.42
C TRP Z 19 -30.45 -86.83 12.67
N GLU Z 20 -29.92 -85.69 13.11
CA GLU Z 20 -29.18 -85.66 14.37
C GLU Z 20 -30.09 -86.06 15.53
N ALA Z 21 -31.31 -85.51 15.55
CA ALA Z 21 -32.28 -85.96 16.54
C ALA Z 21 -32.58 -87.43 16.39
N ALA Z 22 -32.48 -87.97 15.18
CA ALA Z 22 -32.75 -89.37 14.96
C ALA Z 22 -31.62 -90.25 15.48
N LEU Z 23 -30.36 -89.87 15.18
CA LEU Z 23 -29.24 -90.71 15.59
C LEU Z 23 -29.23 -90.90 17.11
N SER Z 24 -29.52 -89.85 17.86
CA SER Z 24 -29.53 -89.96 19.32
C SER Z 24 -30.52 -91.04 19.77
N ALA Z 25 -31.68 -91.11 19.13
CA ALA Z 25 -32.72 -92.02 19.59
C ALA Z 25 -32.28 -93.48 19.46
N ILE Z 26 -31.70 -93.84 18.32
CA ILE Z 26 -31.30 -95.23 18.13
C ILE Z 26 -30.20 -95.61 19.11
N GLU Z 27 -29.20 -94.74 19.29
CA GLU Z 27 -28.13 -95.04 20.22
C GLU Z 27 -28.67 -95.30 21.63
N MET Z 28 -29.50 -94.39 22.14
CA MET Z 28 -30.06 -94.54 23.47
C MET Z 28 -30.98 -95.75 23.55
N ALA Z 29 -31.77 -95.99 22.50
CA ALA Z 29 -32.70 -97.12 22.53
C ALA Z 29 -31.95 -98.44 22.66
N ASN Z 30 -30.84 -98.58 21.93
CA ASN Z 30 -30.03 -99.79 22.05
C ASN Z 30 -29.33 -99.86 23.41
N LEU Z 31 -28.84 -98.72 23.90
CA LEU Z 31 -28.13 -98.68 25.16
C LEU Z 31 -29.02 -99.14 26.31
N PHE Z 32 -30.28 -98.71 26.31
CA PHE Z 32 -31.18 -99.06 27.40
C PHE Z 32 -31.46 -100.56 27.44
N LYS Z 33 -31.38 -101.23 26.30
CA LYS Z 33 -31.55 -102.68 26.29
C LYS Z 33 -30.43 -103.37 27.04
N SER Z 34 -29.20 -102.88 26.89
CA SER Z 34 -28.06 -103.53 27.54
C SER Z 34 -28.20 -103.50 29.05
N LEU Z 35 -28.45 -102.32 29.63
CA LEU Z 35 -28.45 -102.19 31.08
C LEU Z 35 -29.52 -103.07 31.71
N ARG Z 36 -30.71 -103.10 31.12
CA ARG Z 36 -31.80 -103.89 31.70
C ARG Z 36 -31.51 -105.38 31.66
N GLY Z 37 -30.58 -105.82 30.83
CA GLY Z 37 -30.23 -107.22 30.73
C GLY Z 37 -29.26 -107.64 31.82
N THR Z 38 -28.80 -108.88 31.70
CA THR Z 38 -27.86 -109.43 32.68
C THR Z 38 -26.54 -108.68 32.65
N GLY Z 39 -25.86 -108.68 33.79
CA GLY Z 39 -24.59 -108.00 33.91
C GLY Z 39 -23.45 -108.78 33.28
N GLY Z 40 -22.26 -108.21 33.37
CA GLY Z 40 -21.07 -108.81 32.78
C GLY Z 40 -20.52 -109.94 33.64
N SER Z 41 -19.45 -110.54 33.13
CA SER Z 41 -18.79 -111.64 33.80
C SER Z 41 -17.78 -111.18 34.85
N GLY Z 42 -17.57 -109.87 35.00
CA GLY Z 42 -16.63 -109.37 35.97
C GLY Z 42 -15.19 -109.52 35.49
N SER Z 43 -14.27 -109.29 36.42
CA SER Z 43 -12.83 -109.37 36.23
C SER Z 43 -12.29 -108.17 35.46
N SER Z 44 -13.13 -107.26 35.00
CA SER Z 44 -12.66 -106.06 34.31
C SER Z 44 -13.75 -105.01 34.34
N MET Z 45 -13.36 -103.77 34.07
CA MET Z 45 -14.32 -102.68 34.04
C MET Z 45 -15.33 -102.89 32.93
N GLU Z 46 -16.60 -102.68 33.24
CA GLU Z 46 -17.68 -102.85 32.27
C GLU Z 46 -17.95 -101.52 31.58
N ILE Z 47 -17.80 -101.48 30.26
CA ILE Z 47 -18.11 -100.32 29.46
C ILE Z 47 -19.37 -100.63 28.66
N TYR Z 48 -20.43 -99.87 28.92
CA TYR Z 48 -21.67 -99.97 28.16
C TYR Z 48 -21.71 -98.87 27.12
N GLU Z 49 -21.98 -99.25 25.87
CA GLU Z 49 -22.18 -98.26 24.81
C GLU Z 49 -23.17 -98.83 23.81
N GLY Z 50 -24.05 -97.96 23.29
CA GLY Z 50 -25.11 -98.41 22.42
C GLY Z 50 -24.69 -98.50 20.96
N LYS Z 51 -25.39 -99.36 20.23
CA LYS Z 51 -25.12 -99.61 18.82
C LYS Z 51 -25.91 -98.64 17.95
N LEU Z 52 -25.72 -98.75 16.64
CA LEU Z 52 -26.45 -97.97 15.66
C LEU Z 52 -27.35 -98.84 14.77
N THR Z 53 -27.66 -100.05 15.22
CA THR Z 53 -28.56 -100.94 14.49
C THR Z 53 -29.99 -100.63 14.88
N ALA Z 54 -30.77 -100.15 13.91
CA ALA Z 54 -32.13 -99.70 14.17
C ALA Z 54 -33.17 -100.82 14.11
N GLU Z 55 -32.75 -102.04 13.77
CA GLU Z 55 -33.71 -103.11 13.57
C GLU Z 55 -34.36 -103.52 14.88
N GLY Z 56 -35.68 -103.68 14.86
CA GLY Z 56 -36.44 -104.10 16.02
C GLY Z 56 -36.93 -102.99 16.93
N LEU Z 57 -36.66 -101.74 16.60
CA LEU Z 57 -37.00 -100.61 17.45
C LEU Z 57 -38.25 -99.91 16.92
N ARG Z 58 -39.20 -99.66 17.82
CA ARG Z 58 -40.41 -98.91 17.52
C ARG Z 58 -40.21 -97.47 17.93
N PHE Z 59 -40.54 -96.55 17.01
CA PHE Z 59 -40.32 -95.12 17.22
C PHE Z 59 -41.62 -94.36 17.14
N GLY Z 60 -41.73 -93.29 17.93
CA GLY Z 60 -42.78 -92.30 17.77
C GLY Z 60 -42.16 -90.95 17.45
N ILE Z 61 -42.89 -90.16 16.67
CA ILE Z 61 -42.48 -88.81 16.33
C ILE Z 61 -43.66 -87.87 16.55
N VAL Z 62 -43.39 -86.72 17.16
CA VAL Z 62 -44.39 -85.69 17.40
C VAL Z 62 -43.91 -84.40 16.77
N ALA Z 63 -44.74 -83.81 15.90
CA ALA Z 63 -44.39 -82.60 15.18
C ALA Z 63 -45.55 -81.63 15.21
N SER Z 64 -45.23 -80.35 15.07
CA SER Z 64 -46.23 -79.29 15.04
C SER Z 64 -46.46 -78.82 13.61
N ARG Z 65 -47.49 -78.00 13.44
CA ARG Z 65 -47.91 -77.57 12.11
C ARG Z 65 -47.47 -76.15 11.76
N PHE Z 66 -47.24 -75.29 12.75
CA PHE Z 66 -46.83 -73.92 12.45
C PHE Z 66 -45.51 -73.95 11.69
N ASN Z 67 -45.44 -73.16 10.62
CA ASN Z 67 -44.29 -73.15 9.72
C ASN Z 67 -44.10 -74.53 9.08
N HIS Z 68 -45.12 -74.96 8.36
CA HIS Z 68 -45.11 -76.29 7.76
C HIS Z 68 -43.98 -76.46 6.75
N ALA Z 69 -43.48 -75.37 6.17
CA ALA Z 69 -42.38 -75.48 5.22
C ALA Z 69 -41.15 -76.09 5.87
N LEU Z 70 -40.74 -75.56 7.02
CA LEU Z 70 -39.54 -76.06 7.68
C LEU Z 70 -39.80 -77.43 8.29
N VAL Z 71 -40.92 -77.60 9.00
CA VAL Z 71 -41.21 -78.87 9.65
C VAL Z 71 -41.38 -79.98 8.65
N ASP Z 72 -41.75 -79.68 7.41
CA ASP Z 72 -41.92 -80.72 6.40
C ASP Z 72 -40.61 -81.44 6.12
N ARG Z 73 -39.51 -80.70 6.03
CA ARG Z 73 -38.23 -81.33 5.71
C ARG Z 73 -37.56 -81.92 6.95
N LEU Z 74 -37.78 -81.33 8.13
CA LEU Z 74 -37.23 -81.92 9.35
C LEU Z 74 -37.79 -83.32 9.59
N VAL Z 75 -39.09 -83.50 9.43
CA VAL Z 75 -39.67 -84.82 9.67
C VAL Z 75 -39.21 -85.81 8.63
N GLU Z 76 -39.20 -85.40 7.35
CA GLU Z 76 -38.75 -86.31 6.30
C GLU Z 76 -37.30 -86.69 6.50
N GLY Z 77 -36.44 -85.72 6.84
CA GLY Z 77 -35.05 -86.04 7.11
C GLY Z 77 -34.90 -87.02 8.25
N ALA Z 78 -35.74 -86.89 9.28
CA ALA Z 78 -35.69 -87.84 10.38
C ALA Z 78 -36.08 -89.23 9.94
N ILE Z 79 -37.10 -89.35 9.07
CA ILE Z 79 -37.54 -90.67 8.64
C ILE Z 79 -36.49 -91.32 7.74
N ASP Z 80 -35.73 -90.52 6.99
CA ASP Z 80 -34.70 -91.06 6.10
C ASP Z 80 -33.59 -91.77 6.87
N CYS Z 81 -33.44 -91.52 8.17
CA CYS Z 81 -32.32 -92.06 8.90
C CYS Z 81 -32.63 -93.38 9.60
N ILE Z 82 -33.87 -93.59 10.03
CA ILE Z 82 -34.23 -94.88 10.62
C ILE Z 82 -34.24 -95.96 9.54
N VAL Z 83 -34.76 -95.64 8.36
CA VAL Z 83 -34.81 -96.63 7.29
C VAL Z 83 -33.41 -97.03 6.86
N ARG Z 84 -32.51 -96.05 6.71
CA ARG Z 84 -31.18 -96.38 6.21
C ARG Z 84 -30.39 -97.24 7.19
N HIS Z 85 -30.56 -97.01 8.49
CA HIS Z 85 -29.89 -97.81 9.50
C HIS Z 85 -30.63 -99.11 9.81
N GLY Z 86 -31.52 -99.55 8.93
CA GLY Z 86 -32.17 -100.82 9.09
C GLY Z 86 -33.46 -100.76 9.87
N GLY Z 87 -34.37 -99.89 9.45
CA GLY Z 87 -35.62 -99.69 10.17
C GLY Z 87 -36.85 -99.66 9.29
N ARG Z 88 -37.82 -100.52 9.60
CA ARG Z 88 -39.05 -100.57 8.83
C ARG Z 88 -39.90 -99.34 9.11
N GLU Z 89 -40.52 -98.80 8.06
CA GLU Z 89 -41.48 -97.72 8.23
C GLU Z 89 -42.79 -98.20 8.85
N GLU Z 90 -42.99 -99.51 8.95
CA GLU Z 90 -44.19 -100.06 9.57
C GLU Z 90 -44.20 -99.85 11.08
N ASP Z 91 -43.09 -99.39 11.67
CA ASP Z 91 -43.01 -99.19 13.11
C ASP Z 91 -43.02 -97.74 13.54
N ILE Z 92 -42.81 -96.80 12.63
CA ILE Z 92 -42.88 -95.38 12.95
C ILE Z 92 -44.34 -94.98 13.11
N THR Z 93 -44.62 -94.18 14.15
CA THR Z 93 -45.92 -93.57 14.36
C THR Z 93 -45.74 -92.06 14.40
N LEU Z 94 -46.66 -91.33 13.76
CA LEU Z 94 -46.57 -89.89 13.63
C LEU Z 94 -47.81 -89.23 14.22
N VAL Z 95 -47.60 -88.22 15.05
CA VAL Z 95 -48.66 -87.41 15.63
C VAL Z 95 -48.39 -85.95 15.27
N ARG Z 96 -49.42 -85.26 14.78
CA ARG Z 96 -49.35 -83.84 14.50
C ARG Z 96 -50.17 -83.07 15.51
N VAL Z 97 -49.65 -81.94 15.97
CA VAL Z 97 -50.30 -81.14 16.99
C VAL Z 97 -50.34 -79.69 16.51
N PRO Z 98 -51.30 -78.90 17.02
CA PRO Z 98 -51.43 -77.52 16.53
C PRO Z 98 -50.18 -76.67 16.70
N GLY Z 99 -49.71 -76.51 17.94
CA GLY Z 99 -48.60 -75.63 18.21
C GLY Z 99 -47.60 -76.27 19.16
N SER Z 100 -46.55 -75.50 19.48
CA SER Z 100 -45.50 -76.01 20.34
C SER Z 100 -46.01 -76.30 21.74
N TRP Z 101 -47.00 -75.55 22.20
CA TRP Z 101 -47.51 -75.71 23.56
C TRP Z 101 -48.04 -77.12 23.81
N GLU Z 102 -48.40 -77.85 22.75
CA GLU Z 102 -49.00 -79.16 22.89
C GLU Z 102 -48.01 -80.30 22.69
N ILE Z 103 -46.74 -80.01 22.42
CA ILE Z 103 -45.76 -81.08 22.25
C ILE Z 103 -45.64 -81.94 23.50
N PRO Z 104 -45.49 -81.39 24.70
CA PRO Z 104 -45.25 -82.25 25.88
C PRO Z 104 -46.41 -83.16 26.23
N VAL Z 105 -47.65 -82.68 26.17
CA VAL Z 105 -48.79 -83.53 26.56
C VAL Z 105 -48.96 -84.67 25.56
N ALA Z 106 -48.70 -84.40 24.28
CA ALA Z 106 -48.82 -85.46 23.28
C ALA Z 106 -47.72 -86.50 23.44
N ALA Z 107 -46.50 -86.06 23.76
CA ALA Z 107 -45.40 -87.00 23.93
C ALA Z 107 -45.64 -87.94 25.10
N GLY Z 108 -46.39 -87.50 26.10
CA GLY Z 108 -46.65 -88.36 27.24
C GLY Z 108 -47.52 -89.56 26.88
N GLU Z 109 -48.55 -89.34 26.08
CA GLU Z 109 -49.42 -90.45 25.69
C GLU Z 109 -48.66 -91.47 24.86
N LEU Z 110 -47.81 -91.01 23.94
CA LEU Z 110 -46.98 -91.93 23.18
C LEU Z 110 -45.98 -92.65 24.07
N ALA Z 111 -45.28 -91.91 24.91
CA ALA Z 111 -44.23 -92.50 25.74
C ALA Z 111 -44.78 -93.49 26.74
N ARG Z 112 -46.06 -93.44 27.07
CA ARG Z 112 -46.66 -94.38 28.01
C ARG Z 112 -47.12 -95.66 27.34
N LYS Z 113 -47.03 -95.76 26.02
CA LYS Z 113 -47.39 -96.98 25.32
C LYS Z 113 -46.24 -97.97 25.40
N GLU Z 114 -46.56 -99.22 25.74
CA GLU Z 114 -45.53 -100.23 25.95
C GLU Z 114 -44.76 -100.54 24.68
N ASP Z 115 -45.41 -100.45 23.52
CA ASP Z 115 -44.82 -100.82 22.25
C ASP Z 115 -43.95 -99.72 21.66
N ILE Z 116 -43.55 -98.72 22.43
CA ILE Z 116 -42.67 -97.66 21.97
C ILE Z 116 -41.42 -97.66 22.84
N ASP Z 117 -40.28 -97.35 22.21
CA ASP Z 117 -39.00 -97.35 22.90
C ASP Z 117 -38.21 -96.06 22.71
N ALA Z 118 -38.73 -95.10 21.96
CA ALA Z 118 -38.07 -93.81 21.80
C ALA Z 118 -39.05 -92.85 21.15
N VAL Z 119 -39.02 -91.59 21.60
CA VAL Z 119 -39.85 -90.53 21.05
C VAL Z 119 -38.95 -89.42 20.56
N ILE Z 120 -39.29 -88.86 19.40
CA ILE Z 120 -38.57 -87.74 18.81
C ILE Z 120 -39.52 -86.56 18.73
N ALA Z 121 -39.07 -85.41 19.21
CA ALA Z 121 -39.87 -84.19 19.24
C ALA Z 121 -39.28 -83.18 18.26
N ILE Z 122 -40.13 -82.66 17.37
CA ILE Z 122 -39.72 -81.74 16.33
C ILE Z 122 -40.65 -80.55 16.35
N GLY Z 123 -40.09 -79.36 16.22
CA GLY Z 123 -40.88 -78.15 16.21
C GLY Z 123 -40.00 -76.95 16.05
N VAL Z 124 -40.63 -75.79 15.89
CA VAL Z 124 -39.95 -74.52 15.70
C VAL Z 124 -40.46 -73.54 16.74
N LEU Z 125 -39.53 -72.92 17.47
CA LEU Z 125 -39.84 -71.91 18.47
C LEU Z 125 -39.38 -70.56 17.94
N ILE Z 126 -40.29 -69.59 17.90
CA ILE Z 126 -39.99 -68.26 17.39
C ILE Z 126 -39.49 -67.39 18.53
N ARG Z 127 -38.53 -66.53 18.24
CA ARG Z 127 -37.93 -65.62 19.21
C ARG Z 127 -38.03 -64.18 18.73
N GLY Z 128 -39.21 -63.82 18.23
CA GLY Z 128 -39.42 -62.48 17.72
C GLY Z 128 -39.56 -61.45 18.82
N ALA Z 129 -39.61 -60.19 18.41
CA ALA Z 129 -39.74 -59.09 19.36
C ALA Z 129 -41.06 -59.12 20.10
N THR Z 130 -42.07 -59.79 19.56
CA THR Z 130 -43.37 -59.85 20.22
C THR Z 130 -43.23 -60.61 21.54
N PRO Z 131 -43.70 -60.06 22.67
CA PRO Z 131 -43.57 -60.77 23.94
C PRO Z 131 -44.63 -61.85 24.12
N HIS Z 132 -44.65 -62.48 25.29
CA HIS Z 132 -45.59 -63.52 25.71
C HIS Z 132 -45.25 -64.87 25.10
N PHE Z 133 -44.27 -64.97 24.21
CA PHE Z 133 -43.88 -66.26 23.65
C PHE Z 133 -42.80 -66.96 24.46
N ASP Z 134 -41.99 -66.21 25.22
CA ASP Z 134 -40.97 -66.84 26.04
C ASP Z 134 -41.59 -67.79 27.06
N TYR Z 135 -42.81 -67.51 27.51
CA TYR Z 135 -43.48 -68.42 28.43
C TYR Z 135 -43.73 -69.77 27.76
N ILE Z 136 -44.16 -69.76 26.50
CA ILE Z 136 -44.35 -71.01 25.78
C ILE Z 136 -43.01 -71.69 25.51
N ALA Z 137 -42.01 -70.91 25.11
CA ALA Z 137 -40.73 -71.50 24.70
C ALA Z 137 -40.07 -72.22 25.86
N SER Z 138 -39.99 -71.58 27.02
CA SER Z 138 -39.28 -72.17 28.15
C SER Z 138 -39.97 -73.44 28.64
N GLU Z 139 -41.30 -73.43 28.69
CA GLU Z 139 -42.01 -74.57 29.25
C GLU Z 139 -41.87 -75.82 28.39
N VAL Z 140 -41.62 -75.67 27.09
CA VAL Z 140 -41.52 -76.83 26.23
C VAL Z 140 -40.31 -77.67 26.60
N SER Z 141 -39.16 -77.04 26.79
CA SER Z 141 -37.95 -77.77 27.14
C SER Z 141 -38.10 -78.46 28.49
N LYS Z 142 -38.60 -77.72 29.50
CA LYS Z 142 -38.69 -78.28 30.83
C LYS Z 142 -39.61 -79.49 30.87
N GLY Z 143 -40.75 -79.40 30.19
CA GLY Z 143 -41.72 -80.49 30.26
C GLY Z 143 -41.19 -81.78 29.68
N LEU Z 144 -40.50 -81.70 28.54
CA LEU Z 144 -39.96 -82.91 27.93
C LEU Z 144 -38.93 -83.56 28.83
N ALA Z 145 -38.09 -82.76 29.48
CA ALA Z 145 -37.06 -83.31 30.35
C ALA Z 145 -37.67 -84.05 31.54
N ASN Z 146 -38.73 -83.49 32.13
CA ASN Z 146 -39.36 -84.14 33.27
C ASN Z 146 -40.00 -85.46 32.88
N LEU Z 147 -40.63 -85.52 31.70
CA LEU Z 147 -41.27 -86.75 31.27
C LEU Z 147 -40.28 -87.90 31.20
N SER Z 148 -39.10 -87.64 30.66
CA SER Z 148 -38.13 -88.71 30.44
C SER Z 148 -37.74 -89.38 31.75
N LEU Z 149 -37.53 -88.59 32.80
CA LEU Z 149 -37.13 -89.14 34.09
C LEU Z 149 -38.30 -89.84 34.78
N GLU Z 150 -39.50 -89.28 34.66
CA GLU Z 150 -40.66 -89.84 35.35
C GLU Z 150 -41.07 -91.17 34.74
N LEU Z 151 -40.87 -91.33 33.42
CA LEU Z 151 -41.26 -92.54 32.72
C LEU Z 151 -40.08 -93.45 32.39
N ARG Z 152 -38.84 -92.97 32.51
CA ARG Z 152 -37.65 -93.76 32.23
C ARG Z 152 -37.65 -94.23 30.77
N LYS Z 153 -37.55 -93.26 29.88
CA LYS Z 153 -37.56 -93.51 28.44
C LYS Z 153 -36.94 -92.32 27.73
N PRO Z 154 -36.00 -92.52 26.80
CA PRO Z 154 -35.39 -91.37 26.13
C PRO Z 154 -36.42 -90.59 25.33
N ILE Z 155 -36.28 -89.27 25.35
CA ILE Z 155 -37.10 -88.38 24.52
C ILE Z 155 -36.19 -87.35 23.91
N THR Z 156 -35.74 -87.60 22.68
CA THR Z 156 -34.80 -86.72 22.04
C THR Z 156 -35.43 -85.37 21.74
N PHE Z 157 -34.60 -84.35 21.64
CA PHE Z 157 -35.01 -82.97 21.50
C PHE Z 157 -34.56 -82.46 20.15
N GLY Z 158 -35.51 -82.03 19.32
CA GLY Z 158 -35.20 -81.62 17.97
C GLY Z 158 -35.82 -80.29 17.59
N VAL Z 159 -35.94 -79.40 18.56
CA VAL Z 159 -36.58 -78.11 18.32
C VAL Z 159 -35.54 -77.13 17.78
N ILE Z 160 -35.98 -76.29 16.85
CA ILE Z 160 -35.12 -75.30 16.20
C ILE Z 160 -35.72 -73.93 16.43
N THR Z 161 -34.87 -72.91 16.38
CA THR Z 161 -35.27 -71.52 16.58
C THR Z 161 -34.88 -70.71 15.35
N ALA Z 162 -35.81 -69.88 14.89
CA ALA Z 162 -35.57 -69.06 13.70
C ALA Z 162 -34.50 -68.01 13.99
N GLY AA 15 -5.62 -81.38 41.00
CA GLY AA 15 -5.55 -81.94 39.66
C GLY AA 15 -6.65 -81.42 38.75
N ASN AA 16 -7.29 -82.33 38.02
CA ASN AA 16 -8.37 -81.97 37.12
C ASN AA 16 -9.71 -82.14 37.82
N LYS AA 17 -10.75 -81.62 37.17
CA LYS AA 17 -12.08 -81.67 37.76
C LYS AA 17 -12.55 -83.10 37.97
N GLY AA 18 -12.03 -84.05 37.20
CA GLY AA 18 -12.39 -85.44 37.40
C GLY AA 18 -11.86 -85.98 38.71
N TRP AA 19 -10.63 -85.63 39.07
CA TRP AA 19 -10.09 -86.03 40.36
C TRP AA 19 -10.96 -85.52 41.48
N GLU AA 20 -11.39 -84.26 41.41
CA GLU AA 20 -12.20 -83.66 42.46
C GLU AA 20 -13.54 -84.37 42.60
N ALA AA 21 -14.17 -84.71 41.48
CA ALA AA 21 -15.48 -85.35 41.53
C ALA AA 21 -15.41 -86.72 42.20
N ALA AA 22 -14.36 -87.49 41.91
CA ALA AA 22 -14.24 -88.81 42.51
C ALA AA 22 -14.05 -88.70 44.03
N LEU AA 23 -13.29 -87.71 44.48
CA LEU AA 23 -13.08 -87.55 45.91
C LEU AA 23 -14.40 -87.30 46.64
N SER AA 24 -15.24 -86.43 46.08
CA SER AA 24 -16.52 -86.13 46.72
C SER AA 24 -17.40 -87.38 46.79
N ALA AA 25 -17.37 -88.19 45.73
CA ALA AA 25 -18.17 -89.41 45.71
C ALA AA 25 -17.74 -90.38 46.81
N ILE AA 26 -16.44 -90.52 47.03
CA ILE AA 26 -15.96 -91.46 48.03
C ILE AA 26 -16.37 -91.00 49.42
N GLU AA 27 -16.28 -89.70 49.69
CA GLU AA 27 -16.61 -89.21 51.02
C GLU AA 27 -18.11 -89.28 51.29
N MET AA 28 -18.93 -88.89 50.31
CA MET AA 28 -20.38 -88.96 50.49
C MET AA 28 -20.85 -90.41 50.63
N ALA AA 29 -20.26 -91.32 49.86
CA ALA AA 29 -20.64 -92.73 49.94
C ALA AA 29 -20.36 -93.30 51.33
N ASN AA 30 -19.23 -92.93 51.92
CA ASN AA 30 -18.92 -93.37 53.28
C ASN AA 30 -19.80 -92.68 54.30
N LEU AA 31 -20.14 -91.41 54.06
CA LEU AA 31 -20.96 -90.67 55.02
C LEU AA 31 -22.34 -91.32 55.17
N PHE AA 32 -22.96 -91.69 54.05
CA PHE AA 32 -24.30 -92.27 54.11
C PHE AA 32 -24.28 -93.59 54.86
N LYS AA 33 -23.17 -94.32 54.77
CA LYS AA 33 -23.06 -95.60 55.47
C LYS AA 33 -22.99 -95.42 56.98
N SER AA 34 -22.60 -94.24 57.45
CA SER AA 34 -22.52 -93.95 58.89
C SER AA 34 -23.86 -93.52 59.47
N LEU AA 35 -24.62 -92.71 58.73
CA LEU AA 35 -25.90 -92.25 59.23
C LEU AA 35 -26.86 -93.42 59.44
N ARG AA 36 -26.84 -94.38 58.54
CA ARG AA 36 -27.73 -95.56 58.62
C ARG AA 36 -27.30 -96.43 59.80
N GLY AA 37 -26.08 -96.29 60.35
CA GLY AA 37 -25.63 -97.07 61.48
C GLY AA 37 -26.05 -96.45 62.80
N THR AA 38 -25.61 -97.09 63.88
CA THR AA 38 -25.97 -96.66 65.22
C THR AA 38 -25.28 -95.33 65.55
N GLY AA 39 -25.86 -94.64 66.52
CA GLY AA 39 -25.35 -93.35 66.95
C GLY AA 39 -24.15 -93.49 67.86
N GLY AA 40 -23.66 -92.33 68.33
CA GLY AA 40 -22.51 -92.29 69.20
C GLY AA 40 -22.83 -92.68 70.63
N SER AA 41 -21.78 -92.71 71.45
CA SER AA 41 -21.95 -93.07 72.85
C SER AA 41 -22.77 -92.06 73.63
N GLY AA 42 -22.92 -90.84 73.11
CA GLY AA 42 -23.69 -89.82 73.78
C GLY AA 42 -22.86 -88.96 74.71
N SER AA 43 -23.55 -88.08 75.43
CA SER AA 43 -22.97 -87.15 76.39
C SER AA 43 -22.15 -86.05 75.72
N SER AA 44 -22.23 -85.92 74.40
CA SER AA 44 -21.51 -84.88 73.67
C SER AA 44 -22.08 -84.80 72.27
N MET AA 45 -21.66 -83.77 71.53
CA MET AA 45 -22.10 -83.64 70.14
C MET AA 45 -21.67 -84.85 69.33
N GLU AA 46 -22.57 -85.31 68.47
CA GLU AA 46 -22.25 -86.35 67.50
C GLU AA 46 -21.86 -85.68 66.19
N ILE AA 47 -20.64 -85.92 65.73
CA ILE AA 47 -20.16 -85.41 64.46
C ILE AA 47 -20.07 -86.58 63.50
N TYR AA 48 -20.79 -86.49 62.39
CA TYR AA 48 -20.75 -87.49 61.33
C TYR AA 48 -19.90 -86.96 60.19
N GLU AA 49 -18.94 -87.76 59.75
CA GLU AA 49 -18.08 -87.39 58.64
C GLU AA 49 -17.73 -88.64 57.85
N GLY AA 50 -17.28 -88.45 56.62
CA GLY AA 50 -16.97 -89.54 55.71
C GLY AA 50 -15.47 -89.69 55.52
N LYS AA 51 -15.01 -90.93 55.64
CA LYS AA 51 -13.61 -91.25 55.40
C LYS AA 51 -13.31 -91.20 53.90
N LEU AA 52 -12.07 -91.50 53.55
CA LEU AA 52 -11.66 -91.56 52.16
C LEU AA 52 -11.13 -92.94 51.78
N THR AA 53 -11.60 -93.97 52.48
CA THR AA 53 -11.28 -95.35 52.13
C THR AA 53 -12.29 -95.85 51.10
N ALA AA 54 -11.79 -96.36 49.98
CA ALA AA 54 -12.61 -96.77 48.84
C ALA AA 54 -12.58 -98.29 48.64
N GLU AA 55 -12.55 -99.05 49.72
CA GLU AA 55 -12.44 -100.50 49.66
C GLU AA 55 -13.78 -101.11 50.04
N GLY AA 56 -14.41 -101.79 49.07
CA GLY AA 56 -15.73 -102.35 49.26
C GLY AA 56 -16.84 -101.54 48.66
N LEU AA 57 -16.54 -100.48 47.90
CA LEU AA 57 -17.55 -99.59 47.35
C LEU AA 57 -17.60 -99.74 45.83
N ARG AA 58 -18.80 -99.61 45.29
CA ARG AA 58 -19.06 -99.72 43.86
C ARG AA 58 -19.47 -98.38 43.30
N PHE AA 59 -18.95 -98.04 42.12
CA PHE AA 59 -19.09 -96.72 41.56
C PHE AA 59 -19.62 -96.78 40.14
N GLY AA 60 -20.10 -95.64 39.66
CA GLY AA 60 -20.56 -95.51 38.29
C GLY AA 60 -20.21 -94.16 37.70
N ILE AA 61 -19.85 -94.15 36.42
CA ILE AA 61 -19.42 -92.95 35.72
C ILE AA 61 -20.25 -92.81 34.45
N VAL AA 62 -20.71 -91.60 34.17
CA VAL AA 62 -21.47 -91.28 32.97
C VAL AA 62 -20.78 -90.12 32.27
N ALA AA 63 -20.39 -90.32 31.02
CA ALA AA 63 -19.62 -89.33 30.29
C ALA AA 63 -20.17 -89.21 28.87
N SER AA 64 -19.90 -88.07 28.25
CA SER AA 64 -20.38 -87.75 26.91
C SER AA 64 -19.24 -87.81 25.91
N ARG AA 65 -19.62 -88.02 24.64
CA ARG AA 65 -18.63 -88.11 23.57
C ARG AA 65 -18.09 -86.75 23.15
N PHE AA 66 -18.87 -85.69 23.32
CA PHE AA 66 -18.48 -84.39 22.77
C PHE AA 66 -17.13 -83.95 23.33
N ASN AA 67 -16.28 -83.44 22.44
CA ASN AA 67 -14.92 -83.04 22.78
C ASN AA 67 -14.19 -84.18 23.48
N HIS AA 68 -14.06 -85.29 22.77
CA HIS AA 68 -13.46 -86.48 23.35
C HIS AA 68 -12.03 -86.24 23.81
N ALA AA 69 -11.36 -85.23 23.26
CA ALA AA 69 -10.03 -84.89 23.73
C ALA AA 69 -10.04 -84.51 25.20
N LEU AA 70 -10.93 -83.59 25.59
CA LEU AA 70 -11.00 -83.16 26.97
C LEU AA 70 -11.65 -84.21 27.86
N VAL AA 71 -12.75 -84.81 27.39
CA VAL AA 71 -13.53 -85.68 28.26
C VAL AA 71 -12.72 -86.91 28.67
N ASP AA 72 -11.89 -87.41 27.76
CA ASP AA 72 -11.09 -88.59 28.09
C ASP AA 72 -10.14 -88.31 29.25
N ARG AA 73 -9.56 -87.12 29.28
CA ARG AA 73 -8.67 -86.77 30.38
C ARG AA 73 -9.41 -86.81 31.72
N LEU AA 74 -10.65 -86.32 31.74
CA LEU AA 74 -11.41 -86.28 32.98
C LEU AA 74 -11.76 -87.69 33.45
N VAL AA 75 -12.08 -88.59 32.52
CA VAL AA 75 -12.45 -89.94 32.92
C VAL AA 75 -11.25 -90.70 33.46
N GLU AA 76 -10.05 -90.41 32.92
CA GLU AA 76 -8.85 -91.03 33.47
C GLU AA 76 -8.60 -90.57 34.91
N GLY AA 77 -8.85 -89.29 35.18
CA GLY AA 77 -8.64 -88.78 36.53
C GLY AA 77 -9.50 -89.48 37.56
N ALA AA 78 -10.77 -89.69 37.25
CA ALA AA 78 -11.65 -90.35 38.21
C ALA AA 78 -11.20 -91.78 38.48
N ILE AA 79 -10.77 -92.50 37.44
CA ILE AA 79 -10.29 -93.85 37.64
C ILE AA 79 -9.03 -93.86 38.49
N ASP AA 80 -8.11 -92.93 38.24
CA ASP AA 80 -6.90 -92.87 39.04
C ASP AA 80 -7.21 -92.65 40.51
N CYS AA 81 -8.11 -91.71 40.81
CA CYS AA 81 -8.40 -91.38 42.19
C CYS AA 81 -8.95 -92.58 42.96
N ILE AA 82 -9.85 -93.34 42.36
CA ILE AA 82 -10.46 -94.47 43.06
C ILE AA 82 -9.43 -95.56 43.29
N VAL AA 83 -8.53 -95.79 42.33
CA VAL AA 83 -7.52 -96.83 42.49
C VAL AA 83 -6.50 -96.44 43.54
N ARG AA 84 -6.01 -95.19 43.48
CA ARG AA 84 -5.01 -94.75 44.46
C ARG AA 84 -5.53 -94.87 45.88
N HIS AA 85 -6.83 -94.71 46.08
CA HIS AA 85 -7.42 -94.78 47.41
C HIS AA 85 -7.83 -96.19 47.81
N GLY AA 86 -7.52 -97.20 47.01
CA GLY AA 86 -7.72 -98.58 47.38
C GLY AA 86 -8.95 -99.26 46.82
N GLY AA 87 -9.39 -98.88 45.63
CA GLY AA 87 -10.57 -99.49 45.02
C GLY AA 87 -10.20 -100.19 43.73
N ARG AA 88 -10.85 -101.32 43.46
CA ARG AA 88 -10.55 -102.10 42.28
C ARG AA 88 -11.24 -101.52 41.06
N GLU AA 89 -10.70 -101.83 39.88
CA GLU AA 89 -11.34 -101.44 38.64
C GLU AA 89 -12.52 -102.33 38.28
N GLU AA 90 -12.66 -103.49 38.92
CA GLU AA 90 -13.79 -104.36 38.67
C GLU AA 90 -15.06 -103.86 39.33
N ASP AA 91 -14.99 -102.87 40.21
CA ASP AA 91 -16.14 -102.30 40.88
C ASP AA 91 -16.55 -100.95 40.30
N ILE AA 92 -16.25 -100.72 39.03
CA ILE AA 92 -16.59 -99.47 38.35
C ILE AA 92 -17.36 -99.82 37.08
N THR AA 93 -18.48 -99.14 36.89
CA THR AA 93 -19.30 -99.27 35.69
C THR AA 93 -19.27 -97.95 34.92
N LEU AA 94 -18.93 -98.01 33.64
CA LEU AA 94 -18.79 -96.82 32.81
C LEU AA 94 -19.82 -96.87 31.69
N VAL AA 95 -20.58 -95.78 31.53
CA VAL AA 95 -21.63 -95.68 30.52
C VAL AA 95 -21.42 -94.39 29.75
N ARG AA 96 -21.48 -94.45 28.43
CA ARG AA 96 -21.25 -93.30 27.56
C ARG AA 96 -22.51 -92.99 26.76
N VAL AA 97 -22.74 -91.70 26.52
CA VAL AA 97 -23.99 -91.25 25.91
C VAL AA 97 -23.66 -90.21 24.84
N PRO AA 98 -24.57 -90.00 23.88
CA PRO AA 98 -24.24 -89.12 22.75
C PRO AA 98 -23.91 -87.70 23.14
N GLY AA 99 -24.60 -87.13 24.12
CA GLY AA 99 -24.44 -85.72 24.41
C GLY AA 99 -24.87 -85.38 25.82
N SER AA 100 -24.77 -84.09 26.14
CA SER AA 100 -25.06 -83.63 27.50
C SER AA 100 -26.52 -83.85 27.86
N TRP AA 101 -27.43 -83.67 26.89
CA TRP AA 101 -28.86 -83.79 27.19
C TRP AA 101 -29.23 -85.16 27.73
N GLU AA 102 -28.43 -86.19 27.47
CA GLU AA 102 -28.77 -87.54 27.87
C GLU AA 102 -28.08 -87.99 29.15
N ILE AA 103 -27.26 -87.14 29.77
CA ILE AA 103 -26.63 -87.51 31.03
C ILE AA 103 -27.67 -87.79 32.12
N PRO AA 104 -28.66 -86.93 32.36
CA PRO AA 104 -29.57 -87.19 33.49
C PRO AA 104 -30.38 -88.46 33.37
N VAL AA 105 -30.89 -88.77 32.17
CA VAL AA 105 -31.68 -89.99 32.01
C VAL AA 105 -30.80 -91.22 32.15
N ALA AA 106 -29.55 -91.14 31.67
CA ALA AA 106 -28.62 -92.24 31.86
C ALA AA 106 -28.25 -92.43 33.33
N ALA AA 107 -28.06 -91.32 34.05
CA ALA AA 107 -27.71 -91.40 35.47
C ALA AA 107 -28.83 -91.99 36.29
N GLY AA 108 -30.08 -91.85 35.84
CA GLY AA 108 -31.20 -92.39 36.60
C GLY AA 108 -31.20 -93.90 36.64
N GLU AA 109 -30.85 -94.55 35.53
CA GLU AA 109 -30.85 -96.01 35.50
C GLU AA 109 -29.82 -96.58 36.46
N LEU AA 110 -28.61 -96.00 36.48
CA LEU AA 110 -27.57 -96.49 37.38
C LEU AA 110 -27.98 -96.32 38.84
N ALA AA 111 -28.54 -95.16 39.18
CA ALA AA 111 -28.85 -94.86 40.57
C ALA AA 111 -29.93 -95.77 41.15
N ARG AA 112 -30.77 -96.39 40.31
CA ARG AA 112 -31.82 -97.25 40.81
C ARG AA 112 -31.33 -98.63 41.17
N LYS AA 113 -30.14 -99.03 40.73
CA LYS AA 113 -29.60 -100.32 41.07
C LYS AA 113 -29.17 -100.35 42.53
N GLU AA 114 -29.27 -101.53 43.15
CA GLU AA 114 -28.91 -101.70 44.54
C GLU AA 114 -27.45 -102.07 44.73
N ASP AA 115 -26.65 -102.11 43.66
CA ASP AA 115 -25.24 -102.43 43.74
C ASP AA 115 -24.35 -101.24 43.41
N ILE AA 116 -24.92 -100.05 43.25
CA ILE AA 116 -24.17 -98.83 42.97
C ILE AA 116 -24.40 -97.86 44.12
N ASP AA 117 -23.31 -97.36 44.70
CA ASP AA 117 -23.38 -96.49 45.87
C ASP AA 117 -23.09 -95.03 45.56
N ALA AA 118 -22.73 -94.69 44.33
CA ALA AA 118 -22.46 -93.32 43.97
C ALA AA 118 -22.34 -93.22 42.46
N VAL AA 119 -22.60 -92.04 41.93
CA VAL AA 119 -22.58 -91.78 40.50
C VAL AA 119 -21.83 -90.49 40.25
N ILE AA 120 -21.04 -90.46 39.19
CA ILE AA 120 -20.23 -89.32 38.80
C ILE AA 120 -20.57 -88.94 37.38
N ALA AA 121 -20.83 -87.66 37.15
CA ALA AA 121 -21.18 -87.14 35.83
C ALA AA 121 -20.03 -86.31 35.29
N ILE AA 122 -19.62 -86.59 34.06
CA ILE AA 122 -18.52 -85.90 33.40
C ILE AA 122 -19.04 -85.37 32.06
N GLY AA 123 -18.71 -84.13 31.75
CA GLY AA 123 -19.18 -83.56 30.50
C GLY AA 123 -18.57 -82.20 30.26
N VAL AA 124 -18.75 -81.72 29.03
CA VAL AA 124 -18.29 -80.40 28.62
C VAL AA 124 -19.38 -79.75 27.79
N LEU AA 125 -19.63 -78.48 28.05
CA LEU AA 125 -20.67 -77.71 27.36
C LEU AA 125 -20.02 -76.54 26.62
N ILE AA 126 -20.85 -75.83 25.86
CA ILE AA 126 -20.38 -74.68 25.09
C ILE AA 126 -21.38 -73.54 25.20
N ARG AA 127 -21.11 -72.58 26.08
CA ARG AA 127 -22.00 -71.44 26.24
C ARG AA 127 -22.08 -70.61 24.97
N GLY AA 128 -20.93 -70.41 24.31
CA GLY AA 128 -20.90 -69.65 23.07
C GLY AA 128 -21.33 -70.49 21.88
N ALA AA 129 -22.61 -70.86 21.84
CA ALA AA 129 -23.16 -71.69 20.78
C ALA AA 129 -24.50 -71.09 20.37
N THR AA 130 -25.23 -71.83 19.54
CA THR AA 130 -26.53 -71.38 19.08
C THR AA 130 -27.51 -71.32 20.24
N PRO AA 131 -28.59 -70.55 20.10
CA PRO AA 131 -29.56 -70.46 21.21
C PRO AA 131 -30.16 -71.80 21.57
N HIS AA 132 -30.26 -72.73 20.62
CA HIS AA 132 -30.83 -74.04 20.93
C HIS AA 132 -30.04 -74.75 22.01
N PHE AA 133 -28.73 -74.54 22.07
CA PHE AA 133 -27.88 -75.17 23.08
C PHE AA 133 -27.75 -74.28 24.31
N ASP AA 134 -28.88 -73.81 24.82
CA ASP AA 134 -28.96 -73.08 26.08
C ASP AA 134 -30.02 -73.65 27.00
N TYR AA 135 -31.16 -74.09 26.46
CA TYR AA 135 -32.13 -74.83 27.27
C TYR AA 135 -31.51 -76.11 27.80
N ILE AA 136 -30.65 -76.74 27.02
CA ILE AA 136 -29.99 -77.97 27.46
C ILE AA 136 -29.08 -77.70 28.65
N ALA AA 137 -28.32 -76.60 28.58
CA ALA AA 137 -27.29 -76.35 29.59
C ALA AA 137 -27.88 -76.27 30.98
N SER AA 138 -29.00 -75.55 31.13
CA SER AA 138 -29.60 -75.40 32.45
C SER AA 138 -30.31 -76.67 32.90
N GLU AA 139 -30.78 -77.48 31.96
CA GLU AA 139 -31.58 -78.64 32.33
C GLU AA 139 -30.73 -79.76 32.90
N VAL AA 140 -29.44 -79.80 32.55
CA VAL AA 140 -28.55 -80.82 33.11
C VAL AA 140 -28.43 -80.64 34.62
N SER AA 141 -28.25 -79.40 35.07
CA SER AA 141 -28.13 -79.14 36.50
C SER AA 141 -29.41 -79.50 37.23
N LYS AA 142 -30.55 -79.10 36.69
CA LYS AA 142 -31.83 -79.39 37.35
C LYS AA 142 -32.07 -80.87 37.47
N GLY AA 143 -31.83 -81.62 36.40
CA GLY AA 143 -32.20 -83.03 36.39
C GLY AA 143 -31.43 -83.84 37.40
N LEU AA 144 -30.11 -83.62 37.47
CA LEU AA 144 -29.28 -84.38 38.40
C LEU AA 144 -29.63 -84.03 39.85
N ALA AA 145 -29.97 -82.77 40.11
CA ALA AA 145 -30.32 -82.38 41.47
C ALA AA 145 -31.58 -83.08 41.95
N ASN AA 146 -32.60 -83.17 41.10
CA ASN AA 146 -33.86 -83.79 41.51
C ASN AA 146 -33.70 -85.29 41.72
N LEU AA 147 -32.78 -85.92 41.00
CA LEU AA 147 -32.56 -87.36 41.18
C LEU AA 147 -32.10 -87.68 42.59
N SER AA 148 -31.12 -86.91 43.09
CA SER AA 148 -30.51 -87.23 44.38
C SER AA 148 -31.54 -87.20 45.49
N LEU AA 149 -32.35 -86.15 45.54
CA LEU AA 149 -33.37 -86.06 46.58
C LEU AA 149 -34.42 -87.15 46.42
N GLU AA 150 -34.80 -87.45 45.17
CA GLU AA 150 -35.82 -88.47 44.93
C GLU AA 150 -35.35 -89.85 45.35
N LEU AA 151 -34.16 -90.25 44.88
CA LEU AA 151 -33.63 -91.58 45.15
C LEU AA 151 -32.82 -91.66 46.44
N ARG AA 152 -32.44 -90.52 47.02
CA ARG AA 152 -31.69 -90.49 48.28
C ARG AA 152 -30.36 -91.22 48.13
N LYS AA 153 -29.55 -90.73 47.21
CA LYS AA 153 -28.29 -91.37 46.86
C LYS AA 153 -27.36 -90.33 46.23
N PRO AA 154 -26.13 -90.17 46.72
CA PRO AA 154 -25.28 -89.08 46.21
C PRO AA 154 -25.04 -89.21 44.72
N ILE AA 155 -25.13 -88.06 44.04
CA ILE AA 155 -24.76 -87.94 42.64
C ILE AA 155 -23.88 -86.70 42.51
N THR AA 156 -22.68 -86.88 41.99
CA THR AA 156 -21.67 -85.84 41.99
C THR AA 156 -21.60 -85.16 40.63
N PHE AA 157 -21.14 -83.92 40.63
CA PHE AA 157 -21.17 -83.05 39.47
C PHE AA 157 -19.75 -82.82 38.98
N GLY AA 158 -19.53 -83.05 37.69
CA GLY AA 158 -18.23 -82.83 37.09
C GLY AA 158 -18.31 -82.23 35.71
N VAL AA 159 -19.34 -81.45 35.45
CA VAL AA 159 -19.57 -80.88 34.12
C VAL AA 159 -18.93 -79.50 34.07
N ILE AA 160 -18.01 -79.32 33.12
CA ILE AA 160 -17.28 -78.07 32.97
C ILE AA 160 -17.68 -77.43 31.65
N THR AA 161 -17.14 -76.24 31.38
CA THR AA 161 -17.44 -75.52 30.15
C THR AA 161 -16.15 -75.05 29.51
N ALA AA 162 -16.16 -75.00 28.18
CA ALA AA 162 -14.99 -74.59 27.42
C ALA AA 162 -15.04 -73.10 27.12
N ALA BA 10 -15.27 -71.03 71.55
CA ALA BA 10 -15.41 -69.80 70.78
C ALA BA 10 -16.88 -69.37 70.75
N GLY BA 11 -17.19 -68.33 69.98
CA GLY BA 11 -18.56 -67.91 69.84
C GLY BA 11 -18.65 -66.63 69.05
N THR BA 12 -19.87 -66.11 68.95
CA THR BA 12 -20.07 -64.81 68.31
C THR BA 12 -21.39 -64.22 68.81
N LYS BA 13 -21.77 -63.10 68.20
CA LYS BA 13 -23.00 -62.39 68.52
C LYS BA 13 -23.51 -61.77 67.22
N HIS BA 14 -24.38 -60.76 67.31
CA HIS BA 14 -24.90 -60.10 66.12
C HIS BA 14 -23.76 -59.77 65.15
N GLY BA 15 -24.01 -59.93 63.84
CA GLY BA 15 -23.00 -59.67 62.78
C GLY BA 15 -22.71 -60.93 61.99
N ASN BA 16 -22.40 -62.04 62.66
CA ASN BA 16 -22.09 -63.33 62.00
C ASN BA 16 -23.39 -63.93 61.48
N LYS BA 17 -23.37 -64.60 60.34
CA LYS BA 17 -24.59 -65.21 59.71
C LYS BA 17 -24.95 -66.52 60.41
N GLY BA 18 -24.02 -67.12 61.16
CA GLY BA 18 -24.31 -68.35 61.94
C GLY BA 18 -25.25 -68.04 63.10
N TRP BA 19 -25.18 -66.84 63.69
CA TRP BA 19 -26.00 -66.46 64.85
C TRP BA 19 -27.42 -66.13 64.42
N GLU BA 20 -27.58 -65.37 63.34
CA GLU BA 20 -28.93 -65.01 62.89
C GLU BA 20 -29.70 -66.25 62.48
N ALA BA 21 -29.06 -67.17 61.76
CA ALA BA 21 -29.74 -68.38 61.32
C ALA BA 21 -30.24 -69.20 62.51
N ALA BA 22 -29.41 -69.32 63.55
CA ALA BA 22 -29.83 -70.07 64.73
C ALA BA 22 -31.00 -69.40 65.42
N LEU BA 23 -31.07 -68.08 65.38
CA LEU BA 23 -32.20 -67.37 65.98
C LEU BA 23 -33.51 -67.77 65.32
N SER BA 24 -33.53 -67.79 63.99
CA SER BA 24 -34.76 -68.11 63.27
C SER BA 24 -35.23 -69.53 63.58
N ALA BA 25 -34.29 -70.45 63.71
CA ALA BA 25 -34.65 -71.84 63.98
C ALA BA 25 -35.36 -71.98 65.32
N ILE BA 26 -34.86 -71.28 66.35
CA ILE BA 26 -35.48 -71.38 67.67
C ILE BA 26 -36.90 -70.82 67.63
N GLU BA 27 -37.07 -69.67 67.00
CA GLU BA 27 -38.39 -69.07 66.92
C GLU BA 27 -39.36 -69.95 66.14
N MET BA 28 -38.91 -70.51 65.01
CA MET BA 28 -39.77 -71.36 64.21
C MET BA 28 -40.08 -72.66 64.91
N ALA BA 29 -39.10 -73.23 65.60
CA ALA BA 29 -39.32 -74.50 66.29
C ALA BA 29 -40.35 -74.36 67.40
N ASN BA 30 -40.32 -73.25 68.11
CA ASN BA 30 -41.31 -73.02 69.17
C ASN BA 30 -42.69 -72.70 68.58
N LEU BA 31 -42.72 -71.99 67.45
CA LEU BA 31 -43.99 -71.61 66.84
C LEU BA 31 -44.80 -72.84 66.46
N PHE BA 32 -44.16 -73.84 65.86
CA PHE BA 32 -44.91 -75.01 65.40
C PHE BA 32 -45.54 -75.76 66.57
N LYS BA 33 -44.82 -75.88 67.68
CA LYS BA 33 -45.38 -76.54 68.85
C LYS BA 33 -46.63 -75.83 69.34
N SER BA 34 -46.68 -74.50 69.20
CA SER BA 34 -47.87 -73.75 69.58
C SER BA 34 -49.02 -74.02 68.61
N LEU BA 35 -48.73 -74.11 67.31
CA LEU BA 35 -49.78 -74.32 66.33
C LEU BA 35 -50.43 -75.70 66.51
N ARG BA 36 -49.62 -76.73 66.75
CA ARG BA 36 -50.15 -78.07 66.95
C ARG BA 36 -50.85 -78.24 68.29
N GLY BA 37 -50.74 -77.26 69.19
CA GLY BA 37 -51.33 -77.37 70.51
C GLY BA 37 -52.84 -77.20 70.49
N THR BA 38 -53.43 -77.37 71.67
CA THR BA 38 -54.87 -77.27 71.81
C THR BA 38 -55.33 -75.87 71.42
N GLY BA 39 -56.45 -75.81 70.71
CA GLY BA 39 -56.98 -74.53 70.26
C GLY BA 39 -57.44 -73.66 71.41
N GLY BA 40 -57.53 -72.37 71.13
CA GLY BA 40 -57.96 -71.41 72.13
C GLY BA 40 -59.45 -71.44 72.38
N SER BA 41 -59.87 -70.66 73.37
CA SER BA 41 -61.28 -70.57 73.73
C SER BA 41 -62.06 -69.60 72.85
N GLY BA 42 -61.41 -68.94 71.90
CA GLY BA 42 -62.09 -67.99 71.05
C GLY BA 42 -62.37 -66.68 71.76
N SER BA 43 -63.40 -65.98 71.29
CA SER BA 43 -63.86 -64.69 71.80
C SER BA 43 -62.99 -63.53 71.33
N SER BA 44 -61.89 -63.79 70.62
CA SER BA 44 -61.07 -62.71 70.09
C SER BA 44 -60.10 -63.31 69.08
N MET BA 45 -59.37 -62.42 68.40
CA MET BA 45 -58.36 -62.83 67.44
C MET BA 45 -57.19 -63.50 68.15
N GLU BA 46 -56.68 -64.56 67.55
CA GLU BA 46 -55.56 -65.30 68.09
C GLU BA 46 -54.28 -64.92 67.35
N ILE BA 47 -53.25 -64.53 68.10
CA ILE BA 47 -51.96 -64.16 67.55
C ILE BA 47 -50.96 -65.22 67.99
N TYR BA 48 -50.31 -65.84 67.02
CA TYR BA 48 -49.29 -66.86 67.26
C TYR BA 48 -47.92 -66.29 66.95
N GLU BA 49 -46.98 -66.45 67.88
CA GLU BA 49 -45.63 -65.98 67.68
C GLU BA 49 -44.69 -66.86 68.49
N GLY BA 50 -43.41 -66.81 68.14
CA GLY BA 50 -42.41 -67.70 68.75
C GLY BA 50 -41.60 -67.03 69.84
N LYS BA 51 -41.18 -67.84 70.80
CA LYS BA 51 -40.36 -67.41 71.92
C LYS BA 51 -38.91 -67.80 71.68
N LEU BA 52 -38.00 -66.96 72.19
CA LEU BA 52 -36.57 -67.24 72.08
C LEU BA 52 -36.10 -68.10 73.25
N THR BA 53 -36.73 -69.25 73.44
CA THR BA 53 -36.33 -70.24 74.43
C THR BA 53 -36.03 -71.55 73.71
N ALA BA 54 -34.96 -72.21 74.12
CA ALA BA 54 -34.48 -73.41 73.45
C ALA BA 54 -34.50 -74.64 74.35
N GLU BA 55 -35.16 -74.58 75.49
CA GLU BA 55 -35.17 -75.71 76.42
C GLU BA 55 -35.96 -76.87 75.84
N GLY BA 56 -35.33 -78.03 75.80
CA GLY BA 56 -35.99 -79.24 75.31
C GLY BA 56 -36.04 -79.40 73.81
N LEU BA 57 -35.30 -78.60 73.06
CA LEU BA 57 -35.30 -78.66 71.61
C LEU BA 57 -34.07 -79.39 71.10
N ARG BA 58 -34.15 -79.86 69.85
CA ARG BA 58 -33.07 -80.60 69.20
C ARG BA 58 -32.85 -80.06 67.81
N PHE BA 59 -31.59 -79.96 67.41
CA PHE BA 59 -31.20 -79.29 66.18
C PHE BA 59 -30.23 -80.14 65.37
N GLY BA 60 -30.07 -79.76 64.11
CA GLY BA 60 -29.08 -80.36 63.26
C GLY BA 60 -28.43 -79.29 62.40
N ILE BA 61 -27.13 -79.45 62.15
CA ILE BA 61 -26.34 -78.49 61.40
C ILE BA 61 -25.63 -79.22 60.28
N VAL BA 62 -25.65 -78.64 59.09
CA VAL BA 62 -24.97 -79.18 57.92
C VAL BA 62 -24.03 -78.10 57.41
N ALA BA 63 -22.74 -78.42 57.32
CA ALA BA 63 -21.70 -77.45 56.98
C ALA BA 63 -20.83 -77.98 55.85
N SER BA 64 -20.34 -77.07 55.03
CA SER BA 64 -19.44 -77.38 53.93
C SER BA 64 -18.01 -77.08 54.32
N ARG BA 65 -17.09 -77.91 53.82
CA ARG BA 65 -15.67 -77.80 54.18
C ARG BA 65 -14.95 -76.72 53.39
N PHE BA 66 -15.52 -76.23 52.30
CA PHE BA 66 -14.85 -75.21 51.50
C PHE BA 66 -14.70 -73.91 52.29
N ASN BA 67 -13.60 -73.22 52.07
CA ASN BA 67 -13.29 -71.95 52.75
C ASN BA 67 -13.31 -72.14 54.27
N HIS BA 68 -12.33 -72.92 54.74
CA HIS BA 68 -12.29 -73.31 56.14
C HIS BA 68 -12.24 -72.11 57.07
N ALA BA 69 -11.66 -71.00 56.63
CA ALA BA 69 -11.57 -69.83 57.50
C ALA BA 69 -12.95 -69.25 57.80
N LEU BA 70 -13.74 -69.02 56.76
CA LEU BA 70 -15.06 -68.41 56.95
C LEU BA 70 -16.03 -69.37 57.62
N VAL BA 71 -16.10 -70.60 57.12
CA VAL BA 71 -17.15 -71.51 57.57
C VAL BA 71 -16.98 -71.85 59.04
N ASP BA 72 -15.73 -71.96 59.50
CA ASP BA 72 -15.49 -72.39 60.87
C ASP BA 72 -16.10 -71.42 61.87
N ARG BA 73 -16.00 -70.13 61.60
CA ARG BA 73 -16.53 -69.14 62.55
C ARG BA 73 -18.05 -69.07 62.49
N LEU BA 74 -18.66 -69.40 61.36
CA LEU BA 74 -20.11 -69.45 61.30
C LEU BA 74 -20.66 -70.63 62.10
N VAL BA 75 -20.01 -71.78 62.05
CA VAL BA 75 -20.48 -72.93 62.81
C VAL BA 75 -20.37 -72.66 64.31
N GLU BA 76 -19.33 -71.95 64.73
CA GLU BA 76 -19.18 -71.59 66.13
C GLU BA 76 -20.29 -70.65 66.58
N GLY BA 77 -20.66 -69.69 65.73
CA GLY BA 77 -21.76 -68.81 66.06
C GLY BA 77 -23.06 -69.56 66.25
N ALA BA 78 -23.35 -70.51 65.36
CA ALA BA 78 -24.59 -71.26 65.44
C ALA BA 78 -24.67 -72.06 66.73
N ILE BA 79 -23.58 -72.74 67.11
CA ILE BA 79 -23.60 -73.54 68.32
C ILE BA 79 -23.68 -72.65 69.55
N ASP BA 80 -23.07 -71.47 69.47
CA ASP BA 80 -23.09 -70.54 70.61
C ASP BA 80 -24.51 -70.06 70.90
N CYS BA 81 -25.28 -69.77 69.86
CA CYS BA 81 -26.63 -69.26 70.04
C CYS BA 81 -27.52 -70.27 70.77
N ILE BA 82 -27.42 -71.54 70.39
CA ILE BA 82 -28.29 -72.55 70.97
C ILE BA 82 -27.99 -72.75 72.44
N VAL BA 83 -26.71 -72.74 72.82
CA VAL BA 83 -26.33 -72.98 74.20
C VAL BA 83 -26.74 -71.80 75.09
N ARG BA 84 -26.52 -70.59 74.62
CA ARG BA 84 -26.80 -69.41 75.44
C ARG BA 84 -28.28 -69.28 75.75
N HIS BA 85 -29.13 -69.64 74.79
CA HIS BA 85 -30.57 -69.48 74.92
C HIS BA 85 -31.25 -70.67 75.58
N GLY BA 86 -30.49 -71.60 76.15
CA GLY BA 86 -31.05 -72.69 76.93
C GLY BA 86 -30.82 -74.06 76.34
N GLY BA 87 -30.16 -74.18 75.20
CA GLY BA 87 -29.97 -75.48 74.58
C GLY BA 87 -29.06 -76.36 75.40
N ARG BA 88 -28.96 -77.61 74.95
CA ARG BA 88 -28.14 -78.63 75.60
C ARG BA 88 -27.21 -79.21 74.55
N GLU BA 89 -25.92 -79.29 74.88
CA GLU BA 89 -24.92 -79.68 73.89
C GLU BA 89 -25.17 -81.09 73.37
N GLU BA 90 -25.74 -81.97 74.20
CA GLU BA 90 -26.02 -83.33 73.78
C GLU BA 90 -27.09 -83.41 72.69
N ASP BA 91 -27.82 -82.33 72.43
CA ASP BA 91 -28.92 -82.31 71.47
C ASP BA 91 -28.58 -81.51 70.23
N ILE BA 92 -27.35 -81.61 69.75
CA ILE BA 92 -26.95 -81.02 68.47
C ILE BA 92 -26.20 -82.08 67.69
N THR BA 93 -26.56 -82.24 66.42
CA THR BA 93 -25.88 -83.14 65.50
C THR BA 93 -25.25 -82.33 64.39
N LEU BA 94 -23.98 -82.57 64.11
CA LEU BA 94 -23.24 -81.85 63.08
C LEU BA 94 -22.85 -82.81 61.97
N VAL BA 95 -22.91 -82.34 60.73
CA VAL BA 95 -22.57 -83.12 59.56
C VAL BA 95 -21.70 -82.27 58.63
N ARG BA 96 -20.56 -82.81 58.23
CA ARG BA 96 -19.67 -82.14 57.29
C ARG BA 96 -19.82 -82.79 55.91
N VAL BA 97 -19.71 -81.97 54.87
CA VAL BA 97 -19.82 -82.46 53.49
C VAL BA 97 -18.78 -81.75 52.64
N PRO BA 98 -18.38 -82.38 51.52
CA PRO BA 98 -17.36 -81.76 50.65
C PRO BA 98 -17.64 -80.32 50.27
N GLY BA 99 -18.80 -80.04 49.69
CA GLY BA 99 -19.06 -78.72 49.18
C GLY BA 99 -20.53 -78.33 49.20
N SER BA 100 -20.85 -77.19 48.58
CA SER BA 100 -22.21 -76.69 48.64
C SER BA 100 -23.18 -77.57 47.85
N TRP BA 101 -22.71 -78.19 46.76
CA TRP BA 101 -23.59 -79.01 45.95
C TRP BA 101 -24.18 -80.18 46.74
N GLU BA 102 -23.47 -80.65 47.76
CA GLU BA 102 -23.92 -81.80 48.53
C GLU BA 102 -24.78 -81.43 49.73
N ILE BA 103 -24.96 -80.14 50.03
CA ILE BA 103 -25.71 -79.76 51.21
C ILE BA 103 -27.15 -80.26 51.15
N PRO BA 104 -27.91 -80.04 50.08
CA PRO BA 104 -29.33 -80.45 50.09
C PRO BA 104 -29.53 -81.93 50.36
N VAL BA 105 -28.70 -82.80 49.79
CA VAL BA 105 -28.93 -84.23 49.94
C VAL BA 105 -28.73 -84.65 51.40
N ALA BA 106 -27.68 -84.13 52.04
CA ALA BA 106 -27.42 -84.46 53.42
C ALA BA 106 -28.49 -83.89 54.34
N ALA BA 107 -28.96 -82.68 54.05
CA ALA BA 107 -30.01 -82.08 54.87
C ALA BA 107 -31.26 -82.93 54.88
N GLY BA 108 -31.58 -83.58 53.76
CA GLY BA 108 -32.76 -84.43 53.72
C GLY BA 108 -32.66 -85.62 54.64
N GLU BA 109 -31.47 -86.19 54.79
CA GLU BA 109 -31.29 -87.32 55.69
C GLU BA 109 -31.58 -86.92 57.13
N LEU BA 110 -31.17 -85.71 57.53
CA LEU BA 110 -31.41 -85.26 58.90
C LEU BA 110 -32.88 -84.95 59.14
N ALA BA 111 -33.52 -84.26 58.19
CA ALA BA 111 -34.90 -83.83 58.40
C ALA BA 111 -35.86 -84.98 58.63
N ARG BA 112 -35.53 -86.18 58.16
CA ARG BA 112 -36.42 -87.32 58.32
C ARG BA 112 -36.33 -87.97 59.69
N LYS BA 113 -35.31 -87.66 60.48
CA LYS BA 113 -35.23 -88.20 61.83
C LYS BA 113 -36.42 -87.71 62.66
N GLU BA 114 -37.03 -88.63 63.40
CA GLU BA 114 -38.18 -88.27 64.22
C GLU BA 114 -37.81 -87.41 65.42
N ASP BA 115 -36.51 -87.23 65.70
CA ASP BA 115 -36.06 -86.50 66.88
C ASP BA 115 -35.26 -85.27 66.50
N ILE BA 116 -35.55 -84.67 65.35
CA ILE BA 116 -34.97 -83.42 64.91
C ILE BA 116 -36.09 -82.42 64.68
N ASP BA 117 -35.99 -81.25 65.33
CA ASP BA 117 -37.01 -80.23 65.24
C ASP BA 117 -36.70 -79.13 64.24
N ALA BA 118 -35.43 -78.91 63.93
CA ALA BA 118 -35.06 -77.89 62.96
C ALA BA 118 -33.67 -78.23 62.42
N VAL BA 119 -33.33 -77.62 61.29
CA VAL BA 119 -32.08 -77.87 60.60
C VAL BA 119 -31.50 -76.55 60.10
N ILE BA 120 -30.19 -76.40 60.21
CA ILE BA 120 -29.49 -75.16 59.85
C ILE BA 120 -28.45 -75.51 58.80
N ALA BA 121 -28.49 -74.82 57.66
CA ALA BA 121 -27.56 -75.06 56.56
C ALA BA 121 -26.57 -73.90 56.47
N ILE BA 122 -25.27 -74.24 56.42
CA ILE BA 122 -24.18 -73.26 56.42
C ILE BA 122 -23.26 -73.58 55.26
N GLY BA 123 -22.83 -72.54 54.55
CA GLY BA 123 -21.92 -72.74 53.43
C GLY BA 123 -21.53 -71.40 52.84
N VAL BA 124 -20.63 -71.47 51.86
CA VAL BA 124 -20.13 -70.29 51.17
C VAL BA 124 -20.20 -70.53 49.67
N LEU BA 125 -20.68 -69.54 48.93
CA LEU BA 125 -20.84 -69.62 47.49
C LEU BA 125 -19.90 -68.63 46.83
N ILE BA 126 -19.34 -69.03 45.68
CA ILE BA 126 -18.37 -68.21 44.96
C ILE BA 126 -18.94 -67.85 43.59
N ARG BA 127 -20.26 -67.69 43.53
CA ARG BA 127 -20.93 -67.40 42.27
C ARG BA 127 -20.46 -66.06 41.71
N GLY BA 128 -20.41 -65.98 40.38
CA GLY BA 128 -20.07 -64.77 39.65
C GLY BA 128 -18.70 -64.81 39.01
N ALA BA 129 -17.76 -65.53 39.60
CA ALA BA 129 -16.40 -65.54 39.07
C ALA BA 129 -16.34 -66.22 37.69
N THR BA 130 -16.91 -67.42 37.59
CA THR BA 130 -16.85 -68.20 36.36
C THR BA 130 -18.03 -69.15 36.34
N PRO BA 131 -18.30 -69.81 35.21
CA PRO BA 131 -19.35 -70.84 35.18
C PRO BA 131 -19.00 -72.03 36.06
N HIS BA 132 -19.87 -73.04 36.09
CA HIS BA 132 -19.77 -74.22 36.94
C HIS BA 132 -20.17 -73.90 38.38
N PHE BA 133 -20.45 -72.64 38.70
CA PHE BA 133 -20.87 -72.23 40.04
C PHE BA 133 -22.21 -71.53 40.05
N ASP BA 134 -22.57 -70.82 38.97
CA ASP BA 134 -23.91 -70.26 38.90
C ASP BA 134 -24.96 -71.37 38.89
N TYR BA 135 -24.66 -72.48 38.21
CA TYR BA 135 -25.54 -73.63 38.26
C TYR BA 135 -25.63 -74.19 39.67
N ILE BA 136 -24.50 -74.29 40.36
CA ILE BA 136 -24.48 -74.86 41.71
C ILE BA 136 -25.31 -73.99 42.65
N ALA BA 137 -25.14 -72.68 42.56
CA ALA BA 137 -25.82 -71.77 43.49
C ALA BA 137 -27.33 -71.86 43.34
N SER BA 138 -27.82 -71.95 42.11
CA SER BA 138 -29.26 -71.98 41.88
C SER BA 138 -29.90 -73.20 42.51
N GLU BA 139 -29.28 -74.36 42.38
CA GLU BA 139 -29.92 -75.59 42.80
C GLU BA 139 -29.91 -75.74 44.31
N VAL BA 140 -28.94 -75.14 45.00
CA VAL BA 140 -28.89 -75.25 46.46
C VAL BA 140 -30.10 -74.59 47.08
N SER BA 141 -30.46 -73.40 46.59
CA SER BA 141 -31.65 -72.71 47.10
C SER BA 141 -32.91 -73.50 46.80
N LYS BA 142 -33.04 -74.03 45.58
CA LYS BA 142 -34.24 -74.79 45.21
C LYS BA 142 -34.41 -76.01 46.10
N GLY BA 143 -33.35 -76.78 46.30
CA GLY BA 143 -33.49 -78.04 47.00
C GLY BA 143 -33.88 -77.87 48.45
N LEU BA 144 -33.26 -76.92 49.14
CA LEU BA 144 -33.58 -76.71 50.55
C LEU BA 144 -35.01 -76.23 50.74
N ALA BA 145 -35.48 -75.35 49.85
CA ALA BA 145 -36.86 -74.87 49.95
C ALA BA 145 -37.85 -76.02 49.75
N ASN BA 146 -37.64 -76.83 48.72
CA ASN BA 146 -38.58 -77.92 48.43
C ASN BA 146 -38.63 -78.91 49.57
N LEU BA 147 -37.48 -79.22 50.18
CA LEU BA 147 -37.46 -80.17 51.28
C LEU BA 147 -38.31 -79.68 52.44
N SER BA 148 -38.29 -78.37 52.70
CA SER BA 148 -39.00 -77.82 53.83
C SER BA 148 -40.51 -78.06 53.71
N LEU BA 149 -41.07 -77.82 52.52
CA LEU BA 149 -42.50 -77.98 52.33
C LEU BA 149 -42.89 -79.46 52.31
N GLU BA 150 -42.07 -80.30 51.68
CA GLU BA 150 -42.42 -81.72 51.56
C GLU BA 150 -42.36 -82.41 52.92
N LEU BA 151 -41.37 -82.06 53.73
CA LEU BA 151 -41.17 -82.71 55.02
C LEU BA 151 -41.81 -81.96 56.19
N ARG BA 152 -42.14 -80.69 56.01
CA ARG BA 152 -42.84 -79.91 57.03
C ARG BA 152 -41.99 -79.67 58.27
N LYS BA 153 -40.71 -79.36 58.06
CA LYS BA 153 -39.82 -78.96 59.13
C LYS BA 153 -39.09 -77.70 58.71
N PRO BA 154 -38.94 -76.72 59.60
CA PRO BA 154 -38.20 -75.51 59.21
C PRO BA 154 -36.76 -75.83 58.87
N ILE BA 155 -36.22 -75.14 57.87
CA ILE BA 155 -34.85 -75.36 57.40
C ILE BA 155 -34.26 -74.00 57.07
N THR BA 156 -33.31 -73.55 57.87
CA THR BA 156 -32.79 -72.19 57.77
C THR BA 156 -31.65 -72.13 56.75
N PHE BA 157 -31.46 -70.94 56.21
CA PHE BA 157 -30.55 -70.70 55.08
C PHE BA 157 -29.43 -69.79 55.55
N GLY BA 158 -28.33 -70.39 55.98
CA GLY BA 158 -27.15 -69.66 56.39
C GLY BA 158 -26.11 -69.44 55.30
N VAL BA 159 -26.43 -69.76 54.05
CA VAL BA 159 -25.45 -69.68 52.97
C VAL BA 159 -25.15 -68.23 52.67
N ILE BA 160 -23.86 -67.88 52.66
CA ILE BA 160 -23.41 -66.54 52.35
C ILE BA 160 -22.68 -66.59 51.00
N THR BA 161 -22.36 -65.41 50.48
CA THR BA 161 -21.61 -65.28 49.25
C THR BA 161 -20.48 -64.28 49.44
N ALA BA 162 -19.31 -64.60 48.90
CA ALA BA 162 -18.14 -63.76 49.05
C ALA BA 162 -17.84 -63.03 47.75
N GLY CA 15 -54.16 -47.74 46.76
CA GLY CA 15 -54.64 -48.20 48.04
C GLY CA 15 -53.79 -49.31 48.62
N ASN CA 16 -54.22 -49.85 49.77
CA ASN CA 16 -53.46 -50.92 50.40
C ASN CA 16 -53.44 -52.14 49.50
N LYS CA 17 -52.25 -52.73 49.33
CA LYS CA 17 -52.16 -54.03 48.68
C LYS CA 17 -52.69 -55.13 49.57
N GLY CA 18 -52.79 -54.88 50.88
CA GLY CA 18 -53.43 -55.83 51.77
C GLY CA 18 -54.93 -55.82 51.67
N TRP CA 19 -55.52 -54.67 51.29
CA TRP CA 19 -56.94 -54.63 51.02
C TRP CA 19 -57.28 -55.47 49.79
N GLU CA 20 -56.48 -55.34 48.73
CA GLU CA 20 -56.74 -56.10 47.51
C GLU CA 20 -56.59 -57.59 47.75
N ALA CA 21 -55.60 -58.00 48.53
CA ALA CA 21 -55.38 -59.42 48.77
C ALA CA 21 -56.55 -60.04 49.51
N ALA CA 22 -57.23 -59.27 50.37
CA ALA CA 22 -58.36 -59.82 51.11
C ALA CA 22 -59.61 -59.94 50.25
N LEU CA 23 -59.80 -59.04 49.29
CA LEU CA 23 -60.93 -59.20 48.36
C LEU CA 23 -60.81 -60.48 47.56
N SER CA 24 -59.60 -60.81 47.12
CA SER CA 24 -59.40 -62.03 46.35
C SER CA 24 -59.67 -63.27 47.19
N ALA CA 25 -59.41 -63.20 48.49
CA ALA CA 25 -59.61 -64.36 49.35
C ALA CA 25 -61.09 -64.56 49.67
N ILE CA 26 -61.84 -63.47 49.83
CA ILE CA 26 -63.28 -63.59 50.04
C ILE CA 26 -63.94 -64.20 48.81
N GLU CA 27 -63.56 -63.72 47.62
CA GLU CA 27 -64.16 -64.22 46.39
C GLU CA 27 -63.81 -65.68 46.14
N MET CA 28 -62.55 -66.05 46.34
CA MET CA 28 -62.14 -67.42 46.06
C MET CA 28 -62.74 -68.40 47.05
N ALA CA 29 -62.88 -67.99 48.31
CA ALA CA 29 -63.49 -68.87 49.30
C ALA CA 29 -64.93 -69.19 48.96
N ASN CA 30 -65.68 -68.18 48.50
CA ASN CA 30 -67.07 -68.41 48.11
C ASN CA 30 -67.16 -69.26 46.86
N LEU CA 31 -66.26 -69.05 45.91
CA LEU CA 31 -66.29 -69.81 44.67
C LEU CA 31 -66.13 -71.30 44.93
N PHE CA 32 -65.17 -71.68 45.79
CA PHE CA 32 -64.94 -73.08 46.05
C PHE CA 32 -66.10 -73.74 46.78
N LYS CA 33 -66.95 -72.95 47.43
CA LYS CA 33 -68.13 -73.51 48.10
C LYS CA 33 -69.22 -73.87 47.10
N SER CA 34 -69.36 -73.10 46.02
CA SER CA 34 -70.35 -73.41 45.00
C SER CA 34 -69.93 -74.60 44.17
N LEU CA 35 -68.64 -74.71 43.85
CA LEU CA 35 -68.16 -75.85 43.08
C LEU CA 35 -68.38 -77.15 43.85
N ARG CA 36 -68.06 -77.16 45.14
CA ARG CA 36 -68.25 -78.35 45.96
C ARG CA 36 -69.72 -78.74 46.08
N GLY CA 37 -70.64 -77.80 45.89
CA GLY CA 37 -72.05 -78.07 46.01
C GLY CA 37 -72.67 -78.57 44.72
N THR CA 38 -73.98 -78.73 44.76
CA THR CA 38 -74.71 -79.21 43.60
C THR CA 38 -74.67 -78.18 42.47
N GLY CA 39 -74.74 -78.68 41.24
CA GLY CA 39 -74.71 -77.82 40.08
C GLY CA 39 -76.07 -77.25 39.75
N GLY CA 40 -76.16 -76.66 38.56
CA GLY CA 40 -77.39 -76.04 38.11
C GLY CA 40 -78.44 -77.06 37.69
N SER CA 41 -79.63 -76.54 37.38
CA SER CA 41 -80.74 -77.38 36.97
C SER CA 41 -80.56 -77.95 35.57
N GLY CA 42 -79.57 -77.50 34.81
CA GLY CA 42 -79.34 -77.99 33.48
C GLY CA 42 -80.13 -77.23 32.44
N SER CA 43 -80.01 -77.69 31.19
CA SER CA 43 -80.65 -77.12 30.03
C SER CA 43 -80.05 -75.77 29.63
N SER CA 44 -78.95 -75.36 30.26
CA SER CA 44 -78.31 -74.10 29.92
C SER CA 44 -76.87 -74.15 30.44
N MET CA 45 -76.08 -73.18 29.99
CA MET CA 45 -74.69 -73.11 30.41
C MET CA 45 -74.60 -72.89 31.91
N GLU CA 46 -73.71 -73.64 32.56
CA GLU CA 46 -73.50 -73.55 34.00
C GLU CA 46 -72.39 -72.55 34.27
N ILE CA 47 -72.70 -71.48 34.99
CA ILE CA 47 -71.74 -70.43 35.34
C ILE CA 47 -71.53 -70.46 36.84
N TYR CA 48 -70.26 -70.50 37.25
CA TYR CA 48 -69.87 -70.49 38.66
C TYR CA 48 -69.17 -69.18 38.97
N GLU CA 49 -69.53 -68.60 40.11
CA GLU CA 49 -69.17 -67.22 40.43
C GLU CA 49 -69.02 -67.10 41.93
N GLY CA 50 -68.20 -66.13 42.36
CA GLY CA 50 -67.96 -65.90 43.77
C GLY CA 50 -68.40 -64.52 44.24
N LYS CA 51 -69.20 -64.49 45.30
CA LYS CA 51 -69.73 -63.24 45.84
C LYS CA 51 -68.76 -62.65 46.86
N LEU CA 52 -68.92 -61.34 47.07
CA LEU CA 52 -68.10 -60.61 48.05
C LEU CA 52 -68.81 -60.46 49.39
N THR CA 53 -69.29 -61.58 49.95
CA THR CA 53 -69.90 -61.61 51.27
C THR CA 53 -69.08 -62.52 52.17
N ALA CA 54 -68.72 -62.03 53.35
CA ALA CA 54 -67.75 -62.67 54.22
C ALA CA 54 -68.35 -63.08 55.56
N GLU CA 55 -69.55 -63.64 55.54
CA GLU CA 55 -70.22 -64.08 56.75
C GLU CA 55 -70.07 -65.60 56.88
N GLY CA 56 -69.56 -66.04 58.01
CA GLY CA 56 -69.36 -67.45 58.27
C GLY CA 56 -68.07 -68.04 57.76
N LEU CA 57 -67.15 -67.21 57.25
CA LEU CA 57 -65.91 -67.69 56.66
C LEU CA 57 -64.76 -67.48 57.63
N ARG CA 58 -63.82 -68.42 57.65
CA ARG CA 58 -62.66 -68.40 58.51
C ARG CA 58 -61.42 -68.09 57.69
N PHE CA 59 -60.57 -67.20 58.19
CA PHE CA 59 -59.42 -66.71 57.46
C PHE CA 59 -58.16 -66.84 58.32
N GLY CA 60 -57.02 -66.94 57.64
CA GLY CA 60 -55.73 -66.94 58.30
C GLY CA 60 -54.74 -66.03 57.60
N ILE CA 61 -53.93 -65.30 58.35
CA ILE CA 61 -52.98 -64.34 57.79
C ILE CA 61 -51.58 -64.71 58.28
N VAL CA 62 -50.60 -64.60 57.38
CA VAL CA 62 -49.20 -64.86 57.67
C VAL CA 62 -48.40 -63.63 57.26
N ALA CA 63 -47.71 -63.02 58.22
CA ALA CA 63 -46.97 -61.80 57.97
C ALA CA 63 -45.57 -61.90 58.56
N SER CA 64 -44.63 -61.20 57.92
CA SER CA 64 -43.24 -61.17 58.35
C SER CA 64 -42.98 -59.93 59.21
N ARG CA 65 -41.91 -59.99 60.00
CA ARG CA 65 -41.54 -58.89 60.89
C ARG CA 65 -40.50 -57.95 60.30
N PHE CA 66 -40.06 -58.18 59.07
CA PHE CA 66 -39.09 -57.30 58.45
C PHE CA 66 -39.77 -56.02 57.97
N ASN CA 67 -39.24 -54.88 58.39
CA ASN CA 67 -39.84 -53.57 58.11
C ASN CA 67 -41.28 -53.51 58.62
N HIS CA 68 -41.41 -53.62 59.94
CA HIS CA 68 -42.74 -53.64 60.56
C HIS CA 68 -43.46 -52.30 60.41
N ALA CA 69 -42.77 -51.25 59.98
CA ALA CA 69 -43.46 -49.99 59.69
C ALA CA 69 -44.44 -50.16 58.55
N LEU CA 70 -43.99 -50.71 57.42
CA LEU CA 70 -44.86 -50.91 56.28
C LEU CA 70 -45.79 -52.10 56.46
N VAL CA 71 -45.29 -53.17 57.08
CA VAL CA 71 -46.05 -54.41 57.13
C VAL CA 71 -47.30 -54.25 57.98
N ASP CA 72 -47.19 -53.56 59.12
CA ASP CA 72 -48.34 -53.43 60.00
C ASP CA 72 -49.48 -52.68 59.32
N ARG CA 73 -49.17 -51.73 58.43
CA ARG CA 73 -50.22 -51.05 57.69
C ARG CA 73 -50.97 -52.01 56.78
N LEU CA 74 -50.25 -52.93 56.14
CA LEU CA 74 -50.89 -53.87 55.24
C LEU CA 74 -51.78 -54.86 55.99
N VAL CA 75 -51.34 -55.29 57.17
CA VAL CA 75 -52.14 -56.22 57.96
C VAL CA 75 -53.43 -55.56 58.41
N GLU CA 76 -53.34 -54.27 58.78
CA GLU CA 76 -54.54 -53.55 59.22
C GLU CA 76 -55.56 -53.44 58.09
N GLY CA 77 -55.10 -53.19 56.87
CA GLY CA 77 -56.02 -53.08 55.75
C GLY CA 77 -56.76 -54.38 55.48
N ALA CA 78 -56.09 -55.51 55.62
CA ALA CA 78 -56.74 -56.79 55.37
C ALA CA 78 -57.86 -57.03 56.37
N ILE CA 79 -57.64 -56.72 57.64
CA ILE CA 79 -58.65 -56.96 58.65
C ILE CA 79 -59.83 -56.02 58.46
N ASP CA 80 -59.55 -54.77 58.06
CA ASP CA 80 -60.63 -53.82 57.80
C ASP CA 80 -61.54 -54.30 56.67
N CYS CA 81 -60.96 -54.87 55.62
CA CYS CA 81 -61.75 -55.35 54.50
C CYS CA 81 -62.71 -56.45 54.94
N ILE CA 82 -62.25 -57.38 55.78
CA ILE CA 82 -63.09 -58.52 56.16
C ILE CA 82 -64.24 -58.08 57.03
N VAL CA 83 -64.01 -57.11 57.93
CA VAL CA 83 -65.08 -56.67 58.82
C VAL CA 83 -66.13 -55.89 58.05
N ARG CA 84 -65.71 -55.05 57.10
CA ARG CA 84 -66.66 -54.23 56.38
C ARG CA 84 -67.57 -55.04 55.48
N HIS CA 85 -67.10 -56.20 55.00
CA HIS CA 85 -67.90 -57.09 54.18
C HIS CA 85 -68.62 -58.15 54.99
N GLY CA 86 -68.84 -57.89 56.28
CA GLY CA 86 -69.61 -58.78 57.11
C GLY CA 86 -68.81 -59.79 57.90
N GLY CA 87 -67.48 -59.70 57.89
CA GLY CA 87 -66.68 -60.64 58.61
C GLY CA 87 -66.66 -60.39 60.10
N ARG CA 88 -66.35 -61.44 60.84
CA ARG CA 88 -66.30 -61.41 62.30
C ARG CA 88 -64.85 -61.57 62.73
N GLU CA 89 -64.34 -60.58 63.47
CA GLU CA 89 -62.92 -60.57 63.82
C GLU CA 89 -62.54 -61.74 64.72
N GLU CA 90 -63.50 -62.42 65.33
CA GLU CA 90 -63.24 -63.64 66.08
C GLU CA 90 -62.83 -64.80 65.19
N ASP CA 91 -63.01 -64.69 63.87
CA ASP CA 91 -62.70 -65.76 62.93
C ASP CA 91 -61.48 -65.43 62.08
N ILE CA 92 -60.48 -64.79 62.67
CA ILE CA 92 -59.22 -64.50 62.00
C ILE CA 92 -58.08 -64.99 62.88
N THR CA 93 -57.13 -65.70 62.27
CA THR CA 93 -55.95 -66.20 62.96
C THR CA 93 -54.72 -65.56 62.33
N LEU CA 94 -53.82 -65.04 63.16
CA LEU CA 94 -52.65 -64.29 62.71
C LEU CA 94 -51.38 -65.00 63.17
N VAL CA 95 -50.44 -65.17 62.24
CA VAL CA 95 -49.15 -65.81 62.51
C VAL CA 95 -48.04 -64.86 62.07
N ARG CA 96 -47.05 -64.65 62.93
CA ARG CA 96 -45.94 -63.77 62.65
C ARG CA 96 -44.66 -64.61 62.53
N VAL CA 97 -43.85 -64.32 61.51
CA VAL CA 97 -42.65 -65.11 61.25
C VAL CA 97 -41.46 -64.17 61.11
N PRO CA 98 -40.24 -64.69 61.33
CA PRO CA 98 -39.03 -63.85 61.25
C PRO CA 98 -38.84 -63.15 59.91
N GLY CA 99 -38.77 -63.90 58.82
CA GLY CA 99 -38.45 -63.31 57.54
C GLY CA 99 -39.26 -63.87 56.39
N SER CA 100 -38.93 -63.46 55.17
CA SER CA 100 -39.67 -63.93 54.00
C SER CA 100 -39.44 -65.41 53.74
N TRP CA 101 -38.25 -65.92 54.07
CA TRP CA 101 -37.94 -67.31 53.80
C TRP CA 101 -38.86 -68.27 54.52
N GLU CA 102 -39.54 -67.83 55.58
CA GLU CA 102 -40.34 -68.70 56.41
C GLU CA 102 -41.83 -68.64 56.11
N ILE CA 103 -42.28 -67.77 55.21
CA ILE CA 103 -43.70 -67.63 54.94
C ILE CA 103 -44.27 -68.91 54.33
N PRO CA 104 -43.65 -69.50 53.30
CA PRO CA 104 -44.26 -70.70 52.70
C PRO CA 104 -44.49 -71.84 53.66
N VAL CA 105 -43.52 -72.18 54.51
CA VAL CA 105 -43.68 -73.32 55.40
C VAL CA 105 -44.73 -73.02 56.45
N ALA CA 106 -44.79 -71.77 56.94
CA ALA CA 106 -45.83 -71.40 57.87
C ALA CA 106 -47.20 -71.48 57.23
N ALA CA 107 -47.32 -71.03 55.97
CA ALA CA 107 -48.59 -71.09 55.27
C ALA CA 107 -49.06 -72.53 55.10
N GLY CA 108 -48.14 -73.49 55.08
CA GLY CA 108 -48.54 -74.88 54.94
C GLY CA 108 -49.32 -75.39 56.15
N GLU CA 109 -48.88 -75.02 57.34
CA GLU CA 109 -49.54 -75.52 58.55
C GLU CA 109 -50.95 -74.96 58.67
N LEU CA 110 -51.13 -73.68 58.35
CA LEU CA 110 -52.46 -73.09 58.38
C LEU CA 110 -53.37 -73.72 57.36
N ALA CA 111 -52.90 -73.85 56.11
CA ALA CA 111 -53.75 -74.35 55.04
C ALA CA 111 -54.21 -75.77 55.29
N ARG CA 112 -53.48 -76.54 56.09
CA ARG CA 112 -53.86 -77.92 56.37
C ARG CA 112 -54.97 -78.01 57.41
N LYS CA 113 -55.24 -76.95 58.17
CA LYS CA 113 -56.29 -76.98 59.17
C LYS CA 113 -57.64 -76.90 58.49
N GLU CA 114 -58.56 -77.79 58.87
CA GLU CA 114 -59.85 -77.88 58.21
C GLU CA 114 -60.77 -76.70 58.51
N ASP CA 115 -60.46 -75.90 59.53
CA ASP CA 115 -61.28 -74.76 59.90
C ASP CA 115 -60.81 -73.46 59.23
N ILE CA 116 -60.04 -73.56 58.15
CA ILE CA 116 -59.53 -72.40 57.44
C ILE CA 116 -60.00 -72.51 56.00
N ASP CA 117 -60.56 -71.42 55.47
CA ASP CA 117 -61.08 -71.39 54.11
C ASP CA 117 -60.15 -70.70 53.12
N ALA CA 118 -59.32 -69.79 53.57
CA ALA CA 118 -58.32 -69.16 52.71
C ALA CA 118 -57.22 -68.60 53.58
N VAL CA 119 -56.06 -68.38 52.96
CA VAL CA 119 -54.87 -67.89 53.64
C VAL CA 119 -54.34 -66.69 52.88
N ILE CA 120 -53.98 -65.63 53.59
CA ILE CA 120 -53.45 -64.41 53.02
C ILE CA 120 -52.01 -64.26 53.50
N ALA CA 121 -51.10 -64.02 52.56
CA ALA CA 121 -49.66 -63.93 52.85
C ALA CA 121 -49.18 -62.52 52.58
N ILE CA 122 -48.70 -61.84 53.63
CA ILE CA 122 -48.26 -60.46 53.55
C ILE CA 122 -46.77 -60.40 53.87
N GLY CA 123 -46.07 -59.48 53.23
CA GLY CA 123 -44.64 -59.34 53.48
C GLY CA 123 -44.04 -58.32 52.55
N VAL CA 124 -42.78 -57.98 52.83
CA VAL CA 124 -42.04 -57.01 52.05
C VAL CA 124 -40.69 -57.60 51.70
N LEU CA 125 -40.28 -57.48 50.44
CA LEU CA 125 -39.00 -57.97 49.96
C LEU CA 125 -38.00 -56.82 49.87
N ILE CA 126 -36.74 -57.18 49.75
CA ILE CA 126 -35.63 -56.23 49.76
C ILE CA 126 -35.09 -56.15 48.34
N ARG CA 127 -35.48 -55.12 47.60
CA ARG CA 127 -34.88 -54.88 46.30
C ARG CA 127 -33.44 -54.43 46.48
N GLY CA 128 -32.56 -54.90 45.59
CA GLY CA 128 -31.14 -54.73 45.79
C GLY CA 128 -30.58 -55.77 46.74
N ALA CA 129 -29.29 -55.65 47.01
CA ALA CA 129 -28.58 -56.62 47.84
C ALA CA 129 -28.78 -58.03 47.27
N THR CA 130 -28.71 -58.14 45.95
CA THR CA 130 -28.94 -59.41 45.27
C THR CA 130 -28.08 -60.56 45.76
N PRO CA 131 -26.75 -60.39 46.03
CA PRO CA 131 -25.92 -61.54 46.41
C PRO CA 131 -26.55 -62.53 47.37
N HIS CA 132 -27.39 -62.07 48.30
CA HIS CA 132 -28.05 -62.94 49.26
C HIS CA 132 -29.56 -62.99 49.08
N PHE CA 133 -30.23 -61.84 49.02
CA PHE CA 133 -31.68 -61.80 49.02
C PHE CA 133 -32.30 -62.14 47.66
N ASP CA 134 -31.50 -62.13 46.59
CA ASP CA 134 -32.07 -62.46 45.28
C ASP CA 134 -32.56 -63.89 45.23
N TYR CA 135 -31.92 -64.79 45.96
CA TYR CA 135 -32.33 -66.20 45.95
C TYR CA 135 -33.61 -66.42 46.75
N ILE CA 136 -33.76 -65.72 47.87
CA ILE CA 136 -34.98 -65.83 48.66
C ILE CA 136 -36.16 -65.28 47.88
N ALA CA 137 -35.92 -64.33 46.98
CA ALA CA 137 -37.02 -63.63 46.33
C ALA CA 137 -37.86 -64.57 45.47
N SER CA 138 -37.21 -65.34 44.58
CA SER CA 138 -37.97 -66.22 43.69
C SER CA 138 -38.60 -67.39 44.43
N GLU CA 139 -38.09 -67.72 45.62
CA GLU CA 139 -38.58 -68.90 46.32
C GLU CA 139 -39.93 -68.65 46.97
N VAL CA 140 -40.24 -67.40 47.32
CA VAL CA 140 -41.49 -67.11 48.00
C VAL CA 140 -42.67 -67.31 47.05
N SER CA 141 -42.57 -66.76 45.84
CA SER CA 141 -43.67 -66.91 44.89
C SER CA 141 -43.82 -68.37 44.44
N LYS CA 142 -42.69 -69.04 44.17
CA LYS CA 142 -42.77 -70.42 43.72
C LYS CA 142 -43.38 -71.32 44.79
N GLY CA 143 -43.01 -71.12 46.05
CA GLY CA 143 -43.52 -71.98 47.10
C GLY CA 143 -45.02 -71.84 47.32
N LEU CA 144 -45.52 -70.60 47.32
CA LEU CA 144 -46.93 -70.38 47.56
C LEU CA 144 -47.77 -70.96 46.42
N ALA CA 145 -47.30 -70.82 45.18
CA ALA CA 145 -48.05 -71.35 44.04
C ALA CA 145 -48.18 -72.86 44.12
N ASN CA 146 -47.10 -73.56 44.49
CA ASN CA 146 -47.16 -75.02 44.57
C ASN CA 146 -48.07 -75.49 45.70
N LEU CA 147 -48.15 -74.74 46.79
CA LEU CA 147 -48.95 -75.17 47.93
C LEU CA 147 -50.42 -75.26 47.57
N SER CA 148 -50.93 -74.24 46.87
CA SER CA 148 -52.36 -74.20 46.57
C SER CA 148 -52.77 -75.36 45.66
N LEU CA 149 -51.94 -75.67 44.66
CA LEU CA 149 -52.24 -76.79 43.77
C LEU CA 149 -52.21 -78.11 44.52
N GLU CA 150 -51.28 -78.28 45.44
CA GLU CA 150 -51.16 -79.54 46.17
C GLU CA 150 -52.27 -79.71 47.19
N LEU CA 151 -52.62 -78.65 47.91
CA LEU CA 151 -53.65 -78.72 48.94
C LEU CA 151 -55.03 -78.39 48.41
N ARG CA 152 -55.15 -77.91 47.17
CA ARG CA 152 -56.44 -77.55 46.57
C ARG CA 152 -57.18 -76.54 47.44
N LYS CA 153 -56.45 -75.52 47.90
CA LYS CA 153 -56.98 -74.47 48.74
C LYS CA 153 -56.43 -73.15 48.23
N PRO CA 154 -57.22 -72.08 48.22
CA PRO CA 154 -56.72 -70.81 47.68
C PRO CA 154 -55.80 -70.09 48.66
N ILE CA 155 -54.64 -69.65 48.14
CA ILE CA 155 -53.70 -68.83 48.88
C ILE CA 155 -53.41 -67.59 48.04
N THR CA 156 -53.58 -66.42 48.64
CA THR CA 156 -53.45 -65.15 47.93
C THR CA 156 -52.08 -64.53 48.20
N PHE CA 157 -51.64 -63.72 47.26
CA PHE CA 157 -50.30 -63.16 47.22
C PHE CA 157 -50.38 -61.68 47.54
N GLY CA 158 -49.86 -61.31 48.71
CA GLY CA 158 -49.90 -59.92 49.15
C GLY CA 158 -48.52 -59.38 49.46
N VAL CA 159 -47.53 -59.78 48.67
CA VAL CA 159 -46.14 -59.41 48.90
C VAL CA 159 -45.76 -58.29 47.93
N ILE CA 160 -45.19 -57.21 48.47
CA ILE CA 160 -44.74 -56.09 47.66
C ILE CA 160 -43.23 -55.94 47.83
N THR CA 161 -42.63 -55.00 47.09
CA THR CA 161 -41.20 -54.76 47.10
C THR CA 161 -40.92 -53.33 47.53
N ALA CA 162 -39.75 -53.13 48.11
CA ALA CA 162 -39.32 -51.80 48.57
C ALA CA 162 -40.32 -51.22 49.56
N LYS DA 13 -62.65 -63.54 14.66
CA LYS DA 13 -62.09 -64.76 14.08
C LYS DA 13 -60.61 -64.61 13.79
N HIS DA 14 -59.85 -65.69 13.97
CA HIS DA 14 -58.42 -65.70 13.73
C HIS DA 14 -57.71 -64.78 14.72
N GLY DA 15 -57.86 -63.47 14.54
CA GLY DA 15 -57.24 -62.53 15.46
C GLY DA 15 -57.73 -62.70 16.89
N ASN DA 16 -59.01 -63.02 17.06
CA ASN DA 16 -59.57 -63.22 18.38
C ASN DA 16 -58.91 -64.45 19.02
N LYS DA 17 -58.06 -64.21 20.01
CA LYS DA 17 -57.31 -65.30 20.64
C LYS DA 17 -58.21 -66.27 21.38
N GLY DA 18 -59.46 -65.89 21.66
CA GLY DA 18 -60.39 -66.85 22.23
C GLY DA 18 -60.88 -67.85 21.21
N TRP DA 19 -60.88 -67.48 19.94
CA TRP DA 19 -61.24 -68.41 18.88
C TRP DA 19 -60.12 -69.43 18.66
N GLU DA 20 -58.86 -68.97 18.66
CA GLU DA 20 -57.74 -69.87 18.44
C GLU DA 20 -57.65 -70.92 19.54
N ALA DA 21 -57.81 -70.50 20.79
CA ALA DA 21 -57.68 -71.43 21.90
C ALA DA 21 -58.76 -72.51 21.85
N ALA DA 22 -59.98 -72.14 21.49
CA ALA DA 22 -61.04 -73.13 21.36
C ALA DA 22 -60.76 -74.11 20.24
N LEU DA 23 -60.21 -73.63 19.12
CA LEU DA 23 -59.88 -74.53 18.02
C LEU DA 23 -58.85 -75.56 18.44
N SER DA 24 -57.79 -75.12 19.14
CA SER DA 24 -56.77 -76.06 19.60
C SER DA 24 -57.35 -77.09 20.54
N ALA DA 25 -58.31 -76.70 21.37
CA ALA DA 25 -58.90 -77.64 22.31
C ALA DA 25 -59.66 -78.74 21.58
N ILE DA 26 -60.43 -78.38 20.55
CA ILE DA 26 -61.21 -79.38 19.82
C ILE DA 26 -60.29 -80.38 19.15
N GLU DA 27 -59.22 -79.90 18.54
CA GLU DA 27 -58.30 -80.80 17.85
C GLU DA 27 -57.66 -81.78 18.82
N MET DA 28 -57.24 -81.29 20.00
CA MET DA 28 -56.52 -82.14 20.93
C MET DA 28 -57.43 -83.16 21.59
N ALA DA 29 -58.66 -82.77 21.91
CA ALA DA 29 -59.59 -83.70 22.54
C ALA DA 29 -59.99 -84.82 21.60
N ASN DA 30 -59.98 -84.56 20.29
CA ASN DA 30 -60.23 -85.63 19.33
C ASN DA 30 -59.02 -86.53 19.18
N LEU DA 31 -57.82 -85.96 19.20
CA LEU DA 31 -56.61 -86.75 19.03
C LEU DA 31 -56.45 -87.75 20.18
N PHE DA 32 -56.72 -87.31 21.40
CA PHE DA 32 -56.59 -88.20 22.55
C PHE DA 32 -57.60 -89.34 22.49
N LYS DA 33 -58.80 -89.06 22.00
CA LYS DA 33 -59.79 -90.12 21.85
C LYS DA 33 -59.33 -91.18 20.87
N SER DA 34 -58.60 -90.78 19.83
CA SER DA 34 -58.10 -91.75 18.87
C SER DA 34 -56.94 -92.56 19.43
N LEU DA 35 -56.01 -91.91 20.12
CA LEU DA 35 -54.82 -92.61 20.62
C LEU DA 35 -55.17 -93.65 21.66
N ARG DA 36 -56.29 -93.46 22.37
CA ARG DA 36 -56.69 -94.39 23.41
C ARG DA 36 -57.60 -95.51 22.90
N GLY DA 37 -57.86 -95.55 21.59
CA GLY DA 37 -58.65 -96.61 21.01
C GLY DA 37 -57.81 -97.62 20.27
N THR DA 38 -58.49 -98.51 19.54
CA THR DA 38 -57.80 -99.54 18.78
C THR DA 38 -56.96 -98.91 17.68
N GLY DA 39 -55.83 -99.56 17.39
CA GLY DA 39 -54.91 -99.07 16.38
C GLY DA 39 -55.38 -99.37 14.97
N GLY DA 40 -54.56 -98.94 14.02
CA GLY DA 40 -54.87 -99.13 12.61
C GLY DA 40 -54.61 -100.55 12.14
N SER DA 41 -54.98 -100.80 10.89
CA SER DA 41 -54.80 -102.13 10.31
C SER DA 41 -53.33 -102.48 10.14
N GLY DA 42 -52.44 -101.49 10.11
CA GLY DA 42 -51.03 -101.76 9.96
C GLY DA 42 -50.58 -101.73 8.52
N SER DA 43 -49.33 -102.14 8.32
CA SER DA 43 -48.67 -102.19 7.01
C SER DA 43 -48.34 -100.81 6.47
N SER DA 44 -48.49 -99.76 7.27
CA SER DA 44 -48.16 -98.42 6.83
C SER DA 44 -47.85 -97.57 8.05
N MET DA 45 -47.17 -96.46 7.81
CA MET DA 45 -46.86 -95.52 8.89
C MET DA 45 -48.15 -94.88 9.38
N GLU DA 46 -48.62 -95.33 10.55
CA GLU DA 46 -49.83 -94.75 11.13
C GLU DA 46 -49.64 -93.26 11.34
N ILE DA 47 -50.63 -92.48 10.94
CA ILE DA 47 -50.65 -91.04 11.15
C ILE DA 47 -51.90 -90.70 11.94
N TYR DA 48 -51.72 -89.96 13.03
CA TYR DA 48 -52.79 -89.53 13.90
C TYR DA 48 -52.93 -88.02 13.81
N GLU DA 49 -54.15 -87.54 13.66
CA GLU DA 49 -54.41 -86.10 13.70
C GLU DA 49 -55.88 -85.90 14.02
N GLY DA 50 -56.19 -84.71 14.55
CA GLY DA 50 -57.50 -84.40 15.05
C GLY DA 50 -58.37 -83.66 14.04
N LYS DA 51 -59.68 -83.87 14.15
CA LYS DA 51 -60.66 -83.27 13.28
C LYS DA 51 -61.43 -82.18 14.02
N LEU DA 52 -61.89 -81.18 13.27
CA LEU DA 52 -62.58 -80.03 13.85
C LEU DA 52 -64.07 -80.32 14.00
N THR DA 53 -64.37 -81.37 14.74
CA THR DA 53 -65.74 -81.74 15.09
C THR DA 53 -65.84 -81.80 16.61
N ALA DA 54 -66.95 -81.27 17.14
CA ALA DA 54 -67.09 -81.07 18.58
C ALA DA 54 -68.45 -81.56 19.05
N GLU DA 55 -68.87 -82.73 18.59
CA GLU DA 55 -70.14 -83.32 18.98
C GLU DA 55 -69.88 -84.41 20.02
N GLY DA 56 -70.52 -84.28 21.19
CA GLY DA 56 -70.32 -85.19 22.28
C GLY DA 56 -69.24 -84.82 23.26
N LEU DA 57 -68.49 -83.75 23.01
CA LEU DA 57 -67.42 -83.33 23.91
C LEU DA 57 -67.93 -82.35 24.95
N ARG DA 58 -67.26 -82.33 26.09
CA ARG DA 58 -67.55 -81.40 27.18
C ARG DA 58 -66.33 -80.53 27.43
N PHE DA 59 -66.56 -79.23 27.61
CA PHE DA 59 -65.49 -78.27 27.79
C PHE DA 59 -65.69 -77.52 29.10
N GLY DA 60 -64.63 -76.82 29.51
CA GLY DA 60 -64.66 -75.96 30.68
C GLY DA 60 -63.76 -74.76 30.49
N ILE DA 61 -64.26 -73.57 30.79
CA ILE DA 61 -63.53 -72.32 30.54
C ILE DA 61 -63.30 -71.62 31.87
N VAL DA 62 -62.08 -71.15 32.08
CA VAL DA 62 -61.69 -70.37 33.26
C VAL DA 62 -61.18 -69.02 32.77
N ALA DA 63 -61.83 -67.95 33.19
CA ALA DA 63 -61.51 -66.61 32.73
C ALA DA 63 -61.43 -65.64 33.90
N SER DA 64 -60.61 -64.62 33.75
CA SER DA 64 -60.38 -63.63 34.80
C SER DA 64 -61.15 -62.35 34.47
N ARG DA 65 -60.92 -61.30 35.27
CA ARG DA 65 -61.64 -60.04 35.14
C ARG DA 65 -60.75 -58.84 34.88
N PHE DA 66 -59.46 -58.91 35.19
CA PHE DA 66 -58.56 -57.80 34.92
C PHE DA 66 -58.68 -57.36 33.48
N ASN DA 67 -59.04 -56.10 33.27
CA ASN DA 67 -59.36 -55.58 31.96
C ASN DA 67 -60.51 -56.38 31.34
N HIS DA 68 -61.65 -56.36 32.04
CA HIS DA 68 -62.78 -57.18 31.63
C HIS DA 68 -63.32 -56.79 30.26
N ALA DA 69 -63.00 -55.59 29.78
CA ALA DA 69 -63.42 -55.20 28.44
C ALA DA 69 -62.82 -56.14 27.39
N LEU DA 70 -61.51 -56.35 27.45
CA LEU DA 70 -60.86 -57.29 26.54
C LEU DA 70 -61.35 -58.71 26.78
N VAL DA 71 -61.51 -59.09 28.04
CA VAL DA 71 -61.79 -60.49 28.36
C VAL DA 71 -63.19 -60.88 27.90
N ASP DA 72 -64.17 -60.01 28.10
CA ASP DA 72 -65.54 -60.36 27.69
C ASP DA 72 -65.62 -60.62 26.20
N ARG DA 73 -64.78 -59.95 25.41
CA ARG DA 73 -64.74 -60.22 23.98
C ARG DA 73 -64.13 -61.59 23.69
N LEU DA 74 -62.99 -61.88 24.34
CA LEU DA 74 -62.32 -63.16 24.10
C LEU DA 74 -63.19 -64.33 24.51
N VAL DA 75 -63.87 -64.22 25.65
CA VAL DA 75 -64.66 -65.34 26.16
C VAL DA 75 -65.79 -65.68 25.20
N GLU DA 76 -66.43 -64.66 24.63
CA GLU DA 76 -67.55 -64.91 23.72
C GLU DA 76 -67.06 -65.51 22.41
N GLY DA 77 -65.81 -65.25 22.03
CA GLY DA 77 -65.25 -65.90 20.86
C GLY DA 77 -65.09 -67.39 21.06
N ALA DA 78 -64.76 -67.82 22.28
CA ALA DA 78 -64.57 -69.23 22.56
C ALA DA 78 -65.89 -70.00 22.52
N ILE DA 79 -66.95 -69.42 23.08
CA ILE DA 79 -68.24 -70.10 23.09
C ILE DA 79 -68.82 -70.18 21.69
N ASP DA 80 -68.55 -69.17 20.85
CA ASP DA 80 -69.01 -69.22 19.46
C ASP DA 80 -68.34 -70.36 18.70
N CYS DA 81 -67.03 -70.54 18.89
CA CYS DA 81 -66.29 -71.55 18.14
C CYS DA 81 -66.82 -72.94 18.43
N ILE DA 82 -67.16 -73.22 19.68
CA ILE DA 82 -67.62 -74.56 20.05
C ILE DA 82 -69.01 -74.82 19.48
N VAL DA 83 -69.92 -73.84 19.59
CA VAL DA 83 -71.31 -74.07 19.17
C VAL DA 83 -71.39 -74.22 17.66
N ARG DA 84 -70.59 -73.45 16.93
CA ARG DA 84 -70.63 -73.49 15.47
C ARG DA 84 -69.89 -74.69 14.89
N HIS DA 85 -69.20 -75.48 15.71
CA HIS DA 85 -68.55 -76.70 15.27
C HIS DA 85 -69.28 -77.94 15.76
N GLY DA 86 -70.54 -77.79 16.16
CA GLY DA 86 -71.37 -78.92 16.54
C GLY DA 86 -71.54 -79.15 18.02
N GLY DA 87 -71.07 -78.25 18.87
CA GLY DA 87 -71.17 -78.44 20.30
C GLY DA 87 -72.53 -78.06 20.86
N ARG DA 88 -72.64 -78.16 22.18
CA ARG DA 88 -73.85 -77.76 22.89
C ARG DA 88 -73.47 -76.87 24.07
N GLU DA 89 -74.34 -75.89 24.36
CA GLU DA 89 -74.12 -75.02 25.51
C GLU DA 89 -74.44 -75.72 26.82
N GLU DA 90 -75.21 -76.80 26.79
CA GLU DA 90 -75.44 -77.62 27.97
C GLU DA 90 -74.20 -78.38 28.40
N ASP DA 91 -73.14 -78.37 27.58
CA ASP DA 91 -71.90 -79.09 27.87
C ASP DA 91 -70.71 -78.15 28.06
N ILE DA 92 -70.96 -76.89 28.38
CA ILE DA 92 -69.91 -75.93 28.69
C ILE DA 92 -70.06 -75.49 30.15
N THR DA 93 -68.93 -75.41 30.85
CA THR DA 93 -68.89 -74.94 32.24
C THR DA 93 -67.92 -73.77 32.33
N LEU DA 94 -68.43 -72.62 32.78
CA LEU DA 94 -67.66 -71.39 32.84
C LEU DA 94 -67.39 -71.01 34.29
N VAL DA 95 -66.16 -70.59 34.57
CA VAL DA 95 -65.73 -70.17 35.90
C VAL DA 95 -65.01 -68.84 35.77
N ARG DA 96 -65.35 -67.90 36.66
CA ARG DA 96 -64.72 -66.59 36.71
C ARG DA 96 -63.87 -66.47 37.98
N VAL DA 97 -62.71 -65.82 37.86
CA VAL DA 97 -61.80 -65.65 38.99
C VAL DA 97 -61.35 -64.20 39.05
N PRO DA 98 -60.85 -63.76 40.21
CA PRO DA 98 -60.44 -62.35 40.33
C PRO DA 98 -59.32 -61.93 39.39
N GLY DA 99 -58.19 -62.63 39.40
CA GLY DA 99 -57.02 -62.20 38.65
C GLY DA 99 -56.28 -63.38 38.05
N SER DA 100 -55.16 -63.06 37.41
CA SER DA 100 -54.37 -64.08 36.74
C SER DA 100 -53.74 -65.06 37.73
N TRP DA 101 -53.39 -64.57 38.93
CA TRP DA 101 -52.79 -65.45 39.92
C TRP DA 101 -53.69 -66.63 40.26
N GLU DA 102 -54.99 -66.45 40.16
CA GLU DA 102 -55.96 -67.45 40.62
C GLU DA 102 -56.39 -68.43 39.53
N ILE DA 103 -55.93 -68.26 38.29
CA ILE DA 103 -56.35 -69.15 37.21
C ILE DA 103 -55.92 -70.59 37.46
N PRO DA 104 -54.66 -70.87 37.81
CA PRO DA 104 -54.26 -72.28 37.95
C PRO DA 104 -55.04 -73.08 38.99
N VAL DA 105 -55.35 -72.49 40.14
CA VAL DA 105 -56.03 -73.27 41.17
C VAL DA 105 -57.45 -73.60 40.75
N ALA DA 106 -58.08 -72.71 39.98
CA ALA DA 106 -59.43 -72.97 39.48
C ALA DA 106 -59.43 -73.94 38.31
N ALA DA 107 -58.39 -73.92 37.47
CA ALA DA 107 -58.31 -74.88 36.37
C ALA DA 107 -58.19 -76.30 36.89
N GLY DA 108 -57.46 -76.49 37.99
CA GLY DA 108 -57.27 -77.83 38.51
C GLY DA 108 -58.56 -78.48 38.97
N GLU DA 109 -59.46 -77.69 39.54
CA GLU DA 109 -60.74 -78.24 39.97
C GLU DA 109 -61.56 -78.74 38.80
N LEU DA 110 -61.54 -78.01 37.69
CA LEU DA 110 -62.26 -78.45 36.50
C LEU DA 110 -61.59 -79.65 35.86
N ALA DA 111 -60.26 -79.66 35.80
CA ALA DA 111 -59.54 -80.73 35.13
C ALA DA 111 -59.62 -82.06 35.86
N ARG DA 112 -60.12 -82.08 37.09
CA ARG DA 112 -60.25 -83.32 37.86
C ARG DA 112 -61.61 -83.96 37.73
N LYS DA 113 -62.50 -83.40 36.92
CA LYS DA 113 -63.83 -83.97 36.71
C LYS DA 113 -63.80 -85.01 35.60
N GLU DA 114 -64.50 -86.12 35.82
CA GLU DA 114 -64.54 -87.19 34.83
C GLU DA 114 -65.35 -86.82 33.59
N ASP DA 115 -66.07 -85.69 33.60
CA ASP DA 115 -66.90 -85.31 32.48
C ASP DA 115 -66.22 -84.37 31.51
N ILE DA 116 -65.25 -83.58 31.97
CA ILE DA 116 -64.62 -82.59 31.11
C ILE DA 116 -63.54 -83.28 30.29
N ASP DA 117 -63.39 -82.83 29.03
CA ASP DA 117 -62.40 -83.35 28.11
C ASP DA 117 -61.24 -82.39 27.88
N ALA DA 118 -61.49 -81.09 27.86
CA ALA DA 118 -60.42 -80.11 27.67
C ALA DA 118 -60.81 -78.82 28.38
N VAL DA 119 -59.81 -78.01 28.69
CA VAL DA 119 -59.98 -76.78 29.46
C VAL DA 119 -59.27 -75.65 28.74
N ILE DA 120 -59.90 -74.47 28.75
CA ILE DA 120 -59.36 -73.27 28.11
C ILE DA 120 -59.10 -72.23 29.18
N ALA DA 121 -57.96 -71.56 29.09
CA ALA DA 121 -57.58 -70.51 30.01
C ALA DA 121 -57.52 -69.18 29.26
N ILE DA 122 -58.23 -68.18 29.75
CA ILE DA 122 -58.28 -66.86 29.13
C ILE DA 122 -57.97 -65.82 30.20
N GLY DA 123 -57.03 -64.92 29.91
CA GLY DA 123 -56.65 -63.93 30.89
C GLY DA 123 -55.76 -62.88 30.26
N VAL DA 124 -55.51 -61.83 31.05
CA VAL DA 124 -54.72 -60.68 30.62
C VAL DA 124 -53.58 -60.49 31.60
N LEU DA 125 -52.37 -60.32 31.08
CA LEU DA 125 -51.17 -60.15 31.88
C LEU DA 125 -50.63 -58.73 31.71
N ILE DA 126 -49.79 -58.33 32.67
CA ILE DA 126 -49.04 -57.09 32.61
C ILE DA 126 -47.56 -57.45 32.73
N ARG DA 127 -46.78 -57.05 31.73
CA ARG DA 127 -45.37 -57.40 31.64
C ARG DA 127 -44.52 -56.15 31.62
N GLY DA 128 -43.44 -56.14 32.40
CA GLY DA 128 -42.47 -55.06 32.38
C GLY DA 128 -42.87 -53.82 33.14
N ALA DA 129 -44.02 -53.82 33.81
CA ALA DA 129 -44.47 -52.62 34.51
C ALA DA 129 -43.73 -52.44 35.83
N THR DA 130 -43.92 -53.37 36.76
CA THR DA 130 -43.30 -53.30 38.08
C THR DA 130 -43.22 -54.70 38.65
N PRO DA 131 -42.39 -54.93 39.66
CA PRO DA 131 -42.42 -56.23 40.35
C PRO DA 131 -43.80 -56.46 40.95
N HIS DA 132 -44.01 -57.70 41.41
CA HIS DA 132 -45.30 -58.24 41.84
C HIS DA 132 -46.13 -58.65 40.63
N PHE DA 133 -45.65 -58.41 39.40
CA PHE DA 133 -46.31 -58.91 38.21
C PHE DA 133 -45.37 -59.66 37.27
N ASP DA 134 -44.06 -59.47 37.39
CA ASP DA 134 -43.13 -60.38 36.74
C ASP DA 134 -43.08 -61.71 37.47
N TYR DA 135 -43.17 -61.67 38.81
CA TYR DA 135 -43.28 -62.91 39.57
C TYR DA 135 -44.59 -63.63 39.25
N ILE DA 136 -45.69 -62.89 39.12
CA ILE DA 136 -46.98 -63.50 38.86
C ILE DA 136 -46.96 -64.19 37.50
N ALA DA 137 -46.47 -63.49 36.47
CA ALA DA 137 -46.55 -64.01 35.12
C ALA DA 137 -45.77 -65.31 34.97
N SER DA 138 -44.58 -65.39 35.57
CA SER DA 138 -43.76 -66.58 35.43
C SER DA 138 -44.40 -67.80 36.08
N GLU DA 139 -45.40 -67.61 36.94
CA GLU DA 139 -46.01 -68.72 37.66
C GLU DA 139 -47.33 -69.17 37.07
N VAL DA 140 -48.02 -68.31 36.33
CA VAL DA 140 -49.24 -68.74 35.64
C VAL DA 140 -48.90 -69.74 34.54
N SER DA 141 -47.86 -69.45 33.76
CA SER DA 141 -47.45 -70.38 32.71
C SER DA 141 -46.96 -71.70 33.28
N LYS DA 142 -46.13 -71.65 34.33
CA LYS DA 142 -45.55 -72.86 34.88
C LYS DA 142 -46.62 -73.77 35.48
N GLY DA 143 -47.61 -73.19 36.15
CA GLY DA 143 -48.62 -74.00 36.81
C GLY DA 143 -49.49 -74.75 35.82
N LEU DA 144 -49.91 -74.08 34.74
CA LEU DA 144 -50.79 -74.73 33.78
C LEU DA 144 -50.09 -75.88 33.08
N ALA DA 145 -48.80 -75.72 32.80
CA ALA DA 145 -48.06 -76.79 32.14
C ALA DA 145 -47.97 -78.04 33.00
N ASN DA 146 -47.84 -77.88 34.31
CA ASN DA 146 -47.75 -79.05 35.19
C ASN DA 146 -49.09 -79.77 35.31
N LEU DA 147 -50.20 -79.03 35.29
CA LEU DA 147 -51.51 -79.66 35.41
C LEU DA 147 -51.77 -80.59 34.23
N SER DA 148 -51.40 -80.16 33.02
CA SER DA 148 -51.62 -80.98 31.84
C SER DA 148 -50.94 -82.34 31.97
N LEU DA 149 -49.67 -82.33 32.34
CA LEU DA 149 -48.91 -83.58 32.39
C LEU DA 149 -49.34 -84.46 33.54
N GLU DA 150 -49.69 -83.86 34.67
CA GLU DA 150 -50.03 -84.65 35.85
C GLU DA 150 -51.39 -85.33 35.67
N LEU DA 151 -52.38 -84.63 35.15
CA LEU DA 151 -53.73 -85.15 35.00
C LEU DA 151 -54.01 -85.72 33.61
N ARG DA 152 -53.07 -85.59 32.67
CA ARG DA 152 -53.22 -86.15 31.32
C ARG DA 152 -54.49 -85.63 30.65
N LYS DA 153 -54.52 -84.31 30.47
CA LYS DA 153 -55.66 -83.63 29.88
C LYS DA 153 -55.15 -82.35 29.26
N PRO DA 154 -55.63 -81.96 28.08
CA PRO DA 154 -55.08 -80.76 27.43
C PRO DA 154 -55.66 -79.47 28.00
N ILE DA 155 -54.79 -78.50 28.26
CA ILE DA 155 -55.17 -77.20 28.77
C ILE DA 155 -54.56 -76.15 27.84
N THR DA 156 -55.40 -75.36 27.20
CA THR DA 156 -54.95 -74.42 26.19
C THR DA 156 -54.73 -73.04 26.79
N PHE DA 157 -53.81 -72.31 26.19
CA PHE DA 157 -53.26 -71.07 26.74
C PHE DA 157 -53.75 -69.90 25.90
N GLY DA 158 -54.91 -69.36 26.28
CA GLY DA 158 -55.47 -68.21 25.59
C GLY DA 158 -55.12 -66.90 26.26
N VAL DA 159 -54.09 -66.93 27.11
CA VAL DA 159 -53.71 -65.76 27.88
C VAL DA 159 -52.92 -64.81 27.00
N ILE DA 160 -53.33 -63.54 26.96
CA ILE DA 160 -52.69 -62.53 26.14
C ILE DA 160 -51.98 -61.52 27.03
N THR DA 161 -51.32 -60.55 26.41
CA THR DA 161 -50.56 -59.53 27.11
C THR DA 161 -50.92 -58.15 26.58
N ALA DA 162 -50.64 -57.13 27.38
CA ALA DA 162 -50.92 -55.76 27.01
C ALA DA 162 -52.39 -55.56 26.66
N GLY EA 15 -17.52 -41.47 -88.49
CA GLY EA 15 -17.02 -40.21 -87.96
C GLY EA 15 -18.09 -39.15 -87.83
N ASN EA 16 -19.15 -39.28 -88.63
CA ASN EA 16 -20.26 -38.33 -88.60
C ASN EA 16 -21.57 -39.08 -88.83
N LYS EA 17 -22.65 -38.54 -88.26
CA LYS EA 17 -23.94 -39.21 -88.34
C LYS EA 17 -24.54 -39.15 -89.73
N GLY EA 18 -24.05 -38.27 -90.60
CA GLY EA 18 -24.53 -38.27 -91.97
C GLY EA 18 -24.18 -39.55 -92.70
N TRP EA 19 -22.94 -40.02 -92.52
CA TRP EA 19 -22.54 -41.30 -93.09
C TRP EA 19 -23.35 -42.45 -92.50
N GLU EA 20 -23.56 -42.44 -91.18
CA GLU EA 20 -24.30 -43.52 -90.54
C GLU EA 20 -25.75 -43.56 -91.01
N ALA EA 21 -26.39 -42.41 -91.12
CA ALA EA 21 -27.79 -42.38 -91.52
C ALA EA 21 -27.98 -42.90 -92.94
N ALA EA 22 -27.06 -42.55 -93.84
CA ALA EA 22 -27.16 -43.00 -95.21
C ALA EA 22 -26.97 -44.51 -95.33
N LEU EA 23 -26.13 -45.09 -94.46
CA LEU EA 23 -25.89 -46.52 -94.52
C LEU EA 23 -27.11 -47.31 -94.09
N SER EA 24 -27.83 -46.83 -93.07
CA SER EA 24 -29.06 -47.49 -92.67
C SER EA 24 -30.10 -47.41 -93.78
N ALA EA 25 -30.15 -46.29 -94.50
CA ALA EA 25 -31.13 -46.13 -95.57
C ALA EA 25 -30.89 -47.15 -96.68
N ILE EA 26 -29.63 -47.39 -97.04
CA ILE EA 26 -29.33 -48.35 -98.11
C ILE EA 26 -29.81 -49.73 -97.71
N GLU EA 27 -29.50 -50.15 -96.48
CA GLU EA 27 -29.89 -51.48 -96.03
C GLU EA 27 -31.39 -51.64 -95.97
N MET EA 28 -32.09 -50.62 -95.47
CA MET EA 28 -33.54 -50.71 -95.36
C MET EA 28 -34.21 -50.74 -96.73
N ALA EA 29 -33.66 -50.00 -97.70
CA ALA EA 29 -34.22 -50.02 -99.05
C ALA EA 29 -34.12 -51.41 -99.66
N ASN EA 30 -32.98 -52.08 -99.50
CA ASN EA 30 -32.81 -53.41 -100.05
C ASN EA 30 -33.64 -54.44 -99.31
N LEU EA 31 -33.85 -54.24 -98.00
CA LEU EA 31 -34.66 -55.18 -97.22
C LEU EA 31 -36.11 -55.17 -97.69
N PHE EA 32 -36.64 -54.00 -98.03
CA PHE EA 32 -38.04 -53.91 -98.42
C PHE EA 32 -38.29 -54.47 -99.81
N LYS EA 33 -37.25 -54.63 -100.63
CA LYS EA 33 -37.42 -55.32 -101.90
C LYS EA 33 -37.54 -56.83 -101.69
N SER EA 34 -36.86 -57.37 -100.69
CA SER EA 34 -36.95 -58.81 -100.43
C SER EA 34 -38.30 -59.18 -99.82
N LEU EA 35 -38.80 -58.40 -98.88
CA LEU EA 35 -40.08 -58.71 -98.25
C LEU EA 35 -41.21 -58.67 -99.27
N ARG EA 36 -41.19 -57.71 -100.17
CA ARG EA 36 -42.22 -57.57 -101.21
C ARG EA 36 -41.83 -58.35 -102.46
N GLY EA 37 -41.59 -59.65 -102.26
CA GLY EA 37 -41.18 -60.51 -103.35
C GLY EA 37 -41.69 -61.92 -103.14
N THR EA 38 -41.74 -62.67 -104.24
CA THR EA 38 -42.21 -64.04 -104.22
C THR EA 38 -41.26 -64.91 -105.03
N GLY EA 39 -41.22 -66.19 -104.68
CA GLY EA 39 -40.35 -67.12 -105.37
C GLY EA 39 -40.25 -68.42 -104.60
N GLY EA 40 -39.41 -69.30 -105.12
CA GLY EA 40 -39.20 -70.59 -104.48
C GLY EA 40 -38.46 -70.44 -103.16
N SER EA 41 -38.72 -71.39 -102.26
CA SER EA 41 -38.09 -71.39 -100.95
C SER EA 41 -37.97 -72.83 -100.46
N GLY EA 42 -37.05 -73.03 -99.51
CA GLY EA 42 -36.81 -74.34 -98.94
C GLY EA 42 -37.74 -74.63 -97.77
N SER EA 43 -37.48 -75.77 -97.14
CA SER EA 43 -38.26 -76.21 -95.98
C SER EA 43 -37.65 -75.78 -94.66
N SER EA 44 -36.59 -74.99 -94.68
CA SER EA 44 -35.90 -74.57 -93.47
C SER EA 44 -36.39 -73.19 -93.03
N MET EA 45 -35.70 -72.61 -92.06
CA MET EA 45 -36.03 -71.28 -91.59
C MET EA 45 -35.76 -70.25 -92.67
N GLU EA 46 -36.59 -69.20 -92.70
CA GLU EA 46 -36.49 -68.14 -93.69
C GLU EA 46 -35.90 -66.89 -93.06
N ILE EA 47 -34.86 -66.35 -93.68
CA ILE EA 47 -34.16 -65.17 -93.19
C ILE EA 47 -34.19 -64.10 -94.26
N TYR EA 48 -34.52 -62.87 -93.86
CA TYR EA 48 -34.52 -61.70 -94.73
C TYR EA 48 -33.45 -60.73 -94.24
N GLU EA 49 -32.52 -60.38 -95.11
CA GLU EA 49 -31.45 -59.44 -94.80
C GLU EA 49 -31.36 -58.41 -95.91
N GLY EA 50 -30.61 -57.34 -95.63
CA GLY EA 50 -30.39 -56.29 -96.59
C GLY EA 50 -28.94 -56.14 -97.01
N LYS EA 51 -28.68 -56.18 -98.30
CA LYS EA 51 -27.34 -55.94 -98.81
C LYS EA 51 -27.00 -54.46 -98.79
N LEU EA 52 -25.73 -54.16 -99.00
CA LEU EA 52 -25.23 -52.79 -99.01
C LEU EA 52 -24.80 -52.36 -100.41
N THR EA 53 -25.54 -52.79 -101.42
CA THR EA 53 -25.35 -52.34 -102.79
C THR EA 53 -26.37 -51.26 -103.10
N ALA EA 54 -25.91 -50.08 -103.51
CA ALA EA 54 -26.76 -48.92 -103.70
C ALA EA 54 -27.15 -48.70 -105.16
N GLU EA 55 -26.90 -49.68 -106.03
CA GLU EA 55 -27.17 -49.51 -107.44
C GLU EA 55 -28.66 -49.60 -107.73
N GLY EA 56 -29.19 -48.61 -108.45
CA GLY EA 56 -30.57 -48.62 -108.87
C GLY EA 56 -31.55 -47.98 -107.91
N LEU EA 57 -31.11 -47.54 -106.74
CA LEU EA 57 -31.99 -46.94 -105.74
C LEU EA 57 -32.00 -45.43 -105.86
N ARG EA 58 -33.06 -44.82 -105.31
CA ARG EA 58 -33.27 -43.38 -105.36
C ARG EA 58 -33.56 -42.87 -103.96
N PHE EA 59 -32.85 -41.83 -103.55
CA PHE EA 59 -32.86 -41.36 -102.17
C PHE EA 59 -33.36 -39.92 -102.07
N GLY EA 60 -33.69 -39.53 -100.85
CA GLY EA 60 -34.06 -38.16 -100.54
C GLY EA 60 -33.42 -37.70 -99.26
N ILE EA 61 -32.91 -36.46 -99.24
CA ILE EA 61 -32.25 -35.88 -98.08
C ILE EA 61 -32.97 -34.58 -97.72
N VAL EA 62 -33.17 -34.38 -96.42
CA VAL EA 62 -33.78 -33.16 -95.89
C VAL EA 62 -32.85 -32.63 -94.80
N ALA EA 63 -32.29 -31.44 -95.01
CA ALA EA 63 -31.28 -30.88 -94.13
C ALA EA 63 -31.67 -29.47 -93.71
N SER EA 64 -31.38 -29.13 -92.46
CA SER EA 64 -31.65 -27.81 -91.94
C SER EA 64 -30.42 -26.93 -92.03
N ARG EA 65 -30.63 -25.63 -91.87
CA ARG EA 65 -29.54 -24.66 -92.01
C ARG EA 65 -28.91 -24.27 -90.68
N PHE EA 66 -29.55 -24.60 -89.56
CA PHE EA 66 -29.05 -24.20 -88.25
C PHE EA 66 -27.59 -24.55 -88.05
N ASN EA 67 -26.94 -23.87 -87.12
CA ASN EA 67 -25.53 -24.08 -86.81
C ASN EA 67 -24.63 -23.82 -88.01
N HIS EA 68 -25.12 -23.06 -88.99
CA HIS EA 68 -24.26 -22.54 -90.05
C HIS EA 68 -23.69 -23.64 -90.94
N ALA EA 69 -22.44 -24.04 -90.71
CA ALA EA 69 -21.71 -24.89 -91.64
C ALA EA 69 -21.62 -26.34 -91.20
N LEU EA 70 -22.03 -26.68 -89.97
CA LEU EA 70 -21.86 -28.05 -89.51
C LEU EA 70 -22.73 -29.01 -90.31
N VAL EA 71 -23.89 -28.56 -90.76
CA VAL EA 71 -24.77 -29.41 -91.55
C VAL EA 71 -24.13 -29.73 -92.90
N ASP EA 72 -23.41 -28.76 -93.48
CA ASP EA 72 -22.74 -28.99 -94.75
C ASP EA 72 -21.76 -30.16 -94.64
N ARG EA 73 -21.12 -30.30 -93.47
CA ARG EA 73 -20.25 -31.44 -93.23
C ARG EA 73 -21.04 -32.75 -93.23
N LEU EA 74 -22.23 -32.74 -92.62
CA LEU EA 74 -23.04 -33.94 -92.55
C LEU EA 74 -23.61 -34.30 -93.93
N VAL EA 75 -24.06 -33.31 -94.69
CA VAL EA 75 -24.60 -33.58 -96.02
C VAL EA 75 -23.52 -34.13 -96.94
N GLU EA 76 -22.28 -33.64 -96.78
CA GLU EA 76 -21.18 -34.16 -97.59
C GLU EA 76 -20.95 -35.63 -97.32
N GLY EA 77 -21.00 -36.04 -96.05
CA GLY EA 77 -20.81 -37.44 -95.71
C GLY EA 77 -21.90 -38.33 -96.29
N ALA EA 78 -23.14 -37.84 -96.32
CA ALA EA 78 -24.24 -38.65 -96.83
C ALA EA 78 -24.05 -38.99 -98.29
N ILE EA 79 -23.69 -37.99 -99.11
CA ILE EA 79 -23.53 -38.23 -100.53
C ILE EA 79 -22.34 -39.13 -100.80
N ASP EA 80 -21.28 -38.99 -100.02
CA ASP EA 80 -20.11 -39.83 -100.20
C ASP EA 80 -20.46 -41.30 -100.01
N CYS EA 81 -21.33 -41.60 -99.04
CA CYS EA 81 -21.74 -42.98 -98.81
C CYS EA 81 -22.49 -43.53 -100.01
N ILE EA 82 -23.39 -42.75 -100.59
CA ILE EA 82 -24.22 -43.27 -101.68
C ILE EA 82 -23.40 -43.47 -102.94
N VAL EA 83 -22.49 -42.56 -103.25
CA VAL EA 83 -21.72 -42.67 -104.49
C VAL EA 83 -20.73 -43.82 -104.40
N ARG EA 84 -20.08 -44.00 -103.26
CA ARG EA 84 -19.04 -45.01 -103.14
C ARG EA 84 -19.59 -46.42 -102.98
N HIS EA 85 -20.87 -46.58 -102.64
CA HIS EA 85 -21.49 -47.88 -102.56
C HIS EA 85 -22.18 -48.29 -103.84
N GLY EA 86 -22.06 -47.50 -104.90
CA GLY EA 86 -22.59 -47.86 -106.21
C GLY EA 86 -23.70 -46.95 -106.72
N GLY EA 87 -24.17 -45.98 -105.94
CA GLY EA 87 -25.25 -45.13 -106.40
C GLY EA 87 -24.79 -44.03 -107.32
N ARG EA 88 -25.77 -43.38 -107.92
CA ARG EA 88 -25.54 -42.30 -108.88
C ARG EA 88 -26.05 -40.99 -108.30
N GLU EA 89 -25.28 -39.92 -108.48
CA GLU EA 89 -25.64 -38.62 -107.92
C GLU EA 89 -26.82 -37.97 -108.62
N GLU EA 90 -27.24 -38.48 -109.77
CA GLU EA 90 -28.46 -38.00 -110.42
C GLU EA 90 -29.72 -38.50 -109.75
N ASP EA 91 -29.61 -39.43 -108.79
CA ASP EA 91 -30.77 -40.05 -108.15
C ASP EA 91 -30.99 -39.53 -106.74
N ILE EA 92 -30.36 -38.43 -106.34
CA ILE EA 92 -30.54 -37.84 -105.03
C ILE EA 92 -31.36 -36.56 -105.19
N THR EA 93 -32.20 -36.27 -104.20
CA THR EA 93 -32.98 -35.05 -104.15
C THR EA 93 -32.72 -34.36 -102.82
N LEU EA 94 -32.32 -33.10 -102.87
CA LEU EA 94 -31.96 -32.34 -101.68
C LEU EA 94 -33.00 -31.26 -101.43
N VAL EA 95 -33.51 -31.21 -100.20
CA VAL EA 95 -34.46 -30.21 -99.75
C VAL EA 95 -33.89 -29.55 -98.51
N ARG EA 96 -33.91 -28.22 -98.46
CA ARG EA 96 -33.34 -27.46 -97.36
C ARG EA 96 -34.43 -26.69 -96.65
N VAL EA 97 -34.43 -26.75 -95.32
CA VAL EA 97 -35.45 -26.12 -94.49
C VAL EA 97 -34.79 -25.17 -93.49
N PRO EA 98 -35.51 -24.20 -92.95
CA PRO EA 98 -34.85 -23.19 -92.09
C PRO EA 98 -34.35 -23.74 -90.77
N GLY EA 99 -35.15 -24.54 -90.07
CA GLY EA 99 -34.76 -25.02 -88.76
C GLY EA 99 -35.18 -26.46 -88.54
N SER EA 100 -34.84 -26.98 -87.35
CA SER EA 100 -35.17 -28.36 -87.03
C SER EA 100 -36.66 -28.56 -86.91
N TRP EA 101 -37.39 -27.55 -86.43
CA TRP EA 101 -38.83 -27.67 -86.27
C TRP EA 101 -39.54 -27.94 -87.59
N GLU EA 102 -38.91 -27.63 -88.72
CA GLU EA 102 -39.55 -27.75 -90.02
C GLU EA 102 -39.23 -29.07 -90.74
N ILE EA 103 -38.40 -29.93 -90.16
CA ILE EA 103 -37.98 -31.14 -90.85
C ILE EA 103 -39.15 -32.10 -91.07
N PRO EA 104 -39.99 -32.39 -90.08
CA PRO EA 104 -41.05 -33.39 -90.32
C PRO EA 104 -42.01 -33.05 -91.44
N VAL EA 105 -42.43 -31.79 -91.57
CA VAL EA 105 -43.40 -31.44 -92.60
C VAL EA 105 -42.77 -31.55 -93.99
N ALA EA 106 -41.51 -31.16 -94.12
CA ALA EA 106 -40.82 -31.28 -95.40
C ALA EA 106 -40.58 -32.74 -95.76
N ALA EA 107 -40.29 -33.57 -94.75
CA ALA EA 107 -40.06 -34.99 -95.01
C ALA EA 107 -41.32 -35.67 -95.52
N GLY EA 108 -42.47 -35.32 -94.97
CA GLY EA 108 -43.71 -35.95 -95.41
C GLY EA 108 -44.01 -35.70 -96.87
N GLU EA 109 -43.77 -34.49 -97.35
CA GLU EA 109 -43.97 -34.19 -98.76
C GLU EA 109 -43.04 -35.02 -99.64
N LEU EA 110 -41.78 -35.17 -99.21
CA LEU EA 110 -40.78 -35.87 -99.99
C LEU EA 110 -40.96 -37.38 -99.97
N ALA EA 111 -41.63 -37.91 -98.95
CA ALA EA 111 -41.84 -39.35 -98.82
C ALA EA 111 -43.17 -39.82 -99.39
N ARG EA 112 -43.94 -38.93 -100.01
CA ARG EA 112 -45.24 -39.27 -100.57
C ARG EA 112 -45.21 -39.44 -102.08
N LYS EA 113 -44.03 -39.41 -102.69
CA LYS EA 113 -43.88 -39.59 -104.12
C LYS EA 113 -43.24 -40.94 -104.41
N GLU EA 114 -43.74 -41.61 -105.46
CA GLU EA 114 -43.41 -43.02 -105.68
C GLU EA 114 -41.98 -43.23 -106.14
N ASP EA 115 -41.31 -42.19 -106.62
CA ASP EA 115 -39.95 -42.34 -107.10
C ASP EA 115 -38.92 -42.47 -105.97
N ILE EA 116 -39.26 -42.04 -104.78
CA ILE EA 116 -38.34 -42.07 -103.65
C ILE EA 116 -38.45 -43.42 -102.94
N ASP EA 117 -37.31 -43.98 -102.55
CA ASP EA 117 -37.26 -45.25 -101.85
C ASP EA 117 -36.97 -45.10 -100.36
N ALA EA 118 -36.16 -44.13 -99.96
CA ALA EA 118 -35.91 -43.87 -98.55
C ALA EA 118 -35.55 -42.41 -98.38
N VAL EA 119 -35.75 -41.91 -97.16
CA VAL EA 119 -35.54 -40.50 -96.82
C VAL EA 119 -34.57 -40.43 -95.64
N ILE EA 120 -33.67 -39.45 -95.69
CA ILE EA 120 -32.66 -39.23 -94.65
C ILE EA 120 -32.84 -37.83 -94.09
N ALA EA 121 -32.87 -37.72 -92.76
CA ALA EA 121 -33.07 -36.46 -92.07
C ALA EA 121 -31.80 -36.08 -91.32
N ILE EA 122 -31.32 -34.86 -91.54
CA ILE EA 122 -30.08 -34.37 -90.96
C ILE EA 122 -30.32 -33.00 -90.35
N GLY EA 123 -29.71 -32.74 -89.20
CA GLY EA 123 -29.84 -31.44 -88.57
C GLY EA 123 -29.05 -31.37 -87.29
N VAL EA 124 -29.05 -30.17 -86.70
CA VAL EA 124 -28.34 -29.90 -85.46
C VAL EA 124 -29.32 -29.24 -84.50
N LEU EA 125 -29.32 -29.70 -83.26
CA LEU EA 125 -30.19 -29.17 -82.21
C LEU EA 125 -29.36 -28.42 -81.17
N ILE EA 126 -30.02 -27.50 -80.48
CA ILE EA 126 -29.38 -26.66 -79.49
C ILE EA 126 -29.71 -27.21 -78.10
N ARG EA 127 -28.80 -26.97 -77.16
CA ARG EA 127 -28.92 -27.47 -75.79
C ARG EA 127 -28.78 -26.31 -74.80
N GLY EA 128 -29.53 -25.24 -75.03
CA GLY EA 128 -29.46 -24.06 -74.20
C GLY EA 128 -30.11 -24.19 -72.84
N ALA EA 129 -30.65 -25.35 -72.50
CA ALA EA 129 -31.28 -25.58 -71.20
C ALA EA 129 -32.45 -24.62 -70.99
N THR EA 130 -33.27 -24.47 -72.02
CA THR EA 130 -34.44 -23.60 -71.99
C THR EA 130 -35.66 -24.38 -72.45
N PRO EA 131 -36.85 -24.04 -71.93
CA PRO EA 131 -38.06 -24.72 -72.43
C PRO EA 131 -38.28 -24.52 -73.92
N HIS EA 132 -37.79 -23.42 -74.49
CA HIS EA 132 -37.97 -23.18 -75.92
C HIS EA 132 -37.34 -24.29 -76.75
N PHE EA 133 -36.14 -24.73 -76.37
CA PHE EA 133 -35.44 -25.78 -77.11
C PHE EA 133 -35.83 -27.18 -76.65
N ASP EA 134 -36.16 -27.36 -75.38
CA ASP EA 134 -36.47 -28.70 -74.88
C ASP EA 134 -37.73 -29.24 -75.53
N TYR EA 135 -38.73 -28.38 -75.76
CA TYR EA 135 -39.95 -28.83 -76.39
C TYR EA 135 -39.77 -29.08 -77.89
N ILE EA 136 -39.00 -28.22 -78.56
CA ILE EA 136 -38.76 -28.42 -79.98
C ILE EA 136 -38.06 -29.74 -80.23
N ALA EA 137 -37.14 -30.12 -79.33
CA ALA EA 137 -36.36 -31.33 -79.54
C ALA EA 137 -37.25 -32.56 -79.58
N SER EA 138 -38.22 -32.65 -78.67
CA SER EA 138 -39.05 -33.83 -78.58
C SER EA 138 -39.91 -34.01 -79.83
N GLU EA 139 -40.44 -32.92 -80.37
CA GLU EA 139 -41.40 -33.03 -81.46
C GLU EA 139 -40.74 -33.48 -82.76
N VAL EA 140 -39.46 -33.17 -82.95
CA VAL EA 140 -38.79 -33.59 -84.17
C VAL EA 140 -38.75 -35.11 -84.26
N SER EA 141 -38.44 -35.77 -83.15
CA SER EA 141 -38.34 -37.23 -83.15
C SER EA 141 -39.69 -37.89 -83.32
N LYS EA 142 -40.72 -37.38 -82.65
CA LYS EA 142 -42.03 -38.03 -82.70
C LYS EA 142 -42.63 -37.94 -84.09
N GLY EA 143 -42.46 -36.82 -84.78
CA GLY EA 143 -43.05 -36.67 -86.09
C GLY EA 143 -42.46 -37.62 -87.10
N LEU EA 144 -41.13 -37.74 -87.13
CA LEU EA 144 -40.49 -38.65 -88.08
C LEU EA 144 -40.82 -40.10 -87.77
N ALA EA 145 -41.03 -40.44 -86.50
CA ALA EA 145 -41.39 -41.81 -86.14
C ALA EA 145 -42.79 -42.15 -86.65
N ASN EA 146 -43.76 -41.26 -86.43
CA ASN EA 146 -45.12 -41.52 -86.88
C ASN EA 146 -45.20 -41.58 -88.40
N LEU EA 147 -44.46 -40.72 -89.08
CA LEU EA 147 -44.57 -40.62 -90.53
C LEU EA 147 -44.11 -41.88 -91.22
N SER EA 148 -43.11 -42.56 -90.68
CA SER EA 148 -42.64 -43.81 -91.28
C SER EA 148 -43.66 -44.92 -91.12
N LEU EA 149 -44.42 -44.93 -90.02
CA LEU EA 149 -45.45 -45.94 -89.82
C LEU EA 149 -46.69 -45.65 -90.66
N GLU EA 150 -47.06 -44.38 -90.81
CA GLU EA 150 -48.22 -44.03 -91.61
C GLU EA 150 -48.03 -44.40 -93.08
N LEU EA 151 -46.86 -44.06 -93.64
CA LEU EA 151 -46.61 -44.23 -95.06
C LEU EA 151 -45.91 -45.53 -95.40
N ARG EA 152 -45.43 -46.28 -94.40
CA ARG EA 152 -44.74 -47.55 -94.63
C ARG EA 152 -43.51 -47.36 -95.53
N LYS EA 153 -42.68 -46.37 -95.17
CA LYS EA 153 -41.44 -46.09 -95.87
C LYS EA 153 -40.35 -45.82 -94.84
N PRO EA 154 -39.13 -46.30 -95.06
CA PRO EA 154 -38.06 -46.08 -94.06
C PRO EA 154 -37.55 -44.65 -94.07
N ILE EA 155 -37.47 -44.06 -92.87
CA ILE EA 155 -36.94 -42.73 -92.66
C ILE EA 155 -35.90 -42.82 -91.55
N THR EA 156 -34.71 -42.29 -91.80
CA THR EA 156 -33.57 -42.45 -90.91
C THR EA 156 -33.29 -41.16 -90.15
N PHE EA 157 -32.79 -41.31 -88.94
CA PHE EA 157 -32.61 -40.22 -88.00
C PHE EA 157 -31.13 -39.88 -87.91
N GLY EA 158 -30.78 -38.66 -88.30
CA GLY EA 158 -29.40 -38.22 -88.27
C GLY EA 158 -29.20 -36.86 -87.62
N VAL EA 159 -29.97 -36.58 -86.58
CA VAL EA 159 -29.93 -35.30 -85.90
C VAL EA 159 -28.99 -35.40 -84.70
N ILE EA 160 -28.04 -34.47 -84.62
CA ILE EA 160 -27.09 -34.42 -83.52
C ILE EA 160 -27.38 -33.20 -82.67
N THR EA 161 -26.63 -33.06 -81.57
CA THR EA 161 -26.76 -31.94 -80.65
C THR EA 161 -25.46 -31.14 -80.65
N ALA EA 162 -25.59 -29.83 -80.52
CA ALA EA 162 -24.45 -28.92 -80.45
C ALA EA 162 -23.58 -29.06 -81.69
N GLY FA 15 -32.25 -65.83 -66.52
CA GLY FA 15 -32.45 -66.10 -67.92
C GLY FA 15 -32.20 -64.90 -68.80
N ASN FA 16 -32.74 -64.93 -70.02
CA ASN FA 16 -32.59 -63.85 -70.98
C ASN FA 16 -33.94 -63.46 -71.55
N LYS FA 17 -34.06 -62.18 -71.89
CA LYS FA 17 -35.34 -61.67 -72.38
C LYS FA 17 -35.75 -62.33 -73.69
N GLY FA 18 -34.83 -62.98 -74.40
CA GLY FA 18 -35.23 -63.73 -75.58
C GLY FA 18 -36.16 -64.88 -75.24
N TRP FA 19 -35.86 -65.59 -74.15
CA TRP FA 19 -36.72 -66.68 -73.72
C TRP FA 19 -38.05 -66.15 -73.19
N GLU FA 20 -38.01 -65.07 -72.41
CA GLU FA 20 -39.24 -64.52 -71.84
C GLU FA 20 -40.16 -63.99 -72.92
N ALA FA 21 -39.60 -63.31 -73.92
CA ALA FA 21 -40.41 -62.72 -74.97
C ALA FA 21 -41.09 -63.79 -75.84
N ALA FA 22 -40.46 -64.96 -75.99
CA ALA FA 22 -41.08 -66.03 -76.76
C ALA FA 22 -42.17 -66.74 -75.97
N LEU FA 23 -42.01 -66.84 -74.65
CA LEU FA 23 -43.07 -67.42 -73.82
C LEU FA 23 -44.35 -66.59 -73.89
N SER FA 24 -44.22 -65.25 -73.78
CA SER FA 24 -45.40 -64.40 -73.84
C SER FA 24 -46.09 -64.52 -75.19
N ALA FA 25 -45.32 -64.58 -76.28
CA ALA FA 25 -45.91 -64.69 -77.60
C ALA FA 25 -46.67 -66.00 -77.77
N ILE FA 26 -46.14 -67.10 -77.22
CA ILE FA 26 -46.82 -68.38 -77.37
C ILE FA 26 -48.15 -68.37 -76.65
N GLU FA 27 -48.21 -67.73 -75.47
CA GLU FA 27 -49.44 -67.76 -74.69
C GLU FA 27 -50.50 -66.85 -75.29
N MET FA 28 -50.11 -65.67 -75.79
CA MET FA 28 -51.09 -64.78 -76.41
C MET FA 28 -51.61 -65.34 -77.73
N ALA FA 29 -50.80 -66.08 -78.46
CA ALA FA 29 -51.27 -66.68 -79.70
C ALA FA 29 -52.34 -67.72 -79.44
N ASN FA 30 -52.23 -68.45 -78.32
CA ASN FA 30 -53.25 -69.42 -77.96
C ASN FA 30 -54.50 -68.75 -77.39
N LEU FA 31 -54.33 -67.64 -76.68
CA LEU FA 31 -55.47 -66.94 -76.11
C LEU FA 31 -56.37 -66.36 -77.18
N PHE FA 32 -55.79 -65.87 -78.27
CA PHE FA 32 -56.60 -65.26 -79.33
C PHE FA 32 -57.34 -66.28 -80.16
N LYS FA 33 -56.93 -67.55 -80.12
CA LYS FA 33 -57.69 -68.58 -80.83
C LYS FA 33 -58.98 -68.92 -80.10
N SER FA 34 -58.93 -69.04 -78.78
CA SER FA 34 -60.12 -69.38 -78.01
C SER FA 34 -61.04 -68.18 -77.86
N LEU FA 35 -60.48 -66.98 -77.77
CA LEU FA 35 -61.29 -65.78 -77.62
C LEU FA 35 -62.07 -65.44 -78.88
N ARG FA 36 -61.58 -65.89 -80.04
CA ARG FA 36 -62.26 -65.66 -81.31
C ARG FA 36 -63.12 -66.83 -81.76
N GLY FA 37 -63.23 -67.86 -80.94
CA GLY FA 37 -64.07 -69.01 -81.23
C GLY FA 37 -65.42 -68.91 -80.58
N THR FA 38 -66.11 -70.05 -80.51
CA THR FA 38 -67.42 -70.09 -79.88
C THR FA 38 -67.29 -69.89 -78.37
N GLY FA 39 -68.23 -69.12 -77.80
CA GLY FA 39 -68.21 -68.86 -76.38
C GLY FA 39 -68.81 -70.01 -75.57
N GLY FA 40 -68.71 -69.86 -74.25
CA GLY FA 40 -69.25 -70.88 -73.36
C GLY FA 40 -70.76 -70.92 -73.40
N SER FA 41 -71.30 -72.12 -73.15
CA SER FA 41 -72.75 -72.28 -73.15
C SER FA 41 -73.41 -71.46 -72.05
N GLY FA 42 -72.82 -71.46 -70.86
CA GLY FA 42 -73.34 -70.74 -69.72
C GLY FA 42 -73.22 -71.57 -68.47
N SER FA 43 -73.98 -71.19 -67.46
CA SER FA 43 -74.09 -71.87 -66.17
C SER FA 43 -72.89 -71.60 -65.27
N SER FA 44 -71.95 -70.75 -65.67
CA SER FA 44 -70.82 -70.41 -64.82
C SER FA 44 -70.09 -69.23 -65.46
N MET FA 45 -69.20 -68.63 -64.69
CA MET FA 45 -68.34 -67.58 -65.20
C MET FA 45 -67.38 -68.14 -66.23
N GLU FA 46 -67.14 -67.38 -67.29
CA GLU FA 46 -66.29 -67.81 -68.39
C GLU FA 46 -64.87 -67.29 -68.17
N ILE FA 47 -63.89 -68.18 -68.22
CA ILE FA 47 -62.49 -67.86 -68.03
C ILE FA 47 -61.73 -68.27 -69.29
N TYR FA 48 -60.92 -67.37 -69.81
CA TYR FA 48 -60.08 -67.61 -70.97
C TYR FA 48 -58.62 -67.58 -70.55
N GLU FA 49 -57.87 -68.60 -70.91
CA GLU FA 49 -56.46 -68.71 -70.58
C GLU FA 49 -55.71 -69.27 -71.77
N GLY FA 50 -54.40 -69.06 -71.79
CA GLY FA 50 -53.55 -69.53 -72.87
C GLY FA 50 -52.66 -70.68 -72.41
N LYS FA 51 -52.67 -71.76 -73.18
CA LYS FA 51 -51.81 -72.89 -72.92
C LYS FA 51 -50.41 -72.63 -73.49
N LEU FA 52 -49.43 -73.34 -72.93
CA LEU FA 52 -48.05 -73.25 -73.38
C LEU FA 52 -47.71 -74.40 -74.32
N THR FA 53 -48.41 -74.44 -75.45
CA THR FA 53 -48.16 -75.39 -76.52
C THR FA 53 -48.08 -74.63 -77.83
N ALA FA 54 -47.07 -74.94 -78.64
CA ALA FA 54 -46.76 -74.19 -79.85
C ALA FA 54 -46.81 -75.08 -81.08
N GLU FA 55 -47.81 -75.93 -81.17
CA GLU FA 55 -47.96 -76.86 -82.28
C GLU FA 55 -48.95 -76.29 -83.28
N GLY FA 56 -48.47 -75.89 -84.44
CA GLY FA 56 -49.30 -75.36 -85.49
C GLY FA 56 -49.37 -73.85 -85.57
N LEU FA 57 -48.47 -73.13 -84.90
CA LEU FA 57 -48.46 -71.67 -84.89
C LEU FA 57 -47.23 -71.14 -85.62
N ARG FA 58 -47.41 -69.99 -86.27
CA ARG FA 58 -46.34 -69.31 -86.99
C ARG FA 58 -45.89 -68.08 -86.20
N PHE FA 59 -44.61 -67.76 -86.32
CA PHE FA 59 -44.01 -66.66 -85.58
C PHE FA 59 -43.10 -65.85 -86.48
N GLY FA 60 -42.95 -64.58 -86.13
CA GLY FA 60 -41.96 -63.73 -86.76
C GLY FA 60 -41.11 -63.04 -85.72
N ILE FA 61 -39.85 -62.81 -86.06
CA ILE FA 61 -38.88 -62.20 -85.16
C ILE FA 61 -38.19 -61.05 -85.87
N VAL FA 62 -38.10 -59.91 -85.19
CA VAL FA 62 -37.37 -58.74 -85.68
C VAL FA 62 -36.29 -58.43 -84.68
N ALA FA 63 -35.03 -58.49 -85.11
CA ALA FA 63 -33.88 -58.29 -84.25
C ALA FA 63 -32.92 -57.33 -84.90
N SER FA 64 -32.44 -56.36 -84.13
CA SER FA 64 -31.47 -55.40 -84.61
C SER FA 64 -30.08 -56.01 -84.64
N ARG FA 65 -29.08 -55.20 -85.00
CA ARG FA 65 -27.72 -55.66 -85.20
C ARG FA 65 -26.71 -55.05 -84.24
N PHE FA 66 -26.94 -53.84 -83.76
CA PHE FA 66 -25.98 -53.21 -82.86
C PHE FA 66 -25.73 -54.10 -81.65
N ASN FA 67 -24.55 -53.95 -81.07
CA ASN FA 67 -24.07 -54.84 -80.02
C ASN FA 67 -24.08 -56.29 -80.53
N HIS FA 68 -23.20 -56.49 -81.52
CA HIS FA 68 -23.11 -57.73 -82.28
C HIS FA 68 -23.29 -58.98 -81.42
N ALA FA 69 -22.58 -59.06 -80.30
CA ALA FA 69 -22.56 -60.30 -79.53
C ALA FA 69 -23.88 -60.53 -78.80
N LEU FA 70 -24.43 -59.49 -78.16
CA LEU FA 70 -25.58 -59.69 -77.30
C LEU FA 70 -26.80 -60.20 -78.08
N VAL FA 71 -27.16 -59.51 -79.16
CA VAL FA 71 -28.42 -59.79 -79.81
C VAL FA 71 -28.43 -61.21 -80.37
N ASP FA 72 -27.27 -61.76 -80.72
CA ASP FA 72 -27.23 -63.12 -81.23
C ASP FA 72 -27.62 -64.13 -80.15
N ARG FA 73 -27.26 -63.85 -78.90
CA ARG FA 73 -27.67 -64.74 -77.81
C ARG FA 73 -29.18 -64.67 -77.58
N LEU FA 74 -29.77 -63.48 -77.69
CA LEU FA 74 -31.21 -63.34 -77.50
C LEU FA 74 -31.99 -64.08 -78.57
N VAL FA 75 -31.54 -64.01 -79.82
CA VAL FA 75 -32.26 -64.68 -80.90
C VAL FA 75 -32.21 -66.20 -80.75
N GLU FA 76 -31.08 -66.72 -80.29
CA GLU FA 76 -30.98 -68.15 -80.05
C GLU FA 76 -31.93 -68.59 -78.94
N GLY FA 77 -32.06 -67.78 -77.89
CA GLY FA 77 -33.00 -68.11 -76.84
C GLY FA 77 -34.43 -68.20 -77.33
N ALA FA 78 -34.84 -67.27 -78.19
CA ALA FA 78 -36.22 -67.27 -78.66
C ALA FA 78 -36.52 -68.50 -79.51
N ILE FA 79 -35.59 -68.89 -80.38
CA ILE FA 79 -35.81 -70.06 -81.23
C ILE FA 79 -35.84 -71.33 -80.41
N ASP FA 80 -34.98 -71.41 -79.39
CA ASP FA 80 -34.96 -72.59 -78.54
C ASP FA 80 -36.29 -72.77 -77.81
N CYS FA 81 -36.88 -71.68 -77.34
CA CYS FA 81 -38.15 -71.77 -76.64
C CYS FA 81 -39.24 -72.34 -77.53
N ILE FA 82 -39.33 -71.87 -78.78
CA ILE FA 82 -40.42 -72.30 -79.65
C ILE FA 82 -40.27 -73.77 -80.01
N VAL FA 83 -39.04 -74.20 -80.35
CA VAL FA 83 -38.84 -75.56 -80.84
C VAL FA 83 -39.08 -76.57 -79.73
N ARG FA 84 -38.70 -76.24 -78.49
CA ARG FA 84 -38.85 -77.16 -77.39
C ARG FA 84 -40.28 -77.21 -76.84
N HIS FA 85 -41.17 -76.34 -77.29
CA HIS FA 85 -42.57 -76.39 -76.90
C HIS FA 85 -43.45 -77.04 -77.95
N GLY FA 86 -42.87 -77.53 -79.04
CA GLY FA 86 -43.60 -78.22 -80.08
C GLY FA 86 -43.62 -77.52 -81.42
N GLY FA 87 -43.03 -76.34 -81.53
CA GLY FA 87 -43.01 -75.63 -82.79
C GLY FA 87 -42.04 -76.23 -83.78
N ARG FA 88 -42.17 -75.80 -85.02
CA ARG FA 88 -41.32 -76.23 -86.11
C ARG FA 88 -40.44 -75.07 -86.57
N GLU FA 89 -39.17 -75.36 -86.80
CA GLU FA 89 -38.25 -74.32 -87.27
C GLU FA 89 -38.63 -73.82 -88.65
N GLU FA 90 -39.44 -74.57 -89.40
CA GLU FA 90 -39.89 -74.13 -90.71
C GLU FA 90 -40.96 -73.05 -90.62
N ASP FA 91 -41.56 -72.85 -89.45
CA ASP FA 91 -42.62 -71.88 -89.26
C ASP FA 91 -42.14 -70.66 -88.48
N ILE FA 92 -40.90 -70.23 -88.71
CA ILE FA 92 -40.34 -69.04 -88.10
C ILE FA 92 -39.77 -68.17 -89.22
N THR FA 93 -40.04 -66.87 -89.14
CA THR FA 93 -39.50 -65.87 -90.05
C THR FA 93 -38.61 -64.93 -89.27
N LEU FA 94 -37.43 -64.62 -89.82
CA LEU FA 94 -36.46 -63.76 -89.15
C LEU FA 94 -36.09 -62.61 -90.06
N VAL FA 95 -36.13 -61.39 -89.52
CA VAL FA 95 -35.80 -60.17 -90.24
C VAL FA 95 -34.77 -59.41 -89.43
N ARG FA 96 -33.67 -59.01 -90.07
CA ARG FA 96 -32.62 -58.24 -89.44
C ARG FA 96 -32.67 -56.79 -89.89
N VAL FA 97 -32.41 -55.88 -88.96
CA VAL FA 97 -32.43 -54.44 -89.25
C VAL FA 97 -31.16 -53.81 -88.67
N PRO FA 98 -30.77 -52.64 -89.17
CA PRO FA 98 -29.52 -52.04 -88.69
C PRO FA 98 -29.52 -51.67 -87.21
N GLY FA 99 -30.54 -50.96 -86.75
CA GLY FA 99 -30.55 -50.48 -85.38
C GLY FA 99 -31.92 -50.51 -84.75
N SER FA 100 -32.02 -49.98 -83.53
CA SER FA 100 -33.29 -49.99 -82.81
C SER FA 100 -34.31 -49.07 -83.46
N TRP FA 101 -33.85 -47.95 -84.04
CA TRP FA 101 -34.76 -47.01 -84.68
C TRP FA 101 -35.59 -47.68 -85.77
N GLU FA 102 -35.07 -48.73 -86.40
CA GLU FA 102 -35.73 -49.36 -87.53
C GLU FA 102 -36.67 -50.49 -87.14
N ILE FA 103 -36.70 -50.90 -85.86
CA ILE FA 103 -37.52 -52.05 -85.47
C ILE FA 103 -39.00 -51.82 -85.74
N PRO FA 104 -39.61 -50.70 -85.33
CA PRO FA 104 -41.07 -50.57 -85.51
C PRO FA 104 -41.53 -50.64 -86.95
N VAL FA 105 -40.76 -50.08 -87.89
CA VAL FA 105 -41.21 -50.06 -89.27
C VAL FA 105 -41.21 -51.47 -89.87
N ALA FA 106 -40.21 -52.27 -89.54
CA ALA FA 106 -40.17 -53.64 -90.04
C ALA FA 106 -41.24 -54.50 -89.39
N ALA FA 107 -41.54 -54.26 -88.12
CA ALA FA 107 -42.58 -55.03 -87.44
C ALA FA 107 -43.93 -54.84 -88.10
N GLY FA 108 -44.19 -53.66 -88.66
CA GLY FA 108 -45.45 -53.44 -89.35
C GLY FA 108 -45.64 -54.34 -90.55
N GLU FA 109 -44.58 -54.55 -91.32
CA GLU FA 109 -44.67 -55.40 -92.50
C GLU FA 109 -44.98 -56.84 -92.12
N LEU FA 110 -44.31 -57.36 -91.10
CA LEU FA 110 -44.57 -58.74 -90.68
C LEU FA 110 -45.97 -58.90 -90.13
N ALA FA 111 -46.43 -57.92 -89.33
CA ALA FA 111 -47.74 -58.04 -88.69
C ALA FA 111 -48.89 -58.01 -89.70
N ARG FA 112 -48.68 -57.43 -90.88
CA ARG FA 112 -49.74 -57.32 -91.87
C ARG FA 112 -49.87 -58.56 -92.74
N LYS FA 113 -49.02 -59.56 -92.56
CA LYS FA 113 -49.19 -60.82 -93.26
C LYS FA 113 -50.26 -61.67 -92.57
N GLU FA 114 -50.92 -62.50 -93.37
CA GLU FA 114 -52.04 -63.30 -92.87
C GLU FA 114 -51.63 -64.69 -92.40
N ASP FA 115 -50.34 -65.02 -92.42
CA ASP FA 115 -49.85 -66.31 -91.96
C ASP FA 115 -48.93 -66.18 -90.75
N ILE FA 116 -49.04 -65.10 -89.99
CA ILE FA 116 -48.24 -64.90 -88.78
C ILE FA 116 -49.19 -64.64 -87.62
N ASP FA 117 -48.96 -65.33 -86.51
CA ASP FA 117 -49.81 -65.25 -85.34
C ASP FA 117 -49.30 -64.29 -84.28
N ALA FA 118 -47.99 -64.08 -84.19
CA ALA FA 118 -47.44 -63.12 -83.23
C ALA FA 118 -46.05 -62.71 -83.71
N VAL FA 119 -45.58 -61.60 -83.16
CA VAL FA 119 -44.29 -61.02 -83.53
C VAL FA 119 -43.50 -60.76 -82.26
N ILE FA 120 -42.19 -61.02 -82.31
CA ILE FA 120 -41.27 -60.82 -81.20
C ILE FA 120 -40.22 -59.81 -81.64
N ALA FA 121 -40.04 -58.76 -80.84
CA ALA FA 121 -39.09 -57.69 -81.13
C ALA FA 121 -37.93 -57.73 -80.15
N ILE FA 122 -36.71 -57.80 -80.67
CA ILE FA 122 -35.49 -57.91 -79.86
C ILE FA 122 -34.53 -56.81 -80.29
N GLY FA 123 -33.73 -56.34 -79.34
CA GLY FA 123 -32.78 -55.30 -79.62
C GLY FA 123 -32.13 -54.81 -78.34
N VAL FA 124 -31.12 -53.97 -78.50
CA VAL FA 124 -30.35 -53.43 -77.41
C VAL FA 124 -30.32 -51.91 -77.55
N LEU FA 125 -30.72 -51.21 -76.49
CA LEU FA 125 -30.65 -49.75 -76.43
C LEU FA 125 -29.38 -49.35 -75.69
N ILE FA 126 -28.65 -48.38 -76.24
CA ILE FA 126 -27.33 -48.02 -75.73
C ILE FA 126 -27.41 -46.68 -75.01
N ARG FA 127 -28.55 -46.38 -74.40
CA ARG FA 127 -28.69 -45.19 -73.59
C ARG FA 127 -27.59 -45.15 -72.52
N GLY FA 128 -27.23 -43.94 -72.11
CA GLY FA 128 -26.18 -43.74 -71.15
C GLY FA 128 -25.36 -42.48 -71.40
N ALA FA 129 -25.40 -41.99 -72.63
CA ALA FA 129 -24.71 -40.75 -73.00
C ALA FA 129 -25.15 -40.39 -74.41
N THR FA 130 -24.56 -39.34 -74.96
CA THR FA 130 -24.84 -38.95 -76.34
C THR FA 130 -26.34 -38.74 -76.55
N PRO FA 131 -26.91 -37.59 -76.12
CA PRO FA 131 -28.37 -37.41 -76.18
C PRO FA 131 -29.03 -37.78 -77.50
N HIS FA 132 -28.25 -37.96 -78.56
CA HIS FA 132 -28.78 -38.53 -79.80
C HIS FA 132 -29.54 -39.83 -79.54
N PHE FA 133 -29.04 -40.65 -78.62
CA PHE FA 133 -29.63 -41.95 -78.34
C PHE FA 133 -30.71 -41.91 -77.27
N ASP FA 134 -30.90 -40.79 -76.57
CA ASP FA 134 -31.97 -40.70 -75.58
C ASP FA 134 -33.33 -40.52 -76.23
N TYR FA 135 -33.38 -39.91 -77.41
CA TYR FA 135 -34.64 -39.75 -78.13
C TYR FA 135 -35.08 -41.03 -78.81
N ILE FA 136 -34.12 -41.83 -79.30
CA ILE FA 136 -34.46 -43.08 -79.96
C ILE FA 136 -35.14 -44.03 -78.99
N ALA FA 137 -34.71 -44.01 -77.72
CA ALA FA 137 -35.24 -44.97 -76.76
C ALA FA 137 -36.74 -44.82 -76.58
N SER FA 138 -37.22 -43.57 -76.49
CA SER FA 138 -38.63 -43.34 -76.21
C SER FA 138 -39.53 -43.66 -77.40
N GLU FA 139 -39.00 -43.68 -78.62
CA GLU FA 139 -39.83 -43.86 -79.80
C GLU FA 139 -40.06 -45.31 -80.17
N VAL FA 140 -39.19 -46.23 -79.73
CA VAL FA 140 -39.36 -47.63 -80.08
C VAL FA 140 -40.56 -48.22 -79.35
N SER FA 141 -40.71 -47.90 -78.07
CA SER FA 141 -41.85 -48.38 -77.30
C SER FA 141 -43.17 -47.84 -77.85
N LYS FA 142 -43.20 -46.55 -78.19
CA LYS FA 142 -44.43 -45.94 -78.69
C LYS FA 142 -44.90 -46.62 -79.96
N GLY FA 143 -43.97 -46.86 -80.89
CA GLY FA 143 -44.36 -47.45 -82.16
C GLY FA 143 -44.88 -48.86 -82.01
N LEU FA 144 -44.22 -49.68 -81.19
CA LEU FA 144 -44.65 -51.06 -81.03
C LEU FA 144 -46.01 -51.13 -80.35
N ALA FA 145 -46.25 -50.26 -79.37
CA ALA FA 145 -47.54 -50.29 -78.68
C ALA FA 145 -48.69 -49.93 -79.61
N ASN FA 146 -48.51 -48.90 -80.45
CA ASN FA 146 -49.58 -48.47 -81.34
C ASN FA 146 -49.87 -49.53 -82.40
N LEU FA 147 -48.83 -50.19 -82.92
CA LEU FA 147 -49.02 -51.20 -83.94
C LEU FA 147 -49.88 -52.35 -83.43
N SER FA 148 -49.64 -52.78 -82.20
CA SER FA 148 -50.40 -53.90 -81.64
C SER FA 148 -51.89 -53.56 -81.58
N LEU FA 149 -52.22 -52.35 -81.13
CA LEU FA 149 -53.61 -51.94 -81.04
C LEU FA 149 -54.23 -51.73 -82.40
N GLU FA 150 -53.46 -51.17 -83.35
CA GLU FA 150 -54.01 -50.88 -84.67
C GLU FA 150 -54.30 -52.16 -85.45
N LEU FA 151 -53.34 -53.08 -85.48
CA LEU FA 151 -53.47 -54.29 -86.26
C LEU FA 151 -54.18 -55.41 -85.52
N ARG FA 152 -54.32 -55.30 -84.20
CA ARG FA 152 -54.98 -56.32 -83.38
C ARG FA 152 -54.22 -57.64 -83.43
N LYS FA 153 -52.92 -57.56 -83.22
CA LYS FA 153 -52.04 -58.71 -83.17
C LYS FA 153 -51.07 -58.51 -82.01
N PRO FA 154 -50.71 -59.56 -81.27
CA PRO FA 154 -49.79 -59.37 -80.14
C PRO FA 154 -48.35 -59.20 -80.61
N ILE FA 155 -47.71 -58.14 -80.13
CA ILE FA 155 -46.29 -57.87 -80.38
C ILE FA 155 -45.60 -57.80 -79.02
N THR FA 156 -44.59 -58.63 -78.82
CA THR FA 156 -43.91 -58.75 -77.55
C THR FA 156 -42.64 -57.92 -77.53
N PHE FA 157 -42.31 -57.38 -76.36
CA PHE FA 157 -41.20 -56.45 -76.17
C PHE FA 157 -40.01 -57.20 -75.56
N GLY FA 158 -38.92 -57.29 -76.32
CA GLY FA 158 -37.73 -57.98 -75.87
C GLY FA 158 -36.47 -57.15 -75.94
N VAL FA 159 -36.56 -55.88 -75.55
CA VAL FA 159 -35.47 -54.92 -75.72
C VAL FA 159 -34.85 -54.63 -74.36
N ILE FA 160 -33.52 -54.76 -74.28
CA ILE FA 160 -32.78 -54.54 -73.04
C ILE FA 160 -31.89 -53.33 -73.18
N THR FA 161 -31.22 -52.96 -72.09
CA THR FA 161 -30.36 -51.79 -72.04
C THR FA 161 -28.96 -52.19 -71.59
N ALA FA 162 -27.96 -51.69 -72.31
CA ALA FA 162 -26.57 -52.03 -72.01
C ALA FA 162 -25.94 -50.98 -71.11
N GLY GA 15 -61.27 -50.58 -49.16
CA GLY GA 15 -60.81 -51.91 -49.53
C GLY GA 15 -59.64 -51.88 -50.50
N ASN GA 16 -59.39 -53.00 -51.16
CA ASN GA 16 -58.32 -53.08 -52.12
C ASN GA 16 -58.72 -52.40 -53.43
N LYS GA 17 -57.71 -52.13 -54.26
CA LYS GA 17 -57.96 -51.39 -55.49
C LYS GA 17 -58.78 -52.20 -56.49
N GLY GA 18 -58.87 -53.51 -56.33
CA GLY GA 18 -59.82 -54.27 -57.13
C GLY GA 18 -61.25 -53.93 -56.76
N TRP GA 19 -61.49 -53.65 -55.48
CA TRP GA 19 -62.79 -53.18 -55.04
C TRP GA 19 -63.06 -51.77 -55.54
N GLU GA 20 -62.09 -50.87 -55.37
CA GLU GA 20 -62.28 -49.49 -55.79
C GLU GA 20 -62.51 -49.39 -57.29
N ALA GA 21 -61.78 -50.17 -58.08
CA ALA GA 21 -61.92 -50.09 -59.53
C ALA GA 21 -63.29 -50.58 -59.98
N ALA GA 22 -63.82 -51.62 -59.34
CA ALA GA 22 -65.08 -52.18 -59.78
C ALA GA 22 -66.26 -51.25 -59.51
N LEU GA 23 -66.19 -50.44 -58.45
CA LEU GA 23 -67.27 -49.50 -58.18
C LEU GA 23 -67.41 -48.48 -59.30
N SER GA 24 -66.29 -47.92 -59.77
CA SER GA 24 -66.35 -46.91 -60.81
C SER GA 24 -66.95 -47.46 -62.10
N ALA GA 25 -66.79 -48.76 -62.34
CA ALA GA 25 -67.40 -49.35 -63.52
C ALA GA 25 -68.90 -49.46 -63.36
N ILE GA 26 -69.37 -49.77 -62.15
CA ILE GA 26 -70.82 -49.83 -61.90
C ILE GA 26 -71.44 -48.46 -62.09
N GLU GA 27 -70.80 -47.43 -61.54
CA GLU GA 27 -71.35 -46.09 -61.62
C GLU GA 27 -71.32 -45.56 -63.05
N MET GA 28 -70.22 -45.76 -63.76
CA MET GA 28 -70.09 -45.21 -65.10
C MET GA 28 -70.95 -45.97 -66.11
N ALA GA 29 -71.16 -47.27 -65.90
CA ALA GA 29 -72.02 -48.02 -66.81
C ALA GA 29 -73.47 -47.58 -66.69
N ASN GA 30 -73.90 -47.16 -65.50
CA ASN GA 30 -75.25 -46.65 -65.33
C ASN GA 30 -75.40 -45.26 -65.93
N LEU GA 31 -74.37 -44.42 -65.76
CA LEU GA 31 -74.44 -43.05 -66.25
C LEU GA 31 -74.63 -43.02 -67.76
N PHE GA 32 -73.93 -43.91 -68.49
CA PHE GA 32 -74.05 -43.91 -69.94
C PHE GA 32 -75.47 -44.25 -70.39
N LYS GA 33 -76.08 -45.28 -69.79
CA LYS GA 33 -77.44 -45.64 -70.19
C LYS GA 33 -78.40 -44.47 -70.03
N SER GA 34 -78.17 -43.60 -69.06
CA SER GA 34 -79.02 -42.43 -68.89
C SER GA 34 -78.75 -41.39 -69.98
N LEU GA 35 -77.48 -41.17 -70.31
CA LEU GA 35 -77.15 -40.14 -71.28
C LEU GA 35 -77.73 -40.46 -72.66
N ARG GA 36 -77.60 -41.70 -73.10
CA ARG GA 36 -78.13 -42.11 -74.40
C ARG GA 36 -79.49 -42.80 -74.21
N GLY GA 37 -80.46 -41.99 -73.84
CA GLY GA 37 -81.81 -42.47 -73.61
C GLY GA 37 -82.78 -41.32 -73.56
N THR GA 38 -83.82 -41.50 -72.74
CA THR GA 38 -84.84 -40.46 -72.61
C THR GA 38 -84.28 -39.26 -71.85
N GLY GA 39 -84.89 -38.10 -72.08
CA GLY GA 39 -84.47 -36.88 -71.42
C GLY GA 39 -85.00 -36.78 -70.00
N GLY GA 40 -84.62 -35.68 -69.35
CA GLY GA 40 -85.00 -35.41 -67.99
C GLY GA 40 -86.34 -34.71 -67.90
N SER GA 41 -86.60 -34.13 -66.72
CA SER GA 41 -87.86 -33.43 -66.51
C SER GA 41 -87.98 -32.23 -67.45
N GLY GA 42 -86.89 -31.49 -67.64
CA GLY GA 42 -86.89 -30.33 -68.51
C GLY GA 42 -87.28 -29.06 -67.78
N SER GA 43 -87.12 -27.94 -68.49
CA SER GA 43 -87.40 -26.61 -67.97
C SER GA 43 -86.47 -26.22 -66.83
N SER GA 44 -85.35 -26.91 -66.68
CA SER GA 44 -84.38 -26.59 -65.64
C SER GA 44 -83.10 -27.36 -65.95
N MET GA 45 -82.07 -27.12 -65.14
CA MET GA 45 -80.79 -27.78 -65.33
C MET GA 45 -80.95 -29.29 -65.16
N GLU GA 46 -80.23 -30.04 -66.00
CA GLU GA 46 -80.23 -31.50 -65.93
C GLU GA 46 -78.95 -31.96 -65.25
N ILE GA 47 -79.09 -32.63 -64.12
CA ILE GA 47 -77.96 -33.19 -63.39
C ILE GA 47 -77.96 -34.69 -63.58
N TYR GA 48 -76.81 -35.25 -63.92
CA TYR GA 48 -76.65 -36.67 -64.21
C TYR GA 48 -75.75 -37.32 -63.16
N GLU GA 49 -76.00 -38.59 -62.90
CA GLU GA 49 -75.27 -39.35 -61.89
C GLU GA 49 -75.67 -40.81 -62.02
N GLY GA 50 -74.77 -41.69 -61.62
CA GLY GA 50 -74.99 -43.13 -61.70
C GLY GA 50 -75.19 -43.71 -60.32
N LYS GA 51 -76.12 -44.65 -60.22
CA LYS GA 51 -76.37 -45.37 -58.99
C LYS GA 51 -75.49 -46.61 -58.90
N LEU GA 52 -75.44 -47.21 -57.71
CA LEU GA 52 -74.59 -48.35 -57.44
C LEU GA 52 -75.35 -49.68 -57.53
N THR GA 53 -76.29 -49.77 -58.45
CA THR GA 53 -76.95 -51.03 -58.80
C THR GA 53 -76.22 -51.67 -59.96
N ALA GA 54 -76.29 -53.00 -60.04
CA ALA GA 54 -75.54 -53.72 -61.07
C ALA GA 54 -76.34 -54.88 -61.67
N GLU GA 55 -77.65 -54.92 -61.46
CA GLU GA 55 -78.47 -55.98 -62.04
C GLU GA 55 -78.70 -55.69 -63.53
N GLY GA 56 -78.35 -56.66 -64.38
CA GLY GA 56 -78.52 -56.53 -65.81
C GLY GA 56 -77.27 -56.10 -66.56
N LEU GA 57 -76.20 -55.72 -65.87
CA LEU GA 57 -74.99 -55.25 -66.51
C LEU GA 57 -74.04 -56.41 -66.78
N ARG GA 58 -73.26 -56.26 -67.84
CA ARG GA 58 -72.22 -57.21 -68.22
C ARG GA 58 -70.85 -56.57 -68.08
N PHE GA 59 -69.87 -57.35 -67.63
CA PHE GA 59 -68.55 -56.83 -67.28
C PHE GA 59 -67.46 -57.73 -67.86
N GLY GA 60 -66.27 -57.16 -67.98
CA GLY GA 60 -65.10 -57.91 -68.37
C GLY GA 60 -63.88 -57.49 -67.57
N ILE GA 61 -63.11 -58.45 -67.07
CA ILE GA 61 -61.94 -58.20 -66.25
C ILE GA 61 -60.72 -58.76 -66.96
N VAL GA 62 -59.67 -57.94 -67.06
CA VAL GA 62 -58.39 -58.34 -67.64
C VAL GA 62 -57.32 -58.18 -66.56
N ALA GA 63 -56.64 -59.29 -66.24
CA ALA GA 63 -55.69 -59.33 -65.13
C ALA GA 63 -54.38 -59.95 -65.60
N SER GA 64 -53.27 -59.45 -65.06
CA SER GA 64 -51.95 -59.94 -65.41
C SER GA 64 -51.51 -61.01 -64.41
N ARG GA 65 -50.25 -61.44 -64.50
CA ARG GA 65 -49.70 -62.47 -63.62
C ARG GA 65 -48.43 -61.93 -62.98
N PHE GA 66 -48.39 -61.96 -61.65
CA PHE GA 66 -47.24 -61.52 -60.88
C PHE GA 66 -47.18 -62.45 -59.67
N ASN GA 67 -46.14 -63.28 -59.58
CA ASN GA 67 -46.16 -64.47 -58.74
C ASN GA 67 -47.53 -65.13 -58.86
N HIS GA 68 -48.09 -65.61 -57.76
CA HIS GA 68 -49.43 -66.18 -57.82
C HIS GA 68 -50.31 -65.76 -56.64
N ALA GA 69 -49.99 -64.64 -55.99
CA ALA GA 69 -50.70 -64.25 -54.78
C ALA GA 69 -51.25 -62.84 -54.79
N LEU GA 70 -50.47 -61.86 -55.27
CA LEU GA 70 -50.83 -60.46 -55.04
C LEU GA 70 -51.87 -59.93 -56.02
N VAL GA 71 -52.13 -60.64 -57.12
CA VAL GA 71 -53.12 -60.20 -58.09
C VAL GA 71 -54.37 -61.06 -57.93
N ASP GA 72 -54.21 -62.26 -57.39
CA ASP GA 72 -55.38 -63.07 -57.07
C ASP GA 72 -56.27 -62.37 -56.06
N ARG GA 73 -55.68 -61.66 -55.09
CA ARG GA 73 -56.49 -60.91 -54.14
C ARG GA 73 -57.26 -59.79 -54.81
N LEU GA 74 -56.60 -59.05 -55.71
CA LEU GA 74 -57.28 -57.93 -56.35
C LEU GA 74 -58.39 -58.39 -57.29
N VAL GA 75 -58.24 -59.55 -57.91
CA VAL GA 75 -59.29 -60.07 -58.77
C VAL GA 75 -60.48 -60.54 -57.94
N GLU GA 76 -60.22 -61.16 -56.79
CA GLU GA 76 -61.31 -61.60 -55.93
C GLU GA 76 -62.06 -60.43 -55.34
N GLY GA 77 -61.34 -59.35 -54.99
CA GLY GA 77 -62.02 -58.17 -54.51
C GLY GA 77 -62.93 -57.55 -55.55
N ALA GA 78 -62.56 -57.65 -56.82
CA ALA GA 78 -63.39 -57.09 -57.88
C ALA GA 78 -64.67 -57.88 -58.07
N ILE GA 79 -64.56 -59.21 -58.13
CA ILE GA 79 -65.74 -60.04 -58.35
C ILE GA 79 -66.71 -59.92 -57.20
N ASP GA 80 -66.19 -59.77 -55.97
CA ASP GA 80 -67.07 -59.62 -54.81
C ASP GA 80 -67.92 -58.36 -54.91
N CYS GA 81 -67.34 -57.27 -55.40
CA CYS GA 81 -68.08 -56.02 -55.50
C CYS GA 81 -69.27 -56.14 -56.44
N ILE GA 82 -69.06 -56.79 -57.58
CA ILE GA 82 -70.14 -56.92 -58.57
C ILE GA 82 -71.25 -57.81 -58.05
N VAL GA 83 -70.91 -58.95 -57.46
CA VAL GA 83 -71.93 -59.91 -57.04
C VAL GA 83 -72.73 -59.38 -55.86
N ARG GA 84 -72.07 -58.71 -54.92
CA ARG GA 84 -72.79 -58.19 -53.76
C ARG GA 84 -73.66 -57.00 -54.10
N HIS GA 85 -73.26 -56.18 -55.06
CA HIS GA 85 -74.06 -55.04 -55.50
C HIS GA 85 -75.11 -55.43 -56.52
N GLY GA 86 -75.38 -56.73 -56.70
CA GLY GA 86 -76.53 -57.19 -57.45
C GLY GA 86 -76.25 -57.93 -58.72
N GLY GA 87 -75.00 -58.02 -59.16
CA GLY GA 87 -74.69 -58.63 -60.43
C GLY GA 87 -74.72 -60.14 -60.40
N ARG GA 88 -74.68 -60.72 -61.60
CA ARG GA 88 -74.66 -62.16 -61.79
C ARG GA 88 -73.27 -62.62 -62.18
N GLU GA 89 -72.91 -63.82 -61.75
CA GLU GA 89 -71.64 -64.41 -62.18
C GLU GA 89 -71.68 -64.85 -63.63
N GLU GA 90 -72.87 -65.15 -64.16
CA GLU GA 90 -72.99 -65.52 -65.56
C GLU GA 90 -72.51 -64.39 -66.47
N ASP GA 91 -72.55 -63.16 -66.00
CA ASP GA 91 -72.30 -61.98 -66.81
C ASP GA 91 -70.94 -61.34 -66.49
N ILE GA 92 -69.94 -62.17 -66.22
CA ILE GA 92 -68.57 -61.70 -66.05
C ILE GA 92 -67.67 -62.58 -66.91
N THR GA 93 -66.73 -61.96 -67.61
CA THR GA 93 -65.72 -62.64 -68.39
C THR GA 93 -64.35 -62.24 -67.86
N LEU GA 94 -63.52 -63.23 -67.56
CA LEU GA 94 -62.18 -63.01 -66.98
C LEU GA 94 -61.12 -63.51 -67.95
N VAL GA 95 -60.11 -62.67 -68.21
CA VAL GA 95 -59.02 -62.98 -69.12
C VAL GA 95 -57.70 -62.77 -68.39
N ARG GA 96 -56.80 -63.75 -68.52
CA ARG GA 96 -55.47 -63.68 -67.92
C ARG GA 96 -54.41 -63.50 -69.01
N VAL GA 97 -53.44 -62.62 -68.76
CA VAL GA 97 -52.41 -62.32 -69.74
C VAL GA 97 -51.03 -62.40 -69.07
N PRO GA 98 -49.98 -62.63 -69.85
CA PRO GA 98 -48.65 -62.83 -69.24
C PRO GA 98 -48.15 -61.66 -68.41
N GLY GA 99 -48.40 -60.42 -68.79
CA GLY GA 99 -47.81 -59.30 -68.08
C GLY GA 99 -48.51 -57.99 -68.38
N SER GA 100 -47.98 -56.93 -67.79
CA SER GA 100 -48.61 -55.62 -67.92
C SER GA 100 -48.60 -55.13 -69.35
N TRP GA 101 -47.51 -55.38 -70.08
CA TRP GA 101 -47.37 -54.91 -71.45
C TRP GA 101 -48.48 -55.43 -72.36
N GLU GA 102 -49.08 -56.57 -72.02
CA GLU GA 102 -50.08 -57.22 -72.85
C GLU GA 102 -51.51 -56.82 -72.53
N ILE GA 103 -51.73 -55.98 -71.52
CA ILE GA 103 -53.09 -55.63 -71.13
C ILE GA 103 -53.82 -54.88 -72.23
N PRO GA 104 -53.28 -53.80 -72.81
CA PRO GA 104 -54.07 -53.02 -73.78
C PRO GA 104 -54.58 -53.81 -74.97
N VAL GA 105 -53.78 -54.73 -75.51
CA VAL GA 105 -54.25 -55.50 -76.66
C VAL GA 105 -55.38 -56.43 -76.25
N ALA GA 106 -55.34 -56.97 -75.03
CA ALA GA 106 -56.40 -57.84 -74.57
C ALA GA 106 -57.65 -57.04 -74.20
N ALA GA 107 -57.47 -55.84 -73.66
CA ALA GA 107 -58.60 -54.98 -73.35
C ALA GA 107 -59.36 -54.58 -74.60
N GLY GA 108 -58.66 -54.41 -75.72
CA GLY GA 108 -59.32 -54.02 -76.95
C GLY GA 108 -60.31 -55.05 -77.44
N GLU GA 109 -59.97 -56.33 -77.33
CA GLU GA 109 -60.85 -57.37 -77.83
C GLU GA 109 -62.18 -57.39 -77.09
N LEU GA 110 -62.15 -57.25 -75.76
CA LEU GA 110 -63.38 -57.26 -74.99
C LEU GA 110 -64.22 -56.01 -75.26
N ALA GA 111 -63.58 -54.84 -75.29
CA ALA GA 111 -64.33 -53.60 -75.44
C ALA GA 111 -65.04 -53.50 -76.78
N ARG GA 112 -64.62 -54.29 -77.78
CA ARG GA 112 -65.28 -54.30 -79.07
C ARG GA 112 -66.48 -55.22 -79.13
N LYS GA 113 -66.73 -56.01 -78.09
CA LYS GA 113 -67.88 -56.89 -78.07
C LYS GA 113 -69.15 -56.12 -77.73
N GLU GA 114 -70.23 -56.41 -78.46
CA GLU GA 114 -71.47 -55.66 -78.30
C GLU GA 114 -72.13 -55.89 -76.95
N ASP GA 115 -71.77 -56.96 -76.25
CA ASP GA 115 -72.44 -57.37 -75.02
C ASP GA 115 -71.57 -57.15 -73.77
N ILE GA 116 -70.75 -56.10 -73.78
CA ILE GA 116 -69.95 -55.71 -72.63
C ILE GA 116 -70.15 -54.22 -72.41
N ASP GA 117 -70.33 -53.83 -71.15
CA ASP GA 117 -70.67 -52.46 -70.80
C ASP GA 117 -69.52 -51.69 -70.18
N ALA GA 118 -68.58 -52.36 -69.53
CA ALA GA 118 -67.36 -51.73 -69.03
C ALA GA 118 -66.31 -52.79 -68.84
N VAL GA 119 -65.06 -52.35 -68.67
CA VAL GA 119 -63.91 -53.23 -68.56
C VAL GA 119 -63.03 -52.76 -67.41
N ILE GA 120 -62.58 -53.70 -66.58
CA ILE GA 120 -61.69 -53.42 -65.46
C ILE GA 120 -60.33 -54.02 -65.77
N ALA GA 121 -59.27 -53.23 -65.59
CA ALA GA 121 -57.90 -53.66 -65.82
C ALA GA 121 -57.14 -53.70 -64.50
N ILE GA 122 -56.54 -54.84 -64.19
CA ILE GA 122 -55.83 -55.05 -62.93
C ILE GA 122 -54.43 -55.50 -63.25
N GLY GA 123 -53.43 -54.89 -62.61
CA GLY GA 123 -52.06 -55.26 -62.90
C GLY GA 123 -51.12 -54.80 -61.81
N VAL GA 124 -49.85 -55.12 -62.00
CA VAL GA 124 -48.77 -54.78 -61.08
C VAL GA 124 -47.63 -54.18 -61.87
N LEU GA 125 -47.27 -52.95 -61.55
CA LEU GA 125 -46.11 -52.30 -62.15
C LEU GA 125 -44.96 -52.34 -61.15
N ILE GA 126 -43.82 -52.86 -61.58
CA ILE GA 126 -42.67 -53.06 -60.69
C ILE GA 126 -41.63 -52.00 -60.98
N ARG GA 127 -42.10 -50.83 -61.43
CA ARG GA 127 -41.21 -49.73 -61.75
C ARG GA 127 -40.33 -49.38 -60.55
N GLY GA 128 -39.25 -48.66 -60.84
CA GLY GA 128 -38.28 -48.30 -59.83
C GLY GA 128 -37.20 -49.32 -59.59
N ALA GA 129 -37.01 -50.29 -60.50
CA ALA GA 129 -36.03 -51.34 -60.35
C ALA GA 129 -34.94 -51.27 -61.41
N THR GA 130 -35.30 -51.32 -62.68
CA THR GA 130 -34.33 -51.40 -63.77
C THR GA 130 -35.01 -50.93 -65.05
N PRO GA 131 -34.27 -50.41 -66.02
CA PRO GA 131 -34.86 -50.19 -67.35
C PRO GA 131 -35.39 -51.50 -67.91
N HIS GA 132 -36.14 -51.38 -69.00
CA HIS GA 132 -37.05 -52.38 -69.55
C HIS GA 132 -38.37 -52.37 -68.80
N PHE GA 133 -38.48 -51.66 -67.68
CA PHE GA 133 -39.72 -51.56 -66.93
C PHE GA 133 -40.17 -50.13 -66.69
N ASP GA 134 -39.27 -49.15 -66.77
CA ASP GA 134 -39.69 -47.75 -66.79
C ASP GA 134 -40.29 -47.38 -68.13
N TYR GA 135 -40.07 -48.18 -69.17
CA TYR GA 135 -40.68 -47.93 -70.47
C TYR GA 135 -42.02 -48.62 -70.63
N ILE GA 136 -42.21 -49.77 -69.99
CA ILE GA 136 -43.48 -50.48 -70.10
C ILE GA 136 -44.57 -49.72 -69.37
N ALA GA 137 -44.25 -49.11 -68.23
CA ALA GA 137 -45.27 -48.45 -67.44
C ALA GA 137 -45.92 -47.30 -68.20
N SER GA 138 -45.11 -46.51 -68.91
CA SER GA 138 -45.65 -45.34 -69.59
C SER GA 138 -46.60 -45.70 -70.71
N GLU GA 139 -46.42 -46.87 -71.33
CA GLU GA 139 -47.26 -47.26 -72.45
C GLU GA 139 -48.56 -47.92 -72.02
N VAL GA 140 -48.62 -48.48 -70.81
CA VAL GA 140 -49.85 -49.14 -70.38
C VAL GA 140 -50.95 -48.12 -70.10
N SER GA 141 -50.60 -47.00 -69.48
CA SER GA 141 -51.59 -45.98 -69.18
C SER GA 141 -52.13 -45.33 -70.45
N LYS GA 142 -51.26 -45.10 -71.43
CA LYS GA 142 -51.68 -44.43 -72.65
C LYS GA 142 -52.63 -45.29 -73.47
N GLY GA 143 -52.38 -46.60 -73.54
CA GLY GA 143 -53.22 -47.45 -74.36
C GLY GA 143 -54.65 -47.54 -73.86
N LEU GA 144 -54.83 -47.68 -72.55
CA LEU GA 144 -56.17 -47.73 -71.99
C LEU GA 144 -56.88 -46.40 -72.17
N ALA GA 145 -56.15 -45.28 -72.00
CA ALA GA 145 -56.76 -43.97 -72.19
C ALA GA 145 -57.26 -43.81 -73.62
N ASN GA 146 -56.46 -44.20 -74.60
CA ASN GA 146 -56.86 -44.03 -75.99
C ASN GA 146 -58.04 -44.94 -76.34
N LEU GA 147 -58.05 -46.16 -75.82
CA LEU GA 147 -59.10 -47.11 -76.18
C LEU GA 147 -60.47 -46.60 -75.76
N SER GA 148 -60.58 -45.99 -74.59
CA SER GA 148 -61.87 -45.49 -74.12
C SER GA 148 -62.38 -44.37 -75.01
N LEU GA 149 -61.52 -43.42 -75.38
CA LEU GA 149 -61.95 -42.32 -76.23
C LEU GA 149 -62.21 -42.74 -77.66
N GLU GA 150 -61.72 -43.92 -78.07
CA GLU GA 150 -61.88 -44.38 -79.44
C GLU GA 150 -63.05 -45.34 -79.61
N LEU GA 151 -63.41 -46.08 -78.56
CA LEU GA 151 -64.51 -47.02 -78.62
C LEU GA 151 -65.73 -46.57 -77.85
N ARG GA 152 -65.62 -45.52 -77.04
CA ARG GA 152 -66.75 -44.96 -76.30
C ARG GA 152 -67.30 -45.98 -75.31
N LYS GA 153 -66.40 -46.61 -74.55
CA LYS GA 153 -66.76 -47.56 -73.52
C LYS GA 153 -65.81 -47.30 -72.36
N PRO GA 154 -66.30 -47.09 -71.16
CA PRO GA 154 -65.39 -46.78 -70.04
C PRO GA 154 -64.49 -47.95 -69.68
N ILE GA 155 -63.27 -47.61 -69.26
CA ILE GA 155 -62.28 -48.57 -68.82
C ILE GA 155 -61.63 -48.02 -67.56
N THR GA 156 -61.55 -48.83 -66.51
CA THR GA 156 -61.11 -48.38 -65.20
C THR GA 156 -59.72 -48.95 -64.90
N PHE GA 157 -58.96 -48.20 -64.13
CA PHE GA 157 -57.54 -48.42 -63.91
C PHE GA 157 -57.33 -48.99 -62.52
N GLY GA 158 -56.75 -50.19 -62.43
CA GLY GA 158 -56.60 -50.89 -61.18
C GLY GA 158 -55.20 -51.42 -60.91
N VAL GA 159 -54.17 -50.64 -61.24
CA VAL GA 159 -52.79 -51.10 -61.16
C VAL GA 159 -52.15 -50.66 -59.85
N ILE GA 160 -51.41 -51.57 -59.24
CA ILE GA 160 -50.65 -51.28 -58.03
C ILE GA 160 -49.18 -51.15 -58.40
N THR GA 161 -48.37 -50.74 -57.43
CA THR GA 161 -46.91 -50.68 -57.57
C THR GA 161 -46.30 -51.65 -56.58
N ALA GA 162 -45.51 -52.59 -57.08
CA ALA GA 162 -44.86 -53.59 -56.24
C ALA GA 162 -43.89 -52.93 -55.28
N ASN HA 16 -62.96 -19.18 -57.73
CA ASN HA 16 -61.61 -18.71 -57.98
C ASN HA 16 -61.20 -18.99 -59.41
N LYS HA 17 -60.92 -20.26 -59.70
CA LYS HA 17 -60.55 -20.70 -61.03
C LYS HA 17 -61.71 -21.33 -61.80
N GLY HA 18 -62.92 -21.21 -61.28
CA GLY HA 18 -64.09 -21.74 -61.94
C GLY HA 18 -64.67 -20.74 -62.91
N TRP HA 19 -64.70 -19.46 -62.52
CA TRP HA 19 -65.20 -18.44 -63.43
C TRP HA 19 -64.23 -18.19 -64.59
N GLU HA 20 -62.92 -18.34 -64.34
CA GLU HA 20 -61.96 -18.12 -65.42
C GLU HA 20 -62.16 -19.13 -66.54
N ALA HA 21 -62.43 -20.39 -66.19
CA ALA HA 21 -62.77 -21.37 -67.21
C ALA HA 21 -64.04 -20.97 -67.94
N ALA HA 22 -65.03 -20.45 -67.22
CA ALA HA 22 -66.28 -20.05 -67.85
C ALA HA 22 -66.06 -18.91 -68.84
N LEU HA 23 -65.24 -17.92 -68.47
CA LEU HA 23 -64.98 -16.81 -69.38
C LEU HA 23 -64.39 -17.31 -70.69
N SER HA 24 -63.39 -18.17 -70.62
CA SER HA 24 -62.71 -18.63 -71.81
C SER HA 24 -63.65 -19.39 -72.73
N ALA HA 25 -64.57 -20.17 -72.15
CA ALA HA 25 -65.52 -20.91 -72.97
C ALA HA 25 -66.42 -19.97 -73.76
N ILE HA 26 -66.84 -18.87 -73.15
CA ILE HA 26 -67.73 -17.94 -73.82
C ILE HA 26 -67.03 -17.28 -75.00
N GLU HA 27 -65.81 -16.78 -74.79
CA GLU HA 27 -65.08 -16.10 -75.86
C GLU HA 27 -64.83 -17.04 -77.03
N MET HA 28 -64.36 -18.26 -76.72
CA MET HA 28 -64.06 -19.20 -77.79
C MET HA 28 -65.31 -19.58 -78.56
N ALA HA 29 -66.42 -19.82 -77.85
CA ALA HA 29 -67.65 -20.22 -78.53
C ALA HA 29 -68.11 -19.15 -79.51
N ASN HA 30 -68.04 -17.88 -79.09
CA ASN HA 30 -68.42 -16.79 -79.97
C ASN HA 30 -67.43 -16.62 -81.12
N LEU HA 31 -66.13 -16.78 -80.83
CA LEU HA 31 -65.11 -16.59 -81.86
C LEU HA 31 -65.34 -17.52 -83.04
N PHE HA 32 -65.75 -18.76 -82.77
CA PHE HA 32 -65.91 -19.73 -83.84
C PHE HA 32 -67.09 -19.40 -84.73
N LYS HA 33 -68.12 -18.73 -84.20
CA LYS HA 33 -69.21 -18.28 -85.04
C LYS HA 33 -68.72 -17.24 -86.05
N SER HA 34 -67.81 -16.36 -85.62
CA SER HA 34 -67.27 -15.36 -86.54
C SER HA 34 -66.50 -16.01 -87.68
N LEU HA 35 -65.62 -16.95 -87.35
CA LEU HA 35 -64.77 -17.55 -88.38
C LEU HA 35 -65.60 -18.30 -89.42
N ARG HA 36 -66.63 -19.01 -88.98
CA ARG HA 36 -67.44 -19.80 -89.90
C ARG HA 36 -68.12 -18.91 -90.94
N GLY HA 37 -68.41 -17.67 -90.59
CA GLY HA 37 -69.09 -16.78 -91.51
C GLY HA 37 -68.19 -16.29 -92.62
N THR HA 38 -68.81 -15.62 -93.59
CA THR HA 38 -68.07 -15.11 -94.73
C THR HA 38 -67.19 -13.93 -94.31
N GLY HA 39 -66.12 -13.72 -95.09
CA GLY HA 39 -65.21 -12.64 -94.78
C GLY HA 39 -65.81 -11.28 -95.06
N GLY HA 40 -65.15 -10.26 -94.51
CA GLY HA 40 -65.58 -8.89 -94.65
C GLY HA 40 -64.96 -8.21 -95.85
N SER HA 41 -64.91 -6.88 -95.79
CA SER HA 41 -64.34 -6.07 -96.85
C SER HA 41 -63.82 -4.77 -96.26
N GLY HA 42 -62.97 -4.09 -97.02
CA GLY HA 42 -62.38 -2.84 -96.59
C GLY HA 42 -60.93 -2.68 -97.02
N SER HA 43 -60.32 -3.77 -97.48
CA SER HA 43 -58.93 -3.75 -97.93
C SER HA 43 -58.00 -3.32 -96.80
N SER HA 44 -58.07 -4.07 -95.71
CA SER HA 44 -57.21 -3.81 -94.55
C SER HA 44 -57.09 -5.10 -93.74
N MET HA 45 -56.22 -5.07 -92.74
CA MET HA 45 -56.02 -6.22 -91.88
C MET HA 45 -57.32 -6.58 -91.18
N GLU HA 46 -57.68 -7.86 -91.23
CA GLU HA 46 -58.91 -8.36 -90.63
C GLU HA 46 -58.56 -8.94 -89.26
N ILE HA 47 -59.05 -8.29 -88.20
CA ILE HA 47 -58.82 -8.73 -86.84
C ILE HA 47 -60.07 -9.44 -86.34
N TYR HA 48 -59.91 -10.67 -85.87
CA TYR HA 48 -60.99 -11.46 -85.31
C TYR HA 48 -60.85 -11.53 -83.79
N GLU HA 49 -61.97 -11.49 -83.10
CA GLU HA 49 -61.97 -11.67 -81.65
C GLU HA 49 -63.37 -12.07 -81.22
N GLY HA 50 -63.48 -12.58 -79.99
CA GLY HA 50 -64.74 -13.07 -79.47
C GLY HA 50 -65.36 -12.10 -78.48
N LYS HA 51 -66.68 -12.04 -78.49
CA LYS HA 51 -67.45 -11.20 -77.59
C LYS HA 51 -67.81 -11.99 -76.33
N LEU HA 52 -68.12 -11.25 -75.26
CA LEU HA 52 -68.38 -11.84 -73.96
C LEU HA 52 -69.86 -12.09 -73.69
N THR HA 53 -70.72 -11.90 -74.68
CA THR HA 53 -72.13 -12.24 -74.51
C THR HA 53 -72.28 -13.75 -74.40
N ALA HA 54 -73.33 -14.19 -73.70
CA ALA HA 54 -73.58 -15.61 -73.48
C ALA HA 54 -74.93 -16.07 -73.99
N GLU HA 55 -75.75 -15.19 -74.55
CA GLU HA 55 -77.10 -15.56 -74.91
C GLU HA 55 -77.12 -16.53 -76.08
N GLY HA 56 -78.01 -17.50 -76.02
CA GLY HA 56 -78.18 -18.46 -77.10
C GLY HA 56 -77.08 -19.49 -77.20
N LEU HA 57 -76.43 -19.81 -76.09
CA LEU HA 57 -75.32 -20.75 -76.07
C LEU HA 57 -75.62 -21.88 -75.10
N ARG HA 58 -75.29 -23.10 -75.51
CA ARG HA 58 -75.48 -24.31 -74.72
C ARG HA 58 -74.13 -24.79 -74.21
N PHE HA 59 -74.05 -25.02 -72.91
CA PHE HA 59 -72.81 -25.39 -72.26
C PHE HA 59 -72.90 -26.79 -71.66
N GLY HA 60 -71.76 -27.29 -71.22
CA GLY HA 60 -71.70 -28.55 -70.50
C GLY HA 60 -70.60 -28.49 -69.48
N ILE HA 61 -70.82 -29.17 -68.36
CA ILE HA 61 -69.85 -29.21 -67.28
C ILE HA 61 -69.68 -30.65 -66.82
N VAL HA 62 -68.44 -31.08 -66.64
CA VAL HA 62 -68.10 -32.38 -66.08
C VAL HA 62 -67.22 -32.14 -64.86
N ALA HA 63 -67.62 -32.71 -63.71
CA ALA HA 63 -66.93 -32.51 -62.45
C ALA HA 63 -66.75 -33.85 -61.74
N SER HA 64 -65.79 -33.87 -60.81
CA SER HA 64 -65.43 -35.09 -60.08
C SER HA 64 -65.78 -34.94 -58.60
N ARG HA 65 -66.02 -36.07 -57.96
CA ARG HA 65 -66.48 -36.09 -56.57
C ARG HA 65 -65.34 -36.15 -55.56
N PHE HA 66 -64.10 -36.33 -55.98
CA PHE HA 66 -62.98 -36.33 -55.06
C PHE HA 66 -62.81 -34.94 -54.45
N ASN HA 67 -62.57 -34.89 -53.15
CA ASN HA 67 -62.43 -33.63 -52.42
C ASN HA 67 -63.56 -32.68 -52.78
N HIS HA 68 -64.79 -33.16 -52.55
CA HIS HA 68 -65.97 -32.43 -53.00
C HIS HA 68 -66.10 -31.07 -52.34
N ALA HA 69 -65.40 -30.83 -51.23
CA ALA HA 69 -65.47 -29.54 -50.57
C ALA HA 69 -64.98 -28.43 -51.50
N LEU HA 70 -63.78 -28.60 -52.07
CA LEU HA 70 -63.23 -27.58 -52.96
C LEU HA 70 -63.89 -27.60 -54.33
N VAL HA 71 -64.32 -28.77 -54.79
CA VAL HA 71 -64.91 -28.85 -56.13
C VAL HA 71 -66.26 -28.16 -56.18
N ASP HA 72 -67.05 -28.30 -55.10
CA ASP HA 72 -68.39 -27.71 -55.10
C ASP HA 72 -68.33 -26.19 -55.27
N ARG HA 73 -67.34 -25.56 -54.64
CA ARG HA 73 -67.19 -24.11 -54.79
C ARG HA 73 -66.93 -23.74 -56.24
N LEU HA 74 -66.03 -24.47 -56.91
CA LEU HA 74 -65.66 -24.15 -58.28
C LEU HA 74 -66.84 -24.33 -59.22
N VAL HA 75 -67.63 -25.39 -59.03
CA VAL HA 75 -68.74 -25.67 -59.94
C VAL HA 75 -69.75 -24.54 -59.88
N GLU HA 76 -70.07 -24.07 -58.67
CA GLU HA 76 -71.03 -22.98 -58.53
C GLU HA 76 -70.54 -21.73 -59.25
N GLY HA 77 -69.27 -21.40 -59.08
CA GLY HA 77 -68.74 -20.20 -59.73
C GLY HA 77 -68.88 -20.24 -61.23
N ALA HA 78 -68.87 -21.44 -61.82
CA ALA HA 78 -69.03 -21.56 -63.27
C ALA HA 78 -70.41 -21.06 -63.69
N ILE HA 79 -71.46 -21.48 -62.99
CA ILE HA 79 -72.79 -21.03 -63.34
C ILE HA 79 -72.97 -19.56 -63.01
N ASP HA 80 -72.28 -19.07 -61.99
CA ASP HA 80 -72.40 -17.66 -61.62
C ASP HA 80 -71.97 -16.75 -62.77
N CYS HA 81 -70.86 -17.09 -63.44
CA CYS HA 81 -70.35 -16.24 -64.49
C CYS HA 81 -71.05 -16.45 -65.83
N ILE HA 82 -71.89 -17.48 -65.95
CA ILE HA 82 -72.63 -17.66 -67.19
C ILE HA 82 -73.92 -16.84 -67.16
N VAL HA 83 -74.62 -16.84 -66.03
CA VAL HA 83 -75.86 -16.09 -65.93
C VAL HA 83 -75.60 -14.59 -66.05
N ARG HA 84 -74.47 -14.12 -65.50
CA ARG HA 84 -74.19 -12.69 -65.51
C ARG HA 84 -74.10 -12.16 -66.93
N HIS HA 85 -73.45 -12.90 -67.82
CA HIS HA 85 -73.27 -12.49 -69.20
C HIS HA 85 -74.40 -12.98 -70.09
N GLY HA 86 -75.57 -13.24 -69.53
CA GLY HA 86 -76.69 -13.73 -70.30
C GLY HA 86 -76.94 -15.20 -70.07
N GLY HA 87 -77.40 -15.90 -71.10
CA GLY HA 87 -77.62 -17.32 -70.93
C GLY HA 87 -78.74 -17.58 -69.94
N ARG HA 88 -78.78 -18.82 -69.45
CA ARG HA 88 -79.82 -19.24 -68.53
C ARG HA 88 -79.53 -20.67 -68.10
N GLU HA 89 -80.13 -21.07 -66.98
CA GLU HA 89 -79.89 -22.40 -66.42
C GLU HA 89 -80.44 -23.51 -67.32
N GLU HA 90 -81.41 -23.20 -68.17
CA GLU HA 90 -82.02 -24.23 -69.01
C GLU HA 90 -81.09 -24.73 -70.10
N ASP HA 91 -80.00 -24.02 -70.39
CA ASP HA 91 -79.04 -24.41 -71.42
C ASP HA 91 -77.73 -24.89 -70.80
N ILE HA 92 -77.82 -25.61 -69.68
CA ILE HA 92 -76.66 -26.20 -69.02
C ILE HA 92 -76.96 -27.66 -68.71
N THR HA 93 -75.98 -28.52 -68.95
CA THR HA 93 -76.00 -29.91 -68.48
C THR HA 93 -74.80 -30.13 -67.58
N LEU HA 94 -75.02 -30.83 -66.47
CA LEU HA 94 -73.96 -31.14 -65.51
C LEU HA 94 -73.85 -32.64 -65.34
N VAL HA 95 -72.63 -33.15 -65.45
CA VAL HA 95 -72.32 -34.57 -65.30
C VAL HA 95 -71.28 -34.71 -64.20
N ARG HA 96 -71.48 -35.68 -63.31
CA ARG HA 96 -70.56 -35.93 -62.21
C ARG HA 96 -69.98 -37.33 -62.34
N VAL HA 97 -68.68 -37.46 -62.13
CA VAL HA 97 -67.98 -38.72 -62.35
C VAL HA 97 -67.20 -39.09 -61.09
N PRO HA 98 -66.89 -40.37 -60.90
CA PRO HA 98 -66.22 -40.79 -59.67
C PRO HA 98 -64.87 -40.12 -59.44
N GLY HA 99 -64.07 -39.91 -60.48
CA GLY HA 99 -62.73 -39.41 -60.29
C GLY HA 99 -62.19 -38.80 -61.55
N SER HA 100 -60.93 -38.34 -61.46
CA SER HA 100 -60.30 -37.65 -62.57
C SER HA 100 -60.13 -38.55 -63.79
N TRP HA 101 -59.78 -39.82 -63.58
CA TRP HA 101 -59.49 -40.70 -64.69
C TRP HA 101 -60.67 -40.82 -65.64
N GLU HA 102 -61.89 -40.58 -65.15
CA GLU HA 102 -63.09 -40.79 -65.94
C GLU HA 102 -63.58 -39.52 -66.64
N ILE HA 103 -62.92 -38.37 -66.46
CA ILE HA 103 -63.40 -37.15 -67.09
C ILE HA 103 -63.37 -37.23 -68.62
N PRO HA 104 -62.26 -37.59 -69.26
CA PRO HA 104 -62.21 -37.48 -70.73
C PRO HA 104 -63.26 -38.29 -71.47
N VAL HA 105 -63.62 -39.48 -71.01
CA VAL HA 105 -64.59 -40.27 -71.73
C VAL HA 105 -65.97 -39.64 -71.66
N ALA HA 106 -66.31 -39.06 -70.51
CA ALA HA 106 -67.59 -38.36 -70.38
C ALA HA 106 -67.61 -37.08 -71.20
N ALA HA 107 -66.54 -36.28 -71.11
CA ALA HA 107 -66.49 -35.04 -71.88
C ALA HA 107 -66.56 -35.32 -73.37
N GLY HA 108 -66.11 -36.50 -73.81
CA GLY HA 108 -66.28 -36.85 -75.21
C GLY HA 108 -67.73 -37.07 -75.58
N GLU HA 109 -68.49 -37.69 -74.69
CA GLU HA 109 -69.90 -37.95 -74.98
C GLU HA 109 -70.66 -36.64 -75.12
N LEU HA 110 -70.40 -35.66 -74.25
CA LEU HA 110 -71.09 -34.38 -74.34
C LEU HA 110 -70.74 -33.64 -75.62
N ALA HA 111 -69.45 -33.61 -75.98
CA ALA HA 111 -69.03 -32.81 -77.13
C ALA HA 111 -69.56 -33.35 -78.45
N ARG HA 112 -69.72 -34.68 -78.55
CA ARG HA 112 -70.19 -35.26 -79.80
C ARG HA 112 -71.67 -34.96 -80.07
N LYS HA 113 -72.39 -34.39 -79.11
CA LYS HA 113 -73.74 -33.93 -79.38
C LYS HA 113 -73.71 -32.76 -80.35
N GLU HA 114 -74.78 -32.63 -81.12
CA GLU HA 114 -74.90 -31.56 -82.11
C GLU HA 114 -75.52 -30.29 -81.53
N ASP HA 115 -75.81 -30.28 -80.24
CA ASP HA 115 -76.47 -29.17 -79.57
C ASP HA 115 -75.67 -28.68 -78.37
N ILE HA 116 -74.33 -28.69 -78.50
CA ILE HA 116 -73.42 -28.20 -77.47
C ILE HA 116 -72.39 -27.32 -78.14
N ASP HA 117 -71.99 -26.24 -77.45
CA ASP HA 117 -71.06 -25.26 -77.98
C ASP HA 117 -69.73 -25.23 -77.25
N ALA HA 118 -69.70 -25.50 -75.95
CA ALA HA 118 -68.45 -25.56 -75.21
C ALA HA 118 -68.60 -26.54 -74.07
N VAL HA 119 -67.47 -27.06 -73.59
CA VAL HA 119 -67.43 -27.97 -72.46
C VAL HA 119 -66.41 -27.44 -71.46
N ILE HA 120 -66.76 -27.51 -70.18
CA ILE HA 120 -65.90 -27.06 -69.09
C ILE HA 120 -65.62 -28.27 -68.21
N ALA HA 121 -64.34 -28.46 -67.89
CA ALA HA 121 -63.89 -29.58 -67.06
C ALA HA 121 -63.32 -29.06 -65.76
N ILE HA 122 -63.83 -29.57 -64.64
CA ILE HA 122 -63.42 -29.15 -63.30
C ILE HA 122 -63.02 -30.39 -62.51
N GLY HA 123 -61.92 -30.28 -61.77
CA GLY HA 123 -61.47 -31.40 -60.97
C GLY HA 123 -60.27 -31.01 -60.12
N VAL HA 124 -59.81 -31.97 -59.33
CA VAL HA 124 -58.67 -31.79 -58.44
C VAL HA 124 -57.70 -32.94 -58.63
N LEU HA 125 -56.41 -32.62 -58.68
CA LEU HA 125 -55.34 -33.59 -58.86
C LEU HA 125 -54.49 -33.66 -57.62
N ILE HA 126 -53.61 -34.66 -57.57
CA ILE HA 126 -52.69 -34.88 -56.47
C ILE HA 126 -51.27 -34.90 -57.03
N ARG HA 127 -50.40 -34.08 -56.46
CA ARG HA 127 -49.01 -33.98 -56.90
C ARG HA 127 -48.05 -34.77 -56.02
N GLY HA 128 -48.07 -34.54 -54.71
CA GLY HA 128 -47.19 -35.24 -53.80
C GLY HA 128 -47.69 -36.61 -53.40
N ALA HA 129 -47.60 -37.56 -54.32
CA ALA HA 129 -48.08 -38.92 -54.07
C ALA HA 129 -47.18 -39.90 -54.82
N THR HA 130 -47.60 -41.16 -54.85
CA THR HA 130 -46.83 -42.19 -55.53
C THR HA 130 -46.92 -42.01 -57.05
N PRO HA 131 -46.04 -42.66 -57.80
CA PRO HA 131 -46.11 -42.54 -59.27
C PRO HA 131 -47.43 -43.01 -59.86
N HIS HA 132 -48.22 -43.78 -59.12
CA HIS HA 132 -49.54 -44.19 -59.62
C HIS HA 132 -50.37 -42.97 -59.99
N PHE HA 133 -50.44 -41.98 -59.10
CA PHE HA 133 -51.17 -40.76 -59.41
C PHE HA 133 -50.49 -39.98 -60.54
N ASP HA 134 -49.18 -40.13 -60.69
CA ASP HA 134 -48.47 -39.46 -61.78
C ASP HA 134 -48.86 -40.00 -63.14
N TYR HA 135 -49.54 -41.13 -63.20
CA TYR HA 135 -50.05 -41.67 -64.46
C TYR HA 135 -51.43 -41.14 -64.79
N ILE HA 136 -52.33 -41.07 -63.80
CA ILE HA 136 -53.63 -40.47 -64.02
C ILE HA 136 -53.48 -38.98 -64.35
N ALA HA 137 -52.49 -38.33 -63.74
CA ALA HA 137 -52.34 -36.90 -63.92
C ALA HA 137 -52.03 -36.53 -65.36
N SER HA 138 -51.17 -37.30 -66.02
CA SER HA 138 -50.75 -36.94 -67.36
C SER HA 138 -51.85 -37.20 -68.38
N GLU HA 139 -52.55 -38.32 -68.26
CA GLU HA 139 -53.49 -38.72 -69.29
C GLU HA 139 -54.70 -37.80 -69.36
N VAL HA 140 -55.10 -37.20 -68.23
CA VAL HA 140 -56.28 -36.34 -68.24
C VAL HA 140 -56.04 -35.11 -69.10
N SER HA 141 -54.87 -34.49 -68.97
CA SER HA 141 -54.55 -33.34 -69.80
C SER HA 141 -54.45 -33.70 -71.27
N LYS HA 142 -53.80 -34.83 -71.57
CA LYS HA 142 -53.60 -35.23 -72.96
C LYS HA 142 -54.92 -35.51 -73.65
N GLY HA 143 -55.84 -36.20 -72.98
CA GLY HA 143 -57.07 -36.61 -73.64
C GLY HA 143 -57.95 -35.43 -74.02
N LEU HA 144 -58.06 -34.44 -73.13
CA LEU HA 144 -58.91 -33.30 -73.41
C LEU HA 144 -58.39 -32.50 -74.59
N ALA HA 145 -57.08 -32.32 -74.68
CA ALA HA 145 -56.49 -31.58 -75.80
C ALA HA 145 -56.76 -32.28 -77.11
N ASN HA 146 -56.61 -33.60 -77.15
CA ASN HA 146 -56.84 -34.33 -78.39
C ASN HA 146 -58.30 -34.20 -78.85
N LEU HA 147 -59.23 -34.25 -77.91
CA LEU HA 147 -60.64 -34.14 -78.27
C LEU HA 147 -60.95 -32.77 -78.87
N SER HA 148 -60.38 -31.72 -78.31
CA SER HA 148 -60.69 -30.37 -78.78
C SER HA 148 -60.31 -30.19 -80.24
N LEU HA 149 -59.35 -30.97 -80.74
CA LEU HA 149 -58.90 -30.85 -82.12
C LEU HA 149 -59.59 -31.82 -83.05
N GLU HA 150 -60.03 -32.98 -82.56
CA GLU HA 150 -60.72 -33.94 -83.42
C GLU HA 150 -62.14 -33.50 -83.70
N LEU HA 151 -62.84 -32.97 -82.69
CA LEU HA 151 -64.22 -32.56 -82.84
C LEU HA 151 -64.37 -31.09 -83.24
N ARG HA 152 -63.29 -30.32 -83.25
CA ARG HA 152 -63.34 -28.91 -83.60
C ARG HA 152 -64.35 -28.17 -82.72
N LYS HA 153 -64.13 -28.26 -81.42
CA LYS HA 153 -65.03 -27.70 -80.43
C LYS HA 153 -64.24 -27.39 -79.17
N PRO HA 154 -64.34 -26.17 -78.63
CA PRO HA 154 -63.52 -25.83 -77.46
C PRO HA 154 -63.87 -26.66 -76.23
N ILE HA 155 -62.85 -26.95 -75.44
CA ILE HA 155 -62.98 -27.69 -74.18
C ILE HA 155 -61.99 -27.05 -73.21
N THR HA 156 -62.50 -26.28 -72.27
CA THR HA 156 -61.63 -25.53 -71.36
C THR HA 156 -61.18 -26.41 -70.21
N PHE HA 157 -60.04 -26.06 -69.63
CA PHE HA 157 -59.31 -26.89 -68.68
C PHE HA 157 -59.22 -26.16 -67.35
N GLY HA 158 -60.14 -26.46 -66.44
CA GLY HA 158 -60.18 -25.84 -65.14
C GLY HA 158 -59.62 -26.66 -64.01
N VAL HA 159 -58.89 -27.73 -64.30
CA VAL HA 159 -58.38 -28.60 -63.25
C VAL HA 159 -57.35 -27.84 -62.43
N ILE HA 160 -57.34 -28.10 -61.12
CA ILE HA 160 -56.39 -27.47 -60.20
C ILE HA 160 -55.62 -28.57 -59.48
N THR HA 161 -54.72 -28.17 -58.58
CA THR HA 161 -53.90 -29.10 -57.82
C THR HA 161 -54.04 -28.79 -56.33
N ALA HA 162 -53.79 -29.81 -55.52
CA ALA HA 162 -53.88 -29.68 -54.08
C ALA HA 162 -52.58 -29.11 -53.51
N THR IA 12 -33.35 -11.38 -89.49
CA THR IA 12 -32.30 -10.69 -90.24
C THR IA 12 -31.47 -9.82 -89.30
N LYS IA 13 -32.07 -8.75 -88.78
CA LYS IA 13 -31.39 -7.81 -87.90
C LYS IA 13 -32.14 -7.53 -86.60
N HIS IA 14 -33.47 -7.49 -86.63
CA HIS IA 14 -34.22 -7.07 -85.45
C HIS IA 14 -33.96 -8.01 -84.27
N GLY IA 15 -34.15 -9.31 -84.47
CA GLY IA 15 -33.77 -10.33 -83.52
C GLY IA 15 -34.89 -10.86 -82.65
N ASN IA 16 -35.94 -10.07 -82.41
CA ASN IA 16 -37.01 -10.54 -81.55
C ASN IA 16 -37.74 -11.71 -82.21
N LYS IA 17 -38.25 -12.61 -81.37
CA LYS IA 17 -38.74 -13.90 -81.87
C LYS IA 17 -39.89 -13.73 -82.85
N GLY IA 18 -40.57 -12.59 -82.84
CA GLY IA 18 -41.55 -12.34 -83.89
C GLY IA 18 -40.91 -12.21 -85.26
N TRP IA 19 -39.77 -11.52 -85.33
CA TRP IA 19 -39.05 -11.39 -86.60
C TRP IA 19 -38.57 -12.76 -87.08
N GLU IA 20 -37.94 -13.53 -86.19
CA GLU IA 20 -37.42 -14.83 -86.58
C GLU IA 20 -38.53 -15.78 -87.00
N ALA IA 21 -39.63 -15.79 -86.25
CA ALA IA 21 -40.73 -16.69 -86.58
C ALA IA 21 -41.33 -16.36 -87.94
N ALA IA 22 -41.32 -15.08 -88.34
CA ALA IA 22 -41.87 -14.72 -89.64
C ALA IA 22 -40.94 -15.09 -90.78
N LEU IA 23 -39.61 -15.06 -90.55
CA LEU IA 23 -38.69 -15.46 -91.61
C LEU IA 23 -38.87 -16.91 -92.00
N SER IA 24 -39.08 -17.79 -91.02
CA SER IA 24 -39.33 -19.19 -91.32
C SER IA 24 -40.58 -19.36 -92.16
N ALA IA 25 -41.64 -18.63 -91.82
CA ALA IA 25 -42.90 -18.77 -92.55
C ALA IA 25 -42.75 -18.34 -94.00
N ILE IA 26 -41.99 -17.28 -94.26
CA ILE IA 26 -41.83 -16.80 -95.62
C ILE IA 26 -41.06 -17.83 -96.44
N GLU IA 27 -40.09 -18.50 -95.82
CA GLU IA 27 -39.26 -19.46 -96.56
C GLU IA 27 -40.02 -20.75 -96.82
N MET IA 28 -40.77 -21.23 -95.83
CA MET IA 28 -41.52 -22.48 -96.00
C MET IA 28 -42.66 -22.31 -97.00
N ALA IA 29 -43.28 -21.13 -97.04
CA ALA IA 29 -44.32 -20.87 -98.02
C ALA IA 29 -43.76 -20.90 -99.43
N ASN IA 30 -42.55 -20.38 -99.62
CA ASN IA 30 -41.94 -20.41 -100.95
C ASN IA 30 -41.48 -21.81 -101.32
N LEU IA 31 -41.00 -22.59 -100.35
CA LEU IA 31 -40.49 -23.92 -100.64
C LEU IA 31 -41.59 -24.82 -101.20
N PHE IA 32 -42.79 -24.73 -100.64
CA PHE IA 32 -43.85 -25.65 -101.02
C PHE IA 32 -44.30 -25.43 -102.47
N LYS IA 33 -44.33 -24.18 -102.93
CA LYS IA 33 -44.65 -23.95 -104.33
C LYS IA 33 -43.61 -24.58 -105.25
N SER IA 34 -42.33 -24.49 -104.87
CA SER IA 34 -41.29 -25.13 -105.68
C SER IA 34 -41.52 -26.64 -105.75
N LEU IA 35 -41.84 -27.26 -104.63
CA LEU IA 35 -42.06 -28.71 -104.62
C LEU IA 35 -43.25 -29.10 -105.50
N ARG IA 36 -44.35 -28.34 -105.40
CA ARG IA 36 -45.54 -28.68 -106.15
C ARG IA 36 -45.42 -28.39 -107.63
N GLY IA 37 -44.46 -27.56 -108.03
CA GLY IA 37 -44.37 -27.14 -109.42
C GLY IA 37 -43.95 -28.24 -110.35
N THR IA 38 -42.69 -28.65 -110.28
CA THR IA 38 -42.14 -29.66 -111.18
C THR IA 38 -40.69 -29.92 -110.76
N GLY IA 39 -40.10 -30.95 -111.36
CA GLY IA 39 -38.72 -31.27 -111.13
C GLY IA 39 -37.79 -30.43 -111.99
N GLY IA 40 -36.49 -30.68 -111.81
CA GLY IA 40 -35.48 -29.97 -112.57
C GLY IA 40 -35.33 -30.51 -113.97
N SER IA 41 -34.41 -29.89 -114.72
CA SER IA 41 -34.16 -30.32 -116.08
C SER IA 41 -33.67 -31.75 -116.14
N GLY IA 42 -32.77 -32.11 -115.23
CA GLY IA 42 -32.22 -33.46 -115.15
C GLY IA 42 -30.72 -33.46 -115.38
N SER IA 43 -30.17 -34.67 -115.34
CA SER IA 43 -28.73 -34.88 -115.55
C SER IA 43 -27.90 -34.20 -114.46
N SER IA 44 -28.48 -34.04 -113.28
CA SER IA 44 -27.77 -33.44 -112.16
C SER IA 44 -28.63 -33.62 -110.90
N MET IA 45 -28.05 -33.26 -109.77
CA MET IA 45 -28.76 -33.38 -108.50
C MET IA 45 -29.81 -32.29 -108.38
N GLU IA 46 -31.03 -32.68 -108.02
CA GLU IA 46 -32.13 -31.74 -107.86
C GLU IA 46 -32.06 -31.10 -106.49
N ILE IA 47 -32.23 -29.78 -106.43
CA ILE IA 47 -32.20 -29.03 -105.18
C ILE IA 47 -33.44 -28.16 -105.11
N TYR IA 48 -34.12 -28.19 -103.96
CA TYR IA 48 -35.28 -27.37 -103.69
C TYR IA 48 -34.98 -26.46 -102.51
N GLU IA 49 -35.18 -25.17 -102.69
CA GLU IA 49 -34.99 -24.19 -101.63
C GLU IA 49 -36.06 -23.12 -101.74
N GLY IA 50 -36.27 -22.40 -100.65
CA GLY IA 50 -37.18 -21.26 -100.61
C GLY IA 50 -36.41 -19.97 -100.40
N LYS IA 51 -36.85 -18.91 -101.06
CA LYS IA 51 -36.23 -17.60 -100.95
C LYS IA 51 -37.04 -16.69 -100.04
N LEU IA 52 -36.45 -15.55 -99.70
CA LEU IA 52 -37.06 -14.61 -98.76
C LEU IA 52 -37.74 -13.45 -99.51
N THR IA 53 -38.76 -13.81 -100.27
CA THR IA 53 -39.61 -12.84 -100.96
C THR IA 53 -41.05 -13.13 -100.60
N ALA IA 54 -41.78 -12.10 -100.19
CA ALA IA 54 -43.16 -12.23 -99.71
C ALA IA 54 -44.14 -11.53 -100.64
N GLU IA 55 -43.93 -11.63 -101.94
CA GLU IA 55 -44.79 -10.99 -102.94
C GLU IA 55 -45.89 -11.96 -103.33
N GLY IA 56 -47.11 -11.69 -102.86
CA GLY IA 56 -48.25 -12.50 -103.23
C GLY IA 56 -48.56 -13.66 -102.31
N LEU IA 57 -48.20 -13.56 -101.03
CA LEU IA 57 -48.44 -14.61 -100.06
C LEU IA 57 -49.42 -14.15 -99.00
N ARG IA 58 -50.30 -15.05 -98.56
CA ARG IA 58 -51.27 -14.77 -97.50
C ARG IA 58 -50.82 -15.44 -96.22
N PHE IA 59 -50.92 -14.72 -95.10
CA PHE IA 59 -50.45 -15.18 -93.82
C PHE IA 59 -51.54 -15.03 -92.77
N GLY IA 60 -51.44 -15.85 -91.74
CA GLY IA 60 -52.33 -15.74 -90.59
C GLY IA 60 -51.55 -15.84 -89.29
N ILE IA 61 -51.96 -15.07 -88.30
CA ILE IA 61 -51.26 -14.97 -87.02
C ILE IA 61 -52.27 -15.23 -85.90
N VAL IA 62 -51.87 -16.08 -84.96
CA VAL IA 62 -52.65 -16.38 -83.76
C VAL IA 62 -51.83 -15.99 -82.56
N ALA IA 63 -52.36 -15.15 -81.69
CA ALA IA 63 -51.62 -14.62 -80.55
C ALA IA 63 -52.49 -14.61 -79.30
N SER IA 64 -51.88 -14.94 -78.17
CA SER IA 64 -52.57 -14.94 -76.90
C SER IA 64 -52.51 -13.55 -76.24
N ARG IA 65 -53.34 -13.37 -75.22
CA ARG IA 65 -53.49 -12.08 -74.56
C ARG IA 65 -52.76 -11.99 -73.23
N PHE IA 66 -52.45 -13.12 -72.59
CA PHE IA 66 -51.70 -13.09 -71.35
C PHE IA 66 -50.36 -12.41 -71.57
N ASN IA 67 -50.00 -11.48 -70.69
CA ASN IA 67 -48.82 -10.64 -70.86
C ASN IA 67 -48.86 -9.91 -72.20
N HIS IA 68 -49.89 -9.09 -72.37
CA HIS IA 68 -50.04 -8.34 -73.62
C HIS IA 68 -48.93 -7.33 -73.82
N ALA IA 69 -48.19 -6.99 -72.76
CA ALA IA 69 -47.07 -6.06 -72.92
C ALA IA 69 -45.98 -6.65 -73.80
N LEU IA 70 -45.56 -7.88 -73.50
CA LEU IA 70 -44.54 -8.53 -74.31
C LEU IA 70 -45.09 -9.06 -75.62
N VAL IA 71 -46.33 -9.54 -75.62
CA VAL IA 71 -46.88 -10.10 -76.84
C VAL IA 71 -47.05 -9.02 -77.90
N ASP IA 72 -47.40 -7.80 -77.48
CA ASP IA 72 -47.68 -6.74 -78.45
C ASP IA 72 -46.47 -6.45 -79.32
N ARG IA 73 -45.29 -6.40 -78.70
CA ARG IA 73 -44.07 -6.16 -79.49
C ARG IA 73 -43.81 -7.30 -80.46
N LEU IA 74 -44.01 -8.54 -80.03
CA LEU IA 74 -43.75 -9.68 -80.90
C LEU IA 74 -44.67 -9.66 -82.12
N VAL IA 75 -45.95 -9.36 -81.92
CA VAL IA 75 -46.87 -9.31 -83.06
C VAL IA 75 -46.48 -8.18 -83.99
N GLU IA 76 -46.01 -7.06 -83.43
CA GLU IA 76 -45.52 -5.98 -84.28
C GLU IA 76 -44.32 -6.41 -85.09
N GLY IA 77 -43.37 -7.10 -84.45
CA GLY IA 77 -42.16 -7.51 -85.16
C GLY IA 77 -42.46 -8.41 -86.34
N ALA IA 78 -43.39 -9.34 -86.16
CA ALA IA 78 -43.74 -10.26 -87.26
C ALA IA 78 -44.36 -9.50 -88.43
N ILE IA 79 -45.17 -8.47 -88.14
CA ILE IA 79 -45.80 -7.71 -89.21
C ILE IA 79 -44.77 -6.87 -89.94
N ASP IA 80 -43.83 -6.27 -89.21
CA ASP IA 80 -42.78 -5.50 -89.86
C ASP IA 80 -41.96 -6.35 -90.81
N CYS IA 81 -41.64 -7.58 -90.41
CA CYS IA 81 -40.83 -8.43 -91.26
C CYS IA 81 -41.50 -8.68 -92.60
N ILE IA 82 -42.81 -8.93 -92.58
CA ILE IA 82 -43.52 -9.27 -93.81
C ILE IA 82 -43.51 -8.10 -94.78
N VAL IA 83 -43.76 -6.88 -94.29
CA VAL IA 83 -43.84 -5.73 -95.18
C VAL IA 83 -42.46 -5.39 -95.75
N ARG IA 84 -41.42 -5.51 -94.94
CA ARG IA 84 -40.08 -5.16 -95.42
C ARG IA 84 -39.65 -6.01 -96.60
N HIS IA 85 -40.07 -7.27 -96.65
CA HIS IA 85 -39.66 -8.18 -97.70
C HIS IA 85 -40.57 -8.18 -98.91
N GLY IA 86 -41.56 -7.29 -98.94
CA GLY IA 86 -42.44 -7.17 -100.09
C GLY IA 86 -43.88 -7.58 -99.84
N GLY IA 87 -44.27 -7.81 -98.58
CA GLY IA 87 -45.63 -8.21 -98.28
C GLY IA 87 -46.60 -7.05 -98.33
N ARG IA 88 -47.84 -7.35 -98.00
CA ARG IA 88 -48.93 -6.39 -98.02
C ARG IA 88 -49.72 -6.52 -96.73
N GLU IA 89 -49.96 -5.38 -96.06
CA GLU IA 89 -50.64 -5.41 -94.77
C GLU IA 89 -52.07 -5.92 -94.88
N GLU IA 90 -52.67 -5.88 -96.07
CA GLU IA 90 -54.04 -6.33 -96.24
C GLU IA 90 -54.15 -7.85 -96.39
N ASP IA 91 -53.03 -8.55 -96.57
CA ASP IA 91 -53.03 -10.00 -96.70
C ASP IA 91 -52.58 -10.70 -95.43
N ILE IA 92 -52.90 -10.11 -94.27
CA ILE IA 92 -52.59 -10.70 -92.97
C ILE IA 92 -53.86 -10.75 -92.15
N THR IA 93 -54.13 -11.91 -91.57
CA THR IA 93 -55.27 -12.10 -90.67
C THR IA 93 -54.76 -12.37 -89.26
N LEU IA 94 -55.38 -11.72 -88.29
CA LEU IA 94 -54.98 -11.85 -86.89
C LEU IA 94 -56.15 -12.36 -86.07
N VAL IA 95 -55.84 -13.29 -85.16
CA VAL IA 95 -56.83 -13.85 -84.24
C VAL IA 95 -56.25 -13.81 -82.83
N ARG IA 96 -57.06 -13.38 -81.86
CA ARG IA 96 -56.66 -13.33 -80.47
C ARG IA 96 -57.43 -14.38 -79.68
N VAL IA 97 -56.77 -14.98 -78.71
CA VAL IA 97 -57.35 -16.06 -77.91
C VAL IA 97 -57.10 -15.77 -76.44
N PRO IA 98 -57.95 -16.25 -75.53
CA PRO IA 98 -57.75 -15.91 -74.11
C PRO IA 98 -56.41 -16.32 -73.55
N GLY IA 99 -55.89 -17.50 -73.93
CA GLY IA 99 -54.69 -18.00 -73.29
C GLY IA 99 -54.02 -19.04 -74.16
N SER IA 100 -52.89 -19.54 -73.64
CA SER IA 100 -52.07 -20.46 -74.41
C SER IA 100 -52.77 -21.79 -74.69
N TRP IA 101 -53.65 -22.22 -73.79
CA TRP IA 101 -54.33 -23.50 -73.99
C TRP IA 101 -55.18 -23.50 -75.27
N GLU IA 102 -55.53 -22.34 -75.79
CA GLU IA 102 -56.45 -22.22 -76.91
C GLU IA 102 -55.75 -21.96 -78.23
N ILE IA 103 -54.42 -21.82 -78.26
CA ILE IA 103 -53.73 -21.56 -79.52
C ILE IA 103 -53.92 -22.71 -80.51
N PRO IA 104 -53.67 -23.98 -80.14
CA PRO IA 104 -53.77 -25.05 -81.14
C PRO IA 104 -55.15 -25.15 -81.79
N VAL IA 105 -56.22 -25.01 -81.00
CA VAL IA 105 -57.55 -25.18 -81.56
C VAL IA 105 -57.88 -24.03 -82.52
N ALA IA 106 -57.40 -22.82 -82.20
CA ALA IA 106 -57.67 -21.68 -83.06
C ALA IA 106 -56.89 -21.78 -84.37
N ALA IA 107 -55.63 -22.22 -84.31
CA ALA IA 107 -54.83 -22.31 -85.51
C ALA IA 107 -55.39 -23.33 -86.49
N GLY IA 108 -56.04 -24.38 -85.99
CA GLY IA 108 -56.62 -25.36 -86.87
C GLY IA 108 -57.69 -24.78 -87.78
N GLU IA 109 -58.35 -23.70 -87.34
CA GLU IA 109 -59.36 -23.07 -88.18
C GLU IA 109 -58.73 -22.28 -89.32
N LEU IA 110 -57.64 -21.55 -89.03
CA LEU IA 110 -56.95 -20.83 -90.08
C LEU IA 110 -56.36 -21.79 -91.12
N ALA IA 111 -55.76 -22.88 -90.65
CA ALA IA 111 -55.04 -23.77 -91.56
C ALA IA 111 -55.96 -24.37 -92.61
N ARG IA 112 -57.23 -24.58 -92.26
CA ARG IA 112 -58.16 -25.21 -93.20
C ARG IA 112 -58.66 -24.24 -94.26
N LYS IA 113 -58.39 -22.95 -94.11
CA LYS IA 113 -58.77 -21.99 -95.14
C LYS IA 113 -57.99 -22.26 -96.42
N GLU IA 114 -58.65 -22.06 -97.56
CA GLU IA 114 -58.02 -22.32 -98.86
C GLU IA 114 -57.08 -21.20 -99.28
N ASP IA 115 -57.14 -20.04 -98.64
CA ASP IA 115 -56.31 -18.90 -99.01
C ASP IA 115 -55.00 -18.84 -98.23
N ILE IA 116 -55.04 -19.08 -96.92
CA ILE IA 116 -53.85 -18.94 -96.10
C ILE IA 116 -52.80 -19.94 -96.52
N ASP IA 117 -51.53 -19.51 -96.50
CA ASP IA 117 -50.40 -20.34 -96.90
C ASP IA 117 -49.48 -20.72 -95.75
N ALA IA 118 -49.42 -19.90 -94.70
CA ALA IA 118 -48.63 -20.22 -93.52
C ALA IA 118 -49.29 -19.59 -92.31
N VAL IA 119 -48.98 -20.14 -91.14
CA VAL IA 119 -49.57 -19.71 -89.89
C VAL IA 119 -48.46 -19.52 -88.86
N ILE IA 120 -48.58 -18.45 -88.07
CA ILE IA 120 -47.58 -18.09 -87.08
C ILE IA 120 -48.29 -18.02 -85.73
N ALA IA 121 -47.70 -18.68 -84.73
CA ALA IA 121 -48.22 -18.69 -83.37
C ALA IA 121 -47.28 -17.94 -82.45
N ILE IA 122 -47.83 -17.01 -81.68
CA ILE IA 122 -47.06 -16.18 -80.75
C ILE IA 122 -47.72 -16.26 -79.39
N GLY IA 123 -46.91 -16.31 -78.34
CA GLY IA 123 -47.44 -16.34 -76.99
C GLY IA 123 -46.31 -16.31 -75.99
N VAL IA 124 -46.69 -16.23 -74.72
CA VAL IA 124 -45.74 -16.27 -73.61
C VAL IA 124 -46.21 -17.32 -72.62
N LEU IA 125 -45.25 -18.04 -72.04
CA LEU IA 125 -45.52 -19.11 -71.10
C LEU IA 125 -44.85 -18.79 -69.77
N ILE IA 126 -45.58 -18.98 -68.68
CA ILE IA 126 -45.04 -18.78 -67.33
C ILE IA 126 -44.68 -20.14 -66.76
N ARG IA 127 -43.39 -20.36 -66.51
CA ARG IA 127 -42.89 -21.62 -66.00
C ARG IA 127 -41.83 -21.38 -64.93
N GLY IA 128 -42.08 -20.43 -64.04
CA GLY IA 128 -41.12 -20.11 -62.99
C GLY IA 128 -41.73 -19.79 -61.65
N ALA IA 129 -43.06 -19.88 -61.54
CA ALA IA 129 -43.76 -19.56 -60.30
C ALA IA 129 -44.67 -20.67 -59.81
N THR IA 130 -45.31 -21.40 -60.72
CA THR IA 130 -46.26 -22.44 -60.35
C THR IA 130 -45.78 -23.79 -60.86
N PRO IA 131 -45.68 -24.86 -60.01
CA PRO IA 131 -45.30 -26.19 -60.49
C PRO IA 131 -46.48 -26.99 -61.05
N HIS IA 132 -47.34 -26.32 -61.82
CA HIS IA 132 -48.49 -26.95 -62.47
C HIS IA 132 -48.63 -26.60 -63.93
N PHE IA 133 -48.05 -25.50 -64.40
CA PHE IA 133 -48.18 -25.08 -65.79
C PHE IA 133 -47.49 -26.02 -66.76
N ASP IA 134 -46.66 -26.94 -66.28
CA ASP IA 134 -45.95 -27.85 -67.19
C ASP IA 134 -46.93 -28.64 -68.05
N TYR IA 135 -48.09 -28.99 -67.49
CA TYR IA 135 -49.09 -29.69 -68.29
C TYR IA 135 -49.59 -28.82 -69.43
N ILE IA 136 -49.84 -27.53 -69.16
CA ILE IA 136 -50.30 -26.63 -70.20
C ILE IA 136 -49.22 -26.46 -71.27
N ALA IA 137 -47.96 -26.28 -70.84
CA ALA IA 137 -46.90 -25.99 -71.79
C ALA IA 137 -46.68 -27.12 -72.76
N SER IA 138 -46.70 -28.37 -72.27
CA SER IA 138 -46.39 -29.51 -73.11
C SER IA 138 -47.43 -29.71 -74.21
N GLU IA 139 -48.70 -29.38 -73.95
CA GLU IA 139 -49.75 -29.63 -74.93
C GLU IA 139 -49.73 -28.64 -76.09
N VAL IA 140 -49.15 -27.45 -75.88
CA VAL IA 140 -49.06 -26.48 -76.97
C VAL IA 140 -48.14 -27.01 -78.06
N SER IA 141 -46.98 -27.53 -77.66
CA SER IA 141 -46.00 -28.03 -78.63
C SER IA 141 -46.53 -29.24 -79.38
N LYS IA 142 -47.23 -30.13 -78.68
CA LYS IA 142 -47.77 -31.32 -79.33
C LYS IA 142 -48.84 -30.97 -80.34
N GLY IA 143 -49.81 -30.14 -79.94
CA GLY IA 143 -50.95 -29.87 -80.81
C GLY IA 143 -50.55 -29.16 -82.08
N LEU IA 144 -49.66 -28.19 -81.98
CA LEU IA 144 -49.21 -27.46 -83.17
C LEU IA 144 -48.47 -28.37 -84.12
N ALA IA 145 -47.64 -29.27 -83.59
CA ALA IA 145 -46.85 -30.16 -84.44
C ALA IA 145 -47.73 -31.18 -85.15
N ASN IA 146 -48.74 -31.73 -84.47
CA ASN IA 146 -49.63 -32.68 -85.13
C ASN IA 146 -50.43 -32.05 -86.24
N LEU IA 147 -50.81 -30.78 -86.10
CA LEU IA 147 -51.63 -30.12 -87.11
C LEU IA 147 -50.89 -30.00 -88.43
N SER IA 148 -49.59 -29.67 -88.38
CA SER IA 148 -48.83 -29.48 -89.62
C SER IA 148 -48.81 -30.75 -90.45
N LEU IA 149 -48.58 -31.89 -89.81
CA LEU IA 149 -48.59 -33.16 -90.53
C LEU IA 149 -49.96 -33.48 -91.10
N GLU IA 150 -51.02 -33.26 -90.31
CA GLU IA 150 -52.35 -33.64 -90.73
C GLU IA 150 -52.84 -32.81 -91.90
N LEU IA 151 -52.68 -31.49 -91.82
CA LEU IA 151 -53.15 -30.58 -92.86
C LEU IA 151 -52.12 -30.31 -93.94
N ARG IA 152 -50.87 -30.74 -93.75
CA ARG IA 152 -49.82 -30.54 -94.74
C ARG IA 152 -49.64 -29.07 -95.09
N LYS IA 153 -49.42 -28.27 -94.05
CA LYS IA 153 -49.31 -26.82 -94.17
C LYS IA 153 -48.33 -26.36 -93.11
N PRO IA 154 -47.41 -25.45 -93.43
CA PRO IA 154 -46.43 -25.04 -92.41
C PRO IA 154 -47.03 -24.18 -91.32
N ILE IA 155 -46.68 -24.50 -90.08
CA ILE IA 155 -47.07 -23.74 -88.89
C ILE IA 155 -45.82 -23.49 -88.07
N THR IA 156 -45.56 -22.24 -87.74
CA THR IA 156 -44.32 -21.85 -87.10
C THR IA 156 -44.53 -21.55 -85.62
N PHE IA 157 -43.47 -21.77 -84.85
CA PHE IA 157 -43.49 -21.65 -83.40
C PHE IA 157 -42.85 -20.32 -82.99
N GLY IA 158 -43.59 -19.50 -82.26
CA GLY IA 158 -43.10 -18.22 -81.79
C GLY IA 158 -43.36 -17.99 -80.32
N VAL IA 159 -43.23 -19.04 -79.52
CA VAL IA 159 -43.62 -19.02 -78.11
C VAL IA 159 -42.39 -18.70 -77.26
N ILE IA 160 -42.52 -17.68 -76.42
CA ILE IA 160 -41.49 -17.28 -75.47
C ILE IA 160 -41.79 -17.93 -74.13
N THR IA 161 -40.73 -18.18 -73.35
CA THR IA 161 -40.83 -18.65 -71.98
C THR IA 161 -40.25 -17.59 -71.06
N ALA IA 162 -40.97 -17.28 -69.99
CA ALA IA 162 -40.54 -16.25 -69.06
C ALA IA 162 -39.71 -16.86 -67.93
N ASN JA 16 22.13 24.22 -80.67
CA ASN JA 16 20.73 24.53 -80.91
C ASN JA 16 20.07 23.46 -81.78
N LYS JA 17 18.75 23.44 -81.78
CA LYS JA 17 17.97 22.50 -82.58
C LYS JA 17 17.66 23.03 -83.97
N GLY JA 18 18.43 24.01 -84.45
CA GLY JA 18 18.17 24.60 -85.75
C GLY JA 18 18.97 23.97 -86.86
N TRP JA 19 20.27 23.72 -86.62
CA TRP JA 19 21.10 23.15 -87.66
C TRP JA 19 20.65 21.75 -88.05
N GLU JA 20 20.00 21.03 -87.13
CA GLU JA 20 19.44 19.73 -87.48
C GLU JA 20 18.39 19.88 -88.56
N ALA JA 21 17.50 20.86 -88.42
CA ALA JA 21 16.56 21.17 -89.48
C ALA JA 21 17.27 21.55 -90.76
N ALA JA 22 18.46 22.14 -90.65
CA ALA JA 22 19.20 22.53 -91.84
C ALA JA 22 19.82 21.33 -92.53
N LEU JA 23 20.43 20.43 -91.76
CA LEU JA 23 21.11 19.28 -92.38
C LEU JA 23 20.13 18.47 -93.22
N SER JA 24 18.91 18.27 -92.72
CA SER JA 24 17.92 17.50 -93.47
C SER JA 24 17.67 18.11 -94.83
N ALA JA 25 17.61 19.44 -94.91
CA ALA JA 25 17.25 20.09 -96.16
C ALA JA 25 18.29 19.85 -97.24
N ILE JA 26 19.58 19.99 -96.91
CA ILE JA 26 20.61 19.79 -97.91
C ILE JA 26 20.62 18.35 -98.40
N GLU JA 27 20.53 17.38 -97.48
CA GLU JA 27 20.53 15.98 -97.89
C GLU JA 27 19.40 15.70 -98.86
N MET JA 28 18.17 16.10 -98.51
CA MET JA 28 17.04 15.84 -99.37
C MET JA 28 17.15 16.61 -100.68
N ALA JA 29 17.64 17.85 -100.63
CA ALA JA 29 17.75 18.65 -101.84
C ALA JA 29 18.69 17.99 -102.85
N ASN JA 30 19.81 17.45 -102.37
CA ASN JA 30 20.73 16.75 -103.26
C ASN JA 30 20.13 15.44 -103.74
N LEU JA 31 19.44 14.73 -102.85
CA LEU JA 31 18.85 13.44 -103.22
C LEU JA 31 17.84 13.60 -104.34
N PHE JA 32 17.01 14.63 -104.28
CA PHE JA 32 15.99 14.81 -105.29
C PHE JA 32 16.58 15.08 -106.67
N LYS JA 33 17.79 15.65 -106.72
CA LYS JA 33 18.45 15.84 -108.00
C LYS JA 33 18.80 14.52 -108.66
N SER JA 34 19.25 13.54 -107.86
CA SER JA 34 19.65 12.26 -108.41
C SER JA 34 18.49 11.56 -109.09
N LEU JA 35 17.36 11.42 -108.39
CA LEU JA 35 16.26 10.63 -108.93
C LEU JA 35 15.74 11.22 -110.24
N ARG JA 36 15.60 12.54 -110.31
CA ARG JA 36 15.07 13.17 -111.50
C ARG JA 36 16.00 12.99 -112.71
N GLY JA 37 17.27 12.67 -112.48
CA GLY JA 37 18.21 12.47 -113.55
C GLY JA 37 18.11 11.09 -114.15
N THR JA 38 19.06 10.80 -115.04
CA THR JA 38 19.07 9.51 -115.72
C THR JA 38 19.36 8.38 -114.73
N GLY JA 39 18.86 7.19 -115.06
CA GLY JA 39 19.04 6.04 -114.22
C GLY JA 39 20.44 5.46 -114.32
N GLY JA 40 20.65 4.38 -113.56
CA GLY JA 40 21.94 3.72 -113.52
C GLY JA 40 22.17 2.84 -114.73
N SER JA 41 23.35 2.23 -114.75
CA SER JA 41 23.76 1.34 -115.84
C SER JA 41 23.25 -0.08 -115.65
N GLY JA 42 22.58 -0.38 -114.54
CA GLY JA 42 22.09 -1.71 -114.30
C GLY JA 42 23.19 -2.65 -113.86
N SER JA 43 22.85 -3.94 -113.84
CA SER JA 43 23.71 -5.04 -113.46
C SER JA 43 23.92 -5.13 -111.95
N SER JA 44 23.38 -4.20 -111.17
CA SER JA 44 23.49 -4.26 -109.73
C SER JA 44 22.41 -3.40 -109.11
N MET JA 45 22.16 -3.62 -107.83
CA MET JA 45 21.16 -2.84 -107.12
C MET JA 45 21.58 -1.38 -107.05
N GLU JA 46 20.64 -0.48 -107.32
CA GLU JA 46 20.90 0.95 -107.32
C GLU JA 46 20.59 1.51 -105.94
N ILE JA 47 21.59 2.08 -105.28
CA ILE JA 47 21.42 2.75 -104.00
C ILE JA 47 21.55 4.24 -104.23
N TYR JA 48 20.47 4.97 -103.96
CA TYR JA 48 20.46 6.44 -104.02
C TYR JA 48 20.63 6.99 -102.62
N GLU JA 49 21.58 7.91 -102.46
CA GLU JA 49 21.74 8.61 -101.20
C GLU JA 49 22.27 10.00 -101.49
N GLY JA 50 21.79 10.99 -100.73
CA GLY JA 50 22.13 12.37 -100.99
C GLY JA 50 23.42 12.81 -100.33
N LYS JA 51 24.05 13.83 -100.92
CA LYS JA 51 25.30 14.37 -100.44
C LYS JA 51 25.05 15.47 -99.41
N LEU JA 52 26.14 16.02 -98.88
CA LEU JA 52 26.09 17.14 -97.95
C LEU JA 52 26.74 18.40 -98.53
N THR JA 53 26.89 18.46 -99.86
CA THR JA 53 27.43 19.64 -100.51
C THR JA 53 26.31 20.63 -100.77
N ALA JA 54 26.37 21.79 -100.14
CA ALA JA 54 25.32 22.79 -100.21
C ALA JA 54 25.43 23.71 -101.41
N GLU JA 55 26.50 23.60 -102.20
CA GLU JA 55 26.72 24.55 -103.27
C GLU JA 55 25.68 24.40 -104.37
N GLY JA 56 25.15 25.53 -104.83
CA GLY JA 56 24.17 25.55 -105.90
C GLY JA 56 22.72 25.44 -105.47
N LEU JA 57 22.45 25.34 -104.17
CA LEU JA 57 21.10 25.13 -103.67
C LEU JA 57 20.52 26.44 -103.15
N ARG JA 58 19.29 26.74 -103.58
CA ARG JA 58 18.55 27.91 -103.10
C ARG JA 58 17.61 27.48 -101.98
N PHE JA 59 17.64 28.20 -100.87
CA PHE JA 59 16.87 27.86 -99.69
C PHE JA 59 15.92 28.99 -99.31
N GLY JA 60 14.77 28.60 -98.78
CA GLY JA 60 13.87 29.54 -98.13
C GLY JA 60 13.71 29.15 -96.67
N ILE JA 61 13.51 30.16 -95.82
CA ILE JA 61 13.27 29.95 -94.40
C ILE JA 61 12.07 30.80 -93.99
N VAL JA 62 11.16 30.20 -93.21
CA VAL JA 62 10.00 30.88 -92.68
C VAL JA 62 10.03 30.78 -91.16
N ALA JA 63 9.94 31.92 -90.48
CA ALA JA 63 10.02 31.96 -89.03
C ALA JA 63 8.94 32.90 -88.50
N SER JA 64 8.54 32.67 -87.26
CA SER JA 64 7.55 33.49 -86.58
C SER JA 64 8.22 34.44 -85.61
N ARG JA 65 7.43 35.38 -85.09
CA ARG JA 65 7.97 36.43 -84.22
C ARG JA 65 7.71 36.20 -82.74
N PHE JA 66 6.67 35.45 -82.38
CA PHE JA 66 6.38 35.22 -80.97
C PHE JA 66 7.57 34.52 -80.32
N ASN JA 67 7.97 35.01 -79.15
CA ASN JA 67 9.16 34.53 -78.45
C ASN JA 67 10.41 34.76 -79.30
N HIS JA 68 10.66 36.04 -79.62
CA HIS JA 68 11.76 36.38 -80.49
C HIS JA 68 13.11 35.98 -79.91
N ALA JA 69 13.21 35.83 -78.59
CA ALA JA 69 14.48 35.44 -77.99
C ALA JA 69 14.91 34.07 -78.49
N LEU JA 70 14.01 33.09 -78.43
CA LEU JA 70 14.37 31.74 -78.87
C LEU JA 70 14.51 31.67 -80.37
N VAL JA 71 13.55 32.24 -81.11
CA VAL JA 71 13.59 32.17 -82.56
C VAL JA 71 14.80 32.88 -83.13
N ASP JA 72 15.35 33.86 -82.40
CA ASP JA 72 16.51 34.58 -82.89
C ASP JA 72 17.71 33.65 -83.07
N ARG JA 73 17.94 32.75 -82.10
CA ARG JA 73 19.09 31.86 -82.19
C ARG JA 73 18.83 30.66 -83.08
N LEU JA 74 17.58 30.19 -83.16
CA LEU JA 74 17.27 29.08 -84.06
C LEU JA 74 17.54 29.46 -85.51
N VAL JA 75 17.13 30.66 -85.92
CA VAL JA 75 17.34 31.05 -87.31
C VAL JA 75 18.82 31.26 -87.59
N GLU JA 76 19.52 31.93 -86.66
CA GLU JA 76 20.95 32.15 -86.86
C GLU JA 76 21.70 30.83 -86.92
N GLY JA 77 21.37 29.90 -86.02
CA GLY JA 77 22.01 28.60 -86.06
C GLY JA 77 21.77 27.88 -87.37
N ALA JA 78 20.57 28.03 -87.92
CA ALA JA 78 20.28 27.42 -89.22
C ALA JA 78 21.12 28.04 -90.32
N ILE JA 79 21.31 29.36 -90.29
CA ILE JA 79 22.09 30.01 -91.34
C ILE JA 79 23.55 29.64 -91.24
N ASP JA 80 24.05 29.38 -90.03
CA ASP JA 80 25.45 29.02 -89.84
C ASP JA 80 25.80 27.70 -90.52
N CYS JA 81 24.81 26.85 -90.84
CA CYS JA 81 25.10 25.52 -91.35
C CYS JA 81 25.12 25.46 -92.87
N ILE JA 82 24.33 26.28 -93.56
CA ILE JA 82 24.40 26.30 -95.01
C ILE JA 82 25.70 26.92 -95.47
N VAL JA 83 26.14 27.99 -94.80
CA VAL JA 83 27.38 28.65 -95.20
C VAL JA 83 28.57 27.73 -94.99
N ARG JA 84 28.61 27.01 -93.86
CA ARG JA 84 29.77 26.17 -93.57
C ARG JA 84 29.89 25.01 -94.55
N HIS JA 85 28.76 24.44 -94.98
CA HIS JA 85 28.77 23.35 -95.95
C HIS JA 85 28.85 23.85 -97.39
N GLY JA 86 29.27 25.09 -97.59
CA GLY JA 86 29.50 25.59 -98.94
C GLY JA 86 28.29 26.26 -99.55
N GLY JA 87 27.71 27.22 -98.84
CA GLY JA 87 26.49 27.87 -99.30
C GLY JA 87 26.53 29.38 -99.19
N ARG JA 88 26.27 30.06 -100.31
CA ARG JA 88 26.25 31.51 -100.34
C ARG JA 88 25.02 32.03 -99.61
N GLU JA 89 25.21 33.10 -98.83
CA GLU JA 89 24.06 33.78 -98.22
C GLU JA 89 23.25 34.57 -99.24
N GLU JA 90 23.75 34.73 -100.46
CA GLU JA 90 23.01 35.41 -101.51
C GLU JA 90 21.82 34.60 -102.01
N ASP JA 91 21.69 33.34 -101.59
CA ASP JA 91 20.60 32.47 -102.04
C ASP JA 91 19.54 32.21 -100.98
N ILE JA 92 19.83 32.50 -99.72
CA ILE JA 92 18.84 32.33 -98.66
C ILE JA 92 17.82 33.46 -98.74
N THR JA 93 16.53 33.11 -98.59
CA THR JA 93 15.45 34.07 -98.49
C THR JA 93 14.74 33.85 -97.15
N LEU JA 94 14.39 34.94 -96.48
CA LEU JA 94 13.79 34.88 -95.16
C LEU JA 94 12.44 35.60 -95.17
N VAL JA 95 11.43 34.93 -94.61
CA VAL JA 95 10.09 35.48 -94.44
C VAL JA 95 9.73 35.41 -92.96
N ARG JA 96 9.24 36.50 -92.41
CA ARG JA 96 8.77 36.56 -91.04
C ARG JA 96 7.25 36.68 -91.04
N VAL JA 97 6.59 35.95 -90.14
CA VAL JA 97 5.14 35.92 -90.06
C VAL JA 97 4.73 36.17 -88.62
N PRO JA 98 3.51 36.68 -88.40
CA PRO JA 98 3.09 37.00 -87.03
C PRO JA 98 3.13 35.83 -86.06
N GLY JA 99 2.40 34.76 -86.35
CA GLY JA 99 2.28 33.65 -85.43
C GLY JA 99 2.41 32.32 -86.16
N SER JA 100 2.29 31.24 -85.37
CA SER JA 100 2.44 29.91 -85.92
C SER JA 100 1.34 29.59 -86.94
N TRP JA 101 0.14 30.15 -86.74
CA TRP JA 101 -0.98 29.84 -87.62
C TRP JA 101 -0.69 30.20 -89.06
N GLU JA 102 0.26 31.09 -89.31
CA GLU JA 102 0.54 31.57 -90.65
C GLU JA 102 1.74 30.89 -91.30
N ILE JA 103 2.40 29.95 -90.61
CA ILE JA 103 3.53 29.26 -91.21
C ILE JA 103 3.13 28.51 -92.47
N PRO JA 104 2.06 27.71 -92.50
CA PRO JA 104 1.77 26.91 -93.69
C PRO JA 104 1.42 27.73 -94.93
N VAL JA 105 0.63 28.78 -94.81
CA VAL JA 105 0.25 29.56 -95.98
C VAL JA 105 1.46 30.28 -96.56
N ALA JA 106 2.36 30.74 -95.71
CA ALA JA 106 3.55 31.41 -96.20
C ALA JA 106 4.50 30.44 -96.89
N ALA JA 107 4.64 29.22 -96.34
CA ALA JA 107 5.52 28.24 -96.95
C ALA JA 107 5.04 27.85 -98.34
N GLY JA 108 3.75 27.92 -98.59
CA GLY JA 108 3.24 27.55 -99.91
C GLY JA 108 3.69 28.51 -100.99
N GLU JA 109 3.65 29.82 -100.71
CA GLU JA 109 4.08 30.79 -101.71
C GLU JA 109 5.57 30.63 -102.03
N LEU JA 110 6.39 30.39 -101.01
CA LEU JA 110 7.81 30.15 -101.25
C LEU JA 110 8.02 28.84 -102.02
N ALA JA 111 7.36 27.76 -101.58
CA ALA JA 111 7.57 26.46 -102.19
C ALA JA 111 7.10 26.41 -103.63
N ARG JA 112 6.23 27.32 -104.05
CA ARG JA 112 5.74 27.35 -105.42
C ARG JA 112 6.65 28.14 -106.35
N LYS JA 113 7.69 28.77 -105.82
CA LYS JA 113 8.64 29.49 -106.65
C LYS JA 113 9.64 28.52 -107.26
N GLU JA 114 9.88 28.64 -108.56
CA GLU JA 114 10.73 27.69 -109.26
C GLU JA 114 12.17 27.75 -108.77
N ASP JA 115 12.64 28.92 -108.34
CA ASP JA 115 14.03 29.12 -107.94
C ASP JA 115 14.31 28.67 -106.51
N ILE JA 116 13.43 27.88 -105.90
CA ILE JA 116 13.65 27.36 -104.57
C ILE JA 116 13.63 25.84 -104.64
N ASP JA 117 14.46 25.21 -103.81
CA ASP JA 117 14.57 23.76 -103.78
C ASP JA 117 14.44 23.16 -102.40
N ALA JA 118 14.24 23.97 -101.36
CA ALA JA 118 14.01 23.45 -100.03
C ALA JA 118 13.53 24.60 -99.15
N VAL JA 119 12.58 24.29 -98.26
CA VAL JA 119 12.03 25.25 -97.32
C VAL JA 119 12.24 24.73 -95.91
N ILE JA 120 12.63 25.61 -95.01
CA ILE JA 120 12.83 25.29 -93.60
C ILE JA 120 11.83 26.09 -92.79
N ALA JA 121 11.11 25.41 -91.89
CA ALA JA 121 10.09 26.03 -91.06
C ALA JA 121 10.55 26.04 -89.62
N ILE JA 122 10.52 27.21 -89.00
CA ILE JA 122 11.00 27.40 -87.63
C ILE JA 122 9.93 28.13 -86.84
N GLY JA 123 9.69 27.69 -85.63
CA GLY JA 123 8.69 28.32 -84.78
C GLY JA 123 8.63 27.62 -83.44
N VAL JA 124 7.83 28.21 -82.55
CA VAL JA 124 7.65 27.70 -81.19
C VAL JA 124 6.17 27.52 -80.94
N LEU JA 125 5.77 26.33 -80.50
CA LEU JA 125 4.41 26.03 -80.15
C LEU JA 125 4.31 25.88 -78.64
N ILE JA 126 3.42 26.63 -78.02
CA ILE JA 126 3.25 26.61 -76.57
C ILE JA 126 2.22 25.54 -76.20
N ARG JA 127 2.46 24.86 -75.09
CA ARG JA 127 1.59 23.80 -74.59
C ARG JA 127 1.16 24.11 -73.16
N GLY JA 128 0.75 25.36 -72.93
CA GLY JA 128 0.34 25.77 -71.60
C GLY JA 128 -1.04 25.25 -71.24
N ALA JA 129 -1.40 25.47 -69.98
CA ALA JA 129 -2.70 25.03 -69.49
C ALA JA 129 -3.86 25.75 -70.18
N THR JA 130 -3.61 26.90 -70.77
CA THR JA 130 -4.67 27.64 -71.45
C THR JA 130 -5.17 26.85 -72.65
N PRO JA 131 -6.48 26.61 -72.78
CA PRO JA 131 -6.96 25.82 -73.94
C PRO JA 131 -7.05 26.67 -75.20
N HIS JA 132 -7.58 26.07 -76.27
CA HIS JA 132 -7.80 26.66 -77.58
C HIS JA 132 -6.51 26.77 -78.40
N PHE JA 133 -5.35 26.41 -77.85
CA PHE JA 133 -4.12 26.44 -78.60
C PHE JA 133 -3.82 25.11 -79.30
N ASP JA 134 -4.36 23.99 -78.79
CA ASP JA 134 -4.13 22.71 -79.44
C ASP JA 134 -4.67 22.71 -80.86
N TYR JA 135 -5.73 23.49 -81.13
CA TYR JA 135 -6.24 23.60 -82.48
C TYR JA 135 -5.19 24.20 -83.41
N ILE JA 136 -4.50 25.24 -82.96
CA ILE JA 136 -3.45 25.84 -83.77
C ILE JA 136 -2.27 24.88 -83.88
N ALA JA 137 -1.89 24.22 -82.79
CA ALA JA 137 -0.69 23.39 -82.78
C ALA JA 137 -0.83 22.22 -83.76
N SER JA 138 -1.95 21.52 -83.70
CA SER JA 138 -2.12 20.33 -84.53
C SER JA 138 -2.15 20.69 -86.01
N GLU JA 139 -2.83 21.78 -86.36
CA GLU JA 139 -2.99 22.11 -87.78
C GLU JA 139 -1.67 22.50 -88.44
N VAL JA 140 -0.71 22.98 -87.65
CA VAL JA 140 0.56 23.41 -88.25
C VAL JA 140 1.30 22.21 -88.84
N SER JA 141 1.38 21.12 -88.08
CA SER JA 141 2.09 19.94 -88.57
C SER JA 141 1.40 19.36 -89.79
N LYS JA 142 0.09 19.21 -89.73
CA LYS JA 142 -0.64 18.59 -90.84
C LYS JA 142 -0.50 19.38 -92.11
N GLY JA 143 -0.61 20.70 -92.04
CA GLY JA 143 -0.56 21.52 -93.23
C GLY JA 143 0.77 21.42 -93.96
N LEU JA 144 1.87 21.46 -93.21
CA LEU JA 144 3.18 21.37 -93.84
C LEU JA 144 3.36 20.04 -94.54
N ALA JA 145 2.89 18.95 -93.92
CA ALA JA 145 3.04 17.64 -94.53
C ALA JA 145 2.27 17.54 -95.85
N ASN JA 146 1.06 18.09 -95.89
CA ASN JA 146 0.27 18.02 -97.12
C ASN JA 146 0.91 18.81 -98.25
N LEU JA 147 1.48 19.98 -97.93
CA LEU JA 147 2.11 20.80 -98.96
C LEU JA 147 3.23 20.04 -99.66
N SER JA 148 4.04 19.32 -98.90
CA SER JA 148 5.21 18.67 -99.48
C SER JA 148 4.80 17.66 -100.55
N LEU JA 149 3.75 16.89 -100.27
CA LEU JA 149 3.31 15.88 -101.22
C LEU JA 149 2.60 16.51 -102.42
N GLU JA 150 1.83 17.57 -102.19
CA GLU JA 150 1.07 18.18 -103.27
C GLU JA 150 1.99 18.90 -104.24
N LEU JA 151 3.09 19.45 -103.75
CA LEU JA 151 4.03 20.20 -104.58
C LEU JA 151 5.29 19.41 -104.92
N ARG JA 152 5.56 18.29 -104.25
CA ARG JA 152 6.73 17.47 -104.50
C ARG JA 152 8.02 18.26 -104.26
N LYS JA 153 8.21 18.64 -103.00
CA LYS JA 153 9.35 19.42 -102.59
C LYS JA 153 9.56 19.25 -101.09
N PRO JA 154 10.77 18.97 -100.62
CA PRO JA 154 10.96 18.79 -99.18
C PRO JA 154 10.66 20.06 -98.40
N ILE JA 155 10.02 19.88 -97.24
CA ILE JA 155 9.77 20.98 -96.32
C ILE JA 155 10.13 20.51 -94.93
N THR JA 156 11.33 20.82 -94.49
CA THR JA 156 11.81 20.33 -93.21
C THR JA 156 11.02 20.99 -92.08
N PHE JA 157 10.99 20.30 -90.95
CA PHE JA 157 10.17 20.68 -89.79
C PHE JA 157 11.11 21.02 -88.65
N GLY JA 158 11.02 22.26 -88.15
CA GLY JA 158 11.93 22.71 -87.12
C GLY JA 158 11.22 23.39 -85.96
N VAL JA 159 10.02 22.94 -85.65
CA VAL JA 159 9.22 23.55 -84.60
C VAL JA 159 9.62 22.95 -83.26
N ILE JA 160 9.64 23.79 -82.23
CA ILE JA 160 10.02 23.39 -80.88
C ILE JA 160 8.87 23.72 -79.94
N THR JA 161 8.79 22.99 -78.84
CA THR JA 161 7.75 23.19 -77.84
C THR JA 161 8.39 23.50 -76.49
N ALA JA 162 7.86 24.51 -75.80
CA ALA JA 162 8.41 24.90 -74.51
C ALA JA 162 8.18 23.82 -73.47
N GLY KA 15 9.52 -14.61 -89.70
CA GLY KA 15 10.79 -13.92 -89.56
C GLY KA 15 10.65 -12.53 -88.99
N ASN KA 16 11.32 -11.57 -89.60
CA ASN KA 16 11.28 -10.18 -89.17
C ASN KA 16 10.22 -9.42 -89.97
N LYS KA 17 9.91 -8.22 -89.49
CA LYS KA 17 8.88 -7.42 -90.13
C LYS KA 17 9.24 -7.10 -91.58
N GLY KA 18 10.52 -7.08 -91.91
CA GLY KA 18 10.91 -6.85 -93.29
C GLY KA 18 10.50 -7.97 -94.21
N TRP KA 19 10.66 -9.21 -93.75
CA TRP KA 19 10.20 -10.36 -94.53
C TRP KA 19 8.71 -10.25 -94.81
N GLU KA 20 7.93 -9.89 -93.79
CA GLU KA 20 6.48 -9.79 -93.96
C GLU KA 20 6.11 -8.72 -94.97
N ALA KA 21 6.77 -7.57 -94.92
CA ALA KA 21 6.43 -6.48 -95.83
C ALA KA 21 6.68 -6.85 -97.28
N ALA KA 22 7.79 -7.54 -97.55
CA ALA KA 22 8.09 -7.95 -98.92
C ALA KA 22 7.05 -8.92 -99.45
N LEU KA 23 6.58 -9.84 -98.61
CA LEU KA 23 5.56 -10.79 -99.05
C LEU KA 23 4.29 -10.08 -99.50
N SER KA 24 3.84 -9.10 -98.71
CA SER KA 24 2.62 -8.39 -99.06
C SER KA 24 2.78 -7.65 -100.38
N ALA KA 25 3.96 -7.07 -100.60
CA ALA KA 25 4.21 -6.34 -101.85
C ALA KA 25 4.13 -7.26 -103.06
N ILE KA 26 4.67 -8.47 -102.94
CA ILE KA 26 4.67 -9.38 -104.08
C ILE KA 26 3.25 -9.81 -104.41
N GLU KA 27 2.42 -10.07 -103.39
CA GLU KA 27 1.07 -10.53 -103.65
C GLU KA 27 0.19 -9.41 -104.19
N MET KA 28 0.31 -8.21 -103.63
CA MET KA 28 -0.48 -7.08 -104.14
C MET KA 28 -0.07 -6.71 -105.56
N ALA KA 29 1.23 -6.77 -105.86
CA ALA KA 29 1.69 -6.45 -107.20
C ALA KA 29 1.13 -7.41 -108.23
N ASN KA 30 1.07 -8.70 -107.89
CA ASN KA 30 0.47 -9.68 -108.80
C ASN KA 30 -1.04 -9.51 -108.88
N LEU KA 31 -1.68 -9.13 -107.76
CA LEU KA 31 -3.13 -8.98 -107.76
C LEU KA 31 -3.56 -7.88 -108.73
N PHE KA 32 -2.88 -6.74 -108.71
CA PHE KA 32 -3.27 -5.63 -109.57
C PHE KA 32 -3.12 -6.01 -111.04
N LYS KA 33 -2.15 -6.86 -111.36
CA LYS KA 33 -1.95 -7.30 -112.73
C LYS KA 33 -3.09 -8.18 -113.22
N SER KA 34 -3.85 -8.80 -112.32
CA SER KA 34 -4.97 -9.64 -112.69
C SER KA 34 -6.25 -8.85 -112.92
N LEU KA 35 -6.50 -7.85 -112.08
CA LEU KA 35 -7.71 -7.05 -112.24
C LEU KA 35 -7.72 -6.32 -113.58
N ARG KA 36 -6.58 -5.82 -113.99
CA ARG KA 36 -6.46 -5.08 -115.26
C ARG KA 36 -6.66 -6.05 -116.43
N GLY KA 37 -6.53 -7.38 -116.25
CA GLY KA 37 -6.74 -8.33 -117.30
C GLY KA 37 -8.19 -8.71 -117.47
N THR KA 38 -8.42 -9.65 -118.39
CA THR KA 38 -9.78 -10.09 -118.70
C THR KA 38 -10.36 -10.88 -117.54
N GLY KA 39 -11.69 -10.94 -117.50
CA GLY KA 39 -12.39 -11.66 -116.46
C GLY KA 39 -12.41 -13.16 -116.68
N GLY KA 40 -13.09 -13.85 -115.79
CA GLY KA 40 -13.18 -15.29 -115.83
C GLY KA 40 -14.17 -15.77 -116.89
N SER KA 41 -14.24 -17.10 -117.01
CA SER KA 41 -15.13 -17.72 -118.00
C SER KA 41 -16.61 -17.47 -117.67
N GLY KA 42 -16.92 -17.11 -116.42
CA GLY KA 42 -18.29 -16.85 -116.03
C GLY KA 42 -19.00 -18.09 -115.51
N SER KA 43 -20.28 -17.91 -115.24
CA SER KA 43 -21.16 -18.96 -114.71
C SER KA 43 -20.85 -19.31 -113.26
N SER KA 44 -20.01 -18.54 -112.60
CA SER KA 44 -19.68 -18.79 -111.19
C SER KA 44 -18.99 -17.54 -110.64
N MET KA 45 -18.79 -17.54 -109.33
CA MET KA 45 -18.07 -16.44 -108.71
C MET KA 45 -16.67 -16.31 -109.29
N GLU KA 46 -16.24 -15.08 -109.52
CA GLU KA 46 -14.88 -14.78 -109.91
C GLU KA 46 -14.10 -14.42 -108.66
N ILE KA 47 -13.06 -15.20 -108.35
CA ILE KA 47 -12.17 -14.94 -107.23
C ILE KA 47 -10.85 -14.45 -107.78
N TYR KA 48 -10.45 -13.25 -107.39
CA TYR KA 48 -9.17 -12.68 -107.77
C TYR KA 48 -8.21 -12.79 -106.60
N GLU KA 49 -7.02 -13.34 -106.85
CA GLU KA 49 -6.01 -13.48 -105.82
C GLU KA 49 -4.64 -13.30 -106.47
N GLY KA 50 -3.64 -13.02 -105.63
CA GLY KA 50 -2.29 -12.75 -106.09
C GLY KA 50 -1.36 -13.91 -105.77
N LYS KA 51 -0.59 -14.32 -106.77
CA LYS KA 51 0.41 -15.35 -106.58
C LYS KA 51 1.59 -14.79 -105.80
N LEU KA 52 2.61 -15.63 -105.59
CA LEU KA 52 3.83 -15.23 -104.91
C LEU KA 52 5.05 -15.44 -105.81
N THR KA 53 4.85 -15.37 -107.12
CA THR KA 53 5.95 -15.41 -108.07
C THR KA 53 6.46 -13.98 -108.29
N ALA KA 54 7.76 -13.79 -108.11
CA ALA KA 54 8.40 -12.47 -108.18
C ALA KA 54 9.32 -12.34 -109.37
N GLU KA 55 8.94 -12.92 -110.50
CA GLU KA 55 9.78 -12.94 -111.70
C GLU KA 55 9.19 -11.99 -112.73
N GLY KA 56 9.91 -10.92 -113.04
CA GLY KA 56 9.43 -9.89 -113.93
C GLY KA 56 8.92 -8.64 -113.25
N LEU KA 57 9.06 -8.53 -111.93
CA LEU KA 57 8.53 -7.41 -111.17
C LEU KA 57 9.67 -6.55 -110.64
N ARG KA 58 9.41 -5.24 -110.60
CA ARG KA 58 10.37 -4.26 -110.12
C ARG KA 58 9.88 -3.65 -108.82
N PHE KA 59 10.81 -3.46 -107.88
CA PHE KA 59 10.46 -3.09 -106.51
C PHE KA 59 11.27 -1.87 -106.08
N GLY KA 60 10.79 -1.24 -105.00
CA GLY KA 60 11.47 -0.12 -104.40
C GLY KA 60 11.40 -0.14 -102.90
N ILE KA 61 12.47 0.24 -102.23
CA ILE KA 61 12.56 0.22 -100.77
C ILE KA 61 13.00 1.60 -100.30
N VAL KA 62 12.36 2.10 -99.25
CA VAL KA 62 12.70 3.37 -98.63
C VAL KA 62 12.93 3.13 -97.15
N ALA KA 63 14.12 3.49 -96.67
CA ALA KA 63 14.52 3.21 -95.30
C ALA KA 63 15.21 4.42 -94.70
N SER KA 64 15.19 4.50 -93.37
CA SER KA 64 15.75 5.62 -92.63
C SER KA 64 17.06 5.21 -91.95
N ARG KA 65 17.89 6.21 -91.67
CA ARG KA 65 19.17 5.97 -91.02
C ARG KA 65 19.04 5.70 -89.53
N PHE KA 66 18.00 6.22 -88.88
CA PHE KA 66 17.92 6.15 -87.43
C PHE KA 66 17.95 4.70 -86.96
N ASN KA 67 18.73 4.45 -85.91
CA ASN KA 67 18.93 3.10 -85.37
C ASN KA 67 19.36 2.14 -86.48
N HIS KA 68 20.50 2.47 -87.09
CA HIS KA 68 20.98 1.68 -88.23
C HIS KA 68 21.21 0.22 -87.85
N ALA KA 69 21.41 -0.07 -86.57
CA ALA KA 69 21.54 -1.46 -86.15
C ALA KA 69 20.29 -2.26 -86.50
N LEU KA 70 19.12 -1.74 -86.09
CA LEU KA 70 17.87 -2.46 -86.35
C LEU KA 70 17.46 -2.35 -87.81
N VAL KA 71 17.58 -1.16 -88.40
CA VAL KA 71 17.02 -0.94 -89.73
C VAL KA 71 17.74 -1.80 -90.76
N ASP KA 72 19.04 -2.00 -90.59
CA ASP KA 72 19.80 -2.80 -91.55
C ASP KA 72 19.28 -4.24 -91.58
N ARG KA 73 18.93 -4.78 -90.42
CA ARG KA 73 18.39 -6.14 -90.39
C ARG KA 73 17.10 -6.23 -91.19
N LEU KA 74 16.25 -5.21 -91.09
CA LEU KA 74 14.98 -5.25 -91.81
C LEU KA 74 15.19 -5.16 -93.32
N VAL KA 75 16.15 -4.36 -93.76
CA VAL KA 75 16.38 -4.23 -95.19
C VAL KA 75 16.95 -5.51 -95.77
N GLU KA 76 17.77 -6.23 -94.99
CA GLU KA 76 18.26 -7.52 -95.46
C GLU KA 76 17.12 -8.51 -95.64
N GLY KA 77 16.15 -8.49 -94.72
CA GLY KA 77 15.04 -9.42 -94.83
C GLY KA 77 14.24 -9.24 -96.11
N ALA KA 78 13.96 -7.99 -96.47
CA ALA KA 78 13.18 -7.73 -97.69
C ALA KA 78 13.93 -8.22 -98.92
N ILE KA 79 15.24 -8.00 -98.97
CA ILE KA 79 16.03 -8.46 -100.11
C ILE KA 79 16.02 -9.98 -100.18
N ASP KA 80 16.17 -10.65 -99.03
CA ASP KA 80 16.15 -12.11 -99.02
C ASP KA 80 14.85 -12.65 -99.56
N CYS KA 81 13.72 -12.07 -99.13
CA CYS KA 81 12.42 -12.59 -99.53
C CYS KA 81 12.22 -12.51 -101.03
N ILE KA 82 12.61 -11.39 -101.64
CA ILE KA 82 12.40 -11.22 -103.08
C ILE KA 82 13.27 -12.19 -103.87
N VAL KA 83 14.51 -12.41 -103.41
CA VAL KA 83 15.40 -13.30 -104.13
C VAL KA 83 14.95 -14.75 -103.99
N ARG KA 84 14.58 -15.17 -102.78
CA ARG KA 84 14.14 -16.56 -102.58
C ARG KA 84 12.93 -16.89 -103.43
N HIS KA 85 12.08 -15.91 -103.72
CA HIS KA 85 10.89 -16.13 -104.52
C HIS KA 85 11.13 -15.95 -106.01
N GLY KA 86 12.36 -15.73 -106.43
CA GLY KA 86 12.70 -15.73 -107.84
C GLY KA 86 12.86 -14.37 -108.49
N GLY KA 87 13.30 -13.37 -107.75
CA GLY KA 87 13.49 -12.03 -108.30
C GLY KA 87 14.95 -11.62 -108.23
N ARG KA 88 15.39 -10.89 -109.25
CA ARG KA 88 16.79 -10.48 -109.32
C ARG KA 88 17.03 -9.25 -108.45
N GLU KA 89 18.28 -9.06 -108.07
CA GLU KA 89 18.68 -7.86 -107.34
C GLU KA 89 18.81 -6.65 -108.24
N GLU KA 90 18.88 -6.85 -109.55
CA GLU KA 90 18.96 -5.73 -110.48
C GLU KA 90 17.62 -5.02 -110.68
N ASP KA 91 16.53 -5.61 -110.18
CA ASP KA 91 15.21 -5.02 -110.29
C ASP KA 91 14.74 -4.40 -108.97
N ILE KA 92 15.68 -3.98 -108.12
CA ILE KA 92 15.36 -3.37 -106.84
C ILE KA 92 16.07 -2.03 -106.77
N THR KA 93 15.33 -0.99 -106.37
CA THR KA 93 15.86 0.35 -106.16
C THR KA 93 15.75 0.69 -104.68
N LEU KA 94 16.86 1.10 -104.08
CA LEU KA 94 16.92 1.40 -102.65
C LEU KA 94 17.25 2.88 -102.46
N VAL KA 95 16.45 3.55 -101.64
CA VAL KA 95 16.62 4.99 -101.37
C VAL KA 95 16.60 5.18 -99.86
N ARG KA 96 17.56 5.94 -99.34
CA ARG KA 96 17.70 6.18 -97.91
C ARG KA 96 17.51 7.66 -97.61
N VAL KA 97 16.91 7.94 -96.44
CA VAL KA 97 16.52 9.31 -96.10
C VAL KA 97 16.92 9.58 -94.65
N PRO KA 98 17.07 10.86 -94.28
CA PRO KA 98 17.58 11.17 -92.93
C PRO KA 98 16.74 10.63 -91.80
N GLY KA 99 15.42 10.65 -91.92
CA GLY KA 99 14.56 10.31 -90.80
C GLY KA 99 13.18 9.91 -91.24
N SER KA 100 12.34 9.60 -90.24
CA SER KA 100 11.00 9.10 -90.52
C SER KA 100 10.15 10.15 -91.24
N TRP KA 101 10.31 11.42 -90.89
CA TRP KA 101 9.49 12.46 -91.47
C TRP KA 101 9.61 12.53 -92.99
N GLU KA 102 10.71 12.04 -93.56
CA GLU KA 102 10.94 12.15 -94.99
C GLU KA 102 10.58 10.90 -95.77
N ILE KA 103 10.10 9.84 -95.10
CA ILE KA 103 9.69 8.64 -95.83
C ILE KA 103 8.56 8.93 -96.81
N PRO KA 104 7.48 9.62 -96.43
CA PRO KA 104 6.36 9.78 -97.38
C PRO KA 104 6.71 10.56 -98.62
N VAL KA 105 7.48 11.65 -98.48
CA VAL KA 105 7.83 12.45 -99.66
C VAL KA 105 8.77 11.66 -100.57
N ALA KA 106 9.68 10.87 -99.97
CA ALA KA 106 10.56 10.02 -100.76
C ALA KA 106 9.78 8.92 -101.48
N ALA KA 107 8.79 8.34 -100.80
CA ALA KA 107 7.99 7.28 -101.41
C ALA KA 107 7.16 7.80 -102.57
N GLY KA 108 6.81 9.08 -102.56
CA GLY KA 108 6.00 9.63 -103.63
C GLY KA 108 6.74 9.67 -104.96
N GLU KA 109 8.04 9.99 -104.93
CA GLU KA 109 8.80 10.05 -106.17
C GLU KA 109 8.90 8.68 -106.83
N LEU KA 110 9.17 7.63 -106.04
CA LEU KA 110 9.26 6.30 -106.60
C LEU KA 110 7.95 5.86 -107.20
N ALA KA 111 6.84 6.10 -106.51
CA ALA KA 111 5.55 5.60 -106.94
C ALA KA 111 5.09 6.22 -108.25
N ARG KA 112 5.60 7.39 -108.61
CA ARG KA 112 5.17 8.04 -109.84
C ARG KA 112 5.84 7.47 -111.08
N LYS KA 113 6.95 6.73 -110.91
CA LYS KA 113 7.61 6.13 -112.05
C LYS KA 113 6.79 4.98 -112.61
N GLU KA 114 6.90 4.78 -113.92
CA GLU KA 114 6.15 3.73 -114.61
C GLU KA 114 6.92 2.41 -114.64
N ASP KA 115 8.08 2.33 -114.00
CA ASP KA 115 8.87 1.10 -113.95
C ASP KA 115 8.92 0.49 -112.55
N ILE KA 116 8.15 1.02 -111.59
CA ILE KA 116 8.10 0.49 -110.24
C ILE KA 116 6.67 0.04 -109.98
N ASP KA 117 6.52 -1.21 -109.52
CA ASP KA 117 5.21 -1.82 -109.32
C ASP KA 117 4.83 -1.95 -107.85
N ALA KA 118 5.71 -1.59 -106.93
CA ALA KA 118 5.40 -1.67 -105.51
C ALA KA 118 6.48 -0.96 -104.73
N VAL KA 119 6.13 -0.48 -103.55
CA VAL KA 119 7.04 0.26 -102.68
C VAL KA 119 6.92 -0.28 -101.26
N ILE KA 120 8.05 -0.37 -100.57
CA ILE KA 120 8.13 -0.89 -99.21
C ILE KA 120 8.79 0.17 -98.35
N ALA KA 121 8.18 0.46 -97.21
CA ALA KA 121 8.68 1.45 -96.27
C ALA KA 121 9.21 0.75 -95.02
N ILE KA 122 10.43 1.09 -94.62
CA ILE KA 122 11.06 0.50 -93.46
C ILE KA 122 11.49 1.63 -92.54
N GLY KA 123 11.26 1.48 -91.24
CA GLY KA 123 11.64 2.53 -90.31
C GLY KA 123 11.40 2.11 -88.89
N VAL KA 124 11.95 2.90 -87.98
CA VAL KA 124 11.80 2.69 -86.54
C VAL KA 124 11.54 4.04 -85.89
N LEU KA 125 10.59 4.07 -84.97
CA LEU KA 125 10.19 5.28 -84.27
C LEU KA 125 10.43 5.10 -82.78
N ILE KA 126 10.22 6.19 -82.02
CA ILE KA 126 10.41 6.17 -80.58
C ILE KA 126 9.27 6.92 -79.90
N ARG KA 127 8.29 6.18 -79.39
CA ARG KA 127 7.16 6.81 -78.72
C ARG KA 127 7.61 7.53 -77.46
N GLY KA 128 8.52 6.92 -76.70
CA GLY KA 128 9.04 7.54 -75.50
C GLY KA 128 10.11 8.56 -75.79
N ALA KA 129 9.72 9.67 -76.41
CA ALA KA 129 10.63 10.73 -76.78
C ALA KA 129 9.99 12.07 -76.43
N THR KA 130 10.61 13.15 -76.90
CA THR KA 130 10.08 14.48 -76.61
C THR KA 130 8.75 14.69 -77.34
N PRO KA 131 7.93 15.64 -76.88
CA PRO KA 131 6.64 15.86 -77.54
C PRO KA 131 6.76 16.20 -79.00
N HIS KA 132 7.87 16.83 -79.41
CA HIS KA 132 8.05 17.18 -80.81
C HIS KA 132 8.01 15.96 -81.71
N PHE KA 133 8.50 14.81 -81.22
CA PHE KA 133 8.49 13.58 -81.99
C PHE KA 133 7.23 12.77 -81.74
N ASP KA 134 6.09 13.44 -81.85
CA ASP KA 134 4.78 12.79 -81.80
C ASP KA 134 3.90 13.21 -82.98
N TYR KA 135 3.97 14.47 -83.39
CA TYR KA 135 3.30 14.87 -84.62
C TYR KA 135 3.85 14.10 -85.81
N ILE KA 136 5.16 13.82 -85.80
CA ILE KA 136 5.78 13.09 -86.88
C ILE KA 136 5.23 11.67 -86.93
N ALA KA 137 5.08 11.02 -85.78
CA ALA KA 137 4.73 9.61 -85.75
C ALA KA 137 3.41 9.36 -86.45
N SER KA 138 2.40 10.18 -86.18
CA SER KA 138 1.09 9.96 -86.79
C SER KA 138 1.08 10.36 -88.26
N GLU KA 139 1.94 11.30 -88.66
CA GLU KA 139 1.88 11.81 -90.01
C GLU KA 139 2.44 10.82 -91.02
N VAL KA 140 3.33 9.92 -90.58
CA VAL KA 140 3.88 8.91 -91.48
C VAL KA 140 2.77 7.99 -91.96
N SER KA 141 1.91 7.55 -91.06
CA SER KA 141 0.81 6.67 -91.43
C SER KA 141 -0.15 7.36 -92.38
N LYS KA 142 -0.51 8.60 -92.09
CA LYS KA 142 -1.45 9.33 -92.94
C LYS KA 142 -0.89 9.52 -94.34
N GLY KA 143 0.37 9.93 -94.45
CA GLY KA 143 0.92 10.28 -95.75
C GLY KA 143 0.97 9.11 -96.70
N LEU KA 144 1.44 7.96 -96.22
CA LEU KA 144 1.55 6.79 -97.07
C LEU KA 144 0.18 6.29 -97.50
N ALA KA 145 -0.81 6.38 -96.62
CA ALA KA 145 -2.16 5.93 -96.97
C ALA KA 145 -2.74 6.76 -98.10
N ASN KA 146 -2.57 8.08 -98.06
CA ASN KA 146 -3.16 8.93 -99.09
C ASN KA 146 -2.47 8.74 -100.44
N LEU KA 147 -1.19 8.37 -100.44
CA LEU KA 147 -0.49 8.14 -101.69
C LEU KA 147 -1.11 7.00 -102.47
N SER KA 148 -1.38 5.88 -101.79
CA SER KA 148 -1.85 4.69 -102.49
C SER KA 148 -3.16 4.95 -103.22
N LEU KA 149 -4.12 5.57 -102.53
CA LEU KA 149 -5.40 5.86 -103.17
C LEU KA 149 -5.22 6.87 -104.31
N GLU KA 150 -4.36 7.86 -104.11
CA GLU KA 150 -4.17 8.89 -105.13
C GLU KA 150 -3.53 8.30 -106.38
N LEU KA 151 -2.43 7.57 -106.22
CA LEU KA 151 -1.70 7.03 -107.35
C LEU KA 151 -2.19 5.66 -107.79
N ARG KA 152 -3.00 4.99 -106.97
CA ARG KA 152 -3.55 3.68 -107.32
C ARG KA 152 -2.43 2.67 -107.55
N LYS KA 153 -1.63 2.45 -106.51
CA LYS KA 153 -0.46 1.61 -106.58
C LYS KA 153 -0.09 1.14 -105.18
N PRO KA 154 0.07 -0.17 -104.95
CA PRO KA 154 0.29 -0.64 -103.58
C PRO KA 154 1.53 -0.03 -102.95
N ILE KA 155 1.40 0.37 -101.69
CA ILE KA 155 2.51 0.81 -100.87
C ILE KA 155 2.39 0.10 -99.53
N THR KA 156 3.42 -0.62 -99.15
CA THR KA 156 3.39 -1.51 -98.00
C THR KA 156 4.05 -0.85 -96.80
N PHE KA 157 3.63 -1.28 -95.62
CA PHE KA 157 4.00 -0.65 -94.36
C PHE KA 157 4.91 -1.59 -93.58
N GLY KA 158 6.06 -1.07 -93.16
CA GLY KA 158 7.01 -1.85 -92.38
C GLY KA 158 7.66 -1.06 -91.27
N VAL KA 159 6.95 -0.09 -90.73
CA VAL KA 159 7.50 0.81 -89.73
C VAL KA 159 7.14 0.26 -88.35
N ILE KA 160 8.16 -0.02 -87.54
CA ILE KA 160 7.98 -0.58 -86.21
C ILE KA 160 8.41 0.45 -85.18
N THR KA 161 8.26 0.10 -83.90
CA THR KA 161 8.62 0.99 -82.81
C THR KA 161 9.47 0.24 -81.79
N ALA KA 162 10.38 0.96 -81.17
CA ALA KA 162 11.29 0.38 -80.18
C ALA KA 162 10.72 0.54 -78.78
N ALA LA 10 -22.21 -23.34 -96.76
CA ALA LA 10 -22.36 -22.85 -95.41
C ALA LA 10 -23.26 -21.62 -95.39
N GLY LA 11 -23.39 -20.97 -94.24
CA GLY LA 11 -24.16 -19.75 -94.16
C GLY LA 11 -24.29 -19.30 -92.73
N THR LA 12 -25.06 -18.23 -92.54
CA THR LA 12 -25.37 -17.77 -91.20
C THR LA 12 -26.65 -16.95 -91.24
N LYS LA 13 -26.98 -16.33 -90.11
CA LYS LA 13 -28.16 -15.50 -89.94
C LYS LA 13 -27.79 -14.38 -88.96
N HIS LA 14 -28.78 -13.73 -88.35
CA HIS LA 14 -28.51 -12.68 -87.39
C HIS LA 14 -27.45 -13.12 -86.39
N GLY LA 15 -26.54 -12.19 -86.00
CA GLY LA 15 -25.44 -12.48 -85.06
C GLY LA 15 -24.09 -12.25 -85.71
N ASN LA 16 -23.86 -12.85 -86.89
CA ASN LA 16 -22.57 -12.72 -87.62
C ASN LA 16 -22.53 -11.32 -88.25
N LYS LA 17 -21.35 -10.69 -88.30
CA LYS LA 17 -21.19 -9.30 -88.86
C LYS LA 17 -21.18 -9.34 -90.38
N GLY LA 18 -20.97 -10.50 -91.01
CA GLY LA 18 -21.05 -10.64 -92.47
C GLY LA 18 -22.48 -10.48 -92.96
N TRP LA 19 -23.49 -10.91 -92.17
CA TRP LA 19 -24.89 -10.86 -92.56
C TRP LA 19 -25.44 -9.44 -92.44
N GLU LA 20 -25.14 -8.75 -91.36
CA GLU LA 20 -25.63 -7.39 -91.19
C GLU LA 20 -25.08 -6.47 -92.27
N ALA LA 21 -23.79 -6.59 -92.58
CA ALA LA 21 -23.19 -5.74 -93.59
C ALA LA 21 -23.86 -5.93 -94.95
N ALA LA 22 -24.15 -7.19 -95.31
CA ALA LA 22 -24.80 -7.45 -96.59
C ALA LA 22 -26.21 -6.86 -96.61
N LEU LA 23 -26.88 -6.82 -95.46
CA LEU LA 23 -28.22 -6.22 -95.41
C LEU LA 23 -28.17 -4.75 -95.79
N SER LA 24 -27.22 -4.01 -95.23
CA SER LA 24 -27.13 -2.58 -95.49
C SER LA 24 -26.87 -2.31 -96.96
N ALA LA 25 -26.02 -3.14 -97.58
CA ALA LA 25 -25.68 -2.94 -98.98
C ALA LA 25 -26.91 -3.06 -99.87
N ILE LA 26 -27.76 -4.06 -99.61
CA ILE LA 26 -28.96 -4.25 -100.43
C ILE LA 26 -29.88 -3.04 -100.29
N GLU LA 27 -30.11 -2.59 -99.06
CA GLU LA 27 -30.99 -1.46 -98.83
C GLU LA 27 -30.45 -0.20 -99.50
N MET LA 28 -29.15 0.05 -99.36
CA MET LA 28 -28.55 1.24 -99.95
C MET LA 28 -28.53 1.16 -101.47
N ALA LA 29 -28.27 -0.02 -102.02
CA ALA LA 29 -28.21 -0.16 -103.47
C ALA LA 29 -29.57 0.09 -104.10
N ASN LA 30 -30.64 -0.36 -103.45
CA ASN LA 30 -31.98 -0.09 -103.97
C ASN LA 30 -32.38 1.36 -103.79
N LEU LA 31 -31.96 1.98 -102.68
CA LEU LA 31 -32.32 3.36 -102.41
C LEU LA 31 -31.83 4.30 -103.50
N PHE LA 32 -30.57 4.12 -103.93
CA PHE LA 32 -30.00 5.02 -104.92
C PHE LA 32 -30.77 4.95 -106.23
N LYS LA 33 -31.15 3.74 -106.65
CA LYS LA 33 -31.92 3.61 -107.89
C LYS LA 33 -33.24 4.37 -107.80
N SER LA 34 -33.83 4.45 -106.61
CA SER LA 34 -35.05 5.23 -106.43
C SER LA 34 -34.78 6.72 -106.53
N LEU LA 35 -33.66 7.18 -105.95
CA LEU LA 35 -33.35 8.60 -105.97
C LEU LA 35 -33.09 9.10 -107.39
N ARG LA 36 -32.35 8.32 -108.18
CA ARG LA 36 -32.08 8.71 -109.56
C ARG LA 36 -33.28 8.57 -110.47
N GLY LA 37 -34.36 7.97 -110.00
CA GLY LA 37 -35.54 7.75 -110.83
C GLY LA 37 -36.34 9.02 -111.05
N THR LA 38 -37.37 8.88 -111.88
CA THR LA 38 -38.21 10.02 -112.21
C THR LA 38 -38.87 10.57 -110.95
N GLY LA 39 -38.93 11.90 -110.85
CA GLY LA 39 -39.51 12.54 -109.69
C GLY LA 39 -40.99 12.28 -109.58
N GLY LA 40 -41.51 12.46 -108.36
CA GLY LA 40 -42.91 12.24 -108.09
C GLY LA 40 -43.78 13.37 -108.60
N SER LA 41 -45.09 13.17 -108.47
CA SER LA 41 -46.07 14.15 -108.91
C SER LA 41 -46.31 15.24 -107.88
N GLY LA 42 -45.65 15.19 -106.72
CA GLY LA 42 -45.85 16.20 -105.70
C GLY LA 42 -47.16 16.00 -104.96
N SER LA 43 -47.68 17.09 -104.41
CA SER LA 43 -48.92 17.16 -103.65
C SER LA 43 -48.75 16.65 -102.23
N SER LA 44 -47.59 16.11 -101.85
CA SER LA 44 -47.36 15.68 -100.49
C SER LA 44 -45.87 15.42 -100.30
N MET LA 45 -45.50 15.15 -99.05
CA MET LA 45 -44.12 14.85 -98.73
C MET LA 45 -43.72 13.50 -99.32
N GLU LA 46 -42.50 13.42 -99.84
CA GLU LA 46 -41.97 12.21 -100.44
C GLU LA 46 -41.03 11.53 -99.46
N ILE LA 47 -41.27 10.25 -99.20
CA ILE LA 47 -40.45 9.44 -98.32
C ILE LA 47 -39.74 8.40 -99.16
N TYR LA 48 -38.41 8.39 -99.11
CA TYR LA 48 -37.58 7.44 -99.83
C TYR LA 48 -37.00 6.43 -98.86
N GLU LA 49 -37.12 5.15 -99.18
CA GLU LA 49 -36.57 4.10 -98.34
C GLU LA 49 -36.26 2.90 -99.22
N GLY LA 50 -35.42 2.00 -98.71
CA GLY LA 50 -34.92 0.89 -99.48
C GLY LA 50 -35.65 -0.42 -99.19
N LYS LA 51 -35.72 -1.26 -100.22
CA LYS LA 51 -36.36 -2.57 -100.13
C LYS LA 51 -35.29 -3.65 -99.99
N LEU LA 52 -35.64 -4.71 -99.27
CA LEU LA 52 -34.74 -5.84 -99.11
C LEU LA 52 -34.90 -6.85 -100.24
N THR LA 53 -34.76 -6.38 -101.48
CA THR LA 53 -34.78 -7.22 -102.67
C THR LA 53 -33.46 -7.04 -103.40
N ALA LA 54 -32.89 -8.15 -103.88
CA ALA LA 54 -31.57 -8.14 -104.50
C ALA LA 54 -31.60 -8.56 -105.95
N GLU LA 55 -32.77 -8.63 -106.58
CA GLU LA 55 -32.86 -9.10 -107.95
C GLU LA 55 -32.23 -8.07 -108.90
N GLY LA 56 -31.31 -8.54 -109.72
CA GLY LA 56 -30.67 -7.68 -110.71
C GLY LA 56 -29.54 -6.83 -110.19
N LEU LA 57 -29.05 -7.07 -108.98
CA LEU LA 57 -27.98 -6.29 -108.39
C LEU LA 57 -26.65 -7.03 -108.49
N ARG LA 58 -25.56 -6.26 -108.36
CA ARG LA 58 -24.21 -6.79 -108.44
C ARG LA 58 -23.38 -6.25 -107.30
N PHE LA 59 -22.53 -7.10 -106.72
CA PHE LA 59 -21.80 -6.77 -105.50
C PHE LA 59 -20.34 -7.13 -105.63
N GLY LA 60 -19.55 -6.59 -104.71
CA GLY LA 60 -18.16 -6.95 -104.58
C GLY LA 60 -17.78 -7.07 -103.12
N ILE LA 61 -16.90 -8.01 -102.83
CA ILE LA 61 -16.47 -8.31 -101.47
C ILE LA 61 -14.96 -8.27 -101.43
N VAL LA 62 -14.41 -7.63 -100.40
CA VAL LA 62 -12.98 -7.56 -100.17
C VAL LA 62 -12.70 -8.11 -98.77
N ALA LA 63 -11.86 -9.14 -98.70
CA ALA LA 63 -11.62 -9.85 -97.45
C ALA LA 63 -10.13 -9.96 -97.19
N SER LA 64 -9.76 -9.96 -95.91
CA SER LA 64 -8.39 -10.11 -95.47
C SER LA 64 -8.13 -11.55 -95.02
N ARG LA 65 -6.91 -12.02 -95.29
CA ARG LA 65 -6.55 -13.40 -95.00
C ARG LA 65 -6.18 -13.63 -93.53
N PHE LA 66 -5.93 -12.57 -92.76
CA PHE LA 66 -5.55 -12.74 -91.37
C PHE LA 66 -6.71 -13.32 -90.57
N ASN LA 67 -6.38 -14.17 -89.59
CA ASN LA 67 -7.36 -14.81 -88.72
C ASN LA 67 -8.35 -15.62 -89.57
N HIS LA 68 -7.83 -16.67 -90.20
CA HIS LA 68 -8.61 -17.45 -91.15
C HIS LA 68 -9.87 -18.03 -90.52
N ALA LA 69 -9.84 -18.33 -89.22
CA ALA LA 69 -11.01 -18.91 -88.58
C ALA LA 69 -12.17 -17.93 -88.56
N LEU LA 70 -11.93 -16.70 -88.10
CA LEU LA 70 -13.01 -15.73 -87.98
C LEU LA 70 -13.46 -15.24 -89.36
N VAL LA 71 -12.52 -14.87 -90.22
CA VAL LA 71 -12.89 -14.19 -91.45
C VAL LA 71 -13.68 -15.12 -92.35
N ASP LA 72 -13.36 -16.41 -92.34
CA ASP LA 72 -13.99 -17.35 -93.26
C ASP LA 72 -15.50 -17.40 -93.03
N ARG LA 73 -15.92 -17.39 -91.76
CA ARG LA 73 -17.35 -17.49 -91.47
C ARG LA 73 -18.07 -16.18 -91.76
N LEU LA 74 -17.37 -15.04 -91.70
CA LEU LA 74 -18.01 -13.79 -92.08
C LEU LA 74 -18.25 -13.72 -93.58
N VAL LA 75 -17.31 -14.21 -94.39
CA VAL LA 75 -17.50 -14.19 -95.84
C VAL LA 75 -18.66 -15.09 -96.24
N GLU LA 76 -18.82 -16.22 -95.54
CA GLU LA 76 -19.94 -17.11 -95.83
C GLU LA 76 -21.27 -16.45 -95.50
N GLY LA 77 -21.32 -15.71 -94.39
CA GLY LA 77 -22.53 -14.99 -94.06
C GLY LA 77 -22.92 -13.98 -95.12
N ALA LA 78 -21.92 -13.23 -95.61
CA ALA LA 78 -22.21 -12.20 -96.61
C ALA LA 78 -22.75 -12.81 -97.89
N ILE LA 79 -22.15 -13.89 -98.36
CA ILE LA 79 -22.63 -14.51 -99.59
C ILE LA 79 -24.00 -15.14 -99.39
N ASP LA 80 -24.25 -15.65 -98.19
CA ASP LA 80 -25.54 -16.27 -97.90
C ASP LA 80 -26.68 -15.25 -97.98
N CYS LA 81 -26.46 -14.05 -97.45
CA CYS LA 81 -27.49 -13.03 -97.44
C CYS LA 81 -27.92 -12.65 -98.85
N ILE LA 82 -26.95 -12.48 -99.75
CA ILE LA 82 -27.27 -12.04 -101.10
C ILE LA 82 -28.09 -13.08 -101.84
N VAL LA 83 -27.74 -14.36 -101.68
CA VAL LA 83 -28.43 -15.41 -102.42
C VAL LA 83 -29.85 -15.58 -101.89
N ARG LA 84 -30.03 -15.56 -100.58
CA ARG LA 84 -31.35 -15.81 -100.01
C ARG LA 84 -32.34 -14.72 -100.40
N HIS LA 85 -31.88 -13.48 -100.51
CA HIS LA 85 -32.75 -12.35 -100.78
C HIS LA 85 -32.95 -12.10 -102.27
N GLY LA 86 -32.52 -13.02 -103.14
CA GLY LA 86 -32.79 -12.94 -104.55
C GLY LA 86 -31.55 -12.76 -105.42
N GLY LA 87 -30.36 -12.69 -104.84
CA GLY LA 87 -29.17 -12.48 -105.63
C GLY LA 87 -28.86 -13.66 -106.54
N ARG LA 88 -27.86 -13.46 -107.38
CA ARG LA 88 -27.42 -14.46 -108.34
C ARG LA 88 -25.93 -14.66 -108.15
N GLU LA 89 -25.50 -15.92 -108.03
CA GLU LA 89 -24.12 -16.21 -107.68
C GLU LA 89 -23.14 -15.68 -108.72
N GLU LA 90 -23.56 -15.61 -109.98
CA GLU LA 90 -22.71 -15.10 -111.04
C GLU LA 90 -22.41 -13.61 -110.90
N ASP LA 91 -23.12 -12.90 -110.04
CA ASP LA 91 -22.97 -11.46 -109.88
C ASP LA 91 -22.33 -11.10 -108.55
N ILE LA 92 -21.34 -11.87 -108.10
CA ILE LA 92 -20.54 -11.53 -106.95
C ILE LA 92 -19.07 -11.70 -107.32
N THR LA 93 -18.25 -10.72 -106.98
CA THR LA 93 -16.81 -10.76 -107.18
C THR LA 93 -16.14 -10.71 -105.82
N LEU LA 94 -15.20 -11.63 -105.59
CA LEU LA 94 -14.48 -11.72 -104.33
C LEU LA 94 -13.00 -11.42 -104.56
N VAL LA 95 -12.40 -10.70 -103.61
CA VAL LA 95 -10.98 -10.33 -103.69
C VAL LA 95 -10.35 -10.58 -102.33
N ARG LA 96 -9.24 -11.32 -102.32
CA ARG LA 96 -8.47 -11.58 -101.11
C ARG LA 96 -7.24 -10.69 -101.09
N VAL LA 97 -6.85 -10.24 -99.90
CA VAL LA 97 -5.67 -9.39 -99.74
C VAL LA 97 -4.93 -9.83 -98.49
N PRO LA 98 -3.62 -9.53 -98.42
CA PRO LA 98 -2.82 -9.94 -97.26
C PRO LA 98 -3.42 -9.55 -95.92
N GLY LA 99 -3.70 -8.27 -95.70
CA GLY LA 99 -4.13 -7.81 -94.40
C GLY LA 99 -5.04 -6.61 -94.45
N SER LA 100 -5.34 -6.04 -93.28
CA SER LA 100 -6.28 -4.94 -93.21
C SER LA 100 -5.73 -3.68 -93.86
N TRP LA 101 -4.42 -3.45 -93.79
CA TRP LA 101 -3.84 -2.25 -94.37
C TRP LA 101 -4.09 -2.16 -95.87
N GLU LA 102 -4.24 -3.28 -96.55
CA GLU LA 102 -4.42 -3.28 -97.99
C GLU LA 102 -5.88 -3.22 -98.42
N ILE LA 103 -6.84 -3.27 -97.50
CA ILE LA 103 -8.24 -3.28 -97.89
C ILE LA 103 -8.63 -2.03 -98.66
N PRO LA 104 -8.34 -0.82 -98.18
CA PRO LA 104 -8.82 0.38 -98.88
C PRO LA 104 -8.35 0.46 -100.33
N VAL LA 105 -7.11 0.09 -100.62
CA VAL LA 105 -6.60 0.25 -101.98
C VAL LA 105 -7.33 -0.70 -102.93
N ALA LA 106 -7.54 -1.94 -102.51
CA ALA LA 106 -8.24 -2.90 -103.34
C ALA LA 106 -9.71 -2.51 -103.52
N ALA LA 107 -10.34 -1.99 -102.47
CA ALA LA 107 -11.74 -1.58 -102.58
C ALA LA 107 -11.91 -0.50 -103.64
N GLY LA 108 -10.93 0.39 -103.78
CA GLY LA 108 -11.02 1.43 -104.78
C GLY LA 108 -11.05 0.89 -106.20
N GLU LA 109 -10.28 -0.17 -106.45
CA GLU LA 109 -10.27 -0.77 -107.77
C GLU LA 109 -11.64 -1.32 -108.15
N LEU LA 110 -12.34 -1.91 -107.18
CA LEU LA 110 -13.67 -2.47 -107.46
C LEU LA 110 -14.70 -1.38 -107.67
N ALA LA 111 -14.69 -0.34 -106.82
CA ALA LA 111 -15.71 0.69 -106.87
C ALA LA 111 -15.75 1.41 -108.21
N ARG LA 112 -14.65 1.42 -108.96
CA ARG LA 112 -14.61 2.12 -110.23
C ARG LA 112 -15.22 1.33 -111.38
N LYS LA 113 -15.46 0.04 -111.20
CA LYS LA 113 -16.11 -0.74 -112.24
C LYS LA 113 -17.51 -0.21 -112.49
N GLU LA 114 -17.87 -0.08 -113.76
CA GLU LA 114 -19.19 0.45 -114.11
C GLU LA 114 -20.31 -0.53 -113.80
N ASP LA 115 -19.99 -1.78 -113.46
CA ASP LA 115 -20.97 -2.83 -113.24
C ASP LA 115 -20.95 -3.34 -111.80
N ILE LA 116 -20.57 -2.48 -110.85
CA ILE LA 116 -20.61 -2.79 -109.43
C ILE LA 116 -21.49 -1.76 -108.76
N ASP LA 117 -22.50 -2.23 -108.01
CA ASP LA 117 -23.45 -1.35 -107.36
C ASP LA 117 -23.14 -1.11 -105.89
N ALA LA 118 -22.43 -2.01 -105.23
CA ALA LA 118 -22.07 -1.84 -103.83
C ALA LA 118 -20.84 -2.70 -103.54
N VAL LA 119 -20.19 -2.40 -102.42
CA VAL LA 119 -18.96 -3.07 -102.02
C VAL LA 119 -19.01 -3.33 -100.52
N ILE LA 120 -18.53 -4.50 -100.10
CA ILE LA 120 -18.57 -4.94 -98.71
C ILE LA 120 -17.14 -5.23 -98.28
N ALA LA 121 -16.70 -4.61 -97.20
CA ALA LA 121 -15.35 -4.78 -96.67
C ALA LA 121 -15.39 -5.61 -95.40
N ILE LA 122 -14.57 -6.66 -95.34
CA ILE LA 122 -14.54 -7.60 -94.23
C ILE LA 122 -13.10 -7.74 -93.74
N GLY LA 123 -12.91 -7.75 -92.43
CA GLY LA 123 -11.59 -7.91 -91.88
C GLY LA 123 -11.65 -7.96 -90.37
N VAL LA 124 -10.49 -8.19 -89.76
CA VAL LA 124 -10.35 -8.27 -88.31
C VAL LA 124 -9.19 -7.40 -87.88
N LEU LA 125 -9.40 -6.63 -86.82
CA LEU LA 125 -8.40 -5.71 -86.28
C LEU LA 125 -7.98 -6.17 -84.89
N ILE LA 126 -6.69 -6.02 -84.60
CA ILE LA 126 -6.13 -6.46 -83.32
C ILE LA 126 -5.62 -5.26 -82.55
N ARG LA 127 -6.28 -4.12 -82.72
CA ARG LA 127 -5.84 -2.90 -82.07
C ARG LA 127 -5.90 -3.02 -80.56
N GLY LA 128 -4.96 -2.35 -79.88
CA GLY LA 128 -4.90 -2.28 -78.44
C GLY LA 128 -3.76 -3.09 -77.84
N ALA LA 129 -3.36 -4.18 -78.49
CA ALA LA 129 -2.31 -5.03 -77.92
C ALA LA 129 -0.98 -4.30 -77.88
N THR LA 130 -0.56 -3.73 -79.01
CA THR LA 130 0.74 -3.09 -79.12
C THR LA 130 0.67 -2.06 -80.23
N PRO LA 131 1.70 -1.21 -80.36
CA PRO LA 131 1.74 -0.28 -81.50
C PRO LA 131 1.89 -1.01 -82.82
N HIS LA 132 1.96 -0.26 -83.92
CA HIS LA 132 1.99 -0.76 -85.30
C HIS LA 132 0.62 -1.22 -85.75
N PHE LA 133 -0.40 -1.19 -84.88
CA PHE LA 133 -1.75 -1.58 -85.22
C PHE LA 133 -2.77 -0.48 -84.97
N ASP LA 134 -2.54 0.39 -83.97
CA ASP LA 134 -3.41 1.54 -83.79
C ASP LA 134 -3.34 2.45 -85.01
N TYR LA 135 -2.15 2.61 -85.59
CA TYR LA 135 -2.02 3.37 -86.82
C TYR LA 135 -2.78 2.69 -87.95
N ILE LA 136 -2.68 1.37 -88.05
CA ILE LA 136 -3.35 0.66 -89.14
C ILE LA 136 -4.86 0.81 -89.02
N ALA LA 137 -5.38 0.68 -87.80
CA ALA LA 137 -6.83 0.71 -87.61
C ALA LA 137 -7.41 2.06 -88.00
N SER LA 138 -6.71 3.15 -87.65
CA SER LA 138 -7.24 4.48 -87.94
C SER LA 138 -7.38 4.71 -89.43
N GLU LA 139 -6.37 4.31 -90.21
CA GLU LA 139 -6.37 4.66 -91.63
C GLU LA 139 -7.37 3.84 -92.42
N VAL LA 140 -7.70 2.63 -91.97
CA VAL LA 140 -8.66 1.80 -92.70
C VAL LA 140 -10.03 2.46 -92.70
N SER LA 141 -10.45 3.00 -91.56
CA SER LA 141 -11.72 3.70 -91.49
C SER LA 141 -11.72 4.94 -92.35
N LYS LA 142 -10.64 5.73 -92.30
CA LYS LA 142 -10.57 6.96 -93.08
C LYS LA 142 -10.66 6.67 -94.57
N GLY LA 143 -9.91 5.69 -95.06
CA GLY LA 143 -9.83 5.47 -96.49
C GLY LA 143 -11.15 5.02 -97.09
N LEU LA 144 -11.83 4.09 -96.42
CA LEU LA 144 -13.09 3.59 -96.95
C LEU LA 144 -14.15 4.68 -96.97
N ALA LA 145 -14.20 5.52 -95.95
CA ALA LA 145 -15.16 6.60 -95.92
C ALA LA 145 -14.92 7.58 -97.07
N ASN LA 146 -13.66 8.00 -97.25
CA ASN LA 146 -13.35 8.97 -98.29
C ASN LA 146 -13.69 8.43 -99.68
N LEU LA 147 -13.41 7.15 -99.91
CA LEU LA 147 -13.71 6.56 -101.21
C LEU LA 147 -15.19 6.63 -101.52
N SER LA 148 -16.04 6.44 -100.50
CA SER LA 148 -17.47 6.41 -100.72
C SER LA 148 -17.98 7.75 -101.24
N LEU LA 149 -17.52 8.84 -100.65
CA LEU LA 149 -17.99 10.16 -101.07
C LEU LA 149 -17.42 10.55 -102.43
N GLU LA 150 -16.15 10.24 -102.66
CA GLU LA 150 -15.51 10.64 -103.91
C GLU LA 150 -16.08 9.87 -105.10
N LEU LA 151 -16.38 8.59 -104.91
CA LEU LA 151 -16.87 7.75 -106.00
C LEU LA 151 -18.39 7.62 -106.03
N ARG LA 152 -19.07 7.96 -104.94
CA ARG LA 152 -20.53 7.98 -104.89
C ARG LA 152 -21.13 6.58 -105.03
N LYS LA 153 -20.53 5.61 -104.35
CA LYS LA 153 -21.08 4.26 -104.26
C LYS LA 153 -21.06 3.84 -102.80
N PRO LA 154 -22.12 3.21 -102.30
CA PRO LA 154 -22.11 2.75 -100.92
C PRO LA 154 -21.01 1.73 -100.68
N ILE LA 155 -20.39 1.80 -99.51
CA ILE LA 155 -19.28 0.91 -99.14
C ILE LA 155 -19.46 0.55 -97.68
N THR LA 156 -19.80 -0.71 -97.40
CA THR LA 156 -20.17 -1.13 -96.07
C THR LA 156 -18.94 -1.54 -95.27
N PHE LA 157 -19.05 -1.45 -93.96
CA PHE LA 157 -17.94 -1.61 -93.02
C PHE LA 157 -18.20 -2.84 -92.16
N GLY LA 158 -17.67 -3.98 -92.59
CA GLY LA 158 -17.77 -5.21 -91.85
C GLY LA 158 -16.61 -5.50 -90.92
N VAL LA 159 -15.70 -4.55 -90.72
CA VAL LA 159 -14.50 -4.80 -89.94
C VAL LA 159 -14.88 -4.93 -88.46
N ILE LA 160 -14.44 -6.03 -87.85
CA ILE LA 160 -14.67 -6.27 -86.44
C ILE LA 160 -13.34 -6.16 -85.70
N THR LA 161 -13.41 -6.18 -84.37
CA THR LA 161 -12.24 -6.15 -83.52
C THR LA 161 -12.34 -7.24 -82.47
N ALA LA 162 -11.23 -7.92 -82.22
CA ALA LA 162 -11.20 -9.02 -81.25
C ALA LA 162 -10.50 -8.59 -79.97
N GLY MA 15 -34.99 21.98 -75.51
CA GLY MA 15 -35.91 21.71 -76.60
C GLY MA 15 -35.35 20.72 -77.60
N ASN MA 16 -36.09 20.47 -78.67
CA ASN MA 16 -35.63 19.53 -79.70
C ASN MA 16 -34.36 20.04 -80.35
N LYS MA 17 -33.38 19.16 -80.47
CA LYS MA 17 -32.21 19.47 -81.27
C LYS MA 17 -32.54 19.47 -82.76
N GLY MA 18 -33.64 18.83 -83.14
CA GLY MA 18 -34.10 18.93 -84.52
C GLY MA 18 -34.76 20.25 -84.83
N TRP MA 19 -35.36 20.90 -83.82
CA TRP MA 19 -35.86 22.25 -84.03
C TRP MA 19 -34.72 23.22 -84.28
N GLU MA 20 -33.64 23.12 -83.51
CA GLU MA 20 -32.51 24.01 -83.69
C GLU MA 20 -31.85 23.82 -85.04
N ALA MA 21 -31.73 22.57 -85.49
CA ALA MA 21 -31.07 22.31 -86.76
C ALA MA 21 -31.85 22.91 -87.92
N ALA MA 22 -33.17 23.00 -87.80
CA ALA MA 22 -33.96 23.56 -88.89
C ALA MA 22 -33.89 25.07 -88.93
N LEU MA 23 -33.75 25.73 -87.77
CA LEU MA 23 -33.55 27.18 -87.78
C LEU MA 23 -32.27 27.56 -88.50
N SER MA 24 -31.20 26.79 -88.28
CA SER MA 24 -29.94 27.09 -88.94
C SER MA 24 -30.04 26.90 -90.45
N ALA MA 25 -30.87 25.96 -90.91
CA ALA MA 25 -30.99 25.72 -92.34
C ALA MA 25 -31.83 26.79 -93.01
N ILE MA 26 -32.86 27.31 -92.34
CA ILE MA 26 -33.64 28.40 -92.90
C ILE MA 26 -32.77 29.64 -93.04
N GLU MA 27 -31.97 29.95 -92.01
CA GLU MA 27 -31.13 31.13 -92.04
C GLU MA 27 -30.04 31.02 -93.10
N MET MA 28 -29.39 29.87 -93.19
CA MET MA 28 -28.29 29.72 -94.14
C MET MA 28 -28.80 29.71 -95.58
N ALA MA 29 -29.97 29.15 -95.82
CA ALA MA 29 -30.53 29.15 -97.16
C ALA MA 29 -30.82 30.56 -97.64
N ASN MA 30 -31.35 31.41 -96.76
CA ASN MA 30 -31.63 32.78 -97.14
C ASN MA 30 -30.35 33.58 -97.34
N LEU MA 31 -29.33 33.31 -96.51
CA LEU MA 31 -28.07 34.04 -96.62
C LEU MA 31 -27.43 33.81 -97.99
N PHE MA 32 -27.40 32.56 -98.44
CA PHE MA 32 -26.75 32.26 -99.72
C PHE MA 32 -27.50 32.86 -100.89
N LYS MA 33 -28.78 33.21 -100.72
CA LYS MA 33 -29.53 33.85 -101.78
C LYS MA 33 -29.16 35.32 -101.93
N SER MA 34 -28.85 36.00 -100.82
CA SER MA 34 -28.44 37.40 -100.89
C SER MA 34 -27.02 37.53 -101.44
N LEU MA 35 -26.12 36.62 -101.06
CA LEU MA 35 -24.77 36.66 -101.59
C LEU MA 35 -24.76 36.47 -103.10
N ARG MA 36 -25.53 35.52 -103.60
CA ARG MA 36 -25.59 35.27 -105.03
C ARG MA 36 -26.18 36.45 -105.80
N GLY MA 37 -26.96 37.30 -105.12
CA GLY MA 37 -27.60 38.42 -105.76
C GLY MA 37 -26.71 39.66 -105.77
N THR MA 38 -27.28 40.75 -106.27
CA THR MA 38 -26.56 42.01 -106.35
C THR MA 38 -26.27 42.54 -104.96
N GLY MA 39 -25.17 43.29 -104.85
CA GLY MA 39 -24.75 43.87 -103.60
C GLY MA 39 -25.47 45.17 -103.29
N GLY MA 40 -24.96 45.88 -102.29
CA GLY MA 40 -25.54 47.13 -101.86
C GLY MA 40 -25.23 48.26 -102.81
N SER MA 41 -25.84 49.41 -102.52
CA SER MA 41 -25.65 50.60 -103.34
C SER MA 41 -24.28 51.22 -103.18
N GLY MA 42 -23.49 50.78 -102.21
CA GLY MA 42 -22.17 51.33 -101.97
C GLY MA 42 -22.19 52.53 -101.05
N SER MA 43 -21.01 53.11 -100.87
CA SER MA 43 -20.77 54.27 -100.01
C SER MA 43 -20.89 53.94 -98.53
N SER MA 44 -21.03 52.66 -98.18
CA SER MA 44 -21.11 52.25 -96.79
C SER MA 44 -20.77 50.78 -96.70
N MET MA 45 -20.57 50.32 -95.47
CA MET MA 45 -20.23 48.91 -95.25
C MET MA 45 -21.38 48.02 -95.70
N GLU MA 46 -21.03 46.95 -96.42
CA GLU MA 46 -22.01 45.99 -96.91
C GLU MA 46 -22.17 44.87 -95.90
N ILE MA 47 -23.39 44.71 -95.37
CA ILE MA 47 -23.71 43.69 -94.40
C ILE MA 47 -24.67 42.69 -95.02
N TYR MA 48 -24.32 41.41 -94.92
CA TYR MA 48 -25.14 40.32 -95.44
C TYR MA 48 -25.71 39.52 -94.27
N GLU MA 49 -26.99 39.18 -94.37
CA GLU MA 49 -27.75 38.67 -93.24
C GLU MA 49 -28.81 37.71 -93.76
N GLY MA 50 -29.21 36.77 -92.91
CA GLY MA 50 -30.23 35.80 -93.28
C GLY MA 50 -31.47 35.87 -92.41
N LYS MA 51 -32.64 35.97 -93.05
CA LYS MA 51 -33.90 36.08 -92.36
C LYS MA 51 -34.48 34.71 -92.05
N LEU MA 52 -35.37 34.67 -91.06
CA LEU MA 52 -36.04 33.43 -90.66
C LEU MA 52 -37.42 33.30 -91.31
N THR MA 53 -37.48 33.43 -92.63
CA THR MA 53 -38.70 33.23 -93.40
C THR MA 53 -38.48 32.09 -94.38
N ALA MA 54 -39.42 31.14 -94.40
CA ALA MA 54 -39.23 29.87 -95.09
C ALA MA 54 -40.27 29.67 -96.18
N GLU MA 55 -40.55 30.71 -96.96
CA GLU MA 55 -41.51 30.63 -98.05
C GLU MA 55 -40.76 30.48 -99.36
N GLY MA 56 -41.10 29.44 -100.12
CA GLY MA 56 -40.47 29.20 -101.40
C GLY MA 56 -39.19 28.40 -101.35
N LEU MA 57 -38.81 27.89 -100.19
CA LEU MA 57 -37.55 27.16 -100.02
C LEU MA 57 -37.80 25.67 -99.97
N ARG MA 58 -36.88 24.91 -100.57
CA ARG MA 58 -36.96 23.46 -100.63
C ARG MA 58 -35.92 22.84 -99.69
N PHE MA 59 -36.33 21.84 -98.93
CA PHE MA 59 -35.50 21.24 -97.91
C PHE MA 59 -35.45 19.73 -98.08
N GLY MA 60 -34.37 19.14 -97.58
CA GLY MA 60 -34.22 17.69 -97.54
C GLY MA 60 -33.71 17.22 -96.21
N ILE MA 61 -34.23 16.10 -95.71
CA ILE MA 61 -33.87 15.57 -94.39
C ILE MA 61 -33.35 14.15 -94.57
N VAL MA 62 -32.30 13.81 -93.83
CA VAL MA 62 -31.71 12.48 -93.83
C VAL MA 62 -31.65 12.00 -92.39
N ALA MA 63 -32.31 10.87 -92.11
CA ALA MA 63 -32.41 10.34 -90.77
C ALA MA 63 -32.09 8.85 -90.76
N SER MA 64 -31.55 8.38 -89.65
CA SER MA 64 -31.21 6.98 -89.46
C SER MA 64 -32.33 6.26 -88.71
N ARG MA 65 -32.35 4.93 -88.85
CA ARG MA 65 -33.37 4.10 -88.21
C ARG MA 65 -32.92 3.52 -86.87
N PHE MA 66 -31.72 3.82 -86.41
CA PHE MA 66 -31.26 3.30 -85.13
C PHE MA 66 -31.89 4.10 -83.99
N ASN MA 67 -32.52 3.38 -83.07
CA ASN MA 67 -33.27 4.01 -81.97
C ASN MA 67 -34.36 4.92 -82.51
N HIS MA 68 -35.31 4.33 -83.22
CA HIS MA 68 -36.37 5.11 -83.84
C HIS MA 68 -37.29 5.76 -82.80
N ALA MA 69 -37.19 5.38 -81.54
CA ALA MA 69 -37.95 6.07 -80.50
C ALA MA 69 -37.53 7.53 -80.39
N LEU MA 70 -36.22 7.77 -80.25
CA LEU MA 70 -35.71 9.13 -80.12
C LEU MA 70 -35.69 9.84 -81.47
N VAL MA 71 -35.35 9.12 -82.54
CA VAL MA 71 -35.12 9.77 -83.82
C VAL MA 71 -36.41 10.37 -84.37
N ASP MA 72 -37.52 9.64 -84.25
CA ASP MA 72 -38.78 10.13 -84.81
C ASP MA 72 -39.22 11.43 -84.15
N ARG MA 73 -38.92 11.61 -82.87
CA ARG MA 73 -39.23 12.87 -82.22
C ARG MA 73 -38.46 14.02 -82.83
N LEU MA 74 -37.18 13.80 -83.15
CA LEU MA 74 -36.36 14.86 -83.72
C LEU MA 74 -36.82 15.22 -85.13
N VAL MA 75 -37.24 14.23 -85.92
CA VAL MA 75 -37.71 14.51 -87.27
C VAL MA 75 -38.99 15.33 -87.22
N GLU MA 76 -39.86 15.03 -86.26
CA GLU MA 76 -41.12 15.76 -86.14
C GLU MA 76 -40.86 17.22 -85.80
N GLY MA 77 -39.89 17.49 -84.93
CA GLY MA 77 -39.58 18.85 -84.57
C GLY MA 77 -39.10 19.68 -85.74
N ALA MA 78 -38.29 19.08 -86.61
CA ALA MA 78 -37.78 19.79 -87.77
C ALA MA 78 -38.91 20.21 -88.70
N ILE MA 79 -39.86 19.32 -88.94
CA ILE MA 79 -40.95 19.63 -89.85
C ILE MA 79 -41.86 20.69 -89.25
N ASP MA 80 -42.08 20.64 -87.93
CA ASP MA 80 -42.89 21.66 -87.27
C ASP MA 80 -42.28 23.04 -87.42
N CYS MA 81 -40.96 23.14 -87.29
CA CYS MA 81 -40.29 24.43 -87.42
C CYS MA 81 -40.51 25.04 -88.79
N ILE MA 82 -40.40 24.23 -89.84
CA ILE MA 82 -40.49 24.76 -91.20
C ILE MA 82 -41.91 25.25 -91.50
N VAL MA 83 -42.93 24.54 -91.01
CA VAL MA 83 -44.30 24.94 -91.28
C VAL MA 83 -44.65 26.22 -90.55
N ARG MA 84 -44.20 26.34 -89.30
CA ARG MA 84 -44.56 27.51 -88.50
C ARG MA 84 -43.93 28.78 -89.04
N HIS MA 85 -42.78 28.68 -89.70
CA HIS MA 85 -42.13 29.84 -90.30
C HIS MA 85 -42.52 30.03 -91.75
N GLY MA 86 -43.66 29.52 -92.16
CA GLY MA 86 -44.18 29.74 -93.50
C GLY MA 86 -43.84 28.68 -94.51
N GLY MA 87 -43.25 27.57 -94.09
CA GLY MA 87 -42.89 26.53 -95.02
C GLY MA 87 -44.08 25.70 -95.46
N ARG MA 88 -43.93 25.07 -96.61
CA ARG MA 88 -44.96 24.24 -97.22
C ARG MA 88 -44.49 22.79 -97.18
N GLU MA 89 -45.28 21.93 -96.53
CA GLU MA 89 -44.86 20.55 -96.33
C GLU MA 89 -44.72 19.78 -97.63
N GLU MA 90 -45.27 20.29 -98.73
CA GLU MA 90 -45.06 19.70 -100.04
C GLU MA 90 -43.64 19.88 -100.54
N ASP MA 91 -42.84 20.73 -99.92
CA ASP MA 91 -41.47 21.02 -100.34
C ASP MA 91 -40.45 20.44 -99.37
N ILE MA 92 -40.72 19.26 -98.82
CA ILE MA 92 -39.78 18.55 -97.96
C ILE MA 92 -39.62 17.14 -98.49
N THR MA 93 -38.37 16.69 -98.60
CA THR MA 93 -38.03 15.34 -99.03
C THR MA 93 -37.32 14.63 -97.89
N LEU MA 94 -37.75 13.41 -97.59
CA LEU MA 94 -37.25 12.64 -96.45
C LEU MA 94 -36.61 11.36 -96.94
N VAL MA 95 -35.41 11.06 -96.44
CA VAL MA 95 -34.66 9.86 -96.79
C VAL MA 95 -34.28 9.13 -95.50
N ARG MA 96 -34.54 7.83 -95.45
CA ARG MA 96 -34.25 7.01 -94.28
C ARG MA 96 -33.12 6.03 -94.64
N VAL MA 97 -32.15 5.89 -93.73
CA VAL MA 97 -30.99 5.04 -93.99
C VAL MA 97 -30.80 4.08 -92.83
N PRO MA 98 -30.10 2.96 -93.07
CA PRO MA 98 -29.90 1.97 -92.00
C PRO MA 98 -29.21 2.50 -90.76
N GLY MA 99 -28.01 3.06 -90.90
CA GLY MA 99 -27.23 3.47 -89.74
C GLY MA 99 -26.52 4.79 -89.92
N SER MA 100 -25.70 5.15 -88.94
CA SER MA 100 -24.98 6.42 -89.02
C SER MA 100 -23.93 6.41 -90.11
N TRP MA 101 -23.34 5.25 -90.39
CA TRP MA 101 -22.28 5.18 -91.39
C TRP MA 101 -22.76 5.60 -92.77
N GLU MA 102 -24.06 5.59 -93.02
CA GLU MA 102 -24.60 5.84 -94.36
C GLU MA 102 -25.13 7.25 -94.54
N ILE MA 103 -25.14 8.08 -93.51
CA ILE MA 103 -25.70 9.43 -93.63
C ILE MA 103 -24.88 10.28 -94.59
N PRO MA 104 -23.55 10.33 -94.49
CA PRO MA 104 -22.80 11.21 -95.40
C PRO MA 104 -23.02 10.91 -96.87
N VAL MA 105 -22.99 9.64 -97.29
CA VAL MA 105 -23.13 9.34 -98.71
C VAL MA 105 -24.54 9.65 -99.19
N ALA MA 106 -25.54 9.38 -98.35
CA ALA MA 106 -26.90 9.75 -98.70
C ALA MA 106 -27.06 11.26 -98.83
N ALA MA 107 -26.43 12.01 -97.92
CA ALA MA 107 -26.52 13.47 -97.98
C ALA MA 107 -25.89 14.01 -99.26
N GLY MA 108 -24.94 13.27 -99.85
CA GLY MA 108 -24.33 13.74 -101.08
C GLY MA 108 -25.30 13.74 -102.25
N GLU MA 109 -26.13 12.71 -102.36
CA GLU MA 109 -27.06 12.65 -103.48
C GLU MA 109 -28.11 13.74 -103.40
N LEU MA 110 -28.62 14.02 -102.20
CA LEU MA 110 -29.59 15.10 -102.05
C LEU MA 110 -28.97 16.46 -102.37
N ALA MA 111 -27.79 16.73 -101.81
CA ALA MA 111 -27.17 18.04 -101.97
C ALA MA 111 -26.84 18.34 -103.43
N ARG MA 112 -26.67 17.32 -104.26
CA ARG MA 112 -26.36 17.54 -105.66
C ARG MA 112 -27.58 17.90 -106.49
N LYS MA 113 -28.79 17.68 -105.98
CA LYS MA 113 -30.00 18.02 -106.71
C LYS MA 113 -30.21 19.53 -106.67
N GLU MA 114 -30.47 20.13 -107.85
CA GLU MA 114 -30.57 21.58 -107.95
C GLU MA 114 -31.82 22.14 -107.30
N ASP MA 115 -32.82 21.31 -106.99
CA ASP MA 115 -34.05 21.76 -106.37
C ASP MA 115 -34.01 21.66 -104.85
N ILE MA 116 -32.82 21.62 -104.26
CA ILE MA 116 -32.65 21.55 -102.81
C ILE MA 116 -31.79 22.72 -102.38
N ASP MA 117 -32.23 23.45 -101.36
CA ASP MA 117 -31.52 24.61 -100.86
C ASP MA 117 -30.72 24.35 -99.60
N ALA MA 118 -31.11 23.36 -98.80
CA ALA MA 118 -30.34 22.97 -97.63
C ALA MA 118 -30.71 21.55 -97.25
N VAL MA 119 -29.83 20.91 -96.50
CA VAL MA 119 -30.00 19.53 -96.08
C VAL MA 119 -29.81 19.45 -94.57
N ILE MA 120 -30.69 18.72 -93.89
CA ILE MA 120 -30.64 18.55 -92.45
C ILE MA 120 -30.36 17.08 -92.18
N ALA MA 121 -29.38 16.81 -91.31
CA ALA MA 121 -28.95 15.45 -91.01
C ALA MA 121 -29.24 15.12 -89.56
N ILE MA 122 -30.10 14.15 -89.31
CA ILE MA 122 -30.53 13.77 -87.98
C ILE MA 122 -30.08 12.34 -87.72
N GLY MA 123 -29.76 12.06 -86.46
CA GLY MA 123 -29.33 10.73 -86.09
C GLY MA 123 -28.89 10.69 -84.65
N VAL MA 124 -28.67 9.47 -84.16
CA VAL MA 124 -28.24 9.23 -82.78
C VAL MA 124 -27.04 8.30 -82.81
N LEU MA 125 -26.00 8.66 -82.04
CA LEU MA 125 -24.80 7.85 -81.92
C LEU MA 125 -24.85 7.01 -80.64
N ILE MA 126 -23.97 6.02 -80.58
CA ILE MA 126 -23.94 5.05 -79.49
C ILE MA 126 -22.70 5.36 -78.65
N ARG MA 127 -22.88 6.07 -77.54
CA ARG MA 127 -21.79 6.25 -76.61
C ARG MA 127 -21.45 4.93 -75.94
N GLY MA 128 -20.15 4.69 -75.73
CA GLY MA 128 -19.70 3.39 -75.30
C GLY MA 128 -19.59 2.43 -76.48
N ALA MA 129 -19.22 1.19 -76.18
CA ALA MA 129 -18.98 0.19 -77.20
C ALA MA 129 -17.95 0.70 -78.21
N THR MA 130 -16.92 1.36 -77.70
CA THR MA 130 -15.89 1.97 -78.55
C THR MA 130 -15.24 1.00 -79.54
N PRO MA 131 -14.90 -0.26 -79.18
CA PRO MA 131 -14.18 -1.12 -80.12
C PRO MA 131 -14.67 -1.08 -81.57
N HIS MA 132 -15.96 -0.89 -81.79
CA HIS MA 132 -16.53 -0.82 -83.14
C HIS MA 132 -17.09 0.55 -83.48
N PHE MA 133 -17.96 1.09 -82.63
CA PHE MA 133 -18.67 2.32 -82.97
C PHE MA 133 -17.82 3.58 -82.81
N ASP MA 134 -16.68 3.50 -82.12
CA ASP MA 134 -15.85 4.69 -81.96
C ASP MA 134 -15.32 5.18 -83.30
N TYR MA 135 -15.08 4.27 -84.24
CA TYR MA 135 -14.55 4.67 -85.54
C TYR MA 135 -15.63 5.32 -86.41
N ILE MA 136 -16.86 4.82 -86.34
CA ILE MA 136 -17.95 5.42 -87.10
C ILE MA 136 -18.25 6.82 -86.58
N ALA MA 137 -17.97 7.07 -85.30
CA ALA MA 137 -18.38 8.33 -84.68
C ALA MA 137 -17.68 9.52 -85.33
N SER MA 138 -16.35 9.49 -85.42
CA SER MA 138 -15.63 10.63 -85.98
C SER MA 138 -15.87 10.80 -87.47
N GLU MA 139 -16.30 9.74 -88.16
CA GLU MA 139 -16.44 9.81 -89.60
C GLU MA 139 -17.67 10.59 -90.02
N VAL MA 140 -18.71 10.61 -89.18
CA VAL MA 140 -19.94 11.30 -89.54
C VAL MA 140 -19.73 12.81 -89.59
N SER MA 141 -19.09 13.36 -88.57
CA SER MA 141 -18.86 14.80 -88.54
C SER MA 141 -17.88 15.22 -89.62
N LYS MA 142 -16.81 14.45 -89.81
CA LYS MA 142 -15.81 14.79 -90.81
C LYS MA 142 -16.41 14.76 -92.22
N GLY MA 143 -17.24 13.76 -92.51
CA GLY MA 143 -17.79 13.65 -93.85
C GLY MA 143 -18.74 14.78 -94.20
N LEU MA 144 -19.61 15.16 -93.25
CA LEU MA 144 -20.58 16.22 -93.53
C LEU MA 144 -19.87 17.56 -93.73
N ALA MA 145 -18.82 17.82 -92.94
CA ALA MA 145 -18.10 19.08 -93.09
C ALA MA 145 -17.45 19.20 -94.46
N ASN MA 146 -16.85 18.13 -94.95
CA ASN MA 146 -16.19 18.18 -96.25
C ASN MA 146 -17.19 18.35 -97.38
N LEU MA 147 -18.39 17.79 -97.25
CA LEU MA 147 -19.37 17.87 -98.32
C LEU MA 147 -19.77 19.31 -98.60
N SER MA 148 -20.04 20.08 -97.55
CA SER MA 148 -20.52 21.44 -97.74
C SER MA 148 -19.48 22.31 -98.44
N LEU MA 149 -18.21 22.17 -98.05
CA LEU MA 149 -17.15 22.94 -98.69
C LEU MA 149 -16.99 22.56 -100.16
N GLU MA 150 -17.12 21.28 -100.47
CA GLU MA 150 -16.94 20.83 -101.85
C GLU MA 150 -18.12 21.21 -102.73
N LEU MA 151 -19.34 21.08 -102.22
CA LEU MA 151 -20.54 21.39 -103.00
C LEU MA 151 -20.99 22.84 -102.83
N ARG MA 152 -20.40 23.58 -101.90
CA ARG MA 152 -20.78 24.98 -101.64
C ARG MA 152 -22.27 25.10 -101.35
N LYS MA 153 -22.76 24.22 -100.49
CA LYS MA 153 -24.16 24.17 -100.10
C LYS MA 153 -24.20 23.93 -98.60
N PRO MA 154 -25.12 24.56 -97.87
CA PRO MA 154 -25.13 24.40 -96.41
C PRO MA 154 -25.75 23.07 -95.98
N ILE MA 155 -25.06 22.36 -95.10
CA ILE MA 155 -25.55 21.14 -94.48
C ILE MA 155 -25.44 21.31 -92.97
N THR MA 156 -26.54 21.10 -92.27
CA THR MA 156 -26.62 21.33 -90.84
C THR MA 156 -26.49 20.01 -90.07
N PHE MA 157 -26.01 20.12 -88.85
CA PHE MA 157 -25.61 18.99 -88.01
C PHE MA 157 -26.64 18.83 -86.90
N GLY MA 158 -27.43 17.76 -86.97
CA GLY MA 158 -28.46 17.50 -85.98
C GLY MA 158 -28.29 16.16 -85.31
N VAL MA 159 -27.06 15.77 -85.05
CA VAL MA 159 -26.73 14.47 -84.49
C VAL MA 159 -26.43 14.63 -83.00
N ILE MA 160 -27.09 13.82 -82.17
CA ILE MA 160 -26.86 13.84 -80.73
C ILE MA 160 -26.34 12.47 -80.29
N THR MA 161 -26.00 12.36 -79.02
CA THR MA 161 -25.45 11.13 -78.44
C THR MA 161 -26.35 10.62 -77.33
N ALA MA 162 -26.31 9.31 -77.12
CA ALA MA 162 -27.10 8.66 -76.09
C ALA MA 162 -28.59 8.95 -76.27
N LYS NA 13 -8.06 46.99 -76.99
CA LYS NA 13 -6.77 46.87 -77.65
C LYS NA 13 -5.93 45.77 -77.01
N HIS NA 14 -5.14 45.08 -77.84
CA HIS NA 14 -4.27 44.00 -77.37
C HIS NA 14 -5.11 42.84 -76.85
N GLY NA 15 -5.72 43.02 -75.67
CA GLY NA 15 -6.56 41.98 -75.12
C GLY NA 15 -7.73 41.62 -76.02
N ASN NA 16 -8.30 42.61 -76.69
CA ASN NA 16 -9.41 42.37 -77.60
C ASN NA 16 -8.94 41.51 -78.77
N LYS NA 17 -9.35 40.24 -78.79
CA LYS NA 17 -8.88 39.32 -79.82
C LYS NA 17 -9.35 39.71 -81.21
N GLY NA 18 -10.34 40.59 -81.32
CA GLY NA 18 -10.72 41.10 -82.64
C GLY NA 18 -9.71 42.09 -83.17
N TRP NA 19 -8.99 42.77 -82.28
CA TRP NA 19 -7.93 43.67 -82.70
C TRP NA 19 -6.72 42.89 -83.20
N GLU NA 20 -6.34 41.82 -82.49
CA GLU NA 20 -5.19 41.03 -82.89
C GLU NA 20 -5.40 40.38 -84.25
N ALA NA 21 -6.59 39.82 -84.49
CA ALA NA 21 -6.85 39.15 -85.76
C ALA NA 21 -6.77 40.12 -86.93
N ALA NA 22 -7.29 41.34 -86.75
CA ALA NA 22 -7.21 42.32 -87.82
C ALA NA 22 -5.76 42.72 -88.10
N LEU NA 23 -4.95 42.85 -87.04
CA LEU NA 23 -3.55 43.20 -87.24
C LEU NA 23 -2.83 42.14 -88.06
N SER NA 24 -3.05 40.86 -87.73
CA SER NA 24 -2.41 39.78 -88.47
C SER NA 24 -2.83 39.80 -89.94
N ALA NA 25 -4.09 40.14 -90.21
CA ALA NA 25 -4.56 40.16 -91.58
C ALA NA 25 -3.86 41.24 -92.39
N ILE NA 26 -3.67 42.42 -91.82
CA ILE NA 26 -3.01 43.51 -92.55
C ILE NA 26 -1.58 43.13 -92.88
N GLU NA 27 -0.87 42.54 -91.93
CA GLU NA 27 0.51 42.17 -92.17
C GLU NA 27 0.62 41.13 -93.27
N MET NA 28 -0.26 40.14 -93.28
CA MET NA 28 -0.15 39.05 -94.24
C MET NA 28 -0.54 39.50 -95.64
N ALA NA 29 -1.55 40.35 -95.75
CA ALA NA 29 -1.98 40.81 -97.07
C ALA NA 29 -0.93 41.70 -97.71
N ASN NA 30 -0.11 42.39 -96.91
CA ASN NA 30 1.00 43.16 -97.45
C ASN NA 30 2.14 42.24 -97.87
N LEU NA 31 2.42 41.21 -97.08
CA LEU NA 31 3.51 40.30 -97.39
C LEU NA 31 3.29 39.59 -98.71
N PHE NA 32 2.05 39.13 -98.94
CA PHE NA 32 1.75 38.44 -100.19
C PHE NA 32 1.89 39.36 -101.38
N LYS NA 33 1.52 40.62 -101.24
CA LYS NA 33 1.68 41.57 -102.33
C LYS NA 33 3.15 41.74 -102.69
N SER NA 34 4.03 41.68 -101.70
CA SER NA 34 5.46 41.82 -101.98
C SER NA 34 6.03 40.57 -102.64
N LEU NA 35 5.64 39.38 -102.16
CA LEU NA 35 6.22 38.15 -102.67
C LEU NA 35 5.83 37.91 -104.12
N ARG NA 36 4.71 38.45 -104.56
CA ARG NA 36 4.23 38.26 -105.93
C ARG NA 36 4.73 39.33 -106.88
N GLY NA 37 5.56 40.27 -106.41
CA GLY NA 37 6.14 41.29 -107.25
C GLY NA 37 7.58 41.00 -107.59
N THR NA 38 8.22 42.00 -108.20
CA THR NA 38 9.63 41.87 -108.57
C THR NA 38 10.51 41.73 -107.33
N GLY NA 39 11.58 40.96 -107.47
CA GLY NA 39 12.48 40.71 -106.37
C GLY NA 39 13.43 41.88 -106.13
N GLY NA 40 14.29 41.70 -105.13
CA GLY NA 40 15.23 42.72 -104.75
C GLY NA 40 16.42 42.80 -105.69
N SER NA 41 17.27 43.80 -105.45
CA SER NA 41 18.45 44.01 -106.28
C SER NA 41 19.46 42.87 -106.15
N GLY NA 42 19.39 42.10 -105.06
CA GLY NA 42 20.32 41.00 -104.86
C GLY NA 42 21.54 41.41 -104.08
N SER NA 43 22.50 40.49 -104.04
CA SER NA 43 23.77 40.64 -103.33
C SER NA 43 23.61 40.61 -101.82
N SER NA 44 22.44 40.26 -101.32
CA SER NA 44 22.23 40.18 -99.88
C SER NA 44 21.06 39.24 -99.61
N MET NA 45 21.00 38.75 -98.38
CA MET NA 45 19.91 37.88 -97.97
C MET NA 45 18.61 38.68 -97.97
N GLU NA 46 17.77 38.46 -98.99
CA GLU NA 46 16.49 39.13 -99.06
C GLU NA 46 15.66 38.82 -97.82
N ILE NA 47 15.08 39.84 -97.22
CA ILE NA 47 14.19 39.69 -96.07
C ILE NA 47 12.85 40.31 -96.44
N TYR NA 48 11.79 39.54 -96.25
CA TYR NA 48 10.42 39.96 -96.54
C TYR NA 48 9.66 40.07 -95.23
N GLU NA 49 8.93 41.17 -95.06
CA GLU NA 49 8.05 41.32 -93.91
C GLU NA 49 7.01 42.37 -94.24
N GLY NA 50 5.88 42.31 -93.54
CA GLY NA 50 4.74 43.14 -93.83
C GLY NA 50 4.67 44.39 -92.95
N LYS NA 51 4.07 45.43 -93.51
CA LYS NA 51 3.91 46.71 -92.85
C LYS NA 51 2.46 46.92 -92.44
N LEU NA 52 2.27 47.67 -91.37
CA LEU NA 52 0.94 47.90 -90.81
C LEU NA 52 0.27 49.09 -91.49
N THR NA 53 0.12 48.98 -92.80
CA THR NA 53 -0.59 49.94 -93.62
C THR NA 53 -1.70 49.22 -94.36
N ALA NA 54 -2.88 49.84 -94.43
CA ALA NA 54 -4.08 49.18 -94.93
C ALA NA 54 -4.82 50.09 -95.90
N GLU NA 55 -4.09 50.72 -96.81
CA GLU NA 55 -4.68 51.59 -97.82
C GLU NA 55 -4.75 50.86 -99.15
N GLY NA 56 -5.95 50.76 -99.71
CA GLY NA 56 -6.17 50.04 -100.94
C GLY NA 56 -6.55 48.58 -100.78
N LEU NA 57 -6.56 48.05 -99.55
CA LEU NA 57 -6.89 46.66 -99.32
C LEU NA 57 -8.39 46.49 -99.07
N ARG NA 58 -8.89 45.30 -99.39
CA ARG NA 58 -10.28 44.92 -99.15
C ARG NA 58 -10.31 43.74 -98.21
N PHE NA 59 -11.21 43.79 -97.23
CA PHE NA 59 -11.33 42.77 -96.21
C PHE NA 59 -12.74 42.19 -96.19
N GLY NA 60 -12.87 41.06 -95.51
CA GLY NA 60 -14.16 40.43 -95.30
C GLY NA 60 -14.21 39.74 -93.95
N ILE NA 61 -15.27 39.95 -93.18
CA ILE NA 61 -15.38 39.43 -91.82
C ILE NA 61 -16.57 38.49 -91.75
N VAL NA 62 -16.38 37.34 -91.13
CA VAL NA 62 -17.42 36.36 -90.89
C VAL NA 62 -17.51 36.14 -89.38
N ALA NA 63 -18.68 36.43 -88.81
CA ALA NA 63 -18.88 36.37 -87.36
C ALA NA 63 -20.17 35.63 -87.04
N SER NA 64 -20.19 34.99 -85.88
CA SER NA 64 -21.33 34.20 -85.44
C SER NA 64 -22.12 34.98 -84.39
N ARG NA 65 -23.11 34.32 -83.78
CA ARG NA 65 -23.99 34.95 -82.82
C ARG NA 65 -24.01 34.30 -81.45
N PHE NA 66 -23.56 33.05 -81.33
CA PHE NA 66 -23.51 32.41 -80.02
C PHE NA 66 -22.76 33.27 -79.03
N ASN NA 67 -23.43 33.64 -77.94
CA ASN NA 67 -22.91 34.61 -76.99
C ASN NA 67 -22.61 35.94 -77.71
N HIS NA 68 -23.66 36.51 -78.28
CA HIS NA 68 -23.50 37.72 -79.09
C HIS NA 68 -22.98 38.90 -78.28
N ALA NA 69 -23.10 38.85 -76.94
CA ALA NA 69 -22.53 39.92 -76.13
C ALA NA 69 -21.03 40.00 -76.32
N LEU NA 70 -20.33 38.87 -76.20
CA LEU NA 70 -18.88 38.86 -76.44
C LEU NA 70 -18.57 39.17 -77.89
N VAL NA 71 -19.36 38.65 -78.83
CA VAL NA 71 -19.01 38.76 -80.24
C VAL NA 71 -19.15 40.20 -80.73
N ASP NA 72 -20.20 40.89 -80.30
CA ASP NA 72 -20.39 42.26 -80.76
C ASP NA 72 -19.23 43.15 -80.35
N ARG NA 73 -18.60 42.84 -79.22
CA ARG NA 73 -17.41 43.60 -78.80
C ARG NA 73 -16.23 43.27 -79.69
N LEU NA 74 -15.98 41.99 -79.95
CA LEU NA 74 -14.85 41.60 -80.77
C LEU NA 74 -14.97 42.15 -82.18
N VAL NA 75 -16.16 42.09 -82.77
CA VAL NA 75 -16.33 42.52 -84.16
C VAL NA 75 -16.01 44.00 -84.31
N GLU NA 76 -16.44 44.82 -83.33
CA GLU NA 76 -16.19 46.26 -83.42
C GLU NA 76 -14.72 46.57 -83.23
N GLY NA 77 -13.99 45.71 -82.53
CA GLY NA 77 -12.55 45.89 -82.44
C GLY NA 77 -11.85 45.71 -83.77
N ALA NA 78 -12.35 44.78 -84.59
CA ALA NA 78 -11.74 44.51 -85.88
C ALA NA 78 -11.96 45.66 -86.85
N ILE NA 79 -13.16 46.24 -86.87
CA ILE NA 79 -13.43 47.34 -87.79
C ILE NA 79 -12.67 48.59 -87.37
N ASP NA 80 -12.45 48.77 -86.07
CA ASP NA 80 -11.66 49.92 -85.62
C ASP NA 80 -10.21 49.81 -86.08
N CYS NA 81 -9.63 48.61 -85.99
CA CYS NA 81 -8.23 48.44 -86.35
C CYS NA 81 -7.98 48.76 -87.80
N ILE NA 82 -8.89 48.38 -88.69
CA ILE NA 82 -8.70 48.62 -90.11
C ILE NA 82 -8.82 50.10 -90.44
N VAL NA 83 -9.84 50.78 -89.88
CA VAL NA 83 -10.09 52.17 -90.24
C VAL NA 83 -8.98 53.06 -89.71
N ARG NA 84 -8.46 52.76 -88.53
CA ARG NA 84 -7.41 53.59 -87.92
C ARG NA 84 -6.03 53.32 -88.50
N HIS NA 85 -5.88 52.32 -89.37
CA HIS NA 85 -4.64 52.05 -90.07
C HIS NA 85 -4.71 52.44 -91.53
N GLY NA 86 -5.67 53.28 -91.90
CA GLY NA 86 -5.77 53.80 -93.25
C GLY NA 86 -6.79 53.16 -94.15
N GLY NA 87 -7.63 52.28 -93.64
CA GLY NA 87 -8.61 51.58 -94.45
C GLY NA 87 -9.85 52.43 -94.73
N ARG NA 88 -10.80 51.81 -95.41
CA ARG NA 88 -12.09 52.42 -95.69
C ARG NA 88 -13.20 51.44 -95.35
N GLU NA 89 -14.32 51.98 -94.87
CA GLU NA 89 -15.48 51.15 -94.57
C GLU NA 89 -16.22 50.73 -95.84
N GLU NA 90 -16.01 51.44 -96.95
CA GLU NA 90 -16.55 51.01 -98.22
C GLU NA 90 -15.88 49.75 -98.76
N ASP NA 91 -14.80 49.31 -98.13
CA ASP NA 91 -14.03 48.14 -98.55
C ASP NA 91 -14.08 47.01 -97.53
N ILE NA 92 -15.08 46.99 -96.66
CA ILE NA 92 -15.27 45.92 -95.70
C ILE NA 92 -16.62 45.24 -96.00
N THR NA 93 -16.62 43.91 -95.96
CA THR NA 93 -17.82 43.10 -96.18
C THR NA 93 -18.02 42.22 -94.97
N LEU NA 94 -19.17 42.35 -94.31
CA LEU NA 94 -19.48 41.63 -93.08
C LEU NA 94 -20.57 40.61 -93.33
N VAL NA 95 -20.40 39.42 -92.77
CA VAL NA 95 -21.35 38.32 -92.90
C VAL NA 95 -21.61 37.74 -91.52
N ARG NA 96 -22.87 37.51 -91.19
CA ARG NA 96 -23.27 36.90 -89.93
C ARG NA 96 -23.83 35.51 -90.18
N VAL NA 97 -23.53 34.58 -89.27
CA VAL NA 97 -23.98 33.20 -89.40
C VAL NA 97 -24.55 32.74 -88.06
N PRO NA 98 -25.35 31.68 -88.07
CA PRO NA 98 -25.96 31.22 -86.80
C PRO NA 98 -24.97 30.77 -85.75
N GLY NA 99 -24.08 29.84 -86.07
CA GLY NA 99 -23.20 29.25 -85.07
C GLY NA 99 -21.82 28.98 -85.64
N SER NA 100 -20.98 28.38 -84.79
CA SER NA 100 -19.61 28.11 -85.19
C SER NA 100 -19.53 27.08 -86.29
N TRP NA 101 -20.46 26.12 -86.32
CA TRP NA 101 -20.43 25.10 -87.37
C TRP NA 101 -20.51 25.71 -88.76
N GLU NA 102 -21.16 26.87 -88.89
CA GLU NA 102 -21.43 27.46 -90.19
C GLU NA 102 -20.36 28.44 -90.65
N ILE NA 103 -19.34 28.72 -89.85
CA ILE NA 103 -18.32 29.68 -90.25
C ILE NA 103 -17.56 29.24 -91.48
N PRO NA 104 -17.06 28.00 -91.57
CA PRO NA 104 -16.25 27.64 -92.74
C PRO NA 104 -16.96 27.75 -94.08
N VAL NA 105 -18.23 27.37 -94.17
CA VAL NA 105 -18.90 27.41 -95.47
C VAL NA 105 -19.12 28.85 -95.92
N ALA NA 106 -19.31 29.76 -94.97
CA ALA NA 106 -19.47 31.18 -95.31
C ALA NA 106 -18.14 31.85 -95.62
N ALA NA 107 -17.06 31.41 -94.98
CA ALA NA 107 -15.75 31.97 -95.29
C ALA NA 107 -15.33 31.65 -96.72
N GLY NA 108 -15.67 30.44 -97.19
CA GLY NA 108 -15.27 30.05 -98.52
C GLY NA 108 -15.89 30.90 -99.60
N GLU NA 109 -17.12 31.33 -99.40
CA GLU NA 109 -17.77 32.18 -100.39
C GLU NA 109 -17.06 33.52 -100.51
N LEU NA 110 -16.64 34.09 -99.38
CA LEU NA 110 -15.91 35.35 -99.42
C LEU NA 110 -14.52 35.18 -100.00
N ALA NA 111 -13.83 34.09 -99.64
CA ALA NA 111 -12.47 33.87 -100.09
C ALA NA 111 -12.35 33.60 -101.57
N ARG NA 112 -13.46 33.35 -102.26
CA ARG NA 112 -13.44 33.08 -103.70
C ARG NA 112 -13.68 34.33 -104.54
N LYS NA 113 -13.80 35.49 -103.92
CA LYS NA 113 -14.00 36.73 -104.65
C LYS NA 113 -12.67 37.34 -105.04
N GLU NA 114 -12.60 37.85 -106.27
CA GLU NA 114 -11.36 38.45 -106.76
C GLU NA 114 -11.05 39.78 -106.10
N ASP NA 115 -11.97 40.35 -105.32
CA ASP NA 115 -11.77 41.66 -104.70
C ASP NA 115 -11.23 41.57 -103.28
N ILE NA 116 -11.50 40.49 -102.57
CA ILE NA 116 -11.07 40.38 -101.18
C ILE NA 116 -9.61 39.94 -101.13
N ASP NA 117 -8.88 40.47 -100.16
CA ASP NA 117 -7.48 40.16 -99.94
C ASP NA 117 -7.24 39.27 -98.73
N ALA NA 118 -8.02 39.45 -97.66
CA ALA NA 118 -7.87 38.63 -96.46
C ALA NA 118 -9.22 38.53 -95.77
N VAL NA 119 -9.37 37.49 -94.95
CA VAL NA 119 -10.63 37.18 -94.29
C VAL NA 119 -10.36 36.94 -92.81
N ILE NA 120 -11.27 37.41 -91.96
CA ILE NA 120 -11.15 37.27 -90.51
C ILE NA 120 -12.33 36.44 -90.03
N ALA NA 121 -12.05 35.51 -89.12
CA ALA NA 121 -13.07 34.65 -88.52
C ALA NA 121 -13.17 34.96 -87.04
N ILE NA 122 -14.38 35.27 -86.57
CA ILE NA 122 -14.63 35.60 -85.17
C ILE NA 122 -15.77 34.72 -84.68
N GLY NA 123 -15.58 34.07 -83.55
CA GLY NA 123 -16.60 33.18 -83.02
C GLY NA 123 -16.26 32.74 -81.61
N VAL NA 124 -17.23 32.07 -81.00
CA VAL NA 124 -17.13 31.60 -79.62
C VAL NA 124 -17.38 30.10 -79.61
N LEU NA 125 -16.52 29.37 -78.93
CA LEU NA 125 -16.60 27.92 -78.83
C LEU NA 125 -16.94 27.51 -77.40
N ILE NA 126 -17.42 26.27 -77.28
CA ILE NA 126 -17.65 25.63 -75.99
C ILE NA 126 -16.85 24.34 -75.99
N ARG NA 127 -15.97 24.20 -75.00
CA ARG NA 127 -15.05 23.07 -74.91
C ARG NA 127 -15.27 22.33 -73.61
N GLY NA 128 -15.31 21.00 -73.67
CA GLY NA 128 -15.38 20.16 -72.50
C GLY NA 128 -16.74 20.05 -71.87
N ALA NA 129 -17.77 20.65 -72.45
CA ALA NA 129 -19.10 20.61 -71.84
C ALA NA 129 -19.79 19.26 -72.09
N THR NA 130 -20.06 18.95 -73.34
CA THR NA 130 -20.74 17.72 -73.71
C THR NA 130 -20.41 17.40 -75.15
N PRO NA 131 -20.61 16.16 -75.60
CA PRO NA 131 -20.46 15.85 -77.02
C PRO NA 131 -21.42 16.69 -77.84
N HIS NA 132 -21.24 16.66 -79.16
CA HIS NA 132 -21.88 17.54 -80.14
C HIS NA 132 -21.20 18.90 -80.15
N PHE NA 133 -20.23 19.15 -79.28
CA PHE NA 133 -19.43 20.37 -79.36
C PHE NA 133 -17.94 20.11 -79.34
N ASP NA 134 -17.48 18.94 -78.91
CA ASP NA 134 -16.10 18.54 -79.17
C ASP NA 134 -15.92 18.14 -80.62
N TYR NA 135 -16.94 17.50 -81.20
CA TYR NA 135 -16.92 17.23 -82.64
C TYR NA 135 -16.94 18.52 -83.44
N ILE NA 136 -17.76 19.48 -83.02
CA ILE NA 136 -17.87 20.73 -83.76
C ILE NA 136 -16.54 21.47 -83.75
N ALA NA 137 -15.93 21.59 -82.57
CA ALA NA 137 -14.73 22.40 -82.43
C ALA NA 137 -13.59 21.88 -83.30
N SER NA 138 -13.41 20.55 -83.33
CA SER NA 138 -12.31 19.98 -84.08
C SER NA 138 -12.47 20.20 -85.58
N GLU NA 139 -13.65 20.58 -86.04
CA GLU NA 139 -13.90 20.73 -87.47
C GLU NA 139 -13.88 22.18 -87.94
N VAL NA 140 -14.12 23.13 -87.04
CA VAL NA 140 -13.99 24.54 -87.41
C VAL NA 140 -12.54 24.88 -87.69
N SER NA 141 -11.63 24.42 -86.84
CA SER NA 141 -10.21 24.67 -87.07
C SER NA 141 -9.71 24.00 -88.34
N LYS NA 142 -10.09 22.74 -88.55
CA LYS NA 142 -9.58 22.00 -89.70
C LYS NA 142 -10.06 22.60 -91.01
N GLY NA 143 -11.31 23.04 -91.05
CA GLY NA 143 -11.85 23.56 -92.30
C GLY NA 143 -11.18 24.86 -92.72
N LEU NA 144 -10.95 25.77 -91.77
CA LEU NA 144 -10.35 27.05 -92.11
C LEU NA 144 -8.94 26.88 -92.62
N ALA NA 145 -8.19 25.93 -92.04
CA ALA NA 145 -6.82 25.70 -92.48
C ALA NA 145 -6.77 25.21 -93.91
N ASN NA 146 -7.71 24.38 -94.33
CA ASN NA 146 -7.71 23.88 -95.70
C ASN NA 146 -8.07 24.96 -96.71
N LEU NA 147 -8.97 25.88 -96.34
CA LEU NA 147 -9.35 26.94 -97.27
C LEU NA 147 -8.17 27.83 -97.60
N SER NA 148 -7.34 28.14 -96.61
CA SER NA 148 -6.19 29.01 -96.85
C SER NA 148 -5.27 28.41 -97.91
N LEU NA 149 -4.93 27.13 -97.75
CA LEU NA 149 -3.96 26.51 -98.64
C LEU NA 149 -4.54 26.27 -100.02
N GLU NA 150 -5.83 25.94 -100.10
CA GLU NA 150 -6.43 25.62 -101.39
C GLU NA 150 -6.59 26.88 -102.24
N LEU NA 151 -7.06 27.97 -101.64
CA LEU NA 151 -7.33 29.21 -102.37
C LEU NA 151 -6.19 30.20 -102.31
N ARG NA 152 -5.13 29.93 -101.55
CA ARG NA 152 -3.96 30.80 -101.47
C ARG NA 152 -4.35 32.21 -101.04
N LYS NA 153 -4.90 32.30 -99.84
CA LYS NA 153 -5.38 33.55 -99.27
C LYS NA 153 -5.33 33.40 -97.77
N PRO NA 154 -4.93 34.43 -97.02
CA PRO NA 154 -4.81 34.28 -95.58
C PRO NA 154 -6.15 34.42 -94.87
N ILE NA 155 -6.40 33.52 -93.93
CA ILE NA 155 -7.62 33.52 -93.12
C ILE NA 155 -7.20 33.47 -91.66
N THR NA 156 -7.54 34.50 -90.91
CA THR NA 156 -7.08 34.65 -89.54
C THR NA 156 -8.10 34.09 -88.56
N PHE NA 157 -7.61 33.62 -87.42
CA PHE NA 157 -8.37 32.81 -86.48
C PHE NA 157 -8.61 33.64 -85.21
N GLY NA 158 -9.70 34.39 -85.21
CA GLY NA 158 -10.06 35.19 -84.06
C GLY NA 158 -11.05 34.49 -83.15
N VAL NA 159 -11.14 33.18 -83.28
CA VAL NA 159 -12.11 32.39 -82.52
C VAL NA 159 -11.58 32.18 -81.11
N ILE NA 160 -12.40 32.49 -80.12
CA ILE NA 160 -12.01 32.36 -78.72
C ILE NA 160 -12.83 31.26 -78.07
N THR NA 161 -12.56 31.01 -76.78
CA THR NA 161 -13.22 29.95 -76.03
C THR NA 161 -13.70 30.49 -74.70
N ALA NA 162 -14.67 29.80 -74.12
CA ALA NA 162 -15.24 30.19 -72.82
C ALA NA 162 -15.79 31.60 -72.88
N GLY OA 15 1.43 -74.25 -65.91
CA GLY OA 15 2.09 -73.90 -64.67
C GLY OA 15 3.41 -73.18 -64.89
N ASN OA 16 4.03 -73.42 -66.04
CA ASN OA 16 5.30 -72.79 -66.38
C ASN OA 16 5.33 -72.47 -67.86
N LYS OA 17 6.07 -71.42 -68.22
CA LYS OA 17 6.09 -70.97 -69.60
C LYS OA 17 6.87 -71.91 -70.51
N GLY OA 18 7.66 -72.81 -69.96
CA GLY OA 18 8.32 -73.80 -70.79
C GLY OA 18 7.32 -74.73 -71.45
N TRP OA 19 6.33 -75.19 -70.69
CA TRP OA 19 5.27 -76.00 -71.26
C TRP OA 19 4.47 -75.22 -72.30
N GLU OA 20 4.14 -73.97 -72.01
CA GLU OA 20 3.35 -73.18 -72.94
C GLU OA 20 4.11 -72.91 -74.24
N ALA OA 21 5.39 -72.61 -74.16
CA ALA OA 21 6.16 -72.31 -75.37
C ALA OA 21 6.26 -73.54 -76.26
N ALA OA 22 6.44 -74.72 -75.67
CA ALA OA 22 6.55 -75.94 -76.47
C ALA OA 22 5.25 -76.27 -77.16
N LEU OA 23 4.11 -75.94 -76.53
CA LEU OA 23 2.82 -76.25 -77.13
C LEU OA 23 2.55 -75.38 -78.35
N SER OA 24 2.95 -74.11 -78.30
CA SER OA 24 2.81 -73.27 -79.48
C SER OA 24 3.68 -73.76 -80.61
N ALA OA 25 4.88 -74.25 -80.30
CA ALA OA 25 5.78 -74.74 -81.33
C ALA OA 25 5.20 -75.93 -82.06
N ILE OA 26 4.56 -76.85 -81.35
CA ILE OA 26 3.97 -78.02 -81.99
C ILE OA 26 2.88 -77.59 -82.97
N GLU OA 27 2.00 -76.69 -82.53
CA GLU OA 27 0.91 -76.24 -83.40
C GLU OA 27 1.43 -75.52 -84.63
N MET OA 28 2.43 -74.64 -84.45
CA MET OA 28 2.95 -73.90 -85.58
C MET OA 28 3.66 -74.81 -86.58
N ALA OA 29 4.35 -75.84 -86.09
CA ALA OA 29 5.01 -76.77 -86.98
C ALA OA 29 4.00 -77.50 -87.86
N ASN OA 30 2.89 -77.95 -87.28
CA ASN OA 30 1.88 -78.65 -88.06
C ASN OA 30 1.13 -77.70 -89.00
N LEU OA 31 0.98 -76.44 -88.61
CA LEU OA 31 0.30 -75.48 -89.47
C LEU OA 31 1.09 -75.22 -90.75
N PHE OA 32 2.41 -75.15 -90.64
CA PHE OA 32 3.23 -74.86 -91.81
C PHE OA 32 3.32 -76.03 -92.78
N LYS OA 33 3.00 -77.24 -92.34
CA LYS OA 33 2.90 -78.36 -93.27
C LYS OA 33 1.62 -78.27 -94.10
N SER OA 34 0.54 -77.74 -93.53
CA SER OA 34 -0.70 -77.62 -94.28
C SER OA 34 -0.62 -76.51 -95.32
N LEU OA 35 -0.04 -75.36 -94.95
CA LEU OA 35 0.06 -74.25 -95.89
C LEU OA 35 0.90 -74.62 -97.10
N ARG OA 36 2.01 -75.34 -96.88
CA ARG OA 36 2.90 -75.75 -97.95
C ARG OA 36 2.48 -77.12 -98.49
N GLY OA 37 1.23 -77.18 -98.93
CA GLY OA 37 0.67 -78.43 -99.45
C GLY OA 37 -0.34 -78.14 -100.53
N THR OA 38 -0.61 -79.17 -101.33
CA THR OA 38 -1.55 -79.07 -102.44
C THR OA 38 -2.44 -80.31 -102.45
N GLY OA 39 -3.64 -80.15 -102.98
CA GLY OA 39 -4.59 -81.24 -103.04
C GLY OA 39 -5.97 -80.74 -103.39
N GLY OA 40 -6.90 -81.68 -103.40
CA GLY OA 40 -8.28 -81.33 -103.71
C GLY OA 40 -8.91 -80.48 -102.62
N SER OA 41 -9.88 -79.66 -103.02
CA SER OA 41 -10.58 -78.79 -102.09
C SER OA 41 -11.99 -78.56 -102.60
N GLY OA 42 -12.87 -78.17 -101.68
CA GLY OA 42 -14.26 -77.90 -102.00
C GLY OA 42 -14.47 -76.48 -102.46
N SER OA 43 -15.75 -76.15 -102.66
CA SER OA 43 -16.15 -74.82 -103.11
C SER OA 43 -16.48 -73.88 -101.96
N SER OA 44 -16.28 -74.30 -100.72
CA SER OA 44 -16.62 -73.52 -99.55
C SER OA 44 -15.39 -72.77 -99.05
N MET OA 45 -15.52 -72.17 -97.87
CA MET OA 45 -14.41 -71.47 -97.24
C MET OA 45 -13.31 -72.44 -96.86
N GLU OA 46 -12.06 -71.99 -96.95
CA GLU OA 46 -10.89 -72.81 -96.64
C GLU OA 46 -10.32 -72.39 -95.29
N ILE OA 47 -10.12 -73.37 -94.42
CA ILE OA 47 -9.60 -73.13 -93.06
C ILE OA 47 -8.34 -73.96 -92.88
N TYR OA 48 -7.30 -73.33 -92.34
CA TYR OA 48 -6.04 -73.98 -92.01
C TYR OA 48 -5.86 -73.94 -90.49
N GLU OA 49 -5.68 -75.10 -89.89
CA GLU OA 49 -5.47 -75.22 -88.45
C GLU OA 49 -4.29 -76.15 -88.20
N GLY OA 50 -3.82 -76.15 -86.96
CA GLY OA 50 -2.71 -76.99 -86.55
C GLY OA 50 -3.10 -77.99 -85.49
N LYS OA 51 -2.82 -79.27 -85.75
CA LYS OA 51 -3.06 -80.31 -84.77
C LYS OA 51 -1.97 -80.29 -83.71
N LEU OA 52 -2.20 -81.04 -82.64
CA LEU OA 52 -1.27 -81.14 -81.51
C LEU OA 52 -0.65 -82.53 -81.42
N THR OA 53 -0.36 -83.13 -82.57
CA THR OA 53 0.38 -84.38 -82.66
C THR OA 53 1.83 -84.07 -82.97
N ALA OA 54 2.74 -84.53 -82.13
CA ALA OA 54 4.15 -84.21 -82.22
C ALA OA 54 4.97 -85.28 -82.90
N GLU OA 55 4.34 -86.26 -83.53
CA GLU OA 55 5.05 -87.38 -84.13
C GLU OA 55 5.72 -86.95 -85.43
N GLY OA 56 7.01 -87.25 -85.55
CA GLY OA 56 7.75 -86.98 -86.76
C GLY OA 56 8.41 -85.62 -86.85
N LEU OA 57 8.21 -84.74 -85.86
CA LEU OA 57 8.76 -83.40 -85.89
C LEU OA 57 10.08 -83.35 -85.13
N ARG OA 58 10.88 -82.32 -85.44
CA ARG OA 58 12.20 -82.12 -84.84
C ARG OA 58 12.30 -80.70 -84.31
N PHE OA 59 12.73 -80.57 -83.06
CA PHE OA 59 12.68 -79.30 -82.35
C PHE OA 59 14.08 -78.85 -81.94
N GLY OA 60 14.16 -77.57 -81.57
CA GLY OA 60 15.37 -76.99 -81.02
C GLY OA 60 15.06 -76.10 -79.83
N ILE OA 61 15.86 -76.20 -78.77
CA ILE OA 61 15.69 -75.42 -77.55
C ILE OA 61 16.97 -74.64 -77.28
N VAL OA 62 16.82 -73.38 -76.89
CA VAL OA 62 17.93 -72.52 -76.52
C VAL OA 62 17.61 -71.94 -75.15
N ALA OA 63 18.43 -72.25 -74.15
CA ALA OA 63 18.18 -71.89 -72.77
C ALA OA 63 19.39 -71.20 -72.17
N SER OA 64 19.14 -70.19 -71.35
CA SER OA 64 20.21 -69.47 -70.67
C SER OA 64 20.42 -70.03 -69.28
N ARG OA 65 21.57 -69.67 -68.68
CA ARG OA 65 21.94 -70.19 -67.38
C ARG OA 65 21.56 -69.27 -66.23
N PHE OA 66 21.20 -68.03 -66.50
CA PHE OA 66 20.91 -67.04 -65.46
C PHE OA 66 19.89 -67.57 -64.46
N ASN OA 67 19.88 -66.99 -63.27
CA ASN OA 67 18.99 -67.38 -62.19
C ASN OA 67 19.20 -68.83 -61.76
N HIS OA 68 20.36 -69.40 -62.07
CA HIS OA 68 20.77 -70.67 -61.49
C HIS OA 68 19.87 -71.82 -61.94
N ALA OA 69 18.92 -72.24 -61.11
CA ALA OA 69 18.18 -73.48 -61.32
C ALA OA 69 16.78 -73.28 -61.88
N LEU OA 70 16.29 -72.04 -61.96
CA LEU OA 70 14.91 -71.84 -62.41
C LEU OA 70 14.75 -72.24 -63.86
N VAL OA 71 15.79 -72.06 -64.68
CA VAL OA 71 15.71 -72.45 -66.08
C VAL OA 71 15.59 -73.96 -66.21
N ASP OA 72 16.29 -74.70 -65.34
CA ASP OA 72 16.20 -76.15 -65.38
C ASP OA 72 14.75 -76.62 -65.20
N ARG OA 73 13.98 -75.90 -64.40
CA ARG OA 73 12.56 -76.21 -64.25
C ARG OA 73 11.82 -75.97 -65.56
N LEU OA 74 12.15 -74.88 -66.26
CA LEU OA 74 11.48 -74.57 -67.52
C LEU OA 74 11.87 -75.56 -68.61
N VAL OA 75 13.14 -75.93 -68.69
CA VAL OA 75 13.58 -76.88 -69.71
C VAL OA 75 12.94 -78.24 -69.48
N GLU OA 76 12.75 -78.62 -68.21
CA GLU OA 76 12.10 -79.89 -67.91
C GLU OA 76 10.67 -79.91 -68.43
N GLY OA 77 9.95 -78.80 -68.26
CA GLY OA 77 8.59 -78.74 -68.75
C GLY OA 77 8.50 -78.83 -70.26
N ALA OA 78 9.47 -78.24 -70.97
CA ALA OA 78 9.44 -78.26 -72.42
C ALA OA 78 9.55 -79.68 -72.96
N ILE OA 79 10.48 -80.47 -72.42
CA ILE OA 79 10.67 -81.82 -72.91
C ILE OA 79 9.47 -82.70 -72.57
N ASP OA 80 8.87 -82.48 -71.40
CA ASP OA 80 7.71 -83.26 -71.02
C ASP OA 80 6.57 -83.06 -72.01
N CYS OA 81 6.39 -81.84 -72.51
CA CYS OA 81 5.35 -81.58 -73.49
C CYS OA 81 5.59 -82.36 -74.78
N ILE OA 82 6.85 -82.39 -75.25
CA ILE OA 82 7.13 -83.02 -76.53
C ILE OA 82 7.00 -84.53 -76.45
N VAL OA 83 7.46 -85.13 -75.36
CA VAL OA 83 7.43 -86.58 -75.24
C VAL OA 83 6.00 -87.07 -75.07
N ARG OA 84 5.20 -86.37 -74.27
CA ARG OA 84 3.86 -86.84 -73.97
C ARG OA 84 2.87 -86.60 -75.10
N HIS OA 85 3.19 -85.73 -76.05
CA HIS OA 85 2.33 -85.50 -77.20
C HIS OA 85 2.71 -86.36 -78.40
N GLY OA 86 3.67 -87.27 -78.24
CA GLY OA 86 4.03 -88.21 -79.28
C GLY OA 86 5.43 -88.07 -79.82
N GLY OA 87 6.20 -87.07 -79.41
CA GLY OA 87 7.54 -86.89 -79.93
C GLY OA 87 8.55 -87.81 -79.31
N ARG OA 88 9.73 -87.84 -79.93
CA ARG OA 88 10.84 -88.68 -79.49
C ARG OA 88 11.97 -87.80 -78.98
N GLU OA 89 12.59 -88.21 -77.87
CA GLU OA 89 13.66 -87.42 -77.26
C GLU OA 89 14.94 -87.43 -78.07
N GLU OA 90 15.07 -88.30 -79.06
CA GLU OA 90 16.22 -88.28 -79.96
C GLU OA 90 16.13 -87.15 -80.98
N ASP OA 91 15.00 -86.46 -81.07
CA ASP OA 91 14.79 -85.42 -82.07
C ASP OA 91 14.86 -84.01 -81.49
N ILE OA 92 15.38 -83.85 -80.28
CA ILE OA 92 15.54 -82.55 -79.65
C ILE OA 92 17.01 -82.18 -79.66
N THR OA 93 17.30 -80.89 -79.80
CA THR OA 93 18.66 -80.37 -79.74
C THR OA 93 18.69 -79.24 -78.72
N LEU OA 94 19.59 -79.35 -77.74
CA LEU OA 94 19.69 -78.38 -76.66
C LEU OA 94 20.96 -77.58 -76.79
N VAL OA 95 20.84 -76.25 -76.74
CA VAL OA 95 21.96 -75.32 -76.78
C VAL OA 95 21.85 -74.42 -75.56
N ARG OA 96 22.96 -74.25 -74.85
CA ARG OA 96 22.99 -73.46 -73.63
C ARG OA 96 23.89 -72.24 -73.82
N VAL OA 97 23.41 -71.08 -73.40
CA VAL OA 97 24.11 -69.81 -73.57
C VAL OA 97 24.30 -69.15 -72.20
N PRO OA 98 25.27 -68.23 -72.05
CA PRO OA 98 25.54 -67.68 -70.72
C PRO OA 98 24.43 -66.80 -70.17
N GLY OA 99 23.87 -65.90 -70.98
CA GLY OA 99 22.88 -64.96 -70.49
C GLY OA 99 21.79 -64.72 -71.52
N SER OA 100 20.84 -63.87 -71.13
CA SER OA 100 19.71 -63.58 -72.00
C SER OA 100 20.15 -62.80 -73.22
N TRP OA 101 21.17 -61.95 -73.09
CA TRP OA 101 21.65 -61.16 -74.21
C TRP OA 101 22.15 -62.03 -75.35
N GLU OA 102 22.51 -63.28 -75.08
CA GLU OA 102 23.11 -64.16 -76.08
C GLU OA 102 22.10 -65.06 -76.78
N ILE OA 103 20.83 -65.02 -76.41
CA ILE OA 103 19.84 -65.94 -76.97
C ILE OA 103 19.62 -65.70 -78.46
N PRO OA 104 19.44 -64.47 -78.93
CA PRO OA 104 19.14 -64.29 -80.36
C PRO OA 104 20.22 -64.80 -81.30
N VAL OA 105 21.49 -64.60 -80.99
CA VAL OA 105 22.54 -65.04 -81.91
C VAL OA 105 22.63 -66.55 -81.95
N ALA OA 106 22.44 -67.22 -80.81
CA ALA OA 106 22.45 -68.67 -80.79
C ALA OA 106 21.23 -69.24 -81.51
N ALA OA 107 20.09 -68.57 -81.38
CA ALA OA 107 18.87 -69.04 -82.05
C ALA OA 107 19.02 -68.99 -83.56
N GLY OA 108 19.65 -67.93 -84.08
CA GLY OA 108 19.81 -67.81 -85.52
C GLY OA 108 20.62 -68.95 -86.13
N GLU OA 109 21.69 -69.36 -85.44
CA GLU OA 109 22.48 -70.49 -85.93
C GLU OA 109 21.65 -71.76 -85.95
N LEU OA 110 20.85 -71.98 -84.91
CA LEU OA 110 20.07 -73.20 -84.78
C LEU OA 110 18.87 -73.24 -85.73
N ALA OA 111 18.39 -72.10 -86.18
CA ALA OA 111 17.24 -72.02 -87.07
C ALA OA 111 17.62 -71.95 -88.54
N ARG OA 112 18.89 -72.07 -88.87
CA ARG OA 112 19.36 -72.00 -90.24
C ARG OA 112 19.69 -73.37 -90.82
N LYS OA 113 19.40 -74.45 -90.10
CA LYS OA 113 19.64 -75.80 -90.58
C LYS OA 113 18.32 -76.48 -90.91
N GLU OA 114 18.32 -77.23 -92.01
CA GLU OA 114 17.07 -77.73 -92.59
C GLU OA 114 16.41 -78.81 -91.75
N ASP OA 115 17.15 -79.44 -90.83
CA ASP OA 115 16.57 -80.50 -90.03
C ASP OA 115 15.65 -79.99 -88.93
N ILE OA 116 15.77 -78.73 -88.54
CA ILE OA 116 14.96 -78.16 -87.46
C ILE OA 116 13.66 -77.62 -88.04
N ASP OA 117 12.57 -77.85 -87.32
CA ASP OA 117 11.26 -77.38 -87.73
C ASP OA 117 10.77 -76.18 -86.92
N ALA OA 118 11.09 -76.11 -85.64
CA ALA OA 118 10.75 -74.95 -84.82
C ALA OA 118 11.76 -74.83 -83.69
N VAL OA 119 11.88 -73.60 -83.17
CA VAL OA 119 12.85 -73.26 -82.15
C VAL OA 119 12.11 -72.66 -80.95
N ILE OA 120 12.55 -73.01 -79.74
CA ILE OA 120 11.95 -72.54 -78.50
C ILE OA 120 13.02 -71.82 -77.70
N ALA OA 121 12.70 -70.63 -77.21
CA ALA OA 121 13.63 -69.80 -76.44
C ALA OA 121 13.14 -69.67 -75.01
N ILE OA 122 14.02 -69.96 -74.06
CA ILE OA 122 13.69 -69.97 -72.63
C ILE OA 122 14.75 -69.19 -71.88
N GLY OA 123 14.34 -68.44 -70.88
CA GLY OA 123 15.28 -67.68 -70.07
C GLY OA 123 14.58 -66.92 -68.99
N VAL OA 124 15.39 -66.28 -68.14
CA VAL OA 124 14.92 -65.47 -67.02
C VAL OA 124 15.58 -64.11 -67.10
N LEU OA 125 14.79 -63.05 -66.93
CA LEU OA 125 15.28 -61.68 -66.96
C LEU OA 125 15.21 -61.08 -65.56
N ILE OA 126 16.04 -60.08 -65.34
CA ILE OA 126 16.16 -59.40 -64.05
C ILE OA 126 15.40 -58.09 -64.13
N ARG OA 127 14.89 -57.64 -62.99
CA ARG OA 127 14.08 -56.43 -62.87
C ARG OA 127 14.66 -55.50 -61.81
N GLY OA 128 15.97 -55.26 -61.90
CA GLY OA 128 16.66 -54.44 -60.91
C GLY OA 128 16.41 -52.95 -61.04
N ALA OA 129 15.56 -52.52 -61.96
CA ALA OA 129 15.23 -51.11 -62.13
C ALA OA 129 16.48 -50.29 -62.43
N THR OA 130 17.29 -50.80 -63.35
CA THR OA 130 18.53 -50.16 -63.77
C THR OA 130 18.57 -50.08 -65.28
N PRO OA 131 19.20 -49.05 -65.85
CA PRO OA 131 19.33 -49.00 -67.32
C PRO OA 131 20.06 -50.20 -67.89
N HIS OA 132 20.95 -50.82 -67.11
CA HIS OA 132 21.70 -51.97 -67.61
C HIS OA 132 20.77 -53.11 -68.00
N PHE OA 133 19.74 -53.37 -67.18
CA PHE OA 133 18.80 -54.44 -67.46
C PHE OA 133 17.64 -54.00 -68.35
N ASP OA 134 17.23 -52.74 -68.26
CA ASP OA 134 16.08 -52.29 -69.05
C ASP OA 134 16.39 -52.34 -70.55
N TYR OA 135 17.63 -52.00 -70.93
CA TYR OA 135 17.99 -52.04 -72.34
C TYR OA 135 18.19 -53.46 -72.82
N ILE OA 136 18.78 -54.32 -72.01
CA ILE OA 136 18.97 -55.72 -72.42
C ILE OA 136 17.62 -56.38 -72.66
N ALA OA 137 16.63 -56.05 -71.84
CA ALA OA 137 15.33 -56.71 -71.97
C ALA OA 137 14.70 -56.47 -73.33
N SER OA 138 14.77 -55.23 -73.82
CA SER OA 138 14.10 -54.88 -75.07
C SER OA 138 14.74 -55.60 -76.25
N GLU OA 139 16.06 -55.73 -76.26
CA GLU OA 139 16.75 -56.27 -77.43
C GLU OA 139 16.50 -57.76 -77.61
N VAL OA 140 16.25 -58.49 -76.51
CA VAL OA 140 15.99 -59.92 -76.63
C VAL OA 140 14.74 -60.16 -77.45
N SER OA 141 13.68 -59.38 -77.19
CA SER OA 141 12.41 -59.58 -77.88
C SER OA 141 12.52 -59.18 -79.35
N LYS OA 142 13.17 -58.05 -79.64
CA LYS OA 142 13.23 -57.57 -81.01
C LYS OA 142 14.02 -58.51 -81.92
N GLY OA 143 15.10 -59.08 -81.40
CA GLY OA 143 15.91 -59.95 -82.23
C GLY OA 143 15.18 -61.23 -82.63
N LEU OA 144 14.50 -61.86 -81.68
CA LEU OA 144 13.77 -63.08 -81.99
C LEU OA 144 12.60 -62.80 -82.92
N ALA OA 145 12.00 -61.62 -82.84
CA ALA OA 145 10.89 -61.27 -83.73
C ALA OA 145 11.37 -61.12 -85.16
N ASN OA 146 12.47 -60.39 -85.36
CA ASN OA 146 13.01 -60.19 -86.70
C ASN OA 146 13.49 -61.50 -87.32
N LEU OA 147 14.10 -62.36 -86.50
CA LEU OA 147 14.71 -63.57 -87.03
C LEU OA 147 13.67 -64.53 -87.60
N SER OA 148 12.47 -64.56 -87.00
CA SER OA 148 11.43 -65.44 -87.51
C SER OA 148 10.88 -64.94 -88.84
N LEU OA 149 10.85 -63.62 -89.05
CA LEU OA 149 10.40 -63.07 -90.32
C LEU OA 149 11.45 -63.22 -91.41
N GLU OA 150 12.73 -63.06 -91.06
CA GLU OA 150 13.79 -63.19 -92.06
C GLU OA 150 13.89 -64.62 -92.59
N LEU OA 151 13.83 -65.61 -91.71
CA LEU OA 151 14.03 -67.00 -92.09
C LEU OA 151 12.74 -67.76 -92.36
N ARG OA 152 11.59 -67.17 -92.05
CA ARG OA 152 10.30 -67.81 -92.27
C ARG OA 152 10.20 -69.14 -91.53
N LYS OA 153 10.54 -69.11 -90.24
CA LYS OA 153 10.46 -70.27 -89.38
C LYS OA 153 9.88 -69.84 -88.04
N PRO OA 154 9.01 -70.64 -87.41
CA PRO OA 154 8.40 -70.22 -86.14
C PRO OA 154 9.37 -70.31 -84.98
N ILE OA 155 9.46 -69.23 -84.20
CA ILE OA 155 10.27 -69.15 -82.99
C ILE OA 155 9.37 -68.67 -81.87
N THR OA 156 9.38 -69.39 -80.75
CA THR OA 156 8.45 -69.13 -79.65
C THR OA 156 9.17 -68.48 -78.48
N PHE OA 157 8.42 -67.64 -77.76
CA PHE OA 157 8.95 -66.78 -76.71
C PHE OA 157 8.56 -67.35 -75.37
N GLY OA 158 9.55 -67.74 -74.57
CA GLY OA 158 9.31 -68.30 -73.26
C GLY OA 158 10.15 -67.69 -72.17
N VAL OA 159 10.39 -66.38 -72.25
CA VAL OA 159 11.23 -65.66 -71.29
C VAL OA 159 10.34 -65.05 -70.22
N ILE OA 160 10.68 -65.32 -68.96
CA ILE OA 160 9.94 -64.79 -67.82
C ILE OA 160 10.82 -63.78 -67.10
N THR OA 161 10.25 -63.14 -66.09
CA THR OA 161 10.95 -62.16 -65.26
C THR OA 161 11.05 -62.67 -63.83
N ALA OA 162 12.17 -62.37 -63.18
CA ALA OA 162 12.40 -62.74 -61.79
C ALA OA 162 12.30 -64.25 -61.62
N GLY PA 15 -19.59 -50.52 -82.87
CA GLY PA 15 -19.28 -51.69 -83.65
C GLY PA 15 -18.10 -52.47 -83.10
N ASN PA 16 -17.48 -53.29 -83.96
CA ASN PA 16 -16.35 -54.11 -83.58
C ASN PA 16 -15.24 -53.94 -84.61
N LYS PA 17 -13.99 -54.07 -84.15
CA LYS PA 17 -12.85 -53.87 -85.02
C LYS PA 17 -12.80 -54.90 -86.15
N GLY PA 18 -13.51 -56.01 -86.02
CA GLY PA 18 -13.60 -56.94 -87.13
C GLY PA 18 -14.26 -56.33 -88.34
N TRP PA 19 -15.34 -55.59 -88.13
CA TRP PA 19 -16.01 -54.90 -89.23
C TRP PA 19 -15.15 -53.78 -89.79
N GLU PA 20 -14.52 -53.00 -88.91
CA GLU PA 20 -13.70 -51.88 -89.37
C GLU PA 20 -12.50 -52.36 -90.17
N ALA PA 21 -11.86 -53.44 -89.71
CA ALA PA 21 -10.67 -53.94 -90.40
C ALA PA 21 -10.99 -54.49 -91.77
N ALA PA 22 -12.19 -55.03 -91.97
CA ALA PA 22 -12.57 -55.54 -93.28
C ALA PA 22 -12.94 -54.41 -94.23
N LEU PA 23 -13.52 -53.32 -93.72
CA LEU PA 23 -13.80 -52.16 -94.57
C LEU PA 23 -12.52 -51.56 -95.12
N SER PA 24 -11.50 -51.39 -94.28
CA SER PA 24 -10.25 -50.82 -94.74
C SER PA 24 -9.61 -51.70 -95.80
N ALA PA 25 -9.65 -53.02 -95.62
CA ALA PA 25 -9.05 -53.92 -96.58
C ALA PA 25 -9.76 -53.86 -97.93
N ILE PA 26 -11.09 -53.72 -97.92
CA ILE PA 26 -11.81 -53.68 -99.18
C ILE PA 26 -11.45 -52.42 -99.96
N GLU PA 27 -11.28 -51.30 -99.26
CA GLU PA 27 -11.00 -50.05 -99.96
C GLU PA 27 -9.59 -50.00 -100.50
N MET PA 28 -8.61 -50.50 -99.74
CA MET PA 28 -7.23 -50.51 -100.22
C MET PA 28 -7.05 -51.48 -101.38
N ALA PA 29 -7.79 -52.59 -101.39
CA ALA PA 29 -7.68 -53.53 -102.50
C ALA PA 29 -8.16 -52.90 -103.79
N ASN PA 30 -9.19 -52.04 -103.72
CA ASN PA 30 -9.67 -51.35 -104.91
C ASN PA 30 -8.74 -50.20 -105.31
N LEU PA 31 -8.11 -49.55 -104.35
CA LEU PA 31 -7.21 -48.44 -104.66
C LEU PA 31 -5.98 -48.92 -105.42
N PHE PA 32 -5.47 -50.10 -105.08
CA PHE PA 32 -4.26 -50.61 -105.72
C PHE PA 32 -4.53 -51.11 -107.14
N LYS PA 33 -5.78 -51.39 -107.49
CA LYS PA 33 -6.09 -51.76 -108.86
C LYS PA 33 -6.04 -50.56 -109.79
N SER PA 34 -6.59 -49.43 -109.36
CA SER PA 34 -6.59 -48.24 -110.20
C SER PA 34 -5.23 -47.57 -110.22
N LEU PA 35 -4.50 -47.63 -109.12
CA LEU PA 35 -3.20 -47.00 -109.04
C LEU PA 35 -2.16 -47.73 -109.89
N ARG PA 36 -2.37 -49.02 -110.16
CA ARG PA 36 -1.46 -49.81 -110.99
C ARG PA 36 -1.93 -49.92 -112.43
N GLY PA 37 -3.01 -49.25 -112.80
CA GLY PA 37 -3.51 -49.24 -114.16
C GLY PA 37 -3.04 -48.03 -114.93
N THR PA 38 -3.71 -47.77 -116.04
CA THR PA 38 -3.38 -46.61 -116.86
C THR PA 38 -3.75 -45.33 -116.13
N GLY PA 39 -2.88 -44.31 -116.26
CA GLY PA 39 -3.13 -43.04 -115.63
C GLY PA 39 -4.08 -42.17 -116.42
N GLY PA 40 -4.43 -41.03 -115.82
CA GLY PA 40 -5.34 -40.10 -116.48
C GLY PA 40 -4.69 -39.44 -117.68
N SER PA 41 -5.54 -39.10 -118.66
CA SER PA 41 -5.04 -38.45 -119.87
C SER PA 41 -4.41 -37.10 -119.55
N GLY PA 42 -5.06 -36.32 -118.70
CA GLY PA 42 -4.59 -35.00 -118.32
C GLY PA 42 -5.75 -34.03 -118.25
N SER PA 43 -5.42 -32.74 -118.30
CA SER PA 43 -6.36 -31.63 -118.31
C SER PA 43 -6.95 -31.36 -116.93
N SER PA 44 -6.52 -32.06 -115.89
CA SER PA 44 -7.01 -31.80 -114.53
C SER PA 44 -6.13 -32.57 -113.56
N MET PA 45 -6.28 -32.24 -112.28
CA MET PA 45 -5.61 -32.98 -111.23
C MET PA 45 -6.17 -34.39 -111.13
N GLU PA 46 -5.28 -35.36 -110.91
CA GLU PA 46 -5.67 -36.76 -110.85
C GLU PA 46 -5.92 -37.17 -109.40
N ILE PA 47 -7.09 -37.75 -109.15
CA ILE PA 47 -7.49 -38.20 -107.82
C ILE PA 47 -7.78 -39.68 -107.89
N TYR PA 48 -7.20 -40.44 -106.95
CA TYR PA 48 -7.42 -41.87 -106.84
C TYR PA 48 -8.15 -42.16 -105.54
N GLU PA 49 -9.23 -42.92 -105.64
CA GLU PA 49 -10.04 -43.29 -104.50
C GLU PA 49 -10.46 -44.75 -104.62
N GLY PA 50 -10.85 -45.34 -103.51
CA GLY PA 50 -11.27 -46.73 -103.46
C GLY PA 50 -12.78 -46.85 -103.23
N LYS PA 51 -13.42 -47.63 -104.09
CA LYS PA 51 -14.84 -47.91 -103.94
C LYS PA 51 -15.06 -49.02 -102.91
N LEU PA 52 -16.26 -49.05 -102.35
CA LEU PA 52 -16.64 -50.08 -101.38
C LEU PA 52 -17.46 -51.18 -102.06
N THR PA 53 -16.81 -51.84 -103.00
CA THR PA 53 -17.39 -53.00 -103.69
C THR PA 53 -16.36 -54.13 -103.68
N ALA PA 54 -16.79 -55.33 -103.32
CA ALA PA 54 -15.90 -56.46 -103.10
C ALA PA 54 -16.24 -57.62 -104.03
N GLU PA 55 -16.48 -57.32 -105.29
CA GLU PA 55 -16.84 -58.33 -106.29
C GLU PA 55 -15.60 -58.70 -107.09
N GLY PA 56 -15.11 -59.91 -106.89
CA GLY PA 56 -13.95 -60.40 -107.60
C GLY PA 56 -12.63 -60.30 -106.87
N LEU PA 57 -12.65 -60.05 -105.57
CA LEU PA 57 -11.44 -59.89 -104.78
C LEU PA 57 -11.29 -61.05 -103.80
N ARG PA 58 -10.04 -61.42 -103.53
CA ARG PA 58 -9.71 -62.48 -102.59
C ARG PA 58 -9.13 -61.87 -101.32
N PHE PA 59 -9.39 -62.53 -100.19
CA PHE PA 59 -8.97 -62.04 -98.88
C PHE PA 59 -8.39 -63.17 -98.06
N GLY PA 60 -7.51 -62.81 -97.14
CA GLY PA 60 -7.03 -63.74 -96.13
C GLY PA 60 -7.16 -63.13 -94.74
N ILE PA 61 -7.41 -63.99 -93.77
CA ILE PA 61 -7.63 -63.58 -92.39
C ILE PA 61 -6.73 -64.42 -91.49
N VAL PA 62 -6.04 -63.74 -90.57
CA VAL PA 62 -5.22 -64.40 -89.55
C VAL PA 62 -5.75 -63.97 -88.20
N ALA PA 63 -6.22 -64.93 -87.42
CA ALA PA 63 -6.84 -64.67 -86.13
C ALA PA 63 -6.24 -65.60 -85.08
N SER PA 64 -5.90 -65.04 -83.93
CA SER PA 64 -5.35 -65.82 -82.83
C SER PA 64 -6.47 -66.55 -82.09
N ARG PA 65 -6.11 -67.24 -81.01
CA ARG PA 65 -7.04 -68.08 -80.27
C ARG PA 65 -7.28 -67.63 -78.85
N PHE PA 66 -6.32 -66.99 -78.20
CA PHE PA 66 -6.50 -66.57 -76.82
C PHE PA 66 -7.75 -65.71 -76.70
N ASN PA 67 -8.33 -65.73 -75.51
CA ASN PA 67 -9.64 -65.10 -75.25
C ASN PA 67 -10.68 -65.69 -76.21
N HIS PA 68 -10.91 -66.99 -75.97
CA HIS PA 68 -11.74 -67.83 -76.84
C HIS PA 68 -12.99 -67.11 -77.35
N ALA PA 69 -13.74 -66.45 -76.46
CA ALA PA 69 -15.03 -65.89 -76.85
C ALA PA 69 -14.87 -64.68 -77.74
N LEU PA 70 -13.97 -63.76 -77.40
CA LEU PA 70 -13.90 -62.48 -78.10
C LEU PA 70 -13.55 -62.67 -79.57
N VAL PA 71 -12.46 -63.38 -79.85
CA VAL PA 71 -11.93 -63.41 -81.21
C VAL PA 71 -12.93 -64.04 -82.16
N ASP PA 72 -13.79 -64.93 -81.67
CA ASP PA 72 -14.78 -65.54 -82.55
C ASP PA 72 -15.81 -64.51 -83.02
N ARG PA 73 -16.14 -63.54 -82.17
CA ARG PA 73 -17.05 -62.47 -82.59
C ARG PA 73 -16.40 -61.58 -83.65
N LEU PA 74 -15.11 -61.29 -83.49
CA LEU PA 74 -14.42 -60.45 -84.46
C LEU PA 74 -14.35 -61.11 -85.84
N VAL PA 75 -14.10 -62.41 -85.88
CA VAL PA 75 -13.98 -63.10 -87.15
C VAL PA 75 -15.32 -63.14 -87.88
N GLU PA 76 -16.41 -63.30 -87.13
CA GLU PA 76 -17.73 -63.28 -87.75
C GLU PA 76 -18.05 -61.91 -88.33
N GLY PA 77 -17.64 -60.84 -87.64
CA GLY PA 77 -17.84 -59.52 -88.19
C GLY PA 77 -17.14 -59.30 -89.51
N ALA PA 78 -15.90 -59.77 -89.62
CA ALA PA 78 -15.13 -59.57 -90.84
C ALA PA 78 -15.76 -60.31 -92.02
N ILE PA 79 -16.22 -61.54 -91.80
CA ILE PA 79 -16.82 -62.30 -92.90
C ILE PA 79 -18.15 -61.68 -93.32
N ASP PA 80 -18.91 -61.18 -92.35
CA ASP PA 80 -20.19 -60.56 -92.68
C ASP PA 80 -20.00 -59.33 -93.55
N CYS PA 81 -18.97 -58.53 -93.26
CA CYS PA 81 -18.71 -57.34 -94.05
C CYS PA 81 -18.42 -57.68 -95.51
N ILE PA 82 -17.59 -58.70 -95.75
CA ILE PA 82 -17.19 -59.02 -97.11
C ILE PA 82 -18.37 -59.54 -97.91
N VAL PA 83 -19.15 -60.45 -97.31
CA VAL PA 83 -20.22 -61.10 -98.05
C VAL PA 83 -21.33 -60.11 -98.41
N ARG PA 84 -21.61 -59.17 -97.51
CA ARG PA 84 -22.68 -58.21 -97.75
C ARG PA 84 -22.27 -57.08 -98.68
N HIS PA 85 -20.99 -56.98 -99.06
CA HIS PA 85 -20.55 -56.00 -100.03
C HIS PA 85 -20.37 -56.59 -101.42
N GLY PA 86 -20.69 -57.87 -101.61
CA GLY PA 86 -20.61 -58.51 -102.90
C GLY PA 86 -19.58 -59.62 -102.99
N GLY PA 87 -18.81 -59.88 -101.94
CA GLY PA 87 -17.82 -60.92 -101.97
C GLY PA 87 -18.44 -62.30 -101.88
N ARG PA 88 -17.61 -63.30 -102.18
CA ARG PA 88 -18.00 -64.70 -102.12
C ARG PA 88 -17.27 -65.38 -100.97
N GLU PA 89 -17.99 -66.21 -100.23
CA GLU PA 89 -17.37 -66.93 -99.13
C GLU PA 89 -16.34 -67.93 -99.62
N GLU PA 90 -16.38 -68.30 -100.90
CA GLU PA 90 -15.39 -69.21 -101.45
C GLU PA 90 -14.05 -68.53 -101.67
N ASP PA 91 -13.99 -67.20 -101.63
CA ASP PA 91 -12.76 -66.44 -101.86
C ASP PA 91 -12.20 -65.85 -100.58
N ILE PA 92 -12.32 -66.59 -99.47
CA ILE PA 92 -11.76 -66.19 -98.19
C ILE PA 92 -10.92 -67.35 -97.65
N THR PA 93 -9.73 -67.03 -97.15
CA THR PA 93 -8.85 -67.99 -96.51
C THR PA 93 -8.70 -67.61 -95.04
N LEU PA 94 -8.79 -68.60 -94.15
CA LEU PA 94 -8.71 -68.37 -92.72
C LEU PA 94 -7.61 -69.24 -92.12
N VAL PA 95 -6.75 -68.61 -91.32
CA VAL PA 95 -5.63 -69.29 -90.65
C VAL PA 95 -5.71 -68.96 -89.17
N ARG PA 96 -5.65 -70.00 -88.33
CA ARG PA 96 -5.68 -69.84 -86.88
C ARG PA 96 -4.29 -70.07 -86.30
N VAL PA 97 -3.94 -69.28 -85.29
CA VAL PA 97 -2.64 -69.37 -84.64
C VAL PA 97 -2.85 -69.39 -83.13
N PRO PA 98 -1.88 -69.90 -82.37
CA PRO PA 98 -2.08 -69.99 -80.90
C PRO PA 98 -2.25 -68.65 -80.22
N GLY PA 99 -1.36 -67.69 -80.46
CA GLY PA 99 -1.38 -66.44 -79.75
C GLY PA 99 -1.02 -65.25 -80.60
N SER PA 100 -0.92 -64.07 -79.98
CA SER PA 100 -0.60 -62.86 -80.72
C SER PA 100 0.83 -62.87 -81.23
N TRP PA 101 1.75 -63.49 -80.48
CA TRP PA 101 3.14 -63.54 -80.90
C TRP PA 101 3.29 -64.19 -82.27
N GLU PA 102 2.39 -65.08 -82.64
CA GLU PA 102 2.52 -65.84 -83.87
C GLU PA 102 1.85 -65.18 -85.07
N ILE PA 103 1.12 -64.08 -84.88
CA ILE PA 103 0.39 -63.48 -85.99
C ILE PA 103 1.32 -63.02 -87.10
N PRO PA 104 2.39 -62.26 -86.84
CA PRO PA 104 3.20 -61.73 -87.96
C PRO PA 104 3.81 -62.81 -88.84
N VAL PA 105 4.24 -63.93 -88.28
CA VAL PA 105 4.91 -64.95 -89.08
C VAL PA 105 3.93 -65.60 -90.03
N ALA PA 106 2.70 -65.86 -89.58
CA ALA PA 106 1.69 -66.45 -90.45
C ALA PA 106 1.24 -65.48 -91.52
N ALA PA 107 1.16 -64.18 -91.19
CA ALA PA 107 0.74 -63.20 -92.17
C ALA PA 107 1.72 -63.14 -93.34
N GLY PA 108 3.00 -63.39 -93.10
CA GLY PA 108 3.96 -63.40 -94.19
C GLY PA 108 3.68 -64.46 -95.23
N GLU PA 109 3.28 -65.66 -94.78
CA GLU PA 109 3.00 -66.73 -95.72
C GLU PA 109 1.80 -66.40 -96.60
N LEU PA 110 0.74 -65.86 -96.02
CA LEU PA 110 -0.44 -65.51 -96.80
C LEU PA 110 -0.13 -64.39 -97.78
N ALA PA 111 0.64 -63.38 -97.35
CA ALA PA 111 0.91 -62.24 -98.20
C ALA PA 111 1.75 -62.59 -99.41
N ARG PA 112 2.52 -63.66 -99.35
CA ARG PA 112 3.41 -64.05 -100.43
C ARG PA 112 2.71 -64.88 -101.50
N LYS PA 113 1.44 -65.20 -101.32
CA LYS PA 113 0.68 -65.88 -102.37
C LYS PA 113 0.21 -64.86 -103.41
N GLU PA 114 0.07 -65.33 -104.64
CA GLU PA 114 -0.26 -64.47 -105.76
C GLU PA 114 -1.76 -64.38 -106.04
N ASP PA 115 -2.60 -65.01 -105.21
CA ASP PA 115 -4.05 -64.96 -105.38
C ASP PA 115 -4.74 -64.31 -104.19
N ILE PA 116 -4.02 -63.48 -103.43
CA ILE PA 116 -4.59 -62.76 -102.30
C ILE PA 116 -4.33 -61.27 -102.49
N ASP PA 117 -5.38 -60.46 -102.30
CA ASP PA 117 -5.30 -59.02 -102.52
C ASP PA 117 -5.07 -58.23 -101.26
N ALA PA 118 -5.49 -58.73 -100.10
CA ALA PA 118 -5.25 -58.05 -98.84
C ALA PA 118 -5.37 -59.06 -97.72
N VAL PA 119 -4.82 -58.70 -96.56
CA VAL PA 119 -4.78 -59.55 -95.38
C VAL PA 119 -5.31 -58.76 -94.19
N ILE PA 120 -6.09 -59.44 -93.34
CA ILE PA 120 -6.69 -58.85 -92.14
C ILE PA 120 -6.16 -59.62 -90.94
N ALA PA 121 -5.62 -58.89 -89.96
CA ALA PA 121 -5.04 -59.48 -88.76
C ALA PA 121 -5.92 -59.15 -87.55
N ILE PA 122 -6.34 -60.17 -86.83
CA ILE PA 122 -7.22 -60.03 -85.67
C ILE PA 122 -6.58 -60.74 -84.49
N GLY PA 123 -6.86 -60.22 -83.29
CA GLY PA 123 -6.30 -60.79 -82.09
C GLY PA 123 -6.60 -59.91 -80.90
N VAL PA 124 -6.28 -60.45 -79.71
CA VAL PA 124 -6.52 -59.78 -78.45
C VAL PA 124 -5.21 -59.76 -77.67
N LEU PA 125 -4.80 -58.58 -77.23
CA LEU PA 125 -3.63 -58.41 -76.38
C LEU PA 125 -4.08 -58.29 -74.94
N ILE PA 126 -3.41 -59.03 -74.04
CA ILE PA 126 -3.86 -59.14 -72.66
C ILE PA 126 -2.94 -58.34 -71.74
N ARG PA 127 -2.38 -57.25 -72.27
CA ARG PA 127 -1.58 -56.35 -71.45
C ARG PA 127 -2.37 -55.91 -70.22
N GLY PA 128 -1.65 -55.60 -69.15
CA GLY PA 128 -2.26 -55.19 -67.90
C GLY PA 128 -1.49 -55.67 -66.68
N ALA PA 129 -0.65 -56.69 -66.87
CA ALA PA 129 0.20 -57.22 -65.80
C ALA PA 129 1.15 -58.21 -66.44
N THR PA 130 1.95 -58.88 -65.59
CA THR PA 130 2.84 -59.93 -66.07
C THR PA 130 3.74 -59.40 -67.19
N PRO PA 131 4.82 -58.65 -66.87
CA PRO PA 131 5.64 -58.00 -67.92
C PRO PA 131 6.04 -58.90 -69.08
N HIS PA 132 5.88 -60.22 -68.93
CA HIS PA 132 6.05 -61.12 -70.06
C HIS PA 132 5.20 -60.68 -71.26
N PHE PA 133 4.00 -60.18 -71.01
CA PHE PA 133 3.08 -59.78 -72.07
C PHE PA 133 3.25 -58.35 -72.51
N ASP PA 134 4.05 -57.54 -71.81
CA ASP PA 134 4.26 -56.16 -72.25
C ASP PA 134 5.22 -56.08 -73.43
N TYR PA 135 6.14 -57.05 -73.54
CA TYR PA 135 7.05 -57.09 -74.68
C TYR PA 135 6.39 -57.62 -75.93
N ILE PA 136 5.47 -58.57 -75.79
CA ILE PA 136 4.78 -59.12 -76.95
C ILE PA 136 3.97 -58.04 -77.66
N ALA PA 137 3.39 -57.13 -76.88
CA ALA PA 137 2.51 -56.12 -77.47
C ALA PA 137 3.25 -55.26 -78.49
N SER PA 138 4.46 -54.84 -78.16
CA SER PA 138 5.19 -53.93 -79.04
C SER PA 138 5.70 -54.59 -80.31
N GLU PA 139 5.85 -55.92 -80.32
CA GLU PA 139 6.44 -56.59 -81.46
C GLU PA 139 5.44 -56.96 -82.55
N VAL PA 140 4.15 -57.06 -82.21
CA VAL PA 140 3.16 -57.43 -83.21
C VAL PA 140 2.96 -56.29 -84.21
N SER PA 141 2.89 -55.06 -83.71
CA SER PA 141 2.73 -53.91 -84.59
C SER PA 141 3.94 -53.74 -85.51
N LYS PA 142 5.15 -53.89 -84.95
CA LYS PA 142 6.36 -53.71 -85.75
C LYS PA 142 6.41 -54.69 -86.91
N GLY PA 143 6.10 -55.96 -86.64
CA GLY PA 143 6.18 -56.96 -87.68
C GLY PA 143 5.18 -56.73 -88.80
N LEU PA 144 3.94 -56.39 -88.44
CA LEU PA 144 2.92 -56.18 -89.46
C LEU PA 144 3.24 -54.97 -90.32
N ALA PA 145 3.76 -53.90 -89.72
CA ALA PA 145 4.09 -52.70 -90.48
C ALA PA 145 5.20 -52.97 -91.49
N ASN PA 146 6.25 -53.69 -91.08
CA ASN PA 146 7.35 -53.95 -91.99
C ASN PA 146 6.95 -54.86 -93.14
N LEU PA 147 6.11 -55.85 -92.86
CA LEU PA 147 5.67 -56.77 -93.90
C LEU PA 147 4.92 -56.04 -95.01
N SER PA 148 4.05 -55.09 -94.64
CA SER PA 148 3.28 -54.37 -95.64
C SER PA 148 4.18 -53.59 -96.57
N LEU PA 149 5.20 -52.93 -96.04
CA LEU PA 149 6.13 -52.17 -96.85
C LEU PA 149 7.02 -53.08 -97.69
N GLU PA 150 7.46 -54.20 -97.12
CA GLU PA 150 8.37 -55.10 -97.83
C GLU PA 150 7.67 -55.77 -99.01
N LEU PA 151 6.49 -56.33 -98.78
CA LEU PA 151 5.78 -57.08 -99.80
C LEU PA 151 4.91 -56.21 -100.69
N ARG PA 152 4.65 -54.97 -100.29
CA ARG PA 152 3.82 -54.05 -101.06
C ARG PA 152 2.40 -54.57 -101.21
N LYS PA 153 1.82 -54.97 -100.08
CA LYS PA 153 0.45 -55.44 -100.00
C LYS PA 153 -0.17 -54.84 -98.74
N PRO PA 154 -1.46 -54.46 -98.79
CA PRO PA 154 -2.06 -53.87 -97.59
C PRO PA 154 -2.41 -54.93 -96.55
N ILE PA 155 -1.96 -54.69 -95.32
CA ILE PA 155 -2.27 -55.53 -94.16
C ILE PA 155 -2.95 -54.64 -93.13
N THR PA 156 -4.15 -55.01 -92.72
CA THR PA 156 -4.96 -54.20 -91.83
C THR PA 156 -4.84 -54.70 -90.39
N PHE PA 157 -4.91 -53.76 -89.45
CA PHE PA 157 -4.69 -54.00 -88.04
C PHE PA 157 -6.02 -54.09 -87.32
N GLY PA 158 -6.33 -55.26 -86.78
CA GLY PA 158 -7.58 -55.49 -86.08
C GLY PA 158 -7.42 -56.04 -84.67
N VAL PA 159 -6.44 -55.53 -83.93
CA VAL PA 159 -6.07 -56.09 -82.64
C VAL PA 159 -6.53 -55.15 -81.54
N ILE PA 160 -7.25 -55.69 -80.56
CA ILE PA 160 -7.79 -54.91 -79.46
C ILE PA 160 -7.12 -55.32 -78.15
N THR PA 161 -7.46 -54.64 -77.07
CA THR PA 161 -6.87 -54.86 -75.76
C THR PA 161 -7.97 -55.16 -74.74
N ALA PA 162 -7.77 -56.19 -73.94
CA ALA PA 162 -8.75 -56.60 -72.95
C ALA PA 162 -8.44 -55.99 -71.59
N GLY QA 15 0.36 -20.37 -91.19
CA GLY QA 15 -0.83 -21.04 -91.66
C GLY QA 15 -1.02 -22.43 -91.08
N ASN QA 16 -1.85 -23.23 -91.71
CA ASN QA 16 -2.08 -24.59 -91.25
C ASN QA 16 -0.91 -25.50 -91.64
N LYS QA 17 -0.85 -26.67 -91.00
CA LYS QA 17 0.27 -27.56 -91.23
C LYS QA 17 0.27 -28.15 -92.62
N GLY QA 18 -0.84 -28.10 -93.34
CA GLY QA 18 -0.80 -28.44 -94.75
C GLY QA 18 0.00 -27.43 -95.55
N TRP QA 19 -0.08 -26.16 -95.15
CA TRP QA 19 0.75 -25.13 -95.76
C TRP QA 19 2.21 -25.30 -95.38
N GLU QA 20 2.48 -25.51 -94.10
CA GLU QA 20 3.86 -25.66 -93.64
C GLU QA 20 4.53 -26.87 -94.28
N ALA QA 21 3.80 -27.97 -94.39
CA ALA QA 21 4.40 -29.18 -94.96
C ALA QA 21 4.74 -29.00 -96.43
N ALA QA 22 3.90 -28.30 -97.18
CA ALA QA 22 4.13 -28.16 -98.61
C ALA QA 22 5.34 -27.28 -98.92
N LEU QA 23 5.64 -26.31 -98.07
CA LEU QA 23 6.82 -25.49 -98.31
C LEU QA 23 8.10 -26.31 -98.25
N SER QA 24 8.22 -27.18 -97.25
CA SER QA 24 9.43 -27.97 -97.11
C SER QA 24 9.64 -28.88 -98.30
N ALA QA 25 8.57 -29.30 -98.96
CA ALA QA 25 8.72 -30.12 -100.15
C ALA QA 25 9.24 -29.30 -101.32
N ILE QA 26 8.79 -28.05 -101.44
CA ILE QA 26 9.29 -27.17 -102.49
C ILE QA 26 10.78 -26.91 -102.31
N GLU QA 27 11.18 -26.63 -101.08
CA GLU QA 27 12.58 -26.31 -100.81
C GLU QA 27 13.47 -27.53 -100.98
N MET QA 28 13.04 -28.68 -100.48
CA MET QA 28 13.88 -29.87 -100.55
C MET QA 28 13.95 -30.44 -101.96
N ALA QA 29 12.89 -30.29 -102.75
CA ALA QA 29 12.93 -30.79 -104.12
C ALA QA 29 13.89 -29.97 -104.97
N ASN QA 30 14.06 -28.67 -104.67
CA ASN QA 30 15.02 -27.86 -105.38
C ASN QA 30 16.44 -28.18 -104.95
N LEU QA 31 16.64 -28.41 -103.66
CA LEU QA 31 17.97 -28.69 -103.14
C LEU QA 31 18.57 -29.93 -103.78
N PHE QA 32 17.76 -30.97 -103.97
CA PHE QA 32 18.27 -32.20 -104.55
C PHE QA 32 18.75 -31.98 -105.98
N LYS QA 33 17.97 -31.27 -106.80
CA LYS QA 33 18.39 -31.03 -108.19
C LYS QA 33 19.75 -30.35 -108.25
N SER QA 34 20.06 -29.50 -107.26
CA SER QA 34 21.37 -28.86 -107.24
C SER QA 34 22.46 -29.82 -106.84
N LEU QA 35 22.20 -30.69 -105.86
CA LEU QA 35 23.24 -31.60 -105.38
C LEU QA 35 23.67 -32.57 -106.47
N ARG QA 36 22.71 -33.15 -107.19
CA ARG QA 36 23.02 -34.09 -108.26
C ARG QA 36 22.98 -33.37 -109.60
N GLY QA 37 23.95 -32.52 -109.80
CA GLY QA 37 24.08 -31.76 -111.03
C GLY QA 37 25.45 -31.14 -111.14
N THR QA 38 25.51 -29.96 -111.76
CA THR QA 38 26.77 -29.27 -111.95
C THR QA 38 27.28 -28.74 -110.61
N GLY QA 39 28.60 -28.54 -110.54
CA GLY QA 39 29.23 -28.04 -109.34
C GLY QA 39 29.08 -26.54 -109.20
N GLY QA 40 29.63 -26.03 -108.10
CA GLY QA 40 29.59 -24.61 -107.79
C GLY QA 40 30.73 -23.86 -108.42
N SER QA 41 30.95 -22.64 -107.90
CA SER QA 41 32.03 -21.80 -108.42
C SER QA 41 33.39 -22.46 -108.19
N GLY QA 42 33.59 -23.06 -107.03
CA GLY QA 42 34.85 -23.71 -106.70
C GLY QA 42 35.84 -22.75 -106.06
N SER QA 43 36.94 -23.36 -105.58
CA SER QA 43 38.02 -22.63 -104.91
C SER QA 43 37.57 -22.01 -103.59
N SER QA 44 36.44 -22.46 -103.04
CA SER QA 44 35.94 -21.95 -101.78
C SER QA 44 34.84 -22.90 -101.30
N MET QA 45 34.33 -22.63 -100.10
CA MET QA 45 33.26 -23.44 -99.54
C MET QA 45 32.02 -23.37 -100.41
N GLU QA 46 31.34 -24.51 -100.55
CA GLU QA 46 30.11 -24.60 -101.31
C GLU QA 46 28.93 -24.63 -100.33
N ILE QA 47 28.07 -23.64 -100.42
CA ILE QA 47 26.87 -23.56 -99.59
C ILE QA 47 25.66 -23.87 -100.47
N TYR QA 48 24.81 -24.77 -99.99
CA TYR QA 48 23.64 -25.22 -100.72
C TYR QA 48 22.36 -24.78 -100.02
N GLU QA 49 21.32 -24.56 -100.81
CA GLU QA 49 20.03 -24.08 -100.31
C GLU QA 49 19.04 -24.16 -101.45
N GLY QA 50 17.77 -24.31 -101.09
CA GLY QA 50 16.68 -24.42 -102.04
C GLY QA 50 15.84 -23.16 -102.05
N LYS QA 51 15.43 -22.74 -103.24
CA LYS QA 51 14.54 -21.61 -103.40
C LYS QA 51 13.09 -22.06 -103.34
N LEU QA 52 12.18 -21.09 -103.24
CA LEU QA 52 10.76 -21.36 -103.10
C LEU QA 52 10.01 -21.23 -104.42
N THR QA 53 10.65 -21.61 -105.52
CA THR QA 53 9.99 -21.74 -106.80
C THR QA 53 9.51 -23.17 -107.00
N ALA QA 54 8.45 -23.33 -107.79
CA ALA QA 54 7.85 -24.65 -107.95
C ALA QA 54 7.42 -24.93 -109.39
N GLU QA 55 7.90 -24.16 -110.36
CA GLU QA 55 7.56 -24.41 -111.75
C GLU QA 55 8.38 -25.58 -112.28
N GLY QA 56 7.69 -26.58 -112.82
CA GLY QA 56 8.33 -27.76 -113.37
C GLY QA 56 8.38 -28.96 -112.44
N LEU QA 57 8.01 -28.78 -111.16
CA LEU QA 57 8.07 -29.87 -110.20
C LEU QA 57 6.78 -30.66 -110.18
N ARG QA 58 6.90 -31.94 -109.85
CA ARG QA 58 5.77 -32.85 -109.69
C ARG QA 58 5.66 -33.28 -108.23
N PHE QA 59 4.43 -33.41 -107.74
CA PHE QA 59 4.17 -33.66 -106.33
C PHE QA 59 3.13 -34.75 -106.17
N GLY QA 60 3.11 -35.35 -104.98
CA GLY QA 60 2.10 -36.31 -104.61
C GLY QA 60 1.65 -36.12 -103.18
N ILE QA 61 0.34 -36.13 -102.94
CA ILE QA 61 -0.22 -35.90 -101.61
C ILE QA 61 -1.00 -37.15 -101.21
N VAL QA 62 -0.74 -37.65 -99.99
CA VAL QA 62 -1.45 -38.78 -99.43
C VAL QA 62 -2.13 -38.30 -98.15
N ALA QA 63 -3.46 -38.44 -98.10
CA ALA QA 63 -4.27 -37.91 -97.01
C ALA QA 63 -5.23 -38.98 -96.50
N SER QA 64 -5.46 -38.96 -95.19
CA SER QA 64 -6.34 -39.92 -94.53
C SER QA 64 -7.75 -39.35 -94.44
N ARG QA 65 -8.65 -40.04 -93.73
CA ARG QA 65 -10.02 -39.62 -93.55
C ARG QA 65 -10.35 -39.58 -92.07
N PHE QA 66 -10.81 -38.44 -91.59
CA PHE QA 66 -11.21 -38.24 -90.21
C PHE QA 66 -12.39 -37.28 -90.25
N ASN QA 67 -13.57 -37.77 -89.87
CA ASN QA 67 -14.84 -37.14 -90.23
C ASN QA 67 -14.74 -36.69 -91.68
N HIS QA 68 -15.26 -35.50 -92.00
CA HIS QA 68 -15.14 -34.99 -93.37
C HIS QA 68 -14.77 -33.51 -93.41
N ALA QA 69 -14.18 -32.97 -92.34
CA ALA QA 69 -13.94 -31.53 -92.27
C ALA QA 69 -12.51 -31.15 -91.93
N LEU QA 70 -11.87 -31.83 -90.98
CA LEU QA 70 -10.61 -31.33 -90.42
C LEU QA 70 -9.40 -31.66 -91.28
N VAL QA 71 -9.52 -32.59 -92.23
CA VAL QA 71 -8.41 -32.96 -93.10
C VAL QA 71 -8.63 -32.33 -94.46
N ASP QA 72 -9.88 -32.03 -94.80
CA ASP QA 72 -10.15 -31.30 -96.03
C ASP QA 72 -9.49 -29.92 -96.01
N ARG QA 73 -9.47 -29.27 -94.84
CA ARG QA 73 -8.80 -27.99 -94.72
C ARG QA 73 -7.31 -28.12 -94.95
N LEU QA 74 -6.68 -29.14 -94.36
CA LEU QA 74 -5.23 -29.29 -94.49
C LEU QA 74 -4.83 -29.64 -95.92
N VAL QA 75 -5.67 -30.38 -96.63
CA VAL QA 75 -5.36 -30.71 -98.02
C VAL QA 75 -5.50 -29.47 -98.90
N GLU QA 76 -6.51 -28.64 -98.65
CA GLU QA 76 -6.68 -27.43 -99.44
C GLU QA 76 -5.55 -26.44 -99.18
N GLY QA 77 -5.08 -26.35 -97.94
CA GLY QA 77 -3.94 -25.50 -97.66
C GLY QA 77 -2.68 -25.94 -98.38
N ALA QA 78 -2.52 -27.25 -98.58
CA ALA QA 78 -1.34 -27.75 -99.28
C ALA QA 78 -1.40 -27.40 -100.76
N ILE QA 79 -2.53 -27.64 -101.41
CA ILE QA 79 -2.63 -27.38 -102.85
C ILE QA 79 -2.49 -25.90 -103.14
N ASP QA 80 -2.97 -25.04 -102.24
CA ASP QA 80 -2.85 -23.60 -102.43
C ASP QA 80 -1.38 -23.17 -102.46
N CYS QA 81 -0.56 -23.76 -101.58
CA CYS QA 81 0.85 -23.38 -101.52
C CYS QA 81 1.57 -23.69 -102.82
N ILE QA 82 1.30 -24.85 -103.41
CA ILE QA 82 1.99 -25.24 -104.63
C ILE QA 82 1.56 -24.36 -105.80
N VAL QA 83 0.26 -24.11 -105.94
CA VAL QA 83 -0.22 -23.38 -107.11
C VAL QA 83 0.19 -21.91 -107.03
N ARG QA 84 0.16 -21.31 -105.84
CA ARG QA 84 0.53 -19.91 -105.73
C ARG QA 84 2.03 -19.69 -105.89
N HIS QA 85 2.85 -20.64 -105.45
CA HIS QA 85 4.30 -20.55 -105.61
C HIS QA 85 4.76 -21.01 -106.99
N GLY QA 86 3.85 -21.17 -107.94
CA GLY QA 86 4.21 -21.35 -109.34
C GLY QA 86 3.87 -22.68 -109.95
N GLY QA 87 3.39 -23.65 -109.18
CA GLY QA 87 3.16 -24.97 -109.70
C GLY QA 87 1.90 -25.07 -110.53
N ARG QA 88 1.78 -26.22 -111.20
CA ARG QA 88 0.63 -26.53 -112.04
C ARG QA 88 -0.25 -27.56 -111.35
N GLU QA 89 -1.56 -27.47 -111.57
CA GLU QA 89 -2.47 -28.48 -111.04
C GLU QA 89 -2.35 -29.79 -111.81
N GLU QA 90 -1.91 -29.74 -113.07
CA GLU QA 90 -1.71 -30.96 -113.84
C GLU QA 90 -0.69 -31.88 -113.17
N ASP QA 91 0.21 -31.32 -112.38
CA ASP QA 91 1.36 -32.03 -111.82
C ASP QA 91 1.19 -32.31 -110.34
N ILE QA 92 -0.03 -32.61 -109.90
CA ILE QA 92 -0.30 -33.04 -108.54
C ILE QA 92 -1.15 -34.30 -108.61
N THR QA 93 -0.82 -35.29 -107.79
CA THR QA 93 -1.59 -36.52 -107.64
C THR QA 93 -2.02 -36.63 -106.19
N LEU QA 94 -3.32 -36.84 -105.97
CA LEU QA 94 -3.90 -36.92 -104.63
C LEU QA 94 -4.48 -38.32 -104.41
N VAL QA 95 -4.13 -38.93 -103.26
CA VAL QA 95 -4.58 -40.26 -102.90
C VAL QA 95 -5.23 -40.20 -101.53
N ARG QA 96 -6.41 -40.82 -101.38
CA ARG QA 96 -7.12 -40.90 -100.12
C ARG QA 96 -7.09 -42.33 -99.58
N VAL QA 97 -6.86 -42.46 -98.27
CA VAL QA 97 -6.74 -43.77 -97.64
C VAL QA 97 -7.63 -43.82 -96.41
N PRO QA 98 -8.03 -45.01 -95.97
CA PRO QA 98 -8.98 -45.11 -94.84
C PRO QA 98 -8.49 -44.48 -93.55
N GLY QA 99 -7.22 -44.59 -93.21
CA GLY QA 99 -6.77 -44.12 -91.91
C GLY QA 99 -5.27 -43.93 -91.86
N SER QA 100 -4.80 -43.55 -90.68
CA SER QA 100 -3.39 -43.23 -90.50
C SER QA 100 -2.51 -44.47 -90.71
N TRP QA 101 -2.98 -45.63 -90.25
CA TRP QA 101 -2.19 -46.85 -90.37
C TRP QA 101 -1.86 -47.20 -91.81
N GLU QA 102 -2.65 -46.74 -92.77
CA GLU QA 102 -2.49 -47.08 -94.17
C GLU QA 102 -1.63 -46.10 -94.95
N ILE QA 103 -1.15 -45.03 -94.32
CA ILE QA 103 -0.38 -44.02 -95.06
C ILE QA 103 0.93 -44.60 -95.60
N PRO QA 104 1.77 -45.24 -94.80
CA PRO QA 104 3.09 -45.65 -95.32
C PRO QA 104 3.04 -46.56 -96.54
N VAL QA 105 2.08 -47.49 -96.60
CA VAL QA 105 2.01 -48.36 -97.76
C VAL QA 105 1.60 -47.58 -99.01
N ALA QA 106 0.73 -46.58 -98.84
CA ALA QA 106 0.33 -45.76 -99.98
C ALA QA 106 1.43 -44.78 -100.38
N ALA QA 107 2.19 -44.28 -99.41
CA ALA QA 107 3.30 -43.38 -99.73
C ALA QA 107 4.37 -44.12 -100.52
N GLY QA 108 4.56 -45.41 -100.26
CA GLY QA 108 5.58 -46.15 -100.99
C GLY QA 108 5.32 -46.23 -102.48
N GLU QA 109 4.05 -46.41 -102.86
CA GLU QA 109 3.72 -46.55 -104.27
C GLU QA 109 4.05 -45.29 -105.05
N LEU QA 110 3.74 -44.13 -104.50
CA LEU QA 110 4.02 -42.88 -105.19
C LEU QA 110 5.52 -42.60 -105.26
N ALA QA 111 6.24 -42.81 -104.16
CA ALA QA 111 7.66 -42.48 -104.12
C ALA QA 111 8.48 -43.33 -105.07
N ARG QA 112 7.95 -44.48 -105.51
CA ARG QA 112 8.66 -45.32 -106.46
C ARG QA 112 8.43 -44.91 -107.90
N LYS QA 113 7.55 -43.95 -108.17
CA LYS QA 113 7.30 -43.50 -109.53
C LYS QA 113 8.40 -42.55 -109.96
N GLU QA 114 8.86 -42.72 -111.21
CA GLU QA 114 9.99 -41.94 -111.70
C GLU QA 114 9.65 -40.46 -111.88
N ASP QA 115 8.36 -40.12 -111.95
CA ASP QA 115 7.93 -38.76 -112.25
C ASP QA 115 7.33 -38.05 -111.05
N ILE QA 116 7.85 -38.32 -109.85
CA ILE QA 116 7.45 -37.63 -108.64
C ILE QA 116 8.71 -37.19 -107.90
N ASP QA 117 8.72 -35.96 -107.41
CA ASP QA 117 9.90 -35.36 -106.82
C ASP QA 117 9.84 -35.26 -105.31
N ALA QA 118 8.65 -35.20 -104.71
CA ALA QA 118 8.50 -35.24 -103.27
C ALA QA 118 7.07 -35.66 -102.96
N VAL QA 119 6.84 -36.04 -101.71
CA VAL QA 119 5.55 -36.56 -101.25
C VAL QA 119 5.19 -35.90 -99.93
N ILE QA 120 3.93 -35.47 -99.81
CA ILE QA 120 3.42 -34.86 -98.59
C ILE QA 120 2.41 -35.82 -97.96
N ALA QA 121 2.56 -36.05 -96.67
CA ALA QA 121 1.66 -36.94 -95.92
C ALA QA 121 0.89 -36.12 -94.89
N ILE QA 122 -0.43 -36.23 -94.93
CA ILE QA 122 -1.33 -35.46 -94.07
C ILE QA 122 -2.22 -36.45 -93.34
N GLY QA 123 -2.37 -36.27 -92.03
CA GLY QA 123 -3.18 -37.19 -91.26
C GLY QA 123 -3.57 -36.61 -89.92
N VAL QA 124 -4.33 -37.40 -89.18
CA VAL QA 124 -4.81 -37.04 -87.85
C VAL QA 124 -4.56 -38.21 -86.91
N LEU QA 125 -3.79 -37.97 -85.86
CA LEU QA 125 -3.56 -38.96 -84.82
C LEU QA 125 -4.42 -38.61 -83.61
N ILE QA 126 -5.22 -39.57 -83.16
CA ILE QA 126 -6.18 -39.32 -82.09
C ILE QA 126 -5.65 -39.96 -80.81
N ARG QA 127 -4.33 -40.02 -80.69
CA ARG QA 127 -3.70 -40.60 -79.52
C ARG QA 127 -4.17 -39.91 -78.25
N GLY QA 128 -3.95 -40.59 -77.13
CA GLY QA 128 -4.40 -40.10 -75.84
C GLY QA 128 -5.81 -40.50 -75.47
N ALA QA 129 -6.40 -41.48 -76.15
CA ALA QA 129 -7.77 -41.90 -75.91
C ALA QA 129 -7.86 -43.33 -75.39
N THR QA 130 -7.32 -44.29 -76.14
CA THR QA 130 -7.46 -45.70 -75.80
C THR QA 130 -6.36 -46.47 -76.51
N PRO QA 131 -5.93 -47.62 -75.98
CA PRO QA 131 -5.07 -48.51 -76.77
C PRO QA 131 -5.74 -48.87 -78.08
N HIS QA 132 -4.97 -49.49 -78.97
CA HIS QA 132 -5.23 -49.67 -80.39
C HIS QA 132 -4.88 -48.40 -81.16
N PHE QA 133 -4.59 -47.28 -80.47
CA PHE QA 133 -4.21 -46.04 -81.13
C PHE QA 133 -2.89 -45.48 -80.62
N ASP QA 134 -2.44 -45.87 -79.42
CA ASP QA 134 -1.08 -45.55 -79.01
C ASP QA 134 -0.06 -46.43 -79.73
N TYR QA 135 -0.50 -47.53 -80.34
CA TYR QA 135 0.39 -48.37 -81.12
C TYR QA 135 0.46 -47.96 -82.58
N ILE QA 136 -0.63 -47.43 -83.13
CA ILE QA 136 -0.63 -47.01 -84.52
C ILE QA 136 0.26 -45.80 -84.71
N ALA QA 137 0.25 -44.87 -83.75
CA ALA QA 137 1.01 -43.64 -83.90
C ALA QA 137 2.50 -43.90 -84.05
N SER QA 138 3.03 -44.82 -83.25
CA SER QA 138 4.47 -45.06 -83.26
C SER QA 138 4.94 -45.65 -84.58
N GLU QA 139 4.08 -46.38 -85.27
CA GLU QA 139 4.48 -47.03 -86.51
C GLU QA 139 4.37 -46.13 -87.73
N VAL QA 140 3.54 -45.08 -87.68
CA VAL QA 140 3.38 -44.20 -88.83
C VAL QA 140 4.63 -43.36 -89.02
N SER QA 141 5.22 -42.85 -87.94
CA SER QA 141 6.41 -42.03 -88.06
C SER QA 141 7.60 -42.85 -88.57
N LYS QA 142 7.73 -44.09 -88.10
CA LYS QA 142 8.87 -44.91 -88.49
C LYS QA 142 8.84 -45.28 -89.96
N GLY QA 143 7.65 -45.58 -90.49
CA GLY QA 143 7.57 -46.01 -91.88
C GLY QA 143 7.96 -44.92 -92.85
N LEU QA 144 7.49 -43.70 -92.62
CA LEU QA 144 7.87 -42.59 -93.49
C LEU QA 144 9.36 -42.29 -93.38
N ALA QA 145 9.91 -42.37 -92.16
CA ALA QA 145 11.34 -42.13 -91.99
C ALA QA 145 12.17 -43.14 -92.78
N ASN QA 146 11.80 -44.42 -92.71
CA ASN QA 146 12.56 -45.44 -93.41
C ASN QA 146 12.44 -45.30 -94.92
N LEU QA 147 11.25 -44.95 -95.41
CA LEU QA 147 11.03 -44.88 -96.85
C LEU QA 147 11.93 -43.84 -97.49
N SER QA 148 12.11 -42.69 -96.85
CA SER QA 148 12.94 -41.64 -97.41
C SER QA 148 14.40 -42.07 -97.51
N LEU QA 149 14.92 -42.71 -96.47
CA LEU QA 149 16.31 -43.14 -96.49
C LEU QA 149 16.53 -44.34 -97.42
N GLU QA 150 15.47 -45.04 -97.80
CA GLU QA 150 15.59 -46.22 -98.64
C GLU QA 150 15.37 -45.93 -100.11
N LEU QA 151 14.56 -44.92 -100.44
CA LEU QA 151 14.27 -44.56 -101.81
C LEU QA 151 14.94 -43.26 -102.24
N ARG QA 152 15.50 -42.49 -101.31
CA ARG QA 152 16.23 -41.27 -101.65
C ARG QA 152 15.30 -40.25 -102.28
N LYS QA 153 14.14 -40.05 -101.67
CA LYS QA 153 13.16 -39.07 -102.10
C LYS QA 153 12.59 -38.46 -100.82
N PRO QA 154 12.59 -37.14 -100.68
CA PRO QA 154 12.09 -36.54 -99.44
C PRO QA 154 10.60 -36.76 -99.25
N ILE QA 155 10.22 -36.91 -97.98
CA ILE QA 155 8.82 -37.06 -97.58
C ILE QA 155 8.61 -36.20 -96.35
N THR QA 156 7.55 -35.39 -96.37
CA THR QA 156 7.30 -34.39 -95.35
C THR QA 156 6.12 -34.83 -94.48
N PHE QA 157 6.17 -34.42 -93.22
CA PHE QA 157 5.28 -34.90 -92.17
C PHE QA 157 4.27 -33.81 -91.84
N GLY QA 158 2.98 -34.13 -92.01
CA GLY QA 158 1.92 -33.16 -91.84
C GLY QA 158 0.78 -33.61 -90.96
N VAL QA 159 1.08 -34.29 -89.85
CA VAL QA 159 0.06 -34.91 -89.01
C VAL QA 159 -0.26 -34.00 -87.84
N ILE QA 160 -1.55 -33.88 -87.52
CA ILE QA 160 -2.04 -33.14 -86.38
C ILE QA 160 -2.46 -34.13 -85.30
N THR QA 161 -2.78 -33.60 -84.12
CA THR QA 161 -3.32 -34.39 -83.02
C THR QA 161 -4.73 -33.89 -82.73
N ALA QA 162 -5.71 -34.80 -82.80
CA ALA QA 162 -7.10 -34.44 -82.54
C ALA QA 162 -7.28 -33.98 -81.10
N ASN RA 16 30.19 -24.06 -78.58
CA ASN RA 16 30.07 -24.84 -77.35
C ASN RA 16 30.11 -26.33 -77.67
N LYS RA 17 29.02 -26.84 -78.25
CA LYS RA 17 28.91 -28.23 -78.65
C LYS RA 17 29.14 -28.43 -80.13
N GLY RA 18 29.62 -27.40 -80.83
CA GLY RA 18 29.90 -27.51 -82.24
C GLY RA 18 31.31 -28.00 -82.48
N TRP RA 19 32.26 -27.52 -81.69
CA TRP RA 19 33.63 -27.99 -81.83
C TRP RA 19 33.77 -29.42 -81.35
N GLU RA 20 33.01 -29.83 -80.33
CA GLU RA 20 33.11 -31.20 -79.85
C GLU RA 20 32.71 -32.19 -80.93
N ALA RA 21 31.66 -31.88 -81.69
CA ALA RA 21 31.32 -32.74 -82.82
C ALA RA 21 32.44 -32.76 -83.84
N ALA RA 22 33.09 -31.61 -84.07
CA ALA RA 22 34.18 -31.55 -85.04
C ALA RA 22 35.35 -32.41 -84.60
N LEU RA 23 35.70 -32.37 -83.32
CA LEU RA 23 36.82 -33.18 -82.83
C LEU RA 23 36.56 -34.65 -83.08
N SER RA 24 35.37 -35.14 -82.74
CA SER RA 24 35.08 -36.56 -82.88
C SER RA 24 35.15 -37.00 -84.32
N ALA RA 25 34.72 -36.16 -85.26
CA ALA RA 25 34.77 -36.50 -86.66
C ALA RA 25 36.22 -36.70 -87.13
N ILE RA 26 37.13 -35.86 -86.65
CA ILE RA 26 38.53 -35.95 -87.07
C ILE RA 26 39.14 -37.26 -86.58
N GLU RA 27 38.96 -37.57 -85.29
CA GLU RA 27 39.55 -38.78 -84.73
C GLU RA 27 39.02 -40.02 -85.43
N MET RA 28 37.71 -40.10 -85.62
CA MET RA 28 37.11 -41.26 -86.26
C MET RA 28 37.60 -41.41 -87.69
N ALA RA 29 37.66 -40.31 -88.44
CA ALA RA 29 38.08 -40.38 -89.82
C ALA RA 29 39.50 -40.92 -89.93
N ASN RA 30 40.39 -40.46 -89.06
CA ASN RA 30 41.77 -40.96 -89.07
C ASN RA 30 41.83 -42.40 -88.60
N LEU RA 31 41.04 -42.77 -87.60
CA LEU RA 31 41.08 -44.12 -87.05
C LEU RA 31 40.78 -45.15 -88.13
N PHE RA 32 39.84 -44.84 -89.02
CA PHE RA 32 39.44 -45.82 -90.02
C PHE RA 32 40.53 -46.04 -91.07
N LYS RA 33 41.36 -45.02 -91.32
CA LYS RA 33 42.50 -45.22 -92.21
C LYS RA 33 43.47 -46.24 -91.62
N SER RA 34 43.67 -46.19 -90.30
CA SER RA 34 44.57 -47.13 -89.65
C SER RA 34 44.06 -48.56 -89.80
N LEU RA 35 42.78 -48.78 -89.51
CA LEU RA 35 42.24 -50.13 -89.53
C LEU RA 35 42.30 -50.74 -90.92
N ARG RA 36 42.01 -49.95 -91.95
CA ARG RA 36 42.00 -50.48 -93.32
C ARG RA 36 43.39 -50.99 -93.72
N GLY RA 37 44.45 -50.42 -93.16
CA GLY RA 37 45.78 -50.83 -93.52
C GLY RA 37 46.16 -52.18 -92.93
N THR RA 38 47.30 -52.69 -93.39
CA THR RA 38 47.78 -53.98 -92.93
C THR RA 38 48.24 -53.90 -91.48
N GLY RA 39 48.20 -55.05 -90.80
CA GLY RA 39 48.59 -55.10 -89.41
C GLY RA 39 50.09 -54.94 -89.24
N GLY RA 40 50.48 -54.64 -88.00
CA GLY RA 40 51.87 -54.44 -87.64
C GLY RA 40 52.55 -55.72 -87.20
N SER RA 41 53.62 -55.54 -86.43
CA SER RA 41 54.38 -56.67 -85.92
C SER RA 41 55.06 -56.26 -84.62
N GLY RA 42 55.49 -57.26 -83.86
CA GLY RA 42 56.15 -57.02 -82.59
C GLY RA 42 55.79 -58.04 -81.53
N SER RA 43 54.76 -58.84 -81.80
CA SER RA 43 54.31 -59.88 -80.88
C SER RA 43 53.88 -59.27 -79.54
N SER RA 44 52.94 -58.33 -79.61
CA SER RA 44 52.40 -57.69 -78.42
C SER RA 44 51.02 -57.14 -78.75
N MET RA 45 50.34 -56.67 -77.71
CA MET RA 45 49.00 -56.11 -77.89
C MET RA 45 49.04 -54.93 -78.85
N GLU RA 46 48.15 -54.94 -79.82
CA GLU RA 46 48.06 -53.89 -80.84
C GLU RA 46 47.00 -52.89 -80.41
N ILE RA 47 47.41 -51.68 -80.09
CA ILE RA 47 46.50 -50.62 -79.68
C ILE RA 47 46.30 -49.68 -80.86
N TYR RA 48 45.05 -49.46 -81.23
CA TYR RA 48 44.67 -48.54 -82.29
C TYR RA 48 44.07 -47.28 -81.70
N GLU RA 49 44.37 -46.14 -82.32
CA GLU RA 49 43.75 -44.89 -81.92
C GLU RA 49 43.90 -43.91 -83.08
N GLY RA 50 43.13 -42.82 -83.01
CA GLY RA 50 43.09 -41.83 -84.06
C GLY RA 50 43.86 -40.57 -83.68
N LYS RA 51 44.50 -39.98 -84.69
CA LYS RA 51 45.24 -38.74 -84.52
C LYS RA 51 44.34 -37.54 -84.79
N LEU RA 52 44.75 -36.39 -84.27
CA LEU RA 52 43.95 -35.18 -84.34
C LEU RA 52 44.31 -34.28 -85.53
N THR RA 53 45.17 -34.74 -86.42
CA THR RA 53 45.44 -33.98 -87.64
C THR RA 53 44.20 -33.97 -88.53
N ALA RA 54 44.08 -32.91 -89.34
CA ALA RA 54 42.93 -32.74 -90.21
C ALA RA 54 43.30 -32.62 -91.68
N GLU RA 55 44.58 -32.65 -92.02
CA GLU RA 55 44.99 -32.38 -93.40
C GLU RA 55 44.56 -33.50 -94.33
N GLY RA 56 44.12 -33.14 -95.53
CA GLY RA 56 43.73 -34.11 -96.52
C GLY RA 56 42.42 -34.81 -96.26
N LEU RA 57 41.50 -34.16 -95.55
CA LEU RA 57 40.22 -34.74 -95.20
C LEU RA 57 39.09 -33.86 -95.70
N ARG RA 58 38.06 -34.49 -96.25
CA ARG RA 58 36.88 -33.82 -96.77
C ARG RA 58 35.72 -34.04 -95.82
N PHE RA 59 35.06 -32.96 -95.44
CA PHE RA 59 34.00 -32.99 -94.44
C PHE RA 59 32.67 -32.56 -95.07
N GLY RA 60 31.62 -32.74 -94.30
CA GLY RA 60 30.30 -32.25 -94.70
C GLY RA 60 29.54 -31.84 -93.46
N ILE RA 61 28.70 -30.82 -93.61
CA ILE RA 61 27.88 -30.31 -92.51
C ILE RA 61 26.46 -30.14 -93.01
N VAL RA 62 25.49 -30.58 -92.21
CA VAL RA 62 24.08 -30.38 -92.46
C VAL RA 62 23.49 -29.67 -91.24
N ALA RA 63 22.82 -28.54 -91.47
CA ALA RA 63 22.28 -27.72 -90.40
C ALA RA 63 20.84 -27.32 -90.72
N SER RA 64 20.10 -26.94 -89.69
CA SER RA 64 18.70 -26.57 -89.81
C SER RA 64 18.50 -25.09 -89.50
N ARG RA 65 17.44 -24.52 -90.07
CA ARG RA 65 17.18 -23.09 -89.96
C ARG RA 65 16.31 -22.72 -88.77
N PHE RA 66 15.76 -23.69 -88.05
CA PHE RA 66 14.95 -23.38 -86.87
C PHE RA 66 15.85 -22.79 -85.79
N ASN RA 67 15.36 -21.75 -85.14
CA ASN RA 67 16.12 -21.04 -84.11
C ASN RA 67 17.53 -20.74 -84.60
N HIS RA 68 17.60 -20.03 -85.71
CA HIS RA 68 18.88 -19.81 -86.39
C HIS RA 68 19.86 -19.03 -85.53
N ALA RA 69 19.40 -18.35 -84.49
CA ALA RA 69 20.30 -17.60 -83.62
C ALA RA 69 21.31 -18.54 -82.96
N LEU RA 70 20.82 -19.60 -82.32
CA LEU RA 70 21.72 -20.54 -81.65
C LEU RA 70 22.44 -21.45 -82.64
N VAL RA 71 21.80 -21.78 -83.76
CA VAL RA 71 22.41 -22.71 -84.71
C VAL RA 71 23.61 -22.05 -85.40
N ASP RA 72 23.49 -20.76 -85.71
CA ASP RA 72 24.58 -20.09 -86.44
C ASP RA 72 25.87 -20.12 -85.63
N ARG RA 73 25.78 -19.94 -84.31
CA ARG RA 73 26.97 -20.01 -83.48
C ARG RA 73 27.63 -21.37 -83.56
N LEU RA 74 26.82 -22.44 -83.49
CA LEU RA 74 27.39 -23.79 -83.51
C LEU RA 74 28.06 -24.10 -84.84
N VAL RA 75 27.44 -23.68 -85.94
CA VAL RA 75 28.00 -24.00 -87.26
C VAL RA 75 29.37 -23.37 -87.41
N GLU RA 76 29.51 -22.11 -87.00
CA GLU RA 76 30.80 -21.44 -87.12
C GLU RA 76 31.88 -22.16 -86.31
N GLY RA 77 31.54 -22.58 -85.08
CA GLY RA 77 32.51 -23.27 -84.26
C GLY RA 77 33.03 -24.54 -84.90
N ALA RA 78 32.20 -25.18 -85.73
CA ALA RA 78 32.64 -26.39 -86.42
C ALA RA 78 33.81 -26.09 -87.35
N ILE RA 79 33.69 -25.03 -88.15
CA ILE RA 79 34.77 -24.68 -89.07
C ILE RA 79 35.98 -24.16 -88.30
N ASP RA 80 35.75 -23.53 -87.15
CA ASP RA 80 36.86 -23.02 -86.37
C ASP RA 80 37.80 -24.13 -85.94
N CYS RA 81 37.26 -25.26 -85.50
CA CYS RA 81 38.09 -26.34 -85.00
C CYS RA 81 38.64 -27.23 -86.11
N ILE RA 82 38.19 -27.05 -87.34
CA ILE RA 82 38.76 -27.82 -88.45
C ILE RA 82 40.01 -27.13 -88.98
N VAL RA 83 39.95 -25.81 -89.14
CA VAL RA 83 41.10 -25.07 -89.67
C VAL RA 83 42.27 -25.16 -88.70
N ARG RA 84 41.99 -25.13 -87.39
CA ARG RA 84 43.07 -25.14 -86.41
C ARG RA 84 43.93 -26.38 -86.53
N HIS RA 85 43.31 -27.54 -86.73
CA HIS RA 85 44.03 -28.79 -86.85
C HIS RA 85 44.39 -29.12 -88.29
N GLY RA 86 44.51 -28.11 -89.14
CA GLY RA 86 44.85 -28.31 -90.53
C GLY RA 86 43.65 -28.15 -91.42
N GLY RA 87 43.60 -28.91 -92.51
CA GLY RA 87 42.45 -28.81 -93.38
C GLY RA 87 42.40 -27.43 -94.05
N ARG RA 88 41.23 -27.12 -94.58
CA ARG RA 88 41.04 -25.87 -95.29
C ARG RA 88 39.57 -25.77 -95.69
N GLU RA 89 39.14 -24.54 -95.98
CA GLU RA 89 37.74 -24.29 -96.33
C GLU RA 89 37.34 -24.94 -97.65
N GLU RA 90 38.30 -25.22 -98.53
CA GLU RA 90 37.97 -25.77 -99.83
C GLU RA 90 37.51 -27.22 -99.76
N ASP RA 91 37.70 -27.90 -98.63
CA ASP RA 91 37.28 -29.28 -98.46
C ASP RA 91 36.11 -29.39 -97.49
N ILE RA 92 35.19 -28.43 -97.56
CA ILE RA 92 33.97 -28.44 -96.75
C ILE RA 92 32.78 -28.17 -97.66
N THR RA 93 31.69 -28.91 -97.44
CA THR RA 93 30.40 -28.64 -98.05
C THR RA 93 29.39 -28.40 -96.94
N LEU RA 94 28.53 -27.40 -97.11
CA LEU RA 94 27.52 -27.06 -96.13
C LEU RA 94 26.15 -27.12 -96.79
N VAL RA 95 25.22 -27.83 -96.15
CA VAL RA 95 23.85 -27.97 -96.63
C VAL RA 95 22.91 -27.49 -95.52
N ARG RA 96 21.90 -26.72 -95.89
CA ARG RA 96 20.93 -26.18 -94.95
C ARG RA 96 19.54 -26.70 -95.29
N VAL RA 97 18.80 -27.12 -94.29
CA VAL RA 97 17.50 -27.76 -94.50
C VAL RA 97 16.45 -27.04 -93.67
N PRO RA 98 15.18 -27.16 -94.05
CA PRO RA 98 14.13 -26.41 -93.33
C PRO RA 98 14.03 -26.76 -91.86
N GLY RA 99 14.19 -28.02 -91.49
CA GLY RA 99 13.95 -28.42 -90.12
C GLY RA 99 14.63 -29.73 -89.80
N SER RA 100 14.42 -30.18 -88.55
CA SER RA 100 15.09 -31.38 -88.06
C SER RA 100 14.65 -32.61 -88.84
N TRP RA 101 13.37 -32.71 -89.16
CA TRP RA 101 12.87 -33.92 -89.81
C TRP RA 101 13.60 -34.23 -91.10
N GLU RA 102 14.16 -33.22 -91.75
CA GLU RA 102 14.79 -33.39 -93.05
C GLU RA 102 16.28 -33.65 -92.99
N ILE RA 103 16.90 -33.69 -91.81
CA ILE RA 103 18.34 -33.90 -91.73
C ILE RA 103 18.74 -35.27 -92.28
N PRO RA 104 18.16 -36.39 -91.83
CA PRO RA 104 18.71 -37.69 -92.23
C PRO RA 104 18.74 -37.95 -93.72
N VAL RA 105 17.74 -37.48 -94.48
CA VAL RA 105 17.73 -37.77 -95.91
C VAL RA 105 18.85 -37.00 -96.61
N ALA RA 106 19.12 -35.78 -96.17
CA ALA RA 106 20.22 -35.00 -96.74
C ALA RA 106 21.56 -35.60 -96.35
N ALA RA 107 21.74 -35.92 -95.07
CA ALA RA 107 23.00 -36.51 -94.62
C ALA RA 107 23.29 -37.82 -95.33
N GLY RA 108 22.25 -38.53 -95.76
CA GLY RA 108 22.47 -39.72 -96.56
C GLY RA 108 23.04 -39.41 -97.92
N GLU RA 109 22.57 -38.33 -98.54
CA GLU RA 109 23.07 -37.96 -99.86
C GLU RA 109 24.55 -37.61 -99.80
N LEU RA 110 24.97 -36.87 -98.78
CA LEU RA 110 26.37 -36.50 -98.65
C LEU RA 110 27.26 -37.72 -98.42
N ALA RA 111 26.83 -38.63 -97.54
CA ALA RA 111 27.68 -39.75 -97.17
C ALA RA 111 27.88 -40.72 -98.32
N ARG RA 112 26.88 -40.88 -99.19
CA ARG RA 112 27.00 -41.82 -100.30
C ARG RA 112 27.99 -41.35 -101.36
N LYS RA 113 28.47 -40.12 -101.28
CA LYS RA 113 29.54 -39.68 -102.16
C LYS RA 113 30.83 -40.44 -101.85
N GLU RA 114 31.66 -40.63 -102.88
CA GLU RA 114 32.92 -41.33 -102.73
C GLU RA 114 34.06 -40.41 -102.33
N ASP RA 115 33.80 -39.14 -102.11
CA ASP RA 115 34.80 -38.14 -101.79
C ASP RA 115 34.47 -37.41 -100.50
N ILE RA 116 33.91 -38.13 -99.53
CA ILE RA 116 33.59 -37.59 -98.21
C ILE RA 116 34.10 -38.56 -97.16
N ASP RA 117 34.60 -38.02 -96.04
CA ASP RA 117 35.18 -38.82 -94.97
C ASP RA 117 34.38 -38.79 -93.69
N ALA RA 118 33.74 -37.68 -93.36
CA ALA RA 118 32.90 -37.60 -92.18
C ALA RA 118 31.77 -36.62 -92.44
N VAL RA 119 30.68 -36.77 -91.68
CA VAL RA 119 29.53 -35.89 -91.74
C VAL RA 119 29.21 -35.42 -90.34
N ILE RA 120 28.89 -34.13 -90.21
CA ILE RA 120 28.54 -33.51 -88.93
C ILE RA 120 27.12 -32.99 -89.06
N ALA RA 121 26.29 -33.31 -88.07
CA ALA RA 121 24.88 -32.90 -88.04
C ALA RA 121 24.66 -31.96 -86.87
N ILE RA 122 24.09 -30.78 -87.17
CA ILE RA 122 23.83 -29.75 -86.17
C ILE RA 122 22.36 -29.36 -86.25
N GLY RA 123 21.73 -29.20 -85.09
CA GLY RA 123 20.33 -28.81 -85.07
C GLY RA 123 19.86 -28.57 -83.65
N VAL RA 124 18.59 -28.18 -83.54
CA VAL RA 124 17.96 -27.89 -82.27
C VAL RA 124 16.63 -28.63 -82.19
N LEU RA 125 16.34 -29.21 -81.04
CA LEU RA 125 15.12 -29.97 -80.80
C LEU RA 125 14.29 -29.27 -79.74
N ILE RA 126 13.04 -29.74 -79.61
CA ILE RA 126 12.10 -29.20 -78.63
C ILE RA 126 11.64 -30.35 -77.74
N ARG RA 127 11.76 -30.17 -76.42
CA ARG RA 127 11.38 -31.18 -75.45
C ARG RA 127 10.00 -30.92 -74.84
N GLY RA 128 9.79 -29.73 -74.29
CA GLY RA 128 8.53 -29.41 -73.66
C GLY RA 128 7.47 -28.95 -74.65
N ALA RA 129 6.92 -29.90 -75.41
CA ALA RA 129 5.91 -29.60 -76.42
C ALA RA 129 4.94 -30.77 -76.50
N THR RA 130 4.08 -30.73 -77.51
CA THR RA 130 3.09 -31.79 -77.71
C THR RA 130 3.77 -33.06 -78.20
N PRO RA 131 3.08 -34.20 -78.12
CA PRO RA 131 3.68 -35.45 -78.61
C PRO RA 131 4.06 -35.41 -80.08
N HIS RA 132 3.53 -34.47 -80.86
CA HIS RA 132 3.93 -34.35 -82.26
C HIS RA 132 5.44 -34.18 -82.38
N PHE RA 133 6.01 -33.27 -81.59
CA PHE RA 133 7.46 -33.08 -81.60
C PHE RA 133 8.18 -34.30 -81.05
N ASP RA 134 7.52 -35.06 -80.17
CA ASP RA 134 8.12 -36.28 -79.63
C ASP RA 134 8.28 -37.36 -80.69
N TYR RA 135 7.64 -37.21 -81.85
CA TYR RA 135 7.83 -38.14 -82.96
C TYR RA 135 8.99 -37.75 -83.85
N ILE RA 136 9.11 -36.46 -84.16
CA ILE RA 136 10.27 -36.00 -84.93
C ILE RA 136 11.55 -36.21 -84.13
N ALA RA 137 11.47 -36.05 -82.81
CA ALA RA 137 12.66 -36.14 -81.97
C ALA RA 137 13.29 -37.52 -82.03
N SER RA 138 12.48 -38.58 -82.01
CA SER RA 138 13.03 -39.92 -81.94
C SER RA 138 13.63 -40.35 -83.28
N GLU RA 139 12.95 -40.02 -84.38
CA GLU RA 139 13.37 -40.54 -85.68
C GLU RA 139 14.70 -39.95 -86.13
N VAL RA 140 15.01 -38.72 -85.74
CA VAL RA 140 16.25 -38.10 -86.19
C VAL RA 140 17.45 -38.84 -85.63
N SER RA 141 17.42 -39.21 -84.35
CA SER RA 141 18.52 -39.97 -83.77
C SER RA 141 18.62 -41.36 -84.40
N LYS RA 142 17.49 -42.03 -84.60
CA LYS RA 142 17.52 -43.38 -85.14
C LYS RA 142 18.10 -43.41 -86.54
N GLY RA 143 17.70 -42.48 -87.40
CA GLY RA 143 18.12 -42.52 -88.79
C GLY RA 143 19.61 -42.35 -88.96
N LEU RA 144 20.20 -41.42 -88.21
CA LEU RA 144 21.63 -41.15 -88.35
C LEU RA 144 22.44 -42.36 -87.92
N ALA RA 145 22.05 -43.02 -86.84
CA ALA RA 145 22.77 -44.19 -86.37
C ALA RA 145 22.73 -45.32 -87.40
N ASN RA 146 21.57 -45.55 -88.01
CA ASN RA 146 21.46 -46.61 -89.01
C ASN RA 146 22.35 -46.34 -90.21
N LEU RA 147 22.42 -45.08 -90.65
CA LEU RA 147 23.25 -44.74 -91.80
C LEU RA 147 24.72 -44.99 -91.51
N SER RA 148 25.18 -44.65 -90.30
CA SER RA 148 26.59 -44.79 -89.99
C SER RA 148 27.05 -46.24 -90.09
N LEU RA 149 26.14 -47.19 -89.94
CA LEU RA 149 26.48 -48.61 -89.99
C LEU RA 149 26.28 -49.22 -91.37
N GLU RA 150 25.33 -48.69 -92.15
CA GLU RA 150 25.11 -49.23 -93.49
C GLU RA 150 26.21 -48.79 -94.45
N LEU RA 151 26.63 -47.52 -94.37
CA LEU RA 151 27.63 -46.98 -95.27
C LEU RA 151 29.05 -47.12 -94.74
N ARG RA 152 29.22 -47.54 -93.49
CA ARG RA 152 30.54 -47.69 -92.90
C ARG RA 152 31.32 -46.38 -92.97
N LYS RA 153 30.72 -45.33 -92.40
CA LYS RA 153 31.27 -43.99 -92.46
C LYS RA 153 30.78 -43.21 -91.26
N PRO RA 154 31.67 -42.56 -90.50
CA PRO RA 154 31.21 -41.88 -89.28
C PRO RA 154 30.29 -40.72 -89.58
N ILE RA 155 29.33 -40.51 -88.67
CA ILE RA 155 28.38 -39.41 -88.75
C ILE RA 155 28.15 -38.95 -87.31
N THR RA 156 28.72 -37.80 -86.97
CA THR RA 156 28.67 -37.33 -85.59
C THR RA 156 27.36 -36.60 -85.33
N PHE RA 157 26.97 -36.58 -84.05
CA PHE RA 157 25.63 -36.16 -83.62
C PHE RA 157 25.79 -34.96 -82.70
N GLY RA 158 25.66 -33.76 -83.26
CA GLY RA 158 25.78 -32.53 -82.50
C GLY RA 158 24.47 -31.87 -82.13
N VAL RA 159 23.35 -32.57 -82.25
CA VAL RA 159 22.05 -31.97 -81.95
C VAL RA 159 21.98 -31.63 -80.48
N ILE RA 160 21.33 -30.51 -80.16
CA ILE RA 160 21.14 -30.07 -78.78
C ILE RA 160 19.65 -29.90 -78.52
N THR RA 161 19.30 -29.47 -77.31
CA THR RA 161 17.92 -29.27 -76.92
C THR RA 161 17.75 -27.87 -76.36
N ALA RA 162 16.52 -27.36 -76.44
CA ALA RA 162 16.21 -26.02 -75.94
C ALA RA 162 15.94 -26.06 -74.43
N THR SA 12 33.93 -64.91 -62.32
CA THR SA 12 34.29 -65.97 -61.41
C THR SA 12 34.36 -65.44 -59.98
N LYS SA 13 35.35 -64.61 -59.69
CA LYS SA 13 35.54 -64.04 -58.36
C LYS SA 13 35.68 -62.53 -58.34
N HIS SA 14 36.32 -61.94 -59.37
CA HIS SA 14 36.62 -60.51 -59.32
C HIS SA 14 35.34 -59.68 -59.22
N GLY SA 15 34.40 -59.91 -60.13
CA GLY SA 15 33.08 -59.34 -60.05
C GLY SA 15 32.85 -58.10 -60.92
N ASN SA 16 33.89 -57.33 -61.21
CA ASN SA 16 33.69 -56.13 -62.01
C ASN SA 16 33.24 -56.49 -63.42
N LYS SA 17 32.44 -55.60 -64.01
CA LYS SA 17 31.74 -55.95 -65.25
C LYS SA 17 32.70 -56.28 -66.38
N GLY SA 18 33.95 -55.85 -66.30
CA GLY SA 18 34.94 -56.29 -67.28
C GLY SA 18 35.20 -57.78 -67.17
N TRP SA 19 35.31 -58.30 -65.95
CA TRP SA 19 35.50 -59.72 -65.75
C TRP SA 19 34.30 -60.52 -66.28
N GLU SA 20 33.09 -60.10 -65.91
CA GLU SA 20 31.90 -60.81 -66.33
C GLU SA 20 31.73 -60.77 -67.85
N ALA SA 21 31.95 -59.60 -68.44
CA ALA SA 21 31.79 -59.47 -69.89
C ALA SA 21 32.77 -60.36 -70.64
N ALA SA 22 33.96 -60.59 -70.08
CA ALA SA 22 34.93 -61.45 -70.75
C ALA SA 22 34.57 -62.93 -70.61
N LEU SA 23 33.94 -63.33 -69.51
CA LEU SA 23 33.54 -64.73 -69.36
C LEU SA 23 32.54 -65.14 -70.42
N SER SA 24 31.58 -64.26 -70.71
CA SER SA 24 30.61 -64.55 -71.75
C SER SA 24 31.28 -64.74 -73.10
N ALA SA 25 32.26 -63.89 -73.42
CA ALA SA 25 32.93 -63.96 -74.71
C ALA SA 25 33.70 -65.27 -74.87
N ILE SA 26 34.34 -65.73 -73.79
CA ILE SA 26 35.09 -66.97 -73.88
C ILE SA 26 34.17 -68.15 -74.11
N GLU SA 27 32.98 -68.12 -73.51
CA GLU SA 27 32.04 -69.24 -73.64
C GLU SA 27 31.38 -69.25 -75.01
N MET SA 28 30.98 -68.07 -75.51
CA MET SA 28 30.33 -68.01 -76.81
C MET SA 28 31.29 -68.36 -77.93
N ALA SA 29 32.56 -67.99 -77.80
CA ALA SA 29 33.55 -68.34 -78.80
C ALA SA 29 33.74 -69.86 -78.86
N ASN SA 30 33.70 -70.53 -77.72
CA ASN SA 30 33.84 -71.98 -77.71
C ASN SA 30 32.58 -72.67 -78.24
N LEU SA 31 31.41 -72.10 -77.95
CA LEU SA 31 30.16 -72.73 -78.37
C LEU SA 31 30.07 -72.81 -79.89
N PHE SA 32 30.48 -71.75 -80.58
CA PHE SA 32 30.31 -71.69 -82.03
C PHE SA 32 31.15 -72.73 -82.74
N LYS SA 33 32.37 -73.00 -82.25
CA LYS SA 33 33.16 -74.08 -82.85
C LYS SA 33 32.46 -75.42 -82.71
N SER SA 34 31.86 -75.67 -81.54
CA SER SA 34 31.12 -76.92 -81.35
C SER SA 34 29.98 -77.03 -82.36
N LEU SA 35 29.24 -75.96 -82.57
CA LEU SA 35 28.13 -75.99 -83.51
C LEU SA 35 28.61 -76.26 -84.92
N ARG SA 36 29.69 -75.59 -85.34
CA ARG SA 36 30.17 -75.73 -86.71
C ARG SA 36 30.84 -77.08 -86.95
N GLY SA 37 31.25 -77.79 -85.90
CA GLY SA 37 32.00 -79.01 -86.09
C GLY SA 37 31.19 -80.14 -86.66
N THR SA 38 30.27 -80.70 -85.88
CA THR SA 38 29.46 -81.83 -86.31
C THR SA 38 28.49 -82.16 -85.19
N GLY SA 39 27.55 -83.05 -85.50
CA GLY SA 39 26.60 -83.52 -84.51
C GLY SA 39 27.17 -84.62 -83.65
N GLY SA 40 26.34 -85.10 -82.71
CA GLY SA 40 26.73 -86.15 -81.81
C GLY SA 40 26.67 -87.51 -82.47
N SER SA 41 27.02 -88.53 -81.67
CA SER SA 41 26.99 -89.90 -82.18
C SER SA 41 25.59 -90.31 -82.59
N GLY SA 42 24.60 -89.96 -81.77
CA GLY SA 42 23.21 -90.27 -82.04
C GLY SA 42 22.62 -91.15 -80.96
N SER SA 43 21.35 -91.50 -81.17
CA SER SA 43 20.60 -92.37 -80.25
C SER SA 43 20.46 -91.72 -78.88
N SER SA 44 20.48 -90.39 -78.82
CA SER SA 44 20.30 -89.67 -77.57
C SER SA 44 20.13 -88.19 -77.91
N MET SA 45 19.81 -87.41 -76.88
CA MET SA 45 19.61 -85.98 -77.06
C MET SA 45 20.94 -85.28 -77.25
N GLU SA 46 21.03 -84.45 -78.28
CA GLU SA 46 22.26 -83.71 -78.56
C GLU SA 46 22.32 -82.45 -77.70
N ILE SA 47 23.48 -82.20 -77.11
CA ILE SA 47 23.69 -81.04 -76.25
C ILE SA 47 24.95 -80.31 -76.72
N TYR SA 48 24.84 -79.00 -76.87
CA TYR SA 48 25.96 -78.14 -77.24
C TYR SA 48 26.21 -77.15 -76.11
N GLU SA 49 27.44 -77.09 -75.64
CA GLU SA 49 27.83 -76.14 -74.61
C GLU SA 49 29.24 -75.64 -74.90
N GLY SA 50 29.59 -74.51 -74.30
CA GLY SA 50 30.92 -73.95 -74.37
C GLY SA 50 31.60 -73.99 -73.01
N LYS SA 51 32.90 -74.26 -73.02
CA LYS SA 51 33.69 -74.32 -71.80
C LYS SA 51 34.50 -73.05 -71.63
N LEU SA 52 35.09 -72.91 -70.44
CA LEU SA 52 35.85 -71.71 -70.08
C LEU SA 52 37.35 -71.95 -70.24
N THR SA 53 37.76 -72.19 -71.48
CA THR SA 53 39.15 -72.31 -71.86
C THR SA 53 39.43 -71.35 -73.01
N ALA SA 54 40.49 -70.56 -72.88
CA ALA SA 54 40.84 -69.52 -73.83
C ALA SA 54 42.16 -69.82 -74.54
N GLU SA 55 42.40 -71.08 -74.87
CA GLU SA 55 43.63 -71.49 -75.53
C GLU SA 55 43.42 -71.43 -77.05
N GLY SA 56 44.03 -70.43 -77.67
CA GLY SA 56 43.98 -70.31 -79.11
C GLY SA 56 42.85 -69.48 -79.65
N LEU SA 57 42.36 -68.50 -78.90
CA LEU SA 57 41.26 -67.64 -79.32
C LEU SA 57 41.75 -66.20 -79.45
N ARG SA 58 41.24 -65.50 -80.47
CA ARG SA 58 41.55 -64.11 -80.71
C ARG SA 58 40.38 -63.24 -80.30
N PHE SA 59 40.69 -62.14 -79.61
CA PHE SA 59 39.66 -61.26 -79.05
C PHE SA 59 39.93 -59.82 -79.45
N GLY SA 60 38.88 -59.03 -79.47
CA GLY SA 60 38.98 -57.60 -79.70
C GLY SA 60 38.13 -56.83 -78.71
N ILE SA 61 38.65 -55.69 -78.27
CA ILE SA 61 38.01 -54.86 -77.25
C ILE SA 61 37.86 -53.45 -77.79
N VAL SA 62 36.68 -52.87 -77.61
CA VAL SA 62 36.39 -51.48 -77.97
C VAL SA 62 35.96 -50.77 -76.71
N ALA SA 63 36.63 -49.67 -76.38
CA ALA SA 63 36.38 -48.96 -75.13
C ALA SA 63 36.37 -47.46 -75.37
N SER SA 64 35.46 -46.77 -74.69
CA SER SA 64 35.34 -45.32 -74.80
C SER SA 64 36.26 -44.63 -73.79
N ARG SA 65 36.46 -43.33 -73.98
CA ARG SA 65 37.39 -42.55 -73.17
C ARG SA 65 36.71 -41.71 -72.11
N PHE SA 66 35.43 -41.40 -72.25
CA PHE SA 66 34.72 -40.63 -71.25
C PHE SA 66 34.77 -41.39 -69.92
N ASN SA 67 35.12 -40.67 -68.85
CA ASN SA 67 35.35 -41.29 -67.53
C ASN SA 67 36.41 -42.38 -67.63
N HIS SA 68 37.61 -41.97 -68.05
CA HIS SA 68 38.70 -42.94 -68.19
C HIS SA 68 39.13 -43.52 -66.86
N ALA SA 69 38.75 -42.90 -65.73
CA ALA SA 69 39.09 -43.45 -64.43
C ALA SA 69 38.40 -44.78 -64.20
N LEU SA 70 37.09 -44.84 -64.44
CA LEU SA 70 36.34 -46.08 -64.26
C LEU SA 70 36.58 -47.04 -65.43
N VAL SA 71 36.71 -46.53 -66.65
CA VAL SA 71 36.89 -47.41 -67.80
C VAL SA 71 38.21 -48.15 -67.69
N ASP SA 72 39.24 -47.51 -67.17
CA ASP SA 72 40.57 -48.12 -67.16
C ASP SA 72 40.56 -49.41 -66.35
N ARG SA 73 39.88 -49.41 -65.21
CA ARG SA 73 39.79 -50.63 -64.41
C ARG SA 73 39.05 -51.73 -65.15
N LEU SA 74 37.95 -51.37 -65.82
CA LEU SA 74 37.16 -52.37 -66.53
C LEU SA 74 37.97 -53.03 -67.64
N VAL SA 75 38.73 -52.24 -68.40
CA VAL SA 75 39.53 -52.82 -69.47
C VAL SA 75 40.62 -53.71 -68.88
N GLU SA 76 41.18 -53.32 -67.73
CA GLU SA 76 42.14 -54.18 -67.06
C GLU SA 76 41.50 -55.50 -66.64
N GLY SA 77 40.31 -55.44 -66.05
CA GLY SA 77 39.66 -56.65 -65.59
C GLY SA 77 39.40 -57.65 -66.70
N ALA SA 78 38.99 -57.16 -67.86
CA ALA SA 78 38.73 -58.06 -68.99
C ALA SA 78 40.01 -58.72 -69.46
N ILE SA 79 41.13 -58.00 -69.44
CA ILE SA 79 42.39 -58.59 -69.89
C ILE SA 79 42.89 -59.62 -68.88
N ASP SA 80 42.73 -59.35 -67.59
CA ASP SA 80 43.14 -60.33 -66.58
C ASP SA 80 42.37 -61.63 -66.72
N CYS SA 81 41.07 -61.54 -67.00
CA CYS SA 81 40.26 -62.74 -67.12
C CYS SA 81 40.78 -63.64 -68.24
N ILE SA 82 41.15 -63.05 -69.38
CA ILE SA 82 41.56 -63.85 -70.52
C ILE SA 82 42.85 -64.60 -70.23
N VAL SA 83 43.82 -63.93 -69.59
CA VAL SA 83 45.12 -64.56 -69.34
C VAL SA 83 44.99 -65.66 -68.29
N ARG SA 84 44.15 -65.44 -67.27
CA ARG SA 84 44.01 -66.43 -66.21
C ARG SA 84 43.50 -67.77 -66.74
N HIS SA 85 42.64 -67.73 -67.75
CA HIS SA 85 42.02 -68.95 -68.28
C HIS SA 85 42.82 -69.59 -69.40
N GLY SA 86 44.02 -69.08 -69.70
CA GLY SA 86 44.88 -69.67 -70.71
C GLY SA 86 45.08 -68.84 -71.94
N GLY SA 87 44.67 -67.58 -71.94
CA GLY SA 87 44.83 -66.73 -73.10
C GLY SA 87 46.25 -66.22 -73.25
N ARG SA 88 46.43 -65.37 -74.26
CA ARG SA 88 47.73 -64.80 -74.58
C ARG SA 88 47.55 -63.31 -74.83
N GLU SA 89 48.38 -62.50 -74.18
CA GLU SA 89 48.24 -61.05 -74.28
C GLU SA 89 48.48 -60.54 -75.70
N GLU SA 90 49.16 -61.31 -76.53
CA GLU SA 90 49.44 -60.88 -77.90
C GLU SA 90 48.26 -61.11 -78.84
N ASP SA 91 47.25 -61.86 -78.43
CA ASP SA 91 46.06 -62.13 -79.25
C ASP SA 91 44.88 -61.26 -78.84
N ILE SA 92 45.13 -60.04 -78.38
CA ILE SA 92 44.09 -59.10 -78.00
C ILE SA 92 44.34 -57.79 -78.74
N THR SA 93 43.30 -57.26 -79.36
CA THR SA 93 43.36 -55.98 -80.06
C THR SA 93 42.45 -54.99 -79.32
N LEU SA 94 42.94 -53.78 -79.12
CA LEU SA 94 42.22 -52.73 -78.39
C LEU SA 94 42.03 -51.52 -79.30
N VAL SA 95 40.83 -50.95 -79.25
CA VAL SA 95 40.50 -49.75 -80.00
C VAL SA 95 39.83 -48.77 -79.04
N ARG SA 96 40.23 -47.50 -79.12
CA ARG SA 96 39.65 -46.43 -78.31
C ARG SA 96 38.86 -45.50 -79.20
N VAL SA 97 37.74 -45.00 -78.67
CA VAL SA 97 36.83 -44.14 -79.43
C VAL SA 97 36.51 -42.92 -78.58
N PRO SA 98 36.17 -41.78 -79.19
CA PRO SA 98 35.91 -40.58 -78.37
C PRO SA 98 34.79 -40.75 -77.36
N GLY SA 99 33.71 -41.42 -77.72
CA GLY SA 99 32.55 -41.47 -76.85
C GLY SA 99 31.66 -42.65 -77.18
N SER SA 100 30.58 -42.76 -76.40
CA SER SA 100 29.69 -43.91 -76.53
C SER SA 100 28.99 -43.96 -77.87
N TRP SA 101 28.71 -42.81 -78.48
CA TRP SA 101 28.01 -42.80 -79.76
C TRP SA 101 28.80 -43.53 -80.85
N GLU SA 102 30.09 -43.72 -80.67
CA GLU SA 102 30.95 -44.28 -81.70
C GLU SA 102 31.29 -45.74 -81.48
N ILE SA 103 30.83 -46.36 -80.38
CA ILE SA 103 31.15 -47.77 -80.14
C ILE SA 103 30.58 -48.67 -81.23
N PRO SA 104 29.31 -48.58 -81.60
CA PRO SA 104 28.78 -49.52 -82.59
C PRO SA 104 29.50 -49.47 -83.93
N VAL SA 105 29.84 -48.28 -84.42
CA VAL SA 105 30.47 -48.17 -85.73
C VAL SA 105 31.87 -48.75 -85.69
N ALA SA 106 32.57 -48.57 -84.56
CA ALA SA 106 33.93 -49.10 -84.45
C ALA SA 106 33.92 -50.61 -84.34
N ALA SA 107 32.98 -51.18 -83.59
CA ALA SA 107 32.94 -52.63 -83.42
C ALA SA 107 32.65 -53.33 -84.74
N GLY SA 108 31.89 -52.70 -85.63
CA GLY SA 108 31.62 -53.31 -86.92
C GLY SA 108 32.86 -53.56 -87.73
N GLU SA 109 33.91 -52.77 -87.51
CA GLU SA 109 35.16 -52.99 -88.25
C GLU SA 109 35.91 -54.20 -87.72
N LEU SA 110 35.95 -54.37 -86.39
CA LEU SA 110 36.59 -55.55 -85.82
C LEU SA 110 35.85 -56.83 -86.24
N ALA SA 111 34.53 -56.79 -86.21
CA ALA SA 111 33.76 -58.02 -86.43
C ALA SA 111 33.99 -58.58 -87.83
N ARG SA 112 34.27 -57.72 -88.81
CA ARG SA 112 34.45 -58.18 -90.16
C ARG SA 112 35.83 -58.77 -90.41
N LYS SA 113 36.75 -58.65 -89.45
CA LYS SA 113 38.05 -59.30 -89.58
C LYS SA 113 37.90 -60.81 -89.56
N GLU SA 114 38.71 -61.49 -90.35
CA GLU SA 114 38.64 -62.95 -90.44
C GLU SA 114 39.30 -63.65 -89.25
N ASP SA 115 40.09 -62.94 -88.46
CA ASP SA 115 40.81 -63.53 -87.33
C ASP SA 115 40.03 -63.43 -86.03
N ILE SA 116 39.43 -62.29 -85.74
CA ILE SA 116 38.75 -62.09 -84.47
C ILE SA 116 37.58 -63.06 -84.34
N ASP SA 117 37.38 -63.57 -83.13
CA ASP SA 117 36.32 -64.52 -82.83
C ASP SA 117 35.23 -63.96 -81.92
N ALA SA 118 35.55 -62.98 -81.08
CA ALA SA 118 34.56 -62.34 -80.24
C ALA SA 118 34.97 -60.89 -80.01
N VAL SA 119 34.00 -60.06 -79.66
CA VAL SA 119 34.22 -58.64 -79.46
C VAL SA 119 33.56 -58.22 -78.16
N ILE SA 120 34.25 -57.37 -77.40
CA ILE SA 120 33.80 -56.91 -76.10
C ILE SA 120 33.72 -55.39 -76.14
N ALA SA 121 32.59 -54.85 -75.70
CA ALA SA 121 32.38 -53.41 -75.66
C ALA SA 121 32.30 -52.95 -74.21
N ILE SA 122 33.07 -51.92 -73.87
CA ILE SA 122 33.13 -51.38 -72.52
C ILE SA 122 32.91 -49.88 -72.61
N GLY SA 123 32.18 -49.33 -71.64
CA GLY SA 123 31.95 -47.89 -71.62
C GLY SA 123 31.15 -47.52 -70.39
N VAL SA 124 30.98 -46.23 -70.21
CA VAL SA 124 30.17 -45.68 -69.12
C VAL SA 124 29.18 -44.69 -69.70
N LEU SA 125 27.96 -44.70 -69.15
CA LEU SA 125 26.88 -43.85 -69.62
C LEU SA 125 26.42 -42.95 -68.47
N ILE SA 126 26.23 -41.67 -68.77
CA ILE SA 126 25.73 -40.71 -67.79
C ILE SA 126 24.24 -40.51 -68.05
N ARG SA 127 23.42 -40.89 -67.08
CA ARG SA 127 21.97 -40.80 -67.19
C ARG SA 127 21.36 -40.32 -65.88
N GLY SA 128 21.98 -39.32 -65.26
CA GLY SA 128 21.49 -38.80 -63.99
C GLY SA 128 21.60 -37.30 -63.84
N ALA SA 129 22.07 -36.61 -64.87
CA ALA SA 129 22.25 -35.16 -64.81
C ALA SA 129 21.56 -34.43 -65.95
N THR SA 130 21.52 -35.00 -67.15
CA THR SA 130 20.95 -34.35 -68.32
C THR SA 130 19.77 -35.15 -68.84
N PRO SA 131 18.56 -34.55 -69.05
CA PRO SA 131 17.44 -35.28 -69.63
C PRO SA 131 17.46 -35.31 -71.16
N HIS SA 132 18.65 -35.53 -71.72
CA HIS SA 132 18.82 -35.64 -73.17
C HIS SA 132 19.66 -36.83 -73.59
N PHE SA 133 20.48 -37.41 -72.71
CA PHE SA 133 21.34 -38.53 -73.07
C PHE SA 133 20.56 -39.81 -73.37
N ASP SA 134 19.27 -39.85 -73.06
CA ASP SA 134 18.49 -41.06 -73.31
C ASP SA 134 18.53 -41.45 -74.77
N TYR SA 135 18.57 -40.47 -75.68
CA TYR SA 135 18.68 -40.77 -77.09
C TYR SA 135 20.00 -41.47 -77.40
N ILE SA 136 21.09 -40.99 -76.80
CA ILE SA 136 22.39 -41.62 -77.03
C ILE SA 136 22.39 -43.03 -76.47
N ALA SA 137 21.86 -43.21 -75.26
CA ALA SA 137 21.94 -44.51 -74.60
C ALA SA 137 21.20 -45.58 -75.38
N SER SA 138 20.02 -45.25 -75.89
CA SER SA 138 19.19 -46.26 -76.56
C SER SA 138 19.83 -46.77 -77.85
N GLU SA 139 20.59 -45.93 -78.56
CA GLU SA 139 21.16 -46.34 -79.83
C GLU SA 139 22.35 -47.26 -79.67
N VAL SA 140 23.03 -47.24 -78.52
CA VAL SA 140 24.15 -48.14 -78.30
C VAL SA 140 23.65 -49.58 -78.24
N SER SA 141 22.57 -49.81 -77.49
CA SER SA 141 22.05 -51.16 -77.33
C SER SA 141 21.50 -51.70 -78.65
N LYS SA 142 20.84 -50.85 -79.43
CA LYS SA 142 20.29 -51.30 -80.70
C LYS SA 142 21.39 -51.66 -81.69
N GLY SA 143 22.37 -50.78 -81.85
CA GLY SA 143 23.38 -50.99 -82.88
C GLY SA 143 24.21 -52.23 -82.63
N LEU SA 144 24.59 -52.46 -81.37
CA LEU SA 144 25.40 -53.64 -81.06
C LEU SA 144 24.61 -54.92 -81.28
N ALA SA 145 23.32 -54.91 -80.95
CA ALA SA 145 22.51 -56.11 -81.11
C ALA SA 145 22.27 -56.45 -82.58
N ASN SA 146 22.03 -55.43 -83.42
CA ASN SA 146 21.83 -55.70 -84.84
C ASN SA 146 23.08 -56.26 -85.50
N LEU SA 147 24.27 -55.83 -85.07
CA LEU SA 147 25.50 -56.28 -85.69
C LEU SA 147 25.70 -57.77 -85.50
N SER SA 148 25.39 -58.30 -84.31
CA SER SA 148 25.62 -59.71 -84.04
C SER SA 148 24.80 -60.58 -85.00
N LEU SA 149 23.54 -60.23 -85.21
CA LEU SA 149 22.71 -61.00 -86.14
C LEU SA 149 23.24 -60.90 -87.55
N GLU SA 150 23.63 -59.69 -87.99
CA GLU SA 150 24.04 -59.49 -89.37
C GLU SA 150 25.34 -60.22 -89.69
N LEU SA 151 26.34 -60.11 -88.83
CA LEU SA 151 27.64 -60.70 -89.08
C LEU SA 151 27.76 -62.10 -88.50
N ARG SA 152 26.80 -62.55 -87.69
CA ARG SA 152 26.82 -63.90 -87.12
C ARG SA 152 28.08 -64.13 -86.31
N LYS SA 153 28.33 -63.24 -85.35
CA LYS SA 153 29.52 -63.25 -84.54
C LYS SA 153 29.14 -62.71 -83.17
N PRO SA 154 29.60 -63.32 -82.08
CA PRO SA 154 29.18 -62.85 -80.75
C PRO SA 154 29.82 -61.51 -80.39
N ILE SA 155 28.99 -60.61 -79.87
CA ILE SA 155 29.41 -59.31 -79.36
C ILE SA 155 28.80 -59.13 -77.97
N THR SA 156 29.64 -58.84 -76.99
CA THR SA 156 29.21 -58.81 -75.60
C THR SA 156 29.09 -57.37 -75.10
N PHE SA 157 28.19 -57.20 -74.13
CA PHE SA 157 27.83 -55.89 -73.59
C PHE SA 157 28.53 -55.70 -72.24
N GLY SA 158 29.31 -54.63 -72.14
CA GLY SA 158 30.01 -54.32 -70.91
C GLY SA 158 29.85 -52.87 -70.49
N VAL SA 159 28.64 -52.33 -70.67
CA VAL SA 159 28.38 -50.91 -70.48
C VAL SA 159 27.83 -50.67 -69.08
N ILE SA 160 28.47 -49.77 -68.34
CA ILE SA 160 28.05 -49.37 -67.00
C ILE SA 160 27.20 -48.12 -67.13
N THR SA 161 26.28 -47.94 -66.19
CA THR SA 161 25.49 -46.73 -66.06
C THR SA 161 25.81 -46.09 -64.72
N ALA SA 162 26.06 -44.77 -64.75
CA ALA SA 162 26.43 -44.04 -63.54
C ALA SA 162 25.18 -43.50 -62.85
N ASN TA 16 36.51 -79.02 2.61
CA ASN TA 16 37.47 -78.55 1.62
C ASN TA 16 37.14 -79.13 0.24
N LYS TA 17 37.71 -78.52 -0.80
CA LYS TA 17 37.52 -78.96 -2.17
C LYS TA 17 38.54 -80.00 -2.61
N GLY TA 18 39.18 -80.68 -1.66
CA GLY TA 18 40.21 -81.65 -1.97
C GLY TA 18 39.68 -83.07 -2.08
N TRP TA 19 38.83 -83.46 -1.13
CA TRP TA 19 38.32 -84.83 -1.15
C TRP TA 19 37.47 -85.10 -2.38
N GLU TA 20 36.86 -84.07 -2.95
CA GLU TA 20 36.13 -84.25 -4.20
C GLU TA 20 37.06 -84.70 -5.31
N ALA TA 21 38.23 -84.07 -5.40
CA ALA TA 21 39.25 -84.54 -6.33
C ALA TA 21 39.66 -85.97 -6.01
N ALA TA 22 39.61 -86.35 -4.74
CA ALA TA 22 39.99 -87.71 -4.36
C ALA TA 22 38.93 -88.71 -4.77
N LEU TA 23 37.65 -88.41 -4.51
CA LEU TA 23 36.60 -89.38 -4.82
C LEU TA 23 36.61 -89.75 -6.29
N SER TA 24 36.82 -88.77 -7.18
CA SER TA 24 36.86 -89.05 -8.60
C SER TA 24 37.92 -90.09 -8.93
N ALA TA 25 39.09 -89.99 -8.30
CA ALA TA 25 40.20 -90.87 -8.65
C ALA TA 25 39.88 -92.33 -8.35
N ILE TA 26 39.32 -92.61 -7.17
CA ILE TA 26 39.02 -93.99 -6.81
C ILE TA 26 37.97 -94.57 -7.74
N GLU TA 27 36.91 -93.81 -8.01
CA GLU TA 27 35.86 -94.30 -8.91
C GLU TA 27 36.44 -94.69 -10.26
N MET TA 28 37.19 -93.76 -10.87
CA MET TA 28 37.77 -94.03 -12.19
C MET TA 28 38.78 -95.17 -12.14
N ALA TA 29 39.58 -95.22 -11.07
CA ALA TA 29 40.59 -96.26 -10.97
C ALA TA 29 39.96 -97.64 -10.94
N ASN TA 30 38.87 -97.79 -10.19
CA ASN TA 30 38.16 -99.07 -10.17
C ASN TA 30 37.47 -99.35 -11.50
N LEU TA 31 36.89 -98.31 -12.11
CA LEU TA 31 36.18 -98.49 -13.38
C LEU TA 31 37.12 -99.01 -14.46
N PHE TA 32 38.34 -98.47 -14.53
CA PHE TA 32 39.27 -98.88 -15.58
C PHE TA 32 39.67 -100.34 -15.44
N LYS TA 33 39.64 -100.88 -14.22
CA LYS TA 33 39.93 -102.30 -14.03
C LYS TA 33 38.87 -103.17 -14.70
N SER TA 34 37.60 -102.77 -14.61
CA SER TA 34 36.52 -103.56 -15.17
C SER TA 34 36.67 -103.71 -16.67
N LEU TA 35 36.82 -102.59 -17.38
CA LEU TA 35 36.82 -102.64 -18.84
C LEU TA 35 37.96 -103.49 -19.36
N ARG TA 36 39.15 -103.35 -18.79
CA ARG TA 36 40.30 -104.11 -19.27
C ARG TA 36 40.13 -105.61 -19.06
N GLY TA 37 39.23 -106.02 -18.18
CA GLY TA 37 39.00 -107.42 -17.92
C GLY TA 37 38.07 -108.04 -18.94
N THR TA 38 37.70 -109.30 -18.67
CA THR TA 38 36.83 -110.03 -19.57
C THR TA 38 35.45 -109.40 -19.63
N GLY TA 39 34.77 -109.58 -20.75
CA GLY TA 39 33.45 -109.03 -20.95
C GLY TA 39 32.38 -109.82 -20.23
N GLY TA 40 31.14 -109.35 -20.38
CA GLY TA 40 30.02 -109.98 -19.73
C GLY TA 40 29.56 -111.24 -20.43
N SER TA 41 28.54 -111.87 -19.84
CA SER TA 41 27.97 -113.09 -20.38
C SER TA 41 26.94 -112.84 -21.47
N GLY TA 42 26.63 -111.58 -21.78
CA GLY TA 42 25.64 -111.27 -22.79
C GLY TA 42 24.23 -111.48 -22.29
N SER TA 43 23.29 -111.43 -23.24
CA SER TA 43 21.86 -111.60 -23.04
C SER TA 43 21.22 -110.38 -22.41
N SER TA 44 21.99 -109.35 -22.06
CA SER TA 44 21.41 -108.12 -21.51
C SER TA 44 22.42 -107.00 -21.68
N MET TA 45 21.93 -105.77 -21.55
CA MET TA 45 22.79 -104.61 -21.66
C MET TA 45 23.81 -104.60 -20.52
N GLU TA 46 25.06 -104.31 -20.87
CA GLU TA 46 26.14 -104.30 -19.90
C GLU TA 46 26.31 -102.88 -19.37
N ILE TA 47 26.13 -102.70 -18.07
CA ILE TA 47 26.35 -101.42 -17.40
C ILE TA 47 27.63 -101.54 -16.58
N TYR TA 48 28.62 -100.74 -16.93
CA TYR TA 48 29.87 -100.64 -16.18
C TYR TA 48 29.81 -99.42 -15.27
N GLU TA 49 30.11 -99.62 -13.98
CA GLU TA 49 30.22 -98.51 -13.06
C GLU TA 49 31.24 -98.88 -11.99
N GLY TA 50 32.05 -97.89 -11.58
CA GLY TA 50 33.14 -98.14 -10.66
C GLY TA 50 32.72 -98.10 -9.21
N LYS TA 51 33.48 -98.81 -8.38
CA LYS TA 51 33.23 -98.91 -6.96
C LYS TA 51 33.93 -97.78 -6.21
N LEU TA 52 33.74 -97.75 -4.89
CA LEU TA 52 34.41 -96.80 -4.01
C LEU TA 52 35.37 -97.48 -3.04
N THR TA 53 35.79 -98.71 -3.34
CA THR TA 53 36.74 -99.44 -2.52
C THR TA 53 38.15 -99.05 -2.94
N ALA TA 54 38.89 -98.39 -2.05
CA ALA TA 54 40.21 -97.88 -2.36
C ALA TA 54 41.32 -98.90 -2.17
N GLU TA 55 41.02 -100.10 -1.69
CA GLU TA 55 42.05 -101.06 -1.36
C GLU TA 55 42.74 -101.56 -2.64
N GLY TA 56 44.07 -101.61 -2.59
CA GLY TA 56 44.86 -102.10 -3.69
C GLY TA 56 45.27 -101.07 -4.73
N LEU TA 57 44.89 -99.81 -4.55
CA LEU TA 57 45.15 -98.76 -5.53
C LEU TA 57 46.33 -97.91 -5.10
N ARG TA 58 47.26 -97.70 -6.02
CA ARG TA 58 48.41 -96.83 -5.82
C ARG TA 58 48.09 -95.45 -6.39
N PHE TA 59 48.34 -94.41 -5.60
CA PHE TA 59 48.01 -93.05 -5.97
C PHE TA 59 49.25 -92.17 -5.97
N GLY TA 60 49.26 -91.20 -6.89
CA GLY TA 60 50.23 -90.12 -6.85
C GLY TA 60 49.51 -88.80 -6.68
N ILE TA 61 50.16 -87.86 -6.01
CA ILE TA 61 49.64 -86.51 -5.83
C ILE TA 61 50.74 -85.51 -6.16
N VAL TA 62 50.39 -84.47 -6.92
CA VAL TA 62 51.31 -83.40 -7.28
C VAL TA 62 50.72 -82.09 -6.79
N ALA TA 63 51.49 -81.34 -6.01
CA ALA TA 63 51.03 -80.09 -5.43
C ALA TA 63 52.12 -79.03 -5.59
N SER TA 64 51.70 -77.78 -5.59
CA SER TA 64 52.61 -76.64 -5.69
C SER TA 64 52.79 -75.99 -4.33
N ARG TA 65 53.76 -75.07 -4.25
CA ARG TA 65 54.12 -74.45 -3.00
C ARG TA 65 53.56 -73.04 -2.81
N PHE TA 66 53.28 -72.33 -3.90
CA PHE TA 66 52.75 -70.97 -3.76
C PHE TA 66 51.43 -71.01 -2.99
N ASN TA 67 51.29 -70.12 -2.02
CA ASN TA 67 50.15 -70.09 -1.11
C ASN TA 67 50.06 -71.40 -0.32
N HIS TA 68 51.12 -71.65 0.45
CA HIS TA 68 51.21 -72.91 1.19
C HIS TA 68 50.09 -73.04 2.22
N ALA TA 69 49.50 -71.94 2.66
CA ALA TA 69 48.41 -72.03 3.62
C ALA TA 69 47.24 -72.80 3.06
N LEU TA 70 46.79 -72.44 1.86
CA LEU TA 70 45.64 -73.12 1.27
C LEU TA 70 46.01 -74.53 0.82
N VAL TA 71 47.15 -74.68 0.14
CA VAL TA 71 47.55 -75.99 -0.37
C VAL TA 71 47.79 -76.97 0.76
N ASP TA 72 48.13 -76.48 1.96
CA ASP TA 72 48.38 -77.38 3.07
C ASP TA 72 47.14 -78.18 3.44
N ARG TA 73 45.98 -77.52 3.46
CA ARG TA 73 44.75 -78.21 3.85
C ARG TA 73 44.15 -78.99 2.69
N LEU TA 74 44.31 -78.54 1.45
CA LEU TA 74 43.81 -79.30 0.32
C LEU TA 74 44.49 -80.67 0.23
N VAL TA 75 45.80 -80.72 0.41
CA VAL TA 75 46.49 -82.01 0.31
C VAL TA 75 46.11 -82.91 1.47
N GLU TA 76 46.06 -82.35 2.69
CA GLU TA 76 45.68 -83.16 3.84
C GLU TA 76 44.25 -83.68 3.69
N GLY TA 77 43.33 -82.83 3.26
CA GLY TA 77 41.97 -83.29 3.03
C GLY TA 77 41.91 -84.41 2.01
N ALA TA 78 42.74 -84.34 0.98
CA ALA TA 78 42.77 -85.40 -0.01
C ALA TA 78 43.27 -86.70 0.59
N ILE TA 79 44.29 -86.64 1.46
CA ILE TA 79 44.83 -87.85 2.05
C ILE TA 79 43.83 -88.47 3.01
N ASP TA 80 43.01 -87.65 3.67
CA ASP TA 80 42.03 -88.17 4.61
C ASP TA 80 40.98 -89.05 3.95
N CYS TA 81 40.82 -88.96 2.63
CA CYS TA 81 39.75 -89.68 1.96
C CYS TA 81 40.17 -91.04 1.43
N ILE TA 82 41.43 -91.20 1.02
CA ILE TA 82 41.88 -92.52 0.59
C ILE TA 82 41.98 -93.46 1.78
N VAL TA 83 42.46 -92.96 2.92
CA VAL TA 83 42.60 -93.81 4.09
C VAL TA 83 41.23 -94.27 4.58
N ARG TA 84 40.25 -93.37 4.61
CA ARG TA 84 38.95 -93.73 5.16
C ARG TA 84 38.24 -94.76 4.29
N HIS TA 85 38.40 -94.68 2.98
CA HIS TA 85 37.79 -95.64 2.07
C HIS TA 85 38.64 -96.90 1.91
N GLY TA 86 39.56 -97.16 2.84
CA GLY TA 86 40.31 -98.40 2.82
C GLY TA 86 41.60 -98.32 2.03
N GLY TA 87 42.43 -97.32 2.33
CA GLY TA 87 43.65 -97.11 1.59
C GLY TA 87 44.88 -96.88 2.46
N ARG TA 88 45.91 -97.69 2.25
CA ARG TA 88 47.15 -97.55 3.01
C ARG TA 88 47.89 -96.30 2.59
N GLU TA 89 48.46 -95.59 3.56
CA GLU TA 89 49.33 -94.47 3.25
C GLU TA 89 50.68 -94.91 2.70
N GLU TA 90 51.00 -96.20 2.76
CA GLU TA 90 52.22 -96.71 2.19
C GLU TA 90 52.23 -96.69 0.67
N ASP TA 91 51.10 -96.39 0.03
CA ASP TA 91 51.00 -96.37 -1.42
C ASP TA 91 50.90 -94.98 -2.01
N ILE TA 92 50.60 -93.96 -1.22
CA ILE TA 92 50.57 -92.59 -1.70
C ILE TA 92 51.98 -92.09 -1.92
N THR TA 93 52.20 -91.40 -3.04
CA THR TA 93 53.45 -90.71 -3.34
C THR TA 93 53.15 -89.23 -3.55
N LEU TA 94 54.01 -88.38 -3.01
CA LEU TA 94 53.79 -86.93 -3.05
C LEU TA 94 54.99 -86.25 -3.71
N VAL TA 95 54.70 -85.36 -4.65
CA VAL TA 95 55.68 -84.54 -5.34
C VAL TA 95 55.29 -83.08 -5.15
N ARG TA 96 56.27 -82.26 -4.75
CA ARG TA 96 56.07 -80.82 -4.63
C ARG TA 96 56.84 -80.12 -5.73
N VAL TA 97 56.23 -79.10 -6.31
CA VAL TA 97 56.82 -78.37 -7.43
C VAL TA 97 56.74 -76.88 -7.12
N PRO TA 98 57.64 -76.08 -7.72
CA PRO TA 98 57.65 -74.64 -7.40
C PRO TA 98 56.34 -73.92 -7.67
N GLY TA 99 55.86 -73.94 -8.91
CA GLY TA 99 54.67 -73.20 -9.29
C GLY TA 99 53.74 -74.02 -10.14
N SER TA 100 52.64 -73.38 -10.54
CA SER TA 100 51.64 -74.08 -11.34
C SER TA 100 52.19 -74.49 -12.70
N TRP TA 101 53.10 -73.72 -13.25
CA TRP TA 101 53.63 -74.00 -14.58
C TRP TA 101 54.28 -75.37 -14.66
N GLU TA 102 54.68 -75.94 -13.53
CA GLU TA 102 55.39 -77.21 -13.52
C GLU TA 102 54.49 -78.40 -13.18
N ILE TA 103 53.21 -78.18 -12.94
CA ILE TA 103 52.31 -79.29 -12.64
C ILE TA 103 52.27 -80.30 -13.77
N PRO TA 104 52.08 -79.91 -15.04
CA PRO TA 104 51.92 -80.93 -16.10
C PRO TA 104 53.16 -81.77 -16.36
N VAL TA 105 54.35 -81.19 -16.36
CA VAL TA 105 55.55 -81.98 -16.64
C VAL TA 105 55.81 -82.97 -15.52
N ALA TA 106 55.52 -82.59 -14.28
CA ALA TA 106 55.72 -83.50 -13.16
C ALA TA 106 54.71 -84.65 -13.20
N ALA TA 107 53.46 -84.34 -13.55
CA ALA TA 107 52.44 -85.38 -13.61
C ALA TA 107 52.77 -86.43 -14.65
N GLY TA 108 53.48 -86.06 -15.71
CA GLY TA 108 53.82 -87.02 -16.74
C GLY TA 108 54.77 -88.09 -16.25
N GLU TA 109 55.79 -87.70 -15.49
CA GLU TA 109 56.74 -88.67 -14.97
C GLU TA 109 56.06 -89.66 -14.02
N LEU TA 110 55.18 -89.15 -13.16
CA LEU TA 110 54.42 -90.04 -12.29
C LEU TA 110 53.48 -90.94 -13.08
N ALA TA 111 52.73 -90.36 -14.02
CA ALA TA 111 51.73 -91.12 -14.75
C ALA TA 111 52.36 -92.19 -15.64
N ARG TA 112 53.64 -92.07 -15.97
CA ARG TA 112 54.32 -93.06 -16.79
C ARG TA 112 54.88 -94.21 -15.99
N LYS TA 113 54.79 -94.16 -14.66
CA LYS TA 113 55.25 -95.27 -13.83
C LYS TA 113 54.18 -96.34 -13.78
N GLU TA 114 54.61 -97.59 -13.98
CA GLU TA 114 53.65 -98.70 -14.06
C GLU TA 114 52.92 -98.92 -12.75
N ASP TA 115 53.55 -98.64 -11.62
CA ASP TA 115 52.97 -98.91 -10.31
C ASP TA 115 52.02 -97.82 -9.84
N ILE TA 116 51.55 -96.95 -10.73
CA ILE TA 116 50.58 -95.92 -10.39
C ILE TA 116 49.33 -96.13 -11.25
N ASP TA 117 48.18 -95.83 -10.66
CA ASP TA 117 46.90 -96.02 -11.34
C ASP TA 117 46.01 -94.79 -11.30
N ALA TA 118 46.44 -93.70 -10.66
CA ALA TA 118 45.68 -92.47 -10.66
C ALA TA 118 46.57 -91.36 -10.13
N VAL TA 119 46.44 -90.17 -10.72
CA VAL TA 119 47.19 -88.99 -10.31
C VAL TA 119 46.20 -87.90 -9.94
N ILE TA 120 46.48 -87.19 -8.86
CA ILE TA 120 45.67 -86.07 -8.40
C ILE TA 120 46.52 -84.82 -8.47
N ALA TA 121 45.97 -83.76 -9.08
CA ALA TA 121 46.68 -82.50 -9.26
C ALA TA 121 46.01 -81.43 -8.40
N ILE TA 122 46.81 -80.74 -7.59
CA ILE TA 122 46.32 -79.75 -6.65
C ILE TA 122 47.15 -78.49 -6.81
N GLY TA 123 46.49 -77.35 -6.83
CA GLY TA 123 47.19 -76.08 -6.97
C GLY TA 123 46.21 -74.94 -6.94
N VAL TA 124 46.75 -73.73 -6.93
CA VAL TA 124 45.97 -72.51 -6.89
C VAL TA 124 46.40 -71.62 -8.03
N LEU TA 125 45.43 -71.17 -8.83
CA LEU TA 125 45.65 -70.26 -9.94
C LEU TA 125 45.08 -68.89 -9.57
N ILE TA 126 45.91 -67.86 -9.64
CA ILE TA 126 45.50 -66.50 -9.29
C ILE TA 126 44.94 -65.82 -10.54
N ARG TA 127 43.91 -65.01 -10.34
CA ARG TA 127 43.24 -64.27 -11.41
C ARG TA 127 43.22 -62.78 -11.09
N GLY TA 128 44.38 -62.27 -10.65
CA GLY TA 128 44.47 -60.87 -10.30
C GLY TA 128 44.53 -59.97 -11.52
N ALA TA 129 44.47 -58.66 -11.26
CA ALA TA 129 44.52 -57.68 -12.33
C ALA TA 129 45.85 -57.69 -13.07
N THR TA 130 46.90 -58.21 -12.45
CA THR TA 130 48.20 -58.25 -13.11
C THR TA 130 48.14 -59.16 -14.33
N PRO TA 131 48.55 -58.70 -15.52
CA PRO TA 131 48.49 -59.58 -16.70
C PRO TA 131 49.63 -60.57 -16.75
N HIS TA 132 49.72 -61.33 -17.84
CA HIS TA 132 50.73 -62.33 -18.14
C HIS TA 132 50.51 -63.62 -17.37
N PHE TA 133 49.53 -63.70 -16.48
CA PHE TA 133 49.25 -64.95 -15.77
C PHE TA 133 48.23 -65.82 -16.48
N ASP TA 134 47.37 -65.24 -17.32
CA ASP TA 134 46.41 -66.04 -18.06
C ASP TA 134 47.11 -67.05 -18.96
N TYR TA 135 48.31 -66.72 -19.45
CA TYR TA 135 49.06 -67.67 -20.25
C TYR TA 135 49.39 -68.92 -19.44
N ILE TA 136 49.82 -68.73 -18.19
CA ILE TA 136 50.12 -69.87 -17.33
C ILE TA 136 48.84 -70.60 -16.98
N ALA TA 137 47.77 -69.87 -16.67
CA ALA TA 137 46.54 -70.51 -16.18
C ALA TA 137 45.94 -71.41 -17.24
N SER TA 138 45.83 -70.92 -18.48
CA SER TA 138 45.17 -71.70 -19.52
C SER TA 138 45.96 -72.96 -19.86
N GLU TA 139 47.29 -72.85 -19.91
CA GLU TA 139 48.10 -73.99 -20.34
C GLU TA 139 48.04 -75.13 -19.35
N VAL TA 140 47.77 -74.84 -18.07
CA VAL TA 140 47.76 -75.90 -17.07
C VAL TA 140 46.63 -76.88 -17.33
N SER TA 141 45.43 -76.36 -17.59
CA SER TA 141 44.28 -77.23 -17.85
C SER TA 141 44.50 -78.06 -19.11
N LYS TA 142 44.94 -77.41 -20.19
CA LYS TA 142 45.08 -78.11 -21.46
C LYS TA 142 46.10 -79.23 -21.36
N GLY TA 143 47.23 -78.98 -20.70
CA GLY TA 143 48.29 -79.98 -20.64
C GLY TA 143 47.85 -81.23 -19.92
N LEU TA 144 47.16 -81.08 -18.79
CA LEU TA 144 46.72 -82.25 -18.04
C LEU TA 144 45.74 -83.08 -18.85
N ALA TA 145 44.84 -82.43 -19.58
CA ALA TA 145 43.87 -83.15 -20.39
C ALA TA 145 44.55 -83.98 -21.47
N ASN TA 146 45.55 -83.41 -22.14
CA ASN TA 146 46.24 -84.13 -23.20
C ASN TA 146 46.99 -85.35 -22.66
N LEU TA 147 47.61 -85.21 -21.48
CA LEU TA 147 48.36 -86.34 -20.91
C LEU TA 147 47.45 -87.54 -20.69
N SER TA 148 46.24 -87.32 -20.18
CA SER TA 148 45.37 -88.43 -19.84
C SER TA 148 45.05 -89.27 -21.06
N LEU TA 149 44.77 -88.63 -22.20
CA LEU TA 149 44.43 -89.37 -23.41
C LEU TA 149 45.66 -90.04 -24.01
N GLU TA 150 46.81 -89.38 -23.97
CA GLU TA 150 48.01 -89.92 -24.60
C GLU TA 150 48.52 -91.13 -23.83
N LEU TA 151 48.33 -91.15 -22.51
CA LEU TA 151 48.81 -92.23 -21.66
C LEU TA 151 47.72 -93.20 -21.23
N ARG TA 152 46.45 -92.83 -21.39
CA ARG TA 152 45.32 -93.68 -21.02
C ARG TA 152 45.34 -93.97 -19.52
N LYS TA 153 45.16 -92.91 -18.74
CA LYS TA 153 45.18 -93.00 -17.29
C LYS TA 153 44.46 -91.79 -16.71
N PRO TA 154 43.54 -91.94 -15.77
CA PRO TA 154 42.84 -90.78 -15.23
C PRO TA 154 43.79 -89.83 -14.52
N ILE TA 155 43.54 -88.53 -14.71
CA ILE TA 155 44.29 -87.50 -14.00
C ILE TA 155 43.29 -86.47 -13.50
N THR TA 156 42.87 -86.61 -12.26
CA THR TA 156 41.84 -85.74 -11.72
C THR TA 156 42.38 -84.32 -11.58
N PHE TA 157 41.44 -83.37 -11.60
CA PHE TA 157 41.75 -81.95 -11.62
C PHE TA 157 41.26 -81.32 -10.33
N GLY TA 158 42.17 -80.73 -9.58
CA GLY TA 158 41.82 -80.19 -8.27
C GLY TA 158 42.33 -78.77 -8.07
N VAL TA 159 42.38 -77.99 -9.13
CA VAL TA 159 42.90 -76.64 -9.06
C VAL TA 159 41.79 -75.70 -8.61
N ILE TA 160 42.15 -74.71 -7.80
CA ILE TA 160 41.22 -73.73 -7.26
C ILE TA 160 41.70 -72.34 -7.66
N THR TA 161 40.76 -71.40 -7.72
CA THR TA 161 41.07 -70.03 -8.08
C THR TA 161 40.61 -69.10 -6.97
N ALA TA 162 41.45 -68.15 -6.60
CA ALA TA 162 41.14 -67.22 -5.52
C ALA TA 162 39.99 -66.30 -5.92
N GLY UA 15 12.43 -85.06 -31.04
CA GLY UA 15 12.40 -85.46 -29.64
C GLY UA 15 13.45 -84.75 -28.80
N ASN UA 16 14.15 -85.50 -27.98
CA ASN UA 16 15.20 -84.96 -27.12
C ASN UA 16 16.55 -85.10 -27.80
N LYS UA 17 17.55 -84.42 -27.23
CA LYS UA 17 18.88 -84.44 -27.81
C LYS UA 17 19.46 -85.84 -27.86
N GLY UA 18 19.01 -86.73 -26.98
CA GLY UA 18 19.48 -88.10 -27.02
C GLY UA 18 19.01 -88.84 -28.25
N TRP UA 19 17.76 -88.62 -28.64
CA TRP UA 19 17.25 -89.22 -29.87
C TRP UA 19 18.09 -88.77 -31.06
N GLU UA 20 18.41 -87.49 -31.12
CA GLU UA 20 19.18 -86.95 -32.25
C GLU UA 20 20.57 -87.56 -32.31
N ALA UA 21 21.22 -87.72 -31.15
CA ALA UA 21 22.58 -88.25 -31.14
C ALA UA 21 22.62 -89.68 -31.65
N ALA UA 22 21.65 -90.50 -31.26
CA ALA UA 22 21.62 -91.89 -31.70
C ALA UA 22 21.44 -91.98 -33.21
N LEU UA 23 20.60 -91.11 -33.78
CA LEU UA 23 20.38 -91.13 -35.22
C LEU UA 23 21.69 -90.87 -35.97
N SER UA 24 22.45 -89.88 -35.53
CA SER UA 24 23.70 -89.55 -36.21
C SER UA 24 24.68 -90.71 -36.13
N ALA UA 25 24.71 -91.39 -34.99
CA ALA UA 25 25.61 -92.53 -34.83
C ALA UA 25 25.27 -93.66 -35.80
N ILE UA 26 23.98 -93.93 -35.99
CA ILE UA 26 23.58 -95.02 -36.88
C ILE UA 26 23.96 -94.70 -38.32
N GLU UA 27 23.77 -93.45 -38.73
CA GLU UA 27 24.07 -93.10 -40.12
C GLU UA 27 25.57 -93.07 -40.38
N MET UA 28 26.35 -92.51 -39.46
CA MET UA 28 27.80 -92.49 -39.63
C MET UA 28 28.38 -93.89 -39.60
N ALA UA 29 27.86 -94.76 -38.73
CA ALA UA 29 28.36 -96.13 -38.65
C ALA UA 29 28.14 -96.87 -39.96
N ASN UA 30 26.98 -96.67 -40.58
CA ASN UA 30 26.72 -97.29 -41.88
C ASN UA 30 27.54 -96.65 -42.98
N LEU UA 31 27.77 -95.34 -42.89
CA LEU UA 31 28.54 -94.67 -43.93
C LEU UA 31 29.96 -95.21 -44.01
N PHE UA 32 30.61 -95.38 -42.86
CA PHE UA 32 31.99 -95.86 -42.86
C PHE UA 32 32.08 -97.26 -43.45
N LYS UA 33 31.04 -98.07 -43.26
CA LYS UA 33 31.03 -99.41 -43.81
C LYS UA 33 30.95 -99.42 -45.33
N SER UA 34 30.48 -98.33 -45.94
CA SER UA 34 30.37 -98.24 -47.39
C SER UA 34 31.67 -97.77 -48.02
N LEU UA 35 32.37 -96.82 -47.39
CA LEU UA 35 33.62 -96.32 -47.95
C LEU UA 35 34.66 -97.42 -48.03
N ARG UA 36 34.71 -98.27 -47.02
CA ARG UA 36 35.69 -99.37 -46.97
C ARG UA 36 35.35 -100.40 -48.04
N GLY UA 37 34.12 -100.43 -48.58
CA GLY UA 37 33.74 -101.36 -49.62
C GLY UA 37 34.12 -100.88 -51.00
N THR UA 38 33.73 -101.68 -51.99
CA THR UA 38 34.06 -101.38 -53.38
C THR UA 38 33.28 -100.16 -53.87
N GLY UA 39 33.80 -99.53 -54.91
CA GLY UA 39 33.18 -98.36 -55.48
C GLY UA 39 32.00 -98.70 -56.38
N GLY UA 40 31.43 -97.65 -56.97
CA GLY UA 40 30.28 -97.81 -57.83
C GLY UA 40 30.65 -98.32 -59.21
N SER UA 41 29.60 -98.54 -60.02
CA SER UA 41 29.79 -99.05 -61.37
C SER UA 41 30.54 -98.07 -62.26
N GLY UA 42 30.59 -96.79 -61.89
CA GLY UA 42 31.28 -95.79 -62.68
C GLY UA 42 30.38 -95.14 -63.70
N SER UA 43 31.01 -94.29 -64.52
CA SER UA 43 30.36 -93.52 -65.58
C SER UA 43 29.45 -92.42 -65.03
N SER UA 44 29.51 -92.13 -63.74
CA SER UA 44 28.71 -91.08 -63.14
C SER UA 44 29.27 -90.78 -61.76
N MET UA 45 28.76 -89.71 -61.14
CA MET UA 45 29.17 -89.39 -59.79
C MET UA 45 28.85 -90.53 -58.84
N GLU UA 46 29.77 -90.81 -57.93
CA GLU UA 46 29.53 -91.74 -56.84
C GLU UA 46 29.09 -90.95 -55.62
N ILE UA 47 27.89 -91.25 -55.14
CA ILE UA 47 27.36 -90.63 -53.92
C ILE UA 47 27.35 -91.68 -52.84
N TYR UA 48 28.07 -91.40 -51.75
CA TYR UA 48 28.11 -92.26 -50.58
C TYR UA 48 27.21 -91.68 -49.50
N GLU UA 49 26.31 -92.50 -48.96
CA GLU UA 49 25.41 -92.06 -47.90
C GLU UA 49 25.17 -93.24 -46.97
N GLY UA 50 24.69 -92.94 -45.77
CA GLY UA 50 24.47 -93.94 -44.74
C GLY UA 50 22.99 -94.19 -44.53
N LYS UA 51 22.63 -95.47 -44.50
CA LYS UA 51 21.26 -95.87 -44.20
C LYS UA 51 20.96 -95.67 -42.73
N LEU UA 52 19.74 -96.03 -42.33
CA LEU UA 52 19.32 -95.95 -40.94
C LEU UA 52 18.90 -97.31 -40.41
N THR UA 53 19.46 -98.38 -40.98
CA THR UA 53 19.26 -99.73 -40.47
C THR UA 53 20.30 -100.02 -39.39
N ALA UA 54 19.83 -100.44 -38.21
CA ALA UA 54 20.68 -100.65 -37.04
C ALA UA 54 20.77 -102.12 -36.66
N GLU UA 55 20.81 -103.01 -37.65
CA GLU UA 55 20.82 -104.45 -37.42
C GLU UA 55 22.20 -104.99 -37.73
N GLY UA 56 22.88 -105.49 -36.70
CA GLY UA 56 24.24 -105.96 -36.81
C GLY UA 56 25.29 -105.00 -36.31
N LEU UA 57 24.90 -103.89 -35.69
CA LEU UA 57 25.82 -102.86 -35.25
C LEU UA 57 25.88 -102.83 -33.73
N ARG UA 58 27.07 -102.53 -33.21
CA ARG UA 58 27.32 -102.46 -31.77
C ARG UA 58 27.62 -101.02 -31.38
N PHE UA 59 27.08 -100.60 -30.25
CA PHE UA 59 27.09 -99.20 -29.85
C PHE UA 59 27.62 -99.06 -28.43
N GLY UA 60 28.01 -97.84 -28.09
CA GLY UA 60 28.45 -97.50 -26.75
C GLY UA 60 27.99 -96.13 -26.32
N ILE UA 61 27.62 -96.01 -25.05
CA ILE UA 61 27.10 -94.77 -24.50
C ILE UA 61 27.90 -94.41 -23.25
N VAL UA 62 28.25 -93.14 -23.13
CA VAL UA 62 28.99 -92.62 -21.97
C VAL UA 62 28.20 -91.44 -21.42
N ALA UA 63 27.82 -91.53 -20.15
CA ALA UA 63 26.97 -90.53 -19.53
C ALA UA 63 27.50 -90.20 -18.13
N SER UA 64 27.13 -89.01 -17.65
CA SER UA 64 27.59 -88.50 -16.37
C SER UA 64 26.45 -88.53 -15.35
N ARG UA 65 26.83 -88.57 -14.07
CA ARG UA 65 25.86 -88.62 -13.00
C ARG UA 65 25.21 -87.26 -12.74
N PHE UA 66 25.89 -86.17 -13.04
CA PHE UA 66 25.39 -84.85 -12.64
C PHE UA 66 24.02 -84.59 -13.24
N ASN UA 67 23.12 -84.04 -12.41
CA ASN UA 67 21.74 -83.80 -12.79
C ASN UA 67 21.11 -85.07 -13.35
N HIS UA 68 21.07 -86.10 -12.50
CA HIS UA 68 20.56 -87.39 -12.95
C HIS UA 68 19.12 -87.32 -13.42
N ALA UA 69 18.37 -86.30 -13.00
CA ALA UA 69 17.02 -86.14 -13.49
C ALA UA 69 17.01 -85.94 -15.00
N LEU UA 70 17.82 -85.00 -15.49
CA LEU UA 70 17.86 -84.73 -16.92
C LEU UA 70 18.61 -85.82 -17.68
N VAL UA 71 19.75 -86.27 -17.15
CA VAL UA 71 20.60 -87.18 -17.92
C VAL UA 71 19.90 -88.50 -18.17
N ASP UA 72 19.09 -88.96 -17.21
CA ASP UA 72 18.40 -90.23 -17.39
C ASP UA 72 17.44 -90.17 -18.57
N ARG UA 73 16.76 -89.03 -18.74
CA ARG UA 73 15.85 -88.89 -19.87
C ARG UA 73 16.59 -89.03 -21.19
N LEU UA 74 17.79 -88.45 -21.28
CA LEU UA 74 18.55 -88.50 -22.51
C LEU UA 74 19.03 -89.91 -22.82
N VAL UA 75 19.42 -90.67 -21.80
CA VAL UA 75 19.89 -92.03 -22.04
C VAL UA 75 18.75 -92.93 -22.48
N GLU UA 76 17.54 -92.68 -21.97
CA GLU UA 76 16.38 -93.45 -22.43
C GLU UA 76 16.12 -93.18 -23.91
N GLY UA 77 16.26 -91.93 -24.35
CA GLY UA 77 16.01 -91.60 -25.73
C GLY UA 77 16.92 -92.35 -26.69
N ALA UA 78 18.22 -92.42 -26.36
CA ALA UA 78 19.15 -93.11 -27.22
C ALA UA 78 18.82 -94.60 -27.34
N ILE UA 79 18.44 -95.21 -26.22
CA ILE UA 79 18.08 -96.63 -26.25
C ILE UA 79 16.82 -96.84 -27.09
N ASP UA 80 15.84 -95.95 -26.95
CA ASP UA 80 14.62 -96.09 -27.73
C ASP UA 80 14.92 -96.02 -29.23
N CYS UA 81 15.75 -95.05 -29.64
CA CYS UA 81 16.01 -94.86 -31.06
C CYS UA 81 16.65 -96.10 -31.68
N ILE UA 82 17.62 -96.71 -30.99
CA ILE UA 82 18.31 -97.85 -31.56
C ILE UA 82 17.37 -99.05 -31.66
N VAL UA 83 16.51 -99.23 -30.67
CA VAL UA 83 15.59 -100.38 -30.70
C VAL UA 83 14.53 -100.19 -31.78
N ARG UA 84 13.95 -98.99 -31.88
CA ARG UA 84 12.93 -98.74 -32.89
C ARG UA 84 13.45 -98.99 -34.30
N HIS UA 85 14.74 -98.75 -34.52
CA HIS UA 85 15.33 -98.93 -35.84
C HIS UA 85 15.87 -100.33 -36.07
N GLY UA 86 15.63 -101.26 -35.14
CA GLY UA 86 15.95 -102.65 -35.35
C GLY UA 86 17.22 -103.16 -34.73
N GLY UA 87 17.64 -102.62 -33.59
CA GLY UA 87 18.85 -103.05 -32.91
C GLY UA 87 18.52 -103.62 -31.55
N ARG UA 88 19.26 -104.65 -31.16
CA ARG UA 88 19.02 -105.31 -29.88
C ARG UA 88 19.66 -104.54 -28.75
N GLU UA 89 19.14 -104.76 -27.53
CA GLU UA 89 19.73 -104.17 -26.34
C GLU UA 89 20.99 -104.90 -25.90
N GLU UA 90 21.22 -106.12 -26.40
CA GLU UA 90 22.42 -106.87 -26.05
C GLU UA 90 23.66 -106.35 -26.77
N ASP UA 91 23.50 -105.47 -27.76
CA ASP UA 91 24.61 -104.90 -28.51
C ASP UA 91 24.91 -103.46 -28.09
N ILE UA 92 24.57 -103.10 -26.85
CA ILE UA 92 24.81 -101.77 -26.32
C ILE UA 92 25.60 -101.89 -25.03
N THR UA 93 26.67 -101.10 -24.92
CA THR UA 93 27.49 -101.03 -23.71
C THR UA 93 27.34 -99.63 -23.11
N LEU UA 94 27.01 -99.57 -21.83
CA LEU UA 94 26.76 -98.30 -21.15
C LEU UA 94 27.80 -98.14 -20.03
N VAL UA 95 28.45 -96.99 -20.00
CA VAL UA 95 29.49 -96.68 -19.02
C VAL UA 95 29.18 -95.31 -18.41
N ARG UA 96 29.23 -95.23 -17.08
CA ARG UA 96 28.91 -94.01 -16.36
C ARG UA 96 30.13 -93.50 -15.61
N VAL UA 97 30.25 -92.18 -15.52
CA VAL UA 97 31.46 -91.56 -14.97
C VAL UA 97 31.05 -90.43 -14.03
N PRO UA 98 31.93 -90.04 -13.11
CA PRO UA 98 31.52 -89.06 -12.09
C PRO UA 98 31.08 -87.71 -12.63
N GLY UA 99 31.72 -87.23 -13.69
CA GLY UA 99 31.45 -85.87 -14.14
C GLY UA 99 31.86 -85.66 -15.58
N SER UA 100 31.66 -84.43 -16.05
CA SER UA 100 31.92 -84.11 -17.45
C SER UA 100 33.40 -84.26 -17.79
N TRP UA 101 34.28 -83.89 -16.86
CA TRP UA 101 35.70 -83.92 -17.15
C TRP UA 101 36.20 -85.31 -17.53
N GLU UA 102 35.49 -86.37 -17.13
CA GLU UA 102 35.94 -87.73 -17.38
C GLU UA 102 35.30 -88.37 -18.59
N ILE UA 103 34.42 -87.68 -19.31
CA ILE UA 103 33.82 -88.24 -20.51
C ILE UA 103 34.88 -88.57 -21.56
N PRO UA 104 35.80 -87.67 -21.90
CA PRO UA 104 36.73 -87.97 -23.01
C PRO UA 104 37.65 -89.16 -22.74
N VAL UA 105 38.17 -89.29 -21.52
CA VAL UA 105 39.06 -90.40 -21.21
C VAL UA 105 38.28 -91.71 -21.21
N ALA UA 106 37.03 -91.68 -20.73
CA ALA UA 106 36.18 -92.87 -20.79
C ALA UA 106 35.84 -93.25 -22.22
N ALA UA 107 35.56 -92.25 -23.07
CA ALA UA 107 35.22 -92.53 -24.46
C ALA UA 107 36.40 -93.12 -25.22
N GLY UA 108 37.63 -92.82 -24.79
CA GLY UA 108 38.79 -93.36 -25.49
C GLY UA 108 38.92 -94.87 -25.35
N GLU UA 109 38.61 -95.39 -24.17
CA GLU UA 109 38.73 -96.84 -23.97
C GLU UA 109 37.75 -97.60 -24.85
N LEU UA 110 36.50 -97.13 -24.93
CA LEU UA 110 35.51 -97.80 -25.77
C LEU UA 110 35.91 -97.78 -27.23
N ALA UA 111 36.38 -96.62 -27.71
CA ALA UA 111 36.67 -96.46 -29.13
C ALA UA 111 37.83 -97.34 -29.60
N ARG UA 112 38.70 -97.79 -28.69
CA ARG UA 112 39.83 -98.61 -29.10
C ARG UA 112 39.44 -100.07 -29.30
N LYS UA 113 38.29 -100.50 -28.79
CA LYS UA 113 37.86 -101.87 -28.99
C LYS UA 113 37.44 -102.10 -30.44
N GLU UA 114 37.65 -103.33 -30.90
CA GLU UA 114 37.31 -103.69 -32.28
C GLU UA 114 35.87 -104.20 -32.41
N ASP UA 115 35.09 -104.18 -31.33
CA ASP UA 115 33.70 -104.62 -31.36
C ASP UA 115 32.72 -103.47 -31.17
N ILE UA 116 33.19 -102.23 -31.16
CA ILE UA 116 32.33 -101.05 -31.03
C ILE UA 116 32.50 -100.21 -32.28
N ASP UA 117 31.38 -99.87 -32.92
CA ASP UA 117 31.37 -99.14 -34.18
C ASP UA 117 30.96 -97.68 -34.04
N ALA UA 118 30.57 -97.24 -32.85
CA ALA UA 118 30.19 -95.85 -32.66
C ALA UA 118 30.06 -95.59 -31.17
N VAL UA 119 30.22 -94.33 -30.79
CA VAL UA 119 30.16 -93.92 -29.39
C VAL UA 119 29.32 -92.66 -29.29
N ILE UA 120 28.52 -92.58 -28.23
CA ILE UA 120 27.62 -91.47 -27.99
C ILE UA 120 27.93 -90.90 -26.62
N ALA UA 121 28.07 -89.59 -26.54
CA ALA UA 121 28.38 -88.89 -25.29
C ALA UA 121 27.16 -88.09 -24.85
N ILE UA 122 26.77 -88.26 -23.60
CA ILE UA 122 25.62 -87.59 -23.01
C ILE UA 122 26.09 -86.87 -21.76
N GLY UA 123 25.65 -85.62 -21.58
CA GLY UA 123 26.06 -84.88 -20.41
C GLY UA 123 25.35 -83.55 -20.33
N VAL UA 124 25.48 -82.92 -19.17
CA VAL UA 124 24.91 -81.60 -18.92
C VAL UA 124 25.95 -80.77 -18.17
N LEU UA 125 26.09 -79.52 -18.58
CA LEU UA 125 27.05 -78.60 -17.99
C LEU UA 125 26.32 -77.41 -17.40
N ILE UA 126 27.08 -76.55 -16.72
CA ILE UA 126 26.51 -75.35 -16.09
C ILE UA 126 27.43 -74.16 -16.34
N ARG UA 127 27.07 -73.33 -17.32
CA ARG UA 127 27.88 -72.15 -17.63
C ARG UA 127 27.87 -71.18 -16.46
N GLY UA 128 26.72 -70.99 -15.83
CA GLY UA 128 26.62 -70.10 -14.69
C GLY UA 128 27.11 -70.75 -13.41
N ALA UA 129 28.41 -71.00 -13.33
CA ALA UA 129 29.01 -71.65 -12.18
C ALA UA 129 30.31 -70.91 -11.84
N THR UA 130 31.10 -71.49 -10.95
CA THR UA 130 32.35 -70.88 -10.54
C THR UA 130 33.33 -70.88 -11.71
N PRO UA 131 34.35 -70.00 -11.66
CA PRO UA 131 35.31 -69.98 -12.77
C PRO UA 131 36.02 -71.30 -12.98
N HIS UA 132 36.19 -72.10 -11.94
CA HIS UA 132 36.86 -73.39 -12.08
C HIS UA 132 36.14 -74.28 -13.08
N PHE UA 133 34.81 -74.18 -13.14
CA PHE UA 133 34.02 -74.99 -14.08
C PHE UA 133 33.83 -74.26 -15.40
N ASP UA 134 34.91 -73.77 -15.96
CA ASP UA 134 34.94 -73.19 -17.31
C ASP UA 134 36.05 -73.79 -18.16
N TYR UA 135 37.21 -74.06 -17.57
CA TYR UA 135 38.24 -74.80 -18.30
C TYR UA 135 37.74 -76.19 -18.68
N ILE UA 136 36.92 -76.79 -17.82
CA ILE UA 136 36.38 -78.11 -18.10
C ILE UA 136 35.45 -78.05 -19.31
N ALA UA 137 34.60 -77.02 -19.37
CA ALA UA 137 33.56 -76.97 -20.39
C ALA UA 137 34.16 -77.01 -21.80
N SER UA 138 35.21 -76.23 -22.04
CA SER UA 138 35.80 -76.19 -23.36
C SER UA 138 36.61 -77.44 -23.67
N GLU UA 139 37.15 -78.09 -22.63
CA GLU UA 139 38.04 -79.22 -22.87
C GLU UA 139 37.28 -80.46 -23.30
N VAL UA 140 36.00 -80.57 -22.95
CA VAL UA 140 35.20 -81.71 -23.37
C VAL UA 140 35.07 -81.73 -24.89
N SER UA 141 34.79 -80.56 -25.48
CA SER UA 141 34.65 -80.49 -26.93
C SER UA 141 35.96 -80.82 -27.63
N LYS UA 142 37.08 -80.27 -27.14
CA LYS UA 142 38.37 -80.52 -27.77
C LYS UA 142 38.74 -81.99 -27.71
N GLY UA 143 38.54 -82.63 -26.55
CA GLY UA 143 39.02 -83.99 -26.38
C GLY UA 143 38.33 -84.98 -27.29
N LEU UA 144 37.00 -84.87 -27.39
CA LEU UA 144 36.24 -85.79 -28.22
C LEU UA 144 36.58 -85.60 -29.69
N ALA UA 145 36.80 -84.36 -30.10
CA ALA UA 145 37.12 -84.09 -31.50
C ALA UA 145 38.45 -84.74 -31.90
N ASN UA 146 39.47 -84.65 -31.05
CA ASN UA 146 40.77 -85.22 -31.39
C ASN UA 146 40.74 -86.73 -31.42
N LEU UA 147 39.87 -87.35 -30.64
CA LEU UA 147 39.77 -88.81 -30.64
C LEU UA 147 39.33 -89.33 -32.00
N SER UA 148 38.30 -88.70 -32.58
CA SER UA 148 37.73 -89.22 -33.81
C SER UA 148 38.76 -89.25 -34.94
N LEU UA 149 39.48 -88.14 -35.10
CA LEU UA 149 40.49 -88.09 -36.16
C LEU UA 149 41.63 -89.07 -35.87
N GLU UA 150 42.02 -89.19 -34.60
CA GLU UA 150 43.12 -90.08 -34.25
C GLU UA 150 42.76 -91.55 -34.50
N LEU UA 151 41.61 -91.97 -33.99
CA LEU UA 151 41.19 -93.37 -34.10
C LEU UA 151 40.40 -93.66 -35.36
N ARG UA 152 39.93 -92.63 -36.06
CA ARG UA 152 39.19 -92.81 -37.31
C ARG UA 152 37.91 -93.63 -37.07
N LYS UA 153 37.06 -93.10 -36.21
CA LYS UA 153 35.86 -93.79 -35.78
C LYS UA 153 34.85 -92.77 -35.29
N PRO UA 154 33.61 -92.76 -35.78
CA PRO UA 154 32.67 -91.70 -35.40
C PRO UA 154 32.43 -91.66 -33.90
N ILE UA 155 32.42 -90.45 -33.36
CA ILE UA 155 32.04 -90.18 -31.98
C ILE UA 155 31.08 -89.01 -31.99
N THR UA 156 29.88 -89.22 -31.46
CA THR UA 156 28.78 -88.28 -31.57
C THR UA 156 28.66 -87.46 -30.30
N PHE UA 157 28.10 -86.27 -30.45
CA PHE UA 157 28.05 -85.26 -29.40
C PHE UA 157 26.62 -85.08 -28.92
N GLY UA 158 26.41 -85.19 -27.61
CA GLY UA 158 25.09 -85.02 -27.04
C GLY UA 158 25.11 -84.25 -25.74
N VAL UA 159 26.07 -83.35 -25.58
CA VAL UA 159 26.25 -82.63 -24.34
C VAL UA 159 25.51 -81.31 -24.43
N ILE UA 160 24.56 -81.09 -23.52
CA ILE UA 160 23.75 -79.89 -23.50
C ILE UA 160 24.09 -79.06 -22.28
N THR UA 161 23.45 -77.90 -22.14
CA THR UA 161 23.68 -77.02 -21.01
C THR UA 161 22.35 -76.58 -20.42
N ALA UA 162 22.35 -76.38 -19.10
CA ALA UA 162 21.14 -75.98 -18.39
C ALA UA 162 21.07 -74.46 -18.26
N ALA VA 10 21.35 -77.62 -62.63
CA ALA VA 10 21.40 -76.30 -62.01
C ALA VA 10 22.82 -75.75 -62.04
N GLY VA 11 23.03 -74.62 -61.40
CA GLY VA 11 24.37 -74.07 -61.32
C GLY VA 11 24.36 -72.70 -60.68
N THR VA 12 25.52 -72.08 -60.65
CA THR VA 12 25.62 -70.70 -60.17
C THR VA 12 26.88 -70.07 -60.75
N LYS VA 13 27.18 -68.86 -60.28
CA LYS VA 13 28.35 -68.08 -60.68
C LYS VA 13 28.80 -67.28 -59.47
N HIS VA 14 29.58 -66.23 -59.67
CA HIS VA 14 30.04 -65.40 -58.58
C HIS VA 14 28.88 -65.04 -57.66
N GLY VA 15 29.13 -65.02 -56.32
CA GLY VA 15 28.10 -64.72 -55.30
C GLY VA 15 27.91 -65.89 -54.37
N ASN VA 16 27.69 -67.10 -54.90
CA ASN VA 16 27.47 -68.33 -54.09
C ASN VA 16 28.82 -68.76 -53.51
N LYS VA 17 28.85 -69.29 -52.29
CA LYS VA 17 30.12 -69.71 -51.61
C LYS VA 17 30.58 -71.06 -52.15
N GLY VA 18 29.71 -71.83 -52.82
CA GLY VA 18 30.10 -73.10 -53.45
C GLY VA 18 31.03 -72.86 -54.64
N TRP VA 19 30.85 -71.74 -55.37
CA TRP VA 19 31.64 -71.44 -56.56
C TRP VA 19 33.03 -70.96 -56.19
N GLU VA 20 33.12 -70.05 -55.21
CA GLU VA 20 34.44 -69.54 -54.80
C GLU VA 20 35.31 -70.65 -54.26
N ALA VA 21 34.74 -71.53 -53.44
CA ALA VA 21 35.52 -72.63 -52.86
C ALA VA 21 36.08 -73.53 -53.95
N ALA VA 22 35.27 -73.84 -54.96
CA ALA VA 22 35.75 -74.69 -56.04
C ALA VA 22 36.87 -74.02 -56.82
N LEU VA 23 36.83 -72.69 -56.93
CA LEU VA 23 37.91 -71.98 -57.62
C LEU VA 23 39.24 -72.18 -56.93
N SER VA 24 39.26 -72.05 -55.60
CA SER VA 24 40.50 -72.18 -54.85
C SER VA 24 41.09 -73.58 -55.00
N ALA VA 25 40.22 -74.59 -55.01
CA ALA VA 25 40.70 -75.97 -55.12
C ALA VA 25 41.41 -76.20 -56.44
N ILE VA 26 40.87 -75.68 -57.53
CA ILE VA 26 41.50 -75.87 -58.83
C ILE VA 26 42.87 -75.21 -58.87
N GLU VA 27 42.96 -73.98 -58.38
CA GLU VA 27 44.22 -73.25 -58.37
C GLU VA 27 45.26 -73.96 -57.50
N MET VA 28 44.84 -74.41 -56.32
CA MET VA 28 45.77 -75.10 -55.42
C MET VA 28 46.18 -76.45 -55.97
N ALA VA 29 45.26 -77.17 -56.58
CA ALA VA 29 45.58 -78.50 -57.11
C ALA VA 29 46.59 -78.41 -58.24
N ASN VA 30 46.48 -77.38 -59.08
CA ASN VA 30 47.46 -77.20 -60.15
C ASN VA 30 48.80 -76.71 -59.62
N LEU VA 31 48.77 -75.87 -58.59
CA LEU VA 31 50.00 -75.32 -58.03
C LEU VA 31 50.91 -76.42 -57.51
N PHE VA 32 50.36 -77.39 -56.80
CA PHE VA 32 51.18 -78.43 -56.20
C PHE VA 32 51.88 -79.25 -57.28
N LYS VA 33 51.17 -79.57 -58.36
CA LYS VA 33 51.80 -80.32 -59.45
C LYS VA 33 52.98 -79.57 -60.03
N SER VA 34 52.93 -78.23 -60.04
CA SER VA 34 54.06 -77.44 -60.50
C SER VA 34 55.23 -77.50 -59.53
N LEU VA 35 54.93 -77.45 -58.22
CA LEU VA 35 56.00 -77.48 -57.23
C LEU VA 35 56.76 -78.80 -57.24
N ARG VA 36 56.04 -79.91 -57.36
CA ARG VA 36 56.67 -81.21 -57.40
C ARG VA 36 57.39 -81.49 -58.72
N GLY VA 37 57.20 -80.63 -59.73
CA GLY VA 37 57.80 -80.85 -61.02
C GLY VA 37 59.28 -80.56 -61.04
N THR VA 38 59.89 -80.82 -62.19
CA THR VA 38 61.33 -80.61 -62.35
C THR VA 38 61.67 -79.15 -62.13
N GLY VA 39 62.79 -78.91 -61.43
CA GLY VA 39 63.19 -77.55 -61.14
C GLY VA 39 63.60 -76.80 -62.39
N GLY VA 40 63.58 -75.47 -62.26
CA GLY VA 40 63.93 -74.60 -63.37
C GLY VA 40 65.42 -74.55 -63.62
N SER VA 41 65.78 -73.85 -64.69
CA SER VA 41 67.19 -73.69 -65.07
C SER VA 41 67.88 -72.56 -64.31
N GLY VA 42 67.16 -71.84 -63.45
CA GLY VA 42 67.77 -70.76 -62.72
C GLY VA 42 67.93 -69.51 -63.58
N SER VA 43 68.91 -68.69 -63.21
CA SER VA 43 69.27 -67.44 -63.86
C SER VA 43 68.30 -66.31 -63.53
N SER VA 44 67.22 -66.56 -62.79
CA SER VA 44 66.32 -65.51 -62.37
C SER VA 44 65.39 -66.05 -61.30
N MET VA 45 64.60 -65.15 -60.74
CA MET VA 45 63.62 -65.53 -59.73
C MET VA 45 62.51 -66.36 -60.35
N GLU VA 46 62.08 -67.39 -59.62
CA GLU VA 46 61.02 -68.28 -60.07
C GLU VA 46 59.72 -67.92 -59.37
N ILE VA 47 58.68 -67.71 -60.16
CA ILE VA 47 57.34 -67.38 -59.65
C ILE VA 47 56.43 -68.56 -59.95
N TYR VA 48 55.83 -69.12 -58.91
CA TYR VA 48 54.90 -70.23 -59.03
C TYR VA 48 53.49 -69.74 -58.78
N GLU VA 49 52.57 -70.09 -59.67
CA GLU VA 49 51.18 -69.70 -59.52
C GLU VA 49 50.32 -70.75 -60.23
N GLY VA 50 49.03 -70.77 -59.89
CA GLY VA 50 48.13 -71.79 -60.36
C GLY VA 50 47.26 -71.33 -61.53
N LYS VA 51 46.92 -72.29 -62.39
CA LYS VA 51 46.07 -72.05 -63.55
C LYS VA 51 44.65 -72.52 -63.26
N LEU VA 52 43.68 -71.84 -63.85
CA LEU VA 52 42.28 -72.21 -63.70
C LEU VA 52 41.88 -73.23 -64.76
N THR VA 53 42.61 -74.35 -64.82
CA THR VA 53 42.30 -75.47 -65.69
C THR VA 53 42.10 -76.70 -64.83
N ALA VA 54 41.08 -77.50 -65.15
CA ALA VA 54 40.70 -78.65 -64.33
C ALA VA 54 40.83 -79.97 -65.08
N GLU VA 55 41.49 -79.99 -66.23
CA GLU VA 55 41.58 -81.21 -67.02
C GLU VA 55 42.47 -82.23 -66.31
N GLY VA 56 41.94 -83.43 -66.12
CA GLY VA 56 42.69 -84.51 -65.50
C GLY VA 56 42.74 -84.49 -63.99
N LEU VA 57 41.94 -83.67 -63.34
CA LEU VA 57 41.93 -83.55 -61.88
C LEU VA 57 40.76 -84.32 -61.30
N ARG VA 58 40.88 -84.63 -60.00
CA ARG VA 58 39.87 -85.38 -59.27
C ARG VA 58 39.59 -84.69 -57.94
N PHE VA 59 38.32 -84.66 -57.55
CA PHE VA 59 37.88 -83.88 -56.40
C PHE VA 59 36.97 -84.71 -55.50
N GLY VA 60 36.78 -84.19 -54.29
CA GLY VA 60 35.82 -84.75 -53.36
C GLY VA 60 35.09 -83.65 -52.64
N ILE VA 61 33.82 -83.89 -52.37
CA ILE VA 61 32.95 -82.91 -51.73
C ILE VA 61 32.29 -83.56 -50.53
N VAL VA 62 32.25 -82.85 -49.41
CA VAL VA 62 31.61 -83.30 -48.19
C VAL VA 62 30.59 -82.24 -47.80
N ALA VA 63 29.33 -82.66 -47.67
CA ALA VA 63 28.22 -81.74 -47.44
C ALA VA 63 27.38 -82.21 -46.25
N SER VA 64 26.81 -81.24 -45.54
CA SER VA 64 25.94 -81.49 -44.41
C SER VA 64 24.48 -81.37 -44.83
N ARG VA 65 23.63 -82.20 -44.23
CA ARG VA 65 22.22 -82.25 -44.59
C ARG VA 65 21.40 -81.14 -43.93
N PHE VA 66 21.92 -80.49 -42.91
CA PHE VA 66 21.17 -79.44 -42.23
C PHE VA 66 20.93 -78.26 -43.17
N ASN VA 67 19.76 -77.63 -43.03
CA ASN VA 67 19.37 -76.48 -43.85
C ASN VA 67 19.41 -76.85 -45.33
N HIS VA 68 18.49 -77.75 -45.70
CA HIS VA 68 18.49 -78.31 -47.05
C HIS VA 68 18.36 -77.23 -48.12
N ALA VA 69 17.69 -76.13 -47.81
CA ALA VA 69 17.49 -75.08 -48.81
C ALA VA 69 18.82 -74.43 -49.17
N LEU VA 70 19.59 -74.01 -48.17
CA LEU VA 70 20.86 -73.33 -48.44
C LEU VA 70 21.90 -74.28 -49.00
N VAL VA 71 22.08 -75.44 -48.36
CA VAL VA 71 23.20 -76.30 -48.71
C VAL VA 71 23.06 -76.82 -50.13
N ASP VA 72 21.83 -77.09 -50.56
CA ASP VA 72 21.63 -77.70 -51.87
C ASP VA 72 22.17 -76.81 -52.98
N ARG VA 73 21.96 -75.50 -52.87
CA ARG VA 73 22.41 -74.60 -53.93
C ARG VA 73 23.92 -74.39 -53.88
N LEU VA 74 24.55 -74.54 -52.72
CA LEU VA 74 26.00 -74.46 -52.66
C LEU VA 74 26.65 -75.68 -53.32
N VAL VA 75 26.09 -76.87 -53.14
CA VAL VA 75 26.66 -78.06 -53.76
C VAL VA 75 26.54 -77.96 -55.28
N GLU VA 76 25.43 -77.40 -55.77
CA GLU VA 76 25.28 -77.22 -57.21
C GLU VA 76 26.30 -76.24 -57.77
N GLY VA 77 26.59 -75.17 -57.04
CA GLY VA 77 27.62 -74.25 -57.48
C GLY VA 77 28.98 -74.91 -57.58
N ALA VA 78 29.33 -75.73 -56.59
CA ALA VA 78 30.63 -76.38 -56.59
C ALA VA 78 30.78 -77.32 -57.78
N ILE VA 79 29.75 -78.12 -58.06
CA ILE VA 79 29.84 -79.06 -59.18
C ILE VA 79 29.87 -78.31 -60.49
N ASP VA 80 29.16 -77.17 -60.57
CA ASP VA 80 29.11 -76.40 -61.80
C ASP VA 80 30.49 -75.85 -62.15
N CYS VA 81 31.22 -75.36 -61.15
CA CYS VA 81 32.53 -74.77 -61.40
C CYS VA 81 33.50 -75.79 -62.01
N ILE VA 82 33.50 -77.01 -61.48
CA ILE VA 82 34.46 -78.01 -61.94
C ILE VA 82 34.18 -78.40 -63.39
N VAL VA 83 32.90 -78.54 -63.74
CA VAL VA 83 32.55 -78.97 -65.10
C VAL VA 83 32.87 -77.88 -66.11
N ARG VA 84 32.54 -76.63 -65.79
CA ARG VA 84 32.73 -75.55 -66.75
C ARG VA 84 34.20 -75.33 -67.07
N HIS VA 85 35.07 -75.51 -66.08
CA HIS VA 85 36.49 -75.25 -66.24
C HIS VA 85 37.27 -76.45 -66.76
N GLY VA 86 36.59 -77.49 -67.22
CA GLY VA 86 37.23 -78.63 -67.86
C GLY VA 86 37.12 -79.93 -67.10
N GLY VA 87 36.47 -79.97 -65.96
CA GLY VA 87 36.38 -81.18 -65.20
C GLY VA 87 35.55 -82.24 -65.89
N ARG VA 88 35.55 -83.42 -65.30
CA ARG VA 88 34.81 -84.57 -65.82
C ARG VA 88 33.94 -85.11 -64.71
N GLU VA 89 32.65 -85.32 -65.02
CA GLU VA 89 31.69 -85.68 -63.99
C GLU VA 89 32.03 -86.99 -63.30
N GLU VA 90 32.68 -87.90 -64.02
CA GLU VA 90 33.09 -89.19 -63.45
C GLU VA 90 34.14 -89.05 -62.36
N ASP VA 91 34.78 -87.89 -62.25
CA ASP VA 91 35.88 -87.67 -61.30
C ASP VA 91 35.47 -86.76 -60.15
N ILE VA 92 34.24 -86.90 -59.66
CA ILE VA 92 33.80 -86.21 -58.46
C ILE VA 92 33.12 -87.22 -57.55
N THR VA 93 33.49 -87.21 -56.27
CA THR VA 93 32.88 -88.05 -55.25
C THR VA 93 32.19 -87.15 -54.24
N LEU VA 94 30.93 -87.47 -53.92
CA LEU VA 94 30.13 -86.69 -52.99
C LEU VA 94 29.81 -87.55 -51.77
N VAL VA 95 29.83 -86.92 -50.60
CA VAL VA 95 29.54 -87.59 -49.34
C VAL VA 95 28.62 -86.71 -48.52
N ARG VA 96 27.51 -87.28 -48.05
CA ARG VA 96 26.57 -86.59 -47.19
C ARG VA 96 26.76 -87.05 -45.74
N VAL VA 97 26.59 -86.13 -44.81
CA VAL VA 97 26.73 -86.44 -43.38
C VAL VA 97 25.62 -85.73 -42.61
N PRO VA 98 25.28 -86.24 -41.43
CA PRO VA 98 24.21 -85.62 -40.63
C PRO VA 98 24.37 -84.12 -40.43
N GLY VA 99 25.49 -83.68 -39.88
CA GLY VA 99 25.65 -82.29 -39.53
C GLY VA 99 27.08 -81.79 -39.60
N SER VA 100 27.30 -80.57 -39.13
CA SER VA 100 28.62 -79.96 -39.24
C SER VA 100 29.65 -80.66 -38.37
N TRP VA 101 29.22 -81.18 -37.21
CA TRP VA 101 30.17 -81.84 -36.31
C TRP VA 101 30.85 -83.03 -36.96
N GLU VA 102 30.18 -83.68 -37.91
CA GLU VA 102 30.73 -84.87 -38.55
C GLU VA 102 31.57 -84.58 -39.78
N ILE VA 103 31.64 -83.33 -40.24
CA ILE VA 103 32.38 -83.03 -41.47
C ILE VA 103 33.85 -83.40 -41.35
N PRO VA 104 34.58 -83.00 -40.31
CA PRO VA 104 36.02 -83.28 -40.29
C PRO VA 104 36.35 -84.77 -40.37
N VAL VA 105 35.59 -85.63 -39.70
CA VAL VA 105 35.93 -87.04 -39.69
C VAL VA 105 35.78 -87.64 -41.08
N ALA VA 106 34.69 -87.29 -41.77
CA ALA VA 106 34.46 -87.81 -43.11
C ALA VA 106 35.48 -87.26 -44.10
N ALA VA 107 35.86 -85.99 -43.95
CA ALA VA 107 36.85 -85.41 -44.84
C ALA VA 107 38.18 -86.16 -44.76
N GLY VA 108 38.54 -86.63 -43.58
CA GLY VA 108 39.78 -87.37 -43.43
C GLY VA 108 39.79 -88.66 -44.22
N GLU VA 109 38.64 -89.34 -44.28
CA GLU VA 109 38.56 -90.58 -45.04
C GLU VA 109 38.83 -90.33 -46.53
N LEU VA 110 38.33 -89.21 -47.06
CA LEU VA 110 38.53 -88.91 -48.47
C LEU VA 110 39.97 -88.52 -48.76
N ALA VA 111 40.56 -87.67 -47.91
CA ALA VA 111 41.89 -87.14 -48.16
C ALA VA 111 42.95 -88.23 -48.26
N ARG VA 112 42.70 -89.40 -47.66
CA ARG VA 112 43.69 -90.47 -47.68
C ARG VA 112 43.67 -91.29 -48.96
N LYS VA 113 42.63 -91.15 -49.78
CA LYS VA 113 42.60 -91.85 -51.06
C LYS VA 113 43.73 -91.37 -51.94
N GLU VA 114 44.42 -92.31 -52.57
CA GLU VA 114 45.55 -91.96 -53.43
C GLU VA 114 45.12 -91.28 -54.72
N ASP VA 115 43.82 -91.25 -55.03
CA ASP VA 115 43.31 -90.70 -56.27
C ASP VA 115 42.40 -89.49 -56.04
N ILE VA 116 42.65 -88.74 -54.97
CA ILE VA 116 41.96 -87.50 -54.68
C ILE VA 116 42.99 -86.40 -54.58
N ASP VA 117 42.80 -85.33 -55.35
CA ASP VA 117 43.74 -84.23 -55.39
C ASP VA 117 43.34 -83.04 -54.52
N ALA VA 118 42.05 -82.88 -54.24
CA ALA VA 118 41.59 -81.80 -53.39
C ALA VA 118 40.24 -82.18 -52.80
N VAL VA 119 39.84 -81.46 -51.76
CA VAL VA 119 38.61 -81.74 -51.04
C VAL VA 119 37.93 -80.42 -50.69
N ILE VA 120 36.61 -80.40 -50.81
CA ILE VA 120 35.81 -79.19 -50.60
C ILE VA 120 34.78 -79.49 -49.51
N ALA VA 121 34.77 -78.67 -48.46
CA ALA VA 121 33.86 -78.85 -47.34
C ALA VA 121 32.77 -77.78 -47.39
N ILE VA 122 31.51 -78.21 -47.28
CA ILE VA 122 30.35 -77.33 -47.39
C ILE VA 122 29.44 -77.58 -46.19
N GLY VA 123 28.93 -76.50 -45.61
CA GLY VA 123 28.04 -76.64 -44.48
C GLY VA 123 27.53 -75.28 -44.04
N VAL VA 124 26.65 -75.30 -43.06
CA VAL VA 124 26.04 -74.09 -42.51
C VAL VA 124 26.12 -74.16 -40.99
N LEU VA 125 26.51 -73.05 -40.37
CA LEU VA 125 26.68 -72.94 -38.94
C LEU VA 125 25.65 -71.96 -38.39
N ILE VA 126 25.11 -72.27 -37.21
CA ILE VA 126 24.09 -71.45 -36.58
C ILE VA 126 24.62 -70.89 -35.27
N ARG VA 127 25.93 -70.62 -35.23
CA ARG VA 127 26.55 -70.12 -34.01
C ARG VA 127 25.98 -68.77 -33.61
N GLY VA 128 25.92 -68.54 -32.29
CA GLY VA 128 25.47 -67.28 -31.72
C GLY VA 128 24.11 -67.35 -31.07
N ALA VA 129 23.23 -68.22 -31.56
CA ALA VA 129 21.87 -68.28 -31.02
C ALA VA 129 21.88 -68.79 -29.59
N THR VA 130 22.53 -69.92 -29.34
CA THR VA 130 22.53 -70.56 -28.03
C THR VA 130 23.79 -71.40 -27.91
N PRO VA 131 24.09 -71.90 -26.70
CA PRO VA 131 25.22 -72.82 -26.56
C PRO VA 131 24.97 -74.14 -27.29
N HIS VA 132 25.92 -75.07 -27.21
CA HIS VA 132 25.93 -76.35 -27.91
C HIS VA 132 26.30 -76.16 -29.38
N PHE VA 133 26.48 -74.93 -29.85
CA PHE VA 133 26.87 -74.65 -31.22
C PHE VA 133 28.15 -73.84 -31.33
N ASP VA 134 28.45 -72.99 -30.34
CA ASP VA 134 29.75 -72.32 -30.34
C ASP VA 134 30.87 -73.34 -30.21
N TYR VA 135 30.67 -74.37 -29.40
CA TYR VA 135 31.64 -75.45 -29.32
C TYR VA 135 31.78 -76.17 -30.66
N ILE VA 136 30.66 -76.44 -31.32
CA ILE VA 136 30.71 -77.16 -32.59
C ILE VA 136 31.46 -76.34 -33.63
N ALA VA 137 31.19 -75.04 -33.70
CA ALA VA 137 31.79 -74.20 -34.73
C ALA VA 137 33.30 -74.15 -34.58
N SER VA 138 33.80 -74.05 -33.35
CA SER VA 138 35.23 -73.93 -33.13
C SER VA 138 35.97 -75.17 -33.62
N GLU VA 139 35.44 -76.35 -33.34
CA GLU VA 139 36.19 -77.57 -33.62
C GLU VA 139 36.20 -77.90 -35.11
N VAL VA 140 35.18 -77.46 -35.85
CA VAL VA 140 35.15 -77.75 -37.28
C VAL VA 140 36.31 -77.06 -37.99
N SER VA 141 36.57 -75.80 -37.64
CA SER VA 141 37.69 -75.09 -38.23
C SER VA 141 39.03 -75.72 -37.84
N LYS VA 142 39.18 -76.10 -36.58
CA LYS VA 142 40.43 -76.70 -36.13
C LYS VA 142 40.72 -78.00 -36.86
N GLY VA 143 39.71 -78.87 -36.97
CA GLY VA 143 39.97 -80.20 -37.52
C GLY VA 143 40.35 -80.17 -38.98
N LEU VA 144 39.66 -79.35 -39.78
CA LEU VA 144 39.96 -79.29 -41.20
C LEU VA 144 41.36 -78.72 -41.44
N ALA VA 145 41.75 -77.71 -40.68
CA ALA VA 145 43.08 -77.14 -40.83
C ALA VA 145 44.16 -78.16 -40.51
N ASN VA 146 44.01 -78.86 -39.38
CA ASN VA 146 45.03 -79.83 -38.97
C ASN VA 146 45.16 -80.95 -39.99
N LEU VA 147 44.05 -81.42 -40.55
CA LEU VA 147 44.11 -82.49 -41.54
C LEU VA 147 44.93 -82.07 -42.74
N SER VA 148 44.80 -80.80 -43.15
CA SER VA 148 45.48 -80.34 -44.36
C SER VA 148 47.00 -80.43 -44.21
N LEU VA 149 47.52 -80.01 -43.06
CA LEU VA 149 48.96 -80.04 -42.86
C LEU VA 149 49.47 -81.46 -42.66
N GLU VA 150 48.73 -82.29 -41.93
CA GLU VA 150 49.19 -83.64 -41.66
C GLU VA 150 49.19 -84.49 -42.92
N LEU VA 151 48.17 -84.33 -43.78
CA LEU VA 151 48.04 -85.14 -44.97
C LEU VA 151 48.62 -84.49 -46.22
N ARG VA 152 48.84 -83.18 -46.19
CA ARG VA 152 49.49 -82.46 -47.30
C ARG VA 152 48.62 -82.45 -48.56
N LYS VA 153 47.32 -82.22 -48.39
CA LYS VA 153 46.41 -82.02 -49.49
C LYS VA 153 45.57 -80.78 -49.21
N PRO VA 154 45.36 -79.93 -50.20
CA PRO VA 154 44.51 -78.74 -49.95
C PRO VA 154 43.09 -79.15 -49.58
N ILE VA 155 42.50 -78.39 -48.67
CA ILE VA 155 41.16 -78.66 -48.16
C ILE VA 155 40.46 -77.31 -48.00
N THR VA 156 39.47 -77.05 -48.84
CA THR VA 156 38.84 -75.73 -48.89
C THR VA 156 37.70 -75.63 -47.90
N PHE VA 157 37.40 -74.41 -47.48
CA PHE VA 157 36.48 -74.12 -46.39
C PHE VA 157 35.28 -73.36 -46.96
N GLY VA 158 34.24 -74.09 -47.31
CA GLY VA 158 33.01 -73.51 -47.80
C GLY VA 158 31.95 -73.26 -46.74
N VAL VA 159 32.29 -73.40 -45.46
CA VAL VA 159 31.30 -73.28 -44.40
C VAL VA 159 30.88 -71.82 -44.27
N ILE VA 160 29.57 -71.59 -44.30
CA ILE VA 160 29.01 -70.26 -44.13
C ILE VA 160 28.28 -70.21 -42.79
N THR VA 161 27.86 -69.01 -42.41
CA THR VA 161 27.10 -68.79 -41.19
C THR VA 161 25.89 -67.92 -41.50
N ALA VA 162 24.75 -68.27 -40.93
CA ALA VA 162 23.51 -67.55 -41.16
C ALA VA 162 23.15 -66.69 -39.95
N GLY WA 15 58.11 -48.50 -40.95
CA GLY WA 15 58.63 -49.08 -42.17
C GLY WA 15 57.87 -50.30 -42.61
N ASN WA 16 58.34 -50.94 -43.68
CA ASN WA 16 57.68 -52.13 -44.18
C ASN WA 16 57.77 -53.25 -43.14
N LYS WA 17 56.63 -53.90 -42.90
CA LYS WA 17 56.64 -55.11 -42.10
C LYS WA 17 57.26 -56.27 -42.87
N GLY WA 18 57.34 -56.16 -44.19
CA GLY WA 18 58.06 -57.15 -44.97
C GLY WA 18 59.56 -57.00 -44.87
N TRP WA 19 60.04 -55.79 -44.63
CA TRP WA 19 61.46 -55.60 -44.38
C TRP WA 19 61.86 -56.25 -43.05
N GLU WA 20 61.04 -56.07 -42.01
CA GLU WA 20 61.36 -56.65 -40.72
C GLU WA 20 61.34 -58.18 -40.78
N ALA WA 21 60.38 -58.74 -41.50
CA ALA WA 21 60.28 -60.19 -41.56
C ALA WA 21 61.50 -60.81 -42.24
N ALA WA 22 62.12 -60.10 -43.18
CA ALA WA 22 63.29 -60.62 -43.86
C ALA WA 22 64.54 -60.54 -43.01
N LEU WA 23 64.66 -59.52 -42.15
CA LEU WA 23 65.79 -59.47 -41.21
C LEU WA 23 65.77 -60.67 -40.27
N SER WA 24 64.59 -61.04 -39.78
CA SER WA 24 64.49 -62.17 -38.88
C SER WA 24 64.86 -63.47 -39.57
N ALA WA 25 64.59 -63.58 -40.87
CA ALA WA 25 64.90 -64.82 -41.58
C ALA WA 25 66.39 -64.93 -41.89
N ILE WA 26 67.05 -63.81 -42.17
CA ILE WA 26 68.49 -63.84 -42.38
C ILE WA 26 69.20 -64.24 -41.09
N GLU WA 27 68.77 -63.65 -39.96
CA GLU WA 27 69.41 -63.96 -38.69
C GLU WA 27 69.18 -65.40 -38.26
N MET WA 28 67.95 -65.90 -38.42
CA MET WA 28 67.65 -67.26 -37.97
C MET WA 28 68.33 -68.29 -38.84
N ALA WA 29 68.45 -68.01 -40.14
CA ALA WA 29 69.13 -68.96 -41.03
C ALA WA 29 70.60 -69.11 -40.66
N ASN WA 30 71.25 -68.01 -40.31
CA ASN WA 30 72.66 -68.07 -39.92
C ASN WA 30 72.81 -68.75 -38.56
N LEU WA 31 71.88 -68.52 -37.65
CA LEU WA 31 71.97 -69.12 -36.32
C LEU WA 31 71.94 -70.64 -36.42
N PHE WA 32 71.02 -71.18 -37.21
CA PHE WA 32 70.90 -72.63 -37.31
C PHE WA 32 72.12 -73.27 -37.96
N LYS WA 33 72.91 -72.49 -38.71
CA LYS WA 33 74.12 -73.03 -39.30
C LYS WA 33 75.24 -73.18 -38.27
N SER WA 34 75.31 -72.27 -37.30
CA SER WA 34 76.32 -72.39 -36.26
C SER WA 34 75.99 -73.51 -35.28
N LEU WA 35 74.71 -73.68 -34.95
CA LEU WA 35 74.32 -74.75 -34.06
C LEU WA 35 74.65 -76.12 -34.66
N ARG WA 36 74.34 -76.30 -35.94
CA ARG WA 36 74.63 -77.56 -36.61
C ARG WA 36 76.12 -77.84 -36.69
N GLY WA 37 76.96 -76.82 -36.61
CA GLY WA 37 78.39 -76.98 -36.72
C GLY WA 37 79.03 -77.27 -35.38
N THR WA 38 80.37 -77.33 -35.40
CA THR WA 38 81.13 -77.61 -34.19
C THR WA 38 80.99 -76.46 -33.20
N GLY WA 39 81.10 -76.80 -31.92
CA GLY WA 39 80.99 -75.82 -30.86
C GLY WA 39 82.30 -75.11 -30.62
N GLY WA 40 82.34 -74.38 -29.50
CA GLY WA 40 83.51 -73.61 -29.13
C GLY WA 40 84.63 -74.48 -28.61
N SER WA 41 85.78 -73.84 -28.36
CA SER WA 41 86.96 -74.52 -27.86
C SER WA 41 86.82 -74.95 -26.40
N GLY WA 42 85.78 -74.49 -25.71
CA GLY WA 42 85.59 -74.84 -24.31
C GLY WA 42 86.32 -73.89 -23.37
N SER WA 43 86.22 -74.22 -22.08
CA SER WA 43 86.81 -73.45 -20.99
C SER WA 43 86.10 -72.13 -20.75
N SER WA 44 84.98 -71.88 -21.42
CA SER WA 44 84.23 -70.65 -21.23
C SER WA 44 82.81 -70.87 -21.73
N MET WA 45 81.93 -69.93 -21.40
CA MET WA 45 80.54 -70.02 -21.82
C MET WA 45 80.45 -70.00 -23.34
N GLU WA 46 79.62 -70.88 -23.89
CA GLU WA 46 79.41 -70.97 -25.33
C GLU WA 46 78.22 -70.11 -25.72
N ILE WA 47 78.46 -69.10 -26.55
CA ILE WA 47 77.41 -68.20 -27.02
C ILE WA 47 77.21 -68.42 -28.51
N TYR WA 48 75.95 -68.61 -28.90
CA TYR WA 48 75.56 -68.79 -30.29
C TYR WA 48 74.77 -67.59 -30.76
N GLU WA 49 75.08 -67.11 -31.96
CA GLU WA 49 74.62 -65.82 -32.43
C GLU WA 49 74.46 -65.88 -33.95
N GLY WA 50 73.57 -65.06 -34.48
CA GLY WA 50 73.32 -65.00 -35.90
C GLY WA 50 73.66 -63.66 -36.54
N LYS WA 51 74.46 -63.68 -37.59
CA LYS WA 51 74.88 -62.48 -38.28
C LYS WA 51 73.87 -62.08 -39.36
N LEU WA 52 73.92 -60.80 -39.73
CA LEU WA 52 73.05 -60.27 -40.78
C LEU WA 52 73.76 -60.22 -42.13
N THR WA 53 74.32 -61.34 -42.55
CA THR WA 53 74.94 -61.48 -43.86
C THR WA 53 74.19 -62.56 -44.64
N ALA WA 54 73.81 -62.24 -45.88
CA ALA WA 54 72.90 -63.06 -46.66
C ALA WA 54 73.54 -63.57 -47.94
N GLU WA 55 74.78 -64.02 -47.86
CA GLU WA 55 75.50 -64.56 -49.01
C GLU WA 55 75.46 -66.08 -48.96
N GLY WA 56 74.99 -66.70 -50.04
CA GLY WA 56 74.91 -68.13 -50.12
C GLY WA 56 73.67 -68.76 -49.54
N LEU WA 57 72.69 -67.96 -49.12
CA LEU WA 57 71.48 -68.46 -48.48
C LEU WA 57 70.32 -68.44 -49.46
N ARG WA 58 69.47 -69.47 -49.37
CA ARG WA 58 68.30 -69.63 -50.23
C ARG WA 58 67.05 -69.34 -49.43
N PHE WA 59 66.14 -68.59 -50.04
CA PHE WA 59 64.93 -68.12 -49.37
C PHE WA 59 63.70 -68.45 -50.19
N GLY WA 60 62.56 -68.55 -49.51
CA GLY WA 60 61.28 -68.73 -50.15
C GLY WA 60 60.22 -67.83 -49.56
N ILE WA 61 59.35 -67.27 -50.39
CA ILE WA 61 58.33 -66.32 -49.95
C ILE WA 61 56.96 -66.86 -50.37
N VAL WA 62 55.99 -66.72 -49.49
CA VAL WA 62 54.60 -67.13 -49.74
C VAL WA 62 53.71 -65.93 -49.47
N ALA WA 63 52.98 -65.49 -50.49
CA ALA WA 63 52.13 -64.31 -50.39
C ALA WA 63 50.75 -64.60 -50.95
N SER WA 64 49.76 -63.92 -50.39
CA SER WA 64 48.37 -64.04 -50.82
C SER WA 64 48.01 -62.94 -51.82
N ARG WA 65 46.96 -63.18 -52.59
CA ARG WA 65 46.50 -62.23 -53.61
C ARG WA 65 45.39 -61.31 -53.13
N PHE WA 66 44.96 -61.42 -51.87
CA PHE WA 66 43.91 -60.56 -51.35
C PHE WA 66 44.49 -59.18 -51.04
N ASN WA 67 43.87 -58.14 -51.59
CA ASN WA 67 44.36 -56.77 -51.45
C ASN WA 67 45.79 -56.66 -51.99
N HIS WA 68 45.94 -56.90 -53.28
CA HIS WA 68 47.26 -56.88 -53.90
C HIS WA 68 47.88 -55.49 -53.91
N ALA WA 69 47.11 -54.45 -53.60
CA ALA WA 69 47.69 -53.12 -53.47
C ALA WA 69 48.68 -53.08 -52.32
N LEU WA 70 48.26 -53.52 -51.13
CA LEU WA 70 49.15 -53.51 -49.97
C LEU WA 70 50.16 -54.64 -50.03
N VAL WA 71 49.76 -55.81 -50.51
CA VAL WA 71 50.62 -56.99 -50.42
C VAL WA 71 51.85 -56.82 -51.29
N ASP WA 72 51.69 -56.28 -52.50
CA ASP WA 72 52.83 -56.15 -53.39
C ASP WA 72 53.91 -55.24 -52.81
N ARG WA 73 53.51 -54.23 -52.04
CA ARG WA 73 54.50 -53.38 -51.39
C ARG WA 73 55.32 -54.17 -50.38
N LEU WA 74 54.67 -55.05 -49.63
CA LEU WA 74 55.39 -55.83 -48.62
C LEU WA 74 56.35 -56.82 -49.26
N VAL WA 75 55.95 -57.43 -50.38
CA VAL WA 75 56.84 -58.37 -51.06
C VAL WA 75 58.07 -57.66 -51.59
N GLU WA 76 57.88 -56.44 -52.10
CA GLU WA 76 59.02 -55.69 -52.63
C GLU WA 76 60.01 -55.36 -51.54
N GLY WA 77 59.53 -55.01 -50.35
CA GLY WA 77 60.43 -54.70 -49.25
C GLY WA 77 61.29 -55.88 -48.84
N ALA WA 78 60.70 -57.08 -48.82
CA ALA WA 78 61.45 -58.26 -48.45
C ALA WA 78 62.60 -58.53 -49.40
N ILE WA 79 62.35 -58.40 -50.71
CA ILE WA 79 63.39 -58.66 -51.69
C ILE WA 79 64.49 -57.61 -51.61
N ASP WA 80 64.11 -56.35 -51.36
CA ASP WA 80 65.10 -55.29 -51.22
C ASP WA 80 66.04 -55.56 -50.05
N CYS WA 81 65.50 -56.05 -48.93
CA CYS WA 81 66.32 -56.33 -47.77
C CYS WA 81 67.38 -57.39 -48.09
N ILE WA 82 67.00 -58.45 -48.80
CA ILE WA 82 67.92 -59.55 -49.04
C ILE WA 82 69.04 -59.12 -49.98
N VAL WA 83 68.73 -58.29 -50.98
CA VAL WA 83 69.76 -57.87 -51.92
C VAL WA 83 70.76 -56.93 -51.25
N ARG WA 84 70.26 -56.02 -50.40
CA ARG WA 84 71.14 -55.03 -49.79
C ARG WA 84 72.11 -55.67 -48.80
N HIS WA 85 71.73 -56.79 -48.20
CA HIS WA 85 72.60 -57.51 -47.28
C HIS WA 85 73.41 -58.60 -47.96
N GLY WA 86 73.61 -58.48 -49.27
CA GLY WA 86 74.45 -59.40 -49.99
C GLY WA 86 73.74 -60.56 -50.66
N GLY WA 87 72.41 -60.56 -50.65
CA GLY WA 87 71.68 -61.65 -51.26
C GLY WA 87 71.65 -61.58 -52.76
N ARG WA 88 71.43 -62.74 -53.37
CA ARG WA 88 71.39 -62.88 -54.82
C ARG WA 88 69.95 -63.19 -55.22
N GLU WA 89 69.37 -62.36 -56.07
CA GLU WA 89 67.96 -62.49 -56.42
C GLU WA 89 67.68 -63.79 -57.18
N GLU WA 90 68.70 -64.46 -57.70
CA GLU WA 90 68.53 -65.77 -58.30
C GLU WA 90 68.22 -66.86 -57.28
N ASP WA 91 68.38 -66.58 -55.99
CA ASP WA 91 68.16 -67.55 -54.91
C ASP WA 91 66.91 -67.22 -54.11
N ILE WA 92 65.86 -66.73 -54.77
CA ILE WA 92 64.58 -66.46 -54.13
C ILE WA 92 63.49 -67.15 -54.94
N THR WA 93 62.60 -67.87 -54.25
CA THR WA 93 61.46 -68.54 -54.86
C THR WA 93 60.19 -67.92 -54.31
N LEU WA 94 59.26 -67.59 -55.19
CA LEU WA 94 58.03 -66.89 -54.82
C LEU WA 94 56.82 -67.73 -55.19
N VAL WA 95 55.88 -67.87 -54.25
CA VAL WA 95 54.66 -68.65 -54.43
C VAL WA 95 53.48 -67.75 -54.10
N ARG WA 96 52.48 -67.72 -54.98
CA ARG WA 96 51.28 -66.90 -54.80
C ARG WA 96 50.08 -67.82 -54.57
N VAL WA 97 49.25 -67.49 -53.60
CA VAL WA 97 48.11 -68.34 -53.24
C VAL WA 97 46.85 -67.49 -53.20
N PRO WA 98 45.68 -68.13 -53.35
CA PRO WA 98 44.41 -67.38 -53.36
C PRO WA 98 44.15 -66.54 -52.12
N GLY WA 99 44.14 -67.15 -50.94
CA GLY WA 99 43.77 -66.46 -49.73
C GLY WA 99 44.61 -66.80 -48.54
N SER WA 100 44.24 -66.29 -47.36
CA SER WA 100 45.01 -66.55 -46.16
C SER WA 100 44.90 -68.01 -45.72
N TRP WA 101 43.76 -68.65 -45.98
CA TRP WA 101 43.55 -70.01 -45.55
C TRP WA 101 44.56 -70.98 -46.17
N GLU WA 102 45.21 -70.60 -47.27
CA GLU WA 102 46.08 -71.51 -47.99
C GLU WA 102 47.56 -71.29 -47.71
N ILE WA 103 47.92 -70.28 -46.92
CA ILE WA 103 49.34 -69.99 -46.67
C ILE WA 103 50.00 -71.15 -45.92
N PRO WA 104 49.43 -71.66 -44.82
CA PRO WA 104 50.13 -72.72 -44.09
C PRO WA 104 50.46 -73.95 -44.92
N VAL WA 105 49.51 -74.46 -45.71
CA VAL WA 105 49.78 -75.68 -46.46
C VAL WA 105 50.81 -75.43 -47.55
N ALA WA 106 50.77 -74.25 -48.18
CA ALA WA 106 51.78 -73.90 -49.16
C ALA WA 106 53.15 -73.79 -48.51
N ALA WA 107 53.22 -73.19 -47.32
CA ALA WA 107 54.49 -73.07 -46.62
C ALA WA 107 55.07 -74.43 -46.28
N GLY WA 108 54.24 -75.46 -46.14
CA GLY WA 108 54.74 -76.78 -45.85
C GLY WA 108 55.57 -77.37 -46.98
N GLU WA 109 55.11 -77.18 -48.22
CA GLU WA 109 55.81 -77.76 -49.35
C GLU WA 109 57.17 -77.10 -49.55
N LEU WA 110 57.24 -75.78 -49.38
CA LEU WA 110 58.52 -75.09 -49.50
C LEU WA 110 59.48 -75.53 -48.40
N ALA WA 111 59.01 -75.55 -47.16
CA ALA WA 111 59.89 -75.84 -46.04
C ALA WA 111 60.47 -77.25 -46.12
N ARG WA 112 59.80 -78.16 -46.81
CA ARG WA 112 60.31 -79.52 -46.93
C ARG WA 112 61.42 -79.66 -47.96
N LYS WA 113 61.60 -78.67 -48.84
CA LYS WA 113 62.66 -78.74 -49.84
C LYS WA 113 64.00 -78.45 -49.18
N GLU WA 114 64.99 -79.31 -49.46
CA GLU WA 114 66.28 -79.21 -48.79
C GLU WA 114 67.10 -78.02 -49.24
N ASP WA 115 66.73 -77.36 -50.35
CA ASP WA 115 67.45 -76.20 -50.84
C ASP WA 115 66.88 -74.89 -50.34
N ILE WA 116 66.12 -74.92 -49.25
CA ILE WA 116 65.52 -73.73 -48.66
C ILE WA 116 65.97 -73.63 -47.22
N ASP WA 117 66.45 -72.44 -46.83
CA ASP WA 117 66.96 -72.22 -45.49
C ASP WA 117 65.98 -71.50 -44.58
N ALA WA 118 65.06 -70.71 -45.14
CA ALA WA 118 64.02 -70.07 -44.35
C ALA WA 118 62.87 -69.70 -45.27
N VAL WA 119 61.70 -69.50 -44.68
CA VAL WA 119 60.48 -69.19 -45.41
C VAL WA 119 59.84 -67.96 -44.78
N ILE WA 120 59.41 -67.03 -45.62
CA ILE WA 120 58.78 -65.79 -45.20
C ILE WA 120 57.33 -65.83 -45.67
N ALA WA 121 56.39 -65.54 -44.77
CA ALA WA 121 54.97 -65.60 -45.06
C ALA WA 121 54.36 -64.22 -44.96
N ILE WA 122 53.84 -63.71 -46.08
CA ILE WA 122 53.29 -62.37 -46.16
C ILE WA 122 51.80 -62.48 -46.48
N GLY WA 123 51.02 -61.55 -45.95
CA GLY WA 123 49.59 -61.55 -46.21
C GLY WA 123 48.91 -60.47 -45.40
N VAL WA 124 47.63 -60.28 -45.72
CA VAL WA 124 46.79 -59.28 -45.05
C VAL WA 124 45.49 -59.93 -44.62
N LEU WA 125 45.09 -59.70 -43.38
CA LEU WA 125 43.84 -60.23 -42.85
C LEU WA 125 42.76 -59.17 -42.89
N ILE WA 126 41.52 -59.60 -42.72
CA ILE WA 126 40.34 -58.76 -42.83
C ILE WA 126 39.78 -58.57 -41.43
N ARG WA 127 40.09 -57.43 -40.82
CA ARG WA 127 39.46 -57.08 -39.56
C ARG WA 127 38.00 -56.78 -39.78
N GLY WA 128 37.16 -57.21 -38.84
CA GLY WA 128 35.73 -57.17 -39.04
C GLY WA 128 35.26 -58.34 -39.87
N ALA WA 129 33.96 -58.37 -40.14
CA ALA WA 129 33.34 -59.50 -40.84
C ALA WA 129 33.65 -60.81 -40.12
N THR WA 130 33.58 -60.75 -38.80
CA THR WA 130 33.91 -61.91 -37.97
C THR WA 130 33.14 -63.19 -38.32
N PRO WA 131 31.81 -63.15 -38.60
CA PRO WA 131 31.07 -64.41 -38.83
C PRO WA 131 31.79 -65.46 -39.68
N HIS WA 132 32.59 -65.03 -40.66
CA HIS WA 132 33.34 -65.96 -41.52
C HIS WA 132 34.84 -65.87 -41.33
N PHE WA 133 35.40 -64.66 -41.42
CA PHE WA 133 36.85 -64.51 -41.43
C PHE WA 133 37.49 -64.64 -40.04
N ASP WA 134 36.69 -64.56 -38.97
CA ASP WA 134 37.27 -64.69 -37.63
C ASP WA 134 37.89 -66.06 -37.41
N TYR WA 135 37.32 -67.10 -38.04
CA TYR WA 135 37.84 -68.44 -37.87
C TYR WA 135 39.14 -68.65 -38.63
N ILE WA 136 39.23 -68.08 -39.84
CA ILE WA 136 40.47 -68.19 -40.61
C ILE WA 136 41.61 -67.45 -39.91
N ALA WA 137 41.28 -66.42 -39.13
CA ALA WA 137 42.31 -65.57 -38.56
C ALA WA 137 43.22 -66.34 -37.60
N SER WA 138 42.63 -67.04 -36.63
CA SER WA 138 43.45 -67.74 -35.64
C SER WA 138 44.18 -68.93 -36.25
N GLU WA 139 43.70 -69.45 -37.38
CA GLU WA 139 44.29 -70.66 -37.95
C GLU WA 139 45.62 -70.38 -38.62
N VAL WA 140 45.83 -69.16 -39.12
CA VAL WA 140 47.06 -68.85 -39.84
C VAL WA 140 48.25 -68.84 -38.88
N SER WA 141 48.10 -68.16 -37.74
CA SER WA 141 49.20 -68.11 -36.78
C SER WA 141 49.46 -69.48 -36.16
N LYS WA 142 48.40 -70.21 -35.81
CA LYS WA 142 48.58 -71.52 -35.20
C LYS WA 142 49.26 -72.49 -36.16
N GLY WA 143 48.89 -72.46 -37.43
CA GLY WA 143 49.48 -73.40 -38.38
C GLY WA 143 50.95 -73.16 -38.62
N LEU WA 144 51.34 -71.89 -38.77
CA LEU WA 144 52.75 -71.59 -39.04
C LEU WA 144 53.62 -71.97 -37.85
N ALA WA 145 53.13 -71.72 -36.63
CA ALA WA 145 53.91 -72.05 -35.45
C ALA WA 145 54.17 -73.54 -35.34
N ASN WA 146 53.15 -74.36 -35.62
CA ASN WA 146 53.33 -75.81 -35.53
C ASN WA 146 54.28 -76.34 -36.60
N LEU WA 147 54.30 -75.72 -37.78
CA LEU WA 147 55.15 -76.21 -38.85
C LEU WA 147 56.62 -76.13 -38.48
N SER WA 148 57.04 -75.00 -37.91
CA SER WA 148 58.45 -74.82 -37.63
C SER WA 148 58.95 -75.82 -36.60
N LEU WA 149 58.15 -76.08 -35.56
CA LEU WA 149 58.53 -77.05 -34.55
C LEU WA 149 58.62 -78.46 -35.13
N GLU WA 150 57.70 -78.80 -36.03
CA GLU WA 150 57.68 -80.15 -36.60
C GLU WA 150 58.81 -80.35 -37.60
N LEU WA 151 59.08 -79.34 -38.44
CA LEU WA 151 60.12 -79.46 -39.45
C LEU WA 151 61.47 -78.97 -38.98
N ARG WA 152 61.54 -78.33 -37.80
CA ARG WA 152 62.79 -77.80 -37.25
C ARG WA 152 63.46 -76.84 -38.25
N LYS WA 153 62.66 -75.95 -38.81
CA LYS WA 153 63.10 -74.97 -39.78
C LYS WA 153 62.44 -73.65 -39.43
N PRO WA 154 63.14 -72.51 -39.55
CA PRO WA 154 62.53 -71.24 -39.15
C PRO WA 154 61.56 -70.71 -40.20
N ILE WA 155 60.37 -70.31 -39.73
CA ILE WA 155 59.36 -69.66 -40.56
C ILE WA 155 58.97 -68.36 -39.87
N THR WA 156 59.05 -67.26 -40.61
CA THR WA 156 58.82 -65.93 -40.06
C THR WA 156 57.41 -65.46 -40.39
N PHE WA 157 56.90 -64.58 -39.54
CA PHE WA 157 55.50 -64.13 -39.56
C PHE WA 157 55.47 -62.70 -40.06
N GLY WA 158 54.93 -62.50 -41.27
CA GLY WA 158 54.86 -61.18 -41.87
C GLY WA 158 53.44 -60.80 -42.23
N VAL WA 159 52.48 -61.17 -41.39
CA VAL WA 159 51.07 -60.94 -41.65
C VAL WA 159 50.59 -59.77 -40.83
N ILE WA 160 49.94 -58.81 -41.48
CA ILE WA 160 49.39 -57.64 -40.81
C ILE WA 160 47.88 -57.63 -40.99
N THR WA 161 47.21 -56.66 -40.36
CA THR WA 161 45.77 -56.54 -40.39
C THR WA 161 45.36 -55.20 -40.99
N ALA WA 162 44.18 -55.16 -41.58
CA ALA WA 162 43.66 -53.94 -42.19
C ALA WA 162 44.60 -53.40 -43.25
N LYS XA 13 67.69 -59.67 -7.25
CA LYS XA 13 67.24 -60.86 -6.53
C LYS XA 13 65.74 -60.79 -6.25
N HIS XA 14 65.08 -61.95 -6.30
CA HIS XA 14 63.64 -62.04 -6.05
C HIS XA 14 62.88 -61.30 -7.13
N GLY XA 15 62.92 -59.96 -7.11
CA GLY XA 15 62.22 -59.20 -8.14
C GLY XA 15 62.73 -59.51 -9.53
N ASN XA 16 64.03 -59.73 -9.67
CA ASN XA 16 64.61 -60.05 -10.97
C ASN XA 16 64.06 -61.39 -11.46
N LYS XA 17 63.19 -61.33 -12.47
CA LYS XA 17 62.54 -62.55 -12.94
C LYS XA 17 63.52 -63.52 -13.58
N GLY XA 18 64.74 -63.09 -13.91
CA GLY XA 18 65.74 -64.02 -14.36
C GLY XA 18 66.31 -64.85 -13.25
N TRP XA 19 66.28 -64.33 -12.02
CA TRP XA 19 66.69 -65.10 -10.85
C TRP XA 19 65.66 -66.17 -10.51
N GLU XA 20 64.38 -65.83 -10.56
CA GLU XA 20 63.34 -66.78 -10.23
C GLU XA 20 63.33 -67.96 -11.20
N ALA XA 21 63.46 -67.68 -12.49
CA ALA XA 21 63.41 -68.74 -13.49
C ALA XA 21 64.58 -69.72 -13.31
N ALA XA 22 65.77 -69.20 -13.00
CA ALA XA 22 66.90 -70.09 -12.77
C ALA XA 22 66.69 -70.96 -11.54
N LEU XA 23 66.11 -70.38 -10.48
CA LEU XA 23 65.84 -71.17 -9.27
C LEU XA 23 64.89 -72.32 -9.57
N SER XA 24 63.82 -72.06 -10.31
CA SER XA 24 62.87 -73.12 -10.65
C SER XA 24 63.53 -74.21 -11.47
N ALA XA 25 64.46 -73.84 -12.35
CA ALA XA 25 65.14 -74.84 -13.17
C ALA XA 25 65.99 -75.77 -12.32
N ILE XA 26 66.72 -75.23 -11.34
CA ILE XA 26 67.57 -76.08 -10.50
C ILE XA 26 66.73 -77.06 -9.71
N GLU XA 27 65.62 -76.60 -9.15
CA GLU XA 27 64.77 -77.48 -8.37
C GLU XA 27 64.22 -78.62 -9.21
N MET XA 28 63.77 -78.31 -10.44
CA MET XA 28 63.12 -79.31 -11.26
C MET XA 28 64.11 -80.33 -11.80
N ALA XA 29 65.31 -79.88 -12.16
CA ALA XA 29 66.31 -80.80 -12.68
C ALA XA 29 66.80 -81.77 -11.62
N ASN XA 30 66.76 -81.36 -10.35
CA ASN XA 30 67.10 -82.29 -9.27
C ASN XA 30 65.96 -83.27 -9.02
N LEU XA 31 64.72 -82.79 -9.09
CA LEU XA 31 63.57 -83.65 -8.83
C LEU XA 31 63.51 -84.78 -9.85
N PHE XA 32 63.74 -84.48 -11.12
CA PHE XA 32 63.69 -85.50 -12.16
C PHE XA 32 64.78 -86.53 -11.96
N LYS XA 33 65.96 -86.10 -11.51
CA LYS XA 33 67.04 -87.05 -11.25
C LYS XA 33 66.66 -88.03 -10.14
N SER XA 34 65.89 -87.57 -9.16
CA SER XA 34 65.46 -88.46 -8.08
C SER XA 34 64.38 -89.42 -8.54
N LEU XA 35 63.40 -88.93 -9.30
CA LEU XA 35 62.28 -89.78 -9.70
C LEU XA 35 62.72 -90.90 -10.62
N ARG XA 36 63.81 -90.72 -11.35
CA ARG XA 36 64.29 -91.72 -12.28
C ARG XA 36 65.29 -92.69 -11.64
N GLY XA 37 65.55 -92.56 -10.34
CA GLY XA 37 66.43 -93.47 -9.63
C GLY XA 37 65.66 -94.46 -8.79
N THR XA 38 66.41 -95.19 -7.96
CA THR XA 38 65.80 -96.18 -7.08
C THR XA 38 64.90 -95.49 -6.06
N GLY XA 39 63.83 -96.19 -5.69
CA GLY XA 39 62.87 -95.67 -4.74
C GLY XA 39 63.35 -95.76 -3.30
N GLY XA 40 62.49 -95.29 -2.40
CA GLY XA 40 62.82 -95.28 -0.99
C GLY XA 40 62.67 -96.65 -0.35
N SER XA 41 63.05 -96.73 0.92
CA SER XA 41 62.97 -97.98 1.66
C SER XA 41 61.54 -98.44 1.86
N GLY XA 42 60.57 -97.53 1.78
CA GLY XA 42 59.17 -97.89 1.98
C GLY XA 42 58.72 -97.72 3.41
N SER XA 43 57.52 -98.21 3.66
CA SER XA 43 56.85 -98.17 4.97
C SER XA 43 56.41 -96.76 5.35
N SER XA 44 56.48 -95.80 4.42
CA SER XA 44 56.04 -94.44 4.71
C SER XA 44 55.68 -93.77 3.39
N MET XA 45 54.90 -92.70 3.50
CA MET XA 45 54.51 -91.92 2.32
C MET XA 45 55.75 -91.25 1.75
N GLU XA 46 56.27 -91.79 0.65
CA GLU XA 46 57.42 -91.19 -0.01
C GLU XA 46 57.12 -89.75 -0.39
N ILE XA 47 58.04 -88.86 -0.09
CA ILE XA 47 57.95 -87.45 -0.47
C ILE XA 47 59.17 -87.10 -1.30
N TYR XA 48 58.92 -86.52 -2.47
CA TYR XA 48 59.97 -86.11 -3.39
C TYR XA 48 59.98 -84.59 -3.48
N GLU XA 49 61.16 -83.99 -3.39
CA GLU XA 49 61.31 -82.56 -3.60
C GLU XA 49 62.75 -82.27 -3.94
N GLY XA 50 62.97 -81.14 -4.61
CA GLY XA 50 64.27 -80.79 -5.15
C GLY XA 50 65.06 -79.87 -4.24
N LYS XA 51 66.38 -79.98 -4.33
CA LYS XA 51 67.31 -79.20 -3.54
C LYS XA 51 67.98 -78.14 -4.41
N LEU XA 52 68.35 -77.04 -3.79
CA LEU XA 52 68.95 -75.90 -4.50
C LEU XA 52 70.47 -76.08 -4.61
N THR XA 53 70.86 -77.18 -5.23
CA THR XA 53 72.24 -77.48 -5.55
C THR XA 53 72.37 -77.71 -7.04
N ALA XA 54 73.42 -77.16 -7.64
CA ALA XA 54 73.57 -77.13 -9.10
C ALA XA 54 74.96 -77.55 -9.51
N GLU XA 55 75.47 -78.63 -8.93
CA GLU XA 55 76.79 -79.15 -9.25
C GLU XA 55 76.63 -80.37 -10.15
N GLY XA 56 77.26 -80.33 -11.32
CA GLY XA 56 77.14 -81.39 -12.30
C GLY XA 56 76.03 -81.21 -13.32
N LEU XA 57 75.20 -80.18 -13.19
CA LEU XA 57 74.10 -79.96 -14.12
C LEU XA 57 74.53 -79.06 -15.27
N ARG XA 58 73.87 -79.24 -16.41
CA ARG XA 58 74.09 -78.43 -17.60
C ARG XA 58 72.80 -77.69 -17.95
N PHE XA 59 72.93 -76.41 -18.27
CA PHE XA 59 71.78 -75.56 -18.57
C PHE XA 59 71.92 -74.96 -19.96
N GLY XA 60 70.82 -74.40 -20.44
CA GLY XA 60 70.79 -73.69 -21.70
C GLY XA 60 69.79 -72.55 -21.65
N ILE XA 61 70.18 -71.36 -22.10
CA ILE XA 61 69.36 -70.16 -21.99
C ILE XA 61 69.08 -69.64 -23.39
N VAL XA 62 67.82 -69.30 -23.65
CA VAL XA 62 67.38 -68.70 -24.90
C VAL XA 62 66.76 -67.35 -24.58
N ALA XA 63 67.33 -66.28 -25.13
CA ALA XA 63 66.90 -64.92 -24.82
C ALA XA 63 66.74 -64.12 -26.11
N SER XA 64 65.84 -63.16 -26.08
CA SER XA 64 65.54 -62.32 -27.21
C SER XA 64 66.19 -60.95 -27.05
N ARG XA 65 65.88 -60.02 -27.97
CA ARG XA 65 66.50 -58.71 -27.98
C ARG XA 65 65.51 -57.55 -27.88
N PHE XA 66 64.23 -57.77 -28.17
CA PHE XA 66 63.25 -56.71 -28.03
C PHE XA 66 63.33 -56.09 -26.64
N ASN XA 67 63.58 -54.79 -26.59
CA ASN XA 67 63.86 -54.10 -25.35
C ASN XA 67 65.06 -54.72 -24.65
N HIS XA 68 66.19 -54.70 -25.34
CA HIS XA 68 67.39 -55.36 -24.85
C HIS XA 68 67.88 -54.77 -23.54
N ALA XA 69 67.47 -53.55 -23.20
CA ALA XA 69 67.85 -52.98 -21.92
C ALA XA 69 67.32 -53.83 -20.76
N LEU XA 70 66.03 -54.15 -20.80
CA LEU XA 70 65.46 -55.03 -19.78
C LEU XA 70 66.06 -56.42 -19.85
N VAL XA 71 66.27 -56.94 -21.05
CA VAL XA 71 66.66 -58.34 -21.21
C VAL XA 71 68.08 -58.56 -20.71
N ASP XA 72 69.00 -57.64 -21.02
CA ASP XA 72 70.38 -57.82 -20.58
C ASP XA 72 70.47 -57.90 -19.06
N ARG XA 73 69.57 -57.22 -18.36
CA ARG XA 73 69.55 -57.31 -16.90
C ARG XA 73 69.05 -58.69 -16.46
N LEU XA 74 67.94 -59.15 -17.05
CA LEU XA 74 67.37 -60.43 -16.66
C LEU XA 74 68.35 -61.57 -16.94
N VAL XA 75 69.02 -61.55 -18.08
CA VAL XA 75 69.89 -62.65 -18.46
C VAL XA 75 71.05 -62.78 -17.48
N GLU XA 76 71.61 -61.65 -17.04
CA GLU XA 76 72.72 -61.70 -16.11
C GLU XA 76 72.29 -62.17 -14.73
N GLY XA 77 71.01 -61.98 -14.38
CA GLY XA 77 70.51 -62.53 -13.15
C GLY XA 77 70.47 -64.05 -13.17
N ALA XA 78 70.18 -64.63 -14.32
CA ALA XA 78 70.11 -66.08 -14.43
C ALA XA 78 71.47 -66.73 -14.31
N ILE XA 79 72.49 -66.13 -14.94
CA ILE XA 79 73.83 -66.71 -14.87
C ILE XA 79 74.41 -66.56 -13.48
N ASP XA 80 74.05 -65.50 -12.75
CA ASP XA 80 74.52 -65.35 -11.38
C ASP XA 80 73.93 -66.43 -10.49
N CYS XA 81 72.64 -66.74 -10.65
CA CYS XA 81 71.99 -67.71 -9.78
C CYS XA 81 72.62 -69.09 -9.90
N ILE XA 82 72.99 -69.48 -11.12
CA ILE XA 82 73.57 -70.80 -11.32
C ILE XA 82 74.97 -70.88 -10.73
N VAL XA 83 75.80 -69.86 -10.96
CA VAL XA 83 77.19 -69.93 -10.54
C VAL XA 83 77.28 -69.88 -9.02
N ARG XA 84 76.42 -69.11 -8.37
CA ARG XA 84 76.45 -68.97 -6.93
C ARG XA 84 75.81 -70.15 -6.20
N HIS XA 85 75.19 -71.07 -6.92
CA HIS XA 85 74.64 -72.28 -6.34
C HIS XA 85 75.47 -73.51 -6.68
N GLY XA 86 76.72 -73.32 -7.10
CA GLY XA 86 77.63 -74.41 -7.34
C GLY XA 86 77.84 -74.79 -8.79
N GLY XA 87 77.30 -74.05 -9.74
CA GLY XA 87 77.42 -74.39 -11.15
C GLY XA 87 78.75 -73.98 -11.74
N ARG XA 88 78.88 -74.21 -13.04
CA ARG XA 88 80.04 -73.80 -13.81
C ARG XA 88 79.60 -73.09 -15.08
N GLU XA 89 80.39 -72.09 -15.49
CA GLU XA 89 80.11 -71.39 -16.73
C GLU XA 89 80.49 -72.21 -17.95
N GLU XA 90 81.35 -73.21 -17.79
CA GLU XA 90 81.65 -74.13 -18.87
C GLU XA 90 80.47 -75.04 -19.21
N ASP XA 91 79.41 -75.02 -18.39
CA ASP XA 91 78.24 -75.86 -18.58
C ASP XA 91 76.98 -75.05 -18.88
N ILE XA 92 77.12 -73.82 -19.35
CA ILE XA 92 76.00 -72.99 -19.75
C ILE XA 92 76.12 -72.72 -21.25
N THR XA 93 75.00 -72.81 -21.97
CA THR XA 93 74.92 -72.53 -23.39
C THR XA 93 73.87 -71.45 -23.62
N LEU XA 94 74.28 -70.33 -24.20
CA LEU XA 94 73.41 -69.17 -24.40
C LEU XA 94 73.12 -68.99 -25.88
N VAL XA 95 71.86 -68.71 -26.20
CA VAL XA 95 71.40 -68.49 -27.57
C VAL XA 95 70.58 -67.21 -27.61
N ARG XA 96 70.84 -66.36 -28.59
CA ARG XA 96 70.11 -65.12 -28.80
C ARG XA 96 69.26 -65.22 -30.07
N VAL XA 97 68.06 -64.65 -30.02
CA VAL XA 97 67.14 -64.70 -31.15
C VAL XA 97 66.57 -63.31 -31.38
N PRO XA 98 66.04 -63.04 -32.58
CA PRO XA 98 65.52 -61.69 -32.86
C PRO XA 98 64.37 -61.26 -31.98
N GLY XA 99 63.30 -62.05 -31.90
CA GLY XA 99 62.09 -61.63 -31.20
C GLY XA 99 61.45 -62.78 -30.46
N SER XA 100 60.30 -62.49 -29.85
CA SER XA 100 59.60 -63.48 -29.07
C SER XA 100 59.05 -64.61 -29.94
N TRP XA 101 58.66 -64.31 -31.18
CA TRP XA 101 58.13 -65.33 -32.06
C TRP XA 101 59.13 -66.46 -32.27
N GLU XA 102 60.43 -66.18 -32.19
CA GLU XA 102 61.46 -67.14 -32.54
C GLU XA 102 61.97 -67.95 -31.34
N ILE XA 103 61.49 -67.66 -30.12
CA ILE XA 103 61.98 -68.39 -28.96
C ILE XA 103 61.67 -69.87 -29.03
N PRO XA 104 60.44 -70.30 -29.33
CA PRO XA 104 60.15 -71.75 -29.31
C PRO XA 104 61.00 -72.59 -30.25
N VAL XA 105 61.26 -72.13 -31.46
CA VAL XA 105 62.01 -72.97 -32.40
C VAL XA 105 63.45 -73.12 -31.95
N ALA XA 106 64.01 -72.09 -31.29
CA ALA XA 106 65.37 -72.19 -30.77
C ALA XA 106 65.44 -73.01 -29.49
N ALA XA 107 64.40 -72.99 -28.66
CA ALA XA 107 64.40 -73.80 -27.46
C ALA XA 107 64.40 -75.28 -27.80
N GLY XA 108 63.68 -75.66 -28.86
CA GLY XA 108 63.60 -77.06 -29.22
C GLY XA 108 64.95 -77.65 -29.61
N GLU XA 109 65.78 -76.86 -30.27
CA GLU XA 109 67.11 -77.36 -30.65
C GLU XA 109 67.95 -77.64 -29.42
N LEU XA 110 67.88 -76.79 -28.41
CA LEU XA 110 68.62 -77.03 -27.18
C LEU XA 110 68.05 -78.20 -26.39
N ALA XA 111 66.72 -78.31 -26.33
CA ALA XA 111 66.09 -79.35 -25.54
C ALA XA 111 66.28 -80.75 -26.11
N ARG XA 112 66.79 -80.87 -27.33
CA ARG XA 112 67.02 -82.16 -27.95
C ARG XA 112 68.43 -82.68 -27.75
N LYS XA 113 69.27 -81.97 -27.01
CA LYS XA 113 70.63 -82.39 -26.76
C LYS XA 113 70.67 -83.29 -25.53
N GLU XA 114 71.47 -84.35 -25.61
CA GLU XA 114 71.59 -85.29 -24.51
C GLU XA 114 72.36 -84.72 -23.33
N ASP XA 115 72.98 -83.55 -23.47
CA ASP XA 115 73.79 -82.97 -22.40
C ASP XA 115 73.02 -81.97 -21.55
N ILE XA 116 72.00 -81.32 -22.09
CA ILE XA 116 71.28 -80.31 -21.36
C ILE XA 116 70.26 -80.98 -20.44
N ASP XA 117 70.07 -80.40 -19.26
CA ASP XA 117 69.11 -80.87 -18.27
C ASP XA 117 67.88 -80.01 -18.15
N ALA XA 118 68.01 -78.68 -18.29
CA ALA XA 118 66.88 -77.78 -18.21
C ALA XA 118 67.17 -76.56 -19.07
N VAL XA 119 66.10 -75.88 -19.47
CA VAL XA 119 66.18 -74.74 -20.37
C VAL XA 119 65.38 -73.59 -19.79
N ILE XA 120 65.90 -72.37 -19.94
CA ILE XA 120 65.27 -71.16 -19.44
C ILE XA 120 64.93 -70.28 -20.63
N ALA XA 121 63.74 -69.70 -20.61
CA ALA XA 121 63.28 -68.79 -21.64
C ALA XA 121 63.10 -67.40 -21.05
N ILE XA 122 63.73 -66.40 -21.67
CA ILE XA 122 63.67 -65.01 -21.21
C ILE XA 122 63.29 -64.14 -22.39
N GLY XA 123 62.28 -63.29 -22.20
CA GLY XA 123 61.82 -62.46 -23.29
C GLY XA 123 60.85 -61.42 -22.79
N VAL XA 124 60.52 -60.49 -23.69
CA VAL XA 124 59.64 -59.36 -23.40
C VAL XA 124 58.49 -59.38 -24.38
N LEU XA 125 57.27 -59.25 -23.88
CA LEU XA 125 56.06 -59.27 -24.70
C LEU XA 125 55.40 -57.90 -24.69
N ILE XA 126 54.54 -57.68 -25.67
CA ILE XA 126 53.70 -56.50 -25.77
C ILE XA 126 52.25 -57.00 -25.83
N ARG XA 127 51.43 -56.54 -24.89
CA ARG XA 127 50.05 -57.00 -24.76
C ARG XA 127 49.10 -55.83 -24.87
N GLY XA 128 48.03 -56.00 -25.64
CA GLY XA 128 46.99 -55.01 -25.75
C GLY XA 128 47.28 -53.83 -26.65
N ALA XA 129 48.44 -53.81 -27.32
CA ALA XA 129 48.78 -52.67 -28.16
C ALA XA 129 48.03 -52.71 -29.48
N THR XA 130 48.30 -53.72 -30.31
CA THR XA 130 47.68 -53.86 -31.62
C THR XA 130 47.74 -55.33 -32.02
N PRO XA 131 46.93 -55.74 -32.99
CA PRO XA 131 47.07 -57.10 -33.52
C PRO XA 131 48.45 -57.30 -34.10
N HIS XA 132 48.77 -58.55 -34.41
CA HIS XA 132 50.10 -59.03 -34.77
C HIS XA 132 50.96 -59.22 -33.53
N PHE XA 133 50.46 -58.89 -32.35
CA PHE XA 133 51.15 -59.19 -31.10
C PHE XA 133 50.27 -59.89 -30.08
N ASP XA 134 48.94 -59.83 -30.21
CA ASP XA 134 48.09 -60.73 -29.45
C ASP XA 134 48.15 -62.13 -30.03
N TYR XA 135 48.24 -62.24 -31.35
CA TYR XA 135 48.47 -63.55 -31.96
C TYR XA 135 49.82 -64.12 -31.56
N ILE XA 136 50.85 -63.28 -31.54
CA ILE XA 136 52.19 -63.76 -31.20
C ILE XA 136 52.23 -64.28 -29.77
N ALA XA 137 51.67 -63.50 -28.85
CA ALA XA 137 51.78 -63.86 -27.43
C ALA XA 137 51.12 -65.19 -27.13
N SER XA 138 49.94 -65.43 -27.71
CA SER XA 138 49.22 -66.66 -27.43
C SER XA 138 49.95 -67.88 -27.94
N GLU XA 139 50.94 -67.72 -28.81
CA GLU XA 139 51.63 -68.85 -29.40
C GLU XA 139 52.99 -69.13 -28.77
N VAL XA 140 53.60 -68.13 -28.14
CA VAL XA 140 54.85 -68.38 -27.42
C VAL XA 140 54.58 -69.26 -26.20
N SER XA 141 53.52 -68.97 -25.45
CA SER XA 141 53.18 -69.80 -24.30
C SER XA 141 52.81 -71.21 -24.71
N LYS XA 142 51.99 -71.35 -25.74
CA LYS XA 142 51.51 -72.67 -26.14
C LYS XA 142 52.65 -73.55 -26.64
N GLY XA 143 53.58 -72.97 -27.39
CA GLY XA 143 54.66 -73.77 -27.94
C GLY XA 143 55.58 -74.32 -26.88
N LEU XA 144 55.95 -73.50 -25.89
CA LEU XA 144 56.87 -73.95 -24.85
C LEU XA 144 56.26 -75.07 -24.03
N ALA XA 145 54.96 -74.99 -23.76
CA ALA XA 145 54.31 -76.03 -22.98
C ALA XA 145 54.32 -77.38 -23.68
N ASN XA 146 54.18 -77.38 -25.01
CA ASN XA 146 54.20 -78.64 -25.75
C ASN XA 146 55.59 -79.26 -25.79
N LEU XA 147 56.64 -78.44 -25.86
CA LEU XA 147 57.99 -78.97 -25.90
C LEU XA 147 58.33 -79.73 -24.63
N SER XA 148 57.91 -79.19 -23.47
CA SER XA 148 58.21 -79.84 -22.20
C SER XA 148 57.63 -81.26 -22.17
N LEU XA 149 56.37 -81.41 -22.53
CA LEU XA 149 55.70 -82.70 -22.42
C LEU XA 149 56.21 -83.68 -23.48
N GLU XA 150 56.52 -83.19 -24.68
CA GLU XA 150 56.93 -84.08 -25.75
C GLU XA 150 58.34 -84.63 -25.49
N LEU XA 151 59.27 -83.79 -25.06
CA LEU XA 151 60.65 -84.18 -24.86
C LEU XA 151 60.97 -84.56 -23.41
N ARG XA 152 60.03 -84.39 -22.49
CA ARG XA 152 60.21 -84.78 -21.09
C ARG XA 152 61.43 -84.08 -20.49
N LYS XA 153 61.35 -82.75 -20.46
CA LYS XA 153 62.43 -81.91 -19.97
C LYS XA 153 61.80 -80.62 -19.50
N PRO XA 154 62.25 -80.05 -18.38
CA PRO XA 154 61.60 -78.84 -17.86
C PRO XA 154 62.08 -77.58 -18.59
N ILE XA 155 61.14 -76.73 -18.95
CA ILE XA 155 61.41 -75.46 -19.62
C ILE XA 155 60.71 -74.36 -18.82
N THR XA 156 61.49 -73.44 -18.28
CA THR XA 156 60.95 -72.42 -17.37
C THR XA 156 60.63 -71.15 -18.13
N PHE XA 157 59.65 -70.42 -17.62
CA PHE XA 157 59.00 -69.31 -18.31
C PHE XA 157 59.40 -68.01 -17.63
N GLY XA 158 60.51 -67.43 -18.06
CA GLY XA 158 60.96 -66.16 -17.52
C GLY XA 158 60.51 -64.98 -18.34
N VAL XA 159 59.50 -65.18 -19.17
CA VAL XA 159 59.03 -64.15 -20.08
C VAL XA 159 58.16 -63.16 -19.30
N ILE XA 160 58.46 -61.87 -19.43
CA ILE XA 160 57.73 -60.84 -18.72
C ILE XA 160 56.95 -60.00 -19.72
N THR XA 161 56.22 -59.01 -19.22
CA THR XA 161 55.38 -58.15 -20.04
C THR XA 161 55.61 -56.70 -19.66
N ALA XA 162 55.27 -55.80 -20.58
CA ALA XA 162 55.43 -54.37 -20.37
C ALA XA 162 56.88 -54.02 -20.07
N GLY YA 15 20.41 -29.06 92.70
CA GLY YA 15 19.82 -27.92 92.04
C GLY YA 15 20.80 -26.80 91.77
N ASN YA 16 21.86 -26.74 92.58
CA ASN YA 16 22.89 -25.73 92.43
C ASN YA 16 24.24 -26.32 92.75
N LYS YA 17 25.29 -25.78 92.12
CA LYS YA 17 26.63 -26.33 92.26
C LYS YA 17 27.22 -26.05 93.64
N GLY YA 18 26.65 -25.11 94.40
CA GLY YA 18 27.13 -24.92 95.76
C GLY YA 18 26.87 -26.12 96.64
N TRP YA 19 25.68 -26.71 96.52
CA TRP YA 19 25.38 -27.94 97.24
C TRP YA 19 26.28 -29.08 96.78
N GLU YA 20 26.50 -29.20 95.47
CA GLU YA 20 27.32 -30.30 94.96
C GLU YA 20 28.77 -30.17 95.42
N ALA YA 21 29.32 -28.96 95.40
CA ALA YA 21 30.71 -28.77 95.78
C ALA YA 21 30.92 -29.10 97.26
N ALA YA 22 29.98 -28.71 98.10
CA ALA YA 22 30.11 -28.99 99.53
C ALA YA 22 30.04 -30.49 99.82
N LEU YA 23 29.25 -31.23 99.03
CA LEU YA 23 29.12 -32.66 99.26
C LEU YA 23 30.42 -33.40 98.92
N SER YA 24 31.10 -32.98 97.86
CA SER YA 24 32.39 -33.58 97.53
C SER YA 24 33.42 -33.29 98.62
N ALA YA 25 33.37 -32.09 99.19
CA ALA YA 25 34.32 -31.73 100.24
C ALA YA 25 34.16 -32.61 101.47
N ILE YA 26 32.92 -32.91 101.85
CA ILE YA 26 32.70 -33.76 103.02
C ILE YA 26 33.29 -35.15 102.80
N GLU YA 27 33.02 -35.72 101.62
CA GLU YA 27 33.51 -37.06 101.33
C GLU YA 27 35.03 -37.09 101.30
N MET YA 28 35.65 -36.10 100.66
CA MET YA 28 37.10 -36.08 100.57
C MET YA 28 37.75 -35.89 101.92
N ALA YA 29 37.14 -35.09 102.80
CA ALA YA 29 37.69 -34.91 104.14
C ALA YA 29 37.71 -36.21 104.92
N ASN YA 30 36.62 -36.99 104.83
CA ASN YA 30 36.57 -38.26 105.55
C ASN YA 30 37.48 -39.30 104.92
N LEU YA 31 37.68 -39.23 103.60
CA LEU YA 31 38.57 -40.19 102.94
C LEU YA 31 40.01 -40.01 103.39
N PHE YA 32 40.44 -38.77 103.59
CA PHE YA 32 41.82 -38.52 103.97
C PHE YA 32 42.12 -38.89 105.41
N LYS YA 33 41.09 -39.04 106.24
CA LYS YA 33 41.31 -39.55 107.59
C LYS YA 33 41.54 -41.06 107.57
N SER YA 34 40.92 -41.77 106.62
CA SER YA 34 41.12 -43.22 106.55
C SER YA 34 42.51 -43.54 105.99
N LEU YA 35 42.94 -42.83 104.95
CA LEU YA 35 44.25 -43.11 104.36
C LEU YA 35 45.37 -42.88 105.36
N ARG YA 36 45.27 -41.81 106.14
CA ARG YA 36 46.28 -41.47 107.14
C ARG YA 36 45.95 -42.13 108.49
N GLY YA 37 45.81 -43.44 108.44
CA GLY YA 37 45.46 -44.21 109.63
C GLY YA 37 46.09 -45.58 109.59
N THR YA 38 46.18 -46.19 110.76
CA THR YA 38 46.78 -47.51 110.92
C THR YA 38 45.89 -48.36 111.82
N GLY YA 39 45.96 -49.67 111.63
CA GLY YA 39 45.16 -50.57 112.42
C GLY YA 39 45.17 -51.95 111.82
N GLY YA 40 44.41 -52.84 112.45
CA GLY YA 40 44.31 -54.20 111.96
C GLY YA 40 43.57 -54.28 110.64
N SER YA 41 43.90 -55.31 109.86
CA SER YA 41 43.29 -55.52 108.56
C SER YA 41 43.28 -57.00 108.25
N GLY YA 42 42.39 -57.39 107.34
CA GLY YA 42 42.26 -58.77 106.92
C GLY YA 42 43.21 -59.13 105.79
N SER YA 43 43.06 -60.35 105.30
CA SER YA 43 43.87 -60.86 104.21
C SER YA 43 43.23 -60.65 102.84
N SER YA 44 42.11 -59.94 102.77
CA SER YA 44 41.40 -59.72 101.53
C SER YA 44 41.78 -58.38 100.92
N MET YA 45 41.05 -57.97 99.90
CA MET YA 45 41.26 -56.68 99.26
C MET YA 45 40.92 -55.55 100.21
N GLU YA 46 41.66 -54.46 100.12
CA GLU YA 46 41.47 -53.29 100.98
C GLU YA 46 40.77 -52.18 100.19
N ILE YA 47 39.69 -51.65 100.76
CA ILE YA 47 38.90 -50.60 100.13
C ILE YA 47 38.84 -49.40 101.06
N TYR YA 48 39.07 -48.22 100.52
CA TYR YA 48 38.97 -46.96 101.24
C TYR YA 48 37.82 -46.15 100.64
N GLU YA 49 36.86 -45.76 101.48
CA GLU YA 49 35.72 -44.96 101.06
C GLU YA 49 35.54 -43.81 102.04
N GLY YA 50 34.71 -42.86 101.64
CA GLY YA 50 34.40 -41.71 102.47
C GLY YA 50 32.94 -41.64 102.86
N LYS YA 51 32.68 -41.54 104.16
CA LYS YA 51 31.32 -41.36 104.64
C LYS YA 51 30.87 -39.92 104.44
N LEU YA 52 29.58 -39.70 104.63
CA LEU YA 52 28.96 -38.38 104.47
C LEU YA 52 28.49 -37.82 105.81
N THR YA 53 29.26 -38.06 106.87
CA THR YA 53 29.02 -37.47 108.18
C THR YA 53 29.96 -36.29 108.34
N ALA YA 54 29.39 -35.11 108.61
CA ALA YA 54 30.15 -33.87 108.66
C ALA YA 54 30.51 -33.45 110.08
N GLU YA 55 30.34 -34.33 111.06
CA GLU YA 55 30.59 -33.97 112.45
C GLU YA 55 32.08 -33.90 112.73
N GLY YA 56 32.52 -32.80 113.33
CA GLY YA 56 33.89 -32.64 113.73
C GLY YA 56 34.83 -32.05 112.70
N LEU YA 57 34.36 -31.79 111.49
CA LEU YA 57 35.18 -31.25 110.42
C LEU YA 57 35.07 -29.73 110.36
N ARG YA 58 36.09 -29.11 109.75
CA ARG YA 58 36.18 -27.66 109.62
C ARG YA 58 36.43 -27.30 108.16
N PHE YA 59 35.64 -26.38 107.63
CA PHE YA 59 35.61 -26.08 106.22
C PHE YA 59 36.00 -24.63 105.95
N GLY YA 60 36.31 -24.35 104.69
CA GLY YA 60 36.56 -23.00 104.21
C GLY YA 60 35.90 -22.75 102.87
N ILE YA 61 35.29 -21.57 102.72
CA ILE YA 61 34.59 -21.18 101.50
C ILE YA 61 35.20 -19.89 100.98
N VAL YA 62 35.39 -19.82 99.67
CA VAL YA 62 35.89 -18.63 98.99
C VAL YA 62 34.94 -18.32 97.86
N ALA YA 63 34.28 -17.16 97.93
CA ALA YA 63 33.23 -16.79 96.99
C ALA YA 63 33.51 -15.42 96.40
N SER YA 64 33.21 -15.26 95.12
CA SER YA 64 33.38 -13.99 94.44
C SER YA 64 32.07 -13.21 94.44
N ARG YA 65 32.17 -11.92 94.13
CA ARG YA 65 31.01 -11.03 94.15
C ARG YA 65 30.36 -10.85 92.79
N PHE YA 66 31.02 -11.26 91.71
CA PHE YA 66 30.50 -11.05 90.37
C PHE YA 66 29.08 -11.55 90.21
N ASN YA 67 28.37 -11.04 89.21
CA ASN YA 67 26.99 -11.40 88.94
C ASN YA 67 26.07 -11.07 90.10
N HIS YA 68 26.48 -10.17 90.99
CA HIS YA 68 25.58 -9.59 91.97
C HIS YA 68 25.10 -10.63 92.99
N ALA YA 69 23.88 -11.14 92.81
CA ALA YA 69 23.23 -11.94 93.85
C ALA YA 69 23.25 -13.43 93.58
N LEU YA 70 23.69 -13.88 92.40
CA LEU YA 70 23.64 -15.31 92.09
C LEU YA 70 24.58 -16.09 93.01
N VAL YA 71 25.70 -15.50 93.39
CA VAL YA 71 26.64 -16.18 94.28
C VAL YA 71 26.02 -16.39 95.66
N ASP YA 72 25.23 -15.41 96.12
CA ASP YA 72 24.57 -15.55 97.42
C ASP YA 72 23.68 -16.79 97.44
N ARG YA 73 23.06 -17.12 96.30
CA ARG YA 73 22.30 -18.35 96.21
C ARG YA 73 23.19 -19.58 96.36
N LEU YA 74 24.37 -19.54 95.74
CA LEU YA 74 25.28 -20.67 95.83
C LEU YA 74 25.87 -20.82 97.22
N VAL YA 75 26.23 -19.71 97.86
CA VAL YA 75 26.79 -19.79 99.22
C VAL YA 75 25.75 -20.30 100.19
N GLU YA 76 24.48 -19.95 99.98
CA GLU YA 76 23.41 -20.44 100.86
C GLU YA 76 23.30 -21.96 100.77
N GLY YA 77 23.39 -22.50 99.55
CA GLY YA 77 23.33 -23.94 99.40
C GLY YA 77 24.48 -24.67 100.06
N ALA YA 78 25.67 -24.08 100.02
CA ALA YA 78 26.84 -24.72 100.62
C ALA YA 78 26.66 -24.90 102.13
N ILE YA 79 26.21 -23.86 102.81
CA ILE YA 79 26.08 -23.93 104.26
C ILE YA 79 24.96 -24.90 104.64
N ASP YA 80 23.89 -24.92 103.85
CA ASP YA 80 22.79 -25.84 104.13
C ASP YA 80 23.26 -27.28 104.11
N CYS YA 81 24.16 -27.62 103.18
CA CYS YA 81 24.69 -28.99 103.11
C CYS YA 81 25.47 -29.33 104.37
N ILE YA 82 26.30 -28.40 104.86
CA ILE YA 82 27.17 -28.71 105.98
C ILE YA 82 26.36 -28.85 107.28
N VAL YA 83 25.37 -27.97 107.47
CA VAL YA 83 24.61 -28.00 108.72
C VAL YA 83 23.72 -29.23 108.78
N ARG YA 84 23.09 -29.60 107.66
CA ARG YA 84 22.14 -30.69 107.67
C ARG YA 84 22.80 -32.07 107.68
N HIS YA 85 24.09 -32.16 107.35
CA HIS YA 85 24.81 -33.41 107.42
C HIS YA 85 25.54 -33.60 108.75
N GLY YA 86 25.35 -32.70 109.71
CA GLY YA 86 25.89 -32.85 111.04
C GLY YA 86 26.92 -31.81 111.44
N GLY YA 87 27.31 -30.91 110.55
CA GLY YA 87 28.32 -29.93 110.89
C GLY YA 87 27.76 -28.76 111.68
N ARG YA 88 28.69 -27.96 112.20
CA ARG YA 88 28.37 -26.80 113.02
C ARG YA 88 28.77 -25.53 112.28
N GLU YA 89 27.92 -24.51 112.34
CA GLU YA 89 28.17 -23.26 111.63
C GLU YA 89 29.29 -22.44 112.24
N GLU YA 90 29.74 -22.77 113.44
CA GLU YA 90 30.90 -22.13 114.03
C GLU YA 90 32.21 -22.60 113.42
N ASP YA 91 32.19 -23.64 112.57
CA ASP YA 91 33.39 -24.23 112.01
C ASP YA 91 33.59 -23.88 110.54
N ILE YA 92 32.87 -22.89 110.02
CA ILE YA 92 33.00 -22.44 108.64
C ILE YA 92 33.72 -21.09 108.65
N THR YA 93 34.53 -20.86 107.63
CA THR YA 93 35.22 -19.58 107.42
C THR YA 93 34.92 -19.08 106.02
N LEU YA 94 34.40 -17.86 105.92
CA LEU YA 94 33.99 -17.28 104.66
C LEU YA 94 34.94 -16.16 104.27
N VAL YA 95 35.45 -16.22 103.05
CA VAL YA 95 36.32 -15.20 102.47
C VAL YA 95 35.70 -14.74 101.17
N ARG YA 96 35.62 -13.43 100.96
CA ARG YA 96 34.99 -12.85 99.78
C ARG YA 96 36.02 -12.08 98.97
N VAL YA 97 36.03 -12.31 97.65
CA VAL YA 97 37.00 -11.70 96.76
C VAL YA 97 36.27 -10.93 95.66
N PRO YA 98 36.92 -9.97 94.99
CA PRO YA 98 36.18 -9.13 94.04
C PRO YA 98 35.73 -9.87 92.79
N GLY YA 99 36.60 -10.70 92.18
CA GLY YA 99 36.26 -11.36 90.94
C GLY YA 99 36.79 -12.77 90.89
N SER YA 100 36.51 -13.45 89.78
CA SER YA 100 36.94 -14.82 89.62
C SER YA 100 38.46 -14.92 89.51
N TRP YA 101 39.09 -13.92 88.92
CA TRP YA 101 40.54 -13.94 88.76
C TRP YA 101 41.27 -14.00 90.11
N GLU YA 102 40.61 -13.60 91.19
CA GLU YA 102 41.24 -13.52 92.50
C GLU YA 102 41.02 -14.75 93.37
N ILE YA 103 40.28 -15.74 92.90
CA ILE YA 103 39.94 -16.91 93.73
C ILE YA 103 41.19 -17.72 94.07
N PRO YA 104 42.06 -18.06 93.11
CA PRO YA 104 43.20 -18.93 93.46
C PRO YA 104 44.13 -18.38 94.53
N VAL YA 105 44.42 -17.09 94.51
CA VAL YA 105 45.36 -16.55 95.49
C VAL YA 105 44.74 -16.53 96.88
N ALA YA 106 43.45 -16.23 96.96
CA ALA YA 106 42.77 -16.26 98.26
C ALA YA 106 42.65 -17.68 98.78
N ALA YA 107 42.43 -18.65 97.89
CA ALA YA 107 42.31 -20.04 98.31
C ALA YA 107 43.62 -20.55 98.89
N GLY YA 108 44.74 -20.17 98.30
CA GLY YA 108 46.02 -20.64 98.80
C GLY YA 108 46.29 -20.20 100.23
N GLU YA 109 45.95 -18.96 100.56
CA GLU YA 109 46.13 -18.49 101.92
C GLU YA 109 45.26 -19.27 102.89
N LEU YA 110 44.02 -19.57 102.50
CA LEU YA 110 43.07 -20.25 103.37
C LEU YA 110 43.38 -21.74 103.52
N ALA YA 111 44.10 -22.33 102.57
CA ALA YA 111 44.43 -23.75 102.61
C ALA YA 111 45.79 -24.03 103.22
N ARG YA 112 46.47 -23.02 103.73
CA ARG YA 112 47.80 -23.19 104.32
C ARG YA 112 47.77 -23.18 105.84
N LYS YA 113 46.58 -23.17 106.45
CA LYS YA 113 46.45 -23.20 107.90
C LYS YA 113 45.93 -24.55 108.34
N GLU YA 114 46.47 -25.05 109.45
CA GLU YA 114 46.25 -26.43 109.85
C GLU YA 114 44.84 -26.71 110.34
N ASP YA 115 44.08 -25.67 110.69
CA ASP YA 115 42.73 -25.88 111.20
C ASP YA 115 41.74 -26.23 110.10
N ILE YA 116 42.04 -25.91 108.85
CA ILE YA 116 41.12 -26.16 107.74
C ILE YA 116 41.35 -27.56 107.20
N ASP YA 117 40.27 -28.25 106.88
CA ASP YA 117 40.32 -29.61 106.34
C ASP YA 117 40.03 -29.66 104.85
N ALA YA 118 39.15 -28.81 104.34
CA ALA YA 118 38.88 -28.74 102.91
C ALA YA 118 38.40 -27.34 102.56
N VAL YA 119 38.57 -26.98 101.28
CA VAL YA 119 38.24 -25.65 100.78
C VAL YA 119 37.28 -25.79 99.62
N ILE YA 120 36.30 -24.88 99.54
CA ILE YA 120 35.29 -24.88 98.49
C ILE YA 120 35.35 -23.55 97.77
N ALA YA 121 35.38 -23.60 96.44
CA ALA YA 121 35.48 -22.42 95.59
C ALA YA 121 34.20 -22.24 94.81
N ILE YA 122 33.62 -21.04 94.88
CA ILE YA 122 32.34 -20.72 94.26
C ILE YA 122 32.47 -19.42 93.49
N GLY YA 123 31.84 -19.35 92.32
CA GLY YA 123 31.88 -18.12 91.54
C GLY YA 123 31.09 -18.28 90.27
N VAL YA 124 30.99 -17.16 89.54
CA VAL YA 124 30.27 -17.09 88.28
C VAL YA 124 31.20 -16.48 87.24
N LEU YA 125 31.24 -17.09 86.06
CA LEU YA 125 32.07 -16.62 84.95
C LEU YA 125 31.19 -16.06 83.84
N ILE YA 126 31.77 -15.18 83.05
CA ILE YA 126 31.07 -14.51 81.95
C ILE YA 126 31.45 -15.19 80.64
N ARG YA 127 30.54 -15.15 79.68
CA ARG YA 127 30.70 -15.79 78.38
C ARG YA 127 30.48 -14.78 77.26
N GLY YA 128 31.14 -13.63 77.37
CA GLY YA 128 30.97 -12.57 76.39
C GLY YA 128 31.65 -12.80 75.06
N ALA YA 129 32.27 -13.96 74.86
CA ALA YA 129 32.93 -14.28 73.60
C ALA YA 129 34.01 -13.26 73.26
N THR YA 130 34.82 -12.92 74.27
CA THR YA 130 35.91 -11.97 74.13
C THR YA 130 37.19 -12.58 74.67
N PRO YA 131 38.35 -12.23 74.10
CA PRO YA 131 39.61 -12.73 74.68
C PRO YA 131 39.81 -12.34 76.14
N HIS YA 132 39.22 -11.22 76.57
CA HIS YA 132 39.38 -10.80 77.96
C HIS YA 132 38.83 -11.84 78.92
N PHE YA 133 37.67 -12.42 78.61
CA PHE YA 133 37.06 -13.43 79.47
C PHE YA 133 37.55 -14.84 79.18
N ASP YA 134 37.91 -15.15 77.93
CA ASP YA 134 38.33 -16.51 77.59
C ASP YA 134 39.63 -16.87 78.30
N TYR YA 135 40.55 -15.91 78.42
CA TYR YA 135 41.81 -16.17 79.09
C TYR YA 135 41.64 -16.26 80.60
N ILE YA 136 40.80 -15.39 81.17
CA ILE YA 136 40.57 -15.43 82.61
C ILE YA 136 39.96 -16.77 83.02
N ALA YA 137 39.09 -17.33 82.18
CA ALA YA 137 38.42 -18.56 82.54
C ALA YA 137 39.40 -19.71 82.72
N SER YA 138 40.38 -19.81 81.82
CA SER YA 138 41.31 -20.95 81.87
C SER YA 138 42.17 -20.90 83.12
N GLU YA 139 42.60 -19.70 83.53
CA GLU YA 139 43.56 -19.60 84.62
C GLU YA 139 42.94 -19.95 85.97
N VAL YA 140 41.63 -19.72 86.13
CA VAL YA 140 40.99 -20.05 87.39
C VAL YA 140 41.07 -21.55 87.66
N SER YA 141 40.83 -22.36 86.64
CA SER YA 141 40.84 -23.81 86.81
C SER YA 141 42.25 -24.34 87.06
N LYS YA 142 43.23 -23.83 86.33
CA LYS YA 142 44.59 -24.36 86.44
C LYS YA 142 45.19 -24.05 87.81
N GLY YA 143 44.90 -22.87 88.35
CA GLY YA 143 45.49 -22.52 89.64
C GLY YA 143 44.96 -23.39 90.77
N LEU YA 144 43.65 -23.61 90.80
CA LEU YA 144 43.09 -24.45 91.86
C LEU YA 144 43.54 -25.90 91.73
N ALA YA 145 43.77 -26.36 90.51
CA ALA YA 145 44.25 -27.73 90.32
C ALA YA 145 45.66 -27.91 90.85
N ASN YA 146 46.56 -26.97 90.52
CA ASN YA 146 47.94 -27.06 91.00
C ASN YA 146 48.01 -26.93 92.51
N LEU YA 147 47.20 -26.05 93.09
CA LEU YA 147 47.30 -25.77 94.51
C LEU YA 147 46.94 -26.98 95.36
N SER YA 148 46.00 -27.80 94.89
CA SER YA 148 45.63 -29.00 95.65
C SER YA 148 46.73 -30.04 95.61
N LEU YA 149 47.50 -30.11 94.53
CA LEU YA 149 48.60 -31.05 94.44
C LEU YA 149 49.81 -30.57 95.23
N GLU YA 150 50.07 -29.26 95.24
CA GLU YA 150 51.21 -28.73 95.98
C GLU YA 150 51.03 -28.93 97.47
N LEU YA 151 49.85 -28.62 98.00
CA LEU YA 151 49.60 -28.64 99.44
C LEU YA 151 48.99 -29.95 99.94
N ARG YA 152 48.59 -30.84 99.03
CA ARG YA 152 48.01 -32.13 99.42
C ARG YA 152 46.76 -31.94 100.29
N LYS YA 153 45.85 -31.07 99.82
CA LYS YA 153 44.59 -30.81 100.48
C LYS YA 153 43.49 -30.76 99.43
N PRO YA 154 42.30 -31.30 99.72
CA PRO YA 154 41.24 -31.29 98.71
C PRO YA 154 40.60 -29.91 98.54
N ILE YA 155 40.49 -29.48 97.28
CA ILE YA 155 39.85 -28.22 96.91
C ILE YA 155 38.83 -28.54 95.83
N THR YA 156 37.60 -28.08 96.02
CA THR YA 156 36.48 -28.44 95.16
C THR YA 156 36.09 -27.27 94.26
N PHE YA 157 35.62 -27.61 93.06
CA PHE YA 157 35.35 -26.66 92.00
C PHE YA 157 33.85 -26.45 91.89
N GLY YA 158 33.39 -25.23 92.13
CA GLY YA 158 31.99 -24.90 92.06
C GLY YA 158 31.69 -23.65 91.25
N VAL YA 159 32.43 -23.44 90.18
CA VAL YA 159 32.29 -22.24 89.34
C VAL YA 159 31.37 -22.57 88.18
N ILE YA 160 30.35 -21.74 87.98
CA ILE YA 160 29.40 -21.90 86.90
C ILE YA 160 29.59 -20.77 85.90
N THR YA 161 28.85 -20.83 84.80
CA THR YA 161 28.89 -19.82 83.76
C THR YA 161 27.53 -19.13 83.66
N ALA YA 162 27.56 -17.84 83.38
CA ALA YA 162 26.34 -17.04 83.21
C ALA YA 162 25.47 -17.10 84.46
N GLY ZA 15 37.19 -54.58 73.74
CA GLY ZA 15 37.41 -54.68 75.16
C GLY ZA 15 37.05 -53.40 75.90
N ASN ZA 16 37.60 -53.23 77.09
CA ASN ZA 16 37.35 -52.07 77.92
C ASN ZA 16 38.66 -51.51 78.43
N LYS ZA 17 38.69 -50.19 78.63
CA LYS ZA 17 39.90 -49.52 79.06
C LYS ZA 17 40.37 -49.98 80.43
N GLY ZA 18 39.50 -50.61 81.21
CA GLY ZA 18 39.95 -51.19 82.46
C GLY ZA 18 40.97 -52.29 82.26
N TRP ZA 19 40.73 -53.15 81.28
CA TRP ZA 19 41.69 -54.21 80.96
C TRP ZA 19 42.97 -53.64 80.37
N GLU ZA 20 42.85 -52.67 79.47
CA GLU ZA 20 44.02 -52.09 78.84
C GLU ZA 20 44.89 -51.35 79.84
N ALA ZA 21 44.28 -50.62 80.76
CA ALA ZA 21 45.04 -49.85 81.73
C ALA ZA 21 45.78 -50.74 82.71
N ALA ZA 22 45.26 -51.92 83.00
CA ALA ZA 22 45.96 -52.84 83.89
C ALA ZA 22 47.10 -53.55 83.18
N LEU ZA 23 46.96 -53.82 81.89
CA LEU ZA 23 48.08 -54.41 81.13
C LEU ZA 23 49.27 -53.47 81.09
N SER ZA 24 49.04 -52.19 80.82
CA SER ZA 24 50.15 -51.24 80.79
C SER ZA 24 50.84 -51.14 82.13
N ALA ZA 25 50.07 -51.12 83.21
CA ALA ZA 25 50.66 -51.04 84.54
C ALA ZA 25 51.53 -52.25 84.86
N ILE ZA 26 51.09 -53.44 84.45
CA ILE ZA 26 51.86 -54.63 84.75
C ILE ZA 26 53.19 -54.60 84.03
N GLU ZA 27 53.21 -54.11 82.79
CA GLU ZA 27 54.44 -54.12 82.00
C GLU ZA 27 55.42 -53.07 82.49
N MET ZA 28 54.93 -51.87 82.84
CA MET ZA 28 55.84 -50.84 83.36
C MET ZA 28 56.40 -51.20 84.72
N ALA ZA 29 55.63 -51.90 85.55
CA ALA ZA 29 56.15 -52.31 86.85
C ALA ZA 29 57.31 -53.28 86.70
N ASN ZA 30 57.26 -54.14 85.68
CA ASN ZA 30 58.36 -55.06 85.44
C ASN ZA 30 59.55 -54.37 84.79
N LEU ZA 31 59.29 -53.38 83.94
CA LEU ZA 31 60.38 -52.65 83.28
C LEU ZA 31 61.23 -51.89 84.28
N PHE ZA 32 60.60 -51.30 85.31
CA PHE ZA 32 61.35 -50.52 86.27
C PHE ZA 32 62.16 -51.37 87.23
N LYS ZA 33 61.87 -52.66 87.34
CA LYS ZA 33 62.70 -53.53 88.16
C LYS ZA 33 64.03 -53.84 87.47
N SER ZA 34 63.97 -54.14 86.17
CA SER ZA 34 65.20 -54.47 85.45
C SER ZA 34 66.02 -53.22 85.16
N LEU ZA 35 65.37 -52.09 84.92
CA LEU ZA 35 66.07 -50.85 84.63
C LEU ZA 35 66.81 -50.30 85.84
N ARG ZA 36 66.37 -50.64 87.04
CA ARG ZA 36 67.01 -50.21 88.28
C ARG ZA 36 67.96 -51.25 88.85
N GLY ZA 37 68.17 -52.37 88.17
CA GLY ZA 37 69.09 -53.39 88.59
C GLY ZA 37 70.44 -53.26 87.92
N THR ZA 38 71.21 -54.34 87.98
CA THR ZA 38 72.52 -54.35 87.35
C THR ZA 38 72.39 -54.33 85.82
N GLY ZA 39 73.26 -53.58 85.17
CA GLY ZA 39 73.23 -53.49 83.73
C GLY ZA 39 73.92 -54.67 83.06
N GLY ZA 40 73.82 -54.68 81.74
CA GLY ZA 40 74.44 -55.75 80.97
C GLY ZA 40 75.96 -55.67 81.01
N SER ZA 41 76.60 -56.84 80.91
CA SER ZA 41 78.05 -56.88 80.91
C SER ZA 41 78.65 -56.15 79.73
N GLY ZA 42 78.06 -56.34 78.54
CA GLY ZA 42 78.52 -55.72 77.33
C GLY ZA 42 78.49 -56.71 76.18
N SER ZA 43 79.22 -56.39 75.12
CA SER ZA 43 79.39 -57.21 73.93
C SER ZA 43 78.18 -57.14 73.01
N SER ZA 44 77.17 -56.33 73.31
CA SER ZA 44 76.02 -56.18 72.43
C SER ZA 44 75.19 -55.00 72.92
N MET ZA 45 74.26 -54.58 72.09
CA MET ZA 45 73.31 -53.54 72.48
C MET ZA 45 72.39 -54.05 73.58
N GLU ZA 46 72.10 -53.19 74.54
CA GLU ZA 46 71.27 -53.55 75.67
C GLU ZA 46 69.82 -53.18 75.40
N ILE ZA 47 68.92 -54.15 75.57
CA ILE ZA 47 67.50 -53.95 75.35
C ILE ZA 47 66.76 -54.28 76.64
N TYR ZA 48 65.88 -53.38 77.07
CA TYR ZA 48 65.06 -53.56 78.25
C TYR ZA 48 63.60 -53.69 77.84
N GLU ZA 49 62.93 -54.73 78.32
CA GLU ZA 49 61.54 -54.98 78.01
C GLU ZA 49 60.83 -55.46 79.26
N GLY ZA 50 59.51 -55.35 79.26
CA GLY ZA 50 58.69 -55.76 80.39
C GLY ZA 50 57.90 -57.02 80.07
N LYS ZA 51 57.99 -57.99 80.97
CA LYS ZA 51 57.22 -59.22 80.86
C LYS ZA 51 55.80 -59.01 81.39
N LEU ZA 52 54.90 -59.87 80.93
CA LEU ZA 52 53.51 -59.82 81.37
C LEU ZA 52 53.25 -60.88 82.44
N THR ZA 53 53.96 -60.73 83.56
CA THR ZA 53 53.77 -61.57 84.74
C THR ZA 53 53.63 -60.67 85.95
N ALA ZA 54 52.64 -60.95 86.79
CA ALA ZA 54 52.27 -60.09 87.90
C ALA ZA 54 52.38 -60.82 89.23
N GLU ZA 55 53.45 -61.57 89.42
CA GLU ZA 55 53.67 -62.36 90.63
C GLU ZA 55 54.60 -61.58 91.54
N GLY ZA 56 54.08 -61.10 92.66
CA GLY ZA 56 54.87 -60.36 93.63
C GLY ZA 56 54.81 -58.85 93.54
N LEU ZA 57 53.85 -58.31 92.79
CA LEU ZA 57 53.73 -56.86 92.60
C LEU ZA 57 52.46 -56.34 93.27
N ARG ZA 58 52.54 -55.12 93.77
CA ARG ZA 58 51.42 -54.45 94.41
C ARG ZA 58 50.87 -53.36 93.49
N PHE ZA 59 49.56 -53.13 93.57
CA PHE ZA 59 48.89 -52.18 92.70
C PHE ZA 59 47.90 -51.34 93.52
N GLY ZA 60 47.65 -50.14 93.02
CA GLY ZA 60 46.59 -49.30 93.54
C GLY ZA 60 45.70 -48.82 92.42
N ILE ZA 61 44.41 -48.65 92.75
CA ILE ZA 61 43.40 -48.24 91.79
C ILE ZA 61 42.63 -47.07 92.36
N VAL ZA 62 42.44 -46.03 91.56
CA VAL ZA 62 41.62 -44.87 91.90
C VAL ZA 62 40.52 -44.77 90.86
N ALA ZA 63 39.27 -44.88 91.31
CA ALA ZA 63 38.11 -44.88 90.43
C ALA ZA 63 37.07 -43.92 90.97
N SER ZA 64 36.51 -43.10 90.08
CA SER ZA 64 35.47 -42.17 90.46
C SER ZA 64 34.12 -42.88 90.56
N ARG ZA 65 33.07 -42.12 90.83
CA ARG ZA 65 31.75 -42.66 91.08
C ARG ZA 65 30.71 -42.26 90.06
N PHE ZA 66 30.83 -41.10 89.44
CA PHE ZA 66 29.83 -40.66 88.48
C PHE ZA 66 29.66 -41.71 87.40
N ASN ZA 67 28.47 -41.73 86.81
CA ASN ZA 67 28.08 -42.78 85.87
C ASN ZA 67 28.20 -44.14 86.54
N HIS ZA 68 27.34 -44.29 87.56
CA HIS ZA 68 27.34 -45.45 88.46
C HIS ZA 68 27.63 -46.77 87.77
N ALA ZA 69 26.93 -47.04 86.66
CA ALA ZA 69 27.02 -48.35 86.03
C ALA ZA 69 28.35 -48.56 85.33
N LEU ZA 70 28.82 -47.57 84.57
CA LEU ZA 70 29.99 -47.77 83.73
C LEU ZA 70 31.24 -48.08 84.56
N VAL ZA 71 31.53 -47.24 85.56
CA VAL ZA 71 32.82 -47.35 86.23
C VAL ZA 71 32.95 -48.68 86.95
N ASP ZA 72 31.83 -49.26 87.37
CA ASP ZA 72 31.90 -50.56 88.04
C ASP ZA 72 32.37 -51.65 87.09
N ARG ZA 73 32.00 -51.56 85.81
CA ARG ZA 73 32.49 -52.53 84.84
C ARG ZA 73 33.98 -52.37 84.59
N LEU ZA 74 34.47 -51.13 84.56
CA LEU ZA 74 35.90 -50.90 84.34
C LEU ZA 74 36.73 -51.44 85.50
N VAL ZA 75 36.27 -51.27 86.73
CA VAL ZA 75 37.04 -51.73 87.88
C VAL ZA 75 37.11 -53.25 87.90
N GLU ZA 76 36.02 -53.93 87.52
CA GLU ZA 76 36.05 -55.38 87.46
C GLU ZA 76 37.03 -55.87 86.40
N GLY ZA 77 37.10 -55.18 85.27
CA GLY ZA 77 38.07 -55.56 84.25
C GLY ZA 77 39.51 -55.48 84.75
N ALA ZA 78 39.84 -54.41 85.48
CA ALA ZA 78 41.20 -54.24 85.95
C ALA ZA 78 41.60 -55.33 86.94
N ILE ZA 79 40.70 -55.70 87.85
CA ILE ZA 79 41.01 -56.73 88.84
C ILE ZA 79 41.14 -58.08 88.16
N ASP ZA 80 40.31 -58.36 87.16
CA ASP ZA 80 40.38 -59.64 86.46
C ASP ZA 80 41.72 -59.79 85.75
N CYS ZA 81 42.23 -58.71 85.15
CA CYS ZA 81 43.50 -58.78 84.46
C CYS ZA 81 44.63 -59.15 85.42
N ILE ZA 82 44.67 -58.53 86.59
CA ILE ZA 82 45.78 -58.76 87.51
C ILE ZA 82 45.75 -60.19 88.05
N VAL ZA 83 44.58 -60.66 88.43
CA VAL ZA 83 44.47 -61.97 89.08
C VAL ZA 83 44.81 -63.08 88.10
N ARG ZA 84 44.40 -62.93 86.84
CA ARG ZA 84 44.64 -63.97 85.85
C ARG ZA 84 46.06 -63.97 85.30
N HIS ZA 85 46.88 -62.98 85.64
CA HIS ZA 85 48.28 -62.96 85.25
C HIS ZA 85 49.21 -63.41 86.37
N GLY ZA 86 48.66 -63.81 87.52
CA GLY ZA 86 49.45 -64.31 88.63
C GLY ZA 86 49.40 -63.45 89.87
N GLY ZA 87 48.72 -62.32 89.84
CA GLY ZA 87 48.64 -61.48 91.01
C GLY ZA 87 47.70 -62.03 92.07
N ARG ZA 88 47.80 -61.44 93.26
CA ARG ZA 88 46.97 -61.80 94.39
C ARG ZA 88 46.00 -60.67 94.71
N GLU ZA 89 44.76 -61.03 94.98
CA GLU ZA 89 43.76 -60.03 95.32
C GLU ZA 89 44.08 -59.33 96.63
N GLU ZA 90 44.95 -59.92 97.46
CA GLU ZA 90 45.35 -59.30 98.71
C GLU ZA 90 46.34 -58.16 98.50
N ASP ZA 91 46.92 -58.04 97.30
CA ASP ZA 91 47.90 -57.02 96.99
C ASP ZA 91 47.33 -55.94 96.07
N ILE ZA 92 46.06 -55.60 96.26
CA ILE ZA 92 45.41 -54.53 95.52
C ILE ZA 92 44.75 -53.58 96.52
N THR ZA 93 44.93 -52.28 96.29
CA THR ZA 93 44.30 -51.24 97.08
C THR ZA 93 43.34 -50.46 96.19
N LEU ZA 94 42.13 -50.19 96.70
CA LEU ZA 94 41.10 -49.51 95.94
C LEU ZA 94 40.63 -48.28 96.72
N VAL ZA 95 40.58 -47.14 96.02
CA VAL ZA 95 40.14 -45.87 96.60
C VAL ZA 95 39.05 -45.29 95.70
N ARG ZA 96 37.93 -44.91 96.31
CA ARG ZA 96 36.81 -44.32 95.59
C ARG ZA 96 36.76 -42.82 95.86
N VAL ZA 97 36.42 -42.04 94.83
CA VAL ZA 97 36.32 -40.59 94.94
C VAL ZA 97 35.02 -40.14 94.30
N PRO ZA 98 34.53 -38.95 94.66
CA PRO ZA 98 33.23 -38.51 94.12
C PRO ZA 98 33.21 -38.33 92.62
N GLY ZA 99 34.16 -37.60 92.06
CA GLY ZA 99 34.16 -37.28 90.65
C GLY ZA 99 35.53 -37.29 90.00
N SER ZA 100 35.59 -36.89 88.74
CA SER ZA 100 36.85 -36.89 88.02
C SER ZA 100 37.79 -35.81 88.55
N TRP ZA 101 37.24 -34.68 89.00
CA TRP ZA 101 38.08 -33.60 89.51
C TRP ZA 101 38.94 -34.07 90.67
N GLU ZA 102 38.51 -35.06 91.42
CA GLU ZA 102 39.21 -35.50 92.62
C GLU ZA 102 40.23 -36.60 92.35
N ILE ZA 103 40.31 -37.14 91.14
CA ILE ZA 103 41.22 -38.26 90.89
C ILE ZA 103 42.67 -37.88 91.13
N PRO ZA 104 43.20 -36.78 90.57
CA PRO ZA 104 44.64 -36.51 90.73
C PRO ZA 104 45.09 -36.37 92.17
N VAL ZA 105 44.28 -35.77 93.04
CA VAL ZA 105 44.72 -35.54 94.41
C VAL ZA 105 44.84 -36.86 95.16
N ALA ZA 106 43.89 -37.78 94.95
CA ALA ZA 106 43.96 -39.07 95.60
C ALA ZA 106 45.11 -39.91 95.06
N ALA ZA 107 45.40 -39.81 93.76
CA ALA ZA 107 46.49 -40.57 93.18
C ALA ZA 107 47.83 -40.19 93.81
N GLY ZA 108 47.98 -38.94 94.22
CA GLY ZA 108 49.22 -38.53 94.87
C GLY ZA 108 49.48 -39.27 96.16
N GLU ZA 109 48.43 -39.47 96.97
CA GLU ZA 109 48.59 -40.15 98.24
C GLU ZA 109 49.02 -41.60 98.04
N LEU ZA 110 48.40 -42.30 97.08
CA LEU ZA 110 48.76 -43.70 96.83
C LEU ZA 110 50.18 -43.80 96.29
N ALA ZA 111 50.57 -42.90 95.39
CA ALA ZA 111 51.87 -42.98 94.76
C ALA ZA 111 53.02 -42.73 95.74
N ARG ZA 112 52.75 -42.04 96.85
CA ARG ZA 112 53.79 -41.72 97.82
C ARG ZA 112 54.02 -42.84 98.82
N LYS ZA 113 53.25 -43.91 98.77
CA LYS ZA 113 53.52 -45.07 99.61
C LYS ZA 113 54.65 -45.90 99.02
N GLU ZA 114 55.39 -46.58 99.91
CA GLU ZA 114 56.57 -47.33 99.52
C GLU ZA 114 56.28 -48.80 99.22
N ASP ZA 115 55.01 -49.22 99.27
CA ASP ZA 115 54.63 -50.60 98.97
C ASP ZA 115 53.71 -50.69 97.77
N ILE ZA 116 53.74 -49.70 96.88
CA ILE ZA 116 52.94 -49.71 95.66
C ILE ZA 116 53.86 -49.52 94.48
N ASP ZA 117 53.70 -50.35 93.45
CA ASP ZA 117 54.55 -50.34 92.28
C ASP ZA 117 53.97 -49.56 91.11
N ALA ZA 118 52.65 -49.46 91.00
CA ALA ZA 118 52.02 -48.68 89.95
C ALA ZA 118 50.60 -48.33 90.36
N VAL ZA 119 50.04 -47.34 89.70
CA VAL ZA 119 48.71 -46.82 90.00
C VAL ZA 119 47.91 -46.78 88.71
N ILE ZA 120 46.63 -47.14 88.80
CA ILE ZA 120 45.70 -47.15 87.68
C ILE ZA 120 44.56 -46.18 87.99
N ALA ZA 121 44.30 -45.25 87.07
CA ALA ZA 121 43.28 -44.23 87.24
C ALA ZA 121 42.12 -44.49 86.27
N ILE ZA 122 40.91 -44.59 86.81
CA ILE ZA 122 39.71 -44.90 86.03
C ILE ZA 122 38.66 -43.84 86.32
N GLY ZA 123 37.83 -43.56 85.33
CA GLY ZA 123 36.80 -42.56 85.47
C GLY ZA 123 36.12 -42.28 84.16
N VAL ZA 124 35.04 -41.52 84.23
CA VAL ZA 124 34.23 -41.17 83.07
C VAL ZA 124 34.08 -39.65 83.04
N LEU ZA 125 34.42 -39.05 81.90
CA LEU ZA 125 34.23 -37.63 81.67
C LEU ZA 125 32.94 -37.42 80.89
N ILE ZA 126 32.14 -36.46 81.32
CA ILE ZA 126 30.80 -36.27 80.78
C ILE ZA 126 30.76 -35.03 79.90
N ARG ZA 127 31.89 -34.71 79.27
CA ARG ZA 127 31.92 -33.61 78.31
C ARG ZA 127 30.83 -33.79 77.26
N GLY ZA 128 30.38 -32.66 76.71
CA GLY ZA 128 29.32 -32.66 75.72
C GLY ZA 128 28.41 -31.47 75.83
N ALA ZA 129 28.39 -30.82 76.99
CA ALA ZA 129 27.60 -29.62 77.22
C ALA ZA 129 28.01 -29.05 78.57
N THR ZA 130 27.33 -27.99 79.00
CA THR ZA 130 27.57 -27.42 80.32
C THR ZA 130 29.05 -27.07 80.49
N PRO ZA 131 29.52 -25.94 79.94
CA PRO ZA 131 30.96 -25.63 79.95
C PRO ZA 131 31.65 -25.79 81.30
N HIS ZA 132 30.88 -25.91 82.39
CA HIS ZA 132 31.44 -26.26 83.68
C HIS ZA 132 32.31 -27.52 83.58
N PHE ZA 133 31.88 -28.49 82.77
CA PHE ZA 133 32.58 -29.77 82.63
C PHE ZA 133 33.66 -29.76 81.56
N ASP ZA 134 33.75 -28.72 80.74
CA ASP ZA 134 34.82 -28.67 79.74
C ASP ZA 134 36.16 -28.30 80.35
N TYR ZA 135 36.15 -27.55 81.45
CA TYR ZA 135 37.39 -27.21 82.14
C TYR ZA 135 37.93 -28.35 82.97
N ILE ZA 136 37.04 -29.16 83.56
CA ILE ZA 136 37.48 -30.30 84.37
C ILE ZA 136 38.23 -31.29 83.51
N ALA ZA 137 37.82 -31.47 82.26
CA ALA ZA 137 38.42 -32.49 81.40
C ALA ZA 137 39.91 -32.22 81.20
N SER ZA 138 40.28 -30.97 80.97
CA SER ZA 138 41.67 -30.66 80.66
C SER ZA 138 42.59 -30.76 81.87
N GLU ZA 139 42.06 -30.68 83.08
CA GLU ZA 139 42.89 -30.65 84.27
C GLU ZA 139 43.23 -32.02 84.81
N VAL ZA 140 42.44 -33.04 84.49
CA VAL ZA 140 42.73 -34.39 85.00
C VAL ZA 140 43.97 -34.96 84.34
N SER ZA 141 44.11 -34.78 83.03
CA SER ZA 141 45.29 -35.26 82.32
C SER ZA 141 46.55 -34.55 82.80
N LYS ZA 142 46.47 -33.23 82.97
CA LYS ZA 142 47.65 -32.47 83.39
C LYS ZA 142 48.16 -32.95 84.74
N GLY ZA 143 47.25 -33.14 85.70
CA GLY ZA 143 47.68 -33.55 87.02
C GLY ZA 143 48.32 -34.93 87.05
N LEU ZA 144 47.73 -35.88 86.33
CA LEU ZA 144 48.27 -37.24 86.33
C LEU ZA 144 49.64 -37.28 85.66
N ALA ZA 145 49.83 -36.51 84.58
CA ALA ZA 145 51.11 -36.51 83.89
C ALA ZA 145 52.21 -35.95 84.77
N ASN ZA 146 51.95 -34.85 85.47
CA ASN ZA 146 52.98 -34.24 86.31
C ASN ZA 146 53.34 -35.13 87.48
N LEU ZA 147 52.35 -35.80 88.08
CA LEU ZA 147 52.63 -36.67 89.22
C LEU ZA 147 53.57 -37.80 88.84
N SER ZA 148 53.38 -38.39 87.66
CA SER ZA 148 54.24 -39.50 87.25
C SER ZA 148 55.69 -39.06 87.13
N LEU ZA 149 55.92 -37.88 86.55
CA LEU ZA 149 57.28 -37.38 86.40
C LEU ZA 149 57.87 -36.95 87.73
N GLU ZA 150 57.06 -36.35 88.60
CA GLU ZA 150 57.57 -35.86 89.88
C GLU ZA 150 57.96 -37.01 90.80
N LEU ZA 151 57.08 -38.00 90.95
CA LEU ZA 151 57.31 -39.10 91.88
C LEU ZA 151 58.11 -40.24 91.26
N ARG ZA 152 58.25 -40.26 89.94
CA ARG ZA 152 58.99 -41.32 89.25
C ARG ZA 152 58.35 -42.68 89.46
N LYS ZA 153 57.03 -42.73 89.25
CA LYS ZA 153 56.25 -43.95 89.33
C LYS ZA 153 55.28 -43.96 88.16
N PRO ZA 154 55.00 -45.12 87.55
CA PRO ZA 154 54.08 -45.15 86.42
C PRO ZA 154 52.63 -45.04 86.87
N ILE ZA 155 51.90 -44.10 86.27
CA ILE ZA 155 50.46 -43.92 86.48
C ILE ZA 155 49.78 -44.07 85.13
N THR ZA 156 48.84 -44.99 85.04
CA THR ZA 156 48.18 -45.31 83.78
C THR ZA 156 46.84 -44.61 83.68
N PHE ZA 157 46.48 -44.24 82.46
CA PHE ZA 157 45.31 -43.44 82.16
C PHE ZA 157 44.18 -44.34 81.65
N GLY ZA 158 43.10 -44.43 82.42
CA GLY ZA 158 41.97 -45.26 82.06
C GLY ZA 158 40.65 -44.53 82.04
N VAL ZA 159 40.63 -43.31 81.50
CA VAL ZA 159 39.47 -42.44 81.55
C VAL ZA 159 38.83 -42.36 80.18
N ILE ZA 160 37.52 -42.61 80.12
CA ILE ZA 160 36.78 -42.60 78.86
C ILE ZA 160 35.78 -41.45 78.85
N THR ZA 161 35.09 -41.27 77.74
CA THR ZA 161 34.14 -40.18 77.54
C THR ZA 161 32.78 -40.76 77.17
N ALA ZA 162 31.74 -40.27 77.82
CA ALA ZA 162 30.38 -40.74 77.57
C ALA ZA 162 29.68 -39.85 76.55
N GLY AB 15 64.97 -39.20 54.56
CA GLY AB 15 64.62 -40.52 55.08
C GLY AB 15 63.45 -40.46 56.05
N ASN AB 16 63.29 -41.51 56.84
CA ASN AB 16 62.21 -41.57 57.81
C ASN AB 16 62.55 -40.71 59.03
N LYS AB 17 61.52 -40.42 59.82
CA LYS AB 17 61.71 -39.53 60.96
C LYS AB 17 62.58 -40.13 62.04
N GLY AB 18 62.77 -41.45 62.04
CA GLY AB 18 63.78 -42.02 62.92
C GLY AB 18 65.18 -41.61 62.50
N TRP AB 19 65.41 -41.47 61.20
CA TRP AB 19 66.67 -40.96 60.69
C TRP AB 19 66.82 -39.48 61.02
N GLU AB 20 65.78 -38.69 60.76
CA GLU AB 20 65.85 -37.25 61.01
C GLU AB 20 66.07 -36.95 62.48
N ALA AB 21 65.39 -37.70 63.36
CA ALA AB 21 65.53 -37.43 64.79
C ALA AB 21 66.93 -37.75 65.29
N ALA AB 22 67.54 -38.82 64.77
CA ALA AB 22 68.85 -39.22 65.27
C ALA AB 22 69.95 -38.23 64.89
N LEU AB 23 69.81 -37.56 63.75
CA LEU AB 23 70.81 -36.57 63.37
C LEU AB 23 70.87 -35.42 64.36
N SER AB 24 69.70 -34.89 64.75
CA SER AB 24 69.67 -33.77 65.67
C SER AB 24 70.31 -34.11 67.00
N ALA AB 25 70.25 -35.38 67.41
CA ALA AB 25 70.90 -35.78 68.64
C ALA AB 25 72.42 -35.78 68.49
N ILE AB 26 72.92 -36.20 67.32
CA ILE AB 26 74.36 -36.17 67.08
C ILE AB 26 74.87 -34.74 67.10
N GLU AB 27 74.14 -33.83 66.43
CA GLU AB 27 74.59 -32.46 66.34
C GLU AB 27 74.51 -31.76 67.70
N MET AB 28 73.41 -31.97 68.43
CA MET AB 28 73.24 -31.28 69.71
C MET AB 28 74.15 -31.84 70.78
N ALA AB 29 74.46 -33.13 70.74
CA ALA AB 29 75.38 -33.69 71.73
C ALA AB 29 76.79 -33.16 71.55
N ASN AB 30 77.19 -32.85 70.32
CA ASN AB 30 78.50 -32.26 70.09
C ASN AB 30 78.53 -30.80 70.50
N LEU AB 31 77.44 -30.06 70.25
CA LEU AB 31 77.39 -28.65 70.57
C LEU AB 31 77.57 -28.42 72.06
N PHE AB 32 76.95 -29.27 72.89
CA PHE AB 32 77.05 -29.10 74.33
C PHE AB 32 78.49 -29.26 74.81
N LYS AB 33 79.19 -30.29 74.34
CA LYS AB 33 80.56 -30.49 74.77
C LYS AB 33 81.43 -29.28 74.47
N SER AB 34 81.14 -28.55 73.40
CA SER AB 34 81.90 -27.34 73.10
C SER AB 34 81.53 -26.21 74.04
N LEU AB 35 80.25 -26.05 74.37
CA LEU AB 35 79.83 -24.94 75.21
C LEU AB 35 80.42 -25.05 76.61
N ARG AB 36 80.40 -26.24 77.20
CA ARG AB 36 80.95 -26.45 78.53
C ARG AB 36 82.35 -27.04 78.42
N GLY AB 37 83.26 -26.20 77.95
CA GLY AB 37 84.65 -26.60 77.79
C GLY AB 37 85.53 -25.38 77.59
N THR AB 38 86.58 -25.56 76.79
CA THR AB 38 87.51 -24.48 76.52
C THR AB 38 86.86 -23.42 75.64
N GLY AB 39 87.38 -22.20 75.72
CA GLY AB 39 86.87 -21.11 74.93
C GLY AB 39 87.38 -21.13 73.50
N GLY AB 40 86.92 -20.15 72.73
CA GLY AB 40 87.29 -20.02 71.33
C GLY AB 40 88.57 -19.23 71.15
N SER AB 41 88.78 -18.77 69.92
CA SER AB 41 89.98 -18.00 69.61
C SER AB 41 90.00 -16.70 70.41
N GLY AB 42 88.85 -16.03 70.52
CA GLY AB 42 88.76 -14.78 71.24
C GLY AB 42 89.04 -13.57 70.36
N SER AB 43 88.79 -12.39 70.94
CA SER AB 43 88.96 -11.11 70.26
C SER AB 43 88.01 -10.95 69.08
N SER AB 44 86.95 -11.74 69.02
CA SER AB 44 85.96 -11.63 67.95
C SER AB 44 84.74 -12.45 68.37
N MET AB 45 83.70 -12.39 67.53
CA MET AB 45 82.48 -13.13 67.80
C MET AB 45 82.76 -14.64 67.82
N GLU AB 46 82.12 -15.33 68.74
CA GLU AB 46 82.23 -16.78 68.85
C GLU AB 46 80.99 -17.43 68.24
N ILE AB 47 81.19 -18.22 67.20
CA ILE AB 47 80.12 -18.94 66.53
C ILE AB 47 80.24 -20.42 66.90
N TYR AB 48 79.13 -21.01 67.32
CA TYR AB 48 79.09 -22.39 67.77
C TYR AB 48 78.25 -23.24 66.81
N GLU AB 49 78.61 -24.50 66.70
CA GLU AB 49 77.94 -25.44 65.80
C GLU AB 49 78.46 -26.84 66.10
N GLY AB 50 77.63 -27.83 65.81
CA GLY AB 50 77.97 -29.22 66.06
C GLY AB 50 78.23 -29.94 64.76
N LYS AB 51 79.23 -30.82 64.77
CA LYS AB 51 79.54 -31.65 63.63
C LYS AB 51 78.77 -32.96 63.69
N LEU AB 52 78.79 -33.69 62.59
CA LEU AB 52 78.03 -34.93 62.46
C LEU AB 52 78.88 -36.16 62.70
N THR AB 53 79.83 -36.08 63.62
CA THR AB 53 80.58 -37.22 64.10
C THR AB 53 79.89 -37.78 65.35
N ALA AB 54 80.08 -39.08 65.58
CA ALA AB 54 79.39 -39.74 66.69
C ALA AB 54 80.27 -40.74 67.42
N GLU AB 55 81.59 -40.70 67.22
CA GLU AB 55 82.48 -41.61 67.92
C GLU AB 55 82.68 -41.13 69.36
N GLY AB 56 82.41 -42.01 70.32
CA GLY AB 56 82.56 -41.71 71.72
C GLY AB 56 81.27 -41.30 72.42
N LEU AB 57 80.19 -41.09 71.69
CA LEU AB 57 78.94 -40.65 72.27
C LEU AB 57 78.08 -41.84 72.69
N ARG AB 58 77.27 -41.62 73.73
CA ARG AB 58 76.32 -42.60 74.23
C ARG AB 58 74.90 -42.09 74.01
N PHE AB 59 73.99 -43.00 73.67
CA PHE AB 59 72.64 -42.63 73.27
C PHE AB 59 71.63 -43.55 73.95
N GLY AB 60 70.39 -43.07 74.00
CA GLY AB 60 69.28 -43.85 74.48
C GLY AB 60 68.04 -43.64 73.65
N ILE AB 61 67.35 -44.72 73.26
CA ILE AB 61 66.17 -44.66 72.43
C ILE AB 61 64.99 -45.22 73.21
N VAL AB 62 63.88 -44.49 73.21
CA VAL AB 62 62.64 -44.92 73.84
C VAL AB 62 61.57 -44.98 72.76
N ALA AB 63 60.98 -46.16 72.57
CA ALA AB 63 60.04 -46.40 71.49
C ALA AB 63 58.78 -47.08 72.03
N SER AB 64 57.64 -46.74 71.44
CA SER AB 64 56.35 -47.28 71.84
C SER AB 64 56.01 -48.50 70.98
N ARG AB 65 54.80 -49.02 71.13
CA ARG AB 65 54.34 -50.18 70.38
C ARG AB 65 53.02 -49.84 69.68
N PHE AB 66 53.00 -50.02 68.37
CA PHE AB 66 51.81 -49.78 67.56
C PHE AB 66 51.84 -50.85 66.47
N ASN AB 67 50.87 -51.76 66.49
CA ASN AB 67 50.98 -53.04 65.80
C ASN AB 67 52.40 -53.56 65.99
N HIS AB 68 53.02 -54.12 64.95
CA HIS AB 68 54.40 -54.58 65.07
C HIS AB 68 55.24 -54.22 63.84
N ALA AB 69 54.84 -53.22 63.06
CA ALA AB 69 55.51 -52.93 61.81
C ALA AB 69 55.95 -51.47 61.65
N LEU AB 70 55.09 -50.52 62.01
CA LEU AB 70 55.34 -49.13 61.62
C LEU AB 70 56.33 -48.40 62.53
N VAL AB 71 56.63 -48.95 63.69
CA VAL AB 71 57.58 -48.33 64.61
C VAL AB 71 58.89 -49.09 64.55
N ASP AB 72 58.84 -50.36 64.14
CA ASP AB 72 60.07 -51.10 63.93
C ASP AB 72 60.92 -50.45 62.83
N ARG AB 73 60.27 -49.92 61.80
CA ARG AB 73 61.02 -49.23 60.75
C ARG AB 73 61.69 -47.97 61.28
N LEU AB 74 60.98 -47.19 62.10
CA LEU AB 74 61.55 -45.95 62.60
C LEU AB 74 62.69 -46.20 63.57
N VAL AB 75 62.63 -47.28 64.33
CA VAL AB 75 63.72 -47.61 65.24
C VAL AB 75 64.95 -48.07 64.47
N GLU AB 76 64.74 -48.85 63.40
CA GLU AB 76 65.87 -49.30 62.59
C GLU AB 76 66.53 -48.15 61.86
N GLY AB 77 65.73 -47.19 61.39
CA GLY AB 77 66.31 -46.01 60.77
C GLY AB 77 67.16 -45.20 61.72
N ALA AB 78 66.80 -45.18 63.01
CA ALA AB 78 67.57 -44.43 63.98
C ALA AB 78 68.90 -45.10 64.26
N ILE AB 79 68.91 -46.41 64.48
CA ILE AB 79 70.15 -47.10 64.79
C ILE AB 79 71.11 -47.05 63.62
N ASP AB 80 70.59 -47.08 62.40
CA ASP AB 80 71.45 -47.00 61.22
C ASP AB 80 72.20 -45.68 61.17
N CYS AB 81 71.53 -44.58 61.51
CA CYS AB 81 72.17 -43.28 61.46
C CYS AB 81 73.36 -43.19 62.41
N ILE AB 82 73.21 -43.72 63.63
CA ILE AB 82 74.27 -43.63 64.62
C ILE AB 82 75.46 -44.49 64.21
N VAL AB 83 75.21 -45.72 63.75
CA VAL AB 83 76.31 -46.63 63.45
C VAL AB 83 77.07 -46.18 62.21
N ARG AB 84 76.37 -45.68 61.20
CA ARG AB 84 77.04 -45.25 59.97
C ARG AB 84 77.82 -43.96 60.18
N HIS AB 85 77.34 -43.07 61.03
CA HIS AB 85 78.05 -41.82 61.33
C HIS AB 85 79.12 -42.00 62.39
N GLY AB 86 79.49 -43.23 62.72
CA GLY AB 86 80.68 -43.51 63.51
C GLY AB 86 80.44 -44.12 64.87
N GLY AB 87 79.20 -44.26 65.31
CA GLY AB 87 78.94 -44.73 66.65
C GLY AB 87 79.10 -46.23 66.80
N ARG AB 88 79.09 -46.66 68.05
CA ARG AB 88 79.20 -48.06 68.42
C ARG AB 88 77.84 -48.58 68.87
N GLU AB 89 77.57 -49.86 68.59
CA GLU AB 89 76.37 -50.49 69.08
C GLU AB 89 76.44 -50.75 70.58
N GLU AB 90 77.64 -50.89 71.13
CA GLU AB 90 77.79 -51.07 72.57
C GLU AB 90 77.20 -49.90 73.34
N ASP AB 91 77.15 -48.72 72.72
CA ASP AB 91 76.80 -47.48 73.39
C ASP AB 91 75.40 -47.00 73.01
N ILE AB 92 74.46 -47.93 72.84
CA ILE AB 92 73.06 -47.60 72.62
C ILE AB 92 72.24 -48.44 73.58
N THR AB 93 71.24 -47.82 74.21
CA THR AB 93 70.28 -48.49 75.08
C THR AB 93 68.90 -48.27 74.49
N LEU AB 94 68.14 -49.34 74.32
CA LEU AB 94 66.80 -49.30 73.73
C LEU AB 94 65.77 -49.77 74.76
N VAL AB 95 64.70 -48.99 74.92
CA VAL AB 95 63.63 -49.28 75.86
C VAL AB 95 62.30 -49.27 75.12
N ARG AB 96 61.48 -50.29 75.37
CA ARG AB 96 60.15 -50.41 74.77
C ARG AB 96 59.08 -50.18 75.83
N VAL AB 97 58.05 -49.42 75.49
CA VAL AB 97 56.98 -49.09 76.43
C VAL AB 97 55.63 -49.36 75.77
N PRO AB 98 54.58 -49.57 76.59
CA PRO AB 98 53.28 -49.95 76.01
C PRO AB 98 52.69 -48.94 75.04
N GLY AB 99 52.84 -47.64 75.28
CA GLY AB 99 52.16 -46.67 74.45
C GLY AB 99 52.76 -45.30 74.58
N SER AB 100 52.14 -44.35 73.87
CA SER AB 100 52.67 -42.99 73.83
C SER AB 100 52.60 -42.33 75.21
N TRP AB 101 51.53 -42.59 75.96
CA TRP AB 101 51.35 -41.96 77.27
C TRP AB 101 52.50 -42.28 78.22
N GLU AB 102 53.19 -43.39 78.01
CA GLU AB 102 54.22 -43.86 78.92
C GLU AB 102 55.63 -43.38 78.54
N ILE AB 103 55.78 -42.66 77.44
CA ILE AB 103 57.11 -42.25 77.01
C ILE AB 103 57.78 -41.31 78.01
N PRO AB 104 57.14 -40.22 78.46
CA PRO AB 104 57.87 -39.27 79.32
C PRO AB 104 58.42 -39.86 80.60
N VAL AB 105 57.70 -40.78 81.25
CA VAL AB 105 58.22 -41.37 82.48
C VAL AB 105 59.44 -42.25 82.18
N ALA AB 106 59.43 -42.93 81.03
CA ALA AB 106 60.59 -43.76 80.67
C ALA AB 106 61.76 -42.90 80.20
N ALA AB 107 61.47 -41.79 79.53
CA ALA AB 107 62.55 -40.89 79.11
C ALA AB 107 63.26 -40.28 80.31
N GLY AB 108 62.54 -40.04 81.40
CA GLY AB 108 63.16 -39.45 82.57
C GLY AB 108 64.23 -40.34 83.17
N GLU AB 109 63.99 -41.65 83.21
CA GLU AB 109 64.96 -42.55 83.83
C GLU AB 109 66.29 -42.55 83.09
N LEU AB 110 66.25 -42.56 81.76
CA LEU AB 110 67.48 -42.55 80.98
C LEU AB 110 68.21 -41.23 81.10
N ALA AB 111 67.48 -40.11 81.00
CA ALA AB 111 68.12 -38.80 81.00
C ALA AB 111 68.82 -38.50 82.32
N ARG AB 112 68.46 -39.20 83.39
CA ARG AB 112 69.11 -38.99 84.69
C ARG AB 112 70.39 -39.79 84.84
N LYS AB 113 70.70 -40.68 83.89
CA LYS AB 113 71.92 -41.47 83.99
C LYS AB 113 73.11 -40.63 83.54
N GLU AB 114 74.21 -40.75 84.30
CA GLU AB 114 75.38 -39.92 84.06
C GLU AB 114 76.08 -40.26 82.74
N ASP AB 115 75.82 -41.44 82.17
CA ASP AB 115 76.52 -41.93 80.99
C ASP AB 115 75.64 -41.93 79.74
N ILE AB 116 74.74 -40.96 79.62
CA ILE AB 116 73.91 -40.78 78.42
C ILE AB 116 73.99 -39.32 78.04
N ASP AB 117 74.14 -39.06 76.74
CA ASP AB 117 74.38 -37.72 76.22
C ASP AB 117 73.17 -37.11 75.53
N ALA AB 118 72.28 -37.94 74.97
CA ALA AB 118 71.03 -37.48 74.39
C ALA AB 118 70.07 -38.64 74.34
N VAL AB 119 68.79 -38.32 74.13
CA VAL AB 119 67.71 -39.31 74.12
C VAL AB 119 66.81 -39.04 72.93
N ILE AB 120 66.44 -40.11 72.23
CA ILE AB 120 65.54 -40.04 71.08
C ILE AB 120 64.23 -40.72 71.46
N ALA AB 121 63.11 -40.04 71.19
CA ALA AB 121 61.78 -40.55 71.48
C ALA AB 121 61.03 -40.79 70.18
N ILE AB 122 60.53 -42.01 70.00
CA ILE AB 122 59.84 -42.42 68.77
C ILE AB 122 58.47 -42.95 69.17
N GLY AB 123 57.44 -42.51 68.46
CA GLY AB 123 56.09 -42.95 68.80
C GLY AB 123 55.13 -42.70 67.66
N VAL AB 124 53.88 -43.10 67.90
CA VAL AB 124 52.80 -42.96 66.94
C VAL AB 124 51.60 -42.36 67.67
N LEU AB 125 51.13 -41.22 67.21
CA LEU AB 125 49.93 -40.59 67.72
C LEU AB 125 48.80 -40.84 66.74
N ILE AB 126 47.69 -41.40 67.24
CA ILE AB 126 46.58 -41.80 66.39
C ILE AB 126 45.45 -40.80 66.55
N ARG AB 127 45.82 -39.55 66.85
CA ARG AB 127 44.83 -38.50 67.05
C ARG AB 127 43.94 -38.37 65.82
N GLY AB 128 42.80 -37.70 66.02
CA GLY AB 128 41.81 -37.54 64.97
C GLY AB 128 40.81 -38.68 64.87
N ALA AB 129 40.71 -39.53 65.89
CA ALA AB 129 39.81 -40.67 65.86
C ALA AB 129 38.72 -40.58 66.91
N THR AB 130 39.08 -40.44 68.18
CA THR AB 130 38.10 -40.47 69.28
C THR AB 130 38.74 -39.80 70.49
N PRO AB 131 37.96 -39.22 71.39
CA PRO AB 131 38.51 -38.80 72.68
C PRO AB 131 39.15 -39.98 73.38
N HIS AB 132 39.88 -39.68 74.46
CA HIS AB 132 40.87 -40.53 75.12
C HIS AB 132 42.19 -40.50 74.37
N PHE AB 133 42.26 -39.91 73.18
CA PHE AB 133 43.48 -39.81 72.41
C PHE AB 133 43.81 -38.38 72.00
N ASP AB 134 42.83 -37.48 71.97
CA ASP AB 134 43.14 -36.06 71.82
C ASP AB 134 43.70 -35.47 73.10
N TYR AB 135 43.54 -36.17 74.23
CA TYR AB 135 44.13 -35.72 75.49
C TYR AB 135 45.51 -36.27 75.71
N ILE AB 136 45.80 -37.47 75.23
CA ILE AB 136 47.12 -38.05 75.41
C ILE AB 136 48.15 -37.29 74.60
N ALA AB 137 47.79 -36.87 73.40
CA ALA AB 137 48.76 -36.22 72.52
C ALA AB 137 49.30 -34.94 73.13
N SER AB 138 48.43 -34.14 73.75
CA SER AB 138 48.87 -32.85 74.28
C SER AB 138 49.84 -33.01 75.44
N GLU AB 139 49.75 -34.10 76.19
CA GLU AB 139 50.61 -34.29 77.34
C GLU AB 139 51.96 -34.88 76.99
N VAL AB 140 52.08 -35.58 75.86
CA VAL AB 140 53.36 -36.19 75.51
C VAL AB 140 54.37 -35.12 75.10
N SER AB 141 53.93 -34.11 74.35
CA SER AB 141 54.85 -33.05 73.93
C SER AB 141 55.32 -32.22 75.12
N LYS AB 142 54.42 -31.94 76.06
CA LYS AB 142 54.79 -31.10 77.19
C LYS AB 142 55.80 -31.77 78.10
N GLY AB 143 55.66 -33.08 78.33
CA GLY AB 143 56.56 -33.76 79.24
C GLY AB 143 58.00 -33.79 78.74
N LEU AB 144 58.18 -34.08 77.46
CA LEU AB 144 59.53 -34.07 76.90
C LEU AB 144 60.12 -32.68 76.92
N ALA AB 145 59.32 -31.67 76.62
CA ALA AB 145 59.81 -30.29 76.65
C ALA AB 145 60.30 -29.90 78.05
N ASN AB 146 59.51 -30.25 79.08
CA ASN AB 146 59.90 -29.89 80.44
C ASN AB 146 61.14 -30.64 80.89
N LEU AB 147 61.27 -31.91 80.51
CA LEU AB 147 62.38 -32.72 80.98
C LEU AB 147 63.71 -32.15 80.50
N SER AB 148 63.77 -31.68 79.26
CA SER AB 148 65.02 -31.14 78.73
C SER AB 148 65.44 -29.88 79.48
N LEU AB 149 64.49 -28.98 79.73
CA LEU AB 149 64.83 -27.74 80.44
C LEU AB 149 65.11 -27.98 81.92
N GLU AB 150 64.72 -29.12 82.46
CA GLU AB 150 64.92 -29.41 83.88
C GLU AB 150 66.16 -30.24 84.16
N LEU AB 151 66.58 -31.08 83.21
CA LEU AB 151 67.75 -31.91 83.37
C LEU AB 151 68.93 -31.46 82.54
N ARG AB 152 68.74 -30.52 81.61
CA ARG AB 152 69.82 -29.97 80.81
C ARG AB 152 70.47 -31.04 79.94
N LYS AB 153 69.63 -31.83 79.27
CA LYS AB 153 70.06 -32.87 78.36
C LYS AB 153 69.10 -32.82 77.19
N PRO AB 154 69.58 -32.72 75.95
CA PRO AB 154 68.66 -32.62 74.81
C PRO AB 154 67.85 -33.88 74.61
N ILE AB 155 66.62 -33.70 74.15
CA ILE AB 155 65.70 -34.79 73.83
C ILE AB 155 65.03 -34.44 72.52
N THR AB 156 65.02 -35.38 71.58
CA THR AB 156 64.54 -35.14 70.22
C THR AB 156 63.21 -35.84 70.00
N PHE AB 157 62.39 -35.25 69.14
CA PHE AB 157 61.00 -35.62 68.96
C PHE AB 157 60.84 -36.36 67.65
N GLY AB 158 60.36 -37.60 67.71
CA GLY AB 158 60.27 -38.46 66.54
C GLY AB 158 58.93 -39.13 66.35
N VAL AB 159 57.84 -38.40 66.58
CA VAL AB 159 56.50 -38.99 66.58
C VAL AB 159 55.84 -38.75 65.23
N ILE AB 160 55.17 -39.78 64.72
CA ILE AB 160 54.40 -39.71 63.49
C ILE AB 160 52.91 -39.65 63.85
N THR AB 161 52.08 -39.43 62.84
CA THR AB 161 50.63 -39.47 62.98
C THR AB 161 50.10 -40.61 62.12
N ALA AB 162 49.38 -41.54 62.74
CA ALA AB 162 48.82 -42.67 62.01
C ALA AB 162 47.80 -42.22 60.98
N ASN BB 16 64.06 -6.98 59.32
CA ASN BB 16 62.67 -6.59 59.51
C ASN BB 16 62.27 -6.74 60.97
N LYS BB 17 62.10 -7.98 61.41
CA LYS BB 17 61.75 -8.28 62.79
C LYS BB 17 62.95 -8.72 63.61
N GLY BB 18 64.16 -8.56 63.08
CA GLY BB 18 65.36 -8.91 63.80
C GLY BB 18 65.86 -7.76 64.64
N TRP BB 19 65.78 -6.54 64.10
CA TRP BB 19 66.19 -5.38 64.87
C TRP BB 19 65.19 -5.08 66.00
N GLU BB 20 63.92 -5.36 65.79
CA GLU BB 20 62.93 -5.10 66.83
C GLU BB 20 63.21 -5.94 68.06
N ALA BB 21 63.57 -7.21 67.86
CA ALA BB 21 63.99 -8.04 68.99
C ALA BB 21 65.22 -7.45 69.67
N ALA BB 22 66.17 -6.94 68.88
CA ALA BB 22 67.38 -6.36 69.44
C ALA BB 22 67.06 -5.14 70.30
N LEU BB 23 66.17 -4.27 69.82
CA LEU BB 23 65.82 -3.08 70.59
C LEU BB 23 65.26 -3.46 71.95
N SER BB 24 64.33 -4.41 71.99
CA SER BB 24 63.68 -4.77 73.23
C SER BB 24 64.68 -5.33 74.23
N ALA BB 25 65.66 -6.10 73.74
CA ALA BB 25 66.66 -6.66 74.64
C ALA BB 25 67.49 -5.57 75.31
N ILE BB 26 67.82 -4.51 74.56
CA ILE BB 26 68.63 -3.43 75.12
C ILE BB 26 67.86 -2.70 76.22
N GLU BB 27 66.61 -2.33 75.95
CA GLU BB 27 65.82 -1.59 76.93
C GLU BB 27 65.64 -2.40 78.21
N MET BB 28 65.27 -3.68 78.05
CA MET BB 28 65.04 -4.52 79.23
C MET BB 28 66.32 -4.70 80.03
N ALA BB 29 67.45 -4.93 79.36
CA ALA BB 29 68.70 -5.14 80.07
C ALA BB 29 69.06 -3.92 80.91
N ASN BB 30 68.89 -2.73 80.34
CA ASN BB 30 69.18 -1.51 81.09
C ASN BB 30 68.17 -1.29 82.21
N LEU BB 31 66.89 -1.59 81.96
CA LEU BB 31 65.86 -1.37 82.96
C LEU BB 31 66.15 -2.12 84.24
N PHE BB 32 66.66 -3.34 84.12
CA PHE BB 32 66.89 -4.17 85.30
C PHE BB 32 68.04 -3.64 86.13
N LYS BB 33 69.01 -2.96 85.52
CA LYS BB 33 70.06 -2.31 86.29
C LYS BB 33 69.48 -1.22 87.18
N SER BB 34 68.50 -0.47 86.66
CA SER BB 34 67.88 0.59 87.44
C SER BB 34 67.17 0.03 88.65
N LEU BB 35 66.37 -1.03 88.46
CA LEU BB 35 65.56 -1.56 89.55
C LEU BB 35 66.44 -2.11 90.66
N ARG BB 36 67.53 -2.79 90.31
CA ARG BB 36 68.39 -3.38 91.32
C ARG BB 36 69.00 -2.33 92.24
N GLY BB 37 69.19 -1.11 91.74
CA GLY BB 37 69.79 -0.08 92.54
C GLY BB 37 68.84 0.47 93.59
N THR BB 38 69.41 1.30 94.47
CA THR BB 38 68.62 1.88 95.55
C THR BB 38 67.64 2.92 94.99
N GLY BB 39 66.56 3.14 95.73
CA GLY BB 39 65.56 4.09 95.31
C GLY BB 39 66.04 5.53 95.42
N GLY BB 40 65.31 6.41 94.76
CA GLY BB 40 65.63 7.82 94.74
C GLY BB 40 64.94 8.59 95.85
N SER BB 41 64.79 9.89 95.63
CA SER BB 41 64.14 10.77 96.59
C SER BB 41 63.53 11.94 95.84
N GLY BB 42 62.62 12.64 96.53
CA GLY BB 42 61.94 13.77 95.95
C GLY BB 42 60.48 13.87 96.36
N SER BB 43 59.96 12.80 96.95
CA SER BB 43 58.57 12.75 97.41
C SER BB 43 57.60 12.97 96.24
N SER BB 44 57.74 12.11 95.24
CA SER BB 44 56.87 12.15 94.07
C SER BB 44 56.87 10.78 93.41
N MET BB 45 55.99 10.62 92.42
CA MET BB 45 55.89 9.35 91.72
C MET BB 45 57.23 9.02 91.05
N GLU BB 46 57.69 7.79 91.26
CA GLU BB 46 58.96 7.32 90.71
C GLU BB 46 58.67 6.56 89.42
N ILE BB 47 59.11 7.11 88.29
CA ILE BB 47 58.92 6.50 86.99
C ILE BB 47 60.23 5.84 86.57
N TYR BB 48 60.16 4.55 86.26
CA TYR BB 48 61.31 3.79 85.78
C TYR BB 48 61.17 3.53 84.29
N GLU BB 49 62.31 3.57 83.58
CA GLU BB 49 62.33 3.22 82.17
C GLU BB 49 63.76 2.89 81.78
N GLY BB 50 63.91 2.26 80.64
CA GLY BB 50 65.21 1.81 80.17
C GLY BB 50 65.76 2.69 79.06
N LYS BB 51 67.07 2.87 79.06
CA LYS BB 51 67.77 3.65 78.06
C LYS BB 51 68.20 2.75 76.90
N LEU BB 52 68.45 3.38 75.76
CA LEU BB 52 68.76 2.66 74.53
C LEU BB 52 70.26 2.51 74.28
N THR BB 53 71.11 2.89 75.25
CA THR BB 53 72.54 2.63 75.11
C THR BB 53 72.81 1.13 75.18
N ALA BB 54 73.90 0.71 74.53
CA ALA BB 54 74.26 -0.70 74.48
C ALA BB 54 75.64 -0.99 75.03
N GLU BB 55 76.38 0.02 75.48
CA GLU BB 55 77.77 -0.19 75.88
C GLU BB 55 77.85 -1.01 77.15
N GLY BB 56 78.83 -1.90 77.21
CA GLY BB 56 79.05 -2.71 78.40
C GLY BB 56 78.04 -3.81 78.63
N LEU BB 57 77.43 -4.31 77.56
CA LEU BB 57 76.41 -5.34 77.66
C LEU BB 57 76.80 -6.55 76.82
N ARG BB 58 76.57 -7.73 77.38
CA ARG BB 58 76.85 -9.00 76.74
C ARG BB 58 75.55 -9.64 76.30
N PHE BB 59 75.49 -10.05 75.04
CA PHE BB 59 74.29 -10.58 74.43
C PHE BB 59 74.51 -12.02 74.01
N GLY BB 60 73.42 -12.67 73.64
CA GLY BB 60 73.46 -14.01 73.08
C GLY BB 60 72.37 -14.16 72.05
N ILE BB 61 72.64 -14.95 71.02
CA ILE BB 61 71.69 -15.21 69.95
C ILE BB 61 71.64 -16.70 69.68
N VAL BB 62 70.43 -17.25 69.55
CA VAL BB 62 70.20 -18.63 69.15
C VAL BB 62 69.33 -18.61 67.91
N ALA BB 63 69.77 -19.27 66.86
CA ALA BB 63 69.08 -19.28 65.58
C ALA BB 63 69.00 -20.70 65.03
N SER BB 64 68.06 -20.92 64.12
CA SER BB 64 67.80 -22.23 63.54
C SER BB 64 68.15 -22.24 62.05
N ARG BB 65 68.48 -23.41 61.53
CA ARG BB 65 68.94 -23.56 60.16
C ARG BB 65 67.82 -23.84 59.16
N PHE BB 66 66.59 -24.06 59.63
CA PHE BB 66 65.49 -24.26 58.70
C PHE BB 66 65.20 -22.98 57.95
N ASN BB 67 64.96 -23.10 56.64
CA ASN BB 67 64.73 -21.95 55.78
C ASN BB 67 65.78 -20.88 56.01
N HIS BB 68 67.05 -21.29 55.83
CA HIS BB 68 68.16 -20.41 56.19
C HIS BB 68 68.18 -19.12 55.36
N ALA BB 69 67.47 -19.09 54.24
CA ALA BB 69 67.43 -17.87 53.43
C ALA BB 69 66.85 -16.70 54.21
N LEU BB 70 65.67 -16.90 54.81
CA LEU BB 70 65.03 -15.84 55.57
C LEU BB 70 65.69 -15.63 56.93
N VAL BB 71 66.21 -16.70 57.55
CA VAL BB 71 66.79 -16.58 58.87
C VAL BB 71 68.08 -15.78 58.83
N ASP BB 72 68.89 -15.97 57.78
CA ASP BB 72 70.17 -15.28 57.70
C ASP BB 72 69.98 -13.77 57.69
N ARG BB 73 68.96 -13.29 56.99
CA ARG BB 73 68.69 -11.85 56.97
C ARG BB 73 68.39 -11.34 58.37
N LEU BB 74 67.54 -12.06 59.11
CA LEU BB 74 67.15 -11.60 60.43
C LEU BB 74 68.34 -11.57 61.39
N VAL BB 75 69.20 -12.59 61.33
CA VAL BB 75 70.32 -12.66 62.25
C VAL BB 75 71.25 -11.47 62.07
N GLU BB 76 71.53 -11.12 60.80
CA GLU BB 76 72.40 -9.99 60.53
C GLU BB 76 71.81 -8.70 61.09
N GLY BB 77 70.51 -8.49 60.90
CA GLY BB 77 69.88 -7.28 61.40
C GLY BB 77 70.02 -7.13 62.90
N ALA BB 78 70.10 -8.25 63.62
CA ALA BB 78 70.28 -8.18 65.06
C ALA BB 78 71.59 -7.51 65.42
N ILE BB 79 72.68 -7.94 64.77
CA ILE BB 79 73.98 -7.33 65.07
C ILE BB 79 74.04 -5.91 64.57
N ASP BB 80 73.31 -5.60 63.49
CA ASP BB 80 73.31 -4.24 62.96
C ASP BB 80 72.81 -3.24 63.99
N CYS BB 81 71.74 -3.58 64.70
CA CYS BB 81 71.15 -2.65 65.65
C CYS BB 81 71.85 -2.65 67.00
N ILE BB 82 72.77 -3.59 67.23
CA ILE BB 82 73.53 -3.57 68.49
C ILE BB 82 74.74 -2.64 68.35
N VAL BB 83 75.44 -2.72 67.23
CA VAL BB 83 76.62 -1.88 67.03
C VAL BB 83 76.23 -0.41 66.97
N ARG BB 84 75.07 -0.11 66.37
CA ARG BB 84 74.68 1.29 66.22
C ARG BB 84 74.54 1.97 67.56
N HIS BB 85 73.93 1.29 68.54
CA HIS BB 85 73.72 1.85 69.86
C HIS BB 85 74.88 1.56 70.81
N GLY BB 86 76.07 1.33 70.27
CA GLY BB 86 77.23 1.04 71.09
C GLY BB 86 77.59 -0.43 71.03
N GLY BB 87 78.11 -0.96 72.14
CA GLY BB 87 78.45 -2.36 72.13
C GLY BB 87 79.58 -2.65 71.17
N ARG BB 88 79.73 -3.92 70.84
CA ARG BB 88 80.81 -4.37 69.96
C ARG BB 88 80.63 -5.87 69.72
N GLU BB 89 81.27 -6.35 68.65
CA GLU BB 89 81.15 -7.74 68.26
C GLU BB 89 81.78 -8.69 69.27
N GLU BB 90 82.72 -8.22 70.08
CA GLU BB 90 83.40 -9.08 71.03
C GLU BB 90 82.51 -9.52 72.19
N ASP BB 91 81.36 -8.87 72.39
CA ASP BB 91 80.43 -9.22 73.46
C ASP BB 91 79.17 -9.87 72.90
N ILE BB 92 79.32 -10.70 71.88
CA ILE BB 92 78.22 -11.46 71.30
C ILE BB 92 78.64 -12.91 71.16
N THR BB 93 77.72 -13.82 71.50
CA THR BB 93 77.86 -15.24 71.22
C THR BB 93 76.69 -15.67 70.34
N LEU BB 94 76.98 -16.49 69.33
CA LEU BB 94 75.95 -16.98 68.41
C LEU BB 94 75.96 -18.50 68.42
N VAL BB 95 74.78 -19.09 68.60
CA VAL BB 95 74.60 -20.54 68.62
C VAL BB 95 73.57 -20.89 67.55
N ARG BB 96 73.85 -21.95 66.79
CA ARG BB 96 72.97 -22.40 65.72
C ARG BB 96 72.51 -23.81 66.02
N VAL BB 97 71.22 -24.07 65.84
CA VAL BB 97 70.62 -25.36 66.21
C VAL BB 97 69.89 -25.93 65.00
N PRO BB 98 69.68 -27.25 64.98
CA PRO BB 98 69.05 -27.86 63.80
C PRO BB 98 67.66 -27.34 63.50
N GLY BB 99 66.84 -27.08 64.52
CA GLY BB 99 65.47 -26.71 64.27
C GLY BB 99 64.85 -26.00 65.46
N SER BB 100 63.57 -25.67 65.31
CA SER BB 100 62.87 -24.90 66.33
C SER BB 100 62.78 -25.65 67.64
N TRP BB 101 62.53 -26.96 67.60
CA TRP BB 101 62.31 -27.73 68.81
C TRP BB 101 63.50 -27.63 69.76
N GLU BB 102 64.68 -27.36 69.24
CA GLU BB 102 65.90 -27.37 70.05
C GLU BB 102 66.28 -25.99 70.58
N ILE BB 103 65.53 -24.93 70.27
CA ILE BB 103 65.91 -23.60 70.75
C ILE BB 103 65.88 -23.51 72.27
N PRO BB 104 64.80 -23.88 72.97
CA PRO BB 104 64.73 -23.59 74.40
C PRO BB 104 65.84 -24.21 75.24
N VAL BB 105 66.28 -25.43 74.91
CA VAL BB 105 67.32 -26.05 75.72
C VAL BB 105 68.64 -25.32 75.57
N ALA BB 106 68.94 -24.85 74.36
CA ALA BB 106 70.16 -24.08 74.14
C ALA BB 106 70.07 -22.71 74.81
N ALA BB 107 68.94 -22.01 74.63
CA ALA BB 107 68.78 -20.70 75.24
C ALA BB 107 68.87 -20.78 76.76
N GLY BB 108 68.52 -21.94 77.34
CA GLY BB 108 68.70 -22.11 78.76
C GLY BB 108 70.16 -22.16 79.15
N GLU BB 109 70.98 -22.82 78.34
CA GLU BB 109 72.41 -22.92 78.64
C GLU BB 109 73.07 -21.55 78.63
N LEU BB 110 72.72 -20.71 77.65
CA LEU BB 110 73.30 -19.38 77.58
C LEU BB 110 72.89 -18.52 78.77
N ALA BB 111 71.60 -18.55 79.13
CA ALA BB 111 71.10 -17.66 80.17
C ALA BB 111 71.67 -18.00 81.54
N ARG BB 112 71.94 -19.27 81.81
CA ARG BB 112 72.46 -19.66 83.11
C ARG BB 112 73.89 -19.22 83.34
N LYS BB 113 74.57 -18.71 82.31
CA LYS BB 113 75.88 -18.11 82.51
C LYS BB 113 75.75 -16.83 83.34
N GLU BB 114 76.80 -16.54 84.09
CA GLU BB 114 76.83 -15.35 84.94
C GLU BB 114 77.34 -14.11 84.21
N ASP BB 115 77.64 -14.22 82.92
CA ASP BB 115 78.22 -13.15 82.13
C ASP BB 115 77.38 -12.88 80.89
N ILE BB 116 76.05 -12.98 81.03
CA ILE BB 116 75.12 -12.70 79.95
C ILE BB 116 74.00 -11.82 80.51
N ASP BB 117 73.52 -10.88 79.70
CA ASP BB 117 72.51 -9.92 80.11
C ASP BB 117 71.18 -10.09 79.40
N ALA BB 118 71.19 -10.50 78.13
CA ALA BB 118 69.95 -10.75 77.41
C ALA BB 118 70.19 -11.86 76.39
N VAL BB 119 69.11 -12.51 75.98
CA VAL BB 119 69.14 -13.56 74.98
C VAL BB 119 68.08 -13.23 73.92
N ILE BB 120 68.45 -13.43 72.65
CA ILE BB 120 67.57 -13.18 71.53
C ILE BB 120 67.39 -14.50 70.79
N ALA BB 121 66.13 -14.84 70.50
CA ALA BB 121 65.78 -16.08 69.81
C ALA BB 121 65.17 -15.76 68.46
N ILE BB 122 65.73 -16.36 67.41
CA ILE BB 122 65.29 -16.14 66.04
C ILE BB 122 65.00 -17.48 65.39
N GLY BB 123 63.90 -17.56 64.66
CA GLY BB 123 63.54 -18.80 64.00
C GLY BB 123 62.33 -18.62 63.11
N VAL BB 124 61.94 -19.70 62.44
CA VAL BB 124 60.80 -19.72 61.54
C VAL BB 124 59.92 -20.91 61.88
N LEU BB 125 58.62 -20.69 61.88
CA LEU BB 125 57.63 -21.71 62.19
C LEU BB 125 56.79 -22.01 60.97
N ILE BB 126 56.00 -23.07 61.05
CA ILE BB 126 55.11 -23.49 59.98
C ILE BB 126 53.69 -23.57 60.55
N ARG BB 127 52.75 -22.90 59.89
CA ARG BB 127 51.36 -22.85 60.32
C ARG BB 127 50.47 -23.82 59.54
N GLY BB 128 50.48 -23.75 58.21
CA GLY BB 128 49.66 -24.62 57.40
C GLY BB 128 50.28 -25.97 57.17
N ALA BB 129 50.27 -26.83 58.19
CA ALA BB 129 50.85 -28.16 58.09
C ALA BB 129 50.03 -29.11 58.96
N THR BB 130 50.55 -30.32 59.15
CA THR BB 130 49.86 -31.32 59.94
C THR BB 130 49.93 -30.96 61.43
N PRO BB 131 49.11 -31.58 62.26
CA PRO BB 131 49.15 -31.29 63.71
C PRO BB 131 50.50 -31.56 64.34
N HIS BB 132 51.36 -32.35 63.69
CA HIS BB 132 52.70 -32.59 64.23
C HIS BB 132 53.44 -31.27 64.45
N PHE BB 133 53.42 -30.39 63.44
CA PHE BB 133 54.04 -29.08 63.61
C PHE BB 133 53.31 -28.24 64.63
N ASP BB 134 52.00 -28.47 64.81
CA ASP BB 134 51.24 -27.74 65.81
C ASP BB 134 51.67 -28.07 67.23
N TYR BB 135 52.45 -29.14 67.42
CA TYR BB 135 52.99 -29.48 68.74
C TYR BB 135 54.31 -28.80 68.99
N ILE BB 136 55.20 -28.78 68.00
CA ILE BB 136 56.46 -28.05 68.14
C ILE BB 136 56.18 -26.56 68.29
N ALA BB 137 55.15 -26.07 67.61
CA ALA BB 137 54.88 -24.64 67.61
C ALA BB 137 54.53 -24.13 69.01
N SER BB 138 53.74 -24.88 69.75
CA SER BB 138 53.27 -24.40 71.05
C SER BB 138 54.39 -24.44 72.09
N GLU BB 139 55.18 -25.51 72.09
CA GLU BB 139 56.15 -25.70 73.16
C GLU BB 139 57.27 -24.68 73.12
N VAL BB 140 57.63 -24.20 71.92
CA VAL BB 140 58.74 -23.25 71.83
C VAL BB 140 58.40 -21.94 72.53
N SER BB 141 57.17 -21.45 72.33
CA SER BB 141 56.76 -20.22 73.03
C SER BB 141 56.68 -20.43 74.53
N LYS BB 142 56.12 -21.56 74.96
CA LYS BB 142 55.95 -21.80 76.39
C LYS BB 142 57.29 -21.88 77.11
N GLY BB 143 58.26 -22.59 76.52
CA GLY BB 143 59.52 -22.80 77.21
C GLY BB 143 60.29 -21.53 77.45
N LEU BB 144 60.33 -20.64 76.44
CA LEU BB 144 61.08 -19.40 76.59
C LEU BB 144 60.49 -18.52 77.67
N ALA BB 145 59.16 -18.43 77.73
CA ALA BB 145 58.52 -17.62 78.75
C ALA BB 145 58.83 -18.12 80.15
N ASN BB 146 58.80 -19.44 80.35
CA ASN BB 146 59.08 -20.00 81.66
C ASN BB 146 60.51 -19.70 82.09
N LEU BB 147 61.46 -19.79 81.17
CA LEU BB 147 62.85 -19.51 81.51
C LEU BB 147 63.04 -18.07 81.94
N SER BB 148 62.39 -17.14 81.26
CA SER BB 148 62.59 -15.72 81.56
C SER BB 148 62.18 -15.40 82.99
N LEU BB 149 61.30 -16.19 83.58
CA LEU BB 149 60.83 -15.95 84.94
C LEU BB 149 61.59 -16.74 85.98
N GLU BB 150 62.11 -17.91 85.63
CA GLU BB 150 62.88 -18.70 86.59
C GLU BB 150 64.27 -18.11 86.81
N LEU BB 151 64.92 -17.65 85.75
CA LEU BB 151 66.26 -17.11 85.84
C LEU BB 151 66.30 -15.61 86.06
N ARG BB 152 65.16 -14.93 85.98
CA ARG BB 152 65.09 -13.49 86.16
C ARG BB 152 66.03 -12.78 85.19
N LYS BB 153 65.82 -13.04 83.90
CA LYS BB 153 66.69 -12.53 82.86
C LYS BB 153 65.88 -12.43 81.57
N PRO BB 154 65.88 -11.29 80.89
CA PRO BB 154 65.05 -11.17 79.70
C PRO BB 154 65.48 -12.10 78.58
N ILE BB 155 64.48 -12.57 77.82
CA ILE BB 155 64.67 -13.43 76.66
C ILE BB 155 63.65 -13.00 75.62
N THR BB 156 64.09 -12.31 74.60
CA THR BB 156 63.17 -11.75 73.61
C THR BB 156 62.80 -12.79 72.57
N PHE BB 157 61.64 -12.60 71.96
CA PHE BB 157 60.99 -13.61 71.12
C PHE BB 157 60.84 -13.04 69.71
N GLY BB 158 61.79 -13.37 68.84
CA GLY BB 158 61.79 -12.90 67.48
C GLY BB 158 61.29 -13.89 66.46
N VAL BB 159 60.66 -14.99 66.89
CA VAL BB 159 60.22 -16.01 65.94
C VAL BB 159 59.14 -15.44 65.03
N ILE BB 160 59.16 -15.86 63.77
CA ILE BB 160 58.17 -15.43 62.80
C ILE BB 160 57.49 -16.65 62.20
N THR BB 161 56.56 -16.44 61.27
CA THR BB 161 55.83 -17.52 60.63
C THR BB 161 55.95 -17.38 59.12
N ALA BB 162 55.79 -18.51 58.43
CA ALA BB 162 55.88 -18.53 56.98
C ALA BB 162 54.53 -18.14 56.35
N THR CB 12 33.73 2.13 90.04
CA THR CB 12 32.63 2.81 90.71
C THR CB 12 31.74 3.49 89.68
N LYS CB 13 32.25 4.54 89.04
CA LYS CB 13 31.50 5.29 88.05
C LYS CB 13 32.22 5.48 86.73
N HIS CB 14 33.55 5.63 86.74
CA HIS CB 14 34.27 5.97 85.52
C HIS CB 14 34.10 4.88 84.46
N GLY CB 15 34.39 3.63 84.82
CA GLY CB 15 34.10 2.49 84.00
C GLY CB 15 35.26 1.95 83.19
N ASN CB 16 36.25 2.79 82.85
CA ASN CB 16 37.36 2.31 82.05
C ASN CB 16 38.18 1.28 82.83
N LYS CB 17 38.76 0.33 82.11
CA LYS CB 17 39.36 -0.83 82.76
C LYS CB 17 40.48 -0.47 83.71
N GLY CB 18 41.07 0.72 83.57
CA GLY CB 18 42.02 1.18 84.57
C GLY CB 18 41.36 1.42 85.91
N TRP CB 19 40.17 2.01 85.90
CA TRP CB 19 39.44 2.22 87.14
C TRP CB 19 39.06 0.90 87.79
N GLU CB 20 38.51 -0.02 87.01
CA GLU CB 20 38.09 -1.31 87.55
C GLU CB 20 39.27 -2.10 88.08
N ALA CB 21 40.37 -2.12 87.32
CA ALA CB 21 41.54 -2.88 87.75
C ALA CB 21 42.11 -2.34 89.06
N ALA CB 22 41.98 -1.04 89.31
CA ALA CB 22 42.49 -0.48 90.55
C ALA CB 22 41.58 -0.78 91.74
N LEU CB 23 40.28 -0.90 91.52
CA LEU CB 23 39.37 -1.22 92.61
C LEU CB 23 39.68 -2.60 93.18
N SER CB 24 39.96 -3.57 92.30
CA SER CB 24 40.31 -4.90 92.77
C SER CB 24 41.58 -4.87 93.62
N ALA CB 25 42.57 -4.10 93.20
CA ALA CB 25 43.83 -4.05 93.92
C ALA CB 25 43.65 -3.46 95.32
N ILE CB 26 42.81 -2.44 95.44
CA ILE CB 26 42.59 -1.83 96.74
C ILE CB 26 41.91 -2.80 97.68
N GLU CB 27 41.00 -3.62 97.16
CA GLU CB 27 40.25 -4.55 98.00
C GLU CB 27 41.11 -5.74 98.41
N MET CB 28 41.91 -6.27 97.48
CA MET CB 28 42.75 -7.42 97.81
C MET CB 28 43.86 -7.04 98.76
N ALA CB 29 44.37 -5.82 98.66
CA ALA CB 29 45.40 -5.36 99.60
C ALA CB 29 44.83 -5.27 101.01
N ASN CB 30 43.57 -4.84 101.14
CA ASN CB 30 42.96 -4.76 102.46
C ASN CB 30 42.63 -6.13 103.01
N LEU CB 31 42.21 -7.05 102.13
CA LEU CB 31 41.82 -8.39 102.58
C LEU CB 31 42.97 -9.11 103.24
N PHE CB 32 44.18 -8.99 102.67
CA PHE CB 32 45.30 -9.77 103.16
C PHE CB 32 45.72 -9.35 104.55
N LYS CB 33 45.65 -8.06 104.87
CA LYS CB 33 45.94 -7.63 106.24
C LYS CB 33 44.95 -8.23 107.21
N SER CB 34 43.67 -8.29 106.85
CA SER CB 34 42.68 -8.91 107.72
C SER CB 34 43.03 -10.37 107.98
N LEU CB 35 43.41 -11.11 106.94
CA LEU CB 35 43.75 -12.51 107.10
C LEU CB 35 44.96 -12.69 108.01
N ARG CB 36 45.99 -11.86 107.82
CA ARG CB 36 47.21 -12.03 108.60
C ARG CB 36 47.06 -11.56 110.03
N GLY CB 37 46.03 -10.77 110.33
CA GLY CB 37 45.89 -10.20 111.66
C GLY CB 37 45.56 -11.21 112.73
N THR CB 38 44.34 -11.72 112.71
CA THR CB 38 43.87 -12.67 113.71
C THR CB 38 42.45 -13.09 113.35
N GLY CB 39 41.95 -14.09 114.06
CA GLY CB 39 40.58 -14.55 113.87
C GLY CB 39 39.59 -13.69 114.64
N GLY CB 40 38.32 -14.06 114.50
CA GLY CB 40 37.25 -13.35 115.16
C GLY CB 40 37.14 -13.73 116.63
N SER CB 41 36.17 -13.11 117.30
CA SER CB 41 35.95 -13.38 118.71
C SER CB 41 35.57 -14.84 118.93
N GLY CB 42 34.71 -15.38 118.09
CA GLY CB 42 34.27 -16.76 118.17
C GLY CB 42 32.77 -16.86 118.39
N SER CB 43 32.32 -18.11 118.50
CA SER CB 43 30.91 -18.41 118.74
C SER CB 43 30.03 -17.93 117.59
N SER CB 44 30.60 -17.85 116.39
CA SER CB 44 29.85 -17.46 115.20
C SER CB 44 30.72 -17.71 113.99
N MET CB 45 30.13 -17.54 112.81
CA MET CB 45 30.84 -17.76 111.56
C MET CB 45 31.81 -16.61 111.30
N GLU CB 46 33.06 -16.94 111.00
CA GLU CB 46 34.08 -15.94 110.72
C GLU CB 46 33.97 -15.48 109.27
N ILE CB 47 34.03 -14.17 109.06
CA ILE CB 47 33.94 -13.57 107.73
C ILE CB 47 35.11 -12.62 107.56
N TYR CB 48 35.79 -12.73 106.42
CA TYR CB 48 36.89 -11.85 106.04
C TYR CB 48 36.52 -11.12 104.76
N GLU CB 49 36.61 -9.79 104.78
CA GLU CB 49 36.35 -8.97 103.62
C GLU CB 49 37.33 -7.81 103.60
N GLY CB 50 37.48 -7.22 102.42
CA GLY CB 50 38.29 -6.02 102.24
C GLY CB 50 37.42 -4.83 101.89
N LYS CB 51 37.78 -3.67 102.42
CA LYS CB 51 37.04 -2.44 102.16
C LYS CB 51 37.79 -1.58 101.14
N LEU CB 52 37.10 -0.54 100.66
CA LEU CB 52 37.65 0.33 99.62
C LEU CB 52 38.22 1.62 100.22
N THR CB 53 39.27 1.45 101.02
CA THR CB 53 40.03 2.54 101.59
C THR CB 53 41.50 2.33 101.25
N ALA CB 54 42.14 3.37 100.73
CA ALA CB 54 43.52 3.30 100.25
C ALA CB 54 44.45 4.19 101.09
N GLU CB 55 44.23 4.22 102.39
CA GLU CB 55 45.03 5.04 103.30
C GLU CB 55 46.20 4.22 103.80
N GLY CB 56 47.40 4.52 103.30
CA GLY CB 56 48.60 3.86 103.76
C GLY CB 56 49.00 2.63 102.98
N LEU CB 57 48.65 2.55 101.70
CA LEU CB 57 48.98 1.40 100.85
C LEU CB 57 49.93 1.82 99.74
N ARG CB 58 50.87 0.95 99.41
CA ARG CB 58 51.82 1.18 98.34
C ARG CB 58 51.44 0.33 97.13
N PHE CB 59 51.49 0.92 95.95
CA PHE CB 59 51.07 0.27 94.72
C PHE CB 59 52.14 0.38 93.65
N GLY CB 60 52.12 -0.56 92.73
CA GLY CB 60 53.00 -0.52 91.57
C GLY CB 60 52.23 -0.83 90.31
N ILE CB 61 52.59 -0.16 89.22
CA ILE CB 61 51.90 -0.27 87.94
C ILE CB 61 52.93 -0.59 86.86
N VAL CB 62 52.61 -1.56 86.02
CA VAL CB 62 53.42 -1.95 84.87
C VAL CB 62 52.56 -1.77 83.63
N ALA CB 63 53.03 -0.98 82.67
CA ALA CB 63 52.25 -0.67 81.49
C ALA CB 63 53.13 -0.74 80.24
N SER CB 64 52.56 -1.24 79.15
CA SER CB 64 53.25 -1.34 77.88
C SER CB 64 53.07 -0.06 77.07
N ARG CB 65 53.91 0.07 76.03
CA ARG CB 65 53.95 1.28 75.22
C ARG CB 65 53.22 1.15 73.89
N PHE CB 66 53.00 -0.06 73.40
CA PHE CB 66 52.27 -0.25 72.16
C PHE CB 66 50.86 0.34 72.31
N ASN CB 67 50.44 1.13 71.32
CA ASN CB 67 49.19 1.89 71.40
C ASN CB 67 49.16 2.76 72.64
N HIS CB 68 50.13 3.69 72.71
CA HIS CB 68 50.21 4.59 73.86
C HIS CB 68 49.02 5.53 73.93
N ALA CB 69 48.25 5.68 72.85
CA ALA CB 69 47.07 6.53 72.90
C ALA CB 69 46.02 5.96 73.84
N LEU CB 70 45.71 4.67 73.70
CA LEU CB 70 44.73 4.04 74.58
C LEU CB 70 45.32 3.72 75.95
N VAL CB 71 46.59 3.34 76.00
CA VAL CB 71 47.19 2.98 77.28
C VAL CB 71 47.27 4.19 78.20
N ASP CB 72 47.51 5.38 77.63
CA ASP CB 72 47.71 6.55 78.47
C ASP CB 72 46.47 6.86 79.30
N ARG CB 73 45.28 6.73 78.69
CA ARG CB 73 44.05 6.96 79.44
C ARG CB 73 43.87 5.93 80.55
N LEU CB 74 44.18 4.67 80.27
CA LEU CB 74 44.01 3.62 81.27
C LEU CB 74 44.92 3.86 82.46
N VAL CB 75 46.17 4.24 82.24
CA VAL CB 75 47.06 4.50 83.36
C VAL CB 75 46.59 5.71 84.15
N GLU CB 76 46.04 6.70 83.47
CA GLU CB 76 45.46 7.84 84.17
C GLU CB 76 44.29 7.40 85.04
N GLY CB 77 43.40 6.58 84.49
CA GLY CB 77 42.23 6.15 85.24
C GLY CB 77 42.58 5.42 86.52
N ALA CB 78 43.60 4.55 86.46
CA ALA CB 78 44.01 3.81 87.65
C ALA CB 78 44.56 4.76 88.72
N ILE CB 79 45.28 5.80 88.30
CA ILE CB 79 45.85 6.73 89.28
C ILE CB 79 44.75 7.57 89.91
N ASP CB 80 43.77 8.00 89.12
CA ASP CB 80 42.65 8.76 89.68
C ASP CB 80 41.90 7.96 90.72
N CYS CB 81 41.68 6.67 90.47
CA CYS CB 81 40.93 5.85 91.42
C CYS CB 81 41.62 5.81 92.77
N ILE CB 82 42.95 5.69 92.78
CA ILE CB 82 43.67 5.55 94.04
C ILE CB 82 43.57 6.82 94.87
N VAL CB 83 43.71 7.98 94.24
CA VAL CB 83 43.70 9.25 94.98
C VAL CB 83 42.30 9.54 95.51
N ARG CB 84 41.26 9.23 94.73
CA ARG CB 84 39.90 9.53 95.16
C ARG CB 84 39.54 8.80 96.44
N HIS CB 85 40.06 7.59 96.64
CA HIS CB 85 39.71 6.77 97.79
C HIS CB 85 40.63 6.99 98.98
N GLY CB 86 41.54 7.96 98.91
CA GLY CB 86 42.40 8.29 100.02
C GLY CB 86 43.86 7.97 99.83
N GLY CB 87 44.28 7.62 98.61
CA GLY CB 87 45.66 7.31 98.35
C GLY CB 87 46.53 8.54 98.26
N ARG CB 88 47.80 8.29 97.95
CA ARG CB 88 48.81 9.34 97.85
C ARG CB 88 49.62 9.14 96.58
N GLU CB 89 49.77 10.18 95.78
CA GLU CB 89 50.46 10.06 94.51
C GLU CB 89 51.92 9.69 94.67
N GLU CB 90 52.51 9.92 95.83
CA GLU CB 90 53.91 9.60 96.05
C GLU CB 90 54.14 8.13 96.38
N ASP CB 91 53.08 7.36 96.66
CA ASP CB 91 53.20 5.94 96.96
C ASP CB 91 52.82 5.06 95.77
N ILE CB 92 53.08 5.52 94.55
CA ILE CB 92 52.82 4.77 93.34
C ILE CB 92 54.11 4.73 92.52
N THR CB 93 54.48 3.54 92.07
CA THR CB 93 55.64 3.33 91.22
C THR CB 93 55.16 2.86 89.85
N LEU CB 94 55.72 3.43 88.80
CA LEU CB 94 55.34 3.12 87.43
C LEU CB 94 56.55 2.59 86.67
N VAL CB 95 56.34 1.54 85.87
CA VAL CB 95 57.36 0.96 85.03
C VAL CB 95 56.79 0.79 83.63
N ARG CB 96 57.57 1.17 82.61
CA ARG CB 96 57.18 1.01 81.22
C ARG CB 96 58.04 -0.06 80.56
N VAL CB 97 57.42 -0.83 79.67
CA VAL CB 97 58.09 -1.94 79.01
C VAL CB 97 57.84 -1.84 77.51
N PRO CB 98 58.73 -2.36 76.66
CA PRO CB 98 58.51 -2.21 75.21
C PRO CB 98 57.20 -2.79 74.71
N GLY CB 99 56.79 -3.95 75.22
CA GLY CB 99 55.64 -4.63 74.65
C GLY CB 99 55.04 -5.61 75.65
N SER CB 100 53.96 -6.26 75.20
CA SER CB 100 53.21 -7.14 76.08
C SER CB 100 54.02 -8.36 76.51
N TRP CB 101 54.94 -8.83 75.66
CA TRP CB 101 55.72 -10.01 76.02
C TRP CB 101 56.56 -9.80 77.27
N GLU CB 102 56.81 -8.54 77.65
CA GLU CB 102 57.70 -8.23 78.75
C GLU CB 102 56.98 -7.87 80.04
N ILE CB 103 55.65 -7.83 80.05
CA ILE CB 103 54.94 -7.49 81.28
C ILE CB 103 55.20 -8.50 82.39
N PRO CB 104 55.06 -9.81 82.18
CA PRO CB 104 55.26 -10.74 83.30
C PRO CB 104 56.62 -10.65 83.94
N VAL CB 105 57.68 -10.52 83.14
CA VAL CB 105 59.03 -10.51 83.72
C VAL CB 105 59.25 -9.24 84.52
N ALA CB 106 58.69 -8.11 84.07
CA ALA CB 106 58.84 -6.85 84.79
C ALA CB 106 58.07 -6.86 86.10
N ALA CB 107 56.86 -7.42 86.09
CA ALA CB 107 56.05 -7.42 87.31
C ALA CB 107 56.69 -8.27 88.40
N GLY CB 108 57.42 -9.31 88.02
CA GLY CB 108 58.09 -10.13 89.01
C GLY CB 108 59.10 -9.37 89.85
N GLU CB 109 59.67 -8.30 89.28
CA GLU CB 109 60.61 -7.49 90.04
C GLU CB 109 59.91 -6.62 91.07
N LEU CB 110 58.78 -6.02 90.70
CA LEU CB 110 58.02 -5.24 91.67
C LEU CB 110 57.50 -6.11 92.80
N ALA CB 111 57.00 -7.30 92.48
CA ALA CB 111 56.35 -8.13 93.48
C ALA CB 111 57.31 -8.53 94.59
N ARG CB 112 58.60 -8.68 94.27
CA ARG CB 112 59.57 -9.10 95.28
C ARG CB 112 59.99 -7.98 96.20
N LYS CB 113 59.62 -6.74 95.91
CA LYS CB 113 59.90 -5.63 96.81
C LYS CB 113 59.14 -5.82 98.12
N GLU CB 114 59.77 -5.44 99.23
CA GLU CB 114 59.16 -5.58 100.54
C GLU CB 114 58.13 -4.50 100.83
N ASP CB 115 58.09 -3.42 100.06
CA ASP CB 115 57.18 -2.31 100.29
C ASP CB 115 55.88 -2.45 99.52
N ILE CB 116 55.95 -2.84 98.25
CA ILE CB 116 54.75 -2.90 97.42
C ILE CB 116 53.77 -3.94 97.98
N ASP CB 117 52.48 -3.61 97.90
CA ASP CB 117 51.41 -4.48 98.39
C ASP CB 117 50.54 -5.05 97.30
N ALA CB 118 50.41 -4.38 96.17
CA ALA CB 118 49.66 -4.90 95.04
C ALA CB 118 50.28 -4.37 93.76
N VAL CB 119 50.02 -5.08 92.66
CA VAL CB 119 50.59 -4.75 91.36
C VAL CB 119 49.47 -4.78 90.32
N ILE CB 120 49.50 -3.82 89.42
CA ILE CB 120 48.48 -3.64 88.39
C ILE CB 120 49.18 -3.69 87.03
N ALA CB 121 48.65 -4.50 86.12
CA ALA CB 121 49.19 -4.63 84.78
C ALA CB 121 48.18 -4.08 83.78
N ILE CB 122 48.66 -3.19 82.91
CA ILE CB 122 47.84 -2.56 81.89
C ILE CB 122 48.51 -2.74 80.54
N GLY CB 123 47.72 -2.98 79.50
CA GLY CB 123 48.25 -3.13 78.17
C GLY CB 123 47.12 -3.31 77.18
N VAL CB 124 47.51 -3.36 75.90
CA VAL CB 124 46.57 -3.60 74.82
C VAL CB 124 47.13 -4.72 73.95
N LEU CB 125 46.24 -5.58 73.46
CA LEU CB 125 46.60 -6.74 72.66
C LEU CB 125 45.90 -6.63 71.30
N ILE CB 126 46.65 -6.89 70.24
CA ILE CB 126 46.12 -6.89 68.88
C ILE CB 126 45.86 -8.34 68.48
N ARG CB 127 44.60 -8.68 68.26
CA ARG CB 127 44.19 -10.04 67.90
C ARG CB 127 43.13 -10.01 66.82
N GLY CB 128 43.31 -9.17 65.81
CA GLY CB 128 42.33 -9.04 64.74
C GLY CB 128 42.93 -8.83 63.37
N ALA CB 129 44.25 -8.84 63.26
CA ALA CB 129 44.93 -8.60 62.00
C ALA CB 129 45.94 -9.69 61.64
N THR CB 130 46.63 -10.26 62.63
CA THR CB 130 47.66 -11.25 62.38
C THR CB 130 47.29 -12.56 63.06
N PRO CB 131 47.29 -13.73 62.33
CA PRO CB 131 47.01 -15.01 62.97
C PRO CB 131 48.25 -15.65 63.61
N HIS CB 132 49.05 -14.81 64.29
CA HIS CB 132 50.24 -15.28 65.00
C HIS CB 132 50.34 -14.74 66.43
N PHE CB 133 49.67 -13.64 66.76
CA PHE CB 133 49.76 -13.05 68.09
C PHE CB 133 49.14 -13.92 69.17
N ASP CB 134 48.40 -14.96 68.80
CA ASP CB 134 47.76 -15.81 69.80
C ASP CB 134 48.79 -16.42 70.76
N TYR CB 135 49.98 -16.74 70.25
CA TYR CB 135 51.04 -17.25 71.11
C TYR CB 135 51.45 -16.20 72.14
N ILE CB 136 51.59 -14.95 71.72
CA ILE CB 136 51.97 -13.89 72.64
C ILE CB 136 50.87 -13.68 73.68
N ALA CB 137 49.61 -13.66 73.24
CA ALA CB 137 48.52 -13.34 74.16
C ALA CB 137 48.39 -14.38 75.27
N SER CB 138 48.52 -15.65 74.92
CA SER CB 138 48.30 -16.72 75.89
C SER CB 138 49.35 -16.70 77.00
N GLU CB 139 50.58 -16.30 76.70
CA GLU CB 139 51.64 -16.34 77.70
C GLU CB 139 51.54 -15.22 78.72
N VAL CB 140 50.87 -14.11 78.39
CA VAL CB 140 50.69 -13.04 79.35
C VAL CB 140 49.80 -13.50 80.50
N SER CB 141 48.69 -14.17 80.17
CA SER CB 141 47.76 -14.61 81.19
C SER CB 141 48.38 -15.69 82.07
N LYS CB 142 49.16 -16.60 81.48
CA LYS CB 142 49.79 -17.65 82.27
C LYS CB 142 50.83 -17.08 83.23
N GLY CB 143 51.73 -16.24 82.73
CA GLY CB 143 52.83 -15.78 83.55
C GLY CB 143 52.37 -14.96 84.74
N LEU CB 144 51.39 -14.09 84.52
CA LEU CB 144 50.90 -13.26 85.62
C LEU CB 144 50.21 -14.10 86.68
N ALA CB 145 49.47 -15.12 86.26
CA ALA CB 145 48.75 -15.97 87.21
C ALA CB 145 49.70 -16.81 88.04
N ASN CB 146 50.75 -17.36 87.43
CA ASN CB 146 51.72 -18.16 88.18
C ASN CB 146 52.46 -17.33 89.21
N LEU CB 147 52.74 -16.06 88.91
CA LEU CB 147 53.49 -15.22 89.84
C LEU CB 147 52.74 -15.00 91.14
N SER CB 148 51.42 -14.78 91.06
CA SER CB 148 50.64 -14.52 92.26
C SER CB 148 50.71 -15.67 93.24
N LEU CB 149 50.59 -16.91 92.74
CA LEU CB 149 50.68 -18.07 93.61
C LEU CB 149 52.08 -18.20 94.20
N GLU CB 150 53.12 -18.00 93.39
CA GLU CB 150 54.49 -18.22 93.85
C GLU CB 150 54.89 -17.21 94.91
N LEU CB 151 54.62 -15.92 94.67
CA LEU CB 151 55.02 -14.87 95.60
C LEU CB 151 53.96 -14.55 96.64
N ARG CB 152 52.74 -15.09 96.51
CA ARG CB 152 51.69 -14.88 97.48
C ARG CB 152 51.38 -13.39 97.64
N LYS CB 153 51.11 -12.73 96.52
CA LYS CB 153 50.88 -11.31 96.47
C LYS CB 153 49.87 -11.06 95.35
N PRO CB 154 48.87 -10.19 95.57
CA PRO CB 154 47.86 -9.99 94.52
C PRO CB 154 48.41 -9.21 93.32
N ILE CB 155 48.08 -9.71 92.14
CA ILE CB 155 48.42 -9.07 90.87
C ILE CB 155 47.15 -9.02 90.03
N THR CB 156 46.80 -7.85 89.54
CA THR CB 156 45.53 -7.63 88.87
C THR CB 156 45.72 -7.49 87.37
N PHE CB 157 44.70 -7.89 86.64
CA PHE CB 157 44.70 -7.94 85.18
C PHE CB 157 43.96 -6.73 84.62
N GLY CB 158 44.65 -5.94 83.79
CA GLY CB 158 44.06 -4.77 83.18
C GLY CB 158 44.30 -4.70 81.69
N VAL CB 159 44.26 -5.84 81.02
CA VAL CB 159 44.65 -5.96 79.61
C VAL CB 159 43.40 -5.84 78.73
N ILE CB 160 43.46 -4.93 77.78
CA ILE CB 160 42.40 -4.72 76.79
C ILE CB 160 42.76 -5.50 75.53
N THR CB 161 41.74 -5.92 74.81
CA THR CB 161 41.89 -6.55 73.50
C THR CB 161 41.21 -5.66 72.46
N ALA CB 162 41.91 -5.42 71.36
CA ALA CB 162 41.41 -4.55 70.31
C ALA CB 162 40.63 -5.36 69.27
N ASN DB 16 -24.41 31.78 77.29
CA ASN DB 16 -23.04 32.23 77.48
C ASN DB 16 -22.30 31.34 78.47
N LYS DB 17 -20.98 31.43 78.47
CA LYS DB 17 -20.14 30.65 79.36
C LYS DB 17 -19.88 31.36 80.69
N GLY DB 18 -20.72 32.32 81.06
CA GLY DB 18 -20.52 33.08 82.27
C GLY DB 18 -21.27 32.52 83.45
N TRP DB 19 -22.54 32.14 83.25
CA TRP DB 19 -23.34 31.63 84.36
C TRP DB 19 -22.77 30.34 84.91
N GLU DB 20 -22.06 29.57 84.07
CA GLU DB 20 -21.41 28.37 84.58
C GLU DB 20 -20.36 28.73 85.62
N ALA DB 21 -19.57 29.76 85.36
CA ALA DB 21 -18.65 30.26 86.37
C ALA DB 21 -19.41 30.73 87.60
N ALA DB 22 -20.64 31.22 87.43
CA ALA DB 22 -21.41 31.68 88.57
C ALA DB 22 -21.93 30.51 89.40
N LEU DB 23 -22.47 29.48 88.74
CA LEU DB 23 -23.05 28.37 89.50
C LEU DB 23 -22.02 27.75 90.42
N SER DB 24 -20.79 27.58 89.94
CA SER DB 24 -19.74 26.99 90.78
C SER DB 24 -19.55 27.78 92.06
N ALA DB 25 -19.59 29.11 91.98
CA ALA DB 25 -19.29 29.94 93.14
C ALA DB 25 -20.32 29.74 94.24
N ILE DB 26 -21.60 29.73 93.90
CA ILE DB 26 -22.63 29.58 94.93
C ILE DB 26 -22.53 28.20 95.59
N GLU DB 27 -22.36 27.15 94.78
CA GLU DB 27 -22.24 25.82 95.35
C GLU DB 27 -21.10 25.74 96.36
N MET DB 28 -19.91 26.19 95.96
CA MET DB 28 -18.75 26.13 96.84
C MET DB 28 -18.93 27.05 98.05
N ALA DB 29 -19.52 28.22 97.84
CA ALA DB 29 -19.70 29.15 98.96
C ALA DB 29 -20.60 28.55 100.03
N ASN DB 30 -21.67 27.86 99.63
CA ASN DB 30 -22.53 27.20 100.60
C ASN DB 30 -21.83 26.00 101.23
N LEU DB 31 -21.08 25.25 100.43
CA LEU DB 31 -20.39 24.07 100.94
C LEU DB 31 -19.39 24.43 102.03
N PHE DB 32 -18.66 25.52 101.86
CA PHE DB 32 -17.65 25.90 102.83
C PHE DB 32 -18.27 26.28 104.16
N LYS DB 33 -19.52 26.75 104.15
CA LYS DB 33 -20.21 27.05 105.41
C LYS DB 33 -20.46 25.78 106.21
N SER DB 34 -20.81 24.69 105.54
CA SER DB 34 -21.12 23.45 106.24
C SER DB 34 -19.91 22.93 107.00
N LEU DB 35 -18.77 22.81 106.33
CA LEU DB 35 -17.61 22.18 106.95
C LEU DB 35 -17.14 22.96 108.17
N ARG DB 36 -17.11 24.29 108.07
CA ARG DB 36 -16.65 25.10 109.19
C ARG DB 36 -17.55 24.99 110.41
N GLY DB 37 -18.79 24.54 110.22
CA GLY DB 37 -19.72 24.39 111.32
C GLY DB 37 -19.52 23.10 112.08
N THR DB 38 -20.44 22.85 113.01
CA THR DB 38 -20.36 21.65 113.83
C THR DB 38 -20.54 20.40 112.98
N GLY DB 39 -19.95 19.29 113.45
CA GLY DB 39 -20.03 18.04 112.75
C GLY DB 39 -21.37 17.36 112.93
N GLY DB 40 -21.50 16.19 112.31
CA GLY DB 40 -22.73 15.43 112.35
C GLY DB 40 -22.90 14.68 113.66
N SER DB 41 -24.03 13.98 113.76
CA SER DB 41 -24.35 13.21 114.94
C SER DB 41 -23.74 11.81 114.92
N GLY DB 42 -23.04 11.45 113.85
CA GLY DB 42 -22.44 10.13 113.78
C GLY DB 42 -23.46 9.05 113.45
N SER DB 43 -23.01 7.81 113.59
CA SER DB 43 -23.79 6.59 113.34
C SER DB 43 -23.97 6.32 111.86
N SER DB 44 -23.51 7.20 110.97
CA SER DB 44 -23.61 6.95 109.54
C SER DB 44 -22.59 7.82 108.82
N MET DB 45 -22.31 7.46 107.57
CA MET DB 45 -21.38 8.24 106.77
C MET DB 45 -21.92 9.64 106.53
N GLU DB 46 -21.06 10.64 106.69
CA GLU DB 46 -21.43 12.03 106.51
C GLU DB 46 -21.16 12.45 105.08
N ILE DB 47 -22.20 12.85 104.36
CA ILE DB 47 -22.08 13.37 103.00
C ILE DB 47 -22.33 14.87 103.06
N TYR DB 48 -21.32 15.65 102.70
CA TYR DB 48 -21.42 17.10 102.59
C TYR DB 48 -21.64 17.47 101.13
N GLU DB 49 -22.65 18.28 100.86
CA GLU DB 49 -22.86 18.81 99.53
C GLU DB 49 -23.51 20.19 99.65
N GLY DB 50 -23.10 21.11 98.79
CA GLY DB 50 -23.55 22.48 98.88
C GLY DB 50 -24.88 22.72 98.17
N LYS DB 51 -25.58 23.75 98.64
CA LYS DB 51 -26.87 24.12 98.11
C LYS DB 51 -26.71 25.11 96.95
N LEU DB 52 -27.84 25.51 96.37
CA LEU DB 52 -27.88 26.51 95.31
C LEU DB 52 -28.63 27.77 95.74
N THR DB 53 -28.78 27.98 97.04
CA THR DB 53 -29.43 29.19 97.56
C THR DB 53 -28.39 30.28 97.71
N ALA DB 54 -28.55 31.35 96.93
CA ALA DB 54 -27.57 32.43 96.88
C ALA DB 54 -27.77 33.48 97.96
N GLU DB 55 -28.83 33.38 98.76
CA GLU DB 55 -29.14 34.42 99.71
C GLU DB 55 -28.09 34.49 100.82
N GLY DB 56 -27.65 35.71 101.14
CA GLY DB 56 -26.69 35.93 102.19
C GLY DB 56 -25.23 35.89 101.77
N LEU DB 57 -24.94 35.67 100.49
CA LEU DB 57 -23.58 35.51 100.01
C LEU DB 57 -23.11 36.79 99.34
N ARG DB 58 -21.92 37.24 99.72
CA ARG DB 58 -21.27 38.39 99.10
C ARG DB 58 -20.29 37.91 98.04
N PHE DB 59 -20.37 38.49 96.85
CA PHE DB 59 -19.58 38.07 95.71
C PHE DB 59 -18.72 39.23 95.21
N GLY DB 60 -17.53 38.87 94.71
CA GLY DB 60 -16.71 39.79 93.95
C GLY DB 60 -16.51 39.25 92.54
N ILE DB 61 -16.39 40.16 91.59
CA ILE DB 61 -16.12 39.81 90.20
C ILE DB 61 -14.99 40.69 89.68
N VAL DB 62 -14.04 40.09 88.98
CA VAL DB 62 -12.92 40.79 88.36
C VAL DB 62 -12.94 40.50 86.87
N ALA DB 63 -12.95 41.56 86.06
CA ALA DB 63 -13.01 41.43 84.61
C ALA DB 63 -12.02 42.38 83.98
N SER DB 64 -11.59 42.04 82.77
CA SER DB 64 -10.67 42.84 81.99
C SER DB 64 -11.41 43.61 80.91
N ARG DB 65 -10.69 44.54 80.27
CA ARG DB 65 -11.31 45.44 79.29
C ARG DB 65 -11.01 45.05 77.86
N PHE DB 66 -9.92 44.35 77.58
CA PHE DB 66 -9.61 43.97 76.21
C PHE DB 66 -10.74 43.11 75.65
N ASN DB 67 -11.17 43.43 74.43
CA ASN DB 67 -12.31 42.78 73.80
C ASN DB 67 -13.58 42.99 74.63
N HIS DB 68 -13.94 44.27 74.78
CA HIS DB 68 -15.07 44.63 75.61
C HIS DB 68 -16.38 44.07 75.09
N ALA DB 69 -16.46 43.75 73.80
CA ALA DB 69 -17.68 43.19 73.25
C ALA DB 69 -18.00 41.85 73.92
N LEU DB 70 -17.03 40.94 73.98
CA LEU DB 70 -17.27 39.63 74.56
C LEU DB 70 -17.42 39.73 76.08
N VAL DB 71 -16.52 40.46 76.73
CA VAL DB 71 -16.55 40.56 78.18
C VAL DB 71 -17.83 41.25 78.66
N ASP DB 72 -18.44 42.07 77.83
CA ASP DB 72 -19.67 42.76 78.24
C ASP DB 72 -20.78 41.76 78.53
N ARG DB 73 -20.94 40.74 77.67
CA ARG DB 73 -22.01 39.78 77.87
C ARG DB 73 -21.66 38.71 78.90
N LEU DB 74 -20.38 38.35 79.02
CA LEU DB 74 -19.99 37.38 80.05
C LEU DB 74 -20.29 37.92 81.45
N VAL DB 75 -19.97 39.18 81.72
CA VAL DB 75 -20.23 39.72 83.05
C VAL DB 75 -21.73 39.85 83.30
N GLU DB 76 -22.48 40.34 82.31
CA GLU DB 76 -23.92 40.46 82.49
C GLU DB 76 -24.56 39.10 82.71
N GLY DB 77 -24.15 38.10 81.91
CA GLY DB 77 -24.68 36.76 82.11
C GLY DB 77 -24.39 36.23 83.50
N ALA DB 78 -23.20 36.54 84.03
CA ALA DB 78 -22.87 36.12 85.38
C ALA DB 78 -23.77 36.79 86.41
N ILE DB 79 -24.07 38.08 86.22
CA ILE DB 79 -24.90 38.79 87.20
C ILE DB 79 -26.33 38.29 87.14
N ASP DB 80 -26.78 37.84 85.97
CA ASP DB 80 -28.16 37.35 85.84
C ASP DB 80 -28.41 36.09 86.66
N CYS DB 81 -27.35 35.38 87.08
CA CYS DB 81 -27.53 34.10 87.75
C CYS DB 81 -27.56 34.22 89.26
N ILE DB 82 -26.84 35.17 89.85
CA ILE DB 82 -26.91 35.36 91.29
C ILE DB 82 -28.27 35.93 91.68
N VAL DB 83 -28.79 36.87 90.88
CA VAL DB 83 -30.09 37.47 91.20
C VAL DB 83 -31.20 36.43 91.12
N ARG DB 84 -31.16 35.59 90.08
CA ARG DB 84 -32.25 34.63 89.90
C ARG DB 84 -32.28 33.58 91.01
N HIS DB 85 -31.12 33.16 91.49
CA HIS DB 85 -31.05 32.20 92.59
C HIS DB 85 -31.17 32.86 93.96
N GLY DB 86 -31.70 34.07 94.02
CA GLY DB 86 -31.97 34.71 95.29
C GLY DB 86 -30.82 35.54 95.82
N GLY DB 87 -30.30 36.46 95.00
CA GLY DB 87 -29.16 37.26 95.37
C GLY DB 87 -29.31 38.74 95.09
N ARG DB 88 -29.12 39.55 96.12
CA ARG DB 88 -29.22 41.00 95.96
C ARG DB 88 -28.04 41.53 95.17
N GLU DB 89 -28.30 42.49 94.28
CA GLU DB 89 -27.22 43.18 93.58
C GLU DB 89 -26.47 44.14 94.49
N GLU DB 90 -26.98 44.41 95.69
CA GLU DB 90 -26.30 45.27 96.64
C GLU DB 90 -25.06 44.62 97.23
N ASP DB 91 -24.83 43.33 96.98
CA ASP DB 91 -23.67 42.62 97.51
C ASP DB 91 -22.59 42.32 96.49
N ILE DB 92 -22.89 42.43 95.20
CA ILE DB 92 -21.88 42.22 94.16
C ILE DB 92 -20.96 43.43 94.11
N THR DB 93 -19.66 43.17 94.00
CA THR DB 93 -18.65 44.19 93.77
C THR DB 93 -17.91 43.88 92.48
N LEU DB 94 -17.65 44.90 91.68
CA LEU DB 94 -17.05 44.74 90.36
C LEU DB 94 -15.75 45.55 90.28
N VAL DB 95 -14.69 44.91 89.81
CA VAL DB 95 -13.41 45.54 89.56
C VAL DB 95 -13.03 45.31 88.10
N ARG DB 96 -12.62 46.39 87.42
CA ARG DB 96 -12.15 46.31 86.06
C ARG DB 96 -10.64 46.56 86.03
N VAL DB 97 -9.94 45.78 85.22
CA VAL DB 97 -8.48 45.86 85.15
C VAL DB 97 -8.08 45.97 83.68
N PRO DB 98 -6.91 46.54 83.39
CA PRO DB 98 -6.51 46.74 82.00
C PRO DB 98 -6.45 45.46 81.18
N GLY DB 99 -5.64 44.49 81.59
CA GLY DB 99 -5.42 43.29 80.81
C GLY DB 99 -5.44 42.05 81.68
N SER DB 100 -5.23 40.91 81.04
CA SER DB 100 -5.27 39.63 81.74
C SER DB 100 -4.16 39.53 82.78
N TRP DB 101 -3.02 40.16 82.51
CA TRP DB 101 -1.88 40.06 83.40
C TRP DB 101 -2.19 40.56 84.81
N GLU DB 102 -3.21 41.39 84.95
CA GLU DB 102 -3.55 41.99 86.23
C GLU DB 102 -4.69 41.30 86.96
N ILE DB 103 -5.26 40.25 86.39
CA ILE DB 103 -6.34 39.53 87.07
C ILE DB 103 -5.89 38.98 88.41
N PRO DB 104 -4.76 38.27 88.52
CA PRO DB 104 -4.42 37.65 89.81
C PRO DB 104 -4.14 38.63 90.94
N VAL DB 105 -3.42 39.73 90.68
CA VAL DB 105 -3.12 40.67 91.76
C VAL DB 105 -4.39 41.35 92.26
N ALA DB 106 -5.32 41.63 91.35
CA ALA DB 106 -6.57 42.26 91.77
C ALA DB 106 -7.43 41.30 92.57
N ALA DB 107 -7.47 40.03 92.17
CA ALA DB 107 -8.27 39.05 92.89
C ALA DB 107 -7.77 38.87 94.32
N GLY DB 108 -6.49 39.07 94.56
CA GLY DB 108 -5.96 38.91 95.91
C GLY DB 108 -6.50 39.95 96.88
N GLU DB 109 -6.56 41.21 96.44
CA GLU DB 109 -7.07 42.26 97.31
C GLU DB 109 -8.54 42.02 97.65
N LEU DB 110 -9.33 41.60 96.67
CA LEU DB 110 -10.72 41.26 96.95
C LEU DB 110 -10.83 40.06 97.86
N ALA DB 111 -10.10 38.98 97.56
CA ALA DB 111 -10.20 37.74 98.32
C ALA DB 111 -9.74 37.91 99.75
N ARG DB 112 -8.94 38.92 100.06
CA ARG DB 112 -8.47 39.15 101.42
C ARG DB 112 -9.44 39.98 102.25
N LYS DB 113 -10.53 40.46 101.65
CA LYS DB 113 -11.54 41.19 102.40
C LYS DB 113 -12.46 40.22 103.12
N GLU DB 114 -12.71 40.48 104.40
CA GLU DB 114 -13.49 39.55 105.21
C GLU DB 114 -14.93 39.44 104.73
N ASP DB 115 -15.48 40.50 104.15
CA ASP DB 115 -16.88 40.53 103.75
C ASP DB 115 -17.12 39.91 102.38
N ILE DB 116 -16.17 39.12 101.87
CA ILE DB 116 -16.34 38.43 100.60
C ILE DB 116 -16.20 36.93 100.86
N ASP DB 117 -16.97 36.14 100.11
CA ASP DB 117 -16.97 34.69 100.26
C ASP DB 117 -16.77 33.94 98.96
N ALA DB 118 -16.64 34.64 97.83
CA ALA DB 118 -16.36 33.99 96.57
C ALA DB 118 -15.97 35.05 95.55
N VAL DB 119 -14.99 34.73 94.71
CA VAL DB 119 -14.51 35.61 93.65
C VAL DB 119 -14.68 34.90 92.33
N ILE DB 120 -15.13 35.64 91.32
CA ILE DB 120 -15.29 35.14 89.96
C ILE DB 120 -14.36 35.91 89.05
N ALA DB 121 -13.59 35.20 88.25
CA ALA DB 121 -12.62 35.79 87.35
C ALA DB 121 -13.07 35.58 85.91
N ILE DB 122 -13.13 36.68 85.15
CA ILE DB 122 -13.62 36.66 83.77
C ILE DB 122 -12.61 37.38 82.90
N GLY DB 123 -12.32 36.81 81.74
CA GLY DB 123 -11.37 37.42 80.83
C GLY DB 123 -11.24 36.58 79.58
N VAL DB 124 -10.50 37.12 78.61
CA VAL DB 124 -10.27 36.47 77.34
C VAL DB 124 -8.77 36.38 77.09
N LEU DB 125 -8.29 35.18 76.80
CA LEU DB 125 -6.89 34.94 76.48
C LEU DB 125 -6.78 34.62 75.00
N ILE DB 126 -5.95 35.37 74.29
CA ILE DB 126 -5.77 35.19 72.85
C ILE DB 126 -4.66 34.17 72.61
N ARG DB 127 -4.82 33.35 71.58
CA ARG DB 127 -3.87 32.31 71.21
C ARG DB 127 -3.46 32.47 69.76
N GLY DB 128 -3.16 33.72 69.37
CA GLY DB 128 -2.77 34.00 68.01
C GLY DB 128 -1.35 33.56 67.70
N ALA DB 129 -1.00 33.65 66.42
CA ALA DB 129 0.34 33.27 65.98
C ALA DB 129 1.43 34.15 66.58
N THR DB 130 1.07 35.35 67.03
CA THR DB 130 2.07 36.24 67.61
C THR DB 130 2.62 35.65 68.90
N PRO DB 131 3.95 35.53 69.05
CA PRO DB 131 4.49 34.94 70.28
C PRO DB 131 4.50 35.92 71.44
N HIS DB 132 5.08 35.50 72.57
CA HIS DB 132 5.24 36.27 73.80
C HIS DB 132 3.95 36.36 74.60
N PHE DB 133 2.82 35.85 74.10
CA PHE DB 133 1.57 35.86 74.86
C PHE DB 133 1.39 34.60 75.70
N ASP DB 134 2.01 33.49 75.33
CA ASP DB 134 1.90 32.28 76.13
C ASP DB 134 2.42 32.50 77.55
N TYR DB 135 3.41 33.37 77.70
CA TYR DB 135 3.91 33.69 79.04
C TYR DB 135 2.80 34.31 79.89
N ILE DB 136 2.04 35.22 79.32
CA ILE DB 136 0.94 35.83 80.06
C ILE DB 136 -0.16 34.80 80.30
N ALA DB 137 -0.48 33.99 79.28
CA ALA DB 137 -1.61 33.07 79.39
C ALA DB 137 -1.38 32.04 80.49
N SER DB 138 -0.20 31.43 80.51
CA SER DB 138 0.05 30.36 81.49
C SER DB 138 0.04 30.90 82.90
N GLU DB 139 0.63 32.08 83.12
CA GLU DB 139 0.76 32.59 84.49
C GLU DB 139 -0.59 32.93 85.09
N VAL DB 140 -1.58 33.24 84.27
CA VAL DB 140 -2.88 33.63 84.81
C VAL DB 140 -3.53 32.46 85.54
N SER DB 141 -3.53 31.28 84.93
CA SER DB 141 -4.13 30.11 85.55
C SER DB 141 -3.40 29.74 86.83
N LYS DB 142 -2.07 29.70 86.79
CA LYS DB 142 -1.31 29.27 87.95
C LYS DB 142 -1.53 30.20 89.14
N GLY DB 143 -1.53 31.51 88.89
CA GLY DB 143 -1.64 32.45 89.99
C GLY DB 143 -2.96 32.33 90.72
N LEU DB 144 -4.06 32.20 89.98
CA LEU DB 144 -5.36 32.08 90.62
C LEU DB 144 -5.44 30.82 91.48
N ALA DB 145 -4.87 29.72 90.99
CA ALA DB 145 -4.92 28.47 91.75
C ALA DB 145 -4.16 28.59 93.06
N ASN DB 146 -3.00 29.24 93.04
CA ASN DB 146 -2.21 29.39 94.26
C ASN DB 146 -2.92 30.25 95.29
N LEU DB 147 -3.59 31.32 94.84
CA LEU DB 147 -4.28 32.21 95.77
C LEU DB 147 -5.34 31.46 96.56
N SER DB 148 -6.09 30.58 95.89
CA SER DB 148 -7.20 29.90 96.55
C SER DB 148 -6.71 29.07 97.72
N LEU DB 149 -5.60 28.35 97.55
CA LEU DB 149 -5.08 27.50 98.61
C LEU DB 149 -4.44 28.33 99.71
N GLU DB 150 -3.75 29.41 99.36
CA GLU DB 150 -3.05 30.21 100.36
C GLU DB 150 -4.03 30.96 101.24
N LEU DB 151 -5.18 31.36 100.69
CA LEU DB 151 -6.18 32.12 101.42
C LEU DB 151 -7.37 31.28 101.87
N ARG DB 152 -7.54 30.08 101.33
CA ARG DB 152 -8.64 29.19 101.69
C ARG DB 152 -9.99 29.84 101.35
N LYS DB 153 -10.20 30.05 100.07
CA LYS DB 153 -11.41 30.69 99.56
C LYS DB 153 -11.59 30.32 98.09
N PRO DB 154 -12.77 29.88 97.67
CA PRO DB 154 -12.93 29.52 96.26
C PRO DB 154 -12.73 30.70 95.34
N ILE DB 155 -12.09 30.45 94.20
CA ILE DB 155 -11.91 31.45 93.17
C ILE DB 155 -12.22 30.79 91.83
N THR DB 156 -13.45 30.94 91.36
CA THR DB 156 -13.87 30.27 90.15
C THR DB 156 -13.14 30.85 88.95
N PHE DB 157 -13.04 30.03 87.90
CA PHE DB 157 -12.26 30.33 86.71
C PHE DB 157 -13.21 30.47 85.53
N GLY DB 158 -13.22 31.64 84.90
CA GLY DB 158 -14.15 31.88 83.82
C GLY DB 158 -13.50 32.47 82.59
N VAL DB 159 -12.26 32.10 82.34
CA VAL DB 159 -11.51 32.64 81.21
C VAL DB 159 -11.85 31.86 79.95
N ILE DB 160 -11.93 32.56 78.84
CA ILE DB 160 -12.27 31.98 77.54
C ILE DB 160 -11.14 32.28 76.57
N THR DB 161 -11.01 31.44 75.56
CA THR DB 161 -9.97 31.60 74.54
C THR DB 161 -10.63 31.68 73.17
N ALA DB 162 -10.19 32.64 72.36
CA ALA DB 162 -10.76 32.84 71.03
C ALA DB 162 -10.43 31.66 70.12
N GLY EB 15 -8.73 -4.54 90.83
CA GLY EB 15 -10.05 -3.99 90.62
C GLY EB 15 -10.02 -2.66 89.88
N ASN EB 16 -10.78 -1.69 90.37
CA ASN EB 16 -10.84 -0.36 89.79
C ASN EB 16 -9.86 0.56 90.48
N LYS EB 17 -9.64 1.73 89.86
CA LYS EB 17 -8.68 2.67 90.40
C LYS EB 17 -9.06 3.14 91.79
N GLY EB 18 -10.36 3.09 92.14
CA GLY EB 18 -10.77 3.45 93.47
C GLY EB 18 -10.28 2.48 94.51
N TRP EB 19 -10.32 1.19 94.20
CA TRP EB 19 -9.78 0.19 95.12
C TRP EB 19 -8.31 0.45 95.38
N GLU EB 20 -7.55 0.75 94.32
CA GLU EB 20 -6.11 0.97 94.47
C GLU EB 20 -5.83 2.19 95.34
N ALA EB 21 -6.59 3.27 95.16
CA ALA EB 21 -6.35 4.49 95.93
C ALA EB 21 -6.57 4.27 97.41
N ALA EB 22 -7.62 3.53 97.77
CA ALA EB 22 -7.89 3.27 99.18
C ALA EB 22 -6.78 2.46 99.82
N LEU EB 23 -6.24 1.49 99.09
CA LEU EB 23 -5.15 0.67 99.65
C LEU EB 23 -3.94 1.53 99.99
N SER EB 24 -3.57 2.45 99.10
CA SER EB 24 -2.41 3.30 99.35
C SER EB 24 -2.63 4.18 100.57
N ALA EB 25 -3.86 4.67 100.73
CA ALA EB 25 -4.18 5.52 101.88
C ALA EB 25 -4.03 4.76 103.20
N ILE EB 26 -4.47 3.51 103.22
CA ILE EB 26 -4.40 2.74 104.46
C ILE EB 26 -2.95 2.47 104.83
N GLU EB 27 -2.11 2.16 103.85
CA GLU EB 27 -0.72 1.85 104.16
C GLU EB 27 0.06 3.10 104.56
N MET EB 28 -0.14 4.22 103.86
CA MET EB 28 0.54 5.44 104.23
C MET EB 28 0.11 5.94 105.59
N ALA EB 29 -1.19 5.82 105.90
CA ALA EB 29 -1.69 6.26 107.20
C ALA EB 29 -1.05 5.47 108.33
N ASN EB 30 -0.88 4.17 108.15
CA ASN EB 30 -0.21 3.36 109.16
C ASN EB 30 1.28 3.65 109.21
N LEU EB 31 1.89 3.94 108.07
CA LEU EB 31 3.32 4.22 108.04
C LEU EB 31 3.66 5.45 108.86
N PHE EB 32 2.89 6.52 108.70
CA PHE EB 32 3.18 7.75 109.44
C PHE EB 32 3.06 7.54 110.94
N LYS EB 33 2.16 6.65 111.35
CA LYS EB 33 1.99 6.38 112.77
C LYS EB 33 3.18 5.65 113.36
N SER EB 34 3.99 4.99 112.54
CA SER EB 34 5.18 4.29 113.00
C SER EB 34 6.38 5.21 113.12
N LEU EB 35 6.57 6.12 112.18
CA LEU EB 35 7.70 7.03 112.23
C LEU EB 35 7.65 7.91 113.46
N ARG EB 36 6.46 8.36 113.83
CA ARG EB 36 6.28 9.24 115.01
C ARG EB 36 6.55 8.44 116.28
N GLY EB 37 6.53 7.09 116.25
CA GLY EB 37 6.82 6.28 117.41
C GLY EB 37 8.30 6.05 117.62
N THR EB 38 8.60 5.25 118.64
CA THR EB 38 9.97 4.97 118.99
C THR EB 38 10.63 4.09 117.93
N GLY EB 39 11.96 4.13 117.90
CA GLY EB 39 12.73 3.36 116.95
C GLY EB 39 12.87 1.90 117.35
N GLY EB 40 13.61 1.16 116.54
CA GLY EB 40 13.81 -0.25 116.76
C GLY EB 40 14.83 -0.52 117.86
N SER EB 41 15.00 -1.82 118.15
CA SER EB 41 15.94 -2.23 119.18
C SER EB 41 17.39 -1.91 118.82
N GLY EB 42 17.69 -1.67 117.54
CA GLY EB 42 19.03 -1.36 117.12
C GLY EB 42 19.84 -2.59 116.75
N SER EB 43 21.11 -2.34 116.45
CA SER EB 43 22.07 -3.36 116.04
C SER EB 43 21.79 -3.91 114.66
N SER EB 44 20.90 -3.30 113.89
CA SER EB 44 20.60 -3.74 112.54
C SER EB 44 19.81 -2.63 111.85
N MET EB 45 19.61 -2.80 110.54
CA MET EB 45 18.81 -1.83 109.80
C MET EB 45 17.40 -1.76 110.36
N GLU EB 46 16.87 -0.54 110.45
CA GLU EB 46 15.49 -0.31 110.80
C GLU EB 46 14.69 -0.17 109.52
N ILE EB 47 13.72 -1.06 109.32
CA ILE EB 47 12.83 -1.01 108.17
C ILE EB 47 11.46 -0.57 108.68
N TYR EB 48 10.97 0.54 108.14
CA TYR EB 48 9.64 1.05 108.46
C TYR EB 48 8.71 0.72 107.31
N GLU EB 49 7.56 0.11 107.63
CA GLU EB 49 6.57 -0.23 106.63
C GLU EB 49 5.18 -0.10 107.25
N GLY EB 50 4.17 0.01 106.39
CA GLY EB 50 2.80 0.21 106.83
C GLY EB 50 1.97 -1.05 106.65
N LYS EB 51 1.24 -1.40 107.70
CA LYS EB 51 0.31 -2.52 107.64
C LYS EB 51 -0.91 -2.16 106.80
N LEU EB 52 -1.84 -3.09 106.70
CA LEU EB 52 -3.09 -2.88 105.99
C LEU EB 52 -4.29 -3.07 106.90
N THR EB 53 -4.11 -2.84 108.19
CA THR EB 53 -5.21 -2.85 109.14
C THR EB 53 -5.83 -1.45 109.20
N ALA EB 54 -7.15 -1.39 109.00
CA ALA EB 54 -7.89 -0.13 108.91
C ALA EB 54 -8.83 0.07 110.09
N GLU EB 55 -8.41 -0.35 111.28
CA GLU EB 55 -9.25 -0.28 112.47
C GLU EB 55 -8.73 0.83 113.37
N GLY EB 56 -9.55 1.86 113.57
CA GLY EB 56 -9.17 3.03 114.32
C GLY EB 56 -8.74 4.22 113.50
N LEU EB 57 -8.89 4.16 112.18
CA LEU EB 57 -8.45 5.22 111.29
C LEU EB 57 -9.64 5.93 110.67
N ARG EB 58 -9.50 7.23 110.45
CA ARG EB 58 -10.53 8.07 109.88
C ARG EB 58 -10.09 8.55 108.50
N PHE EB 59 -11.01 8.56 107.55
CA PHE EB 59 -10.69 8.79 106.15
C PHE EB 59 -11.59 9.87 105.58
N GLY EB 60 -11.17 10.41 104.43
CA GLY EB 60 -11.94 11.39 103.71
C GLY EB 60 -11.84 11.20 102.21
N ILE EB 61 -12.95 11.41 101.50
CA ILE EB 61 -13.03 11.21 100.06
C ILE EB 61 -13.58 12.48 99.43
N VAL EB 62 -12.98 12.90 98.33
CA VAL EB 62 -13.41 14.06 97.57
C VAL EB 62 -13.62 13.62 96.13
N ALA EB 63 -14.83 13.82 95.60
CA ALA EB 63 -15.18 13.35 94.28
C ALA EB 63 -15.97 14.43 93.55
N SER EB 64 -15.96 14.35 92.23
CA SER EB 64 -16.60 15.31 91.36
C SER EB 64 -17.86 14.73 90.73
N ARG EB 65 -18.77 15.62 90.34
CA ARG EB 65 -20.03 15.19 89.73
C ARG EB 65 -19.87 14.76 88.28
N PHE EB 66 -18.87 15.28 87.57
CA PHE EB 66 -18.78 15.04 86.13
C PHE EB 66 -18.69 13.56 85.84
N ASN EB 67 -19.44 13.12 84.84
CA ASN EB 67 -19.53 11.70 84.46
C ASN EB 67 -19.89 10.85 85.67
N HIS EB 68 -21.06 11.15 86.25
CA HIS EB 68 -21.47 10.48 87.47
C HIS EB 68 -21.58 8.97 87.28
N ALA EB 69 -21.74 8.50 86.04
CA ALA EB 69 -21.76 7.07 85.79
C ALA EB 69 -20.45 6.42 86.22
N LEU EB 70 -19.33 6.97 85.75
CA LEU EB 70 -18.03 6.40 86.10
C LEU EB 70 -17.64 6.72 87.53
N VAL EB 71 -17.85 7.96 87.97
CA VAL EB 71 -17.32 8.38 89.26
C VAL EB 71 -17.97 7.60 90.39
N ASP EB 72 -19.26 7.27 90.25
CA ASP EB 72 -19.94 6.53 91.29
C ASP EB 72 -19.31 5.16 91.50
N ARG EB 73 -18.91 4.50 90.41
CA ARG EB 73 -18.26 3.20 90.53
C ARG EB 73 -16.98 3.31 91.35
N LEU EB 74 -16.20 4.37 91.11
CA LEU EB 74 -14.95 4.52 91.83
C LEU EB 74 -15.16 4.77 93.32
N VAL EB 75 -16.20 5.54 93.66
CA VAL EB 75 -16.44 5.83 95.07
C VAL EB 75 -16.91 4.58 95.80
N GLU EB 76 -17.66 3.71 95.13
CA GLU EB 76 -18.05 2.45 95.74
C GLU EB 76 -16.83 1.59 96.03
N GLY EB 77 -15.86 1.57 95.11
CA GLY EB 77 -14.67 0.76 95.32
C GLY EB 77 -13.91 1.16 96.57
N ALA EB 78 -13.73 2.46 96.79
CA ALA EB 78 -12.99 2.92 97.95
C ALA EB 78 -13.70 2.53 99.24
N ILE EB 79 -15.03 2.64 99.27
CA ILE EB 79 -15.78 2.26 100.46
C ILE EB 79 -15.65 0.76 100.71
N ASP EB 80 -15.73 -0.05 99.65
CA ASP EB 80 -15.60 -1.49 99.81
C ASP EB 80 -14.25 -1.86 100.41
N CYS EB 81 -13.17 -1.25 99.90
CA CYS EB 81 -11.84 -1.61 100.36
C CYS EB 81 -11.65 -1.33 101.84
N ILE EB 82 -12.13 -0.18 102.31
CA ILE EB 82 -11.94 0.17 103.72
C ILE EB 82 -12.74 -0.76 104.62
N VAL EB 83 -13.95 -1.13 104.19
CA VAL EB 83 -14.78 -2.01 105.02
C VAL EB 83 -14.21 -3.42 105.06
N ARG EB 84 -13.80 -3.95 103.90
CA ARG EB 84 -13.26 -5.31 103.86
C ARG EB 84 -12.02 -5.44 104.75
N HIS EB 85 -11.25 -4.36 104.91
CA HIS EB 85 -10.05 -4.39 105.73
C HIS EB 85 -10.31 -4.05 107.19
N GLY EB 86 -11.56 -3.89 107.59
CA GLY EB 86 -11.91 -3.75 108.99
C GLY EB 86 -12.17 -2.34 109.47
N GLY EB 87 -12.70 -1.47 108.62
CA GLY EB 87 -13.00 -0.10 109.01
C GLY EB 87 -14.48 0.18 108.89
N ARG EB 88 -15.00 0.98 109.82
CA ARG EB 88 -16.41 1.29 109.85
C ARG EB 88 -16.75 2.38 108.85
N GLU EB 89 -18.02 2.42 108.44
CA GLU EB 89 -18.51 3.49 107.57
C GLU EB 89 -18.74 4.79 108.33
N GLU EB 90 -18.80 4.74 109.65
CA GLU EB 90 -18.97 5.95 110.44
C GLU EB 90 -17.71 6.78 110.55
N ASP EB 91 -16.56 6.24 110.12
CA ASP EB 91 -15.29 6.94 110.15
C ASP EB 91 -14.86 7.43 108.77
N ILE EB 92 -15.83 7.68 107.88
CA ILE EB 92 -15.56 8.15 106.54
C ILE EB 92 -16.37 9.42 106.30
N THR EB 93 -15.72 10.46 105.79
CA THR EB 93 -16.36 11.70 105.41
C THR EB 93 -16.27 11.88 103.90
N LEU EB 94 -17.41 12.12 103.26
CA LEU EB 94 -17.47 12.24 101.81
C LEU EB 94 -17.92 13.65 101.45
N VAL EB 95 -17.18 14.30 100.54
CA VAL EB 95 -17.46 15.66 100.11
C VAL EB 95 -17.45 15.68 98.59
N ARG EB 96 -18.46 16.29 97.99
CA ARG EB 96 -18.63 16.34 96.54
C ARG EB 96 -18.55 17.78 96.06
N VAL EB 97 -17.98 17.98 94.87
CA VAL EB 97 -17.70 19.32 94.36
C VAL EB 97 -18.10 19.38 92.89
N PRO EB 98 -18.35 20.59 92.37
CA PRO EB 98 -18.88 20.69 91.00
C PRO EB 98 -17.99 20.09 89.93
N GLY EB 99 -16.67 20.23 90.05
CA GLY EB 99 -15.79 19.84 88.97
C GLY EB 99 -14.38 19.61 89.45
N SER EB 100 -13.52 19.26 88.49
CA SER EB 100 -12.14 18.90 88.83
C SER EB 100 -11.39 20.08 89.41
N TRP EB 101 -11.65 21.29 88.91
CA TRP EB 101 -10.91 22.46 89.36
C TRP EB 101 -11.04 22.70 90.86
N GLU EB 102 -12.10 22.19 91.49
CA GLU EB 102 -12.35 22.46 92.89
C GLU EB 102 -11.89 21.34 93.81
N ILE EB 103 -11.33 20.25 93.28
CA ILE EB 103 -10.82 19.18 94.14
C ILE EB 103 -9.74 19.68 95.08
N PRO EB 104 -8.71 20.40 94.62
CA PRO EB 104 -7.60 20.76 95.53
C PRO EB 104 -8.02 21.66 96.67
N VAL EB 105 -8.88 22.65 96.41
CA VAL EB 105 -9.31 23.55 97.48
C VAL EB 105 -10.18 22.81 98.48
N ALA EB 106 -11.02 21.88 97.99
CA ALA EB 106 -11.83 21.06 98.88
C ALA EB 106 -10.97 20.13 99.72
N ALA EB 107 -9.93 19.55 99.11
CA ALA EB 107 -9.06 18.64 99.84
C ALA EB 107 -8.27 19.36 100.92
N GLY EB 108 -8.02 20.66 100.76
CA GLY EB 108 -7.27 21.39 101.76
C GLY EB 108 -8.02 21.53 103.08
N GLU EB 109 -9.34 21.74 103.02
CA GLU EB 109 -10.11 21.88 104.24
C GLU EB 109 -10.11 20.60 105.06
N LEU EB 110 -10.28 19.45 104.40
CA LEU EB 110 -10.28 18.18 105.11
C LEU EB 110 -8.92 17.92 105.76
N ALA EB 111 -7.84 18.17 105.03
CA ALA EB 111 -6.51 17.84 105.52
C ALA EB 111 -6.11 18.65 106.74
N ARG EB 112 -6.71 19.81 106.97
CA ARG EB 112 -6.35 20.63 108.11
C ARG EB 112 -6.99 20.15 109.41
N LYS EB 113 -8.01 19.32 109.33
CA LYS EB 113 -8.64 18.80 110.54
C LYS EB 113 -7.73 17.81 111.23
N GLU EB 114 -7.83 17.75 112.55
CA GLU EB 114 -7.01 16.84 113.35
C GLU EB 114 -7.66 15.48 113.54
N ASP EB 115 -8.80 15.23 112.92
CA ASP EB 115 -9.49 13.95 113.02
C ASP EB 115 -9.48 13.17 111.71
N ILE EB 116 -8.75 13.64 110.70
CA ILE EB 116 -8.65 12.97 109.42
C ILE EB 116 -7.19 12.60 109.20
N ASP EB 117 -6.93 11.32 108.90
CA ASP EB 117 -5.58 10.80 108.76
C ASP EB 117 -5.18 10.53 107.32
N ALA EB 118 -6.09 10.71 106.36
CA ALA EB 118 -5.76 10.48 104.97
C ALA EB 118 -6.90 11.01 104.11
N VAL EB 119 -6.57 11.37 102.87
CA VAL EB 119 -7.54 11.92 101.93
C VAL EB 119 -7.37 11.23 100.60
N ILE EB 120 -8.48 10.97 99.92
CA ILE EB 120 -8.51 10.29 98.64
C ILE EB 120 -9.26 11.17 97.65
N ALA EB 121 -8.66 11.38 96.48
CA ALA EB 121 -9.25 12.20 95.43
C ALA EB 121 -9.69 11.32 94.28
N ILE EB 122 -10.93 11.50 93.85
CA ILE EB 122 -11.52 10.73 92.76
C ILE EB 122 -12.04 11.71 91.72
N GLY EB 123 -11.78 11.42 90.45
CA GLY EB 123 -12.24 12.32 89.41
C GLY EB 123 -11.96 11.75 88.04
N VAL EB 124 -12.57 12.38 87.04
CA VAL EB 124 -12.40 12.02 85.64
C VAL EB 124 -12.23 13.30 84.83
N LEU EB 125 -11.28 13.29 83.91
CA LEU EB 125 -10.99 14.44 83.06
C LEU EB 125 -11.21 14.07 81.60
N ILE EB 126 -11.08 15.07 80.74
CA ILE EB 126 -11.26 14.86 79.30
C ILE EB 126 -10.17 15.61 78.54
N ARG EB 127 -9.13 14.90 78.12
CA ARG EB 127 -8.06 15.53 77.36
C ARG EB 127 -8.57 16.06 76.02
N GLY EB 128 -9.42 15.29 75.35
CA GLY EB 128 -9.98 15.72 74.08
C GLY EB 128 -11.13 16.68 74.26
N ALA EB 129 -10.83 17.88 74.74
CA ALA EB 129 -11.83 18.91 74.99
C ALA EB 129 -11.30 20.24 74.48
N THR EB 130 -12.00 21.32 74.81
CA THR EB 130 -11.58 22.64 74.37
C THR EB 130 -10.28 23.03 75.05
N PRO EB 131 -9.54 23.99 74.48
CA PRO EB 131 -8.27 24.39 75.11
C PRO EB 131 -8.44 24.90 76.53
N HIS EB 132 -9.59 25.49 76.85
CA HIS EB 132 -9.81 25.98 78.20
C HIS EB 132 -9.67 24.88 79.24
N PHE EB 133 -10.06 23.66 78.89
CA PHE EB 133 -9.97 22.52 79.80
C PHE EB 133 -8.63 21.79 79.64
N ASP EB 134 -7.55 22.56 79.67
CA ASP EB 134 -6.19 22.02 79.69
C ASP EB 134 -5.36 22.64 80.81
N TYR EB 135 -5.53 23.93 81.08
CA TYR EB 135 -4.90 24.53 82.25
C TYR EB 135 -5.40 23.88 83.52
N ILE EB 136 -6.68 23.49 83.54
CA ILE EB 136 -7.25 22.83 84.71
C ILE EB 136 -6.58 21.48 84.94
N ALA EB 137 -6.37 20.72 83.86
CA ALA EB 137 -5.91 19.35 84.00
C ALA EB 137 -4.57 19.28 84.72
N SER EB 138 -3.63 20.14 84.35
CA SER EB 138 -2.31 20.12 84.97
C SER EB 138 -2.35 20.68 86.38
N GLU EB 139 -3.28 21.59 86.66
CA GLU EB 139 -3.27 22.26 87.95
C GLU EB 139 -3.76 21.35 89.08
N VAL EB 140 -4.57 20.34 88.75
CA VAL EB 140 -5.04 19.40 89.76
C VAL EB 140 -3.85 18.64 90.36
N SER EB 141 -2.96 18.17 89.50
CA SER EB 141 -1.79 17.44 89.97
C SER EB 141 -0.89 18.30 90.83
N LYS EB 142 -0.64 19.54 90.39
CA LYS EB 142 0.24 20.43 91.15
C LYS EB 142 -0.34 20.74 92.51
N GLY EB 143 -1.64 21.05 92.58
CA GLY EB 143 -2.21 21.51 93.83
C GLY EB 143 -2.19 20.46 94.92
N LEU EB 144 -2.55 19.22 94.56
CA LEU EB 144 -2.57 18.16 95.56
C LEU EB 144 -1.17 17.84 96.04
N ALA EB 145 -0.18 17.90 95.15
CA ALA EB 145 1.19 17.60 95.54
C ALA EB 145 1.71 18.61 96.57
N ASN EB 146 1.43 19.89 96.37
CA ASN EB 146 1.94 20.91 97.28
C ASN EB 146 1.26 20.82 98.65
N LEU EB 147 0.01 20.34 98.70
CA LEU EB 147 -0.67 20.22 99.98
C LEU EB 147 0.03 19.22 100.88
N SER EB 148 0.40 18.06 100.34
CA SER EB 148 0.97 17.00 101.17
C SER EB 148 2.25 17.45 101.86
N LEU EB 149 3.15 18.07 101.11
CA LEU EB 149 4.39 18.54 101.70
C LEU EB 149 4.14 19.65 102.70
N GLU EB 150 3.20 20.55 102.39
CA GLU EB 150 2.92 21.67 103.28
C GLU EB 150 2.32 21.19 104.60
N LEU EB 151 1.28 20.35 104.54
CA LEU EB 151 0.59 19.89 105.73
C LEU EB 151 1.19 18.62 106.32
N ARG EB 152 2.06 17.93 105.58
CA ARG EB 152 2.71 16.71 106.08
C ARG EB 152 1.68 15.65 106.44
N LYS EB 153 0.90 15.26 105.43
CA LYS EB 153 -0.20 14.33 105.61
C LYS EB 153 -0.51 13.67 104.27
N PRO EB 154 -0.57 12.33 104.20
CA PRO EB 154 -0.74 11.68 102.90
C PRO EB 154 -2.02 12.11 102.21
N ILE EB 155 -1.91 12.37 100.92
CA ILE EB 155 -3.06 12.63 100.05
C ILE EB 155 -2.87 11.78 98.80
N THR EB 156 -3.84 10.92 98.52
CA THR EB 156 -3.73 9.91 97.48
C THR EB 156 -4.43 10.37 96.21
N PHE EB 157 -3.98 9.83 95.08
CA PHE EB 157 -4.39 10.27 93.76
C PHE EB 157 -5.22 9.18 93.11
N GLY EB 158 -6.41 9.55 92.64
CA GLY EB 158 -7.27 8.61 91.96
C GLY EB 158 -7.99 9.20 90.77
N VAL EB 159 -7.35 10.17 90.11
CA VAL EB 159 -7.97 10.89 89.00
C VAL EB 159 -7.56 10.20 87.70
N ILE EB 160 -8.56 9.75 86.94
CA ILE EB 160 -8.32 9.05 85.68
C ILE EB 160 -8.82 9.92 84.54
N THR EB 161 -8.64 9.43 83.31
CA THR EB 161 -9.07 10.15 82.12
C THR EB 161 -9.85 9.21 81.21
N ALA EB 162 -10.82 9.78 80.51
CA ALA EB 162 -11.66 9.02 79.60
C ALA EB 162 -11.10 9.04 78.18
N ALA FB 10 23.57 -9.76 98.75
CA ALA FB 10 23.69 -9.42 97.34
C ALA FB 10 24.48 -8.13 97.17
N GLY FB 11 24.55 -7.63 95.95
CA GLY FB 11 25.23 -6.36 95.72
C GLY FB 11 25.33 -6.06 94.25
N THR FB 12 26.02 -4.97 93.92
CA THR FB 12 26.30 -4.65 92.54
C THR FB 12 27.50 -3.72 92.47
N LYS FB 13 27.79 -3.23 91.27
CA LYS FB 13 28.89 -2.32 91.00
C LYS FB 13 28.44 -1.36 89.90
N HIS FB 14 29.37 -0.72 89.22
CA HIS FB 14 29.02 0.19 88.13
C HIS FB 14 28.01 -0.45 87.20
N GLY FB 15 27.03 0.34 86.70
CA GLY FB 15 25.97 -0.14 85.81
C GLY FB 15 24.60 0.05 86.44
N ASN FB 16 24.41 -0.42 87.68
CA ASN FB 16 23.11 -0.31 88.40
C ASN FB 16 22.95 1.15 88.85
N LYS FB 17 21.72 1.69 88.84
CA LYS FB 17 21.45 3.10 89.22
C LYS FB 17 21.44 3.25 90.74
N GLY FB 18 21.32 2.16 91.50
CA GLY FB 18 21.40 2.21 92.97
C GLY FB 18 22.81 2.54 93.43
N TRP FB 19 23.85 2.11 92.69
CA TRP FB 19 25.25 2.31 93.07
C TRP FB 19 25.68 3.74 92.79
N GLU FB 20 25.32 4.28 91.62
CA GLU FB 20 25.71 5.65 91.29
C GLU FB 20 25.08 6.64 92.26
N ALA FB 21 23.81 6.44 92.58
CA ALA FB 21 23.13 7.36 93.49
C ALA FB 21 23.80 7.38 94.85
N ALA FB 22 24.19 6.22 95.36
CA ALA FB 22 24.86 6.16 96.65
C ALA FB 22 26.21 6.86 96.61
N LEU FB 23 26.89 6.81 95.46
CA LEU FB 23 28.17 7.51 95.34
C LEU FB 23 28.00 9.01 95.54
N SER FB 24 27.00 9.60 94.89
CA SER FB 24 26.79 11.03 94.98
C SER FB 24 26.49 11.45 96.41
N ALA FB 25 25.72 10.64 97.13
CA ALA FB 25 25.36 10.99 98.50
C ALA FB 25 26.59 11.06 99.39
N ILE FB 26 27.51 10.12 99.25
CA ILE FB 26 28.71 10.12 100.08
C ILE FB 26 29.54 11.37 99.80
N GLU FB 27 29.73 11.69 98.52
CA GLU FB 27 30.53 12.86 98.15
C GLU FB 27 29.89 14.14 98.67
N MET FB 28 28.56 14.26 98.50
CA MET FB 28 27.87 15.46 98.95
C MET FB 28 27.85 15.57 100.47
N ALA FB 29 27.68 14.44 101.16
CA ALA FB 29 27.63 14.46 102.62
C ALA FB 29 28.96 14.91 103.21
N ASN FB 30 30.07 14.47 102.60
CA ASN FB 30 31.38 14.91 103.09
C ASN FB 30 31.66 16.36 102.72
N LEU FB 31 31.19 16.80 101.56
CA LEU FB 31 31.44 18.16 101.12
C LEU FB 31 30.86 19.18 102.09
N PHE FB 32 29.63 18.95 102.54
CA PHE FB 32 28.98 19.91 103.42
C PHE FB 32 29.74 20.07 104.73
N LYS FB 33 30.22 18.95 105.29
CA LYS FB 33 30.99 19.03 106.52
C LYS FB 33 32.24 19.88 106.35
N SER FB 34 32.83 19.86 105.15
CA SER FB 34 33.99 20.71 104.88
C SER FB 34 33.59 22.18 104.80
N LEU FB 35 32.45 22.47 104.17
CA LEU FB 35 32.02 23.86 104.03
C LEU FB 35 31.71 24.49 105.38
N ARG FB 36 31.03 23.76 106.26
CA ARG FB 36 30.71 24.28 107.58
C ARG FB 36 31.92 24.35 108.50
N GLY FB 37 33.06 23.79 108.10
CA GLY FB 37 34.24 23.77 108.94
C GLY FB 37 34.93 25.11 109.01
N THR FB 38 35.97 25.17 109.84
CA THR FB 38 36.72 26.39 110.03
C THR FB 38 37.34 26.85 108.70
N GLY FB 39 37.29 28.16 108.46
CA GLY FB 39 37.82 28.69 107.23
C GLY FB 39 39.32 28.55 107.14
N GLY FB 40 39.82 28.63 105.91
CA GLY FB 40 41.24 28.49 105.65
C GLY FB 40 42.01 29.74 106.02
N SER FB 41 43.33 29.62 105.91
CA SER FB 41 44.23 30.73 106.22
C SER FB 41 44.38 31.72 105.08
N GLY FB 42 43.74 31.46 103.93
CA GLY FB 42 43.86 32.36 102.80
C GLY FB 42 45.19 32.17 102.08
N SER FB 43 45.62 33.24 101.41
CA SER FB 43 46.85 33.32 100.63
C SER FB 43 46.73 32.62 99.28
N SER FB 44 45.63 31.96 98.98
CA SER FB 44 45.43 31.35 97.67
C SER FB 44 43.97 30.95 97.53
N MET FB 45 43.63 30.51 96.33
CA MET FB 45 42.28 30.04 96.04
C MET FB 45 41.99 28.75 96.80
N GLU FB 46 40.78 28.64 97.32
CA GLU FB 46 40.35 27.47 98.07
C GLU FB 46 39.47 26.61 97.18
N ILE FB 47 39.81 25.32 97.08
CA ILE FB 47 39.06 24.35 96.29
C ILE FB 47 38.44 23.36 97.26
N TYR FB 48 37.12 23.24 97.22
CA TYR FB 48 36.36 22.32 98.06
C TYR FB 48 35.87 21.16 97.21
N GLU FB 49 36.11 19.94 97.68
CA GLU FB 49 35.64 18.75 96.97
C GLU FB 49 35.42 17.65 97.99
N GLY FB 50 34.66 16.63 97.60
CA GLY FB 50 34.25 15.57 98.49
C GLY FB 50 35.08 14.31 98.36
N LYS FB 51 35.22 13.61 99.48
CA LYS FB 51 35.96 12.35 99.55
C LYS FB 51 34.97 11.18 99.54
N LEU FB 52 35.42 10.07 98.95
CA LEU FB 52 34.61 8.86 98.93
C LEU FB 52 34.85 8.01 100.17
N THR FB 53 34.67 8.61 101.34
CA THR FB 53 34.75 7.93 102.63
C THR FB 53 33.42 8.07 103.34
N ALA FB 54 32.94 6.99 103.95
CA ALA FB 54 31.62 6.97 104.57
C ALA FB 54 31.68 6.72 106.07
N GLU FB 55 32.84 6.83 106.69
CA GLU FB 55 32.96 6.54 108.11
C GLU FB 55 32.25 7.61 108.93
N GLY FB 56 31.36 7.18 109.82
CA GLY FB 56 30.65 8.09 110.69
C GLY FB 56 29.45 8.78 110.08
N LEU FB 57 29.00 8.36 108.91
CA LEU FB 57 27.86 8.98 108.23
C LEU FB 57 26.59 8.15 108.42
N ARG FB 58 25.46 8.80 108.21
CA ARG FB 58 24.15 8.17 108.36
C ARG FB 58 23.29 8.51 107.15
N PHE FB 59 22.51 7.54 106.69
CA PHE FB 59 21.77 7.65 105.45
C PHE FB 59 20.33 7.19 105.62
N GLY FB 60 19.51 7.54 104.64
CA GLY FB 60 18.15 7.06 104.57
C GLY FB 60 17.80 6.74 103.13
N ILE FB 61 16.99 5.70 102.96
CA ILE FB 61 16.61 5.22 101.64
C ILE FB 61 15.09 5.12 101.60
N VAL FB 62 14.50 5.59 100.50
CA VAL FB 62 13.06 5.52 100.28
C VAL FB 62 12.85 4.78 98.97
N ALA FB 63 12.09 3.69 99.02
CA ALA FB 63 11.90 2.82 97.86
C ALA FB 63 10.43 2.55 97.62
N SER FB 64 10.08 2.37 96.35
CA SER FB 64 8.72 2.06 95.94
C SER FB 64 8.59 0.56 95.66
N ARG FB 65 7.40 0.03 95.99
CA ARG FB 65 7.16 -1.40 95.86
C ARG FB 65 6.82 -1.83 94.44
N PHE FB 66 6.49 -0.90 93.56
CA PHE FB 66 6.14 -1.26 92.19
C PHE FB 66 7.34 -1.84 91.47
N ASN FB 67 7.07 -2.82 90.59
CA ASN FB 67 8.12 -3.50 89.81
C ASN FB 67 9.17 -4.10 90.74
N HIS FB 68 8.72 -5.11 91.49
CA HIS FB 68 9.56 -5.71 92.53
C HIS FB 68 10.87 -6.26 91.96
N ALA FB 69 10.87 -6.70 90.70
CA ALA FB 69 12.09 -7.26 90.14
C ALA FB 69 13.17 -6.20 89.99
N LEU FB 70 12.83 -5.06 89.39
CA LEU FB 70 13.82 -4.03 89.16
C LEU FB 70 14.22 -3.33 90.45
N VAL FB 71 13.25 -2.94 91.27
CA VAL FB 71 13.56 -2.10 92.42
C VAL FB 71 14.42 -2.84 93.42
N ASP FB 72 14.20 -4.15 93.57
CA ASP FB 72 14.91 -4.91 94.59
C ASP FB 72 16.41 -4.87 94.35
N ARG FB 73 16.84 -4.98 93.09
CA ARG FB 73 18.27 -4.98 92.81
C ARG FB 73 18.89 -3.60 92.95
N LEU FB 74 18.10 -2.54 92.74
CA LEU FB 74 18.63 -1.20 92.98
C LEU FB 74 18.85 -0.94 94.46
N VAL FB 75 17.96 -1.40 95.32
CA VAL FB 75 18.14 -1.18 96.76
C VAL FB 75 19.36 -1.95 97.26
N GLU FB 76 19.61 -3.13 96.70
CA GLU FB 76 20.81 -3.89 97.09
C GLU FB 76 22.07 -3.16 96.67
N GLY FB 77 22.07 -2.56 95.48
CA GLY FB 77 23.23 -1.80 95.06
C GLY FB 77 23.51 -0.62 95.98
N ALA FB 78 22.47 0.09 96.39
CA ALA FB 78 22.65 1.24 97.26
C ALA FB 78 23.25 0.84 98.60
N ILE FB 79 22.73 -0.22 99.21
CA ILE FB 79 23.25 -0.66 100.50
C ILE FB 79 24.66 -1.18 100.36
N ASP FB 80 24.98 -1.81 99.24
CA ASP FB 80 26.32 -2.36 99.02
C ASP FB 80 27.36 -1.25 98.97
N CYS FB 81 27.04 -0.14 98.30
CA CYS FB 81 27.99 0.96 98.16
C CYS FB 81 28.38 1.54 99.51
N ILE FB 82 27.39 1.73 100.40
CA ILE FB 82 27.66 2.36 101.68
C ILE FB 82 28.56 1.48 102.54
N VAL FB 83 28.31 0.17 102.53
CA VAL FB 83 29.09 -0.74 103.38
C VAL FB 83 30.53 -0.85 102.88
N ARG FB 84 30.70 -0.96 101.57
CA ARG FB 84 32.05 -1.18 101.03
C ARG FB 84 32.94 0.03 101.29
N HIS FB 85 32.39 1.23 101.24
CA HIS FB 85 33.15 2.46 101.38
C HIS FB 85 33.32 2.90 102.82
N GLY FB 86 32.97 2.06 103.79
CA GLY FB 86 33.22 2.33 105.19
C GLY FB 86 31.98 2.51 106.03
N GLY FB 87 30.78 2.41 105.46
CA GLY FB 87 29.58 2.62 106.23
C GLY FB 87 29.36 1.54 107.25
N ARG FB 88 28.34 1.75 108.08
CA ARG FB 88 27.98 0.84 109.15
C ARG FB 88 26.50 0.50 108.99
N GLU FB 89 26.18 -0.80 109.02
CA GLU FB 89 24.83 -1.25 108.72
C GLU FB 89 23.81 -0.67 109.69
N GLU FB 90 24.21 -0.42 110.94
CA GLU FB 90 23.31 0.14 111.94
C GLU FB 90 22.89 1.57 111.62
N ASP FB 91 23.55 2.23 110.67
CA ASP FB 91 23.28 3.63 110.35
C ASP FB 91 22.62 3.78 108.98
N ILE FB 92 21.70 2.88 108.65
CA ILE FB 92 20.87 3.01 107.45
C ILE FB 92 19.44 2.76 107.85
N THR FB 93 18.54 3.64 107.40
CA THR FB 93 17.10 3.49 107.61
C THR FB 93 16.43 3.33 106.25
N LEU FB 94 15.58 2.32 106.14
CA LEU FB 94 14.87 2.02 104.90
C LEU FB 94 13.38 2.22 105.10
N VAL FB 95 12.72 2.76 104.09
CA VAL FB 95 11.29 3.03 104.12
C VAL FB 95 10.68 2.56 102.80
N ARG FB 96 9.63 1.75 102.88
CA ARG FB 96 8.90 1.28 101.72
C ARG FB 96 7.59 2.06 101.60
N VAL FB 97 7.19 2.34 100.36
CA VAL FB 97 5.94 3.06 100.10
C VAL FB 97 5.23 2.42 98.92
N PRO FB 98 3.90 2.60 98.82
CA PRO FB 98 3.15 1.98 97.73
C PRO FB 98 3.72 2.26 96.34
N GLY FB 99 3.89 3.52 95.98
CA GLY FB 99 4.29 3.86 94.63
C GLY FB 99 5.11 5.13 94.53
N SER FB 100 5.37 5.57 93.31
CA SER FB 100 6.21 6.73 93.10
C SER FB 100 5.56 8.01 93.59
N TRP FB 101 4.24 8.11 93.51
CA TRP FB 101 3.56 9.33 93.93
C TRP FB 101 3.79 9.63 95.40
N GLU FB 102 4.03 8.60 96.21
CA GLU FB 102 4.20 8.79 97.65
C GLU FB 102 5.64 9.02 98.07
N ILE FB 103 6.61 8.93 97.15
CA ILE FB 103 8.01 9.08 97.53
C ILE FB 103 8.29 10.45 98.14
N PRO FB 104 7.89 11.57 97.52
CA PRO FB 104 8.28 12.88 98.08
C PRO FB 104 7.80 13.09 99.51
N VAL FB 105 6.58 12.66 99.84
CA VAL FB 105 6.06 12.94 101.18
C VAL FB 105 6.85 12.18 102.23
N ALA FB 106 7.18 10.91 101.95
CA ALA FB 106 7.95 10.12 102.90
C ALA FB 106 9.37 10.64 103.03
N ALA FB 107 9.96 11.08 101.92
CA ALA FB 107 11.32 11.62 101.97
C ALA FB 107 11.41 12.83 102.89
N GLY FB 108 10.36 13.65 102.93
CA GLY FB 108 10.36 14.81 103.79
C GLY FB 108 10.42 14.43 105.27
N GLU FB 109 9.75 13.35 105.65
CA GLU FB 109 9.77 12.92 107.04
C GLU FB 109 11.18 12.53 107.47
N LEU FB 110 11.93 11.89 106.57
CA LEU FB 110 13.29 11.47 106.91
C LEU FB 110 14.23 12.66 106.98
N ALA FB 111 14.14 13.58 106.02
CA ALA FB 111 15.08 14.70 105.94
C ALA FB 111 15.05 15.58 107.19
N ARG FB 112 13.95 15.58 107.93
CA ARG FB 112 13.84 16.43 109.11
C ARG FB 112 14.50 15.84 110.34
N LYS FB 113 14.85 14.55 110.32
CA LYS FB 113 15.56 13.95 111.44
C LYS FB 113 16.91 14.62 111.61
N GLU FB 114 17.26 14.94 112.87
CA GLU FB 114 18.52 15.60 113.14
C GLU FB 114 19.73 14.69 112.95
N ASP FB 115 19.50 13.38 112.76
CA ASP FB 115 20.58 12.40 112.65
C ASP FB 115 20.61 11.73 111.29
N ILE FB 116 20.15 12.43 110.26
CA ILE FB 116 20.23 11.95 108.88
C ILE FB 116 21.04 12.97 108.08
N ASP FB 117 22.07 12.50 107.39
CA ASP FB 117 22.95 13.37 106.64
C ASP FB 117 22.64 13.41 105.15
N ALA FB 118 22.01 12.37 104.61
CA ALA FB 118 21.63 12.35 103.19
C ALA FB 118 20.49 11.37 103.02
N VAL FB 119 19.82 11.47 101.87
CA VAL FB 119 18.65 10.67 101.56
C VAL FB 119 18.73 10.24 100.10
N ILE FB 120 18.34 8.99 99.84
CA ILE FB 120 18.42 8.39 98.50
C ILE FB 120 17.03 7.92 98.11
N ALA FB 121 16.54 8.38 96.96
CA ALA FB 121 15.21 8.04 96.47
C ALA FB 121 15.34 7.07 95.30
N ILE FB 122 14.59 5.96 95.38
CA ILE FB 122 14.65 4.90 94.38
C ILE FB 122 13.23 4.58 93.92
N GLY FB 123 13.06 4.39 92.62
CA GLY FB 123 11.75 4.06 92.09
C GLY FB 123 11.83 3.84 90.60
N VAL FB 124 10.69 3.46 90.04
CA VAL FB 124 10.57 3.18 88.61
C VAL FB 124 9.34 3.90 88.08
N LEU FB 125 9.49 4.55 86.93
CA LEU FB 125 8.43 5.32 86.30
C LEU FB 125 8.05 4.66 84.98
N ILE FB 126 6.75 4.67 84.67
CA ILE FB 126 6.24 4.03 83.47
C ILE FB 126 5.62 5.09 82.55
N ARG FB 127 6.20 6.30 82.58
CA ARG FB 127 5.66 7.40 81.79
C ARG FB 127 5.74 7.09 80.30
N GLY FB 128 4.76 7.60 79.56
CA GLY FB 128 4.70 7.49 78.11
C GLY FB 128 3.63 6.53 77.61
N ALA FB 129 3.32 5.49 78.39
CA ALA FB 129 2.35 4.50 77.94
C ALA FB 129 0.96 5.10 77.82
N THR FB 130 0.49 5.77 78.87
CA THR FB 130 -0.86 6.31 78.91
C THR FB 130 -0.88 7.46 79.90
N PRO FB 131 -1.98 8.25 79.93
CA PRO FB 131 -2.09 9.30 80.95
C PRO FB 131 -2.20 8.72 82.34
N HIS FB 132 -2.33 9.58 83.34
CA HIS FB 132 -2.33 9.25 84.77
C HIS FB 132 -0.92 8.97 85.27
N PHE FB 133 0.09 8.97 84.40
CA PHE FB 133 1.47 8.74 84.79
C PHE FB 133 2.40 9.87 84.39
N ASP FB 134 2.09 10.59 83.30
CA ASP FB 134 2.87 11.79 82.98
C ASP FB 134 2.72 12.83 84.08
N TYR FB 135 1.52 12.95 84.64
CA TYR FB 135 1.32 13.85 85.77
C TYR FB 135 2.14 13.38 86.98
N ILE FB 136 2.14 12.06 87.24
CA ILE FB 136 2.86 11.54 88.39
C ILE FB 136 4.35 11.80 88.25
N ALA FB 137 4.89 11.56 87.05
CA ALA FB 137 6.33 11.71 86.85
C ALA FB 137 6.80 13.13 87.08
N SER FB 138 6.02 14.10 86.61
CA SER FB 138 6.43 15.50 86.73
C SER FB 138 6.53 15.93 88.18
N GLU FB 139 5.57 15.54 89.01
CA GLU FB 139 5.53 16.05 90.37
C GLU FB 139 6.59 15.41 91.26
N VAL FB 140 7.02 14.19 90.95
CA VAL FB 140 8.03 13.53 91.76
C VAL FB 140 9.35 14.30 91.68
N SER FB 141 9.73 14.73 90.49
CA SER FB 141 10.95 15.51 90.32
C SER FB 141 10.83 16.86 91.04
N LYS FB 142 9.69 17.53 90.90
CA LYS FB 142 9.51 18.83 91.52
C LYS FB 142 9.64 18.74 93.04
N GLY FB 143 8.94 17.76 93.64
CA GLY FB 143 8.88 17.71 95.09
C GLY FB 143 10.23 17.44 95.74
N LEU FB 144 10.98 16.50 95.17
CA LEU FB 144 12.29 16.16 95.75
C LEU FB 144 13.25 17.34 95.65
N ALA FB 145 13.23 18.04 94.52
CA ALA FB 145 14.11 19.21 94.37
C ALA FB 145 13.78 20.28 95.39
N ASN FB 146 12.49 20.61 95.53
CA ASN FB 146 12.10 21.68 96.45
C ASN FB 146 12.47 21.34 97.88
N LEU FB 147 12.30 20.08 98.27
CA LEU FB 147 12.63 19.67 99.63
C LEU FB 147 14.11 19.90 99.92
N SER FB 148 14.97 19.65 98.94
CA SER FB 148 16.41 19.77 99.15
C SER FB 148 16.81 21.20 99.50
N LEU FB 149 16.26 22.18 98.78
CA LEU FB 149 16.61 23.57 99.04
C LEU FB 149 16.00 24.07 100.35
N GLU FB 150 14.75 23.68 100.63
CA GLU FB 150 14.08 24.18 101.83
C GLU FB 150 14.72 23.61 103.08
N LEU FB 151 15.12 22.33 103.06
CA LEU FB 151 15.67 21.67 104.23
C LEU FB 151 17.19 21.69 104.28
N ARG FB 152 17.85 21.94 103.15
CA ARG FB 152 19.30 22.07 103.09
C ARG FB 152 20.01 20.75 103.39
N LYS FB 153 19.49 19.66 102.83
CA LYS FB 153 20.14 18.37 102.90
C LYS FB 153 20.18 17.77 101.50
N PRO FB 154 21.29 17.18 101.08
CA PRO FB 154 21.31 16.55 99.75
C PRO FB 154 20.31 15.42 99.65
N ILE FB 155 19.69 15.29 98.48
CA ILE FB 155 18.66 14.29 98.23
C ILE FB 155 18.88 13.77 96.81
N THR FB 156 19.32 12.52 96.69
CA THR FB 156 19.73 11.97 95.41
C THR FB 156 18.54 11.37 94.68
N PHE FB 157 18.65 11.31 93.36
CA PHE FB 157 17.56 10.96 92.46
C PHE FB 157 17.92 9.66 91.75
N GLY FB 158 17.49 8.53 92.31
CA GLY FB 158 17.69 7.24 91.72
C GLY FB 158 16.56 6.74 90.85
N VAL FB 159 15.59 7.59 90.54
CA VAL FB 159 14.41 7.15 89.78
C VAL FB 159 14.81 6.87 88.35
N ILE FB 160 14.46 5.68 87.86
CA ILE FB 160 14.72 5.29 86.49
C ILE FB 160 13.39 5.20 85.75
N THR FB 161 13.47 5.02 84.44
CA THR FB 161 12.29 4.86 83.59
C THR FB 161 12.49 3.67 82.67
N ALA FB 162 11.44 2.86 82.51
CA ALA FB 162 11.51 1.67 81.69
C ALA FB 162 10.79 1.88 80.37
N GLY GB 15 32.73 33.60 72.18
CA GLY GB 15 33.66 33.53 73.29
C GLY GB 15 33.18 32.62 74.41
N ASN GB 16 33.93 32.57 75.50
CA ASN GB 16 33.55 31.73 76.62
C ASN GB 16 32.23 32.21 77.21
N LYS GB 17 31.33 31.27 77.45
CA LYS GB 17 30.13 31.58 78.21
C LYS GB 17 30.45 31.77 79.69
N GLY GB 18 31.61 31.28 80.14
CA GLY GB 18 32.04 31.58 81.49
C GLY GB 18 32.59 32.98 81.65
N TRP GB 19 33.13 33.55 80.57
CA TRP GB 19 33.53 34.95 80.61
C TRP GB 19 32.31 35.85 80.75
N GLU GB 20 31.24 35.57 79.99
CA GLU GB 20 30.05 36.39 80.07
C GLU GB 20 29.40 36.29 81.44
N ALA GB 21 29.38 35.10 82.03
CA ALA GB 21 28.73 34.94 83.33
C ALA GB 21 29.45 35.74 84.41
N ALA GB 22 30.77 35.92 84.27
CA ALA GB 22 31.51 36.67 85.28
C ALA GB 22 31.31 38.18 85.14
N LEU GB 23 31.12 38.67 83.91
CA LEU GB 23 30.80 40.09 83.75
C LEU GB 23 29.50 40.44 84.42
N SER GB 24 28.49 39.57 84.30
CA SER GB 24 27.20 39.84 84.93
C SER GB 24 27.32 39.83 86.45
N ALA GB 25 28.22 39.04 87.01
CA ALA GB 25 28.35 38.97 88.46
C ALA GB 25 29.09 40.19 89.01
N ILE GB 26 30.08 40.69 88.26
CA ILE GB 26 30.76 41.91 88.68
C ILE GB 26 29.80 43.08 88.68
N GLU GB 27 28.99 43.20 87.63
CA GLU GB 27 28.05 44.30 87.51
C GLU GB 27 26.97 44.24 88.58
N MET GB 28 26.41 43.05 88.82
CA MET GB 28 25.32 42.92 89.79
C MET GB 28 25.82 43.13 91.21
N ALA GB 29 27.04 42.70 91.51
CA ALA GB 29 27.58 42.91 92.85
C ALA GB 29 27.75 44.39 93.16
N ASN GB 30 28.22 45.17 92.18
CA ASN GB 30 28.38 46.59 92.38
C ASN GB 30 27.03 47.30 92.48
N LEU GB 31 26.05 46.85 91.71
CA LEU GB 31 24.74 47.49 91.74
C LEU GB 31 24.11 47.37 93.12
N PHE GB 32 24.17 46.19 93.72
CA PHE GB 32 23.55 45.99 95.02
C PHE GB 32 24.24 46.79 96.11
N LYS GB 33 25.49 47.20 95.89
CA LYS GB 33 26.17 48.04 96.87
C LYS GB 33 25.69 49.48 96.84
N SER GB 34 25.33 49.98 95.66
CA SER GB 34 24.81 51.35 95.57
C SER GB 34 23.39 51.43 96.11
N LEU GB 35 22.56 50.41 95.85
CA LEU GB 35 21.21 50.41 96.37
C LEU GB 35 21.21 50.40 97.89
N ARG GB 36 22.05 49.57 98.49
CA ARG GB 36 22.12 49.50 99.95
C ARG GB 36 22.60 50.80 100.56
N GLY GB 37 23.32 51.62 99.80
CA GLY GB 37 23.86 52.87 100.30
C GLY GB 37 22.88 54.02 100.16
N THR GB 38 23.36 55.21 100.52
CA THR GB 38 22.53 56.40 100.45
C THR GB 38 22.20 56.75 99.00
N GLY GB 39 21.05 57.38 98.82
CA GLY GB 39 20.59 57.77 97.50
C GLY GB 39 21.20 59.08 97.04
N GLY GB 40 20.64 59.62 95.96
CA GLY GB 40 21.12 60.85 95.39
C GLY GB 40 20.71 62.07 96.20
N SER GB 41 21.23 63.22 95.77
CA SER GB 41 20.95 64.48 96.45
C SER GB 41 19.52 64.96 96.21
N GLY GB 42 18.77 64.34 95.31
CA GLY GB 42 17.42 64.75 95.01
C GLY GB 42 17.36 65.83 93.96
N SER GB 43 16.13 66.28 93.71
CA SER GB 43 15.80 67.32 92.72
C SER GB 43 15.94 66.81 91.29
N SER GB 44 16.19 65.52 91.10
CA SER GB 44 16.32 64.96 89.76
C SER GB 44 16.09 63.46 89.85
N MET GB 45 15.94 62.84 88.68
CA MET GB 45 15.72 61.39 88.63
C MET GB 45 16.93 60.66 89.18
N GLU GB 46 16.67 59.66 90.01
CA GLU GB 46 17.71 58.85 90.62
C GLU GB 46 17.98 57.63 89.76
N ILE GB 47 19.20 57.51 89.24
CA ILE GB 47 19.61 56.41 88.39
C ILE GB 47 20.65 55.57 89.13
N TYR GB 48 20.42 54.27 89.19
CA TYR GB 48 21.31 53.32 89.82
C TYR GB 48 21.94 52.43 88.76
N GLU GB 49 23.25 52.22 88.88
CA GLU GB 49 24.05 51.63 87.82
C GLU GB 49 25.20 50.84 88.45
N GLY GB 50 25.68 49.84 87.72
CA GLY GB 50 26.76 49.00 88.20
C GLY GB 50 28.01 49.08 87.32
N LYS GB 51 29.15 49.34 87.94
CA LYS GB 51 30.41 49.47 87.24
C LYS GB 51 31.10 48.11 87.08
N LEU GB 52 31.99 48.04 86.11
CA LEU GB 52 32.76 46.82 85.86
C LEU GB 52 34.14 46.88 86.51
N THR GB 53 34.18 47.17 87.81
CA THR GB 53 35.42 47.17 88.59
C THR GB 53 35.29 46.13 89.70
N ALA GB 54 36.29 45.27 89.82
CA ALA GB 54 36.21 44.08 90.66
C ALA GB 54 37.26 44.10 91.76
N GLU GB 55 37.44 45.24 92.41
CA GLU GB 55 38.40 45.38 93.50
C GLU GB 55 37.67 45.33 94.83
N GLY GB 56 38.08 44.42 95.70
CA GLY GB 56 37.46 44.27 97.00
C GLY GB 56 36.25 43.37 97.06
N LEU GB 57 35.92 42.69 95.97
CA LEU GB 57 34.73 41.86 95.89
C LEU GB 57 35.10 40.39 96.02
N ARG GB 58 34.24 39.63 96.70
CA ARG GB 58 34.44 38.22 96.94
C ARG GB 58 33.46 37.41 96.08
N PHE GB 59 33.95 36.36 95.45
CA PHE GB 59 33.18 35.58 94.51
C PHE GB 59 33.25 34.10 94.86
N GLY GB 60 32.23 33.36 94.43
CA GLY GB 60 32.20 31.92 94.58
C GLY GB 60 31.73 31.25 93.30
N ILE GB 61 32.34 30.12 92.94
CA ILE GB 61 32.03 29.42 91.70
C ILE GB 61 31.63 27.99 92.05
N VAL GB 62 30.61 27.48 91.36
CA VAL GB 62 30.13 26.12 91.52
C VAL GB 62 30.12 25.46 90.15
N ALA GB 63 30.87 24.37 90.00
CA ALA GB 63 31.02 23.68 88.73
C ALA GB 63 30.83 22.19 88.91
N SER GB 64 30.32 21.55 87.86
CA SER GB 64 30.10 20.11 87.84
C SER GB 64 31.29 19.40 87.17
N ARG GB 65 31.41 18.10 87.46
CA ARG GB 65 32.50 17.29 86.93
C ARG GB 65 32.11 16.52 85.68
N PHE GB 66 30.89 16.66 85.18
CA PHE GB 66 30.48 15.96 83.98
C PHE GB 66 31.05 16.65 82.75
N ASN GB 67 31.73 15.89 81.91
CA ASN GB 67 32.44 16.43 80.75
C ASN GB 67 33.45 17.50 81.17
N HIS GB 68 34.45 17.07 81.94
CA HIS GB 68 35.44 18.01 82.45
C HIS GB 68 36.31 18.61 81.35
N ALA GB 69 36.24 18.07 80.13
CA ALA GB 69 36.95 18.69 79.02
C ALA GB 69 36.41 20.08 78.74
N LEU GB 70 35.09 20.20 78.57
CA LEU GB 70 34.48 21.49 78.29
C LEU GB 70 34.39 22.35 79.54
N VAL GB 71 34.09 21.74 80.69
CA VAL GB 71 33.81 22.52 81.88
C VAL GB 71 35.04 23.28 82.36
N ASP GB 72 36.21 22.63 82.33
CA ASP GB 72 37.42 23.28 82.82
C ASP GB 72 37.76 24.52 82.01
N ARG GB 73 37.44 24.53 80.71
CA ARG GB 73 37.66 25.73 79.91
C ARG GB 73 36.79 26.87 80.38
N LEU GB 74 35.54 26.59 80.73
CA LEU GB 74 34.63 27.65 81.18
C LEU GB 74 35.06 28.21 82.53
N VAL GB 75 35.54 27.35 83.44
CA VAL GB 75 35.99 27.83 84.73
C VAL GB 75 37.20 28.73 84.58
N GLU GB 76 38.10 28.39 83.66
CA GLU GB 76 39.29 29.21 83.45
C GLU GB 76 38.92 30.59 82.93
N GLY GB 77 37.93 30.67 82.05
CA GLY GB 77 37.51 31.96 81.53
C GLY GB 77 36.95 32.87 82.60
N ALA GB 78 36.19 32.31 83.53
CA ALA GB 78 35.62 33.13 84.61
C ALA GB 78 36.70 33.74 85.47
N ILE GB 79 37.72 32.96 85.82
CA ILE GB 79 38.79 33.48 86.68
C ILE GB 79 39.60 34.53 85.94
N ASP GB 80 39.84 34.33 84.65
CA ASP GB 80 40.57 35.32 83.85
C ASP GB 80 39.84 36.66 83.84
N CYS GB 81 38.52 36.63 83.72
CA CYS GB 81 37.75 37.88 83.68
C CYS GB 81 37.91 38.66 84.98
N ILE GB 82 37.87 37.98 86.12
CA ILE GB 82 37.91 38.67 87.40
C ILE GB 82 39.28 39.29 87.63
N VAL GB 83 40.35 38.61 87.23
CA VAL GB 83 41.69 39.15 87.46
C VAL GB 83 41.93 40.37 86.57
N ARG GB 84 41.48 40.31 85.31
CA ARG GB 84 41.75 41.39 84.37
C ARG GB 84 41.01 42.67 84.76
N HIS GB 85 39.87 42.56 85.44
CA HIS GB 85 39.13 43.71 85.90
C HIS GB 85 39.48 44.11 87.32
N GLY GB 86 40.67 43.74 87.78
CA GLY GB 86 41.15 44.17 89.07
C GLY GB 86 40.91 43.22 90.21
N GLY GB 87 40.42 42.01 89.92
CA GLY GB 87 40.14 41.06 90.98
C GLY GB 87 41.38 40.39 91.50
N ARG GB 88 41.27 39.89 92.73
CA ARG GB 88 42.37 39.24 93.42
C ARG GB 88 42.02 37.75 93.56
N GLU GB 89 42.88 36.89 93.02
CA GLU GB 89 42.57 35.47 92.98
C GLU GB 89 42.49 34.84 94.37
N GLU GB 90 43.00 35.53 95.39
CA GLU GB 90 42.82 35.08 96.77
C GLU GB 90 41.38 35.20 97.25
N ASP GB 91 40.52 35.91 96.53
CA ASP GB 91 39.14 36.13 96.92
C ASP GB 91 38.17 35.36 96.03
N ILE GB 92 38.53 34.16 95.63
CA ILE GB 92 37.66 33.27 94.86
C ILE GB 92 37.61 31.92 95.55
N THR GB 93 36.40 31.39 95.73
CA THR GB 93 36.17 30.08 96.32
C THR GB 93 35.53 29.18 95.27
N LEU GB 94 36.06 27.96 95.11
CA LEU GB 94 35.63 27.03 94.09
C LEU GB 94 35.09 25.76 94.72
N VAL GB 95 33.92 25.32 94.26
CA VAL GB 95 33.26 24.11 94.75
C VAL GB 95 32.97 23.21 93.56
N ARG GB 96 33.33 21.94 93.67
CA ARG GB 96 33.11 20.96 92.62
C ARG GB 96 32.07 19.95 93.08
N VAL GB 97 31.12 19.61 92.20
CA VAL GB 97 30.02 18.72 92.58
C VAL GB 97 29.91 17.61 91.53
N PRO GB 98 29.32 16.47 91.91
CA PRO GB 98 29.19 15.35 90.96
C PRO GB 98 28.46 15.67 89.67
N GLY GB 99 27.23 16.14 89.74
CA GLY GB 99 26.43 16.34 88.55
C GLY GB 99 25.61 17.61 88.58
N SER GB 100 24.76 17.79 87.57
CA SER GB 100 23.95 19.00 87.49
C SER GB 100 22.89 19.03 88.59
N TRP GB 101 22.40 17.87 89.01
CA TRP GB 101 21.35 17.83 90.01
C TRP GB 101 21.78 18.45 91.33
N GLU GB 102 23.08 18.58 91.58
CA GLU GB 102 23.58 19.03 92.86
C GLU GB 102 24.00 20.49 92.88
N ILE GB 103 23.94 21.19 91.75
CA ILE GB 103 24.40 22.58 91.70
C ILE GB 103 23.51 23.47 92.57
N PRO GB 104 22.18 23.40 92.47
CA PRO GB 104 21.36 24.31 93.28
C PRO GB 104 21.59 24.23 94.77
N VAL GB 105 21.66 23.02 95.33
CA VAL GB 105 21.81 22.90 96.78
C VAL GB 105 23.19 23.36 97.20
N ALA GB 106 24.21 23.09 96.41
CA ALA GB 106 25.54 23.60 96.71
C ALA GB 106 25.57 25.12 96.64
N ALA GB 107 24.89 25.71 95.65
CA ALA GB 107 24.86 27.16 95.54
C ALA GB 107 24.18 27.80 96.75
N GLY GB 108 23.30 27.06 97.42
CA GLY GB 108 22.64 27.62 98.60
C GLY GB 108 23.60 27.85 99.75
N GLU GB 109 24.52 26.91 99.99
CA GLU GB 109 25.44 27.06 101.11
C GLU GB 109 26.40 28.21 100.89
N LEU GB 110 26.88 28.39 99.66
CA LEU GB 110 27.76 29.51 99.37
C LEU GB 110 27.03 30.84 99.53
N ALA GB 111 25.84 30.94 98.95
CA ALA GB 111 25.12 32.21 98.96
C ALA GB 111 24.76 32.66 100.37
N ARG GB 112 24.67 31.73 101.31
CA ARG GB 112 24.34 32.10 102.68
C ARG GB 112 25.52 32.65 103.46
N LYS GB 113 26.74 32.47 102.97
CA LYS GB 113 27.92 33.00 103.66
C LYS GB 113 28.00 34.51 103.44
N GLU GB 114 28.20 35.25 104.53
CA GLU GB 114 28.18 36.70 104.46
C GLU GB 114 29.39 37.29 103.74
N ASP GB 115 30.45 36.51 103.53
CA ASP GB 115 31.65 36.98 102.85
C ASP GB 115 31.62 36.71 101.36
N ILE GB 116 30.44 36.49 100.78
CA ILE GB 116 30.28 36.23 99.35
C ILE GB 116 29.33 37.27 98.79
N ASP GB 117 29.72 37.90 97.69
CA ASP GB 117 28.93 38.94 97.05
C ASP GB 117 28.15 38.46 95.83
N ALA GB 118 28.63 37.42 95.15
CA ALA GB 118 27.89 36.84 94.05
C ALA GB 118 28.39 35.42 93.84
N VAL GB 119 27.56 34.61 93.17
CA VAL GB 119 27.84 33.21 92.91
C VAL GB 119 27.67 32.94 91.43
N ILE GB 120 28.61 32.22 90.85
CA ILE GB 120 28.59 31.86 89.42
C ILE GB 120 28.43 30.36 89.33
N ALA GB 121 27.48 29.90 88.52
CA ALA GB 121 27.16 28.49 88.38
C ALA GB 121 27.48 28.03 86.97
N ILE GB 122 28.43 27.10 86.85
CA ILE GB 122 28.89 26.59 85.56
C ILE GB 122 28.56 25.12 85.47
N GLY GB 123 28.26 24.66 84.26
CA GLY GB 123 27.95 23.25 84.05
C GLY GB 123 27.52 23.02 82.62
N VAL GB 124 27.40 21.74 82.29
CA VAL GB 124 27.01 21.30 80.95
C VAL GB 124 25.88 20.28 81.09
N LEU GB 125 24.83 20.45 80.29
CA LEU GB 125 23.69 19.54 80.28
C LEU GB 125 23.82 18.57 79.11
N ILE GB 126 23.02 17.51 79.17
CA ILE GB 126 23.07 16.43 78.20
C ILE GB 126 21.81 16.53 77.35
N ARG GB 127 21.94 17.10 76.15
CA ARG GB 127 20.84 17.09 75.21
C ARG GB 127 20.62 15.67 74.70
N GLY GB 128 19.35 15.30 74.53
CA GLY GB 128 19.01 13.92 74.26
C GLY GB 128 18.97 13.12 75.54
N ALA GB 129 18.71 11.82 75.38
CA ALA GB 129 18.53 10.93 76.53
C ALA GB 129 17.46 11.48 77.48
N THR GB 130 16.38 11.98 76.89
CA THR GB 130 15.32 12.60 77.67
C THR GB 130 14.74 11.72 78.76
N PRO GB 131 14.49 10.40 78.57
CA PRO GB 131 13.83 9.59 79.62
C PRO GB 131 14.31 9.84 81.04
N HIS GB 132 15.59 10.16 81.23
CA HIS GB 132 16.15 10.44 82.55
C HIS GB 132 16.59 11.89 82.73
N PHE GB 133 17.42 12.39 81.81
CA PHE GB 133 18.03 13.70 82.00
C PHE GB 133 17.09 14.86 81.70
N ASP GB 134 15.95 14.61 81.03
CA ASP GB 134 15.02 15.69 80.73
C ASP GB 134 14.44 16.31 82.01
N TYR GB 135 14.28 15.49 83.05
CA TYR GB 135 13.71 16.01 84.30
C TYR GB 135 14.73 16.83 85.08
N ILE GB 136 15.99 16.43 85.06
CA ILE GB 136 17.02 17.21 85.74
C ILE GB 136 17.21 18.55 85.05
N ALA GB 137 16.92 18.63 83.75
CA ALA GB 137 17.23 19.83 82.99
C ALA GB 137 16.44 21.04 83.49
N SER GB 138 15.12 20.91 83.60
CA SER GB 138 14.30 22.04 84.01
C SER GB 138 14.52 22.40 85.48
N GLU GB 139 15.03 21.47 86.28
CA GLU GB 139 15.15 21.73 87.71
C GLU GB 139 16.31 22.64 88.02
N VAL GB 140 17.35 22.66 87.18
CA VAL GB 140 18.52 23.48 87.45
C VAL GB 140 18.19 24.96 87.32
N SER GB 141 17.52 25.33 86.24
CA SER GB 141 17.17 26.73 86.05
C SER GB 141 16.15 27.20 87.07
N LYS GB 142 15.14 26.36 87.35
CA LYS GB 142 14.12 26.75 88.33
C LYS GB 142 14.71 26.93 89.72
N GLY GB 143 15.62 26.04 90.13
CA GLY GB 143 16.17 26.14 91.46
C GLY GB 143 17.02 27.38 91.66
N LEU GB 144 17.86 27.71 90.68
CA LEU GB 144 18.74 28.87 90.82
C LEU GB 144 17.92 30.16 90.87
N ALA GB 145 16.87 30.25 90.05
CA ALA GB 145 16.04 31.45 90.05
C ALA GB 145 15.38 31.68 91.40
N ASN GB 146 14.85 30.62 92.02
CA ASN GB 146 14.19 30.78 93.31
C ASN GB 146 15.16 31.16 94.41
N LEU GB 147 16.41 30.69 94.33
CA LEU GB 147 17.37 30.98 95.40
C LEU GB 147 17.66 32.47 95.50
N SER GB 148 17.86 33.13 94.35
CA SER GB 148 18.23 34.54 94.38
C SER GB 148 17.12 35.39 94.97
N LEU GB 149 15.87 35.10 94.61
CA LEU GB 149 14.75 35.86 95.16
C LEU GB 149 14.61 35.64 96.66
N GLU GB 150 14.85 34.42 97.13
CA GLU GB 150 14.69 34.12 98.55
C GLU GB 150 15.84 34.71 99.37
N LEU GB 151 17.07 34.61 98.87
CA LEU GB 151 18.22 35.12 99.61
C LEU GB 151 18.55 36.57 99.26
N ARG GB 152 17.92 37.14 98.25
CA ARG GB 152 18.18 38.52 97.83
C ARG GB 152 19.66 38.73 97.52
N LYS GB 153 20.23 37.78 96.77
CA LYS GB 153 21.62 37.81 96.39
C LYS GB 153 21.69 37.40 94.93
N PRO GB 154 22.57 38.02 94.12
CA PRO GB 154 22.60 37.68 92.69
C PRO GB 154 23.33 36.36 92.42
N ILE GB 155 22.70 35.51 91.63
CA ILE GB 155 23.29 34.26 91.15
C ILE GB 155 23.17 34.24 89.64
N THR GB 156 24.29 34.03 88.97
CA THR GB 156 24.36 34.09 87.52
C THR GB 156 24.33 32.70 86.91
N PHE GB 157 23.85 32.62 85.68
CA PHE GB 157 23.56 31.37 84.99
C PHE GB 157 24.61 31.17 83.90
N GLY GB 158 25.46 30.17 84.10
CA GLY GB 158 26.53 29.88 83.14
C GLY GB 158 26.48 28.47 82.64
N VAL GB 159 25.28 27.94 82.43
CA VAL GB 159 25.07 26.56 82.02
C VAL GB 159 24.75 26.52 80.53
N ILE GB 160 25.48 25.68 79.80
CA ILE GB 160 25.26 25.50 78.37
C ILE GB 160 24.86 24.06 78.10
N THR GB 161 24.54 23.76 76.85
CA THR GB 161 24.09 22.44 76.43
C THR GB 161 25.03 21.87 75.39
N ALA GB 162 25.10 20.54 75.34
CA ALA GB 162 25.94 19.84 74.38
C ALA GB 162 27.40 20.27 74.53
N LYS HB 13 3.85 56.32 70.79
CA LYS HB 13 2.56 56.18 71.46
C LYS HB 13 1.82 54.95 70.96
N HIS HB 14 1.08 54.31 71.87
CA HIS HB 14 0.32 53.11 71.54
C HIS HB 14 1.24 51.97 71.15
N GLY HB 15 1.84 52.06 69.96
CA GLY HB 15 2.77 51.02 69.53
C GLY HB 15 3.95 50.87 70.47
N ASN HB 16 4.44 51.98 71.01
CA ASN HB 16 5.57 51.94 71.94
C ASN HB 16 5.16 51.19 73.21
N LYS HB 17 5.67 49.98 73.37
CA LYS HB 17 5.28 49.15 74.50
C LYS HB 17 5.71 49.74 75.84
N GLY HB 18 6.62 50.70 75.85
CA GLY HB 18 6.94 51.39 77.08
C GLY HB 18 5.86 52.36 77.50
N TRP HB 19 5.09 52.86 76.54
CA TRP HB 19 3.95 53.71 76.86
C TRP HB 19 2.81 52.90 77.44
N GLU HB 20 2.53 51.73 76.88
CA GLU HB 20 1.44 50.90 77.37
C GLU HB 20 1.69 50.44 78.80
N ALA HB 21 2.92 50.02 79.09
CA ALA HB 21 3.23 49.52 80.42
C ALA HB 21 3.07 50.62 81.48
N ALA HB 22 3.49 51.84 81.16
CA ALA HB 22 3.33 52.93 82.10
C ALA HB 22 1.85 53.25 82.33
N LEU HB 23 1.03 53.18 81.28
CA LEU HB 23 -0.40 53.43 81.44
C LEU HB 23 -1.04 52.42 82.37
N SER HB 24 -0.71 51.14 82.21
CA SER HB 24 -1.26 50.11 83.07
C SER HB 24 -0.85 50.33 84.51
N ALA HB 25 0.38 50.80 84.74
CA ALA HB 25 0.84 51.03 86.11
C ALA HB 25 0.03 52.13 86.78
N ILE HB 26 -0.24 53.23 86.08
CA ILE HB 26 -0.99 54.33 86.67
C ILE HB 26 -2.39 53.88 87.06
N GLU HB 27 -3.04 53.12 86.18
CA GLU HB 27 -4.39 52.66 86.47
C GLU HB 27 -4.42 51.77 87.69
N MET HB 28 -3.46 50.85 87.81
CA MET HB 28 -3.50 49.88 88.89
C MET HB 28 -3.14 50.52 90.23
N ALA HB 29 -2.20 51.47 90.23
CA ALA HB 29 -1.82 52.11 91.48
C ALA HB 29 -2.95 52.98 92.02
N ASN HB 30 -3.80 53.51 91.15
CA ASN HB 30 -4.98 54.24 91.60
C ASN HB 30 -6.05 53.29 92.13
N LEU HB 31 -6.23 52.15 91.47
CA LEU HB 31 -7.26 51.20 91.89
C LEU HB 31 -6.97 50.67 93.28
N PHE HB 32 -5.71 50.35 93.57
CA PHE HB 32 -5.35 49.83 94.88
C PHE HB 32 -5.58 50.87 95.97
N LYS HB 33 -5.31 52.14 95.66
CA LYS HB 33 -5.56 53.20 96.63
C LYS HB 33 -7.04 53.29 96.98
N SER HB 34 -7.91 53.04 96.01
CA SER HB 34 -9.35 53.09 96.27
C SER HB 34 -9.81 51.89 97.08
N LEU HB 35 -9.33 50.68 96.74
CA LEU HB 35 -9.80 49.48 97.40
C LEU HB 35 -9.40 49.45 98.87
N ARG HB 36 -8.32 50.13 99.23
CA ARG HB 36 -7.85 50.14 100.61
C ARG HB 36 -8.44 51.27 101.43
N GLY HB 37 -9.33 52.08 100.86
CA GLY HB 37 -10.00 53.14 101.57
C GLY HB 37 -11.43 52.78 101.95
N THR HB 38 -12.15 53.78 102.44
CA THR HB 38 -13.54 53.58 102.83
C THR HB 38 -14.39 53.23 101.62
N GLY HB 39 -15.41 52.40 101.86
CA GLY HB 39 -16.28 51.95 100.79
C GLY HB 39 -17.31 53.00 100.42
N GLY HB 40 -18.15 52.63 99.46
CA GLY HB 40 -19.17 53.52 98.96
C GLY HB 40 -20.37 53.62 99.89
N SER HB 41 -21.29 54.50 99.54
CA SER HB 41 -22.49 54.71 100.34
C SER HB 41 -23.39 53.49 100.35
N GLY HB 42 -23.27 52.60 99.37
CA GLY HB 42 -24.10 51.42 99.30
C GLY HB 42 -25.36 51.63 98.47
N SER HB 43 -26.23 50.62 98.55
CA SER HB 43 -27.50 50.60 97.84
C SER HB 43 -27.34 50.39 96.34
N SER HB 44 -26.13 50.08 95.87
CA SER HB 44 -25.91 49.85 94.45
C SER HB 44 -24.67 48.99 94.30
N MET HB 45 -24.56 48.36 93.13
CA MET HB 45 -23.40 47.54 92.83
C MET HB 45 -22.18 48.43 92.73
N GLU HB 46 -21.33 48.41 93.76
CA GLU HB 46 -20.10 49.19 93.74
C GLU HB 46 -19.24 48.79 92.55
N ILE HB 47 -18.74 49.79 91.83
CA ILE HB 47 -17.84 49.58 90.70
C ILE HB 47 -16.56 50.33 90.99
N TYR HB 48 -15.43 49.64 90.88
CA TYR HB 48 -14.11 50.20 91.11
C TYR HB 48 -13.34 50.22 89.80
N GLU HB 49 -12.71 51.35 89.50
CA GLU HB 49 -11.84 51.42 88.33
C GLU HB 49 -10.89 52.59 88.53
N GLY HB 50 -9.76 52.53 87.83
CA GLY HB 50 -8.69 53.49 88.01
C GLY HB 50 -8.72 54.62 87.01
N LYS HB 51 -8.20 55.76 87.43
CA LYS HB 51 -8.15 56.97 86.63
C LYS HB 51 -6.72 57.24 86.18
N LEU HB 52 -6.58 57.88 85.03
CA LEU HB 52 -5.27 58.14 84.44
C LEU HB 52 -4.70 59.46 84.97
N THR HB 53 -4.56 59.52 86.29
CA THR HB 53 -3.93 60.62 86.98
C THR HB 53 -2.76 60.09 87.80
N ALA HB 54 -1.64 60.81 87.79
CA ALA HB 54 -0.39 60.32 88.36
C ALA HB 54 0.26 61.39 89.21
N GLU HB 55 -0.52 62.06 90.04
CA GLU HB 55 -0.01 63.10 90.93
C GLU HB 55 0.11 62.53 92.34
N GLY HB 56 1.31 62.60 92.91
CA GLY HB 56 1.58 62.04 94.21
C GLY HB 56 2.09 60.61 94.22
N LEU HB 57 2.14 59.96 93.07
CA LEU HB 57 2.59 58.57 93.00
C LEU HB 57 4.09 58.50 92.76
N ARG HB 58 4.69 57.39 93.22
CA ARG HB 58 6.11 57.11 93.03
C ARG HB 58 6.25 55.83 92.23
N PHE HB 59 7.13 55.84 91.24
CA PHE HB 59 7.34 54.70 90.36
C PHE HB 59 8.79 54.25 90.40
N GLY HB 60 9.03 53.06 89.86
CA GLY HB 60 10.35 52.52 89.72
C GLY HB 60 10.46 51.67 88.47
N ILE HB 61 11.52 51.88 87.67
CA ILE HB 61 11.67 51.22 86.38
C ILE HB 61 12.94 50.38 86.42
N VAL HB 62 12.85 49.14 85.94
CA VAL HB 62 13.97 48.23 85.81
C VAL HB 62 14.08 47.84 84.34
N ALA HB 63 15.23 48.15 83.73
CA ALA HB 63 15.44 47.93 82.31
C ALA HB 63 16.78 47.28 82.07
N SER HB 64 16.87 46.50 80.99
CA SER HB 64 18.06 45.76 80.64
C SER HB 64 18.80 46.47 79.50
N ARG HB 65 19.84 45.83 78.97
CA ARG HB 65 20.68 46.41 77.94
C ARG HB 65 20.75 45.61 76.66
N PHE HB 66 20.41 44.32 76.69
CA PHE HB 66 20.41 43.52 75.48
C PHE HB 66 19.60 44.20 74.39
N ASN HB 67 20.25 44.49 73.26
CA ASN HB 67 19.66 45.29 72.20
C ASN HB 67 19.25 46.66 72.74
N HIS HB 68 20.24 47.39 73.25
CA HIS HB 68 19.98 48.67 73.91
C HIS HB 68 19.37 49.69 72.96
N ALA HB 69 19.49 49.49 71.65
CA ALA HB 69 18.85 50.40 70.71
C ALA HB 69 17.33 50.39 70.90
N LEU HB 70 16.73 49.20 70.92
CA LEU HB 70 15.30 49.09 71.17
C LEU HB 70 14.94 49.56 72.57
N VAL HB 71 15.77 49.22 73.56
CA VAL HB 71 15.40 49.46 74.95
C VAL HB 71 15.43 50.95 75.25
N ASP HB 72 16.43 51.68 74.76
CA ASP HB 72 16.50 53.11 75.04
C ASP HB 72 15.27 53.84 74.53
N ARG HB 73 14.68 53.36 73.45
CA ARG HB 73 13.44 53.94 72.95
C ARG HB 73 12.28 53.64 73.87
N LEU HB 74 12.13 52.38 74.28
CA LEU HB 74 11.03 51.99 75.15
C LEU HB 74 11.09 52.72 76.49
N VAL HB 75 12.29 52.83 77.07
CA VAL HB 75 12.41 53.43 78.40
C VAL HB 75 11.98 54.89 78.37
N GLU HB 76 12.35 55.62 77.31
CA GLU HB 76 11.98 57.03 77.23
C GLU HB 76 10.48 57.20 77.01
N GLY HB 77 9.82 56.21 76.42
CA GLY HB 77 8.38 56.25 76.31
C GLY HB 77 7.69 56.18 77.65
N ALA HB 78 8.26 55.40 78.58
CA ALA HB 78 7.66 55.24 79.90
C ALA HB 78 7.78 56.51 80.71
N ILE HB 79 8.93 57.18 80.66
CA ILE HB 79 9.11 58.40 81.44
C ILE HB 79 8.25 59.52 80.88
N ASP HB 80 8.03 59.54 79.57
CA ASP HB 80 7.15 60.55 78.99
C ASP HB 80 5.71 60.38 79.47
N CYS HB 81 5.23 59.13 79.52
CA CYS HB 81 3.84 58.89 79.90
C CYS HB 81 3.56 59.37 81.32
N ILE HB 82 4.50 59.17 82.23
CA ILE HB 82 4.27 59.56 83.62
C ILE HB 82 4.29 61.07 83.76
N VAL HB 83 5.23 61.75 83.13
CA VAL HB 83 5.36 63.19 83.31
C VAL HB 83 4.19 63.93 82.68
N ARG HB 84 3.71 63.45 81.55
CA ARG HB 84 2.60 64.10 80.85
C ARG HB 84 1.24 63.80 81.48
N HIS HB 85 1.18 62.89 82.45
CA HIS HB 85 -0.05 62.61 83.18
C HIS HB 85 -0.02 63.18 84.59
N GLY HB 86 0.87 64.13 84.86
CA GLY HB 86 0.92 64.81 86.13
C GLY HB 86 1.98 64.38 87.10
N GLY HB 87 2.90 63.50 86.69
CA GLY HB 87 3.92 63.01 87.57
C GLY HB 87 5.08 63.97 87.74
N ARG HB 88 6.09 63.52 88.49
CA ARG HB 88 7.32 64.25 88.69
C ARG HB 88 8.51 63.34 88.46
N GLU HB 89 9.58 63.91 87.91
CA GLU HB 89 10.81 63.14 87.72
C GLU HB 89 11.57 62.94 89.02
N GLU HB 90 11.30 63.76 90.04
CA GLU HB 90 11.88 63.53 91.36
C GLU HB 90 11.30 62.30 92.03
N ASP HB 91 10.26 61.69 91.47
CA ASP HB 91 9.59 60.52 92.03
C ASP HB 91 9.73 59.29 91.16
N ILE HB 92 10.73 59.25 90.28
CA ILE HB 92 11.02 58.09 89.46
C ILE HB 92 12.41 57.56 89.84
N THR HB 93 12.53 56.24 89.96
CA THR HB 93 13.79 55.57 90.26
C THR HB 93 14.07 54.55 89.16
N LEU HB 94 15.20 54.71 88.49
CA LEU HB 94 15.57 53.88 87.35
C LEU HB 94 16.75 52.98 87.71
N VAL HB 95 16.68 51.72 87.31
CA VAL HB 95 17.71 50.72 87.56
C VAL HB 95 18.02 50.01 86.26
N ARG HB 96 19.30 49.85 85.95
CA ARG HB 96 19.75 49.13 84.76
C ARG HB 96 20.42 47.83 85.18
N VAL HB 97 20.20 46.77 84.39
CA VAL HB 97 20.76 45.46 84.68
C VAL HB 97 21.38 44.89 83.41
N PRO HB 98 22.26 43.90 83.54
CA PRO HB 98 22.92 43.34 82.34
C PRO HB 98 21.97 42.70 81.34
N GLY HB 99 21.16 41.73 81.77
CA GLY HB 99 20.34 40.97 80.87
C GLY HB 99 18.98 40.66 81.46
N SER HB 100 18.20 39.90 80.70
CA SER HB 100 16.84 39.56 81.12
C SER HB 100 16.84 38.67 82.35
N TRP HB 101 17.85 37.80 82.49
CA TRP HB 101 17.90 36.91 83.65
C TRP HB 101 17.92 37.69 84.95
N GLU HB 102 18.47 38.90 84.94
CA GLU HB 102 18.69 39.66 86.17
C GLU HB 102 17.54 40.60 86.52
N ILE HB 103 16.50 40.70 85.68
CA ILE HB 103 15.41 41.63 85.97
C ILE HB 103 14.68 41.27 87.25
N PRO HB 104 14.28 40.01 87.49
CA PRO HB 104 13.50 39.71 88.70
C PRO HB 104 14.19 40.06 90.01
N VAL HB 105 15.48 39.78 90.15
CA VAL HB 105 16.15 40.04 91.42
C VAL HB 105 16.24 41.53 91.69
N ALA HB 106 16.36 42.34 90.64
CA ALA HB 106 16.41 43.79 90.81
C ALA HB 106 15.02 44.38 91.06
N ALA HB 107 13.98 43.79 90.47
CA ALA HB 107 12.63 44.28 90.71
C ALA HB 107 12.24 44.09 92.17
N GLY HB 108 12.67 42.98 92.78
CA GLY HB 108 12.29 42.71 94.15
C GLY HB 108 12.83 43.74 95.13
N GLU HB 109 14.03 44.25 94.87
CA GLU HB 109 14.60 45.26 95.75
C GLU HB 109 13.79 46.54 95.70
N LEU HB 110 13.33 46.93 94.51
CA LEU HB 110 12.49 48.13 94.40
C LEU HB 110 11.12 47.90 95.01
N ALA HB 111 10.53 46.72 94.79
CA ALA HB 111 9.18 46.46 95.26
C ALA HB 111 9.08 46.35 96.78
N ARG HB 112 10.20 46.28 97.48
CA ARG HB 112 10.20 46.18 98.94
C ARG HB 112 10.32 47.53 99.62
N LYS HB 113 10.36 48.63 98.87
CA LYS HB 113 10.46 49.96 99.45
C LYS HB 113 9.07 50.50 99.77
N GLU HB 114 8.95 51.14 100.93
CA GLU HB 114 7.67 51.70 101.35
C GLU HB 114 7.25 52.92 100.53
N ASP HB 115 8.14 53.46 99.69
CA ASP HB 115 7.83 54.65 98.93
C ASP HB 115 7.30 54.36 97.52
N ILE HB 116 7.66 53.22 96.95
CA ILE HB 116 7.26 52.91 95.58
C ILE HB 116 5.84 52.36 95.59
N ASP HB 117 5.07 52.71 94.57
CA ASP HB 117 3.70 52.25 94.39
C ASP HB 117 3.54 51.22 93.28
N ALA HB 118 4.30 51.33 92.21
CA ALA HB 118 4.24 50.36 91.12
C ALA HB 118 5.59 50.29 90.43
N VAL HB 119 5.83 49.18 89.75
CA VAL HB 119 7.12 48.90 89.12
C VAL HB 119 6.87 48.45 87.68
N ILE HB 120 7.73 48.90 86.77
CA ILE HB 120 7.64 48.58 85.36
C ILE HB 120 8.88 47.78 84.97
N ALA HB 121 8.69 46.74 84.19
CA ALA HB 121 9.78 45.90 83.68
C ALA HB 121 9.87 46.04 82.17
N ILE HB 122 11.05 46.39 81.66
CA ILE HB 122 11.28 46.56 80.24
C ILE HB 122 12.49 45.74 79.85
N GLY HB 123 12.35 44.94 78.80
CA GLY HB 123 13.45 44.08 78.39
C GLY HB 123 13.15 43.45 77.05
N VAL HB 124 14.18 42.79 76.51
CA VAL HB 124 14.12 42.15 75.21
C VAL HB 124 14.50 40.69 75.36
N LEU HB 125 13.70 39.81 74.78
CA LEU HB 125 13.90 38.38 74.85
C LEU HB 125 14.28 37.82 73.49
N ILE HB 126 14.87 36.62 73.51
CA ILE HB 126 15.15 35.85 72.30
C ILE HB 126 14.46 34.51 72.45
N ARG HB 127 13.60 34.18 71.49
CA ARG HB 127 12.77 32.98 71.55
C ARG HB 127 13.05 32.11 70.33
N GLY HB 128 13.19 30.81 70.57
CA GLY HB 128 13.34 29.85 69.49
C GLY HB 128 14.73 29.77 68.87
N ALA HB 129 15.70 30.52 69.38
CA ALA HB 129 17.03 30.51 68.77
C ALA HB 129 17.82 29.26 69.17
N THR HB 130 18.11 29.13 70.46
CA THR HB 130 18.89 28.00 70.97
C THR HB 130 18.57 27.84 72.45
N PRO HB 131 18.87 26.67 73.03
CA PRO HB 131 18.73 26.53 74.48
C PRO HB 131 19.62 27.54 75.19
N HIS HB 132 19.43 27.65 76.50
CA HIS HB 132 20.00 28.68 77.36
C HIS HB 132 19.22 29.99 77.22
N PHE HB 133 18.22 30.05 76.34
CA PHE HB 133 17.33 31.20 76.26
C PHE HB 133 15.86 30.82 76.29
N ASP HB 134 15.50 29.57 75.99
CA ASP HB 134 14.16 29.10 76.30
C ASP HB 134 14.02 28.85 77.80
N TYR HB 135 15.08 28.37 78.45
CA TYR HB 135 15.06 28.27 79.90
C TYR HB 135 14.98 29.65 80.55
N ILE HB 136 15.72 30.62 80.01
CA ILE HB 136 15.73 31.95 80.60
C ILE HB 136 14.34 32.58 80.50
N ALA HB 137 13.73 32.51 79.32
CA ALA HB 137 12.47 33.19 79.09
C ALA HB 137 11.38 32.68 80.01
N SER HB 138 11.30 31.36 80.21
CA SER HB 138 10.25 30.80 81.03
C SER HB 138 10.37 31.20 82.49
N GLU HB 139 11.52 31.72 82.90
CA GLU HB 139 11.75 32.07 84.30
C GLU HB 139 11.60 33.55 84.59
N VAL HB 140 11.77 34.41 83.58
CA VAL HB 140 11.53 35.85 83.79
C VAL HB 140 10.05 36.09 84.03
N SER HB 141 9.18 35.46 83.25
CA SER HB 141 7.74 35.62 83.44
C SER HB 141 7.31 35.07 84.79
N LYS HB 142 7.77 33.88 85.14
CA LYS HB 142 7.32 33.23 86.37
C LYS HB 142 7.75 34.02 87.60
N GLY HB 143 8.97 34.57 87.59
CA GLY HB 143 9.45 35.28 88.75
C GLY HB 143 8.67 36.55 89.03
N LEU HB 144 8.39 37.33 87.98
CA LEU HB 144 7.68 38.58 88.17
C LEU HB 144 6.27 38.36 88.71
N ALA HB 145 5.61 37.30 88.24
CA ALA HB 145 4.26 37.01 88.71
C ALA HB 145 4.23 36.69 90.20
N ASN HB 146 5.25 35.99 90.70
CA ASN HB 146 5.29 35.66 92.12
C ASN HB 146 5.55 36.88 92.99
N LEU HB 147 6.37 37.82 92.52
CA LEU HB 147 6.66 39.01 93.31
C LEU HB 147 5.41 39.84 93.54
N SER HB 148 4.56 39.96 92.52
CA SER HB 148 3.34 40.75 92.65
C SER HB 148 2.46 40.21 93.78
N LEU HB 149 2.22 38.90 93.78
CA LEU HB 149 1.30 38.31 94.75
C LEU HB 149 1.90 38.29 96.15
N GLU HB 150 3.20 38.07 96.25
CA GLU HB 150 3.83 37.96 97.56
C GLU HB 150 3.89 39.33 98.26
N LEU HB 151 4.27 40.37 97.53
CA LEU HB 151 4.43 41.70 98.10
C LEU HB 151 3.21 42.59 97.94
N ARG HB 152 2.18 42.14 97.21
CA ARG HB 152 0.94 42.88 97.05
C ARG HB 152 1.22 44.27 96.45
N LYS HB 153 1.77 44.26 95.24
CA LYS HB 153 2.15 45.47 94.53
C LYS HB 153 2.13 45.14 93.05
N PRO HB 154 1.64 46.04 92.19
CA PRO HB 154 1.53 45.71 90.76
C PRO HB 154 2.86 45.87 90.05
N ILE HB 155 3.20 44.88 89.22
CA ILE HB 155 4.42 44.89 88.41
C ILE HB 155 4.01 44.62 86.98
N THR HB 156 4.27 45.59 86.10
CA THR HB 156 3.80 45.53 84.72
C THR HB 156 4.88 44.95 83.81
N PHE HB 157 4.43 44.30 82.74
CA PHE HB 157 5.26 43.46 81.90
C PHE HB 157 5.44 44.15 80.54
N GLY HB 158 6.46 44.97 80.44
CA GLY HB 158 6.76 45.66 79.21
C GLY HB 158 7.80 44.94 78.38
N VAL HB 159 8.01 43.66 78.67
CA VAL HB 159 9.03 42.88 78.00
C VAL HB 159 8.53 42.45 76.63
N ILE HB 160 9.33 42.72 75.60
CA ILE HB 160 8.96 42.38 74.23
C ILE HB 160 9.87 41.28 73.71
N THR HB 161 9.63 40.85 72.47
CA THR HB 161 10.38 39.78 71.85
C THR HB 161 10.82 40.19 70.46
N ALA HB 162 11.85 39.51 69.95
CA ALA HB 162 12.39 39.79 68.63
C ALA HB 162 12.82 41.24 68.51
N GLY IB 15 -41.65 -66.24 -61.12
CA GLY IB 15 -42.04 -65.42 -60.00
C GLY IB 15 -41.96 -66.15 -58.66
N ASN IB 16 -42.04 -67.47 -58.71
CA ASN IB 16 -41.98 -68.29 -57.51
C ASN IB 16 -41.23 -69.58 -57.83
N LYS IB 17 -40.57 -70.13 -56.81
CA LYS IB 17 -39.75 -71.32 -57.02
C LYS IB 17 -40.59 -72.56 -57.24
N GLY IB 18 -41.88 -72.54 -56.92
CA GLY IB 18 -42.72 -73.67 -57.23
C GLY IB 18 -42.86 -73.89 -58.72
N TRP IB 19 -43.05 -72.82 -59.47
CA TRP IB 19 -43.09 -72.91 -60.93
C TRP IB 19 -41.74 -73.38 -61.48
N GLU IB 20 -40.64 -72.85 -60.95
CA GLU IB 20 -39.32 -73.23 -61.46
C GLU IB 20 -39.02 -74.69 -61.18
N ALA IB 21 -39.35 -75.19 -60.00
CA ALA IB 21 -39.05 -76.57 -59.66
C ALA IB 21 -39.84 -77.54 -60.54
N ALA IB 22 -41.09 -77.21 -60.83
CA ALA IB 22 -41.91 -78.09 -61.67
C ALA IB 22 -41.39 -78.13 -63.10
N LEU IB 23 -40.83 -77.03 -63.58
CA LEU IB 23 -40.32 -76.99 -64.95
C LEU IB 23 -39.09 -77.87 -65.11
N SER IB 24 -38.21 -77.88 -64.11
CA SER IB 24 -37.05 -78.77 -64.16
C SER IB 24 -37.49 -80.22 -64.13
N ALA IB 25 -38.53 -80.53 -63.37
CA ALA IB 25 -39.00 -81.91 -63.28
C ALA IB 25 -39.50 -82.41 -64.63
N ILE IB 26 -40.22 -81.57 -65.37
CA ILE IB 26 -40.74 -81.99 -66.67
C ILE IB 26 -39.58 -82.31 -67.62
N GLU IB 27 -38.58 -81.44 -67.66
CA GLU IB 27 -37.45 -81.65 -68.56
C GLU IB 27 -36.68 -82.90 -68.19
N MET IB 28 -36.44 -83.12 -66.89
CA MET IB 28 -35.68 -84.28 -66.48
C MET IB 28 -36.44 -85.57 -66.75
N ALA IB 29 -37.76 -85.55 -66.60
CA ALA IB 29 -38.54 -86.75 -66.89
C ALA IB 29 -38.43 -87.13 -68.37
N ASN IB 30 -38.50 -86.15 -69.27
CA ASN IB 30 -38.39 -86.45 -70.69
C ASN IB 30 -36.97 -86.84 -71.08
N LEU IB 31 -35.96 -86.30 -70.39
CA LEU IB 31 -34.58 -86.65 -70.69
C LEU IB 31 -34.31 -88.12 -70.38
N PHE IB 32 -34.87 -88.63 -69.29
CA PHE IB 32 -34.60 -90.01 -68.90
C PHE IB 32 -35.30 -91.01 -69.78
N LYS IB 33 -36.32 -90.60 -70.54
CA LYS IB 33 -36.91 -91.48 -71.52
C LYS IB 33 -36.01 -91.63 -72.75
N SER IB 34 -35.28 -90.57 -73.10
CA SER IB 34 -34.38 -90.65 -74.25
C SER IB 34 -33.16 -91.50 -73.95
N LEU IB 35 -32.56 -91.33 -72.76
CA LEU IB 35 -31.37 -92.09 -72.41
C LEU IB 35 -31.68 -93.58 -72.37
N ARG IB 36 -32.83 -93.95 -71.83
CA ARG IB 36 -33.22 -95.36 -71.73
C ARG IB 36 -34.01 -95.78 -72.97
N GLY IB 37 -33.37 -95.60 -74.12
CA GLY IB 37 -34.00 -95.92 -75.39
C GLY IB 37 -32.96 -96.39 -76.39
N THR IB 38 -33.45 -97.08 -77.42
CA THR IB 38 -32.61 -97.61 -78.47
C THR IB 38 -33.25 -97.33 -79.82
N GLY IB 39 -32.41 -97.23 -80.85
CA GLY IB 39 -32.89 -96.97 -82.19
C GLY IB 39 -31.76 -96.59 -83.10
N GLY IB 40 -32.12 -96.26 -84.33
CA GLY IB 40 -31.13 -95.87 -85.31
C GLY IB 40 -30.50 -94.53 -84.98
N SER IB 41 -29.26 -94.36 -85.43
CA SER IB 41 -28.52 -93.13 -85.18
C SER IB 41 -27.54 -92.90 -86.33
N GLY IB 42 -27.12 -91.64 -86.48
CA GLY IB 42 -26.19 -91.27 -87.51
C GLY IB 42 -24.75 -91.44 -87.08
N SER IB 43 -23.84 -91.00 -87.95
CA SER IB 43 -22.42 -91.08 -87.71
C SER IB 43 -21.85 -89.82 -87.07
N SER IB 44 -22.70 -88.85 -86.72
CA SER IB 44 -22.26 -87.58 -86.15
C SER IB 44 -22.33 -87.63 -84.63
N MET IB 45 -22.15 -86.48 -84.00
CA MET IB 45 -22.26 -86.36 -82.56
C MET IB 45 -23.68 -86.62 -82.10
N GLU IB 46 -23.82 -87.23 -80.92
CA GLU IB 46 -25.12 -87.58 -80.36
C GLU IB 46 -25.45 -86.61 -79.23
N ILE IB 47 -26.65 -86.03 -79.30
CA ILE IB 47 -27.11 -85.05 -78.31
C ILE IB 47 -28.42 -85.55 -77.72
N TYR IB 48 -28.53 -85.49 -76.39
CA TYR IB 48 -29.73 -85.83 -75.66
C TYR IB 48 -30.26 -84.58 -74.98
N GLU IB 49 -31.52 -84.23 -75.26
CA GLU IB 49 -32.17 -83.08 -74.67
C GLU IB 49 -33.55 -83.50 -74.16
N GLY IB 50 -34.15 -82.61 -73.37
CA GLY IB 50 -35.47 -82.85 -72.84
C GLY IB 50 -36.49 -81.83 -73.31
N LYS IB 51 -37.60 -82.31 -73.87
CA LYS IB 51 -38.68 -81.44 -74.28
C LYS IB 51 -39.49 -81.01 -73.06
N LEU IB 52 -40.36 -80.02 -73.27
CA LEU IB 52 -41.20 -79.47 -72.22
C LEU IB 52 -42.67 -79.81 -72.46
N THR IB 53 -42.94 -81.02 -72.94
CA THR IB 53 -44.29 -81.55 -73.07
C THR IB 53 -44.56 -82.47 -71.90
N ALA IB 54 -45.62 -82.19 -71.15
CA ALA IB 54 -45.93 -82.89 -69.92
C ALA IB 54 -46.98 -83.97 -70.09
N GLU IB 55 -47.31 -84.33 -71.32
CA GLU IB 55 -48.37 -85.30 -71.57
C GLU IB 55 -47.89 -86.71 -71.27
N GLY IB 56 -48.66 -87.44 -70.47
CA GLY IB 56 -48.38 -88.82 -70.17
C GLY IB 56 -47.48 -89.07 -68.97
N LEU IB 57 -46.99 -88.02 -68.32
CA LEU IB 57 -46.10 -88.16 -67.18
C LEU IB 57 -46.88 -88.09 -65.87
N ARG IB 58 -46.27 -88.63 -64.81
CA ARG IB 58 -46.88 -88.69 -63.49
C ARG IB 58 -45.90 -88.12 -62.47
N PHE IB 59 -46.37 -87.21 -61.63
CA PHE IB 59 -45.52 -86.43 -60.75
C PHE IB 59 -45.88 -86.66 -59.28
N GLY IB 60 -44.98 -86.25 -58.41
CA GLY IB 60 -45.20 -86.25 -56.98
C GLY IB 60 -44.70 -84.98 -56.33
N ILE IB 61 -45.47 -84.42 -55.41
CA ILE IB 61 -45.14 -83.19 -54.71
C ILE IB 61 -45.13 -83.46 -53.21
N VAL IB 62 -44.14 -82.93 -52.52
CA VAL IB 62 -44.02 -83.02 -51.07
C VAL IB 62 -43.84 -81.60 -50.54
N ALA IB 63 -44.79 -81.14 -49.73
CA ALA IB 63 -44.81 -79.75 -49.26
C ALA IB 63 -44.95 -79.72 -47.75
N SER IB 64 -44.27 -78.77 -47.12
CA SER IB 64 -44.35 -78.59 -45.69
C SER IB 64 -45.37 -77.52 -45.34
N ARG IB 65 -45.76 -77.48 -44.07
CA ARG IB 65 -46.78 -76.55 -43.60
C ARG IB 65 -46.22 -75.27 -43.01
N PHE IB 66 -44.91 -75.23 -42.72
CA PHE IB 66 -44.31 -74.08 -42.06
C PHE IB 66 -44.64 -72.79 -42.79
N ASN IB 67 -44.51 -71.67 -42.08
CA ASN IB 67 -44.80 -70.34 -42.61
C ASN IB 67 -46.24 -70.21 -43.08
N HIS IB 68 -47.13 -71.07 -42.59
CA HIS IB 68 -48.56 -70.86 -42.76
C HIS IB 68 -48.99 -70.97 -44.22
N ALA IB 69 -49.19 -69.84 -44.89
CA ALA IB 69 -49.84 -69.81 -46.20
C ALA IB 69 -48.88 -69.64 -47.36
N LEU IB 70 -47.60 -69.36 -47.11
CA LEU IB 70 -46.67 -69.11 -48.21
C LEU IB 70 -46.47 -70.36 -49.06
N VAL IB 71 -46.52 -71.54 -48.44
CA VAL IB 71 -46.36 -72.78 -49.19
C VAL IB 71 -47.53 -73.00 -50.13
N ASP IB 72 -48.73 -72.61 -49.69
CA ASP IB 72 -49.91 -72.76 -50.55
C ASP IB 72 -49.72 -71.97 -51.85
N ARG IB 73 -49.04 -70.84 -51.79
CA ARG IB 73 -48.71 -70.09 -53.00
C ARG IB 73 -47.77 -70.88 -53.90
N LEU IB 74 -46.78 -71.55 -53.30
CA LEU IB 74 -45.82 -72.31 -54.07
C LEU IB 74 -46.46 -73.56 -54.68
N VAL IB 75 -47.31 -74.25 -53.92
CA VAL IB 75 -47.97 -75.45 -54.44
C VAL IB 75 -48.91 -75.07 -55.58
N GLU IB 76 -49.55 -73.91 -55.50
CA GLU IB 76 -50.43 -73.47 -56.58
C GLU IB 76 -49.64 -73.27 -57.87
N GLY IB 77 -48.46 -72.68 -57.78
CA GLY IB 77 -47.64 -72.48 -58.96
C GLY IB 77 -47.20 -73.80 -59.59
N ALA IB 78 -46.90 -74.80 -58.77
CA ALA IB 78 -46.43 -76.07 -59.31
C ALA IB 78 -47.50 -76.73 -60.17
N ILE IB 79 -48.73 -76.77 -59.69
CA ILE IB 79 -49.80 -77.43 -60.42
C ILE IB 79 -50.11 -76.66 -61.70
N ASP IB 80 -50.05 -75.33 -61.65
CA ASP IB 80 -50.31 -74.53 -62.83
C ASP IB 80 -49.34 -74.87 -63.95
N CYS IB 81 -48.07 -75.11 -63.61
CA CYS IB 81 -47.08 -75.47 -64.62
C CYS IB 81 -47.43 -76.80 -65.27
N ILE IB 82 -47.85 -77.78 -64.49
CA ILE IB 82 -48.08 -79.11 -65.04
C ILE IB 82 -49.31 -79.13 -65.93
N VAL IB 83 -50.37 -78.43 -65.51
CA VAL IB 83 -51.61 -78.46 -66.27
C VAL IB 83 -51.46 -77.70 -67.59
N ARG IB 84 -50.78 -76.56 -67.56
CA ARG IB 84 -50.68 -75.73 -68.75
C ARG IB 84 -49.67 -76.25 -69.76
N HIS IB 85 -48.78 -77.15 -69.37
CA HIS IB 85 -47.84 -77.75 -70.30
C HIS IB 85 -48.34 -79.06 -70.88
N GLY IB 86 -49.58 -79.46 -70.57
CA GLY IB 86 -50.19 -80.63 -71.16
C GLY IB 86 -50.51 -81.74 -70.18
N GLY IB 87 -50.15 -81.63 -68.91
CA GLY IB 87 -50.41 -82.69 -67.97
C GLY IB 87 -51.83 -82.70 -67.45
N ARG IB 88 -52.16 -83.78 -66.76
CA ARG IB 88 -53.49 -83.99 -66.22
C ARG IB 88 -53.42 -83.97 -64.69
N GLU IB 89 -54.39 -83.32 -64.06
CA GLU IB 89 -54.40 -83.19 -62.61
C GLU IB 89 -54.71 -84.50 -61.88
N GLU IB 90 -55.18 -85.51 -62.60
CA GLU IB 90 -55.37 -86.83 -62.01
C GLU IB 90 -54.06 -87.59 -61.81
N ASP IB 91 -52.95 -87.07 -62.35
CA ASP IB 91 -51.67 -87.75 -62.30
C ASP IB 91 -50.71 -87.14 -61.29
N ILE IB 92 -51.19 -86.29 -60.39
CA ILE IB 92 -50.37 -85.68 -59.36
C ILE IB 92 -50.71 -86.33 -58.02
N THR IB 93 -49.70 -86.47 -57.16
CA THR IB 93 -49.89 -86.98 -55.81
C THR IB 93 -49.28 -85.98 -54.84
N LEU IB 94 -50.08 -85.53 -53.86
CA LEU IB 94 -49.67 -84.53 -52.90
C LEU IB 94 -49.51 -85.16 -51.53
N VAL IB 95 -48.36 -84.92 -50.90
CA VAL IB 95 -48.06 -85.38 -49.56
C VAL IB 95 -47.65 -84.16 -48.73
N ARG IB 96 -48.21 -84.03 -47.54
CA ARG IB 96 -47.97 -82.88 -46.68
C ARG IB 96 -47.28 -83.34 -45.39
N VAL IB 97 -46.23 -82.63 -45.01
CA VAL IB 97 -45.42 -82.97 -43.83
C VAL IB 97 -45.38 -81.79 -42.87
N PRO IB 98 -45.09 -82.02 -41.59
CA PRO IB 98 -45.18 -80.91 -40.62
C PRO IB 98 -44.12 -79.83 -40.81
N GLY IB 99 -42.87 -80.19 -41.04
CA GLY IB 99 -41.81 -79.22 -41.14
C GLY IB 99 -40.79 -79.60 -42.20
N SER IB 100 -39.79 -78.73 -42.35
CA SER IB 100 -38.77 -78.96 -43.36
C SER IB 100 -37.91 -80.17 -43.02
N TRP IB 101 -37.69 -80.41 -41.73
CA TRP IB 101 -36.88 -81.55 -41.32
C TRP IB 101 -37.46 -82.88 -41.78
N GLU IB 102 -38.75 -82.94 -42.09
CA GLU IB 102 -39.42 -84.17 -42.44
C GLU IB 102 -39.52 -84.42 -43.94
N ILE IB 103 -39.04 -83.51 -44.78
CA ILE IB 103 -39.19 -83.63 -46.23
C ILE IB 103 -38.43 -84.83 -46.77
N PRO IB 104 -37.15 -85.04 -46.42
CA PRO IB 104 -36.42 -86.15 -47.04
C PRO IB 104 -37.00 -87.53 -46.81
N VAL IB 105 -37.51 -87.82 -45.61
CA VAL IB 105 -38.04 -89.15 -45.34
C VAL IB 105 -39.33 -89.39 -46.10
N ALA IB 106 -40.17 -88.35 -46.21
CA ALA IB 106 -41.40 -88.48 -46.98
C ALA IB 106 -41.11 -88.61 -48.47
N ALA IB 107 -40.09 -87.91 -48.96
CA ALA IB 107 -39.74 -87.99 -50.37
C ALA IB 107 -39.27 -89.39 -50.74
N GLY IB 108 -38.50 -90.03 -49.87
CA GLY IB 108 -38.00 -91.36 -50.16
C GLY IB 108 -39.11 -92.38 -50.36
N GLU IB 109 -40.15 -92.30 -49.52
CA GLU IB 109 -41.28 -93.21 -49.68
C GLU IB 109 -41.98 -92.98 -51.00
N LEU IB 110 -42.15 -91.71 -51.40
CA LEU IB 110 -42.87 -91.37 -52.61
C LEU IB 110 -42.08 -91.65 -53.87
N ALA IB 111 -40.74 -91.72 -53.79
CA ALA IB 111 -39.90 -91.96 -54.94
C ALA IB 111 -39.54 -93.43 -55.11
N ARG IB 112 -40.08 -94.32 -54.29
CA ARG IB 112 -39.78 -95.74 -54.37
C ARG IB 112 -40.90 -96.54 -55.05
N LYS IB 113 -41.90 -95.88 -55.60
CA LYS IB 113 -42.99 -96.55 -56.31
C LYS IB 113 -42.87 -96.29 -57.81
N GLU IB 114 -43.14 -97.34 -58.59
CA GLU IB 114 -42.83 -97.33 -60.01
C GLU IB 114 -43.72 -96.39 -60.81
N ASP IB 115 -44.87 -95.98 -60.26
CA ASP IB 115 -45.76 -95.12 -61.02
C ASP IB 115 -45.28 -93.66 -61.07
N ILE IB 116 -44.41 -93.26 -60.17
CA ILE IB 116 -43.92 -91.88 -60.12
C ILE IB 116 -42.72 -91.74 -61.03
N ASP IB 117 -42.65 -90.63 -61.75
CA ASP IB 117 -41.55 -90.33 -62.66
C ASP IB 117 -40.60 -89.28 -62.12
N ALA IB 118 -41.09 -88.29 -61.39
CA ALA IB 118 -40.23 -87.29 -60.76
C ALA IB 118 -40.93 -86.75 -59.52
N VAL IB 119 -40.13 -86.22 -58.60
CA VAL IB 119 -40.59 -85.72 -57.31
C VAL IB 119 -40.15 -84.27 -57.15
N ILE IB 120 -41.03 -83.44 -56.59
CA ILE IB 120 -40.78 -82.02 -56.37
C ILE IB 120 -40.90 -81.73 -54.89
N ALA IB 121 -39.91 -81.04 -54.33
CA ALA IB 121 -39.87 -80.71 -52.92
C ALA IB 121 -40.02 -79.21 -52.72
N ILE IB 122 -40.95 -78.79 -51.88
CA ILE IB 122 -41.29 -77.40 -51.65
C ILE IB 122 -41.33 -77.14 -50.15
N GLY IB 123 -40.83 -75.98 -49.73
CA GLY IB 123 -40.89 -75.63 -48.32
C GLY IB 123 -40.29 -74.27 -48.08
N VAL IB 124 -40.38 -73.84 -46.83
CA VAL IB 124 -39.85 -72.55 -46.39
C VAL IB 124 -38.99 -72.79 -45.16
N LEU IB 125 -37.80 -72.17 -45.16
CA LEU IB 125 -36.86 -72.28 -44.05
C LEU IB 125 -36.76 -70.96 -43.29
N ILE IB 126 -36.37 -71.05 -42.04
CA ILE IB 126 -36.26 -69.89 -41.16
C ILE IB 126 -34.80 -69.48 -41.07
N ARG IB 127 -34.58 -68.19 -40.84
CA ARG IB 127 -33.24 -67.60 -40.77
C ARG IB 127 -33.07 -66.84 -39.46
N GLY IB 128 -33.41 -67.49 -38.35
CA GLY IB 128 -33.34 -66.86 -37.04
C GLY IB 128 -31.94 -66.71 -36.48
N ALA IB 129 -30.90 -67.08 -37.22
CA ALA IB 129 -29.53 -66.94 -36.77
C ALA IB 129 -29.29 -67.71 -35.47
N THR IB 130 -29.79 -68.94 -35.43
CA THR IB 130 -29.65 -69.81 -34.28
C THR IB 130 -29.11 -71.16 -34.72
N PRO IB 131 -28.33 -71.84 -33.87
CA PRO IB 131 -27.88 -73.19 -34.25
C PRO IB 131 -29.03 -74.16 -34.51
N HIS IB 132 -30.20 -73.94 -33.90
CA HIS IB 132 -31.32 -74.84 -34.11
C HIS IB 132 -31.74 -74.87 -35.57
N PHE IB 133 -31.77 -73.70 -36.22
CA PHE IB 133 -32.16 -73.62 -37.62
C PHE IB 133 -31.00 -73.83 -38.58
N ASP IB 134 -29.79 -73.44 -38.20
CA ASP IB 134 -28.66 -73.57 -39.11
C ASP IB 134 -28.35 -75.03 -39.41
N TYR IB 135 -28.49 -75.90 -38.41
CA TYR IB 135 -28.22 -77.32 -38.63
C TYR IB 135 -29.35 -77.98 -39.41
N ILE IB 136 -30.60 -77.61 -39.12
CA ILE IB 136 -31.71 -78.20 -39.86
C ILE IB 136 -31.61 -77.86 -41.35
N ALA IB 137 -31.15 -76.65 -41.67
CA ALA IB 137 -31.10 -76.23 -43.06
C ALA IB 137 -30.17 -77.12 -43.87
N SER IB 138 -29.00 -77.47 -43.32
CA SER IB 138 -28.03 -78.23 -44.09
C SER IB 138 -28.53 -79.64 -44.38
N GLU IB 139 -29.21 -80.26 -43.43
CA GLU IB 139 -29.58 -81.66 -43.60
C GLU IB 139 -30.67 -81.85 -44.64
N VAL IB 140 -31.52 -80.85 -44.85
CA VAL IB 140 -32.57 -80.98 -45.86
C VAL IB 140 -31.96 -81.14 -47.24
N SER IB 141 -30.93 -80.35 -47.55
CA SER IB 141 -30.31 -80.41 -48.86
C SER IB 141 -29.54 -81.71 -49.08
N LYS IB 142 -28.80 -82.15 -48.06
CA LYS IB 142 -27.98 -83.33 -48.23
C LYS IB 142 -28.82 -84.59 -48.43
N GLY IB 143 -29.94 -84.70 -47.73
CA GLY IB 143 -30.76 -85.89 -47.85
C GLY IB 143 -31.38 -86.04 -49.23
N LEU IB 144 -31.92 -84.93 -49.77
CA LEU IB 144 -32.51 -85.00 -51.10
C LEU IB 144 -31.46 -85.26 -52.17
N ALA IB 145 -30.24 -84.78 -51.97
CA ALA IB 145 -29.18 -85.03 -52.93
C ALA IB 145 -28.80 -86.51 -52.98
N ASN IB 146 -28.61 -87.12 -51.80
CA ASN IB 146 -28.24 -88.52 -51.75
C ASN IB 146 -29.34 -89.41 -52.28
N LEU IB 147 -30.59 -89.07 -51.99
CA LEU IB 147 -31.71 -89.93 -52.36
C LEU IB 147 -31.87 -90.04 -53.87
N SER IB 148 -31.58 -88.97 -54.60
CA SER IB 148 -31.68 -89.03 -56.05
C SER IB 148 -30.59 -89.91 -56.66
N LEU IB 149 -29.42 -89.96 -56.05
CA LEU IB 149 -28.34 -90.81 -56.54
C LEU IB 149 -28.57 -92.27 -56.18
N GLU IB 150 -29.12 -92.54 -54.98
CA GLU IB 150 -29.37 -93.91 -54.57
C GLU IB 150 -30.44 -94.56 -55.46
N LEU IB 151 -31.52 -93.86 -55.72
CA LEU IB 151 -32.66 -94.43 -56.44
C LEU IB 151 -32.64 -94.15 -57.93
N ARG IB 152 -31.74 -93.29 -58.40
CA ARG IB 152 -31.64 -92.95 -59.82
C ARG IB 152 -32.95 -92.38 -60.36
N LYS IB 153 -33.50 -91.41 -59.64
CA LYS IB 153 -34.71 -90.72 -60.02
C LYS IB 153 -34.52 -89.22 -59.78
N PRO IB 154 -35.01 -88.35 -60.67
CA PRO IB 154 -34.81 -86.92 -60.48
C PRO IB 154 -35.69 -86.34 -59.39
N ILE IB 155 -35.07 -85.58 -58.49
CA ILE IB 155 -35.75 -84.88 -57.40
C ILE IB 155 -35.31 -83.42 -57.45
N THR IB 156 -36.28 -82.52 -57.44
CA THR IB 156 -36.01 -81.10 -57.65
C THR IB 156 -36.15 -80.32 -56.34
N PHE IB 157 -35.36 -79.27 -56.22
CA PHE IB 157 -35.21 -78.50 -54.99
C PHE IB 157 -35.95 -77.18 -55.15
N GLY IB 158 -36.96 -76.98 -54.31
CA GLY IB 158 -37.75 -75.76 -54.36
C GLY IB 158 -37.96 -75.12 -53.00
N VAL IB 159 -36.94 -75.18 -52.14
CA VAL IB 159 -37.02 -74.65 -50.80
C VAL IB 159 -36.46 -73.23 -50.78
N ILE IB 160 -37.24 -72.30 -50.23
CA ILE IB 160 -36.83 -70.90 -50.13
C ILE IB 160 -36.61 -70.57 -48.66
N THR IB 161 -36.15 -69.34 -48.42
CA THR IB 161 -35.90 -68.85 -47.07
C THR IB 161 -36.83 -67.68 -46.78
N ALA IB 162 -37.28 -67.59 -45.52
CA ALA IB 162 -38.15 -66.51 -45.07
C ALA IB 162 -39.43 -66.45 -45.89
N GLY JB 15 -7.06 -69.21 -70.42
CA GLY JB 15 -7.93 -70.16 -71.09
C GLY JB 15 -9.27 -70.30 -70.40
N ASN JB 16 -9.95 -71.41 -70.67
CA ASN JB 16 -11.26 -71.69 -70.09
C ASN JB 16 -11.27 -73.09 -69.50
N LYS JB 17 -12.07 -73.26 -68.45
CA LYS JB 17 -12.13 -74.54 -67.76
C LYS JB 17 -12.65 -75.65 -68.65
N GLY JB 18 -13.31 -75.32 -69.76
CA GLY JB 18 -13.70 -76.36 -70.71
C GLY JB 18 -12.51 -77.07 -71.30
N TRP JB 19 -11.47 -76.31 -71.66
CA TRP JB 19 -10.26 -76.91 -72.19
C TRP JB 19 -9.51 -77.69 -71.12
N GLU JB 20 -9.41 -77.13 -69.91
CA GLU JB 20 -8.68 -77.79 -68.84
C GLU JB 20 -9.36 -79.09 -68.43
N ALA JB 21 -10.68 -79.09 -68.37
CA ALA JB 21 -11.41 -80.29 -67.94
C ALA JB 21 -11.29 -81.41 -68.96
N ALA JB 22 -11.15 -81.09 -70.24
CA ALA JB 22 -10.98 -82.13 -71.25
C ALA JB 22 -9.57 -82.69 -71.26
N LEU JB 23 -8.57 -81.86 -70.95
CA LEU JB 23 -7.20 -82.36 -70.83
C LEU JB 23 -7.08 -83.38 -69.71
N SER JB 24 -7.65 -83.08 -68.55
CA SER JB 24 -7.57 -84.02 -67.43
C SER JB 24 -8.25 -85.34 -67.77
N ALA JB 25 -9.40 -85.27 -68.44
CA ALA JB 25 -10.11 -86.49 -68.80
C ALA JB 25 -9.31 -87.34 -69.77
N ILE JB 26 -8.62 -86.72 -70.72
CA ILE JB 26 -7.85 -87.50 -71.69
C ILE JB 26 -6.71 -88.23 -71.01
N GLU JB 27 -6.07 -87.57 -70.03
CA GLU JB 27 -4.91 -88.19 -69.39
C GLU JB 27 -5.33 -89.32 -68.45
N MET JB 28 -6.42 -89.14 -67.69
CA MET JB 28 -6.88 -90.21 -66.80
C MET JB 28 -7.41 -91.41 -67.58
N ALA JB 29 -8.00 -91.18 -68.76
CA ALA JB 29 -8.47 -92.31 -69.55
C ALA JB 29 -7.31 -93.17 -70.03
N ASN JB 30 -6.18 -92.55 -70.33
CA ASN JB 30 -5.00 -93.31 -70.74
C ASN JB 30 -4.32 -93.98 -69.56
N LEU JB 31 -4.34 -93.35 -68.39
CA LEU JB 31 -3.72 -93.92 -67.20
C LEU JB 31 -4.42 -95.21 -66.77
N PHE JB 32 -5.74 -95.26 -66.89
CA PHE JB 32 -6.48 -96.43 -66.45
C PHE JB 32 -6.33 -97.61 -67.41
N LYS JB 33 -5.91 -97.37 -68.64
CA LYS JB 33 -5.64 -98.49 -69.54
C LYS JB 33 -4.36 -99.21 -69.18
N SER JB 34 -3.30 -98.46 -68.85
CA SER JB 34 -2.04 -99.09 -68.51
C SER JB 34 -2.06 -99.66 -67.10
N LEU JB 35 -2.79 -99.02 -66.19
CA LEU JB 35 -2.86 -99.51 -64.82
C LEU JB 35 -3.66 -100.80 -64.70
N ARG JB 36 -4.55 -101.07 -65.65
CA ARG JB 36 -5.34 -102.28 -65.66
C ARG JB 36 -4.77 -103.36 -66.56
N GLY JB 37 -3.62 -103.12 -67.17
CA GLY JB 37 -2.95 -104.09 -68.01
C GLY JB 37 -1.90 -104.87 -67.25
N THR JB 38 -1.02 -105.52 -68.02
CA THR JB 38 0.07 -106.28 -67.42
C THR JB 38 1.08 -105.33 -66.77
N GLY JB 39 1.58 -105.75 -65.61
CA GLY JB 39 2.56 -104.95 -64.90
C GLY JB 39 3.96 -105.12 -65.44
N GLY JB 40 4.88 -104.32 -64.90
CA GLY JB 40 6.27 -104.39 -65.31
C GLY JB 40 6.92 -105.69 -64.88
N SER JB 41 7.89 -106.12 -65.68
CA SER JB 41 8.61 -107.36 -65.36
C SER JB 41 9.37 -107.23 -64.04
N GLY JB 42 10.04 -106.10 -63.83
CA GLY JB 42 10.81 -105.85 -62.63
C GLY JB 42 12.11 -105.17 -62.99
N SER JB 43 13.06 -105.23 -62.07
CA SER JB 43 14.41 -104.70 -62.19
C SER JB 43 14.45 -103.18 -62.03
N SER JB 44 13.34 -102.53 -61.72
CA SER JB 44 13.34 -101.09 -61.49
C SER JB 44 11.99 -100.70 -60.91
N MET JB 45 11.92 -99.47 -60.40
CA MET JB 45 10.66 -98.92 -59.92
C MET JB 45 9.69 -98.73 -61.07
N GLU JB 46 8.43 -99.03 -60.83
CA GLU JB 46 7.39 -98.94 -61.87
C GLU JB 46 6.70 -97.59 -61.79
N ILE JB 47 6.64 -96.88 -62.91
CA ILE JB 47 6.02 -95.57 -63.01
C ILE JB 47 4.92 -95.64 -64.05
N TYR JB 48 3.73 -95.17 -63.68
CA TYR JB 48 2.59 -95.11 -64.57
C TYR JB 48 2.24 -93.66 -64.86
N GLU JB 49 2.11 -93.32 -66.14
CA GLU JB 49 1.79 -91.97 -66.57
C GLU JB 49 0.80 -92.04 -67.72
N GLY JB 50 0.11 -90.93 -67.96
CA GLY JB 50 -0.88 -90.84 -69.01
C GLY JB 50 -0.39 -89.96 -70.15
N LYS JB 51 -0.49 -90.49 -71.37
CA LYS JB 51 -0.16 -89.73 -72.57
C LYS JB 51 -1.32 -88.85 -72.98
N LEU JB 52 -1.00 -87.80 -73.73
CA LEU JB 52 -2.00 -86.87 -74.24
C LEU JB 52 -2.35 -87.20 -75.69
N THR JB 53 -2.89 -88.40 -75.88
CA THR JB 53 -3.39 -88.85 -77.17
C THR JB 53 -4.78 -89.42 -76.97
N ALA JB 54 -5.72 -89.03 -77.84
CA ALA JB 54 -7.13 -89.36 -77.68
C ALA JB 54 -7.65 -90.14 -78.87
N GLU JB 55 -6.89 -91.12 -79.34
CA GLU JB 55 -7.25 -91.92 -80.49
C GLU JB 55 -7.85 -93.24 -80.00
N GLY JB 56 -9.14 -93.41 -80.21
CA GLY JB 56 -9.83 -94.62 -79.81
C GLY JB 56 -10.56 -94.57 -78.49
N LEU JB 57 -10.77 -93.39 -77.92
CA LEU JB 57 -11.43 -93.23 -76.64
C LEU JB 57 -12.77 -92.55 -76.80
N ARG JB 58 -13.72 -92.92 -75.95
CA ARG JB 58 -15.06 -92.35 -75.93
C ARG JB 58 -15.21 -91.42 -74.74
N PHE JB 59 -16.02 -90.38 -74.90
CA PHE JB 59 -16.21 -89.38 -73.87
C PHE JB 59 -17.69 -89.02 -73.75
N GLY JB 60 -18.07 -88.57 -72.56
CA GLY JB 60 -19.38 -88.00 -72.33
C GLY JB 60 -19.25 -86.66 -71.64
N ILE JB 61 -20.18 -85.77 -71.97
CA ILE JB 61 -20.19 -84.41 -71.45
C ILE JB 61 -21.57 -84.11 -70.89
N VAL JB 62 -21.62 -83.55 -69.68
CA VAL JB 62 -22.84 -83.09 -69.04
C VAL JB 62 -22.69 -81.61 -68.77
N ALA JB 63 -23.54 -80.79 -69.38
CA ALA JB 63 -23.48 -79.35 -69.28
C ALA JB 63 -24.85 -78.79 -68.96
N SER JB 64 -24.90 -77.87 -68.00
CA SER JB 64 -26.15 -77.24 -67.63
C SER JB 64 -26.50 -76.14 -68.62
N ARG JB 65 -27.59 -75.42 -68.34
CA ARG JB 65 -28.13 -74.43 -69.26
C ARG JB 65 -28.11 -73.01 -68.72
N PHE JB 66 -28.19 -72.82 -67.42
CA PHE JB 66 -28.22 -71.48 -66.86
C PHE JB 66 -26.99 -70.70 -67.32
N ASN JB 67 -27.12 -69.39 -67.37
CA ASN JB 67 -26.11 -68.51 -67.95
C ASN JB 67 -25.84 -68.93 -69.41
N HIS JB 68 -26.90 -68.75 -70.20
CA HIS JB 68 -26.96 -69.21 -71.58
C HIS JB 68 -25.64 -69.02 -72.35
N ALA JB 69 -25.06 -67.82 -72.26
CA ALA JB 69 -23.90 -67.52 -73.09
C ALA JB 69 -22.65 -68.26 -72.62
N LEU JB 70 -22.38 -68.27 -71.31
CA LEU JB 70 -21.12 -68.80 -70.82
C LEU JB 70 -20.96 -70.28 -71.15
N VAL JB 71 -21.96 -71.10 -70.78
CA VAL JB 71 -21.77 -72.54 -70.85
C VAL JB 71 -21.54 -73.00 -72.29
N ASP JB 72 -22.07 -72.26 -73.27
CA ASP JB 72 -21.86 -72.63 -74.66
C ASP JB 72 -20.40 -72.47 -75.06
N ARG JB 73 -19.71 -71.48 -74.50
CA ARG JB 73 -18.29 -71.32 -74.78
C ARG JB 73 -17.48 -72.46 -74.17
N LEU JB 74 -17.85 -72.89 -72.96
CA LEU JB 74 -17.14 -73.98 -72.31
C LEU JB 74 -17.28 -75.29 -73.08
N VAL JB 75 -18.47 -75.58 -73.59
CA VAL JB 75 -18.69 -76.83 -74.30
C VAL JB 75 -17.89 -76.85 -75.61
N GLU JB 76 -17.80 -75.71 -76.28
CA GLU JB 76 -17.00 -75.63 -77.51
C GLU JB 76 -15.52 -75.88 -77.21
N GLY JB 77 -15.03 -75.34 -76.09
CA GLY JB 77 -13.64 -75.60 -75.71
C GLY JB 77 -13.36 -77.07 -75.50
N ALA JB 78 -14.26 -77.79 -74.84
CA ALA JB 78 -14.03 -79.19 -74.56
C ALA JB 78 -13.98 -80.02 -75.84
N ILE JB 79 -14.88 -79.74 -76.78
CA ILE JB 79 -14.91 -80.51 -78.02
C ILE JB 79 -13.68 -80.21 -78.87
N ASP JB 80 -13.23 -78.96 -78.86
CA ASP JB 80 -12.05 -78.60 -79.64
C ASP JB 80 -10.81 -79.34 -79.12
N CYS JB 81 -10.69 -79.47 -77.79
CA CYS JB 81 -9.55 -80.17 -77.23
C CYS JB 81 -9.50 -81.62 -77.69
N ILE JB 82 -10.63 -82.31 -77.67
CA ILE JB 82 -10.65 -83.73 -77.99
C ILE JB 82 -10.31 -83.95 -79.46
N VAL JB 83 -10.92 -83.16 -80.34
CA VAL JB 83 -10.75 -83.38 -81.78
C VAL JB 83 -9.33 -83.09 -82.21
N ARG JB 84 -8.70 -82.07 -81.62
CA ARG JB 84 -7.35 -81.70 -82.01
C ARG JB 84 -6.28 -82.59 -81.42
N HIS JB 85 -6.63 -83.50 -80.50
CA HIS JB 85 -5.69 -84.47 -79.97
C HIS JB 85 -5.81 -85.84 -80.62
N GLY JB 86 -6.69 -85.98 -81.62
CA GLY JB 86 -6.85 -87.22 -82.34
C GLY JB 86 -8.20 -87.88 -82.17
N GLY JB 87 -9.09 -87.34 -81.35
CA GLY JB 87 -10.39 -87.93 -81.16
C GLY JB 87 -11.31 -87.70 -82.35
N ARG JB 88 -12.41 -88.44 -82.35
CA ARG JB 88 -13.43 -88.35 -83.37
C ARG JB 88 -14.70 -87.75 -82.78
N GLU JB 89 -15.31 -86.82 -83.53
CA GLU JB 89 -16.55 -86.21 -83.06
C GLU JB 89 -17.68 -87.22 -82.96
N GLU JB 90 -17.55 -88.37 -83.63
CA GLU JB 90 -18.57 -89.41 -83.54
C GLU JB 90 -18.52 -90.15 -82.21
N ASP JB 91 -17.45 -90.01 -81.45
CA ASP JB 91 -17.28 -90.70 -80.17
C ASP JB 91 -17.45 -89.76 -78.98
N ILE JB 92 -18.37 -88.81 -79.09
CA ILE JB 92 -18.69 -87.90 -78.01
C ILE JB 92 -20.20 -87.92 -77.79
N THR JB 93 -20.62 -87.98 -76.54
CA THR JB 93 -22.02 -87.92 -76.15
C THR JB 93 -22.24 -86.66 -75.33
N LEU JB 94 -23.31 -85.94 -75.63
CA LEU JB 94 -23.62 -84.67 -74.96
C LEU JB 94 -25.02 -84.74 -74.37
N VAL JB 95 -25.14 -84.36 -73.09
CA VAL JB 95 -26.40 -84.36 -72.37
C VAL JB 95 -26.58 -82.98 -71.74
N ARG JB 96 -27.74 -82.37 -71.96
CA ARG JB 96 -28.07 -81.06 -71.41
C ARG JB 96 -29.05 -81.21 -70.26
N VAL JB 97 -28.88 -80.40 -69.23
CA VAL JB 97 -29.74 -80.43 -68.05
C VAL JB 97 -30.14 -79.00 -67.70
N PRO JB 98 -31.25 -78.83 -66.96
CA PRO JB 98 -31.70 -77.46 -66.67
C PRO JB 98 -30.73 -76.63 -65.84
N GLY JB 99 -30.25 -77.16 -64.73
CA GLY JB 99 -29.40 -76.40 -63.84
C GLY JB 99 -28.28 -77.21 -63.20
N SER JB 100 -27.55 -76.58 -62.28
CA SER JB 100 -26.43 -77.26 -61.64
C SER JB 100 -26.91 -78.37 -60.72
N TRP JB 101 -28.06 -78.19 -60.09
CA TRP JB 101 -28.59 -79.21 -59.17
C TRP JB 101 -28.75 -80.55 -59.88
N GLU JB 102 -28.99 -80.54 -61.18
CA GLU JB 102 -29.29 -81.78 -61.91
C GLU JB 102 -28.05 -82.46 -62.48
N ILE JB 103 -26.87 -81.84 -62.40
CA ILE JB 103 -25.68 -82.43 -63.00
C ILE JB 103 -25.35 -83.80 -62.43
N PRO JB 104 -25.26 -83.98 -61.10
CA PRO JB 104 -24.82 -85.29 -60.58
C PRO JB 104 -25.70 -86.44 -60.98
N VAL JB 105 -27.01 -86.25 -61.06
CA VAL JB 105 -27.90 -87.37 -61.36
C VAL JB 105 -27.71 -87.84 -62.80
N ALA JB 106 -27.54 -86.89 -63.73
CA ALA JB 106 -27.31 -87.25 -65.12
C ALA JB 106 -25.95 -87.90 -65.31
N ALA JB 107 -24.95 -87.44 -64.57
CA ALA JB 107 -23.61 -88.02 -64.69
C ALA JB 107 -23.61 -89.49 -64.32
N GLY JB 108 -24.47 -89.90 -63.37
CA GLY JB 108 -24.54 -91.30 -63.01
C GLY JB 108 -24.97 -92.19 -64.15
N GLU JB 109 -25.94 -91.73 -64.94
CA GLU JB 109 -26.43 -92.54 -66.05
C GLU JB 109 -25.34 -92.73 -67.11
N LEU JB 110 -24.60 -91.68 -67.44
CA LEU JB 110 -23.54 -91.79 -68.42
C LEU JB 110 -22.42 -92.70 -67.93
N ALA JB 111 -22.05 -92.56 -66.65
CA ALA JB 111 -20.93 -93.32 -66.12
C ALA JB 111 -21.21 -94.82 -66.06
N ARG JB 112 -22.47 -95.22 -66.01
CA ARG JB 112 -22.83 -96.63 -65.91
C ARG JB 112 -22.87 -97.33 -67.26
N LYS JB 113 -22.65 -96.62 -68.36
CA LYS JB 113 -22.54 -97.25 -69.66
C LYS JB 113 -21.15 -97.86 -69.83
N GLU JB 114 -21.09 -98.93 -70.62
CA GLU JB 114 -19.86 -99.69 -70.79
C GLU JB 114 -19.03 -99.23 -72.00
N ASP JB 115 -19.47 -98.18 -72.70
CA ASP JB 115 -18.73 -97.65 -73.85
C ASP JB 115 -18.26 -96.22 -73.62
N ILE JB 116 -18.12 -95.80 -72.37
CA ILE JB 116 -17.64 -94.47 -72.04
C ILE JB 116 -16.43 -94.61 -71.12
N ASP JB 117 -15.37 -93.88 -71.42
CA ASP JB 117 -14.13 -93.97 -70.67
C ASP JB 117 -13.97 -92.88 -69.62
N ALA JB 118 -14.57 -91.71 -69.82
CA ALA JB 118 -14.52 -90.65 -68.85
C ALA JB 118 -15.68 -89.69 -69.09
N VAL JB 119 -15.97 -88.89 -68.07
CA VAL JB 119 -17.09 -87.95 -68.10
C VAL JB 119 -16.58 -86.58 -67.69
N ILE JB 120 -17.08 -85.54 -68.37
CA ILE JB 120 -16.71 -84.15 -68.10
C ILE JB 120 -17.97 -83.40 -67.69
N ALA JB 121 -17.92 -82.73 -66.55
CA ALA JB 121 -19.05 -81.98 -66.01
C ALA JB 121 -18.78 -80.49 -66.09
N ILE JB 122 -19.69 -79.75 -66.71
CA ILE JB 122 -19.56 -78.31 -66.93
C ILE JB 122 -20.82 -77.62 -66.42
N GLY JB 123 -20.64 -76.40 -65.94
CA GLY JB 123 -21.76 -75.64 -65.41
C GLY JB 123 -21.27 -74.37 -64.75
N VAL JB 124 -22.24 -73.53 -64.40
CA VAL JB 124 -21.98 -72.23 -63.79
C VAL JB 124 -22.79 -72.14 -62.50
N LEU JB 125 -22.12 -71.83 -61.40
CA LEU JB 125 -22.77 -71.60 -60.12
C LEU JB 125 -22.95 -70.10 -59.91
N ILE JB 126 -24.14 -69.69 -59.48
CA ILE JB 126 -24.48 -68.27 -59.41
C ILE JB 126 -24.51 -67.80 -57.96
N ARG JB 127 -23.67 -68.42 -57.13
CA ARG JB 127 -23.53 -67.98 -55.75
C ARG JB 127 -23.21 -66.49 -55.70
N GLY JB 128 -23.61 -65.85 -54.60
CA GLY JB 128 -23.42 -64.42 -54.44
C GLY JB 128 -24.55 -63.75 -53.68
N ALA JB 129 -25.71 -64.39 -53.65
CA ALA JB 129 -26.86 -63.89 -52.91
C ALA JB 129 -27.92 -64.99 -52.92
N THR JB 130 -29.10 -64.68 -52.37
CA THR JB 130 -30.21 -65.62 -52.40
C THR JB 130 -29.80 -66.97 -51.82
N PRO JB 131 -29.75 -67.10 -50.47
CA PRO JB 131 -29.23 -68.34 -49.86
C PRO JB 131 -29.79 -69.64 -50.42
N HIS JB 132 -30.87 -69.57 -51.19
CA HIS JB 132 -31.34 -70.73 -51.94
C HIS JB 132 -30.20 -71.36 -52.76
N PHE JB 133 -29.34 -70.53 -53.34
CA PHE JB 133 -28.26 -71.01 -54.20
C PHE JB 133 -26.98 -71.33 -53.45
N ASP JB 134 -26.88 -70.99 -52.16
CA ASP JB 134 -25.68 -71.35 -51.40
C ASP JB 134 -25.66 -72.83 -51.03
N TYR JB 135 -26.83 -73.45 -50.87
CA TYR JB 135 -26.91 -74.86 -50.57
C TYR JB 135 -26.65 -75.73 -51.80
N ILE JB 136 -27.09 -75.27 -52.97
CA ILE JB 136 -26.88 -76.03 -54.20
C ILE JB 136 -25.39 -76.17 -54.48
N ALA JB 137 -24.61 -75.13 -54.18
CA ALA JB 137 -23.20 -75.15 -54.53
C ALA JB 137 -22.47 -76.30 -53.84
N SER JB 138 -22.76 -76.53 -52.56
CA SER JB 138 -22.03 -77.54 -51.80
C SER JB 138 -22.40 -78.96 -52.21
N GLU JB 139 -23.57 -79.17 -52.81
CA GLU JB 139 -24.03 -80.53 -53.10
C GLU JB 139 -23.54 -81.06 -54.43
N VAL JB 140 -23.19 -80.18 -55.37
CA VAL JB 140 -22.73 -80.65 -56.68
C VAL JB 140 -21.37 -81.32 -56.56
N SER JB 141 -20.45 -80.72 -55.80
CA SER JB 141 -19.14 -81.32 -55.59
C SER JB 141 -19.24 -82.67 -54.88
N LYS JB 142 -20.07 -82.75 -53.84
CA LYS JB 142 -20.19 -83.99 -53.08
C LYS JB 142 -20.67 -85.13 -53.96
N GLY JB 143 -21.68 -84.88 -54.79
CA GLY JB 143 -22.22 -85.94 -55.62
C GLY JB 143 -21.23 -86.44 -56.65
N LEU JB 144 -20.52 -85.52 -57.30
CA LEU JB 144 -19.57 -85.93 -58.33
C LEU JB 144 -18.41 -86.71 -57.73
N ALA JB 145 -17.94 -86.31 -56.55
CA ALA JB 145 -16.83 -87.02 -55.91
C ALA JB 145 -17.21 -88.45 -55.55
N ASN JB 146 -18.41 -88.64 -54.97
CA ASN JB 146 -18.81 -89.98 -54.57
C ASN JB 146 -19.03 -90.89 -55.76
N LEU JB 147 -19.58 -90.35 -56.85
CA LEU JB 147 -19.82 -91.17 -58.04
C LEU JB 147 -18.52 -91.73 -58.60
N SER JB 148 -17.47 -90.91 -58.64
CA SER JB 148 -16.20 -91.36 -59.19
C SER JB 148 -15.65 -92.53 -58.39
N LEU JB 149 -15.72 -92.46 -57.07
CA LEU JB 149 -15.21 -93.53 -56.22
C LEU JB 149 -16.10 -94.77 -56.31
N GLU JB 150 -17.42 -94.57 -56.38
CA GLU JB 150 -18.34 -95.71 -56.40
C GLU JB 150 -18.22 -96.49 -57.70
N LEU JB 151 -18.24 -95.80 -58.83
CA LEU JB 151 -18.24 -96.46 -60.13
C LEU JB 151 -16.84 -96.77 -60.64
N ARG JB 152 -15.80 -96.16 -60.04
CA ARG JB 152 -14.42 -96.38 -60.45
C ARG JB 152 -14.19 -95.90 -61.88
N LYS JB 153 -14.64 -94.67 -62.16
CA LYS JB 153 -14.45 -94.03 -63.45
C LYS JB 153 -14.08 -92.57 -63.17
N PRO JB 154 -13.18 -91.98 -63.97
CA PRO JB 154 -12.81 -90.59 -63.71
C PRO JB 154 -13.88 -89.61 -64.19
N ILE JB 155 -14.28 -88.71 -63.29
CA ILE JB 155 -15.22 -87.63 -63.60
C ILE JB 155 -14.50 -86.32 -63.29
N THR JB 156 -14.42 -85.44 -64.28
CA THR JB 156 -13.67 -84.21 -64.17
C THR JB 156 -14.60 -83.04 -63.85
N PHE JB 157 -14.08 -82.09 -63.08
CA PHE JB 157 -14.86 -80.97 -62.55
C PHE JB 157 -14.57 -79.73 -63.39
N GLY JB 158 -15.59 -79.22 -64.08
CA GLY JB 158 -15.45 -78.05 -64.92
C GLY JB 158 -16.45 -76.95 -64.61
N VAL JB 159 -16.68 -76.69 -63.33
CA VAL JB 159 -17.74 -75.77 -62.88
C VAL JB 159 -17.09 -74.49 -62.37
N ILE JB 160 -17.55 -73.35 -62.88
CA ILE JB 160 -17.02 -72.05 -62.51
C ILE JB 160 -18.08 -71.25 -61.77
N THR JB 161 -17.71 -70.06 -61.30
CA THR JB 161 -18.57 -69.20 -60.50
C THR JB 161 -18.67 -67.83 -61.17
N ALA JB 162 -19.89 -67.32 -61.29
CA ALA JB 162 -20.12 -66.03 -61.93
C ALA JB 162 -20.18 -64.92 -60.90
N GLY KB 15 12.15 -82.72 -41.72
CA GLY KB 15 12.27 -82.66 -43.16
C GLY KB 15 10.99 -82.20 -43.84
N ASN KB 16 10.88 -82.46 -45.13
CA ASN KB 16 9.70 -82.08 -45.88
C ASN KB 16 8.56 -83.05 -45.60
N LYS KB 17 7.34 -82.63 -45.96
CA LYS KB 17 6.17 -83.42 -45.65
C LYS KB 17 6.12 -84.72 -46.43
N GLY KB 18 6.88 -84.84 -47.51
CA GLY KB 18 7.04 -86.14 -48.15
C GLY KB 18 7.80 -87.10 -47.26
N TRP KB 19 8.77 -86.60 -46.51
CA TRP KB 19 9.47 -87.41 -45.52
C TRP KB 19 8.55 -87.76 -44.35
N GLU KB 20 7.84 -86.77 -43.82
CA GLU KB 20 6.98 -87.01 -42.68
C GLU KB 20 5.87 -88.00 -43.02
N ALA KB 21 5.30 -87.89 -44.22
CA ALA KB 21 4.20 -88.78 -44.60
C ALA KB 21 4.69 -90.22 -44.75
N ALA KB 22 5.89 -90.42 -45.28
CA ALA KB 22 6.36 -91.78 -45.52
C ALA KB 22 6.66 -92.51 -44.22
N LEU KB 23 7.07 -91.80 -43.16
CA LEU KB 23 7.33 -92.48 -41.89
C LEU KB 23 6.06 -93.10 -41.33
N SER KB 24 4.95 -92.35 -41.36
CA SER KB 24 3.70 -92.86 -40.80
C SER KB 24 3.23 -94.11 -41.53
N ALA KB 25 3.56 -94.24 -42.80
CA ALA KB 25 3.19 -95.44 -43.54
C ALA KB 25 4.03 -96.63 -43.10
N ILE KB 26 5.32 -96.41 -42.82
CA ILE KB 26 6.17 -97.48 -42.31
C ILE KB 26 5.67 -97.97 -40.96
N GLU KB 27 5.34 -97.04 -40.08
CA GLU KB 27 4.91 -97.42 -38.74
C GLU KB 27 3.55 -98.10 -38.76
N MET KB 28 2.62 -97.57 -39.55
CA MET KB 28 1.27 -98.14 -39.55
C MET KB 28 1.22 -99.47 -40.30
N ALA KB 29 2.06 -99.66 -41.30
CA ALA KB 29 2.07 -100.95 -42.00
C ALA KB 29 2.61 -102.06 -41.10
N ASN KB 30 3.53 -101.73 -40.19
CA ASN KB 30 4.02 -102.73 -39.25
C ASN KB 30 2.99 -103.03 -38.17
N LEU KB 31 2.28 -101.99 -37.71
CA LEU KB 31 1.30 -102.18 -36.64
C LEU KB 31 0.20 -103.14 -37.07
N PHE KB 32 -0.25 -103.05 -38.32
CA PHE KB 32 -1.32 -103.92 -38.78
C PHE KB 32 -0.89 -105.38 -38.78
N LYS KB 33 0.31 -105.67 -39.28
CA LYS KB 33 0.77 -107.06 -39.30
C LYS KB 33 0.78 -107.68 -37.90
N SER KB 34 1.02 -106.86 -36.88
CA SER KB 34 0.99 -107.38 -35.52
C SER KB 34 -0.43 -107.62 -35.05
N LEU KB 35 -1.36 -106.73 -35.38
CA LEU KB 35 -2.73 -106.87 -34.91
C LEU KB 35 -3.38 -108.12 -35.46
N ARG KB 36 -3.21 -108.38 -36.76
CA ARG KB 36 -3.80 -109.56 -37.39
C ARG KB 36 -2.74 -110.66 -37.50
N GLY KB 37 -2.39 -111.19 -36.35
CA GLY KB 37 -1.41 -112.25 -36.27
C GLY KB 37 -1.46 -112.93 -34.92
N THR KB 38 -0.30 -113.38 -34.45
CA THR KB 38 -0.21 -114.06 -33.17
C THR KB 38 -0.42 -113.06 -32.03
N GLY KB 39 -0.85 -113.58 -30.89
CA GLY KB 39 -1.10 -112.76 -29.72
C GLY KB 39 0.17 -112.42 -28.98
N GLY KB 40 0.01 -111.65 -27.91
CA GLY KB 40 1.12 -111.22 -27.09
C GLY KB 40 1.46 -112.21 -26.00
N SER KB 41 2.21 -111.75 -25.00
CA SER KB 41 2.60 -112.62 -23.90
C SER KB 41 1.38 -113.11 -23.12
N GLY KB 42 0.41 -112.23 -22.89
CA GLY KB 42 -0.78 -112.58 -22.16
C GLY KB 42 -0.64 -112.38 -20.67
N SER KB 43 -1.77 -112.52 -19.97
CA SER KB 43 -1.85 -112.34 -18.53
C SER KB 43 -1.55 -110.91 -18.09
N SER KB 44 -1.61 -109.96 -19.01
CA SER KB 44 -1.38 -108.56 -18.69
C SER KB 44 -1.85 -107.72 -19.89
N MET KB 45 -1.78 -106.41 -19.73
CA MET KB 45 -2.17 -105.50 -20.79
C MET KB 45 -1.30 -105.69 -22.01
N GLU KB 46 -1.90 -105.63 -23.20
CA GLU KB 46 -1.19 -105.73 -24.45
C GLU KB 46 -1.02 -104.34 -25.05
N ILE KB 47 0.22 -103.91 -25.22
CA ILE KB 47 0.55 -102.62 -25.82
C ILE KB 47 1.10 -102.88 -27.21
N TYR KB 48 0.57 -102.15 -28.19
CA TYR KB 48 0.94 -102.31 -29.59
C TYR KB 48 1.65 -101.05 -30.10
N GLU KB 49 2.54 -101.26 -31.05
CA GLU KB 49 3.34 -100.18 -31.62
C GLU KB 49 4.09 -100.73 -32.82
N GLY KB 50 4.40 -99.84 -33.76
CA GLY KB 50 5.09 -100.20 -34.98
C GLY KB 50 6.52 -99.69 -34.96
N LYS KB 51 7.43 -100.52 -35.46
CA LYS KB 51 8.83 -100.13 -35.59
C LYS KB 51 9.06 -99.47 -36.95
N LEU KB 52 10.25 -98.86 -37.08
CA LEU KB 52 10.60 -98.11 -38.28
C LEU KB 52 11.46 -98.92 -39.24
N THR KB 53 11.22 -100.22 -39.33
CA THR KB 53 11.81 -101.06 -40.34
C THR KB 53 10.89 -101.15 -41.54
N ALA KB 54 11.46 -101.38 -42.72
CA ALA KB 54 10.68 -101.38 -43.94
C ALA KB 54 11.09 -102.48 -44.91
N GLU KB 55 11.84 -103.48 -44.46
CA GLU KB 55 12.24 -104.58 -45.34
C GLU KB 55 11.07 -105.54 -45.51
N GLY KB 56 10.70 -105.80 -46.77
CA GLY KB 56 9.61 -106.69 -47.09
C GLY KB 56 8.29 -106.01 -47.36
N LEU KB 57 8.17 -104.71 -47.13
CA LEU KB 57 6.93 -103.99 -47.33
C LEU KB 57 6.83 -103.45 -48.75
N ARG KB 58 5.60 -103.35 -49.24
CA ARG KB 58 5.28 -102.78 -50.54
C ARG KB 58 4.50 -101.49 -50.35
N PHE KB 59 4.78 -100.50 -51.22
CA PHE KB 59 4.22 -99.16 -51.06
C PHE KB 59 3.71 -98.65 -52.40
N GLY KB 60 2.82 -97.66 -52.32
CA GLY KB 60 2.35 -96.95 -53.49
C GLY KB 60 2.25 -95.47 -53.24
N ILE KB 61 2.74 -94.65 -54.18
CA ILE KB 61 2.74 -93.20 -54.04
C ILE KB 61 1.90 -92.61 -55.17
N VAL KB 62 0.99 -91.71 -54.83
CA VAL KB 62 0.16 -90.99 -55.79
C VAL KB 62 0.45 -89.50 -55.63
N ALA KB 63 0.90 -88.87 -56.70
CA ALA KB 63 1.35 -87.48 -56.67
C ALA KB 63 0.71 -86.70 -57.80
N SER KB 64 0.41 -85.43 -57.53
CA SER KB 64 -0.22 -84.54 -58.50
C SER KB 64 0.85 -83.75 -59.25
N ARG KB 65 0.42 -82.79 -60.07
CA ARG KB 65 1.32 -81.95 -60.85
C ARG KB 65 1.02 -80.49 -60.58
N PHE KB 66 2.03 -79.75 -60.16
CA PHE KB 66 1.93 -78.32 -59.88
C PHE KB 66 3.26 -77.72 -60.30
N ASN KB 67 3.25 -76.88 -61.34
CA ASN KB 67 4.45 -76.56 -62.11
C ASN KB 67 5.26 -77.84 -62.29
N HIS KB 68 6.58 -77.77 -62.16
CA HIS KB 68 7.40 -78.98 -62.26
C HIS KB 68 8.49 -79.04 -61.20
N ALA KB 69 8.35 -78.31 -60.09
CA ALA KB 69 9.42 -78.22 -59.11
C ALA KB 69 9.00 -78.54 -57.68
N LEU KB 70 7.84 -78.06 -57.22
CA LEU KB 70 7.53 -78.09 -55.80
C LEU KB 70 7.00 -79.45 -55.33
N VAL KB 71 6.59 -80.32 -56.25
CA VAL KB 71 6.07 -81.63 -55.88
C VAL KB 71 7.13 -82.67 -56.18
N ASP KB 72 8.04 -82.37 -57.10
CA ASP KB 72 9.16 -83.26 -57.34
C ASP KB 72 10.02 -83.40 -56.09
N ARG KB 73 10.18 -82.31 -55.32
CA ARG KB 73 10.93 -82.39 -54.08
C ARG KB 73 10.23 -83.30 -53.06
N LEU KB 74 8.91 -83.17 -52.93
CA LEU KB 74 8.19 -83.95 -51.94
C LEU KB 74 8.18 -85.43 -52.30
N VAL KB 75 8.15 -85.76 -53.60
CA VAL KB 75 8.20 -87.15 -54.00
C VAL KB 75 9.58 -87.75 -53.75
N GLU KB 76 10.64 -86.97 -54.00
CA GLU KB 76 11.98 -87.48 -53.74
C GLU KB 76 12.23 -87.66 -52.25
N GLY KB 77 11.70 -86.78 -51.43
CA GLY KB 77 11.83 -86.97 -49.99
C GLY KB 77 11.14 -88.22 -49.51
N ALA KB 78 10.04 -88.61 -50.14
CA ALA KB 78 9.32 -89.82 -49.75
C ALA KB 78 10.11 -91.07 -50.11
N ILE KB 79 10.62 -91.14 -51.33
CA ILE KB 79 11.34 -92.33 -51.77
C ILE KB 79 12.62 -92.52 -50.95
N ASP KB 80 13.27 -91.41 -50.56
CA ASP KB 80 14.47 -91.50 -49.76
C ASP KB 80 14.20 -92.14 -48.41
N CYS KB 81 13.06 -91.81 -47.79
CA CYS KB 81 12.75 -92.36 -46.48
C CYS KB 81 12.59 -93.88 -46.53
N ILE KB 82 11.93 -94.38 -47.57
CA ILE KB 82 11.69 -95.82 -47.66
C ILE KB 82 12.98 -96.57 -47.91
N VAL KB 83 13.82 -96.07 -48.83
CA VAL KB 83 15.03 -96.80 -49.21
C VAL KB 83 16.05 -96.79 -48.07
N ARG KB 84 16.18 -95.66 -47.38
CA ARG KB 84 17.16 -95.59 -46.30
C ARG KB 84 16.73 -96.40 -45.07
N HIS KB 85 15.42 -96.48 -44.81
CA HIS KB 85 14.92 -97.29 -43.70
C HIS KB 85 14.78 -98.75 -44.05
N GLY KB 86 15.35 -99.20 -45.17
CA GLY KB 86 15.50 -100.61 -45.45
C GLY KB 86 14.72 -101.13 -46.65
N GLY KB 87 13.88 -100.32 -47.27
CA GLY KB 87 13.03 -100.80 -48.34
C GLY KB 87 13.77 -100.98 -49.65
N ARG KB 88 13.09 -101.62 -50.59
CA ARG KB 88 13.59 -101.87 -51.93
C ARG KB 88 12.89 -100.95 -52.92
N GLU KB 89 13.61 -100.53 -53.95
CA GLU KB 89 13.00 -99.76 -55.02
C GLU KB 89 12.10 -100.62 -55.90
N GLU KB 90 12.35 -101.93 -55.95
CA GLU KB 90 11.49 -102.82 -56.72
C GLU KB 90 10.06 -102.80 -56.19
N ASP KB 91 9.87 -102.44 -54.93
CA ASP KB 91 8.60 -102.56 -54.23
C ASP KB 91 7.95 -101.19 -54.01
N ILE KB 92 8.10 -100.28 -54.96
CA ILE KB 92 7.41 -99.00 -54.94
C ILE KB 92 6.76 -98.79 -56.29
N THR KB 93 5.51 -98.32 -56.28
CA THR KB 93 4.78 -97.95 -57.49
C THR KB 93 4.41 -96.48 -57.38
N LEU KB 94 4.72 -95.71 -58.43
CA LEU KB 94 4.48 -94.28 -58.47
C LEU KB 94 3.49 -93.95 -59.57
N VAL KB 95 2.46 -93.16 -59.24
CA VAL KB 95 1.42 -92.77 -60.19
C VAL KB 95 1.31 -91.25 -60.18
N ARG KB 96 1.26 -90.65 -61.37
CA ARG KB 96 1.09 -89.21 -61.54
C ARG KB 96 -0.29 -88.89 -62.09
N VAL KB 97 -0.92 -87.86 -61.54
CA VAL KB 97 -2.28 -87.49 -61.93
C VAL KB 97 -2.31 -85.99 -62.22
N PRO KB 98 -3.29 -85.54 -63.03
CA PRO KB 98 -3.32 -84.12 -63.42
C PRO KB 98 -3.42 -83.14 -62.27
N GLY KB 99 -4.18 -83.44 -61.23
CA GLY KB 99 -4.40 -82.45 -60.19
C GLY KB 99 -4.91 -83.07 -58.91
N SER KB 100 -5.19 -82.20 -57.94
CA SER KB 100 -5.60 -82.66 -56.63
C SER KB 100 -6.95 -83.38 -56.68
N TRP KB 101 -7.87 -82.88 -57.50
CA TRP KB 101 -9.20 -83.45 -57.59
C TRP KB 101 -9.17 -84.92 -58.01
N GLU KB 102 -8.12 -85.35 -58.69
CA GLU KB 102 -8.04 -86.70 -59.25
C GLU KB 102 -7.34 -87.69 -58.31
N ILE KB 103 -6.85 -87.25 -57.16
CA ILE KB 103 -6.11 -88.15 -56.28
C ILE KB 103 -6.99 -89.28 -55.76
N PRO KB 104 -8.16 -89.03 -55.17
CA PRO KB 104 -8.92 -90.13 -54.56
C PRO KB 104 -9.26 -91.27 -55.51
N VAL KB 105 -9.60 -90.98 -56.76
CA VAL KB 105 -9.92 -92.07 -57.68
C VAL KB 105 -8.69 -92.89 -58.00
N ALA KB 106 -7.52 -92.26 -58.08
CA ALA KB 106 -6.29 -92.99 -58.34
C ALA KB 106 -5.83 -93.75 -57.11
N ALA KB 107 -6.04 -93.20 -55.92
CA ALA KB 107 -5.69 -93.90 -54.69
C ALA KB 107 -6.51 -95.16 -54.52
N GLY KB 108 -7.76 -95.16 -54.98
CA GLY KB 108 -8.60 -96.33 -54.83
C GLY KB 108 -8.06 -97.53 -55.59
N GLU KB 109 -7.54 -97.30 -56.80
CA GLU KB 109 -7.07 -98.42 -57.61
C GLU KB 109 -5.90 -99.13 -56.94
N LEU KB 110 -4.96 -98.38 -56.37
CA LEU KB 110 -3.81 -99.01 -55.71
C LEU KB 110 -4.23 -99.72 -54.44
N ALA KB 111 -5.06 -99.09 -53.62
CA ALA KB 111 -5.43 -99.67 -52.34
C ALA KB 111 -6.19 -100.98 -52.48
N ARG KB 112 -6.77 -101.25 -53.65
CA ARG KB 112 -7.49 -102.49 -53.88
C ARG KB 112 -6.58 -103.62 -54.33
N LYS KB 113 -5.30 -103.35 -54.59
CA LYS KB 113 -4.37 -104.39 -55.00
C LYS KB 113 -3.92 -105.19 -53.79
N GLU KB 114 -3.87 -106.51 -53.95
CA GLU KB 114 -3.55 -107.40 -52.84
C GLU KB 114 -2.10 -107.26 -52.37
N ASP KB 115 -1.22 -106.69 -53.19
CA ASP KB 115 0.20 -106.63 -52.91
C ASP KB 115 0.68 -105.21 -52.58
N ILE KB 116 -0.16 -104.42 -51.92
CA ILE KB 116 0.19 -103.09 -51.44
C ILE KB 116 -0.23 -102.98 -49.98
N ASP KB 117 0.64 -102.43 -49.15
CA ASP KB 117 0.44 -102.39 -47.71
C ASP KB 117 0.05 -101.02 -47.18
N ALA KB 118 0.44 -99.95 -47.87
CA ALA KB 118 0.02 -98.60 -47.52
C ALA KB 118 0.18 -97.71 -48.75
N VAL KB 119 -0.45 -96.54 -48.70
CA VAL KB 119 -0.46 -95.60 -49.81
C VAL KB 119 -0.17 -94.20 -49.28
N ILE KB 120 0.70 -93.47 -49.98
CA ILE KB 120 1.06 -92.10 -49.64
C ILE KB 120 0.48 -91.18 -50.71
N ALA KB 121 -0.20 -90.12 -50.29
CA ALA KB 121 -0.79 -89.14 -51.20
C ALA KB 121 -0.09 -87.80 -51.01
N ILE KB 122 0.41 -87.23 -52.11
CA ILE KB 122 1.16 -85.99 -52.08
C ILE KB 122 0.49 -85.03 -53.06
N GLY KB 123 0.29 -83.79 -52.62
CA GLY KB 123 -0.37 -82.83 -53.49
C GLY KB 123 -0.16 -81.41 -53.01
N VAL KB 124 -0.72 -80.48 -53.77
CA VAL KB 124 -0.63 -79.06 -53.50
C VAL KB 124 -2.03 -78.46 -53.61
N LEU KB 125 -2.51 -77.86 -52.53
CA LEU KB 125 -3.77 -77.14 -52.53
C LEU KB 125 -3.49 -75.65 -52.60
N ILE KB 126 -4.08 -74.98 -53.56
CA ILE KB 126 -3.81 -73.56 -53.82
C ILE KB 126 -4.98 -72.75 -53.31
N ARG KB 127 -5.64 -73.25 -52.28
CA ARG KB 127 -6.79 -72.57 -51.70
C ARG KB 127 -6.42 -71.16 -51.26
N GLY KB 128 -7.44 -70.33 -51.08
CA GLY KB 128 -7.26 -68.94 -50.73
C GLY KB 128 -7.09 -68.01 -51.90
N ALA KB 129 -7.43 -68.44 -53.11
CA ALA KB 129 -7.25 -67.63 -54.31
C ALA KB 129 -8.59 -67.28 -54.96
N THR KB 130 -9.40 -68.28 -55.32
CA THR KB 130 -10.62 -68.06 -56.07
C THR KB 130 -11.52 -69.27 -55.88
N PRO KB 131 -12.84 -69.10 -55.98
CA PRO KB 131 -13.70 -70.29 -56.06
C PRO KB 131 -13.30 -71.17 -57.22
N HIS KB 132 -13.87 -72.38 -57.26
CA HIS KB 132 -13.44 -73.53 -58.04
C HIS KB 132 -12.28 -74.24 -57.34
N PHE KB 133 -11.69 -73.66 -56.30
CA PHE KB 133 -10.62 -74.29 -55.56
C PHE KB 133 -10.89 -74.39 -54.07
N ASP KB 134 -11.79 -73.59 -53.52
CA ASP KB 134 -12.27 -73.81 -52.16
C ASP KB 134 -13.21 -75.01 -52.09
N TYR KB 135 -13.74 -75.45 -53.22
CA TYR KB 135 -14.59 -76.63 -53.25
C TYR KB 135 -13.80 -77.91 -53.48
N ILE KB 136 -12.70 -77.83 -54.23
CA ILE KB 136 -11.91 -79.03 -54.48
C ILE KB 136 -11.21 -79.49 -53.19
N ALA KB 137 -10.75 -78.54 -52.38
CA ALA KB 137 -9.99 -78.90 -51.20
C ALA KB 137 -10.82 -79.73 -50.23
N SER KB 138 -12.08 -79.37 -50.03
CA SER KB 138 -12.91 -80.06 -49.05
C SER KB 138 -13.18 -81.51 -49.47
N GLU KB 139 -13.20 -81.79 -50.75
CA GLU KB 139 -13.52 -83.13 -51.22
C GLU KB 139 -12.33 -84.07 -51.23
N VAL KB 140 -11.10 -83.53 -51.29
CA VAL KB 140 -9.92 -84.39 -51.34
C VAL KB 140 -9.69 -85.06 -49.99
N SER KB 141 -9.88 -84.32 -48.90
CA SER KB 141 -9.68 -84.90 -47.57
C SER KB 141 -10.72 -85.96 -47.26
N LYS KB 142 -11.97 -85.73 -47.67
CA LYS KB 142 -13.03 -86.68 -47.36
C LYS KB 142 -12.85 -88.00 -48.09
N GLY KB 143 -12.42 -87.96 -49.34
CA GLY KB 143 -12.29 -89.19 -50.12
C GLY KB 143 -11.23 -90.12 -49.56
N LEU KB 144 -10.08 -89.57 -49.19
CA LEU KB 144 -9.03 -90.41 -48.60
C LEU KB 144 -9.47 -90.96 -47.26
N ALA KB 145 -10.17 -90.16 -46.46
CA ALA KB 145 -10.65 -90.63 -45.16
C ALA KB 145 -11.61 -91.81 -45.33
N ASN KB 146 -12.54 -91.70 -46.28
CA ASN KB 146 -13.51 -92.77 -46.48
C ASN KB 146 -12.85 -94.03 -47.01
N LEU KB 147 -11.88 -93.88 -47.91
CA LEU KB 147 -11.27 -95.05 -48.54
C LEU KB 147 -10.58 -95.93 -47.50
N SER KB 148 -9.90 -95.32 -46.53
CA SER KB 148 -9.20 -96.11 -45.52
C SER KB 148 -10.16 -96.90 -44.66
N LEU KB 149 -11.27 -96.29 -44.23
CA LEU KB 149 -12.24 -96.99 -43.41
C LEU KB 149 -13.04 -98.02 -44.18
N GLU KB 150 -13.03 -97.95 -45.52
CA GLU KB 150 -13.80 -98.86 -46.34
C GLU KB 150 -12.99 -100.03 -46.87
N LEU KB 151 -11.68 -99.84 -47.06
CA LEU KB 151 -10.80 -100.89 -47.55
C LEU KB 151 -9.87 -101.45 -46.49
N ARG KB 152 -9.78 -100.82 -45.33
CA ARG KB 152 -8.97 -101.31 -44.22
C ARG KB 152 -7.49 -101.35 -44.60
N LYS KB 153 -7.02 -100.25 -45.20
CA LYS KB 153 -5.63 -100.10 -45.57
C LYS KB 153 -5.28 -98.64 -45.25
N PRO KB 154 -4.22 -98.39 -44.50
CA PRO KB 154 -3.90 -97.00 -44.13
C PRO KB 154 -3.49 -96.16 -45.33
N ILE KB 155 -3.86 -94.89 -45.28
CA ILE KB 155 -3.50 -93.91 -46.30
C ILE KB 155 -3.07 -92.64 -45.58
N THR KB 156 -1.92 -92.09 -45.97
CA THR KB 156 -1.32 -90.97 -45.28
C THR KB 156 -1.44 -89.71 -46.12
N PHE KB 157 -1.52 -88.57 -45.44
CA PHE KB 157 -1.88 -87.29 -46.03
C PHE KB 157 -0.62 -86.42 -46.13
N GLY KB 158 -0.28 -86.01 -47.34
CA GLY KB 158 0.96 -85.29 -47.58
C GLY KB 158 0.79 -84.02 -48.40
N VAL KB 159 -0.27 -83.25 -48.16
CA VAL KB 159 -0.61 -82.10 -48.99
C VAL KB 159 -0.09 -80.83 -48.35
N ILE KB 160 0.48 -79.95 -49.19
CA ILE KB 160 0.95 -78.64 -48.76
C ILE KB 160 -0.05 -77.59 -49.26
N THR KB 161 0.15 -76.35 -48.82
CA THR KB 161 -0.62 -75.22 -49.28
C THR KB 161 0.32 -74.25 -50.01
N ALA KB 162 0.01 -73.96 -51.26
CA ALA KB 162 0.84 -73.06 -52.06
C ALA KB 162 0.84 -71.66 -51.46
N ASN LB 16 -8.10 -85.64 -16.34
CA ASN LB 16 -9.10 -84.59 -16.44
C ASN LB 16 -10.27 -85.03 -17.32
N LYS LB 17 -10.02 -85.09 -18.63
CA LYS LB 17 -11.03 -85.53 -19.59
C LYS LB 17 -10.81 -86.97 -20.03
N GLY LB 18 -9.93 -87.70 -19.35
CA GLY LB 18 -9.69 -89.09 -19.68
C GLY LB 18 -10.63 -90.00 -18.93
N TRP LB 19 -10.91 -89.69 -17.66
CA TRP LB 19 -11.86 -90.49 -16.90
C TRP LB 19 -13.28 -90.28 -17.40
N GLU LB 20 -13.61 -89.07 -17.85
CA GLU LB 20 -14.96 -88.82 -18.34
C GLU LB 20 -15.28 -89.69 -19.55
N ALA LB 21 -14.32 -89.84 -20.46
CA ALA LB 21 -14.51 -90.78 -21.56
C ALA LB 21 -14.70 -92.20 -21.06
N ALA LB 22 -13.93 -92.58 -20.03
CA ALA LB 22 -14.05 -93.93 -19.48
C ALA LB 22 -15.43 -94.17 -18.89
N LEU LB 23 -15.96 -93.19 -18.16
CA LEU LB 23 -17.30 -93.35 -17.56
C LEU LB 23 -18.33 -93.60 -18.64
N SER LB 24 -18.33 -92.80 -19.70
CA SER LB 24 -19.34 -92.92 -20.73
C SER LB 24 -19.29 -94.29 -21.41
N ALA LB 25 -18.08 -94.82 -21.60
CA ALA LB 25 -17.96 -96.13 -22.24
C ALA LB 25 -18.59 -97.22 -21.38
N ILE LB 26 -18.44 -97.13 -20.07
CA ILE LB 26 -19.00 -98.15 -19.19
C ILE LB 26 -20.52 -98.13 -19.23
N GLU LB 27 -21.11 -96.93 -19.10
CA GLU LB 27 -22.57 -96.84 -19.11
C GLU LB 27 -23.15 -97.34 -20.42
N MET LB 28 -22.59 -96.90 -21.54
CA MET LB 28 -23.10 -97.31 -22.84
C MET LB 28 -22.97 -98.82 -23.03
N ALA LB 29 -21.83 -99.40 -22.64
CA ALA LB 29 -21.62 -100.83 -22.83
C ALA LB 29 -22.67 -101.62 -22.07
N ASN LB 30 -22.96 -101.22 -20.83
CA ASN LB 30 -23.97 -101.91 -20.04
C ASN LB 30 -25.37 -101.67 -20.60
N LEU LB 31 -25.65 -100.45 -21.06
CA LEU LB 31 -26.97 -100.13 -21.57
C LEU LB 31 -27.36 -101.04 -22.72
N PHE LB 32 -26.41 -101.37 -23.58
CA PHE LB 32 -26.72 -102.16 -24.77
C PHE LB 32 -27.04 -103.61 -24.40
N LYS LB 33 -26.47 -104.11 -23.30
CA LYS LB 33 -26.85 -105.43 -22.82
C LYS LB 33 -28.32 -105.46 -22.41
N SER LB 34 -28.80 -104.38 -21.78
CA SER LB 34 -30.20 -104.32 -21.38
C SER LB 34 -31.12 -104.36 -22.59
N LEU LB 35 -30.83 -103.54 -23.60
CA LEU LB 35 -31.72 -103.43 -24.75
C LEU LB 35 -31.82 -104.75 -25.50
N ARG LB 36 -30.69 -105.45 -25.65
CA ARG LB 36 -30.69 -106.71 -26.40
C ARG LB 36 -31.60 -107.75 -25.75
N GLY LB 37 -31.77 -107.69 -24.43
CA GLY LB 37 -32.59 -108.66 -23.75
C GLY LB 37 -34.07 -108.45 -23.97
N THR LB 38 -34.84 -109.42 -23.52
CA THR LB 38 -36.30 -109.37 -23.69
C THR LB 38 -36.90 -108.29 -22.79
N GLY LB 39 -38.06 -107.78 -23.21
CA GLY LB 39 -38.72 -106.74 -22.46
C GLY LB 39 -39.30 -107.26 -21.15
N GLY LB 40 -39.62 -106.32 -20.27
CA GLY LB 40 -40.18 -106.62 -18.97
C GLY LB 40 -41.69 -106.67 -18.98
N SER LB 41 -42.26 -106.46 -17.80
CA SER LB 41 -43.71 -106.48 -17.63
C SER LB 41 -44.07 -105.60 -16.44
N GLY LB 42 -45.35 -105.23 -16.38
CA GLY LB 42 -45.85 -104.38 -15.32
C GLY LB 42 -46.88 -103.39 -15.79
N SER LB 43 -47.02 -103.22 -17.10
CA SER LB 43 -47.99 -102.31 -17.69
C SER LB 43 -47.73 -100.87 -17.22
N SER LB 44 -46.50 -100.41 -17.48
CA SER LB 44 -46.11 -99.05 -17.15
C SER LB 44 -44.94 -98.65 -18.04
N MET LB 45 -44.57 -97.37 -17.95
CA MET LB 45 -43.47 -96.86 -18.75
C MET LB 45 -42.18 -97.61 -18.41
N GLU LB 46 -41.48 -98.07 -19.44
CA GLU LB 46 -40.24 -98.82 -19.29
C GLU LB 46 -39.08 -97.85 -19.44
N ILE LB 47 -38.34 -97.63 -18.36
CA ILE LB 47 -37.18 -96.75 -18.35
C ILE LB 47 -35.93 -97.60 -18.41
N TYR LB 48 -35.07 -97.33 -19.39
CA TYR LB 48 -33.80 -98.01 -19.54
C TYR LB 48 -32.67 -97.09 -19.13
N GLU LB 49 -31.64 -97.65 -18.51
CA GLU LB 49 -30.44 -96.89 -18.17
C GLU LB 49 -29.32 -97.88 -17.92
N GLY LB 50 -28.10 -97.36 -17.92
CA GLY LB 50 -26.91 -98.18 -17.77
C GLY LB 50 -26.31 -98.07 -16.38
N LYS LB 51 -25.77 -99.18 -15.90
CA LYS LB 51 -25.11 -99.26 -14.61
C LYS LB 51 -23.62 -98.97 -14.75
N LEU LB 52 -23.00 -98.58 -13.64
CA LEU LB 52 -21.61 -98.16 -13.65
C LEU LB 52 -20.63 -99.28 -13.28
N THR LB 53 -21.11 -100.52 -13.18
CA THR LB 53 -20.19 -101.63 -12.97
C THR LB 53 -19.35 -101.85 -14.23
N ALA LB 54 -18.16 -102.40 -14.03
CA ALA LB 54 -17.23 -102.63 -15.13
C ALA LB 54 -16.81 -104.08 -15.28
N GLU LB 55 -17.29 -104.98 -14.42
CA GLU LB 55 -16.80 -106.35 -14.44
C GLU LB 55 -17.26 -107.09 -15.69
N GLY LB 56 -16.36 -107.90 -16.24
CA GLY LB 56 -16.70 -108.71 -17.40
C GLY LB 56 -16.79 -107.94 -18.69
N LEU LB 57 -16.07 -106.83 -18.81
CA LEU LB 57 -16.10 -105.99 -20.00
C LEU LB 57 -14.70 -105.83 -20.57
N ARG LB 58 -14.61 -105.89 -21.89
CA ARG LB 58 -13.36 -105.75 -22.62
C ARG LB 58 -13.34 -104.39 -23.31
N PHE LB 59 -12.27 -103.64 -23.10
CA PHE LB 59 -12.15 -102.29 -23.60
C PHE LB 59 -11.00 -102.19 -24.60
N GLY LB 60 -10.93 -101.05 -25.27
CA GLY LB 60 -9.83 -100.75 -26.15
C GLY LB 60 -9.55 -99.26 -26.10
N ILE LB 61 -8.28 -98.91 -26.26
CA ILE LB 61 -7.84 -97.52 -26.23
C ILE LB 61 -6.91 -97.28 -27.41
N VAL LB 62 -7.12 -96.18 -28.13
CA VAL LB 62 -6.24 -95.72 -29.19
C VAL LB 62 -5.79 -94.31 -28.85
N ALA LB 63 -4.48 -94.09 -28.83
CA ALA LB 63 -3.89 -92.81 -28.45
C ALA LB 63 -2.82 -92.40 -29.45
N SER LB 64 -2.51 -91.11 -29.47
CA SER LB 64 -1.55 -90.53 -30.39
C SER LB 64 -0.32 -90.03 -29.65
N ARG LB 65 0.81 -89.99 -30.36
CA ARG LB 65 2.08 -89.63 -29.76
C ARG LB 65 2.40 -88.14 -29.83
N PHE LB 66 1.59 -87.35 -30.53
CA PHE LB 66 1.83 -85.91 -30.57
C PHE LB 66 1.58 -85.31 -29.20
N ASN LB 67 2.45 -84.40 -28.80
CA ASN LB 67 2.38 -83.76 -27.48
C ASN LB 67 2.17 -84.82 -26.40
N HIS LB 68 3.11 -85.76 -26.34
CA HIS LB 68 2.94 -86.93 -25.47
C HIS LB 68 2.88 -86.55 -24.00
N ALA LB 69 3.33 -85.34 -23.65
CA ALA LB 69 3.27 -84.92 -22.24
C ALA LB 69 1.84 -84.89 -21.74
N LEU LB 70 0.95 -84.22 -22.47
CA LEU LB 70 -0.44 -84.13 -22.05
C LEU LB 70 -1.21 -85.42 -22.33
N VAL LB 71 -0.85 -86.15 -23.38
CA VAL LB 71 -1.58 -87.36 -23.72
C VAL LB 71 -1.33 -88.45 -22.69
N ASP LB 72 -0.10 -88.56 -22.18
CA ASP LB 72 0.22 -89.62 -21.23
C ASP LB 72 -0.62 -89.50 -19.97
N ARG LB 73 -0.87 -88.27 -19.51
CA ARG LB 73 -1.72 -88.09 -18.34
C ARG LB 73 -3.12 -88.61 -18.59
N LEU LB 74 -3.69 -88.28 -19.75
CA LEU LB 74 -5.07 -88.69 -20.04
C LEU LB 74 -5.18 -90.20 -20.15
N VAL LB 75 -4.21 -90.86 -20.77
CA VAL LB 75 -4.30 -92.30 -20.97
C VAL LB 75 -4.32 -93.01 -19.62
N GLU LB 76 -3.46 -92.58 -18.70
CA GLU LB 76 -3.43 -93.21 -17.38
C GLU LB 76 -4.77 -93.06 -16.67
N GLY LB 77 -5.36 -91.86 -16.73
CA GLY LB 77 -6.64 -91.65 -16.07
C GLY LB 77 -7.72 -92.58 -16.57
N ALA LB 78 -7.63 -93.00 -17.83
CA ALA LB 78 -8.61 -93.93 -18.37
C ALA LB 78 -8.57 -95.26 -17.64
N ILE LB 79 -7.36 -95.80 -17.44
CA ILE LB 79 -7.25 -97.07 -16.72
C ILE LB 79 -7.59 -96.90 -15.25
N ASP LB 80 -7.33 -95.71 -14.69
CA ASP LB 80 -7.64 -95.48 -13.28
C ASP LB 80 -9.13 -95.65 -13.02
N CYS LB 81 -9.99 -95.12 -13.89
CA CYS LB 81 -11.42 -95.18 -13.66
C CYS LB 81 -12.04 -96.49 -14.08
N ILE LB 82 -11.30 -97.36 -14.77
CA ILE LB 82 -11.84 -98.68 -15.11
C ILE LB 82 -11.63 -99.65 -13.96
N VAL LB 83 -10.45 -99.63 -13.35
CA VAL LB 83 -10.17 -100.54 -12.24
C VAL LB 83 -11.06 -100.23 -11.05
N ARG LB 84 -11.34 -98.95 -10.81
CA ARG LB 84 -12.13 -98.57 -9.65
C ARG LB 84 -13.52 -99.22 -9.70
N HIS LB 85 -14.15 -99.22 -10.86
CA HIS LB 85 -15.48 -99.77 -11.02
C HIS LB 85 -15.45 -101.24 -11.40
N GLY LB 86 -14.38 -101.95 -11.05
CA GLY LB 86 -14.26 -103.36 -11.38
C GLY LB 86 -13.31 -103.57 -12.52
N GLY LB 87 -13.57 -104.59 -13.35
CA GLY LB 87 -12.69 -104.82 -14.47
C GLY LB 87 -11.31 -105.25 -14.01
N ARG LB 88 -10.35 -105.14 -14.92
CA ARG LB 88 -8.99 -105.56 -14.64
C ARG LB 88 -8.13 -105.24 -15.86
N GLU LB 89 -6.82 -105.17 -15.63
CA GLU LB 89 -5.89 -104.81 -16.70
C GLU LB 89 -5.83 -105.85 -17.80
N GLU LB 90 -6.20 -107.10 -17.51
CA GLU LB 90 -6.11 -108.16 -18.51
C GLU LB 90 -7.13 -108.02 -19.62
N ASP LB 91 -8.15 -107.19 -19.44
CA ASP LB 91 -9.19 -106.98 -20.46
C ASP LB 91 -9.07 -105.58 -21.08
N ILE LB 92 -7.85 -105.13 -21.31
CA ILE LB 92 -7.58 -103.87 -21.98
C ILE LB 92 -6.53 -104.09 -23.06
N THR LB 93 -6.75 -103.47 -24.22
CA THR LB 93 -5.76 -103.39 -25.28
C THR LB 93 -5.47 -101.92 -25.55
N LEU LB 94 -4.21 -101.58 -25.74
CA LEU LB 94 -3.79 -100.22 -26.00
C LEU LB 94 -3.02 -100.17 -27.32
N VAL LB 95 -3.41 -99.25 -28.20
CA VAL LB 95 -2.77 -99.05 -29.50
C VAL LB 95 -2.33 -97.60 -29.59
N ARG LB 96 -1.11 -97.39 -30.08
CA ARG LB 96 -0.54 -96.06 -30.22
C ARG LB 96 -0.25 -95.78 -31.69
N VAL LB 97 -0.61 -94.60 -32.15
CA VAL LB 97 -0.51 -94.25 -33.56
C VAL LB 97 0.29 -92.96 -33.71
N PRO LB 98 0.88 -92.72 -34.88
CA PRO LB 98 1.73 -91.54 -35.04
C PRO LB 98 1.01 -90.22 -34.81
N GLY LB 99 -0.24 -90.09 -35.24
CA GLY LB 99 -0.91 -88.81 -35.16
C GLY LB 99 -2.41 -88.97 -35.22
N SER LB 100 -3.10 -87.83 -35.20
CA SER LB 100 -4.56 -87.81 -35.17
C SER LB 100 -5.15 -88.42 -36.43
N TRP LB 101 -4.57 -88.13 -37.59
CA TRP LB 101 -5.15 -88.59 -38.84
C TRP LB 101 -5.32 -90.10 -38.89
N GLU LB 102 -4.50 -90.83 -38.13
CA GLU LB 102 -4.50 -92.28 -38.19
C GLU LB 102 -5.39 -92.94 -37.14
N ILE LB 103 -6.08 -92.18 -36.29
CA ILE LB 103 -6.91 -92.80 -35.26
C ILE LB 103 -8.06 -93.60 -35.86
N PRO LB 104 -8.88 -93.06 -36.77
CA PRO LB 104 -10.09 -93.79 -37.17
C PRO LB 104 -9.84 -95.14 -37.80
N VAL LB 105 -8.77 -95.30 -38.58
CA VAL LB 105 -8.54 -96.59 -39.23
C VAL LB 105 -8.17 -97.64 -38.20
N ALA LB 106 -7.39 -97.26 -37.18
CA ALA LB 106 -7.05 -98.19 -36.11
C ALA LB 106 -8.26 -98.52 -35.26
N ALA LB 107 -9.03 -97.51 -34.86
CA ALA LB 107 -10.21 -97.75 -34.04
C ALA LB 107 -11.21 -98.64 -34.77
N GLY LB 108 -11.21 -98.61 -36.10
CA GLY LB 108 -12.04 -99.54 -36.83
C GLY LB 108 -11.60 -100.97 -36.68
N GLU LB 109 -10.28 -101.20 -36.68
CA GLU LB 109 -9.77 -102.55 -36.55
C GLU LB 109 -10.15 -103.15 -35.20
N LEU LB 110 -10.03 -102.36 -34.13
CA LEU LB 110 -10.39 -102.85 -32.81
C LEU LB 110 -11.88 -103.18 -32.70
N ALA LB 111 -12.73 -102.30 -33.21
CA ALA LB 111 -14.17 -102.47 -33.03
C ALA LB 111 -14.70 -103.67 -33.80
N ARG LB 112 -14.12 -103.99 -34.95
CA ARG LB 112 -14.59 -105.12 -35.73
C ARG LB 112 -14.30 -106.47 -35.08
N LYS LB 113 -13.50 -106.51 -34.02
CA LYS LB 113 -13.31 -107.74 -33.26
C LYS LB 113 -14.62 -108.12 -32.57
N GLU LB 114 -14.80 -109.42 -32.38
CA GLU LB 114 -16.01 -109.94 -31.73
C GLU LB 114 -15.86 -110.02 -30.22
N ASP LB 115 -14.74 -109.57 -29.67
CA ASP LB 115 -14.44 -109.66 -28.25
C ASP LB 115 -14.10 -108.30 -27.68
N ILE LB 116 -14.78 -107.25 -28.16
CA ILE LB 116 -14.61 -105.89 -27.66
C ILE LB 116 -15.99 -105.29 -27.43
N ASP LB 117 -16.11 -104.48 -26.39
CA ASP LB 117 -17.39 -103.88 -26.00
C ASP LB 117 -17.43 -102.38 -26.15
N ALA LB 118 -16.32 -101.68 -25.95
CA ALA LB 118 -16.27 -100.24 -26.15
C ALA LB 118 -14.86 -99.86 -26.58
N VAL LB 119 -14.76 -98.71 -27.24
CA VAL LB 119 -13.49 -98.15 -27.69
C VAL LB 119 -13.41 -96.71 -27.20
N ILE LB 120 -12.23 -96.32 -26.71
CA ILE LB 120 -11.97 -94.98 -26.23
C ILE LB 120 -10.86 -94.37 -27.08
N ALA LB 121 -11.09 -93.15 -27.55
CA ALA LB 121 -10.14 -92.45 -28.40
C ALA LB 121 -9.62 -91.21 -27.69
N ILE LB 122 -8.29 -91.10 -27.59
CA ILE LB 122 -7.64 -89.99 -26.90
C ILE LB 122 -6.64 -89.36 -27.85
N GLY LB 123 -6.60 -88.03 -27.86
CA GLY LB 123 -5.66 -87.33 -28.72
C GLY LB 123 -5.72 -85.84 -28.47
N VAL LB 124 -4.87 -85.11 -29.21
CA VAL LB 124 -4.76 -83.66 -29.10
C VAL LB 124 -4.82 -83.07 -30.49
N LEU LB 125 -5.56 -81.98 -30.64
CA LEU LB 125 -5.74 -81.28 -31.91
C LEU LB 125 -5.11 -79.90 -31.82
N ILE LB 126 -5.01 -79.24 -32.98
CA ILE LB 126 -4.46 -77.90 -33.09
C ILE LB 126 -5.51 -77.02 -33.75
N ARG LB 127 -5.82 -75.89 -33.12
CA ARG LB 127 -6.83 -74.95 -33.62
C ARG LB 127 -6.20 -73.76 -34.34
N GLY LB 128 -5.29 -73.06 -33.68
CA GLY LB 128 -4.67 -71.88 -34.27
C GLY LB 128 -3.51 -72.24 -35.17
N ALA LB 129 -3.81 -72.75 -36.37
CA ALA LB 129 -2.78 -73.14 -37.33
C ALA LB 129 -3.31 -72.88 -38.73
N THR LB 130 -2.58 -73.39 -39.73
CA THR LB 130 -2.97 -73.20 -41.11
C THR LB 130 -4.18 -74.08 -41.44
N PRO LB 131 -4.85 -73.81 -42.56
CA PRO LB 131 -6.01 -74.64 -42.94
C PRO LB 131 -5.68 -76.11 -43.11
N HIS LB 132 -4.40 -76.45 -43.29
CA HIS LB 132 -4.02 -77.86 -43.40
C HIS LB 132 -4.50 -78.65 -42.18
N PHE LB 133 -4.24 -78.12 -40.98
CA PHE LB 133 -4.72 -78.78 -39.77
C PHE LB 133 -6.24 -78.74 -39.68
N ASP LB 134 -6.86 -77.74 -40.29
CA ASP LB 134 -8.32 -77.66 -40.30
C ASP LB 134 -8.96 -78.77 -41.11
N TYR LB 135 -8.18 -79.50 -41.92
CA TYR LB 135 -8.68 -80.64 -42.66
C TYR LB 135 -8.58 -81.93 -41.85
N ILE LB 136 -7.44 -82.13 -41.17
CA ILE LB 136 -7.33 -83.30 -40.29
C ILE LB 136 -8.32 -83.19 -39.15
N ALA LB 137 -8.58 -81.97 -38.68
CA ALA LB 137 -9.44 -81.80 -37.51
C ALA LB 137 -10.86 -82.28 -37.78
N SER LB 138 -11.39 -81.99 -38.98
CA SER LB 138 -12.78 -82.32 -39.24
C SER LB 138 -12.98 -83.82 -39.47
N GLU LB 139 -12.04 -84.44 -40.19
CA GLU LB 139 -12.25 -85.83 -40.58
C GLU LB 139 -12.19 -86.78 -39.40
N VAL LB 140 -11.42 -86.46 -38.37
CA VAL LB 140 -11.30 -87.37 -37.22
C VAL LB 140 -12.64 -87.50 -36.51
N SER LB 141 -13.33 -86.39 -36.30
CA SER LB 141 -14.64 -86.47 -35.65
C SER LB 141 -15.66 -87.20 -36.53
N LYS LB 142 -15.65 -86.92 -37.83
CA LYS LB 142 -16.63 -87.55 -38.72
C LYS LB 142 -16.46 -89.06 -38.77
N GLY LB 143 -15.21 -89.52 -38.87
CA GLY LB 143 -15.00 -90.95 -39.04
C GLY LB 143 -15.45 -91.77 -37.85
N LEU LB 144 -15.17 -91.29 -36.65
CA LEU LB 144 -15.53 -92.05 -35.45
C LEU LB 144 -17.04 -92.16 -35.32
N ALA LB 145 -17.77 -91.08 -35.61
CA ALA LB 145 -19.22 -91.13 -35.52
C ALA LB 145 -19.81 -92.13 -36.50
N ASN LB 146 -19.29 -92.15 -37.73
CA ASN LB 146 -19.81 -93.08 -38.73
C ASN LB 146 -19.60 -94.53 -38.30
N LEU LB 147 -18.43 -94.82 -37.73
CA LEU LB 147 -18.13 -96.19 -37.29
C LEU LB 147 -19.09 -96.64 -36.19
N SER LB 148 -19.39 -95.75 -35.25
CA SER LB 148 -20.23 -96.13 -34.12
C SER LB 148 -21.62 -96.57 -34.58
N LEU LB 149 -22.06 -96.12 -35.75
CA LEU LB 149 -23.38 -96.47 -36.26
C LEU LB 149 -23.36 -97.65 -37.21
N GLU LB 150 -22.26 -97.85 -37.93
CA GLU LB 150 -22.16 -98.99 -38.84
C GLU LB 150 -21.96 -100.30 -38.08
N LEU LB 151 -21.12 -100.28 -37.06
CA LEU LB 151 -20.81 -101.48 -36.30
C LEU LB 151 -21.73 -101.68 -35.10
N ARG LB 152 -22.57 -100.70 -34.76
CA ARG LB 152 -23.46 -100.79 -33.62
C ARG LB 152 -22.67 -101.09 -32.34
N LYS LB 153 -21.71 -100.21 -32.05
CA LYS LB 153 -20.83 -100.39 -30.93
C LYS LB 153 -20.33 -99.02 -30.48
N PRO LB 154 -20.43 -98.69 -29.18
CA PRO LB 154 -20.04 -97.34 -28.76
C PRO LB 154 -18.57 -97.07 -28.95
N ILE LB 155 -18.26 -95.80 -29.27
CA ILE LB 155 -16.90 -95.31 -29.45
C ILE LB 155 -16.88 -93.90 -28.87
N THR LB 156 -16.28 -93.74 -27.71
CA THR LB 156 -16.31 -92.46 -27.02
C THR LB 156 -15.20 -91.55 -27.55
N PHE LB 157 -15.42 -90.25 -27.41
CA PHE LB 157 -14.63 -89.21 -28.06
C PHE LB 157 -13.98 -88.35 -26.99
N GLY LB 158 -12.74 -88.67 -26.64
CA GLY LB 158 -12.00 -87.94 -25.63
C GLY LB 158 -11.00 -86.93 -26.16
N VAL LB 159 -11.05 -86.60 -27.44
CA VAL LB 159 -10.07 -85.69 -28.02
C VAL LB 159 -10.23 -84.30 -27.39
N ILE LB 160 -9.12 -83.62 -27.19
CA ILE LB 160 -9.11 -82.27 -26.62
C ILE LB 160 -8.39 -81.35 -27.60
N THR LB 161 -8.28 -80.07 -27.23
CA THR LB 161 -7.62 -79.07 -28.06
C THR LB 161 -6.55 -78.35 -27.23
N ALA LB 162 -5.56 -77.81 -27.93
CA ALA LB 162 -4.47 -77.09 -27.29
C ALA LB 162 -4.86 -75.65 -27.01
N THR MB 12 -49.24 -77.07 -29.78
CA THR MB 12 -50.60 -76.53 -29.76
C THR MB 12 -50.63 -75.25 -28.95
N LYS MB 13 -50.47 -75.37 -27.63
CA LYS MB 13 -50.50 -74.23 -26.73
C LYS MB 13 -49.31 -74.13 -25.80
N HIS MB 14 -48.76 -75.26 -25.34
CA HIS MB 14 -47.71 -75.22 -24.33
C HIS MB 14 -46.48 -74.47 -24.83
N GLY MB 15 -45.96 -74.86 -25.99
CA GLY MB 15 -44.93 -74.13 -26.68
C GLY MB 15 -43.52 -74.65 -26.49
N ASN MB 16 -43.24 -75.32 -25.38
CA ASN MB 16 -41.88 -75.81 -25.16
C ASN MB 16 -41.53 -76.89 -26.19
N LYS MB 17 -40.25 -76.95 -26.54
CA LYS MB 17 -39.83 -77.76 -27.68
C LYS MB 17 -40.15 -79.24 -27.50
N GLY MB 18 -40.37 -79.69 -26.27
CA GLY MB 18 -40.87 -81.05 -26.09
C GLY MB 18 -42.26 -81.22 -26.64
N TRP MB 19 -43.13 -80.24 -26.42
CA TRP MB 19 -44.48 -80.31 -26.98
C TRP MB 19 -44.44 -80.30 -28.50
N GLU MB 20 -43.69 -79.38 -29.08
CA GLU MB 20 -43.63 -79.27 -30.53
C GLU MB 20 -43.02 -80.52 -31.15
N ALA MB 21 -41.95 -81.04 -30.56
CA ALA MB 21 -41.31 -82.24 -31.11
C ALA MB 21 -42.24 -83.43 -31.08
N ALA MB 22 -43.14 -83.50 -30.10
CA ALA MB 22 -44.06 -84.62 -30.05
C ALA MB 22 -45.19 -84.49 -31.07
N LEU MB 23 -45.61 -83.27 -31.39
CA LEU MB 23 -46.66 -83.09 -32.39
C LEU MB 23 -46.22 -83.60 -33.75
N SER MB 24 -44.96 -83.34 -34.12
CA SER MB 24 -44.44 -83.84 -35.39
C SER MB 24 -44.47 -85.36 -35.42
N ALA MB 25 -44.08 -86.00 -34.32
CA ALA MB 25 -44.01 -87.46 -34.28
C ALA MB 25 -45.39 -88.08 -34.44
N ILE MB 26 -46.42 -87.47 -33.83
CA ILE MB 26 -47.75 -88.01 -33.94
C ILE MB 26 -48.26 -87.92 -35.37
N GLU MB 27 -47.91 -86.83 -36.06
CA GLU MB 27 -48.40 -86.63 -37.42
C GLU MB 27 -47.67 -87.53 -38.41
N MET MB 28 -46.35 -87.68 -38.26
CA MET MB 28 -45.59 -88.51 -39.18
C MET MB 28 -45.94 -89.99 -39.01
N ALA MB 29 -46.23 -90.41 -37.77
CA ALA MB 29 -46.65 -91.79 -37.55
C ALA MB 29 -47.98 -92.08 -38.22
N ASN MB 30 -48.90 -91.12 -38.24
CA ASN MB 30 -50.17 -91.32 -38.90
C ASN MB 30 -50.02 -91.28 -40.42
N LEU MB 31 -49.13 -90.43 -40.92
CA LEU MB 31 -48.97 -90.28 -42.36
C LEU MB 31 -48.51 -91.59 -43.00
N PHE MB 32 -47.58 -92.29 -42.34
CA PHE MB 32 -46.99 -93.48 -42.94
C PHE MB 32 -48.00 -94.61 -43.10
N LYS MB 33 -48.92 -94.76 -42.14
CA LYS MB 33 -49.97 -95.76 -42.31
C LYS MB 33 -50.84 -95.44 -43.51
N SER MB 34 -51.16 -94.16 -43.72
CA SER MB 34 -51.95 -93.77 -44.89
C SER MB 34 -51.22 -94.16 -46.17
N LEU MB 35 -49.92 -93.89 -46.24
CA LEU MB 35 -49.15 -94.22 -47.44
C LEU MB 35 -49.13 -95.71 -47.69
N ARG MB 36 -48.91 -96.51 -46.65
CA ARG MB 36 -48.81 -97.95 -46.81
C ARG MB 36 -50.15 -98.61 -47.10
N GLY MB 37 -51.25 -97.94 -46.81
CA GLY MB 37 -52.55 -98.56 -46.94
C GLY MB 37 -52.96 -98.82 -48.38
N THR MB 38 -53.28 -97.76 -49.11
CA THR MB 38 -53.74 -97.88 -50.49
C THR MB 38 -53.94 -96.48 -51.04
N GLY MB 39 -54.19 -96.41 -52.34
CA GLY MB 39 -54.48 -95.15 -53.00
C GLY MB 39 -55.93 -94.76 -52.84
N GLY MB 40 -56.26 -93.59 -53.42
CA GLY MB 40 -57.61 -93.08 -53.38
C GLY MB 40 -58.52 -93.76 -54.39
N SER MB 41 -59.78 -93.33 -54.38
CA SER MB 41 -60.75 -93.91 -55.31
C SER MB 41 -60.35 -93.65 -56.75
N GLY MB 42 -59.88 -92.45 -57.06
CA GLY MB 42 -59.44 -92.08 -58.39
C GLY MB 42 -60.28 -90.94 -58.96
N SER MB 43 -59.94 -90.58 -60.19
CA SER MB 43 -60.64 -89.51 -60.91
C SER MB 43 -60.48 -88.17 -60.20
N SER MB 44 -59.39 -88.00 -59.46
CA SER MB 44 -59.10 -86.74 -58.78
C SER MB 44 -57.68 -86.80 -58.24
N MET MB 45 -57.22 -85.68 -57.72
CA MET MB 45 -55.87 -85.60 -57.17
C MET MB 45 -55.81 -86.32 -55.82
N GLU MB 46 -54.82 -87.18 -55.67
CA GLU MB 46 -54.65 -87.92 -54.42
C GLU MB 46 -53.90 -87.06 -53.40
N ILE MB 47 -54.39 -87.04 -52.17
CA ILE MB 47 -53.79 -86.27 -51.09
C ILE MB 47 -53.57 -87.20 -49.90
N TYR MB 48 -52.38 -87.15 -49.32
CA TYR MB 48 -52.04 -87.90 -48.12
C TYR MB 48 -51.67 -86.92 -47.02
N GLU MB 49 -52.31 -87.06 -45.86
CA GLU MB 49 -52.02 -86.23 -44.71
C GLU MB 49 -52.14 -87.09 -43.45
N GLY MB 50 -51.53 -86.60 -42.38
CA GLY MB 50 -51.62 -87.24 -41.07
C GLY MB 50 -52.38 -86.34 -40.11
N LYS MB 51 -53.18 -86.97 -39.25
CA LYS MB 51 -53.98 -86.26 -38.26
C LYS MB 51 -53.33 -86.36 -36.89
N LEU MB 52 -53.85 -85.57 -35.95
CA LEU MB 52 -53.29 -85.49 -34.60
C LEU MB 52 -54.09 -86.33 -33.62
N THR MB 53 -54.07 -87.64 -33.85
CA THR MB 53 -54.67 -88.63 -32.98
C THR MB 53 -53.62 -89.67 -32.63
N ALA MB 54 -53.47 -89.97 -31.35
CA ALA MB 54 -52.43 -90.87 -30.85
C ALA MB 54 -53.03 -92.13 -30.24
N GLU MB 55 -54.09 -92.65 -30.84
CA GLU MB 55 -54.77 -93.84 -30.34
C GLU MB 55 -54.14 -95.07 -30.97
N GLY MB 56 -53.36 -95.81 -30.19
CA GLY MB 56 -52.78 -97.05 -30.66
C GLY MB 56 -51.40 -96.93 -31.27
N LEU MB 57 -50.61 -95.94 -30.86
CA LEU MB 57 -49.27 -95.72 -31.39
C LEU MB 57 -48.24 -95.93 -30.29
N ARG MB 58 -47.10 -96.51 -30.66
CA ARG MB 58 -45.98 -96.73 -29.75
C ARG MB 58 -44.87 -95.74 -30.04
N PHE MB 59 -44.31 -95.16 -28.99
CA PHE MB 59 -43.31 -94.11 -29.12
C PHE MB 59 -42.09 -94.45 -28.28
N GLY MB 60 -40.96 -93.89 -28.67
CA GLY MB 60 -39.73 -94.00 -27.90
C GLY MB 60 -39.03 -92.67 -27.81
N ILE MB 61 -38.44 -92.41 -26.64
CA ILE MB 61 -37.80 -91.14 -26.36
C ILE MB 61 -36.37 -91.40 -25.88
N VAL MB 62 -35.43 -90.64 -26.43
CA VAL MB 62 -34.02 -90.69 -26.05
C VAL MB 62 -33.64 -89.30 -25.56
N ALA MB 63 -33.12 -89.21 -24.34
CA ALA MB 63 -32.81 -87.92 -23.74
C ALA MB 63 -31.47 -87.98 -23.01
N SER MB 64 -30.71 -86.89 -23.11
CA SER MB 64 -29.41 -86.79 -22.46
C SER MB 64 -29.57 -86.25 -21.04
N ARG MB 65 -28.50 -86.38 -20.25
CA ARG MB 65 -28.52 -86.02 -18.85
C ARG MB 65 -27.86 -84.69 -18.55
N PHE MB 66 -26.99 -84.20 -19.43
CA PHE MB 66 -26.36 -82.90 -19.22
C PHE MB 66 -27.44 -81.82 -19.13
N ASN MB 67 -27.34 -80.96 -18.12
CA ASN MB 67 -28.38 -79.99 -17.81
C ASN MB 67 -29.74 -80.66 -17.63
N HIS MB 68 -29.78 -81.54 -16.62
CA HIS MB 68 -31.02 -82.26 -16.33
C HIS MB 68 -32.13 -81.33 -15.86
N ALA MB 69 -31.80 -80.11 -15.44
CA ALA MB 69 -32.84 -79.17 -15.02
C ALA MB 69 -33.72 -78.78 -16.20
N LEU MB 70 -33.12 -78.39 -17.32
CA LEU MB 70 -33.90 -78.03 -18.49
C LEU MB 70 -34.42 -79.25 -19.24
N VAL MB 71 -33.66 -80.34 -19.27
CA VAL MB 71 -34.10 -81.52 -20.00
C VAL MB 71 -35.33 -82.12 -19.35
N ASP MB 72 -35.42 -82.07 -18.01
CA ASP MB 72 -36.52 -82.72 -17.32
C ASP MB 72 -37.86 -82.13 -17.74
N ARG MB 73 -37.94 -80.81 -17.87
CA ARG MB 73 -39.18 -80.19 -18.32
C ARG MB 73 -39.52 -80.60 -19.74
N LEU MB 74 -38.53 -80.66 -20.62
CA LEU MB 74 -38.80 -81.03 -22.01
C LEU MB 74 -39.35 -82.44 -22.12
N VAL MB 75 -38.76 -83.38 -21.37
CA VAL MB 75 -39.27 -84.75 -21.43
C VAL MB 75 -40.68 -84.83 -20.85
N GLU MB 76 -40.97 -84.01 -19.83
CA GLU MB 76 -42.32 -83.95 -19.31
C GLU MB 76 -43.29 -83.42 -20.38
N GLY MB 77 -42.90 -82.35 -21.06
CA GLY MB 77 -43.79 -81.76 -22.05
C GLY MB 77 -44.15 -82.73 -23.16
N ALA MB 78 -43.18 -83.52 -23.62
CA ALA MB 78 -43.46 -84.48 -24.69
C ALA MB 78 -44.43 -85.55 -24.22
N ILE MB 79 -44.32 -85.98 -22.96
CA ILE MB 79 -45.22 -87.01 -22.44
C ILE MB 79 -46.63 -86.45 -22.28
N ASP MB 80 -46.75 -85.22 -21.80
CA ASP MB 80 -48.07 -84.61 -21.68
C ASP MB 80 -48.78 -84.51 -23.02
N CYS MB 81 -48.04 -84.15 -24.07
CA CYS MB 81 -48.66 -84.01 -25.38
C CYS MB 81 -49.28 -85.32 -25.84
N ILE MB 82 -48.58 -86.43 -25.63
CA ILE MB 82 -49.06 -87.71 -26.12
C ILE MB 82 -50.35 -88.12 -25.42
N VAL MB 83 -50.42 -87.94 -24.10
CA VAL MB 83 -51.60 -88.37 -23.36
C VAL MB 83 -52.80 -87.49 -23.68
N ARG MB 84 -52.59 -86.19 -23.85
CA ARG MB 84 -53.69 -85.28 -24.14
C ARG MB 84 -54.41 -85.65 -25.43
N HIS MB 85 -53.69 -86.15 -26.43
CA HIS MB 85 -54.26 -86.46 -27.73
C HIS MB 85 -54.79 -87.87 -27.84
N GLY MB 86 -54.80 -88.63 -26.75
CA GLY MB 86 -55.34 -89.97 -26.74
C GLY MB 86 -54.33 -91.09 -26.57
N GLY MB 87 -53.10 -90.76 -26.21
CA GLY MB 87 -52.08 -91.78 -26.03
C GLY MB 87 -52.22 -92.50 -24.71
N ARG MB 88 -51.26 -93.39 -24.46
CA ARG MB 88 -51.25 -94.21 -23.26
C ARG MB 88 -49.85 -94.21 -22.68
N GLU MB 89 -49.74 -93.94 -21.38
CA GLU MB 89 -48.44 -93.82 -20.74
C GLU MB 89 -47.65 -95.12 -20.77
N GLU MB 90 -48.33 -96.26 -20.94
CA GLU MB 90 -47.65 -97.55 -20.97
C GLU MB 90 -47.02 -97.86 -22.32
N ASP MB 91 -47.34 -97.10 -23.37
CA ASP MB 91 -46.78 -97.31 -24.69
C ASP MB 91 -45.67 -96.32 -25.02
N ILE MB 92 -44.90 -95.91 -24.01
CA ILE MB 92 -43.77 -95.01 -24.18
C ILE MB 92 -42.55 -95.63 -23.54
N THR MB 93 -41.44 -95.66 -24.27
CA THR MB 93 -40.17 -96.17 -23.78
C THR MB 93 -39.19 -95.00 -23.70
N LEU MB 94 -38.46 -94.93 -22.59
CA LEU MB 94 -37.50 -93.86 -22.35
C LEU MB 94 -36.10 -94.45 -22.16
N VAL MB 95 -35.11 -93.81 -22.76
CA VAL MB 95 -33.71 -94.18 -22.62
C VAL MB 95 -32.90 -92.94 -22.29
N ARG MB 96 -31.99 -93.07 -21.33
CA ARG MB 96 -31.11 -91.98 -20.94
C ARG MB 96 -29.69 -92.30 -21.35
N VAL MB 97 -28.95 -91.29 -21.77
CA VAL MB 97 -27.59 -91.44 -22.26
C VAL MB 97 -26.69 -90.42 -21.57
N PRO MB 98 -25.39 -90.70 -21.42
CA PRO MB 98 -24.54 -89.74 -20.70
C PRO MB 98 -24.51 -88.34 -21.31
N GLY MB 99 -24.49 -88.23 -22.64
CA GLY MB 99 -24.30 -86.94 -23.25
C GLY MB 99 -24.78 -86.94 -24.68
N SER MB 100 -24.66 -85.76 -25.32
CA SER MB 100 -25.20 -85.58 -26.66
C SER MB 100 -24.49 -86.45 -27.69
N TRP MB 101 -23.22 -86.75 -27.49
CA TRP MB 101 -22.48 -87.56 -28.47
C TRP MB 101 -23.08 -88.95 -28.63
N GLU MB 102 -23.88 -89.40 -27.66
CA GLU MB 102 -24.39 -90.76 -27.66
C GLU MB 102 -25.84 -90.87 -28.10
N ILE MB 103 -26.50 -89.75 -28.40
CA ILE MB 103 -27.90 -89.83 -28.83
C ILE MB 103 -28.06 -90.62 -30.13
N PRO MB 104 -27.31 -90.35 -31.19
CA PRO MB 104 -27.54 -91.08 -32.44
C PRO MB 104 -27.39 -92.58 -32.31
N VAL MB 105 -26.38 -93.05 -31.59
CA VAL MB 105 -26.14 -94.48 -31.49
C VAL MB 105 -27.26 -95.15 -30.70
N ALA MB 106 -27.78 -94.46 -29.67
CA ALA MB 106 -28.85 -95.04 -28.87
C ALA MB 106 -30.15 -95.10 -29.66
N ALA MB 107 -30.46 -94.05 -30.43
CA ALA MB 107 -31.71 -94.03 -31.19
C ALA MB 107 -31.75 -95.12 -32.23
N GLY MB 108 -30.59 -95.50 -32.78
CA GLY MB 108 -30.57 -96.57 -33.75
C GLY MB 108 -31.07 -97.89 -33.21
N GLU MB 109 -30.93 -98.11 -31.90
CA GLU MB 109 -31.43 -99.34 -31.30
C GLU MB 109 -32.95 -99.34 -31.19
N LEU MB 110 -33.53 -98.20 -30.79
CA LEU MB 110 -34.98 -98.12 -30.75
C LEU MB 110 -35.60 -98.26 -32.13
N ALA MB 111 -35.00 -97.62 -33.14
CA ALA MB 111 -35.61 -97.59 -34.46
C ALA MB 111 -35.74 -98.99 -35.05
N ARG MB 112 -34.82 -99.89 -34.71
CA ARG MB 112 -34.85 -101.23 -35.29
C ARG MB 112 -35.88 -102.13 -34.62
N LYS MB 113 -36.49 -101.70 -33.52
CA LYS MB 113 -37.56 -102.46 -32.91
C LYS MB 113 -38.77 -102.53 -33.83
N GLU MB 114 -39.44 -103.67 -33.83
CA GLU MB 114 -40.60 -103.87 -34.70
C GLU MB 114 -41.86 -103.20 -34.16
N ASP MB 115 -41.86 -102.78 -32.89
CA ASP MB 115 -43.04 -102.18 -32.28
C ASP MB 115 -43.04 -100.66 -32.38
N ILE MB 116 -41.90 -100.01 -32.13
CA ILE MB 116 -41.86 -98.56 -32.11
C ILE MB 116 -42.19 -98.00 -33.49
N ASP MB 117 -42.92 -96.89 -33.51
CA ASP MB 117 -43.35 -96.23 -34.73
C ASP MB 117 -42.70 -94.88 -34.97
N ALA MB 118 -42.29 -94.18 -33.91
CA ALA MB 118 -41.58 -92.93 -34.05
C ALA MB 118 -40.63 -92.77 -32.88
N VAL MB 119 -39.62 -91.93 -33.06
CA VAL MB 119 -38.59 -91.71 -32.06
C VAL MB 119 -38.37 -90.22 -31.90
N ILE MB 120 -38.20 -89.79 -30.65
CA ILE MB 120 -38.03 -88.39 -30.30
C ILE MB 120 -36.71 -88.24 -29.57
N ALA MB 121 -35.91 -87.28 -29.99
CA ALA MB 121 -34.62 -86.99 -29.38
C ALA MB 121 -34.67 -85.63 -28.70
N ILE MB 122 -34.25 -85.58 -27.44
CA ILE MB 122 -34.26 -84.36 -26.65
C ILE MB 122 -32.88 -84.19 -26.03
N GLY MB 123 -32.40 -82.95 -25.98
CA GLY MB 123 -31.11 -82.68 -25.39
C GLY MB 123 -30.85 -81.19 -25.38
N VAL MB 124 -29.74 -80.82 -24.75
CA VAL MB 124 -29.28 -79.44 -24.71
C VAL MB 124 -27.83 -79.40 -25.15
N LEU MB 125 -27.47 -78.36 -25.90
CA LEU MB 125 -26.13 -78.19 -26.44
C LEU MB 125 -25.55 -76.88 -25.92
N ILE MB 126 -24.30 -76.92 -25.49
CA ILE MB 126 -23.59 -75.73 -25.03
C ILE MB 126 -22.68 -75.26 -26.15
N ARG MB 127 -22.95 -74.06 -26.66
CA ARG MB 127 -22.20 -73.48 -27.77
C ARG MB 127 -21.96 -72.01 -27.54
N GLY MB 128 -21.59 -71.64 -26.31
CA GLY MB 128 -21.36 -70.23 -25.98
C GLY MB 128 -20.20 -70.01 -25.04
N ALA MB 129 -19.49 -71.06 -24.66
CA ALA MB 129 -18.37 -70.95 -23.72
C ALA MB 129 -17.08 -71.56 -24.25
N THR MB 130 -17.16 -72.67 -25.00
CA THR MB 130 -15.99 -73.37 -25.49
C THR MB 130 -15.98 -73.37 -27.01
N PRO MB 131 -14.88 -72.94 -27.69
CA PRO MB 131 -14.80 -73.01 -29.15
C PRO MB 131 -14.34 -74.37 -29.67
N HIS MB 132 -14.87 -75.44 -29.06
CA HIS MB 132 -14.57 -76.81 -29.48
C HIS MB 132 -15.80 -77.69 -29.62
N PHE MB 133 -16.93 -77.34 -28.99
CA PHE MB 133 -18.13 -78.15 -29.05
C PHE MB 133 -18.77 -78.19 -30.44
N ASP MB 134 -18.33 -77.33 -31.35
CA ASP MB 134 -18.93 -77.31 -32.69
C ASP MB 134 -18.80 -78.66 -33.37
N TYR MB 135 -17.70 -79.38 -33.12
CA TYR MB 135 -17.55 -80.72 -33.68
C TYR MB 135 -18.62 -81.66 -33.14
N ILE MB 136 -18.88 -81.59 -31.83
CA ILE MB 136 -19.91 -82.44 -31.24
C ILE MB 136 -21.27 -82.09 -31.80
N ALA MB 137 -21.58 -80.79 -31.91
CA ALA MB 137 -22.91 -80.38 -32.30
C ALA MB 137 -23.24 -80.83 -33.73
N SER MB 138 -22.28 -80.72 -34.64
CA SER MB 138 -22.54 -81.02 -36.04
C SER MB 138 -22.84 -82.50 -36.26
N GLU MB 139 -22.24 -83.38 -35.46
CA GLU MB 139 -22.42 -84.82 -35.68
C GLU MB 139 -23.77 -85.32 -35.20
N VAL MB 140 -24.41 -84.61 -34.27
CA VAL MB 140 -25.74 -85.04 -33.82
C VAL MB 140 -26.74 -84.89 -34.95
N SER MB 141 -26.70 -83.75 -35.65
CA SER MB 141 -27.66 -83.50 -36.72
C SER MB 141 -27.45 -84.47 -37.88
N LYS MB 142 -26.18 -84.77 -38.21
CA LYS MB 142 -25.92 -85.69 -39.31
C LYS MB 142 -26.39 -87.10 -38.99
N GLY MB 143 -26.02 -87.61 -37.81
CA GLY MB 143 -26.31 -89.00 -37.51
C GLY MB 143 -27.80 -89.28 -37.44
N LEU MB 144 -28.56 -88.37 -36.84
CA LEU MB 144 -30.00 -88.57 -36.73
C LEU MB 144 -30.66 -88.55 -38.11
N ALA MB 145 -30.19 -87.66 -38.99
CA ALA MB 145 -30.78 -87.54 -40.31
C ALA MB 145 -30.50 -88.77 -41.17
N ASN MB 146 -29.27 -89.30 -41.10
CA ASN MB 146 -28.94 -90.49 -41.89
C ASN MB 146 -29.75 -91.70 -41.44
N LEU MB 147 -30.04 -91.81 -40.15
CA LEU MB 147 -30.78 -92.98 -39.65
C LEU MB 147 -32.18 -93.05 -40.23
N SER MB 148 -32.86 -91.91 -40.34
CA SER MB 148 -34.23 -91.91 -40.84
C SER MB 148 -34.30 -92.47 -42.25
N LEU MB 149 -33.38 -92.05 -43.12
CA LEU MB 149 -33.36 -92.56 -44.48
C LEU MB 149 -33.05 -94.05 -44.51
N GLU MB 150 -32.07 -94.49 -43.71
CA GLU MB 150 -31.63 -95.88 -43.76
C GLU MB 150 -32.71 -96.83 -43.27
N LEU MB 151 -33.33 -96.51 -42.13
CA LEU MB 151 -34.33 -97.39 -41.53
C LEU MB 151 -35.74 -97.07 -41.98
N ARG MB 152 -35.96 -95.96 -42.69
CA ARG MB 152 -37.27 -95.60 -43.21
C ARG MB 152 -38.29 -95.48 -42.08
N LYS MB 153 -37.95 -94.67 -41.08
CA LYS MB 153 -38.75 -94.50 -39.89
C LYS MB 153 -38.57 -93.05 -39.43
N PRO MB 154 -39.64 -92.36 -39.03
CA PRO MB 154 -39.49 -90.96 -38.64
C PRO MB 154 -38.76 -90.79 -37.30
N ILE MB 155 -37.82 -89.86 -37.28
CA ILE MB 155 -37.08 -89.49 -36.09
C ILE MB 155 -37.10 -87.97 -36.00
N THR MB 156 -37.54 -87.45 -34.86
CA THR MB 156 -37.77 -86.02 -34.69
C THR MB 156 -36.67 -85.38 -33.85
N PHE MB 157 -36.45 -84.10 -34.12
CA PHE MB 157 -35.37 -83.32 -33.51
C PHE MB 157 -35.95 -82.44 -32.41
N GLY MB 158 -35.42 -82.60 -31.20
CA GLY MB 158 -35.88 -81.81 -30.07
C GLY MB 158 -34.72 -81.21 -29.28
N VAL MB 159 -33.68 -80.77 -29.98
CA VAL MB 159 -32.44 -80.33 -29.36
C VAL MB 159 -32.45 -78.82 -29.18
N ILE MB 160 -32.22 -78.37 -27.96
CA ILE MB 160 -32.12 -76.96 -27.61
C ILE MB 160 -30.66 -76.55 -27.62
N THR MB 161 -30.42 -75.29 -27.93
CA THR MB 161 -29.09 -74.69 -27.85
C THR MB 161 -29.13 -73.59 -26.79
N ALA MB 162 -28.12 -73.59 -25.91
CA ALA MB 162 -28.06 -72.63 -24.82
C ALA MB 162 -27.28 -71.39 -25.25
N ASN NB 16 -83.15 -22.33 -13.18
CA ASN NB 16 -82.86 -23.61 -12.53
C ASN NB 16 -82.76 -24.73 -13.57
N LYS NB 17 -82.17 -25.84 -13.15
CA LYS NB 17 -82.01 -27.01 -14.01
C LYS NB 17 -83.19 -27.96 -13.92
N GLY NB 18 -84.35 -27.49 -13.46
CA GLY NB 18 -85.51 -28.33 -13.30
C GLY NB 18 -86.42 -28.33 -14.50
N TRP NB 19 -86.70 -27.14 -15.05
CA TRP NB 19 -87.61 -27.06 -16.18
C TRP NB 19 -87.07 -27.79 -17.40
N GLU NB 20 -85.75 -27.90 -17.51
CA GLU NB 20 -85.18 -28.68 -18.61
C GLU NB 20 -85.61 -30.14 -18.50
N ALA NB 21 -85.56 -30.70 -17.29
CA ALA NB 21 -86.09 -32.03 -17.08
C ALA NB 21 -87.59 -32.09 -17.41
N ALA NB 22 -88.29 -30.97 -17.23
CA ALA NB 22 -89.72 -30.94 -17.53
C ALA NB 22 -89.97 -30.93 -19.03
N LEU NB 23 -89.24 -30.08 -19.76
CA LEU NB 23 -89.48 -29.97 -21.20
C LEU NB 23 -89.34 -31.31 -21.89
N SER NB 24 -88.32 -32.08 -21.51
CA SER NB 24 -88.11 -33.38 -22.12
C SER NB 24 -89.33 -34.27 -21.97
N ALA NB 25 -89.97 -34.24 -20.80
CA ALA NB 25 -91.08 -35.14 -20.54
C ALA NB 25 -92.26 -34.87 -21.46
N ILE NB 26 -92.63 -33.61 -21.62
CA ILE NB 26 -93.78 -33.29 -22.48
C ILE NB 26 -93.50 -33.68 -23.92
N GLU NB 27 -92.30 -33.36 -24.43
CA GLU NB 27 -91.97 -33.71 -25.80
C GLU NB 27 -92.11 -35.22 -26.02
N MET NB 28 -91.48 -36.02 -25.16
CA MET NB 28 -91.52 -37.47 -25.32
C MET NB 28 -92.93 -38.00 -25.12
N ALA NB 29 -93.68 -37.44 -24.16
CA ALA NB 29 -95.03 -37.91 -23.90
C ALA NB 29 -95.91 -37.73 -25.12
N ASN NB 30 -95.80 -36.58 -25.80
CA ASN NB 30 -96.57 -36.36 -27.02
C ASN NB 30 -96.07 -37.25 -28.15
N LEU NB 31 -94.75 -37.43 -28.25
CA LEU NB 31 -94.19 -38.24 -29.32
C LEU NB 31 -94.68 -39.67 -29.25
N PHE NB 32 -94.75 -40.24 -28.05
CA PHE NB 32 -95.15 -41.62 -27.90
C PHE NB 32 -96.60 -41.84 -28.32
N LYS NB 33 -97.43 -40.80 -28.22
CA LYS NB 33 -98.81 -40.91 -28.70
C LYS NB 33 -98.86 -41.09 -30.20
N SER NB 34 -97.99 -40.39 -30.93
CA SER NB 34 -98.01 -40.46 -32.39
C SER NB 34 -97.71 -41.88 -32.87
N LEU NB 35 -96.61 -42.47 -32.39
CA LEU NB 35 -96.17 -43.76 -32.91
C LEU NB 35 -97.22 -44.83 -32.67
N ARG NB 36 -97.82 -44.86 -31.49
CA ARG NB 36 -98.80 -45.88 -31.17
C ARG NB 36 -100.05 -45.77 -32.03
N GLY NB 37 -100.29 -44.61 -32.64
CA GLY NB 37 -101.45 -44.42 -33.48
C GLY NB 37 -101.23 -44.96 -34.89
N THR NB 38 -102.21 -44.67 -35.74
CA THR NB 38 -102.15 -45.16 -37.12
C THR NB 38 -100.99 -44.49 -37.87
N GLY NB 39 -100.48 -45.20 -38.87
CA GLY NB 39 -99.38 -44.72 -39.67
C GLY NB 39 -99.81 -43.65 -40.67
N GLY NB 40 -98.82 -43.19 -41.43
CA GLY NB 40 -99.06 -42.15 -42.41
C GLY NB 40 -99.69 -42.68 -43.68
N SER NB 41 -99.95 -41.75 -44.60
CA SER NB 41 -100.56 -42.10 -45.89
C SER NB 41 -99.54 -42.56 -46.92
N GLY NB 42 -98.26 -42.56 -46.59
CA GLY NB 42 -97.24 -42.97 -47.53
C GLY NB 42 -96.95 -41.90 -48.57
N SER NB 43 -96.20 -42.31 -49.59
CA SER NB 43 -95.78 -41.48 -50.71
C SER NB 43 -94.66 -40.52 -50.34
N SER NB 44 -94.25 -40.46 -49.07
CA SER NB 44 -93.15 -39.58 -48.67
C SER NB 44 -92.60 -40.09 -47.35
N MET NB 45 -91.39 -39.63 -47.03
CA MET NB 45 -90.76 -40.00 -45.77
C MET NB 45 -91.57 -39.47 -44.60
N GLU NB 46 -91.77 -40.32 -43.59
CA GLU NB 46 -92.53 -39.96 -42.41
C GLU NB 46 -91.59 -39.43 -41.35
N ILE NB 47 -91.79 -38.18 -40.94
CA ILE NB 47 -91.03 -37.57 -39.87
C ILE NB 47 -91.95 -37.43 -38.66
N TYR NB 48 -91.59 -38.12 -37.58
CA TYR NB 48 -92.31 -38.01 -36.31
C TYR NB 48 -91.55 -37.07 -35.40
N GLU NB 49 -92.27 -36.09 -34.83
CA GLU NB 49 -91.69 -35.21 -33.83
C GLU NB 49 -92.79 -34.79 -32.87
N GLY NB 50 -92.44 -34.69 -31.58
CA GLY NB 50 -93.42 -34.40 -30.57
C GLY NB 50 -93.68 -32.92 -30.37
N LYS NB 51 -94.88 -32.62 -29.87
CA LYS NB 51 -95.30 -31.26 -29.63
C LYS NB 51 -94.91 -30.80 -28.23
N LEU NB 52 -95.23 -29.55 -27.91
CA LEU NB 52 -95.01 -28.98 -26.60
C LEU NB 52 -96.32 -28.63 -25.89
N THR NB 53 -97.43 -29.21 -26.32
CA THR NB 53 -98.72 -28.99 -25.69
C THR NB 53 -98.87 -29.98 -24.55
N ALA NB 54 -98.95 -29.46 -23.32
CA ALA NB 54 -98.99 -30.30 -22.13
C ALA NB 54 -100.40 -30.74 -21.75
N GLU NB 55 -101.41 -30.29 -22.47
CA GLU NB 55 -102.79 -30.57 -22.07
C GLU NB 55 -103.10 -32.06 -22.23
N GLY NB 56 -103.74 -32.64 -21.22
CA GLY NB 56 -104.14 -34.03 -21.25
C GLY NB 56 -103.12 -35.02 -20.74
N LEU NB 57 -101.96 -34.57 -20.29
CA LEU NB 57 -100.88 -35.45 -19.87
C LEU NB 57 -100.83 -35.53 -18.35
N ARG NB 58 -100.75 -36.75 -17.83
CA ARG NB 58 -100.59 -37.00 -16.41
C ARG NB 58 -99.11 -37.23 -16.11
N PHE NB 59 -98.60 -36.54 -15.10
CA PHE NB 59 -97.19 -36.58 -14.75
C PHE NB 59 -97.01 -37.07 -13.32
N GLY NB 60 -95.90 -37.79 -13.10
CA GLY NB 60 -95.43 -38.09 -11.77
C GLY NB 60 -94.07 -37.48 -11.56
N ILE NB 61 -93.78 -37.10 -10.32
CA ILE NB 61 -92.48 -36.56 -9.94
C ILE NB 61 -92.02 -37.27 -8.67
N VAL NB 62 -90.75 -37.66 -8.64
CA VAL NB 62 -90.13 -38.29 -7.48
C VAL NB 62 -88.93 -37.46 -7.07
N ALA NB 63 -88.89 -37.05 -5.80
CA ALA NB 63 -87.83 -36.20 -5.28
C ALA NB 63 -87.37 -36.73 -3.93
N SER NB 64 -86.13 -36.42 -3.58
CA SER NB 64 -85.55 -36.81 -2.31
C SER NB 64 -85.52 -35.63 -1.35
N ARG NB 65 -85.20 -35.92 -0.09
CA ARG NB 65 -85.24 -34.91 0.95
C ARG NB 65 -83.88 -34.36 1.34
N PHE NB 66 -82.80 -35.10 1.14
CA PHE NB 66 -81.49 -34.61 1.50
C PHE NB 66 -81.18 -33.34 0.72
N ASN NB 67 -80.69 -32.32 1.43
CA ASN NB 67 -80.45 -30.99 0.85
C ASN NB 67 -81.76 -30.39 0.37
N HIS NB 68 -82.69 -30.21 1.30
CA HIS NB 68 -84.02 -29.72 0.96
C HIS NB 68 -83.98 -28.32 0.38
N ALA NB 69 -82.94 -27.55 0.66
CA ALA NB 69 -82.85 -26.20 0.10
C ALA NB 69 -82.80 -26.24 -1.41
N LEU NB 70 -81.91 -27.06 -1.97
CA LEU NB 70 -81.78 -27.13 -3.42
C LEU NB 70 -82.98 -27.84 -4.05
N VAL NB 71 -83.40 -28.97 -3.48
CA VAL NB 71 -84.49 -29.72 -4.06
C VAL NB 71 -85.79 -28.94 -4.01
N ASP NB 72 -85.92 -27.99 -3.07
CA ASP NB 72 -87.14 -27.21 -2.98
C ASP NB 72 -87.38 -26.39 -4.25
N ARG NB 73 -86.32 -25.78 -4.78
CA ARG NB 73 -86.49 -24.94 -5.96
C ARG NB 73 -86.51 -25.76 -7.25
N LEU NB 74 -85.80 -26.89 -7.29
CA LEU NB 74 -85.86 -27.74 -8.47
C LEU NB 74 -87.27 -28.26 -8.72
N VAL NB 75 -87.95 -28.71 -7.67
CA VAL NB 75 -89.30 -29.24 -7.86
C VAL NB 75 -90.27 -28.12 -8.24
N GLU NB 76 -90.17 -26.97 -7.57
CA GLU NB 76 -91.05 -25.86 -7.90
C GLU NB 76 -90.82 -25.39 -9.33
N GLY NB 77 -89.56 -25.27 -9.73
CA GLY NB 77 -89.27 -24.89 -11.10
C GLY NB 77 -89.85 -25.87 -12.11
N ALA NB 78 -89.81 -27.16 -11.78
CA ALA NB 78 -90.41 -28.16 -12.66
C ALA NB 78 -91.91 -27.99 -12.76
N ILE NB 79 -92.58 -27.67 -11.65
CA ILE NB 79 -94.04 -27.53 -11.68
C ILE NB 79 -94.43 -26.27 -12.45
N ASP NB 80 -93.59 -25.24 -12.42
CA ASP NB 80 -93.89 -24.00 -13.13
C ASP NB 80 -93.97 -24.20 -14.65
N CYS NB 81 -93.39 -25.28 -15.17
CA CYS NB 81 -93.30 -25.45 -16.62
C CYS NB 81 -94.46 -26.24 -17.20
N ILE NB 82 -95.02 -27.20 -16.46
CA ILE NB 82 -96.18 -27.92 -16.96
C ILE NB 82 -97.40 -27.02 -16.98
N VAL NB 83 -97.56 -26.18 -15.95
CA VAL NB 83 -98.71 -25.28 -15.90
C VAL NB 83 -98.65 -24.27 -17.03
N ARG NB 84 -97.47 -23.71 -17.29
CA ARG NB 84 -97.38 -22.67 -18.30
C ARG NB 84 -97.66 -23.20 -19.70
N HIS NB 85 -97.23 -24.43 -20.00
CA HIS NB 85 -97.48 -25.04 -21.28
C HIS NB 85 -98.85 -25.71 -21.36
N GLY NB 86 -99.77 -25.33 -20.47
CA GLY NB 86 -101.14 -25.82 -20.57
C GLY NB 86 -101.38 -27.10 -19.79
N GLY NB 87 -101.01 -27.11 -18.51
CA GLY NB 87 -101.14 -28.31 -17.70
C GLY NB 87 -101.76 -28.08 -16.34
N ARG NB 88 -102.82 -28.82 -16.05
CA ARG NB 88 -103.49 -28.71 -14.77
C ARG NB 88 -102.63 -29.30 -13.65
N GLU NB 89 -102.60 -28.62 -12.51
CA GLU NB 89 -101.94 -29.18 -11.33
C GLU NB 89 -102.72 -30.33 -10.72
N GLU NB 90 -103.96 -30.55 -11.15
CA GLU NB 90 -104.76 -31.68 -10.67
C GLU NB 90 -104.25 -33.02 -11.17
N ASP NB 91 -103.29 -33.03 -12.11
CA ASP NB 91 -102.77 -34.27 -12.67
C ASP NB 91 -101.36 -34.61 -12.20
N ILE NB 92 -100.64 -33.67 -11.61
CA ILE NB 92 -99.31 -33.95 -11.07
C ILE NB 92 -99.45 -34.73 -9.78
N THR NB 93 -98.61 -35.76 -9.62
CA THR NB 93 -98.48 -36.52 -8.40
C THR NB 93 -97.04 -36.43 -7.90
N LEU NB 94 -96.87 -36.25 -6.59
CA LEU NB 94 -95.56 -36.05 -6.00
C LEU NB 94 -95.29 -37.11 -4.94
N VAL NB 95 -94.11 -37.73 -5.02
CA VAL NB 95 -93.65 -38.70 -4.04
C VAL NB 95 -92.31 -38.22 -3.50
N ARG NB 96 -92.17 -38.23 -2.17
CA ARG NB 96 -90.92 -37.88 -1.51
C ARG NB 96 -90.31 -39.14 -0.91
N VAL NB 97 -89.00 -39.27 -1.05
CA VAL NB 97 -88.28 -40.45 -0.58
C VAL NB 97 -87.10 -40.00 0.27
N PRO NB 98 -86.63 -40.86 1.18
CA PRO NB 98 -85.54 -40.44 2.07
C PRO NB 98 -84.27 -40.00 1.36
N GLY NB 99 -83.68 -40.87 0.54
CA GLY NB 99 -82.41 -40.60 -0.10
C GLY NB 99 -82.42 -41.00 -1.55
N SER NB 100 -81.27 -40.79 -2.19
CA SER NB 100 -81.14 -41.10 -3.61
C SER NB 100 -81.29 -42.59 -3.88
N TRP NB 101 -80.88 -43.43 -2.93
CA TRP NB 101 -80.92 -44.87 -3.14
C TRP NB 101 -82.32 -45.38 -3.40
N GLU NB 102 -83.34 -44.63 -3.01
CA GLU NB 102 -84.73 -45.06 -3.14
C GLU NB 102 -85.44 -44.47 -4.35
N ILE NB 103 -84.76 -43.64 -5.15
CA ILE NB 103 -85.41 -43.08 -6.33
C ILE NB 103 -85.87 -44.16 -7.29
N PRO NB 104 -85.05 -45.15 -7.67
CA PRO NB 104 -85.48 -46.12 -8.69
C PRO NB 104 -86.65 -46.99 -8.27
N VAL NB 105 -86.69 -47.49 -7.04
CA VAL NB 105 -87.78 -48.36 -6.63
C VAL NB 105 -89.10 -47.59 -6.59
N ALA NB 106 -89.05 -46.32 -6.17
CA ALA NB 106 -90.26 -45.52 -6.14
C ALA NB 106 -90.76 -45.20 -7.53
N ALA NB 107 -89.84 -44.91 -8.46
CA ALA NB 107 -90.26 -44.59 -9.83
C ALA NB 107 -90.94 -45.77 -10.49
N GLY NB 108 -90.59 -47.00 -10.09
CA GLY NB 108 -91.23 -48.16 -10.70
C GLY NB 108 -92.70 -48.26 -10.37
N GLU NB 109 -93.06 -48.03 -9.12
CA GLU NB 109 -94.47 -48.10 -8.73
C GLU NB 109 -95.29 -47.05 -9.45
N LEU NB 110 -94.75 -45.83 -9.58
CA LEU NB 110 -95.46 -44.79 -10.34
C LEU NB 110 -95.54 -45.17 -11.81
N ALA NB 111 -94.42 -45.58 -12.41
CA ALA NB 111 -94.39 -45.85 -13.84
C ALA NB 111 -95.27 -47.03 -14.23
N ARG NB 112 -95.63 -47.90 -13.28
CA ARG NB 112 -96.48 -49.03 -13.58
C ARG NB 112 -97.96 -48.70 -13.48
N LYS NB 113 -98.31 -47.47 -13.07
CA LYS NB 113 -99.70 -47.06 -13.03
C LYS NB 113 -100.16 -46.64 -14.42
N GLU NB 114 -101.33 -47.13 -14.82
CA GLU NB 114 -101.80 -46.88 -16.17
C GLU NB 114 -102.09 -45.40 -16.42
N ASP NB 115 -102.49 -44.67 -15.40
CA ASP NB 115 -102.89 -43.27 -15.54
C ASP NB 115 -101.71 -42.32 -15.53
N ILE NB 116 -100.49 -42.80 -15.73
CA ILE NB 116 -99.31 -41.95 -15.81
C ILE NB 116 -98.67 -42.15 -17.17
N ASP NB 117 -98.10 -41.07 -17.71
CA ASP NB 117 -97.47 -41.11 -19.02
C ASP NB 117 -96.07 -40.54 -19.04
N ALA NB 118 -95.55 -40.07 -17.91
CA ALA NB 118 -94.18 -39.60 -17.83
C ALA NB 118 -93.81 -39.42 -16.38
N VAL NB 119 -92.57 -39.76 -16.04
CA VAL NB 119 -92.04 -39.64 -14.68
C VAL NB 119 -90.81 -38.75 -14.74
N ILE NB 120 -90.69 -37.85 -13.77
CA ILE NB 120 -89.54 -36.96 -13.65
C ILE NB 120 -88.83 -37.29 -12.34
N ALA NB 121 -87.52 -37.48 -12.41
CA ALA NB 121 -86.70 -37.82 -11.25
C ALA NB 121 -85.80 -36.66 -10.90
N ILE NB 122 -85.84 -36.24 -9.64
CA ILE NB 122 -85.09 -35.09 -9.16
C ILE NB 122 -84.34 -35.49 -7.90
N GLY NB 123 -83.09 -35.07 -7.80
CA GLY NB 123 -82.29 -35.40 -6.63
C GLY NB 123 -80.90 -34.81 -6.77
N VAL NB 124 -80.14 -34.93 -5.70
CA VAL NB 124 -78.78 -34.40 -5.63
C VAL NB 124 -77.85 -35.53 -5.22
N LEU NB 125 -76.80 -35.74 -6.00
CA LEU NB 125 -75.77 -36.74 -5.70
C LEU NB 125 -74.49 -36.01 -5.30
N ILE NB 126 -73.97 -36.36 -4.13
CA ILE NB 126 -72.77 -35.73 -3.61
C ILE NB 126 -71.54 -36.49 -4.09
N ARG NB 127 -70.48 -35.76 -4.39
CA ARG NB 127 -69.23 -36.33 -4.88
C ARG NB 127 -68.07 -35.90 -3.98
N GLY NB 128 -68.28 -35.99 -2.66
CA GLY NB 128 -67.27 -35.58 -1.72
C GLY NB 128 -66.14 -36.60 -1.61
N ALA NB 129 -65.11 -36.20 -0.86
CA ALA NB 129 -63.95 -37.07 -0.67
C ALA NB 129 -64.31 -38.34 0.10
N THR NB 130 -65.41 -38.34 0.85
CA THR NB 130 -65.79 -39.52 1.61
C THR NB 130 -66.15 -40.65 0.65
N PRO NB 131 -65.56 -41.85 0.82
CA PRO NB 131 -65.88 -42.94 -0.11
C PRO NB 131 -67.21 -43.62 0.23
N HIS NB 132 -67.52 -44.70 -0.49
CA HIS NB 132 -68.71 -45.53 -0.34
C HIS NB 132 -69.96 -44.88 -0.94
N PHE NB 133 -69.88 -43.64 -1.44
CA PHE NB 133 -71.02 -43.01 -2.08
C PHE NB 133 -71.07 -43.25 -3.58
N ASP NB 134 -69.94 -43.54 -4.22
CA ASP NB 134 -69.95 -43.84 -5.64
C ASP NB 134 -70.82 -45.05 -5.95
N TYR NB 135 -70.91 -46.00 -5.02
CA TYR NB 135 -71.78 -47.15 -5.22
C TYR NB 135 -73.23 -46.71 -5.35
N ILE NB 136 -73.66 -45.78 -4.48
CA ILE NB 136 -75.02 -45.28 -4.58
C ILE NB 136 -75.19 -44.44 -5.85
N ALA NB 137 -74.22 -43.60 -6.17
CA ALA NB 137 -74.36 -42.68 -7.29
C ALA NB 137 -74.52 -43.44 -8.60
N SER NB 138 -73.65 -44.41 -8.85
CA SER NB 138 -73.68 -45.11 -10.12
C SER NB 138 -74.97 -45.90 -10.31
N GLU NB 139 -75.44 -46.55 -9.24
CA GLU NB 139 -76.61 -47.41 -9.38
C GLU NB 139 -77.87 -46.62 -9.69
N VAL NB 140 -77.93 -45.34 -9.30
CA VAL NB 140 -79.14 -44.56 -9.54
C VAL NB 140 -79.38 -44.37 -11.04
N SER NB 141 -78.32 -43.99 -11.77
CA SER NB 141 -78.47 -43.79 -13.20
C SER NB 141 -78.85 -45.08 -13.91
N LYS NB 142 -78.15 -46.17 -13.60
CA LYS NB 142 -78.39 -47.43 -14.29
C LYS NB 142 -79.81 -47.91 -14.07
N GLY NB 143 -80.31 -47.83 -12.84
CA GLY NB 143 -81.63 -48.36 -12.55
C GLY NB 143 -82.73 -47.65 -13.31
N LEU NB 144 -82.66 -46.32 -13.37
CA LEU NB 144 -83.68 -45.57 -14.08
C LEU NB 144 -83.69 -45.92 -15.56
N ALA NB 145 -82.51 -46.09 -16.15
CA ALA NB 145 -82.44 -46.42 -17.57
C ALA NB 145 -83.07 -47.78 -17.86
N ASN NB 146 -82.83 -48.77 -17.00
CA ASN NB 146 -83.39 -50.10 -17.23
C ASN NB 146 -84.91 -50.07 -17.11
N LEU NB 147 -85.45 -49.32 -16.16
CA LEU NB 147 -86.90 -49.26 -15.99
C LEU NB 147 -87.58 -48.77 -17.25
N SER NB 148 -87.03 -47.76 -17.89
CA SER NB 148 -87.68 -47.15 -19.05
C SER NB 148 -87.87 -48.17 -20.17
N LEU NB 149 -86.84 -48.98 -20.42
CA LEU NB 149 -86.92 -49.97 -21.49
C LEU NB 149 -87.82 -51.13 -21.12
N GLU NB 150 -87.78 -51.55 -19.85
CA GLU NB 150 -88.56 -52.71 -19.44
C GLU NB 150 -90.06 -52.39 -19.42
N LEU NB 151 -90.41 -51.14 -19.12
CA LEU NB 151 -91.81 -50.73 -19.05
C LEU NB 151 -92.28 -49.93 -20.27
N ARG NB 152 -91.35 -49.46 -21.10
CA ARG NB 152 -91.69 -48.69 -22.30
C ARG NB 152 -92.43 -47.41 -21.93
N LYS NB 153 -91.71 -46.53 -21.23
CA LYS NB 153 -92.26 -45.27 -20.77
C LYS NB 153 -91.11 -44.32 -20.47
N PRO NB 154 -91.15 -43.08 -20.95
CA PRO NB 154 -90.04 -42.16 -20.69
C PRO NB 154 -89.89 -41.88 -19.20
N ILE NB 155 -88.64 -41.80 -18.76
CA ILE NB 155 -88.32 -41.41 -17.39
C ILE NB 155 -87.18 -40.41 -17.44
N THR NB 156 -87.52 -39.13 -17.41
CA THR NB 156 -86.51 -38.10 -17.55
C THR NB 156 -85.59 -38.08 -16.34
N PHE NB 157 -84.39 -37.58 -16.55
CA PHE NB 157 -83.32 -37.60 -15.56
C PHE NB 157 -83.00 -36.17 -15.17
N GLY NB 158 -83.15 -35.85 -13.89
CA GLY NB 158 -82.94 -34.49 -13.43
C GLY NB 158 -82.06 -34.40 -12.21
N VAL NB 159 -81.08 -35.28 -12.11
CA VAL NB 159 -80.20 -35.33 -10.95
C VAL NB 159 -79.07 -34.34 -11.15
N ILE NB 160 -78.66 -33.69 -10.08
CA ILE NB 160 -77.60 -32.69 -10.09
C ILE NB 160 -76.53 -33.11 -9.10
N THR NB 161 -75.30 -32.65 -9.35
CA THR NB 161 -74.16 -32.97 -8.49
C THR NB 161 -73.55 -31.68 -7.98
N ALA NB 162 -73.25 -31.65 -6.69
CA ALA NB 162 -72.67 -30.47 -6.07
C ALA NB 162 -71.27 -30.21 -6.60
N GLY OB 15 -66.79 -41.58 -46.50
CA GLY OB 15 -67.56 -40.38 -46.26
C GLY OB 15 -67.69 -40.05 -44.79
N ASN OB 16 -68.91 -39.71 -44.37
CA ASN OB 16 -69.19 -39.38 -42.98
C ASN OB 16 -69.69 -40.62 -42.24
N LYS OB 17 -69.74 -40.50 -40.91
CA LYS OB 17 -70.14 -41.64 -40.09
C LYS OB 17 -71.56 -42.08 -40.41
N GLY OB 18 -72.40 -41.18 -40.94
CA GLY OB 18 -73.74 -41.57 -41.32
C GLY OB 18 -73.75 -42.52 -42.49
N TRP OB 19 -72.89 -42.26 -43.48
CA TRP OB 19 -72.78 -43.18 -44.61
C TRP OB 19 -72.39 -44.57 -44.13
N GLU OB 20 -71.42 -44.65 -43.21
CA GLU OB 20 -70.95 -45.93 -42.73
C GLU OB 20 -72.06 -46.69 -41.99
N ALA OB 21 -72.85 -45.99 -41.18
CA ALA OB 21 -73.89 -46.65 -40.41
C ALA OB 21 -74.95 -47.26 -41.32
N ALA OB 22 -75.34 -46.54 -42.38
CA ALA OB 22 -76.34 -47.07 -43.29
C ALA OB 22 -75.85 -48.33 -44.00
N LEU OB 23 -74.57 -48.36 -44.38
CA LEU OB 23 -74.03 -49.54 -45.04
C LEU OB 23 -74.13 -50.77 -44.16
N SER OB 24 -73.78 -50.63 -42.88
CA SER OB 24 -73.84 -51.77 -41.97
C SER OB 24 -75.27 -52.27 -41.82
N ALA OB 25 -76.22 -51.34 -41.77
CA ALA OB 25 -77.62 -51.73 -41.62
C ALA OB 25 -78.10 -52.54 -42.82
N ILE OB 26 -77.71 -52.14 -44.03
CA ILE OB 26 -78.16 -52.85 -45.23
C ILE OB 26 -77.59 -54.26 -45.26
N GLU OB 27 -76.32 -54.42 -44.86
CA GLU OB 27 -75.71 -55.74 -44.92
C GLU OB 27 -76.27 -56.66 -43.85
N MET OB 28 -76.44 -56.15 -42.62
CA MET OB 28 -76.99 -56.96 -41.55
C MET OB 28 -78.44 -57.34 -41.84
N ALA OB 29 -79.22 -56.43 -42.42
CA ALA OB 29 -80.61 -56.72 -42.73
C ALA OB 29 -80.71 -57.85 -43.75
N ASN OB 30 -79.83 -57.84 -44.75
CA ASN OB 30 -79.83 -58.92 -45.73
C ASN OB 30 -79.29 -60.22 -45.13
N LEU OB 31 -78.33 -60.12 -44.22
CA LEU OB 31 -77.76 -61.32 -43.61
C LEU OB 31 -78.82 -62.09 -42.83
N PHE OB 32 -79.62 -61.39 -42.03
CA PHE OB 32 -80.63 -62.07 -41.23
C PHE OB 32 -81.65 -62.77 -42.10
N LYS OB 33 -81.93 -62.21 -43.28
CA LYS OB 33 -82.88 -62.83 -44.19
C LYS OB 33 -82.36 -64.14 -44.78
N SER OB 34 -81.04 -64.34 -44.77
CA SER OB 34 -80.45 -65.57 -45.29
C SER OB 34 -80.43 -66.69 -44.25
N LEU OB 35 -80.13 -66.34 -43.00
CA LEU OB 35 -80.08 -67.36 -41.95
C LEU OB 35 -81.44 -68.02 -41.76
N ARG OB 36 -82.50 -67.24 -41.84
CA ARG OB 36 -83.87 -67.75 -41.64
C ARG OB 36 -84.24 -68.64 -42.82
N GLY OB 37 -83.55 -68.56 -43.98
CA GLY OB 37 -83.83 -69.39 -45.12
C GLY OB 37 -83.14 -70.75 -45.04
N THR OB 38 -83.32 -71.52 -46.11
CA THR OB 38 -82.76 -72.86 -46.17
C THR OB 38 -81.25 -72.81 -46.29
N GLY OB 39 -80.61 -73.92 -45.90
CA GLY OB 39 -79.17 -74.02 -45.95
C GLY OB 39 -78.65 -74.30 -47.35
N GLY OB 40 -77.33 -74.46 -47.43
CA GLY OB 40 -76.67 -74.70 -48.70
C GLY OB 40 -76.83 -76.13 -49.17
N SER OB 41 -76.29 -76.39 -50.36
CA SER OB 41 -76.37 -77.73 -50.95
C SER OB 41 -75.58 -78.76 -50.14
N GLY OB 42 -74.65 -78.32 -49.30
CA GLY OB 42 -73.87 -79.24 -48.50
C GLY OB 42 -72.58 -79.67 -49.20
N SER OB 43 -71.89 -80.60 -48.53
CA SER OB 43 -70.62 -81.15 -48.98
C SER OB 43 -69.47 -80.14 -48.90
N SER OB 44 -69.67 -79.00 -48.27
CA SER OB 44 -68.63 -77.99 -48.11
C SER OB 44 -69.07 -77.00 -47.05
N MET OB 45 -68.16 -76.13 -46.67
CA MET OB 45 -68.50 -75.09 -45.71
C MET OB 45 -69.62 -74.21 -46.26
N GLU OB 46 -70.55 -73.86 -45.37
CA GLU OB 46 -71.59 -72.89 -45.68
C GLU OB 46 -71.13 -71.53 -45.19
N ILE OB 47 -71.00 -70.57 -46.11
CA ILE OB 47 -70.63 -69.20 -45.78
C ILE OB 47 -71.87 -68.34 -45.96
N TYR OB 48 -72.29 -67.68 -44.90
CA TYR OB 48 -73.42 -66.75 -44.93
C TYR OB 48 -72.87 -65.33 -44.95
N GLU OB 49 -73.34 -64.52 -45.89
CA GLU OB 49 -72.93 -63.13 -45.99
C GLU OB 49 -74.11 -62.32 -46.50
N GLY OB 50 -74.03 -61.00 -46.28
CA GLY OB 50 -75.11 -60.09 -46.64
C GLY OB 50 -74.73 -59.25 -47.85
N LYS OB 51 -75.66 -59.18 -48.80
CA LYS OB 51 -75.48 -58.34 -49.98
C LYS OB 51 -75.66 -56.88 -49.60
N LEU OB 52 -75.56 -55.99 -50.59
CA LEU OB 52 -75.76 -54.57 -50.40
C LEU OB 52 -76.89 -54.05 -51.27
N THR OB 53 -77.85 -54.91 -51.61
CA THR OB 53 -79.06 -54.51 -52.31
C THR OB 53 -80.10 -54.06 -51.30
N ALA OB 54 -80.63 -52.85 -51.48
CA ALA OB 54 -81.54 -52.22 -50.54
C ALA OB 54 -82.95 -52.08 -51.13
N GLU OB 55 -83.38 -53.05 -51.91
CA GLU OB 55 -84.67 -52.99 -52.60
C GLU OB 55 -85.64 -53.95 -51.91
N GLY OB 56 -86.69 -53.40 -51.32
CA GLY OB 56 -87.64 -54.18 -50.56
C GLY OB 56 -87.46 -54.13 -49.05
N LEU OB 57 -86.55 -53.29 -48.56
CA LEU OB 57 -86.24 -53.22 -47.14
C LEU OB 57 -86.74 -51.89 -46.55
N ARG OB 58 -87.18 -51.95 -45.31
CA ARG OB 58 -87.69 -50.80 -44.57
C ARG OB 58 -86.74 -50.45 -43.44
N PHE OB 59 -86.51 -49.16 -43.25
CA PHE OB 59 -85.47 -48.67 -42.35
C PHE OB 59 -86.05 -47.65 -41.38
N GLY OB 60 -85.29 -47.40 -40.31
CA GLY OB 60 -85.65 -46.39 -39.33
C GLY OB 60 -84.44 -45.66 -38.81
N ILE OB 61 -84.57 -44.36 -38.59
CA ILE OB 61 -83.48 -43.50 -38.15
C ILE OB 61 -83.94 -42.74 -36.91
N VAL OB 62 -83.07 -42.66 -35.91
CA VAL OB 62 -83.33 -41.93 -34.68
C VAL OB 62 -82.18 -40.96 -34.46
N ALA OB 63 -82.49 -39.67 -34.37
CA ALA OB 63 -81.48 -38.63 -34.27
C ALA OB 63 -81.88 -37.62 -33.22
N SER OB 64 -80.88 -36.91 -32.70
CA SER OB 64 -81.07 -35.93 -31.64
C SER OB 64 -80.92 -34.52 -32.19
N ARG OB 65 -81.53 -33.57 -31.47
CA ARG OB 65 -81.49 -32.17 -31.88
C ARG OB 65 -80.16 -31.51 -31.57
N PHE OB 66 -79.43 -31.98 -30.55
CA PHE OB 66 -78.25 -31.28 -30.10
C PHE OB 66 -77.24 -31.14 -31.23
N ASN OB 67 -76.65 -29.95 -31.34
CA ASN OB 67 -75.71 -29.62 -32.41
C ASN OB 67 -76.31 -29.95 -33.78
N HIS OB 68 -77.44 -29.29 -34.07
CA HIS OB 68 -78.16 -29.58 -35.30
C HIS OB 68 -77.31 -29.32 -36.53
N ALA OB 69 -76.26 -28.51 -36.42
CA ALA OB 69 -75.38 -28.30 -37.55
C ALA OB 69 -74.72 -29.61 -37.96
N LEU OB 70 -74.13 -30.33 -37.00
CA LEU OB 70 -73.46 -31.58 -37.32
C LEU OB 70 -74.46 -32.70 -37.59
N VAL OB 71 -75.49 -32.80 -36.77
CA VAL OB 71 -76.39 -33.96 -36.84
C VAL OB 71 -77.10 -33.99 -38.19
N ASP OB 72 -77.45 -32.83 -38.73
CA ASP OB 72 -78.15 -32.79 -40.00
C ASP OB 72 -77.30 -33.38 -41.12
N ARG OB 73 -75.99 -33.11 -41.10
CA ARG OB 73 -75.11 -33.67 -42.11
C ARG OB 73 -75.13 -35.19 -42.05
N LEU OB 74 -75.13 -35.77 -40.85
CA LEU OB 74 -75.11 -37.21 -40.71
C LEU OB 74 -76.41 -37.84 -41.21
N VAL OB 75 -77.55 -37.19 -40.96
CA VAL OB 75 -78.81 -37.76 -41.41
C VAL OB 75 -78.93 -37.71 -42.91
N GLU OB 76 -78.36 -36.68 -43.55
CA GLU OB 76 -78.34 -36.64 -45.01
C GLU OB 76 -77.53 -37.80 -45.58
N GLY OB 77 -76.40 -38.12 -44.95
CA GLY OB 77 -75.56 -39.20 -45.44
C GLY OB 77 -76.29 -40.53 -45.45
N ALA OB 78 -77.02 -40.84 -44.39
CA ALA OB 78 -77.73 -42.11 -44.33
C ALA OB 78 -78.79 -42.20 -45.41
N ILE OB 79 -79.50 -41.10 -45.66
CA ILE OB 79 -80.52 -41.10 -46.71
C ILE OB 79 -79.87 -41.29 -48.07
N ASP OB 80 -78.75 -40.62 -48.32
CA ASP OB 80 -78.07 -40.78 -49.60
C ASP OB 80 -77.66 -42.21 -49.84
N CYS OB 81 -77.09 -42.87 -48.83
CA CYS OB 81 -76.58 -44.23 -49.00
C CYS OB 81 -77.69 -45.19 -49.38
N ILE OB 82 -78.85 -45.08 -48.72
CA ILE OB 82 -79.94 -46.01 -48.99
C ILE OB 82 -80.49 -45.79 -50.39
N VAL OB 83 -80.58 -44.54 -50.83
CA VAL OB 83 -81.13 -44.26 -52.16
C VAL OB 83 -80.16 -44.71 -53.25
N ARG OB 84 -78.87 -44.41 -53.08
CA ARG OB 84 -77.89 -44.81 -54.09
C ARG OB 84 -77.88 -46.31 -54.29
N HIS OB 85 -78.17 -47.08 -53.25
CA HIS OB 85 -78.15 -48.53 -53.33
C HIS OB 85 -79.48 -49.11 -53.76
N GLY OB 86 -80.46 -48.29 -54.11
CA GLY OB 86 -81.69 -48.75 -54.69
C GLY OB 86 -82.89 -48.84 -53.76
N GLY OB 87 -82.98 -47.97 -52.77
CA GLY OB 87 -84.09 -47.97 -51.83
C GLY OB 87 -84.86 -46.67 -51.92
N ARG OB 88 -86.19 -46.77 -51.77
CA ARG OB 88 -87.04 -45.61 -51.87
C ARG OB 88 -87.04 -44.82 -50.57
N GLU OB 89 -87.38 -43.54 -50.68
CA GLU OB 89 -87.54 -42.69 -49.50
C GLU OB 89 -88.85 -42.95 -48.77
N GLU OB 90 -89.80 -43.62 -49.41
CA GLU OB 90 -91.07 -43.94 -48.77
C GLU OB 90 -90.95 -45.09 -47.78
N ASP OB 91 -89.83 -45.80 -47.77
CA ASP OB 91 -89.60 -46.91 -46.86
C ASP OB 91 -88.65 -46.53 -45.72
N ILE OB 92 -88.60 -45.25 -45.36
CA ILE OB 92 -87.76 -44.77 -44.29
C ILE OB 92 -88.63 -44.00 -43.30
N THR OB 93 -88.48 -44.31 -42.01
CA THR OB 93 -89.15 -43.61 -40.93
C THR OB 93 -88.11 -42.88 -40.09
N LEU OB 94 -88.32 -41.59 -39.89
CA LEU OB 94 -87.39 -40.75 -39.15
C LEU OB 94 -88.06 -40.22 -37.89
N VAL OB 95 -87.39 -40.38 -36.74
CA VAL OB 95 -87.90 -39.95 -35.45
C VAL OB 95 -86.82 -39.15 -34.75
N ARG OB 96 -87.20 -37.99 -34.21
CA ARG OB 96 -86.26 -37.07 -33.57
C ARG OB 96 -86.62 -36.93 -32.09
N VAL OB 97 -85.60 -36.78 -31.25
CA VAL OB 97 -85.77 -36.78 -29.81
C VAL OB 97 -84.95 -35.65 -29.20
N PRO OB 98 -85.32 -35.19 -28.00
CA PRO OB 98 -84.64 -34.02 -27.43
C PRO OB 98 -83.15 -34.16 -27.24
N GLY OB 99 -82.67 -35.34 -26.84
CA GLY OB 99 -81.27 -35.48 -26.49
C GLY OB 99 -80.82 -36.93 -26.54
N SER OB 100 -79.55 -37.11 -26.20
CA SER OB 100 -78.94 -38.44 -26.32
C SER OB 100 -79.60 -39.43 -25.36
N TRP OB 101 -79.98 -38.98 -24.17
CA TRP OB 101 -80.54 -39.88 -23.18
C TRP OB 101 -81.80 -40.59 -23.67
N GLU OB 102 -82.50 -40.03 -24.65
CA GLU OB 102 -83.76 -40.58 -25.11
C GLU OB 102 -83.63 -41.43 -26.38
N ILE OB 103 -82.43 -41.58 -26.92
CA ILE OB 103 -82.25 -42.43 -28.10
C ILE OB 103 -82.65 -43.88 -27.82
N PRO OB 104 -82.19 -44.51 -26.73
CA PRO OB 104 -82.50 -45.94 -26.57
C PRO OB 104 -83.98 -46.24 -26.39
N VAL OB 105 -84.70 -45.41 -25.65
CA VAL OB 105 -86.13 -45.66 -25.45
C VAL OB 105 -86.89 -45.43 -26.75
N ALA OB 106 -86.47 -44.44 -27.54
CA ALA OB 106 -87.08 -44.21 -28.84
C ALA OB 106 -86.78 -45.37 -29.80
N ALA OB 107 -85.56 -45.88 -29.78
CA ALA OB 107 -85.19 -46.98 -30.66
C ALA OB 107 -85.95 -48.25 -30.33
N GLY OB 108 -86.38 -48.41 -29.08
CA GLY OB 108 -87.11 -49.62 -28.70
C GLY OB 108 -88.48 -49.70 -29.36
N GLU OB 109 -89.18 -48.57 -29.48
CA GLU OB 109 -90.50 -48.59 -30.09
C GLU OB 109 -90.43 -48.99 -31.55
N LEU OB 110 -89.45 -48.44 -32.30
CA LEU OB 110 -89.31 -48.79 -33.70
C LEU OB 110 -88.99 -50.27 -33.89
N ALA OB 111 -88.08 -50.80 -33.06
CA ALA OB 111 -87.62 -52.16 -33.24
C ALA OB 111 -88.71 -53.19 -32.99
N ARG OB 112 -89.75 -52.84 -32.24
CA ARG OB 112 -90.81 -53.80 -31.95
C ARG OB 112 -91.80 -53.94 -33.08
N LYS OB 113 -91.82 -53.01 -34.04
CA LYS OB 113 -92.72 -53.12 -35.17
C LYS OB 113 -92.26 -54.23 -36.11
N GLU OB 114 -93.23 -54.86 -36.77
CA GLU OB 114 -92.94 -55.95 -37.70
C GLU OB 114 -92.70 -55.46 -39.12
N ASP OB 115 -92.68 -54.14 -39.35
CA ASP OB 115 -92.43 -53.58 -40.67
C ASP OB 115 -91.09 -52.84 -40.75
N ILE OB 116 -90.26 -52.93 -39.71
CA ILE OB 116 -88.95 -52.30 -39.69
C ILE OB 116 -87.91 -53.40 -39.55
N ASP OB 117 -86.92 -53.41 -40.45
CA ASP OB 117 -85.90 -54.46 -40.49
C ASP OB 117 -84.55 -53.99 -39.98
N ALA OB 118 -84.39 -52.72 -39.64
CA ALA OB 118 -83.11 -52.24 -39.13
C ALA OB 118 -83.32 -50.83 -38.58
N VAL OB 119 -82.46 -50.45 -37.64
CA VAL OB 119 -82.54 -49.15 -36.98
C VAL OB 119 -81.15 -48.55 -36.94
N ILE OB 120 -81.07 -47.24 -37.15
CA ILE OB 120 -79.82 -46.50 -37.17
C ILE OB 120 -79.92 -45.38 -36.16
N ALA OB 121 -78.91 -45.25 -35.30
CA ALA OB 121 -78.86 -44.22 -34.28
C ALA OB 121 -77.80 -43.18 -34.64
N ILE OB 122 -78.18 -41.91 -34.60
CA ILE OB 122 -77.29 -40.81 -34.93
C ILE OB 122 -77.30 -39.84 -33.76
N GLY OB 123 -76.13 -39.37 -33.37
CA GLY OB 123 -76.05 -38.45 -32.25
C GLY OB 123 -74.66 -37.92 -32.07
N VAL OB 124 -74.55 -36.89 -31.23
CA VAL OB 124 -73.29 -36.27 -30.88
C VAL OB 124 -73.28 -36.01 -29.38
N LEU OB 125 -72.16 -36.31 -28.73
CA LEU OB 125 -72.00 -36.14 -27.30
C LEU OB 125 -70.87 -35.15 -27.02
N ILE OB 126 -70.70 -34.82 -25.74
CA ILE OB 126 -69.65 -33.89 -25.33
C ILE OB 126 -68.98 -34.41 -24.06
N ARG OB 127 -67.81 -35.04 -24.23
CA ARG OB 127 -67.09 -35.55 -23.08
C ARG OB 127 -66.64 -34.42 -22.17
N GLY OB 128 -66.17 -33.32 -22.74
CA GLY OB 128 -65.76 -32.18 -21.95
C GLY OB 128 -66.93 -31.34 -21.48
N ALA OB 129 -67.73 -31.89 -20.59
CA ALA OB 129 -68.92 -31.22 -20.08
C ALA OB 129 -68.97 -31.44 -18.57
N THR OB 130 -70.09 -31.06 -17.97
CA THR OB 130 -70.26 -31.22 -16.53
C THR OB 130 -70.32 -32.71 -16.16
N PRO OB 131 -70.04 -33.05 -14.90
CA PRO OB 131 -70.08 -34.47 -14.52
C PRO OB 131 -71.43 -35.11 -14.76
N HIS OB 132 -72.52 -34.34 -14.69
CA HIS OB 132 -73.84 -34.90 -14.92
C HIS OB 132 -73.95 -35.54 -16.30
N PHE OB 133 -73.27 -34.98 -17.28
CA PHE OB 133 -73.30 -35.52 -18.64
C PHE OB 133 -72.18 -36.53 -18.87
N ASP OB 134 -72.06 -37.48 -17.94
CA ASP OB 134 -71.16 -38.62 -18.07
C ASP OB 134 -71.86 -39.94 -17.83
N TYR OB 135 -72.80 -39.98 -16.88
CA TYR OB 135 -73.63 -41.16 -16.72
C TYR OB 135 -74.45 -41.41 -17.99
N ILE OB 136 -74.88 -40.34 -18.65
CA ILE OB 136 -75.66 -40.46 -19.88
C ILE OB 136 -74.81 -41.10 -20.97
N ALA OB 137 -73.55 -40.67 -21.10
CA ALA OB 137 -72.72 -41.08 -22.22
C ALA OB 137 -72.57 -42.60 -22.26
N SER OB 138 -72.30 -43.21 -21.11
CA SER OB 138 -72.09 -44.66 -21.09
C SER OB 138 -73.40 -45.41 -21.23
N GLU OB 139 -74.51 -44.82 -20.82
CA GLU OB 139 -75.77 -45.55 -20.81
C GLU OB 139 -76.35 -45.70 -22.21
N VAL OB 140 -75.99 -44.81 -23.14
CA VAL OB 140 -76.46 -44.94 -24.51
C VAL OB 140 -75.92 -46.22 -25.14
N SER OB 141 -74.63 -46.50 -24.93
CA SER OB 141 -74.04 -47.71 -25.49
C SER OB 141 -74.67 -48.96 -24.89
N LYS OB 142 -74.86 -48.98 -23.58
CA LYS OB 142 -75.44 -50.15 -22.92
C LYS OB 142 -76.85 -50.42 -23.41
N GLY OB 143 -77.67 -49.37 -23.50
CA GLY OB 143 -79.07 -49.58 -23.80
C GLY OB 143 -79.30 -50.15 -25.19
N LEU OB 144 -78.61 -49.62 -26.18
CA LEU OB 144 -78.78 -50.10 -27.55
C LEU OB 144 -78.28 -51.53 -27.69
N ALA OB 145 -77.21 -51.88 -26.99
CA ALA OB 145 -76.67 -53.23 -27.08
C ALA OB 145 -77.67 -54.25 -26.54
N ASN OB 146 -78.31 -53.96 -25.41
CA ASN OB 146 -79.24 -54.91 -24.82
C ASN OB 146 -80.50 -55.08 -25.67
N LEU OB 147 -80.89 -54.05 -26.41
CA LEU OB 147 -82.07 -54.15 -27.26
C LEU OB 147 -81.87 -55.20 -28.34
N SER OB 148 -80.72 -55.19 -29.00
CA SER OB 148 -80.49 -56.06 -30.15
C SER OB 148 -80.60 -57.53 -29.75
N LEU OB 149 -79.94 -57.90 -28.65
CA LEU OB 149 -80.01 -59.29 -28.21
C LEU OB 149 -81.42 -59.65 -27.75
N GLU OB 150 -82.10 -58.73 -27.08
CA GLU OB 150 -83.45 -59.01 -26.58
C GLU OB 150 -84.43 -59.21 -27.73
N LEU OB 151 -84.45 -58.27 -28.68
CA LEU OB 151 -85.40 -58.31 -29.78
C LEU OB 151 -84.90 -59.09 -30.99
N ARG OB 152 -83.60 -59.40 -31.04
CA ARG OB 152 -83.02 -60.18 -32.14
C ARG OB 152 -83.23 -59.47 -33.47
N LYS OB 153 -82.68 -58.26 -33.56
CA LYS OB 153 -82.86 -57.40 -34.71
C LYS OB 153 -81.73 -56.39 -34.77
N PRO OB 154 -81.02 -56.26 -35.89
CA PRO OB 154 -79.84 -55.39 -35.92
C PRO OB 154 -80.19 -53.94 -35.57
N ILE OB 155 -79.34 -53.35 -34.75
CA ILE OB 155 -79.39 -51.92 -34.42
C ILE OB 155 -77.99 -51.38 -34.56
N THR OB 156 -77.81 -50.37 -35.40
CA THR OB 156 -76.51 -49.88 -35.78
C THR OB 156 -76.17 -48.62 -35.00
N PHE OB 157 -74.88 -48.37 -34.85
CA PHE OB 157 -74.35 -47.33 -33.99
C PHE OB 157 -73.72 -46.24 -34.84
N GLY OB 158 -74.15 -44.99 -34.61
CA GLY OB 158 -73.61 -43.87 -35.34
C GLY OB 158 -73.39 -42.65 -34.48
N VAL OB 159 -73.12 -42.86 -33.19
CA VAL OB 159 -72.98 -41.77 -32.24
C VAL OB 159 -71.52 -41.38 -32.14
N ILE OB 160 -71.22 -40.12 -32.44
CA ILE OB 160 -69.85 -39.61 -32.43
C ILE OB 160 -69.71 -38.60 -31.30
N THR OB 161 -68.50 -38.07 -31.13
CA THR OB 161 -68.23 -37.10 -30.09
C THR OB 161 -67.46 -35.91 -30.68
N ALA OB 162 -67.72 -34.74 -30.11
CA ALA OB 162 -67.09 -33.51 -30.59
C ALA OB 162 -65.83 -33.21 -29.79
N ALA PB 10 -54.29 -72.83 -46.41
CA ALA PB 10 -53.40 -72.17 -45.46
C ALA PB 10 -53.56 -72.81 -44.09
N GLY PB 11 -52.90 -72.22 -43.09
CA GLY PB 11 -53.06 -72.71 -41.73
C GLY PB 11 -52.10 -72.00 -40.79
N THR PB 12 -52.10 -72.45 -39.54
CA THR PB 12 -51.15 -71.94 -38.57
C THR PB 12 -50.99 -72.96 -37.45
N LYS PB 13 -50.25 -72.56 -36.42
CA LYS PB 13 -49.99 -73.38 -35.24
C LYS PB 13 -49.91 -72.43 -34.05
N HIS PB 14 -49.29 -72.87 -32.94
CA HIS PB 14 -49.15 -72.03 -31.78
C HIS PB 14 -48.64 -70.64 -32.16
N GLY PB 15 -49.16 -69.58 -31.51
CA GLY PB 15 -48.79 -68.18 -31.79
C GLY PB 15 -50.00 -67.38 -32.25
N ASN PB 16 -50.74 -67.88 -33.26
CA ASN PB 16 -51.93 -67.18 -33.80
C ASN PB 16 -53.07 -67.33 -32.79
N LYS PB 17 -53.92 -66.32 -32.63
CA LYS PB 17 -55.05 -66.34 -31.65
C LYS PB 17 -56.22 -67.16 -32.20
N GLY PB 18 -56.26 -67.43 -33.51
CA GLY PB 18 -57.30 -68.30 -34.11
C GLY PB 18 -57.11 -69.75 -33.66
N TRP PB 19 -55.86 -70.20 -33.45
CA TRP PB 19 -55.57 -71.59 -33.09
C TRP PB 19 -55.90 -71.85 -31.62
N GLU PB 20 -55.50 -70.93 -30.73
CA GLU PB 20 -55.77 -71.13 -29.32
C GLU PB 20 -57.27 -71.16 -29.05
N ALA PB 21 -58.02 -70.26 -29.68
CA ALA PB 21 -59.46 -70.21 -29.47
C ALA PB 21 -60.12 -71.52 -29.88
N ALA PB 22 -59.70 -72.08 -31.02
CA ALA PB 22 -60.28 -73.34 -31.48
C ALA PB 22 -59.95 -74.46 -30.51
N LEU PB 23 -58.78 -74.42 -29.87
CA LEU PB 23 -58.43 -75.45 -28.90
C LEU PB 23 -59.42 -75.47 -27.74
N SER PB 24 -59.74 -74.29 -27.21
CA SER PB 24 -60.63 -74.22 -26.05
C SER PB 24 -62.01 -74.76 -26.40
N ALA PB 25 -62.49 -74.47 -27.62
CA ALA PB 25 -63.81 -74.92 -28.02
C ALA PB 25 -63.90 -76.44 -28.04
N ILE PB 26 -62.87 -77.10 -28.56
CA ILE PB 26 -62.89 -78.56 -28.62
C ILE PB 26 -62.92 -79.15 -27.21
N GLU PB 27 -62.08 -78.63 -26.32
CA GLU PB 27 -62.04 -79.14 -24.96
C GLU PB 27 -63.36 -78.92 -24.25
N MET PB 28 -63.95 -77.73 -24.40
CA MET PB 28 -65.20 -77.42 -23.74
C MET PB 28 -66.35 -78.23 -24.33
N ALA PB 29 -66.35 -78.43 -25.65
CA ALA PB 29 -67.43 -79.17 -26.29
C ALA PB 29 -67.44 -80.62 -25.84
N ASN PB 30 -66.26 -81.22 -25.67
CA ASN PB 30 -66.19 -82.59 -25.18
C ASN PB 30 -66.53 -82.68 -23.70
N LEU PB 31 -66.14 -81.67 -22.92
CA LEU PB 31 -66.41 -81.69 -21.48
C LEU PB 31 -67.91 -81.77 -21.19
N PHE PB 32 -68.71 -80.97 -21.89
CA PHE PB 32 -70.13 -80.94 -21.61
C PHE PB 32 -70.78 -82.29 -21.88
N LYS PB 33 -70.39 -82.95 -22.97
CA LYS PB 33 -70.94 -84.27 -23.26
C LYS PB 33 -70.64 -85.25 -22.14
N SER PB 34 -69.50 -85.11 -21.47
CA SER PB 34 -69.17 -85.96 -20.33
C SER PB 34 -70.06 -85.63 -19.13
N LEU PB 35 -70.31 -84.34 -18.89
CA LEU PB 35 -71.12 -83.95 -17.73
C LEU PB 35 -72.55 -84.45 -17.87
N ARG PB 36 -73.13 -84.33 -19.06
CA ARG PB 36 -74.50 -84.78 -19.28
C ARG PB 36 -74.60 -86.31 -19.33
N GLY PB 37 -73.49 -87.03 -19.34
CA GLY PB 37 -73.52 -88.48 -19.44
C GLY PB 37 -73.92 -89.14 -18.14
N THR PB 38 -74.03 -90.46 -18.21
CA THR PB 38 -74.43 -91.24 -17.04
C THR PB 38 -73.43 -91.05 -15.91
N GLY PB 39 -73.94 -90.92 -14.69
CA GLY PB 39 -73.08 -90.72 -13.56
C GLY PB 39 -72.21 -91.94 -13.26
N GLY PB 40 -71.14 -91.69 -12.53
CA GLY PB 40 -70.21 -92.74 -12.17
C GLY PB 40 -70.74 -93.64 -11.06
N SER PB 41 -69.96 -94.68 -10.77
CA SER PB 41 -70.32 -95.64 -9.74
C SER PB 41 -69.92 -95.18 -8.35
N GLY PB 42 -69.29 -94.01 -8.22
CA GLY PB 42 -68.88 -93.54 -6.91
C GLY PB 42 -67.63 -94.25 -6.42
N SER PB 43 -67.49 -94.29 -5.10
CA SER PB 43 -66.39 -94.91 -4.37
C SER PB 43 -65.12 -94.05 -4.40
N SER PB 44 -65.10 -92.94 -5.12
CA SER PB 44 -63.95 -92.05 -5.11
C SER PB 44 -64.34 -90.73 -5.75
N MET PB 45 -63.42 -89.78 -5.68
CA MET PB 45 -63.64 -88.47 -6.30
C MET PB 45 -63.65 -88.59 -7.81
N GLU PB 46 -64.56 -87.86 -8.45
CA GLU PB 46 -64.69 -87.86 -9.90
C GLU PB 46 -64.05 -86.60 -10.47
N ILE PB 47 -63.16 -86.79 -11.44
CA ILE PB 47 -62.46 -85.71 -12.11
C ILE PB 47 -62.95 -85.68 -13.55
N TYR PB 48 -63.50 -84.53 -13.96
CA TYR PB 48 -63.98 -84.32 -15.31
C TYR PB 48 -63.02 -83.41 -16.06
N GLU PB 49 -62.63 -83.81 -17.26
CA GLU PB 49 -61.74 -83.00 -18.08
C GLU PB 49 -62.01 -83.33 -19.54
N GLY PB 50 -61.58 -82.44 -20.43
CA GLY PB 50 -61.88 -82.55 -21.84
C GLY PB 50 -60.74 -83.13 -22.66
N LYS PB 51 -61.10 -83.83 -23.73
CA LYS PB 51 -60.17 -84.43 -24.65
C LYS PB 51 -60.03 -83.58 -25.90
N LEU PB 52 -58.84 -83.58 -26.49
CA LEU PB 52 -58.59 -82.85 -27.72
C LEU PB 52 -58.93 -83.71 -28.94
N THR PB 53 -60.16 -84.20 -29.00
CA THR PB 53 -60.69 -84.94 -30.13
C THR PB 53 -61.92 -84.21 -30.65
N ALA PB 54 -62.03 -84.09 -31.97
CA ALA PB 54 -63.09 -83.32 -32.60
C ALA PB 54 -64.01 -84.17 -33.46
N GLU PB 55 -63.95 -85.49 -33.36
CA GLU PB 55 -64.77 -86.35 -34.21
C GLU PB 55 -66.23 -86.23 -33.83
N GLY PB 56 -67.07 -85.95 -34.82
CA GLY PB 56 -68.50 -85.85 -34.60
C GLY PB 56 -68.99 -84.54 -34.04
N LEU PB 57 -68.16 -83.50 -34.00
CA LEU PB 57 -68.53 -82.21 -33.44
C LEU PB 57 -68.86 -81.23 -34.56
N ARG PB 58 -69.59 -80.17 -34.20
CA ARG PB 58 -70.01 -79.13 -35.13
C ARG PB 58 -69.72 -77.76 -34.52
N PHE PB 59 -69.28 -76.84 -35.34
CA PHE PB 59 -68.80 -75.55 -34.88
C PHE PB 59 -69.38 -74.42 -35.71
N GLY PB 60 -69.26 -73.21 -35.18
CA GLY PB 60 -69.61 -72.00 -35.90
C GLY PB 60 -68.59 -70.92 -35.62
N ILE PB 61 -68.32 -70.12 -36.65
CA ILE PB 61 -67.33 -69.06 -36.57
C ILE PB 61 -67.97 -67.76 -37.02
N VAL PB 62 -67.72 -66.69 -36.28
CA VAL PB 62 -68.20 -65.35 -36.60
C VAL PB 62 -67.00 -64.44 -36.70
N ALA PB 63 -66.84 -63.79 -37.85
CA ALA PB 63 -65.66 -62.99 -38.14
C ALA PB 63 -66.06 -61.60 -38.63
N SER PB 64 -65.23 -60.62 -38.31
CA SER PB 64 -65.42 -59.24 -38.73
C SER PB 64 -64.54 -58.93 -39.93
N ARG PB 65 -65.06 -58.09 -40.83
CA ARG PB 65 -64.36 -57.76 -42.06
C ARG PB 65 -63.29 -56.70 -41.89
N PHE PB 66 -63.29 -55.97 -40.78
CA PHE PB 66 -62.31 -54.92 -40.57
C PHE PB 66 -60.91 -55.52 -40.44
N ASN PB 67 -59.92 -54.80 -40.96
CA ASN PB 67 -58.52 -55.22 -40.92
C ASN PB 67 -58.36 -56.59 -41.60
N HIS PB 68 -58.60 -56.58 -42.91
CA HIS PB 68 -58.63 -57.83 -43.68
C HIS PB 68 -57.33 -58.61 -43.57
N ALA PB 69 -56.21 -57.92 -43.40
CA ALA PB 69 -54.92 -58.61 -43.32
C ALA PB 69 -54.84 -59.48 -42.07
N LEU PB 70 -55.15 -58.91 -40.92
CA LEU PB 70 -55.04 -59.65 -39.67
C LEU PB 70 -56.12 -60.72 -39.54
N VAL PB 71 -57.37 -60.35 -39.81
CA VAL PB 71 -58.47 -61.26 -39.52
C VAL PB 71 -58.40 -62.50 -40.40
N ASP PB 72 -57.94 -62.35 -41.63
CA ASP PB 72 -57.94 -63.47 -42.57
C ASP PB 72 -57.07 -64.60 -42.05
N ARG PB 73 -55.91 -64.28 -41.47
CA ARG PB 73 -55.03 -65.34 -41.01
C ARG PB 73 -55.52 -65.97 -39.72
N LEU PB 74 -56.30 -65.24 -38.92
CA LEU PB 74 -56.90 -65.85 -37.73
C LEU PB 74 -57.98 -66.86 -38.10
N VAL PB 75 -58.79 -66.55 -39.11
CA VAL PB 75 -59.83 -67.49 -39.52
C VAL PB 75 -59.22 -68.76 -40.09
N GLU PB 76 -58.10 -68.63 -40.80
CA GLU PB 76 -57.42 -69.81 -41.33
C GLU PB 76 -56.88 -70.68 -40.20
N GLY PB 77 -56.33 -70.05 -39.15
CA GLY PB 77 -55.86 -70.82 -38.02
C GLY PB 77 -56.99 -71.61 -37.35
N ALA PB 78 -58.15 -70.97 -37.18
CA ALA PB 78 -59.26 -71.64 -36.52
C ALA PB 78 -59.73 -72.85 -37.32
N ILE PB 79 -59.87 -72.70 -38.63
CA ILE PB 79 -60.32 -73.82 -39.45
C ILE PB 79 -59.28 -74.92 -39.49
N ASP PB 80 -58.01 -74.55 -39.45
CA ASP PB 80 -56.93 -75.54 -39.49
C ASP PB 80 -56.95 -76.43 -38.25
N CYS PB 81 -57.21 -75.84 -37.08
CA CYS PB 81 -57.19 -76.60 -35.83
C CYS PB 81 -58.28 -77.67 -35.84
N ILE PB 82 -59.47 -77.34 -36.31
CA ILE PB 82 -60.59 -78.27 -36.27
C ILE PB 82 -60.33 -79.46 -37.19
N VAL PB 83 -59.76 -79.21 -38.37
CA VAL PB 83 -59.54 -80.28 -39.33
C VAL PB 83 -58.43 -81.22 -38.85
N ARG PB 84 -57.34 -80.65 -38.32
CA ARG PB 84 -56.21 -81.48 -37.93
C ARG PB 84 -56.58 -82.42 -36.78
N HIS PB 85 -57.42 -81.97 -35.87
CA HIS PB 85 -57.78 -82.73 -34.68
C HIS PB 85 -58.96 -83.67 -34.90
N GLY PB 86 -59.39 -83.86 -36.15
CA GLY PB 86 -60.41 -84.84 -36.47
C GLY PB 86 -61.69 -84.26 -37.00
N GLY PB 87 -61.82 -82.95 -37.13
CA GLY PB 87 -63.05 -82.35 -37.60
C GLY PB 87 -63.34 -82.69 -39.04
N ARG PB 88 -64.52 -82.29 -39.47
CA ARG PB 88 -65.00 -82.53 -40.83
C ARG PB 88 -65.42 -81.19 -41.42
N GLU PB 89 -64.93 -80.90 -42.63
CA GLU PB 89 -65.14 -79.57 -43.22
C GLU PB 89 -66.62 -79.27 -43.41
N GLU PB 90 -67.44 -80.29 -43.65
CA GLU PB 90 -68.87 -80.09 -43.83
C GLU PB 90 -69.57 -79.62 -42.57
N ASP PB 91 -68.91 -79.68 -41.41
CA ASP PB 91 -69.52 -79.33 -40.14
C ASP PB 91 -68.94 -78.04 -39.57
N ILE PB 92 -68.68 -77.05 -40.42
CA ILE PB 92 -68.29 -75.71 -39.99
C ILE PB 92 -69.15 -74.71 -40.73
N THR PB 93 -69.70 -73.74 -40.01
CA THR PB 93 -70.46 -72.65 -40.58
C THR PB 93 -69.74 -71.35 -40.29
N LEU PB 94 -69.55 -70.53 -41.32
CA LEU PB 94 -68.86 -69.26 -41.20
C LEU PB 94 -69.82 -68.11 -41.50
N VAL PB 95 -69.69 -67.03 -40.74
CA VAL PB 95 -70.53 -65.85 -40.89
C VAL PB 95 -69.64 -64.62 -40.85
N ARG PB 96 -69.79 -63.75 -41.86
CA ARG PB 96 -69.08 -62.48 -41.92
C ARG PB 96 -70.01 -61.35 -41.53
N VAL PB 97 -69.47 -60.34 -40.84
CA VAL PB 97 -70.25 -59.18 -40.42
C VAL PB 97 -69.42 -57.93 -40.62
N PRO PB 98 -70.08 -56.77 -40.75
CA PRO PB 98 -69.34 -55.52 -40.99
C PRO PB 98 -68.22 -55.26 -39.99
N GLY PB 99 -68.52 -55.26 -38.71
CA GLY PB 99 -67.53 -54.88 -37.71
C GLY PB 99 -67.72 -55.55 -36.37
N SER PB 100 -66.94 -55.11 -35.38
CA SER PB 100 -66.98 -55.76 -34.07
C SER PB 100 -68.30 -55.52 -33.36
N TRP PB 101 -68.92 -54.36 -33.56
CA TRP PB 101 -70.18 -54.07 -32.87
C TRP PB 101 -71.28 -55.07 -33.22
N GLU PB 102 -71.21 -55.67 -34.40
CA GLU PB 102 -72.25 -56.59 -34.83
C GLU PB 102 -71.97 -58.05 -34.45
N ILE PB 103 -70.81 -58.35 -33.88
CA ILE PB 103 -70.49 -59.75 -33.57
C ILE PB 103 -71.48 -60.35 -32.60
N PRO PB 104 -71.79 -59.73 -31.45
CA PRO PB 104 -72.68 -60.40 -30.49
C PRO PB 104 -74.04 -60.78 -31.06
N VAL PB 105 -74.64 -59.92 -31.88
CA VAL PB 105 -75.98 -60.21 -32.37
C VAL PB 105 -75.96 -61.42 -33.29
N ALA PB 106 -74.97 -61.50 -34.17
CA ALA PB 106 -74.88 -62.63 -35.09
C ALA PB 106 -74.55 -63.92 -34.33
N ALA PB 107 -73.69 -63.84 -33.31
CA ALA PB 107 -73.35 -65.02 -32.54
C ALA PB 107 -74.58 -65.63 -31.89
N GLY PB 108 -75.54 -64.79 -31.46
CA GLY PB 108 -76.74 -65.31 -30.85
C GLY PB 108 -77.57 -66.14 -31.80
N GLU PB 109 -77.62 -65.74 -33.08
CA GLU PB 109 -78.38 -66.49 -34.06
C GLU PB 109 -77.82 -67.90 -34.23
N LEU PB 110 -76.48 -68.03 -34.20
CA LEU PB 110 -75.86 -69.34 -34.37
C LEU PB 110 -76.07 -70.21 -33.13
N ALA PB 111 -75.89 -69.65 -31.94
CA ALA PB 111 -75.95 -70.43 -30.72
C ALA PB 111 -77.29 -71.11 -30.52
N ARG PB 112 -78.37 -70.59 -31.13
CA ARG PB 112 -79.69 -71.17 -30.94
C ARG PB 112 -79.95 -72.37 -31.84
N LYS PB 113 -79.11 -72.60 -32.85
CA LYS PB 113 -79.27 -73.78 -33.67
C LYS PB 113 -79.08 -75.04 -32.84
N GLU PB 114 -79.98 -76.00 -33.03
CA GLU PB 114 -79.90 -77.25 -32.27
C GLU PB 114 -78.72 -78.12 -32.67
N ASP PB 115 -78.02 -77.79 -33.76
CA ASP PB 115 -76.94 -78.60 -34.30
C ASP PB 115 -75.61 -77.86 -34.26
N ILE PB 116 -75.43 -76.95 -33.30
CA ILE PB 116 -74.18 -76.25 -33.08
C ILE PB 116 -73.74 -76.53 -31.66
N ASP PB 117 -72.51 -77.01 -31.49
CA ASP PB 117 -71.98 -77.38 -30.19
C ASP PB 117 -71.10 -76.31 -29.58
N ALA PB 118 -70.49 -75.45 -30.38
CA ALA PB 118 -69.65 -74.37 -29.87
C ALA PB 118 -69.57 -73.28 -30.92
N VAL PB 119 -69.13 -72.11 -30.49
CA VAL PB 119 -69.05 -70.92 -31.34
C VAL PB 119 -67.76 -70.19 -31.04
N ILE PB 120 -67.12 -69.68 -32.09
CA ILE PB 120 -65.82 -69.01 -31.98
C ILE PB 120 -65.98 -67.61 -32.57
N ALA PB 121 -65.62 -66.59 -31.78
CA ALA PB 121 -65.74 -65.20 -32.19
C ALA PB 121 -64.35 -64.63 -32.49
N ILE PB 122 -64.19 -64.01 -33.65
CA ILE PB 122 -62.91 -63.48 -34.11
C ILE PB 122 -63.11 -62.03 -34.53
N GLY PB 123 -62.17 -61.17 -34.16
CA GLY PB 123 -62.25 -59.77 -34.54
C GLY PB 123 -61.04 -59.03 -34.04
N VAL PB 124 -60.98 -57.75 -34.41
CA VAL PB 124 -59.88 -56.87 -34.05
C VAL PB 124 -60.46 -55.58 -33.49
N LEU PB 125 -59.89 -55.11 -32.39
CA LEU PB 125 -60.34 -53.89 -31.71
C LEU PB 125 -59.25 -52.83 -31.79
N ILE PB 126 -59.65 -51.59 -31.97
CA ILE PB 126 -58.71 -50.48 -32.11
C ILE PB 126 -58.90 -49.51 -30.95
N ARG PB 127 -59.26 -50.04 -29.77
CA ARG PB 127 -59.51 -49.21 -28.62
C ARG PB 127 -58.25 -48.46 -28.20
N GLY PB 128 -58.45 -47.24 -27.67
CA GLY PB 128 -57.39 -46.41 -27.14
C GLY PB 128 -57.07 -45.21 -28.01
N ALA PB 129 -57.24 -45.33 -29.32
CA ALA PB 129 -56.87 -44.24 -30.23
C ALA PB 129 -57.76 -43.02 -30.00
N THR PB 130 -59.08 -43.22 -30.02
CA THR PB 130 -60.03 -42.13 -29.91
C THR PB 130 -61.34 -42.68 -29.35
N PRO PB 131 -62.28 -41.80 -28.97
CA PRO PB 131 -63.60 -42.29 -28.54
C PRO PB 131 -64.35 -42.95 -29.69
N HIS PB 132 -65.57 -43.40 -29.43
CA HIS PB 132 -66.42 -44.16 -30.34
C HIS PB 132 -65.96 -45.61 -30.46
N PHE PB 133 -64.85 -45.98 -29.83
CA PHE PB 133 -64.35 -47.35 -29.85
C PHE PB 133 -64.20 -47.95 -28.46
N ASP PB 134 -63.94 -47.13 -27.43
CA ASP PB 134 -63.94 -47.65 -26.07
C ASP PB 134 -65.32 -48.16 -25.70
N TYR PB 135 -66.36 -47.45 -26.13
CA TYR PB 135 -67.73 -47.94 -25.93
C TYR PB 135 -67.95 -49.25 -26.67
N ILE PB 136 -67.47 -49.35 -27.91
CA ILE PB 136 -67.69 -50.56 -28.68
C ILE PB 136 -67.00 -51.75 -28.02
N ALA PB 137 -65.76 -51.54 -27.56
CA ALA PB 137 -65.00 -52.65 -27.00
C ALA PB 137 -65.67 -53.21 -25.75
N SER PB 138 -66.19 -52.33 -24.90
CA SER PB 138 -66.80 -52.80 -23.65
C SER PB 138 -68.01 -53.69 -23.90
N GLU PB 139 -68.86 -53.30 -24.85
CA GLU PB 139 -70.11 -54.03 -25.02
C GLU PB 139 -69.90 -55.37 -25.70
N VAL PB 140 -68.86 -55.53 -26.50
CA VAL PB 140 -68.63 -56.80 -27.18
C VAL PB 140 -68.33 -57.89 -26.15
N SER PB 141 -67.50 -57.58 -25.16
CA SER PB 141 -67.20 -58.54 -24.10
C SER PB 141 -68.44 -58.88 -23.29
N LYS PB 142 -69.23 -57.86 -22.94
CA LYS PB 142 -70.44 -58.10 -22.14
C LYS PB 142 -71.42 -59.01 -22.87
N GLY PB 143 -71.68 -58.73 -24.14
CA GLY PB 143 -72.72 -59.46 -24.85
C GLY PB 143 -72.39 -60.93 -25.03
N LEU PB 144 -71.15 -61.22 -25.40
CA LEU PB 144 -70.76 -62.62 -25.62
C LEU PB 144 -70.82 -63.43 -24.33
N ALA PB 145 -70.39 -62.82 -23.21
CA ALA PB 145 -70.45 -63.52 -21.94
C ALA PB 145 -71.89 -63.82 -21.53
N ASN PB 146 -72.77 -62.83 -21.64
CA ASN PB 146 -74.15 -63.03 -21.24
C ASN PB 146 -74.83 -64.10 -22.07
N LEU PB 147 -74.55 -64.13 -23.37
CA LEU PB 147 -75.16 -65.14 -24.24
C LEU PB 147 -74.77 -66.54 -23.80
N SER PB 148 -73.53 -66.71 -23.36
CA SER PB 148 -73.05 -68.04 -23.00
C SER PB 148 -73.84 -68.62 -21.83
N LEU PB 149 -74.09 -67.81 -20.80
CA LEU PB 149 -74.80 -68.29 -19.63
C LEU PB 149 -76.29 -68.50 -19.94
N GLU PB 150 -76.89 -67.60 -20.71
CA GLU PB 150 -78.32 -67.69 -20.99
C GLU PB 150 -78.63 -68.89 -21.87
N LEU PB 151 -77.77 -69.17 -22.86
CA LEU PB 151 -78.00 -70.24 -23.81
C LEU PB 151 -77.31 -71.54 -23.44
N ARG PB 152 -76.32 -71.49 -22.56
CA ARG PB 152 -75.64 -72.69 -22.05
C ARG PB 152 -74.84 -73.41 -23.13
N LYS PB 153 -74.14 -72.63 -23.96
CA LYS PB 153 -73.21 -73.18 -24.94
C LYS PB 153 -71.89 -72.41 -24.83
N PRO PB 154 -70.76 -73.11 -24.86
CA PRO PB 154 -69.48 -72.39 -24.80
C PRO PB 154 -69.31 -71.45 -25.99
N ILE PB 155 -68.71 -70.29 -25.72
CA ILE PB 155 -68.51 -69.26 -26.74
C ILE PB 155 -67.13 -68.65 -26.50
N THR PB 156 -66.20 -68.91 -27.40
CA THR PB 156 -64.81 -68.54 -27.21
C THR PB 156 -64.55 -67.13 -27.70
N PHE PB 157 -63.53 -66.51 -27.13
CA PHE PB 157 -63.23 -65.10 -27.32
C PHE PB 157 -61.88 -64.97 -28.03
N GLY PB 158 -61.93 -64.88 -29.35
CA GLY PB 158 -60.74 -64.68 -30.15
C GLY PB 158 -60.40 -63.24 -30.47
N VAL PB 159 -61.09 -62.27 -29.85
CA VAL PB 159 -60.90 -60.87 -30.19
C VAL PB 159 -59.53 -60.41 -29.69
N ILE PB 160 -58.75 -59.82 -30.58
CA ILE PB 160 -57.44 -59.28 -30.25
C ILE PB 160 -57.51 -57.77 -30.32
N THR PB 161 -56.44 -57.11 -29.87
CA THR PB 161 -56.33 -55.66 -29.93
C THR PB 161 -54.96 -55.30 -30.51
N ALA PB 162 -54.94 -54.30 -31.38
CA ALA PB 162 -53.72 -53.87 -32.02
C ALA PB 162 -53.22 -52.55 -31.43
N GLY QB 15 -53.00 -67.67 4.98
CA GLY QB 15 -53.31 -69.04 4.65
C GLY QB 15 -53.87 -69.21 3.26
N ASN QB 16 -54.26 -70.43 2.92
CA ASN QB 16 -54.82 -70.69 1.60
C ASN QB 16 -56.12 -69.93 1.42
N LYS QB 17 -56.24 -69.25 0.27
CA LYS QB 17 -57.52 -68.68 -0.09
C LYS QB 17 -58.51 -69.74 -0.50
N GLY QB 18 -58.03 -70.95 -0.83
CA GLY QB 18 -58.94 -72.05 -1.07
C GLY QB 18 -59.49 -72.64 0.20
N TRP QB 19 -58.76 -72.54 1.31
CA TRP QB 19 -59.31 -72.93 2.59
C TRP QB 19 -60.46 -72.03 3.00
N GLU QB 20 -60.28 -70.71 2.83
CA GLU QB 20 -61.33 -69.77 3.19
C GLU QB 20 -62.57 -69.97 2.35
N ALA QB 21 -62.40 -70.22 1.05
CA ALA QB 21 -63.56 -70.38 0.18
C ALA QB 21 -64.39 -71.59 0.56
N ALA QB 22 -63.76 -72.64 1.10
CA ALA QB 22 -64.50 -73.83 1.49
C ALA QB 22 -65.26 -73.64 2.79
N LEU QB 23 -64.73 -72.83 3.72
CA LEU QB 23 -65.48 -72.52 4.93
C LEU QB 23 -66.78 -71.80 4.61
N SER QB 24 -66.73 -70.86 3.66
CA SER QB 24 -67.93 -70.13 3.29
C SER QB 24 -68.96 -71.04 2.64
N ALA QB 25 -68.51 -72.08 1.93
CA ALA QB 25 -69.46 -72.98 1.26
C ALA QB 25 -70.11 -73.93 2.25
N ILE QB 26 -69.36 -74.39 3.26
CA ILE QB 26 -69.96 -75.22 4.30
C ILE QB 26 -71.01 -74.45 5.06
N GLU QB 27 -70.71 -73.21 5.43
CA GLU QB 27 -71.65 -72.39 6.20
C GLU QB 27 -72.89 -72.06 5.39
N MET QB 28 -72.73 -71.68 4.12
CA MET QB 28 -73.87 -71.28 3.31
C MET QB 28 -74.75 -72.47 2.99
N ALA QB 29 -74.16 -73.65 2.78
CA ALA QB 29 -74.96 -74.83 2.50
C ALA QB 29 -75.85 -75.20 3.68
N ASN QB 30 -75.32 -75.08 4.90
CA ASN QB 30 -76.12 -75.37 6.08
C ASN QB 30 -77.20 -74.33 6.30
N LEU QB 31 -76.89 -73.06 6.03
CA LEU QB 31 -77.87 -72.00 6.22
C LEU QB 31 -79.09 -72.21 5.34
N PHE QB 32 -78.89 -72.55 4.08
CA PHE QB 32 -80.02 -72.73 3.17
C PHE QB 32 -80.87 -73.92 3.55
N LYS QB 33 -80.34 -74.86 4.31
CA LYS QB 33 -81.13 -76.01 4.77
C LYS QB 33 -82.07 -75.63 5.89
N SER QB 34 -81.66 -74.71 6.77
CA SER QB 34 -82.54 -74.26 7.86
C SER QB 34 -83.65 -73.36 7.33
N LEU QB 35 -83.33 -72.50 6.36
CA LEU QB 35 -84.36 -71.64 5.78
C LEU QB 35 -85.44 -72.45 5.10
N ARG QB 36 -85.05 -73.47 4.34
CA ARG QB 36 -86.01 -74.31 3.65
C ARG QB 36 -86.88 -75.10 4.62
N GLY QB 37 -86.41 -75.32 5.85
CA GLY QB 37 -87.15 -76.08 6.83
C GLY QB 37 -88.10 -75.22 7.63
N THR QB 38 -88.73 -75.85 8.61
CA THR QB 38 -89.69 -75.17 9.47
C THR QB 38 -88.99 -74.11 10.32
N GLY QB 39 -89.73 -73.07 10.65
CA GLY QB 39 -89.21 -71.99 11.46
C GLY QB 39 -89.26 -72.30 12.94
N GLY QB 40 -89.03 -71.26 13.74
CA GLY QB 40 -89.02 -71.40 15.18
C GLY QB 40 -90.41 -71.53 15.76
N SER QB 41 -90.45 -71.78 17.08
CA SER QB 41 -91.70 -71.94 17.78
C SER QB 41 -92.47 -70.64 17.95
N GLY QB 42 -91.85 -69.50 17.63
CA GLY QB 42 -92.52 -68.22 17.77
C GLY QB 42 -92.33 -67.62 19.16
N SER QB 43 -92.99 -66.48 19.35
CA SER QB 43 -92.96 -65.71 20.59
C SER QB 43 -91.61 -65.03 20.83
N SER QB 44 -90.70 -65.09 19.87
CA SER QB 44 -89.39 -64.46 20.02
C SER QB 44 -88.79 -64.27 18.63
N MET QB 45 -87.73 -63.48 18.58
CA MET QB 45 -87.06 -63.22 17.31
C MET QB 45 -86.50 -64.52 16.73
N GLU QB 46 -86.71 -64.71 15.43
CA GLU QB 46 -86.23 -65.89 14.72
C GLU QB 46 -84.86 -65.60 14.13
N ILE QB 47 -83.84 -66.35 14.57
CA ILE QB 47 -82.48 -66.19 14.09
C ILE QB 47 -82.09 -67.44 13.31
N TYR QB 48 -81.58 -67.23 12.10
CA TYR QB 48 -81.11 -68.28 11.23
C TYR QB 48 -79.60 -68.21 11.10
N GLU QB 49 -78.96 -69.37 11.19
CA GLU QB 49 -77.51 -69.46 11.35
C GLU QB 49 -77.01 -70.72 10.69
N GLY QB 50 -75.74 -70.70 10.26
CA GLY QB 50 -75.14 -71.84 9.61
C GLY QB 50 -73.96 -72.42 10.37
N LYS QB 51 -73.98 -73.72 10.61
CA LYS QB 51 -72.94 -74.40 11.35
C LYS QB 51 -71.81 -74.85 10.42
N LEU QB 52 -70.65 -75.07 11.02
CA LEU QB 52 -69.48 -75.55 10.28
C LEU QB 52 -69.31 -77.06 10.38
N THR QB 53 -70.36 -77.81 10.07
CA THR QB 53 -70.33 -79.27 10.03
C THR QB 53 -70.66 -79.71 8.61
N ALA QB 54 -69.82 -80.59 8.06
CA ALA QB 54 -69.86 -80.95 6.65
C ALA QB 54 -70.15 -82.43 6.44
N GLU QB 55 -71.10 -82.97 7.17
CA GLU QB 55 -71.49 -84.37 7.05
C GLU QB 55 -72.76 -84.46 6.23
N GLY QB 56 -72.73 -85.25 5.16
CA GLY QB 56 -73.88 -85.44 4.31
C GLY QB 56 -74.04 -84.42 3.21
N LEU QB 57 -73.07 -83.52 3.02
CA LEU QB 57 -73.17 -82.45 2.04
C LEU QB 57 -72.34 -82.78 0.81
N ARG QB 58 -72.85 -82.40 -0.35
CA ARG QB 58 -72.20 -82.64 -1.64
C ARG QB 58 -71.66 -81.34 -2.18
N PHE QB 59 -70.43 -81.37 -2.69
CA PHE QB 59 -69.73 -80.18 -3.13
C PHE QB 59 -69.19 -80.39 -4.55
N GLY QB 60 -69.00 -79.27 -5.25
CA GLY QB 60 -68.38 -79.26 -6.56
C GLY QB 60 -67.35 -78.16 -6.68
N ILE QB 61 -66.23 -78.45 -7.34
CA ILE QB 61 -65.13 -77.49 -7.48
C ILE QB 61 -64.85 -77.29 -8.95
N VAL QB 62 -64.58 -76.05 -9.34
CA VAL QB 62 -64.24 -75.68 -10.71
C VAL QB 62 -62.93 -74.91 -10.67
N ALA QB 63 -61.92 -75.42 -11.36
CA ALA QB 63 -60.58 -74.84 -11.34
C ALA QB 63 -60.04 -74.72 -12.75
N SER QB 64 -59.21 -73.71 -12.96
CA SER QB 64 -58.56 -73.46 -14.24
C SER QB 64 -57.17 -74.07 -14.26
N ARG QB 65 -56.65 -74.29 -15.48
CA ARG QB 65 -55.33 -74.88 -15.67
C ARG QB 65 -54.23 -73.85 -15.87
N PHE QB 66 -54.53 -72.56 -15.84
CA PHE QB 66 -53.52 -71.54 -16.00
C PHE QB 66 -52.72 -71.38 -14.71
N ASN QB 67 -51.40 -71.49 -14.82
CA ASN QB 67 -50.51 -71.46 -13.66
C ASN QB 67 -50.87 -72.57 -12.68
N HIS QB 68 -50.72 -73.81 -13.14
CA HIS QB 68 -51.08 -74.96 -12.32
C HIS QB 68 -50.19 -75.11 -11.10
N ALA QB 69 -49.07 -74.39 -11.03
CA ALA QB 69 -48.26 -74.40 -9.82
C ALA QB 69 -49.03 -73.84 -8.64
N LEU QB 70 -49.60 -72.64 -8.79
CA LEU QB 70 -50.36 -72.02 -7.71
C LEU QB 70 -51.73 -72.65 -7.55
N VAL QB 71 -52.37 -73.01 -8.66
CA VAL QB 71 -53.77 -73.43 -8.60
C VAL QB 71 -53.89 -74.75 -7.84
N ASP QB 72 -52.98 -75.69 -8.09
CA ASP QB 72 -53.08 -77.00 -7.45
C ASP QB 72 -52.97 -76.89 -5.94
N ARG QB 73 -52.20 -75.93 -5.43
CA ARG QB 73 -52.13 -75.72 -3.99
C ARG QB 73 -53.48 -75.28 -3.43
N LEU QB 74 -54.18 -74.41 -4.15
CA LEU QB 74 -55.48 -73.92 -3.68
C LEU QB 74 -56.52 -75.04 -3.68
N VAL QB 75 -56.50 -75.90 -4.69
CA VAL QB 75 -57.45 -77.00 -4.75
C VAL QB 75 -57.23 -77.96 -3.59
N GLU QB 76 -55.96 -78.21 -3.26
CA GLU QB 76 -55.66 -79.12 -2.17
C GLU QB 76 -56.17 -78.58 -0.84
N GLY QB 77 -56.05 -77.27 -0.62
CA GLY QB 77 -56.54 -76.68 0.61
C GLY QB 77 -58.03 -76.83 0.78
N ALA QB 78 -58.78 -76.67 -0.31
CA ALA QB 78 -60.23 -76.80 -0.23
C ALA QB 78 -60.65 -78.19 0.19
N ILE QB 79 -60.01 -79.22 -0.38
CA ILE QB 79 -60.37 -80.59 -0.05
C ILE QB 79 -59.99 -80.92 1.38
N ASP QB 80 -58.86 -80.40 1.85
CA ASP QB 80 -58.45 -80.62 3.24
C ASP QB 80 -59.46 -80.05 4.21
N CYS QB 81 -60.00 -78.86 3.91
CA CYS QB 81 -60.97 -78.25 4.80
C CYS QB 81 -62.22 -79.11 4.93
N ILE QB 82 -62.70 -79.67 3.83
CA ILE QB 82 -63.95 -80.42 3.87
C ILE QB 82 -63.79 -81.73 4.65
N VAL QB 83 -62.64 -82.38 4.52
CA VAL QB 83 -62.43 -83.65 5.21
C VAL QB 83 -62.29 -83.41 6.71
N ARG QB 84 -61.58 -82.35 7.11
CA ARG QB 84 -61.34 -82.11 8.52
C ARG QB 84 -62.62 -81.74 9.26
N HIS QB 85 -63.59 -81.15 8.58
CA HIS QB 85 -64.86 -80.80 9.18
C HIS QB 85 -65.91 -81.89 8.99
N GLY QB 86 -65.49 -83.13 8.76
CA GLY QB 86 -66.40 -84.25 8.67
C GLY QB 86 -66.83 -84.62 7.28
N GLY QB 87 -66.26 -84.01 6.24
CA GLY QB 87 -66.66 -84.31 4.89
C GLY QB 87 -66.10 -85.62 4.39
N ARG QB 88 -66.77 -86.18 3.40
CA ARG QB 88 -66.40 -87.45 2.79
C ARG QB 88 -65.92 -87.17 1.38
N GLU QB 89 -64.68 -87.57 1.08
CA GLU QB 89 -64.07 -87.25 -0.20
C GLU QB 89 -64.78 -87.91 -1.37
N GLU QB 90 -65.62 -88.91 -1.11
CA GLU QB 90 -66.46 -89.50 -2.14
C GLU QB 90 -67.56 -88.55 -2.63
N ASP QB 91 -67.81 -87.46 -1.91
CA ASP QB 91 -68.88 -86.51 -2.24
C ASP QB 91 -68.31 -85.19 -2.74
N ILE QB 92 -67.24 -85.25 -3.53
CA ILE QB 92 -66.64 -84.07 -4.15
C ILE QB 92 -66.48 -84.35 -5.63
N THR QB 93 -66.92 -83.40 -6.47
CA THR QB 93 -66.79 -83.48 -7.92
C THR QB 93 -65.88 -82.35 -8.39
N LEU QB 94 -64.90 -82.67 -9.23
CA LEU QB 94 -63.90 -81.71 -9.68
C LEU QB 94 -63.96 -81.57 -11.20
N VAL QB 95 -63.98 -80.31 -11.66
CA VAL QB 95 -64.02 -80.00 -13.09
C VAL QB 95 -62.86 -79.07 -13.40
N ARG QB 96 -62.12 -79.38 -14.47
CA ARG QB 96 -60.97 -78.59 -14.89
C ARG QB 96 -61.28 -77.93 -16.22
N VAL QB 97 -60.94 -76.65 -16.36
CA VAL QB 97 -61.28 -75.91 -17.57
C VAL QB 97 -60.03 -75.20 -18.07
N PRO QB 98 -59.99 -74.87 -19.38
CA PRO QB 98 -58.80 -74.22 -19.96
C PRO QB 98 -58.39 -72.92 -19.28
N GLY QB 99 -59.29 -71.94 -19.22
CA GLY QB 99 -58.92 -70.62 -18.72
C GLY QB 99 -59.98 -70.00 -17.85
N SER QB 100 -59.76 -68.74 -17.46
CA SER QB 100 -60.70 -68.06 -16.59
C SER QB 100 -62.01 -67.76 -17.31
N TRP QB 101 -61.96 -67.54 -18.62
CA TRP QB 101 -63.16 -67.19 -19.36
C TRP QB 101 -64.22 -68.29 -19.30
N GLU QB 102 -63.83 -69.52 -18.99
CA GLU QB 102 -64.73 -70.66 -19.04
C GLU QB 102 -65.29 -71.07 -17.68
N ILE QB 103 -64.86 -70.43 -16.60
CA ILE QB 103 -65.32 -70.83 -15.26
C ILE QB 103 -66.82 -70.58 -15.11
N PRO QB 104 -67.35 -69.40 -15.46
CA PRO QB 104 -68.79 -69.18 -15.24
C PRO QB 104 -69.70 -70.19 -15.92
N VAL QB 105 -69.45 -70.51 -17.20
CA VAL QB 105 -70.35 -71.42 -17.91
C VAL QB 105 -70.23 -72.83 -17.34
N ALA QB 106 -69.03 -73.24 -16.96
CA ALA QB 106 -68.86 -74.54 -16.32
C ALA QB 106 -69.59 -74.58 -14.99
N ALA QB 107 -69.50 -73.50 -14.21
CA ALA QB 107 -70.18 -73.46 -12.92
C ALA QB 107 -71.69 -73.57 -13.08
N GLY QB 108 -72.23 -73.16 -14.23
CA GLY QB 108 -73.66 -73.26 -14.44
C GLY QB 108 -74.14 -74.70 -14.51
N GLU QB 109 -73.38 -75.56 -15.20
CA GLU QB 109 -73.81 -76.95 -15.34
C GLU QB 109 -73.79 -77.68 -14.01
N LEU QB 110 -72.77 -77.43 -13.19
CA LEU QB 110 -72.72 -78.06 -11.87
C LEU QB 110 -73.86 -77.57 -10.99
N ALA QB 111 -74.07 -76.25 -10.93
CA ALA QB 111 -75.06 -75.70 -10.03
C ALA QB 111 -76.47 -76.18 -10.37
N ARG QB 112 -76.72 -76.57 -11.61
CA ARG QB 112 -78.04 -77.05 -11.98
C ARG QB 112 -78.31 -78.49 -11.55
N LYS QB 113 -77.28 -79.24 -11.19
CA LYS QB 113 -77.47 -80.62 -10.74
C LYS QB 113 -78.04 -80.62 -9.33
N GLU QB 114 -79.10 -81.40 -9.12
CA GLU QB 114 -79.81 -81.41 -7.85
C GLU QB 114 -79.02 -82.05 -6.72
N ASP QB 115 -77.96 -82.79 -7.03
CA ASP QB 115 -77.14 -83.45 -6.02
C ASP QB 115 -75.95 -82.61 -5.60
N ILE QB 116 -75.98 -81.30 -5.82
CA ILE QB 116 -74.91 -80.39 -5.45
C ILE QB 116 -75.50 -79.32 -4.55
N ASP QB 117 -74.84 -79.08 -3.42
CA ASP QB 117 -75.31 -78.10 -2.44
C ASP QB 117 -74.56 -76.78 -2.50
N ALA QB 118 -73.32 -76.77 -2.99
CA ALA QB 118 -72.58 -75.53 -3.17
C ALA QB 118 -71.47 -75.78 -4.17
N VAL QB 119 -70.98 -74.71 -4.78
CA VAL QB 119 -69.95 -74.76 -5.80
C VAL QB 119 -68.84 -73.79 -5.42
N ILE QB 120 -67.60 -74.24 -5.55
CA ILE QB 120 -66.42 -73.45 -5.22
C ILE QB 120 -65.66 -73.21 -6.52
N ALA QB 121 -65.30 -71.96 -6.78
CA ALA QB 121 -64.63 -71.56 -8.02
C ALA QB 121 -63.24 -71.05 -7.71
N ILE QB 122 -62.22 -71.75 -8.22
CA ILE QB 122 -60.83 -71.44 -7.96
C ILE QB 122 -60.17 -71.05 -9.27
N GLY QB 123 -59.21 -70.13 -9.20
CA GLY QB 123 -58.50 -69.70 -10.39
C GLY QB 123 -57.56 -68.57 -10.07
N VAL QB 124 -56.73 -68.24 -11.05
CA VAL QB 124 -55.75 -67.17 -10.93
C VAL QB 124 -55.86 -66.26 -12.15
N LEU QB 125 -55.88 -64.95 -11.91
CA LEU QB 125 -55.96 -63.96 -12.97
C LEU QB 125 -54.57 -63.40 -13.26
N ILE QB 126 -54.46 -62.72 -14.40
CA ILE QB 126 -53.19 -62.20 -14.89
C ILE QB 126 -53.23 -60.68 -14.74
N ARG QB 127 -52.61 -60.18 -13.68
CA ARG QB 127 -52.45 -58.74 -13.54
C ARG QB 127 -51.48 -58.23 -14.59
N GLY QB 128 -51.78 -57.06 -15.15
CA GLY QB 128 -51.06 -56.58 -16.31
C GLY QB 128 -51.57 -57.21 -17.58
N ALA QB 129 -50.93 -56.85 -18.69
CA ALA QB 129 -51.38 -57.30 -20.01
C ALA QB 129 -52.84 -56.94 -20.23
N THR QB 130 -53.19 -55.72 -19.80
CA THR QB 130 -54.58 -55.27 -19.89
C THR QB 130 -55.20 -55.35 -21.28
N PRO QB 131 -54.50 -54.99 -22.39
CA PRO QB 131 -55.15 -54.98 -23.71
C PRO QB 131 -56.07 -56.15 -24.01
N HIS QB 132 -55.75 -57.34 -23.49
CA HIS QB 132 -56.57 -58.53 -23.71
C HIS QB 132 -57.22 -59.05 -22.43
N PHE QB 133 -56.43 -59.27 -21.38
CA PHE QB 133 -56.94 -59.93 -20.18
C PHE QB 133 -57.76 -59.01 -19.29
N ASP QB 134 -57.69 -57.69 -19.49
CA ASP QB 134 -58.48 -56.79 -18.65
C ASP QB 134 -59.98 -57.01 -18.85
N TYR QB 135 -60.40 -57.41 -20.05
CA TYR QB 135 -61.81 -57.62 -20.31
C TYR QB 135 -62.31 -58.92 -19.68
N ILE QB 136 -61.49 -59.98 -19.71
CA ILE QB 136 -61.87 -61.23 -19.08
C ILE QB 136 -61.97 -61.06 -17.57
N ALA QB 137 -61.23 -60.12 -17.00
CA ALA QB 137 -61.15 -60.01 -15.56
C ALA QB 137 -62.50 -59.66 -14.94
N SER QB 138 -63.13 -58.59 -15.43
CA SER QB 138 -64.40 -58.18 -14.85
C SER QB 138 -65.53 -59.16 -15.13
N GLU QB 139 -65.38 -59.99 -16.16
CA GLU QB 139 -66.48 -60.87 -16.54
C GLU QB 139 -66.61 -62.06 -15.59
N VAL QB 140 -65.52 -62.47 -14.95
CA VAL QB 140 -65.56 -63.64 -14.07
C VAL QB 140 -66.38 -63.34 -12.84
N SER QB 141 -66.12 -62.19 -12.19
CA SER QB 141 -66.87 -61.84 -10.99
C SER QB 141 -68.33 -61.57 -11.31
N LYS QB 142 -68.59 -60.84 -12.40
CA LYS QB 142 -69.96 -60.51 -12.76
C LYS QB 142 -70.77 -61.76 -13.07
N GLY QB 143 -70.18 -62.72 -13.79
CA GLY QB 143 -70.92 -63.91 -14.16
C GLY QB 143 -71.28 -64.78 -12.97
N LEU QB 144 -70.34 -64.97 -12.04
CA LEU QB 144 -70.62 -65.81 -10.88
C LEU QB 144 -71.70 -65.20 -10.00
N ALA QB 145 -71.68 -63.88 -9.83
CA ALA QB 145 -72.67 -63.22 -9.00
C ALA QB 145 -74.07 -63.41 -9.57
N ASN QB 146 -74.23 -63.26 -10.89
CA ASN QB 146 -75.54 -63.40 -11.49
C ASN QB 146 -76.06 -64.84 -11.40
N LEU QB 147 -75.17 -65.83 -11.47
CA LEU QB 147 -75.61 -67.21 -11.45
C LEU QB 147 -76.30 -67.56 -10.14
N SER QB 148 -75.73 -67.13 -9.01
CA SER QB 148 -76.29 -67.52 -7.72
C SER QB 148 -77.68 -66.93 -7.53
N LEU QB 149 -77.87 -65.67 -7.93
CA LEU QB 149 -79.19 -65.06 -7.80
C LEU QB 149 -80.22 -65.75 -8.69
N GLU QB 150 -79.82 -66.15 -9.90
CA GLU QB 150 -80.75 -66.77 -10.82
C GLU QB 150 -81.09 -68.20 -10.40
N LEU QB 151 -80.10 -68.97 -9.94
CA LEU QB 151 -80.32 -70.35 -9.55
C LEU QB 151 -80.66 -70.50 -8.07
N ARG QB 152 -80.53 -69.44 -7.28
CA ARG QB 152 -80.81 -69.48 -5.85
C ARG QB 152 -79.98 -70.56 -5.15
N LYS QB 153 -78.69 -70.59 -5.49
CA LYS QB 153 -77.75 -71.56 -4.95
C LYS QB 153 -76.46 -70.81 -4.63
N PRO QB 154 -75.79 -71.13 -3.52
CA PRO QB 154 -74.58 -70.38 -3.17
C PRO QB 154 -73.38 -70.80 -4.00
N ILE QB 155 -72.67 -69.80 -4.55
CA ILE QB 155 -71.42 -70.00 -5.26
C ILE QB 155 -70.38 -69.09 -4.63
N THR QB 156 -69.25 -69.67 -4.23
CA THR QB 156 -68.21 -68.94 -3.51
C THR QB 156 -67.09 -68.54 -4.46
N PHE QB 157 -66.39 -67.47 -4.10
CA PHE QB 157 -65.41 -66.81 -4.94
C PHE QB 157 -64.02 -67.09 -4.37
N GLY QB 158 -63.24 -67.88 -5.08
CA GLY QB 158 -61.91 -68.24 -4.64
C GLY QB 158 -60.84 -67.88 -5.65
N VAL QB 159 -61.01 -66.74 -6.31
CA VAL QB 159 -60.12 -66.30 -7.37
C VAL QB 159 -59.19 -65.23 -6.82
N ILE QB 160 -57.88 -65.42 -7.03
CA ILE QB 160 -56.88 -64.46 -6.61
C ILE QB 160 -56.14 -63.91 -7.83
N THR QB 161 -55.25 -62.96 -7.62
CA THR QB 161 -54.50 -62.31 -8.68
C THR QB 161 -53.00 -62.52 -8.47
N ALA QB 162 -52.26 -62.50 -9.57
CA ALA QB 162 -50.81 -62.67 -9.53
C ALA QB 162 -50.44 -63.99 -8.86
N LYS RB 13 -77.44 -43.43 17.90
CA LYS RB 13 -78.47 -42.70 17.16
C LYS RB 13 -77.84 -41.76 16.13
N HIS RB 14 -78.51 -41.61 14.99
CA HIS RB 14 -78.04 -40.74 13.92
C HIS RB 14 -76.73 -41.28 13.34
N GLY RB 15 -75.64 -41.15 14.10
CA GLY RB 15 -74.36 -41.65 13.63
C GLY RB 15 -74.38 -43.15 13.38
N ASN RB 16 -75.11 -43.89 14.21
CA ASN RB 16 -75.21 -45.34 14.05
C ASN RB 16 -75.92 -45.64 12.74
N LYS RB 17 -75.18 -46.13 11.75
CA LYS RB 17 -75.75 -46.38 10.44
C LYS RB 17 -76.80 -47.49 10.45
N GLY RB 18 -76.85 -48.29 11.51
CA GLY RB 18 -77.93 -49.25 11.63
C GLY RB 18 -79.25 -48.60 12.01
N TRP RB 19 -79.19 -47.45 12.68
CA TRP RB 19 -80.39 -46.70 12.98
C TRP RB 19 -80.95 -46.03 11.74
N GLU RB 20 -80.08 -45.44 10.92
CA GLU RB 20 -80.54 -44.77 9.71
C GLU RB 20 -81.20 -45.73 8.74
N ALA RB 21 -80.60 -46.92 8.55
CA ALA RB 21 -81.15 -47.88 7.61
C ALA RB 21 -82.54 -48.35 8.04
N ALA RB 22 -82.73 -48.57 9.34
CA ALA RB 22 -84.05 -48.98 9.82
C ALA RB 22 -85.08 -47.88 9.62
N LEU RB 23 -84.69 -46.62 9.82
CA LEU RB 23 -85.62 -45.51 9.61
C LEU RB 23 -86.07 -45.45 8.16
N SER RB 24 -85.13 -45.58 7.22
CA SER RB 24 -85.50 -45.56 5.81
C SER RB 24 -86.45 -46.69 5.46
N ALA RB 25 -86.26 -47.85 6.08
CA ALA RB 25 -87.13 -48.99 5.79
C ALA RB 25 -88.56 -48.72 6.23
N ILE RB 26 -88.74 -48.14 7.41
CA ILE RB 26 -90.09 -47.87 7.91
C ILE RB 26 -90.81 -46.89 7.00
N GLU RB 27 -90.10 -45.84 6.58
CA GLU RB 27 -90.74 -44.84 5.71
C GLU RB 27 -91.17 -45.45 4.40
N MET RB 28 -90.32 -46.29 3.80
CA MET RB 28 -90.61 -46.82 2.47
C MET RB 28 -91.73 -47.86 2.52
N ALA RB 29 -91.76 -48.68 3.56
CA ALA RB 29 -92.80 -49.70 3.66
C ALA RB 29 -94.17 -49.07 3.87
N ASN RB 30 -94.22 -47.90 4.50
CA ASN RB 30 -95.49 -47.19 4.64
C ASN RB 30 -95.89 -46.54 3.32
N LEU RB 31 -94.92 -45.99 2.59
CA LEU RB 31 -95.23 -45.32 1.33
C LEU RB 31 -95.82 -46.30 0.32
N PHE RB 32 -95.26 -47.49 0.23
CA PHE RB 32 -95.76 -48.48 -0.71
C PHE RB 32 -97.17 -48.92 -0.35
N LYS RB 33 -97.47 -49.03 0.94
CA LYS RB 33 -98.82 -49.38 1.36
C LYS RB 33 -99.83 -48.33 0.92
N SER RB 34 -99.43 -47.06 0.91
CA SER RB 34 -100.33 -46.00 0.48
C SER RB 34 -100.51 -46.00 -1.03
N LEU RB 35 -99.43 -46.19 -1.79
CA LEU RB 35 -99.52 -46.10 -3.25
C LEU RB 35 -100.35 -47.23 -3.83
N ARG RB 36 -100.45 -48.35 -3.12
CA ARG RB 36 -101.20 -49.50 -3.61
C ARG RB 36 -102.65 -49.48 -3.15
N GLY RB 37 -103.08 -48.44 -2.43
CA GLY RB 37 -104.46 -48.31 -1.99
C GLY RB 37 -105.22 -47.30 -2.83
N THR RB 38 -106.43 -47.00 -2.36
CA THR RB 38 -107.27 -46.04 -3.06
C THR RB 38 -106.64 -44.66 -3.04
N GLY RB 39 -106.87 -43.91 -4.12
CA GLY RB 39 -106.31 -42.58 -4.25
C GLY RB 39 -107.07 -41.54 -3.45
N GLY RB 40 -106.59 -40.30 -3.54
CA GLY RB 40 -107.18 -39.20 -2.81
C GLY RB 40 -108.47 -38.71 -3.45
N SER RB 41 -109.11 -37.77 -2.75
CA SER RB 41 -110.37 -37.20 -3.23
C SER RB 41 -110.19 -36.40 -4.51
N GLY RB 42 -108.97 -35.95 -4.80
CA GLY RB 42 -108.72 -35.18 -6.00
C GLY RB 42 -108.84 -33.69 -5.78
N SER RB 43 -108.81 -32.95 -6.88
CA SER RB 43 -108.90 -31.49 -6.92
C SER RB 43 -107.65 -30.81 -6.38
N SER RB 44 -106.58 -31.57 -6.13
CA SER RB 44 -105.34 -30.98 -5.65
C SER RB 44 -104.19 -31.91 -6.01
N MET RB 45 -102.98 -31.35 -6.01
CA MET RB 45 -101.79 -32.13 -6.29
C MET RB 45 -101.58 -33.14 -5.17
N GLU RB 46 -101.90 -34.40 -5.43
CA GLU RB 46 -101.70 -35.45 -4.45
C GLU RB 46 -100.23 -35.51 -4.04
N ILE RB 47 -99.99 -35.58 -2.74
CA ILE RB 47 -98.64 -35.72 -2.20
C ILE RB 47 -98.61 -36.99 -1.35
N TYR RB 48 -97.65 -37.85 -1.62
CA TYR RB 48 -97.46 -39.10 -0.90
C TYR RB 48 -96.16 -39.03 -0.12
N GLU RB 49 -96.21 -39.44 1.15
CA GLU RB 49 -95.01 -39.55 1.94
C GLU RB 49 -95.28 -40.49 3.11
N GLY RB 50 -94.21 -41.07 3.64
CA GLY RB 50 -94.31 -42.10 4.66
C GLY RB 50 -94.19 -41.57 6.07
N LYS RB 51 -94.83 -42.27 7.00
CA LYS RB 51 -94.84 -41.92 8.40
C LYS RB 51 -93.97 -42.90 9.20
N LEU RB 52 -93.40 -42.41 10.29
CA LEU RB 52 -92.49 -43.20 11.11
C LEU RB 52 -93.26 -44.01 12.15
N THR RB 53 -94.17 -44.85 11.65
CA THR RB 53 -94.93 -45.79 12.45
C THR RB 53 -94.68 -47.19 11.91
N ALA RB 54 -94.50 -48.15 12.82
CA ALA RB 54 -94.06 -49.49 12.45
C ALA RB 54 -94.89 -50.54 13.16
N GLU RB 55 -96.21 -50.36 13.18
CA GLU RB 55 -97.12 -51.30 13.80
C GLU RB 55 -97.79 -52.14 12.72
N GLY RB 56 -97.64 -53.46 12.82
CA GLY RB 56 -98.16 -54.38 11.83
C GLY RB 56 -97.20 -54.75 10.73
N LEU RB 57 -96.02 -54.16 10.69
CA LEU RB 57 -95.04 -54.45 9.64
C LEU RB 57 -94.12 -55.58 10.06
N ARG RB 58 -93.60 -56.30 9.06
CA ARG RB 58 -92.63 -57.37 9.26
C ARG RB 58 -91.34 -57.01 8.54
N PHE RB 59 -90.22 -57.22 9.21
CA PHE RB 59 -88.91 -56.88 8.68
C PHE RB 59 -88.01 -58.11 8.63
N GLY RB 60 -86.91 -57.97 7.91
CA GLY RB 60 -85.90 -59.00 7.84
C GLY RB 60 -84.52 -58.39 7.70
N ILE RB 61 -83.55 -58.84 8.49
CA ILE RB 61 -82.22 -58.25 8.53
C ILE RB 61 -81.21 -59.31 8.12
N VAL RB 62 -80.28 -58.92 7.24
CA VAL RB 62 -79.18 -59.77 6.80
C VAL RB 62 -77.89 -59.06 7.15
N ALA RB 63 -77.06 -59.71 7.97
CA ALA RB 63 -75.83 -59.10 8.47
C ALA RB 63 -74.67 -60.08 8.35
N SER RB 64 -73.47 -59.54 8.18
CA SER RB 64 -72.27 -60.33 8.00
C SER RB 64 -71.46 -60.35 9.30
N ARG RB 65 -70.26 -60.93 9.25
CA ARG RB 65 -69.42 -61.09 10.41
C ARG RB 65 -68.06 -60.43 10.31
N PHE RB 66 -67.58 -60.11 9.11
CA PHE RB 66 -66.30 -59.43 8.96
C PHE RB 66 -66.27 -58.19 9.82
N ASN RB 67 -65.30 -58.14 10.73
CA ASN RB 67 -65.24 -57.09 11.75
C ASN RB 67 -66.53 -57.09 12.58
N HIS RB 68 -66.77 -58.22 13.23
CA HIS RB 68 -68.02 -58.40 13.97
C HIS RB 68 -68.17 -57.41 15.12
N ALA RB 69 -67.07 -56.80 15.56
CA ALA RB 69 -67.17 -55.78 16.60
C ALA RB 69 -68.03 -54.61 16.13
N LEU RB 70 -67.71 -54.08 14.95
CA LEU RB 70 -68.53 -53.00 14.39
C LEU RB 70 -69.94 -53.49 14.08
N VAL RB 71 -70.07 -54.70 13.55
CA VAL RB 71 -71.36 -55.15 13.05
C VAL RB 71 -72.33 -55.38 14.20
N ASP RB 72 -71.87 -55.98 15.29
CA ASP RB 72 -72.76 -56.25 16.41
C ASP RB 72 -73.37 -54.96 16.96
N ARG RB 73 -72.62 -53.85 16.87
CA ARG RB 73 -73.17 -52.57 17.30
C ARG RB 73 -74.23 -52.08 16.33
N LEU RB 74 -73.95 -52.14 15.03
CA LEU RB 74 -74.89 -51.67 14.03
C LEU RB 74 -76.19 -52.46 14.08
N VAL RB 75 -76.09 -53.79 14.22
CA VAL RB 75 -77.29 -54.63 14.18
C VAL RB 75 -78.21 -54.31 15.33
N GLU RB 76 -77.66 -54.07 16.52
CA GLU RB 76 -78.49 -53.76 17.67
C GLU RB 76 -79.14 -52.39 17.55
N GLY RB 77 -78.53 -51.48 16.80
CA GLY RB 77 -79.17 -50.20 16.53
C GLY RB 77 -80.42 -50.36 15.68
N ALA RB 78 -80.41 -51.31 14.75
CA ALA RB 78 -81.56 -51.51 13.87
C ALA RB 78 -82.74 -52.10 14.64
N ILE RB 79 -82.49 -53.07 15.52
CA ILE RB 79 -83.58 -53.68 16.26
C ILE RB 79 -84.16 -52.70 17.27
N ASP RB 80 -83.34 -51.79 17.81
CA ASP RB 80 -83.86 -50.77 18.71
C ASP RB 80 -84.81 -49.82 18.00
N CYS RB 81 -84.44 -49.41 16.78
CA CYS RB 81 -85.25 -48.43 16.06
C CYS RB 81 -86.65 -48.97 15.76
N ILE RB 82 -86.74 -50.25 15.42
CA ILE RB 82 -88.04 -50.83 15.08
C ILE RB 82 -88.92 -50.96 16.33
N VAL RB 83 -88.34 -51.45 17.43
CA VAL RB 83 -89.15 -51.71 18.63
C VAL RB 83 -89.65 -50.41 19.24
N ARG RB 84 -88.82 -49.36 19.21
CA ARG RB 84 -89.19 -48.09 19.80
C ARG RB 84 -90.13 -47.26 18.92
N HIS RB 85 -90.40 -47.72 17.69
CA HIS RB 85 -91.36 -47.07 16.81
C HIS RB 85 -92.65 -47.87 16.69
N GLY RB 86 -92.89 -48.79 17.62
CA GLY RB 86 -94.13 -49.54 17.65
C GLY RB 86 -94.08 -50.95 17.11
N GLY RB 87 -92.91 -51.47 16.77
CA GLY RB 87 -92.79 -52.79 16.20
C GLY RB 87 -92.85 -53.89 17.24
N ARG RB 88 -92.67 -55.13 16.77
CA ARG RB 88 -92.59 -56.29 17.63
C ARG RB 88 -91.40 -57.14 17.25
N GLU RB 89 -90.77 -57.76 18.25
CA GLU RB 89 -89.66 -58.66 17.99
C GLU RB 89 -90.12 -59.99 17.42
N GLU RB 90 -91.39 -60.35 17.60
CA GLU RB 90 -91.94 -61.53 16.96
C GLU RB 90 -92.08 -61.37 15.45
N ASP RB 91 -91.86 -60.17 14.93
CA ASP RB 91 -91.99 -59.88 13.51
C ASP RB 91 -90.67 -59.48 12.87
N ILE RB 92 -89.54 -59.85 13.47
CA ILE RB 92 -88.23 -59.61 12.91
C ILE RB 92 -87.56 -60.96 12.64
N THR RB 93 -86.91 -61.08 11.48
CA THR RB 93 -86.19 -62.28 11.09
C THR RB 93 -84.76 -61.89 10.77
N LEU RB 94 -83.80 -62.48 11.50
CA LEU RB 94 -82.39 -62.14 11.37
C LEU RB 94 -81.63 -63.30 10.74
N VAL RB 95 -80.73 -62.97 9.81
CA VAL RB 95 -79.90 -63.95 9.11
C VAL RB 95 -78.47 -63.48 9.14
N ARG RB 96 -77.54 -64.38 9.46
CA ARG RB 96 -76.12 -64.10 9.48
C ARG RB 96 -75.42 -64.84 8.35
N VAL RB 97 -74.43 -64.20 7.74
CA VAL RB 97 -73.70 -64.78 6.62
C VAL RB 97 -72.21 -64.58 6.85
N PRO RB 98 -71.37 -65.38 6.16
CA PRO RB 98 -69.92 -65.24 6.39
C PRO RB 98 -69.34 -63.89 6.04
N GLY RB 99 -69.55 -63.40 4.81
CA GLY RB 99 -68.90 -62.20 4.35
C GLY RB 99 -69.82 -61.37 3.48
N SER RB 100 -69.27 -60.27 2.96
CA SER RB 100 -70.04 -59.35 2.15
C SER RB 100 -70.47 -59.99 0.83
N TRP RB 101 -69.64 -60.88 0.28
CA TRP RB 101 -69.99 -61.51 -0.99
C TRP RB 101 -71.31 -62.27 -0.89
N GLU RB 102 -71.66 -62.76 0.29
CA GLU RB 102 -72.81 -63.63 0.45
C GLU RB 102 -74.09 -62.89 0.82
N ILE RB 103 -74.04 -61.58 1.02
CA ILE RB 103 -75.24 -60.83 1.41
C ILE RB 103 -76.33 -60.91 0.35
N PRO RB 104 -76.05 -60.66 -0.94
CA PRO RB 104 -77.14 -60.65 -1.92
C PRO RB 104 -77.92 -61.95 -2.04
N VAL RB 105 -77.25 -63.10 -2.01
CA VAL RB 105 -77.98 -64.35 -2.20
C VAL RB 105 -78.89 -64.62 -1.01
N ALA RB 106 -78.49 -64.20 0.19
CA ALA RB 106 -79.33 -64.37 1.37
C ALA RB 106 -80.46 -63.36 1.42
N ALA RB 107 -80.25 -62.15 0.91
CA ALA RB 107 -81.33 -61.16 0.89
C ALA RB 107 -82.46 -61.61 -0.03
N GLY RB 108 -82.12 -62.26 -1.14
CA GLY RB 108 -83.14 -62.68 -2.09
C GLY RB 108 -84.10 -63.69 -1.49
N GLU RB 109 -83.59 -64.59 -0.64
CA GLU RB 109 -84.46 -65.57 -0.01
C GLU RB 109 -85.48 -64.91 0.90
N LEU RB 110 -85.05 -63.89 1.66
CA LEU RB 110 -85.98 -63.18 2.51
C LEU RB 110 -86.96 -62.33 1.70
N ALA RB 111 -86.49 -61.68 0.65
CA ALA RB 111 -87.34 -60.80 -0.13
C ALA RB 111 -88.41 -61.52 -0.92
N ARG RB 112 -88.35 -62.85 -1.02
CA ARG RB 112 -89.33 -63.63 -1.75
C ARG RB 112 -90.45 -64.16 -0.86
N LYS RB 113 -90.45 -63.81 0.42
CA LYS RB 113 -91.49 -64.25 1.34
C LYS RB 113 -92.66 -63.28 1.32
N GLU RB 114 -93.88 -63.83 1.32
CA GLU RB 114 -95.07 -63.00 1.29
C GLU RB 114 -95.31 -62.25 2.60
N ASP RB 115 -94.56 -62.55 3.65
CA ASP RB 115 -94.77 -61.92 4.95
C ASP RB 115 -93.87 -60.71 5.18
N ILE RB 116 -92.71 -60.66 4.56
CA ILE RB 116 -91.77 -59.57 4.80
C ILE RB 116 -92.17 -58.37 3.96
N ASP RB 117 -91.99 -57.18 4.53
CA ASP RB 117 -92.29 -55.92 3.87
C ASP RB 117 -91.06 -55.16 3.43
N ALA RB 118 -89.97 -55.21 4.19
CA ALA RB 118 -88.74 -54.53 3.83
C ALA RB 118 -87.56 -55.30 4.42
N VAL RB 119 -86.39 -55.10 3.82
CA VAL RB 119 -85.18 -55.82 4.18
C VAL RB 119 -84.05 -54.82 4.37
N ILE RB 120 -83.21 -55.07 5.38
CA ILE RB 120 -82.07 -54.21 5.71
C ILE RB 120 -80.80 -55.03 5.52
N ALA RB 121 -79.80 -54.41 4.91
CA ALA RB 121 -78.50 -55.02 4.69
C ALA RB 121 -77.45 -54.27 5.51
N ILE RB 122 -76.70 -55.00 6.32
CA ILE RB 122 -75.66 -54.43 7.16
C ILE RB 122 -74.37 -55.22 6.93
N GLY RB 123 -73.28 -54.50 6.68
CA GLY RB 123 -72.03 -55.17 6.40
C GLY RB 123 -70.88 -54.19 6.37
N VAL RB 124 -69.68 -54.73 6.31
CA VAL RB 124 -68.44 -53.95 6.33
C VAL RB 124 -67.63 -54.31 5.08
N LEU RB 125 -67.15 -53.29 4.39
CA LEU RB 125 -66.38 -53.44 3.18
C LEU RB 125 -64.93 -53.00 3.40
N ILE RB 126 -64.06 -53.47 2.52
CA ILE RB 126 -62.66 -53.04 2.46
C ILE RB 126 -62.42 -52.48 1.06
N ARG RB 127 -61.98 -51.22 0.99
CA ARG RB 127 -61.81 -50.52 -0.28
C ARG RB 127 -60.37 -50.07 -0.41
N GLY RB 128 -59.79 -50.28 -1.60
CA GLY RB 128 -58.47 -49.79 -1.91
C GLY RB 128 -57.32 -50.60 -1.36
N ALA RB 129 -57.60 -51.72 -0.70
CA ALA RB 129 -56.52 -52.52 -0.10
C ALA RB 129 -55.80 -53.35 -1.15
N THR RB 130 -56.51 -54.29 -1.76
CA THR RB 130 -55.92 -55.18 -2.76
C THR RB 130 -57.05 -55.71 -3.64
N PRO RB 131 -56.72 -56.23 -4.83
CA PRO RB 131 -57.76 -56.90 -5.63
C PRO RB 131 -58.35 -58.07 -4.85
N HIS RB 132 -59.43 -58.61 -5.39
CA HIS RB 132 -60.30 -59.60 -4.74
C HIS RB 132 -61.24 -58.91 -3.76
N PHE RB 133 -61.12 -57.59 -3.56
CA PHE RB 133 -62.08 -56.84 -2.76
C PHE RB 133 -62.61 -55.61 -3.47
N ASP RB 134 -61.93 -55.11 -4.50
CA ASP RB 134 -62.56 -54.14 -5.39
C ASP RB 134 -63.58 -54.81 -6.29
N TYR RB 135 -63.28 -56.04 -6.74
CA TYR RB 135 -64.28 -56.81 -7.46
C TYR RB 135 -65.47 -57.13 -6.59
N ILE RB 136 -65.24 -57.50 -5.34
CA ILE RB 136 -66.33 -57.87 -4.45
C ILE RB 136 -67.25 -56.67 -4.21
N ALA RB 137 -66.66 -55.51 -3.90
CA ALA RB 137 -67.45 -54.35 -3.53
C ALA RB 137 -68.37 -53.92 -4.65
N SER RB 138 -67.88 -53.91 -5.88
CA SER RB 138 -68.68 -53.45 -7.00
C SER RB 138 -69.87 -54.37 -7.27
N GLU RB 139 -69.88 -55.57 -6.72
CA GLU RB 139 -70.95 -56.53 -6.98
C GLU RB 139 -71.98 -56.61 -5.87
N VAL RB 140 -71.62 -56.24 -4.65
CA VAL RB 140 -72.60 -56.20 -3.57
C VAL RB 140 -73.61 -55.09 -3.83
N SER RB 141 -73.14 -53.92 -4.24
CA SER RB 141 -74.06 -52.82 -4.55
C SER RB 141 -74.95 -53.16 -5.74
N LYS RB 142 -74.37 -53.71 -6.80
CA LYS RB 142 -75.14 -53.97 -8.02
C LYS RB 142 -76.22 -55.02 -7.78
N GLY RB 143 -75.91 -56.05 -7.00
CA GLY RB 143 -76.87 -57.12 -6.78
C GLY RB 143 -78.08 -56.66 -6.00
N LEU RB 144 -77.87 -55.87 -4.95
CA LEU RB 144 -78.98 -55.42 -4.12
C LEU RB 144 -79.93 -54.53 -4.91
N ALA RB 145 -79.38 -53.68 -5.78
CA ALA RB 145 -80.20 -52.79 -6.58
C ALA RB 145 -81.12 -53.56 -7.52
N ASN RB 146 -80.63 -54.67 -8.09
CA ASN RB 146 -81.46 -55.45 -9.00
C ASN RB 146 -82.57 -56.19 -8.27
N LEU RB 147 -82.32 -56.65 -7.04
CA LEU RB 147 -83.35 -57.36 -6.30
C LEU RB 147 -84.54 -56.46 -6.01
N SER RB 148 -84.29 -55.20 -5.66
CA SER RB 148 -85.37 -54.28 -5.34
C SER RB 148 -86.31 -54.13 -6.52
N LEU RB 149 -85.76 -53.88 -7.71
CA LEU RB 149 -86.60 -53.61 -8.88
C LEU RB 149 -87.30 -54.87 -9.37
N GLU RB 150 -86.63 -56.02 -9.27
CA GLU RB 150 -87.22 -57.25 -9.79
C GLU RB 150 -88.38 -57.72 -8.92
N LEU RB 151 -88.21 -57.68 -7.61
CA LEU RB 151 -89.21 -58.18 -6.67
C LEU RB 151 -90.14 -57.09 -6.14
N ARG RB 152 -89.89 -55.82 -6.47
CA ARG RB 152 -90.74 -54.70 -6.06
C ARG RB 152 -90.89 -54.67 -4.53
N LYS RB 153 -89.75 -54.48 -3.87
CA LYS RB 153 -89.68 -54.45 -2.42
C LYS RB 153 -88.47 -53.62 -2.05
N PRO RB 154 -88.55 -52.79 -1.02
CA PRO RB 154 -87.41 -51.91 -0.69
C PRO RB 154 -86.34 -52.65 0.10
N ILE RB 155 -85.09 -52.44 -0.30
CA ILE RB 155 -83.93 -53.03 0.37
C ILE RB 155 -82.96 -51.90 0.68
N THR RB 156 -82.70 -51.68 1.97
CA THR RB 156 -81.91 -50.54 2.41
C THR RB 156 -80.45 -50.94 2.58
N PHE RB 157 -79.58 -49.96 2.39
CA PHE RB 157 -78.14 -50.17 2.24
C PHE RB 157 -77.44 -49.61 3.48
N GLY RB 158 -77.30 -50.45 4.50
CA GLY RB 158 -76.62 -50.06 5.71
C GLY RB 158 -75.16 -50.45 5.73
N VAL RB 159 -74.62 -50.74 4.55
CA VAL RB 159 -73.25 -51.23 4.43
C VAL RB 159 -72.30 -50.04 4.54
N ILE RB 160 -71.31 -50.16 5.43
CA ILE RB 160 -70.34 -49.10 5.67
C ILE RB 160 -68.97 -49.55 5.17
N THR RB 161 -67.98 -48.66 5.30
CA THR RB 161 -66.63 -48.91 4.83
C THR RB 161 -65.64 -48.55 5.93
N ALA RB 162 -64.45 -49.11 5.82
CA ALA RB 162 -63.38 -48.86 6.78
C ALA RB 162 -63.82 -49.21 8.19
N GLY SB 15 75.95 63.95 -0.68
CA GLY SB 15 75.18 63.21 0.29
C GLY SB 15 74.03 64.00 0.88
N ASN SB 16 74.15 65.34 0.86
CA ASN SB 16 73.13 66.22 1.39
C ASN SB 16 73.05 67.46 0.52
N LYS SB 17 71.85 68.04 0.46
CA LYS SB 17 71.63 69.20 -0.41
C LYS SB 17 72.30 70.46 0.11
N GLY SB 18 72.71 70.48 1.37
CA GLY SB 18 73.47 71.62 1.86
C GLY SB 18 74.80 71.77 1.18
N TRP SB 19 75.51 70.64 1.00
CA TRP SB 19 76.76 70.65 0.26
C TRP SB 19 76.53 71.06 -1.20
N GLU SB 20 75.49 70.53 -1.82
CA GLU SB 20 75.23 70.84 -3.23
C GLU SB 20 74.89 72.31 -3.42
N ALA SB 21 74.07 72.88 -2.54
CA ALA SB 21 73.67 74.27 -2.69
C ALA SB 21 74.87 75.21 -2.54
N ALA SB 22 75.76 74.91 -1.60
CA ALA SB 22 76.93 75.75 -1.42
C ALA SB 22 77.88 75.70 -2.61
N LEU SB 23 77.95 74.54 -3.28
CA LEU SB 23 78.84 74.42 -4.43
C LEU SB 23 78.35 75.24 -5.61
N SER SB 24 77.04 75.29 -5.83
CA SER SB 24 76.50 76.13 -6.88
C SER SB 24 76.76 77.61 -6.58
N ALA SB 25 76.67 77.99 -5.31
CA ALA SB 25 76.89 79.39 -4.94
C ALA SB 25 78.32 79.83 -5.26
N ILE SB 26 79.30 78.96 -4.98
CA ILE SB 26 80.69 79.32 -5.26
C ILE SB 26 80.88 79.55 -6.76
N GLU SB 27 80.36 78.64 -7.58
CA GLU SB 27 80.53 78.77 -9.02
C GLU SB 27 79.86 80.02 -9.55
N MET SB 28 78.64 80.30 -9.09
CA MET SB 28 77.92 81.46 -9.57
C MET SB 28 78.59 82.76 -9.15
N ALA SB 29 79.17 82.80 -7.94
CA ALA SB 29 79.88 83.99 -7.51
C ALA SB 29 81.07 84.29 -8.40
N ASN SB 30 81.83 83.26 -8.76
CA ASN SB 30 83.00 83.47 -9.62
C ASN SB 30 82.59 83.80 -11.05
N LEU SB 31 81.46 83.26 -11.51
CA LEU SB 31 80.99 83.57 -12.86
C LEU SB 31 80.63 85.03 -13.01
N PHE SB 32 80.02 85.63 -11.99
CA PHE SB 32 79.59 87.01 -12.09
C PHE SB 32 80.74 87.98 -12.02
N LYS SB 33 81.91 87.56 -11.52
CA LYS SB 33 83.09 88.40 -11.60
C LYS SB 33 83.65 88.45 -13.01
N SER SB 34 83.52 87.36 -13.76
CA SER SB 34 84.03 87.34 -15.13
C SER SB 34 83.15 88.16 -16.06
N LEU SB 35 81.83 88.04 -15.92
CA LEU SB 35 80.93 88.79 -16.79
C LEU SB 35 81.10 90.29 -16.60
N ARG SB 36 81.27 90.74 -15.36
CA ARG SB 36 81.43 92.15 -15.04
C ARG SB 36 82.92 92.52 -15.06
N GLY SB 37 83.55 92.26 -16.19
CA GLY SB 37 84.97 92.53 -16.35
C GLY SB 37 85.29 92.90 -17.79
N THR SB 38 86.43 93.55 -17.95
CA THR SB 38 86.90 93.99 -19.26
C THR SB 38 88.38 93.66 -19.41
N GLY SB 39 88.80 93.47 -20.65
CA GLY SB 39 90.18 93.14 -20.93
C GLY SB 39 90.34 92.69 -22.35
N GLY SB 40 91.57 92.29 -22.68
CA GLY SB 40 91.86 91.82 -24.01
C GLY SB 40 91.19 90.48 -24.29
N SER SB 41 90.91 90.25 -25.57
CA SER SB 41 90.27 89.01 -26.00
C SER SB 41 90.72 88.70 -27.42
N GLY SB 42 90.58 87.42 -27.79
CA GLY SB 42 90.96 86.95 -29.11
C GLY SB 42 89.83 87.11 -30.11
N SER SB 43 90.08 86.59 -31.31
CA SER SB 43 89.11 86.64 -32.40
C SER SB 43 88.24 85.39 -32.47
N SER SB 44 88.35 84.49 -31.52
CA SER SB 44 87.60 83.24 -31.51
C SER SB 44 86.34 83.37 -30.66
N MET SB 45 85.69 82.25 -30.41
CA MET SB 45 84.51 82.22 -29.55
C MET SB 45 84.89 82.55 -28.12
N GLU SB 46 83.99 83.24 -27.42
CA GLU SB 46 84.20 83.65 -26.04
C GLU SB 46 83.39 82.76 -25.10
N ILE SB 47 84.06 82.20 -24.09
CA ILE SB 47 83.44 81.31 -23.13
C ILE SB 47 83.65 81.87 -21.73
N TYR SB 48 82.58 81.89 -20.94
CA TYR SB 48 82.60 82.31 -19.55
C TYR SB 48 82.27 81.12 -18.67
N GLU SB 49 83.15 80.79 -17.74
CA GLU SB 49 82.97 79.70 -16.81
C GLU SB 49 83.27 80.18 -15.40
N GLY SB 50 82.90 79.36 -14.42
CA GLY SB 50 83.15 79.67 -13.03
C GLY SB 50 84.06 78.66 -12.36
N LYS SB 51 85.13 79.14 -11.74
CA LYS SB 51 86.02 78.28 -10.98
C LYS SB 51 85.41 77.94 -9.63
N LEU SB 52 86.02 76.97 -8.95
CA LEU SB 52 85.56 76.51 -7.65
C LEU SB 52 86.55 76.88 -6.55
N THR SB 53 87.13 78.07 -6.65
CA THR SB 53 87.98 78.62 -5.61
C THR SB 53 87.16 79.62 -4.80
N ALA SB 54 87.08 79.41 -3.50
CA ALA SB 54 86.22 80.19 -2.62
C ALA SB 54 86.96 81.29 -1.88
N GLU SB 55 88.18 81.59 -2.27
CA GLU SB 55 88.99 82.57 -1.56
C GLU SB 55 88.53 83.98 -1.89
N GLY SB 56 88.28 84.78 -0.85
CA GLY SB 56 87.93 86.17 -1.02
C GLY SB 56 86.44 86.45 -1.15
N LEU SB 57 85.59 85.44 -1.17
CA LEU SB 57 84.16 85.62 -1.32
C LEU SB 57 83.46 85.65 0.03
N ARG SB 58 82.26 86.22 0.04
CA ARG SB 58 81.45 86.38 1.25
C ARG SB 58 80.06 85.84 0.99
N PHE SB 59 79.57 84.99 1.89
CA PHE SB 59 78.35 84.24 1.67
C PHE SB 59 77.31 84.56 2.74
N GLY SB 60 76.07 84.17 2.46
CA GLY SB 60 74.98 84.27 3.39
C GLY SB 60 74.12 83.02 3.38
N ILE SB 61 73.73 82.54 4.56
CA ILE SB 61 72.92 81.34 4.71
C ILE SB 61 71.66 81.70 5.49
N VAL SB 62 70.53 81.17 5.04
CA VAL SB 62 69.23 81.34 5.69
C VAL SB 62 68.63 79.95 5.89
N ALA SB 63 68.45 79.56 7.15
CA ALA SB 63 68.01 78.21 7.50
C ALA SB 63 66.80 78.27 8.42
N SER SB 64 65.88 77.34 8.22
CA SER SB 64 64.69 77.25 9.06
C SER SB 64 64.91 76.23 10.17
N ARG SB 65 64.03 76.27 11.17
CA ARG SB 65 64.15 75.40 12.33
C ARG SB 65 63.31 74.14 12.23
N PHE SB 66 62.38 74.08 11.29
CA PHE SB 66 61.47 72.95 11.19
C PHE SB 66 62.20 71.62 11.15
N ASN SB 67 61.50 70.54 11.48
CA ASN SB 67 62.06 69.19 11.52
C ASN SB 67 63.22 69.08 12.50
N HIS SB 68 63.30 69.99 13.47
CA HIS SB 68 64.19 69.83 14.60
C HIS SB 68 65.67 69.86 14.20
N ALA SB 69 66.31 68.70 14.06
CA ALA SB 69 67.76 68.62 13.93
C ALA SB 69 68.23 68.34 12.51
N LEU SB 70 67.32 68.05 11.57
CA LEU SB 70 67.77 67.70 10.23
C LEU SB 70 68.41 68.89 9.54
N VAL SB 71 67.95 70.11 9.84
CA VAL SB 71 68.54 71.30 9.24
C VAL SB 71 69.96 71.49 9.72
N ASP SB 72 70.22 71.18 11.00
CA ASP SB 72 71.57 71.30 11.52
C ASP SB 72 72.55 70.45 10.73
N ARG SB 73 72.10 69.29 10.24
CA ARG SB 73 72.94 68.47 9.37
C ARG SB 73 73.21 69.19 8.06
N LEU SB 74 72.20 69.84 7.50
CA LEU SB 74 72.38 70.54 6.23
C LEU SB 74 73.28 71.77 6.38
N VAL SB 75 73.10 72.52 7.46
CA VAL SB 75 73.93 73.71 7.68
C VAL SB 75 75.39 73.31 7.90
N GLU SB 76 75.62 72.16 8.55
CA GLU SB 76 76.99 71.69 8.75
C GLU SB 76 77.66 71.40 7.42
N GLY SB 77 76.94 70.78 6.49
CA GLY SB 77 77.49 70.49 5.18
C GLY SB 77 77.84 71.74 4.40
N ALA SB 78 77.01 72.78 4.52
CA ALA SB 78 77.27 74.02 3.78
C ALA SB 78 78.58 74.66 4.19
N ILE SB 79 78.82 74.75 5.50
CA ILE SB 79 80.04 75.41 5.97
C ILE SB 79 81.26 74.57 5.61
N ASP SB 80 81.14 73.25 5.65
CA ASP SB 80 82.26 72.39 5.30
C ASP SB 80 82.70 72.63 3.86
N CYS SB 81 81.75 72.85 2.95
CA CYS SB 81 82.09 73.12 1.56
C CYS SB 81 82.87 74.42 1.43
N ILE SB 82 82.46 75.47 2.15
CA ILE SB 82 83.09 76.77 1.98
C ILE SB 82 84.50 76.76 2.56
N VAL SB 83 84.68 76.12 3.72
CA VAL SB 83 85.99 76.15 4.37
C VAL SB 83 87.01 75.32 3.59
N ARG SB 84 86.58 74.15 3.08
CA ARG SB 84 87.50 73.25 2.42
C ARG SB 84 87.85 73.68 1.00
N HIS SB 85 87.08 74.57 0.40
CA HIS SB 85 87.39 75.09 -0.92
C HIS SB 85 88.19 76.39 -0.87
N GLY SB 86 88.60 76.83 0.31
CA GLY SB 86 89.45 78.00 0.46
C GLY SB 86 88.83 79.17 1.19
N GLY SB 87 87.56 79.11 1.56
CA GLY SB 87 86.93 80.23 2.22
C GLY SB 87 87.24 80.31 3.69
N ARG SB 88 86.89 81.44 4.28
CA ARG SB 88 87.12 81.72 5.68
C ARG SB 88 85.79 81.79 6.42
N GLU SB 89 85.75 81.21 7.62
CA GLU SB 89 84.52 81.17 8.40
C GLU SB 89 84.11 82.52 8.96
N GLU SB 90 85.00 83.51 8.94
CA GLU SB 90 84.64 84.86 9.33
C GLU SB 90 83.81 85.59 8.28
N ASP SB 91 83.65 85.01 7.09
CA ASP SB 91 82.96 85.65 5.99
C ASP SB 91 81.58 85.06 5.74
N ILE SB 92 81.04 84.29 6.67
CA ILE SB 92 79.71 83.71 6.55
C ILE SB 92 78.78 84.44 7.51
N THR SB 93 77.52 84.60 7.10
CA THR SB 93 76.48 85.20 7.95
C THR SB 93 75.30 84.24 8.01
N LEU SB 94 74.90 83.88 9.22
CA LEU SB 94 73.82 82.91 9.43
C LEU SB 94 72.60 83.62 9.98
N VAL SB 95 71.45 83.38 9.35
CA VAL SB 95 70.16 83.90 9.79
C VAL SB 95 69.21 82.73 9.94
N ARG SB 96 68.49 82.68 11.06
CA ARG SB 96 67.59 81.58 11.36
C ARG SB 96 66.16 82.09 11.43
N VAL SB 97 65.25 81.37 10.79
CA VAL SB 97 63.84 81.75 10.70
C VAL SB 97 62.96 80.63 11.24
N PRO SB 98 61.73 80.92 11.65
CA PRO SB 98 60.92 79.87 12.30
C PRO SB 98 60.49 78.75 11.37
N GLY SB 99 60.03 79.06 10.16
CA GLY SB 99 59.53 78.05 9.26
C GLY SB 99 59.90 78.34 7.83
N SER SB 100 59.47 77.43 6.94
CA SER SB 100 59.79 77.57 5.53
C SER SB 100 59.09 78.78 4.92
N TRP SB 101 57.89 79.10 5.40
CA TRP SB 101 57.14 80.22 4.86
C TRP SB 101 57.89 81.54 5.03
N GLU SB 102 58.83 81.62 5.97
CA GLU SB 102 59.53 82.86 6.28
C GLU SB 102 60.85 83.02 5.55
N ILE SB 103 61.27 82.04 4.76
CA ILE SB 103 62.59 82.09 4.13
C ILE SB 103 62.69 83.24 3.12
N PRO SB 104 61.72 83.42 2.21
CA PRO SB 104 61.88 84.47 1.19
C PRO SB 104 62.05 85.88 1.74
N VAL SB 105 61.31 86.25 2.78
CA VAL SB 105 61.41 87.62 3.29
C VAL SB 105 62.75 87.84 3.98
N ALA SB 106 63.25 86.82 4.70
CA ALA SB 106 64.56 86.95 5.33
C ALA SB 106 65.67 86.98 4.29
N ALA SB 107 65.51 86.23 3.20
CA ALA SB 107 66.53 86.22 2.15
C ALA SB 107 66.65 87.57 1.48
N GLY SB 108 65.51 88.24 1.25
CA GLY SB 108 65.56 89.54 0.60
C GLY SB 108 66.35 90.57 1.38
N GLU SB 109 66.18 90.58 2.70
CA GLU SB 109 66.94 91.51 3.53
C GLU SB 109 68.43 91.23 3.45
N LEU SB 110 68.80 89.95 3.45
CA LEU SB 110 70.21 89.54 3.44
C LEU SB 110 70.87 89.74 2.08
N ALA SB 111 70.09 89.77 1.00
CA ALA SB 111 70.62 89.92 -0.35
C ALA SB 111 70.63 91.36 -0.82
N ARG SB 112 70.26 92.32 0.02
CA ARG SB 112 70.21 93.72 -0.35
C ARG SB 112 71.40 94.51 0.19
N LYS SB 113 72.38 93.85 0.79
CA LYS SB 113 73.57 94.51 1.30
C LYS SB 113 74.76 94.17 0.42
N GLU SB 114 75.61 95.18 0.19
CA GLU SB 114 76.65 95.08 -0.83
C GLU SB 114 77.77 94.12 -0.45
N ASP SB 115 77.91 93.78 0.83
CA ASP SB 115 78.98 92.89 1.25
C ASP SB 115 78.73 91.43 0.89
N ILE SB 116 77.48 91.05 0.65
CA ILE SB 116 77.15 89.67 0.34
C ILE SB 116 77.27 89.43 -1.16
N ASP SB 117 77.82 88.28 -1.53
CA ASP SB 117 77.99 87.90 -2.91
C ASP SB 117 76.98 86.85 -3.38
N ALA SB 118 76.59 85.92 -2.52
CA ALA SB 118 75.58 84.94 -2.86
C ALA SB 118 74.89 84.49 -1.59
N VAL SB 119 73.66 83.99 -1.76
CA VAL SB 119 72.80 83.58 -0.65
C VAL SB 119 72.38 82.12 -0.86
N ILE SB 120 72.34 81.36 0.23
CA ILE SB 120 71.98 79.95 0.20
C ILE SB 120 70.78 79.75 1.11
N ALA SB 121 69.77 79.06 0.60
CA ALA SB 121 68.53 78.80 1.33
C ALA SB 121 68.40 77.32 1.64
N ILE SB 122 68.16 76.99 2.90
CA ILE SB 122 68.09 75.61 3.38
C ILE SB 122 66.85 75.44 4.23
N GLY SB 123 66.19 74.30 4.09
CA GLY SB 123 65.01 74.04 4.89
C GLY SB 123 64.44 72.67 4.59
N VAL SB 124 63.41 72.32 5.35
CA VAL SB 124 62.72 71.04 5.21
C VAL SB 124 61.23 71.32 5.10
N LEU SB 125 60.57 70.67 4.15
CA LEU SB 125 59.14 70.81 3.92
C LEU SB 125 58.41 69.54 4.31
N ILE SB 126 57.14 69.69 4.63
CA ILE SB 126 56.30 68.58 5.08
C ILE SB 126 55.43 68.13 3.90
N ARG SB 127 55.07 66.85 3.91
CA ARG SB 127 54.28 66.22 2.85
C ARG SB 127 53.06 65.54 3.43
N GLY SB 128 52.32 66.26 4.27
CA GLY SB 128 51.15 65.71 4.93
C GLY SB 128 49.94 65.53 4.06
N ALA SB 129 50.03 65.85 2.76
CA ALA SB 129 48.91 65.69 1.83
C ALA SB 129 47.70 66.51 2.29
N THR SB 130 47.97 67.76 2.66
CA THR SB 130 46.97 68.70 3.10
C THR SB 130 47.10 70.00 2.33
N PRO SB 131 45.98 70.71 2.08
CA PRO SB 131 46.11 72.02 1.43
C PRO SB 131 46.97 73.01 2.21
N HIS SB 132 47.05 72.86 3.53
CA HIS SB 132 47.86 73.78 4.33
C HIS SB 132 49.33 73.73 3.90
N PHE SB 133 49.85 72.53 3.65
CA PHE SB 133 51.25 72.38 3.26
C PHE SB 133 51.46 72.50 1.76
N ASP SB 134 50.48 72.09 0.95
CA ASP SB 134 50.65 72.14 -0.50
C ASP SB 134 50.79 73.57 -1.00
N TYR SB 135 50.05 74.50 -0.41
CA TYR SB 135 50.13 75.89 -0.82
C TYR SB 135 51.41 76.55 -0.31
N ILE SB 136 51.82 76.24 0.90
CA ILE SB 136 53.06 76.80 1.43
C ILE SB 136 54.25 76.38 0.59
N ALA SB 137 54.24 75.15 0.09
CA ALA SB 137 55.38 74.65 -0.66
C ALA SB 137 55.61 75.46 -1.92
N SER SB 138 54.53 75.80 -2.64
CA SER SB 138 54.68 76.48 -3.92
C SER SB 138 55.25 77.88 -3.73
N GLU SB 139 54.82 78.58 -2.68
CA GLU SB 139 55.21 79.99 -2.53
C GLU SB 139 56.67 80.14 -2.17
N VAL SB 140 57.27 79.16 -1.51
CA VAL SB 140 58.69 79.26 -1.15
C VAL SB 140 59.54 79.33 -2.41
N SER SB 141 59.22 78.50 -3.40
CA SER SB 141 60.02 78.46 -4.63
C SER SB 141 59.84 79.71 -5.46
N LYS SB 142 58.60 80.20 -5.57
CA LYS SB 142 58.34 81.35 -6.43
C LYS SB 142 58.99 82.61 -5.90
N GLY SB 143 59.00 82.79 -4.57
CA GLY SB 143 59.58 84.00 -4.01
C GLY SB 143 61.08 84.07 -4.22
N LEU SB 144 61.78 82.97 -4.00
CA LEU SB 144 63.23 82.96 -4.19
C LEU SB 144 63.59 83.14 -5.66
N ALA SB 145 62.76 82.65 -6.57
CA ALA SB 145 63.03 82.80 -7.99
C ALA SB 145 62.90 84.25 -8.41
N ASN SB 146 61.83 84.92 -7.99
CA ASN SB 146 61.63 86.32 -8.35
C ASN SB 146 62.71 87.21 -7.75
N LEU SB 147 63.11 86.93 -6.51
CA LEU SB 147 64.04 87.81 -5.81
C LEU SB 147 65.41 87.83 -6.47
N SER SB 148 65.83 86.72 -7.06
CA SER SB 148 67.13 86.69 -7.73
C SER SB 148 67.09 87.49 -9.02
N LEU SB 149 65.95 87.54 -9.70
CA LEU SB 149 65.83 88.34 -10.92
C LEU SB 149 65.69 89.83 -10.61
N GLU SB 150 64.97 90.17 -9.54
CA GLU SB 150 64.81 91.57 -9.18
C GLU SB 150 66.14 92.21 -8.78
N LEU SB 151 66.92 91.52 -7.96
CA LEU SB 151 68.14 92.09 -7.41
C LEU SB 151 69.39 91.71 -8.20
N ARG SB 152 69.28 90.81 -9.16
CA ARG SB 152 70.42 90.38 -9.98
C ARG SB 152 71.55 89.83 -9.12
N LYS SB 153 71.20 88.90 -8.21
CA LYS SB 153 72.15 88.23 -7.35
C LYS SB 153 71.80 86.75 -7.31
N PRO SB 154 72.78 85.85 -7.31
CA PRO SB 154 72.47 84.41 -7.30
C PRO SB 154 71.99 83.93 -5.94
N ILE SB 155 70.86 83.20 -5.95
CA ILE SB 155 70.28 82.59 -4.77
C ILE SB 155 70.04 81.13 -5.08
N THR SB 156 70.51 80.24 -4.21
CA THR SB 156 70.51 78.80 -4.45
C THR SB 156 69.44 78.11 -3.61
N PHE SB 157 68.89 77.05 -4.16
CA PHE SB 157 67.75 76.35 -3.60
C PHE SB 157 68.22 75.04 -2.98
N GLY SB 158 68.05 74.92 -1.67
CA GLY SB 158 68.46 73.73 -0.95
C GLY SB 158 67.40 73.17 -0.03
N VAL SB 159 66.14 73.24 -0.44
CA VAL SB 159 65.01 72.80 0.37
C VAL SB 159 64.67 71.36 -0.02
N ILE SB 160 64.59 70.49 0.98
CA ILE SB 160 64.23 69.09 0.77
C ILE SB 160 62.86 68.83 1.37
N THR SB 161 62.37 67.62 1.18
CA THR SB 161 61.09 67.18 1.71
C THR SB 161 61.28 66.07 2.71
N ALA SB 162 60.47 66.06 3.76
CA ALA SB 162 60.51 65.03 4.79
C ALA SB 162 61.88 64.97 5.45
N GLY TB 15 65.62 65.35 -35.09
CA GLY TB 15 66.67 66.29 -34.76
C GLY TB 15 66.81 66.51 -33.26
N ASN TB 16 67.43 67.62 -32.88
CA ASN TB 16 67.64 67.97 -31.49
C ASN TB 16 67.20 69.39 -31.24
N LYS TB 17 66.73 69.64 -30.02
CA LYS TB 17 66.22 70.97 -29.68
C LYS TB 17 67.29 72.05 -29.77
N GLY TB 18 68.56 71.68 -29.78
CA GLY TB 18 69.60 72.67 -29.99
C GLY TB 18 69.49 73.30 -31.36
N TRP TB 19 69.23 72.49 -32.40
CA TRP TB 19 69.06 73.02 -33.74
C TRP TB 19 67.78 73.84 -33.85
N GLU TB 20 66.69 73.35 -33.26
CA GLU TB 20 65.41 74.05 -33.35
C GLU TB 20 65.47 75.39 -32.63
N ALA TB 21 66.12 75.44 -31.47
CA ALA TB 21 66.18 76.67 -30.70
C ALA TB 21 67.01 77.74 -31.40
N ALA TB 22 68.02 77.33 -32.18
CA ALA TB 22 68.82 78.31 -32.91
C ALA TB 22 68.10 78.82 -34.15
N LEU TB 23 67.27 77.99 -34.79
CA LEU TB 23 66.47 78.45 -35.91
C LEU TB 23 65.49 79.53 -35.48
N SER TB 24 64.80 79.32 -34.36
CA SER TB 24 63.84 80.31 -33.90
C SER TB 24 64.53 81.62 -33.58
N ALA TB 25 65.70 81.56 -32.95
CA ALA TB 25 66.42 82.78 -32.60
C ALA TB 25 66.85 83.55 -33.84
N ILE TB 26 67.27 82.85 -34.89
CA ILE TB 26 67.71 83.55 -36.10
C ILE TB 26 66.55 84.28 -36.75
N GLU TB 27 65.36 83.67 -36.73
CA GLU TB 27 64.22 84.29 -37.41
C GLU TB 27 63.68 85.48 -36.63
N MET TB 28 63.62 85.38 -35.30
CA MET TB 28 63.15 86.51 -34.50
C MET TB 28 64.12 87.67 -34.53
N ALA TB 29 65.41 87.41 -34.63
CA ALA TB 29 66.38 88.50 -34.71
C ALA TB 29 66.20 89.29 -36.00
N ASN TB 30 65.84 88.62 -37.09
CA ASN TB 30 65.58 89.31 -38.34
C ASN TB 30 64.24 90.03 -38.33
N LEU TB 31 63.24 89.47 -37.65
CA LEU TB 31 61.93 90.10 -37.59
C LEU TB 31 61.98 91.42 -36.84
N PHE TB 32 62.78 91.51 -35.78
CA PHE TB 32 62.83 92.73 -34.99
C PHE TB 32 63.60 93.85 -35.68
N LYS TB 33 64.42 93.52 -36.69
CA LYS TB 33 65.08 94.57 -37.46
C LYS TB 33 64.11 95.28 -38.39
N SER TB 34 63.26 94.52 -39.08
CA SER TB 34 62.31 95.12 -40.00
C SER TB 34 61.15 95.78 -39.27
N LEU TB 35 60.75 95.22 -38.13
CA LEU TB 35 59.63 95.78 -37.38
C LEU TB 35 60.00 97.09 -36.72
N ARG TB 36 61.28 97.34 -36.47
CA ARG TB 36 61.75 98.58 -35.86
C ARG TB 36 62.25 99.58 -36.88
N GLY TB 37 62.15 99.27 -38.18
CA GLY TB 37 62.54 100.18 -39.23
C GLY TB 37 61.36 100.96 -39.77
N THR TB 38 61.57 101.54 -40.96
CA THR TB 38 60.51 102.30 -41.62
C THR TB 38 59.39 101.36 -42.07
N GLY TB 39 58.15 101.83 -41.91
CA GLY TB 39 57.01 101.04 -42.31
C GLY TB 39 56.73 101.15 -43.80
N GLY TB 40 55.76 100.35 -44.24
CA GLY TB 40 55.39 100.35 -45.64
C GLY TB 40 54.71 101.65 -46.05
N SER TB 41 54.88 102.01 -47.32
CA SER TB 41 54.27 103.24 -47.82
C SER TB 41 52.75 103.17 -47.77
N GLY TB 42 52.18 102.03 -48.16
CA GLY TB 42 50.76 101.83 -48.17
C GLY TB 42 50.34 101.09 -49.42
N SER TB 43 49.05 101.17 -49.73
CA SER TB 43 48.43 100.59 -50.92
C SER TB 43 48.22 99.09 -50.78
N SER TB 44 48.52 98.49 -49.64
CA SER TB 44 48.29 97.06 -49.44
C SER TB 44 48.50 96.75 -47.97
N MET TB 45 48.07 95.55 -47.57
CA MET TB 45 48.30 95.07 -46.22
C MET TB 45 49.79 94.84 -46.00
N GLU TB 46 50.27 95.20 -44.82
CA GLU TB 46 51.68 95.07 -44.48
C GLU TB 46 51.94 93.75 -43.77
N ILE TB 47 52.89 92.99 -44.29
CA ILE TB 47 53.27 91.69 -43.72
C ILE TB 47 54.74 91.74 -43.34
N TYR TB 48 55.04 91.32 -42.12
CA TYR TB 48 56.40 91.24 -41.61
C TYR TB 48 56.77 89.78 -41.40
N GLU TB 49 57.92 89.37 -41.94
CA GLU TB 49 58.41 88.01 -41.82
C GLU TB 49 59.92 88.06 -41.59
N GLY TB 50 60.44 86.95 -41.07
CA GLY TB 50 61.86 86.82 -40.77
C GLY TB 50 62.54 85.86 -41.74
N LYS TB 51 63.64 86.33 -42.33
CA LYS TB 51 64.45 85.51 -43.21
C LYS TB 51 65.39 84.63 -42.38
N LEU TB 52 65.82 83.53 -42.99
CA LEU TB 52 66.76 82.61 -42.36
C LEU TB 52 68.17 82.86 -42.85
N THR TB 53 68.66 84.06 -42.56
CA THR TB 53 70.03 84.46 -42.84
C THR TB 53 70.62 85.08 -41.59
N ALA TB 54 71.84 84.67 -41.23
CA ALA TB 54 72.47 85.04 -39.98
C ALA TB 54 73.78 85.77 -40.20
N GLU TB 55 73.80 86.70 -41.15
CA GLU TB 55 75.00 87.45 -41.50
C GLU TB 55 74.94 88.80 -40.81
N GLY TB 56 75.81 89.01 -39.82
CA GLY TB 56 75.88 90.26 -39.10
C GLY TB 56 75.14 90.30 -37.78
N LEU TB 57 74.72 89.15 -37.24
CA LEU TB 57 73.98 89.10 -36.00
C LEU TB 57 74.81 88.44 -34.90
N ARG TB 58 74.61 88.90 -33.67
CA ARG TB 58 75.29 88.36 -32.50
C ARG TB 58 74.32 87.52 -31.69
N PHE TB 59 74.85 86.49 -31.03
CA PHE TB 59 74.04 85.55 -30.27
C PHE TB 59 74.71 85.24 -28.93
N GLY TB 60 73.89 84.88 -27.96
CA GLY TB 60 74.38 84.36 -26.70
C GLY TB 60 73.68 83.06 -26.36
N ILE TB 61 74.42 82.17 -25.70
CA ILE TB 61 73.93 80.84 -25.33
C ILE TB 61 74.18 80.63 -23.85
N VAL TB 62 73.17 80.14 -23.15
CA VAL TB 62 73.26 79.75 -21.75
C VAL TB 62 72.89 78.28 -21.66
N ALA TB 63 73.84 77.47 -21.20
CA ALA TB 63 73.67 76.02 -21.12
C ALA TB 63 74.11 75.53 -19.76
N SER TB 64 73.30 74.67 -19.16
CA SER TB 64 73.61 74.09 -17.87
C SER TB 64 74.61 72.95 -18.03
N ARG TB 65 74.93 72.28 -16.93
CA ARG TB 65 75.96 71.25 -16.90
C ARG TB 65 75.44 69.87 -16.55
N PHE TB 66 74.38 69.76 -15.78
CA PHE TB 66 73.87 68.45 -15.39
C PHE TB 66 73.59 67.61 -16.63
N ASN TB 67 73.66 66.30 -16.47
CA ASN TB 67 73.59 65.36 -17.59
C ASN TB 67 74.69 65.69 -18.61
N HIS TB 68 75.91 65.50 -18.12
CA HIS TB 68 77.14 65.87 -18.83
C HIS TB 68 77.08 65.61 -20.33
N ALA TB 69 76.65 64.40 -20.72
CA ALA TB 69 76.74 64.02 -22.12
C ALA TB 69 75.70 64.74 -22.97
N LEU TB 70 74.46 64.83 -22.50
CA LEU TB 70 73.38 65.34 -23.35
C LEU TB 70 73.63 66.79 -23.73
N VAL TB 71 73.87 67.65 -22.76
CA VAL TB 71 73.88 69.09 -23.03
C VAL TB 71 74.99 69.45 -24.00
N ASP TB 72 76.07 68.67 -24.02
CA ASP TB 72 77.16 68.96 -24.96
C ASP TB 72 76.72 68.74 -26.40
N ARG TB 73 75.85 67.76 -26.63
CA ARG TB 73 75.32 67.55 -27.98
C ARG TB 73 74.41 68.69 -28.40
N LEU TB 74 73.60 69.20 -27.48
CA LEU TB 74 72.70 70.30 -27.80
C LEU TB 74 73.47 71.57 -28.16
N VAL TB 75 74.55 71.86 -27.43
CA VAL TB 75 75.31 73.08 -27.69
C VAL TB 75 75.99 73.00 -29.06
N GLU TB 76 76.48 71.81 -29.44
CA GLU TB 76 77.09 71.65 -30.75
C GLU TB 76 76.07 71.86 -31.86
N GLY TB 77 74.84 71.39 -31.65
CA GLY TB 77 73.80 71.62 -32.64
C GLY TB 77 73.52 73.09 -32.86
N ALA TB 78 73.45 73.87 -31.78
CA ALA TB 78 73.14 75.28 -31.91
C ALA TB 78 74.23 76.04 -32.66
N ILE TB 79 75.50 75.73 -32.39
CA ILE TB 79 76.59 76.42 -33.06
C ILE TB 79 76.63 76.04 -34.54
N ASP TB 80 76.35 74.78 -34.84
CA ASP TB 80 76.37 74.34 -36.23
C ASP TB 80 75.30 75.06 -37.05
N CYS TB 81 74.13 75.28 -36.46
CA CYS TB 81 73.06 75.96 -37.17
C CYS TB 81 73.47 77.39 -37.54
N ILE TB 82 74.07 78.12 -36.60
CA ILE TB 82 74.40 79.53 -36.85
C ILE TB 82 75.48 79.64 -37.92
N VAL TB 83 76.52 78.81 -37.82
CA VAL TB 83 77.66 78.94 -38.73
C VAL TB 83 77.27 78.58 -40.15
N ARG TB 84 76.40 77.60 -40.32
CA ARG TB 84 76.01 77.16 -41.65
C ARG TB 84 74.96 78.05 -42.29
N HIS TB 85 74.41 79.02 -41.56
CA HIS TB 85 73.49 79.99 -42.12
C HIS TB 85 74.15 81.32 -42.44
N GLY TB 86 75.46 81.44 -42.23
CA GLY TB 86 76.20 82.64 -42.55
C GLY TB 86 76.79 83.36 -41.36
N GLY TB 87 76.55 82.87 -40.14
CA GLY TB 87 77.10 83.52 -38.97
C GLY TB 87 78.58 83.24 -38.80
N ARG TB 88 79.18 84.01 -37.90
CA ARG TB 88 80.60 83.90 -37.57
C ARG TB 88 80.74 83.37 -36.16
N GLU TB 89 81.67 82.43 -35.98
CA GLU TB 89 81.92 81.88 -34.66
C GLU TB 89 82.47 82.92 -33.69
N GLU TB 90 82.99 84.02 -34.22
CA GLU TB 90 83.49 85.10 -33.36
C GLU TB 90 82.37 85.91 -32.74
N ASP TB 91 81.15 85.78 -33.24
CA ASP TB 91 80.00 86.54 -32.76
C ASP TB 91 79.05 85.68 -31.94
N ILE TB 92 79.60 84.75 -31.16
CA ILE TB 92 78.82 83.91 -30.26
C ILE TB 92 79.44 83.98 -28.87
N THR TB 93 78.60 84.14 -27.86
CA THR TB 93 79.01 84.14 -26.46
C THR TB 93 78.39 82.94 -25.78
N LEU TB 94 79.18 82.23 -24.98
CA LEU TB 94 78.74 81.02 -24.29
C LEU TB 94 78.98 81.16 -22.80
N VAL TB 95 77.95 80.86 -22.01
CA VAL TB 95 78.01 80.93 -20.55
C VAL TB 95 77.52 79.59 -19.99
N ARG TB 96 78.30 79.01 -19.09
CA ARG TB 96 77.97 77.75 -18.45
C ARG TB 96 77.51 77.99 -17.02
N VAL TB 97 76.51 77.24 -16.58
CA VAL TB 97 75.98 77.36 -15.22
C VAL TB 97 75.85 75.96 -14.62
N PRO TB 98 75.80 75.86 -13.29
CA PRO TB 98 75.75 74.53 -12.67
C PRO TB 98 74.51 73.72 -13.02
N GLY TB 99 73.33 74.31 -12.87
CA GLY TB 99 72.10 73.56 -13.07
C GLY TB 99 71.00 74.37 -13.73
N SER TB 100 69.81 73.78 -13.83
CA SER TB 100 68.70 74.46 -14.47
C SER TB 100 68.20 75.63 -13.65
N TRP TB 101 68.27 75.53 -12.32
CA TRP TB 101 67.81 76.61 -11.46
C TRP TB 101 68.53 77.92 -11.75
N GLU TB 102 69.77 77.85 -12.24
CA GLU TB 102 70.58 79.04 -12.44
C GLU TB 102 70.43 79.65 -13.83
N ILE TB 103 69.71 79.01 -14.76
CA ILE TB 103 69.62 79.53 -16.13
C ILE TB 103 68.99 80.91 -16.17
N PRO TB 104 67.84 81.16 -15.56
CA PRO TB 104 67.20 82.48 -15.73
C PRO TB 104 68.05 83.65 -15.26
N VAL TB 105 68.81 83.49 -14.17
CA VAL TB 105 69.57 84.61 -13.64
C VAL TB 105 70.70 84.99 -14.59
N ALA TB 106 71.36 83.99 -15.17
CA ALA TB 106 72.43 84.27 -16.12
C ALA TB 106 71.90 84.85 -17.41
N ALA TB 107 70.72 84.41 -17.84
CA ALA TB 107 70.13 84.94 -19.07
C ALA TB 107 69.86 86.43 -18.96
N GLY TB 108 69.54 86.91 -17.76
CA GLY TB 108 69.31 88.34 -17.58
C GLY TB 108 70.54 89.18 -17.87
N GLU TB 109 71.70 88.70 -17.43
CA GLU TB 109 72.94 89.46 -17.66
C GLU TB 109 73.25 89.56 -19.14
N LEU TB 110 73.11 88.46 -19.88
CA LEU TB 110 73.39 88.50 -21.32
C LEU TB 110 72.41 89.39 -22.05
N ALA TB 111 71.12 89.32 -21.69
CA ALA TB 111 70.10 90.07 -22.40
C ALA TB 111 70.25 91.57 -22.21
N ARG TB 112 70.89 92.01 -21.14
CA ARG TB 112 71.05 93.43 -20.86
C ARG TB 112 72.23 94.06 -21.57
N LYS TB 113 73.02 93.29 -22.30
CA LYS TB 113 74.09 93.84 -23.12
C LYS TB 113 73.51 94.39 -24.42
N GLU TB 114 74.18 95.42 -24.95
CA GLU TB 114 73.71 96.12 -26.13
C GLU TB 114 74.27 95.57 -27.43
N ASP TB 115 75.07 94.51 -27.38
CA ASP TB 115 75.64 93.89 -28.58
C ASP TB 115 75.15 92.46 -28.78
N ILE TB 116 73.99 92.10 -28.21
CA ILE TB 116 73.41 90.77 -28.38
C ILE TB 116 72.00 90.94 -28.91
N ASP TB 117 71.67 90.17 -29.94
CA ASP TB 117 70.38 90.26 -30.60
C ASP TB 117 69.37 89.21 -30.12
N ALA TB 118 69.83 88.07 -29.65
CA ALA TB 118 68.93 87.05 -29.13
C ALA TB 118 69.72 86.12 -28.21
N VAL TB 119 69.00 85.39 -27.38
CA VAL TB 119 69.57 84.49 -26.40
C VAL TB 119 68.90 83.12 -26.54
N ILE TB 120 69.70 82.07 -26.41
CA ILE TB 120 69.25 80.68 -26.50
C ILE TB 120 69.55 80.00 -25.18
N ALA TB 121 68.53 79.38 -24.59
CA ALA TB 121 68.64 78.70 -23.30
C ALA TB 121 68.51 77.20 -23.48
N ILE TB 122 69.51 76.46 -23.00
CA ILE TB 122 69.57 75.00 -23.15
C ILE TB 122 69.78 74.39 -21.77
N GLY TB 123 69.25 73.18 -21.60
CA GLY TB 123 69.35 72.49 -20.33
C GLY TB 123 68.51 71.24 -20.33
N VAL TB 124 68.69 70.45 -19.28
CA VAL TB 124 67.99 69.19 -19.10
C VAL TB 124 67.33 69.19 -17.73
N LEU TB 125 66.03 68.93 -17.70
CA LEU TB 125 65.28 68.80 -16.45
C LEU TB 125 65.15 67.31 -16.12
N ILE TB 126 65.40 66.96 -14.86
CA ILE TB 126 65.48 65.57 -14.46
C ILE TB 126 64.25 65.19 -13.64
N ARG TB 127 63.11 65.82 -13.94
CA ARG TB 127 61.86 65.46 -13.31
C ARG TB 127 61.60 63.96 -13.48
N GLY TB 128 60.87 63.39 -12.52
CA GLY TB 128 60.57 61.97 -12.52
C GLY TB 128 60.51 61.39 -11.13
N ALA TB 129 61.12 62.06 -10.16
CA ALA TB 129 61.08 61.64 -8.76
C ALA TB 129 61.69 62.76 -7.94
N THR TB 130 61.84 62.52 -6.63
CA THR TB 130 62.49 63.49 -5.75
C THR TB 130 61.81 64.86 -5.86
N PRO TB 131 60.65 65.06 -5.20
CA PRO TB 131 59.90 66.32 -5.39
C PRO TB 131 60.71 67.61 -5.29
N HIS TB 132 61.94 67.52 -4.78
CA HIS TB 132 62.85 68.66 -4.84
C HIS TB 132 62.97 69.19 -6.26
N PHE TB 133 62.97 68.31 -7.25
CA PHE TB 133 63.14 68.70 -8.65
C PHE TB 133 61.84 69.03 -9.36
N ASP TB 134 60.69 68.78 -8.75
CA ASP TB 134 59.43 69.13 -9.38
C ASP TB 134 59.15 70.62 -9.29
N TYR TB 135 59.65 71.29 -8.24
CA TYR TB 135 59.48 72.72 -8.10
C TYR TB 135 60.42 73.50 -9.01
N ILE TB 136 61.62 73.00 -9.23
CA ILE TB 136 62.58 73.68 -10.10
C ILE TB 136 62.04 73.76 -11.51
N ALA TB 137 61.33 72.72 -11.96
CA ALA TB 137 60.88 72.67 -13.35
C ALA TB 137 59.95 73.84 -13.67
N SER TB 138 59.03 74.15 -12.76
CA SER TB 138 58.03 75.18 -13.03
C SER TB 138 58.61 76.59 -13.02
N GLU TB 139 59.75 76.79 -12.35
CA GLU TB 139 60.29 78.14 -12.19
C GLU TB 139 61.19 78.58 -13.34
N VAL TB 140 61.75 77.64 -14.09
CA VAL TB 140 62.64 78.02 -15.19
C VAL TB 140 61.85 78.66 -16.32
N SER TB 141 60.69 78.08 -16.65
CA SER TB 141 59.84 78.65 -17.69
C SER TB 141 59.33 80.03 -17.31
N LYS TB 142 58.90 80.19 -16.06
CA LYS TB 142 58.35 81.48 -15.62
C LYS TB 142 59.39 82.58 -15.75
N GLY TB 143 60.62 82.32 -15.32
CA GLY TB 143 61.64 83.35 -15.36
C GLY TB 143 62.01 83.75 -16.76
N LEU TB 144 62.16 82.78 -17.67
CA LEU TB 144 62.53 83.10 -19.04
C LEU TB 144 61.43 83.88 -19.75
N ALA TB 145 60.18 83.53 -19.50
CA ALA TB 145 59.08 84.24 -20.14
C ALA TB 145 59.01 85.70 -19.71
N ASN TB 146 59.16 85.97 -18.40
CA ASN TB 146 59.07 87.33 -17.91
C ASN TB 146 60.23 88.18 -18.42
N LEU TB 147 61.44 87.61 -18.49
CA LEU TB 147 62.59 88.36 -18.95
C LEU TB 147 62.40 88.85 -20.38
N SER TB 148 61.85 87.99 -21.25
CA SER TB 148 61.67 88.38 -22.64
C SER TB 148 60.73 89.57 -22.76
N LEU TB 149 59.64 89.57 -22.00
CA LEU TB 149 58.70 90.68 -22.04
C LEU TB 149 59.28 91.93 -21.39
N GLU TB 150 60.03 91.78 -20.30
CA GLU TB 150 60.57 92.94 -19.60
C GLU TB 150 61.63 93.64 -20.43
N LEU TB 151 62.59 92.89 -20.97
CA LEU TB 151 63.71 93.47 -21.70
C LEU TB 151 63.40 93.69 -23.17
N ARG TB 152 62.32 93.10 -23.69
CA ARG TB 152 61.95 93.25 -25.10
C ARG TB 152 63.02 92.68 -26.02
N LYS TB 153 63.46 91.46 -25.72
CA LYS TB 153 64.42 90.74 -26.51
C LYS TB 153 63.96 89.29 -26.61
N PRO TB 154 64.14 88.63 -27.75
CA PRO TB 154 63.68 87.24 -27.86
C PRO TB 154 64.62 86.27 -27.15
N ILE TB 155 64.04 85.43 -26.29
CA ILE TB 155 64.75 84.37 -25.59
C ILE TB 155 64.07 83.06 -25.96
N THR TB 156 64.84 82.12 -26.51
CA THR TB 156 64.31 80.87 -27.01
C THR TB 156 64.49 79.75 -25.99
N PHE TB 157 63.53 78.84 -25.97
CA PHE TB 157 63.46 77.76 -24.98
C PHE TB 157 63.97 76.46 -25.59
N GLY TB 158 65.08 75.96 -25.05
CA GLY TB 158 65.69 74.73 -25.56
C GLY TB 158 65.91 73.68 -24.49
N VAL TB 159 64.95 73.50 -23.60
CA VAL TB 159 65.09 72.65 -22.42
C VAL TB 159 64.27 71.38 -22.62
N ILE TB 160 64.91 70.22 -22.44
CA ILE TB 160 64.28 68.93 -22.62
C ILE TB 160 64.18 68.21 -21.29
N THR TB 161 63.54 67.04 -21.29
CA THR TB 161 63.31 66.25 -20.09
C THR TB 161 63.88 64.86 -20.29
N ALA TB 162 64.61 64.38 -19.29
CA ALA TB 162 65.23 63.06 -19.37
C ALA TB 162 64.34 62.00 -18.69
N GLY UB 15 31.55 79.90 -36.98
CA GLY UB 15 32.72 79.76 -37.85
C GLY UB 15 33.95 79.29 -37.09
N ASN UB 16 35.11 79.49 -37.70
CA ASN UB 16 36.36 79.10 -37.07
C ASN UB 16 36.76 80.12 -36.01
N LYS UB 17 37.70 79.71 -35.15
CA LYS UB 17 38.07 80.56 -34.03
C LYS UB 17 38.81 81.82 -34.47
N GLY UB 18 39.32 81.85 -35.70
CA GLY UB 18 39.82 83.10 -36.24
C GLY UB 18 38.71 84.10 -36.47
N TRP UB 19 37.53 83.60 -36.86
CA TRP UB 19 36.36 84.45 -36.98
C TRP UB 19 35.86 84.89 -35.61
N GLU UB 20 35.75 83.95 -34.67
CA GLU UB 20 35.25 84.29 -33.34
C GLU UB 20 36.16 85.28 -32.65
N ALA UB 21 37.47 85.13 -32.78
CA ALA UB 21 38.40 86.02 -32.11
C ALA UB 21 38.32 87.44 -32.67
N ALA UB 22 38.14 87.57 -33.98
CA ALA UB 22 38.13 88.89 -34.58
C ALA UB 22 36.90 89.70 -34.20
N LEU UB 23 35.76 89.04 -33.95
CA LEU UB 23 34.58 89.78 -33.52
C LEU UB 23 34.79 90.46 -32.19
N SER UB 24 35.37 89.75 -31.22
CA SER UB 24 35.58 90.33 -29.90
C SER UB 24 36.49 91.55 -29.96
N ALA UB 25 37.40 91.58 -30.92
CA ALA UB 25 38.26 92.75 -31.06
C ALA UB 25 37.48 93.95 -31.61
N ILE UB 26 36.55 93.70 -32.53
CA ILE UB 26 35.71 94.78 -33.06
C ILE UB 26 34.85 95.36 -31.95
N GLU UB 27 34.24 94.49 -31.14
CA GLU UB 27 33.35 94.95 -30.10
C GLU UB 27 34.11 95.68 -28.99
N MET UB 28 35.26 95.13 -28.58
CA MET UB 28 35.99 95.74 -27.48
C MET UB 28 36.69 97.03 -27.89
N ALA UB 29 37.10 97.14 -29.16
CA ALA UB 29 37.72 98.37 -29.60
C ALA UB 29 36.73 99.52 -29.65
N ASN UB 30 35.45 99.22 -29.93
CA ASN UB 30 34.43 100.25 -29.90
C ASN UB 30 34.07 100.64 -28.48
N LEU UB 31 34.02 99.67 -27.57
CA LEU UB 31 33.63 99.95 -26.20
C LEU UB 31 34.61 100.91 -25.54
N PHE UB 32 35.90 100.76 -25.81
CA PHE UB 32 36.90 101.63 -25.19
C PHE UB 32 36.71 103.07 -25.64
N LYS UB 33 36.51 103.30 -26.95
CA LYS UB 33 36.33 104.68 -27.41
C LYS UB 33 35.17 105.36 -26.72
N SER UB 34 34.14 104.60 -26.34
CA SER UB 34 33.01 105.20 -25.63
C SER UB 34 33.38 105.52 -24.19
N LEU UB 35 34.13 104.63 -23.53
CA LEU UB 35 34.45 104.84 -22.11
C LEU UB 35 35.32 106.08 -21.93
N ARG UB 36 36.33 106.25 -22.78
CA ARG UB 36 37.21 107.41 -22.68
C ARG UB 36 36.77 108.47 -23.69
N GLY UB 37 35.64 109.06 -23.41
CA GLY UB 37 35.08 110.10 -24.26
C GLY UB 37 33.98 110.84 -23.54
N THR UB 38 32.99 111.29 -24.31
CA THR UB 38 31.88 112.03 -23.74
C THR UB 38 31.00 111.11 -22.91
N GLY UB 39 30.27 111.71 -21.96
CA GLY UB 39 29.39 110.97 -21.09
C GLY UB 39 28.07 110.63 -21.77
N GLY UB 40 27.22 109.93 -21.02
CA GLY UB 40 25.93 109.51 -21.50
C GLY UB 40 24.87 110.56 -21.28
N SER UB 41 23.61 110.13 -21.35
CA SER UB 41 22.49 111.04 -21.15
C SER UB 41 22.49 111.61 -19.75
N GLY UB 42 22.78 110.78 -18.75
CA GLY UB 42 22.81 111.21 -17.37
C GLY UB 42 21.45 111.09 -16.69
N SER UB 43 21.46 111.30 -15.38
CA SER UB 43 20.28 111.21 -14.53
C SER UB 43 19.70 109.80 -14.47
N SER UB 44 20.49 108.81 -14.86
CA SER UB 44 20.06 107.41 -14.81
C SER UB 44 21.28 106.53 -15.00
N MET UB 45 21.07 105.22 -14.90
CA MET UB 45 22.15 104.26 -15.07
C MET UB 45 22.73 104.36 -16.48
N GLU UB 46 24.04 104.24 -16.58
CA GLU UB 46 24.74 104.26 -17.85
C GLU UB 46 25.11 102.82 -18.23
N ILE UB 47 24.58 102.36 -19.35
CA ILE UB 47 24.87 101.02 -19.88
C ILE UB 47 25.77 101.18 -21.09
N TYR UB 48 26.86 100.42 -21.11
CA TYR UB 48 27.85 100.48 -22.17
C TYR UB 48 27.87 99.18 -22.97
N GLU UB 49 28.21 99.30 -24.25
CA GLU UB 49 28.23 98.17 -25.16
C GLU UB 49 28.87 98.63 -26.46
N GLY UB 50 29.48 97.68 -27.17
CA GLY UB 50 30.16 97.94 -28.42
C GLY UB 50 29.36 97.40 -29.59
N LYS UB 51 29.34 98.16 -30.68
CA LYS UB 51 28.68 97.73 -31.90
C LYS UB 51 29.69 96.99 -32.78
N LEU UB 52 29.17 96.34 -33.82
CA LEU UB 52 29.97 95.51 -34.71
C LEU UB 52 30.35 96.23 -35.99
N THR UB 53 30.60 97.53 -35.91
CA THR UB 53 31.17 98.30 -36.99
C THR UB 53 32.68 98.34 -36.85
N ALA UB 54 33.38 98.49 -37.97
CA ALA UB 54 34.84 98.45 -37.96
C ALA UB 54 35.47 99.48 -38.87
N GLU UB 55 34.72 100.47 -39.33
CA GLU UB 55 35.30 101.51 -40.18
C GLU UB 55 36.09 102.49 -39.33
N GLY UB 56 37.35 102.69 -39.71
CA GLY UB 56 38.24 103.59 -39.00
C GLY UB 56 39.16 102.94 -37.98
N LEU UB 57 38.97 101.66 -37.70
CA LEU UB 57 39.78 100.96 -36.70
C LEU UB 57 41.02 100.35 -37.34
N ARG UB 58 42.07 100.25 -36.54
CA ARG UB 58 43.33 99.62 -36.93
C ARG UB 58 43.55 98.36 -36.10
N PHE UB 59 44.09 97.32 -36.73
CA PHE UB 59 44.20 96.01 -36.11
C PHE UB 59 45.60 95.44 -36.34
N GLY UB 60 45.96 94.48 -35.50
CA GLY UB 60 47.20 93.73 -35.68
C GLY UB 60 46.99 92.26 -35.38
N ILE UB 61 47.49 91.38 -36.24
CA ILE UB 61 47.33 89.93 -36.09
C ILE UB 61 48.71 89.30 -35.94
N VAL UB 62 48.87 88.46 -34.94
CA VAL UB 62 50.10 87.71 -34.70
C VAL UB 62 49.76 86.22 -34.78
N ALA UB 63 50.41 85.51 -35.70
CA ALA UB 63 50.10 84.12 -35.98
C ALA UB 63 51.38 83.29 -35.99
N SER UB 64 51.27 82.05 -35.52
CA SER UB 64 52.39 81.12 -35.45
C SER UB 64 52.44 80.26 -36.71
N ARG UB 65 53.32 79.27 -36.73
CA ARG UB 65 53.47 78.36 -37.86
C ARG UB 65 53.36 76.93 -37.36
N PHE UB 66 52.45 76.18 -37.97
CA PHE UB 66 52.22 74.77 -37.65
C PHE UB 66 51.86 74.12 -38.97
N ASN UB 67 52.72 73.22 -39.46
CA ASN UB 67 52.73 72.82 -40.87
C ASN UB 67 52.48 74.06 -41.72
N HIS UB 68 51.66 73.96 -42.77
CA HIS UB 68 51.37 75.14 -43.58
C HIS UB 68 49.88 75.23 -43.95
N ALA UB 69 49.00 74.57 -43.20
CA ALA UB 69 47.59 74.49 -43.59
C ALA UB 69 46.61 74.91 -42.50
N LEU UB 70 46.83 74.49 -41.26
CA LEU UB 70 45.79 74.62 -40.24
C LEU UB 70 45.72 76.01 -39.61
N VAL UB 71 46.74 76.84 -39.79
CA VAL UB 71 46.75 78.18 -39.23
C VAL UB 71 46.47 79.18 -40.35
N ASP UB 72 46.76 78.79 -41.59
CA ASP UB 72 46.39 79.64 -42.72
C ASP UB 72 44.88 79.82 -42.79
N ARG UB 73 44.12 78.78 -42.46
CA ARG UB 73 42.67 78.91 -42.45
C ARG UB 73 42.21 79.88 -41.37
N LEU UB 74 42.79 79.80 -40.18
CA LEU UB 74 42.36 80.67 -39.09
C LEU UB 74 42.72 82.12 -39.35
N VAL UB 75 43.84 82.37 -40.03
CA VAL UB 75 44.21 83.75 -40.36
C VAL UB 75 43.28 84.30 -41.43
N GLU UB 76 42.91 83.49 -42.41
CA GLU UB 76 42.00 83.96 -43.45
C GLU UB 76 40.61 84.23 -42.89
N GLY UB 77 40.16 83.41 -41.95
CA GLY UB 77 38.88 83.67 -41.31
C GLY UB 77 38.87 84.98 -40.54
N ALA UB 78 40.02 85.36 -39.96
CA ALA UB 78 40.09 86.61 -39.21
C ALA UB 78 40.02 87.82 -40.15
N ILE UB 79 40.79 87.80 -41.23
CA ILE UB 79 40.81 88.95 -42.13
C ILE UB 79 39.46 89.13 -42.79
N ASP UB 80 38.75 88.03 -43.08
CA ASP UB 80 37.42 88.14 -43.68
C ASP UB 80 36.45 88.87 -42.77
N CYS UB 81 36.51 88.60 -41.47
CA CYS UB 81 35.59 89.24 -40.54
C CYS UB 81 35.77 90.75 -40.52
N ILE UB 82 37.01 91.22 -40.53
CA ILE UB 82 37.27 92.65 -40.46
C ILE UB 82 36.82 93.34 -41.73
N VAL UB 83 37.14 92.77 -42.90
CA VAL UB 83 36.85 93.44 -44.16
C VAL UB 83 35.35 93.46 -44.43
N ARG UB 84 34.64 92.37 -44.10
CA ARG UB 84 33.20 92.33 -44.36
C ARG UB 84 32.43 93.22 -43.40
N HIS UB 85 32.89 93.36 -42.16
CA HIS UB 85 32.24 94.24 -41.20
C HIS UB 85 32.67 95.69 -41.34
N GLY UB 86 33.33 96.05 -42.44
CA GLY UB 86 33.54 97.45 -42.79
C GLY UB 86 34.97 97.91 -42.79
N GLY UB 87 35.92 97.09 -42.36
CA GLY UB 87 37.29 97.55 -42.23
C GLY UB 87 38.03 97.62 -43.55
N ARG UB 88 39.20 98.24 -43.51
CA ARG UB 88 40.07 98.38 -44.66
C ARG UB 88 41.25 97.43 -44.53
N GLU UB 89 41.74 96.94 -45.67
CA GLU UB 89 42.94 96.12 -45.67
C GLU UB 89 44.19 96.96 -45.41
N GLU UB 90 44.15 98.25 -45.73
CA GLU UB 90 45.28 99.13 -45.45
C GLU UB 90 45.59 99.16 -43.96
N ASP UB 91 44.60 98.89 -43.12
CA ASP UB 91 44.71 99.08 -41.67
C ASP UB 91 44.80 97.76 -40.93
N ILE UB 92 45.50 96.79 -41.51
CA ILE UB 92 45.81 95.53 -40.84
C ILE UB 92 47.30 95.27 -40.99
N THR UB 93 47.93 94.83 -39.90
CA THR UB 93 49.33 94.43 -39.90
C THR UB 93 49.39 92.97 -39.45
N LEU UB 94 50.09 92.14 -40.22
CA LEU UB 94 50.19 90.71 -39.95
C LEU UB 94 51.64 90.35 -39.68
N VAL UB 95 51.89 89.61 -38.60
CA VAL UB 95 53.23 89.19 -38.20
C VAL UB 95 53.23 87.69 -38.01
N ARG UB 96 54.24 87.01 -38.56
CA ARG UB 96 54.42 85.57 -38.43
C ARG UB 96 55.61 85.27 -37.53
N VAL UB 97 55.45 84.29 -36.65
CA VAL UB 97 56.49 83.93 -35.69
C VAL UB 97 56.71 82.42 -35.72
N PRO UB 98 57.88 81.96 -35.29
CA PRO UB 98 58.19 80.52 -35.40
C PRO UB 98 57.23 79.61 -34.65
N GLY UB 99 56.76 79.99 -33.47
CA GLY UB 99 55.96 79.07 -32.68
C GLY UB 99 55.18 79.78 -31.60
N SER UB 100 54.47 78.98 -30.81
CA SER UB 100 53.59 79.52 -29.79
C SER UB 100 54.37 80.28 -28.71
N TRP UB 101 55.54 79.75 -28.35
CA TRP UB 101 56.34 80.37 -27.29
C TRP UB 101 56.73 81.80 -27.62
N GLU UB 102 56.77 82.17 -28.89
CA GLU UB 102 57.24 83.47 -29.33
C GLU UB 102 56.11 84.49 -29.49
N ILE UB 103 54.85 84.11 -29.27
CA ILE UB 103 53.75 85.04 -29.49
C ILE UB 103 53.81 86.21 -28.53
N PRO UB 104 53.92 86.03 -27.21
CA PRO UB 104 53.84 87.20 -26.30
C PRO UB 104 54.86 88.29 -26.58
N VAL UB 105 56.09 87.94 -26.93
CA VAL UB 105 57.08 88.98 -27.20
C VAL UB 105 56.72 89.75 -28.47
N ALA UB 106 56.15 89.07 -29.46
CA ALA UB 106 55.75 89.75 -30.69
C ALA UB 106 54.48 90.57 -30.48
N ALA UB 107 53.56 90.08 -29.63
CA ALA UB 107 52.36 90.85 -29.32
C ALA UB 107 52.70 92.15 -28.61
N GLY UB 108 53.75 92.15 -27.79
CA GLY UB 108 54.10 93.35 -27.07
C GLY UB 108 54.51 94.49 -27.99
N GLU UB 109 55.24 94.18 -29.05
CA GLU UB 109 55.71 95.24 -29.95
C GLU UB 109 54.55 95.95 -30.62
N LEU UB 110 53.55 95.20 -31.09
CA LEU UB 110 52.40 95.83 -31.74
C LEU UB 110 51.57 96.63 -30.75
N ALA UB 111 51.30 96.07 -29.58
CA ALA UB 111 50.41 96.74 -28.63
C ALA UB 111 50.98 98.07 -28.14
N ARG UB 112 52.30 98.27 -28.26
CA ARG UB 112 52.91 99.52 -27.85
C ARG UB 112 52.84 100.60 -28.92
N LYS UB 113 52.38 100.28 -30.12
CA LYS UB 113 52.27 101.26 -31.19
C LYS UB 113 51.04 102.12 -30.98
N GLU UB 114 51.19 103.43 -31.18
CA GLU UB 114 50.10 104.36 -30.91
C GLU UB 114 48.93 104.20 -31.89
N ASP UB 115 49.15 103.56 -33.03
CA ASP UB 115 48.15 103.47 -34.09
C ASP UB 115 47.57 102.06 -34.23
N ILE UB 116 47.43 101.34 -33.13
CA ILE UB 116 46.80 100.03 -33.11
C ILE UB 116 45.78 100.02 -31.98
N ASP UB 117 44.59 99.49 -32.25
CA ASP UB 117 43.48 99.54 -31.31
C ASP UB 117 43.20 98.21 -30.63
N ALA UB 118 43.53 97.09 -31.27
CA ALA UB 118 43.42 95.78 -30.64
C ALA UB 118 44.34 94.82 -31.38
N VAL UB 119 44.60 93.67 -30.76
CA VAL UB 119 45.51 92.67 -31.29
C VAL UB 119 44.87 91.30 -31.16
N ILE UB 120 44.98 90.49 -32.23
CA ILE UB 120 44.46 89.14 -32.27
C ILE UB 120 45.63 88.18 -32.31
N ALA UB 121 45.60 87.16 -31.45
CA ALA UB 121 46.65 86.16 -31.37
C ALA UB 121 46.08 84.80 -31.79
N ILE UB 122 46.73 84.16 -32.76
CA ILE UB 122 46.27 82.90 -33.32
C ILE UB 122 47.41 81.90 -33.21
N GLY UB 123 47.11 80.70 -32.74
CA GLY UB 123 48.16 79.71 -32.58
C GLY UB 123 47.60 78.32 -32.43
N VAL UB 124 48.51 77.36 -32.31
CA VAL UB 124 48.18 75.95 -32.15
C VAL UB 124 49.00 75.39 -31.00
N LEU UB 125 48.32 74.87 -29.99
CA LEU UB 125 48.97 74.20 -28.88
C LEU UB 125 48.82 72.69 -29.06
N ILE UB 126 49.95 71.98 -29.04
CA ILE UB 126 49.96 70.55 -29.33
C ILE UB 126 50.13 69.79 -28.01
N ARG UB 127 49.62 70.38 -26.94
CA ARG UB 127 49.71 69.77 -25.63
C ARG UB 127 49.11 68.37 -25.63
N GLY UB 128 49.46 67.59 -24.61
CA GLY UB 128 49.01 66.22 -24.51
C GLY UB 128 49.89 65.22 -25.22
N ALA UB 129 51.12 65.59 -25.60
CA ALA UB 129 52.02 64.70 -26.33
C ALA UB 129 53.26 64.36 -25.53
N THR UB 130 54.03 65.36 -25.09
CA THR UB 130 55.30 65.13 -24.43
C THR UB 130 55.65 66.37 -23.63
N PRO UB 131 56.43 66.25 -22.56
CA PRO UB 131 56.99 67.44 -21.93
C PRO UB 131 57.79 68.25 -22.94
N HIS UB 132 58.17 69.47 -22.54
CA HIS UB 132 58.64 70.56 -23.38
C HIS UB 132 57.46 71.27 -24.04
N PHE UB 133 56.25 70.74 -23.95
CA PHE UB 133 55.07 71.37 -24.52
C PHE UB 133 53.95 71.57 -23.51
N ASP UB 134 53.94 70.82 -22.39
CA ASP UB 134 53.04 71.14 -21.30
C ASP UB 134 53.52 72.36 -20.52
N TYR UB 135 54.78 72.77 -20.70
CA TYR UB 135 55.29 73.96 -20.05
C TYR UB 135 55.11 75.20 -20.92
N ILE UB 136 55.16 75.06 -22.23
CA ILE UB 136 54.99 76.21 -23.11
C ILE UB 136 53.55 76.71 -23.05
N ALA UB 137 52.59 75.80 -22.96
CA ALA UB 137 51.19 76.21 -23.00
C ALA UB 137 50.83 77.13 -21.84
N SER UB 138 51.32 76.80 -20.64
CA SER UB 138 50.95 77.58 -19.46
C SER UB 138 51.50 79.00 -19.52
N GLU UB 139 52.61 79.22 -20.21
CA GLU UB 139 53.22 80.54 -20.25
C GLU UB 139 52.62 81.43 -21.33
N VAL UB 140 52.02 80.86 -22.37
CA VAL UB 140 51.46 81.69 -23.43
C VAL UB 140 50.22 82.41 -22.96
N SER UB 141 49.36 81.74 -22.18
CA SER UB 141 48.15 82.39 -21.69
C SER UB 141 48.47 83.51 -20.70
N LYS UB 142 49.48 83.29 -19.84
CA LYS UB 142 49.80 84.29 -18.83
C LYS UB 142 50.37 85.55 -19.44
N GLY UB 143 51.20 85.42 -20.47
CA GLY UB 143 51.83 86.61 -21.05
C GLY UB 143 50.83 87.53 -21.70
N LEU UB 144 49.88 86.97 -22.46
CA LEU UB 144 48.86 87.81 -23.08
C LEU UB 144 47.97 88.46 -22.04
N ALA UB 145 47.63 87.73 -20.97
CA ALA UB 145 46.81 88.29 -19.91
C ALA UB 145 47.50 89.48 -19.25
N ASN UB 146 48.79 89.35 -18.95
CA ASN UB 146 49.51 90.43 -18.29
C ASN UB 146 49.65 91.63 -19.21
N LEU UB 147 49.90 91.41 -20.50
CA LEU UB 147 50.13 92.51 -21.42
C LEU UB 147 48.93 93.44 -21.51
N SER UB 148 47.72 92.86 -21.53
CA SER UB 148 46.52 93.68 -21.64
C SER UB 148 46.33 94.56 -20.40
N LEU UB 149 46.53 94.00 -19.21
CA LEU UB 149 46.37 94.78 -17.99
C LEU UB 149 47.49 95.79 -17.78
N GLU UB 150 48.61 95.63 -18.48
CA GLU UB 150 49.75 96.53 -18.32
C GLU UB 150 49.79 97.63 -19.35
N LEU UB 151 49.26 97.40 -20.54
CA LEU UB 151 49.26 98.39 -21.61
C LEU UB 151 47.88 98.98 -21.87
N ARG UB 152 46.83 98.41 -21.29
CA ARG UB 152 45.47 98.95 -21.43
C ARG UB 152 45.02 98.92 -22.89
N LYS UB 153 45.23 97.78 -23.54
CA LYS UB 153 44.81 97.55 -24.91
C LYS UB 153 44.30 96.11 -24.96
N PRO UB 154 43.09 95.87 -25.44
CA PRO UB 154 42.56 94.50 -25.44
C PRO UB 154 43.35 93.58 -26.38
N ILE UB 155 43.45 92.32 -25.97
CA ILE UB 155 44.10 91.27 -26.75
C ILE UB 155 43.22 90.03 -26.67
N THR UB 156 42.93 89.43 -27.82
CA THR UB 156 41.98 88.33 -27.91
C THR UB 156 42.72 87.03 -28.18
N PHE UB 157 42.14 85.94 -27.69
CA PHE UB 157 42.78 84.63 -27.62
C PHE UB 157 42.18 83.73 -28.68
N GLY UB 158 43.01 83.24 -29.59
CA GLY UB 158 42.54 82.46 -30.73
C GLY UB 158 43.27 81.16 -30.95
N VAL UB 159 43.61 80.44 -29.89
CA VAL UB 159 44.46 79.25 -29.97
C VAL UB 159 43.60 78.00 -30.00
N ILE UB 160 43.97 77.06 -30.87
CA ILE UB 160 43.33 75.77 -30.97
C ILE UB 160 44.23 74.72 -30.33
N THR UB 161 43.71 73.50 -30.20
CA THR UB 161 44.48 72.35 -29.73
C THR UB 161 44.57 71.34 -30.85
N ALA UB 162 45.79 70.98 -31.23
CA ALA UB 162 46.00 70.01 -32.30
C ALA UB 162 45.44 68.64 -31.91
N ASN VB 16 20.86 84.88 -6.60
CA ASN VB 16 21.45 83.85 -5.74
C ASN VB 16 22.82 84.28 -5.24
N LYS VB 17 23.80 84.26 -6.13
CA LYS VB 17 25.16 84.67 -5.82
C LYS VB 17 25.47 86.07 -6.32
N GLY VB 18 24.45 86.82 -6.75
CA GLY VB 18 24.64 88.17 -7.20
C GLY VB 18 24.55 89.16 -6.05
N TRP VB 19 23.60 88.92 -5.14
CA TRP VB 19 23.49 89.80 -3.97
C TRP VB 19 24.66 89.59 -3.01
N GLU VB 20 25.18 88.38 -2.92
CA GLU VB 20 26.30 88.13 -2.01
C GLU VB 20 27.51 88.94 -2.43
N ALA VB 21 27.78 89.02 -3.73
CA ALA VB 21 28.85 89.89 -4.21
C ALA VB 21 28.56 91.34 -3.86
N ALA VB 22 27.31 91.76 -3.98
CA ALA VB 22 26.95 93.15 -3.67
C ALA VB 22 27.18 93.46 -2.19
N LEU VB 23 26.82 92.54 -1.30
CA LEU VB 23 27.02 92.77 0.13
C LEU VB 23 28.49 92.99 0.43
N SER VB 24 29.35 92.14 -0.10
CA SER VB 24 30.78 92.23 0.22
C SER VB 24 31.36 93.55 -0.26
N ALA VB 25 30.90 94.03 -1.42
CA ALA VB 25 31.42 95.30 -1.94
C ALA VB 25 31.06 96.46 -1.00
N ILE VB 26 29.87 96.43 -0.43
CA ILE VB 26 29.45 97.53 0.46
C ILE VB 26 30.31 97.54 1.72
N GLU VB 27 30.47 96.39 2.36
CA GLU VB 27 31.23 96.32 3.59
C GLU VB 27 32.67 96.76 3.37
N MET VB 28 33.31 96.25 2.31
CA MET VB 28 34.69 96.61 2.05
C MET VB 28 34.83 98.09 1.75
N ALA VB 29 33.92 98.65 0.95
CA ALA VB 29 34.02 100.06 0.61
C ALA VB 29 33.95 100.93 1.85
N ASN VB 30 33.04 100.61 2.77
CA ASN VB 30 32.93 101.37 4.01
C ASN VB 30 34.14 101.15 4.91
N LEU VB 31 34.64 99.91 4.97
CA LEU VB 31 35.77 99.59 5.84
C LEU VB 31 36.98 100.46 5.51
N PHE VB 32 37.21 100.70 4.22
CA PHE VB 32 38.40 101.44 3.82
C PHE VB 32 38.31 102.91 4.22
N LYS VB 33 37.10 103.46 4.29
CA LYS VB 33 36.94 104.82 4.79
C LYS VB 33 37.38 104.91 6.24
N SER VB 34 37.06 103.89 7.05
CA SER VB 34 37.45 103.89 8.44
C SER VB 34 38.97 103.88 8.59
N LEU VB 35 39.64 102.99 7.85
CA LEU VB 35 41.08 102.86 8.01
C LEU VB 35 41.81 104.13 7.62
N ARG VB 36 41.36 104.79 6.55
CA ARG VB 36 42.04 106.00 6.09
C ARG VB 36 42.00 107.10 7.13
N GLY VB 37 40.98 107.12 7.98
CA GLY VB 37 40.86 108.16 8.98
C GLY VB 37 41.83 107.98 10.12
N THR VB 38 41.90 109.00 10.97
CA THR VB 38 42.79 108.98 12.12
C THR VB 38 42.32 107.97 13.15
N GLY VB 39 43.27 107.48 13.95
CA GLY VB 39 42.95 106.50 14.97
C GLY VB 39 42.17 107.11 16.11
N GLY VB 40 41.56 106.23 16.91
CA GLY VB 40 40.77 106.62 18.04
C GLY VB 40 41.57 106.72 19.32
N SER VB 41 40.87 106.59 20.44
CA SER VB 41 41.50 106.66 21.75
C SER VB 41 40.65 105.87 22.74
N GLY VB 42 41.26 105.54 23.87
CA GLY VB 42 40.59 104.77 24.91
C GLY VB 42 41.51 103.78 25.60
N SER VB 43 42.69 103.55 25.02
CA SER VB 43 43.68 102.62 25.58
C SER VB 43 43.09 101.21 25.68
N SER VB 44 42.65 100.69 24.54
CA SER VB 44 42.12 99.35 24.46
C SER VB 44 42.23 98.86 23.02
N MET VB 45 41.92 97.58 22.82
CA MET VB 45 42.00 96.99 21.49
C MET VB 45 41.06 97.72 20.54
N GLU VB 46 41.58 98.10 19.38
CA GLU VB 46 40.80 98.81 18.37
C GLU VB 46 40.29 97.80 17.36
N ILE VB 47 38.97 97.63 17.31
CA ILE VB 47 38.33 96.71 16.38
C ILE VB 47 37.73 97.53 15.25
N TYR VB 48 38.10 97.18 14.02
CA TYR VB 48 37.59 97.81 12.82
C TYR VB 48 36.61 96.87 12.13
N GLU VB 49 35.56 97.44 11.56
CA GLU VB 49 34.61 96.67 10.76
C GLU VB 49 33.84 97.64 9.87
N GLY VB 50 33.17 97.08 8.87
CA GLY VB 50 32.44 97.88 7.89
C GLY VB 50 30.94 97.82 8.14
N LYS VB 51 30.29 98.95 7.86
CA LYS VB 51 28.85 99.07 7.98
C LYS VB 51 28.17 98.73 6.66
N LEU VB 52 26.89 98.39 6.74
CA LEU VB 52 26.14 97.93 5.58
C LEU VB 52 25.36 99.04 4.89
N THR VB 53 25.56 100.29 5.28
CA THR VB 53 24.94 101.39 4.54
C THR VB 53 25.56 101.51 3.17
N ALA VB 54 24.79 102.04 2.22
CA ALA VB 54 25.22 102.17 0.84
C ALA VB 54 25.18 103.61 0.32
N GLU VB 55 24.74 104.57 1.13
CA GLU VB 55 24.53 105.91 0.64
C GLU VB 55 25.86 106.59 0.32
N GLY VB 56 25.88 107.35 -0.77
CA GLY VB 56 27.07 108.09 -1.15
C GLY VB 56 28.18 107.25 -1.71
N LEU VB 57 27.87 106.12 -2.32
CA LEU VB 57 28.87 105.21 -2.87
C LEU VB 57 28.60 104.98 -4.35
N ARG VB 58 29.68 104.97 -5.13
CA ARG VB 58 29.64 104.75 -6.57
C ARG VB 58 30.16 103.35 -6.87
N PHE VB 59 29.39 102.58 -7.63
CA PHE VB 59 29.70 101.19 -7.92
C PHE VB 59 29.95 101.01 -9.41
N GLY VB 60 30.44 99.82 -9.76
CA GLY VB 60 30.58 99.44 -11.15
C GLY VB 60 30.35 97.96 -11.28
N ILE VB 61 29.79 97.56 -12.41
CA ILE VB 61 29.50 96.16 -12.69
C ILE VB 61 30.00 95.83 -14.09
N VAL VB 62 30.67 94.69 -14.23
CA VAL VB 62 31.10 94.14 -15.51
C VAL VB 62 30.52 92.74 -15.63
N ALA VB 63 29.81 92.48 -16.73
CA ALA VB 63 29.13 91.22 -16.95
C ALA VB 63 29.39 90.72 -18.36
N SER VB 64 29.21 89.42 -18.56
CA SER VB 64 29.47 88.76 -19.84
C SER VB 64 28.17 88.26 -20.45
N ARG VB 65 28.17 88.15 -21.78
CA ARG VB 65 26.98 87.78 -22.53
C ARG VB 65 26.82 86.28 -22.75
N PHE VB 66 27.81 85.48 -22.40
CA PHE VB 66 27.69 84.04 -22.53
C PHE VB 66 26.63 83.52 -21.56
N ASN VB 67 25.79 82.60 -22.04
CA ASN VB 67 24.69 82.06 -21.25
C ASN VB 67 23.92 83.17 -20.55
N HIS VB 68 23.41 84.09 -21.38
CA HIS VB 68 22.80 85.31 -20.85
C HIS VB 68 21.57 85.01 -20.00
N ALA VB 69 20.99 83.82 -20.12
CA ALA VB 69 19.82 83.48 -19.31
C ALA VB 69 20.16 83.53 -17.83
N LEU VB 70 21.22 82.83 -17.42
CA LEU VB 70 21.61 82.82 -16.01
C LEU VB 70 22.28 84.11 -15.58
N VAL VB 71 23.01 84.76 -16.48
CA VAL VB 71 23.73 85.98 -16.11
C VAL VB 71 22.75 87.12 -15.84
N ASP VB 72 21.67 87.21 -16.62
CA ASP VB 72 20.74 88.31 -16.45
C ASP VB 72 20.12 88.30 -15.06
N ARG VB 73 19.81 87.11 -14.55
CA ARG VB 73 19.26 87.02 -13.20
C ARG VB 73 20.23 87.56 -12.17
N LEU VB 74 21.51 87.19 -12.28
CA LEU VB 74 22.49 87.62 -11.29
C LEU VB 74 22.70 89.12 -11.32
N VAL VB 75 22.73 89.70 -12.52
CA VAL VB 75 22.99 91.14 -12.63
C VAL VB 75 21.88 91.93 -11.95
N GLU VB 76 20.63 91.53 -12.15
CA GLU VB 76 19.52 92.22 -11.52
C GLU VB 76 19.62 92.16 -10.01
N GLY VB 77 19.94 90.99 -9.46
CA GLY VB 77 20.05 90.85 -8.03
C GLY VB 77 21.08 91.78 -7.42
N ALA VB 78 22.11 92.12 -8.20
CA ALA VB 78 23.13 93.05 -7.70
C ALA VB 78 22.52 94.42 -7.42
N ILE VB 79 21.73 94.94 -8.35
CA ILE VB 79 21.12 96.24 -8.14
C ILE VB 79 20.04 96.16 -7.07
N ASP VB 80 19.39 95.01 -6.93
CA ASP VB 80 18.35 94.86 -5.92
C ASP VB 80 18.92 95.08 -4.52
N CYS VB 81 20.09 94.54 -4.24
CA CYS VB 81 20.66 94.64 -2.89
C CYS VB 81 21.39 95.96 -2.67
N ILE VB 82 21.61 96.76 -3.70
CA ILE VB 82 22.23 98.06 -3.50
C ILE VB 82 21.17 99.10 -3.12
N VAL VB 83 20.03 99.07 -3.81
CA VAL VB 83 18.97 100.05 -3.51
C VAL VB 83 18.43 99.83 -2.10
N ARG VB 84 18.33 98.58 -1.67
CA ARG VB 84 17.76 98.29 -0.36
C ARG VB 84 18.54 98.96 0.75
N HIS VB 85 19.87 98.92 0.67
CA HIS VB 85 20.73 99.50 1.68
C HIS VB 85 21.08 100.95 1.38
N GLY VB 86 20.24 101.64 0.61
CA GLY VB 86 20.49 103.02 0.25
C GLY VB 86 20.97 103.16 -1.17
N GLY VB 87 21.84 104.12 -1.44
CA GLY VB 87 22.34 104.26 -2.78
C GLY VB 87 21.22 104.68 -3.73
N ARG VB 88 21.49 104.49 -5.02
CA ARG VB 88 20.55 104.88 -6.06
C ARG VB 88 21.11 104.46 -7.40
N GLU VB 89 20.23 104.37 -8.40
CA GLU VB 89 20.62 103.92 -9.73
C GLU VB 89 21.56 104.90 -10.42
N GLU VB 90 21.56 106.17 -10.02
CA GLU VB 90 22.38 107.17 -10.68
C GLU VB 90 23.87 107.00 -10.39
N ASP VB 91 24.23 106.21 -9.38
CA ASP VB 91 25.62 105.96 -9.02
C ASP VB 91 26.06 104.54 -9.39
N ILE VB 92 25.58 104.04 -10.52
CA ILE VB 92 25.96 102.72 -11.03
C ILE VB 92 26.33 102.86 -12.50
N THR VB 93 27.41 102.19 -12.89
CA THR VB 93 27.79 102.01 -14.29
C THR VB 93 27.82 100.52 -14.58
N LEU VB 94 27.29 100.13 -15.74
CA LEU VB 94 27.25 98.73 -16.16
C LEU VB 94 27.96 98.60 -17.50
N VAL VB 95 28.88 97.64 -17.58
CA VAL VB 95 29.64 97.35 -18.79
C VAL VB 95 29.43 95.88 -19.14
N ARG VB 96 29.20 95.60 -20.42
CA ARG VB 96 28.97 94.25 -20.90
C ARG VB 96 30.05 93.89 -21.90
N VAL VB 97 30.59 92.67 -21.78
CA VAL VB 97 31.73 92.26 -22.60
C VAL VB 97 31.38 90.93 -23.27
N PRO VB 98 32.06 90.62 -24.38
CA PRO VB 98 31.71 89.39 -25.12
C PRO VB 98 31.84 88.12 -24.31
N GLY VB 99 32.86 88.01 -23.47
CA GLY VB 99 33.11 86.75 -22.79
C GLY VB 99 33.97 86.95 -21.56
N SER VB 100 34.27 85.82 -20.90
CA SER VB 100 35.01 85.86 -19.65
C SER VB 100 36.42 86.41 -19.84
N TRP VB 101 37.08 86.04 -20.94
CA TRP VB 101 38.47 86.44 -21.13
C TRP VB 101 38.65 87.95 -21.09
N GLU VB 102 37.59 88.70 -21.42
CA GLU VB 102 37.69 90.14 -21.53
C GLU VB 102 37.30 90.89 -20.27
N ILE VB 103 36.91 90.20 -19.19
CA ILE VB 103 36.51 90.90 -17.98
C ILE VB 103 37.65 91.70 -17.37
N PRO VB 104 38.84 91.13 -17.11
CA PRO VB 104 39.84 91.87 -16.35
C PRO VB 104 40.29 93.18 -16.96
N VAL VB 105 40.39 93.27 -18.29
CA VAL VB 105 40.86 94.51 -18.90
C VAL VB 105 39.82 95.61 -18.74
N ALA VB 106 38.53 95.26 -18.83
CA ALA VB 106 37.47 96.24 -18.61
C ALA VB 106 37.40 96.65 -17.15
N ALA VB 107 37.44 95.69 -16.23
CA ALA VB 107 37.39 96.01 -14.81
C ALA VB 107 38.56 96.88 -14.40
N GLY VB 108 39.69 96.78 -15.10
CA GLY VB 108 40.78 97.69 -14.83
C GLY VB 108 40.46 99.12 -15.21
N GLU VB 109 39.78 99.30 -16.34
CA GLU VB 109 39.44 100.64 -16.77
C GLU VB 109 38.51 101.33 -15.78
N LEU VB 110 37.52 100.60 -15.26
CA LEU VB 110 36.59 101.17 -14.30
C LEU VB 110 37.30 101.55 -13.01
N ALA VB 111 38.16 100.66 -12.50
CA ALA VB 111 38.78 100.89 -11.19
C ALA VB 111 39.75 102.06 -11.20
N ARG VB 112 40.41 102.31 -12.33
CA ARG VB 112 41.38 103.41 -12.40
C ARG VB 112 40.72 104.77 -12.38
N LYS VB 113 39.39 104.85 -12.50
CA LYS VB 113 38.69 106.11 -12.33
C LYS VB 113 38.81 106.57 -10.88
N GLU VB 114 38.78 107.89 -10.69
CA GLU VB 114 38.88 108.48 -9.37
C GLU VB 114 37.54 108.64 -8.69
N ASP VB 115 36.46 108.20 -9.32
CA ASP VB 115 35.11 108.36 -8.83
C ASP VB 115 34.39 107.01 -8.75
N ILE VB 116 35.12 105.96 -8.37
CA ILE VB 116 34.57 104.63 -8.17
C ILE VB 116 35.09 104.08 -6.85
N ASP VB 117 34.24 103.34 -6.14
CA ASP VB 117 34.56 102.81 -4.83
C ASP VB 117 34.68 101.29 -4.80
N ALA VB 118 33.88 100.58 -5.59
CA ALA VB 118 33.99 99.13 -5.66
C ALA VB 118 33.60 98.67 -7.06
N VAL VB 119 34.05 97.48 -7.42
CA VAL VB 119 33.74 96.87 -8.71
C VAL VB 119 33.24 95.45 -8.44
N ILE VB 120 32.20 95.06 -9.16
CA ILE VB 120 31.60 93.74 -9.04
C ILE VB 120 31.72 93.06 -10.40
N ALA VB 121 32.19 91.82 -10.39
CA ALA VB 121 32.39 91.04 -11.62
C ALA VB 121 31.46 89.83 -11.59
N ILE VB 122 30.68 89.68 -12.67
CA ILE VB 122 29.71 88.60 -12.80
C ILE VB 122 29.96 87.87 -14.11
N GLY VB 123 29.91 86.55 -14.08
CA GLY VB 123 30.13 85.78 -15.28
C GLY VB 123 29.89 84.31 -15.02
N VAL VB 124 30.04 83.52 -16.09
CA VAL VB 124 29.85 82.08 -16.05
C VAL VB 124 31.05 81.40 -16.71
N LEU VB 125 31.52 80.33 -16.09
CA LEU VB 125 32.66 79.57 -16.56
C LEU VB 125 32.22 78.16 -16.97
N ILE VB 126 33.12 77.45 -17.63
CA ILE VB 126 32.89 76.09 -18.08
C ILE VB 126 33.97 75.19 -17.49
N ARG VB 127 33.56 74.12 -16.82
CA ARG VB 127 34.49 73.19 -16.19
C ARG VB 127 34.73 71.93 -17.03
N GLY VB 128 33.66 71.24 -17.42
CA GLY VB 128 33.79 70.02 -18.19
C GLY VB 128 33.95 70.29 -19.68
N ALA VB 129 35.14 70.73 -20.08
CA ALA VB 129 35.42 71.04 -21.47
C ALA VB 129 36.89 70.73 -21.74
N THR VB 130 37.37 71.14 -22.92
CA THR VB 130 38.74 70.90 -23.31
C THR VB 130 39.68 71.78 -22.52
N PRO VB 131 40.99 71.46 -22.52
CA PRO VB 131 41.94 72.31 -21.78
C PRO VB 131 41.96 73.76 -22.24
N HIS VB 132 41.45 74.06 -23.43
CA HIS VB 132 41.38 75.44 -23.89
C HIS VB 132 40.63 76.31 -22.89
N PHE VB 133 39.46 75.84 -22.45
CA PHE VB 133 38.71 76.59 -21.44
C PHE VB 133 39.43 76.60 -20.10
N ASP VB 134 40.25 75.58 -19.83
CA ASP VB 134 41.03 75.55 -18.60
C ASP VB 134 42.09 76.63 -18.54
N TYR VB 135 42.39 77.28 -19.68
CA TYR VB 135 43.32 78.40 -19.70
C TYR VB 135 42.62 79.73 -19.44
N ILE VB 136 41.45 79.94 -20.05
CA ILE VB 136 40.68 81.14 -19.75
C ILE VB 136 40.23 81.14 -18.30
N ALA VB 137 39.93 79.95 -17.77
CA ALA VB 137 39.39 79.87 -16.41
C ALA VB 137 40.40 80.38 -15.38
N SER VB 138 41.67 80.03 -15.53
CA SER VB 138 42.65 80.39 -14.51
C SER VB 138 42.99 81.87 -14.55
N GLU VB 139 43.12 82.43 -15.75
CA GLU VB 139 43.62 83.80 -15.87
C GLU VB 139 42.61 84.82 -15.35
N VAL VB 140 41.32 84.53 -15.44
CA VAL VB 140 40.32 85.50 -15.00
C VAL VB 140 40.42 85.71 -13.48
N SER VB 141 40.58 84.64 -12.72
CA SER VB 141 40.73 84.78 -11.27
C SER VB 141 42.03 85.50 -10.92
N LYS VB 142 43.13 85.15 -11.59
CA LYS VB 142 44.41 85.75 -11.26
C LYS VB 142 44.41 87.25 -11.53
N GLY VB 143 43.85 87.67 -12.66
CA GLY VB 143 43.93 89.07 -13.02
C GLY VB 143 43.19 89.98 -12.06
N LEU VB 144 42.00 89.56 -11.63
CA LEU VB 144 41.21 90.40 -10.73
C LEU VB 144 41.90 90.56 -9.39
N ALA VB 145 42.49 89.49 -8.86
CA ALA VB 145 43.19 89.59 -7.58
C ALA VB 145 44.36 90.55 -7.65
N ASN VB 146 45.14 90.48 -8.75
CA ASN VB 146 46.28 91.37 -8.89
C ASN VB 146 45.85 92.84 -8.93
N LEU VB 147 44.76 93.13 -9.63
CA LEU VB 147 44.29 94.50 -9.72
C LEU VB 147 43.86 95.03 -8.36
N SER VB 148 43.20 94.21 -7.55
CA SER VB 148 42.70 94.68 -6.27
C SER VB 148 43.83 95.14 -5.35
N LEU VB 149 45.05 94.63 -5.58
CA LEU VB 149 46.19 95.00 -4.75
C LEU VB 149 47.02 96.12 -5.34
N GLU VB 150 47.06 96.25 -6.66
CA GLU VB 150 47.83 97.32 -7.27
C GLU VB 150 47.12 98.67 -7.13
N LEU VB 151 45.80 98.69 -7.30
CA LEU VB 151 45.03 99.92 -7.22
C LEU VB 151 44.50 100.22 -5.83
N ARG VB 152 44.63 99.29 -4.89
CA ARG VB 152 44.14 99.47 -3.53
C ARG VB 152 42.64 99.81 -3.53
N LYS VB 153 41.86 98.92 -4.14
CA LYS VB 153 40.44 99.14 -4.32
C LYS VB 153 39.76 97.78 -4.42
N PRO VB 154 38.71 97.53 -3.64
CA PRO VB 154 38.09 96.20 -3.66
C PRO VB 154 37.47 95.87 -5.01
N ILE VB 155 37.54 94.58 -5.36
CA ILE VB 155 36.95 94.04 -6.58
C ILE VB 155 36.41 92.67 -6.22
N THR VB 156 35.10 92.55 -6.10
CA THR VB 156 34.49 91.31 -5.64
C THR VB 156 34.32 90.34 -6.81
N PHE VB 157 34.27 89.06 -6.47
CA PHE VB 157 34.38 87.96 -7.45
C PHE VB 157 33.08 87.14 -7.38
N GLY VB 158 32.15 87.44 -8.26
CA GLY VB 158 30.88 86.75 -8.32
C GLY VB 158 30.76 85.69 -9.39
N VAL VB 159 31.87 85.28 -10.00
CA VAL VB 159 31.81 84.31 -11.08
C VAL VB 159 31.32 82.98 -10.54
N ILE VB 160 30.53 82.27 -11.34
CA ILE VB 160 30.01 80.96 -10.98
C ILE VB 160 30.42 79.95 -12.04
N THR VB 161 29.99 78.70 -11.88
CA THR VB 161 30.31 77.64 -12.81
C THR VB 161 29.04 76.94 -13.24
N ALA VB 162 29.09 76.32 -14.42
CA ALA VB 162 27.94 75.61 -14.97
C ALA VB 162 27.87 74.20 -14.40
N THR WB 12 53.76 76.78 21.67
CA THR WB 12 54.44 76.29 22.86
C THR WB 12 53.73 75.05 23.40
N LYS WB 13 52.53 75.25 23.94
CA LYS WB 13 51.74 74.16 24.52
C LYS WB 13 50.32 74.08 24.00
N HIS WB 14 49.68 75.22 23.71
CA HIS WB 14 48.26 75.20 23.36
C HIS WB 14 48.02 74.38 22.10
N GLY WB 15 48.74 74.69 21.01
CA GLY WB 15 48.76 73.89 19.82
C GLY WB 15 47.87 74.39 18.70
N ASN WB 16 46.79 75.10 19.00
CA ASN WB 16 45.90 75.57 17.94
C ASN WB 16 46.62 76.57 17.04
N LYS WB 17 46.24 76.58 15.77
CA LYS WB 17 47.01 77.31 14.77
C LYS WB 17 47.08 78.80 15.05
N GLY WB 18 46.17 79.33 15.87
CA GLY WB 18 46.32 80.71 16.30
C GLY WB 18 47.54 80.90 17.18
N TRP WB 19 47.78 79.96 18.08
CA TRP WB 19 48.97 80.04 18.94
C TRP WB 19 50.24 79.94 18.11
N GLU WB 20 50.30 78.95 17.21
CA GLU WB 20 51.50 78.77 16.39
C GLU WB 20 51.74 79.97 15.49
N ALA WB 21 50.69 80.48 14.86
CA ALA WB 21 50.85 81.62 13.96
C ALA WB 21 51.36 82.85 14.70
N ALA WB 22 51.02 83.00 15.98
CA ALA WB 22 51.49 84.15 16.73
C ALA WB 22 52.95 84.00 17.16
N LEU WB 23 53.40 82.76 17.40
CA LEU WB 23 54.80 82.56 17.77
C LEU WB 23 55.73 82.99 16.65
N SER WB 24 55.38 82.66 15.41
CA SER WB 24 56.20 83.07 14.28
C SER WB 24 56.28 84.59 14.19
N ALA WB 25 55.16 85.27 14.41
CA ALA WB 25 55.14 86.73 14.30
C ALA WB 25 56.03 87.38 15.35
N ILE WB 26 56.03 86.84 16.56
CA ILE WB 26 56.85 87.42 17.62
C ILE WB 26 58.33 87.25 17.30
N GLU WB 27 58.69 86.12 16.69
CA GLU WB 27 60.10 85.86 16.39
C GLU WB 27 60.59 86.68 15.20
N MET WB 28 59.76 86.79 14.16
CA MET WB 28 60.17 87.56 12.99
C MET WB 28 60.25 89.04 13.29
N ALA WB 29 59.38 89.54 14.17
CA ALA WB 29 59.45 90.94 14.57
C ALA WB 29 60.74 91.24 15.31
N ASN WB 30 61.20 90.31 16.14
CA ASN WB 30 62.45 90.50 16.86
C ASN WB 30 63.66 90.38 15.94
N LEU WB 31 63.58 89.47 14.97
CA LEU WB 31 64.71 89.24 14.07
C LEU WB 31 65.05 90.49 13.27
N PHE WB 32 64.02 91.20 12.80
CA PHE WB 32 64.26 92.33 11.90
C PHE WB 32 64.97 93.49 12.63
N LYS WB 33 64.64 93.71 13.90
CA LYS WB 33 65.38 94.73 14.64
C LYS WB 33 66.85 94.37 14.77
N SER WB 34 67.15 93.09 15.00
CA SER WB 34 68.55 92.67 15.06
C SER WB 34 69.26 92.95 13.76
N LEU WB 35 68.62 92.65 12.63
CA LEU WB 35 69.24 92.88 11.34
C LEU WB 35 69.50 94.36 11.10
N ARG WB 36 68.52 95.20 11.43
CA ARG WB 36 68.65 96.63 11.16
C ARG WB 36 69.62 97.31 12.12
N GLY WB 37 69.94 96.68 13.24
CA GLY WB 37 70.76 97.35 14.24
C GLY WB 37 72.21 97.53 13.82
N THR WB 38 72.96 96.44 13.75
CA THR WB 38 74.39 96.50 13.41
C THR WB 38 74.90 95.07 13.38
N GLY WB 39 76.14 94.93 12.89
CA GLY WB 39 76.80 93.65 12.87
C GLY WB 39 77.43 93.31 14.20
N GLY WB 40 78.05 92.13 14.24
CA GLY WB 40 78.72 91.66 15.44
C GLY WB 40 80.07 92.31 15.64
N SER WB 41 80.72 91.92 16.73
CA SER WB 41 82.05 92.45 17.04
C SER WB 41 83.05 92.12 15.95
N GLY WB 42 83.01 90.89 15.46
CA GLY WB 42 83.90 90.43 14.40
C GLY WB 42 84.78 89.29 14.87
N SER WB 43 85.65 88.84 13.96
CA SER WB 43 86.58 87.76 14.24
C SER WB 43 85.86 86.44 14.54
N SER WB 44 84.65 86.29 14.01
CA SER WB 44 83.88 85.07 14.20
C SER WB 44 82.67 85.13 13.28
N MET WB 45 81.95 84.00 13.23
CA MET WB 45 80.77 83.93 12.38
C MET WB 45 79.62 84.71 13.00
N GLU WB 46 78.99 85.55 12.19
CA GLU WB 46 77.85 86.36 12.65
C GLU WB 46 76.57 85.54 12.61
N ILE WB 47 75.79 85.61 13.68
CA ILE WB 47 74.53 84.89 13.77
C ILE WB 47 73.44 85.86 14.17
N TYR WB 48 72.31 85.81 13.47
CA TYR WB 48 71.14 86.62 13.77
C TYR WB 48 69.98 85.70 14.10
N GLU WB 49 69.34 85.92 15.24
CA GLU WB 49 68.18 85.16 15.65
C GLU WB 49 67.21 86.08 16.37
N GLY WB 50 65.95 85.64 16.44
CA GLY WB 50 64.92 86.34 17.17
C GLY WB 50 64.49 85.54 18.38
N LYS WB 51 64.20 86.23 19.48
CA LYS WB 51 63.75 85.61 20.71
C LYS WB 51 62.24 85.77 20.88
N LEU WB 52 61.70 85.04 21.86
CA LEU WB 52 60.26 85.03 22.10
C LEU WB 52 59.89 85.95 23.25
N THR WB 53 60.12 87.25 23.03
CA THR WB 53 59.72 88.30 23.96
C THR WB 53 58.91 89.33 23.18
N ALA WB 54 57.74 89.68 23.71
CA ALA WB 54 56.81 90.59 23.05
C ALA WB 54 56.64 91.89 23.81
N GLU WB 55 57.73 92.41 24.36
CA GLU WB 55 57.71 93.65 25.13
C GLU WB 55 57.95 94.82 24.20
N GLY WB 56 56.90 95.59 23.91
CA GLY WB 56 57.03 96.77 23.09
C GLY WB 56 56.81 96.57 21.62
N LEU WB 57 56.01 95.59 21.22
CA LEU WB 57 55.75 95.31 19.82
C LEU WB 57 54.27 95.54 19.51
N ARG WB 58 54.01 96.06 18.32
CA ARG WB 58 52.66 96.31 17.84
C ARG WB 58 52.28 95.26 16.80
N PHE WB 59 51.07 94.73 16.90
CA PHE WB 59 50.61 93.65 16.05
C PHE WB 59 49.27 94.00 15.44
N GLY WB 60 48.98 93.39 14.30
CA GLY WB 60 47.69 93.50 13.66
C GLY WB 60 47.19 92.16 13.20
N ILE WB 61 45.89 91.94 13.31
CA ILE WB 61 45.25 90.67 13.00
C ILE WB 61 44.11 90.91 12.02
N VAL WB 62 44.05 90.10 10.97
CA VAL WB 62 42.98 90.13 9.98
C VAL WB 62 42.32 88.76 9.99
N ALA WB 63 41.00 88.73 10.21
CA ALA WB 63 40.28 87.46 10.33
C ALA WB 63 38.97 87.52 9.57
N SER WB 64 38.61 86.42 8.94
CA SER WB 64 37.37 86.31 8.19
C SER WB 64 36.24 85.86 9.10
N ARG WB 65 35.01 86.00 8.60
CA ARG WB 65 33.81 85.73 9.38
C ARG WB 65 33.16 84.38 9.05
N PHE WB 66 33.43 83.83 7.87
CA PHE WB 66 32.88 82.53 7.53
C PHE WB 66 33.34 81.48 8.54
N ASN WB 67 32.41 80.68 9.04
CA ASN WB 67 32.66 79.75 10.14
C ASN WB 67 33.23 80.48 11.35
N HIS WB 68 32.44 81.41 11.87
CA HIS WB 68 32.88 82.18 13.03
C HIS WB 68 33.04 81.33 14.28
N ALA WB 69 32.46 80.12 14.29
CA ALA WB 69 32.63 79.23 15.44
C ALA WB 69 34.08 78.80 15.59
N LEU WB 70 34.70 78.34 14.50
CA LEU WB 70 36.10 77.93 14.56
C LEU WB 70 37.04 79.13 14.55
N VAL WB 71 36.71 80.18 13.83
CA VAL WB 71 37.59 81.33 13.75
C VAL WB 71 37.71 82.00 15.11
N ASP WB 72 36.63 82.03 15.88
CA ASP WB 72 36.64 82.75 17.15
C ASP WB 72 37.69 82.19 18.10
N ARG WB 73 37.80 80.86 18.17
CA ARG WB 73 38.82 80.24 19.02
C ARG WB 73 40.22 80.60 18.54
N LEU WB 74 40.44 80.58 17.23
CA LEU WB 74 41.77 80.87 16.70
C LEU WB 74 42.20 82.29 17.03
N VAL WB 75 41.29 83.25 16.88
CA VAL WB 75 41.64 84.63 17.20
C VAL WB 75 41.91 84.77 18.69
N GLU WB 76 41.17 84.04 19.52
CA GLU WB 76 41.46 84.05 20.95
C GLU WB 76 42.83 83.49 21.24
N GLY WB 77 43.18 82.36 20.60
CA GLY WB 77 44.47 81.74 20.86
C GLY WB 77 45.64 82.66 20.54
N ALA WB 78 45.54 83.39 19.43
CA ALA WB 78 46.62 84.30 19.04
C ALA WB 78 46.78 85.43 20.06
N ILE WB 79 45.67 85.91 20.60
CA ILE WB 79 45.74 86.99 21.58
C ILE WB 79 46.33 86.50 22.89
N ASP WB 80 45.95 85.30 23.32
CA ASP WB 80 46.51 84.73 24.53
C ASP WB 80 48.02 84.57 24.43
N CYS WB 81 48.51 84.13 23.28
CA CYS WB 81 49.95 83.94 23.12
C CYS WB 81 50.71 85.24 23.32
N ILE WB 82 50.19 86.34 22.79
CA ILE WB 82 50.91 87.61 22.86
C ILE WB 82 51.01 88.09 24.30
N VAL WB 83 49.93 87.99 25.07
CA VAL WB 83 49.93 88.49 26.44
C VAL WB 83 50.82 87.63 27.33
N ARG WB 84 50.81 86.32 27.12
CA ARG WB 84 51.60 85.44 27.97
C ARG WB 84 53.09 85.75 27.88
N HIS WB 85 53.57 86.17 26.71
CA HIS WB 85 54.99 86.41 26.49
C HIS WB 85 55.41 87.84 26.81
N GLY WB 86 54.51 88.66 27.34
CA GLY WB 86 54.84 90.02 27.73
C GLY WB 86 54.19 91.10 26.90
N GLY WB 87 53.22 90.77 26.07
CA GLY WB 87 52.56 91.75 25.24
C GLY WB 87 51.55 92.56 26.02
N ARG WB 88 50.85 93.43 25.29
CA ARG WB 88 49.86 94.33 25.86
C ARG WB 88 48.62 94.31 24.98
N GLU WB 89 47.46 94.12 25.59
CA GLU WB 89 46.22 93.99 24.83
C GLU WB 89 45.88 95.27 24.08
N GLU WB 90 46.42 96.41 24.50
CA GLU WB 90 46.12 97.68 23.83
C GLU WB 90 46.94 97.89 22.57
N ASP WB 91 47.97 97.08 22.33
CA ASP WB 91 48.81 97.20 21.14
C ASP WB 91 48.45 96.16 20.08
N ILE WB 92 47.18 95.78 19.99
CA ILE WB 92 46.70 94.84 18.99
C ILE WB 92 45.53 95.48 18.26
N THR WB 93 45.57 95.42 16.94
CA THR WB 93 44.49 95.92 16.09
C THR WB 93 43.86 94.73 15.37
N LEU WB 94 42.54 94.69 15.32
CA LEU WB 94 41.79 93.62 14.70
C LEU WB 94 40.91 94.16 13.59
N VAL WB 95 40.87 93.46 12.46
CA VAL WB 95 40.03 93.81 11.33
C VAL WB 95 39.28 92.57 10.89
N ARG WB 96 37.98 92.72 10.62
CA ARG WB 96 37.15 91.62 10.14
C ARG WB 96 36.75 91.88 8.70
N VAL WB 97 36.69 90.82 7.91
CA VAL WB 97 36.39 90.91 6.49
C VAL WB 97 35.29 89.90 6.15
N PRO WB 98 34.50 90.14 5.11
CA PRO WB 98 33.39 89.21 4.81
C PRO WB 98 33.86 87.78 4.55
N GLY WB 99 34.96 87.59 3.84
CA GLY WB 99 35.34 86.26 3.42
C GLY WB 99 36.82 86.19 3.08
N SER WB 100 37.25 84.98 2.70
CA SER WB 100 38.66 84.73 2.46
C SER WB 100 39.19 85.52 1.28
N TRP WB 101 38.35 85.79 0.27
CA TRP WB 101 38.82 86.52 -0.90
C TRP WB 101 39.32 87.92 -0.55
N GLU WB 102 38.93 88.45 0.61
CA GLU WB 102 39.25 89.83 0.97
C GLU WB 102 40.40 89.95 1.96
N ILE WB 103 40.97 88.84 2.42
CA ILE WB 103 42.07 88.93 3.37
C ILE WB 103 43.28 89.65 2.78
N PRO WB 104 43.78 89.29 1.60
CA PRO WB 104 44.99 89.96 1.09
C PRO WB 104 44.84 91.47 0.95
N VAL WB 105 43.70 91.94 0.45
CA VAL WB 105 43.55 93.37 0.22
C VAL WB 105 43.49 94.12 1.55
N ALA WB 106 42.87 93.50 2.57
CA ALA WB 106 42.78 94.15 3.87
C ALA WB 106 44.14 94.21 4.56
N ALA WB 107 44.92 93.13 4.46
CA ALA WB 107 46.22 93.10 5.12
C ALA WB 107 47.17 94.14 4.55
N GLY WB 108 47.03 94.45 3.26
CA GLY WB 108 47.88 95.46 2.67
C GLY WB 108 47.72 96.82 3.30
N GLU WB 109 46.55 97.10 3.87
CA GLU WB 109 46.35 98.39 4.53
C GLU WB 109 47.05 98.43 5.88
N LEU WB 110 46.99 97.35 6.64
CA LEU WB 110 47.72 97.30 7.91
C LEU WB 110 49.22 97.39 7.68
N ALA WB 111 49.73 96.67 6.69
CA ALA WB 111 51.18 96.59 6.51
C ALA WB 111 51.79 97.95 6.23
N ARG WB 112 51.05 98.85 5.57
CA ARG WB 112 51.59 100.15 5.22
C ARG WB 112 51.61 101.11 6.40
N LYS WB 113 50.98 100.77 7.53
CA LYS WB 113 51.05 101.60 8.71
C LYS WB 113 52.48 101.65 9.24
N GLU WB 114 52.88 102.81 9.75
CA GLU WB 114 54.23 102.98 10.27
C GLU WB 114 54.41 102.38 11.66
N ASP WB 115 53.33 102.04 12.35
CA ASP WB 115 53.41 101.51 13.70
C ASP WB 115 53.45 99.98 13.74
N ILE WB 116 52.62 99.32 12.93
CA ILE WB 116 52.53 97.87 12.98
C ILE WB 116 53.86 97.25 12.58
N ASP WB 117 54.22 96.15 13.25
CA ASP WB 117 55.46 95.44 13.00
C ASP WB 117 55.27 94.06 12.39
N ALA WB 118 54.14 93.42 12.65
CA ALA WB 118 53.84 92.13 12.05
C ALA WB 118 52.34 92.02 11.87
N VAL WB 119 51.93 91.14 10.96
CA VAL WB 119 50.53 90.95 10.63
C VAL WB 119 50.22 89.46 10.61
N ILE WB 120 49.07 89.09 11.15
CA ILE WB 120 48.64 87.71 11.26
C ILE WB 120 47.32 87.56 10.54
N ALA WB 121 47.21 86.55 9.69
CA ALA WB 121 46.00 86.27 8.94
C ALA WB 121 45.41 84.95 9.42
N ILE WB 122 44.12 84.96 9.74
CA ILE WB 122 43.41 83.79 10.22
C ILE WB 122 42.15 83.61 9.38
N GLY WB 123 41.81 82.37 9.08
CA GLY WB 123 40.62 82.09 8.32
C GLY WB 123 40.42 80.60 8.18
N VAL WB 124 39.30 80.23 7.58
CA VAL WB 124 38.97 78.84 7.29
C VAL WB 124 38.57 78.73 5.84
N LEU WB 125 38.98 77.64 5.19
CA LEU WB 125 38.73 77.39 3.78
C LEU WB 125 37.94 76.10 3.64
N ILE WB 126 36.91 76.13 2.80
CA ILE WB 126 36.10 74.95 2.51
C ILE WB 126 36.56 74.39 1.18
N ARG WB 127 37.10 73.17 1.21
CA ARG WB 127 37.62 72.51 0.01
C ARG WB 127 37.25 71.03 0.01
N GLY WB 128 36.00 70.73 0.37
CA GLY WB 128 35.55 69.36 0.42
C GLY WB 128 34.13 69.13 -0.06
N ALA WB 129 33.46 70.19 -0.51
CA ALA WB 129 32.08 70.10 -0.96
C ALA WB 129 31.86 70.64 -2.37
N THR WB 130 32.58 71.70 -2.75
CA THR WB 130 32.39 72.35 -4.05
C THR WB 130 33.68 72.24 -4.86
N PRO WB 131 33.65 71.75 -6.14
CA PRO WB 131 34.86 71.73 -6.96
C PRO WB 131 35.10 73.06 -7.70
N HIS WB 132 34.89 74.17 -6.99
CA HIS WB 132 35.14 75.50 -7.54
C HIS WB 132 35.93 76.41 -6.62
N PHE WB 133 35.99 76.13 -5.32
CA PHE WB 133 36.70 76.98 -4.38
C PHE WB 133 38.22 76.95 -4.57
N ASP WB 134 38.73 76.02 -5.38
CA ASP WB 134 40.18 75.94 -5.58
C ASP WB 134 40.74 77.26 -6.12
N TYR WB 135 39.96 77.95 -6.96
CA TYR WB 135 40.41 79.25 -7.45
C TYR WB 135 40.54 80.25 -6.32
N ILE WB 136 39.56 80.27 -5.40
CA ILE WB 136 39.64 81.19 -4.26
C ILE WB 136 40.83 80.84 -3.38
N ALA WB 137 41.04 79.55 -3.11
CA ALA WB 137 42.07 79.16 -2.16
C ALA WB 137 43.46 79.53 -2.65
N SER WB 138 43.72 79.34 -3.94
CA SER WB 138 45.05 79.57 -4.48
C SER WB 138 45.45 81.04 -4.42
N GLU WB 139 44.49 81.96 -4.57
CA GLU WB 139 44.82 83.38 -4.61
C GLU WB 139 45.14 83.94 -3.24
N VAL WB 140 44.66 83.32 -2.16
CA VAL WB 140 45.00 83.79 -0.82
C VAL WB 140 46.48 83.61 -0.56
N SER WB 141 47.02 82.44 -0.89
CA SER WB 141 48.43 82.16 -0.65
C SER WB 141 49.32 83.05 -1.49
N LYS WB 142 48.95 83.29 -2.74
CA LYS WB 142 49.76 84.14 -3.60
C LYS WB 142 49.79 85.58 -3.12
N GLY WB 143 48.62 86.15 -2.83
CA GLY WB 143 48.56 87.55 -2.50
C GLY WB 143 49.30 87.89 -1.22
N LEU WB 144 49.16 87.04 -0.21
CA LEU WB 144 49.85 87.29 1.06
C LEU WB 144 51.36 87.20 0.89
N ALA WB 145 51.83 86.26 0.08
CA ALA WB 145 53.25 86.08 -0.10
C ALA WB 145 53.88 87.24 -0.88
N ASN WB 146 53.18 87.74 -1.91
CA ASN WB 146 53.72 88.87 -2.67
C ASN WB 146 53.81 90.13 -1.82
N LEU WB 147 52.87 90.32 -0.88
CA LEU WB 147 52.87 91.53 -0.07
C LEU WB 147 54.11 91.62 0.81
N SER WB 148 54.53 90.50 1.39
CA SER WB 148 55.67 90.51 2.29
C SER WB 148 56.93 90.99 1.57
N LEU WB 149 57.16 90.49 0.36
CA LEU WB 149 58.32 90.92 -0.40
C LEU WB 149 58.22 92.39 -0.77
N GLU WB 150 57.05 92.85 -1.20
CA GLU WB 150 56.90 94.22 -1.68
C GLU WB 150 57.09 95.23 -0.55
N LEU WB 151 56.43 95.00 0.59
CA LEU WB 151 56.49 95.94 1.70
C LEU WB 151 57.61 95.64 2.68
N ARG WB 152 58.29 94.50 2.54
CA ARG WB 152 59.41 94.15 3.41
C ARG WB 152 58.99 94.13 4.88
N LYS WB 153 57.94 93.36 5.17
CA LYS WB 153 57.34 93.28 6.48
C LYS WB 153 56.81 91.86 6.66
N PRO WB 154 57.02 91.22 7.81
CA PRO WB 154 56.56 89.84 7.96
C PRO WB 154 55.04 89.74 8.06
N ILE WB 155 54.48 88.78 7.32
CA ILE WB 155 53.07 88.44 7.34
C ILE WB 155 52.96 86.93 7.50
N THR WB 156 52.20 86.50 8.49
CA THR WB 156 52.15 85.09 8.87
C THR WB 156 50.83 84.47 8.41
N PHE WB 157 50.90 83.17 8.14
CA PHE WB 157 49.79 82.39 7.60
C PHE WB 157 49.13 81.59 8.72
N GLY WB 158 47.83 81.80 8.91
CA GLY WB 158 47.08 81.09 9.93
C GLY WB 158 45.78 80.51 9.40
N VAL WB 159 45.81 80.00 8.17
CA VAL WB 159 44.61 79.56 7.47
C VAL WB 159 44.42 78.06 7.67
N ILE WB 160 43.24 77.69 8.13
CA ILE WB 160 42.85 76.29 8.32
C ILE WB 160 42.08 75.84 7.09
N THR WB 161 42.16 74.54 6.79
CA THR WB 161 41.37 73.91 5.75
C THR WB 161 40.46 72.88 6.39
N ALA WB 162 39.18 72.91 6.00
CA ALA WB 162 38.20 72.00 6.58
C ALA WB 162 38.11 70.72 5.76
N ASN XB 16 55.85 24.12 62.23
CA ASN XB 16 55.19 25.43 62.26
C ASN XB 16 56.05 26.47 61.57
N LYS XB 17 55.43 27.60 61.22
CA LYS XB 17 56.10 28.71 60.57
C LYS XB 17 56.69 29.70 61.56
N GLY XB 18 56.89 29.28 62.81
CA GLY XB 18 57.40 30.18 63.83
C GLY XB 18 58.90 30.13 63.98
N TRP XB 19 59.47 28.92 63.98
CA TRP XB 19 60.91 28.79 64.17
C TRP XB 19 61.68 29.44 63.03
N GLU XB 20 61.08 29.50 61.84
CA GLU XB 20 61.73 30.21 60.74
C GLU XB 20 61.92 31.68 61.07
N ALA XB 21 60.89 32.30 61.64
CA ALA XB 21 61.04 33.66 62.13
C ALA XB 21 62.10 33.74 63.21
N ALA XB 22 62.28 32.66 63.98
CA ALA XB 22 63.30 32.66 65.02
C ALA XB 22 64.70 32.56 64.44
N LEU XB 23 64.90 31.66 63.49
CA LEU XB 23 66.25 31.47 62.95
C LEU XB 23 66.80 32.76 62.37
N SER XB 24 65.96 33.53 61.67
CA SER XB 24 66.42 34.79 61.10
C SER XB 24 66.96 35.71 62.17
N ALA XB 25 66.31 35.76 63.33
CA ALA XB 25 66.70 36.73 64.36
C ALA XB 25 68.10 36.44 64.89
N ILE XB 26 68.39 35.17 65.19
CA ILE XB 26 69.71 34.85 65.72
C ILE XB 26 70.80 35.15 64.71
N GLU XB 27 70.59 34.75 63.44
CA GLU XB 27 71.59 35.03 62.42
C GLU XB 27 71.90 36.51 62.34
N MET XB 28 70.86 37.34 62.21
CA MET XB 28 71.05 38.78 62.09
C MET XB 28 71.66 39.36 63.36
N ALA XB 29 71.22 38.88 64.52
CA ALA XB 29 71.73 39.41 65.78
C ALA XB 29 73.24 39.18 65.90
N ASN XB 30 73.70 38.00 65.51
CA ASN XB 30 75.14 37.73 65.53
C ASN XB 30 75.87 38.54 64.46
N LEU XB 31 75.26 38.67 63.28
CA LEU XB 31 75.90 39.39 62.19
C LEU XB 31 76.13 40.85 62.57
N PHE XB 32 75.18 41.48 63.23
CA PHE XB 32 75.31 42.88 63.57
C PHE XB 32 76.44 43.12 64.56
N LYS XB 33 76.76 42.11 65.38
CA LYS XB 33 77.90 42.24 66.28
C LYS XB 33 79.21 42.34 65.53
N SER XB 34 79.35 41.57 64.45
CA SER XB 34 80.60 41.57 63.69
C SER XB 34 80.90 42.94 63.10
N LEU XB 35 79.92 43.52 62.39
CA LEU XB 35 80.18 44.76 61.67
C LEU XB 35 80.56 45.88 62.63
N ARG XB 36 79.87 45.98 63.76
CA ARG XB 36 80.16 47.06 64.71
C ARG XB 36 81.55 46.93 65.31
N GLY XB 37 82.15 45.75 65.25
CA GLY XB 37 83.48 45.54 65.80
C GLY XB 37 84.56 46.00 64.86
N THR XB 38 85.80 45.69 65.24
CA THR XB 38 86.95 46.09 64.44
C THR XB 38 86.95 45.35 63.10
N GLY XB 39 87.55 45.99 62.11
CA GLY XB 39 87.62 45.42 60.78
C GLY XB 39 88.66 44.32 60.67
N GLY XB 40 88.78 43.78 59.46
CA GLY XB 40 89.70 42.69 59.20
C GLY XB 40 91.13 43.17 59.03
N SER XB 41 92.02 42.21 58.82
CA SER XB 41 93.44 42.49 58.64
C SER XB 41 93.79 42.86 57.21
N GLY XB 42 92.83 42.84 56.29
CA GLY XB 42 93.10 43.17 54.91
C GLY XB 42 93.78 42.03 54.18
N SER XB 43 94.27 42.35 52.98
CA SER XB 43 94.97 41.46 52.08
C SER XB 43 94.04 40.49 51.38
N SER XB 44 92.74 40.49 51.71
CA SER XB 44 91.79 39.61 51.03
C SER XB 44 90.39 40.17 51.23
N MET XB 45 89.47 39.69 50.40
CA MET XB 45 88.08 40.12 50.50
C MET XB 45 87.50 39.68 51.84
N GLU XB 46 86.78 40.58 52.50
CA GLU XB 46 86.18 40.31 53.80
C GLU XB 46 84.76 39.82 53.58
N ILE XB 47 84.48 38.60 54.03
CA ILE XB 47 83.14 38.03 54.00
C ILE XB 47 82.61 38.00 55.41
N TYR XB 48 81.52 38.73 55.65
CA TYR XB 48 80.82 38.72 56.93
C TYR XB 48 79.61 37.80 56.83
N GLU XB 49 79.48 36.88 57.77
CA GLU XB 49 78.30 36.05 57.86
C GLU XB 49 78.05 35.72 59.32
N GLY XB 50 76.78 35.68 59.71
CA GLY XB 50 76.42 35.48 61.11
C GLY XB 50 76.34 34.01 61.51
N LYS XB 51 76.55 33.78 62.80
CA LYS XB 51 76.52 32.44 63.36
C LYS XB 51 75.12 32.06 63.79
N LEU XB 52 74.97 30.84 64.30
CA LEU XB 52 73.71 30.34 64.84
C LEU XB 52 73.80 30.07 66.34
N THR XB 53 74.78 30.66 67.02
CA THR XB 53 74.92 30.51 68.46
C THR XB 53 74.05 31.57 69.15
N ALA XB 54 73.04 31.12 69.88
CA ALA XB 54 72.07 32.03 70.50
C ALA XB 54 72.51 32.53 71.86
N GLU XB 55 73.65 32.07 72.38
CA GLU XB 55 74.05 32.43 73.74
C GLU XB 55 74.40 33.90 73.83
N GLY XB 56 73.91 34.56 74.87
CA GLY XB 56 74.19 35.96 75.13
C GLY XB 56 73.25 36.95 74.48
N LEU XB 57 72.23 36.48 73.75
CA LEU XB 57 71.34 37.35 73.00
C LEU XB 57 70.02 37.51 73.75
N ARG XB 58 69.58 38.77 73.90
CA ARG XB 58 68.30 39.10 74.49
C ARG XB 58 67.27 39.30 73.39
N PHE XB 59 66.13 38.65 73.53
CA PHE XB 59 65.08 38.67 72.52
C PHE XB 59 63.78 39.23 73.09
N GLY XB 60 63.05 39.93 72.23
CA GLY XB 60 61.67 40.29 72.51
C GLY XB 60 60.74 39.66 71.49
N ILE XB 61 59.53 39.33 71.93
CA ILE XB 61 58.50 38.78 71.06
C ILE XB 61 57.20 39.54 71.30
N VAL XB 62 56.52 39.90 70.21
CA VAL XB 62 55.24 40.58 70.26
C VAL XB 62 54.22 39.74 69.52
N ALA XB 63 53.12 39.41 70.17
CA ALA XB 63 52.09 38.56 69.58
C ALA XB 63 50.72 39.15 69.89
N SER XB 64 49.76 38.82 69.03
CA SER XB 64 48.38 39.27 69.19
C SER XB 64 47.51 38.14 69.73
N ARG XB 65 46.28 38.49 70.11
CA ARG XB 65 45.39 37.54 70.77
C ARG XB 65 44.32 36.98 69.84
N PHE XB 66 43.95 37.68 68.78
CA PHE XB 66 42.93 37.16 67.87
C PHE XB 66 43.39 35.84 67.29
N ASN XB 67 42.49 34.85 67.29
CA ASN XB 67 42.81 33.49 66.87
C ASN XB 67 43.89 32.89 67.75
N HIS XB 68 43.59 32.81 69.05
CA HIS XB 68 44.57 32.34 70.01
C HIS XB 68 44.99 30.90 69.75
N ALA XB 69 44.17 30.11 69.05
CA ALA XB 69 44.56 28.73 68.76
C ALA XB 69 45.82 28.68 67.92
N LEU XB 70 45.85 29.45 66.83
CA LEU XB 70 47.02 29.42 65.95
C LEU XB 70 48.21 30.13 66.59
N VAL XB 71 47.97 31.30 67.18
CA VAL XB 71 49.06 32.06 67.77
C VAL XB 71 49.69 31.32 68.94
N ASP XB 72 48.93 30.44 69.59
CA ASP XB 72 49.48 29.69 70.72
C ASP XB 72 50.64 28.81 70.30
N ARG XB 73 50.52 28.13 69.17
CA ARG XB 73 51.58 27.23 68.72
C ARG XB 73 52.71 27.98 68.02
N LEU XB 74 52.41 29.09 67.33
CA LEU XB 74 53.47 29.86 66.70
C LEU XB 74 54.45 30.41 67.74
N VAL XB 75 53.94 30.95 68.85
CA VAL XB 75 54.82 31.51 69.87
C VAL XB 75 55.61 30.39 70.55
N GLU XB 76 54.96 29.28 70.88
CA GLU XB 76 55.67 28.18 71.52
C GLU XB 76 56.75 27.63 70.59
N GLY XB 77 56.42 27.44 69.32
CA GLY XB 77 57.42 26.97 68.37
C GLY XB 77 58.60 27.91 68.28
N ALA XB 78 58.35 29.21 68.35
CA ALA XB 78 59.45 30.18 68.33
C ALA XB 78 60.33 30.04 69.56
N ILE XB 79 59.72 29.82 70.74
CA ILE XB 79 60.50 29.71 71.96
C ILE XB 79 61.33 28.44 71.96
N ASP XB 80 60.83 27.37 71.32
CA ASP XB 80 61.55 26.12 71.27
C ASP XB 80 62.88 26.22 70.52
N CYS XB 81 63.06 27.25 69.70
CA CYS XB 81 64.24 27.33 68.85
C CYS XB 81 65.37 28.13 69.49
N ILE XB 82 65.07 29.15 70.29
CA ILE XB 82 66.13 29.87 70.98
C ILE XB 82 66.77 29.00 72.05
N VAL XB 83 65.95 28.23 72.78
CA VAL XB 83 66.49 27.38 73.83
C VAL XB 83 67.39 26.30 73.23
N ARG XB 84 66.96 25.69 72.13
CA ARG XB 84 67.74 24.58 71.58
C ARG XB 84 69.09 25.05 71.04
N HIS XB 85 69.14 26.24 70.45
CA HIS XB 85 70.40 26.80 69.96
C HIS XB 85 71.21 27.49 71.04
N GLY XB 86 70.94 27.20 72.31
CA GLY XB 86 71.74 27.71 73.39
C GLY XB 86 71.26 29.04 73.93
N GLY XB 87 69.98 29.12 74.29
CA GLY XB 87 69.40 30.36 74.76
C GLY XB 87 68.57 30.23 76.03
N ARG XB 88 68.91 31.02 77.04
CA ARG XB 88 68.17 31.00 78.29
C ARG XB 88 66.79 31.62 78.11
N GLU XB 89 65.78 31.02 78.73
CA GLU XB 89 64.46 31.63 78.76
C GLU XB 89 64.38 32.83 79.68
N GLU XB 90 65.42 33.07 80.49
CA GLU XB 90 65.46 34.23 81.36
C GLU XB 90 65.67 35.53 80.58
N ASP XB 91 65.96 35.46 79.28
CA ASP XB 91 66.19 36.65 78.47
C ASP XB 91 65.07 36.97 77.51
N ILE XB 92 64.15 36.05 77.25
CA ILE XB 92 63.00 36.31 76.39
C ILE XB 92 62.00 37.18 77.15
N THR XB 93 61.46 38.19 76.46
CA THR XB 93 60.37 39.01 76.96
C THR XB 93 59.20 38.90 76.00
N LEU XB 94 57.99 38.80 76.56
CA LEU XB 94 56.79 38.59 75.77
C LEU XB 94 55.79 39.70 76.04
N VAL XB 95 55.23 40.27 74.97
CA VAL XB 95 54.19 41.29 75.03
C VAL XB 95 53.02 40.80 74.22
N ARG XB 96 51.82 40.88 74.79
CA ARG XB 96 50.59 40.54 74.11
C ARG XB 96 49.79 41.82 73.84
N VAL XB 97 49.21 41.90 72.65
CA VAL XB 97 48.48 43.09 72.22
C VAL XB 97 47.12 42.64 71.70
N PRO XB 98 46.12 43.54 71.72
CA PRO XB 98 44.78 43.14 71.29
C PRO XB 98 44.70 42.62 69.86
N GLY XB 99 45.11 43.43 68.89
CA GLY XB 99 44.96 43.07 67.49
C GLY XB 99 46.21 43.40 66.70
N SER XB 100 46.14 43.11 65.40
CA SER XB 100 47.29 43.34 64.53
C SER XB 100 47.65 44.81 64.44
N TRP XB 101 46.65 45.70 64.53
CA TRP XB 101 46.89 47.13 64.37
C TRP XB 101 47.88 47.65 65.40
N GLU XB 102 48.06 46.96 66.52
CA GLU XB 102 48.92 47.43 67.59
C GLU XB 102 50.29 46.78 67.59
N ILE XB 103 50.59 45.89 66.65
CA ILE XB 103 51.92 45.28 66.60
C ILE XB 103 53.01 46.33 66.42
N PRO XB 104 52.92 47.26 65.48
CA PRO XB 104 54.06 48.18 65.26
C PRO XB 104 54.35 49.11 66.42
N VAL XB 105 53.34 49.68 67.07
CA VAL XB 105 53.61 50.61 68.16
C VAL XB 105 54.24 49.88 69.34
N ALA XB 106 53.82 48.65 69.59
CA ALA XB 106 54.40 47.87 70.69
C ALA XB 106 55.84 47.49 70.39
N ALA XB 107 56.13 47.13 69.14
CA ALA XB 107 57.49 46.74 68.78
C ALA XB 107 58.46 47.90 68.94
N GLY XB 108 57.99 49.13 68.79
CA GLY XB 108 58.87 50.28 68.94
C GLY XB 108 59.38 50.45 70.36
N GLU XB 109 58.49 50.29 71.35
CA GLU XB 109 58.91 50.43 72.74
C GLU XB 109 59.93 49.35 73.11
N LEU XB 110 59.72 48.12 72.66
CA LEU XB 110 60.69 47.07 72.91
C LEU XB 110 62.00 47.36 72.18
N ALA XB 111 61.93 47.70 70.90
CA ALA XB 111 63.13 47.89 70.11
C ALA XB 111 63.96 49.07 70.57
N ARG XB 112 63.38 50.00 71.33
CA ARG XB 112 64.12 51.14 71.84
C ARG XB 112 64.81 50.85 73.17
N LYS XB 113 64.60 49.67 73.74
CA LYS XB 113 65.29 49.30 74.97
C LYS XB 113 66.69 48.82 74.64
N GLU XB 114 67.67 49.32 75.40
CA GLU XB 114 69.07 49.00 75.10
C GLU XB 114 69.38 47.52 75.30
N ASP XB 115 68.70 46.86 76.22
CA ASP XB 115 68.99 45.47 76.56
C ASP XB 115 68.32 44.48 75.61
N ILE XB 116 67.86 44.91 74.45
CA ILE XB 116 67.28 44.03 73.45
C ILE XB 116 68.09 44.14 72.18
N ASP XB 117 68.22 43.01 71.47
CA ASP XB 117 69.00 42.95 70.25
C ASP XB 117 68.25 42.34 69.07
N ALA XB 118 67.00 41.92 69.26
CA ALA XB 118 66.20 41.41 68.16
C ALA XB 118 64.76 41.31 68.63
N VAL XB 119 63.83 41.64 67.74
CA VAL XB 119 62.40 41.57 68.01
C VAL XB 119 61.77 40.64 66.98
N ILE XB 120 60.85 39.80 67.45
CA ILE XB 120 60.11 38.88 66.58
C ILE XB 120 58.63 39.27 66.66
N ALA XB 121 58.00 39.41 65.50
CA ALA XB 121 56.60 39.80 65.41
C ALA XB 121 55.78 38.63 64.88
N ILE XB 122 54.72 38.28 65.61
CA ILE XB 122 53.88 37.14 65.29
C ILE XB 122 52.43 37.59 65.30
N GLY XB 123 51.68 37.14 64.30
CA GLY XB 123 50.28 37.51 64.23
C GLY XB 123 49.64 36.87 63.02
N VAL XB 124 48.32 37.03 62.92
CA VAL XB 124 47.53 36.47 61.83
C VAL XB 124 46.72 37.60 61.20
N LEU XB 125 46.83 37.72 59.89
CA LEU XB 125 46.08 38.70 59.12
C LEU XB 125 45.04 37.96 58.29
N ILE XB 126 43.78 38.36 58.44
CA ILE XB 126 42.67 37.72 57.73
C ILE XB 126 42.46 38.43 56.40
N ARG XB 127 42.13 37.65 55.37
CA ARG XB 127 41.89 38.15 54.02
C ARG XB 127 40.51 37.74 53.55
N GLY XB 128 39.51 37.91 54.41
CA GLY XB 128 38.16 37.53 54.07
C GLY XB 128 37.50 38.50 53.11
N ALA XB 129 36.31 38.13 52.66
CA ALA XB 129 35.56 38.97 51.73
C ALA XB 129 35.14 40.29 52.37
N THR XB 130 35.09 40.37 53.69
CA THR XB 130 34.69 41.61 54.36
C THR XB 130 35.72 42.69 54.09
N PRO XB 131 35.31 43.88 53.61
CA PRO XB 131 36.30 44.93 53.33
C PRO XB 131 36.73 45.66 54.60
N HIS XB 132 37.55 46.70 54.42
CA HIS XB 132 38.08 47.57 55.47
C HIS XB 132 39.22 46.92 56.24
N PHE XB 133 39.57 45.66 55.98
CA PHE XB 133 40.70 45.03 56.65
C PHE XB 133 42.01 45.20 55.89
N ASP XB 134 41.94 45.41 54.57
CA ASP XB 134 43.17 45.62 53.81
C ASP XB 134 43.93 46.84 54.32
N TYR XB 135 43.22 47.84 54.84
CA TYR XB 135 43.90 49.00 55.41
C TYR XB 135 44.76 48.60 56.59
N ILE XB 136 44.22 47.74 57.47
CA ILE XB 136 45.01 47.27 58.60
C ILE XB 136 46.14 46.37 58.12
N ALA XB 137 45.87 45.49 57.17
CA ALA XB 137 46.87 44.50 56.76
C ALA XB 137 48.09 45.18 56.15
N SER XB 138 47.87 46.12 55.23
CA SER XB 138 49.00 46.75 54.55
C SER XB 138 49.86 47.56 55.50
N GLU XB 139 49.23 48.29 56.42
CA GLU XB 139 49.98 49.17 57.30
C GLU XB 139 50.89 48.40 58.25
N VAL XB 140 50.55 47.15 58.57
CA VAL XB 140 51.37 46.40 59.51
C VAL XB 140 52.75 46.12 58.93
N SER XB 141 52.80 45.68 57.68
CA SER XB 141 54.09 45.39 57.06
C SER XB 141 54.94 46.65 56.93
N LYS XB 142 54.34 47.74 56.45
CA LYS XB 142 55.10 48.96 56.21
C LYS XB 142 55.68 49.51 57.51
N GLY XB 143 54.88 49.50 58.58
CA GLY XB 143 55.36 50.09 59.83
C GLY XB 143 56.56 49.37 60.40
N LEU XB 144 56.53 48.03 60.38
CA LEU XB 144 57.65 47.27 60.92
C LEU XB 144 58.92 47.54 60.13
N ALA XB 145 58.81 47.64 58.79
CA ALA XB 145 59.98 47.89 57.97
C ALA XB 145 60.61 49.24 58.28
N ASN XB 146 59.78 50.27 58.46
CA ASN XB 146 60.32 51.60 58.76
C ASN XB 146 61.02 51.64 60.10
N LEU XB 147 60.47 50.94 61.11
CA LEU XB 147 61.09 50.94 62.43
C LEU XB 147 62.51 50.41 62.38
N SER XB 148 62.74 49.33 61.62
CA SER XB 148 64.04 48.69 61.60
C SER XB 148 65.12 49.64 61.11
N LEU XB 149 64.82 50.41 60.06
CA LEU XB 149 65.80 51.34 59.51
C LEU XB 149 65.99 52.55 60.40
N GLU XB 150 64.91 53.03 61.02
CA GLU XB 150 65.02 54.24 61.83
C GLU XB 150 65.78 53.97 63.12
N LEU XB 151 65.68 52.75 63.65
CA LEU XB 151 66.34 52.37 64.89
C LEU XB 151 67.59 51.53 64.69
N ARG XB 152 67.80 50.98 63.50
CA ARG XB 152 68.97 50.16 63.19
C ARG XB 152 69.00 48.92 64.09
N LYS XB 153 68.00 48.07 63.90
CA LYS XB 153 67.85 46.85 64.68
C LYS XB 153 66.97 45.87 63.91
N PRO XB 154 67.35 44.61 63.76
CA PRO XB 154 66.51 43.68 63.00
C PRO XB 154 65.16 43.49 63.67
N ILE XB 155 64.12 43.39 62.86
CA ILE XB 155 62.78 43.08 63.33
C ILE XB 155 62.19 42.04 62.40
N THR XB 156 62.30 40.77 62.76
CA THR XB 156 61.86 39.71 61.89
C THR XB 156 60.33 39.73 61.76
N PHE XB 157 59.86 39.18 60.65
CA PHE XB 157 58.46 39.23 60.26
C PHE XB 157 57.91 37.81 60.28
N GLY XB 158 56.89 37.57 61.09
CA GLY XB 158 56.35 36.23 61.25
C GLY XB 158 54.84 36.19 61.15
N VAL XB 159 54.27 37.05 60.33
CA VAL XB 159 52.83 37.13 60.18
C VAL XB 159 52.36 36.09 59.17
N ILE XB 160 51.20 35.49 59.43
CA ILE XB 160 50.63 34.46 58.58
C ILE XB 160 49.24 34.92 58.16
N THR XB 161 48.78 34.41 57.02
CA THR XB 161 47.47 34.74 56.49
C THR XB 161 46.66 33.46 56.31
N ALA XB 162 45.40 33.50 56.73
CA ALA XB 162 44.54 32.33 56.64
C ALA XB 162 44.23 32.00 55.18
N GLY YB 15 76.07 40.94 29.72
CA GLY YB 15 76.24 39.77 30.56
C GLY YB 15 75.04 39.53 31.47
N ASN YB 16 75.32 39.25 32.74
CA ASN YB 16 74.28 39.01 33.73
C ASN YB 16 73.96 40.30 34.47
N LYS YB 17 72.84 40.26 35.22
CA LYS YB 17 72.41 41.45 35.94
C LYS YB 17 73.45 41.92 36.95
N GLY YB 18 74.29 41.01 37.43
CA GLY YB 18 75.34 41.43 38.34
C GLY YB 18 76.38 42.30 37.68
N TRP YB 19 76.76 41.96 36.44
CA TRP YB 19 77.68 42.81 35.70
C TRP YB 19 77.12 44.21 35.55
N GLU YB 20 75.83 44.31 35.20
CA GLU YB 20 75.21 45.62 35.00
C GLU YB 20 75.20 46.44 36.27
N ALA YB 21 74.90 45.82 37.41
CA ALA YB 21 74.83 46.55 38.67
C ALA YB 21 76.18 47.14 39.05
N ALA YB 22 77.25 46.38 38.85
CA ALA YB 22 78.58 46.88 39.20
C ALA YB 22 78.96 48.08 38.34
N LEU YB 23 78.60 48.05 37.06
CA LEU YB 23 78.92 49.17 36.18
C LEU YB 23 78.26 50.45 36.66
N SER YB 24 76.99 50.38 37.05
CA SER YB 24 76.28 51.57 37.51
C SER YB 24 76.93 52.12 38.78
N ALA YB 25 77.36 51.23 39.67
CA ALA YB 25 77.99 51.66 40.91
C ALA YB 25 79.29 52.41 40.64
N ILE YB 26 80.09 51.94 39.69
CA ILE YB 26 81.36 52.58 39.40
C ILE YB 26 81.14 53.98 38.82
N GLU YB 27 80.15 54.12 37.95
CA GLU YB 27 79.91 55.42 37.33
C GLU YB 27 79.32 56.42 38.32
N MET YB 28 78.35 55.97 39.13
CA MET YB 28 77.77 56.87 40.13
C MET YB 28 78.80 57.28 41.17
N ALA YB 29 79.66 56.35 41.58
CA ALA YB 29 80.68 56.67 42.57
C ALA YB 29 81.64 57.73 42.07
N ASN YB 30 82.02 57.65 40.79
CA ASN YB 30 82.88 58.67 40.20
C ASN YB 30 82.13 59.98 40.00
N LEU YB 31 80.84 59.91 39.67
CA LEU YB 31 80.06 61.12 39.45
C LEU YB 31 79.99 61.97 40.69
N PHE YB 32 79.71 61.34 41.85
CA PHE YB 32 79.59 62.10 43.09
C PHE YB 32 80.90 62.77 43.46
N LYS YB 33 82.02 62.16 43.10
CA LYS YB 33 83.32 62.75 43.39
C LYS YB 33 83.58 64.00 42.56
N SER YB 34 82.89 64.17 41.44
CA SER YB 34 83.05 65.35 40.59
C SER YB 34 82.20 66.52 41.06
N LEU YB 35 80.96 66.24 41.50
CA LEU YB 35 80.09 67.32 41.95
C LEU YB 35 80.67 68.02 43.17
N ARG YB 36 81.26 67.27 44.06
CA ARG YB 36 81.84 67.83 45.30
C ARG YB 36 83.07 68.66 44.94
N GLY YB 37 83.68 68.50 43.75
CA GLY YB 37 84.83 69.28 43.34
C GLY YB 37 84.44 70.60 42.72
N THR YB 38 85.46 71.32 42.27
CA THR YB 38 85.26 72.65 41.70
C THR YB 38 84.56 72.54 40.35
N GLY YB 39 83.93 73.65 39.95
CA GLY YB 39 83.21 73.70 38.69
C GLY YB 39 84.13 73.88 37.50
N GLY YB 40 83.51 74.00 36.33
CA GLY YB 40 84.24 74.15 35.10
C GLY YB 40 84.77 75.56 34.90
N SER YB 41 85.51 75.73 33.79
CA SER YB 41 86.08 77.03 33.49
C SER YB 41 85.02 78.09 33.18
N GLY YB 42 83.80 77.68 32.85
CA GLY YB 42 82.74 78.62 32.56
C GLY YB 42 82.66 78.96 31.09
N SER YB 43 81.75 79.90 30.79
CA SER YB 43 81.49 80.38 29.45
C SER YB 43 80.78 79.36 28.57
N SER YB 44 80.31 78.26 29.14
CA SER YB 44 79.59 77.23 28.39
C SER YB 44 78.90 76.32 29.39
N MET YB 45 78.06 75.43 28.86
CA MET YB 45 77.39 74.46 29.72
C MET YB 45 78.42 73.59 30.43
N GLU YB 46 78.15 73.32 31.70
CA GLU YB 46 78.94 72.36 32.47
C GLU YB 46 78.23 71.01 32.42
N ILE YB 47 78.90 70.01 31.87
CA ILE YB 47 78.38 68.65 31.82
C ILE YB 47 79.18 67.82 32.81
N TYR YB 48 78.47 67.23 33.77
CA TYR YB 48 79.07 66.33 34.75
C TYR YB 48 78.74 64.90 34.37
N GLU YB 49 79.77 64.05 34.32
CA GLU YB 49 79.59 62.65 33.99
C GLU YB 49 80.61 61.84 34.76
N GLY YB 50 80.35 60.54 34.89
CA GLY YB 50 81.19 59.64 35.66
C GLY YB 50 81.99 58.73 34.75
N LYS YB 51 83.29 58.63 35.04
CA LYS YB 51 84.16 57.72 34.32
C LYS YB 51 83.88 56.28 34.75
N LEU YB 52 84.65 55.35 34.19
CA LEU YB 52 84.54 53.94 34.54
C LEU YB 52 85.87 53.40 35.07
N THR YB 53 86.68 54.27 35.65
CA THR YB 53 87.90 53.86 36.32
C THR YB 53 87.58 53.51 37.78
N ALA YB 54 87.97 52.30 38.18
CA ALA YB 54 87.65 51.76 39.50
C ALA YB 54 88.88 51.62 40.39
N GLU YB 55 89.81 52.56 40.29
CA GLU YB 55 91.07 52.51 41.02
C GLU YB 55 91.04 53.53 42.15
N GLY YB 56 91.07 53.05 43.38
CA GLY YB 56 90.95 53.89 44.55
C GLY YB 56 89.58 53.93 45.19
N LEU YB 57 88.65 53.09 44.74
CA LEU YB 57 87.28 53.08 45.22
C LEU YB 57 87.01 51.81 46.02
N ARG YB 58 86.18 51.96 47.05
CA ARG YB 58 85.80 50.86 47.93
C ARG YB 58 84.33 50.55 47.75
N PHE YB 59 83.99 49.27 47.72
CA PHE YB 59 82.67 48.81 47.35
C PHE YB 59 82.12 47.86 48.40
N GLY YB 60 80.81 47.65 48.34
CA GLY YB 60 80.13 46.71 49.22
C GLY YB 60 79.02 45.97 48.51
N ILE YB 61 78.86 44.69 48.80
CA ILE YB 61 77.88 43.83 48.17
C ILE YB 61 77.04 43.15 49.25
N VAL YB 62 75.73 43.10 49.04
CA VAL YB 62 74.81 42.45 49.96
C VAL YB 62 73.98 41.46 49.15
N ALA YB 63 74.03 40.19 49.53
CA ALA YB 63 73.38 39.13 48.78
C ALA YB 63 72.66 38.19 49.74
N SER YB 64 71.68 37.48 49.21
CA SER YB 64 70.84 36.57 49.98
C SER YB 64 71.18 35.12 49.64
N ARG YB 65 70.87 34.24 50.59
CA ARG YB 65 71.14 32.82 50.41
C ARG YB 65 70.15 32.13 49.48
N PHE YB 66 68.93 32.65 49.38
CA PHE YB 66 67.89 31.93 48.65
C PHE YB 66 68.30 31.70 47.20
N ASN YB 67 68.06 30.48 46.72
CA ASN YB 67 68.44 30.07 45.38
C ASN YB 67 69.94 30.34 45.15
N HIS YB 68 70.76 29.70 45.99
CA HIS YB 68 72.19 29.93 45.94
C HIS YB 68 72.78 29.59 44.57
N ALA YB 69 72.11 28.75 43.79
CA ALA YB 69 72.58 28.45 42.45
C ALA YB 69 72.63 29.72 41.61
N LEU YB 70 71.52 30.46 41.58
CA LEU YB 70 71.48 31.68 40.76
C LEU YB 70 72.27 32.80 41.41
N VAL YB 71 72.13 32.99 42.72
CA VAL YB 71 72.71 34.17 43.36
C VAL YB 71 74.23 34.15 43.27
N ASP YB 72 74.83 32.96 43.34
CA ASP YB 72 76.29 32.87 43.26
C ASP YB 72 76.79 33.37 41.91
N ARG YB 73 76.07 33.06 40.84
CA ARG YB 73 76.48 33.54 39.53
C ARG YB 73 76.49 35.06 39.49
N LEU YB 74 75.49 35.70 40.09
CA LEU YB 74 75.41 37.15 40.07
C LEU YB 74 76.55 37.79 40.87
N VAL YB 75 76.92 37.18 42.00
CA VAL YB 75 77.98 37.77 42.81
C VAL YB 75 79.32 37.63 42.11
N GLU YB 76 79.53 36.56 41.35
CA GLU YB 76 80.75 36.43 40.57
C GLU YB 76 80.85 37.52 39.51
N GLY YB 77 79.72 37.85 38.88
CA GLY YB 77 79.72 38.88 37.85
C GLY YB 77 80.16 40.23 38.37
N ALA YB 78 79.66 40.62 39.54
CA ALA YB 78 80.03 41.91 40.11
C ALA YB 78 81.52 41.97 40.43
N ILE YB 79 82.07 40.88 40.97
CA ILE YB 79 83.49 40.85 41.27
C ILE YB 79 84.31 40.95 40.00
N ASP YB 80 83.90 40.23 38.95
CA ASP YB 80 84.63 40.29 37.69
C ASP YB 80 84.67 41.70 37.13
N CYS YB 81 83.53 42.39 37.15
CA CYS YB 81 83.45 43.72 36.55
C CYS YB 81 84.39 44.69 37.25
N ILE YB 82 84.45 44.66 38.57
CA ILE YB 82 85.28 45.61 39.30
C ILE YB 82 86.76 45.33 39.05
N VAL YB 83 87.13 44.05 38.96
CA VAL YB 83 88.53 43.70 38.74
C VAL YB 83 88.96 44.07 37.32
N ARG YB 84 88.13 43.73 36.32
CA ARG YB 84 88.48 44.04 34.95
C ARG YB 84 88.69 45.53 34.74
N HIS YB 85 87.98 46.37 35.49
CA HIS YB 85 88.09 47.82 35.36
C HIS YB 85 89.18 48.42 36.24
N GLY YB 86 89.96 47.60 36.92
CA GLY YB 86 91.14 48.07 37.63
C GLY YB 86 90.98 48.24 39.13
N GLY YB 87 90.15 47.43 39.78
CA GLY YB 87 89.95 47.53 41.22
C GLY YB 87 90.39 46.24 41.90
N ARG YB 88 90.97 46.39 43.09
CA ARG YB 88 91.47 45.24 43.82
C ARG YB 88 90.34 44.53 44.56
N GLU YB 89 90.57 43.26 44.86
CA GLU YB 89 89.62 42.49 45.66
C GLU YB 89 89.71 42.83 47.14
N GLU YB 90 90.78 43.49 47.58
CA GLU YB 90 90.92 43.87 48.98
C GLU YB 90 90.05 45.08 49.33
N ASP YB 91 89.47 45.76 48.34
CA ASP YB 91 88.62 46.91 48.56
C ASP YB 91 87.14 46.57 48.38
N ILE YB 92 86.76 45.31 48.61
CA ILE YB 92 85.39 44.86 48.48
C ILE YB 92 84.99 44.19 49.78
N THR YB 93 83.83 44.56 50.31
CA THR YB 93 83.25 43.94 51.50
C THR YB 93 81.96 43.23 51.11
N LEU YB 94 81.85 41.96 51.47
CA LEU YB 94 80.71 41.14 51.10
C LEU YB 94 79.98 40.70 52.37
N VAL YB 95 78.66 40.91 52.40
CA VAL YB 95 77.82 40.57 53.54
C VAL YB 95 76.63 39.78 53.03
N ARG YB 96 76.33 38.66 53.70
CA ARG YB 96 75.26 37.76 53.30
C ARG YB 96 74.19 37.71 54.38
N VAL YB 97 72.94 37.57 53.96
CA VAL YB 97 71.81 37.66 54.89
C VAL YB 97 70.82 36.55 54.58
N PRO YB 98 69.97 36.18 55.53
CA PRO YB 98 69.11 35.01 55.33
C PRO YB 98 68.15 35.12 54.15
N GLY YB 99 67.60 36.30 53.90
CA GLY YB 99 66.56 36.43 52.89
C GLY YB 99 66.42 37.84 52.40
N SER YB 100 65.46 38.02 51.48
CA SER YB 100 65.29 39.32 50.84
C SER YB 100 64.86 40.38 51.84
N TRP YB 101 64.03 40.02 52.83
CA TRP YB 101 63.52 40.99 53.77
C TRP YB 101 64.62 41.70 54.53
N GLU YB 102 65.81 41.11 54.64
CA GLU YB 102 66.88 41.67 55.44
C GLU YB 102 67.91 42.44 54.62
N ILE YB 103 67.74 42.52 53.29
CA ILE YB 103 68.67 43.29 52.48
C ILE YB 103 68.69 44.76 52.89
N PRO YB 104 67.56 45.45 53.03
CA PRO YB 104 67.62 46.89 53.31
C PRO YB 104 68.26 47.25 54.63
N VAL YB 105 67.99 46.49 55.69
CA VAL YB 105 68.59 46.79 56.99
C VAL YB 105 70.09 46.51 56.95
N ALA YB 106 70.50 45.46 56.24
CA ALA YB 106 71.93 45.18 56.08
C ALA YB 106 72.61 46.25 55.27
N ALA YB 107 71.96 46.75 54.21
CA ALA YB 107 72.55 47.78 53.37
C ALA YB 107 72.71 49.09 54.12
N GLY YB 108 71.89 49.33 55.13
CA GLY YB 108 72.00 50.57 55.89
C GLY YB 108 73.28 50.66 56.69
N GLU YB 109 73.71 49.55 57.28
CA GLU YB 109 74.93 49.57 58.08
C GLU YB 109 76.15 49.89 57.22
N LEU YB 110 76.24 49.27 56.04
CA LEU YB 110 77.38 49.54 55.16
C LEU YB 110 77.40 50.98 54.71
N ALA YB 111 76.24 51.53 54.34
CA ALA YB 111 76.19 52.87 53.78
C ALA YB 111 76.59 53.95 54.78
N ARG YB 112 76.50 53.67 56.08
CA ARG YB 112 76.84 54.67 57.08
C ARG YB 112 78.34 54.79 57.31
N LYS YB 113 79.11 53.80 56.87
CA LYS YB 113 80.56 53.87 57.03
C LYS YB 113 81.15 54.91 56.09
N GLU YB 114 82.25 55.53 56.52
CA GLU YB 114 82.92 56.55 55.73
C GLU YB 114 83.98 55.98 54.80
N ASP YB 115 84.12 54.66 54.74
CA ASP YB 115 85.08 54.01 53.86
C ASP YB 115 84.42 53.23 52.72
N ILE YB 116 83.11 53.35 52.57
CA ILE YB 116 82.38 52.68 51.50
C ILE YB 116 81.74 53.76 50.63
N ASP YB 117 81.97 53.69 49.32
CA ASP YB 117 81.51 54.69 48.37
C ASP YB 117 80.35 54.23 47.51
N ALA YB 118 79.92 52.97 47.63
CA ALA YB 118 78.80 52.48 46.85
C ALA YB 118 78.40 51.12 47.40
N VAL YB 119 77.15 50.76 47.18
CA VAL YB 119 76.58 49.50 47.67
C VAL YB 119 75.79 48.87 46.54
N ILE YB 120 75.88 47.54 46.44
CA ILE YB 120 75.21 46.76 45.41
C ILE YB 120 74.37 45.70 46.09
N ALA YB 121 73.11 45.60 45.69
CA ALA YB 121 72.18 44.63 46.24
C ALA YB 121 71.89 43.54 45.21
N ILE YB 122 72.01 42.29 45.62
CA ILE YB 122 71.79 41.13 44.77
C ILE YB 122 70.77 40.24 45.44
N GLY YB 123 69.80 39.75 44.68
CA GLY YB 123 68.78 38.89 45.26
C GLY YB 123 67.87 38.33 44.20
N VAL YB 124 67.07 37.36 44.61
CA VAL YB 124 66.08 36.72 43.75
C VAL YB 124 64.80 36.54 44.55
N LEU YB 125 63.67 36.85 43.94
CA LEU YB 125 62.37 36.76 44.56
C LEU YB 125 61.50 35.76 43.81
N ILE YB 126 60.32 35.49 44.35
CA ILE YB 126 59.38 34.56 43.74
C ILE YB 126 57.97 35.13 43.80
N ARG YB 127 57.51 35.71 42.69
CA ARG YB 127 56.17 36.27 42.65
C ARG YB 127 55.12 35.18 42.82
N GLY YB 128 55.32 34.02 42.18
CA GLY YB 128 54.40 32.92 42.31
C GLY YB 128 54.60 32.15 43.60
N ALA YB 129 54.29 32.77 44.73
CA ALA YB 129 54.45 32.17 46.03
C ALA YB 129 53.21 32.47 46.86
N THR YB 130 53.28 32.17 48.15
CA THR YB 130 52.15 32.42 49.04
C THR YB 130 51.93 33.92 49.20
N PRO YB 131 50.72 34.33 49.60
CA PRO YB 131 50.46 35.76 49.77
C PRO YB 131 51.40 36.43 50.75
N HIS YB 132 51.89 35.70 51.75
CA HIS YB 132 52.81 36.30 52.73
C HIS YB 132 54.06 36.85 52.06
N PHE YB 133 54.52 36.22 50.99
CA PHE YB 133 55.70 36.67 50.26
C PHE YB 133 55.32 37.63 49.14
N ASP YB 134 54.51 38.63 49.47
CA ASP YB 134 54.18 39.73 48.58
C ASP YB 134 54.39 41.09 49.23
N TYR YB 135 54.08 41.21 50.52
CA TYR YB 135 54.43 42.43 51.25
C TYR YB 135 55.94 42.62 51.26
N ILE YB 136 56.70 41.52 51.33
CA ILE YB 136 58.15 41.61 51.34
C ILE YB 136 58.65 42.15 50.00
N ALA YB 137 58.07 41.67 48.90
CA ALA YB 137 58.61 42.00 47.59
C ALA YB 137 58.61 43.51 47.34
N SER YB 138 57.51 44.18 47.68
CA SER YB 138 57.43 45.62 47.44
C SER YB 138 58.27 46.41 48.43
N GLU YB 139 58.48 45.86 49.63
CA GLU YB 139 59.17 46.63 50.66
C GLU YB 139 60.67 46.72 50.40
N VAL YB 140 61.23 45.77 49.65
CA VAL YB 140 62.65 45.84 49.32
C VAL YB 140 62.94 47.06 48.46
N SER YB 141 62.09 47.32 47.46
CA SER YB 141 62.29 48.47 46.60
C SER YB 141 62.16 49.77 47.38
N LYS YB 142 61.14 49.87 48.24
CA LYS YB 142 60.94 51.09 49.00
C LYS YB 142 62.11 51.38 49.93
N GLY YB 143 62.59 50.35 50.64
CA GLY YB 143 63.59 50.58 51.66
C GLY YB 143 64.90 51.09 51.09
N LEU YB 144 65.35 50.47 50.00
CA LEU YB 144 66.62 50.88 49.40
C LEU YB 144 66.53 52.28 48.83
N ALA YB 145 65.37 52.64 48.25
CA ALA YB 145 65.20 53.97 47.69
C ALA YB 145 65.32 55.05 48.77
N ASN YB 146 64.69 54.84 49.92
CA ASN YB 146 64.72 55.86 50.97
C ASN YB 146 66.10 56.01 51.57
N LEU YB 147 66.90 54.94 51.58
CA LEU YB 147 68.26 55.03 52.12
C LEU YB 147 69.11 56.02 51.33
N SER YB 148 69.05 55.92 49.99
CA SER YB 148 69.93 56.73 49.15
C SER YB 148 69.69 58.22 49.38
N LEU YB 149 68.43 58.64 49.37
CA LEU YB 149 68.13 60.05 49.59
C LEU YB 149 68.50 60.48 51.00
N GLU YB 150 68.27 59.61 51.98
CA GLU YB 150 68.57 59.96 53.36
C GLU YB 150 70.07 60.12 53.58
N LEU YB 151 70.85 59.14 53.16
CA LEU YB 151 72.29 59.14 53.38
C LEU YB 151 73.07 59.84 52.27
N ARG YB 152 72.44 60.10 51.12
CA ARG YB 152 73.09 60.80 50.02
C ARG YB 152 74.31 60.01 49.53
N LYS YB 153 74.04 58.79 49.09
CA LYS YB 153 75.10 57.87 48.69
C LYS YB 153 74.51 56.83 47.74
N PRO YB 154 75.09 56.61 46.56
CA PRO YB 154 74.45 55.71 45.60
C PRO YB 154 74.29 54.29 46.15
N ILE YB 155 73.12 53.72 45.90
CA ILE YB 155 72.84 52.33 46.20
C ILE YB 155 72.18 51.73 44.96
N THR YB 156 72.78 50.68 44.42
CA THR YB 156 72.39 50.12 43.14
C THR YB 156 71.51 48.90 43.34
N PHE YB 157 70.69 48.62 42.34
CA PHE YB 157 69.65 47.61 42.41
C PHE YB 157 70.00 46.45 41.48
N GLY YB 158 69.99 45.24 42.03
CA GLY YB 158 70.28 44.06 41.25
C GLY YB 158 69.39 42.88 41.60
N VAL YB 159 68.17 43.16 42.03
CA VAL YB 159 67.25 42.12 42.47
C VAL YB 159 66.39 41.70 41.31
N ILE YB 160 66.43 40.41 40.97
CA ILE YB 160 65.68 39.87 39.84
C ILE YB 160 64.62 38.92 40.37
N THR YB 161 63.82 38.36 39.47
CA THR YB 161 62.76 37.44 39.84
C THR YB 161 62.82 36.20 38.95
N ALA YB 162 62.45 35.07 39.52
CA ALA YB 162 62.46 33.80 38.80
C ALA YB 162 61.11 33.51 38.17
N ALA ZB 10 70.39 71.75 17.42
CA ALA ZB 10 69.09 71.13 17.20
C ALA ZB 10 68.03 71.83 18.02
N GLY ZB 11 66.82 71.29 18.03
CA GLY ZB 11 65.77 71.86 18.85
C GLY ZB 11 64.45 71.18 18.58
N THR ZB 12 63.40 71.70 19.21
CA THR ZB 12 62.05 71.21 18.94
C THR ZB 12 61.04 72.29 19.34
N LYS ZB 13 59.77 71.93 19.28
CA LYS ZB 13 58.66 72.80 19.64
C LYS ZB 13 57.57 71.93 20.25
N HIS ZB 14 56.33 72.41 20.29
CA HIS ZB 14 55.24 71.63 20.84
C HIS ZB 14 55.26 70.21 20.27
N GLY ZB 15 54.94 69.21 21.12
CA GLY ZB 15 54.94 67.78 20.73
C GLY ZB 15 55.94 66.99 21.56
N ASN ZB 16 57.19 67.46 21.62
CA ASN ZB 16 58.26 66.76 22.38
C ASN ZB 16 58.02 67.01 23.87
N LYS ZB 17 58.31 66.03 24.74
CA LYS ZB 17 58.06 66.14 26.22
C LYS ZB 17 59.18 66.97 26.87
N GLY ZB 18 60.32 67.16 26.20
CA GLY ZB 18 61.39 68.02 26.72
C GLY ZB 18 60.98 69.49 26.70
N TRP ZB 19 60.16 69.92 25.75
CA TRP ZB 19 59.74 71.31 25.61
C TRP ZB 19 58.68 71.66 26.63
N GLU ZB 20 57.68 70.80 26.82
CA GLU ZB 20 56.63 71.07 27.79
C GLU ZB 20 57.20 71.16 29.20
N ALA ZB 21 58.10 70.26 29.55
CA ALA ZB 21 58.68 70.26 30.89
C ALA ZB 21 59.43 71.56 31.15
N ALA ZB 22 60.18 72.04 30.17
CA ALA ZB 22 60.91 73.29 30.34
C ALA ZB 22 59.97 74.46 30.52
N LEU ZB 23 58.81 74.42 29.87
CA LEU ZB 23 57.82 75.49 30.03
C LEU ZB 23 57.37 75.60 31.47
N SER ZB 24 57.04 74.47 32.09
CA SER ZB 24 56.54 74.49 33.46
C SER ZB 24 57.58 75.05 34.41
N ALA ZB 25 58.85 74.71 34.19
CA ALA ZB 25 59.92 75.17 35.07
C ALA ZB 25 60.03 76.69 35.06
N ILE ZB 26 59.93 77.30 33.87
CA ILE ZB 26 60.05 78.75 33.78
C ILE ZB 26 58.89 79.41 34.51
N GLU ZB 27 57.68 78.93 34.30
CA GLU ZB 27 56.52 79.51 34.95
C GLU ZB 27 56.60 79.36 36.46
N MET ZB 28 57.00 78.19 36.94
CA MET ZB 28 57.10 77.96 38.38
C MET ZB 28 58.24 78.77 38.99
N ALA ZB 29 59.37 78.89 38.29
CA ALA ZB 29 60.49 79.62 38.83
C ALA ZB 29 60.16 81.10 38.98
N ASN ZB 30 59.42 81.67 38.05
CA ASN ZB 30 59.01 83.06 38.16
C ASN ZB 30 57.94 83.24 39.24
N LEU ZB 31 57.05 82.27 39.38
CA LEU ZB 31 55.97 82.38 40.36
C LEU ZB 31 56.51 82.51 41.77
N PHE ZB 32 57.51 81.70 42.12
CA PHE ZB 32 58.03 81.73 43.48
C PHE ZB 32 58.64 83.09 43.81
N LYS ZB 33 59.37 83.67 42.87
CA LYS ZB 33 59.95 84.99 43.10
C LYS ZB 33 58.88 86.03 43.40
N SER ZB 34 57.70 85.88 42.78
CA SER ZB 34 56.60 86.79 43.06
C SER ZB 34 56.03 86.56 44.46
N LEU ZB 35 55.92 85.30 44.88
CA LEU ZB 35 55.35 85.00 46.19
C LEU ZB 35 56.24 85.53 47.31
N ARG ZB 36 57.56 85.35 47.18
CA ARG ZB 36 58.48 85.84 48.20
C ARG ZB 36 58.63 87.36 48.18
N GLY ZB 37 58.07 88.04 47.18
CA GLY ZB 37 58.22 89.48 47.07
C GLY ZB 37 57.35 90.23 48.06
N THR ZB 38 57.51 91.55 48.05
CA THR ZB 38 56.77 92.39 48.96
C THR ZB 38 55.27 92.25 48.72
N GLY ZB 39 54.50 92.21 49.80
CA GLY ZB 39 53.07 92.05 49.68
C GLY ZB 39 52.41 93.24 49.04
N GLY ZB 40 51.20 93.01 48.53
CA GLY ZB 40 50.45 94.05 47.87
C GLY ZB 40 49.82 95.03 48.85
N SER ZB 41 49.20 96.06 48.29
CA SER ZB 41 48.55 97.09 49.08
C SER ZB 41 47.14 96.69 49.51
N GLY ZB 42 46.65 95.52 49.10
CA GLY ZB 42 45.31 95.11 49.47
C GLY ZB 42 44.26 95.82 48.64
N SER ZB 43 43.06 95.92 49.21
CA SER ZB 43 41.88 96.55 48.62
C SER ZB 43 41.22 95.66 47.58
N SER ZB 44 41.77 94.50 47.25
CA SER ZB 44 41.12 93.59 46.32
C SER ZB 44 41.83 92.24 46.40
N MET ZB 45 41.26 91.26 45.70
CA MET ZB 45 41.85 89.94 45.63
C MET ZB 45 43.15 89.97 44.84
N GLU ZB 46 44.14 89.23 45.32
CA GLU ZB 46 45.44 89.15 44.67
C GLU ZB 46 45.54 87.85 43.88
N ILE ZB 47 45.90 87.95 42.60
CA ILE ZB 47 46.06 86.80 41.73
C ILE ZB 47 47.54 86.71 41.38
N TYR ZB 48 48.14 85.56 41.69
CA TYR ZB 48 49.54 85.29 41.40
C TYR ZB 48 49.63 84.31 40.24
N GLU ZB 49 50.46 84.63 39.25
CA GLU ZB 49 50.66 83.74 38.11
C GLU ZB 49 52.05 84.00 37.56
N GLY ZB 50 52.54 83.04 36.77
CA GLY ZB 50 53.90 83.09 36.27
C GLY ZB 50 54.01 83.58 34.85
N LYS ZB 51 55.14 84.23 34.56
CA LYS ZB 51 55.45 84.76 33.23
C LYS ZB 51 56.40 83.82 32.52
N LEU ZB 52 56.27 83.76 31.18
CA LEU ZB 52 57.15 82.95 30.36
C LEU ZB 52 58.39 83.74 29.97
N THR ZB 53 59.11 84.26 30.95
CA THR ZB 53 60.38 84.95 30.75
C THR ZB 53 61.44 84.24 31.56
N ALA ZB 54 62.62 84.05 30.97
CA ALA ZB 54 63.69 83.28 31.58
C ALA ZB 54 64.94 84.10 31.86
N GLU ZB 55 64.86 85.42 31.79
CA GLU ZB 55 66.03 86.25 31.99
C GLU ZB 55 66.49 86.20 33.43
N GLY ZB 56 67.76 85.89 33.64
CA GLY ZB 56 68.33 85.84 34.97
C GLY ZB 56 68.07 84.59 35.76
N LEU ZB 57 67.56 83.53 35.14
CA LEU ZB 57 67.25 82.29 35.81
C LEU ZB 57 68.34 81.24 35.55
N ARG ZB 58 68.37 80.24 36.42
CA ARG ZB 58 69.35 79.15 36.35
C ARG ZB 58 68.64 77.82 36.51
N PHE ZB 59 69.07 76.82 35.74
CA PHE ZB 59 68.38 75.55 35.65
C PHE ZB 59 69.36 74.39 35.76
N GLY ZB 60 68.80 73.21 36.02
CA GLY ZB 60 69.56 71.99 36.00
C GLY ZB 60 68.76 70.88 35.35
N ILE ZB 61 69.46 70.02 34.62
CA ILE ZB 61 68.82 68.94 33.87
C ILE ZB 61 69.51 67.64 34.27
N VAL ZB 62 68.71 66.60 34.49
CA VAL ZB 62 69.20 65.27 34.81
C VAL ZB 62 68.62 64.31 33.79
N ALA ZB 63 69.48 63.59 33.08
CA ALA ZB 63 69.07 62.74 31.98
C ALA ZB 63 69.66 61.34 32.13
N SER ZB 64 68.91 60.35 31.66
CA SER ZB 64 69.33 58.96 31.67
C SER ZB 64 69.86 58.55 30.31
N ARG ZB 65 70.87 57.68 30.32
CA ARG ZB 65 71.55 57.26 29.10
C ARG ZB 65 70.79 56.18 28.34
N PHE ZB 66 69.83 55.52 28.97
CA PHE ZB 66 69.10 54.45 28.30
C PHE ZB 66 68.27 55.01 27.15
N ASN ZB 67 68.16 54.23 26.08
CA ASN ZB 67 67.40 54.62 24.88
C ASN ZB 67 67.93 55.94 24.32
N HIS ZB 68 69.17 55.87 23.83
CA HIS ZB 68 69.88 57.07 23.38
C HIS ZB 68 69.13 57.81 22.29
N ALA ZB 69 68.36 57.09 21.47
CA ALA ZB 69 67.63 57.75 20.38
C ALA ZB 69 66.57 58.69 20.91
N LEU ZB 70 65.72 58.19 21.83
CA LEU ZB 70 64.63 59.01 22.35
C LEU ZB 70 65.14 60.11 23.27
N VAL ZB 71 66.02 59.76 24.21
CA VAL ZB 71 66.39 60.72 25.25
C VAL ZB 71 67.13 61.91 24.66
N ASP ZB 72 67.94 61.67 23.62
CA ASP ZB 72 68.76 62.74 23.07
C ASP ZB 72 67.90 63.88 22.54
N ARG ZB 73 66.78 63.55 21.88
CA ARG ZB 73 65.95 64.60 21.31
C ARG ZB 73 65.15 65.32 22.39
N LEU ZB 74 64.84 64.67 23.50
CA LEU ZB 74 64.18 65.36 24.60
C LEU ZB 74 65.10 66.37 25.27
N VAL ZB 75 66.38 66.04 25.44
CA VAL ZB 75 67.31 66.97 26.06
C VAL ZB 75 67.51 68.19 25.17
N GLU ZB 76 67.51 67.99 23.84
CA GLU ZB 76 67.63 69.12 22.93
C GLU ZB 76 66.42 70.03 23.01
N GLY ZB 77 65.23 69.46 23.13
CA GLY ZB 77 64.04 70.27 23.31
C GLY ZB 77 64.10 71.13 24.55
N ALA ZB 78 64.54 70.54 25.67
CA ALA ZB 78 64.60 71.27 26.92
C ALA ZB 78 65.56 72.45 26.83
N ILE ZB 79 66.74 72.23 26.26
CA ILE ZB 79 67.72 73.32 26.16
C ILE ZB 79 67.23 74.38 25.19
N ASP ZB 80 66.51 73.97 24.14
CA ASP ZB 80 66.01 74.93 23.16
C ASP ZB 80 65.00 75.88 23.79
N CYS ZB 81 64.12 75.37 24.64
CA CYS ZB 81 63.08 76.21 25.26
C CYS ZB 81 63.70 77.31 26.10
N ILE ZB 82 64.72 76.98 26.89
CA ILE ZB 82 65.31 77.95 27.80
C ILE ZB 82 65.99 79.07 27.03
N VAL ZB 83 66.68 78.73 25.95
CA VAL ZB 83 67.42 79.75 25.20
C VAL ZB 83 66.45 80.68 24.46
N ARG ZB 84 65.41 80.11 23.84
CA ARG ZB 84 64.50 80.93 23.04
C ARG ZB 84 63.75 81.94 23.91
N HIS ZB 85 63.41 81.57 25.14
CA HIS ZB 85 62.62 82.40 26.02
C HIS ZB 85 63.46 83.36 26.85
N GLY ZB 86 64.75 83.50 26.55
CA GLY ZB 86 65.60 84.49 27.18
C GLY ZB 86 66.71 83.92 28.03
N GLY ZB 87 66.83 82.60 28.13
CA GLY ZB 87 67.86 82.02 28.97
C GLY ZB 87 69.25 82.28 28.43
N ARG ZB 88 70.23 81.89 29.23
CA ARG ZB 88 71.64 82.06 28.90
C ARG ZB 88 72.33 80.71 29.02
N GLU ZB 89 73.08 80.33 27.99
CA GLU ZB 89 73.64 78.99 27.93
C GLU ZB 89 74.58 78.71 29.09
N GLU ZB 90 75.25 79.74 29.61
CA GLU ZB 90 76.16 79.57 30.74
C GLU ZB 90 75.44 79.19 32.03
N ASP ZB 91 74.12 79.30 32.08
CA ASP ZB 91 73.35 79.04 33.29
C ASP ZB 91 72.52 77.77 33.17
N ILE ZB 92 73.07 76.73 32.55
CA ILE ZB 92 72.45 75.42 32.52
C ILE ZB 92 73.51 74.39 32.91
N THR ZB 93 73.15 73.49 33.81
CA THR ZB 93 74.01 72.39 34.22
C THR ZB 93 73.33 71.08 33.83
N LEU ZB 94 74.08 70.20 33.18
CA LEU ZB 94 73.57 68.92 32.71
C LEU ZB 94 74.29 67.79 33.44
N VAL ZB 95 73.55 66.75 33.80
CA VAL ZB 95 74.08 65.58 34.49
C VAL ZB 95 73.54 64.32 33.83
N ARG ZB 96 74.44 63.40 33.48
CA ARG ZB 96 74.08 62.12 32.91
C ARG ZB 96 74.20 61.04 33.97
N VAL ZB 97 73.29 60.06 33.92
CA VAL ZB 97 73.31 58.95 34.87
C VAL ZB 97 73.01 57.66 34.13
N PRO ZB 98 73.44 56.52 34.69
CA PRO ZB 98 73.19 55.23 34.01
C PRO ZB 98 71.75 55.00 33.60
N GLY ZB 99 70.82 55.07 34.53
CA GLY ZB 99 69.44 54.72 34.24
C GLY ZB 99 68.43 55.48 35.07
N SER ZB 100 67.16 55.08 34.96
CA SER ZB 100 66.09 55.79 35.64
C SER ZB 100 66.17 55.64 37.15
N TRP ZB 101 66.64 54.49 37.64
CA TRP ZB 101 66.72 54.27 39.08
C TRP ZB 101 67.62 55.28 39.77
N GLU ZB 102 68.61 55.82 39.06
CA GLU ZB 102 69.56 56.75 39.66
C GLU ZB 102 69.14 58.20 39.54
N ILE ZB 103 68.05 58.51 38.85
CA ILE ZB 103 67.66 59.92 38.65
C ILE ZB 103 67.37 60.61 39.98
N PRO ZB 104 66.55 60.06 40.88
CA PRO ZB 104 66.23 60.80 42.10
C PRO ZB 104 67.43 61.19 42.94
N VAL ZB 105 68.43 60.31 43.06
CA VAL ZB 105 69.55 60.61 43.92
C VAL ZB 105 70.37 61.77 43.36
N ALA ZB 106 70.60 61.76 42.05
CA ALA ZB 106 71.35 62.84 41.42
C ALA ZB 106 70.59 64.15 41.46
N ALA ZB 107 69.27 64.09 41.28
CA ALA ZB 107 68.47 65.32 41.34
C ALA ZB 107 68.59 66.00 42.69
N GLY ZB 108 68.70 65.22 43.77
CA GLY ZB 108 68.84 65.81 45.09
C GLY ZB 108 70.12 66.61 45.24
N GLU ZB 109 71.20 66.13 44.63
CA GLU ZB 109 72.47 66.86 44.71
C GLU ZB 109 72.36 68.23 44.07
N LEU ZB 110 71.64 68.32 42.95
CA LEU ZB 110 71.49 69.60 42.26
C LEU ZB 110 70.58 70.55 43.04
N ALA ZB 111 69.46 70.04 43.55
CA ALA ZB 111 68.48 70.90 44.20
C ALA ZB 111 69.04 71.63 45.41
N ARG ZB 112 70.10 71.11 46.02
CA ARG ZB 112 70.67 71.73 47.21
C ARG ZB 112 71.61 72.88 46.89
N LYS ZB 113 72.03 73.04 45.64
CA LYS ZB 113 72.86 74.18 45.26
C LYS ZB 113 72.09 75.47 45.48
N GLU ZB 114 72.76 76.45 46.07
CA GLU ZB 114 72.11 77.73 46.35
C GLU ZB 114 71.85 78.54 45.09
N ASP ZB 115 72.40 78.13 43.94
CA ASP ZB 115 72.31 78.87 42.69
C ASP ZB 115 71.54 78.10 41.62
N ILE ZB 116 70.62 77.24 42.03
CA ILE ZB 116 69.74 76.52 41.13
C ILE ZB 116 68.30 76.87 41.49
N ASP ZB 117 67.54 77.32 40.50
CA ASP ZB 117 66.16 77.74 40.73
C ASP ZB 117 65.13 76.68 40.36
N ALA ZB 118 65.47 75.76 39.47
CA ALA ZB 118 64.55 74.70 39.08
C ALA ZB 118 65.37 73.55 38.52
N VAL ZB 119 64.73 72.37 38.44
CA VAL ZB 119 65.37 71.15 38.00
C VAL ZB 119 64.40 70.39 37.10
N ILE ZB 120 64.93 69.81 36.04
CA ILE ZB 120 64.15 69.10 35.02
C ILE ZB 120 64.67 67.67 34.93
N ALA ZB 121 63.78 66.70 35.09
CA ALA ZB 121 64.14 65.29 35.05
C ALA ZB 121 63.63 64.66 33.75
N ILE ZB 122 64.52 63.97 33.04
CA ILE ZB 122 64.22 63.38 31.74
C ILE ZB 122 64.63 61.92 31.76
N GLY ZB 123 63.79 61.05 31.22
CA GLY ZB 123 64.11 59.65 31.16
C GLY ZB 123 63.03 58.88 30.43
N VAL ZB 124 63.26 57.59 30.26
CA VAL ZB 124 62.34 56.70 29.57
C VAL ZB 124 62.14 55.45 30.43
N LEU ZB 125 60.88 55.03 30.56
CA LEU ZB 125 60.51 53.88 31.36
C LEU ZB 125 59.96 52.78 30.45
N ILE ZB 126 60.29 51.53 30.77
CA ILE ZB 126 59.87 50.39 29.97
C ILE ZB 126 58.96 49.50 30.79
N ARG ZB 127 58.17 50.10 31.68
CA ARG ZB 127 57.30 49.34 32.55
C ARG ZB 127 56.25 48.58 31.75
N GLY ZB 128 55.87 47.41 32.26
CA GLY ZB 128 54.83 46.58 31.69
C GLY ZB 128 55.36 45.32 31.01
N ALA ZB 129 56.57 45.37 30.46
CA ALA ZB 129 57.10 44.23 29.74
C ALA ZB 129 57.35 43.04 30.69
N THR ZB 130 58.06 43.28 31.78
CA THR ZB 130 58.44 42.22 32.70
C THR ZB 130 58.67 42.84 34.08
N PRO ZB 131 58.82 42.02 35.13
CA PRO ZB 131 59.17 42.58 36.45
C PRO ZB 131 60.56 43.19 36.44
N HIS ZB 132 61.01 43.70 37.58
CA HIS ZB 132 62.26 44.42 37.78
C HIS ZB 132 62.16 45.84 37.25
N PHE ZB 133 61.03 46.22 36.62
CA PHE ZB 133 60.84 47.57 36.11
C PHE ZB 133 59.60 48.24 36.67
N ASP ZB 134 58.56 47.48 37.04
CA ASP ZB 134 57.43 48.07 37.74
C ASP ZB 134 57.86 48.64 39.08
N TYR ZB 135 58.76 47.94 39.77
CA TYR ZB 135 59.32 48.48 41.00
C TYR ZB 135 60.11 49.75 40.74
N ILE ZB 136 60.91 49.77 39.67
CA ILE ZB 136 61.73 50.94 39.37
C ILE ZB 136 60.84 52.14 39.07
N ALA ZB 137 59.79 51.94 38.28
CA ALA ZB 137 58.94 53.04 37.87
C ALA ZB 137 58.25 53.70 39.05
N SER ZB 138 57.79 52.89 40.01
CA SER ZB 138 57.06 53.43 41.15
C SER ZB 138 57.94 54.35 41.98
N GLU ZB 139 59.19 53.94 42.23
CA GLU ZB 139 60.02 54.68 43.16
C GLU ZB 139 60.54 55.98 42.56
N VAL ZB 140 60.66 56.05 41.24
CA VAL ZB 140 61.15 57.29 40.61
C VAL ZB 140 60.16 58.42 40.84
N SER ZB 141 58.87 58.14 40.68
CA SER ZB 141 57.85 59.15 40.92
C SER ZB 141 57.84 59.57 42.40
N LYS ZB 142 57.92 58.61 43.31
CA LYS ZB 142 57.88 58.92 44.73
C LYS ZB 142 59.05 59.82 45.13
N GLY ZB 143 60.26 59.48 44.69
CA GLY ZB 143 61.43 60.19 45.16
C GLY ZB 143 61.46 61.63 44.71
N LEU ZB 144 61.12 61.88 43.44
CA LEU ZB 144 61.16 63.24 42.93
C LEU ZB 144 60.12 64.11 43.61
N ALA ZB 145 58.93 63.58 43.87
CA ALA ZB 145 57.90 64.34 44.55
C ALA ZB 145 58.33 64.72 45.96
N ASN ZB 146 58.86 63.74 46.71
CA ASN ZB 146 59.25 64.01 48.09
C ASN ZB 146 60.34 65.05 48.16
N LEU ZB 147 61.30 65.00 47.23
CA LEU ZB 147 62.40 65.96 47.23
C LEU ZB 147 61.86 67.38 47.06
N SER ZB 148 60.84 67.54 46.23
CA SER ZB 148 60.33 68.88 45.94
C SER ZB 148 59.77 69.54 47.19
N LEU ZB 149 59.00 68.79 47.99
CA LEU ZB 149 58.41 69.37 49.19
C LEU ZB 149 59.45 69.60 50.28
N GLU ZB 150 60.40 68.67 50.43
CA GLU ZB 150 61.39 68.80 51.49
C GLU ZB 150 62.35 69.95 51.21
N LEU ZB 151 62.73 70.14 49.95
CA LEU ZB 151 63.70 71.17 49.60
C LEU ZB 151 63.06 72.46 49.13
N ARG ZB 152 61.78 72.44 48.75
CA ARG ZB 152 61.04 73.65 48.38
C ARG ZB 152 61.57 74.27 47.09
N LYS ZB 153 61.86 73.43 46.11
CA LYS ZB 153 62.21 73.88 44.77
C LYS ZB 153 61.40 73.10 43.76
N PRO ZB 154 60.85 73.75 42.73
CA PRO ZB 154 60.11 73.00 41.72
C PRO ZB 154 60.99 71.99 41.01
N ILE ZB 155 60.41 70.83 40.70
CA ILE ZB 155 61.12 69.74 40.06
C ILE ZB 155 60.17 69.10 39.04
N THR ZB 156 60.46 69.28 37.76
CA THR ZB 156 59.55 68.89 36.71
C THR ZB 156 59.78 67.44 36.31
N PHE ZB 157 58.73 66.82 35.78
CA PHE ZB 157 58.68 65.39 35.51
C PHE ZB 157 58.57 65.18 34.00
N GLY ZB 158 59.71 65.02 33.34
CA GLY ZB 158 59.76 64.73 31.92
C GLY ZB 158 59.80 63.27 31.55
N VAL ZB 159 59.60 62.37 32.51
CA VAL ZB 159 59.74 60.94 32.24
C VAL ZB 159 58.58 60.47 31.38
N ILE ZB 160 58.90 59.80 30.28
CA ILE ZB 160 57.91 59.25 29.38
C ILE ZB 160 57.96 57.73 29.48
N THR ZB 161 56.99 57.08 28.85
CA THR ZB 161 56.93 55.62 28.79
C THR ZB 161 56.68 55.19 27.36
N ALA ZB 162 57.38 54.13 26.94
CA ALA ZB 162 57.27 53.63 25.58
C ALA ZB 162 56.47 52.34 25.55
N GLY AC 15 25.97 69.50 43.72
CA GLY AC 15 26.46 70.88 43.73
C GLY AC 15 27.95 70.97 43.46
N ASN AC 16 28.48 72.18 43.55
CA ASN AC 16 29.90 72.38 43.31
C ASN AC 16 30.72 71.64 44.36
N LYS AC 17 31.73 70.91 43.90
CA LYS AC 17 32.70 70.35 44.82
C LYS AC 17 33.61 71.43 45.39
N GLY AC 18 33.68 72.59 44.75
CA GLY AC 18 34.39 73.71 45.32
C GLY AC 18 33.63 74.39 46.43
N TRP AC 19 32.30 74.33 46.40
CA TRP AC 19 31.51 74.81 47.51
C TRP AC 19 31.75 73.96 48.75
N GLU AC 20 31.76 72.63 48.59
CA GLU AC 20 31.96 71.75 49.72
C GLU AC 20 33.36 71.93 50.32
N ALA AC 21 34.37 72.10 49.48
CA ALA AC 21 35.72 72.25 49.98
C ALA AC 21 35.87 73.50 50.82
N ALA AC 22 35.12 74.56 50.51
CA ALA AC 22 35.22 75.80 51.28
C ALA AC 22 34.52 75.69 52.63
N LEU AC 23 33.42 74.94 52.71
CA LEU AC 23 32.79 74.72 54.01
C LEU AC 23 33.72 74.02 54.97
N SER AC 24 34.47 73.02 54.49
CA SER AC 24 35.39 72.31 55.35
C SER AC 24 36.52 73.22 55.82
N ALA AC 25 36.92 74.19 55.02
CA ALA AC 25 38.01 75.07 55.42
C ALA AC 25 37.55 76.11 56.43
N ILE AC 26 36.32 76.59 56.32
CA ILE AC 26 35.78 77.51 57.31
C ILE AC 26 35.67 76.81 58.66
N GLU AC 27 35.15 75.58 58.66
CA GLU AC 27 34.98 74.84 59.90
C GLU AC 27 36.31 74.51 60.55
N MET AC 28 37.28 74.05 59.76
CA MET AC 28 38.55 73.64 60.34
C MET AC 28 39.35 74.83 60.85
N ALA AC 29 39.24 75.98 60.18
CA ALA AC 29 39.94 77.17 60.64
C ALA AC 29 39.43 77.62 61.99
N ASN AC 30 38.11 77.56 62.19
CA ASN AC 30 37.53 77.96 63.47
C ASN AC 30 37.89 76.96 64.56
N LEU AC 31 37.93 75.66 64.23
CA LEU AC 31 38.24 74.64 65.22
C LEU AC 31 39.63 74.84 65.78
N PHE AC 32 40.61 75.10 64.93
CA PHE AC 32 41.98 75.26 65.39
C PHE AC 32 42.15 76.50 66.25
N LYS AC 33 41.25 77.47 66.14
CA LYS AC 33 41.32 78.65 66.99
C LYS AC 33 40.85 78.37 68.42
N SER AC 34 39.87 77.49 68.57
CA SER AC 34 39.40 77.14 69.91
C SER AC 34 40.40 76.24 70.62
N LEU AC 35 41.03 75.30 69.89
CA LEU AC 35 42.03 74.44 70.51
C LEU AC 35 43.20 75.26 71.02
N ARG AC 36 43.69 76.21 70.23
CA ARG AC 36 44.80 77.04 70.64
C ARG AC 36 44.46 77.91 71.84
N GLY AC 37 43.18 78.18 72.07
CA GLY AC 37 42.76 79.02 73.18
C GLY AC 37 42.56 78.24 74.46
N THR AC 38 42.09 78.95 75.48
CA THR AC 38 41.85 78.34 76.77
C THR AC 38 40.72 77.32 76.69
N GLY AC 39 40.79 76.31 77.56
CA GLY AC 39 39.80 75.26 77.60
C GLY AC 39 38.57 75.67 78.40
N GLY AC 40 37.74 74.67 78.69
CA GLY AC 40 36.52 74.88 79.43
C GLY AC 40 36.77 75.10 80.91
N SER AC 41 35.69 75.42 81.62
CA SER AC 41 35.76 75.66 83.05
C SER AC 41 35.98 74.39 83.85
N GLY AC 42 35.89 73.21 83.23
CA GLY AC 42 36.07 71.96 83.94
C GLY AC 42 34.79 71.45 84.56
N SER AC 43 34.93 70.33 85.27
CA SER AC 43 33.84 69.64 85.94
C SER AC 43 32.90 68.94 84.97
N SER AC 44 33.23 68.91 83.67
CA SER AC 44 32.39 68.25 82.68
C SER AC 44 33.25 67.96 81.46
N MET AC 45 32.70 67.14 80.56
CA MET AC 45 33.42 66.79 79.34
C MET AC 45 33.65 68.03 78.50
N GLU AC 46 34.87 68.16 77.98
CA GLU AC 46 35.25 69.29 77.13
C GLU AC 46 35.02 68.92 75.67
N ILE AC 47 34.14 69.66 75.01
CA ILE AC 47 33.81 69.44 73.60
C ILE AC 47 34.32 70.61 72.79
N TYR AC 48 35.05 70.32 71.73
CA TYR AC 48 35.59 71.32 70.82
C TYR AC 48 34.90 71.19 69.47
N GLU AC 49 34.51 72.34 68.90
CA GLU AC 49 33.61 72.39 67.77
C GLU AC 49 33.95 73.59 66.91
N GLY AC 50 33.64 73.51 65.63
CA GLY AC 50 33.91 74.59 64.69
C GLY AC 50 32.66 75.18 64.07
N LYS AC 51 32.51 76.49 64.14
CA LYS AC 51 31.35 77.18 63.61
C LYS AC 51 31.56 77.54 62.14
N LEU AC 52 30.45 77.77 61.45
CA LEU AC 52 30.48 78.16 60.04
C LEU AC 52 30.35 79.68 59.88
N THR AC 53 31.19 80.44 60.56
CA THR AC 53 31.26 81.89 60.43
C THR AC 53 32.64 82.27 59.93
N ALA AC 54 32.70 83.08 58.89
CA ALA AC 54 33.92 83.35 58.15
C ALA AC 54 34.31 84.83 58.21
N GLU AC 55 34.21 85.45 59.37
CA GLU AC 55 34.56 86.84 59.56
C GLU AC 55 35.94 86.92 60.20
N GLY AC 56 36.85 87.65 59.56
CA GLY AC 56 38.19 87.82 60.08
C GLY AC 56 39.17 86.74 59.70
N LEU AC 57 38.78 85.81 58.83
CA LEU AC 57 39.63 84.68 58.44
C LEU AC 57 40.24 84.92 57.07
N ARG AC 58 41.49 84.49 56.92
CA ARG AC 58 42.24 84.64 55.68
C ARG AC 58 42.37 83.29 55.00
N PHE AC 59 42.16 83.26 53.69
CA PHE AC 59 42.11 82.03 52.93
C PHE AC 59 43.04 82.13 51.71
N GLY AC 60 43.50 80.97 51.25
CA GLY AC 60 44.28 80.88 50.03
C GLY AC 60 43.80 79.74 49.15
N ILE AC 61 43.78 79.94 47.85
CA ILE AC 61 43.28 78.96 46.90
C ILE AC 61 44.38 78.67 45.88
N VAL AC 62 44.53 77.39 45.52
CA VAL AC 62 45.49 76.94 44.53
C VAL AC 62 44.74 76.13 43.49
N ALA AC 63 44.80 76.58 42.23
CA ALA AC 63 44.06 75.95 41.15
C ALA AC 63 44.96 75.73 39.94
N SER AC 64 44.67 74.69 39.18
CA SER AC 64 45.41 74.35 37.98
C SER AC 64 44.70 74.91 36.75
N ARG AC 65 45.46 75.05 35.65
CA ARG AC 65 44.95 75.59 34.41
C ARG AC 65 44.51 74.52 33.42
N PHE AC 66 44.59 73.25 33.77
CA PHE AC 66 44.17 72.18 32.88
C PHE AC 66 42.65 72.07 32.89
N ASN AC 67 42.04 72.12 31.70
CA ASN AC 67 40.59 72.14 31.56
C ASN AC 67 39.98 73.31 32.33
N HIS AC 68 40.33 74.53 31.89
CA HIS AC 68 39.87 75.72 32.57
C HIS AC 68 38.36 75.92 32.44
N ALA AC 69 37.69 75.17 31.57
CA ALA AC 69 36.23 75.23 31.51
C ALA AC 69 35.62 74.75 32.83
N LEU AC 70 36.02 73.58 33.29
CA LEU AC 70 35.47 73.04 34.54
C LEU AC 70 36.09 73.71 35.75
N VAL AC 71 37.37 74.03 35.70
CA VAL AC 71 38.08 74.51 36.89
C VAL AC 71 37.55 75.87 37.31
N ASP AC 72 37.31 76.76 36.36
CA ASP AC 72 36.86 78.10 36.72
C ASP AC 72 35.51 78.08 37.43
N ARG AC 73 34.65 77.12 37.09
CA ARG AC 73 33.38 77.00 37.81
C ARG AC 73 33.61 76.63 39.27
N LEU AC 74 34.57 75.74 39.53
CA LEU AC 74 34.82 75.33 40.90
C LEU AC 74 35.42 76.47 41.73
N VAL AC 75 36.29 77.26 41.12
CA VAL AC 75 36.89 78.38 41.84
C VAL AC 75 35.83 79.41 42.21
N GLU AC 76 34.88 79.64 41.30
CA GLU AC 76 33.81 80.60 41.56
C GLU AC 76 32.95 80.15 42.73
N GLY AC 77 32.66 78.86 42.81
CA GLY AC 77 31.84 78.36 43.91
C GLY AC 77 32.50 78.55 45.27
N ALA AC 78 33.81 78.36 45.33
CA ALA AC 78 34.51 78.53 46.60
C ALA AC 78 34.44 79.97 47.09
N ILE AC 79 34.61 80.94 46.19
CA ILE AC 79 34.57 82.33 46.60
C ILE AC 79 33.16 82.73 47.01
N ASP AC 80 32.15 82.21 46.32
CA ASP AC 80 30.77 82.50 46.69
C ASP AC 80 30.46 82.01 48.10
N CYS AC 81 30.96 80.83 48.46
CA CYS AC 81 30.71 80.29 49.80
C CYS AC 81 31.27 81.20 50.87
N ILE AC 82 32.48 81.70 50.67
CA ILE AC 82 33.14 82.50 51.71
C ILE AC 82 32.44 83.83 51.91
N VAL AC 83 31.96 84.44 50.82
CA VAL AC 83 31.30 85.74 50.95
C VAL AC 83 29.95 85.59 51.63
N ARG AC 84 29.20 84.54 51.30
CA ARG AC 84 27.87 84.36 51.86
C ARG AC 84 27.90 84.09 53.35
N HIS AC 85 28.98 83.48 53.84
CA HIS AC 85 29.14 83.21 55.27
C HIS AC 85 29.89 84.32 55.98
N GLY AC 86 29.89 85.51 55.43
CA GLY AC 86 30.48 86.66 56.10
C GLY AC 86 31.91 86.97 55.72
N GLY AC 87 32.45 86.28 54.72
CA GLY AC 87 33.83 86.52 54.34
C GLY AC 87 33.99 87.78 53.51
N ARG AC 88 35.22 88.29 53.54
CA ARG AC 88 35.57 89.51 52.83
C ARG AC 88 36.50 89.14 51.68
N GLU AC 89 36.11 89.50 50.46
CA GLU AC 89 36.86 89.08 49.28
C GLU AC 89 38.26 89.69 49.24
N GLU AC 90 38.52 90.73 50.03
CA GLU AC 90 39.86 91.28 50.16
C GLU AC 90 40.81 90.35 50.89
N ASP AC 91 40.31 89.30 51.55
CA ASP AC 91 41.11 88.37 52.33
C ASP AC 91 41.21 87.00 51.65
N ILE AC 92 41.29 86.99 50.33
CA ILE AC 92 41.47 85.75 49.56
C ILE AC 92 42.66 85.94 48.63
N THR AC 93 43.56 84.96 48.60
CA THR AC 93 44.72 84.96 47.73
C THR AC 93 44.61 83.77 46.78
N LEU AC 94 44.82 84.02 45.48
CA LEU AC 94 44.63 83.00 44.45
C LEU AC 94 45.94 82.77 43.72
N VAL AC 95 46.31 81.50 43.55
CA VAL AC 95 47.53 81.10 42.85
C VAL AC 95 47.15 80.12 41.75
N ARG AC 96 47.67 80.36 40.54
CA ARG AC 96 47.39 79.50 39.39
C ARG AC 96 48.67 78.79 38.99
N VAL AC 97 48.56 77.49 38.70
CA VAL AC 97 49.74 76.68 38.39
C VAL AC 97 49.48 75.91 37.10
N PRO AC 98 50.56 75.49 36.41
CA PRO AC 98 50.41 74.79 35.13
C PRO AC 98 49.57 73.51 35.20
N GLY AC 99 49.96 72.56 36.05
CA GLY AC 99 49.30 71.27 36.08
C GLY AC 99 49.09 70.73 37.46
N SER AC 100 48.60 69.49 37.56
CA SER AC 100 48.35 68.89 38.86
C SER AC 100 49.64 68.59 39.60
N TRP AC 101 50.72 68.28 38.88
CA TRP AC 101 51.97 67.94 39.52
C TRP AC 101 52.52 69.07 40.38
N GLU AC 102 52.08 70.30 40.15
CA GLU AC 102 52.66 71.46 40.84
C GLU AC 102 51.81 71.96 42.00
N ILE AC 103 50.63 71.38 42.25
CA ILE AC 103 49.77 71.87 43.32
C ILE AC 103 50.42 71.67 44.68
N PRO AC 104 50.95 70.50 45.01
CA PRO AC 104 51.53 70.33 46.36
C PRO AC 104 52.62 71.33 46.71
N VAL AC 105 53.58 71.55 45.81
CA VAL AC 105 54.68 72.44 46.15
C VAL AC 105 54.19 73.88 46.27
N ALA AC 106 53.24 74.29 45.43
CA ALA AC 106 52.65 75.61 45.55
C ALA AC 106 51.91 75.75 46.87
N ALA AC 107 51.17 74.72 47.27
CA ALA AC 107 50.44 74.77 48.53
C ALA AC 107 51.37 74.91 49.71
N GLY AC 108 52.61 74.46 49.58
CA GLY AC 108 53.56 74.59 50.68
C GLY AC 108 53.93 76.03 50.97
N GLU AC 109 54.12 76.84 49.93
CA GLU AC 109 54.53 78.23 50.13
C GLU AC 109 53.41 79.03 50.78
N LEU AC 110 52.16 78.80 50.35
CA LEU AC 110 51.04 79.49 50.97
C LEU AC 110 50.88 79.10 52.43
N ALA AC 111 50.91 77.79 52.71
CA ALA AC 111 50.64 77.31 54.07
C ALA AC 111 51.69 77.81 55.05
N ARG AC 112 52.89 78.15 54.59
CA ARG AC 112 53.92 78.64 55.48
C ARG AC 112 53.74 80.10 55.85
N LYS AC 113 52.91 80.85 55.14
CA LYS AC 113 52.68 82.25 55.46
C LYS AC 113 51.79 82.36 56.69
N GLU AC 114 52.20 83.19 57.65
CA GLU AC 114 51.50 83.27 58.92
C GLU AC 114 50.14 83.96 58.81
N ASP AC 115 49.87 84.66 57.70
CA ASP AC 115 48.61 85.34 57.50
C ASP AC 115 47.58 84.50 56.76
N ILE AC 116 47.76 83.17 56.75
CA ILE AC 116 46.83 82.26 56.09
C ILE AC 116 46.34 81.26 57.12
N ASP AC 117 45.03 81.06 57.17
CA ASP AC 117 44.42 80.16 58.14
C ASP AC 117 44.04 78.81 57.54
N ALA AC 118 43.78 78.73 56.24
CA ALA AC 118 43.51 77.47 55.59
C ALA AC 118 43.78 77.63 54.10
N VAL AC 119 43.99 76.51 53.43
CA VAL AC 119 44.32 76.46 52.01
C VAL AC 119 43.38 75.49 51.32
N ILE AC 120 42.84 75.89 50.17
CA ILE AC 120 41.92 75.09 49.39
C ILE AC 120 42.61 74.75 48.08
N ALA AC 121 42.59 73.48 47.71
CA ALA AC 121 43.28 73.00 46.51
C ALA AC 121 42.26 72.47 45.52
N ILE AC 122 42.18 73.10 44.35
CA ILE AC 122 41.21 72.76 43.32
C ILE AC 122 41.95 72.27 42.09
N GLY AC 123 41.36 71.34 41.37
CA GLY AC 123 41.98 70.82 40.16
C GLY AC 123 41.17 69.68 39.61
N VAL AC 124 41.57 69.26 38.39
CA VAL AC 124 40.91 68.17 37.68
C VAL AC 124 41.97 67.21 37.19
N LEU AC 125 41.74 65.92 37.41
CA LEU AC 125 42.63 64.86 36.96
C LEU AC 125 42.13 64.25 35.67
N ILE AC 126 43.00 63.50 35.01
CA ILE AC 126 42.73 62.91 33.70
C ILE AC 126 42.58 61.41 33.91
N ARG AC 127 41.34 60.95 33.97
CA ARG AC 127 41.10 59.51 33.99
C ARG AC 127 41.45 58.91 32.63
N GLY AC 128 42.05 57.73 32.66
CA GLY AC 128 42.62 57.15 31.46
C GLY AC 128 44.00 57.73 31.20
N ALA AC 129 44.60 57.29 30.09
CA ALA AC 129 45.96 57.68 29.74
C ALA AC 129 46.91 57.34 30.89
N THR AC 130 46.70 56.16 31.48
CA THR AC 130 47.48 55.75 32.64
C THR AC 130 48.99 55.77 32.42
N PRO AC 131 49.55 55.33 31.26
CA PRO AC 131 51.02 55.26 31.12
C PRO AC 131 51.79 56.45 31.67
N HIS AC 132 51.23 57.65 31.61
CA HIS AC 132 51.88 58.84 32.13
C HIS AC 132 51.17 59.46 33.32
N PHE AC 133 49.86 59.72 33.19
CA PHE AC 133 49.13 60.45 34.22
C PHE AC 133 48.79 59.62 35.44
N ASP AC 134 48.88 58.29 35.35
CA ASP AC 134 48.56 57.46 36.51
C ASP AC 134 49.53 57.71 37.67
N TYR AC 135 50.77 58.05 37.37
CA TYR AC 135 51.75 58.29 38.42
C TYR AC 135 51.53 59.64 39.09
N ILE AC 136 51.15 60.66 38.32
CA ILE AC 136 50.86 61.96 38.91
C ILE AC 136 49.62 61.89 39.80
N ALA AC 137 48.72 60.95 39.52
CA ALA AC 137 47.45 60.92 40.22
C ALA AC 137 47.62 60.65 41.71
N SER AC 138 48.35 59.59 42.06
CA SER AC 138 48.51 59.23 43.47
C SER AC 138 49.37 60.23 44.21
N GLU AC 139 50.19 61.00 43.50
CA GLU AC 139 51.13 61.89 44.18
C GLU AC 139 50.44 63.13 44.72
N VAL AC 140 49.32 63.55 44.10
CA VAL AC 140 48.65 64.76 44.55
C VAL AC 140 48.02 64.55 45.91
N SER AC 141 47.30 63.45 46.10
CA SER AC 141 46.66 63.20 47.38
C SER AC 141 47.70 62.93 48.47
N LYS AC 142 48.74 62.16 48.15
CA LYS AC 142 49.76 61.85 49.15
C LYS AC 142 50.49 63.11 49.59
N GLY AC 143 50.82 64.00 48.66
CA GLY AC 143 51.56 65.20 49.02
C GLY AC 143 50.78 66.14 49.91
N LEU AC 144 49.50 66.35 49.60
CA LEU AC 144 48.69 67.27 50.40
C LEU AC 144 48.49 66.75 51.82
N ALA AC 145 48.30 65.43 51.95
CA ALA AC 145 48.10 64.85 53.28
C ALA AC 145 49.33 65.04 54.15
N ASN AC 146 50.52 64.84 53.60
CA ASN AC 146 51.74 64.98 54.38
C ASN AC 146 51.98 66.43 54.79
N LEU AC 147 51.60 67.38 53.95
CA LEU AC 147 51.86 68.78 54.25
C LEU AC 147 51.13 69.23 55.51
N SER AC 148 49.86 68.85 55.64
CA SER AC 148 49.07 69.32 56.78
C SER AC 148 49.63 68.79 58.09
N LEU AC 149 50.02 67.52 58.11
CA LEU AC 149 50.59 66.95 59.33
C LEU AC 149 51.91 67.62 59.69
N GLU AC 150 52.73 67.94 58.69
CA GLU AC 150 54.03 68.53 58.97
C GLU AC 150 53.90 69.99 59.40
N LEU AC 151 53.02 70.75 58.75
CA LEU AC 151 52.84 72.16 59.07
C LEU AC 151 51.78 72.41 60.12
N ARG AC 152 51.00 71.38 60.50
CA ARG AC 152 49.93 71.51 61.49
C ARG AC 152 48.95 72.61 61.09
N LYS AC 153 48.55 72.59 59.82
CA LYS AC 153 47.63 73.56 59.26
C LYS AC 153 46.65 72.79 58.37
N PRO AC 154 45.37 73.16 58.36
CA PRO AC 154 44.40 72.38 57.57
C PRO AC 154 44.48 72.72 56.08
N ILE AC 155 44.54 71.68 55.25
CA ILE AC 155 44.48 71.81 53.80
C ILE AC 155 43.36 70.89 53.31
N THR AC 156 42.45 71.45 52.53
CA THR AC 156 41.27 70.74 52.06
C THR AC 156 41.46 70.25 50.64
N PHE AC 157 40.76 69.18 50.30
CA PHE AC 157 40.92 68.45 49.06
C PHE AC 157 39.72 68.72 48.16
N GLY AC 158 39.94 69.45 47.08
CA GLY AC 158 38.87 69.79 46.16
C GLY AC 158 39.15 69.34 44.75
N VAL AC 159 39.75 68.16 44.61
CA VAL AC 159 40.17 67.64 43.31
C VAL AC 159 39.18 66.58 42.87
N ILE AC 160 38.68 66.72 41.65
CA ILE AC 160 37.75 65.75 41.08
C ILE AC 160 38.38 65.11 39.84
N THR AC 161 37.68 64.15 39.24
CA THR AC 161 38.17 63.42 38.09
C THR AC 161 37.21 63.59 36.91
N ALA AC 162 37.74 63.49 35.70
CA ALA AC 162 36.95 63.63 34.49
C ALA AC 162 36.23 64.96 34.45
N LYS BC 13 27.17 46.78 72.61
CA LYS BC 13 28.32 46.05 73.13
C LYS BC 13 28.83 45.03 72.11
N HIS BC 14 30.15 44.84 72.08
CA HIS BC 14 30.78 43.89 71.16
C HIS BC 14 30.59 44.36 69.72
N GLY BC 15 29.37 44.23 69.20
CA GLY BC 15 29.11 44.68 67.85
C GLY BC 15 29.38 46.16 67.65
N ASN BC 16 29.07 46.97 68.65
CA ASN BC 16 29.32 48.40 68.58
C ASN BC 16 30.81 48.65 68.48
N LYS BC 17 31.27 49.06 67.29
CA LYS BC 17 32.70 49.26 67.08
C LYS BC 17 33.28 50.40 67.91
N GLY BC 18 32.43 51.25 68.47
CA GLY BC 18 32.93 52.26 69.40
C GLY BC 18 33.29 51.67 70.75
N TRP BC 19 32.65 50.56 71.11
CA TRP BC 19 33.01 49.85 72.33
C TRP BC 19 34.34 49.12 72.19
N GLU BC 20 34.55 48.47 71.04
CA GLU BC 20 35.80 47.74 70.83
C GLU BC 20 37.00 48.67 70.83
N ALA BC 21 36.88 49.82 70.16
CA ALA BC 21 38.01 50.75 70.08
C ALA BC 21 38.39 51.28 71.45
N ALA BC 22 37.40 51.58 72.29
CA ALA BC 22 37.70 52.06 73.64
C ALA BC 22 38.38 50.97 74.47
N LEU BC 23 37.95 49.72 74.31
CA LEU BC 23 38.59 48.63 75.05
C LEU BC 23 40.06 48.50 74.68
N SER BC 24 40.37 48.56 73.38
CA SER BC 24 41.75 48.45 72.95
C SER BC 24 42.59 49.59 73.50
N ALA BC 25 42.01 50.78 73.60
CA ALA BC 25 42.75 51.93 74.12
C ALA BC 25 43.13 51.73 75.58
N ILE BC 26 42.20 51.23 76.39
CA ILE BC 26 42.48 51.03 77.81
C ILE BC 26 43.61 50.01 77.99
N GLU BC 27 43.55 48.92 77.24
CA GLU BC 27 44.58 47.89 77.37
C GLU BC 27 45.96 48.43 77.01
N MET BC 28 46.04 49.22 75.93
CA MET BC 28 47.34 49.67 75.45
C MET BC 28 47.92 50.75 76.35
N ALA BC 29 47.08 51.63 76.89
CA ALA BC 29 47.58 52.68 77.76
C ALA BC 29 48.10 52.11 79.08
N ASN BC 30 47.55 50.98 79.52
CA ASN BC 30 48.09 50.31 80.71
C ASN BC 30 49.40 49.60 80.38
N LEU BC 31 49.49 48.97 79.22
CA LEU BC 31 50.70 48.25 78.85
C LEU BC 31 51.90 49.19 78.76
N PHE BC 32 51.71 50.36 78.16
CA PHE BC 32 52.81 51.31 78.05
C PHE BC 32 53.26 51.81 79.40
N LYS BC 33 52.34 52.00 80.33
CA LYS BC 33 52.71 52.41 81.68
C LYS BC 33 53.58 51.36 82.36
N SER BC 34 53.33 50.08 82.08
CA SER BC 34 54.15 49.04 82.68
C SER BC 34 55.52 48.96 82.04
N LEU BC 35 55.60 49.06 80.71
CA LEU BC 35 56.87 48.90 80.03
C LEU BC 35 57.85 50.02 80.36
N ARG BC 36 57.34 51.18 80.75
CA ARG BC 36 58.19 52.32 81.07
C ARG BC 36 58.56 52.37 82.55
N GLY BC 37 58.14 51.39 83.35
CA GLY BC 37 58.50 51.33 84.74
C GLY BC 37 59.59 50.30 85.01
N THR BC 38 59.82 50.05 86.29
CA THR BC 38 60.82 49.08 86.71
C THR BC 38 60.42 47.68 86.25
N GLY BC 39 61.44 46.87 85.92
CA GLY BC 39 61.21 45.53 85.45
C GLY BC 39 60.89 44.56 86.58
N GLY BC 40 60.68 43.30 86.19
CA GLY BC 40 60.34 42.26 87.13
C GLY BC 40 61.54 41.78 87.93
N SER BC 41 61.26 40.90 88.88
CA SER BC 41 62.32 40.35 89.72
C SER BC 41 63.28 39.46 88.95
N GLY BC 42 62.87 38.95 87.79
CA GLY BC 42 63.73 38.12 86.98
C GLY BC 42 63.54 36.64 87.29
N SER BC 43 64.44 35.85 86.72
CA SER BC 43 64.47 34.39 86.85
C SER BC 43 63.33 33.71 86.11
N SER BC 44 62.58 34.44 85.30
CA SER BC 44 61.49 33.84 84.53
C SER BC 44 61.23 34.71 83.32
N MET BC 45 60.57 34.12 82.33
CA MET BC 45 60.19 34.85 81.12
C MET BC 45 59.17 35.92 81.48
N GLU BC 46 59.61 37.17 81.54
CA GLU BC 46 58.69 38.27 81.83
C GLU BC 46 57.58 38.30 80.80
N ILE BC 47 56.34 38.44 81.28
CA ILE BC 47 55.18 38.58 80.41
C ILE BC 47 54.49 39.88 80.76
N TYR BC 48 54.24 40.71 79.75
CA TYR BC 48 53.57 41.99 79.91
C TYR BC 48 52.21 41.93 79.23
N GLU BC 49 51.18 42.41 79.91
CA GLU BC 49 49.87 42.52 79.30
C GLU BC 49 49.06 43.55 80.10
N GLY BC 50 48.06 44.11 79.44
CA GLY BC 50 47.29 45.21 80.00
C GLY BC 50 46.01 44.75 80.67
N LYS BC 51 45.58 45.53 81.67
CA LYS BC 51 44.38 45.25 82.44
C LYS BC 51 43.29 46.25 82.07
N LEU BC 52 42.04 45.80 82.18
CA LEU BC 52 40.89 46.61 81.80
C LEU BC 52 40.45 47.51 82.96
N THR BC 53 41.37 48.34 83.41
CA THR BC 53 41.12 49.35 84.42
C THR BC 53 41.49 50.71 83.86
N ALA BC 54 40.66 51.72 84.12
CA ALA BC 54 40.79 53.02 83.48
C ALA BC 54 40.67 54.13 84.51
N GLU BC 55 41.34 53.99 85.64
CA GLU BC 55 41.33 54.99 86.69
C GLU BC 55 42.62 55.79 86.64
N GLY BC 56 42.50 57.12 86.50
CA GLY BC 56 43.65 57.98 86.37
C GLY BC 56 44.09 58.27 84.95
N LEU BC 57 43.48 57.63 83.95
CA LEU BC 57 43.86 57.84 82.56
C LEU BC 57 43.05 58.96 81.93
N ARG BC 58 43.65 59.60 80.92
CA ARG BC 58 43.01 60.65 80.16
C ARG BC 58 42.92 60.22 78.70
N PHE BC 59 41.76 60.44 78.08
CA PHE BC 59 41.50 60.03 76.72
C PHE BC 59 41.11 61.22 75.87
N GLY BC 60 41.13 61.01 74.55
CA GLY BC 60 40.68 62.00 73.61
C GLY BC 60 40.05 61.33 72.39
N ILE BC 61 38.89 61.80 71.96
CA ILE BC 61 38.12 61.18 70.89
C ILE BC 61 37.97 62.19 69.76
N VAL BC 62 38.22 61.72 68.53
CA VAL BC 62 38.04 62.51 67.32
C VAL BC 62 37.03 61.78 66.44
N ALA BC 63 35.92 62.44 66.14
CA ALA BC 63 34.83 61.83 65.40
C ALA BC 63 34.35 62.78 64.30
N SER BC 64 33.84 62.19 63.22
CA SER BC 64 33.39 62.93 62.06
C SER BC 64 31.86 63.00 62.06
N ARG BC 65 31.28 63.53 60.98
CA ARG BC 65 29.85 63.74 60.87
C ARG BC 65 29.19 63.03 59.70
N PHE BC 66 29.95 62.64 58.68
CA PHE BC 66 29.38 61.92 57.56
C PHE BC 66 28.59 60.71 58.06
N ASN BC 67 27.31 60.68 57.72
CA ASN BC 67 26.37 59.70 58.26
C ASN BC 67 26.36 59.79 59.78
N HIS BC 68 25.96 60.96 60.28
CA HIS BC 68 26.00 61.22 61.71
C HIS BC 68 25.08 60.30 62.49
N ALA BC 69 24.10 59.68 61.82
CA ALA BC 69 23.24 58.74 62.52
C ALA BC 69 24.05 57.56 63.06
N LEU BC 70 24.87 56.95 62.21
CA LEU BC 70 25.74 55.86 62.66
C LEU BC 70 26.77 56.36 63.67
N VAL BC 71 27.33 57.55 63.43
CA VAL BC 71 28.45 58.02 64.25
C VAL BC 71 28.00 58.35 65.66
N ASP BC 72 26.84 58.99 65.81
CA ASP BC 72 26.38 59.35 67.14
C ASP BC 72 26.19 58.11 68.01
N ARG BC 73 25.83 56.98 67.40
CA ARG BC 73 25.71 55.74 68.16
C ARG BC 73 27.08 55.23 68.58
N LEU BC 74 28.04 55.22 67.64
CA LEU BC 74 29.37 54.71 67.95
C LEU BC 74 30.04 55.55 69.03
N VAL BC 75 29.92 56.88 68.95
CA VAL BC 75 30.61 57.75 69.89
C VAL BC 75 30.12 57.51 71.31
N GLU BC 76 28.80 57.33 71.47
CA GLU BC 76 28.25 57.11 72.81
C GLU BC 76 28.66 55.76 73.36
N GLY BC 77 28.94 54.79 72.49
CA GLY BC 77 29.48 53.52 72.97
C GLY BC 77 30.86 53.67 73.58
N ALA BC 78 31.68 54.56 73.01
CA ALA BC 78 33.03 54.74 73.52
C ALA BC 78 33.03 55.41 74.89
N ILE BC 79 32.18 56.42 75.09
CA ILE BC 79 32.15 57.10 76.38
C ILE BC 79 31.57 56.20 77.46
N ASP BC 80 30.65 55.30 77.09
CA ASP BC 80 30.12 54.35 78.07
C ASP BC 80 31.20 53.39 78.55
N CYS BC 81 32.03 52.89 77.62
CA CYS BC 81 33.04 51.91 77.98
C CYS BC 81 34.04 52.47 78.98
N ILE BC 82 34.42 53.73 78.81
CA ILE BC 82 35.42 54.33 79.70
C ILE BC 82 34.83 54.56 81.08
N VAL BC 83 33.60 55.08 81.16
CA VAL BC 83 33.03 55.44 82.46
C VAL BC 83 32.73 54.19 83.27
N ARG BC 84 32.28 53.13 82.62
CA ARG BC 84 31.93 51.90 83.32
C ARG BC 84 33.15 51.05 83.69
N HIS BC 85 34.34 51.43 83.24
CA HIS BC 85 35.58 50.77 83.64
C HIS BC 85 36.40 51.61 84.61
N GLY BC 86 35.78 52.59 85.25
CA GLY BC 86 36.42 53.37 86.28
C GLY BC 86 36.90 54.74 85.88
N GLY BC 87 36.58 55.20 84.68
CA GLY BC 87 37.05 56.49 84.20
C GLY BC 87 36.22 57.65 84.73
N ARG BC 88 36.58 58.84 84.27
CA ARG BC 88 35.85 60.06 84.60
C ARG BC 88 35.57 60.84 83.32
N GLU BC 89 34.41 61.51 83.30
CA GLU BC 89 34.07 62.36 82.16
C GLU BC 89 34.83 63.67 82.17
N GLU BC 90 35.37 64.06 83.33
CA GLU BC 90 36.24 65.24 83.40
C GLU BC 90 37.59 64.99 82.73
N ASP BC 91 37.88 63.76 82.33
CA ASP BC 91 39.15 63.39 81.71
C ASP BC 91 38.97 62.91 80.27
N ILE BC 92 37.87 63.28 79.62
CA ILE BC 92 37.64 62.97 78.21
C ILE BC 92 37.56 64.28 77.44
N THR BC 93 38.21 64.31 76.28
CA THR BC 93 38.20 65.46 75.38
C THR BC 93 37.69 65.01 74.01
N LEU BC 94 36.60 65.62 73.56
CA LEU BC 94 35.94 65.23 72.32
C LEU BC 94 36.11 66.32 71.27
N VAL BC 95 36.41 65.92 70.04
CA VAL BC 95 36.60 66.84 68.92
C VAL BC 95 35.80 66.32 67.74
N ARG BC 96 35.07 67.22 67.08
CA ARG BC 96 34.28 66.89 65.89
C ARG BC 96 34.90 67.54 64.67
N VAL BC 97 34.87 66.84 63.54
CA VAL BC 97 35.45 67.34 62.29
C VAL BC 97 34.47 67.11 61.16
N PRO BC 98 34.62 67.82 60.05
CA PRO BC 98 33.66 67.67 58.94
C PRO BC 98 33.60 66.28 58.34
N GLY BC 99 34.74 65.73 57.90
CA GLY BC 99 34.75 64.49 57.17
C GLY BC 99 35.94 63.63 57.54
N SER BC 100 36.05 62.50 56.86
CA SER BC 100 37.13 61.56 57.14
C SER BC 100 38.49 62.12 56.77
N TRP BC 101 38.56 62.95 55.72
CA TRP BC 101 39.84 63.53 55.32
C TRP BC 101 40.48 64.32 56.45
N GLU BC 102 39.67 64.89 57.34
CA GLU BC 102 40.17 65.81 58.35
C GLU BC 102 40.51 65.13 59.68
N ILE BC 103 40.28 63.83 59.81
CA ILE BC 103 40.56 63.15 61.08
C ILE BC 103 42.04 63.19 61.43
N PRO BC 104 42.97 62.85 60.54
CA PRO BC 104 44.38 62.82 60.94
C PRO BC 104 44.93 64.14 61.47
N VAL BC 105 44.60 65.26 60.85
CA VAL BC 105 45.18 66.53 61.30
C VAL BC 105 44.67 66.89 62.67
N ALA BC 106 43.42 66.53 62.99
CA ALA BC 106 42.87 66.79 64.32
C ALA BC 106 43.39 65.82 65.37
N ALA BC 107 43.66 64.58 64.98
CA ALA BC 107 44.23 63.62 65.93
C ALA BC 107 45.62 64.05 66.39
N GLY BC 108 46.40 64.63 65.48
CA GLY BC 108 47.76 65.02 65.83
C GLY BC 108 47.80 66.09 66.90
N GLU BC 109 46.83 67.02 66.86
CA GLU BC 109 46.80 68.07 67.88
C GLU BC 109 46.54 67.49 69.26
N LEU BC 110 45.64 66.50 69.35
CA LEU BC 110 45.38 65.86 70.63
C LEU BC 110 46.56 65.01 71.08
N ALA BC 111 47.19 64.28 70.17
CA ALA BC 111 48.27 63.37 70.52
C ALA BC 111 49.52 64.10 70.98
N ARG BC 112 49.61 65.41 70.79
CA ARG BC 112 50.78 66.17 71.20
C ARG BC 112 50.63 66.78 72.59
N LYS BC 113 49.54 66.52 73.29
CA LYS BC 113 49.33 67.04 74.62
C LYS BC 113 49.94 66.10 75.65
N GLU BC 114 50.60 66.69 76.66
CA GLU BC 114 51.22 65.89 77.71
C GLU BC 114 50.23 65.22 78.64
N ASP BC 115 48.94 65.56 78.54
CA ASP BC 115 47.93 65.01 79.43
C ASP BC 115 47.22 63.80 78.87
N ILE BC 116 47.13 63.67 77.55
CA ILE BC 116 46.39 62.58 76.94
C ILE BC 116 47.28 61.34 76.92
N ASP BC 117 46.66 60.18 77.12
CA ASP BC 117 47.34 58.88 77.10
C ASP BC 117 47.03 58.06 75.86
N ALA BC 118 45.81 58.14 75.35
CA ALA BC 118 45.44 57.39 74.14
C ALA BC 118 44.35 58.16 73.41
N VAL BC 119 44.23 57.88 72.12
CA VAL BC 119 43.30 58.60 71.25
C VAL BC 119 42.51 57.58 70.44
N ILE BC 120 41.22 57.86 70.24
CA ILE BC 120 40.31 57.00 69.51
C ILE BC 120 39.82 57.75 68.28
N ALA BC 121 39.79 57.06 67.14
CA ALA BC 121 39.31 57.63 65.89
C ALA BC 121 38.04 56.90 65.47
N ILE BC 122 36.97 57.66 65.22
CA ILE BC 122 35.69 57.10 64.82
C ILE BC 122 35.23 57.83 63.56
N GLY BC 123 34.84 57.07 62.54
CA GLY BC 123 34.44 57.69 61.29
C GLY BC 123 33.82 56.66 60.37
N VAL BC 124 33.25 57.17 59.28
CA VAL BC 124 32.56 56.35 58.29
C VAL BC 124 33.19 56.61 56.93
N LEU BC 125 33.49 55.54 56.21
CA LEU BC 125 34.11 55.61 54.90
C LEU BC 125 33.15 55.14 53.82
N ILE BC 126 33.46 55.52 52.58
CA ILE BC 126 32.75 55.05 51.39
C ILE BC 126 33.79 54.40 50.49
N ARG BC 127 33.58 53.14 50.15
CA ARG BC 127 34.54 52.36 49.37
C ARG BC 127 33.87 51.86 48.10
N GLY BC 128 34.58 51.98 46.99
CA GLY BC 128 34.13 51.43 45.72
C GLY BC 128 33.08 52.24 45.00
N ALA BC 129 32.70 53.40 45.52
CA ALA BC 129 31.66 54.20 44.88
C ALA BC 129 32.18 54.95 43.66
N THR BC 130 33.11 55.87 43.88
CA THR BC 130 33.67 56.68 42.81
C THR BC 130 35.04 57.19 43.26
N PRO BC 131 35.89 57.64 42.34
CA PRO BC 131 37.13 58.28 42.75
C PRO BC 131 36.83 59.51 43.60
N HIS BC 132 37.87 60.07 44.21
CA HIS BC 132 37.82 61.11 45.23
C HIS BC 132 37.46 60.50 46.58
N PHE BC 133 37.18 59.20 46.66
CA PHE BC 133 36.99 58.53 47.94
C PHE BC 133 37.83 57.27 48.08
N ASP BC 134 38.33 56.69 46.99
CA ASP BC 134 39.38 55.69 47.11
C ASP BC 134 40.70 56.34 47.46
N TYR BC 135 40.97 57.53 46.92
CA TYR BC 135 42.14 58.29 47.32
C TYR BC 135 42.05 58.70 48.79
N ILE BC 136 40.87 59.13 49.22
CA ILE BC 136 40.70 59.58 50.60
C ILE BC 136 40.95 58.43 51.56
N ALA BC 137 40.34 57.27 51.29
CA ALA BC 137 40.40 56.16 52.23
C ALA BC 137 41.83 55.69 52.44
N SER BC 138 42.61 55.60 51.37
CA SER BC 138 43.97 55.10 51.49
C SER BC 138 44.86 56.03 52.30
N GLU BC 139 44.43 57.27 52.54
CA GLU BC 139 45.25 58.24 53.25
C GLU BC 139 44.85 58.42 54.70
N VAL BC 140 43.61 58.11 55.06
CA VAL BC 140 43.22 58.16 56.47
C VAL BC 140 43.94 57.07 57.25
N SER BC 141 44.02 55.85 56.70
CA SER BC 141 44.72 54.78 57.37
C SER BC 141 46.21 55.07 57.49
N LYS BC 142 46.82 55.54 56.41
CA LYS BC 142 48.27 55.75 56.40
C LYS BC 142 48.67 56.84 57.38
N GLY BC 143 47.88 57.91 57.47
CA GLY BC 143 48.24 59.00 58.34
C GLY BC 143 48.20 58.63 59.80
N LEU BC 144 47.17 57.91 60.23
CA LEU BC 144 47.05 57.54 61.63
C LEU BC 144 48.18 56.62 62.07
N ALA BC 145 48.60 55.72 61.19
CA ALA BC 145 49.69 54.81 61.53
C ALA BC 145 50.99 55.55 61.76
N ASN BC 146 51.26 56.61 60.98
CA ASN BC 146 52.49 57.35 61.16
C ASN BC 146 52.49 58.17 62.44
N LEU BC 147 51.33 58.69 62.85
CA LEU BC 147 51.27 59.48 64.08
C LEU BC 147 51.62 58.63 65.29
N SER BC 148 51.15 57.39 65.33
CA SER BC 148 51.43 56.52 66.47
C SER BC 148 52.93 56.33 66.66
N LEU BC 149 53.63 56.00 65.57
CA LEU BC 149 55.05 55.69 65.69
C LEU BC 149 55.88 56.93 65.94
N GLU BC 150 55.49 58.06 65.37
CA GLU BC 150 56.28 59.28 65.52
C GLU BC 150 56.17 59.84 66.93
N LEU BC 151 54.96 59.87 67.50
CA LEU BC 151 54.73 60.44 68.81
C LEU BC 151 54.73 59.42 69.93
N ARG BC 152 54.83 58.13 69.62
CA ARG BC 152 54.89 57.06 70.62
C ARG BC 152 53.68 57.11 71.55
N LYS BC 153 52.50 56.93 70.95
CA LYS BC 153 51.24 56.98 71.65
C LYS BC 153 50.26 56.14 70.87
N PRO BC 154 49.39 55.37 71.52
CA PRO BC 154 48.49 54.48 70.78
C PRO BC 154 47.27 55.23 70.25
N ILE BC 155 46.94 54.97 68.99
CA ILE BC 155 45.78 55.55 68.33
C ILE BC 155 44.96 54.42 67.74
N THR BC 156 43.73 54.27 68.21
CA THR BC 156 42.90 53.13 67.83
C THR BC 156 41.99 53.49 66.66
N PHE BC 157 41.67 52.47 65.87
CA PHE BC 157 41.03 52.63 64.56
C PHE BC 157 39.59 52.12 64.66
N GLY BC 158 38.68 53.02 65.03
CA GLY BC 158 37.28 52.67 65.12
C GLY BC 158 36.51 53.03 63.87
N VAL BC 159 37.23 53.23 62.77
CA VAL BC 159 36.63 53.66 61.52
C VAL BC 159 35.99 52.46 60.84
N ILE BC 160 34.72 52.60 60.46
CA ILE BC 160 33.96 51.53 59.82
C ILE BC 160 33.68 51.90 58.37
N THR BC 161 33.02 50.99 57.65
CA THR BC 161 32.70 51.18 56.24
C THR BC 161 31.24 50.85 56.00
N ALA BC 162 30.71 51.37 54.90
CA ALA BC 162 29.33 51.15 54.52
C ALA BC 162 28.38 51.60 55.62
N GLY CC 15 46.61 -54.86 68.37
CA GLY CC 15 46.94 -54.15 67.16
C GLY CC 15 46.92 -55.03 65.92
N ASN CC 16 47.12 -56.33 66.12
CA ASN CC 16 47.12 -57.29 65.04
C ASN CC 16 46.49 -58.59 65.51
N LYS CC 17 45.87 -59.31 64.57
CA LYS CC 17 45.16 -60.52 64.92
C LYS CC 17 46.09 -61.67 65.28
N GLY CC 18 47.38 -61.57 64.95
CA GLY CC 18 48.30 -62.59 65.40
C GLY CC 18 48.45 -62.62 66.90
N TRP CC 19 48.55 -61.43 67.52
CA TRP CC 19 48.58 -61.36 68.97
C TRP CC 19 47.28 -61.87 69.58
N GLU CC 20 46.14 -61.50 69.00
CA GLU CC 20 44.86 -61.92 69.56
C GLU CC 20 44.68 -63.43 69.46
N ALA CC 21 45.06 -64.03 68.34
CA ALA CC 21 44.87 -65.46 68.18
C ALA CC 21 45.73 -66.25 69.16
N ALA CC 22 46.95 -65.79 69.40
CA ALA CC 22 47.83 -66.49 70.34
C ALA CC 22 47.32 -66.40 71.76
N LEU CC 23 46.65 -65.30 72.12
CA LEU CC 23 46.14 -65.14 73.47
C LEU CC 23 44.98 -66.08 73.74
N SER CC 24 44.12 -66.28 72.75
CA SER CC 24 43.04 -67.26 72.92
C SER CC 24 43.59 -68.66 73.06
N ALA CC 25 44.66 -68.98 72.33
CA ALA CC 25 45.24 -70.32 72.41
C ALA CC 25 45.77 -70.61 73.80
N ILE CC 26 46.42 -69.63 74.44
CA ILE CC 26 46.96 -69.84 75.78
C ILE CC 26 45.83 -70.14 76.76
N GLU CC 27 44.77 -69.35 76.70
CA GLU CC 27 43.66 -69.54 77.63
C GLU CC 27 42.98 -70.89 77.42
N MET CC 28 42.77 -71.28 76.16
CA MET CC 28 42.11 -72.55 75.88
C MET CC 28 42.97 -73.73 76.31
N ALA CC 29 44.29 -73.63 76.15
CA ALA CC 29 45.16 -74.70 76.59
C ALA CC 29 45.07 -74.92 78.10
N ASN CC 30 45.06 -73.83 78.87
CA ASN CC 30 44.97 -73.96 80.31
C ASN CC 30 43.58 -74.42 80.76
N LEU CC 31 42.53 -74.05 80.02
CA LEU CC 31 41.19 -74.47 80.36
C LEU CC 31 41.03 -75.98 80.23
N PHE CC 32 41.64 -76.58 79.21
CA PHE CC 32 41.49 -78.01 78.97
C PHE CC 32 42.26 -78.84 79.98
N LYS CC 33 43.24 -78.26 80.67
CA LYS CC 33 43.90 -78.97 81.76
C LYS CC 33 43.01 -79.03 82.99
N SER CC 34 42.19 -78.00 83.22
CA SER CC 34 41.30 -78.01 84.38
C SER CC 34 40.15 -78.99 84.18
N LEU CC 35 39.55 -79.02 82.99
CA LEU CC 35 38.43 -79.91 82.74
C LEU CC 35 38.85 -81.37 82.88
N ARG CC 36 40.03 -81.71 82.38
CA ARG CC 36 40.54 -83.08 82.45
C ARG CC 36 41.35 -83.28 83.73
N GLY CC 37 40.70 -83.02 84.84
CA GLY CC 37 41.34 -83.14 86.15
C GLY CC 37 40.34 -83.55 87.20
N THR CC 38 40.88 -84.08 88.30
CA THR CC 38 40.07 -84.54 89.42
C THR CC 38 40.69 -84.06 90.72
N GLY CC 39 39.84 -83.90 91.73
CA GLY CC 39 40.30 -83.44 93.02
C GLY CC 39 39.13 -83.05 93.89
N GLY CC 40 39.46 -82.54 95.08
CA GLY CC 40 38.44 -82.11 96.00
C GLY CC 40 37.70 -80.89 95.51
N SER CC 41 36.44 -80.76 95.95
CA SER CC 41 35.62 -79.64 95.56
C SER CC 41 34.61 -79.35 96.67
N GLY CC 42 34.10 -78.13 96.67
CA GLY CC 42 33.13 -77.71 97.66
C GLY CC 42 31.71 -78.05 97.26
N SER CC 43 30.77 -77.58 98.08
CA SER CC 43 29.34 -77.80 97.86
C SER CC 43 28.69 -76.67 97.07
N SER CC 44 29.46 -75.70 96.60
CA SER CC 44 28.92 -74.55 95.89
C SER CC 44 28.99 -74.77 94.39
N MET CC 45 28.73 -73.71 93.63
CA MET CC 45 28.83 -73.76 92.18
C MET CC 45 30.28 -73.96 91.76
N GLU CC 46 30.46 -74.70 90.66
CA GLU CC 46 31.78 -75.00 90.12
C GLU CC 46 32.05 -74.15 88.89
N ILE CC 47 33.19 -73.47 88.87
CA ILE CC 47 33.58 -72.58 87.78
C ILE CC 47 34.93 -73.04 87.24
N TYR CC 48 35.03 -73.14 85.92
CA TYR CC 48 36.26 -73.46 85.23
C TYR CC 48 36.69 -72.26 84.39
N GLU CC 49 37.91 -71.78 84.63
CA GLU CC 49 38.48 -70.66 83.89
C GLU CC 49 39.88 -71.01 83.44
N GLY CC 50 40.41 -70.19 82.54
CA GLY CC 50 41.75 -70.38 82.03
C GLY CC 50 42.69 -69.24 82.38
N LYS CC 51 43.82 -69.56 82.98
CA LYS CC 51 44.84 -68.56 83.27
C LYS CC 51 45.60 -68.20 82.00
N LEU CC 52 46.40 -67.13 82.10
CA LEU CC 52 47.20 -66.64 80.99
C LEU CC 52 48.69 -66.84 81.25
N THR CC 53 49.05 -67.95 81.87
CA THR CC 53 50.44 -68.35 82.06
C THR CC 53 50.79 -69.39 81.01
N ALA CC 54 51.82 -69.10 80.22
CA ALA CC 54 52.20 -69.93 79.08
C ALA CC 54 53.32 -70.89 79.38
N GLU CC 55 53.69 -71.07 80.64
CA GLU CC 55 54.81 -71.91 81.00
C GLU CC 55 54.45 -73.38 80.87
N GLY CC 56 55.29 -74.14 80.16
CA GLY CC 56 55.12 -75.56 80.03
C GLY CC 56 54.26 -76.02 78.88
N LEU CC 57 53.67 -75.11 78.10
CA LEU CC 57 52.81 -75.45 76.99
C LEU CC 57 53.59 -75.48 75.68
N ARG CC 58 53.03 -76.19 74.69
CA ARG CC 58 53.64 -76.36 73.39
C ARG CC 58 52.62 -76.00 72.31
N PHE CC 59 53.03 -75.16 71.37
CA PHE CC 59 52.12 -74.56 70.40
C PHE CC 59 52.51 -74.93 68.98
N GLY CC 60 51.57 -74.71 68.06
CA GLY CC 60 51.79 -74.86 66.64
C GLY CC 60 51.19 -73.72 65.85
N ILE CC 61 51.93 -73.22 64.86
CA ILE CC 61 51.50 -72.11 64.02
C ILE CC 61 51.52 -72.56 62.57
N VAL CC 62 50.49 -72.19 61.82
CA VAL CC 62 50.38 -72.46 60.40
C VAL CC 62 50.08 -71.15 59.69
N ALA CC 63 51.00 -70.70 58.84
CA ALA CC 63 50.91 -69.40 58.20
C ALA CC 63 51.06 -69.53 56.69
N SER CC 64 50.30 -68.72 55.96
CA SER CC 64 50.37 -68.71 54.51
C SER CC 64 51.31 -67.60 54.03
N ARG CC 65 51.69 -67.69 52.76
CA ARG CC 65 52.64 -66.75 52.19
C ARG CC 65 51.97 -65.60 51.45
N PHE CC 66 50.68 -65.69 51.16
CA PHE CC 66 49.98 -64.68 50.38
C PHE CC 66 50.19 -63.28 50.95
N ASN CC 67 49.99 -62.28 50.10
CA ASN CC 67 50.17 -60.88 50.47
C ASN CC 67 51.59 -60.57 50.91
N HIS CC 68 52.55 -61.41 50.52
CA HIS CC 68 53.95 -61.07 50.66
C HIS CC 68 54.39 -60.97 52.12
N ALA CC 69 54.50 -59.75 52.66
CA ALA CC 69 55.13 -59.51 53.94
C ALA CC 69 54.15 -59.28 55.08
N LEU CC 70 52.85 -59.14 54.81
CA LEU CC 70 51.91 -58.83 55.87
C LEU CC 70 51.81 -59.97 56.87
N VAL CC 71 51.95 -61.22 56.39
CA VAL CC 71 51.89 -62.37 57.27
C VAL CC 71 53.07 -62.37 58.24
N ASP CC 72 54.24 -61.95 57.75
CA ASP CC 72 55.42 -61.89 58.62
C ASP CC 72 55.17 -60.98 59.82
N ARG CC 73 54.38 -59.92 59.62
CA ARG CC 73 54.00 -59.06 60.73
C ARG CC 73 53.11 -59.82 61.72
N LEU CC 74 52.18 -60.62 61.21
CA LEU CC 74 51.29 -61.37 62.08
C LEU CC 74 52.03 -62.48 62.84
N VAL CC 75 52.93 -63.18 62.15
CA VAL CC 75 53.69 -64.25 62.81
C VAL CC 75 54.59 -63.67 63.90
N GLU CC 76 55.13 -62.48 63.66
CA GLU CC 76 55.96 -61.84 64.69
C GLU CC 76 55.17 -61.56 65.95
N GLY CC 77 53.93 -61.07 65.79
CA GLY CC 77 53.10 -60.81 66.95
C GLY CC 77 52.76 -62.06 67.74
N ALA CC 78 52.55 -63.18 67.04
CA ALA CC 78 52.19 -64.41 67.73
C ALA CC 78 53.30 -64.88 68.65
N ILE CC 79 54.54 -64.86 68.17
CA ILE CC 79 55.65 -65.35 68.98
C ILE CC 79 55.90 -64.41 70.15
N ASP CC 80 55.71 -63.11 69.94
CA ASP CC 80 55.91 -62.15 71.02
C ASP CC 80 54.97 -62.43 72.18
N CYS CC 81 53.72 -62.80 71.87
CA CYS CC 81 52.76 -63.13 72.92
C CYS CC 81 53.21 -64.33 73.72
N ILE CC 82 53.71 -65.37 73.07
CA ILE CC 82 54.05 -66.60 73.77
C ILE CC 82 55.28 -66.40 74.64
N VAL CC 83 56.29 -65.68 74.14
CA VAL CC 83 57.51 -65.52 74.90
C VAL CC 83 57.29 -64.63 76.11
N ARG CC 84 56.52 -63.55 75.95
CA ARG CC 84 56.35 -62.59 77.03
C ARG CC 84 55.39 -63.07 78.11
N HIS CC 85 54.57 -64.07 77.84
CA HIS CC 85 53.67 -64.63 78.83
C HIS CC 85 54.28 -65.83 79.56
N GLY CC 86 55.55 -66.15 79.30
CA GLY CC 86 56.25 -67.20 80.02
C GLY CC 86 56.67 -68.38 79.18
N GLY CC 87 56.30 -68.45 77.91
CA GLY CC 87 56.65 -69.59 77.09
C GLY CC 87 58.07 -69.55 76.58
N ARG CC 88 58.50 -70.67 76.03
CA ARG CC 88 59.84 -70.84 75.50
C ARG CC 88 59.77 -71.02 73.98
N GLU CC 89 60.69 -70.37 73.27
CA GLU CC 89 60.69 -70.41 71.81
C GLU CC 89 61.11 -71.76 71.25
N GLU CC 90 61.67 -72.65 72.07
CA GLU CC 90 61.96 -74.01 71.64
C GLU CC 90 60.72 -74.88 71.56
N ASP CC 91 59.57 -74.40 72.02
CA ASP CC 91 58.34 -75.18 72.07
C ASP CC 91 57.33 -74.78 70.99
N ILE CC 92 57.75 -74.00 70.00
CA ILE CC 92 56.89 -73.59 68.90
C ILE CC 92 57.29 -74.36 67.66
N THR CC 93 56.30 -74.69 66.83
CA THR CC 93 56.53 -75.34 65.54
C THR CC 93 55.86 -74.51 64.46
N LEU CC 94 56.62 -74.13 63.43
CA LEU CC 94 56.13 -73.28 62.37
C LEU CC 94 56.02 -74.08 61.08
N VAL CC 95 54.86 -74.02 60.42
CA VAL CC 95 54.60 -74.66 59.15
C VAL CC 95 54.10 -73.58 58.19
N ARG CC 96 54.66 -73.56 56.99
CA ARG CC 96 54.32 -72.54 55.99
C ARG CC 96 53.68 -73.20 54.78
N VAL CC 97 52.58 -72.62 54.31
CA VAL CC 97 51.81 -73.18 53.20
C VAL CC 97 51.68 -72.13 52.10
N PRO CC 98 51.41 -72.53 50.85
CA PRO CC 98 51.40 -71.55 49.76
C PRO CC 98 50.28 -70.53 49.83
N GLY CC 99 49.05 -70.97 50.11
CA GLY CC 99 47.91 -70.07 50.10
C GLY CC 99 46.92 -70.41 51.20
N SER CC 100 45.85 -69.61 51.25
CA SER CC 100 44.85 -69.81 52.29
C SER CC 100 44.10 -71.11 52.09
N TRP CC 101 43.90 -71.53 50.85
CA TRP CC 101 43.18 -72.77 50.58
C TRP CC 101 43.88 -73.98 51.20
N GLU CC 102 45.16 -73.89 51.50
CA GLU CC 102 45.93 -75.03 52.00
C GLU CC 102 46.04 -75.08 53.52
N ILE CC 103 45.48 -74.11 54.23
CA ILE CC 103 45.65 -74.05 55.69
C ILE CC 103 44.98 -75.24 56.37
N PRO CC 104 43.72 -75.58 56.05
CA PRO CC 104 43.07 -76.67 56.81
C PRO CC 104 43.78 -78.00 56.74
N VAL CC 105 44.30 -78.40 55.58
CA VAL CC 105 44.93 -79.71 55.48
C VAL CC 105 46.25 -79.74 56.26
N ALA CC 106 47.00 -78.65 56.23
CA ALA CC 106 48.23 -78.57 57.00
C ALA CC 106 47.95 -78.55 58.50
N ALA CC 107 46.87 -77.88 58.90
CA ALA CC 107 46.52 -77.81 60.32
C ALA CC 107 46.16 -79.19 60.86
N GLY CC 108 45.45 -80.00 60.07
CA GLY CC 108 45.06 -81.32 60.53
C GLY CC 108 46.25 -82.21 60.84
N GLU CC 109 47.28 -82.15 60.00
CA GLU CC 109 48.48 -82.94 60.25
C GLU CC 109 49.16 -82.50 61.53
N LEU CC 110 49.22 -81.19 61.77
CA LEU CC 110 49.91 -80.63 62.93
C LEU CC 110 49.13 -80.83 64.23
N ALA CC 111 47.82 -81.02 64.16
CA ALA CC 111 46.98 -81.19 65.33
C ALA CC 111 46.74 -82.64 65.68
N ARG CC 112 47.37 -83.59 64.98
CA ARG CC 112 47.18 -85.01 65.23
C ARG CC 112 48.35 -85.62 65.98
N LYS CC 113 49.30 -84.81 66.45
CA LYS CC 113 50.43 -85.30 67.22
C LYS CC 113 50.28 -84.89 68.67
N GLU CC 114 50.64 -85.80 69.58
CA GLU CC 114 50.32 -85.65 70.99
C GLU CC 114 51.12 -84.55 71.67
N ASP CC 115 52.24 -84.12 71.08
CA ASP CC 115 53.06 -83.10 71.71
C ASP CC 115 52.46 -81.70 71.59
N ILE CC 116 51.56 -81.48 70.65
CA ILE CC 116 50.97 -80.16 70.45
C ILE CC 116 49.75 -80.00 71.33
N ASP CC 117 49.59 -78.82 71.92
CA ASP CC 117 48.47 -78.51 72.79
C ASP CC 117 47.43 -77.61 72.14
N ALA CC 118 47.85 -76.68 71.28
CA ALA CC 118 46.92 -75.84 70.55
C ALA CC 118 47.57 -75.40 69.25
N VAL CC 119 46.73 -75.05 68.27
CA VAL CC 119 47.16 -74.67 66.93
C VAL CC 119 46.61 -73.29 66.61
N ILE CC 120 47.42 -72.47 65.94
CA ILE CC 120 47.04 -71.11 65.56
C ILE CC 120 47.15 -70.99 64.05
N ALA CC 121 46.11 -70.45 63.42
CA ALA CC 121 46.05 -70.30 61.97
C ALA CC 121 46.08 -68.82 61.60
N ILE CC 122 46.98 -68.44 60.71
CA ILE CC 122 47.20 -67.05 60.31
C ILE CC 122 47.23 -66.97 58.80
N GLY CC 123 46.65 -65.92 58.24
CA GLY CC 123 46.67 -65.75 56.80
C GLY CC 123 45.96 -64.47 56.40
N VAL CC 124 46.02 -64.19 55.10
CA VAL CC 124 45.41 -63.01 54.51
C VAL CC 124 44.55 -63.47 53.33
N LEU CC 125 43.33 -62.95 53.25
CA LEU CC 125 42.40 -63.27 52.18
C LEU CC 125 42.20 -62.06 51.27
N ILE CC 126 41.82 -62.33 50.04
CA ILE CC 126 41.62 -61.30 49.03
C ILE CC 126 40.14 -61.03 48.89
N ARG CC 127 39.81 -59.79 48.51
CA ARG CC 127 38.43 -59.34 48.37
C ARG CC 127 38.20 -58.75 46.99
N GLY CC 128 38.59 -59.50 45.96
CA GLY CC 128 38.48 -59.04 44.58
C GLY CC 128 37.08 -59.06 44.02
N ALA CC 129 36.07 -59.43 44.82
CA ALA CC 129 34.68 -59.46 44.35
C ALA CC 129 34.52 -60.38 43.16
N THR CC 130 35.12 -61.57 43.26
CA THR CC 130 35.06 -62.59 42.23
C THR CC 130 34.62 -63.91 42.83
N PRO CC 131 33.91 -64.75 42.07
CA PRO CC 131 33.56 -66.08 42.61
C PRO CC 131 34.79 -66.91 42.97
N HIS CC 132 35.93 -66.67 42.33
CA HIS CC 132 37.13 -67.44 42.65
C HIS CC 132 37.54 -67.26 44.11
N PHE CC 133 37.47 -66.03 44.60
CA PHE CC 133 37.86 -65.74 45.98
C PHE CC 133 36.72 -65.93 46.97
N ASP CC 134 35.47 -65.69 46.55
CA ASP CC 134 34.35 -65.80 47.47
C ASP CC 134 34.17 -67.24 47.95
N TYR CC 135 34.38 -68.21 47.06
CA TYR CC 135 34.22 -69.61 47.44
C TYR CC 135 35.40 -70.08 48.29
N ILE CC 136 36.62 -69.65 47.96
CA ILE CC 136 37.77 -70.04 48.76
C ILE CC 136 37.62 -69.55 50.19
N ALA CC 137 37.07 -68.35 50.36
CA ALA CC 137 36.99 -67.78 51.70
C ALA CC 137 36.13 -68.63 52.62
N SER CC 138 35.00 -69.12 52.12
CA SER CC 138 34.08 -69.87 52.97
C SER CC 138 34.69 -71.19 53.44
N GLU CC 139 35.43 -71.85 52.56
CA GLU CC 139 35.91 -73.19 52.89
C GLU CC 139 37.00 -73.17 53.94
N VAL CC 140 37.77 -72.09 54.03
CA VAL CC 140 38.82 -72.00 55.04
C VAL CC 140 38.23 -72.05 56.43
N SER CC 141 37.13 -71.32 56.65
CA SER CC 141 36.51 -71.26 57.98
C SER CC 141 35.86 -72.59 58.34
N LYS CC 142 35.16 -73.21 57.39
CA LYS CC 142 34.42 -74.43 57.70
C LYS CC 142 35.37 -75.57 58.05
N GLY CC 143 36.50 -75.68 57.35
CA GLY CC 143 37.41 -76.77 57.62
C GLY CC 143 38.03 -76.70 59.00
N LEU CC 144 38.48 -75.51 59.40
CA LEU CC 144 39.07 -75.35 60.73
C LEU CC 144 38.05 -75.58 61.82
N ALA CC 145 36.79 -75.23 61.58
CA ALA CC 145 35.75 -75.44 62.58
C ALA CC 145 35.48 -76.92 62.78
N ASN CC 146 35.34 -77.68 61.69
CA ASN CC 146 35.10 -79.12 61.81
C ASN CC 146 36.27 -79.84 62.45
N LEU CC 147 37.49 -79.44 62.11
CA LEU CC 147 38.67 -80.16 62.57
C LEU CC 147 38.84 -80.07 64.08
N SER CC 148 38.45 -78.95 64.69
CA SER CC 148 38.55 -78.82 66.13
C SER CC 148 37.54 -79.70 66.85
N LEU CC 149 36.37 -79.92 66.25
CA LEU CC 149 35.37 -80.80 66.85
C LEU CC 149 35.72 -82.27 66.66
N GLU CC 150 36.29 -82.62 65.50
CA GLU CC 150 36.66 -84.02 65.27
C GLU CC 150 37.76 -84.47 66.21
N LEU CC 151 38.80 -83.65 66.38
CA LEU CC 151 39.96 -84.04 67.15
C LEU CC 151 39.92 -83.58 68.61
N ARG CC 152 38.95 -82.74 68.98
CA ARG CC 152 38.81 -82.25 70.35
C ARG CC 152 40.07 -81.53 70.80
N LYS CC 153 40.54 -80.59 69.96
CA LYS CC 153 41.69 -79.76 70.26
C LYS CC 153 41.38 -78.33 69.84
N PRO CC 154 41.80 -77.33 70.63
CA PRO CC 154 41.48 -75.94 70.26
C PRO CC 154 42.31 -75.43 69.09
N ILE CC 155 41.63 -74.84 68.11
CA ILE CC 155 42.26 -74.23 66.95
C ILE CC 155 41.71 -72.81 66.82
N THR CC 156 42.59 -71.83 66.70
CA THR CC 156 42.22 -70.43 66.73
C THR CC 156 42.29 -69.81 65.35
N PHE CC 157 41.42 -68.85 65.11
CA PHE CC 157 41.21 -68.25 63.80
C PHE CC 157 41.84 -66.86 63.79
N GLY CC 158 42.85 -66.67 62.93
CA GLY CC 158 43.53 -65.41 62.82
C GLY CC 158 43.69 -64.92 61.40
N VAL CC 159 42.68 -65.16 60.56
CA VAL CC 159 42.73 -64.79 59.15
C VAL CC 159 42.06 -63.43 58.98
N ILE CC 160 42.75 -62.52 58.32
CA ILE CC 160 42.25 -61.18 58.05
C ILE CC 160 42.00 -61.04 56.55
N THR CC 161 41.44 -59.89 56.17
CA THR CC 161 41.15 -59.58 54.77
C THR CC 161 41.99 -58.39 54.33
N ALA CC 162 42.43 -58.42 53.08
CA ALA CC 162 43.20 -57.33 52.50
C ALA CC 162 44.48 -57.07 53.30
N GLY DC 15 12.33 -59.50 78.17
CA GLY DC 15 13.27 -60.28 78.93
C GLY DC 15 14.63 -60.39 78.26
N ASN DC 16 15.40 -61.40 78.65
CA ASN DC 16 16.73 -61.64 78.10
C ASN DC 16 16.85 -63.09 77.69
N LYS DC 17 17.68 -63.33 76.66
CA LYS DC 17 17.84 -64.67 76.13
C LYS DC 17 18.45 -65.62 77.14
N GLY DC 18 19.07 -65.11 78.20
CA GLY DC 18 19.54 -65.99 79.25
C GLY DC 18 18.40 -66.72 79.93
N TRP DC 19 17.31 -66.01 80.22
CA TRP DC 19 16.14 -66.63 80.82
C TRP DC 19 15.46 -67.59 79.85
N GLU DC 20 15.33 -67.19 78.58
CA GLU DC 20 14.66 -68.04 77.60
C GLU DC 20 15.44 -69.32 77.36
N ALA DC 21 16.77 -69.21 77.28
CA ALA DC 21 17.59 -70.39 77.00
C ALA DC 21 17.55 -71.39 78.15
N ALA DC 22 17.38 -70.93 79.38
CA ALA DC 22 17.30 -71.85 80.50
C ALA DC 22 15.93 -72.51 80.59
N LEU DC 23 14.87 -71.82 80.18
CA LEU DC 23 13.55 -72.44 80.14
C LEU DC 23 13.51 -73.60 79.15
N SER DC 24 14.06 -73.39 77.96
CA SER DC 24 14.06 -74.46 76.96
C SER DC 24 14.85 -75.66 77.46
N ALA DC 25 15.98 -75.43 78.11
CA ALA DC 25 16.80 -76.54 78.60
C ALA DC 25 16.06 -77.33 79.67
N ILE DC 26 15.31 -76.65 80.55
CA ILE DC 26 14.61 -77.37 81.61
C ILE DC 26 13.53 -78.26 81.02
N GLU DC 27 12.85 -77.79 79.98
CA GLU DC 27 11.75 -78.57 79.41
C GLU DC 27 12.25 -79.76 78.62
N MET DC 28 13.34 -79.59 77.85
CA MET DC 28 13.88 -80.72 77.09
C MET DC 28 14.50 -81.76 78.00
N ALA DC 29 15.07 -81.36 79.13
CA ALA DC 29 15.63 -82.33 80.05
C ALA DC 29 14.55 -83.22 80.63
N ASN DC 30 13.35 -82.67 80.87
CA ASN DC 30 12.25 -83.46 81.37
C ASN DC 30 11.63 -84.32 80.29
N LEU DC 31 11.61 -83.83 79.04
CA LEU DC 31 11.03 -84.60 77.94
C LEU DC 31 11.84 -85.86 77.66
N PHE DC 32 13.16 -85.79 77.78
CA PHE DC 32 13.99 -86.94 77.48
C PHE DC 32 13.94 -88.01 78.57
N LYS DC 33 13.48 -87.66 79.77
CA LYS DC 33 13.31 -88.67 80.81
C LYS DC 33 12.08 -89.54 80.54
N SER DC 34 10.98 -88.92 80.13
CA SER DC 34 9.76 -89.69 79.87
C SER DC 34 9.84 -90.42 78.54
N LEU DC 35 10.53 -89.84 77.56
CA LEU DC 35 10.64 -90.47 76.25
C LEU DC 35 11.53 -91.70 76.29
N ARG DC 36 12.45 -91.78 77.25
CA ARG DC 36 13.34 -92.92 77.40
C ARG DC 36 12.86 -93.93 78.43
N GLY DC 37 11.67 -93.71 79.02
CA GLY DC 37 11.10 -94.62 79.97
C GLY DC 37 10.10 -95.57 79.32
N THR DC 38 9.28 -96.19 80.16
CA THR DC 38 8.25 -97.10 79.67
C THR DC 38 7.18 -96.33 78.91
N GLY DC 39 6.71 -96.92 77.81
CA GLY DC 39 5.68 -96.29 77.01
C GLY DC 39 4.29 -96.51 77.58
N GLY DC 40 3.31 -95.86 76.94
CA GLY DC 40 1.95 -96.00 77.38
C GLY DC 40 1.39 -97.38 77.10
N SER DC 41 0.45 -97.80 77.96
CA SER DC 41 -0.15 -99.12 77.80
C SER DC 41 -0.92 -99.20 76.48
N GLY DC 42 -1.68 -98.17 76.14
CA GLY DC 42 -2.46 -98.14 74.93
C GLY DC 42 -3.81 -97.51 75.20
N SER DC 43 -4.76 -97.77 74.29
CA SER DC 43 -6.14 -97.33 74.37
C SER DC 43 -6.30 -95.85 74.02
N SER DC 44 -5.25 -95.16 73.62
CA SER DC 44 -5.36 -93.76 73.22
C SER DC 44 -4.04 -93.33 72.59
N MET DC 45 -4.07 -92.18 71.94
CA MET DC 45 -2.86 -91.59 71.39
C MET DC 45 -1.92 -91.18 72.51
N GLU DC 46 -0.63 -91.40 72.31
CA GLU DC 46 0.38 -91.10 73.31
C GLU DC 46 0.97 -89.72 73.06
N ILE DC 47 0.96 -88.88 74.09
CA ILE DC 47 1.48 -87.52 74.03
C ILE DC 47 2.58 -87.39 75.06
N TYR DC 48 3.72 -86.85 74.64
CA TYR DC 48 4.86 -86.59 75.51
C TYR DC 48 5.08 -85.09 75.62
N GLU DC 49 5.18 -84.60 76.85
CA GLU DC 49 5.38 -83.19 77.11
C GLU DC 49 6.38 -83.04 78.26
N GLY DC 50 6.97 -81.85 78.35
CA GLY DC 50 7.95 -81.56 79.38
C GLY DC 50 7.39 -80.59 80.42
N LYS DC 51 7.52 -80.96 81.69
CA LYS DC 51 7.12 -80.10 82.78
C LYS DC 51 8.21 -79.08 83.08
N LEU DC 52 7.80 -77.98 83.71
CA LEU DC 52 8.72 -76.91 84.10
C LEU DC 52 9.09 -77.04 85.57
N THR DC 53 9.72 -78.15 85.90
CA THR DC 53 10.25 -78.41 87.23
C THR DC 53 11.68 -78.88 87.09
N ALA DC 54 12.58 -78.32 87.90
CA ALA DC 54 14.01 -78.54 87.78
C ALA DC 54 14.60 -79.13 89.06
N GLU DC 55 13.91 -80.11 89.63
CA GLU DC 55 14.33 -80.73 90.88
C GLU DC 55 15.03 -82.05 90.55
N GLY DC 56 16.34 -82.09 90.77
CA GLY DC 56 17.13 -83.28 90.52
C GLY DC 56 17.86 -83.33 89.19
N LEU DC 57 17.97 -82.21 88.48
CA LEU DC 57 18.62 -82.15 87.18
C LEU DC 57 19.91 -81.35 87.26
N ARG DC 58 20.89 -81.75 86.45
CA ARG DC 58 22.17 -81.07 86.37
C ARG DC 58 22.25 -80.30 85.06
N PHE DC 59 22.97 -79.16 85.10
CA PHE DC 59 23.08 -78.28 83.95
C PHE DC 59 24.52 -77.82 83.77
N GLY DC 60 24.88 -77.49 82.53
CA GLY DC 60 26.13 -76.85 82.24
C GLY DC 60 25.92 -75.61 81.40
N ILE DC 61 26.76 -74.61 81.61
CA ILE DC 61 26.65 -73.34 80.92
C ILE DC 61 28.02 -72.99 80.32
N VAL DC 62 28.01 -72.58 79.06
CA VAL DC 62 29.20 -72.10 78.37
C VAL DC 62 28.93 -70.68 77.92
N ALA DC 63 29.71 -69.74 78.42
CA ALA DC 63 29.53 -68.32 78.14
C ALA DC 63 30.86 -67.70 77.75
N SER DC 64 30.84 -66.90 76.69
CA SER DC 64 32.03 -66.21 76.24
C SER DC 64 32.29 -64.98 77.09
N ARG DC 65 33.32 -64.21 76.72
CA ARG DC 65 33.77 -63.08 77.52
C ARG DC 65 33.63 -61.74 76.81
N PHE DC 66 33.71 -61.71 75.48
CA PHE DC 66 33.62 -60.44 74.77
C PHE DC 66 32.34 -59.72 75.14
N ASN DC 67 32.36 -58.40 75.04
CA ASN DC 67 31.28 -57.54 75.52
C ASN DC 67 31.04 -57.81 77.00
N HIS DC 68 32.07 -57.45 77.77
CA HIS DC 68 32.16 -57.73 79.20
C HIS DC 68 30.84 -57.56 79.94
N ALA DC 69 30.16 -56.43 79.71
CA ALA DC 69 28.97 -56.13 80.51
C ALA DC 69 27.79 -57.02 80.14
N LEU DC 70 27.54 -57.21 78.85
CA LEU DC 70 26.32 -57.89 78.42
C LEU DC 70 26.28 -59.33 78.92
N VAL DC 71 27.33 -60.10 78.66
CA VAL DC 71 27.27 -61.53 78.90
C VAL DC 71 27.08 -61.83 80.38
N ASP DC 72 27.54 -60.94 81.27
CA ASP DC 72 27.36 -61.16 82.69
C ASP DC 72 25.88 -61.08 83.07
N ARG DC 73 25.12 -60.21 82.41
CA ARG DC 73 23.68 -60.14 82.68
C ARG DC 73 22.97 -61.41 82.20
N LEU DC 74 23.38 -61.95 81.06
CA LEU DC 74 22.76 -63.16 80.54
C LEU DC 74 23.00 -64.36 81.47
N VAL DC 75 24.22 -64.48 81.99
CA VAL DC 75 24.53 -65.62 82.86
C VAL DC 75 23.74 -65.55 84.16
N GLU DC 76 23.54 -64.34 84.69
CA GLU DC 76 22.73 -64.19 85.90
C GLU DC 76 21.29 -64.58 85.64
N GLY DC 77 20.75 -64.24 84.48
CA GLY DC 77 19.40 -64.64 84.14
C GLY DC 77 19.23 -66.15 84.12
N ALA DC 78 20.19 -66.86 83.53
CA ALA DC 78 20.07 -68.31 83.43
C ALA DC 78 20.10 -68.98 84.79
N ILE DC 79 20.97 -68.51 85.69
CA ILE DC 79 21.05 -69.11 87.01
C ILE DC 79 19.79 -68.82 87.82
N ASP DC 80 19.24 -67.61 87.67
CA ASP DC 80 18.04 -67.26 88.40
C ASP DC 80 16.86 -68.16 87.98
N CYS DC 81 16.77 -68.46 86.69
CA CYS DC 81 15.68 -69.32 86.21
C CYS DC 81 15.75 -70.70 86.85
N ILE DC 82 16.93 -71.29 86.90
CA ILE DC 82 17.06 -72.66 87.40
C ILE DC 82 16.74 -72.72 88.88
N VAL DC 83 17.28 -71.78 89.66
CA VAL DC 83 17.12 -71.84 91.11
C VAL DC 83 15.67 -71.62 91.52
N ARG DC 84 14.97 -70.74 90.81
CA ARG DC 84 13.59 -70.42 91.17
C ARG DC 84 12.60 -71.48 90.68
N HIS DC 85 13.03 -72.46 89.89
CA HIS DC 85 12.18 -73.55 89.47
C HIS DC 85 12.41 -74.81 90.29
N GLY DC 86 13.28 -74.77 91.29
CA GLY DC 86 13.55 -75.90 92.15
C GLY DC 86 14.94 -76.47 92.06
N GLY DC 87 15.79 -75.94 91.17
CA GLY DC 87 17.13 -76.45 91.05
C GLY DC 87 18.03 -76.01 92.19
N ARG DC 88 19.19 -76.65 92.26
CA ARG DC 88 20.19 -76.35 93.28
C ARG DC 88 21.41 -75.72 92.61
N GLU DC 89 21.94 -74.67 93.23
CA GLU DC 89 23.13 -74.03 92.69
C GLU DC 89 24.33 -74.94 92.71
N GLU DC 90 24.30 -76.01 93.51
CA GLU DC 90 25.40 -76.96 93.54
C GLU DC 90 25.42 -77.86 92.31
N ASP DC 91 24.34 -77.90 91.54
CA ASP DC 91 24.23 -78.75 90.36
C ASP DC 91 24.33 -77.95 89.07
N ILE DC 92 25.16 -76.92 89.05
CA ILE DC 92 25.42 -76.11 87.87
C ILE DC 92 26.93 -76.04 87.65
N THR DC 93 27.35 -76.24 86.41
CA THR DC 93 28.75 -76.10 86.00
C THR DC 93 28.87 -74.93 85.04
N LEU DC 94 29.88 -74.09 85.24
CA LEU DC 94 30.09 -72.90 84.42
C LEU DC 94 31.49 -72.93 83.83
N VAL DC 95 31.58 -72.69 82.53
CA VAL DC 95 32.85 -72.66 81.79
C VAL DC 95 32.91 -71.37 81.01
N ARG DC 96 34.01 -70.64 81.15
CA ARG DC 96 34.24 -69.39 80.44
C ARG DC 96 35.24 -69.60 79.31
N VAL DC 97 35.00 -68.93 78.19
CA VAL DC 97 35.86 -69.03 77.01
C VAL DC 97 36.16 -67.63 76.50
N PRO DC 98 37.23 -67.46 75.74
CA PRO DC 98 37.58 -66.09 75.28
C PRO DC 98 36.55 -65.45 74.38
N GLY DC 99 36.11 -66.15 73.33
CA GLY DC 99 35.22 -65.58 72.36
C GLY DC 99 34.17 -66.53 71.84
N SER DC 100 33.39 -66.09 70.85
CA SER DC 100 32.34 -66.93 70.30
C SER DC 100 32.91 -68.10 69.51
N TRP DC 101 34.05 -67.91 68.85
CA TRP DC 101 34.65 -68.98 68.07
C TRP DC 101 34.93 -70.21 68.93
N GLU DC 102 35.16 -70.03 70.21
CA GLU DC 102 35.55 -71.14 71.08
C GLU DC 102 34.37 -71.85 71.75
N ILE DC 103 33.14 -71.34 71.59
CA ILE DC 103 32.00 -71.95 72.28
C ILE DC 103 31.78 -73.40 71.86
N PRO DC 104 31.72 -73.74 70.57
CA PRO DC 104 31.39 -75.13 70.22
C PRO DC 104 32.36 -76.16 70.75
N VAL DC 105 33.66 -75.86 70.79
CA VAL DC 105 34.63 -76.85 71.22
C VAL DC 105 34.47 -77.15 72.71
N ALA DC 106 34.22 -76.12 73.51
CA ALA DC 106 34.02 -76.33 74.94
C ALA DC 106 32.72 -77.06 75.22
N ALA DC 107 31.67 -76.78 74.43
CA ALA DC 107 30.39 -77.44 74.63
C ALA DC 107 30.51 -78.94 74.43
N GLY DC 108 31.40 -79.39 73.55
CA GLY DC 108 31.59 -80.81 73.35
C GLY DC 108 32.09 -81.51 74.59
N GLU DC 109 33.02 -80.90 75.31
CA GLU DC 109 33.56 -81.52 76.51
C GLU DC 109 32.49 -81.67 77.58
N LEU DC 110 31.67 -80.65 77.80
CA LEU DC 110 30.61 -80.73 78.80
C LEU DC 110 29.56 -81.77 78.40
N ALA DC 111 29.19 -81.83 77.12
CA ALA DC 111 28.15 -82.73 76.69
C ALA DC 111 28.54 -84.20 76.82
N ARG DC 112 29.83 -84.50 76.82
CA ARG DC 112 30.31 -85.87 76.89
C ARG DC 112 30.40 -86.41 78.30
N LYS DC 113 30.12 -85.58 79.31
CA LYS DC 113 30.05 -86.07 80.68
C LYS DC 113 28.72 -86.77 80.93
N GLU DC 114 28.74 -87.73 81.83
CA GLU DC 114 27.57 -88.55 82.11
C GLU DC 114 26.71 -88.02 83.25
N ASP DC 115 27.05 -86.88 83.82
CA ASP DC 115 26.27 -86.28 84.91
C ASP DC 115 25.68 -84.92 84.52
N ILE DC 116 25.52 -84.66 83.22
CA ILE DC 116 24.93 -83.43 82.73
C ILE DC 116 23.75 -83.77 81.84
N ASP DC 117 22.62 -83.11 82.05
CA ASP DC 117 21.39 -83.38 81.33
C ASP DC 117 21.15 -82.44 80.16
N ALA DC 118 21.65 -81.21 80.23
CA ALA DC 118 21.52 -80.28 79.12
C ALA DC 118 22.60 -79.22 79.25
N VAL DC 119 22.84 -78.53 78.14
CA VAL DC 119 23.87 -77.50 78.04
C VAL DC 119 23.25 -76.23 77.47
N ILE DC 120 23.66 -75.08 78.01
CA ILE DC 120 23.19 -73.77 77.59
C ILE DC 120 24.38 -72.97 77.09
N ALA DC 121 24.29 -72.44 75.87
CA ALA DC 121 25.35 -71.68 75.24
C ALA DC 121 24.96 -70.21 75.14
N ILE DC 122 25.81 -69.34 75.67
CA ILE DC 122 25.55 -67.90 75.71
C ILE DC 122 26.74 -67.18 75.11
N GLY DC 123 26.49 -66.03 74.50
CA GLY DC 123 27.54 -65.26 73.87
C GLY DC 123 26.95 -64.11 73.07
N VAL DC 124 27.85 -63.25 72.62
CA VAL DC 124 27.48 -62.06 71.85
C VAL DC 124 28.29 -62.06 70.56
N LEU DC 125 27.60 -61.94 69.43
CA LEU DC 125 28.24 -61.81 68.12
C LEU DC 125 28.29 -60.34 67.74
N ILE DC 126 29.44 -59.89 67.26
CA ILE DC 126 29.67 -58.47 67.02
C ILE DC 126 29.66 -58.18 65.52
N ARG DC 127 28.89 -58.95 64.77
CA ARG DC 127 28.72 -58.69 63.35
C ARG DC 127 28.28 -57.25 63.14
N GLY DC 128 28.63 -56.71 61.96
CA GLY DC 128 28.31 -55.34 61.62
C GLY DC 128 29.39 -54.68 60.79
N ALA DC 129 30.61 -55.22 60.83
CA ALA DC 129 31.72 -54.71 60.03
C ALA DC 129 32.86 -55.72 60.17
N THR DC 130 34.01 -55.38 59.58
CA THR DC 130 35.20 -56.22 59.72
C THR DC 130 34.90 -57.65 59.29
N PRO DC 131 34.87 -57.95 57.97
CA PRO DC 131 34.45 -59.29 57.51
C PRO DC 131 35.11 -60.47 58.23
N HIS DC 132 36.18 -60.22 58.98
CA HIS DC 132 36.73 -61.24 59.86
C HIS DC 132 35.65 -61.85 60.75
N PHE DC 133 34.72 -61.03 61.23
CA PHE DC 133 33.69 -61.48 62.15
C PHE DC 133 32.43 -62.01 61.45
N ASP DC 134 32.31 -61.84 60.13
CA ASP DC 134 31.16 -62.38 59.43
C ASP DC 134 31.26 -63.88 59.24
N TYR DC 135 32.47 -64.41 59.15
CA TYR DC 135 32.66 -65.85 59.02
C TYR DC 135 32.47 -66.57 60.34
N ILE DC 136 32.87 -65.95 61.45
CA ILE DC 136 32.71 -66.57 62.76
C ILE DC 136 31.24 -66.80 63.06
N ALA DC 137 30.39 -65.87 62.65
CA ALA DC 137 28.97 -65.96 63.00
C ALA DC 137 28.35 -67.24 62.46
N SER DC 138 28.66 -67.60 61.22
CA SER DC 138 28.01 -68.75 60.60
C SER DC 138 28.50 -70.07 61.16
N GLU DC 139 29.67 -70.12 61.78
CA GLU DC 139 30.25 -71.38 62.22
C GLU DC 139 29.81 -71.78 63.62
N VAL DC 140 29.36 -70.84 64.44
CA VAL DC 140 28.94 -71.18 65.80
C VAL DC 140 27.65 -71.97 65.78
N SER DC 141 26.69 -71.55 64.94
CA SER DC 141 25.42 -72.27 64.82
C SER DC 141 25.64 -73.68 64.27
N LYS DC 142 26.48 -73.81 63.25
CA LYS DC 142 26.70 -75.12 62.64
C LYS DC 142 27.26 -76.11 63.65
N GLY DC 143 28.26 -75.67 64.44
CA GLY DC 143 28.87 -76.58 65.38
C GLY DC 143 27.91 -77.04 66.47
N LEU DC 144 27.13 -76.11 67.02
CA LEU DC 144 26.21 -76.46 68.09
C LEU DC 144 25.12 -77.41 67.59
N ALA DC 145 24.63 -77.19 66.37
CA ALA DC 145 23.58 -78.05 65.83
C ALA DC 145 24.08 -79.48 65.64
N ASN DC 146 25.29 -79.64 65.09
CA ASN DC 146 25.81 -80.98 64.84
C ASN DC 146 26.08 -81.72 66.14
N LEU DC 147 26.60 -81.02 67.15
CA LEU DC 147 26.90 -81.67 68.42
C LEU DC 147 25.64 -82.25 69.06
N SER DC 148 24.53 -81.53 69.00
CA SER DC 148 23.29 -82.01 69.62
C SER DC 148 22.85 -83.31 68.97
N LEU DC 149 22.91 -83.39 67.64
CA LEU DC 149 22.50 -84.59 66.93
C LEU DC 149 23.49 -85.73 67.16
N GLU DC 150 24.78 -85.43 67.20
CA GLU DC 150 25.79 -86.48 67.35
C GLU DC 150 25.74 -87.10 68.74
N LEU DC 151 25.69 -86.29 69.78
CA LEU DC 151 25.74 -86.77 71.15
C LEU DC 151 24.37 -87.12 71.69
N ARG DC 152 23.29 -86.69 71.03
CA ARG DC 152 21.92 -86.97 71.47
C ARG DC 152 21.65 -86.34 72.84
N LYS DC 153 22.00 -85.06 72.96
CA LYS DC 153 21.75 -84.28 74.16
C LYS DC 153 21.27 -82.91 73.72
N PRO DC 154 20.33 -82.29 74.45
CA PRO DC 154 19.83 -80.98 74.03
C PRO DC 154 20.82 -79.87 74.38
N ILE DC 155 21.15 -79.05 73.38
CA ILE DC 155 22.00 -77.87 73.55
C ILE DC 155 21.18 -76.67 73.09
N THR DC 156 21.02 -75.69 73.96
CA THR DC 156 20.18 -74.53 73.71
C THR DC 156 21.01 -73.34 73.25
N PHE DC 157 20.42 -72.54 72.37
CA PHE DC 157 21.10 -71.42 71.71
C PHE DC 157 20.70 -70.12 72.39
N GLY DC 158 21.68 -69.46 73.01
CA GLY DC 158 21.44 -68.21 73.71
C GLY DC 158 22.35 -67.08 73.26
N VAL DC 159 22.58 -66.95 71.96
CA VAL DC 159 23.55 -66.02 71.40
C VAL DC 159 22.80 -64.87 70.74
N ILE DC 160 23.17 -63.63 71.11
CA ILE DC 160 22.52 -62.43 70.59
C ILE DC 160 23.52 -61.65 69.74
N THR DC 161 23.05 -60.57 69.14
CA THR DC 161 23.86 -59.73 68.25
C THR DC 161 23.84 -58.29 68.74
N ALA DC 162 25.01 -57.67 68.80
CA ALA DC 162 25.13 -56.30 69.28
C ALA DC 162 25.11 -55.32 68.11
N GLY EC 15 -5.59 -77.86 51.39
CA GLY EC 15 -5.72 -77.65 52.81
C GLY EC 15 -4.48 -77.00 53.43
N ASN EC 16 -4.36 -77.10 54.74
CA ASN EC 16 -3.22 -76.53 55.43
C ASN EC 16 -2.01 -77.43 55.26
N LYS EC 17 -0.83 -76.87 55.56
CA LYS EC 17 0.41 -77.60 55.34
C LYS EC 17 0.56 -78.79 56.27
N GLY EC 18 -0.20 -78.83 57.37
CA GLY EC 18 -0.25 -80.05 58.16
C GLY EC 18 -0.92 -81.18 57.40
N TRP EC 19 -1.92 -80.85 56.59
CA TRP EC 19 -2.55 -81.82 55.72
C TRP EC 19 -1.61 -82.23 54.59
N GLU EC 20 -0.98 -81.26 53.94
CA GLU EC 20 -0.08 -81.58 52.83
C GLU EC 20 1.10 -82.43 53.29
N ALA EC 21 1.65 -82.12 54.46
CA ALA EC 21 2.81 -82.86 54.93
C ALA EC 21 2.45 -84.31 55.25
N ALA EC 22 1.27 -84.53 55.81
CA ALA EC 22 0.90 -85.89 56.22
C ALA EC 22 0.67 -86.81 55.01
N LEU EC 23 0.21 -86.27 53.89
CA LEU EC 23 0.02 -87.11 52.70
C LEU EC 23 1.34 -87.68 52.21
N SER EC 24 2.38 -86.85 52.14
CA SER EC 24 3.66 -87.32 51.65
C SER EC 24 4.23 -88.43 52.52
N ALA EC 25 3.90 -88.43 53.81
CA ALA EC 25 4.36 -89.50 54.68
C ALA EC 25 3.62 -90.80 54.38
N ILE EC 26 2.34 -90.72 54.08
CA ILE EC 26 1.56 -91.91 53.72
C ILE EC 26 2.11 -92.51 52.43
N GLU EC 27 2.37 -91.67 51.44
CA GLU EC 27 2.83 -92.16 50.15
C GLU EC 27 4.24 -92.74 50.25
N MET EC 28 5.14 -92.04 50.96
CA MET EC 28 6.52 -92.49 51.03
C MET EC 28 6.68 -93.71 51.92
N ALA EC 29 5.84 -93.85 52.95
CA ALA EC 29 5.93 -95.04 53.79
C ALA EC 29 5.50 -96.28 53.04
N ASN EC 30 4.56 -96.15 52.11
CA ASN EC 30 4.15 -97.29 51.28
C ASN EC 30 5.21 -97.63 50.25
N LEU EC 31 5.83 -96.62 49.66
CA LEU EC 31 6.83 -96.84 48.63
C LEU EC 31 8.00 -97.66 49.15
N PHE EC 32 8.44 -97.37 50.38
CA PHE EC 32 9.58 -98.09 50.94
C PHE EC 32 9.26 -99.57 51.12
N LYS EC 33 8.09 -99.90 51.66
CA LYS EC 33 7.75 -101.31 51.84
C LYS EC 33 7.79 -102.08 50.53
N SER EC 34 7.48 -101.43 49.42
CA SER EC 34 7.56 -102.10 48.12
C SER EC 34 9.01 -102.28 47.68
N LEU EC 35 9.85 -101.27 47.90
CA LEU EC 35 11.23 -101.36 47.44
C LEU EC 35 11.99 -102.48 48.14
N ARG EC 36 11.83 -102.59 49.46
CA ARG EC 36 12.51 -103.64 50.22
C ARG EC 36 11.55 -104.80 50.47
N GLY EC 37 11.24 -105.50 49.39
CA GLY EC 37 10.35 -106.63 49.44
C GLY EC 37 10.46 -107.46 48.18
N THR EC 38 9.34 -108.06 47.78
CA THR EC 38 9.32 -108.88 46.58
C THR EC 38 9.45 -108.02 45.34
N GLY EC 39 9.93 -108.64 44.26
CA GLY EC 39 10.11 -107.95 43.00
C GLY EC 39 8.81 -107.80 42.24
N GLY EC 40 8.92 -107.16 41.08
CA GLY EC 40 7.79 -106.91 40.21
C GLY EC 40 7.53 -108.06 39.26
N SER EC 41 6.76 -107.77 38.22
CA SER EC 41 6.43 -108.80 37.23
C SER EC 41 7.69 -109.28 36.51
N GLY EC 42 8.59 -108.36 36.17
CA GLY EC 42 9.81 -108.70 35.48
C GLY EC 42 9.65 -108.69 33.97
N SER EC 43 10.80 -108.82 33.29
CA SER EC 43 10.87 -108.82 31.84
C SER EC 43 10.46 -107.48 31.23
N SER EC 44 10.44 -106.42 32.03
CA SER EC 44 10.10 -105.09 31.55
C SER EC 44 10.49 -104.08 32.63
N MET EC 45 10.31 -102.80 32.32
CA MET EC 45 10.63 -101.75 33.26
C MET EC 45 9.76 -101.86 34.51
N GLU EC 46 10.36 -101.60 35.67
CA GLU EC 46 9.65 -101.61 36.94
C GLU EC 46 9.36 -100.18 37.36
N ILE EC 47 8.09 -99.84 37.48
CA ILE EC 47 7.66 -98.52 37.92
C ILE EC 47 7.13 -98.65 39.35
N TYR EC 48 7.60 -97.77 40.22
CA TYR EC 48 7.23 -97.79 41.63
C TYR EC 48 6.42 -96.54 41.99
N GLU EC 49 5.54 -96.70 42.97
CA GLU EC 49 4.66 -95.64 43.40
C GLU EC 49 3.95 -96.09 44.67
N GLY EC 50 3.56 -95.13 45.50
CA GLY EC 50 2.90 -95.39 46.76
C GLY EC 50 1.44 -95.01 46.69
N LYS EC 51 0.59 -95.84 47.29
CA LYS EC 51 -0.83 -95.56 47.37
C LYS EC 51 -1.13 -94.75 48.64
N LEU EC 52 -2.35 -94.23 48.71
CA LEU EC 52 -2.77 -93.38 49.81
C LEU EC 52 -3.58 -94.13 50.86
N THR EC 53 -3.22 -95.39 51.11
CA THR EC 53 -3.76 -96.15 52.22
C THR EC 53 -2.82 -96.02 53.42
N ALA EC 54 -3.40 -96.15 54.62
CA ALA EC 54 -2.61 -95.95 55.83
C ALA EC 54 -2.94 -96.95 56.93
N GLU EC 55 -3.61 -98.05 56.61
CA GLU EC 55 -3.91 -99.06 57.60
C GLU EC 55 -2.67 -99.90 57.88
N GLY EC 56 -2.29 -99.97 59.16
CA GLY EC 56 -1.13 -100.72 59.58
C GLY EC 56 0.14 -99.91 59.77
N LEU EC 57 0.14 -98.65 59.38
CA LEU EC 57 1.32 -97.80 59.48
C LEU EC 57 1.37 -97.09 60.83
N ARG EC 58 2.59 -96.83 61.29
CA ARG EC 58 2.85 -96.09 62.51
C ARG EC 58 3.53 -94.76 62.18
N PHE EC 59 3.17 -93.72 62.91
CA PHE EC 59 3.61 -92.37 62.58
C PHE EC 59 4.08 -91.65 63.85
N GLY EC 60 4.88 -90.61 63.65
CA GLY EC 60 5.29 -89.73 64.73
C GLY EC 60 5.27 -88.29 64.31
N ILE EC 61 4.71 -87.40 65.13
CA ILE EC 61 4.59 -85.99 64.83
C ILE EC 61 5.37 -85.20 65.88
N VAL EC 62 6.21 -84.27 65.41
CA VAL EC 62 6.97 -83.38 66.28
C VAL EC 62 6.56 -81.95 65.94
N ALA EC 63 6.05 -81.23 66.94
CA ALA EC 63 5.49 -79.90 66.74
C ALA EC 63 6.07 -78.94 67.77
N SER EC 64 6.27 -77.69 67.35
CA SER EC 64 6.82 -76.64 68.20
C SER EC 64 5.69 -75.86 68.86
N ARG EC 65 6.03 -74.78 69.55
CA ARG EC 65 5.05 -73.93 70.23
C ARG EC 65 5.25 -72.49 69.78
N PHE EC 66 4.17 -71.88 69.28
CA PHE EC 66 4.16 -70.49 68.84
C PHE EC 66 2.79 -69.97 69.19
N ASN EC 67 2.73 -69.01 70.12
CA ASN EC 67 1.50 -68.69 70.85
C ASN EC 67 0.79 -70.01 71.19
N HIS EC 68 -0.54 -70.06 71.06
CA HIS EC 68 -1.24 -71.32 71.31
C HIS EC 68 -2.32 -71.59 70.27
N ALA EC 69 -2.23 -70.99 69.08
CA ALA EC 69 -3.30 -71.10 68.09
C ALA EC 69 -2.85 -71.55 66.72
N LEU EC 70 -1.74 -71.04 66.21
CA LEU EC 70 -1.42 -71.22 64.79
C LEU EC 70 -0.77 -72.56 64.49
N VAL EC 71 -0.30 -73.29 65.49
CA VAL EC 71 0.32 -74.59 65.29
C VAL EC 71 -0.65 -75.67 65.71
N ASP EC 72 -1.59 -75.33 66.60
CA ASP EC 72 -2.63 -76.28 66.94
C ASP EC 72 -3.47 -76.63 65.72
N ARG EC 73 -3.71 -75.67 64.84
CA ARG EC 73 -4.45 -75.96 63.62
C ARG EC 73 -3.67 -76.91 62.72
N LEU EC 74 -2.37 -76.69 62.55
CA LEU EC 74 -1.59 -77.54 61.67
C LEU EC 74 -1.45 -78.95 62.21
N VAL EC 75 -1.41 -79.12 63.52
CA VAL EC 75 -1.34 -80.45 64.10
C VAL EC 75 -2.67 -81.18 63.93
N GLU EC 76 -3.79 -80.47 64.08
CA GLU EC 76 -5.09 -81.11 63.90
C GLU EC 76 -5.31 -81.50 62.45
N GLY EC 77 -4.84 -80.67 61.51
CA GLY EC 77 -4.95 -81.04 60.11
C GLY EC 77 -4.17 -82.29 59.77
N ALA EC 78 -3.04 -82.50 60.45
CA ALA EC 78 -2.23 -83.69 60.20
C ALA EC 78 -2.91 -84.95 60.71
N ILE EC 79 -3.42 -84.92 61.94
CA ILE EC 79 -4.04 -86.10 62.51
C ILE EC 79 -5.30 -86.48 61.74
N ASP EC 80 -6.03 -85.48 61.22
CA ASP EC 80 -7.23 -85.77 60.44
C ASP EC 80 -6.89 -86.55 59.17
N CYS EC 81 -5.79 -86.20 58.51
CA CYS EC 81 -5.42 -86.88 57.27
C CYS EC 81 -5.14 -88.36 57.51
N ILE EC 82 -4.44 -88.68 58.59
CA ILE EC 82 -4.09 -90.07 58.85
C ILE EC 82 -5.32 -90.89 59.20
N VAL EC 83 -6.20 -90.35 60.06
CA VAL EC 83 -7.34 -91.13 60.53
C VAL EC 83 -8.35 -91.34 59.41
N ARG EC 84 -8.58 -90.32 58.58
CA ARG EC 84 -9.55 -90.45 57.51
C ARG EC 84 -9.05 -91.36 56.39
N HIS EC 85 -7.75 -91.38 56.13
CA HIS EC 85 -7.18 -92.25 55.11
C HIS EC 85 -6.91 -93.66 55.64
N GLY EC 86 -7.45 -94.01 56.80
CA GLY EC 86 -7.48 -95.38 57.26
C GLY EC 86 -6.68 -95.69 58.50
N GLY EC 87 -5.91 -94.75 59.02
CA GLY EC 87 -5.03 -95.04 60.13
C GLY EC 87 -5.74 -95.10 61.46
N ARG EC 88 -5.02 -95.58 62.47
CA ARG EC 88 -5.51 -95.70 63.83
C ARG EC 88 -4.89 -94.61 64.70
N GLU EC 89 -5.65 -94.13 65.68
CA GLU EC 89 -5.10 -93.19 66.65
C GLU EC 89 -4.14 -93.87 67.61
N GLU EC 90 -4.29 -95.17 67.82
CA GLU EC 90 -3.36 -95.89 68.68
C GLU EC 90 -1.93 -95.81 68.16
N ASP EC 91 -1.76 -95.61 66.86
CA ASP EC 91 -0.48 -95.69 66.18
C ASP EC 91 0.05 -94.32 65.78
N ILE EC 92 -0.17 -93.31 66.62
CA ILE EC 92 0.41 -92.00 66.44
C ILE EC 92 1.04 -91.57 67.76
N THR EC 93 2.24 -91.01 67.68
CA THR EC 93 2.94 -90.44 68.83
C THR EC 93 3.18 -88.96 68.55
N LEU EC 94 2.81 -88.11 69.49
CA LEU EC 94 2.93 -86.66 69.35
C LEU EC 94 3.89 -86.13 70.42
N VAL EC 95 4.84 -85.30 69.99
CA VAL EC 95 5.84 -84.72 70.87
C VAL EC 95 5.83 -83.20 70.69
N ARG EC 96 5.83 -82.46 71.79
CA ARG EC 96 5.87 -81.01 71.78
C ARG EC 96 7.22 -80.51 72.29
N VAL EC 97 7.77 -79.51 71.62
CA VAL EC 97 9.09 -78.98 71.95
C VAL EC 97 9.01 -77.46 72.06
N PRO EC 98 9.94 -76.84 72.80
CA PRO EC 98 9.84 -75.39 73.01
C PRO EC 98 9.87 -74.54 71.75
N GLY EC 99 10.66 -74.90 70.75
CA GLY EC 99 10.81 -74.03 69.60
C GLY EC 99 11.38 -74.76 68.41
N SER EC 100 11.58 -73.99 67.34
CA SER EC 100 12.04 -74.58 66.08
C SER EC 100 13.44 -75.16 66.22
N TRP EC 101 14.31 -74.50 66.97
CA TRP EC 101 15.69 -74.95 67.12
C TRP EC 101 15.78 -76.35 67.70
N GLU EC 102 14.76 -76.78 68.44
CA GLU EC 102 14.78 -78.06 69.15
C GLU EC 102 14.18 -79.20 68.36
N ILE EC 103 13.65 -78.94 67.15
CA ILE EC 103 12.99 -80.00 66.40
C ILE EC 103 13.96 -81.12 66.01
N PRO EC 104 15.11 -80.83 65.39
CA PRO EC 104 15.96 -81.94 64.91
C PRO EC 104 16.39 -82.92 65.99
N VAL EC 105 16.70 -82.46 67.19
CA VAL EC 105 17.11 -83.40 68.23
C VAL EC 105 15.94 -84.29 68.66
N ALA EC 106 14.73 -83.74 68.66
CA ALA EC 106 13.56 -84.53 69.02
C ALA EC 106 13.16 -85.47 67.88
N ALA EC 107 13.33 -85.04 66.64
CA ALA EC 107 13.05 -85.91 65.51
C ALA EC 107 13.96 -87.12 65.48
N GLY EC 108 15.21 -86.95 65.93
CA GLY EC 108 16.14 -88.07 65.93
C GLY EC 108 15.70 -89.21 66.82
N GLU EC 109 15.17 -88.88 67.99
CA GLU EC 109 14.78 -89.93 68.94
C GLU EC 109 13.67 -90.80 68.36
N LEU EC 110 12.67 -90.21 67.72
CA LEU EC 110 11.59 -91.00 67.15
C LEU EC 110 12.06 -91.83 65.96
N ALA EC 111 12.85 -91.24 65.08
CA ALA EC 111 13.27 -91.94 63.87
C ALA EC 111 14.13 -93.15 64.16
N ARG EC 112 14.73 -93.22 65.35
CA ARG EC 112 15.54 -94.37 65.72
C ARG EC 112 14.72 -95.51 66.31
N LYS EC 113 13.43 -95.31 66.54
CA LYS EC 113 12.58 -96.37 67.09
C LYS EC 113 12.20 -97.34 65.97
N GLU EC 114 12.26 -98.63 66.30
CA GLU EC 114 12.01 -99.67 65.29
C GLU EC 114 10.57 -99.69 64.82
N ASP EC 115 9.64 -99.11 65.58
CA ASP EC 115 8.22 -99.19 65.30
C ASP EC 115 7.63 -97.87 64.81
N ILE EC 116 8.41 -97.11 64.05
CA ILE EC 116 7.94 -95.88 63.41
C ILE EC 116 8.36 -95.92 61.95
N ASP EC 117 7.45 -95.53 61.06
CA ASP EC 117 7.66 -95.65 59.63
C ASP EC 117 7.94 -94.32 58.94
N ALA EC 118 7.45 -93.21 59.49
CA ALA EC 118 7.78 -91.89 58.99
C ALA EC 118 7.53 -90.88 60.09
N VAL EC 119 8.06 -89.67 59.90
CA VAL EC 119 7.99 -88.61 60.90
C VAL EC 119 7.60 -87.31 60.21
N ILE EC 120 6.66 -86.57 60.82
CA ILE EC 120 6.21 -85.29 60.31
C ILE EC 120 6.69 -84.20 61.26
N ALA EC 121 7.28 -83.15 60.72
CA ALA EC 121 7.78 -82.02 61.49
C ALA EC 121 6.98 -80.77 61.15
N ILE EC 122 6.43 -80.13 62.17
CA ILE EC 122 5.58 -78.95 62.01
C ILE EC 122 6.16 -77.83 62.86
N GLY EC 123 6.28 -76.65 62.28
CA GLY EC 123 6.85 -75.54 63.01
C GLY EC 123 6.52 -74.21 62.37
N VAL EC 124 7.01 -73.16 63.02
CA VAL EC 124 6.80 -71.78 62.57
C VAL EC 124 8.14 -71.07 62.60
N LEU EC 125 8.58 -70.56 61.46
CA LEU EC 125 9.78 -69.76 61.36
C LEU EC 125 9.38 -68.29 61.25
N ILE EC 126 9.91 -67.46 62.13
CA ILE EC 126 9.52 -66.06 62.22
C ILE EC 126 10.63 -65.21 61.61
N ARG EC 127 11.33 -65.78 60.64
CA ARG EC 127 12.43 -65.08 59.98
C ARG EC 127 11.94 -63.77 59.38
N GLY EC 128 12.90 -62.89 59.09
CA GLY EC 128 12.60 -61.57 58.57
C GLY EC 128 12.35 -60.52 59.63
N ALA EC 129 12.71 -60.78 60.88
CA ALA EC 129 12.48 -59.85 61.98
C ALA EC 129 13.77 -59.31 62.58
N THR EC 130 14.65 -60.19 63.05
CA THR EC 130 15.86 -59.78 63.76
C THR EC 130 16.85 -60.93 63.70
N PRO EC 131 18.15 -60.65 63.78
CA PRO EC 131 19.11 -61.74 63.99
C PRO EC 131 18.77 -62.51 65.26
N HIS EC 132 19.44 -63.64 65.43
CA HIS EC 132 19.10 -64.73 66.34
C HIS EC 132 18.01 -65.61 65.75
N PHE EC 133 17.38 -65.21 64.64
CA PHE EC 133 16.35 -66.01 63.99
C PHE EC 133 16.63 -66.27 62.52
N ASP EC 134 17.48 -65.46 61.88
CA ASP EC 134 17.97 -65.81 60.55
C ASP EC 134 19.02 -66.92 60.62
N TYR EC 135 19.57 -67.19 61.79
CA TYR EC 135 20.52 -68.28 61.96
C TYR EC 135 19.84 -69.58 62.35
N ILE EC 136 18.74 -69.51 63.08
CA ILE EC 136 18.03 -70.72 63.48
C ILE EC 136 17.39 -71.38 62.27
N ALA EC 137 16.85 -70.58 61.35
CA ALA EC 137 16.13 -71.14 60.21
C ALA EC 137 17.02 -72.02 59.35
N SER EC 138 18.26 -71.58 59.11
CA SER EC 138 19.13 -72.32 58.21
C SER EC 138 19.53 -73.66 58.79
N GLU EC 139 19.57 -73.80 60.10
CA GLU EC 139 20.00 -75.05 60.72
C GLU EC 139 18.87 -76.06 60.86
N VAL EC 140 17.62 -75.63 60.87
CA VAL EC 140 16.51 -76.57 61.02
C VAL EC 140 16.34 -77.41 59.76
N SER EC 141 16.47 -76.79 58.59
CA SER EC 141 16.32 -77.54 57.34
C SER EC 141 17.45 -78.54 57.16
N LYS EC 142 18.67 -78.17 57.52
CA LYS EC 142 19.81 -79.05 57.32
C LYS EC 142 19.73 -80.28 58.20
N GLY EC 143 19.29 -80.13 59.45
CA GLY EC 143 19.26 -81.27 60.36
C GLY EC 143 18.28 -82.34 59.93
N LEU EC 144 17.08 -81.94 59.50
CA LEU EC 144 16.12 -82.92 59.02
C LEU EC 144 16.61 -83.59 57.75
N ALA EC 145 17.24 -82.84 56.86
CA ALA EC 145 17.76 -83.44 55.63
C ALA EC 145 18.82 -84.49 55.94
N ASN EC 146 19.73 -84.20 56.86
CA ASN EC 146 20.78 -85.15 57.18
C ASN EC 146 20.23 -86.39 57.86
N LEU EC 147 19.24 -86.21 58.74
CA LEU EC 147 18.72 -87.34 59.50
C LEU EC 147 18.11 -88.39 58.58
N SER EC 148 17.40 -87.96 57.55
CA SER EC 148 16.76 -88.91 56.65
C SER EC 148 17.80 -89.73 55.88
N LEU EC 149 18.85 -89.08 55.38
CA LEU EC 149 19.87 -89.80 54.64
C LEU EC 149 20.75 -90.66 55.54
N GLU EC 150 20.74 -90.43 56.84
CA GLU EC 150 21.58 -91.17 57.77
C GLU EC 150 20.85 -92.32 58.43
N LEU EC 151 19.54 -92.22 58.61
CA LEU EC 151 18.75 -93.28 59.23
C LEU EC 151 17.87 -94.04 58.25
N ARG EC 152 17.73 -93.55 57.03
CA ARG EC 152 16.97 -94.24 55.99
C ARG EC 152 15.49 -94.35 56.37
N LYS EC 153 14.93 -93.23 56.84
CA LYS EC 153 13.53 -93.15 57.20
C LYS EC 153 13.06 -91.78 56.71
N PRO EC 154 11.99 -91.70 55.93
CA PRO EC 154 11.56 -90.40 55.41
C PRO EC 154 11.08 -89.46 56.50
N ILE EC 155 11.34 -88.17 56.30
CA ILE EC 155 10.91 -87.11 57.19
C ILE EC 155 10.37 -85.97 56.34
N THR EC 156 9.19 -85.48 56.67
CA THR EC 156 8.49 -84.50 55.84
C THR EC 156 8.50 -83.14 56.53
N PHE EC 157 8.50 -82.09 55.72
CA PHE EC 157 8.74 -80.72 56.14
C PHE EC 157 7.43 -79.96 56.14
N GLY EC 158 7.04 -79.44 57.30
CA GLY EC 158 5.76 -78.78 57.45
C GLY EC 158 5.81 -77.42 58.11
N VAL EC 159 6.80 -76.61 57.78
CA VAL EC 159 7.05 -75.34 58.47
C VAL EC 159 6.43 -74.20 57.68
N ILE EC 160 5.79 -73.28 58.40
CA ILE EC 160 5.22 -72.07 57.84
C ILE EC 160 6.12 -70.90 58.19
N THR EC 161 5.82 -69.74 57.60
CA THR EC 161 6.50 -68.49 57.93
C THR EC 161 5.48 -67.54 58.53
N ALA EC 162 5.76 -67.06 59.75
CA ALA EC 162 4.86 -66.15 60.44
C ALA EC 162 4.74 -64.84 59.67
N ASN FC 16 14.94 -82.16 26.43
CA ASN FC 16 15.85 -81.01 26.40
C ASN FC 16 17.05 -81.27 27.31
N LYS FC 17 16.81 -81.18 28.62
CA LYS FC 17 17.83 -81.42 29.62
C LYS FC 17 17.73 -82.80 30.24
N GLY FC 18 16.91 -83.68 29.66
CA GLY FC 18 16.79 -85.04 30.14
C GLY FC 18 17.82 -85.95 29.52
N TRP FC 19 18.06 -85.77 28.21
CA TRP FC 19 19.08 -86.58 27.55
C TRP FC 19 20.48 -86.19 28.01
N GLU FC 20 20.71 -84.91 28.32
CA GLU FC 20 22.03 -84.50 28.77
C GLU FC 20 22.41 -85.19 30.07
N ALA FC 21 21.46 -85.31 30.99
CA ALA FC 21 21.72 -86.08 32.20
C ALA FC 21 22.02 -87.53 31.87
N ALA FC 22 21.30 -88.10 30.90
CA ALA FC 22 21.54 -89.49 30.51
C ALA FC 22 22.94 -89.69 29.94
N LEU FC 23 23.39 -88.76 29.10
CA LEU FC 23 24.72 -88.88 28.52
C LEU FC 23 25.79 -88.92 29.61
N SER FC 24 25.70 -88.00 30.57
CA SER FC 24 26.72 -87.92 31.60
C SER FC 24 26.77 -89.19 32.44
N ALA FC 25 25.61 -89.79 32.70
CA ALA FC 25 25.59 -91.03 33.48
C ALA FC 25 26.31 -92.15 32.76
N ILE FC 26 26.17 -92.23 31.44
CA ILE FC 26 26.81 -93.30 30.69
C ILE FC 26 28.32 -93.15 30.73
N GLU FC 27 28.82 -91.94 30.46
CA GLU FC 27 30.26 -91.71 30.44
C GLU FC 27 30.88 -92.01 31.80
N MET FC 28 30.27 -91.50 32.86
CA MET FC 28 30.81 -91.70 34.20
C MET FC 28 30.80 -93.18 34.57
N ALA FC 29 29.72 -93.88 34.26
CA ALA FC 29 29.63 -95.30 34.62
C ALA FC 29 30.74 -96.09 33.95
N ASN FC 30 31.00 -95.82 32.67
CA ASN FC 30 32.06 -96.51 31.96
C ASN FC 30 33.44 -96.09 32.48
N LEU FC 31 33.61 -94.80 32.79
CA LEU FC 31 34.91 -94.32 33.26
C LEU FC 31 35.37 -95.05 34.51
N PHE FC 32 34.43 -95.35 35.41
CA PHE FC 32 34.81 -95.97 36.67
C PHE FC 32 35.24 -97.42 36.47
N LYS FC 33 34.73 -98.10 35.45
CA LYS FC 33 35.22 -99.43 35.13
C LYS FC 33 36.69 -99.39 34.73
N SER FC 34 37.08 -98.36 33.96
CA SER FC 34 38.47 -98.23 33.55
C SER FC 34 39.38 -98.05 34.75
N LEU FC 35 39.02 -97.13 35.65
CA LEU FC 35 39.89 -96.83 36.78
C LEU FC 35 40.10 -98.04 37.68
N ARG FC 36 39.03 -98.81 37.92
CA ARG FC 36 39.13 -99.95 38.81
C ARG FC 36 40.12 -100.98 38.29
N GLY FC 37 40.29 -101.07 36.97
CA GLY FC 37 41.19 -102.05 36.40
C GLY FC 37 42.65 -101.69 36.60
N THR FC 38 43.50 -102.64 36.26
CA THR FC 38 44.93 -102.45 36.41
C THR FC 38 45.45 -101.44 35.39
N GLY FC 39 46.57 -100.80 35.74
CA GLY FC 39 47.15 -99.80 34.86
C GLY FC 39 47.78 -100.43 33.62
N GLY FC 40 48.02 -99.57 32.63
CA GLY FC 40 48.60 -99.99 31.38
C GLY FC 40 50.12 -99.91 31.39
N SER FC 41 50.68 -99.80 30.18
CA SER FC 41 52.12 -99.71 30.01
C SER FC 41 52.42 -98.96 28.72
N GLY FC 42 53.66 -98.50 28.61
CA GLY FC 42 54.09 -97.74 27.44
C GLY FC 42 55.05 -96.62 27.79
N SER FC 43 55.15 -96.29 29.07
CA SER FC 43 56.05 -95.23 29.55
C SER FC 43 55.67 -93.88 28.91
N SER FC 44 54.41 -93.50 29.12
CA SER FC 44 53.91 -92.22 28.63
C SER FC 44 52.71 -91.83 29.46
N MET FC 45 52.24 -90.60 29.24
CA MET FC 45 51.10 -90.08 29.97
C MET FC 45 49.88 -90.97 29.73
N GLU FC 46 49.21 -91.36 30.82
CA GLU FC 46 48.03 -92.22 30.76
C GLU FC 46 46.79 -91.34 30.80
N ILE FC 47 46.05 -91.32 29.70
CA ILE FC 47 44.82 -90.53 29.59
C ILE FC 47 43.64 -91.47 29.76
N TYR FC 48 42.76 -91.16 30.71
CA TYR FC 48 41.55 -91.92 30.95
C TYR FC 48 40.35 -91.13 30.43
N GLU FC 49 39.37 -91.86 29.88
CA GLU FC 49 38.12 -91.25 29.46
C GLU FC 49 37.08 -92.35 29.35
N GLY FC 50 35.81 -91.94 29.29
CA GLY FC 50 34.70 -92.86 29.25
C GLY FC 50 34.11 -92.97 27.86
N LYS FC 51 33.65 -94.17 27.52
CA LYS FC 51 33.01 -94.45 26.25
C LYS FC 51 31.49 -94.26 26.36
N LEU FC 52 30.86 -94.06 25.22
CA LEU FC 52 29.43 -93.76 25.18
C LEU FC 52 28.56 -94.98 24.96
N THR FC 53 29.13 -96.19 25.00
CA THR FC 53 28.31 -97.39 24.94
C THR FC 53 27.49 -97.53 26.21
N ALA FC 54 26.34 -98.19 26.10
CA ALA FC 54 25.42 -98.37 27.21
C ALA FC 54 25.12 -99.82 27.54
N GLU FC 55 25.68 -100.76 26.80
CA GLU FC 55 25.30 -102.16 26.98
C GLU FC 55 25.81 -102.70 28.30
N GLY FC 56 24.99 -103.52 28.95
CA GLY FC 56 25.38 -104.15 30.20
C GLY FC 56 25.40 -103.23 31.39
N LEU FC 57 24.59 -102.17 31.37
CA LEU FC 57 24.56 -101.19 32.46
C LEU FC 57 23.15 -101.08 33.01
N ARG FC 58 23.06 -101.00 34.34
CA ARG FC 58 21.79 -100.87 35.05
C ARG FC 58 21.66 -99.44 35.56
N PHE FC 59 20.53 -98.82 35.28
CA PHE FC 59 20.29 -97.42 35.61
C PHE FC 59 19.14 -97.30 36.60
N GLY FC 60 18.98 -96.09 37.12
CA GLY FC 60 17.85 -95.77 37.97
C GLY FC 60 17.44 -94.34 37.75
N ILE FC 61 16.15 -94.08 37.85
CA ILE FC 61 15.61 -92.73 37.68
C ILE FC 61 14.65 -92.44 38.82
N VAL FC 62 14.77 -91.24 39.40
CA VAL FC 62 13.85 -90.73 40.41
C VAL FC 62 13.29 -89.42 39.90
N ALA FC 63 11.96 -89.31 39.87
CA ALA FC 63 11.28 -88.14 39.34
C ALA FC 63 10.16 -87.70 40.29
N SER FC 64 9.76 -86.45 40.15
CA SER FC 64 8.75 -85.84 41.01
C SER FC 64 7.48 -85.53 40.22
N ARG FC 65 6.35 -85.50 40.92
CA ARG FC 65 5.05 -85.32 40.29
C ARG FC 65 4.62 -83.86 40.18
N PHE FC 66 5.35 -82.93 40.78
CA PHE FC 66 5.01 -81.52 40.65
C PHE FC 66 5.21 -81.07 39.21
N ASN FC 67 4.27 -80.29 38.71
CA ASN FC 67 4.29 -79.82 37.32
C ASN FC 67 4.60 -80.97 36.38
N HIS FC 68 3.73 -81.99 36.44
CA HIS FC 68 4.00 -83.22 35.71
C HIS FC 68 4.03 -83.02 34.21
N ALA FC 69 3.49 -81.91 33.71
CA ALA FC 69 3.52 -81.65 32.27
C ALA FC 69 4.95 -81.58 31.76
N LEU FC 70 5.78 -80.74 32.40
CA LEU FC 70 7.16 -80.60 31.96
C LEU FC 70 8.03 -81.78 32.39
N VAL FC 71 7.72 -82.40 33.52
CA VAL FC 71 8.55 -83.50 34.00
C VAL FC 71 8.40 -84.72 33.10
N ASP FC 72 7.18 -84.98 32.62
CA ASP FC 72 6.95 -86.17 31.82
C ASP FC 72 7.79 -86.14 30.55
N ARG FC 73 7.93 -84.97 29.93
CA ARG FC 73 8.77 -84.86 28.74
C ARG FC 73 10.21 -85.23 29.05
N LEU FC 74 10.74 -84.71 30.16
CA LEU FC 74 12.14 -84.96 30.49
C LEU FC 74 12.39 -86.44 30.77
N VAL FC 75 11.47 -87.09 31.48
CA VAL FC 75 11.66 -88.49 31.84
C VAL FC 75 11.75 -89.35 30.60
N GLU FC 76 10.87 -89.11 29.63
CA GLU FC 76 10.90 -89.89 28.39
C GLU FC 76 12.22 -89.72 27.67
N GLY FC 77 12.71 -88.48 27.58
CA GLY FC 77 13.97 -88.25 26.88
C GLY FC 77 15.12 -89.01 27.50
N ALA FC 78 15.06 -89.29 28.80
CA ALA FC 78 16.11 -90.06 29.44
C ALA FC 78 16.18 -91.47 28.87
N ILE FC 79 15.03 -92.14 28.74
CA ILE FC 79 15.03 -93.48 28.19
C ILE FC 79 15.36 -93.46 26.71
N ASP FC 80 15.00 -92.38 26.00
CA ASP FC 80 15.30 -92.29 24.58
C ASP FC 80 16.80 -92.37 24.32
N CYS FC 81 17.59 -91.67 25.12
CA CYS FC 81 19.04 -91.63 24.89
C CYS FC 81 19.77 -92.84 25.47
N ILE FC 82 19.09 -93.68 26.26
CA ILE FC 82 19.73 -94.89 26.75
C ILE FC 82 19.61 -96.00 25.72
N VAL FC 83 18.43 -96.16 25.12
CA VAL FC 83 18.24 -97.22 24.14
C VAL FC 83 19.10 -96.98 22.91
N ARG FC 84 19.28 -95.73 22.52
CA ARG FC 84 20.04 -95.42 21.32
C ARG FC 84 21.47 -95.94 21.43
N HIS FC 85 22.10 -95.75 22.58
CA HIS FC 85 23.47 -96.17 22.80
C HIS FC 85 23.57 -97.58 23.35
N GLY FC 86 22.55 -98.40 23.11
CA GLY FC 86 22.54 -99.77 23.59
C GLY FC 86 21.60 -99.93 24.76
N GLY FC 87 21.95 -100.81 25.70
CA GLY FC 87 21.08 -100.98 26.84
C GLY FC 87 19.74 -101.57 26.44
N ARG FC 88 18.77 -101.44 27.35
CA ARG FC 88 17.45 -101.99 27.13
C ARG FC 88 16.57 -101.59 28.30
N GLU FC 89 15.25 -101.67 28.08
CA GLU FC 89 14.29 -101.25 29.09
C GLU FC 89 14.31 -102.16 30.32
N GLU FC 90 14.79 -103.40 30.18
CA GLU FC 90 14.77 -104.34 31.29
C GLU FC 90 15.78 -103.98 32.38
N ASP FC 91 16.74 -103.10 32.10
CA ASP FC 91 17.75 -102.68 33.06
C ASP FC 91 17.51 -101.24 33.52
N ILE FC 92 16.25 -100.86 33.70
CA ILE FC 92 15.87 -99.55 34.21
C ILE FC 92 14.85 -99.73 35.33
N THR FC 93 15.01 -98.96 36.40
CA THR FC 93 14.01 -98.83 37.45
C THR FC 93 13.61 -97.37 37.54
N LEU FC 94 12.31 -97.11 37.69
CA LEU FC 94 11.79 -95.75 37.80
C LEU FC 94 11.01 -95.62 39.10
N VAL FC 95 11.32 -94.58 39.87
CA VAL FC 95 10.67 -94.27 41.13
C VAL FC 95 10.10 -92.87 41.05
N ARG FC 96 8.87 -92.70 41.52
CA ARG FC 96 8.20 -91.40 41.50
C ARG FC 96 7.88 -90.98 42.93
N VAL FC 97 8.13 -89.71 43.24
CA VAL FC 97 8.00 -89.21 44.60
C VAL FC 97 7.10 -87.98 44.60
N PRO FC 98 6.49 -87.66 45.75
CA PRO FC 98 5.54 -86.54 45.76
C PRO FC 98 6.15 -85.21 45.37
N GLY FC 99 7.39 -84.93 45.77
CA GLY FC 99 7.96 -83.61 45.54
C GLY FC 99 9.47 -83.64 45.61
N SER FC 100 10.05 -82.46 45.44
CA SER FC 100 11.51 -82.34 45.40
C SER FC 100 12.15 -82.74 46.72
N TRP FC 101 11.53 -82.35 47.85
CA TRP FC 101 12.15 -82.60 49.14
C TRP FC 101 12.43 -84.08 49.36
N GLU FC 102 11.69 -84.96 48.71
CA GLU FC 102 11.80 -86.39 48.94
C GLU FC 102 12.75 -87.10 47.98
N ILE FC 103 13.36 -86.39 47.03
CA ILE FC 103 14.26 -87.06 46.08
C ILE FC 103 15.46 -87.69 46.76
N PRO FC 104 16.24 -86.97 47.59
CA PRO FC 104 17.51 -87.55 48.08
C PRO FC 104 17.35 -88.83 48.87
N VAL FC 105 16.30 -88.99 49.66
CA VAL FC 105 16.18 -90.20 50.46
C VAL FC 105 15.88 -91.40 49.57
N ALA FC 106 15.09 -91.20 48.51
CA ALA FC 106 14.83 -92.28 47.58
C ALA FC 106 16.07 -92.62 46.75
N ALA FC 107 16.76 -91.59 46.23
CA ALA FC 107 17.96 -91.82 45.45
C ALA FC 107 19.01 -92.55 46.27
N GLY FC 108 19.01 -92.37 47.59
CA GLY FC 108 19.92 -93.12 48.43
C GLY FC 108 19.60 -94.59 48.45
N GLU FC 109 18.30 -94.92 48.48
CA GLU FC 109 17.90 -96.32 48.51
C GLU FC 109 18.32 -97.04 47.25
N LEU FC 110 18.16 -96.40 46.09
CA LEU FC 110 18.55 -97.02 44.83
C LEU FC 110 20.06 -97.23 44.76
N ALA FC 111 20.84 -96.23 45.15
CA ALA FC 111 22.28 -96.30 44.98
C ALA FC 111 22.91 -97.36 45.89
N ARG FC 112 22.35 -97.59 47.07
CA ARG FC 112 22.91 -98.57 47.98
C ARG FC 112 22.73 -100.01 47.50
N LYS FC 113 21.94 -100.23 46.46
CA LYS FC 113 21.86 -101.55 45.86
C LYS FC 113 23.20 -101.91 45.20
N GLU FC 114 23.49 -103.20 45.17
CA GLU FC 114 24.72 -103.70 44.58
C GLU FC 114 24.60 -103.97 43.09
N ASP FC 115 23.45 -103.69 42.50
CA ASP FC 115 23.17 -103.97 41.10
C ASP FC 115 22.72 -102.72 40.37
N ILE FC 116 23.30 -101.57 40.71
CA ILE FC 116 23.03 -100.29 40.06
C ILE FC 116 24.35 -99.62 39.76
N ASP FC 117 24.42 -98.94 38.61
CA ASP FC 117 25.63 -98.29 38.15
C ASP FC 117 25.56 -96.77 38.14
N ALA FC 118 24.39 -96.20 37.85
CA ALA FC 118 24.23 -94.76 37.88
C ALA FC 118 22.79 -94.43 38.27
N VAL FC 119 22.59 -93.22 38.79
CA VAL FC 119 21.28 -92.72 39.17
C VAL FC 119 21.08 -91.37 38.52
N ILE FC 120 19.88 -91.13 37.99
CA ILE FC 120 19.52 -89.88 37.34
C ILE FC 120 18.36 -89.28 38.13
N ALA FC 121 18.48 -87.99 38.45
CA ALA FC 121 17.47 -87.27 39.22
C ALA FC 121 16.86 -86.18 38.35
N ILE FC 122 15.53 -86.18 38.26
CA ILE FC 122 14.79 -85.23 37.44
C ILE FC 122 13.73 -84.57 38.30
N GLY FC 123 13.59 -83.25 38.16
CA GLY FC 123 12.60 -82.54 38.94
C GLY FC 123 12.52 -81.08 38.51
N VAL FC 124 11.62 -80.35 39.16
CA VAL FC 124 11.40 -78.94 38.88
C VAL FC 124 11.40 -78.17 40.20
N LEU FC 125 12.05 -77.01 40.21
CA LEU FC 125 12.16 -76.16 41.38
C LEU FC 125 11.43 -74.86 41.13
N ILE FC 126 11.27 -74.08 42.20
CA ILE FC 126 10.61 -72.78 42.16
C ILE FC 126 11.59 -71.74 42.69
N ARG FC 127 11.81 -70.68 41.93
CA ARG FC 127 12.73 -69.61 42.31
C ARG FC 127 12.01 -68.40 42.88
N GLY FC 128 11.04 -67.84 42.15
CA GLY FC 128 10.32 -66.67 42.60
C GLY FC 128 9.19 -67.01 43.55
N ALA FC 129 9.53 -67.34 44.79
CA ALA FC 129 8.53 -67.70 45.79
C ALA FC 129 9.04 -67.24 47.16
N THR FC 130 8.34 -67.66 48.21
CA THR FC 130 8.71 -67.29 49.56
C THR FC 130 9.98 -68.02 49.99
N PRO FC 131 10.63 -67.57 51.07
CA PRO FC 131 11.86 -68.25 51.52
C PRO FC 131 11.64 -69.70 51.89
N HIS FC 132 10.39 -70.13 52.10
CA HIS FC 132 10.13 -71.54 52.39
C HIS FC 132 10.67 -72.43 51.27
N PHE FC 133 10.37 -72.07 50.02
CA PHE FC 133 10.91 -72.82 48.89
C PHE FC 133 12.42 -72.68 48.79
N ASP FC 134 12.96 -71.55 49.27
CA ASP FC 134 14.41 -71.36 49.26
C ASP FC 134 15.13 -72.32 50.19
N TYR FC 135 14.41 -72.99 51.09
CA TYR FC 135 15.01 -74.00 51.95
C TYR FC 135 15.00 -75.38 51.31
N ILE FC 136 13.90 -75.76 50.67
CA ILE FC 136 13.88 -77.02 49.93
C ILE FC 136 14.87 -76.97 48.78
N ALA FC 137 15.03 -75.81 48.16
CA ALA FC 137 15.88 -75.70 46.98
C ALA FC 137 17.32 -76.03 47.31
N SER FC 138 17.83 -75.56 48.44
CA SER FC 138 19.25 -75.74 48.74
C SER FC 138 19.56 -77.17 49.15
N GLU FC 139 18.67 -77.79 49.94
CA GLU FC 139 18.98 -79.10 50.51
C GLU FC 139 19.02 -80.18 49.44
N VAL FC 140 18.22 -80.05 48.37
CA VAL FC 140 18.18 -81.10 47.36
C VAL FC 140 19.53 -81.20 46.65
N SER FC 141 20.14 -80.07 46.30
CA SER FC 141 21.44 -80.11 45.67
C SER FC 141 22.51 -80.66 46.61
N LYS FC 142 22.48 -80.23 47.88
CA LYS FC 142 23.51 -80.65 48.83
C LYS FC 142 23.45 -82.15 49.06
N GLY FC 143 22.25 -82.71 49.22
CA GLY FC 143 22.14 -84.12 49.57
C GLY FC 143 22.68 -85.04 48.48
N LEU FC 144 22.35 -84.73 47.22
CA LEU FC 144 22.79 -85.59 46.14
C LEU FC 144 24.30 -85.60 46.01
N ALA FC 145 24.94 -84.44 46.16
CA ALA FC 145 26.39 -84.37 46.07
C ALA FC 145 27.05 -85.20 47.16
N ASN FC 146 26.54 -85.13 48.38
CA ASN FC 146 27.12 -85.88 49.48
C ASN FC 146 27.02 -87.37 49.23
N LEU FC 147 25.89 -87.84 48.71
CA LEU FC 147 25.71 -89.26 48.44
C LEU FC 147 26.70 -89.75 47.39
N SER FC 148 26.94 -88.96 46.35
CA SER FC 148 27.80 -89.40 45.28
C SER FC 148 29.22 -89.67 45.78
N LEU FC 149 29.63 -89.05 46.88
CA LEU FC 149 30.97 -89.23 47.41
C LEU FC 149 31.03 -90.28 48.51
N GLU FC 150 29.95 -90.49 49.25
CA GLU FC 150 29.95 -91.51 50.29
C GLU FC 150 29.86 -92.91 49.70
N LEU FC 151 29.03 -93.09 48.68
CA LEU FC 151 28.81 -94.39 48.07
C LEU FC 151 29.75 -94.66 46.90
N ARG FC 152 30.50 -93.66 46.45
CA ARG FC 152 31.41 -93.82 45.31
C ARG FC 152 30.66 -94.33 44.08
N LYS FC 153 29.63 -93.57 43.70
CA LYS FC 153 28.75 -93.96 42.61
C LYS FC 153 28.16 -92.69 42.00
N PRO FC 154 28.23 -92.52 40.68
CA PRO FC 154 27.74 -91.27 40.09
C PRO FC 154 26.24 -91.09 40.26
N ILE FC 155 25.84 -89.83 40.43
CA ILE FC 155 24.45 -89.44 40.55
C ILE FC 155 24.31 -88.11 39.81
N THR FC 156 23.71 -88.13 38.64
CA THR FC 156 23.63 -86.95 37.81
C THR FC 156 22.45 -86.08 38.23
N PHE FC 157 22.57 -84.78 37.93
CA PHE FC 157 21.69 -83.74 38.46
C PHE FC 157 20.97 -83.08 37.29
N GLY FC 158 19.77 -83.53 37.00
CA GLY FC 158 18.97 -82.98 35.91
C GLY FC 158 17.89 -82.02 36.32
N VAL FC 159 17.91 -81.52 37.56
CA VAL FC 159 16.87 -80.63 38.02
C VAL FC 159 16.92 -79.33 37.24
N ILE FC 160 15.74 -78.77 36.95
CA ILE FC 160 15.62 -77.51 36.23
C ILE FC 160 14.83 -76.52 37.08
N THR FC 161 14.61 -75.32 36.57
CA THR FC 161 13.87 -74.28 37.28
C THR FC 161 12.76 -73.76 36.38
N ALA FC 162 11.73 -73.22 37.02
CA ALA FC 162 10.58 -72.67 36.30
C ALA FC 162 10.86 -71.25 35.85
N THR GC 12 55.19 -68.72 38.52
CA THR GC 12 56.49 -68.08 38.43
C THR GC 12 56.44 -66.90 37.47
N LYS GC 13 56.28 -67.19 36.17
CA LYS GC 13 56.23 -66.17 35.14
C LYS GC 13 55.04 -66.28 34.21
N HIS GC 14 54.58 -67.50 33.90
CA HIS GC 14 53.54 -67.66 32.89
C HIS GC 14 52.25 -66.95 33.31
N GLY GC 15 51.76 -67.25 34.52
CA GLY GC 15 50.68 -66.52 35.12
C GLY GC 15 49.31 -67.18 35.00
N ASN GC 16 49.09 -68.00 33.98
CA ASN GC 16 47.78 -68.63 33.83
C ASN GC 16 47.50 -69.59 34.97
N LYS GC 17 46.22 -69.72 35.33
CA LYS GC 17 45.88 -70.41 36.56
C LYS GC 17 46.33 -71.86 36.56
N GLY GC 18 46.59 -72.45 35.40
CA GLY GC 18 47.18 -73.77 35.37
C GLY GC 18 48.59 -73.77 35.94
N TRP GC 19 49.38 -72.75 35.59
CA TRP GC 19 50.72 -72.65 36.15
C TRP GC 19 50.68 -72.46 37.66
N GLU GC 20 49.85 -71.53 38.13
CA GLU GC 20 49.77 -71.26 39.56
C GLU GC 20 49.27 -72.47 40.33
N ALA GC 21 48.24 -73.14 39.81
CA ALA GC 21 47.70 -74.31 40.50
C ALA GC 21 48.73 -75.42 40.62
N ALA GC 22 49.63 -75.54 39.64
CA ALA GC 22 50.65 -76.58 39.72
C ALA GC 22 51.76 -76.23 40.71
N LEU GC 23 52.07 -74.95 40.88
CA LEU GC 23 53.10 -74.56 41.85
C LEU GC 23 52.69 -74.95 43.26
N SER GC 24 51.42 -74.74 43.60
CA SER GC 24 50.94 -75.13 44.92
C SER GC 24 51.09 -76.62 45.13
N ALA GC 25 50.75 -77.42 44.12
CA ALA GC 25 50.81 -78.87 44.26
C ALA GC 25 52.24 -79.35 44.48
N ILE GC 26 53.20 -78.74 43.80
CA ILE GC 26 54.59 -79.16 43.96
C ILE GC 26 55.08 -78.85 45.37
N GLU GC 27 54.63 -77.72 45.93
CA GLU GC 27 55.10 -77.32 47.26
C GLU GC 27 54.44 -78.16 48.35
N MET GC 28 53.14 -78.42 48.22
CA MET GC 28 52.45 -79.21 49.25
C MET GC 28 52.91 -80.65 49.24
N ALA GC 29 53.24 -81.20 48.07
CA ALA GC 29 53.77 -82.56 48.00
C ALA GC 29 55.12 -82.65 48.71
N ASN GC 30 55.95 -81.62 48.60
CA ASN GC 30 57.24 -81.63 49.27
C ASN GC 30 57.08 -81.43 50.78
N LEU GC 31 56.12 -80.59 51.18
CA LEU GC 31 55.94 -80.30 52.60
C LEU GC 31 55.58 -81.55 53.39
N PHE GC 32 54.73 -82.40 52.82
CA PHE GC 32 54.22 -83.55 53.57
C PHE GC 32 55.33 -84.57 53.85
N LYS GC 33 56.25 -84.76 52.91
CA LYS GC 33 57.38 -85.64 53.19
C LYS GC 33 58.22 -85.11 54.35
N SER GC 34 58.44 -83.79 54.39
CA SER GC 34 59.19 -83.21 55.51
C SER GC 34 58.49 -83.49 56.83
N LEU GC 35 57.17 -83.33 56.87
CA LEU GC 35 56.43 -83.56 58.11
C LEU GC 35 56.53 -85.02 58.54
N ARG GC 36 56.38 -85.95 57.59
CA ARG GC 36 56.39 -87.36 57.94
C ARG GC 36 57.78 -87.88 58.29
N GLY GC 37 58.82 -87.15 57.92
CA GLY GC 37 60.17 -87.65 58.12
C GLY GC 37 60.59 -87.70 59.57
N THR GC 38 60.82 -86.54 60.17
CA THR GC 38 61.29 -86.46 61.55
C THR GC 38 61.36 -84.98 61.92
N GLY GC 39 61.60 -84.73 63.21
CA GLY GC 39 61.79 -83.39 63.70
C GLY GC 39 63.20 -82.90 63.50
N GLY GC 40 63.43 -81.65 63.93
CA GLY GC 40 64.73 -81.04 63.82
C GLY GC 40 65.69 -81.53 64.89
N SER GC 41 66.91 -80.99 64.83
CA SER GC 41 67.93 -81.37 65.82
C SER GC 41 67.50 -80.98 67.22
N GLY GC 42 66.93 -79.79 67.38
CA GLY GC 42 66.47 -79.31 68.66
C GLY GC 42 67.19 -78.04 69.08
N SER GC 43 66.83 -77.56 70.27
CA SER GC 43 67.43 -76.36 70.84
C SER GC 43 67.16 -75.13 69.99
N SER GC 44 66.07 -75.13 69.24
CA SER GC 44 65.68 -74.00 68.41
C SER GC 44 64.28 -74.25 67.89
N MET GC 45 63.72 -73.23 67.24
CA MET GC 45 62.38 -73.33 66.70
C MET GC 45 62.39 -74.20 65.44
N GLU GC 46 61.46 -75.15 65.39
CA GLU GC 46 61.36 -76.05 64.25
C GLU GC 46 60.55 -75.39 63.14
N ILE GC 47 61.04 -75.48 61.92
CA ILE GC 47 60.37 -74.89 60.75
C ILE GC 47 60.25 -75.96 59.68
N TYR GC 48 59.05 -76.08 59.10
CA TYR GC 48 58.78 -77.00 58.01
C TYR GC 48 58.34 -76.20 56.80
N GLU GC 49 59.00 -76.42 55.67
CA GLU GC 49 58.65 -75.76 54.42
C GLU GC 49 58.83 -76.75 53.27
N GLY GC 50 58.19 -76.45 52.15
CA GLY GC 50 58.34 -77.22 50.93
C GLY GC 50 59.04 -76.39 49.87
N LYS GC 51 59.89 -77.05 49.08
CA LYS GC 51 60.62 -76.40 48.01
C LYS GC 51 59.99 -76.72 46.66
N LEU GC 52 60.45 -76.01 45.64
CA LEU GC 52 59.89 -76.13 44.28
C LEU GC 52 60.77 -77.02 43.41
N THR GC 53 60.85 -78.29 43.80
CA THR GC 53 61.53 -79.32 43.05
C THR GC 53 60.57 -80.48 42.84
N ALA GC 54 60.44 -80.94 41.60
CA ALA GC 54 59.49 -81.98 41.22
C ALA GC 54 60.20 -83.24 40.75
N GLU GC 55 61.28 -83.60 41.41
CA GLU GC 55 62.06 -84.79 41.05
C GLU GC 55 61.53 -85.99 41.83
N GLY GC 56 60.82 -86.87 41.14
CA GLY GC 56 60.33 -88.09 41.76
C GLY GC 56 58.96 -88.00 42.36
N LEU GC 57 58.08 -87.13 41.84
CA LEU GC 57 56.73 -86.97 42.35
C LEU GC 57 55.72 -87.39 41.29
N ARG GC 58 54.64 -88.02 41.73
CA ARG GC 58 53.55 -88.43 40.86
C ARG GC 58 52.36 -87.50 41.04
N PHE GC 59 51.75 -87.10 39.93
CA PHE GC 59 50.67 -86.14 39.93
C PHE GC 59 49.48 -86.67 39.14
N GLY GC 60 48.31 -86.16 39.48
CA GLY GC 60 47.10 -86.47 38.73
C GLY GC 60 46.30 -85.21 38.49
N ILE GC 61 45.69 -85.14 37.31
CA ILE GC 61 44.94 -83.97 36.87
C ILE GC 61 43.54 -84.40 36.44
N VAL GC 62 42.54 -83.66 36.89
CA VAL GC 62 41.14 -83.87 36.53
C VAL GC 62 40.65 -82.59 35.88
N ALA GC 63 40.13 -82.68 34.66
CA ALA GC 63 39.72 -81.51 33.90
C ALA GC 63 38.40 -81.76 33.21
N SER GC 64 37.55 -80.74 33.18
CA SER GC 64 36.26 -80.82 32.52
C SER GC 64 36.37 -80.44 31.04
N ARG GC 65 35.32 -80.76 30.29
CA ARG GC 65 35.31 -80.57 28.85
C ARG GC 65 34.54 -79.33 28.40
N PHE GC 66 33.64 -78.82 29.21
CA PHE GC 66 32.91 -77.61 28.86
C PHE GC 66 33.90 -76.47 28.64
N ASN GC 67 33.73 -75.76 27.53
CA ASN GC 67 34.69 -74.73 27.11
C ASN GC 67 36.09 -75.31 26.99
N HIS GC 68 36.21 -76.29 26.09
CA HIS GC 68 37.51 -76.94 25.89
C HIS GC 68 38.55 -75.99 25.30
N ALA GC 69 38.12 -74.86 24.74
CA ALA GC 69 39.08 -73.90 24.21
C ALA GC 69 39.92 -73.29 25.32
N LEU GC 70 39.28 -72.83 26.40
CA LEU GC 70 40.02 -72.26 27.51
C LEU GC 70 40.65 -73.35 28.39
N VAL GC 71 39.97 -74.48 28.56
CA VAL GC 71 40.50 -75.52 29.42
C VAL GC 71 41.78 -76.09 28.84
N ASP GC 72 41.87 -76.19 27.51
CA ASP GC 72 43.02 -76.83 26.89
C ASP GC 72 44.31 -76.09 27.23
N ARG GC 73 44.28 -74.76 27.21
CA ARG GC 73 45.46 -74.00 27.57
C ARG GC 73 45.84 -74.20 29.03
N LEU GC 74 44.85 -74.24 29.92
CA LEU GC 74 45.14 -74.41 31.34
C LEU GC 74 45.80 -75.75 31.61
N VAL GC 75 45.30 -76.82 30.99
CA VAL GC 75 45.91 -78.13 31.19
C VAL GC 75 47.32 -78.15 30.63
N GLU GC 76 47.55 -77.45 29.52
CA GLU GC 76 48.90 -77.34 28.99
C GLU GC 76 49.81 -76.62 29.97
N GLY GC 77 49.34 -75.50 30.53
CA GLY GC 77 50.17 -74.73 31.44
C GLY GC 77 50.60 -75.52 32.65
N ALA GC 78 49.70 -76.32 33.21
CA ALA GC 78 50.05 -77.13 34.38
C ALA GC 78 51.11 -78.17 34.04
N ILE GC 79 51.05 -78.74 32.83
CA ILE GC 79 52.03 -79.76 32.45
C ILE GC 79 53.38 -79.10 32.21
N ASP GC 80 53.41 -77.93 31.59
CA ASP GC 80 54.67 -77.24 31.37
C ASP GC 80 55.36 -76.92 32.69
N CYS GC 81 54.59 -76.50 33.70
CA CYS GC 81 55.20 -76.15 34.99
C CYS GC 81 55.92 -77.34 35.60
N ILE GC 82 55.31 -78.52 35.52
CA ILE GC 82 55.89 -79.69 36.16
C ILE GC 82 57.22 -80.07 35.51
N VAL GC 83 57.28 -80.05 34.17
CA VAL GC 83 58.48 -80.47 33.48
C VAL GC 83 59.62 -79.46 33.70
N ARG GC 84 59.29 -78.17 33.72
CA ARG GC 84 60.33 -77.15 33.88
C ARG GC 84 61.06 -77.30 35.20
N HIS GC 85 60.38 -77.74 36.25
CA HIS GC 85 60.97 -77.83 37.57
C HIS GC 85 61.61 -79.18 37.85
N GLY GC 86 61.68 -80.07 36.86
CA GLY GC 86 62.33 -81.35 37.01
C GLY GC 86 61.42 -82.55 36.98
N GLY GC 87 60.16 -82.38 36.59
CA GLY GC 87 59.24 -83.48 36.53
C GLY GC 87 59.44 -84.35 35.31
N ARG GC 88 58.56 -85.34 35.18
CA ARG GC 88 58.62 -86.30 34.09
C ARG GC 88 57.22 -86.46 33.52
N GLU GC 89 57.09 -86.37 32.19
CA GLU GC 89 55.79 -86.43 31.56
C GLU GC 89 55.12 -87.79 31.74
N GLU GC 90 55.88 -88.83 32.05
CA GLU GC 90 55.31 -90.15 32.23
C GLU GC 90 54.70 -90.36 33.61
N ASP GC 91 54.96 -89.46 34.56
CA ASP GC 91 54.40 -89.55 35.91
C ASP GC 91 53.22 -88.62 36.11
N ILE GC 92 52.42 -88.40 35.07
CA ILE GC 92 51.22 -87.57 35.14
C ILE GC 92 50.06 -88.38 34.58
N THR GC 93 48.95 -88.41 35.32
CA THR GC 93 47.73 -89.06 34.89
C THR GC 93 46.65 -88.01 34.68
N LEU GC 94 45.92 -88.13 33.59
CA LEU GC 94 44.89 -87.17 33.22
C LEU GC 94 43.54 -87.89 33.11
N VAL GC 95 42.50 -87.26 33.63
CA VAL GC 95 41.14 -87.77 33.55
C VAL GC 95 40.23 -86.64 33.08
N ARG GC 96 39.34 -86.96 32.13
CA ARG GC 96 38.37 -85.99 31.62
C ARG GC 96 36.97 -86.39 32.08
N VAL GC 97 36.16 -85.38 32.38
CA VAL GC 97 34.81 -85.60 32.90
C VAL GC 97 33.84 -84.74 32.10
N PRO GC 98 32.56 -85.13 31.99
CA PRO GC 98 31.64 -84.34 31.16
C PRO GC 98 31.50 -82.90 31.60
N GLY GC 99 31.46 -82.63 32.90
CA GLY GC 99 31.16 -81.29 33.37
C GLY GC 99 31.64 -81.07 34.78
N SER GC 100 31.42 -79.85 35.27
CA SER GC 100 31.93 -79.46 36.57
C SER GC 100 31.29 -80.25 37.70
N TRP GC 101 30.04 -80.69 37.55
CA TRP GC 101 29.38 -81.42 38.62
C TRP GC 101 30.09 -82.72 38.94
N GLU GC 102 30.93 -83.23 38.04
CA GLU GC 102 31.54 -84.53 38.19
C GLU GC 102 33.00 -84.46 38.63
N ILE GC 103 33.57 -83.27 38.80
CA ILE GC 103 34.96 -83.19 39.22
C ILE GC 103 35.18 -83.80 40.60
N PRO GC 104 34.39 -83.46 41.63
CA PRO GC 104 34.69 -84.01 42.96
C PRO GC 104 34.66 -85.53 43.02
N VAL GC 105 33.69 -86.16 42.35
CA VAL GC 105 33.58 -87.61 42.43
C VAL GC 105 34.75 -88.27 41.72
N ALA GC 106 35.21 -87.68 40.61
CA ALA GC 106 36.33 -88.25 39.88
C ALA GC 106 37.64 -88.11 40.66
N ALA GC 107 37.84 -86.96 41.30
CA ALA GC 107 39.09 -86.75 42.04
C ALA GC 107 39.22 -87.70 43.21
N GLY GC 108 38.09 -88.11 43.80
CA GLY GC 108 38.15 -89.05 44.90
C GLY GC 108 38.76 -90.37 44.52
N GLU GC 109 38.65 -90.75 43.24
CA GLU GC 109 39.24 -92.01 42.79
C GLU GC 109 40.75 -91.90 42.68
N LEU GC 110 41.25 -90.78 42.15
CA LEU GC 110 42.69 -90.57 42.08
C LEU GC 110 43.31 -90.51 43.47
N ALA GC 111 42.65 -89.80 44.39
CA ALA GC 111 43.26 -89.57 45.69
C ALA GC 111 43.50 -90.86 46.45
N ARG GC 112 42.65 -91.87 46.24
CA ARG GC 112 42.79 -93.12 46.96
C ARG GC 112 43.90 -94.02 46.40
N LYS GC 113 44.47 -93.67 45.25
CA LYS GC 113 45.60 -94.41 44.72
C LYS GC 113 46.81 -94.26 45.65
N GLU GC 114 47.58 -95.34 45.78
CA GLU GC 114 48.74 -95.34 46.66
C GLU GC 114 49.95 -94.63 46.03
N ASP GC 115 49.92 -94.37 44.73
CA ASP GC 115 51.04 -93.76 44.04
C ASP GC 115 50.93 -92.24 43.96
N ILE GC 116 49.73 -91.73 43.64
CA ILE GC 116 49.57 -90.29 43.45
C ILE GC 116 49.85 -89.55 44.76
N ASP GC 117 50.49 -88.39 44.63
CA ASP GC 117 50.85 -87.55 45.77
C ASP GC 117 50.09 -86.24 45.84
N ALA GC 118 49.63 -85.72 44.71
CA ALA GC 118 48.83 -84.51 44.69
C ALA GC 118 47.87 -84.57 43.52
N VAL GC 119 46.80 -83.81 43.60
CA VAL GC 119 45.75 -83.80 42.60
C VAL GC 119 45.42 -82.35 42.25
N ILE GC 120 45.22 -82.09 40.97
CA ILE GC 120 44.94 -80.75 40.45
C ILE GC 120 43.62 -80.80 39.71
N ALA GC 121 42.73 -79.87 40.03
CA ALA GC 121 41.42 -79.77 39.39
C ALA GC 121 41.37 -78.50 38.56
N ILE GC 122 40.96 -78.63 37.30
CA ILE GC 122 40.86 -77.52 36.35
C ILE GC 122 39.48 -77.53 35.74
N GLY GC 123 38.90 -76.36 35.54
CA GLY GC 123 37.59 -76.27 34.93
C GLY GC 123 37.22 -74.81 34.74
N VAL GC 124 36.08 -74.62 34.08
CA VAL GC 124 35.51 -73.29 33.88
C VAL GC 124 34.05 -73.31 34.32
N LEU GC 125 33.62 -72.22 34.94
CA LEU GC 125 32.26 -72.09 35.47
C LEU GC 125 31.58 -70.91 34.80
N ILE GC 126 30.34 -71.10 34.38
CA ILE GC 126 29.53 -70.05 33.78
C ILE GC 126 28.59 -69.52 34.85
N ARG GC 127 28.77 -68.24 35.21
CA ARG GC 127 27.97 -67.60 36.25
C ARG GC 127 27.60 -66.18 35.84
N GLY GC 128 27.20 -66.00 34.58
CA GLY GC 128 26.86 -64.68 34.08
C GLY GC 128 25.68 -64.65 33.13
N ALA GC 129 25.07 -65.81 32.88
CA ALA GC 129 23.95 -65.90 31.94
C ALA GC 129 22.71 -66.54 32.55
N THR GC 130 22.88 -67.54 33.42
CA THR GC 130 21.76 -68.27 34.00
C THR GC 130 21.75 -68.08 35.51
N PRO GC 131 20.61 -67.67 36.14
CA PRO GC 131 20.54 -67.57 37.60
C PRO GC 131 20.19 -68.89 38.28
N HIS GC 132 20.80 -69.98 37.80
CA HIS GC 132 20.62 -71.31 38.38
C HIS GC 132 21.91 -72.06 38.61
N PHE GC 133 23.01 -71.70 37.95
CA PHE GC 133 24.28 -72.40 38.10
C PHE GC 133 24.90 -72.22 39.48
N ASP GC 134 24.39 -71.30 40.28
CA ASP GC 134 24.98 -71.06 41.60
C ASP GC 134 24.96 -72.34 42.44
N TYR GC 135 23.93 -73.16 42.28
CA TYR GC 135 23.88 -74.43 43.01
C TYR GC 135 25.03 -75.34 42.57
N ILE GC 136 25.29 -75.41 41.27
CA ILE GC 136 26.38 -76.24 40.77
C ILE GC 136 27.72 -75.71 41.29
N ALA GC 137 27.92 -74.39 41.23
CA ALA GC 137 29.21 -73.83 41.57
C ALA GC 137 29.57 -74.08 43.03
N SER GC 138 28.60 -73.93 43.93
CA SER GC 138 28.87 -74.05 45.36
C SER GC 138 29.29 -75.46 45.75
N GLU GC 139 28.77 -76.48 45.07
CA GLU GC 139 29.07 -77.85 45.46
C GLU GC 139 30.45 -78.30 45.03
N VAL GC 140 31.04 -77.66 44.02
CA VAL GC 140 32.39 -78.01 43.61
C VAL GC 140 33.38 -77.66 44.71
N SER GC 141 33.25 -76.46 45.27
CA SER GC 141 34.17 -76.00 46.30
C SER GC 141 34.03 -76.83 47.57
N LYS GC 142 32.80 -77.20 47.94
CA LYS GC 142 32.60 -77.99 49.14
C LYS GC 142 33.19 -79.39 48.99
N GLY GC 143 32.87 -80.06 47.89
CA GLY GC 143 33.28 -81.45 47.74
C GLY GC 143 34.78 -81.62 47.70
N LEU GC 144 35.47 -80.73 46.99
CA LEU GC 144 36.93 -80.83 46.91
C LEU GC 144 37.57 -80.58 48.26
N ALA GC 145 37.03 -79.64 49.04
CA ALA GC 145 37.61 -79.31 50.34
C ALA GC 145 37.41 -80.44 51.34
N ASN GC 146 36.23 -81.08 51.33
CA ASN GC 146 36.00 -82.18 52.25
C ASN GC 146 36.90 -83.37 51.96
N LEU GC 147 37.21 -83.61 50.68
CA LEU GC 147 38.04 -84.77 50.33
C LEU GC 147 39.44 -84.65 50.91
N SER GC 148 40.02 -83.46 50.88
CA SER GC 148 41.39 -83.30 51.36
C SER GC 148 41.50 -83.66 52.83
N LEU GC 149 40.54 -83.22 53.64
CA LEU GC 149 40.56 -83.56 55.06
C LEU GC 149 40.37 -85.06 55.28
N GLU GC 150 39.44 -85.66 54.53
CA GLU GC 150 39.10 -87.07 54.74
C GLU GC 150 40.27 -87.98 54.37
N LEU GC 151 40.86 -87.77 53.19
CA LEU GC 151 41.93 -88.62 52.69
C LEU GC 151 43.32 -88.14 53.11
N ARG GC 152 43.43 -86.93 53.68
CA ARG GC 152 44.71 -86.41 54.13
C ARG GC 152 45.72 -86.35 52.99
N LYS GC 153 45.33 -85.69 51.91
CA LYS GC 153 46.11 -85.59 50.70
C LYS GC 153 45.82 -84.24 50.07
N PRO GC 154 46.83 -83.52 49.59
CA PRO GC 154 46.56 -82.18 49.03
C PRO GC 154 45.84 -82.25 47.70
N ILE GC 155 44.82 -81.40 47.57
CA ILE GC 155 44.04 -81.22 46.34
C ILE GC 155 43.95 -79.73 46.07
N THR GC 156 44.35 -79.32 44.87
CA THR GC 156 44.47 -77.91 44.53
C THR GC 156 43.33 -77.47 43.63
N PHE GC 157 42.99 -76.19 43.74
CA PHE GC 157 41.86 -75.58 43.05
C PHE GC 157 42.37 -74.79 41.85
N GLY GC 158 41.87 -75.13 40.67
CA GLY GC 158 42.25 -74.45 39.44
C GLY GC 158 41.06 -74.05 38.60
N VAL GC 159 39.98 -73.61 39.25
CA VAL GC 159 38.71 -73.36 38.59
C VAL GC 159 38.62 -71.88 38.22
N ILE GC 160 38.34 -71.61 36.96
CA ILE GC 160 38.13 -70.26 36.44
C ILE GC 160 36.64 -69.97 36.42
N THR GC 161 36.29 -68.70 36.57
CA THR GC 161 34.92 -68.22 36.42
C THR GC 161 34.87 -67.26 35.24
N ALA GC 162 33.88 -67.45 34.38
CA ALA GC 162 33.74 -66.63 33.19
C ALA GC 162 32.86 -65.42 33.46
N ASN HC 16 84.61 -13.79 15.29
CA ASN HC 16 84.43 -15.16 14.80
C ASN HC 16 84.42 -16.14 15.95
N LYS HC 17 83.92 -17.35 15.68
CA LYS HC 17 83.85 -18.42 16.68
C LYS HC 17 85.11 -19.27 16.70
N GLY HC 18 86.22 -18.76 16.18
CA GLY HC 18 87.44 -19.52 16.11
C GLY HC 18 88.35 -19.30 17.30
N TRP HC 19 88.53 -18.03 17.70
CA TRP HC 19 89.42 -17.74 18.81
C TRP HC 19 88.93 -18.36 20.11
N GLU HC 20 87.63 -18.57 20.25
CA GLU HC 20 87.12 -19.27 21.42
C GLU HC 20 87.68 -20.67 21.49
N ALA HC 21 87.67 -21.38 20.36
CA ALA HC 21 88.32 -22.69 20.31
C ALA HC 21 89.81 -22.57 20.63
N ALA HC 22 90.42 -21.43 20.31
CA ALA HC 22 91.84 -21.26 20.60
C ALA HC 22 92.07 -21.04 22.08
N LEU HC 23 91.27 -20.17 22.72
CA LEU HC 23 91.51 -19.87 24.13
C LEU HC 23 91.46 -21.12 24.98
N SER HC 24 90.52 -22.01 24.70
CA SER HC 24 90.40 -23.25 25.45
C SER HC 24 91.70 -24.04 25.41
N ALA HC 25 92.34 -24.10 24.24
CA ALA HC 25 93.52 -24.95 24.08
C ALA HC 25 94.68 -24.47 24.96
N ILE HC 26 94.94 -23.16 24.97
CA ILE HC 26 96.05 -22.66 25.77
C ILE HC 26 95.80 -22.90 27.25
N GLU HC 27 94.58 -22.61 27.72
CA GLU HC 27 94.28 -22.83 29.13
C GLU HC 27 94.53 -24.27 29.53
N MET HC 28 93.97 -25.22 28.77
CA MET HC 28 94.13 -26.63 29.09
C MET HC 28 95.58 -27.07 28.96
N ALA HC 29 96.28 -26.56 27.93
CA ALA HC 29 97.67 -26.96 27.73
C ALA HC 29 98.54 -26.55 28.91
N ASN HC 30 98.32 -25.35 29.45
CA ASN HC 30 99.07 -24.92 30.62
C ASN HC 30 98.64 -25.71 31.87
N LEU HC 31 97.34 -25.97 31.98
CA LEU HC 31 96.84 -26.69 33.16
C LEU HC 31 97.44 -28.08 33.25
N PHE HC 32 97.56 -28.78 32.12
CA PHE HC 32 98.08 -30.14 32.14
C PHE HC 32 99.53 -30.17 32.58
N LYS HC 33 100.28 -29.10 32.36
CA LYS HC 33 101.66 -29.04 32.83
C LYS HC 33 101.72 -29.03 34.35
N SER HC 34 100.80 -28.32 34.99
CA SER HC 34 100.81 -28.22 36.45
C SER HC 34 100.62 -29.59 37.10
N LEU HC 35 99.58 -30.31 36.70
CA LEU HC 35 99.25 -31.56 37.37
C LEU HC 35 100.39 -32.57 37.26
N ARG HC 36 100.98 -32.69 36.08
CA ARG HC 36 102.06 -33.66 35.88
C ARG HC 36 103.28 -33.34 36.71
N GLY HC 37 103.42 -32.11 37.18
CA GLY HC 37 104.55 -31.72 37.99
C GLY HC 37 104.38 -32.11 39.45
N THR HC 38 105.33 -31.64 40.26
CA THR HC 38 105.30 -31.95 41.68
C THR HC 38 104.09 -31.30 42.35
N GLY HC 39 103.63 -31.92 43.44
CA GLY HC 39 102.48 -31.43 44.17
C GLY HC 39 102.82 -30.23 45.04
N GLY HC 40 101.81 -29.76 45.74
CA GLY HC 40 101.96 -28.60 46.59
C GLY HC 40 102.62 -28.92 47.92
N SER HC 41 102.81 -27.88 48.72
CA SER HC 41 103.43 -28.00 50.03
C SER HC 41 102.44 -28.43 51.12
N GLY HC 42 101.17 -28.57 50.79
CA GLY HC 42 100.19 -28.95 51.78
C GLY HC 42 99.81 -27.78 52.68
N SER HC 43 99.08 -28.12 53.75
CA SER HC 43 98.60 -27.21 54.77
C SER HC 43 97.41 -26.38 54.29
N SER HC 44 97.00 -26.51 53.03
CA SER HC 44 95.83 -25.80 52.54
C SER HC 44 95.32 -26.49 51.29
N MET HC 45 94.09 -26.17 50.92
CA MET HC 45 93.49 -26.75 49.72
C MET HC 45 94.26 -26.29 48.49
N GLU HC 46 94.53 -27.23 47.59
CA GLU HC 46 95.27 -26.96 46.36
C GLU HC 46 94.29 -26.64 45.25
N ILE HC 47 94.39 -25.44 44.70
CA ILE HC 47 93.58 -25.02 43.56
C ILE HC 47 94.50 -24.96 42.35
N TYR HC 48 94.21 -25.79 41.35
CA TYR HC 48 94.91 -25.79 40.08
C TYR HC 48 94.09 -25.02 39.06
N GLU HC 49 94.73 -24.07 38.37
CA GLU HC 49 94.08 -23.36 37.28
C GLU HC 49 95.14 -22.97 36.27
N GLY HC 50 94.80 -23.05 34.99
CA GLY HC 50 95.76 -22.82 33.93
C GLY HC 50 95.89 -21.35 33.56
N LYS HC 51 97.06 -21.02 33.02
CA LYS HC 51 97.38 -19.65 32.63
C LYS HC 51 96.95 -19.40 31.18
N LEU HC 52 97.18 -18.18 30.71
CA LEU HC 52 96.92 -17.80 29.33
C LEU HC 52 98.19 -17.43 28.59
N THR HC 53 99.34 -17.86 29.08
CA THR HC 53 100.61 -17.61 28.42
C THR HC 53 100.86 -18.71 27.40
N ALA HC 54 100.89 -18.34 26.11
CA ALA HC 54 101.00 -19.31 25.03
C ALA HC 54 102.44 -19.68 24.70
N GLU HC 55 103.42 -19.06 25.35
CA GLU HC 55 104.81 -19.28 24.99
C GLU HC 55 105.25 -20.71 25.33
N GLY HC 56 105.93 -21.35 24.39
CA GLY HC 56 106.45 -22.69 24.58
C GLY HC 56 105.52 -23.82 24.20
N LEU HC 57 104.32 -23.51 23.70
CA LEU HC 57 103.32 -24.52 23.40
C LEU HC 57 103.28 -24.79 21.90
N ARG HC 58 103.30 -26.06 21.54
CA ARG HC 58 103.17 -26.50 20.15
C ARG HC 58 101.72 -26.88 19.89
N PHE HC 59 101.17 -26.36 18.80
CA PHE HC 59 99.76 -26.56 18.47
C PHE HC 59 99.62 -27.23 17.11
N GLY HC 60 98.58 -28.05 16.99
CA GLY HC 60 98.14 -28.55 15.70
C GLY HC 60 96.72 -28.09 15.43
N ILE HC 61 96.42 -27.88 14.16
CA ILE HC 61 95.08 -27.50 13.71
C ILE HC 61 94.69 -28.38 12.54
N VAL HC 62 93.44 -28.88 12.57
CA VAL HC 62 92.89 -29.70 11.50
C VAL HC 62 91.62 -29.02 10.99
N ALA HC 63 91.56 -28.78 9.69
CA ALA HC 63 90.43 -28.09 9.09
C ALA HC 63 90.03 -28.81 7.80
N SER HC 64 88.77 -28.64 7.43
CA SER HC 64 88.22 -29.23 6.22
C SER HC 64 88.10 -28.17 5.12
N ARG HC 65 87.81 -28.64 3.91
CA ARG HC 65 87.78 -27.76 2.74
C ARG HC 65 86.38 -27.37 2.31
N PHE HC 66 85.37 -28.18 2.60
CA PHE HC 66 84.01 -27.84 2.20
C PHE HC 66 83.61 -26.50 2.82
N ASN HC 67 83.02 -25.63 2.00
CA ASN HC 67 82.69 -24.26 2.40
C ASN HC 67 83.94 -23.50 2.81
N HIS HC 68 84.86 -23.37 1.85
CA HIS HC 68 86.14 -22.73 2.13
C HIS HC 68 85.98 -21.28 2.55
N ALA HC 69 84.88 -20.63 2.17
CA ALA HC 69 84.68 -19.24 2.56
C ALA HC 69 84.62 -19.10 4.07
N LEU HC 70 83.81 -19.92 4.73
CA LEU HC 70 83.68 -19.82 6.18
C LEU HC 70 84.92 -20.34 6.89
N VAL HC 71 85.43 -21.50 6.46
CA VAL HC 71 86.59 -22.09 7.11
C VAL HC 71 87.82 -21.21 6.96
N ASP HC 72 87.87 -20.38 5.91
CA ASP HC 72 89.03 -19.52 5.72
C ASP HC 72 89.19 -18.54 6.88
N ARG HC 73 88.09 -17.94 7.34
CA ARG HC 73 88.18 -16.96 8.41
C ARG HC 73 88.26 -17.62 9.79
N LEU HC 74 87.65 -18.79 9.97
CA LEU HC 74 87.77 -19.48 11.25
C LEU HC 74 89.21 -19.86 11.55
N VAL HC 75 89.93 -20.38 10.55
CA VAL HC 75 91.32 -20.76 10.80
C VAL HC 75 92.19 -19.54 11.04
N GLU HC 76 92.00 -18.49 10.23
CA GLU HC 76 92.79 -17.27 10.42
C GLU HC 76 92.51 -16.66 11.79
N GLY HC 77 91.25 -16.59 12.18
CA GLY HC 77 90.92 -16.08 13.50
C GLY HC 77 91.58 -16.87 14.61
N ALA HC 78 91.65 -18.19 14.43
CA ALA HC 78 92.32 -19.03 15.43
C ALA HC 78 93.81 -18.72 15.50
N ILE HC 79 94.44 -18.50 14.35
CA ILE HC 79 95.88 -18.23 14.36
C ILE HC 79 96.17 -16.87 14.97
N ASP HC 80 95.25 -15.91 14.82
CA ASP HC 80 95.46 -14.58 15.38
C ASP HC 80 95.53 -14.59 16.90
N CYS HC 81 95.05 -15.63 17.55
CA CYS HC 81 94.97 -15.64 19.01
C CYS HC 81 96.18 -16.26 19.68
N ILE HC 82 96.82 -17.25 19.06
CA ILE HC 82 98.04 -17.80 19.63
C ILE HC 82 99.18 -16.81 19.53
N VAL HC 83 99.27 -16.09 18.41
CA VAL HC 83 100.34 -15.12 18.26
C VAL HC 83 100.20 -13.99 19.25
N ARG HC 84 98.98 -13.50 19.45
CA ARG HC 84 98.80 -12.35 20.33
C ARG HC 84 99.11 -12.69 21.79
N HIS HC 85 98.78 -13.91 22.22
CA HIS HC 85 99.09 -14.34 23.57
C HIS HC 85 100.50 -14.87 23.73
N GLY HC 86 101.39 -14.54 22.79
CA GLY HC 86 102.79 -14.89 22.93
C GLY HC 86 103.14 -16.23 22.32
N GLY HC 87 102.78 -16.43 21.05
CA GLY HC 87 103.00 -17.70 20.39
C GLY HC 87 103.61 -17.59 19.01
N ARG HC 88 104.73 -18.27 18.80
CA ARG HC 88 105.40 -18.25 17.51
C ARG HC 88 104.60 -19.04 16.49
N GLU HC 89 104.51 -18.51 15.26
CA GLU HC 89 103.90 -19.27 14.16
C GLU HC 89 104.78 -20.42 13.69
N GLU HC 90 106.03 -20.48 14.14
CA GLU HC 90 106.92 -21.58 13.79
C GLU HC 90 106.51 -22.89 14.45
N ASP HC 91 105.56 -22.87 15.39
CA ASP HC 91 105.14 -24.07 16.10
C ASP HC 91 103.76 -24.57 15.68
N ILE HC 92 102.96 -23.77 14.99
CA ILE HC 92 101.67 -24.22 14.50
C ILE HC 92 101.87 -25.15 13.30
N THR HC 93 101.12 -26.25 13.28
CA THR HC 93 101.07 -27.16 12.15
C THR HC 93 99.62 -27.24 11.66
N LEU HC 94 99.44 -27.24 10.35
CA LEU HC 94 98.12 -27.21 9.73
C LEU HC 94 97.94 -28.41 8.82
N VAL HC 95 96.82 -29.11 8.97
CA VAL HC 95 96.44 -30.23 8.12
C VAL HC 95 95.07 -29.92 7.52
N ARG HC 96 94.94 -30.10 6.21
CA ARG HC 96 93.68 -29.95 5.52
C ARG HC 96 93.16 -31.31 5.08
N VAL HC 97 91.87 -31.53 5.23
CA VAL HC 97 91.25 -32.83 4.92
C VAL HC 97 90.04 -32.57 4.03
N PRO HC 98 89.64 -33.56 3.22
CA PRO HC 98 88.53 -33.35 2.29
C PRO HC 98 87.22 -32.93 2.97
N GLY HC 99 86.71 -33.74 3.88
CA GLY HC 99 85.42 -33.49 4.48
C GLY HC 99 85.44 -33.72 5.98
N SER HC 100 84.28 -33.52 6.60
CA SER HC 100 84.18 -33.68 8.05
C SER HC 100 84.45 -35.10 8.49
N TRP HC 101 84.10 -36.08 7.66
CA TRP HC 101 84.25 -37.47 8.04
C TRP HC 101 85.70 -37.83 8.35
N GLU HC 102 86.66 -37.05 7.86
CA GLU HC 102 88.07 -37.36 8.04
C GLU HC 102 88.72 -36.56 9.15
N ILE HC 103 87.99 -35.70 9.86
CA ILE HC 103 88.58 -34.95 10.96
C ILE HC 103 89.12 -35.88 12.04
N PRO HC 104 88.38 -36.88 12.53
CA PRO HC 104 88.89 -37.67 13.66
C PRO HC 104 90.13 -38.49 13.36
N VAL HC 105 90.21 -39.12 12.18
CA VAL HC 105 91.38 -39.95 11.88
C VAL HC 105 92.62 -39.09 11.74
N ALA HC 106 92.47 -37.89 11.17
CA ALA HC 106 93.62 -37.00 11.03
C ALA HC 106 94.08 -36.47 12.37
N ALA HC 107 93.14 -36.15 13.27
CA ALA HC 107 93.51 -35.65 14.58
C ALA HC 107 94.29 -36.67 15.38
N GLY HC 108 94.04 -37.96 15.14
CA GLY HC 108 94.76 -38.98 15.88
C GLY HC 108 96.25 -39.01 15.55
N GLU HC 109 96.60 -38.90 14.28
CA GLU HC 109 98.00 -38.90 13.89
C GLU HC 109 98.73 -37.70 14.48
N LEU HC 110 98.10 -36.53 14.47
CA LEU HC 110 98.71 -35.36 15.09
C LEU HC 110 98.82 -35.53 16.60
N ALA HC 111 97.74 -35.97 17.24
CA ALA HC 111 97.72 -36.07 18.70
C ALA HC 111 98.70 -37.12 19.22
N ARG HC 112 99.12 -38.06 18.39
CA ARG HC 112 100.07 -39.08 18.80
C ARG HC 112 101.51 -38.63 18.66
N LYS HC 113 101.76 -37.45 18.11
CA LYS HC 113 103.12 -36.93 18.00
C LYS HC 113 103.53 -36.31 19.33
N GLU HC 114 104.73 -36.65 19.79
CA GLU HC 114 105.18 -36.20 21.10
C GLU HC 114 105.35 -34.69 21.17
N ASP HC 115 105.69 -34.06 20.05
CA ASP HC 115 105.98 -32.63 20.02
C ASP HC 115 104.72 -31.77 19.90
N ILE HC 116 103.55 -32.33 20.18
CA ILE HC 116 102.30 -31.57 20.15
C ILE HC 116 101.66 -31.67 21.54
N ASP HC 117 101.02 -30.58 21.95
CA ASP HC 117 100.39 -30.51 23.25
C ASP HC 117 98.93 -30.05 23.21
N ALA HC 118 98.39 -29.77 22.03
CA ALA HC 118 96.99 -29.41 21.91
C ALA HC 118 96.61 -29.44 20.44
N VAL HC 119 95.40 -29.93 20.16
CA VAL HC 119 94.87 -30.01 18.81
C VAL HC 119 93.57 -29.22 18.76
N ILE HC 120 93.37 -28.47 17.69
CA ILE HC 120 92.16 -27.69 17.46
C ILE HC 120 91.49 -28.23 16.21
N ALA HC 121 90.19 -28.50 16.30
CA ALA HC 121 89.43 -29.06 15.21
C ALA HC 121 88.42 -28.02 14.72
N ILE HC 122 88.43 -27.76 13.42
CA ILE HC 122 87.60 -26.73 12.81
C ILE HC 122 86.89 -27.35 11.61
N GLY HC 123 85.61 -27.05 11.47
CA GLY HC 123 84.84 -27.57 10.36
C GLY HC 123 83.42 -27.09 10.43
N VAL HC 124 82.66 -27.40 9.38
CA VAL HC 124 81.27 -27.00 9.26
C VAL HC 124 80.43 -28.24 8.99
N LEU HC 125 79.39 -28.44 9.79
CA LEU HC 125 78.46 -29.54 9.64
C LEU HC 125 77.14 -28.98 9.15
N ILE HC 126 76.64 -29.50 8.04
CA ILE HC 126 75.39 -29.03 7.44
C ILE HC 126 74.23 -29.84 8.02
N ARG HC 127 73.10 -29.17 8.24
CA ARG HC 127 71.90 -29.77 8.80
C ARG HC 127 70.72 -29.55 7.86
N GLY HC 128 70.94 -29.77 6.57
CA GLY HC 128 69.90 -29.57 5.59
C GLY HC 128 68.86 -30.67 5.60
N ALA HC 129 67.81 -30.47 4.82
CA ALA HC 129 66.73 -31.44 4.74
C ALA HC 129 67.19 -32.75 4.13
N THR HC 130 68.29 -32.75 3.38
CA THR HC 130 68.77 -33.98 2.77
C THR HC 130 69.21 -34.96 3.85
N PRO HC 131 68.72 -36.21 3.83
CA PRO HC 131 69.13 -37.16 4.87
C PRO HC 131 70.50 -37.76 4.62
N HIS HC 132 70.90 -38.70 5.46
CA HIS HC 132 72.16 -39.45 5.40
C HIS HC 132 73.34 -38.63 5.92
N PHE HC 133 73.16 -37.36 6.25
CA PHE HC 133 74.25 -36.56 6.81
C PHE HC 133 74.31 -36.63 8.33
N ASP HC 134 73.20 -36.93 9.00
CA ASP HC 134 73.23 -37.05 10.45
C ASP HC 134 74.19 -38.14 10.90
N TYR HC 135 74.36 -39.19 10.09
CA TYR HC 135 75.32 -40.23 10.42
C TYR HC 135 76.73 -39.66 10.49
N ILE HC 136 77.09 -38.81 9.52
CA ILE HC 136 78.40 -38.18 9.54
C ILE HC 136 78.51 -37.19 10.70
N ALA HC 137 77.46 -36.40 10.93
CA ALA HC 137 77.53 -35.35 11.93
C ALA HC 137 77.74 -35.92 13.32
N SER HC 138 76.96 -36.93 13.68
CA SER HC 138 77.03 -37.47 15.04
C SER HC 138 78.39 -38.12 15.30
N GLU HC 139 78.91 -38.86 14.32
CA GLU HC 139 80.15 -39.60 14.55
C GLU HC 139 81.35 -38.67 14.76
N VAL HC 140 81.29 -37.45 14.23
CA VAL HC 140 82.43 -36.55 14.35
C VAL HC 140 82.64 -36.17 15.82
N SER HC 141 81.57 -35.79 16.51
CA SER HC 141 81.68 -35.40 17.91
C SER HC 141 82.17 -36.55 18.77
N LYS HC 142 81.56 -37.74 18.59
CA LYS HC 142 81.90 -38.87 19.43
C LYS HC 142 83.36 -39.27 19.26
N GLY HC 143 83.85 -39.30 18.02
CA GLY HC 143 85.21 -39.74 17.78
C GLY HC 143 86.25 -38.86 18.45
N LEU HC 144 86.07 -37.54 18.34
CA LEU HC 144 87.03 -36.63 18.96
C LEU HC 144 87.06 -36.80 20.47
N ALA HC 145 85.89 -36.99 21.08
CA ALA HC 145 85.84 -37.16 22.54
C ALA HC 145 86.58 -38.41 22.98
N ASN HC 146 86.42 -39.51 22.25
CA ASN HC 146 87.09 -40.76 22.63
C ASN HC 146 88.60 -40.62 22.50
N LEU HC 147 89.08 -39.94 21.46
CA LEU HC 147 90.52 -39.79 21.27
C LEU HC 147 91.17 -39.10 22.47
N SER HC 148 90.52 -38.06 22.99
CA SER HC 148 91.13 -37.28 24.06
C SER HC 148 91.38 -38.13 25.30
N LEU HC 149 90.42 -38.99 25.65
CA LEU HC 149 90.58 -39.83 26.83
C LEU HC 149 91.57 -40.95 26.59
N GLU HC 150 91.58 -41.52 25.39
CA GLU HC 150 92.45 -42.66 25.11
C GLU HC 150 93.91 -42.22 25.04
N LEU HC 151 94.17 -40.99 24.60
CA LEU HC 151 95.53 -40.47 24.47
C LEU HC 151 95.92 -39.51 25.58
N ARG HC 152 94.96 -39.01 26.36
CA ARG HC 152 95.23 -38.08 27.46
C ARG HC 152 95.86 -36.79 26.93
N LYS HC 153 95.08 -36.08 26.13
CA LYS HC 153 95.52 -34.84 25.52
C LYS HC 153 94.30 -34.02 25.12
N PRO HC 154 94.24 -32.72 25.44
CA PRO HC 154 93.05 -31.95 25.08
C PRO HC 154 92.88 -31.86 23.57
N ILE HC 155 91.64 -31.93 23.12
CA ILE HC 155 91.30 -31.75 21.72
C ILE HC 155 90.08 -30.84 21.66
N THR HC 156 90.31 -29.55 21.48
CA THR HC 156 89.22 -28.60 21.50
C THR HC 156 88.31 -28.80 20.29
N PHE HC 157 87.06 -28.37 20.45
CA PHE HC 157 86.01 -28.60 19.48
C PHE HC 157 85.57 -27.25 18.92
N GLY HC 158 85.69 -27.08 17.61
CA GLY HC 158 85.40 -25.81 16.99
C GLY HC 158 84.51 -25.94 15.76
N VAL HC 159 83.61 -26.91 15.79
CA VAL HC 159 82.74 -27.16 14.65
C VAL HC 159 81.52 -26.24 14.74
N ILE HC 160 81.07 -25.76 13.59
CA ILE HC 160 79.94 -24.85 13.48
C ILE HC 160 78.90 -25.49 12.57
N THR HC 161 77.64 -25.10 12.76
CA THR HC 161 76.54 -25.61 11.96
C THR HC 161 75.82 -24.44 11.29
N ALA HC 162 75.52 -24.59 10.01
CA ALA HC 162 74.86 -23.54 9.26
C ALA HC 162 73.43 -23.34 9.76
N GLY IC 15 69.74 -30.16 50.76
CA GLY IC 15 70.40 -28.94 50.38
C GLY IC 15 70.51 -28.79 48.88
N ASN IC 16 71.69 -28.40 48.41
CA ASN IC 16 71.95 -28.22 47.00
C ASN IC 16 72.54 -29.49 46.40
N LYS IC 17 72.60 -29.53 45.07
CA LYS IC 17 73.10 -30.72 44.38
C LYS IC 17 74.55 -31.01 44.75
N GLY IC 18 75.30 -29.98 45.16
CA GLY IC 18 76.67 -30.22 45.57
C GLY IC 18 76.75 -31.01 46.86
N TRP IC 19 75.88 -30.71 47.81
CA TRP IC 19 75.83 -31.49 49.04
C TRP IC 19 75.56 -32.96 48.74
N GLU IC 20 74.61 -33.22 47.84
CA GLU IC 20 74.24 -34.59 47.51
C GLU IC 20 75.41 -35.33 46.88
N ALA IC 21 76.14 -34.67 45.97
CA ALA IC 21 77.25 -35.33 45.29
C ALA IC 21 78.35 -35.75 46.26
N ALA IC 22 78.66 -34.88 47.22
CA ALA IC 22 79.71 -35.20 48.18
C ALA IC 22 79.32 -36.41 49.04
N LEU IC 23 78.05 -36.49 49.42
CA LEU IC 23 77.59 -37.63 50.23
C LEU IC 23 77.80 -38.94 49.50
N SER IC 24 77.44 -38.99 48.22
CA SER IC 24 77.60 -40.22 47.45
C SER IC 24 79.06 -40.61 47.35
N ALA IC 25 79.95 -39.62 47.18
CA ALA IC 25 81.37 -39.91 47.08
C ALA IC 25 81.91 -40.53 48.36
N ILE IC 26 81.48 -40.02 49.51
CA ILE IC 26 81.98 -40.54 50.78
C ILE IC 26 81.53 -41.98 50.99
N GLU IC 27 80.29 -42.29 50.63
CA GLU IC 27 79.78 -43.64 50.85
C GLU IC 27 80.41 -44.63 49.88
N MET IC 28 80.55 -44.25 48.60
CA MET IC 28 81.17 -45.16 47.64
C MET IC 28 82.64 -45.38 47.97
N ALA IC 29 83.34 -44.33 48.41
CA ALA IC 29 84.75 -44.48 48.75
C ALA IC 29 84.94 -45.46 49.90
N ASN IC 30 84.06 -45.41 50.90
CA ASN IC 30 84.13 -46.36 52.00
C ASN IC 30 83.71 -47.76 51.56
N LEU IC 31 82.74 -47.84 50.65
CA LEU IC 31 82.27 -49.15 50.20
C LEU IC 31 83.40 -49.92 49.51
N PHE IC 32 84.14 -49.26 48.63
CA PHE IC 32 85.20 -49.95 47.91
C PHE IC 32 86.28 -50.46 48.86
N LYS IC 33 86.51 -49.73 49.96
CA LYS IC 33 87.50 -50.16 50.93
C LYS IC 33 87.08 -51.42 51.67
N SER IC 34 85.79 -51.73 51.70
CA SER IC 34 85.29 -52.94 52.35
C SER IC 34 85.37 -54.16 51.46
N LEU IC 35 85.05 -54.01 50.18
CA LEU IC 35 85.09 -55.14 49.26
C LEU IC 35 86.50 -55.70 49.14
N ARG IC 36 87.49 -54.83 49.11
CA ARG IC 36 88.90 -55.26 48.98
C ARG IC 36 89.33 -55.96 50.26
N GLY IC 37 88.63 -55.80 51.39
CA GLY IC 37 88.98 -56.47 52.63
C GLY IC 37 88.41 -57.87 52.73
N THR IC 38 88.65 -58.49 53.88
CA THR IC 38 88.20 -59.85 54.09
C THR IC 38 86.68 -59.91 54.21
N GLY IC 39 86.14 -61.10 53.97
CA GLY IC 39 84.70 -61.32 54.03
C GLY IC 39 84.21 -61.47 55.46
N GLY IC 40 82.91 -61.73 55.57
CA GLY IC 40 82.26 -61.87 56.86
C GLY IC 40 82.53 -63.22 57.49
N SER IC 41 82.02 -63.38 58.72
CA SER IC 41 82.19 -64.62 59.46
C SER IC 41 81.50 -65.80 58.79
N GLY IC 42 80.54 -65.55 57.90
CA GLY IC 42 79.83 -66.61 57.22
C GLY IC 42 78.59 -67.06 57.96
N SER IC 43 77.97 -68.11 57.43
CA SER IC 43 76.75 -68.70 57.94
C SER IC 43 75.52 -67.82 57.76
N SER IC 44 75.64 -66.74 56.99
CA SER IC 44 74.52 -65.85 56.72
C SER IC 44 74.89 -64.96 55.54
N MET IC 45 73.90 -64.22 55.06
CA MET IC 45 74.16 -63.27 53.98
C MET IC 45 75.20 -62.25 54.41
N GLU IC 46 76.11 -61.93 53.49
CA GLU IC 46 77.06 -60.85 53.68
C GLU IC 46 76.49 -59.59 53.03
N ILE IC 47 76.28 -58.55 53.82
CA ILE IC 47 75.80 -57.27 53.33
C ILE IC 47 76.97 -56.29 53.41
N TYR IC 48 77.33 -55.73 52.27
CA TYR IC 48 78.38 -54.72 52.19
C TYR IC 48 77.73 -53.35 52.03
N GLU IC 49 78.13 -52.40 52.87
CA GLU IC 49 77.60 -51.04 52.80
C GLU IC 49 78.71 -50.08 53.21
N GLY IC 50 78.53 -48.81 52.84
CA GLY IC 50 79.52 -47.79 53.08
C GLY IC 50 79.08 -46.85 54.18
N LYS IC 51 79.99 -46.58 55.11
CA LYS IC 51 79.74 -45.63 56.18
C LYS IC 51 79.80 -44.20 55.62
N LEU IC 52 79.62 -43.23 56.50
CA LEU IC 52 79.70 -41.82 56.14
C LEU IC 52 80.79 -41.11 56.94
N THR IC 53 81.81 -41.85 57.37
CA THR IC 53 82.97 -41.26 58.01
C THR IC 53 83.98 -40.86 56.95
N ALA IC 54 84.41 -39.59 56.99
CA ALA IC 54 85.29 -39.01 55.96
C ALA IC 54 86.66 -38.68 56.52
N GLU IC 55 87.18 -39.52 57.41
CA GLU IC 55 88.45 -39.28 58.08
C GLU IC 55 89.49 -40.23 57.52
N GLY IC 56 90.50 -39.67 56.85
CA GLY IC 56 91.51 -40.45 56.18
C GLY IC 56 91.33 -40.59 54.69
N LEU IC 57 90.37 -39.89 54.09
CA LEU IC 57 90.06 -40.01 52.68
C LEU IC 57 90.45 -38.75 51.95
N ARG IC 58 90.89 -38.91 50.70
CA ARG IC 58 91.31 -37.83 49.84
C ARG IC 58 90.34 -37.68 48.68
N PHE IC 59 90.01 -36.45 48.34
CA PHE IC 59 88.94 -36.17 47.39
C PHE IC 59 89.44 -35.22 46.31
N GLY IC 60 88.67 -35.17 45.22
CA GLY IC 60 88.94 -34.26 44.12
C GLY IC 60 87.68 -33.69 43.52
N ILE IC 61 87.71 -32.42 43.15
CA ILE IC 61 86.56 -31.72 42.60
C ILE IC 61 86.95 -31.07 41.29
N VAL IC 62 86.08 -31.19 40.29
CA VAL IC 62 86.29 -30.58 38.97
C VAL IC 62 85.06 -29.74 38.65
N ALA IC 63 85.27 -28.46 38.40
CA ALA IC 63 84.18 -27.53 38.19
C ALA IC 63 84.50 -26.61 37.01
N SER IC 64 83.45 -26.06 36.42
CA SER IC 64 83.56 -25.20 35.25
C SER IC 64 83.30 -23.75 35.63
N ARG IC 65 83.84 -22.85 34.80
CA ARG IC 65 83.68 -21.42 35.04
C ARG IC 65 82.29 -20.91 34.66
N PHE IC 66 81.62 -21.55 33.71
CA PHE IC 66 80.38 -21.00 33.18
C PHE IC 66 79.34 -20.82 34.29
N ASN IC 67 78.67 -19.67 34.26
CA ASN IC 67 77.71 -19.30 35.29
C ASN IC 67 78.33 -19.42 36.68
N HIS IC 68 79.40 -18.64 36.89
CA HIS IC 68 80.13 -18.71 38.14
C HIS IC 68 79.26 -18.38 39.35
N ALA IC 69 78.16 -17.67 39.13
CA ALA IC 69 77.24 -17.41 40.24
C ALA IC 69 76.69 -18.71 40.81
N LEU IC 70 76.16 -19.57 39.95
CA LEU IC 70 75.60 -20.84 40.41
C LEU IC 70 76.68 -21.82 40.80
N VAL IC 71 77.73 -21.94 40.00
CA VAL IC 71 78.71 -23.00 40.22
C VAL IC 71 79.42 -22.82 41.55
N ASP IC 72 79.67 -21.57 41.94
CA ASP IC 72 80.37 -21.33 43.21
C ASP IC 72 79.55 -21.84 44.37
N ARG IC 73 78.23 -21.69 44.33
CA ARG IC 73 77.40 -22.20 45.40
C ARG IC 73 77.54 -23.71 45.54
N LEU IC 74 77.59 -24.41 44.41
CA LEU IC 74 77.69 -25.86 44.44
C LEU IC 74 79.03 -26.32 45.01
N VAL IC 75 80.11 -25.61 44.68
CA VAL IC 75 81.42 -26.02 45.18
C VAL IC 75 81.52 -25.77 46.67
N GLU IC 76 80.86 -24.73 47.19
CA GLU IC 76 80.85 -24.52 48.63
C GLU IC 76 80.12 -25.66 49.34
N GLY IC 77 79.02 -26.14 48.75
CA GLY IC 77 78.28 -27.22 49.38
C GLY IC 77 79.11 -28.48 49.54
N ALA IC 78 79.87 -28.86 48.52
CA ALA IC 78 80.68 -30.06 48.61
C ALA IC 78 81.75 -29.93 49.69
N ILE IC 79 82.36 -28.76 49.80
CA ILE IC 79 83.37 -28.55 50.83
C ILE IC 79 82.73 -28.63 52.22
N ASP IC 80 81.56 -28.03 52.39
CA ASP IC 80 80.88 -28.08 53.68
C ASP IC 80 80.60 -29.51 54.09
N CYS IC 81 80.09 -30.32 53.17
CA CYS IC 81 79.69 -31.69 53.50
C CYS IC 81 80.88 -32.50 53.99
N ILE IC 82 82.03 -32.39 53.32
CA ILE IC 82 83.18 -33.19 53.69
C ILE IC 82 83.72 -32.76 55.06
N VAL IC 83 83.69 -31.45 55.34
CA VAL IC 83 84.21 -30.96 56.62
C VAL IC 83 83.28 -31.37 57.76
N ARG IC 84 81.97 -31.19 57.58
CA ARG IC 84 81.02 -31.54 58.62
C ARG IC 84 81.12 -33.01 59.00
N HIS IC 85 81.48 -33.87 58.06
CA HIS IC 85 81.59 -35.30 58.31
C HIS IC 85 82.97 -35.72 58.80
N GLY IC 86 83.87 -34.78 59.04
CA GLY IC 86 85.13 -35.07 59.67
C GLY IC 86 86.33 -35.17 58.76
N GLY IC 87 86.35 -34.42 57.67
CA GLY IC 87 87.46 -34.45 56.73
C GLY IC 87 88.13 -33.09 56.65
N ARG IC 88 89.45 -33.10 56.51
CA ARG IC 88 90.21 -31.86 56.47
C ARG IC 88 90.15 -31.24 55.07
N GLU IC 89 90.39 -29.92 55.03
CA GLU IC 89 90.48 -29.23 53.76
C GLU IC 89 91.82 -29.46 53.07
N GLU IC 90 92.83 -29.96 53.77
CA GLU IC 90 94.11 -30.25 53.16
C GLU IC 90 94.09 -31.52 52.32
N ASP IC 91 93.02 -32.31 52.40
CA ASP IC 91 92.89 -33.54 51.63
C ASP IC 91 91.92 -33.38 50.47
N ILE IC 92 91.78 -32.17 49.96
CA ILE IC 92 90.89 -31.88 48.83
C ILE IC 92 91.70 -31.18 47.75
N THR IC 93 91.58 -31.64 46.51
CA THR IC 93 92.20 -31.03 45.36
C THR IC 93 91.12 -30.49 44.44
N LEU IC 94 91.22 -29.21 44.07
CA LEU IC 94 90.22 -28.55 43.25
C LEU IC 94 90.85 -28.13 41.93
N VAL IC 95 90.20 -28.48 40.83
CA VAL IC 95 90.69 -28.17 39.48
C VAL IC 95 89.54 -27.54 38.70
N ARG IC 96 89.82 -26.43 38.02
CA ARG IC 96 88.83 -25.68 37.28
C ARG IC 96 89.17 -25.68 35.79
N VAL IC 97 88.14 -25.72 34.95
CA VAL IC 97 88.33 -25.88 33.51
C VAL IC 97 87.42 -24.90 32.77
N PRO IC 98 87.75 -24.57 31.52
CA PRO IC 98 86.99 -23.52 30.82
C PRO IC 98 85.51 -23.81 30.67
N GLY IC 99 85.14 -25.05 30.41
CA GLY IC 99 83.75 -25.35 30.08
C GLY IC 99 83.42 -26.81 30.31
N SER IC 100 82.17 -27.15 30.00
CA SER IC 100 81.67 -28.49 30.28
C SER IC 100 82.41 -29.54 29.45
N TRP IC 101 82.76 -29.20 28.21
CA TRP IC 101 83.40 -30.17 27.33
C TRP IC 101 84.71 -30.70 27.90
N GLU IC 102 85.35 -29.97 28.80
CA GLU IC 102 86.65 -30.37 29.32
C GLU IC 102 86.59 -31.06 30.67
N ILE IC 103 85.39 -31.25 31.24
CA ILE IC 103 85.28 -31.96 32.51
C ILE IC 103 85.80 -33.39 32.40
N PRO IC 104 85.40 -34.18 31.40
CA PRO IC 104 85.82 -35.60 31.40
C PRO IC 104 87.32 -35.80 31.26
N VAL IC 105 87.98 -35.01 30.42
CA VAL IC 105 89.42 -35.17 30.24
C VAL IC 105 90.16 -34.72 31.51
N ALA IC 106 89.66 -33.67 32.17
CA ALA IC 106 90.24 -33.24 33.44
C ALA IC 106 90.04 -34.29 34.52
N ALA IC 107 88.85 -34.90 34.57
CA ALA IC 107 88.57 -35.91 35.58
C ALA IC 107 89.44 -37.15 35.40
N GLY IC 108 89.88 -37.43 34.17
CA GLY IC 108 90.71 -38.60 33.94
C GLY IC 108 92.08 -38.49 34.60
N GLU IC 109 92.67 -37.31 34.57
CA GLU IC 109 93.99 -37.14 35.18
C GLU IC 109 93.95 -37.37 36.68
N LEU IC 110 92.93 -36.82 37.35
CA LEU IC 110 92.81 -37.01 38.80
C LEU IC 110 92.62 -38.47 39.15
N ALA IC 111 91.75 -39.17 38.41
CA ALA IC 111 91.40 -40.53 38.74
C ALA IC 111 92.57 -41.49 38.61
N ARG IC 112 93.59 -41.15 37.83
CA ARG IC 112 94.72 -42.05 37.65
C ARG IC 112 95.72 -41.98 38.79
N LYS IC 113 95.65 -40.94 39.62
CA LYS IC 113 96.55 -40.84 40.76
C LYS IC 113 96.19 -41.86 41.82
N GLU IC 114 97.20 -42.32 42.55
CA GLU IC 114 97.00 -43.31 43.60
C GLU IC 114 96.71 -42.68 44.96
N ASP IC 115 96.59 -41.35 45.03
CA ASP IC 115 96.28 -40.66 46.27
C ASP IC 115 94.89 -40.03 46.27
N ILE IC 116 94.08 -40.30 45.25
CA ILE IC 116 92.71 -39.79 45.17
C ILE IC 116 91.76 -40.98 45.16
N ASP IC 117 90.78 -40.96 46.05
CA ASP IC 117 89.85 -42.07 46.23
C ASP IC 117 88.46 -41.79 45.68
N ALA IC 118 88.20 -40.59 45.19
CA ALA IC 118 86.90 -40.26 44.63
C ALA IC 118 86.99 -38.93 43.92
N VAL IC 119 86.11 -38.73 42.95
CA VAL IC 119 86.08 -37.52 42.14
C VAL IC 119 84.64 -37.04 42.03
N ILE IC 120 84.46 -35.73 42.08
CA ILE IC 120 83.15 -35.10 42.02
C ILE IC 120 83.16 -34.09 40.87
N ALA IC 121 82.15 -34.15 40.02
CA ALA IC 121 82.02 -33.27 38.88
C ALA IC 121 80.88 -32.28 39.13
N ILE IC 122 81.16 -31.00 38.93
CA ILE IC 122 80.18 -29.94 39.13
C ILE IC 122 80.12 -29.12 37.84
N GLY IC 123 78.90 -28.79 37.41
CA GLY IC 123 78.77 -28.02 36.19
C GLY IC 123 77.33 -27.64 35.95
N VAL IC 124 77.15 -26.73 35.00
CA VAL IC 124 75.84 -26.26 34.57
C VAL IC 124 75.82 -26.18 33.06
N LEU IC 125 74.73 -26.65 32.46
CA LEU IC 125 74.56 -26.66 31.02
C LEU IC 125 73.36 -25.82 30.63
N ILE IC 126 73.17 -25.65 29.32
CA ILE IC 126 72.05 -24.87 28.80
C ILE IC 126 71.42 -25.59 27.62
N ARG IC 127 70.31 -26.28 27.87
CA ARG IC 127 69.63 -26.99 26.80
C ARG IC 127 69.09 -26.02 25.75
N GLY IC 128 68.54 -24.90 26.19
CA GLY IC 128 68.03 -23.90 25.27
C GLY IC 128 69.13 -23.02 24.70
N ALA IC 129 69.99 -23.61 23.88
CA ALA IC 129 71.13 -22.91 23.28
C ALA IC 129 71.20 -23.30 21.80
N THR IC 130 72.29 -22.92 21.15
CA THR IC 130 72.47 -23.24 19.75
C THR IC 130 72.65 -24.74 19.57
N PRO IC 131 72.41 -25.25 18.36
CA PRO IC 131 72.57 -26.70 18.14
C PRO IC 131 73.97 -27.20 18.45
N HIS IC 132 74.98 -26.36 18.28
CA HIS IC 132 76.35 -26.78 18.57
C HIS IC 132 76.50 -27.23 20.01
N PHE IC 133 75.77 -26.62 20.93
CA PHE IC 133 75.84 -26.98 22.35
C PHE IC 133 74.81 -28.05 22.69
N ASP IC 134 74.77 -29.11 21.90
CA ASP IC 134 73.95 -30.29 22.17
C ASP IC 134 74.77 -31.57 22.08
N TYR IC 135 75.72 -31.65 21.13
CA TYR IC 135 76.63 -32.77 21.12
C TYR IC 135 77.46 -32.80 22.40
N ILE IC 136 77.81 -31.61 22.92
CA ILE IC 136 78.59 -31.54 24.15
C ILE IC 136 77.78 -32.10 25.31
N ALA IC 137 76.50 -31.76 25.38
CA ALA IC 137 75.71 -32.11 26.57
C ALA IC 137 75.67 -33.61 26.79
N SER IC 138 75.45 -34.38 25.72
CA SER IC 138 75.37 -35.83 25.88
C SER IC 138 76.74 -36.45 26.10
N GLU IC 139 77.80 -35.82 25.61
CA GLU IC 139 79.11 -36.44 25.68
C GLU IC 139 79.69 -36.39 27.09
N VAL IC 140 79.25 -35.42 27.91
CA VAL IC 140 79.73 -35.34 29.28
C VAL IC 140 79.29 -36.58 30.06
N SER IC 141 78.03 -36.99 29.90
CA SER IC 141 77.54 -38.16 30.60
C SER IC 141 78.27 -39.42 30.15
N LYS IC 142 78.47 -39.58 28.84
CA LYS IC 142 79.14 -40.77 28.34
C LYS IC 142 80.57 -40.87 28.84
N GLY IC 143 81.30 -39.75 28.81
CA GLY IC 143 82.72 -39.80 29.12
C GLY IC 143 82.98 -40.19 30.56
N LEU IC 144 82.24 -39.60 31.49
CA LEU IC 144 82.44 -39.89 32.90
C LEU IC 144 82.07 -41.33 33.22
N ALA IC 145 81.03 -41.85 32.57
CA ALA IC 145 80.61 -43.23 32.82
C ALA IC 145 81.69 -44.21 32.40
N ASN IC 146 82.31 -44.01 31.25
CA ASN IC 146 83.32 -44.96 30.78
C ASN IC 146 84.57 -44.91 31.62
N LEU IC 147 84.88 -43.77 32.23
CA LEU IC 147 86.06 -43.68 33.09
C LEU IC 147 85.95 -44.60 34.29
N SER IC 148 84.79 -44.59 34.94
CA SER IC 148 84.64 -45.35 36.18
C SER IC 148 84.86 -46.83 35.97
N LEU IC 149 84.24 -47.39 34.92
CA LEU IC 149 84.42 -48.81 34.65
C LEU IC 149 85.85 -49.11 34.24
N GLU IC 150 86.47 -48.22 33.45
CA GLU IC 150 87.83 -48.44 32.99
C GLU IC 150 88.82 -48.42 34.15
N LEU IC 151 88.76 -47.38 34.98
CA LEU IC 151 89.71 -47.22 36.07
C LEU IC 151 89.26 -47.88 37.36
N ARG IC 152 87.99 -48.29 37.46
CA ARG IC 152 87.48 -48.96 38.64
C ARG IC 152 87.62 -48.09 39.89
N LYS IC 153 86.98 -46.93 39.82
CA LYS IC 153 87.09 -45.92 40.86
C LYS IC 153 85.86 -45.01 40.81
N PRO IC 154 85.16 -44.80 41.92
CA PRO IC 154 83.91 -44.03 41.84
C PRO IC 154 84.13 -42.62 41.31
N ILE IC 155 83.25 -42.20 40.43
CA ILE IC 155 83.19 -40.83 39.95
C ILE IC 155 81.73 -40.39 40.01
N THR IC 156 81.48 -39.31 40.74
CA THR IC 156 80.13 -38.87 41.06
C THR IC 156 79.70 -37.75 40.14
N PHE IC 157 78.39 -37.62 39.96
CA PHE IC 157 77.79 -36.73 38.99
C PHE IC 157 77.07 -35.60 39.71
N GLY IC 158 77.39 -34.37 39.33
CA GLY IC 158 76.75 -33.21 39.92
C GLY IC 158 76.44 -32.13 38.91
N VAL IC 159 76.19 -32.51 37.67
CA VAL IC 159 75.98 -31.55 36.59
C VAL IC 159 74.48 -31.31 36.46
N ILE IC 160 74.07 -30.05 36.60
CA ILE IC 160 72.68 -29.66 36.54
C ILE IC 160 72.46 -28.80 35.30
N THR IC 161 71.21 -28.40 35.07
CA THR IC 161 70.86 -27.58 33.93
C THR IC 161 70.01 -26.40 34.37
N ALA IC 162 70.16 -25.29 33.68
CA ALA IC 162 69.44 -24.07 34.00
C ALA IC 162 68.16 -23.98 33.18
N ALA JC 10 59.81 -62.11 54.49
CA ALA JC 10 58.87 -61.65 53.48
C ALA JC 10 59.09 -62.43 52.19
N GLY JC 11 58.38 -62.02 51.13
CA GLY JC 11 58.59 -62.66 49.84
C GLY JC 11 57.59 -62.15 48.83
N THR JC 12 57.62 -62.74 47.64
CA THR JC 12 56.63 -62.42 46.62
C THR JC 12 56.56 -63.58 45.63
N LYS JC 13 55.80 -63.37 44.56
CA LYS JC 13 55.62 -64.34 43.49
C LYS JC 13 55.46 -63.55 42.20
N HIS JC 14 54.89 -64.18 41.16
CA HIS JC 14 54.68 -63.49 39.89
C HIS JC 14 54.06 -62.11 40.11
N GLY JC 15 54.50 -61.10 39.33
CA GLY JC 15 54.02 -59.71 39.45
C GLY JC 15 55.15 -58.77 39.81
N ASN JC 16 55.91 -59.08 40.86
CA ASN JC 16 57.05 -58.23 41.30
C ASN JC 16 58.20 -58.41 40.32
N LYS JC 17 58.97 -57.36 40.03
CA LYS JC 17 60.10 -57.40 39.05
C LYS JC 17 61.33 -58.05 39.69
N GLY JC 18 61.39 -58.16 41.03
CA GLY JC 18 62.49 -58.86 41.71
C GLY JC 18 62.43 -60.35 41.46
N TRP JC 19 61.22 -60.94 41.31
CA TRP JC 19 61.04 -62.37 41.11
C TRP JC 19 61.39 -62.78 39.68
N GLU JC 20 60.93 -62.01 38.69
CA GLU JC 20 61.22 -62.37 37.30
C GLU JC 20 62.71 -62.30 37.04
N ALA JC 21 63.38 -61.27 37.56
CA ALA JC 21 64.82 -61.13 37.32
C ALA JC 21 65.59 -62.32 37.90
N ALA JC 22 65.21 -62.77 39.09
CA ALA JC 22 65.88 -63.92 39.69
C ALA JC 22 65.65 -65.18 38.88
N LEU JC 23 64.49 -65.30 38.24
CA LEU JC 23 64.23 -66.47 37.39
C LEU JC 23 65.21 -66.55 36.24
N SER JC 24 65.44 -65.43 35.56
CA SER JC 24 66.34 -65.41 34.41
C SER JC 24 67.75 -65.79 34.82
N ALA JC 25 68.19 -65.32 35.98
CA ALA JC 25 69.55 -65.61 36.43
C ALA JC 25 69.76 -67.10 36.64
N ILE JC 26 68.78 -67.78 37.23
CA ILE JC 26 68.92 -69.22 37.46
C ILE JC 26 69.01 -69.96 36.14
N GLU JC 27 68.13 -69.63 35.21
CA GLU JC 27 68.13 -70.30 33.91
C GLU JC 27 69.44 -70.06 33.16
N MET JC 28 69.92 -68.81 33.17
CA MET JC 28 71.16 -68.49 32.48
C MET JC 28 72.37 -69.13 33.15
N ALA JC 29 72.37 -69.16 34.48
CA ALA JC 29 73.51 -69.74 35.20
C ALA JC 29 73.64 -71.22 34.93
N ASN JC 30 72.51 -71.93 34.84
CA ASN JC 30 72.55 -73.35 34.51
C ASN JC 30 72.92 -73.59 33.06
N LEU JC 31 72.45 -72.72 32.16
CA LEU JC 31 72.72 -72.89 30.74
C LEU JC 31 74.21 -72.87 30.45
N PHE JC 32 74.95 -71.94 31.05
CA PHE JC 32 76.36 -71.81 30.76
C PHE JC 32 77.12 -73.07 31.18
N LYS JC 33 76.77 -73.63 32.34
CA LYS JC 33 77.43 -74.86 32.79
C LYS JC 33 77.22 -75.99 31.79
N SER JC 34 76.07 -76.01 31.12
CA SER JC 34 75.82 -77.02 30.09
C SER JC 34 76.68 -76.77 28.85
N LEU JC 35 76.82 -75.50 28.46
CA LEU JC 35 77.61 -75.19 27.26
C LEU JC 35 79.08 -75.54 27.44
N ARG JC 36 79.64 -75.24 28.61
CA ARG JC 36 81.03 -75.55 28.88
C ARG JC 36 81.27 -77.04 29.10
N GLY JC 37 80.21 -77.84 29.21
CA GLY JC 37 80.35 -79.26 29.48
C GLY JC 37 80.82 -80.04 28.27
N THR JC 38 81.04 -81.34 28.49
CA THR JC 38 81.51 -82.20 27.43
C THR JC 38 80.50 -82.25 26.29
N GLY JC 39 81.00 -82.22 25.06
CA GLY JC 39 80.13 -82.23 23.91
C GLY JC 39 79.37 -83.53 23.77
N GLY JC 40 78.28 -83.47 23.01
CA GLY JC 40 77.44 -84.62 22.79
C GLY JC 40 78.04 -85.59 21.80
N SER JC 41 77.36 -86.73 21.65
CA SER JC 41 77.79 -87.77 20.74
C SER JC 41 77.37 -87.52 19.29
N GLY JC 42 76.64 -86.43 19.03
CA GLY JC 42 76.20 -86.15 17.68
C GLY JC 42 75.02 -87.02 17.28
N SER JC 43 74.88 -87.23 15.98
CA SER JC 43 73.84 -88.01 15.33
C SER JC 43 72.51 -87.28 15.27
N SER JC 44 72.39 -86.08 15.85
CA SER JC 44 71.18 -85.30 15.73
C SER JC 44 71.45 -83.88 16.22
N MET JC 45 70.47 -83.02 16.04
CA MET JC 45 70.57 -81.64 16.49
C MET JC 45 70.58 -81.58 18.01
N GLU JC 46 71.42 -80.70 18.54
CA GLU JC 46 71.56 -80.51 19.98
C GLU JC 46 70.80 -79.26 20.40
N ILE JC 47 69.93 -79.41 21.40
CA ILE JC 47 69.15 -78.31 21.93
C ILE JC 47 69.62 -78.06 23.36
N TYR JC 48 70.07 -76.83 23.63
CA TYR JC 48 70.54 -76.43 24.95
C TYR JC 48 69.50 -75.51 25.58
N GLU JC 49 69.14 -75.80 26.82
CA GLU JC 49 68.19 -74.97 27.53
C GLU JC 49 68.47 -75.10 29.03
N GLY JC 50 67.97 -74.15 29.81
CA GLY JC 50 68.26 -74.06 31.22
C GLY JC 50 67.18 -74.63 32.11
N LYS JC 51 67.60 -75.16 33.25
CA LYS JC 51 66.70 -75.73 34.25
C LYS JC 51 66.50 -74.73 35.38
N LEU JC 52 65.31 -74.78 35.98
CA LEU JC 52 64.99 -73.92 37.11
C LEU JC 52 65.39 -74.59 38.42
N THR JC 53 66.66 -74.98 38.53
CA THR JC 53 67.24 -75.52 39.75
C THR JC 53 68.41 -74.64 40.17
N ALA JC 54 68.50 -74.36 41.46
CA ALA JC 54 69.50 -73.43 41.99
C ALA JC 54 70.48 -74.10 42.95
N GLU JC 55 70.52 -75.42 42.99
CA GLU JC 55 71.40 -76.10 43.94
C GLU JC 55 72.85 -75.90 43.54
N GLY JC 56 73.67 -75.44 44.48
CA GLY JC 56 75.08 -75.26 44.25
C GLY JC 56 75.47 -73.99 43.53
N LEU JC 57 74.55 -73.04 43.37
CA LEU JC 57 74.82 -71.80 42.67
C LEU JC 57 75.06 -70.66 43.65
N ARG JC 58 75.70 -69.60 43.15
CA ARG JC 58 76.03 -68.43 43.95
C ARG JC 58 75.65 -67.17 43.19
N PHE JC 59 75.12 -66.18 43.90
CA PHE JC 59 74.53 -65.00 43.28
C PHE JC 59 75.02 -63.74 43.97
N GLY JC 60 74.80 -62.62 43.29
CA GLY JC 60 75.06 -61.32 43.87
C GLY JC 60 73.96 -60.36 43.47
N ILE JC 61 73.62 -59.46 44.39
CA ILE JC 61 72.54 -58.50 44.20
C ILE JC 61 73.08 -57.11 44.48
N VAL JC 62 72.73 -56.16 43.62
CA VAL JC 62 73.11 -54.76 43.77
C VAL JC 62 71.83 -53.94 43.77
N ALA JC 63 71.62 -53.17 44.83
CA ALA JC 63 70.38 -52.44 45.03
C ALA JC 63 70.66 -50.98 45.35
N SER JC 64 69.75 -50.12 44.92
CA SER JC 64 69.83 -48.68 45.17
C SER JC 64 68.92 -48.30 46.33
N ARG JC 65 69.37 -47.32 47.12
CA ARG JC 65 68.64 -46.91 48.31
C ARG JC 65 67.49 -45.96 48.02
N PHE JC 66 67.43 -45.38 46.82
CA PHE JC 66 66.37 -44.45 46.50
C PHE JC 66 65.03 -45.17 46.45
N ASN JC 67 63.97 -44.47 46.88
CA ASN JC 67 62.62 -45.01 46.91
C ASN JC 67 62.56 -46.30 47.75
N HIS JC 68 62.80 -46.11 49.05
CA HIS JC 68 62.93 -47.25 49.95
C HIS JC 68 61.69 -48.14 49.95
N ALA JC 69 60.52 -47.56 49.70
CA ALA JC 69 59.30 -48.36 49.71
C ALA JC 69 59.29 -49.38 48.58
N LEU JC 70 59.56 -48.93 47.35
CA LEU JC 70 59.52 -49.82 46.20
C LEU JC 70 60.67 -50.80 46.21
N VAL JC 71 61.89 -50.31 46.43
CA VAL JC 71 63.07 -51.16 46.24
C VAL JC 71 63.09 -52.27 47.26
N ASP JC 72 62.62 -52.01 48.47
CA ASP JC 72 62.71 -53.02 49.54
C ASP JC 72 61.93 -54.28 49.17
N ARG JC 73 60.75 -54.11 48.56
CA ARG JC 73 59.95 -55.29 48.23
C ARG JC 73 60.51 -56.03 47.02
N LEU JC 74 61.23 -55.34 46.13
CA LEU JC 74 61.88 -56.04 45.02
C LEU JC 74 63.03 -56.90 45.51
N VAL JC 75 63.82 -56.41 46.47
CA VAL JC 75 64.93 -57.20 46.98
C VAL JC 75 64.42 -58.44 47.70
N GLU JC 76 63.29 -58.32 48.39
CA GLU JC 76 62.70 -59.48 49.06
C GLU JC 76 62.24 -60.51 48.05
N GLY JC 77 61.66 -60.07 46.94
CA GLY JC 77 61.26 -61.01 45.91
C GLY JC 77 62.44 -61.77 45.33
N ALA JC 78 63.54 -61.07 45.08
CA ALA JC 78 64.71 -61.71 44.50
C ALA JC 78 65.28 -62.78 45.43
N ILE JC 79 65.39 -62.47 46.72
CA ILE JC 79 65.94 -63.44 47.67
C ILE JC 79 64.99 -64.61 47.83
N ASP JC 80 63.68 -64.34 47.76
CA ASP JC 80 62.69 -65.40 47.92
C ASP JC 80 62.80 -66.43 46.80
N CYS JC 81 62.99 -65.97 45.57
CA CYS JC 81 63.05 -66.87 44.42
C CYS JC 81 64.22 -67.85 44.56
N ILE JC 82 65.38 -67.37 44.98
CA ILE JC 82 66.56 -68.20 45.04
C ILE JC 82 66.40 -69.29 46.10
N VAL JC 83 65.82 -68.94 47.24
CA VAL JC 83 65.68 -69.91 48.33
C VAL JC 83 64.65 -70.98 47.97
N ARG JC 84 63.52 -70.58 47.38
CA ARG JC 84 62.46 -71.54 47.10
C ARG JC 84 62.91 -72.57 46.07
N HIS JC 85 63.72 -72.16 45.10
CA HIS JC 85 64.14 -73.03 44.01
C HIS JC 85 65.39 -73.84 44.34
N GLY JC 86 65.83 -73.85 45.59
CA GLY JC 86 66.93 -74.69 46.03
C GLY JC 86 68.17 -73.95 46.47
N GLY JC 87 68.17 -72.62 46.45
CA GLY JC 87 69.35 -71.88 46.83
C GLY JC 87 69.66 -72.02 48.30
N ARG JC 88 70.80 -71.47 48.68
CA ARG JC 88 71.29 -71.50 50.05
C ARG JC 88 71.61 -70.08 50.47
N GLU JC 89 71.09 -69.68 51.64
CA GLU JC 89 71.19 -68.29 52.06
C GLU JC 89 72.64 -67.84 52.22
N GLU JC 90 73.53 -68.76 52.57
CA GLU JC 90 74.94 -68.42 52.72
C GLU JC 90 75.61 -68.04 51.40
N ASP JC 91 74.97 -68.29 50.26
CA ASP JC 91 75.55 -68.06 48.95
C ASP JC 91 74.87 -66.89 48.23
N ILE JC 92 74.52 -65.84 48.97
CA ILE JC 92 74.03 -64.60 48.38
C ILE JC 92 74.79 -63.44 49.00
N THR JC 93 75.26 -62.53 48.15
CA THR JC 93 75.94 -61.32 48.59
C THR JC 93 75.11 -60.12 48.15
N LEU JC 94 74.85 -59.20 49.08
CA LEU JC 94 74.06 -58.02 48.81
C LEU JC 94 74.93 -56.77 48.96
N VAL JC 95 74.71 -55.80 48.08
CA VAL JC 95 75.45 -54.55 48.08
C VAL JC 95 74.47 -53.40 47.91
N ARG JC 96 74.54 -52.42 48.79
CA ARG JC 96 73.72 -51.21 48.71
C ARG JC 96 74.57 -50.05 48.18
N VAL JC 97 73.94 -49.20 47.38
CA VAL JC 97 74.63 -48.04 46.81
C VAL JC 97 73.69 -46.83 46.88
N PRO JC 98 74.26 -45.62 46.87
CA PRO JC 98 73.42 -44.41 46.94
C PRO JC 98 72.29 -44.37 45.93
N GLY JC 99 72.60 -44.50 44.65
CA GLY JC 99 71.59 -44.32 43.62
C GLY JC 99 71.83 -45.13 42.37
N SER JC 100 71.03 -44.88 41.34
CA SER JC 100 71.12 -45.67 40.12
C SER JC 100 72.42 -45.41 39.37
N TRP JC 101 72.95 -44.19 39.44
CA TRP JC 101 74.18 -43.88 38.71
C TRP JC 101 75.34 -44.74 39.17
N GLU JC 102 75.33 -45.20 40.42
CA GLU JC 102 76.44 -45.98 40.95
C GLU JC 102 76.28 -47.49 40.75
N ILE JC 103 75.15 -47.95 40.22
CA ILE JC 103 74.94 -49.39 40.09
C ILE JC 103 75.99 -50.03 39.18
N PRO JC 104 76.25 -49.52 37.98
CA PRO JC 104 77.19 -50.23 37.09
C PRO JC 104 78.57 -50.43 37.69
N VAL JC 105 79.10 -49.43 38.40
CA VAL JC 105 80.47 -49.55 38.92
C VAL JC 105 80.55 -50.64 39.97
N ALA JC 106 79.55 -50.68 40.86
CA ALA JC 106 79.54 -51.70 41.91
C ALA JC 106 79.32 -53.09 41.32
N ALA JC 107 78.47 -53.20 40.30
CA ALA JC 107 78.23 -54.50 39.67
C ALA JC 107 79.52 -55.08 39.10
N GLY JC 108 80.39 -54.23 38.57
CA GLY JC 108 81.64 -54.71 38.01
C GLY JC 108 82.54 -55.35 39.06
N GLU JC 109 82.54 -54.80 40.27
CA GLU JC 109 83.36 -55.37 41.33
C GLU JC 109 82.90 -56.79 41.68
N LEU JC 110 81.59 -57.02 41.66
CA LEU JC 110 81.08 -58.35 41.99
C LEU JC 110 81.37 -59.34 40.87
N ALA JC 111 81.14 -58.94 39.62
CA ALA JC 111 81.28 -59.86 38.50
C ALA JC 111 82.67 -60.45 38.38
N ARG JC 112 83.69 -59.77 38.91
CA ARG JC 112 85.05 -60.26 38.78
C ARG JC 112 85.41 -61.32 39.82
N LYS JC 113 84.59 -61.50 40.86
CA LYS JC 113 84.84 -62.55 41.83
C LYS JC 113 84.76 -63.91 41.14
N GLU JC 114 85.72 -64.78 41.45
CA GLU JC 114 85.75 -66.09 40.84
C GLU JC 114 84.65 -67.01 41.35
N ASP JC 115 83.92 -66.60 42.40
CA ASP JC 115 82.91 -67.43 43.03
C ASP JC 115 81.51 -66.81 42.91
N ILE JC 116 81.27 -66.04 41.85
CA ILE JC 116 79.97 -65.48 41.56
C ILE JC 116 79.56 -65.96 40.18
N ASP JC 117 78.37 -66.56 40.09
CA ASP JC 117 77.89 -67.11 38.83
C ASP JC 117 76.92 -66.20 38.10
N ALA JC 118 76.23 -65.31 38.81
CA ALA JC 118 75.31 -64.37 38.17
C ALA JC 118 75.14 -63.18 39.08
N VAL JC 119 74.61 -62.10 38.51
CA VAL JC 119 74.44 -60.83 39.21
C VAL JC 119 73.08 -60.25 38.84
N ILE JC 120 72.40 -59.67 39.82
CA ILE JC 120 71.06 -59.12 39.65
C ILE JC 120 71.10 -57.65 40.05
N ALA JC 121 70.65 -56.77 39.15
CA ALA JC 121 70.66 -55.34 39.40
C ALA JC 121 69.23 -54.85 39.62
N ILE JC 122 69.01 -54.10 40.70
CA ILE JC 122 67.70 -53.64 41.11
C ILE JC 122 67.77 -52.13 41.36
N GLY JC 123 66.77 -51.41 40.89
CA GLY JC 123 66.73 -49.98 41.09
C GLY JC 123 65.46 -49.39 40.52
N VAL JC 124 65.30 -48.09 40.73
CA VAL JC 124 64.13 -47.35 40.27
C VAL JC 124 64.60 -46.09 39.56
N LEU JC 125 64.01 -45.80 38.41
CA LEU JC 125 64.36 -44.65 37.60
C LEU JC 125 63.19 -43.68 37.55
N ILE JC 126 63.49 -42.39 37.58
CA ILE JC 126 62.46 -41.35 37.59
C ILE JC 126 62.57 -40.52 36.31
N ARG JC 127 62.98 -41.15 35.22
CA ARG JC 127 63.17 -40.45 33.97
C ARG JC 127 61.85 -39.85 33.47
N GLY JC 128 61.96 -38.70 32.80
CA GLY JC 128 60.83 -38.04 32.18
C GLY JC 128 60.41 -36.76 32.90
N ALA JC 129 60.58 -36.71 34.22
CA ALA JC 129 60.12 -35.56 34.98
C ALA JC 129 60.92 -34.31 34.61
N THR JC 130 62.25 -34.39 34.63
CA THR JC 130 63.11 -33.24 34.40
C THR JC 130 64.45 -33.76 33.90
N PRO JC 131 65.33 -32.86 33.41
CA PRO JC 131 66.68 -33.28 33.04
C PRO JC 131 67.48 -33.74 34.25
N HIS JC 132 68.74 -34.12 34.04
CA HIS JC 132 69.64 -34.69 35.04
C HIS JC 132 69.30 -36.14 35.33
N PHE JC 133 68.22 -36.68 34.75
CA PHE JC 133 67.83 -38.07 34.93
C PHE JC 133 67.74 -38.84 33.63
N ASP JC 134 67.41 -38.18 32.51
CA ASP JC 134 67.47 -38.85 31.22
C ASP JC 134 68.89 -39.29 30.90
N TYR JC 135 69.87 -38.46 31.26
CA TYR JC 135 71.26 -38.84 31.10
C TYR JC 135 71.59 -40.04 31.99
N ILE JC 136 71.12 -40.03 33.23
CA ILE JC 136 71.43 -41.12 34.15
C ILE JC 136 70.84 -42.42 33.64
N ALA JC 137 69.60 -42.39 33.16
CA ALA JC 137 68.93 -43.61 32.74
C ALA JC 137 69.64 -44.26 31.57
N SER JC 138 70.10 -43.46 30.61
CA SER JC 138 70.74 -44.01 29.42
C SER JC 138 72.01 -44.76 29.78
N GLU JC 139 72.83 -44.20 30.67
CA GLU JC 139 74.14 -44.79 30.91
C GLU JC 139 74.04 -46.06 31.75
N VAL JC 140 73.01 -46.20 32.57
CA VAL JC 140 72.87 -47.39 33.39
C VAL JC 140 72.67 -48.62 32.51
N SER JC 141 71.82 -48.50 31.49
CA SER JC 141 71.61 -49.60 30.56
C SER JC 141 72.88 -49.93 29.78
N LYS JC 142 73.60 -48.91 29.31
CA LYS JC 142 74.80 -49.14 28.54
C LYS JC 142 75.85 -49.87 29.37
N GLY JC 143 76.08 -49.42 30.60
CA GLY JC 143 77.18 -49.97 31.38
C GLY JC 143 76.97 -51.44 31.74
N LEU JC 144 75.76 -51.79 32.15
CA LEU JC 144 75.49 -53.17 32.53
C LEU JC 144 75.61 -54.11 31.34
N ALA JC 145 75.15 -53.68 30.17
CA ALA JC 145 75.26 -54.51 28.99
C ALA JC 145 76.72 -54.75 28.62
N ASN JC 146 77.52 -53.69 28.60
CA ASN JC 146 78.92 -53.82 28.21
C ASN JC 146 79.67 -54.73 29.17
N LEU JC 147 79.39 -54.62 30.46
CA LEU JC 147 80.07 -55.47 31.44
C LEU JC 147 79.81 -56.94 31.17
N SER JC 148 78.59 -57.27 30.77
CA SER JC 148 78.22 -58.67 30.57
C SER JC 148 79.05 -59.31 29.47
N LEU JC 149 79.24 -58.61 28.36
CA LEU JC 149 80.00 -59.17 27.25
C LEU JC 149 81.50 -59.22 27.56
N GLU JC 150 82.02 -58.18 28.22
CA GLU JC 150 83.45 -58.12 28.50
C GLU JC 150 83.85 -59.18 29.52
N LEU JC 151 83.01 -59.40 30.53
CA LEU JC 151 83.33 -60.34 31.61
C LEU JC 151 82.74 -61.72 31.40
N ARG JC 152 81.75 -61.87 30.52
CA ARG JC 152 81.18 -63.17 30.16
C ARG JC 152 80.44 -63.80 31.34
N LYS JC 153 79.67 -62.99 32.06
CA LYS JC 153 78.79 -63.48 33.11
C LYS JC 153 77.41 -62.86 32.91
N PRO JC 154 76.34 -63.63 33.04
CA PRO JC 154 75.00 -63.04 32.90
C PRO JC 154 74.76 -61.97 33.96
N ILE JC 155 74.07 -60.90 33.57
CA ILE JC 155 73.78 -59.78 34.45
C ILE JC 155 72.36 -59.32 34.15
N THR JC 156 71.45 -59.55 35.09
CA THR JC 156 70.03 -59.32 34.85
C THR JC 156 69.65 -57.89 35.17
N PHE JC 157 68.58 -57.42 34.54
CA PHE JC 157 68.18 -56.02 34.55
C PHE JC 157 66.82 -55.92 35.25
N GLY JC 158 66.84 -55.67 36.56
CA GLY JC 158 65.65 -55.48 37.34
C GLY JC 158 65.20 -54.04 37.48
N VAL JC 159 65.80 -53.11 36.74
CA VAL JC 159 65.48 -51.69 36.91
C VAL JC 159 64.10 -51.41 36.37
N ILE JC 160 63.27 -50.78 37.19
CA ILE JC 160 61.92 -50.39 36.80
C ILE JC 160 61.86 -48.88 36.69
N THR JC 161 60.75 -48.37 36.17
CA THR JC 161 60.51 -46.94 36.06
C THR JC 161 59.13 -46.62 36.59
N ALA JC 162 59.01 -45.53 37.34
CA ALA JC 162 57.75 -45.12 37.93
C ALA JC 162 57.16 -43.94 37.20
N GLY KC 15 58.31 -63.28 2.86
CA GLY KC 15 58.74 -64.57 3.35
C GLY KC 15 59.31 -64.52 4.75
N ASN KC 16 59.79 -65.67 5.23
CA ASN KC 16 60.37 -65.72 6.56
C ASN KC 16 61.59 -64.83 6.65
N LYS KC 17 61.66 -64.02 7.70
CA LYS KC 17 62.89 -63.29 7.99
C LYS KC 17 63.97 -64.22 8.52
N GLY KC 18 63.58 -65.41 9.00
CA GLY KC 18 64.57 -66.41 9.36
C GLY KC 18 65.18 -67.10 8.17
N TRP KC 19 64.44 -67.19 7.05
CA TRP KC 19 65.03 -67.70 5.83
C TRP KC 19 66.10 -66.74 5.31
N GLU KC 20 65.82 -65.43 5.33
CA GLU KC 20 66.79 -64.46 4.84
C GLU KC 20 68.04 -64.46 5.70
N ALA KC 21 67.89 -64.57 7.01
CA ALA KC 21 69.04 -64.53 7.89
C ALA KC 21 69.96 -65.71 7.66
N ALA KC 22 69.42 -66.85 7.24
CA ALA KC 22 70.26 -68.01 7.00
C ALA KC 22 71.01 -67.92 5.68
N LEU KC 23 70.42 -67.28 4.67
CA LEU KC 23 71.16 -67.06 3.42
C LEU KC 23 72.39 -66.20 3.65
N SER KC 24 72.26 -65.16 4.48
CA SER KC 24 73.40 -64.29 4.75
C SER KC 24 74.49 -65.04 5.50
N ALA KC 25 74.13 -66.02 6.33
CA ALA KC 25 75.13 -66.74 7.09
C ALA KC 25 75.87 -67.76 6.22
N ILE KC 26 75.17 -68.38 5.28
CA ILE KC 26 75.83 -69.29 4.35
C ILE KC 26 76.83 -68.53 3.49
N GLU KC 27 76.43 -67.37 2.98
CA GLU KC 27 77.29 -66.59 2.11
C GLU KC 27 78.51 -66.05 2.87
N MET KC 28 78.31 -65.54 4.08
CA MET KC 28 79.41 -64.95 4.83
C MET KC 28 80.39 -66.02 5.29
N ALA KC 29 79.90 -67.21 5.63
CA ALA KC 29 80.78 -68.28 6.05
C ALA KC 29 81.70 -68.71 4.93
N ASN KC 30 81.18 -68.79 3.70
CA ASN KC 30 82.00 -69.16 2.56
C ASN KC 30 83.00 -68.06 2.22
N LEU KC 31 82.58 -66.80 2.34
CA LEU KC 31 83.46 -65.69 2.01
C LEU KC 31 84.70 -65.70 2.89
N PHE KC 32 84.52 -65.90 4.19
CA PHE KC 32 85.65 -65.87 5.11
C PHE KC 32 86.61 -67.03 4.88
N LYS KC 33 86.16 -68.10 4.23
CA LYS KC 33 87.03 -69.21 3.91
C LYS KC 33 87.95 -68.90 2.74
N SER KC 34 87.47 -68.13 1.76
CA SER KC 34 88.31 -67.74 0.63
C SER KC 34 89.34 -66.70 1.04
N LEU KC 35 88.95 -65.76 1.90
CA LEU KC 35 89.90 -64.75 2.36
C LEU KC 35 91.04 -65.39 3.13
N ARG KC 36 90.73 -66.33 4.02
CA ARG KC 36 91.76 -67.00 4.79
C ARG KC 36 92.69 -67.83 3.92
N GLY KC 37 92.25 -68.23 2.74
CA GLY KC 37 93.05 -69.04 1.84
C GLY KC 37 93.94 -68.21 0.93
N THR KC 38 94.62 -68.91 0.04
CA THR KC 38 95.52 -68.25 -0.90
C THR KC 38 94.74 -67.37 -1.87
N GLY KC 39 95.40 -66.32 -2.33
CA GLY KC 39 94.79 -65.38 -3.26
C GLY KC 39 94.87 -65.86 -4.69
N GLY KC 40 94.56 -64.95 -5.61
CA GLY KC 40 94.57 -65.27 -7.02
C GLY KC 40 95.97 -65.35 -7.60
N SER KC 41 96.03 -65.74 -8.87
CA SER KC 41 97.30 -65.90 -9.56
C SER KC 41 97.96 -64.57 -9.88
N GLY KC 42 97.25 -63.45 -9.70
CA GLY KC 42 97.80 -62.14 -9.99
C GLY KC 42 97.58 -61.74 -11.44
N SER KC 43 98.14 -60.57 -11.77
CA SER KC 43 98.06 -59.96 -13.10
C SER KC 43 96.66 -59.44 -13.41
N SER KC 44 95.75 -59.45 -12.45
CA SER KC 44 94.40 -58.95 -12.66
C SER KC 44 93.78 -58.64 -11.30
N MET KC 45 92.65 -57.94 -11.33
CA MET KC 45 91.95 -57.59 -10.10
C MET KC 45 91.51 -58.84 -9.37
N GLU KC 46 91.73 -58.87 -8.06
CA GLU KC 46 91.34 -59.98 -7.22
C GLU KC 46 89.95 -59.74 -6.66
N ILE KC 47 89.00 -60.62 -6.99
CA ILE KC 47 87.62 -60.51 -6.54
C ILE KC 47 87.34 -61.68 -5.60
N TYR KC 48 86.79 -61.37 -4.42
CA TYR KC 48 86.42 -62.36 -3.42
C TYR KC 48 84.91 -62.39 -3.30
N GLU KC 49 84.35 -63.60 -3.24
CA GLU KC 49 82.93 -63.81 -3.39
C GLU KC 49 82.53 -65.03 -2.57
N GLY KC 50 81.26 -65.06 -2.14
CA GLY KC 50 80.75 -66.16 -1.36
C GLY KC 50 79.62 -66.91 -2.04
N LYS KC 51 79.76 -68.23 -2.13
CA LYS KC 51 78.77 -69.08 -2.78
C LYS KC 51 77.68 -69.50 -1.79
N LEU KC 52 76.53 -69.89 -2.34
CA LEU KC 52 75.41 -70.36 -1.54
C LEU KC 52 75.36 -71.89 -1.47
N THR KC 53 76.47 -72.51 -1.08
CA THR KC 53 76.56 -73.95 -0.86
C THR KC 53 76.91 -74.19 0.60
N ALA KC 54 76.15 -75.07 1.25
CA ALA KC 54 76.21 -75.25 2.70
C ALA KC 54 76.62 -76.66 3.09
N GLU KC 55 77.62 -77.21 2.41
CA GLU KC 55 78.11 -78.54 2.71
C GLU KC 55 79.39 -78.43 3.52
N GLY KC 56 79.42 -79.09 4.67
CA GLY KC 56 80.58 -79.08 5.54
C GLY KC 56 80.65 -77.92 6.51
N LEU KC 57 79.61 -77.09 6.59
CA LEU KC 57 79.62 -75.90 7.44
C LEU KC 57 78.80 -76.15 8.70
N ARG KC 58 79.28 -75.60 9.82
CA ARG KC 58 78.66 -75.74 11.12
C ARG KC 58 78.00 -74.42 11.51
N PHE KC 59 76.78 -74.50 12.02
CA PHE KC 59 75.98 -73.33 12.32
C PHE KC 59 75.45 -73.40 13.75
N GLY KC 60 75.18 -72.23 14.32
CA GLY KC 60 74.54 -72.12 15.62
C GLY KC 60 73.43 -71.09 15.61
N ILE KC 61 72.33 -71.38 16.31
CA ILE KC 61 71.17 -70.51 16.33
C ILE KC 61 70.85 -70.16 17.78
N VAL KC 62 70.49 -68.90 18.02
CA VAL KC 62 70.12 -68.40 19.33
C VAL KC 62 68.74 -67.76 19.21
N ALA KC 63 67.76 -68.26 19.95
CA ALA KC 63 66.40 -67.79 19.87
C ALA KC 63 65.84 -67.55 21.27
N SER KC 64 64.92 -66.60 21.36
CA SER KC 64 64.26 -66.25 22.61
C SER KC 64 62.91 -66.95 22.71
N ARG KC 65 62.41 -67.07 23.95
CA ARG KC 65 61.14 -67.75 24.21
C ARG KC 65 59.96 -66.79 24.30
N PHE KC 66 60.17 -65.50 24.10
CA PHE KC 66 59.07 -64.54 24.15
C PHE KC 66 58.26 -64.61 22.86
N ASN KC 67 56.95 -64.80 22.99
CA ASN KC 67 56.07 -64.99 21.83
C ASN KC 67 56.52 -66.18 20.99
N HIS KC 68 56.47 -67.36 21.60
CA HIS KC 68 56.93 -68.57 20.91
C HIS KC 68 56.05 -68.94 19.73
N ALA KC 69 54.89 -68.32 19.58
CA ALA KC 69 54.08 -68.54 18.39
C ALA KC 69 54.81 -68.06 17.14
N LEU KC 70 55.28 -66.82 17.15
CA LEU KC 70 55.98 -66.28 16.00
C LEU KC 70 57.40 -66.80 15.90
N VAL KC 71 58.07 -66.98 17.04
CA VAL KC 71 59.49 -67.29 17.03
C VAL KC 71 59.73 -68.68 16.43
N ASP KC 72 58.89 -69.64 16.80
CA ASP KC 72 59.11 -71.01 16.31
C ASP KC 72 59.00 -71.09 14.81
N ARG KC 73 58.15 -70.26 14.19
CA ARG KC 73 58.07 -70.23 12.74
C ARG KC 73 59.38 -69.76 12.12
N LEU KC 74 60.01 -68.75 12.72
CA LEU KC 74 61.26 -68.23 12.19
C LEU KC 74 62.39 -69.24 12.32
N VAL KC 75 62.43 -69.98 13.43
CA VAL KC 75 63.48 -70.98 13.61
C VAL KC 75 63.33 -72.08 12.59
N GLU KC 76 62.10 -72.48 12.29
CA GLU KC 76 61.86 -73.54 11.31
C GLU KC 76 62.35 -73.12 9.93
N GLY KC 77 62.11 -71.86 9.56
CA GLY KC 77 62.56 -71.38 8.26
C GLY KC 77 64.06 -71.42 8.10
N ALA KC 78 64.80 -71.08 9.15
CA ALA KC 78 66.25 -71.08 9.08
C ALA KC 78 66.78 -72.49 8.84
N ILE KC 79 66.22 -73.49 9.53
CA ILE KC 79 66.69 -74.86 9.36
C ILE KC 79 66.35 -75.38 7.98
N ASP KC 80 65.18 -75.02 7.46
CA ASP KC 80 64.79 -75.44 6.12
C ASP KC 80 65.77 -74.91 5.07
N CYS KC 81 66.20 -73.66 5.22
CA CYS KC 81 67.13 -73.07 4.27
C CYS KC 81 68.44 -73.85 4.23
N ILE KC 82 68.96 -74.23 5.39
CA ILE KC 82 70.27 -74.87 5.43
C ILE KC 82 70.22 -76.26 4.82
N VAL KC 83 69.12 -76.99 5.03
CA VAL KC 83 69.02 -78.35 4.49
C VAL KC 83 68.87 -78.31 2.97
N ARG KC 84 68.08 -77.35 2.46
CA ARG KC 84 67.82 -77.31 1.03
C ARG KC 84 69.07 -76.93 0.25
N HIS KC 85 69.99 -76.19 0.85
CA HIS KC 85 71.24 -75.81 0.20
C HIS KC 85 72.37 -76.78 0.52
N GLY KC 86 72.04 -78.01 0.89
CA GLY KC 86 73.03 -79.03 1.10
C GLY KC 86 73.49 -79.20 2.53
N GLY KC 87 72.87 -78.52 3.49
CA GLY KC 87 73.29 -78.62 4.86
C GLY KC 87 72.84 -79.90 5.52
N ARG KC 88 73.55 -80.27 6.58
CA ARG KC 88 73.28 -81.49 7.32
C ARG KC 88 72.77 -81.10 8.70
N GLU KC 89 71.56 -81.56 9.04
CA GLU KC 89 70.92 -81.12 10.28
C GLU KC 89 71.69 -81.58 11.52
N GLU KC 90 72.61 -82.53 11.38
CA GLU KC 90 73.48 -82.92 12.48
C GLU KC 90 74.49 -81.84 12.83
N ASP KC 91 74.67 -80.83 11.98
CA ASP KC 91 75.64 -79.76 12.19
C ASP KC 91 74.98 -78.44 12.54
N ILE KC 92 73.90 -78.49 13.33
CA ILE KC 92 73.22 -77.30 13.81
C ILE KC 92 73.07 -77.41 15.32
N THR KC 93 73.43 -76.34 16.04
CA THR KC 93 73.29 -76.25 17.49
C THR KC 93 72.30 -75.15 17.82
N LEU KC 94 71.35 -75.45 18.70
CA LEU KC 94 70.27 -74.52 19.03
C LEU KC 94 70.31 -74.19 20.52
N VAL KC 95 70.22 -72.90 20.84
CA VAL KC 95 70.23 -72.41 22.22
C VAL KC 95 68.99 -71.55 22.43
N ARG KC 96 68.28 -71.79 23.52
CA ARG KC 96 67.06 -71.06 23.84
C ARG KC 96 67.32 -70.22 25.09
N VAL KC 97 66.88 -68.97 25.07
CA VAL KC 97 67.15 -68.04 26.18
C VAL KC 97 65.84 -67.39 26.61
N PRO KC 98 65.78 -66.91 27.86
CA PRO KC 98 64.54 -66.29 28.36
C PRO KC 98 64.01 -65.12 27.55
N GLY KC 99 64.83 -64.08 27.37
CA GLY KC 99 64.36 -62.88 26.71
C GLY KC 99 65.37 -62.27 25.75
N SER KC 100 65.05 -61.10 25.22
CA SER KC 100 65.94 -60.45 24.28
C SER KC 100 67.22 -59.96 24.95
N TRP KC 101 67.14 -59.58 26.23
CA TRP KC 101 68.31 -59.06 26.92
C TRP KC 101 69.45 -60.06 26.98
N GLU KC 102 69.16 -61.35 26.82
CA GLU KC 102 70.16 -62.40 27.00
C GLU KC 102 70.75 -62.92 25.70
N ILE KC 103 70.28 -62.46 24.54
CA ILE KC 103 70.78 -62.98 23.27
C ILE KC 103 72.25 -62.63 23.08
N PRO KC 104 72.68 -61.38 23.28
CA PRO KC 104 74.10 -61.06 23.02
C PRO KC 104 75.08 -61.90 23.82
N VAL KC 105 74.86 -62.08 25.12
CA VAL KC 105 75.83 -62.82 25.93
C VAL KC 105 75.83 -64.30 25.54
N ALA KC 106 74.65 -64.85 25.22
CA ALA KC 106 74.61 -66.23 24.75
C ALA KC 106 75.33 -66.37 23.42
N ALA KC 107 75.17 -65.40 22.52
CA ALA KC 107 75.83 -65.46 21.23
C ALA KC 107 77.35 -65.42 21.39
N GLY KC 108 77.84 -64.85 22.48
CA GLY KC 108 79.29 -64.80 22.69
C GLY KC 108 79.88 -66.18 22.94
N GLU KC 109 79.19 -67.01 23.72
CA GLU KC 109 79.73 -68.33 24.03
C GLU KC 109 79.78 -69.21 22.79
N LEU KC 110 78.74 -69.15 21.95
CA LEU KC 110 78.74 -69.93 20.73
C LEU KC 110 79.84 -69.46 19.78
N ALA KC 111 79.95 -68.14 19.57
CA ALA KC 111 80.91 -67.63 18.61
C ALA KC 111 82.34 -67.94 18.98
N ARG KC 112 82.63 -68.17 20.26
CA ARG KC 112 83.97 -68.48 20.68
C ARG KC 112 84.36 -69.93 20.43
N LYS KC 113 83.39 -70.81 20.16
CA LYS KC 113 83.70 -72.21 19.88
C LYS KC 113 84.28 -72.34 18.47
N GLU KC 114 85.39 -73.05 18.36
CA GLU KC 114 86.11 -73.14 17.09
C GLU KC 114 85.38 -73.99 16.05
N ASP KC 115 84.37 -74.78 16.46
CA ASP KC 115 83.61 -75.61 15.54
C ASP KC 115 82.36 -74.92 15.03
N ILE KC 116 82.30 -73.60 15.09
CA ILE KC 116 81.15 -72.83 14.62
C ILE KC 116 81.65 -71.83 13.59
N ASP KC 117 80.98 -71.78 12.44
CA ASP KC 117 81.37 -70.90 11.35
C ASP KC 117 80.52 -69.64 11.26
N ALA KC 118 79.28 -69.68 11.74
CA ALA KC 118 78.44 -68.49 11.79
C ALA KC 118 77.35 -68.70 12.81
N VAL KC 119 76.78 -67.60 13.29
CA VAL KC 119 75.74 -67.62 14.31
C VAL KC 119 74.56 -66.79 13.83
N ILE KC 120 73.36 -67.33 14.01
CA ILE KC 120 72.12 -66.69 13.60
C ILE KC 120 71.34 -66.35 14.87
N ALA KC 121 70.88 -65.11 14.98
CA ALA KC 121 70.18 -64.62 16.16
C ALA KC 121 68.75 -64.27 15.80
N ILE KC 122 67.79 -64.98 16.40
CA ILE KC 122 66.37 -64.81 16.11
C ILE KC 122 65.68 -64.33 17.37
N GLY KC 123 64.64 -63.51 17.20
CA GLY KC 123 63.90 -63.00 18.34
C GLY KC 123 62.87 -61.99 17.88
N VAL KC 124 62.02 -61.61 18.83
CA VAL KC 124 60.95 -60.65 18.59
C VAL KC 124 60.99 -59.60 19.68
N LEU KC 125 60.90 -58.33 19.30
CA LEU KC 125 60.89 -57.22 20.22
C LEU KC 125 59.46 -56.74 20.44
N ILE KC 126 59.28 -55.94 21.49
CA ILE KC 126 57.98 -55.47 21.93
C ILE KC 126 57.90 -53.98 21.59
N ARG KC 127 57.24 -53.65 20.48
CA ARG KC 127 56.97 -52.26 20.19
C ARG KC 127 55.96 -51.72 21.17
N GLY KC 128 56.16 -50.46 21.58
CA GLY KC 128 55.39 -49.90 22.67
C GLY KC 128 55.95 -50.33 24.01
N ALA KC 129 55.27 -49.90 25.07
CA ALA KC 129 55.75 -50.15 26.44
C ALA KC 129 57.19 -49.65 26.60
N THR KC 130 57.44 -48.47 26.02
CA THR KC 130 58.79 -47.89 26.05
C THR KC 130 59.39 -47.76 27.44
N PRO KC 131 58.67 -47.33 28.50
CA PRO KC 131 59.31 -47.10 29.81
C PRO KC 131 60.31 -48.16 30.24
N HIS KC 132 60.10 -49.43 29.88
CA HIS KC 132 61.02 -50.51 30.23
C HIS KC 132 61.71 -51.11 29.02
N PHE KC 133 60.95 -51.53 28.00
CA PHE KC 133 61.51 -52.28 26.89
C PHE KC 133 62.26 -51.41 25.89
N ASP KC 134 62.08 -50.08 25.93
CA ASP KC 134 62.80 -49.23 24.99
C ASP KC 134 64.31 -49.30 25.20
N TYR KC 135 64.76 -49.52 26.44
CA TYR KC 135 66.19 -49.59 26.71
C TYR KC 135 66.78 -50.91 26.25
N ILE KC 136 66.05 -52.01 26.40
CA ILE KC 136 66.54 -53.30 25.92
C ILE KC 136 66.63 -53.30 24.41
N ALA KC 137 65.81 -52.50 23.74
CA ALA KC 137 65.73 -52.57 22.28
C ALA KC 137 67.05 -52.19 21.62
N SER KC 138 67.61 -51.02 21.98
CA SER KC 138 68.84 -50.58 21.34
C SER KC 138 70.03 -51.42 21.74
N GLU KC 139 69.95 -52.14 22.86
CA GLU KC 139 71.12 -52.88 23.34
C GLU KC 139 71.34 -54.15 22.54
N VAL KC 140 70.28 -54.72 21.96
CA VAL KC 140 70.44 -55.97 21.23
C VAL KC 140 71.23 -55.76 19.95
N SER KC 141 70.88 -54.73 19.18
CA SER KC 141 71.60 -54.48 17.94
C SER KC 141 73.04 -54.03 18.22
N LYS KC 142 73.23 -53.17 19.21
CA LYS KC 142 74.57 -52.69 19.51
C LYS KC 142 75.48 -53.82 19.97
N GLY KC 143 74.95 -54.73 20.80
CA GLY KC 143 75.79 -55.81 21.31
C GLY KC 143 76.23 -56.78 20.23
N LEU KC 144 75.32 -57.15 19.33
CA LEU KC 144 75.67 -58.11 18.28
C LEU KC 144 76.69 -57.52 17.34
N ALA KC 145 76.56 -56.23 17.00
CA ALA KC 145 77.51 -55.59 16.10
C ALA KC 145 78.92 -55.59 16.67
N ASN KC 146 79.06 -55.29 17.96
CA ASN KC 146 80.38 -55.25 18.57
C ASN KC 146 81.01 -56.63 18.66
N LEU KC 147 80.20 -57.67 18.84
CA LEU KC 147 80.75 -59.02 18.99
C LEU KC 147 81.48 -59.46 17.73
N SER KC 148 80.87 -59.23 16.56
CA SER KC 148 81.46 -59.70 15.32
C SER KC 148 82.81 -59.04 15.05
N LEU KC 149 82.89 -57.73 15.30
CA LEU KC 149 84.16 -57.03 15.09
C LEU KC 149 85.23 -57.52 16.05
N GLU KC 150 84.86 -57.81 17.30
CA GLU KC 150 85.84 -58.24 18.28
C GLU KC 150 86.30 -59.67 18.03
N LEU KC 151 85.37 -60.57 17.68
CA LEU KC 151 85.70 -61.97 17.45
C LEU KC 151 86.06 -62.26 16.00
N ARG KC 152 85.86 -61.32 15.09
CA ARG KC 152 86.14 -61.51 13.67
C ARG KC 152 85.40 -62.73 13.11
N LYS KC 153 84.12 -62.83 13.46
CA LYS KC 153 83.27 -63.92 13.05
C LYS KC 153 81.92 -63.32 12.64
N PRO KC 154 81.29 -63.83 11.59
CA PRO KC 154 80.02 -63.22 11.16
C PRO KC 154 78.84 -63.64 12.03
N ILE KC 155 78.06 -62.66 12.46
CA ILE KC 155 76.82 -62.87 13.20
C ILE KC 155 75.72 -62.12 12.47
N THR KC 156 74.64 -62.82 12.15
CA THR KC 156 73.55 -62.28 11.36
C THR KC 156 72.39 -61.86 12.25
N PHE KC 157 71.62 -60.90 11.77
CA PHE KC 157 70.58 -60.23 12.53
C PHE KC 157 69.22 -60.68 12.01
N GLY KC 158 68.50 -61.45 12.83
CA GLY KC 158 67.21 -61.97 12.44
C GLY KC 158 66.11 -61.58 13.40
N VAL KC 159 66.18 -60.36 13.91
CA VAL KC 159 65.25 -59.86 14.93
C VAL KC 159 64.24 -58.94 14.25
N ILE KC 160 62.96 -59.21 14.50
CA ILE KC 160 61.88 -58.39 13.96
C ILE KC 160 61.10 -57.77 15.11
N THR KC 161 60.12 -56.93 14.79
CA THR KC 161 59.32 -56.22 15.77
C THR KC 161 57.85 -56.57 15.59
N ALA KC 162 57.10 -56.49 16.68
CA ALA KC 162 55.68 -56.77 16.68
C ALA KC 162 55.41 -58.19 16.17
N LYS LC 13 80.76 -38.85 -13.01
CA LYS LC 13 81.72 -37.96 -12.36
C LYS LC 13 81.02 -36.96 -11.46
N HIS LC 14 81.66 -36.62 -10.34
CA HIS LC 14 81.12 -35.68 -9.38
C HIS LC 14 79.87 -36.25 -8.74
N GLY LC 15 78.77 -36.29 -9.50
CA GLY LC 15 77.53 -36.84 -8.96
C GLY LC 15 77.68 -38.29 -8.54
N ASN LC 16 78.46 -39.06 -9.28
CA ASN LC 16 78.68 -40.46 -8.95
C ASN LC 16 79.41 -40.56 -7.62
N LYS LC 17 78.70 -40.98 -6.56
CA LYS LC 17 79.29 -41.02 -5.23
C LYS LC 17 80.42 -42.03 -5.13
N GLY LC 18 80.55 -42.95 -6.08
CA GLY LC 18 81.70 -43.83 -6.09
C GLY LC 18 82.96 -43.12 -6.55
N TRP LC 19 82.81 -42.07 -7.36
CA TRP LC 19 83.96 -41.26 -7.76
C TRP LC 19 84.45 -40.41 -6.60
N GLU LC 20 83.52 -39.80 -5.85
CA GLU LC 20 83.92 -38.95 -4.73
C GLU LC 20 84.67 -39.73 -3.66
N ALA LC 21 84.16 -40.92 -3.33
CA ALA LC 21 84.78 -41.72 -2.28
C ALA LC 21 86.20 -42.12 -2.66
N ALA LC 22 86.42 -42.48 -3.93
CA ALA LC 22 87.76 -42.84 -4.37
C ALA LC 22 88.71 -41.64 -4.30
N LEU LC 23 88.21 -40.46 -4.66
CA LEU LC 23 89.05 -39.26 -4.58
C LEU LC 23 89.49 -38.98 -3.15
N SER LC 24 88.56 -39.09 -2.20
CA SER LC 24 88.92 -38.86 -0.80
C SER LC 24 89.96 -39.86 -0.32
N ALA LC 25 89.86 -41.10 -0.79
CA ALA LC 25 90.82 -42.11 -0.37
C ALA LC 25 92.23 -41.79 -0.85
N ILE LC 26 92.37 -41.34 -2.10
CA ILE LC 26 93.70 -41.03 -2.62
C ILE LC 26 94.32 -39.89 -1.84
N GLU LC 27 93.54 -38.86 -1.55
CA GLU LC 27 94.07 -37.71 -0.82
C GLU LC 27 94.55 -38.13 0.57
N MET LC 28 93.77 -38.95 1.27
CA MET LC 28 94.10 -39.29 2.64
C MET LC 28 95.30 -40.24 2.71
N ALA LC 29 95.40 -41.18 1.78
CA ALA LC 29 96.53 -42.10 1.79
C ALA LC 29 97.83 -41.40 1.49
N ASN LC 30 97.80 -40.31 0.73
CA ASN LC 30 99.00 -39.51 0.51
C ASN LC 30 99.35 -38.69 1.73
N LEU LC 31 98.34 -38.13 2.40
CA LEU LC 31 98.58 -37.29 3.56
C LEU LC 31 99.25 -38.09 4.68
N PHE LC 32 98.78 -39.32 4.91
CA PHE LC 32 99.35 -40.14 5.97
C PHE LC 32 100.80 -40.50 5.66
N LYS LC 33 101.12 -40.73 4.38
CA LYS LC 33 102.49 -41.02 4.01
C LYS LC 33 103.41 -39.84 4.31
N SER LC 34 102.90 -38.62 4.17
CA SER LC 34 103.71 -37.45 4.47
C SER LC 34 103.89 -37.26 5.97
N LEU LC 35 102.82 -37.42 6.75
CA LEU LC 35 102.90 -37.17 8.18
C LEU LC 35 103.82 -38.15 8.89
N ARG LC 36 104.01 -39.34 8.33
CA ARG LC 36 104.85 -40.35 8.94
C ARG LC 36 106.30 -40.27 8.47
N GLY LC 37 106.65 -39.30 7.63
CA GLY LC 37 108.00 -39.10 7.18
C GLY LC 37 108.68 -37.95 7.89
N THR LC 38 109.87 -37.60 7.38
CA THR LC 38 110.62 -36.50 7.95
C THR LC 38 109.88 -35.19 7.77
N GLY LC 39 110.04 -34.29 8.74
CA GLY LC 39 109.38 -33.01 8.72
C GLY LC 39 110.05 -32.02 7.79
N GLY LC 40 109.47 -30.82 7.74
CA GLY LC 40 109.98 -29.77 6.88
C GLY LC 40 111.22 -29.10 7.44
N SER LC 41 111.79 -28.21 6.63
CA SER LC 41 112.98 -27.49 7.04
C SER LC 41 112.74 -26.56 8.22
N GLY LC 42 111.49 -26.17 8.45
CA GLY LC 42 111.17 -25.28 9.55
C GLY LC 42 111.17 -23.82 9.14
N SER LC 43 111.08 -22.97 10.17
CA SER LC 43 111.04 -21.51 10.02
C SER LC 43 109.75 -21.01 9.42
N SER LC 44 108.74 -21.87 9.26
CA SER LC 44 107.46 -21.46 8.72
C SER LC 44 106.39 -22.42 9.20
N MET LC 45 105.14 -21.96 9.13
CA MET LC 45 104.01 -22.80 9.51
C MET LC 45 103.89 -23.95 8.52
N GLU LC 46 104.31 -25.14 8.94
CA GLU LC 46 104.20 -26.31 8.09
C GLU LC 46 102.75 -26.53 7.70
N ILE LC 47 102.51 -26.78 6.41
CA ILE LC 47 101.19 -27.10 5.90
C ILE LC 47 101.27 -28.46 5.22
N TYR LC 48 100.37 -29.35 5.59
CA TYR LC 48 100.29 -30.69 5.03
C TYR LC 48 98.99 -30.83 4.25
N GLU LC 49 99.08 -31.37 3.04
CA GLU LC 49 97.89 -31.68 2.27
C GLU LC 49 98.25 -32.73 1.23
N GLY LC 50 97.23 -33.44 0.76
CA GLY LC 50 97.42 -34.59 -0.11
C GLY LC 50 97.26 -34.24 -1.58
N LYS LC 51 97.96 -34.99 -2.42
CA LYS LC 51 97.94 -34.81 -3.86
C LYS LC 51 97.16 -35.94 -4.52
N LEU LC 52 96.56 -35.63 -5.67
CA LEU LC 52 95.72 -36.59 -6.39
C LEU LC 52 96.56 -37.45 -7.32
N THR LC 53 97.52 -38.15 -6.72
CA THR LC 53 98.36 -39.12 -7.41
C THR LC 53 98.23 -40.45 -6.72
N ALA LC 54 98.12 -41.53 -7.49
CA ALA LC 54 97.80 -42.85 -6.96
C ALA LC 54 98.72 -43.91 -7.56
N GLU LC 55 100.01 -43.62 -7.60
CA GLU LC 55 101.00 -44.56 -8.11
C GLU LC 55 101.73 -45.20 -6.93
N GLY LC 56 101.70 -46.53 -6.88
CA GLY LC 56 102.29 -47.28 -5.80
C GLY LC 56 101.36 -47.59 -4.64
N LEU LC 57 100.12 -47.10 -4.66
CA LEU LC 57 99.18 -47.34 -3.58
C LEU LC 57 98.34 -48.59 -3.86
N ARG LC 58 97.88 -49.21 -2.78
CA ARG LC 58 97.01 -50.38 -2.84
C ARG LC 58 95.69 -50.05 -2.16
N PHE LC 59 94.59 -50.43 -2.80
CA PHE LC 59 93.25 -50.13 -2.31
C PHE LC 59 92.46 -51.41 -2.11
N GLY LC 60 91.35 -51.28 -1.40
CA GLY LC 60 90.41 -52.36 -1.21
C GLY LC 60 89.00 -51.86 -1.13
N ILE LC 61 88.07 -52.48 -1.86
CA ILE LC 61 86.69 -52.01 -1.96
C ILE LC 61 85.77 -53.09 -1.41
N VAL LC 62 84.81 -52.68 -0.58
CA VAL LC 62 83.78 -53.55 -0.04
C VAL LC 62 82.43 -52.99 -0.46
N ALA LC 63 81.66 -53.80 -1.19
CA ALA LC 63 80.39 -53.37 -1.76
C ALA LC 63 79.32 -54.41 -1.51
N SER LC 64 78.08 -53.95 -1.40
CA SER LC 64 76.95 -54.81 -1.12
C SER LC 64 76.15 -55.05 -2.42
N ARG LC 65 75.00 -55.72 -2.28
CA ARG LC 65 74.18 -56.08 -3.42
C ARG LC 65 72.76 -55.53 -3.39
N PHE LC 66 72.26 -55.11 -2.22
CA PHE LC 66 70.93 -54.53 -2.15
C PHE LC 66 70.80 -53.39 -3.16
N ASN LC 67 69.83 -53.53 -4.07
CA ASN LC 67 69.69 -52.63 -5.19
C ASN LC 67 70.98 -52.62 -6.03
N HIS LC 68 71.32 -53.81 -6.55
CA HIS LC 68 72.58 -53.97 -7.25
C HIS LC 68 72.64 -53.11 -8.52
N ALA LC 69 71.50 -52.66 -9.03
CA ALA LC 69 71.52 -51.76 -10.18
C ALA LC 69 72.28 -50.47 -9.86
N LEU LC 70 71.92 -49.82 -8.75
CA LEU LC 70 72.65 -48.63 -8.32
C LEU LC 70 74.09 -48.95 -7.96
N VAL LC 71 74.32 -50.08 -7.29
CA VAL LC 71 75.64 -50.37 -6.75
C VAL LC 71 76.63 -50.65 -7.87
N ASP LC 72 76.22 -51.41 -8.89
CA ASP LC 72 77.14 -51.74 -9.97
C ASP LC 72 77.63 -50.49 -10.67
N ARG LC 73 76.81 -49.44 -10.72
CA ARG LC 73 77.25 -48.18 -11.30
C ARG LC 73 78.26 -47.50 -10.40
N LEU LC 74 77.98 -47.42 -9.09
CA LEU LC 74 78.89 -46.76 -8.17
C LEU LC 74 80.24 -47.45 -8.13
N VAL LC 75 80.25 -48.77 -8.11
CA VAL LC 75 81.51 -49.51 -7.97
C VAL LC 75 82.41 -49.25 -9.16
N GLU LC 76 81.84 -49.20 -10.37
CA GLU LC 76 82.65 -48.97 -11.56
C GLU LC 76 83.19 -47.54 -11.60
N GLY LC 77 82.50 -46.60 -10.96
CA GLY LC 77 83.04 -45.26 -10.84
C GLY LC 77 84.29 -45.21 -10.00
N ALA LC 78 84.35 -46.04 -8.95
CA ALA LC 78 85.51 -46.04 -8.07
C ALA LC 78 86.73 -46.62 -8.76
N ILE LC 79 86.56 -47.70 -9.52
CA ILE LC 79 87.71 -48.30 -10.19
C ILE LC 79 88.22 -47.41 -11.31
N ASP LC 80 87.32 -46.64 -11.94
CA ASP LC 80 87.77 -45.70 -12.97
C ASP LC 80 88.62 -44.59 -12.38
N CYS LC 81 88.23 -44.07 -11.22
CA CYS LC 81 88.95 -42.96 -10.62
C CYS LC 81 90.38 -43.34 -10.27
N ILE LC 82 90.58 -44.56 -9.78
CA ILE LC 82 91.92 -44.98 -9.39
C ILE LC 82 92.81 -45.19 -10.61
N VAL LC 83 92.28 -45.85 -11.65
CA VAL LC 83 93.11 -46.19 -12.79
C VAL LC 83 93.50 -44.93 -13.57
N ARG LC 84 92.60 -43.96 -13.66
CA ARG LC 84 92.86 -42.74 -14.40
C ARG LC 84 93.73 -41.74 -13.63
N HIS LC 85 94.02 -42.02 -12.37
CA HIS LC 85 94.93 -41.19 -11.58
C HIS LC 85 96.28 -41.88 -11.36
N GLY LC 86 96.60 -42.88 -12.17
CA GLY LC 86 97.90 -43.52 -12.12
C GLY LC 86 97.96 -44.86 -11.41
N GLY LC 87 96.82 -45.42 -11.01
CA GLY LC 87 96.83 -46.67 -10.28
C GLY LC 87 96.97 -47.88 -11.19
N ARG LC 88 96.89 -49.05 -10.58
CA ARG LC 88 96.92 -50.32 -11.28
C ARG LC 88 95.78 -51.21 -10.79
N GLU LC 89 95.22 -51.99 -11.71
CA GLU LC 89 94.18 -52.95 -11.33
C GLU LC 89 94.75 -54.16 -10.62
N GLU LC 90 96.05 -54.43 -10.76
CA GLU LC 90 96.69 -55.48 -9.99
C GLU LC 90 96.81 -55.13 -8.51
N ASP LC 91 96.49 -53.89 -8.14
CA ASP LC 91 96.59 -53.43 -6.76
C ASP LC 91 95.23 -53.06 -6.16
N ILE LC 92 94.14 -53.59 -6.71
CA ILE LC 92 92.80 -53.39 -6.18
C ILE LC 92 92.26 -54.74 -5.74
N THR LC 93 91.62 -54.78 -4.57
CA THR LC 93 90.99 -55.98 -4.03
C THR LC 93 89.52 -55.67 -3.76
N LEU LC 94 88.63 -56.42 -4.40
CA LEU LC 94 87.19 -56.18 -4.31
C LEU LC 94 86.53 -57.32 -3.54
N VAL LC 95 85.60 -56.95 -2.65
CA VAL LC 95 84.85 -57.91 -1.83
C VAL LC 95 83.38 -57.56 -1.91
N ARG LC 96 82.53 -58.57 -2.12
CA ARG LC 96 81.09 -58.40 -2.16
C ARG LC 96 80.46 -59.06 -0.94
N VAL LC 97 79.41 -58.43 -0.41
CA VAL LC 97 78.72 -58.93 0.77
C VAL LC 97 77.23 -58.89 0.53
N PRO LC 98 76.45 -59.65 1.31
CA PRO LC 98 74.99 -59.67 1.07
C PRO LC 98 74.30 -58.34 1.27
N GLY LC 99 74.47 -57.70 2.41
CA GLY LC 99 73.72 -56.50 2.75
C GLY LC 99 74.57 -55.49 3.50
N SER LC 100 73.91 -54.40 3.88
CA SER LC 100 74.62 -53.33 4.58
C SER LC 100 75.08 -53.75 5.96
N TRP LC 101 74.34 -54.63 6.62
CA TRP LC 101 74.74 -55.09 7.95
C TRP LC 101 76.11 -55.74 7.95
N GLU LC 102 76.50 -56.34 6.83
CA GLU LC 102 77.72 -57.13 6.76
C GLU LC 102 78.94 -56.34 6.30
N ILE LC 103 78.77 -55.06 5.95
CA ILE LC 103 79.92 -54.29 5.46
C ILE LC 103 81.00 -54.14 6.52
N PRO LC 104 80.70 -53.75 7.76
CA PRO LC 104 81.78 -53.54 8.74
C PRO LC 104 82.66 -54.74 9.01
N VAL LC 105 82.09 -55.95 9.11
CA VAL LC 105 82.91 -57.10 9.45
C VAL LC 105 83.85 -57.44 8.30
N ALA LC 106 83.42 -57.19 7.06
CA ALA LC 106 84.27 -57.44 5.90
C ALA LC 106 85.33 -56.35 5.72
N ALA LC 107 85.01 -55.11 6.08
CA ALA LC 107 86.00 -54.04 5.98
C ALA LC 107 87.17 -54.28 6.94
N GLY LC 108 86.88 -54.82 8.12
CA GLY LC 108 87.92 -55.04 9.11
C GLY LC 108 88.97 -56.04 8.64
N GLU LC 109 88.54 -57.06 7.89
CA GLU LC 109 89.49 -58.05 7.38
C GLU LC 109 90.45 -57.42 6.40
N LEU LC 110 89.95 -56.53 5.53
CA LEU LC 110 90.82 -55.86 4.58
C LEU LC 110 91.73 -54.85 5.28
N ALA LC 111 91.20 -54.11 6.25
CA ALA LC 111 91.96 -53.07 6.92
C ALA LC 111 93.09 -53.61 7.78
N ARG LC 112 93.13 -54.91 8.04
CA ARG LC 112 94.18 -55.52 8.84
C ARG LC 112 95.34 -56.05 8.02
N LYS LC 113 95.31 -55.87 6.71
CA LYS LC 113 96.39 -56.33 5.85
C LYS LC 113 97.48 -55.27 5.75
N GLU LC 114 98.73 -55.71 5.80
CA GLU LC 114 99.86 -54.80 5.73
C GLU LC 114 100.04 -54.19 4.34
N ASP LC 115 99.32 -54.67 3.33
CA ASP LC 115 99.48 -54.19 1.97
C ASP LC 115 98.49 -53.10 1.59
N ILE LC 116 97.33 -53.07 2.22
CA ILE LC 116 96.30 -52.10 1.85
C ILE LC 116 96.60 -50.77 2.54
N ASP LC 117 96.32 -49.68 1.83
CA ASP LC 117 96.52 -48.32 2.33
C ASP LC 117 95.22 -47.62 2.68
N ALA LC 118 94.15 -47.86 1.94
CA ALA LC 118 92.86 -47.24 2.23
C ALA LC 118 91.76 -48.16 1.75
N VAL LC 119 90.57 -47.98 2.32
CA VAL LC 119 89.43 -48.84 2.05
C VAL LC 119 88.22 -47.97 1.74
N ILE LC 120 87.41 -48.41 0.78
CA ILE LC 120 86.21 -47.70 0.36
C ILE LC 120 85.00 -48.57 0.65
N ALA LC 121 83.95 -47.96 1.19
CA ALA LC 121 82.70 -48.65 1.49
C ALA LC 121 81.60 -48.10 0.60
N ILE LC 122 80.91 -48.98 -0.12
CA ILE LC 122 79.83 -48.60 -1.02
C ILE LC 122 78.62 -49.45 -0.69
N GLY LC 123 77.47 -48.81 -0.52
CA GLY LC 123 76.28 -49.53 -0.15
C GLY LC 123 75.06 -48.65 -0.24
N VAL LC 124 73.89 -49.28 -0.10
CA VAL LC 124 72.60 -48.62 -0.21
C VAL LC 124 71.82 -48.88 1.07
N LEU LC 125 71.25 -47.83 1.63
CA LEU LC 125 70.48 -47.90 2.87
C LEU LC 125 69.01 -47.61 2.61
N ILE LC 126 68.18 -48.03 3.55
CA ILE LC 126 66.75 -47.71 3.55
C ILE LC 126 66.47 -47.02 4.87
N ARG LC 127 65.92 -45.80 4.80
CA ARG LC 127 65.69 -44.97 5.97
C ARG LC 127 64.20 -44.62 6.06
N GLY LC 128 63.66 -44.74 7.27
CA GLY LC 128 62.29 -44.31 7.53
C GLY LC 128 61.22 -45.29 7.09
N ALA LC 129 61.59 -46.45 6.56
CA ALA LC 129 60.58 -47.38 6.07
C ALA LC 129 59.92 -48.14 7.22
N THR LC 130 60.70 -48.94 7.94
CA THR LC 130 60.19 -49.76 9.04
C THR LC 130 61.34 -50.07 9.97
N PRO LC 131 61.06 -50.48 11.20
CA PRO LC 131 62.14 -50.96 12.08
C PRO LC 131 62.83 -52.16 11.45
N HIS LC 132 63.95 -52.55 12.03
CA HIS LC 132 64.90 -53.53 11.51
C HIS LC 132 65.78 -52.90 10.44
N PHE LC 133 65.56 -51.63 10.08
CA PHE LC 133 66.45 -50.90 9.20
C PHE LC 133 66.88 -49.56 9.75
N ASP LC 134 66.16 -48.98 10.72
CA ASP LC 134 66.70 -47.86 11.47
C ASP LC 134 67.77 -48.34 12.45
N TYR LC 135 67.58 -49.52 13.04
CA TYR LC 135 68.63 -50.12 13.85
C TYR LC 135 69.85 -50.45 13.01
N ILE LC 136 69.64 -50.98 11.81
CA ILE LC 136 70.77 -51.37 10.96
C ILE LC 136 71.58 -50.14 10.58
N ALA LC 137 70.91 -49.08 10.14
CA ALA LC 137 71.60 -47.91 9.62
C ALA LC 137 72.49 -47.27 10.69
N SER LC 138 71.99 -47.16 11.91
CA SER LC 138 72.75 -46.50 12.96
C SER LC 138 74.00 -47.27 13.33
N GLU LC 139 74.11 -48.53 12.92
CA GLU LC 139 75.25 -49.36 13.30
C GLU LC 139 76.29 -49.50 12.19
N VAL LC 140 75.91 -49.30 10.94
CA VAL LC 140 76.89 -49.31 9.86
C VAL LC 140 77.81 -48.10 9.98
N SER LC 141 77.25 -46.93 10.26
CA SER LC 141 78.07 -45.74 10.43
C SER LC 141 78.98 -45.85 11.64
N LYS LC 142 78.44 -46.31 12.76
CA LYS LC 142 79.22 -46.37 13.99
C LYS LC 142 80.38 -47.35 13.88
N GLY LC 143 80.16 -48.49 13.23
CA GLY LC 143 81.20 -49.48 13.14
C GLY LC 143 82.38 -49.03 12.31
N LEU LC 144 82.10 -48.40 11.16
CA LEU LC 144 83.19 -47.96 10.28
C LEU LC 144 84.05 -46.90 10.95
N ALA LC 145 83.42 -46.01 11.71
CA ALA LC 145 84.18 -44.96 12.40
C ALA LC 145 85.14 -45.53 13.42
N ASN LC 146 84.75 -46.59 14.12
CA ASN LC 146 85.64 -47.20 15.11
C ASN LC 146 86.80 -47.92 14.47
N LEU LC 147 86.59 -48.54 13.31
CA LEU LC 147 87.69 -49.26 12.66
C LEU LC 147 88.81 -48.31 12.25
N SER LC 148 88.44 -47.12 11.75
CA SER LC 148 89.45 -46.16 11.32
C SER LC 148 90.38 -45.80 12.47
N LEU LC 149 89.80 -45.45 13.63
CA LEU LC 149 90.61 -44.98 14.75
C LEU LC 149 91.41 -46.10 15.39
N GLU LC 150 90.84 -47.30 15.43
CA GLU LC 150 91.52 -48.41 16.08
C GLU LC 150 92.71 -48.89 15.28
N LEU LC 151 92.55 -49.03 13.96
CA LEU LC 151 93.60 -49.54 13.09
C LEU LC 151 94.43 -48.45 12.43
N ARG LC 152 94.07 -47.18 12.60
CA ARG LC 152 94.84 -46.06 12.05
C ARG LC 152 94.98 -46.19 10.54
N LYS LC 153 93.84 -46.17 9.85
CA LYS LC 153 93.78 -46.33 8.41
C LYS LC 153 92.50 -45.65 7.95
N PRO LC 154 92.52 -44.94 6.83
CA PRO LC 154 91.32 -44.21 6.41
C PRO LC 154 90.31 -45.12 5.72
N ILE LC 155 89.04 -44.98 6.09
CA ILE LC 155 87.94 -45.73 5.50
C ILE LC 155 86.88 -44.72 5.07
N THR LC 156 86.61 -44.69 3.77
CA THR LC 156 85.74 -43.68 3.20
C THR LC 156 84.31 -44.20 3.09
N PHE LC 157 83.36 -43.29 3.16
CA PHE LC 157 81.94 -43.59 3.33
C PHE LC 157 81.21 -43.25 2.05
N GLY LC 158 81.13 -44.21 1.14
CA GLY LC 158 80.44 -44.02 -0.12
C GLY LC 158 79.01 -44.53 -0.07
N VAL LC 159 78.49 -44.72 1.14
CA VAL LC 159 77.16 -45.29 1.32
C VAL LC 159 76.13 -44.21 1.07
N ILE LC 160 75.15 -44.52 0.21
CA ILE LC 160 74.10 -43.57 -0.15
C ILE LC 160 72.76 -44.07 0.40
N THR LC 161 71.71 -43.29 0.18
CA THR LC 161 70.38 -43.59 0.68
C THR LC 161 69.37 -43.44 -0.44
N ALA LC 162 68.22 -44.09 -0.26
CA ALA LC 162 67.14 -44.04 -1.25
C ALA LC 162 67.62 -44.53 -2.61
N GLY MC 15 57.50 70.27 -40.16
CA GLY MC 15 56.09 69.97 -40.05
C GLY MC 15 55.55 69.20 -41.24
N ASN MC 16 56.21 69.35 -42.39
CA ASN MC 16 55.81 68.68 -43.61
C ASN MC 16 57.04 68.27 -44.40
N LYS MC 17 56.92 67.18 -45.15
CA LYS MC 17 58.06 66.65 -45.88
C LYS MC 17 58.46 67.51 -47.06
N GLY MC 18 57.59 68.42 -47.50
CA GLY MC 18 57.99 69.34 -48.55
C GLY MC 18 59.10 70.27 -48.11
N TRP MC 19 59.00 70.79 -46.89
CA TRP MC 19 60.06 71.61 -46.33
C TRP MC 19 61.35 70.80 -46.16
N GLU MC 20 61.23 69.57 -45.66
CA GLU MC 20 62.42 68.75 -45.43
C GLU MC 20 63.11 68.40 -46.74
N ALA MC 21 62.36 68.05 -47.77
CA ALA MC 21 62.97 67.67 -49.04
C ALA MC 21 63.71 68.83 -49.67
N ALA MC 22 63.14 70.05 -49.58
CA ALA MC 22 63.80 71.20 -50.16
C ALA MC 22 65.09 71.54 -49.43
N LEU MC 23 65.15 71.29 -48.12
CA LEU MC 23 66.34 71.61 -47.36
C LEU MC 23 67.50 70.68 -47.73
N SER MC 24 67.21 69.40 -47.96
CA SER MC 24 68.25 68.49 -48.43
C SER MC 24 68.77 68.89 -49.79
N ALA MC 25 67.88 69.37 -50.66
CA ALA MC 25 68.29 69.77 -52.00
C ALA MC 25 69.27 70.93 -51.96
N ILE MC 26 69.02 71.91 -51.09
CA ILE MC 26 69.92 73.06 -51.00
C ILE MC 26 71.31 72.61 -50.57
N GLU MC 27 71.38 71.76 -49.54
CA GLU MC 27 72.67 71.31 -49.04
C GLU MC 27 73.41 70.50 -50.08
N MET MC 28 72.71 69.60 -50.78
CA MET MC 28 73.37 68.78 -51.79
C MET MC 28 73.86 69.61 -52.97
N ALA MC 29 73.12 70.64 -53.35
CA ALA MC 29 73.57 71.51 -54.44
C ALA MC 29 74.86 72.22 -54.09
N ASN MC 30 74.97 72.73 -52.86
CA ASN MC 30 76.19 73.42 -52.44
C ASN MC 30 77.34 72.45 -52.26
N LEU MC 31 77.06 71.21 -51.85
CA LEU MC 31 78.13 70.22 -51.68
C LEU MC 31 78.78 69.87 -53.00
N PHE MC 32 77.99 69.77 -54.07
CA PHE MC 32 78.53 69.38 -55.36
C PHE MC 32 79.35 70.49 -56.01
N LYS MC 33 79.18 71.74 -55.57
CA LYS MC 33 80.06 72.80 -56.04
C LYS MC 33 81.44 72.71 -55.39
N SER MC 34 81.51 72.25 -54.15
CA SER MC 34 82.80 72.12 -53.47
C SER MC 34 83.60 70.95 -54.04
N LEU MC 35 82.95 69.81 -54.27
CA LEU MC 35 83.67 68.65 -54.78
C LEU MC 35 84.25 68.92 -56.16
N ARG MC 36 83.50 69.62 -57.01
CA ARG MC 36 83.95 69.95 -58.36
C ARG MC 36 84.68 71.29 -58.37
N GLY MC 37 85.71 71.37 -57.54
CA GLY MC 37 86.48 72.59 -57.41
C GLY MC 37 87.93 72.29 -57.10
N THR MC 38 88.79 73.28 -57.36
CA THR MC 38 90.21 73.15 -57.14
C THR MC 38 90.73 74.41 -56.46
N GLY MC 39 91.81 74.26 -55.71
CA GLY MC 39 92.39 75.38 -55.01
C GLY MC 39 93.40 74.90 -53.99
N GLY MC 40 93.94 75.86 -53.25
CA GLY MC 40 94.92 75.54 -52.23
C GLY MC 40 94.30 74.78 -51.07
N SER MC 41 95.13 73.98 -50.41
CA SER MC 41 94.68 73.18 -49.28
C SER MC 41 95.85 72.96 -48.33
N GLY MC 42 95.52 72.65 -47.08
CA GLY MC 42 96.52 72.41 -46.05
C GLY MC 42 96.99 70.97 -46.04
N SER MC 43 97.82 70.66 -45.05
CA SER MC 43 98.37 69.33 -44.86
C SER MC 43 97.54 68.47 -43.92
N SER MC 44 96.40 68.95 -43.47
CA SER MC 44 95.55 68.24 -42.52
C SER MC 44 94.45 67.48 -43.25
N MET MC 45 93.50 66.95 -42.49
CA MET MC 45 92.37 66.25 -43.06
C MET MC 45 91.49 67.22 -43.84
N GLU MC 46 90.90 66.72 -44.93
CA GLU MC 46 90.04 67.51 -45.81
C GLU MC 46 88.59 67.16 -45.56
N ILE MC 47 87.76 68.18 -45.32
CA ILE MC 47 86.33 68.00 -45.04
C ILE MC 47 85.54 68.80 -46.06
N TYR MC 48 84.51 68.16 -46.62
CA TYR MC 48 83.58 68.80 -47.54
C TYR MC 48 82.20 68.83 -46.90
N GLU MC 49 81.63 70.01 -46.80
CA GLU MC 49 80.30 70.22 -46.23
C GLU MC 49 79.49 71.11 -47.15
N GLY MC 50 78.18 71.16 -46.90
CA GLY MC 50 77.29 71.99 -47.67
C GLY MC 50 76.62 73.07 -46.84
N LYS MC 51 76.74 74.32 -47.28
CA LYS MC 51 76.06 75.42 -46.62
C LYS MC 51 74.58 75.42 -46.99
N LEU MC 52 73.81 76.23 -46.27
CA LEU MC 52 72.38 76.36 -46.47
C LEU MC 52 72.02 77.74 -47.03
N THR MC 53 72.85 78.26 -47.92
CA THR MC 53 72.57 79.48 -48.65
C THR MC 53 72.06 79.12 -50.03
N ALA MC 54 70.88 79.60 -50.39
CA ALA MC 54 70.21 79.21 -51.62
C ALA MC 54 70.38 80.22 -52.74
N GLU MC 55 71.28 81.19 -52.58
CA GLU MC 55 71.44 82.25 -53.56
C GLU MC 55 72.18 81.73 -54.79
N GLY MC 56 71.61 81.98 -55.97
CA GLY MC 56 72.24 81.62 -57.22
C GLY MC 56 71.93 80.23 -57.75
N LEU MC 57 71.17 79.43 -57.02
CA LEU MC 57 70.85 78.07 -57.42
C LEU MC 57 69.51 78.01 -58.13
N ARG MC 58 69.32 76.95 -58.91
CA ARG MC 58 68.11 76.75 -59.71
C ARG MC 58 67.57 75.34 -59.43
N PHE MC 59 66.27 75.26 -59.14
CA PHE MC 59 65.66 74.04 -58.65
C PHE MC 59 64.55 73.57 -59.58
N GLY MC 60 64.15 72.32 -59.40
CA GLY MC 60 63.03 71.73 -60.09
C GLY MC 60 62.16 70.92 -59.16
N ILE MC 61 60.84 71.05 -59.29
CA ILE MC 61 59.88 70.35 -58.46
C ILE MC 61 58.94 69.54 -59.36
N VAL MC 62 58.65 68.31 -58.95
CA VAL MC 62 57.72 67.43 -59.65
C VAL MC 62 56.72 66.94 -58.62
N ALA MC 63 55.44 67.29 -58.81
CA ALA MC 63 54.40 67.00 -57.84
C ALA MC 63 53.22 66.31 -58.53
N SER MC 64 52.63 65.36 -57.82
CA SER MC 64 51.47 64.64 -58.33
C SER MC 64 50.18 65.28 -57.81
N ARG MC 65 49.07 64.92 -58.45
CA ARG MC 65 47.78 65.49 -58.10
C ARG MC 65 46.98 64.65 -57.13
N PHE MC 66 47.36 63.41 -56.90
CA PHE MC 66 46.60 62.50 -56.05
C PHE MC 66 46.31 63.11 -54.69
N ASN MC 67 45.28 62.59 -54.02
CA ASN MC 67 44.85 63.07 -52.71
C ASN MC 67 44.42 64.53 -52.74
N HIS MC 68 44.09 65.05 -53.93
CA HIS MC 68 43.42 66.34 -54.03
C HIS MC 68 44.31 67.49 -53.58
N ALA MC 69 44.12 67.99 -52.36
CA ALA MC 69 44.73 69.23 -51.92
C ALA MC 69 45.93 69.05 -51.00
N LEU MC 70 46.22 67.82 -50.56
CA LEU MC 70 47.32 67.64 -49.62
C LEU MC 70 48.66 67.97 -50.27
N VAL MC 71 48.79 67.71 -51.57
CA VAL MC 71 50.04 68.01 -52.27
C VAL MC 71 50.26 69.52 -52.32
N ASP MC 72 49.18 70.29 -52.49
CA ASP MC 72 49.31 71.74 -52.52
C ASP MC 72 49.93 72.27 -51.23
N ARG MC 73 49.63 71.61 -50.10
CA ARG MC 73 50.27 71.97 -48.85
C ARG MC 73 51.77 71.69 -48.89
N LEU MC 74 52.15 70.54 -49.48
CA LEU MC 74 53.56 70.19 -49.56
C LEU MC 74 54.31 71.10 -50.52
N VAL MC 75 53.72 71.43 -51.66
CA VAL MC 75 54.38 72.31 -52.61
C VAL MC 75 54.56 73.69 -52.03
N GLU MC 76 53.60 74.15 -51.23
CA GLU MC 76 53.73 75.46 -50.59
C GLU MC 76 54.93 75.50 -49.65
N GLY MC 77 55.13 74.42 -48.88
CA GLY MC 77 56.26 74.37 -47.98
C GLY MC 77 57.60 74.38 -48.71
N ALA MC 78 57.66 73.72 -49.87
CA ALA MC 78 58.91 73.67 -50.61
C ALA MC 78 59.36 75.04 -51.07
N ILE MC 79 58.43 75.83 -51.62
CA ILE MC 79 58.79 77.15 -52.12
C ILE MC 79 59.16 78.08 -50.97
N ASP MC 80 58.48 77.94 -49.84
CA ASP MC 80 58.78 78.78 -48.69
C ASP MC 80 60.22 78.57 -48.23
N CYS MC 81 60.70 77.33 -48.28
CA CYS MC 81 62.09 77.05 -47.89
C CYS MC 81 63.07 77.74 -48.82
N ILE MC 82 62.82 77.71 -50.13
CA ILE MC 82 63.77 78.25 -51.09
C ILE MC 82 63.82 79.77 -51.01
N VAL MC 83 62.65 80.41 -50.85
CA VAL MC 83 62.62 81.87 -50.86
C VAL MC 83 63.25 82.42 -49.58
N ARG MC 84 62.97 81.79 -48.45
CA ARG MC 84 63.44 82.32 -47.17
C ARG MC 84 64.91 82.05 -46.91
N HIS MC 85 65.52 81.12 -47.64
CA HIS MC 85 66.95 80.84 -47.50
C HIS MC 85 67.78 81.63 -48.50
N GLY MC 86 67.17 82.52 -49.28
CA GLY MC 86 67.90 83.38 -50.19
C GLY MC 86 67.61 83.17 -51.66
N GLY MC 87 66.82 82.17 -52.04
CA GLY MC 87 66.56 81.91 -53.44
C GLY MC 87 65.51 82.83 -54.02
N ARG MC 88 65.42 82.79 -55.34
CA ARG MC 88 64.49 83.61 -56.11
C ARG MC 88 63.43 82.73 -56.75
N GLU MC 89 62.18 83.18 -56.71
CA GLU MC 89 61.07 82.40 -57.25
C GLU MC 89 61.07 82.32 -58.77
N GLU MC 90 61.87 83.13 -59.46
CA GLU MC 90 62.03 83.02 -60.89
C GLU MC 90 62.91 81.84 -61.30
N ASP MC 91 63.56 81.18 -60.34
CA ASP MC 91 64.48 80.09 -60.63
C ASP MC 91 63.92 78.71 -60.31
N ILE MC 92 62.61 78.61 -60.10
CA ILE MC 92 61.96 77.34 -59.83
C ILE MC 92 61.17 76.93 -61.07
N THR MC 93 61.11 75.63 -61.32
CA THR MC 93 60.31 75.06 -62.41
C THR MC 93 59.39 74.00 -61.84
N LEU MC 94 58.10 74.13 -62.08
CA LEU MC 94 57.09 73.22 -61.54
C LEU MC 94 56.50 72.37 -62.65
N VAL MC 95 56.49 71.06 -62.44
CA VAL MC 95 55.91 70.09 -63.36
C VAL MC 95 54.89 69.26 -62.58
N ARG MC 96 53.70 69.09 -63.14
CA ARG MC 96 52.62 68.38 -62.48
C ARG MC 96 52.28 67.12 -63.26
N VAL MC 97 52.13 66.00 -62.56
CA VAL MC 97 51.87 64.70 -63.19
C VAL MC 97 50.59 64.11 -62.59
N PRO MC 98 49.93 63.18 -63.27
CA PRO MC 98 48.63 62.69 -62.77
C PRO MC 98 48.73 61.87 -61.50
N GLY MC 99 49.67 60.95 -61.40
CA GLY MC 99 49.77 60.07 -60.24
C GLY MC 99 51.20 59.81 -59.85
N SER MC 100 51.34 59.03 -58.79
CA SER MC 100 52.68 58.72 -58.27
C SER MC 100 53.46 57.86 -59.26
N TRP MC 101 52.78 56.97 -59.99
CA TRP MC 101 53.45 56.11 -60.95
C TRP MC 101 54.17 56.90 -62.03
N GLU MC 102 53.81 58.15 -62.26
CA GLU MC 102 54.36 58.95 -63.34
C GLU MC 102 55.51 59.84 -62.91
N ILE MC 103 55.87 59.87 -61.63
CA ILE MC 103 56.89 60.79 -61.13
C ILE MC 103 58.27 60.47 -61.72
N PRO MC 104 58.73 59.22 -61.73
CA PRO MC 104 60.09 58.97 -62.24
C PRO MC 104 60.34 59.39 -63.67
N VAL MC 105 59.39 59.18 -64.59
CA VAL MC 105 59.63 59.52 -65.98
C VAL MC 105 59.67 61.03 -66.16
N ALA MC 106 58.82 61.76 -65.43
CA ALA MC 106 58.84 63.21 -65.51
C ALA MC 106 60.12 63.78 -64.89
N ALA MC 107 60.60 63.15 -63.81
CA ALA MC 107 61.81 63.63 -63.16
C ALA MC 107 63.02 63.49 -64.09
N GLY MC 108 63.09 62.38 -64.83
CA GLY MC 108 64.23 62.17 -65.71
C GLY MC 108 64.35 63.25 -66.79
N GLU MC 109 63.21 63.67 -67.35
CA GLU MC 109 63.24 64.73 -68.34
C GLU MC 109 63.73 66.04 -67.73
N LEU MC 110 63.28 66.34 -66.51
CA LEU MC 110 63.63 67.60 -65.85
C LEU MC 110 65.07 67.62 -65.34
N ALA MC 111 65.67 66.46 -65.10
CA ALA MC 111 67.03 66.37 -64.59
C ALA MC 111 68.07 66.21 -65.68
N ARG MC 112 67.68 66.27 -66.95
CA ARG MC 112 68.60 66.11 -68.07
C ARG MC 112 68.96 67.43 -68.72
N LYS MC 113 68.53 68.56 -68.16
CA LYS MC 113 68.85 69.87 -68.69
C LYS MC 113 69.85 70.57 -67.78
N GLU MC 114 70.81 71.26 -68.40
CA GLU MC 114 71.97 71.76 -67.68
C GLU MC 114 71.64 72.92 -66.73
N ASP MC 115 70.49 73.57 -66.90
CA ASP MC 115 70.16 74.69 -66.06
C ASP MC 115 69.70 74.27 -64.67
N ILE MC 116 69.26 73.03 -64.49
CA ILE MC 116 68.76 72.55 -63.21
C ILE MC 116 69.91 72.02 -62.38
N ASP MC 117 69.88 72.32 -61.09
CA ASP MC 117 70.91 71.88 -60.15
C ASP MC 117 70.45 70.74 -59.26
N ALA MC 118 69.18 70.73 -58.85
CA ALA MC 118 68.63 69.64 -58.07
C ALA MC 118 67.14 69.53 -58.33
N VAL MC 119 66.60 68.34 -58.07
CA VAL MC 119 65.21 68.02 -58.34
C VAL MC 119 64.56 67.51 -57.06
N ILE MC 120 63.31 67.91 -56.81
CA ILE MC 120 62.57 67.53 -55.62
C ILE MC 120 61.29 66.83 -56.06
N ALA MC 121 61.01 65.67 -55.46
CA ALA MC 121 59.85 64.87 -55.80
C ALA MC 121 58.89 64.83 -54.63
N ILE MC 122 57.62 65.14 -54.90
CA ILE MC 122 56.59 65.25 -53.87
C ILE MC 122 55.37 64.47 -54.33
N GLY MC 123 54.72 63.79 -53.40
CA GLY MC 123 53.52 63.06 -53.73
C GLY MC 123 52.93 62.37 -52.53
N VAL MC 124 51.77 61.75 -52.73
CA VAL MC 124 51.05 61.02 -51.69
C VAL MC 124 50.72 59.64 -52.22
N LEU MC 125 50.96 58.62 -51.40
CA LEU MC 125 50.68 57.24 -51.75
C LEU MC 125 49.52 56.71 -50.93
N ILE MC 126 48.85 55.70 -51.47
CA ILE MC 126 47.68 55.10 -50.84
C ILE MC 126 48.11 53.81 -50.16
N ARG MC 127 47.40 53.44 -49.09
CA ARG MC 127 47.69 52.26 -48.29
C ARG MC 127 46.45 51.38 -48.17
N GLY MC 128 45.82 51.09 -49.32
CA GLY MC 128 44.61 50.30 -49.33
C GLY MC 128 44.79 48.82 -49.10
N ALA MC 129 46.01 48.37 -48.84
CA ALA MC 129 46.29 46.95 -48.57
C ALA MC 129 45.86 46.08 -49.75
N THR MC 130 46.21 46.52 -50.94
CA THR MC 130 45.90 45.82 -52.19
C THR MC 130 47.17 45.66 -53.01
N PRO MC 131 47.28 44.56 -53.78
CA PRO MC 131 48.46 44.43 -54.66
C PRO MC 131 48.59 45.57 -55.66
N HIS MC 132 47.47 46.20 -56.04
CA HIS MC 132 47.55 47.31 -57.00
C HIS MC 132 48.41 48.44 -56.47
N PHE MC 133 48.26 48.79 -55.19
CA PHE MC 133 49.02 49.87 -54.60
C PHE MC 133 50.37 49.42 -54.05
N ASP MC 134 50.49 48.18 -53.59
CA ASP MC 134 51.75 47.72 -53.01
C ASP MC 134 52.85 47.67 -54.06
N TYR MC 135 52.52 47.29 -55.29
CA TYR MC 135 53.52 47.23 -56.34
C TYR MC 135 53.87 48.62 -56.84
N ILE MC 136 52.89 49.50 -56.97
CA ILE MC 136 53.18 50.86 -57.42
C ILE MC 136 54.11 51.56 -56.44
N ALA MC 137 53.95 51.31 -55.15
CA ALA MC 137 54.75 52.00 -54.15
C ALA MC 137 56.23 51.70 -54.32
N SER MC 138 56.58 50.43 -54.57
CA SER MC 138 57.97 50.04 -54.64
C SER MC 138 58.67 50.67 -55.84
N GLU MC 139 57.98 50.76 -56.98
CA GLU MC 139 58.62 51.20 -58.20
C GLU MC 139 58.95 52.69 -58.17
N VAL MC 140 58.18 53.48 -57.43
CA VAL MC 140 58.46 54.91 -57.36
C VAL MC 140 59.82 55.15 -56.72
N SER MC 141 60.14 54.43 -55.66
CA SER MC 141 61.40 54.62 -54.96
C SER MC 141 62.58 54.14 -55.79
N LYS MC 142 62.45 52.98 -56.43
CA LYS MC 142 63.57 52.42 -57.18
C LYS MC 142 63.94 53.28 -58.38
N GLY MC 143 62.95 53.85 -59.07
CA GLY MC 143 63.25 54.65 -60.23
C GLY MC 143 64.02 55.91 -59.89
N LEU MC 144 63.58 56.62 -58.86
CA LEU MC 144 64.28 57.84 -58.46
C LEU MC 144 65.69 57.55 -57.95
N ALA MC 145 65.88 56.40 -57.32
CA ALA MC 145 67.22 56.03 -56.84
C ALA MC 145 68.17 55.78 -57.99
N ASN MC 146 67.74 55.01 -58.99
CA ASN MC 146 68.58 54.72 -60.14
C ASN MC 146 68.89 55.97 -60.93
N LEU MC 147 67.91 56.86 -61.09
CA LEU MC 147 68.07 58.02 -61.95
C LEU MC 147 69.13 58.98 -61.41
N SER MC 148 69.26 59.09 -60.09
CA SER MC 148 70.27 59.97 -59.51
C SER MC 148 71.67 59.41 -59.73
N LEU MC 149 71.83 58.09 -59.74
CA LEU MC 149 73.13 57.48 -59.99
C LEU MC 149 73.50 57.52 -61.47
N GLU MC 150 72.52 57.35 -62.36
CA GLU MC 150 72.81 57.40 -63.79
C GLU MC 150 73.26 58.79 -64.22
N LEU MC 151 72.57 59.82 -63.78
CA LEU MC 151 72.83 61.18 -64.23
C LEU MC 151 73.76 61.96 -63.32
N ARG MC 152 74.09 61.43 -62.14
CA ARG MC 152 74.99 62.10 -61.20
C ARG MC 152 74.44 63.47 -60.79
N LYS MC 153 73.17 63.51 -60.41
CA LYS MC 153 72.52 64.71 -59.95
C LYS MC 153 71.67 64.36 -58.73
N PRO MC 154 71.63 65.24 -57.71
CA PRO MC 154 70.86 64.91 -56.50
C PRO MC 154 69.36 65.04 -56.72
N ILE MC 155 68.63 64.00 -56.31
CA ILE MC 155 67.17 63.96 -56.36
C ILE MC 155 66.67 63.57 -54.98
N THR MC 156 65.73 64.34 -54.44
CA THR MC 156 65.29 64.19 -53.07
C THR MC 156 63.89 63.56 -53.02
N PHE MC 157 63.66 62.80 -51.96
CA PHE MC 157 62.46 61.98 -51.82
C PHE MC 157 61.53 62.64 -50.80
N GLY MC 158 60.35 63.03 -51.25
CA GLY MC 158 59.39 63.68 -50.38
C GLY MC 158 58.00 63.10 -50.49
N VAL MC 159 57.90 61.79 -50.66
CA VAL MC 159 56.63 61.10 -50.82
C VAL MC 159 56.17 60.58 -49.48
N ILE MC 160 54.93 60.91 -49.11
CA ILE MC 160 54.34 60.46 -47.85
C ILE MC 160 53.22 59.47 -48.16
N THR MC 161 52.64 58.91 -47.11
CA THR MC 161 51.55 57.95 -47.21
C THR MC 161 50.29 58.53 -46.58
N ALA MC 162 49.15 58.23 -47.17
CA ALA MC 162 47.86 58.67 -46.65
C ALA MC 162 47.80 60.19 -46.56
N GLY NC 15 82.27 46.31 -29.92
CA GLY NC 15 82.80 47.44 -30.65
C GLY NC 15 81.73 48.20 -31.42
N ASN NC 16 82.17 48.96 -32.43
CA ASN NC 16 81.27 49.76 -33.25
C ASN NC 16 81.55 49.50 -34.72
N LYS NC 17 80.51 49.61 -35.53
CA LYS NC 17 80.64 49.33 -36.95
C LYS NC 17 81.59 50.29 -37.65
N GLY NC 18 81.90 51.43 -37.04
CA GLY NC 18 82.91 52.30 -37.60
C GLY NC 18 84.28 51.64 -37.65
N TRP NC 19 84.64 50.94 -36.58
CA TRP NC 19 85.91 50.22 -36.55
C TRP NC 19 85.90 49.05 -37.52
N GLU NC 20 84.79 48.30 -37.55
CA GLU NC 20 84.72 47.13 -38.41
C GLU NC 20 84.77 47.53 -39.88
N ALA NC 21 84.08 48.61 -40.25
CA ALA NC 21 84.04 49.02 -41.64
C ALA NC 21 85.40 49.51 -42.13
N ALA NC 22 86.21 50.08 -41.24
CA ALA NC 22 87.54 50.52 -41.64
C ALA NC 22 88.52 49.35 -41.76
N LEU NC 23 88.36 48.31 -40.94
CA LEU NC 23 89.19 47.12 -41.08
C LEU NC 23 88.96 46.44 -42.42
N SER NC 24 87.70 46.29 -42.84
CA SER NC 24 87.42 45.66 -44.11
C SER NC 24 88.01 46.46 -45.26
N ALA NC 25 87.90 47.79 -45.20
CA ALA NC 25 88.44 48.61 -46.27
C ALA NC 25 89.96 48.49 -46.37
N ILE NC 26 90.65 48.41 -45.23
CA ILE NC 26 92.09 48.31 -45.28
C ILE NC 26 92.53 47.01 -45.92
N GLU NC 27 91.81 45.92 -45.65
CA GLU NC 27 92.21 44.62 -46.16
C GLU NC 27 91.92 44.50 -47.66
N MET NC 28 90.78 45.01 -48.11
CA MET NC 28 90.46 44.95 -49.54
C MET NC 28 91.37 45.86 -50.36
N ALA NC 29 91.81 46.97 -49.80
CA ALA NC 29 92.72 47.85 -50.53
C ALA NC 29 94.06 47.16 -50.76
N ASN NC 30 94.50 46.35 -49.81
CA ASN NC 30 95.74 45.60 -49.98
C ASN NC 30 95.57 44.42 -50.92
N LEU NC 31 94.40 43.79 -50.91
CA LEU NC 31 94.14 42.64 -51.77
C LEU NC 31 94.16 43.04 -53.24
N PHE NC 32 93.63 44.22 -53.57
CA PHE NC 32 93.56 44.64 -54.95
C PHE NC 32 94.92 45.08 -55.50
N LYS NC 33 95.88 45.37 -54.64
CA LYS NC 33 97.23 45.68 -55.13
C LYS NC 33 97.95 44.43 -55.60
N SER NC 34 97.85 43.34 -54.83
CA SER NC 34 98.52 42.11 -55.20
C SER NC 34 97.80 41.40 -56.33
N LEU NC 35 96.47 41.50 -56.37
CA LEU NC 35 95.70 40.83 -57.42
C LEU NC 35 95.89 41.48 -58.77
N ARG NC 36 96.28 42.75 -58.81
CA ARG NC 36 96.52 43.47 -60.06
C ARG NC 36 97.99 43.51 -60.43
N GLY NC 37 98.86 42.86 -59.67
CA GLY NC 37 100.27 42.80 -59.96
C GLY NC 37 100.64 41.52 -60.70
N THR NC 38 101.94 41.22 -60.70
CA THR NC 38 102.42 40.00 -61.34
C THR NC 38 101.96 38.78 -60.58
N GLY NC 39 101.58 37.73 -61.32
CA GLY NC 39 101.14 36.50 -60.71
C GLY NC 39 102.28 35.62 -60.26
N GLY NC 40 101.92 34.53 -59.59
CA GLY NC 40 102.92 33.60 -59.12
C GLY NC 40 103.59 32.85 -60.26
N SER NC 41 104.85 32.48 -60.04
CA SER NC 41 105.60 31.75 -61.06
C SER NC 41 104.96 30.39 -61.35
N GLY NC 42 104.55 29.68 -60.30
CA GLY NC 42 103.94 28.38 -60.42
C GLY NC 42 104.47 27.45 -59.36
N SER NC 43 104.29 26.16 -59.59
CA SER NC 43 104.76 25.07 -58.73
C SER NC 43 103.89 24.90 -57.49
N SER NC 44 102.80 25.64 -57.35
CA SER NC 44 101.91 25.47 -56.21
C SER NC 44 100.64 26.28 -56.47
N MET NC 45 99.62 26.01 -55.66
CA MET NC 45 98.39 26.79 -55.72
C MET NC 45 98.65 28.22 -55.27
N GLU NC 46 98.03 29.17 -55.96
CA GLU NC 46 98.22 30.59 -55.68
C GLU NC 46 97.14 31.08 -54.73
N ILE NC 47 97.56 31.71 -53.64
CA ILE NC 47 96.66 32.25 -52.62
C ILE NC 47 96.92 33.74 -52.50
N TYR NC 48 95.84 34.51 -52.55
CA TYR NC 48 95.90 35.96 -52.39
C TYR NC 48 95.20 36.35 -51.09
N GLU NC 49 95.88 37.14 -50.27
CA GLU NC 49 95.34 37.59 -48.99
C GLU NC 49 95.73 39.05 -48.79
N GLY NC 50 95.00 39.72 -47.90
CA GLY NC 50 95.24 41.12 -47.60
C GLY NC 50 95.83 41.30 -46.22
N LYS NC 51 96.92 42.05 -46.15
CA LYS NC 51 97.56 42.39 -44.89
C LYS NC 51 96.84 43.57 -44.23
N LEU NC 52 97.00 43.67 -42.92
CA LEU NC 52 96.40 44.75 -42.14
C LEU NC 52 97.44 45.84 -41.87
N THR NC 53 97.93 46.43 -42.95
CA THR NC 53 98.84 47.57 -42.88
C THR NC 53 98.32 48.65 -43.81
N ALA NC 54 98.29 49.88 -43.33
CA ALA NC 54 97.67 51.00 -44.03
C ALA NC 54 98.67 52.11 -44.30
N GLU NC 55 99.87 51.76 -44.75
CA GLU NC 55 100.92 52.72 -45.01
C GLU NC 55 100.96 52.99 -46.51
N GLY NC 56 100.57 54.20 -46.90
CA GLY NC 56 100.58 54.62 -48.28
C GLY NC 56 99.26 54.51 -49.01
N LEU NC 57 98.15 54.33 -48.30
CA LEU NC 57 96.83 54.19 -48.90
C LEU NC 57 95.96 55.40 -48.57
N ARG NC 58 95.09 55.74 -49.52
CA ARG NC 58 94.14 56.83 -49.36
C ARG NC 58 92.74 56.28 -49.14
N PHE NC 59 91.94 57.02 -48.37
CA PHE NC 59 90.60 56.58 -48.02
C PHE NC 59 89.62 57.75 -48.13
N GLY NC 60 88.36 57.41 -48.37
CA GLY NC 60 87.29 58.37 -48.30
C GLY NC 60 86.17 57.85 -47.43
N ILE NC 61 85.50 58.77 -46.74
CA ILE NC 61 84.42 58.44 -45.81
C ILE NC 61 83.21 59.30 -46.15
N VAL NC 62 82.05 58.66 -46.22
CA VAL NC 62 80.77 59.33 -46.41
C VAL NC 62 79.89 59.00 -45.22
N ALA NC 63 79.50 60.03 -44.47
CA ALA NC 63 78.72 59.86 -43.26
C ALA NC 63 77.55 60.82 -43.26
N SER NC 64 76.38 60.32 -42.91
CA SER NC 64 75.18 61.14 -42.84
C SER NC 64 75.16 61.94 -41.54
N ARG NC 65 74.09 62.67 -41.31
CA ARG NC 65 73.97 63.59 -40.19
C ARG NC 65 72.88 63.23 -39.21
N PHE NC 66 71.80 62.59 -39.65
CA PHE NC 66 70.71 62.26 -38.74
C PHE NC 66 71.23 61.45 -37.57
N ASN NC 67 70.53 61.54 -36.45
CA ASN NC 67 70.99 60.98 -35.19
C ASN NC 67 72.37 61.55 -34.82
N HIS NC 68 72.34 62.86 -34.59
CA HIS NC 68 73.54 63.67 -34.38
C HIS NC 68 74.61 62.98 -33.55
N ALA NC 69 74.22 62.40 -32.42
CA ALA NC 69 75.22 61.86 -31.48
C ALA NC 69 75.86 60.58 -32.01
N LEU NC 70 75.06 59.65 -32.55
CA LEU NC 70 75.58 58.34 -32.91
C LEU NC 70 76.65 58.43 -33.99
N VAL NC 71 76.33 59.10 -35.10
CA VAL NC 71 77.20 59.04 -36.27
C VAL NC 71 78.57 59.63 -35.96
N ASP NC 72 78.63 60.59 -35.02
CA ASP NC 72 79.92 61.17 -34.68
C ASP NC 72 80.82 60.15 -34.00
N ARG NC 73 80.25 59.24 -33.22
CA ARG NC 73 81.05 58.19 -32.60
C ARG NC 73 81.58 57.21 -33.65
N LEU NC 74 80.76 56.89 -34.66
CA LEU NC 74 81.20 55.97 -35.70
C LEU NC 74 82.34 56.56 -36.52
N VAL NC 75 82.28 57.85 -36.84
CA VAL NC 75 83.33 58.45 -37.65
C VAL NC 75 84.64 58.50 -36.89
N GLU NC 76 84.60 58.74 -35.57
CA GLU NC 76 85.82 58.73 -34.78
C GLU NC 76 86.44 57.33 -34.75
N GLY NC 77 85.60 56.29 -34.67
CA GLY NC 77 86.13 54.94 -34.71
C GLY NC 77 86.87 54.64 -35.99
N ALA NC 78 86.33 55.06 -37.13
CA ALA NC 78 86.95 54.76 -38.41
C ALA NC 78 88.31 55.45 -38.54
N ILE NC 79 88.41 56.71 -38.10
CA ILE NC 79 89.67 57.43 -38.21
C ILE NC 79 90.72 56.83 -37.27
N ASP NC 80 90.29 56.41 -36.09
CA ASP NC 80 91.22 55.81 -35.14
C ASP NC 80 91.82 54.53 -35.69
N CYS NC 81 91.00 53.72 -36.36
CA CYS NC 81 91.50 52.47 -36.94
C CYS NC 81 92.60 52.72 -37.97
N ILE NC 82 92.39 53.69 -38.85
CA ILE NC 82 93.34 53.93 -39.94
C ILE NC 82 94.66 54.45 -39.38
N VAL NC 83 94.60 55.40 -38.46
CA VAL NC 83 95.81 56.05 -37.96
C VAL NC 83 96.66 55.07 -37.16
N ARG NC 84 96.02 54.20 -36.40
CA ARG NC 84 96.76 53.26 -35.57
C ARG NC 84 97.30 52.06 -36.33
N HIS NC 85 96.94 51.90 -37.61
CA HIS NC 85 97.51 50.86 -38.45
C HIS NC 85 98.61 51.37 -39.37
N GLY NC 86 98.98 52.65 -39.27
CA GLY NC 86 100.04 53.22 -40.05
C GLY NC 86 99.62 54.28 -41.03
N GLY NC 87 98.32 54.56 -41.14
CA GLY NC 87 97.87 55.58 -42.07
C GLY NC 87 98.16 56.98 -41.57
N ARG NC 88 97.99 57.93 -42.49
CA ARG NC 88 98.20 59.34 -42.20
C ARG NC 88 96.87 60.07 -42.27
N GLU NC 89 96.63 60.95 -41.29
CA GLU NC 89 95.39 61.72 -41.29
C GLU NC 89 95.29 62.66 -42.47
N GLU NC 90 96.41 62.95 -43.14
CA GLU NC 90 96.39 63.79 -44.32
C GLU NC 90 95.84 63.07 -45.54
N ASP NC 91 95.74 61.75 -45.49
CA ASP NC 91 95.27 60.94 -46.61
C ASP NC 91 93.86 60.40 -46.37
N ILE NC 92 93.00 61.20 -45.74
CA ILE NC 92 91.60 60.86 -45.52
C ILE NC 92 90.75 62.01 -46.01
N THR NC 93 89.68 61.68 -46.73
CA THR NC 93 88.69 62.65 -47.20
C THR NC 93 87.37 62.35 -46.53
N LEU NC 94 86.69 63.38 -46.05
CA LEU NC 94 85.42 63.25 -45.34
C LEU NC 94 84.37 64.10 -46.01
N VAL NC 95 83.21 63.50 -46.28
CA VAL NC 95 82.07 64.16 -46.91
C VAL NC 95 80.84 63.93 -46.05
N ARG NC 96 80.13 65.00 -45.72
CA ARG NC 96 78.91 64.93 -44.92
C ARG NC 96 77.69 65.14 -45.81
N VAL NC 97 76.62 64.40 -45.53
CA VAL NC 97 75.39 64.51 -46.30
C VAL NC 97 74.22 64.60 -45.32
N PRO NC 98 73.07 65.12 -45.78
CA PRO NC 98 71.95 65.30 -44.84
C PRO NC 98 71.42 64.01 -44.25
N GLY NC 99 71.11 63.01 -45.09
CA GLY NC 99 70.48 61.79 -44.62
C GLY NC 99 70.99 60.55 -45.31
N SER NC 100 70.37 59.41 -45.00
CA SER NC 100 70.78 58.15 -45.59
C SER NC 100 70.46 58.09 -47.08
N TRP NC 101 69.36 58.72 -47.50
CA TRP NC 101 68.98 58.71 -48.90
C TRP NC 101 70.09 59.26 -49.79
N GLU NC 102 70.90 60.17 -49.27
CA GLU NC 102 71.90 60.85 -50.07
C GLU NC 102 73.26 60.14 -50.10
N ILE NC 103 73.44 59.08 -49.30
CA ILE NC 103 74.76 58.44 -49.25
C ILE NC 103 75.20 57.89 -50.59
N PRO NC 104 74.38 57.12 -51.32
CA PRO NC 104 74.89 56.50 -52.56
C PRO NC 104 75.35 57.51 -53.61
N VAL NC 105 74.66 58.64 -53.73
CA VAL NC 105 75.03 59.60 -54.78
C VAL NC 105 76.38 60.23 -54.49
N ALA NC 106 76.65 60.55 -53.23
CA ALA NC 106 77.94 61.12 -52.86
C ALA NC 106 79.06 60.09 -52.99
N ALA NC 107 78.77 58.83 -52.67
CA ALA NC 107 79.79 57.80 -52.78
C ALA NC 107 80.29 57.65 -54.22
N GLY NC 108 79.41 57.88 -55.20
CA GLY NC 108 79.82 57.79 -56.58
C GLY NC 108 80.88 58.80 -56.95
N GLU NC 109 80.75 60.03 -56.45
CA GLU NC 109 81.73 61.06 -56.76
C GLU NC 109 83.09 60.73 -56.20
N LEU NC 110 83.15 60.25 -54.95
CA LEU NC 110 84.43 59.89 -54.35
C LEU NC 110 85.06 58.71 -55.06
N ALA NC 111 84.26 57.71 -55.43
CA ALA NC 111 84.81 56.50 -56.04
C ALA NC 111 85.39 56.76 -57.42
N ARG NC 112 84.96 57.81 -58.10
CA ARG NC 112 85.43 58.11 -59.44
C ARG NC 112 86.73 58.90 -59.46
N LYS NC 113 87.26 59.28 -58.30
CA LYS NC 113 88.57 59.91 -58.25
C LYS NC 113 89.66 58.85 -58.34
N GLU NC 114 90.80 59.26 -58.89
CA GLU NC 114 91.91 58.35 -59.15
C GLU NC 114 92.92 58.29 -58.02
N ASP NC 115 92.69 59.00 -56.92
CA ASP NC 115 93.59 58.99 -55.77
C ASP NC 115 92.93 58.42 -54.52
N ILE NC 116 91.89 57.61 -54.68
CA ILE NC 116 91.20 56.97 -53.56
C ILE NC 116 91.19 55.47 -53.80
N ASP NC 117 91.55 54.71 -52.77
CA ASP NC 117 91.65 53.26 -52.87
C ASP NC 117 90.42 52.52 -52.36
N ALA NC 118 89.69 53.11 -51.41
CA ALA NC 118 88.47 52.49 -50.91
C ALA NC 118 87.60 53.57 -50.27
N VAL NC 119 86.32 53.24 -50.12
CA VAL NC 119 85.33 54.16 -49.58
C VAL NC 119 84.58 53.46 -48.45
N ILE NC 120 84.30 54.20 -47.39
CA ILE NC 120 83.58 53.71 -46.21
C ILE NC 120 82.30 54.52 -46.07
N ALA NC 121 81.16 53.84 -45.97
CA ALA NC 121 79.85 54.47 -45.86
C ALA NC 121 79.28 54.23 -44.47
N ILE NC 122 78.91 55.32 -43.79
CA ILE NC 122 78.40 55.26 -42.42
C ILE NC 122 77.08 56.02 -42.38
N GLY NC 123 76.20 55.58 -41.49
CA GLY NC 123 74.89 56.19 -41.35
C GLY NC 123 74.01 55.39 -40.43
N VAL NC 124 72.87 55.99 -40.11
CA VAL NC 124 71.89 55.39 -39.20
C VAL NC 124 70.54 55.37 -39.90
N LEU NC 125 69.92 54.21 -39.96
CA LEU NC 125 68.57 54.05 -40.49
C LEU NC 125 67.58 54.02 -39.34
N ILE NC 126 66.49 54.79 -39.47
CA ILE NC 126 65.55 54.99 -38.37
C ILE NC 126 64.27 54.21 -38.62
N ARG NC 127 64.38 53.08 -39.31
CA ARG NC 127 63.24 52.20 -39.51
C ARG NC 127 62.60 51.86 -38.17
N GLY NC 128 61.30 51.57 -38.21
CA GLY NC 128 60.55 51.27 -37.00
C GLY NC 128 59.13 51.78 -37.05
N ALA NC 129 58.87 52.77 -37.90
CA ALA NC 129 57.53 53.32 -38.10
C ALA NC 129 57.60 54.26 -39.30
N THR NC 130 56.48 54.94 -39.57
CA THR NC 130 56.45 55.93 -40.64
C THR NC 130 56.91 55.32 -41.96
N PRO NC 131 56.04 54.56 -42.66
CA PRO NC 131 56.48 53.83 -43.87
C PRO NC 131 57.28 54.64 -44.87
N HIS NC 132 57.28 55.97 -44.74
CA HIS NC 132 58.18 56.81 -45.52
C HIS NC 132 59.62 56.32 -45.42
N PHE NC 133 60.03 55.87 -44.23
CA PHE NC 133 61.40 55.45 -43.99
C PHE NC 133 61.65 53.97 -44.28
N ASP NC 134 60.62 53.19 -44.55
CA ASP NC 134 60.83 51.78 -44.89
C ASP NC 134 61.31 51.61 -46.31
N TYR NC 135 60.96 52.53 -47.21
CA TYR NC 135 61.43 52.48 -48.58
C TYR NC 135 62.87 52.97 -48.72
N ILE NC 136 63.27 53.95 -47.91
CA ILE NC 136 64.63 54.46 -47.97
C ILE NC 136 65.62 53.37 -47.59
N ALA NC 137 65.25 52.51 -46.64
CA ALA NC 137 66.18 51.51 -46.15
C ALA NC 137 66.63 50.57 -47.26
N SER NC 138 65.70 50.13 -48.10
CA SER NC 138 66.02 49.15 -49.12
C SER NC 138 66.85 49.72 -50.25
N GLU NC 139 66.83 51.04 -50.46
CA GLU NC 139 67.50 51.63 -51.60
C GLU NC 139 68.96 51.97 -51.35
N VAL NC 140 69.36 52.13 -50.08
CA VAL NC 140 70.75 52.47 -49.79
C VAL NC 140 71.66 51.29 -50.08
N SER NC 141 71.25 50.09 -49.69
CA SER NC 141 72.04 48.89 -49.96
C SER NC 141 72.17 48.64 -51.45
N LYS NC 142 71.06 48.78 -52.19
CA LYS NC 142 71.09 48.51 -53.63
C LYS NC 142 72.08 49.43 -54.33
N GLY NC 143 72.05 50.73 -54.01
CA GLY NC 143 72.93 51.66 -54.69
C GLY NC 143 74.40 51.40 -54.41
N LEU NC 144 74.74 51.12 -53.15
CA LEU NC 144 76.14 50.89 -52.80
C LEU NC 144 76.66 49.62 -53.46
N ALA NC 145 75.84 48.57 -53.53
CA ALA NC 145 76.28 47.32 -54.13
C ALA NC 145 76.56 47.50 -55.62
N ASN NC 146 75.68 48.19 -56.34
CA ASN NC 146 75.87 48.37 -57.78
C ASN NC 146 77.09 49.23 -58.08
N LEU NC 147 77.33 50.26 -57.28
CA LEU NC 147 78.47 51.14 -57.51
C LEU NC 147 79.78 50.36 -57.41
N SER NC 148 79.89 49.47 -56.43
CA SER NC 148 81.14 48.72 -56.25
C SER NC 148 81.43 47.86 -57.48
N LEU NC 149 80.41 47.21 -58.02
CA LEU NC 149 80.60 46.36 -59.19
C LEU NC 149 80.86 47.20 -60.44
N GLU NC 150 80.17 48.34 -60.58
CA GLU NC 150 80.33 49.16 -61.77
C GLU NC 150 81.72 49.79 -61.84
N LEU NC 151 82.16 50.40 -60.75
CA LEU NC 151 83.42 51.13 -60.72
C LEU NC 151 84.61 50.23 -60.41
N ARG NC 152 84.37 49.01 -59.90
CA ARG NC 152 85.44 48.07 -59.56
C ARG NC 152 86.33 48.64 -58.46
N LYS NC 153 85.69 49.13 -57.40
CA LYS NC 153 86.37 49.63 -56.21
C LYS NC 153 85.61 49.13 -54.99
N PRO NC 154 86.30 48.79 -53.91
CA PRO NC 154 85.59 48.28 -52.72
C PRO NC 154 84.92 49.41 -51.94
N ILE NC 155 83.64 49.23 -51.66
CA ILE NC 155 82.85 50.14 -50.84
C ILE NC 155 82.31 49.33 -49.68
N THR NC 156 82.61 49.77 -48.45
CA THR NC 156 82.25 49.03 -47.25
C THR NC 156 80.99 49.60 -46.62
N PHE NC 157 80.20 48.71 -46.02
CA PHE NC 157 78.88 49.03 -45.48
C PHE NC 157 78.98 49.20 -43.97
N GLY NC 158 78.73 50.41 -43.48
CA GLY NC 158 78.80 50.71 -42.07
C GLY NC 158 77.54 51.34 -41.51
N VAL NC 159 76.38 50.85 -41.92
CA VAL NC 159 75.10 51.45 -41.58
C VAL NC 159 74.38 50.59 -40.56
N ILE NC 160 73.95 51.21 -39.47
CA ILE NC 160 73.27 50.52 -38.37
C ILE NC 160 71.82 50.98 -38.28
N THR NC 161 71.06 50.37 -37.38
CA THR NC 161 69.65 50.65 -37.21
C THR NC 161 69.38 51.03 -35.76
N ALA NC 162 68.62 52.11 -35.57
CA ALA NC 162 68.31 52.60 -34.23
C ALA NC 162 66.97 52.05 -33.76
N GLY OC 15 77.86 15.13 -49.52
CA GLY OC 15 78.92 15.81 -48.80
C GLY OC 15 78.55 17.23 -48.42
N ASN OC 16 79.56 18.04 -48.09
CA ASN OC 16 79.33 19.42 -47.72
C ASN OC 16 79.08 20.27 -48.97
N LYS OC 17 78.54 21.47 -48.74
CA LYS OC 17 78.16 22.31 -49.87
C LYS OC 17 79.36 22.82 -50.65
N GLY OC 18 80.55 22.76 -50.08
CA GLY OC 18 81.74 23.03 -50.88
C GLY OC 18 81.97 21.94 -51.91
N TRP OC 19 81.63 20.70 -51.57
CA TRP OC 19 81.68 19.61 -52.53
C TRP OC 19 80.59 19.76 -53.57
N GLU OC 20 79.36 20.03 -53.14
CA GLU OC 20 78.25 20.16 -54.08
C GLU OC 20 78.47 21.31 -55.06
N ALA OC 21 78.99 22.43 -54.56
CA ALA OC 21 79.20 23.58 -55.42
C ALA OC 21 80.26 23.31 -56.48
N ALA OC 22 81.31 22.60 -56.12
CA ALA OC 22 82.40 22.37 -57.06
C ALA OC 22 82.00 21.45 -58.20
N LEU OC 23 81.09 20.50 -57.96
CA LEU OC 23 80.64 19.63 -59.04
C LEU OC 23 79.94 20.42 -60.14
N SER OC 24 79.05 21.34 -59.77
CA SER OC 24 78.32 22.10 -60.77
C SER OC 24 79.25 22.93 -61.63
N ALA OC 25 80.38 23.35 -61.08
CA ALA OC 25 81.34 24.10 -61.88
C ALA OC 25 82.04 23.20 -62.89
N ILE OC 26 82.34 21.95 -62.50
CA ILE OC 26 82.94 21.01 -63.43
C ILE OC 26 81.98 20.72 -64.58
N GLU OC 27 80.72 20.48 -64.26
CA GLU OC 27 79.74 20.13 -65.29
C GLU OC 27 79.45 21.31 -66.21
N MET OC 28 79.29 22.51 -65.64
CA MET OC 28 78.94 23.67 -66.45
C MET OC 28 80.12 24.15 -67.29
N ALA OC 29 81.35 23.99 -66.79
CA ALA OC 29 82.50 24.40 -67.58
C ALA OC 29 82.69 23.51 -68.80
N ASN OC 30 82.31 22.24 -68.70
CA ASN OC 30 82.38 21.35 -69.85
C ASN OC 30 81.27 21.64 -70.85
N LEU OC 31 80.07 21.94 -70.35
CA LEU OC 31 78.93 22.21 -71.22
C LEU OC 31 79.20 23.39 -72.14
N PHE OC 32 79.83 24.44 -71.61
CA PHE OC 32 80.10 25.63 -72.42
C PHE OC 32 81.04 25.31 -73.57
N LYS OC 33 82.13 24.59 -73.30
CA LYS OC 33 83.07 24.26 -74.36
C LYS OC 33 82.39 23.52 -75.51
N SER OC 34 81.36 22.73 -75.21
CA SER OC 34 80.64 22.03 -76.27
C SER OC 34 79.74 22.99 -77.06
N LEU OC 35 79.07 23.92 -76.36
CA LEU OC 35 78.15 24.82 -77.04
C LEU OC 35 78.88 25.72 -78.03
N ARG OC 36 80.01 26.27 -77.63
CA ARG OC 36 80.79 27.16 -78.51
C ARG OC 36 81.93 26.36 -79.14
N GLY OC 37 81.55 25.47 -80.03
CA GLY OC 37 82.50 24.63 -80.73
C GLY OC 37 81.85 23.98 -81.93
N THR OC 38 82.32 22.77 -82.23
CA THR OC 38 81.78 22.03 -83.36
C THR OC 38 80.36 21.55 -83.06
N GLY OC 39 79.60 21.32 -84.13
CA GLY OC 39 78.23 20.86 -84.01
C GLY OC 39 78.14 19.38 -83.72
N GLY OC 40 76.91 18.91 -83.58
CA GLY OC 40 76.63 17.51 -83.30
C GLY OC 40 76.52 16.68 -84.55
N SER OC 41 75.94 15.50 -84.40
CA SER OC 41 75.78 14.60 -85.54
C SER OC 41 74.89 15.22 -86.61
N GLY OC 42 73.81 15.88 -86.20
CA GLY OC 42 72.89 16.50 -87.13
C GLY OC 42 71.79 15.57 -87.59
N SER OC 43 70.83 16.15 -88.30
CA SER OC 43 69.66 15.43 -88.82
C SER OC 43 68.77 14.90 -87.71
N SER OC 44 68.91 15.41 -86.49
CA SER OC 44 68.08 15.00 -85.37
C SER OC 44 68.29 15.99 -84.24
N MET OC 45 67.54 15.81 -83.16
CA MET OC 45 67.64 16.69 -82.00
C MET OC 45 69.04 16.61 -81.40
N GLU OC 46 69.55 17.76 -80.97
CA GLU OC 46 70.85 17.84 -80.32
C GLU OC 46 70.64 17.98 -78.82
N ILE OC 47 71.14 17.00 -78.07
CA ILE OC 47 71.08 17.01 -76.61
C ILE OC 47 72.46 17.31 -76.08
N TYR OC 48 72.53 18.25 -75.15
CA TYR OC 48 73.79 18.71 -74.57
C TYR OC 48 73.85 18.35 -73.09
N GLU OC 49 75.06 18.11 -72.60
CA GLU OC 49 75.31 17.70 -71.23
C GLU OC 49 76.81 17.75 -70.98
N GLY OC 50 77.18 17.96 -69.72
CA GLY OC 50 78.57 18.05 -69.31
C GLY OC 50 78.98 16.82 -68.53
N LYS OC 51 80.19 16.35 -68.78
CA LYS OC 51 80.75 15.23 -68.05
C LYS OC 51 81.50 15.74 -66.82
N LEU OC 52 81.85 14.81 -65.94
CA LEU OC 52 82.49 15.12 -64.67
C LEU OC 52 84.00 14.94 -64.73
N THR OC 53 84.61 15.25 -65.87
CA THR OC 53 86.06 15.32 -66.00
C THR OC 53 86.52 16.75 -65.76
N ALA OC 54 87.75 16.91 -65.29
CA ALA OC 54 88.25 18.23 -64.94
C ALA OC 54 89.70 18.45 -65.36
N GLU OC 55 90.25 17.60 -66.22
CA GLU OC 55 91.62 17.79 -66.68
C GLU OC 55 91.68 18.89 -67.72
N GLY OC 56 92.52 19.90 -67.48
CA GLY OC 56 92.69 21.02 -68.38
C GLY OC 56 91.90 22.26 -67.99
N LEU OC 57 91.02 22.17 -67.01
CA LEU OC 57 90.19 23.31 -66.60
C LEU OC 57 90.88 24.14 -65.54
N ARG OC 58 90.59 25.43 -65.54
CA ARG OC 58 91.08 26.39 -64.56
C ARG OC 58 89.92 26.90 -63.72
N PHE OC 59 90.16 27.09 -62.42
CA PHE OC 59 89.10 27.43 -61.47
C PHE OC 59 89.55 28.56 -60.57
N GLY OC 60 88.57 29.23 -59.97
CA GLY OC 60 88.81 30.24 -58.96
C GLY OC 60 87.83 30.14 -57.82
N ILE OC 61 88.32 30.20 -56.59
CA ILE OC 61 87.48 30.08 -55.39
C ILE OC 61 87.59 31.36 -54.59
N VAL OC 62 86.44 31.91 -54.20
CA VAL OC 62 86.36 33.11 -53.36
C VAL OC 62 85.63 32.72 -52.08
N ALA OC 63 86.30 32.90 -50.94
CA ALA OC 63 85.78 32.46 -49.64
C ALA OC 63 85.88 33.58 -48.63
N SER OC 64 84.90 33.64 -47.73
CA SER OC 64 84.83 34.67 -46.70
C SER OC 64 85.48 34.15 -45.42
N ARG OC 65 85.38 34.91 -44.33
CA ARG OC 65 85.94 34.54 -43.04
C ARG OC 65 84.85 34.60 -41.99
N PHE OC 66 84.66 33.49 -41.28
CA PHE OC 66 83.68 33.39 -40.20
C PHE OC 66 84.32 32.47 -39.16
N ASN OC 67 84.63 33.01 -37.98
CA ASN OC 67 85.60 32.41 -37.07
C ASN OC 67 86.76 31.87 -37.88
N HIS OC 68 87.27 30.68 -37.55
CA HIS OC 68 88.35 30.10 -38.35
C HIS OC 68 88.14 28.60 -38.60
N ALA OC 69 86.91 28.10 -38.51
CA ALA OC 69 86.68 26.66 -38.59
C ALA OC 69 85.62 26.26 -39.60
N LEU OC 70 84.49 26.97 -39.68
CA LEU OC 70 83.34 26.46 -40.43
C LEU OC 70 83.45 26.71 -41.93
N VAL OC 71 84.34 27.57 -42.38
CA VAL OC 71 84.50 27.86 -43.79
C VAL OC 71 85.75 27.17 -44.29
N ASP OC 72 86.69 26.89 -43.39
CA ASP OC 72 87.86 26.10 -43.77
C ASP OC 72 87.44 24.72 -44.24
N ARG OC 73 86.42 24.12 -43.61
CA ARG OC 73 85.94 22.83 -44.04
C ARG OC 73 85.33 22.90 -45.44
N LEU OC 74 84.54 23.93 -45.72
CA LEU OC 74 83.89 24.02 -47.02
C LEU OC 74 84.90 24.29 -48.13
N VAL OC 75 85.97 25.01 -47.84
CA VAL OC 75 87.00 25.25 -48.85
C VAL OC 75 87.78 23.98 -49.13
N GLU OC 76 88.07 23.20 -48.08
CA GLU OC 76 88.80 21.94 -48.29
C GLU OC 76 87.95 20.93 -49.06
N GLY OC 77 86.65 20.90 -48.80
CA GLY OC 77 85.77 20.03 -49.57
C GLY OC 77 85.74 20.38 -51.04
N ALA OC 78 85.86 21.68 -51.36
CA ALA OC 78 85.84 22.09 -52.75
C ALA OC 78 87.12 21.68 -53.47
N ILE OC 79 88.29 21.91 -52.86
CA ILE OC 79 89.54 21.57 -53.51
C ILE OC 79 89.67 20.08 -53.71
N ASP OC 80 89.13 19.28 -52.78
CA ASP OC 80 89.19 17.84 -52.91
C ASP OC 80 88.42 17.36 -54.13
N CYS OC 81 87.27 17.96 -54.41
CA CYS OC 81 86.46 17.54 -55.55
C CYS OC 81 87.20 17.75 -56.87
N ILE OC 82 87.86 18.89 -57.01
CA ILE OC 82 88.56 19.20 -58.26
C ILE OC 82 89.74 18.27 -58.45
N VAL OC 83 90.54 18.05 -57.41
CA VAL OC 83 91.77 17.26 -57.58
C VAL OC 83 91.43 15.79 -57.81
N ARG OC 84 90.43 15.26 -57.12
CA ARG OC 84 90.08 13.85 -57.30
C ARG OC 84 89.42 13.58 -58.63
N HIS OC 85 88.65 14.53 -59.15
CA HIS OC 85 88.02 14.39 -60.46
C HIS OC 85 88.95 14.75 -61.61
N GLY OC 86 90.25 14.89 -61.35
CA GLY OC 86 91.24 14.97 -62.40
C GLY OC 86 91.99 16.28 -62.52
N GLY OC 87 91.62 17.30 -61.74
CA GLY OC 87 92.22 18.60 -61.90
C GLY OC 87 93.59 18.71 -61.27
N ARG OC 88 94.28 19.80 -61.59
CA ARG OC 88 95.60 20.11 -61.07
C ARG OC 88 95.50 21.21 -60.02
N GLU OC 89 96.37 21.14 -59.02
CA GLU OC 89 96.45 22.21 -58.04
C GLU OC 89 97.07 23.47 -58.61
N GLU OC 90 97.90 23.34 -59.65
CA GLU OC 90 98.49 24.50 -60.29
C GLU OC 90 97.42 25.43 -60.86
N ASP OC 91 96.25 24.89 -61.17
CA ASP OC 91 95.20 25.59 -61.88
C ASP OC 91 94.03 25.96 -60.98
N ILE OC 92 94.32 26.32 -59.73
CA ILE OC 92 93.32 26.83 -58.81
C ILE OC 92 93.86 28.11 -58.20
N THR OC 93 93.02 29.13 -58.10
CA THR OC 93 93.34 30.39 -57.44
C THR OC 93 92.34 30.59 -56.32
N LEU OC 94 92.85 30.87 -55.11
CA LEU OC 94 92.02 31.03 -53.92
C LEU OC 94 92.17 32.46 -53.39
N VAL OC 95 91.05 33.12 -53.11
CA VAL OC 95 91.02 34.49 -52.61
C VAL OC 95 90.19 34.53 -51.35
N ARG OC 96 90.71 35.19 -50.31
CA ARG OC 96 90.02 35.36 -49.03
C ARG OC 96 89.58 36.81 -48.87
N VAL OC 97 88.36 37.01 -48.38
CA VAL OC 97 87.80 38.36 -48.22
C VAL OC 97 87.22 38.49 -46.81
N PRO OC 98 87.10 39.73 -46.31
CA PRO OC 98 86.65 39.91 -44.92
C PRO OC 98 85.27 39.35 -44.62
N GLY OC 99 84.32 39.43 -45.53
CA GLY OC 99 82.97 39.02 -45.19
C GLY OC 99 82.13 38.79 -46.43
N SER OC 100 80.86 38.45 -46.18
CA SER OC 100 79.95 38.11 -47.28
C SER OC 100 79.71 39.29 -48.20
N TRP OC 101 79.60 40.50 -47.63
CA TRP OC 101 79.32 41.69 -48.42
C TRP OC 101 80.38 41.94 -49.49
N GLU OC 102 81.60 41.45 -49.29
CA GLU OC 102 82.71 41.72 -50.18
C GLU OC 102 82.89 40.67 -51.28
N ILE OC 103 82.07 39.62 -51.28
CA ILE OC 103 82.26 38.54 -52.27
C ILE OC 103 82.05 39.04 -53.70
N PRO OC 104 80.93 39.70 -54.02
CA PRO OC 104 80.70 40.05 -55.44
C PRO OC 104 81.79 40.88 -56.08
N VAL OC 105 82.37 41.85 -55.36
CA VAL OC 105 83.42 42.66 -55.97
C VAL OC 105 84.67 41.81 -56.23
N ALA OC 106 84.95 40.84 -55.35
CA ALA OC 106 86.11 39.98 -55.56
C ALA OC 106 85.84 38.95 -56.65
N ALA OC 107 84.61 38.47 -56.75
CA ALA OC 107 84.26 37.54 -57.81
C ALA OC 107 84.38 38.18 -59.18
N GLY OC 108 84.11 39.48 -59.28
CA GLY OC 108 84.20 40.15 -60.57
C GLY OC 108 85.60 40.15 -61.13
N GLU OC 109 86.61 40.35 -60.27
CA GLU OC 109 87.98 40.43 -60.74
C GLU OC 109 88.44 39.11 -61.36
N LEU OC 110 88.09 37.99 -60.74
CA LEU OC 110 88.49 36.69 -61.28
C LEU OC 110 87.75 36.38 -62.56
N ALA OC 111 86.44 36.62 -62.60
CA ALA OC 111 85.64 36.25 -63.76
C ALA OC 111 86.05 37.02 -65.01
N ARG OC 112 86.73 38.15 -64.87
CA ARG OC 112 87.19 38.91 -66.01
C ARG OC 112 88.53 38.43 -66.56
N LYS OC 113 89.18 37.50 -65.89
CA LYS OC 113 90.46 36.97 -66.37
C LYS OC 113 90.22 35.96 -67.48
N GLU OC 114 91.03 36.05 -68.53
CA GLU OC 114 90.84 35.21 -69.71
C GLU OC 114 91.12 33.74 -69.44
N ASP OC 115 91.85 33.43 -68.36
CA ASP OC 115 92.29 32.08 -68.07
C ASP OC 115 91.57 31.44 -66.88
N ILE OC 116 90.28 31.77 -66.71
CA ILE OC 116 89.44 31.15 -65.69
C ILE OC 116 88.14 30.73 -66.35
N ASP OC 117 87.68 29.52 -66.03
CA ASP OC 117 86.54 28.91 -66.69
C ASP OC 117 85.28 28.91 -65.84
N ALA OC 118 85.41 28.91 -64.52
CA ALA OC 118 84.27 29.04 -63.63
C ALA OC 118 84.77 29.53 -62.28
N VAL OC 119 83.84 29.98 -61.44
CA VAL OC 119 84.15 30.56 -60.14
C VAL OC 119 83.19 30.00 -59.10
N ILE OC 120 83.75 29.61 -57.95
CA ILE OC 120 82.96 29.07 -56.83
C ILE OC 120 82.99 30.10 -55.70
N ALA OC 121 81.83 30.41 -55.15
CA ALA OC 121 81.69 31.36 -54.05
C ALA OC 121 81.20 30.63 -52.80
N ILE OC 122 81.94 30.78 -51.71
CA ILE OC 122 81.65 30.09 -50.46
C ILE OC 122 81.55 31.14 -49.36
N GLY OC 123 80.50 31.04 -48.55
CA GLY OC 123 80.31 32.02 -47.50
C GLY OC 123 79.35 31.54 -46.44
N VAL OC 124 79.14 32.39 -45.44
CA VAL OC 124 78.27 32.12 -44.32
C VAL OC 124 77.38 33.33 -44.11
N LEU OC 125 76.07 33.12 -44.19
CA LEU OC 125 75.10 34.17 -43.89
C LEU OC 125 74.52 33.91 -42.51
N ILE OC 126 74.59 34.91 -41.64
CA ILE OC 126 74.17 34.76 -40.25
C ILE OC 126 72.83 35.45 -40.07
N ARG OC 127 72.03 35.47 -41.12
CA ARG OC 127 70.73 36.10 -41.09
C ARG OC 127 69.87 35.50 -39.97
N GLY OC 128 68.83 36.23 -39.60
CA GLY OC 128 67.96 35.84 -38.52
C GLY OC 128 68.40 36.29 -37.14
N ALA OC 129 69.33 37.25 -37.06
CA ALA OC 129 69.85 37.73 -35.79
C ALA OC 129 69.51 39.19 -35.53
N THR OC 130 69.88 40.09 -36.43
CA THR OC 130 69.72 41.52 -36.21
C THR OC 130 69.76 42.22 -37.56
N PRO OC 131 69.12 43.38 -37.71
CA PRO OC 131 69.35 44.18 -38.91
C PRO OC 131 70.83 44.51 -39.05
N HIS OC 132 71.20 45.04 -40.21
CA HIS OC 132 72.55 45.14 -40.75
C HIS OC 132 72.98 43.82 -41.38
N PHE OC 133 72.21 42.74 -41.20
CA PHE OC 133 72.52 41.45 -41.80
C PHE OC 133 71.38 40.89 -42.61
N ASP OC 134 70.15 41.32 -42.39
CA ASP OC 134 69.06 41.00 -43.31
C ASP OC 134 69.16 41.78 -44.60
N TYR OC 135 69.94 42.87 -44.62
CA TYR OC 135 70.16 43.63 -45.83
C TYR OC 135 71.35 43.14 -46.64
N ILE OC 136 72.37 42.62 -45.96
CA ILE OC 136 73.54 42.12 -46.68
C ILE OC 136 73.20 40.87 -47.47
N ALA OC 137 72.35 40.00 -46.90
CA ALA OC 137 72.05 38.74 -47.55
C ALA OC 137 71.40 38.95 -48.90
N SER OC 138 70.46 39.88 -48.99
CA SER OC 138 69.72 40.08 -50.24
C SER OC 138 70.61 40.58 -51.35
N GLU OC 139 71.68 41.30 -51.03
CA GLU OC 139 72.53 41.87 -52.07
C GLU OC 139 73.59 40.90 -52.55
N VAL OC 140 73.95 39.90 -51.75
CA VAL OC 140 74.99 38.95 -52.19
C VAL OC 140 74.48 38.05 -53.30
N SER OC 141 73.22 37.60 -53.20
CA SER OC 141 72.67 36.73 -54.24
C SER OC 141 72.50 37.48 -55.55
N LYS OC 142 72.07 38.74 -55.48
CA LYS OC 142 71.81 39.50 -56.71
C LYS OC 142 73.10 39.79 -57.46
N GLY OC 143 74.18 40.10 -56.76
CA GLY OC 143 75.42 40.45 -57.45
C GLY OC 143 76.00 39.29 -58.23
N LEU OC 144 76.02 38.10 -57.64
CA LEU OC 144 76.52 36.94 -58.36
C LEU OC 144 75.63 36.60 -59.54
N ALA OC 145 74.31 36.73 -59.39
CA ALA OC 145 73.41 36.45 -60.50
C ALA OC 145 73.67 37.39 -61.66
N ASN OC 146 73.84 38.68 -61.38
CA ASN OC 146 74.06 39.64 -62.46
C ASN OC 146 75.41 39.42 -63.14
N LEU OC 147 76.44 39.08 -62.36
CA LEU OC 147 77.77 38.94 -62.94
C LEU OC 147 77.81 37.84 -63.98
N SER OC 148 77.13 36.72 -63.73
CA SER OC 148 77.14 35.61 -64.67
C SER OC 148 76.47 35.99 -65.99
N LEU OC 149 75.33 36.67 -65.92
CA LEU OC 149 74.62 37.06 -67.14
C LEU OC 149 75.33 38.19 -67.88
N GLU OC 150 76.24 38.90 -67.22
CA GLU OC 150 76.92 40.03 -67.83
C GLU OC 150 78.28 39.67 -68.39
N LEU OC 151 78.95 38.67 -67.82
CA LEU OC 151 80.27 38.24 -68.28
C LEU OC 151 80.24 36.90 -69.00
N ARG OC 152 79.13 36.17 -68.96
CA ARG OC 152 78.98 34.90 -69.67
C ARG OC 152 79.98 33.87 -69.16
N LYS OC 153 80.07 33.75 -67.84
CA LYS OC 153 80.92 32.78 -67.18
C LYS OC 153 80.13 32.26 -65.99
N PRO OC 154 79.96 30.95 -65.85
CA PRO OC 154 79.15 30.44 -64.73
C PRO OC 154 79.78 30.72 -63.38
N ILE OC 155 78.92 30.95 -62.39
CA ILE OC 155 79.32 31.17 -61.00
C ILE OC 155 78.36 30.38 -60.12
N THR OC 156 78.91 29.60 -59.19
CA THR OC 156 78.14 28.67 -58.39
C THR OC 156 78.04 29.19 -56.96
N PHE OC 157 76.94 28.85 -56.31
CA PHE OC 157 76.54 29.42 -55.03
C PHE OC 157 76.76 28.39 -53.94
N GLY OC 158 77.59 28.73 -52.95
CA GLY OC 158 77.98 27.81 -51.91
C GLY OC 158 77.84 28.34 -50.50
N VAL OC 159 76.77 29.08 -50.21
CA VAL OC 159 76.62 29.77 -48.94
C VAL OC 159 75.75 28.94 -47.99
N ILE OC 160 76.18 28.88 -46.73
CA ILE OC 160 75.43 28.22 -45.68
C ILE OC 160 74.78 29.28 -44.80
N THR OC 161 73.93 28.83 -43.88
CA THR OC 161 73.31 29.69 -42.88
C THR OC 161 73.79 29.26 -41.51
N ALA OC 162 74.38 30.19 -40.77
CA ALA OC 162 74.89 29.89 -39.44
C ALA OC 162 73.76 29.52 -38.50
N ASN PC 16 51.50 18.57 -68.40
CA ASN PC 16 50.56 19.42 -67.70
C ASN PC 16 50.85 20.89 -67.98
N LYS PC 17 51.93 21.40 -67.38
CA LYS PC 17 52.36 22.77 -67.58
C LYS PC 17 53.51 22.87 -68.58
N GLY PC 18 53.83 21.80 -69.29
CA GLY PC 18 54.87 21.82 -70.27
C GLY PC 18 54.35 22.25 -71.62
N TRP PC 19 53.16 21.78 -71.98
CA TRP PC 19 52.57 22.20 -73.25
C TRP PC 19 52.13 23.66 -73.20
N GLU PC 20 51.68 24.14 -72.04
CA GLU PC 20 51.26 25.53 -71.94
C GLU PC 20 52.41 26.48 -72.24
N ALA PC 21 53.60 26.16 -71.73
CA ALA PC 21 54.78 26.95 -72.08
C ALA PC 21 55.05 26.89 -73.58
N ALA PC 22 54.87 25.70 -74.17
CA ALA PC 22 55.11 25.56 -75.61
C ALA PC 22 54.14 26.41 -76.42
N LEU PC 23 52.86 26.43 -76.03
CA LEU PC 23 51.89 27.23 -76.77
C LEU PC 23 52.28 28.70 -76.77
N SER PC 24 52.64 29.22 -75.61
CA SER PC 24 52.95 30.64 -75.51
C SER PC 24 54.15 31.01 -76.36
N ALA PC 25 55.14 30.12 -76.44
CA ALA PC 25 56.33 30.40 -77.24
C ALA PC 25 55.96 30.52 -78.72
N ILE PC 26 55.04 29.68 -79.19
CA ILE PC 26 54.67 29.70 -80.60
C ILE PC 26 53.97 31.01 -80.95
N GLU PC 27 52.98 31.40 -80.12
CA GLU PC 27 52.23 32.62 -80.39
C GLU PC 27 53.14 33.84 -80.40
N MET PC 28 54.00 33.95 -79.38
CA MET PC 28 54.89 35.10 -79.29
C MET PC 28 55.85 35.14 -80.46
N ALA PC 29 56.42 34.00 -80.85
CA ALA PC 29 57.38 33.98 -81.93
C ALA PC 29 56.74 34.47 -83.23
N ASN PC 30 55.51 34.03 -83.50
CA ASN PC 30 54.81 34.49 -84.70
C ASN PC 30 54.42 35.95 -84.59
N LEU PC 31 54.00 36.39 -83.40
CA LEU PC 31 53.56 37.77 -83.23
C LEU PC 31 54.66 38.75 -83.60
N PHE PC 32 55.90 38.43 -83.25
CA PHE PC 32 57.00 39.35 -83.50
C PHE PC 32 57.30 39.48 -84.98
N LYS PC 33 57.06 38.42 -85.77
CA LYS PC 33 57.21 38.54 -87.21
C LYS PC 33 56.23 39.55 -87.78
N SER PC 34 55.00 39.57 -87.26
CA SER PC 34 54.01 40.52 -87.73
C SER PC 34 54.44 41.95 -87.45
N LEU PC 35 54.89 42.23 -86.22
CA LEU PC 35 55.24 43.60 -85.85
C LEU PC 35 56.39 44.12 -86.68
N ARG PC 36 57.40 43.28 -86.93
CA ARG PC 36 58.57 43.74 -87.67
C ARG PC 36 58.21 44.18 -89.08
N GLY PC 37 57.15 43.62 -89.65
CA GLY PC 37 56.77 43.96 -91.00
C GLY PC 37 56.11 45.33 -91.09
N THR PC 38 55.91 45.77 -92.32
CA THR PC 38 55.30 47.08 -92.57
C THR PC 38 53.83 47.07 -92.18
N GLY PC 39 53.31 48.25 -91.85
CA GLY PC 39 51.92 48.36 -91.47
C GLY PC 39 50.97 48.16 -92.63
N GLY PC 40 49.71 47.92 -92.29
CA GLY PC 40 48.67 47.70 -93.28
C GLY PC 40 47.98 48.98 -93.69
N SER PC 41 46.75 48.81 -94.19
CA SER PC 41 45.95 49.94 -94.63
C SER PC 41 44.47 49.57 -94.50
N GLY PC 42 43.63 50.60 -94.52
CA GLY PC 42 42.20 50.42 -94.40
C GLY PC 42 41.53 51.51 -93.59
N SER PC 43 42.32 52.32 -92.90
CA SER PC 43 41.81 53.42 -92.08
C SER PC 43 40.87 52.90 -90.99
N SER PC 44 41.40 52.00 -90.17
CA SER PC 44 40.66 51.44 -89.06
C SER PC 44 41.65 50.92 -88.03
N MET PC 45 41.12 50.53 -86.87
CA MET PC 45 41.96 50.01 -85.80
C MET PC 45 42.72 48.77 -86.27
N GLU PC 46 44.02 48.76 -86.03
CA GLU PC 46 44.88 47.65 -86.44
C GLU PC 46 45.07 46.72 -85.25
N ILE PC 47 44.54 45.50 -85.37
CA ILE PC 47 44.64 44.50 -84.31
C ILE PC 47 45.71 43.50 -84.71
N TYR PC 48 46.68 43.30 -83.83
CA TYR PC 48 47.76 42.34 -84.03
C TYR PC 48 47.52 41.13 -83.12
N GLU PC 49 47.86 39.96 -83.64
CA GLU PC 49 47.81 38.74 -82.84
C GLU PC 49 48.68 37.69 -83.52
N GLY PC 50 49.00 36.64 -82.77
CA GLY PC 50 49.88 35.59 -83.24
C GLY PC 50 49.12 34.34 -83.62
N LYS PC 51 49.61 33.66 -84.65
CA LYS PC 51 49.03 32.41 -85.12
C LYS PC 51 49.72 31.23 -84.44
N LEU PC 52 49.02 30.10 -84.45
CA LEU PC 52 49.47 28.91 -83.73
C LEU PC 52 50.25 27.93 -84.61
N THR PC 53 50.58 28.32 -85.84
CA THR PC 53 51.43 27.49 -86.66
C THR PC 53 52.85 27.46 -86.09
N ALA PC 54 53.56 26.37 -86.35
CA ALA PC 54 54.91 26.19 -85.82
C ALA PC 54 55.96 25.96 -86.90
N GLU PC 55 55.57 25.93 -88.17
CA GLU PC 55 56.52 25.58 -89.22
C GLU PC 55 57.57 26.66 -89.41
N GLY PC 56 58.81 26.24 -89.64
CA GLY PC 56 59.88 27.18 -89.91
C GLY PC 56 60.38 27.92 -88.69
N LEU PC 57 60.23 27.34 -87.50
CA LEU PC 57 60.63 27.98 -86.26
C LEU PC 57 61.63 27.11 -85.51
N ARG PC 58 62.66 27.75 -84.97
CA ARG PC 58 63.71 27.09 -84.20
C ARG PC 58 63.52 27.40 -82.73
N PHE PC 59 63.50 26.36 -81.90
CA PHE PC 59 63.22 26.47 -80.48
C PHE PC 59 64.44 26.05 -79.67
N GLY PC 60 64.37 26.31 -78.37
CA GLY PC 60 65.37 25.84 -77.44
C GLY PC 60 64.72 25.53 -76.12
N ILE PC 61 65.26 24.53 -75.43
CA ILE PC 61 64.75 24.11 -74.13
C ILE PC 61 65.91 23.95 -73.17
N VAL PC 62 65.76 24.47 -71.96
CA VAL PC 62 66.71 24.29 -70.87
C VAL PC 62 65.96 23.68 -69.70
N ALA PC 63 66.47 22.56 -69.18
CA ALA PC 63 65.82 21.81 -68.11
C ALA PC 63 66.85 21.44 -67.04
N SER PC 64 66.34 21.14 -65.85
CA SER PC 64 67.18 20.81 -64.70
C SER PC 64 66.97 19.37 -64.29
N ARG PC 65 68.00 18.79 -63.66
CA ARG PC 65 68.00 17.38 -63.30
C ARG PC 65 67.45 17.10 -61.91
N PHE PC 66 67.16 18.14 -61.11
CA PHE PC 66 66.57 17.91 -59.81
C PHE PC 66 65.17 17.36 -59.96
N ASN PC 67 64.83 16.37 -59.14
CA ASN PC 67 63.53 15.70 -59.20
C ASN PC 67 63.19 15.33 -60.64
N HIS PC 68 64.09 14.54 -61.25
CA HIS PC 68 63.98 14.26 -62.67
C HIS PC 68 62.71 13.48 -63.01
N ALA PC 69 62.05 12.89 -62.02
CA ALA PC 69 60.82 12.16 -62.30
C ALA PC 69 59.75 13.10 -62.86
N LEU PC 70 59.49 14.22 -62.18
CA LEU PC 70 58.48 15.16 -62.64
C LEU PC 70 58.97 15.98 -63.81
N VAL PC 71 60.27 16.29 -63.88
CA VAL PC 71 60.78 17.13 -64.96
C VAL PC 71 60.71 16.39 -66.29
N ASP PC 72 61.00 15.10 -66.29
CA ASP PC 72 61.02 14.35 -67.55
C ASP PC 72 59.66 14.38 -68.22
N ARG PC 73 58.57 14.28 -67.44
CA ARG PC 73 57.24 14.36 -68.01
C ARG PC 73 57.01 15.70 -68.70
N LEU PC 74 57.40 16.79 -68.04
CA LEU PC 74 57.16 18.12 -68.60
C LEU PC 74 57.94 18.33 -69.88
N VAL PC 75 59.19 17.87 -69.93
CA VAL PC 75 60.03 18.09 -71.10
C VAL PC 75 59.42 17.41 -72.32
N GLU PC 76 58.95 16.19 -72.15
CA GLU PC 76 58.34 15.46 -73.27
C GLU PC 76 57.12 16.20 -73.79
N GLY PC 77 56.27 16.68 -72.89
CA GLY PC 77 55.07 17.39 -73.32
C GLY PC 77 55.38 18.62 -74.16
N ALA PC 78 56.54 19.22 -73.94
CA ALA PC 78 56.93 20.38 -74.74
C ALA PC 78 57.10 19.99 -76.19
N ILE PC 79 57.81 18.89 -76.46
CA ILE PC 79 58.00 18.46 -77.84
C ILE PC 79 56.70 17.96 -78.43
N ASP PC 80 55.82 17.39 -77.60
CA ASP PC 80 54.55 16.88 -78.09
C ASP PC 80 53.73 17.99 -78.73
N CYS PC 81 53.68 19.16 -78.11
CA CYS PC 81 52.85 20.25 -78.61
C CYS PC 81 53.52 21.04 -79.71
N ILE PC 82 54.81 20.82 -79.96
CA ILE PC 82 55.46 21.50 -81.08
C ILE PC 82 55.24 20.75 -82.38
N VAL PC 83 55.37 19.42 -82.34
CA VAL PC 83 55.18 18.62 -83.55
C VAL PC 83 53.74 18.71 -84.04
N ARG PC 84 52.78 18.78 -83.11
CA ARG PC 84 51.37 18.80 -83.50
C ARG PC 84 51.07 20.00 -84.37
N HIS PC 85 51.59 21.17 -84.01
CA HIS PC 85 51.36 22.39 -84.75
C HIS PC 85 52.39 22.63 -85.85
N GLY PC 86 53.02 21.56 -86.33
CA GLY PC 86 54.02 21.69 -87.37
C GLY PC 86 55.42 21.51 -86.81
N GLY PC 87 56.39 22.21 -87.38
CA GLY PC 87 57.73 22.09 -86.86
C GLY PC 87 58.28 20.69 -87.09
N ARG PC 88 59.34 20.38 -86.36
CA ARG PC 88 60.00 19.09 -86.50
C ARG PC 88 61.13 19.02 -85.46
N GLU PC 89 61.56 17.79 -85.18
CA GLU PC 89 62.58 17.57 -84.16
C GLU PC 89 63.93 18.15 -84.56
N GLU PC 90 64.18 18.36 -85.84
CA GLU PC 90 65.48 18.85 -86.29
C GLU PC 90 65.71 20.31 -85.93
N ASP PC 91 64.67 21.05 -85.55
CA ASP PC 91 64.78 22.45 -85.18
C ASP PC 91 64.58 22.65 -83.68
N ILE PC 92 65.10 21.71 -82.88
CA ILE PC 92 65.07 21.80 -81.42
C ILE PC 92 66.45 21.52 -80.87
N THR PC 93 66.87 22.31 -79.88
CA THR PC 93 68.05 22.05 -79.09
C THR PC 93 67.63 21.91 -77.64
N LEU PC 94 68.20 20.92 -76.95
CA LEU PC 94 67.90 20.68 -75.54
C LEU PC 94 69.18 20.73 -74.72
N VAL PC 95 69.16 21.51 -73.64
CA VAL PC 95 70.29 21.66 -72.73
C VAL PC 95 69.83 21.29 -71.34
N ARG PC 96 70.66 20.52 -70.63
CA ARG PC 96 70.35 20.07 -69.28
C ARG PC 96 71.40 20.62 -68.32
N VAL PC 97 70.95 21.12 -67.18
CA VAL PC 97 71.84 21.79 -66.22
C VAL PC 97 71.66 21.15 -64.86
N PRO PC 98 72.66 21.28 -63.98
CA PRO PC 98 72.58 20.61 -62.67
C PRO PC 98 71.39 21.04 -61.83
N GLY PC 99 71.03 22.32 -61.84
CA GLY PC 99 70.01 22.80 -60.94
C GLY PC 99 69.42 24.10 -61.42
N SER PC 100 68.48 24.62 -60.62
CA SER PC 100 67.75 25.83 -61.00
C SER PC 100 68.68 27.03 -61.10
N TRP PC 101 69.64 27.16 -60.19
CA TRP PC 101 70.49 28.34 -60.16
C TRP PC 101 71.21 28.56 -61.49
N GLU PC 102 71.44 27.49 -62.26
CA GLU PC 102 72.22 27.57 -63.47
C GLU PC 102 71.38 27.78 -64.73
N ILE PC 103 70.05 27.86 -64.63
CA ILE PC 103 69.23 28.03 -65.83
C ILE PC 103 69.52 29.35 -66.53
N PRO PC 104 69.49 30.52 -65.86
CA PRO PC 104 69.57 31.78 -66.62
C PRO PC 104 70.83 31.95 -67.44
N VAL PC 105 71.98 31.48 -66.96
CA VAL PC 105 73.21 31.68 -67.73
C VAL PC 105 73.19 30.84 -69.00
N ALA PC 106 72.64 29.63 -68.92
CA ALA PC 106 72.52 28.80 -70.11
C ALA PC 106 71.49 29.37 -71.09
N ALA PC 107 70.32 29.76 -70.58
CA ALA PC 107 69.30 30.33 -71.45
C ALA PC 107 69.79 31.59 -72.14
N GLY PC 108 70.73 32.30 -71.53
CA GLY PC 108 71.32 33.45 -72.20
C GLY PC 108 72.17 33.04 -73.39
N GLU PC 109 72.90 31.94 -73.25
CA GLU PC 109 73.75 31.48 -74.36
C GLU PC 109 72.91 31.09 -75.56
N LEU PC 110 71.80 30.39 -75.33
CA LEU PC 110 70.93 29.99 -76.43
C LEU PC 110 70.31 31.19 -77.12
N ALA PC 111 69.81 32.16 -76.35
CA ALA PC 111 69.08 33.27 -76.94
C ALA PC 111 69.99 34.18 -77.77
N ARG PC 112 71.26 34.31 -77.40
CA ARG PC 112 72.17 35.19 -78.13
C ARG PC 112 72.52 34.63 -79.51
N LYS PC 113 72.17 33.39 -79.80
CA LYS PC 113 72.34 32.87 -81.15
C LYS PC 113 71.41 33.60 -82.12
N GLU PC 114 71.85 33.70 -83.37
CA GLU PC 114 71.08 34.38 -84.41
C GLU PC 114 70.10 33.44 -85.11
N ASP PC 115 70.02 32.19 -84.69
CA ASP PC 115 69.20 31.18 -85.33
C ASP PC 115 68.26 30.53 -84.32
N ILE PC 116 67.74 31.33 -83.38
CA ILE PC 116 66.78 30.87 -82.39
C ILE PC 116 65.64 31.89 -82.32
N ASP PC 117 64.42 31.39 -82.12
CA ASP PC 117 63.23 32.23 -82.10
C ASP PC 117 62.56 32.30 -80.73
N ALA PC 118 62.59 31.23 -79.96
CA ALA PC 118 62.03 31.25 -78.62
C ALA PC 118 62.82 30.29 -77.74
N VAL PC 119 62.75 30.51 -76.43
CA VAL PC 119 63.39 29.66 -75.44
C VAL PC 119 62.35 29.28 -74.40
N ILE PC 120 62.36 28.02 -73.98
CA ILE PC 120 61.45 27.49 -72.98
C ILE PC 120 62.30 27.00 -71.81
N ALA PC 121 61.91 27.40 -70.60
CA ALA PC 121 62.61 27.03 -69.38
C ALA PC 121 61.71 26.17 -68.51
N ILE PC 122 62.22 24.99 -68.12
CA ILE PC 122 61.48 24.03 -67.32
C ILE PC 122 62.31 23.67 -66.09
N GLY PC 123 61.66 23.61 -64.94
CA GLY PC 123 62.37 23.26 -63.72
C GLY PC 123 61.40 23.12 -62.56
N VAL PC 124 61.98 22.78 -61.41
CA VAL PC 124 61.21 22.58 -60.17
C VAL PC 124 61.88 23.36 -59.05
N LEU PC 125 61.07 24.02 -58.24
CA LEU PC 125 61.53 24.83 -57.12
C LEU PC 125 61.07 24.21 -55.81
N ILE PC 126 61.61 24.72 -54.71
CA ILE PC 126 61.26 24.28 -53.36
C ILE PC 126 60.79 25.49 -52.58
N ARG PC 127 59.61 25.36 -51.97
CA ARG PC 127 59.01 26.45 -51.19
C ARG PC 127 59.21 26.27 -49.69
N GLY PC 128 58.82 25.12 -49.15
CA GLY PC 128 58.95 24.87 -47.73
C GLY PC 128 60.33 24.40 -47.33
N ALA PC 129 61.30 25.32 -47.32
CA ALA PC 129 62.67 24.99 -46.97
C ALA PC 129 63.29 26.18 -46.26
N THR PC 130 64.61 26.12 -46.06
CA THR PC 130 65.32 27.19 -45.39
C THR PC 130 65.43 28.41 -46.30
N PRO PC 131 65.76 29.58 -45.73
CA PRO PC 131 65.90 30.78 -46.57
C PRO PC 131 66.93 30.65 -47.67
N HIS PC 132 67.84 29.68 -47.57
CA HIS PC 132 68.83 29.47 -48.64
C HIS PC 132 68.12 29.24 -49.97
N PHE PC 133 67.12 28.35 -49.98
CA PHE PC 133 66.37 28.13 -51.21
C PHE PC 133 65.55 29.36 -51.60
N ASP PC 134 65.17 30.19 -50.62
CA ASP PC 134 64.44 31.41 -50.92
C ASP PC 134 65.28 32.42 -51.67
N TYR PC 135 66.60 32.23 -51.74
CA TYR PC 135 67.47 33.10 -52.52
C TYR PC 135 67.61 32.61 -53.96
N ILE PC 136 67.76 31.30 -54.16
CA ILE PC 136 67.79 30.76 -55.52
C ILE PC 136 66.44 30.98 -56.18
N ALA PC 137 65.36 30.90 -55.42
CA ALA PC 137 64.02 30.99 -55.99
C ALA PC 137 63.78 32.35 -56.64
N SER PC 138 64.23 33.42 -56.00
CA SER PC 138 63.92 34.76 -56.51
C SER PC 138 64.75 35.09 -57.74
N GLU PC 139 66.03 34.72 -57.74
CA GLU PC 139 66.92 35.16 -58.80
C GLU PC 139 66.60 34.50 -60.14
N VAL PC 140 66.06 33.28 -60.12
CA VAL PC 140 65.76 32.60 -61.37
C VAL PC 140 64.67 33.33 -62.15
N SER PC 141 63.62 33.77 -61.45
CA SER PC 141 62.57 34.53 -62.13
C SER PC 141 63.09 35.87 -62.63
N LYS PC 142 63.88 36.57 -61.82
CA LYS PC 142 64.35 37.89 -62.20
C LYS PC 142 65.25 37.83 -63.43
N GLY PC 143 66.15 36.85 -63.48
CA GLY PC 143 67.11 36.81 -64.57
C GLY PC 143 66.46 36.57 -65.92
N LEU PC 144 65.49 35.67 -65.97
CA LEU PC 144 64.85 35.36 -67.24
C LEU PC 144 64.09 36.56 -67.78
N ALA PC 145 63.39 37.29 -66.91
CA ALA PC 145 62.65 38.47 -67.35
C ALA PC 145 63.58 39.53 -67.92
N ASN PC 146 64.73 39.76 -67.27
CA ASN PC 146 65.66 40.76 -67.75
C ASN PC 146 66.20 40.40 -69.13
N LEU PC 147 66.50 39.12 -69.35
CA LEU PC 147 67.03 38.69 -70.64
C LEU PC 147 66.01 38.91 -71.75
N SER PC 148 64.73 38.63 -71.48
CA SER PC 148 63.72 38.74 -72.52
C SER PC 148 63.60 40.17 -73.04
N LEU PC 149 64.00 41.15 -72.25
CA LEU PC 149 63.91 42.56 -72.65
C LEU PC 149 65.20 43.09 -73.23
N GLU PC 150 66.34 42.56 -72.82
CA GLU PC 150 67.62 43.02 -73.36
C GLU PC 150 67.85 42.48 -74.77
N LEU PC 151 67.51 41.23 -75.00
CA LEU PC 151 67.72 40.59 -76.30
C LEU PC 151 66.53 40.72 -77.24
N ARG PC 152 65.40 41.21 -76.75
CA ARG PC 152 64.18 41.35 -77.57
C ARG PC 152 63.80 40.00 -78.19
N LYS PC 153 63.61 39.01 -77.33
CA LYS PC 153 63.33 37.66 -77.76
C LYS PC 153 62.54 36.96 -76.66
N PRO PC 154 61.41 36.32 -76.97
CA PRO PC 154 60.59 35.72 -75.91
C PRO PC 154 61.30 34.58 -75.21
N ILE PC 155 61.04 34.45 -73.92
CA ILE PC 155 61.56 33.38 -73.07
C ILE PC 155 60.45 33.00 -72.10
N THR PC 156 59.81 31.87 -72.34
CA THR PC 156 58.67 31.48 -71.55
C THR PC 156 59.10 30.80 -70.25
N PHE PC 157 58.23 30.86 -69.25
CA PHE PC 157 58.56 30.51 -67.87
C PHE PC 157 57.67 29.35 -67.44
N GLY PC 158 58.17 28.13 -67.56
CA GLY PC 158 57.44 26.94 -67.20
C GLY PC 158 57.78 26.35 -65.86
N VAL PC 159 58.51 27.08 -65.01
CA VAL PC 159 58.92 26.53 -63.72
C VAL PC 159 57.69 26.28 -62.85
N ILE PC 160 57.73 25.20 -62.07
CA ILE PC 160 56.65 24.85 -61.17
C ILE PC 160 57.21 24.74 -59.76
N THR PC 161 56.35 24.39 -58.79
CA THR PC 161 56.75 24.25 -57.40
C THR PC 161 56.31 22.88 -56.89
N ALA PC 162 57.01 22.41 -55.86
CA ALA PC 162 56.71 21.13 -55.26
C ALA PC 162 55.58 21.26 -54.24
N THR QC 12 36.98 60.12 -65.33
CA THR QC 12 36.06 61.23 -65.21
C THR QC 12 34.80 60.78 -64.47
N LYS QC 13 34.00 59.92 -65.12
CA LYS QC 13 32.75 59.43 -64.55
C LYS QC 13 32.61 57.92 -64.59
N HIS QC 14 33.13 57.25 -65.62
CA HIS QC 14 32.89 55.82 -65.77
C HIS QC 14 33.44 55.04 -64.60
N GLY QC 15 34.73 55.24 -64.28
CA GLY QC 15 35.34 54.72 -63.09
C GLY QC 15 36.15 53.45 -63.27
N ASN QC 16 35.83 52.63 -64.27
CA ASN QC 16 36.58 51.39 -64.45
C ASN QC 16 38.03 51.69 -64.83
N LYS QC 17 38.93 50.80 -64.41
CA LYS QC 17 40.35 51.09 -64.49
C LYS QC 17 40.82 51.32 -65.93
N GLY QC 18 40.07 50.86 -66.93
CA GLY QC 18 40.39 51.22 -68.29
C GLY QC 18 40.22 52.70 -68.55
N TRP QC 19 39.14 53.28 -68.02
CA TRP QC 19 38.92 54.71 -68.16
C TRP QC 19 40.02 55.50 -67.47
N GLU QC 20 40.32 55.15 -66.22
CA GLU QC 20 41.34 55.88 -65.47
C GLU QC 20 42.71 55.76 -66.12
N ALA QC 21 43.07 54.54 -66.57
CA ALA QC 21 44.37 54.35 -67.18
C ALA QC 21 44.52 55.16 -68.46
N ALA QC 22 43.42 55.40 -69.19
CA ALA QC 22 43.51 56.18 -70.41
C ALA QC 22 43.63 57.67 -70.12
N LEU QC 23 43.03 58.15 -69.02
CA LEU QC 23 43.16 59.57 -68.68
C LEU QC 23 44.60 59.95 -68.42
N SER QC 24 45.33 59.08 -67.71
CA SER QC 24 46.74 59.35 -67.44
C SER QC 24 47.53 59.44 -68.75
N ALA QC 25 47.25 58.54 -69.68
CA ALA QC 25 48.00 58.52 -70.93
C ALA QC 25 47.77 59.79 -71.74
N ILE QC 26 46.54 60.29 -71.75
CA ILE QC 26 46.24 61.50 -72.51
C ILE QC 26 46.97 62.70 -71.90
N GLU QC 27 47.09 62.74 -70.58
CA GLU QC 27 47.72 63.87 -69.92
C GLU QC 27 49.24 63.83 -70.08
N MET QC 28 49.84 62.64 -69.93
CA MET QC 28 51.28 62.53 -70.06
C MET QC 28 51.74 62.77 -71.49
N ALA QC 29 50.93 62.37 -72.47
CA ALA QC 29 51.27 62.65 -73.87
C ALA QC 29 51.27 64.14 -74.15
N ASN QC 30 50.35 64.89 -73.54
CA ASN QC 30 50.31 66.33 -73.74
C ASN QC 30 51.44 67.02 -72.99
N LEU QC 31 51.80 66.51 -71.81
CA LEU QC 31 52.84 67.15 -71.01
C LEU QC 31 54.18 67.15 -71.73
N PHE QC 32 54.51 66.04 -72.40
CA PHE QC 32 55.83 65.91 -73.00
C PHE QC 32 56.02 66.89 -74.15
N LYS QC 33 54.98 67.15 -74.94
CA LYS QC 33 55.10 68.16 -75.99
C LYS QC 33 55.39 69.53 -75.40
N SER QC 34 54.72 69.86 -74.29
CA SER QC 34 54.99 71.13 -73.64
C SER QC 34 56.45 71.23 -73.20
N LEU QC 35 56.99 70.17 -72.62
CA LEU QC 35 58.37 70.19 -72.17
C LEU QC 35 59.33 70.36 -73.34
N ARG QC 36 59.09 69.64 -74.44
CA ARG QC 36 59.99 69.69 -75.58
C ARG QC 36 59.89 70.99 -76.36
N GLY QC 37 58.81 71.75 -76.19
CA GLY QC 37 58.60 72.93 -76.98
C GLY QC 37 59.56 74.06 -76.67
N THR QC 38 59.40 74.68 -75.50
CA THR QC 38 60.22 75.82 -75.12
C THR QC 38 59.81 76.24 -73.72
N GLY QC 39 60.58 77.14 -73.13
CA GLY QC 39 60.27 77.70 -71.83
C GLY QC 39 59.25 78.83 -71.93
N GLY QC 40 58.92 79.37 -70.75
CA GLY QC 40 57.98 80.46 -70.67
C GLY QC 40 58.61 81.79 -71.03
N SER QC 41 57.79 82.84 -70.98
CA SER QC 41 58.26 84.18 -71.30
C SER QC 41 59.36 84.61 -70.34
N GLY QC 42 59.19 84.34 -69.06
CA GLY QC 42 60.16 84.68 -68.03
C GLY QC 42 59.59 85.64 -67.01
N SER QC 43 60.45 86.01 -66.07
CA SER QC 43 60.08 86.95 -65.01
C SER QC 43 58.98 86.39 -64.12
N SER QC 44 58.88 85.07 -64.03
CA SER QC 44 57.89 84.41 -63.18
C SER QC 44 58.23 82.93 -63.13
N MET QC 45 57.49 82.22 -62.27
CA MET QC 45 57.71 80.78 -62.12
C MET QC 45 57.14 80.04 -63.31
N GLU QC 46 57.95 79.14 -63.88
CA GLU QC 46 57.51 78.35 -65.02
C GLU QC 46 56.72 77.14 -64.56
N ILE QC 47 55.58 76.89 -65.21
CA ILE QC 47 54.72 75.77 -64.87
C ILE QC 47 54.43 74.98 -66.15
N TYR QC 48 54.57 73.67 -66.07
CA TYR QC 48 54.26 72.75 -67.16
C TYR QC 48 53.15 71.81 -66.72
N GLU QC 49 52.09 71.74 -67.51
CA GLU QC 49 50.98 70.84 -67.25
C GLU QC 49 50.46 70.29 -68.56
N GLY QC 50 49.74 69.18 -68.47
CA GLY QC 50 49.09 68.57 -69.63
C GLY QC 50 47.58 68.66 -69.48
N LYS QC 51 46.90 68.89 -70.59
CA LYS QC 51 45.45 69.00 -70.63
C LYS QC 51 44.83 67.72 -71.17
N LEU QC 52 43.51 67.62 -71.03
CA LEU QC 52 42.77 66.42 -71.42
C LEU QC 52 42.11 66.60 -72.79
N THR QC 53 42.96 66.76 -73.79
CA THR QC 53 42.54 66.81 -75.20
C THR QC 53 43.34 65.78 -75.98
N ALA QC 54 42.65 64.97 -76.76
CA ALA QC 54 43.25 63.86 -77.50
C ALA QC 54 43.16 64.08 -79.01
N GLU QC 55 43.35 65.31 -79.45
CA GLU QC 55 43.28 65.66 -80.87
C GLU QC 55 44.67 65.52 -81.49
N GLY QC 56 44.85 64.46 -82.28
CA GLY QC 56 46.09 64.26 -82.99
C GLY QC 56 47.13 63.43 -82.26
N LEU QC 57 46.71 62.51 -81.40
CA LEU QC 57 47.62 61.67 -80.64
C LEU QC 57 47.44 60.21 -81.05
N ARG QC 58 48.54 59.48 -81.11
CA ARG QC 58 48.54 58.05 -81.42
C ARG QC 58 48.78 57.24 -80.16
N PHE QC 59 48.00 56.19 -79.99
CA PHE QC 59 48.03 55.37 -78.79
C PHE QC 59 48.20 53.90 -79.14
N GLY QC 60 48.75 53.15 -78.20
CA GLY QC 60 48.84 51.70 -78.34
C GLY QC 60 48.42 51.02 -77.06
N ILE QC 61 47.74 49.88 -77.20
CA ILE QC 61 47.20 49.14 -76.07
C ILE QC 61 47.68 47.70 -76.15
N VAL QC 62 48.14 47.17 -75.02
CA VAL QC 62 48.56 45.78 -74.89
C VAL QC 62 47.69 45.14 -73.82
N ALA QC 63 47.02 44.05 -74.15
CA ALA QC 63 46.08 43.42 -73.24
C ALA QC 63 46.24 41.90 -73.27
N SER QC 64 46.12 41.27 -72.11
CA SER QC 64 46.22 39.84 -71.98
C SER QC 64 44.86 39.18 -72.19
N ARG QC 65 44.89 37.86 -72.38
CA ARG QC 65 43.68 37.10 -72.71
C ARG QC 65 43.11 36.33 -71.53
N PHE QC 66 43.90 36.07 -70.50
CA PHE QC 66 43.39 35.37 -69.32
C PHE QC 66 42.26 36.20 -68.70
N ASN QC 67 41.15 35.54 -68.39
CA ASN QC 67 39.94 36.21 -67.94
C ASN QC 67 39.49 37.27 -68.94
N HIS QC 68 39.20 36.81 -70.16
CA HIS QC 68 38.77 37.71 -71.21
C HIS QC 68 37.43 38.36 -70.91
N ALA QC 69 36.67 37.81 -69.96
CA ALA QC 69 35.40 38.43 -69.60
C ALA QC 69 35.61 39.79 -68.96
N LEU QC 70 36.50 39.87 -67.98
CA LEU QC 70 36.78 41.15 -67.34
C LEU QC 70 37.68 42.04 -68.19
N VAL QC 71 38.63 41.45 -68.92
CA VAL QC 71 39.53 42.26 -69.71
C VAL QC 71 38.78 42.96 -70.83
N ASP QC 72 37.76 42.31 -71.39
CA ASP QC 72 37.06 42.88 -72.54
C ASP QC 72 36.42 44.22 -72.19
N ARG QC 73 35.82 44.31 -71.01
CA ARG QC 73 35.22 45.58 -70.59
C ARG QC 73 36.28 46.65 -70.40
N LEU QC 74 37.42 46.29 -69.80
CA LEU QC 74 38.46 47.28 -69.57
C LEU QC 74 39.00 47.85 -70.88
N VAL QC 75 39.23 46.99 -71.87
CA VAL QC 75 39.72 47.49 -73.15
C VAL QC 75 38.67 48.37 -73.82
N GLU QC 76 37.39 48.03 -73.66
CA GLU QC 76 36.34 48.89 -74.17
C GLU QC 76 36.36 50.25 -73.49
N GLY QC 77 36.49 50.26 -72.15
CA GLY QC 77 36.48 51.52 -71.44
C GLY QC 77 37.58 52.46 -71.86
N ALA QC 78 38.78 51.93 -72.09
CA ALA QC 78 39.90 52.76 -72.51
C ALA QC 78 39.64 53.36 -73.89
N ILE QC 79 39.01 52.61 -74.78
CA ILE QC 79 38.74 53.13 -76.13
C ILE QC 79 37.66 54.20 -76.07
N ASP QC 80 36.63 54.00 -75.25
CA ASP QC 80 35.59 55.02 -75.12
C ASP QC 80 36.16 56.34 -74.61
N CYS QC 81 37.09 56.28 -73.65
CA CYS QC 81 37.66 57.49 -73.09
C CYS QC 81 38.35 58.31 -74.17
N ILE QC 82 39.09 57.65 -75.05
CA ILE QC 82 39.88 58.37 -76.06
C ILE QC 82 38.96 59.09 -77.03
N VAL QC 83 37.90 58.42 -77.49
CA VAL QC 83 37.02 59.04 -78.48
C VAL QC 83 36.23 60.19 -77.88
N ARG QC 84 35.80 60.05 -76.62
CA ARG QC 84 35.00 61.10 -76.01
C ARG QC 84 35.77 62.42 -75.93
N HIS QC 85 37.07 62.37 -75.73
CA HIS QC 85 37.89 63.56 -75.56
C HIS QC 85 38.44 64.12 -76.86
N GLY QC 86 38.04 63.56 -78.00
CA GLY QC 86 38.46 64.06 -79.29
C GLY QC 86 39.38 63.16 -80.07
N GLY QC 87 39.56 61.91 -79.65
CA GLY QC 87 40.43 60.99 -80.34
C GLY QC 87 39.79 60.42 -81.59
N ARG QC 88 40.53 59.53 -82.23
CA ARG QC 88 40.10 58.89 -83.47
C ARG QC 88 40.35 57.40 -83.36
N GLU QC 89 39.34 56.60 -83.69
CA GLU QC 89 39.46 55.15 -83.54
C GLU QC 89 40.51 54.55 -84.45
N GLU QC 90 40.89 55.26 -85.53
CA GLU QC 90 41.89 54.74 -86.45
C GLU QC 90 43.31 54.95 -85.96
N ASP QC 91 43.52 55.76 -84.92
CA ASP QC 91 44.84 56.01 -84.37
C ASP QC 91 45.10 55.22 -83.10
N ILE QC 92 44.54 54.02 -83.00
CA ILE QC 92 44.75 53.13 -81.86
C ILE QC 92 45.20 51.77 -82.39
N THR QC 93 46.27 51.24 -81.81
CA THR QC 93 46.78 49.92 -82.14
C THR QC 93 46.61 49.01 -80.94
N LEU QC 94 46.13 47.79 -81.18
CA LEU QC 94 45.87 46.82 -80.13
C LEU QC 94 46.70 45.57 -80.37
N VAL QC 95 47.28 45.03 -79.30
CA VAL QC 95 48.04 43.80 -79.34
C VAL QC 95 47.56 42.89 -78.21
N ARG QC 96 47.38 41.61 -78.52
CA ARG QC 96 46.97 40.62 -77.55
C ARG QC 96 48.11 39.65 -77.29
N VAL QC 97 48.25 39.22 -76.03
CA VAL QC 97 49.33 38.35 -75.61
C VAL QC 97 48.75 37.19 -74.82
N PRO QC 98 49.40 36.03 -74.80
CA PRO QC 98 48.81 34.89 -74.07
C PRO QC 98 48.55 35.15 -72.60
N GLY QC 99 49.45 35.84 -71.91
CA GLY QC 99 49.33 35.96 -70.48
C GLY QC 99 50.11 37.15 -69.95
N SER QC 100 50.03 37.34 -68.65
CA SER QC 100 50.63 38.51 -68.01
C SER QC 100 52.15 38.51 -68.12
N TRP QC 101 52.78 37.33 -68.16
CA TRP QC 101 54.24 37.28 -68.23
C TRP QC 101 54.77 37.92 -69.51
N GLU QC 102 53.93 38.08 -70.52
CA GLU QC 102 54.37 38.55 -71.82
C GLU QC 102 54.05 40.02 -72.09
N ILE QC 103 53.38 40.70 -71.15
CA ILE QC 103 53.05 42.11 -71.38
C ILE QC 103 54.30 42.96 -71.52
N PRO QC 104 55.29 42.90 -70.62
CA PRO QC 104 56.44 43.80 -70.75
C PRO QC 104 57.19 43.65 -72.06
N VAL QC 105 57.39 42.42 -72.54
CA VAL QC 105 58.16 42.23 -73.75
C VAL QC 105 57.40 42.76 -74.97
N ALA QC 106 56.08 42.62 -74.96
CA ALA QC 106 55.27 43.11 -76.07
C ALA QC 106 55.24 44.64 -76.11
N ALA QC 107 55.11 45.27 -74.93
CA ALA QC 107 55.04 46.72 -74.89
C ALA QC 107 56.33 47.37 -75.38
N GLY QC 108 57.47 46.70 -75.17
CA GLY QC 108 58.72 47.25 -75.64
C GLY QC 108 58.77 47.42 -77.15
N GLU QC 109 58.00 46.61 -77.88
CA GLU QC 109 57.97 46.74 -79.34
C GLU QC 109 57.16 47.95 -79.76
N LEU QC 110 56.02 48.20 -79.11
CA LEU QC 110 55.23 49.39 -79.42
C LEU QC 110 56.01 50.66 -79.09
N ALA QC 111 56.69 50.68 -77.94
CA ALA QC 111 57.33 51.90 -77.48
C ALA QC 111 58.39 52.38 -78.44
N ARG QC 112 59.06 51.46 -79.14
CA ARG QC 112 60.13 51.84 -80.04
C ARG QC 112 59.62 52.39 -81.37
N LYS QC 113 58.33 52.28 -81.64
CA LYS QC 113 57.76 52.88 -82.84
C LYS QC 113 57.87 54.39 -82.78
N GLU QC 114 58.13 55.00 -83.94
CA GLU QC 114 58.29 56.45 -84.01
C GLU QC 114 56.96 57.19 -83.98
N ASP QC 115 55.85 56.49 -84.19
CA ASP QC 115 54.53 57.14 -84.25
C ASP QC 115 53.83 57.14 -82.89
N ILE QC 116 53.88 56.02 -82.16
CA ILE QC 116 53.14 55.93 -80.91
C ILE QC 116 53.69 56.93 -79.90
N ASP QC 117 52.78 57.51 -79.12
CA ASP QC 117 53.11 58.52 -78.12
C ASP QC 117 52.91 58.03 -76.68
N ALA QC 118 51.99 57.11 -76.46
CA ALA QC 118 51.79 56.54 -75.14
C ALA QC 118 51.33 55.10 -75.29
N VAL QC 119 51.52 54.32 -74.23
CA VAL QC 119 51.19 52.91 -74.23
C VAL QC 119 50.41 52.58 -72.96
N ILE QC 120 49.38 51.75 -73.10
CA ILE QC 120 48.51 51.38 -72.01
C ILE QC 120 48.53 49.86 -71.88
N ALA QC 121 48.74 49.38 -70.66
CA ALA QC 121 48.77 47.95 -70.37
C ALA QC 121 47.57 47.58 -69.52
N ILE QC 122 46.84 46.56 -69.94
CA ILE QC 122 45.65 46.08 -69.24
C ILE QC 122 45.79 44.58 -69.02
N GLY QC 123 45.35 44.11 -67.86
CA GLY QC 123 45.40 42.70 -67.57
C GLY QC 123 44.77 42.42 -66.23
N VAL QC 124 44.67 41.13 -65.91
CA VAL QC 124 44.15 40.68 -64.63
C VAL QC 124 45.15 39.69 -64.03
N LEU QC 125 45.32 39.76 -62.71
CA LEU QC 125 46.26 38.93 -61.98
C LEU QC 125 45.50 38.11 -60.95
N ILE QC 126 45.81 36.82 -60.87
CA ILE QC 126 45.22 35.93 -59.88
C ILE QC 126 46.21 35.76 -58.73
N ARG QC 127 45.84 36.23 -57.55
CA ARG QC 127 46.70 36.17 -56.37
C ARG QC 127 45.90 35.79 -55.15
N GLY QC 128 45.01 34.80 -55.28
CA GLY QC 128 44.18 34.38 -54.16
C GLY QC 128 43.94 32.88 -54.09
N ALA QC 129 44.55 32.12 -55.00
CA ALA QC 129 44.36 30.67 -55.04
C ALA QC 129 45.67 29.89 -55.01
N THR QC 130 46.72 30.41 -55.64
CA THR QC 130 48.00 29.70 -55.74
C THR QC 130 49.09 30.52 -55.06
N PRO QC 131 49.88 29.94 -54.10
CA PRO QC 131 51.00 30.67 -53.50
C PRO QC 131 52.29 30.61 -54.33
N HIS QC 132 52.14 30.77 -55.64
CA HIS QC 132 53.28 30.79 -56.56
C HIS QC 132 53.23 31.93 -57.56
N PHE QC 133 52.07 32.53 -57.83
CA PHE QC 133 51.95 33.60 -58.80
C PHE QC 133 52.65 34.89 -58.37
N ASP QC 134 53.09 34.98 -57.12
CA ASP QC 134 53.74 36.20 -56.65
C ASP QC 134 54.97 36.51 -57.48
N TYR QC 135 55.69 35.47 -57.93
CA TYR QC 135 56.84 35.70 -58.80
C TYR QC 135 56.42 36.34 -60.11
N ILE QC 136 55.33 35.86 -60.70
CA ILE QC 136 54.85 36.43 -61.96
C ILE QC 136 54.41 37.87 -61.74
N ALA QC 137 53.68 38.13 -60.67
CA ALA QC 137 53.11 39.46 -60.46
C ALA QC 137 54.20 40.52 -60.30
N SER QC 138 55.26 40.20 -59.55
CA SER QC 138 56.29 41.18 -59.26
C SER QC 138 57.05 41.60 -60.50
N GLU QC 139 57.23 40.70 -61.47
CA GLU QC 139 58.03 41.02 -62.65
C GLU QC 139 57.28 41.92 -63.64
N VAL QC 140 55.95 41.94 -63.60
CA VAL QC 140 55.21 42.81 -64.49
C VAL QC 140 55.46 44.26 -64.12
N SER QC 141 55.40 44.57 -62.82
CA SER QC 141 55.58 45.94 -62.37
C SER QC 141 57.01 46.43 -62.63
N LYS QC 142 57.99 45.55 -62.43
CA LYS QC 142 59.38 45.95 -62.66
C LYS QC 142 59.64 46.22 -64.13
N GLY QC 143 59.24 45.30 -65.01
CA GLY QC 143 59.58 45.43 -66.40
C GLY QC 143 58.97 46.65 -67.05
N LEU QC 144 57.71 46.94 -66.73
CA LEU QC 144 57.05 48.09 -67.31
C LEU QC 144 57.70 49.39 -66.84
N ALA QC 145 58.10 49.45 -65.56
CA ALA QC 145 58.70 50.66 -65.02
C ALA QC 145 60.08 50.92 -65.61
N ASN QC 146 60.88 49.87 -65.80
CA ASN QC 146 62.21 50.06 -66.38
C ASN QC 146 62.13 50.54 -67.83
N LEU QC 147 61.12 50.09 -68.58
CA LEU QC 147 61.01 50.48 -69.98
C LEU QC 147 60.78 51.98 -70.14
N SER QC 148 59.95 52.57 -69.28
CA SER QC 148 59.65 53.98 -69.40
C SER QC 148 60.91 54.84 -69.27
N LEU QC 149 61.76 54.51 -68.29
CA LEU QC 149 63.00 55.25 -68.12
C LEU QC 149 63.93 55.05 -69.31
N GLU QC 150 64.05 53.82 -69.80
CA GLU QC 150 65.00 53.52 -70.86
C GLU QC 150 64.61 54.20 -72.17
N LEU QC 151 63.35 54.09 -72.56
CA LEU QC 151 62.88 54.64 -73.82
C LEU QC 151 62.36 56.06 -73.71
N ARG QC 152 62.21 56.59 -72.49
CA ARG QC 152 61.76 57.96 -72.27
C ARG QC 152 60.41 58.20 -72.94
N LYS QC 153 59.44 57.35 -72.60
CA LYS QC 153 58.12 57.37 -73.18
C LYS QC 153 57.14 56.93 -72.10
N PRO QC 154 55.99 57.58 -71.95
CA PRO QC 154 55.07 57.19 -70.88
C PRO QC 154 54.39 55.86 -71.16
N ILE QC 155 54.35 55.02 -70.12
CA ILE QC 155 53.66 53.73 -70.14
C ILE QC 155 52.81 53.65 -68.89
N THR QC 156 51.51 53.38 -69.06
CA THR QC 156 50.56 53.44 -67.96
C THR QC 156 50.16 52.04 -67.51
N PHE QC 157 49.81 51.95 -66.23
CA PHE QC 157 49.50 50.69 -65.57
C PHE QC 157 47.98 50.55 -65.44
N GLY QC 158 47.44 49.46 -65.98
CA GLY QC 158 46.02 49.19 -65.92
C GLY QC 158 45.71 47.78 -65.47
N VAL QC 159 46.48 47.27 -64.52
CA VAL QC 159 46.41 45.87 -64.11
C VAL QC 159 45.51 45.75 -62.90
N ILE QC 160 44.51 44.86 -63.00
CA ILE QC 160 43.60 44.54 -61.92
C ILE QC 160 44.11 43.31 -61.19
N THR QC 161 43.78 43.22 -59.90
CA THR QC 161 44.06 42.04 -59.09
C THR QC 161 42.73 41.46 -58.63
N ALA QC 162 42.59 40.15 -58.77
CA ALA QC 162 41.35 39.47 -58.41
C ALA QC 162 41.40 39.00 -56.96
N ASN RC 16 -19.03 77.74 -34.12
CA ASN RC 16 -18.71 77.20 -35.43
C ASN RC 16 -17.35 77.71 -35.91
N LYS RC 17 -16.79 77.03 -36.91
CA LYS RC 17 -15.51 77.40 -37.49
C LYS RC 17 -15.66 78.37 -38.65
N GLY RC 18 -16.77 79.08 -38.72
CA GLY RC 18 -17.02 80.00 -39.82
C GLY RC 18 -16.60 81.42 -39.50
N TRP RC 19 -16.95 81.90 -38.31
CA TRP RC 19 -16.63 83.28 -37.96
C TRP RC 19 -15.12 83.50 -37.90
N GLU RC 20 -14.34 82.46 -37.63
CA GLU RC 20 -12.89 82.60 -37.67
C GLU RC 20 -12.44 82.95 -39.08
N ALA RC 21 -12.99 82.29 -40.08
CA ALA RC 21 -12.72 82.67 -41.45
C ALA RC 21 -13.17 84.09 -41.73
N ALA RC 22 -14.21 84.56 -41.03
CA ALA RC 22 -14.69 85.92 -41.23
C ALA RC 22 -13.75 86.94 -40.61
N LEU RC 23 -13.30 86.68 -39.37
CA LEU RC 23 -12.46 87.67 -38.69
C LEU RC 23 -11.20 87.96 -39.50
N SER RC 24 -10.59 86.92 -40.08
CA SER RC 24 -9.39 87.12 -40.87
C SER RC 24 -9.64 88.11 -42.02
N ALA RC 25 -10.80 88.01 -42.67
CA ALA RC 25 -11.06 88.83 -43.84
C ALA RC 25 -11.10 90.31 -43.49
N ILE RC 26 -11.81 90.67 -42.42
CA ILE RC 26 -11.91 92.09 -42.06
C ILE RC 26 -10.54 92.64 -41.68
N GLU RC 27 -9.77 91.90 -40.89
CA GLU RC 27 -8.45 92.38 -40.49
C GLU RC 27 -7.59 92.66 -41.72
N MET RC 28 -7.50 91.69 -42.63
CA MET RC 28 -6.67 91.86 -43.83
C MET RC 28 -7.22 92.97 -44.72
N ALA RC 29 -8.55 93.05 -44.84
CA ALA RC 29 -9.14 94.07 -45.71
C ALA RC 29 -8.79 95.47 -45.23
N ASN RC 30 -8.83 95.69 -43.92
CA ASN RC 30 -8.44 96.99 -43.38
C ASN RC 30 -6.94 97.21 -43.51
N LEU RC 31 -6.15 96.17 -43.28
CA LEU RC 31 -4.70 96.30 -43.36
C LEU RC 31 -4.26 96.73 -44.76
N PHE RC 32 -4.87 96.15 -45.80
CA PHE RC 32 -4.45 96.46 -47.15
C PHE RC 32 -4.73 97.91 -47.50
N LYS RC 33 -5.74 98.52 -46.87
CA LYS RC 33 -6.00 99.94 -47.10
C LYS RC 33 -4.85 100.80 -46.60
N SER RC 34 -4.27 100.44 -45.45
CA SER RC 34 -3.20 101.25 -44.86
C SER RC 34 -2.00 101.31 -45.79
N LEU RC 35 -1.51 100.14 -46.24
CA LEU RC 35 -0.27 100.10 -47.01
C LEU RC 35 -0.40 100.90 -48.30
N ARG RC 36 -1.53 100.76 -49.00
CA ARG RC 36 -1.70 101.45 -50.26
C ARG RC 36 -1.75 102.96 -50.10
N GLY RC 37 -2.01 103.45 -48.89
CA GLY RC 37 -2.06 104.87 -48.64
C GLY RC 37 -0.68 105.47 -48.43
N THR RC 38 -0.68 106.74 -48.04
CA THR RC 38 0.57 107.44 -47.83
C THR RC 38 1.33 106.86 -46.63
N GLY RC 39 2.65 106.99 -46.67
CA GLY RC 39 3.50 106.47 -45.62
C GLY RC 39 3.47 107.34 -44.38
N GLY RC 40 4.24 106.91 -43.38
CA GLY RC 40 4.30 107.60 -42.11
C GLY RC 40 5.18 108.84 -42.17
N SER RC 41 5.24 109.53 -41.03
CA SER RC 41 6.03 110.74 -40.90
C SER RC 41 7.50 110.46 -40.59
N GLY RC 42 7.88 109.19 -40.41
CA GLY RC 42 9.25 108.86 -40.09
C GLY RC 42 9.59 109.14 -38.64
N SER RC 43 10.88 109.08 -38.34
CA SER RC 43 11.47 109.31 -37.02
C SER RC 43 11.24 108.13 -36.08
N SER RC 44 10.51 107.10 -36.49
CA SER RC 44 10.31 105.93 -35.65
C SER RC 44 9.89 104.76 -36.53
N MET RC 45 10.00 103.56 -35.98
CA MET RC 45 9.59 102.36 -36.70
C MET RC 45 8.10 102.39 -36.97
N GLU RC 46 7.71 102.05 -38.20
CA GLU RC 46 6.32 102.04 -38.60
C GLU RC 46 5.74 100.65 -38.38
N ILE RC 47 4.72 100.56 -37.54
CA ILE RC 47 4.01 99.31 -37.30
C ILE RC 47 2.64 99.43 -37.95
N TYR RC 48 2.38 98.58 -38.94
CA TYR RC 48 1.08 98.49 -39.59
C TYR RC 48 0.30 97.32 -39.00
N GLU RC 49 -0.93 97.58 -38.59
CA GLU RC 49 -1.82 96.53 -38.12
C GLU RC 49 -3.25 96.91 -38.47
N GLY RC 50 -4.05 95.93 -38.88
CA GLY RC 50 -5.39 96.19 -39.32
C GLY RC 50 -6.41 96.25 -38.20
N LYS RC 51 -7.49 96.98 -38.46
CA LYS RC 51 -8.57 97.16 -37.50
C LYS RC 51 -9.61 96.05 -37.64
N LEU RC 52 -10.63 96.11 -36.78
CA LEU RC 52 -11.76 95.19 -36.83
C LEU RC 52 -13.07 95.89 -37.16
N THR RC 53 -12.99 97.08 -37.74
CA THR RC 53 -14.18 97.82 -38.17
C THR RC 53 -14.57 97.37 -39.56
N ALA RC 54 -15.74 96.75 -39.68
CA ALA RC 54 -16.19 96.17 -40.94
C ALA RC 54 -16.91 97.16 -41.84
N GLU RC 55 -17.12 98.40 -41.38
CA GLU RC 55 -17.91 99.34 -42.16
C GLU RC 55 -17.18 99.75 -43.44
N GLY RC 56 -17.92 99.76 -44.55
CA GLY RC 56 -17.38 100.17 -45.83
C GLY RC 56 -16.76 99.07 -46.65
N LEU RC 57 -16.75 97.83 -46.17
CA LEU RC 57 -16.08 96.72 -46.84
C LEU RC 57 -17.10 95.86 -47.58
N ARG RC 58 -16.81 95.56 -48.84
CA ARG RC 58 -17.62 94.67 -49.65
C ARG RC 58 -17.01 93.27 -49.61
N PHE RC 59 -17.85 92.27 -49.34
CA PHE RC 59 -17.39 90.90 -49.18
C PHE RC 59 -18.08 89.98 -50.18
N GLY RC 60 -17.33 88.97 -50.62
CA GLY RC 60 -17.90 87.86 -51.37
C GLY RC 60 -17.71 86.58 -50.59
N ILE RC 61 -18.66 85.65 -50.75
CA ILE RC 61 -18.58 84.34 -50.12
C ILE RC 61 -18.91 83.29 -51.18
N VAL RC 62 -18.12 82.22 -51.22
CA VAL RC 62 -18.32 81.09 -52.13
C VAL RC 62 -18.46 79.83 -51.29
N ALA RC 63 -19.56 79.11 -51.50
CA ALA RC 63 -19.85 77.90 -50.73
C ALA RC 63 -20.33 76.81 -51.68
N SER RC 64 -20.14 75.57 -51.25
CA SER RC 64 -20.57 74.40 -52.01
C SER RC 64 -21.85 73.81 -51.41
N ARG RC 65 -22.44 72.87 -52.13
CA ARG RC 65 -23.73 72.31 -51.75
C ARG RC 65 -23.63 70.94 -51.11
N PHE RC 66 -22.59 70.17 -51.39
CA PHE RC 66 -22.45 68.85 -50.80
C PHE RC 66 -22.42 68.97 -49.28
N ASN RC 67 -23.20 68.13 -48.59
CA ASN RC 67 -23.35 68.20 -47.14
C ASN RC 67 -23.93 69.54 -46.73
N HIS RC 68 -25.14 69.81 -47.24
CA HIS RC 68 -25.78 71.09 -46.99
C HIS RC 68 -26.06 71.33 -45.51
N ALA RC 69 -26.16 70.27 -44.71
CA ALA RC 69 -26.41 70.44 -43.29
C ALA RC 69 -25.28 71.23 -42.64
N LEU RC 70 -24.03 70.81 -42.87
CA LEU RC 70 -22.90 71.49 -42.25
C LEU RC 70 -22.67 72.86 -42.87
N VAL RC 71 -22.70 72.94 -44.20
CA VAL RC 71 -22.43 74.20 -44.87
C VAL RC 71 -23.48 75.24 -44.55
N ASP RC 72 -24.70 74.81 -44.18
CA ASP RC 72 -25.75 75.76 -43.86
C ASP RC 72 -25.38 76.62 -42.65
N ARG RC 73 -24.81 75.99 -41.61
CA ARG RC 73 -24.46 76.74 -40.41
C ARG RC 73 -23.14 77.48 -40.55
N LEU RC 74 -22.18 76.95 -41.33
CA LEU RC 74 -20.94 77.66 -41.54
C LEU RC 74 -21.18 79.00 -42.22
N VAL RC 75 -22.02 79.03 -43.25
CA VAL RC 75 -22.27 80.28 -43.96
C VAL RC 75 -23.02 81.26 -43.08
N GLU RC 76 -24.04 80.77 -42.36
CA GLU RC 76 -24.79 81.65 -41.48
C GLU RC 76 -23.91 82.22 -40.38
N GLY RC 77 -23.07 81.37 -39.78
CA GLY RC 77 -22.14 81.86 -38.77
C GLY RC 77 -21.21 82.92 -39.31
N ALA RC 78 -20.77 82.76 -40.56
CA ALA RC 78 -19.92 83.77 -41.17
C ALA RC 78 -20.66 85.09 -41.35
N ILE RC 79 -21.93 85.03 -41.75
CA ILE RC 79 -22.68 86.26 -41.97
C ILE RC 79 -22.96 86.97 -40.65
N ASP RC 80 -23.10 86.22 -39.56
CA ASP RC 80 -23.37 86.81 -38.26
C ASP RC 80 -22.23 87.69 -37.77
N CYS RC 81 -21.02 87.53 -38.32
CA CYS RC 81 -19.86 88.24 -37.80
C CYS RC 81 -19.61 89.56 -38.52
N ILE RC 82 -19.90 89.66 -39.81
CA ILE RC 82 -19.75 90.93 -40.50
C ILE RC 82 -20.78 91.94 -40.01
N VAL RC 83 -22.01 91.49 -39.79
CA VAL RC 83 -23.05 92.39 -39.34
C VAL RC 83 -22.73 92.92 -37.94
N ARG RC 84 -22.27 92.05 -37.05
CA ARG RC 84 -22.04 92.49 -35.68
C ARG RC 84 -20.89 93.49 -35.59
N HIS RC 85 -19.86 93.33 -36.41
CA HIS RC 85 -18.74 94.26 -36.43
C HIS RC 85 -19.01 95.48 -37.30
N GLY RC 86 -20.28 95.76 -37.61
CA GLY RC 86 -20.62 96.98 -38.32
C GLY RC 86 -20.63 96.81 -39.83
N GLY RC 87 -21.36 95.81 -40.32
CA GLY RC 87 -21.39 95.51 -41.74
C GLY RC 87 -22.78 95.30 -42.31
N ARG RC 88 -23.12 96.06 -43.33
CA ARG RC 88 -24.41 95.93 -43.98
C ARG RC 88 -24.50 94.62 -44.77
N GLU RC 89 -25.65 93.95 -44.69
CA GLU RC 89 -25.88 92.79 -45.53
C GLU RC 89 -26.11 93.16 -46.99
N GLU RC 90 -26.28 94.43 -47.29
CA GLU RC 90 -26.44 94.89 -48.67
C GLU RC 90 -25.15 94.78 -49.47
N ASP RC 91 -24.02 94.47 -48.83
CA ASP RC 91 -22.73 94.38 -49.51
C ASP RC 91 -22.22 92.95 -49.66
N ILE RC 92 -22.78 92.00 -48.93
CA ILE RC 92 -22.38 90.60 -49.08
C ILE RC 92 -22.96 90.05 -50.37
N THR RC 93 -22.15 89.29 -51.11
CA THR RC 93 -22.58 88.54 -52.28
C THR RC 93 -22.29 87.07 -52.06
N LEU RC 94 -23.23 86.22 -52.44
CA LEU RC 94 -23.12 84.78 -52.21
C LEU RC 94 -23.22 84.02 -53.52
N VAL RC 95 -22.28 83.09 -53.72
CA VAL RC 95 -22.26 82.20 -54.88
C VAL RC 95 -22.25 80.78 -54.37
N ARG RC 96 -23.13 79.95 -54.94
CA ARG RC 96 -23.19 78.52 -54.63
C ARG RC 96 -22.67 77.73 -55.83
N VAL RC 97 -21.88 76.70 -55.55
CA VAL RC 97 -21.26 75.89 -56.60
C VAL RC 97 -21.53 74.42 -56.29
N PRO RC 98 -21.52 73.56 -57.32
CA PRO RC 98 -21.85 72.15 -57.08
C PRO RC 98 -20.95 71.46 -56.06
N GLY RC 99 -19.64 71.43 -56.31
CA GLY RC 99 -18.72 70.69 -55.47
C GLY RC 99 -17.48 71.50 -55.17
N SER RC 100 -16.57 70.88 -54.41
CA SER RC 100 -15.34 71.55 -54.01
C SER RC 100 -14.46 71.88 -55.21
N TRP RC 101 -14.51 71.04 -56.25
CA TRP RC 101 -13.65 71.23 -57.41
C TRP RC 101 -13.88 72.58 -58.08
N GLU RC 102 -15.04 73.19 -57.86
CA GLU RC 102 -15.38 74.45 -58.52
C GLU RC 102 -15.16 75.67 -57.65
N ILE RC 103 -14.69 75.50 -56.42
CA ILE RC 103 -14.44 76.67 -55.57
C ILE RC 103 -13.43 77.62 -56.19
N PRO RC 104 -12.26 77.16 -56.67
CA PRO RC 104 -11.24 78.12 -57.15
C PRO RC 104 -11.65 78.91 -58.38
N VAL RC 105 -12.31 78.28 -59.36
CA VAL RC 105 -12.67 79.02 -60.58
C VAL RC 105 -13.72 80.07 -60.26
N ALA RC 106 -14.65 79.76 -59.34
CA ALA RC 106 -15.66 80.72 -58.97
C ALA RC 106 -15.07 81.90 -58.20
N ALA RC 107 -14.11 81.62 -57.31
CA ALA RC 107 -13.50 82.69 -56.53
C ALA RC 107 -12.75 83.67 -57.42
N GLY RC 108 -12.24 83.21 -58.56
CA GLY RC 108 -11.52 84.10 -59.44
C GLY RC 108 -12.41 85.17 -60.05
N GLU RC 109 -13.61 84.79 -60.50
CA GLU RC 109 -14.51 85.76 -61.08
C GLU RC 109 -14.93 86.81 -60.06
N LEU RC 110 -15.21 86.38 -58.83
CA LEU RC 110 -15.52 87.34 -57.77
C LEU RC 110 -14.33 88.23 -57.45
N ALA RC 111 -13.15 87.62 -57.27
CA ALA RC 111 -11.98 88.38 -56.86
C ALA RC 111 -11.52 89.37 -57.92
N ARG RC 112 -11.92 89.19 -59.16
CA ARG RC 112 -11.55 90.11 -60.24
C ARG RC 112 -12.50 91.28 -60.35
N LYS RC 113 -13.58 91.31 -59.57
CA LYS RC 113 -14.50 92.44 -59.59
C LYS RC 113 -13.93 93.56 -58.72
N GLU RC 114 -13.95 94.79 -59.25
CA GLU RC 114 -13.34 95.92 -58.55
C GLU RC 114 -14.05 96.23 -57.25
N ASP RC 115 -15.35 95.99 -57.18
CA ASP RC 115 -16.16 96.35 -56.01
C ASP RC 115 -16.08 95.32 -54.89
N ILE RC 116 -15.11 94.42 -54.91
CA ILE RC 116 -14.92 93.44 -53.85
C ILE RC 116 -13.53 93.64 -53.27
N ASP RC 117 -13.42 93.41 -51.95
CA ASP RC 117 -12.17 93.60 -51.24
C ASP RC 117 -11.77 92.40 -50.39
N ALA RC 118 -12.56 91.34 -50.36
CA ALA RC 118 -12.20 90.13 -49.64
C ALA RC 118 -13.16 89.03 -50.06
N VAL RC 119 -12.63 87.82 -50.20
CA VAL RC 119 -13.41 86.64 -50.54
C VAL RC 119 -13.23 85.60 -49.45
N ILE RC 120 -14.31 84.94 -49.08
CA ILE RC 120 -14.32 83.88 -48.08
C ILE RC 120 -14.75 82.59 -48.77
N ALA RC 121 -13.97 81.53 -48.57
CA ALA RC 121 -14.23 80.24 -49.19
C ALA RC 121 -14.64 79.24 -48.11
N ILE RC 122 -15.77 78.58 -48.33
CA ILE RC 122 -16.34 77.65 -47.36
C ILE RC 122 -16.67 76.35 -48.08
N GLY RC 123 -16.35 75.24 -47.46
CA GLY RC 123 -16.64 73.94 -48.05
C GLY RC 123 -16.18 72.84 -47.14
N VAL RC 124 -16.52 71.61 -47.53
CA VAL RC 124 -16.17 70.41 -46.77
C VAL RC 124 -15.45 69.45 -47.69
N LEU RC 125 -14.28 68.99 -47.26
CA LEU RC 125 -13.48 68.00 -47.99
C LEU RC 125 -13.54 66.69 -47.23
N ILE RC 126 -13.95 65.63 -47.91
CA ILE RC 126 -14.06 64.31 -47.30
C ILE RC 126 -12.74 63.57 -47.45
N ARG RC 127 -12.39 62.81 -46.42
CA ARG RC 127 -11.15 62.03 -46.38
C ARG RC 127 -11.45 60.56 -46.11
N GLY RC 128 -12.45 60.04 -46.82
CA GLY RC 128 -12.84 58.66 -46.65
C GLY RC 128 -11.87 57.69 -47.28
N ALA RC 129 -12.10 56.40 -47.02
CA ALA RC 129 -11.24 55.36 -47.57
C ALA RC 129 -11.32 55.28 -49.09
N THR RC 130 -12.38 55.81 -49.69
CA THR RC 130 -12.51 55.76 -51.13
C THR RC 130 -11.42 56.62 -51.78
N PRO RC 131 -10.64 56.08 -52.73
CA PRO RC 131 -9.58 56.88 -53.35
C PRO RC 131 -10.11 57.84 -54.41
N HIS RC 132 -9.20 58.53 -55.09
CA HIS RC 132 -9.46 59.48 -56.17
C HIS RC 132 -9.95 60.83 -55.65
N PHE RC 133 -10.19 60.98 -54.35
CA PHE RC 133 -10.61 62.27 -53.80
C PHE RC 133 -9.44 63.14 -53.37
N ASP RC 134 -8.28 62.53 -53.05
CA ASP RC 134 -7.12 63.32 -52.66
C ASP RC 134 -6.69 64.26 -53.79
N TYR RC 135 -6.93 63.87 -55.04
CA TYR RC 135 -6.61 64.75 -56.16
C TYR RC 135 -7.45 66.02 -56.09
N ILE RC 136 -8.74 65.89 -55.78
CA ILE RC 136 -9.59 67.07 -55.65
C ILE RC 136 -9.19 67.86 -54.41
N ALA RC 137 -8.91 67.18 -53.30
CA ALA RC 137 -8.65 67.88 -52.04
C ALA RC 137 -7.40 68.75 -52.14
N SER RC 138 -6.32 68.19 -52.66
CA SER RC 138 -5.06 68.93 -52.70
C SER RC 138 -5.15 70.14 -53.62
N GLU RC 139 -5.80 69.98 -54.77
CA GLU RC 139 -5.83 71.06 -55.74
C GLU RC 139 -6.62 72.28 -55.24
N VAL RC 140 -7.57 72.06 -54.32
CA VAL RC 140 -8.38 73.18 -53.85
C VAL RC 140 -7.52 74.18 -53.09
N SER RC 141 -6.68 73.68 -52.17
CA SER RC 141 -5.84 74.57 -51.39
C SER RC 141 -4.85 75.32 -52.28
N LYS RC 142 -4.19 74.60 -53.19
CA LYS RC 142 -3.17 75.22 -54.01
C LYS RC 142 -3.76 76.32 -54.89
N GLY RC 143 -4.92 76.07 -55.49
CA GLY RC 143 -5.50 77.04 -56.40
C GLY RC 143 -5.85 78.34 -55.73
N LEU RC 144 -6.45 78.26 -54.53
CA LEU RC 144 -6.81 79.49 -53.83
C LEU RC 144 -5.58 80.31 -53.48
N ALA RC 145 -4.50 79.64 -53.06
CA ALA RC 145 -3.28 80.36 -52.70
C ALA RC 145 -2.69 81.10 -53.89
N ASN RC 146 -2.68 80.46 -55.06
CA ASN RC 146 -2.12 81.11 -56.25
C ASN RC 146 -2.94 82.32 -56.67
N LEU RC 147 -4.26 82.24 -56.57
CA LEU RC 147 -5.11 83.35 -56.96
C LEU RC 147 -4.79 84.60 -56.15
N SER RC 148 -4.58 84.45 -54.84
CA SER RC 148 -4.37 85.60 -53.98
C SER RC 148 -3.14 86.39 -54.40
N LEU RC 149 -2.06 85.70 -54.73
CA LEU RC 149 -0.83 86.37 -55.12
C LEU RC 149 -0.94 86.97 -56.51
N GLU RC 150 -1.61 86.27 -57.42
CA GLU RC 150 -1.69 86.74 -58.81
C GLU RC 150 -2.58 87.98 -58.91
N LEU RC 151 -3.60 88.08 -58.06
CA LEU RC 151 -4.54 89.20 -58.08
C LEU RC 151 -4.29 90.21 -56.97
N ARG RC 152 -3.49 89.87 -55.96
CA ARG RC 152 -3.19 90.77 -54.85
C ARG RC 152 -4.46 91.15 -54.10
N LYS RC 153 -5.06 90.15 -53.48
CA LYS RC 153 -6.31 90.31 -52.74
C LYS RC 153 -6.45 89.16 -51.76
N PRO RC 154 -6.76 89.40 -50.49
CA PRO RC 154 -6.88 88.29 -49.55
C PRO RC 154 -8.00 87.34 -49.92
N ILE RC 155 -7.76 86.05 -49.74
CA ILE RC 155 -8.79 85.03 -49.94
C ILE RC 155 -8.72 84.07 -48.77
N THR RC 156 -9.55 84.29 -47.77
CA THR RC 156 -9.49 83.49 -46.57
C THR RC 156 -9.93 82.05 -46.87
N PHE RC 157 -9.46 81.14 -46.03
CA PHE RC 157 -9.64 79.70 -46.22
C PHE RC 157 -10.49 79.17 -45.08
N GLY RC 158 -11.64 78.59 -45.42
CA GLY RC 158 -12.56 78.13 -44.42
C GLY RC 158 -13.06 76.72 -44.66
N VAL RC 159 -12.21 75.89 -45.22
CA VAL RC 159 -12.58 74.52 -45.54
C VAL RC 159 -12.40 73.64 -44.32
N ILE RC 160 -13.31 72.69 -44.14
CA ILE RC 160 -13.31 71.77 -43.01
C ILE RC 160 -13.27 70.35 -43.56
N THR RC 161 -12.74 69.43 -42.74
CA THR RC 161 -12.65 68.03 -43.10
C THR RC 161 -13.37 67.19 -42.07
N ALA RC 162 -14.16 66.23 -42.54
CA ALA RC 162 -14.94 65.37 -41.66
C ALA RC 162 -14.02 64.47 -40.84
N GLY SC 15 22.42 82.66 -31.75
CA GLY SC 15 21.27 83.13 -31.01
C GLY SC 15 19.99 82.43 -31.42
N ASN SC 16 18.93 83.22 -31.62
CA ASN SC 16 17.65 82.69 -32.02
C ASN SC 16 17.50 82.75 -33.54
N LYS SC 17 16.47 82.07 -34.04
CA LYS SC 17 16.27 82.01 -35.49
C LYS SC 17 16.04 83.40 -36.08
N GLY SC 18 15.55 84.35 -35.28
CA GLY SC 18 15.38 85.70 -35.78
C GLY SC 18 16.70 86.37 -36.08
N TRP SC 19 17.69 86.18 -35.20
CA TRP SC 19 19.02 86.72 -35.46
C TRP SC 19 19.57 86.18 -36.77
N GLU SC 20 19.41 84.89 -37.00
CA GLU SC 20 19.95 84.27 -38.21
C GLU SC 20 19.28 84.83 -39.46
N ALA SC 21 17.96 85.03 -39.41
CA ALA SC 21 17.25 85.52 -40.59
C ALA SC 21 17.70 86.92 -40.97
N ALA SC 22 17.91 87.79 -39.98
CA ALA SC 22 18.35 89.15 -40.28
C ALA SC 22 19.72 89.16 -40.92
N LEU SC 23 20.63 88.29 -40.46
CA LEU SC 23 21.96 88.23 -41.04
C LEU SC 23 21.91 87.89 -42.53
N SER SC 24 21.10 86.89 -42.89
CA SER SC 24 21.00 86.49 -44.28
C SER SC 24 20.45 87.63 -45.14
N ALA SC 25 19.49 88.38 -44.61
CA ALA SC 25 18.91 89.48 -45.35
C ALA SC 25 19.94 90.57 -45.63
N ILE SC 26 20.80 90.87 -44.66
CA ILE SC 26 21.79 91.92 -44.84
C ILE SC 26 22.81 91.52 -45.89
N GLU SC 27 23.22 90.25 -45.90
CA GLU SC 27 24.22 89.81 -46.85
C GLU SC 27 23.65 89.72 -48.26
N MET SC 28 22.44 89.19 -48.40
CA MET SC 28 21.83 89.11 -49.72
C MET SC 28 21.54 90.49 -50.29
N ALA SC 29 21.10 91.42 -49.43
CA ALA SC 29 20.81 92.77 -49.89
C ALA SC 29 22.07 93.45 -50.43
N ASN SC 30 23.20 93.25 -49.77
CA ASN SC 30 24.46 93.81 -50.25
C ASN SC 30 24.94 93.08 -51.50
N LEU SC 31 24.69 91.77 -51.58
CA LEU SC 31 25.14 91.01 -52.74
C LEU SC 31 24.48 91.51 -54.01
N PHE SC 32 23.17 91.73 -53.97
CA PHE SC 32 22.46 92.17 -55.17
C PHE SC 32 22.95 93.52 -55.63
N LYS SC 33 23.37 94.37 -54.70
CA LYS SC 33 23.87 95.69 -55.06
C LYS SC 33 25.20 95.61 -55.79
N SER SC 34 25.94 94.50 -55.65
CA SER SC 34 27.22 94.33 -56.32
C SER SC 34 27.05 93.79 -57.73
N LEU SC 35 26.13 92.85 -57.93
CA LEU SC 35 25.93 92.29 -59.26
C LEU SC 35 25.47 93.35 -60.24
N ARG SC 36 24.61 94.25 -59.80
CA ARG SC 36 24.08 95.31 -60.68
C ARG SC 36 25.21 96.29 -61.01
N GLY SC 37 26.33 96.33 -60.25
CA GLY SC 37 27.43 97.21 -60.53
C GLY SC 37 28.39 96.65 -61.55
N THR SC 38 29.46 97.40 -61.79
CA THR SC 38 30.45 97.01 -62.78
C THR SC 38 31.24 95.79 -62.30
N GLY SC 39 31.83 95.09 -63.26
CA GLY SC 39 32.61 93.90 -62.97
C GLY SC 39 34.00 94.24 -62.46
N GLY SC 40 34.78 93.18 -62.23
CA GLY SC 40 36.12 93.32 -61.71
C GLY SC 40 37.11 93.75 -62.77
N SER SC 41 38.36 93.95 -62.33
CA SER SC 41 39.41 94.38 -63.24
C SER SC 41 39.74 93.33 -64.28
N GLY SC 42 39.37 92.07 -64.06
CA GLY SC 42 39.64 91.01 -65.00
C GLY SC 42 40.96 90.33 -64.75
N SER SC 43 41.30 89.41 -65.66
CA SER SC 43 42.52 88.61 -65.62
C SER SC 43 42.50 87.57 -64.50
N SER SC 44 41.36 87.35 -63.85
CA SER SC 44 41.25 86.35 -62.79
C SER SC 44 39.76 86.12 -62.53
N MET SC 45 39.48 85.11 -61.71
CA MET SC 45 38.11 84.85 -61.32
C MET SC 45 37.51 86.05 -60.61
N GLU SC 46 36.26 86.34 -60.94
CA GLU SC 46 35.49 87.35 -60.22
C GLU SC 46 34.66 86.65 -59.16
N ILE SC 47 34.90 87.00 -57.89
CA ILE SC 47 34.13 86.46 -56.77
C ILE SC 47 33.23 87.58 -56.26
N TYR SC 48 31.93 87.33 -56.27
CA TYR SC 48 30.95 88.27 -55.74
C TYR SC 48 30.49 87.76 -54.37
N GLU SC 49 30.53 88.65 -53.38
CA GLU SC 49 30.09 88.30 -52.03
C GLU SC 49 29.47 89.54 -51.40
N GLY SC 50 28.69 89.32 -50.35
CA GLY SC 50 27.96 90.38 -49.68
C GLY SC 50 28.58 90.69 -48.32
N LYS SC 51 28.78 91.97 -48.07
CA LYS SC 51 29.27 92.43 -46.78
C LYS SC 51 28.17 92.32 -45.73
N LEU SC 52 28.48 92.74 -44.51
CA LEU SC 52 27.52 92.76 -43.41
C LEU SC 52 27.33 94.17 -42.86
N THR SC 53 27.55 95.18 -43.69
CA THR SC 53 27.27 96.56 -43.33
C THR SC 53 25.82 96.88 -43.66
N ALA SC 54 25.09 97.37 -42.67
CA ALA SC 54 23.65 97.62 -42.78
C ALA SC 54 23.32 99.11 -42.74
N GLU SC 55 24.17 99.93 -43.35
CA GLU SC 55 24.01 101.38 -43.32
C GLU SC 55 23.54 101.86 -44.68
N GLY SC 56 22.34 102.41 -44.74
CA GLY SC 56 21.73 102.82 -45.98
C GLY SC 56 20.72 101.86 -46.56
N LEU SC 57 20.37 100.80 -45.83
CA LEU SC 57 19.47 99.76 -46.32
C LEU SC 57 18.15 99.82 -45.57
N ARG SC 58 17.07 99.51 -46.28
CA ARG SC 58 15.72 99.52 -45.75
C ARG SC 58 15.18 98.09 -45.71
N PHE SC 59 14.50 97.75 -44.63
CA PHE SC 59 14.11 96.38 -44.36
C PHE SC 59 12.62 96.29 -44.05
N GLY SC 60 12.10 95.08 -44.13
CA GLY SC 60 10.71 94.82 -43.79
C GLY SC 60 10.54 93.49 -43.09
N ILE SC 61 9.66 93.43 -42.10
CA ILE SC 61 9.43 92.25 -41.29
C ILE SC 61 7.93 91.93 -41.30
N VAL SC 62 7.60 90.66 -41.46
CA VAL SC 62 6.23 90.19 -41.44
C VAL SC 62 6.12 89.07 -40.42
N ALA SC 63 5.26 89.24 -39.43
CA ALA SC 63 5.14 88.30 -38.33
C ALA SC 63 3.68 88.03 -38.03
N SER SC 64 3.42 86.89 -37.39
CA SER SC 64 2.08 86.43 -37.08
C SER SC 64 1.82 86.55 -35.58
N ARG SC 65 0.53 86.66 -35.23
CA ARG SC 65 0.14 86.79 -33.84
C ARG SC 65 0.21 85.47 -33.07
N PHE SC 66 0.07 84.34 -33.75
CA PHE SC 66 -0.04 83.07 -33.05
C PHE SC 66 1.19 82.82 -32.18
N ASN SC 67 0.94 82.35 -30.96
CA ASN SC 67 1.99 82.13 -29.97
C ASN SC 67 2.84 83.38 -29.80
N HIS SC 68 2.17 84.46 -29.38
CA HIS SC 68 2.86 85.75 -29.25
C HIS SC 68 4.01 85.69 -28.28
N ALA SC 69 4.02 84.72 -27.36
CA ALA SC 69 5.15 84.57 -26.45
C ALA SC 69 6.43 84.29 -27.23
N LEU SC 70 6.38 83.30 -28.12
CA LEU SC 70 7.57 82.95 -28.90
C LEU SC 70 7.85 83.97 -29.98
N VAL SC 71 6.82 84.41 -30.70
CA VAL SC 71 7.05 85.24 -31.88
C VAL SC 71 7.67 86.57 -31.50
N ASP SC 72 7.30 87.11 -30.35
CA ASP SC 72 7.85 88.39 -29.92
C ASP SC 72 9.36 88.30 -29.72
N ARG SC 73 9.83 87.18 -29.16
CA ARG SC 73 11.27 87.00 -28.99
C ARG SC 73 12.00 87.04 -30.32
N LEU SC 74 11.42 86.41 -31.35
CA LEU SC 74 12.06 86.37 -32.65
C LEU SC 74 12.12 87.75 -33.28
N VAL SC 75 11.07 88.56 -33.12
CA VAL SC 75 11.07 89.88 -33.73
C VAL SC 75 12.07 90.79 -33.04
N GLU SC 76 12.27 90.62 -31.73
CA GLU SC 76 13.30 91.39 -31.04
C GLU SC 76 14.69 91.05 -31.58
N GLY SC 77 14.94 89.77 -31.86
CA GLY SC 77 16.24 89.37 -32.36
C GLY SC 77 16.59 90.04 -33.68
N ALA SC 78 15.64 90.09 -34.60
CA ALA SC 78 15.88 90.70 -35.90
C ALA SC 78 16.20 92.18 -35.75
N ILE SC 79 15.48 92.87 -34.88
CA ILE SC 79 15.74 94.30 -34.66
C ILE SC 79 17.12 94.50 -34.06
N ASP SC 80 17.50 93.65 -33.09
CA ASP SC 80 18.81 93.78 -32.48
C ASP SC 80 19.92 93.62 -33.52
N CYS SC 81 19.80 92.61 -34.39
CA CYS SC 81 20.85 92.33 -35.35
C CYS SC 81 21.08 93.51 -36.30
N ILE SC 82 20.01 94.12 -36.78
CA ILE SC 82 20.15 95.21 -37.73
C ILE SC 82 20.78 96.44 -37.06
N VAL SC 83 20.40 96.70 -35.81
CA VAL SC 83 20.95 97.86 -35.10
C VAL SC 83 22.42 97.65 -34.78
N ARG SC 84 22.76 96.46 -34.26
CA ARG SC 84 24.16 96.20 -33.91
C ARG SC 84 25.08 96.35 -35.11
N HIS SC 85 24.59 96.06 -36.31
CA HIS SC 85 25.39 96.14 -37.52
C HIS SC 85 25.35 97.52 -38.16
N GLY SC 86 24.71 98.50 -37.54
CA GLY SC 86 24.77 99.87 -37.99
C GLY SC 86 23.59 100.38 -38.78
N GLY SC 87 22.39 99.88 -38.50
CA GLY SC 87 21.19 100.31 -39.19
C GLY SC 87 20.21 100.96 -38.23
N ARG SC 88 19.53 101.99 -38.71
CA ARG SC 88 18.59 102.73 -37.87
C ARG SC 88 17.26 102.00 -37.78
N GLU SC 89 16.52 102.29 -36.70
CA GLU SC 89 15.18 101.76 -36.55
C GLU SC 89 14.16 102.48 -37.42
N GLU SC 90 14.50 103.66 -37.95
CA GLU SC 90 13.59 104.38 -38.83
C GLU SC 90 13.53 103.78 -40.22
N ASP SC 91 14.43 102.86 -40.57
CA ASP SC 91 14.45 102.21 -41.87
C ASP SC 91 13.90 100.80 -41.81
N ILE SC 92 13.01 100.51 -40.86
CA ILE SC 92 12.41 99.20 -40.71
C ILE SC 92 10.89 99.37 -40.71
N THR SC 93 10.20 98.56 -41.50
CA THR SC 93 8.75 98.52 -41.56
C THR SC 93 8.27 97.17 -41.05
N LEU SC 94 7.36 97.19 -40.08
CA LEU SC 94 6.87 95.98 -39.45
C LEU SC 94 5.37 95.84 -39.72
N VAL SC 95 4.96 94.67 -40.20
CA VAL SC 95 3.56 94.38 -40.55
C VAL SC 95 3.17 93.07 -39.89
N ARG SC 96 2.03 93.05 -39.23
CA ARG SC 96 1.55 91.89 -38.50
C ARG SC 96 0.25 91.38 -39.11
N VAL SC 97 0.06 90.07 -39.10
CA VAL SC 97 -1.06 89.44 -39.80
C VAL SC 97 -1.67 88.37 -38.89
N PRO SC 98 -2.94 88.02 -39.13
CA PRO SC 98 -3.62 87.10 -38.19
C PRO SC 98 -2.96 85.75 -38.03
N GLY SC 99 -2.42 85.17 -39.10
CA GLY SC 99 -1.93 83.81 -39.03
C GLY SC 99 -0.94 83.51 -40.13
N SER SC 100 -0.47 82.26 -40.14
CA SER SC 100 0.57 81.86 -41.07
C SER SC 100 0.09 81.94 -42.51
N TRP SC 101 -1.18 81.60 -42.75
CA TRP SC 101 -1.70 81.56 -44.11
C TRP SC 101 -1.59 82.92 -44.81
N GLU SC 102 -1.51 84.01 -44.06
CA GLU SC 102 -1.50 85.34 -44.65
C GLU SC 102 -0.11 85.94 -44.79
N ILE SC 103 0.94 85.23 -44.37
CA ILE SC 103 2.30 85.75 -44.53
C ILE SC 103 2.63 85.98 -45.99
N PRO SC 104 2.41 85.03 -46.92
CA PRO SC 104 2.87 85.25 -48.29
C PRO SC 104 2.19 86.41 -49.00
N VAL SC 105 0.87 86.59 -48.81
CA VAL SC 105 0.19 87.70 -49.46
C VAL SC 105 0.64 89.02 -48.87
N ALA SC 106 0.89 89.06 -47.56
CA ALA SC 106 1.42 90.27 -46.94
C ALA SC 106 2.83 90.58 -47.43
N ALA SC 107 3.66 89.55 -47.58
CA ALA SC 107 5.03 89.76 -48.04
C ALA SC 107 5.07 90.27 -49.47
N GLY SC 108 4.05 89.96 -50.28
CA GLY SC 108 4.05 90.41 -51.66
C GLY SC 108 3.90 91.92 -51.78
N GLU SC 109 3.08 92.53 -50.93
CA GLU SC 109 2.90 93.97 -51.00
C GLU SC 109 4.18 94.72 -50.67
N LEU SC 110 4.89 94.28 -49.64
CA LEU SC 110 6.15 94.94 -49.27
C LEU SC 110 7.18 94.81 -50.38
N ALA SC 111 7.30 93.62 -50.97
CA ALA SC 111 8.34 93.38 -51.95
C ALA SC 111 8.16 94.19 -53.22
N ARG SC 112 6.95 94.66 -53.51
CA ARG SC 112 6.73 95.42 -54.74
C ARG SC 112 7.14 96.88 -54.59
N LYS SC 113 7.33 97.37 -53.38
CA LYS SC 113 7.77 98.75 -53.18
C LYS SC 113 9.22 98.91 -53.61
N GLU SC 114 9.55 100.10 -54.10
CA GLU SC 114 10.90 100.41 -54.55
C GLU SC 114 11.79 100.94 -53.44
N ASP SC 115 11.29 101.01 -52.20
CA ASP SC 115 12.06 101.49 -51.06
C ASP SC 115 12.39 100.38 -50.07
N ILE SC 116 12.09 99.12 -50.39
CA ILE SC 116 12.39 97.99 -49.53
C ILE SC 116 13.35 97.08 -50.28
N ASP SC 117 14.47 96.73 -49.64
CA ASP SC 117 15.51 95.94 -50.27
C ASP SC 117 15.58 94.51 -49.76
N ALA SC 118 14.75 94.14 -48.78
CA ALA SC 118 14.75 92.78 -48.27
C ALA SC 118 13.54 92.60 -47.36
N VAL SC 119 13.09 91.37 -47.24
CA VAL SC 119 11.93 91.03 -46.42
C VAL SC 119 12.26 89.80 -45.58
N ILE SC 120 11.78 89.81 -44.34
CA ILE SC 120 12.01 88.75 -43.38
C ILE SC 120 10.67 88.24 -42.89
N ALA SC 121 10.49 86.93 -42.91
CA ALA SC 121 9.25 86.30 -42.47
C ALA SC 121 9.49 85.57 -41.15
N ILE SC 122 8.62 85.82 -40.17
CA ILE SC 122 8.73 85.21 -38.86
C ILE SC 122 7.39 84.55 -38.55
N GLY SC 123 7.44 83.34 -38.02
CA GLY SC 123 6.20 82.64 -37.70
C GLY SC 123 6.48 81.34 -36.99
N VAL SC 124 5.39 80.77 -36.46
CA VAL SC 124 5.45 79.49 -35.76
C VAL SC 124 4.24 78.67 -36.20
N LEU SC 125 4.47 77.39 -36.47
CA LEU SC 125 3.43 76.48 -36.92
C LEU SC 125 3.28 75.34 -35.91
N ILE SC 126 2.28 74.50 -36.15
CA ILE SC 126 2.01 73.36 -35.28
C ILE SC 126 1.70 72.13 -36.12
N ARG SC 127 2.70 71.26 -36.29
CA ARG SC 127 2.49 70.04 -37.07
C ARG SC 127 1.48 69.13 -36.39
N GLY SC 128 1.55 69.01 -35.06
CA GLY SC 128 0.60 68.20 -34.33
C GLY SC 128 -0.72 68.91 -34.11
N ALA SC 129 -1.47 69.11 -35.19
CA ALA SC 129 -2.75 69.81 -35.14
C ALA SC 129 -3.74 69.05 -36.00
N THR SC 130 -4.90 69.65 -36.23
CA THR SC 130 -5.92 69.02 -37.05
C THR SC 130 -5.46 68.93 -38.50
N PRO SC 131 -6.05 68.02 -39.28
CA PRO SC 131 -5.63 67.90 -40.69
C PRO SC 131 -5.77 69.19 -41.47
N HIS SC 132 -6.74 70.04 -41.12
CA HIS SC 132 -6.92 71.29 -41.83
C HIS SC 132 -5.67 72.15 -41.79
N PHE SC 133 -4.91 72.10 -40.69
CA PHE SC 133 -3.68 72.87 -40.55
C PHE SC 133 -2.47 72.08 -41.05
N ASP SC 134 -2.59 71.52 -42.24
CA ASP SC 134 -1.49 70.87 -42.94
C ASP SC 134 -1.32 71.38 -44.37
N TYR SC 135 -2.43 71.65 -45.07
CA TYR SC 135 -2.34 72.32 -46.35
C TYR SC 135 -1.70 73.69 -46.20
N ILE SC 136 -1.98 74.37 -45.09
CA ILE SC 136 -1.41 75.69 -44.86
C ILE SC 136 0.10 75.59 -44.70
N ALA SC 137 0.56 74.58 -43.96
CA ALA SC 137 1.98 74.51 -43.61
C ALA SC 137 2.86 74.45 -44.85
N SER SC 138 2.48 73.63 -45.83
CA SER SC 138 3.29 73.50 -47.03
C SER SC 138 3.16 74.70 -47.95
N GLU SC 139 2.02 75.40 -47.89
CA GLU SC 139 1.79 76.48 -48.84
C GLU SC 139 2.60 77.72 -48.49
N VAL SC 140 2.97 77.88 -47.22
CA VAL SC 140 3.79 79.03 -46.84
C VAL SC 140 5.15 78.96 -47.52
N SER SC 141 5.77 77.78 -47.54
CA SER SC 141 7.06 77.62 -48.18
C SER SC 141 6.97 77.87 -49.68
N LYS SC 142 5.95 77.31 -50.33
CA LYS SC 142 5.81 77.49 -51.77
C LYS SC 142 5.61 78.96 -52.14
N GLY SC 143 4.75 79.65 -51.40
CA GLY SC 143 4.39 81.01 -51.79
C GLY SC 143 5.57 81.96 -51.74
N LEU SC 144 6.33 81.90 -50.65
CA LEU SC 144 7.47 82.80 -50.51
C LEU SC 144 8.54 82.52 -51.55
N ALA SC 145 8.74 81.23 -51.88
CA ALA SC 145 9.74 80.88 -52.89
C ALA SC 145 9.40 81.47 -54.25
N ASN SC 146 8.13 81.40 -54.66
CA ASN SC 146 7.76 81.89 -55.97
C ASN SC 146 7.84 83.41 -56.05
N LEU SC 147 7.66 84.10 -54.94
CA LEU SC 147 7.76 85.56 -54.94
C LEU SC 147 9.16 86.02 -55.32
N SER SC 148 10.18 85.40 -54.71
CA SER SC 148 11.54 85.86 -54.91
C SER SC 148 11.95 85.79 -56.36
N LEU SC 149 11.68 84.65 -57.01
CA LEU SC 149 12.03 84.52 -58.42
C LEU SC 149 11.22 85.47 -59.28
N GLU SC 150 9.94 85.65 -58.96
CA GLU SC 150 9.09 86.52 -59.75
C GLU SC 150 9.54 87.97 -59.66
N LEU SC 151 9.72 88.48 -58.45
CA LEU SC 151 10.08 89.87 -58.22
C LEU SC 151 11.58 90.12 -58.23
N ARG SC 152 12.40 89.07 -58.15
CA ARG SC 152 13.85 89.20 -58.18
C ARG SC 152 14.34 90.07 -57.02
N LYS SC 153 14.04 89.61 -55.82
CA LYS SC 153 14.34 90.36 -54.61
C LYS SC 153 14.42 89.40 -53.43
N PRO SC 154 15.49 89.42 -52.64
CA PRO SC 154 15.63 88.40 -51.59
C PRO SC 154 14.48 88.45 -50.59
N ILE SC 155 14.00 87.27 -50.23
CA ILE SC 155 13.02 87.10 -49.17
C ILE SC 155 13.51 85.96 -48.29
N THR SC 156 13.69 86.24 -47.00
CA THR SC 156 14.34 85.33 -46.08
C THR SC 156 13.30 84.58 -45.26
N PHE SC 157 13.68 83.40 -44.79
CA PHE SC 157 12.78 82.46 -44.14
C PHE SC 157 13.13 82.35 -42.67
N GLY SC 158 12.14 82.54 -41.81
CA GLY SC 158 12.34 82.44 -40.38
C GLY SC 158 11.21 81.75 -39.66
N VAL SC 159 10.54 80.83 -40.35
CA VAL SC 159 9.36 80.17 -39.80
C VAL SC 159 9.80 78.87 -39.15
N ILE SC 160 9.51 78.73 -37.85
CA ILE SC 160 9.91 77.56 -37.09
C ILE SC 160 8.65 76.80 -36.68
N THR SC 161 8.84 75.67 -36.00
CA THR SC 161 7.73 74.84 -35.56
C THR SC 161 7.91 74.48 -34.08
N ALA SC 162 6.79 74.35 -33.38
CA ALA SC 162 6.80 74.03 -31.97
C ALA SC 162 6.69 72.52 -31.75
N ALA TC 10 44.29 73.20 -55.53
CA ALA TC 10 43.70 71.91 -55.16
C ALA TC 10 42.96 71.32 -56.35
N GLY TC 11 42.27 70.21 -56.14
CA GLY TC 11 41.47 69.63 -57.20
C GLY TC 11 40.90 68.29 -56.77
N THR TC 12 40.23 67.63 -57.71
CA THR TC 12 39.73 66.28 -57.46
C THR TC 12 39.53 65.58 -58.80
N LYS TC 13 38.95 64.39 -58.73
CA LYS TC 13 38.64 63.56 -59.90
C LYS TC 13 37.34 62.82 -59.59
N HIS TC 14 37.08 61.73 -60.31
CA HIS TC 14 35.88 60.95 -60.07
C HIS TC 14 35.70 60.67 -58.58
N GLY TC 15 34.45 60.72 -58.10
CA GLY TC 15 34.11 60.51 -56.67
C GLY TC 15 33.45 61.74 -56.07
N ASN TC 16 34.07 62.92 -56.24
CA ASN TC 16 33.53 64.20 -55.70
C ASN TC 16 32.34 64.62 -56.56
N LYS TC 17 31.29 65.22 -55.97
CA LYS TC 17 30.07 65.63 -56.71
C LYS TC 17 30.32 66.94 -57.46
N GLY TC 18 31.37 67.69 -57.13
CA GLY TC 18 31.74 68.92 -57.86
C GLY TC 18 32.26 68.58 -59.25
N TRP TC 19 32.93 67.43 -59.44
CA TRP TC 19 33.52 67.03 -60.71
C TRP TC 19 32.45 66.52 -61.67
N GLU TC 20 31.53 65.69 -61.18
CA GLU TC 20 30.49 65.15 -62.04
C GLU TC 20 29.60 66.26 -62.57
N ALA TC 21 29.23 67.21 -61.70
CA ALA TC 21 28.36 68.30 -62.11
C ALA TC 21 29.01 69.13 -63.22
N ALA TC 22 30.30 69.41 -63.08
CA ALA TC 22 30.99 70.18 -64.11
C ALA TC 22 31.04 69.43 -65.43
N LEU TC 23 31.11 68.10 -65.38
CA LEU TC 23 31.12 67.32 -66.61
C LEU TC 23 29.83 67.51 -67.39
N SER TC 24 28.69 67.46 -66.70
CA SER TC 24 27.40 67.59 -67.37
C SER TC 24 27.27 68.96 -68.02
N ALA TC 25 27.76 69.99 -67.36
CA ALA TC 25 27.64 71.34 -67.90
C ALA TC 25 28.38 71.49 -69.21
N ILE TC 26 29.59 70.92 -69.30
CA ILE TC 26 30.36 71.02 -70.53
C ILE TC 26 29.64 70.32 -71.67
N GLU TC 27 29.14 69.10 -71.40
CA GLU TC 27 28.45 68.35 -72.44
C GLU TC 27 27.20 69.07 -72.90
N MET TC 28 26.42 69.60 -71.95
CA MET TC 28 25.19 70.29 -72.30
C MET TC 28 25.47 71.60 -73.02
N ALA TC 29 26.51 72.32 -72.60
CA ALA TC 29 26.83 73.61 -73.23
C ALA TC 29 27.25 73.42 -74.68
N ASN TC 30 27.99 72.35 -74.97
CA ASN TC 30 28.38 72.07 -76.35
C ASN TC 30 27.20 71.58 -77.18
N LEU TC 31 26.31 70.79 -76.56
CA LEU TC 31 25.17 70.24 -77.28
C LEU TC 31 24.29 71.34 -77.84
N PHE TC 32 23.99 72.37 -77.04
CA PHE TC 32 23.10 73.41 -77.50
C PHE TC 32 23.67 74.15 -78.70
N LYS TC 33 24.96 74.43 -78.69
CA LYS TC 33 25.59 75.09 -79.83
C LYS TC 33 25.43 74.27 -81.10
N SER TC 34 25.43 72.94 -80.99
CA SER TC 34 25.19 72.09 -82.15
C SER TC 34 23.75 72.17 -82.62
N LEU TC 35 22.80 72.21 -81.68
CA LEU TC 35 21.39 72.25 -82.07
C LEU TC 35 21.05 73.55 -82.78
N ARG TC 36 21.56 74.67 -82.30
CA ARG TC 36 21.30 75.95 -82.94
C ARG TC 36 22.05 76.13 -84.26
N GLY TC 37 22.96 75.22 -84.58
CA GLY TC 37 23.76 75.35 -85.79
C GLY TC 37 22.98 75.00 -87.04
N THR TC 38 23.64 75.19 -88.18
CA THR TC 38 23.02 74.93 -89.47
C THR TC 38 22.59 73.46 -89.56
N GLY TC 39 21.41 73.23 -90.12
CA GLY TC 39 20.91 71.88 -90.24
C GLY TC 39 21.73 71.03 -91.20
N GLY TC 40 21.60 69.73 -91.04
CA GLY TC 40 22.32 68.79 -91.86
C GLY TC 40 21.74 68.67 -93.27
N SER TC 41 22.43 67.90 -94.10
CA SER TC 41 22.02 67.68 -95.47
C SER TC 41 20.98 66.58 -95.60
N GLY TC 42 20.59 65.94 -94.50
CA GLY TC 42 19.61 64.86 -94.56
C GLY TC 42 20.23 63.57 -95.09
N SER TC 43 19.37 62.74 -95.67
CA SER TC 43 19.69 61.44 -96.26
C SER TC 43 19.88 60.36 -95.19
N SER TC 44 19.84 60.70 -93.91
CA SER TC 44 19.94 59.69 -92.86
C SER TC 44 19.53 60.32 -91.54
N MET TC 45 19.44 59.48 -90.51
CA MET TC 45 19.11 59.94 -89.18
C MET TC 45 20.25 60.78 -88.61
N GLU TC 46 19.89 61.86 -87.92
CA GLU TC 46 20.86 62.75 -87.30
C GLU TC 46 20.95 62.47 -85.81
N ILE TC 47 22.16 62.25 -85.33
CA ILE TC 47 22.42 62.00 -83.92
C ILE TC 47 23.19 63.18 -83.37
N TYR TC 48 22.65 63.82 -82.34
CA TYR TC 48 23.27 64.96 -81.68
C TYR TC 48 23.80 64.52 -80.32
N GLU TC 49 25.06 64.85 -80.03
CA GLU TC 49 25.65 64.51 -78.75
C GLU TC 49 26.73 65.55 -78.46
N GLY TC 50 27.12 65.63 -77.18
CA GLY TC 50 28.04 66.65 -76.72
C GLY TC 50 29.47 66.16 -76.58
N LYS TC 51 30.41 67.07 -76.80
CA LYS TC 51 31.83 66.81 -76.67
C LYS TC 51 32.35 67.33 -75.34
N LEU TC 52 33.34 66.64 -74.78
CA LEU TC 52 33.98 67.07 -73.54
C LEU TC 52 35.12 68.04 -73.82
N THR TC 53 34.82 69.13 -74.53
CA THR TC 53 35.75 70.21 -74.78
C THR TC 53 35.16 71.49 -74.24
N ALA TC 54 36.00 72.30 -73.58
CA ALA TC 54 35.54 73.50 -72.90
C ALA TC 54 36.14 74.78 -73.48
N GLU TC 55 36.78 74.71 -74.64
CA GLU TC 55 37.43 75.89 -75.20
C GLU TC 55 36.39 76.91 -75.64
N GLY TC 56 36.55 78.15 -75.16
CA GLY TC 56 35.66 79.23 -75.53
C GLY TC 56 34.35 79.29 -74.79
N LEU TC 57 34.20 78.53 -73.70
CA LEU TC 57 32.96 78.50 -72.93
C LEU TC 57 33.10 79.34 -71.66
N ARG TC 58 31.96 79.72 -71.11
CA ARG TC 58 31.89 80.54 -69.90
C ARG TC 58 30.89 79.93 -68.93
N PHE TC 59 31.23 79.96 -67.64
CA PHE TC 59 30.46 79.26 -66.62
C PHE TC 59 30.20 80.16 -65.43
N GLY TC 60 29.26 79.73 -64.60
CA GLY TC 60 29.00 80.37 -63.33
C GLY TC 60 28.73 79.33 -62.27
N ILE TC 61 29.19 79.63 -61.05
CA ILE TC 61 29.08 78.71 -59.93
C ILE TC 61 28.42 79.45 -58.77
N VAL TC 62 27.48 78.79 -58.11
CA VAL TC 62 26.78 79.34 -56.95
C VAL TC 62 26.97 78.34 -55.82
N ALA TC 63 27.54 78.81 -54.70
CA ALA TC 63 27.89 77.94 -53.58
C ALA TC 63 27.35 78.49 -52.28
N SER TC 64 27.01 77.58 -51.37
CA SER TC 64 26.52 77.93 -50.05
C SER TC 64 27.65 77.82 -49.02
N ARG TC 65 27.62 78.71 -48.04
CA ARG TC 65 28.66 78.79 -47.02
C ARG TC 65 28.51 77.76 -45.92
N PHE TC 66 27.34 77.13 -45.80
CA PHE TC 66 27.13 76.15 -44.74
C PHE TC 66 28.02 74.92 -44.96
N ASN TC 67 28.50 74.34 -43.86
CA ASN TC 67 29.37 73.17 -43.89
C ASN TC 67 30.62 73.45 -44.73
N HIS TC 68 31.44 74.36 -44.20
CA HIS TC 68 32.60 74.84 -44.94
C HIS TC 68 33.55 73.71 -45.32
N ALA TC 69 33.61 72.65 -44.52
CA ALA TC 69 34.53 71.56 -44.84
C ALA TC 69 34.12 70.85 -46.12
N LEU TC 70 32.84 70.46 -46.22
CA LEU TC 70 32.38 69.72 -47.39
C LEU TC 70 32.33 70.60 -48.63
N VAL TC 71 31.74 71.78 -48.51
CA VAL TC 71 31.45 72.59 -49.69
C VAL TC 71 32.75 73.04 -50.35
N ASP TC 72 33.78 73.33 -49.55
CA ASP TC 72 35.02 73.86 -50.10
C ASP TC 72 35.65 72.89 -51.10
N ARG TC 73 35.62 71.59 -50.79
CA ARG TC 73 36.25 70.63 -51.68
C ARG TC 73 35.41 70.38 -52.92
N LEU TC 74 34.09 70.57 -52.84
CA LEU TC 74 33.28 70.45 -54.04
C LEU TC 74 33.54 71.60 -55.01
N VAL TC 75 33.70 72.82 -54.50
CA VAL TC 75 33.98 73.95 -55.38
C VAL TC 75 35.32 73.78 -56.07
N GLU TC 76 36.30 73.22 -55.36
CA GLU TC 76 37.61 72.97 -55.98
C GLU TC 76 37.51 71.94 -57.09
N GLY TC 77 36.70 70.89 -56.88
CA GLY TC 77 36.50 69.92 -57.94
C GLY TC 77 35.89 70.53 -59.19
N ALA TC 78 34.89 71.38 -59.00
CA ALA TC 78 34.21 72.00 -60.15
C ALA TC 78 35.18 72.86 -60.95
N ILE TC 79 35.99 73.68 -60.27
CA ILE TC 79 36.91 74.55 -60.99
C ILE TC 79 38.00 73.72 -61.66
N ASP TC 80 38.40 72.62 -61.03
CA ASP TC 80 39.45 71.78 -61.60
C ASP TC 80 39.01 71.16 -62.92
N CYS TC 81 37.75 70.71 -63.00
CA CYS TC 81 37.25 70.06 -64.21
C CYS TC 81 37.29 71.00 -65.40
N ILE TC 82 36.88 72.26 -65.19
CA ILE TC 82 36.79 73.21 -66.30
C ILE TC 82 38.17 73.52 -66.84
N VAL TC 83 39.16 73.68 -65.96
CA VAL TC 83 40.50 74.05 -66.40
C VAL TC 83 41.17 72.89 -67.14
N ARG TC 84 41.02 71.67 -66.62
CA ARG TC 84 41.70 70.54 -67.23
C ARG TC 84 41.19 70.25 -68.63
N HIS TC 85 39.90 70.46 -68.86
CA HIS TC 85 39.27 70.15 -70.14
C HIS TC 85 39.34 71.29 -71.14
N GLY TC 86 40.12 72.33 -70.86
CA GLY TC 86 40.36 73.39 -71.81
C GLY TC 86 39.82 74.75 -71.39
N GLY TC 87 39.20 74.86 -70.24
CA GLY TC 87 38.63 76.13 -69.83
C GLY TC 87 39.70 77.16 -69.55
N ARG TC 88 39.22 78.38 -69.30
CA ARG TC 88 40.10 79.52 -69.02
C ARG TC 88 39.63 80.15 -67.72
N GLU TC 89 40.57 80.39 -66.81
CA GLU TC 89 40.22 80.83 -65.46
C GLU TC 89 39.50 82.17 -65.47
N GLU TC 90 39.80 83.01 -66.45
CA GLU TC 90 39.15 84.31 -66.56
C GLU TC 90 37.66 84.21 -66.89
N ASP TC 91 37.18 83.04 -67.30
CA ASP TC 91 35.80 82.85 -67.71
C ASP TC 91 35.00 82.00 -66.72
N ILE TC 92 35.24 82.21 -65.42
CA ILE TC 92 34.44 81.60 -64.37
C ILE TC 92 34.05 82.69 -63.39
N THR TC 93 32.78 82.73 -63.02
CA THR TC 93 32.26 83.64 -62.02
C THR TC 93 31.74 82.82 -60.84
N LEU TC 94 32.15 83.20 -59.63
CA LEU TC 94 31.75 82.51 -58.41
C LEU TC 94 30.91 83.44 -57.55
N VAL TC 95 29.88 82.88 -56.92
CA VAL TC 95 28.99 83.63 -56.05
C VAL TC 95 28.76 82.82 -54.77
N ARG TC 96 28.95 83.45 -53.62
CA ARG TC 96 28.70 82.84 -52.33
C ARG TC 96 27.40 83.37 -51.76
N VAL TC 97 26.66 82.51 -51.06
CA VAL TC 97 25.39 82.90 -50.46
C VAL TC 97 25.29 82.27 -49.07
N PRO TC 98 24.48 82.85 -48.19
CA PRO TC 98 24.36 82.31 -46.82
C PRO TC 98 24.06 80.82 -46.76
N GLY TC 99 22.99 80.38 -47.41
CA GLY TC 99 22.56 79.00 -47.28
C GLY TC 99 21.85 78.46 -48.50
N SER TC 100 21.30 77.26 -48.37
CA SER TC 100 20.68 76.61 -49.52
C SER TC 100 19.41 77.32 -49.96
N TRP TC 101 18.66 77.92 -49.03
CA TRP TC 101 17.42 78.59 -49.39
C TRP TC 101 17.66 79.72 -50.37
N GLU TC 102 18.84 80.33 -50.35
CA GLU TC 102 19.13 81.47 -51.21
C GLU TC 102 19.72 81.09 -52.56
N ILE TC 103 20.02 79.81 -52.79
CA ILE TC 103 20.68 79.42 -54.05
C ILE TC 103 19.81 79.75 -55.25
N PRO TC 104 18.52 79.38 -55.30
CA PRO TC 104 17.75 79.62 -56.52
C PRO TC 104 17.70 81.08 -56.94
N VAL TC 105 17.56 82.00 -55.98
CA VAL TC 105 17.41 83.41 -56.36
C VAL TC 105 18.69 83.93 -56.98
N ALA TC 106 19.84 83.58 -56.40
CA ALA TC 106 21.12 84.03 -56.95
C ALA TC 106 21.40 83.40 -58.30
N ALA TC 107 21.03 82.13 -58.47
CA ALA TC 107 21.24 81.46 -59.76
C ALA TC 107 20.50 82.17 -60.88
N GLY TC 108 19.31 82.70 -60.58
CA GLY TC 108 18.56 83.40 -61.60
C GLY TC 108 19.26 84.65 -62.10
N GLU TC 109 19.95 85.36 -61.20
CA GLU TC 109 20.67 86.56 -61.60
C GLU TC 109 21.78 86.23 -62.59
N LEU TC 110 22.46 85.10 -62.39
CA LEU TC 110 23.54 84.71 -63.28
C LEU TC 110 23.01 84.24 -64.63
N ALA TC 111 21.96 83.44 -64.63
CA ALA TC 111 21.45 82.85 -65.87
C ALA TC 111 21.01 83.90 -66.87
N ARG TC 112 20.66 85.11 -66.43
CA ARG TC 112 20.19 86.14 -67.33
C ARG TC 112 21.31 86.89 -68.04
N LYS TC 113 22.56 86.73 -67.58
CA LYS TC 113 23.68 87.36 -68.26
C LYS TC 113 23.81 86.80 -69.67
N GLU TC 114 24.02 87.69 -70.63
CA GLU TC 114 24.13 87.25 -72.02
C GLU TC 114 25.44 86.51 -72.30
N ASP TC 115 26.38 86.50 -71.36
CA ASP TC 115 27.69 85.91 -71.54
C ASP TC 115 27.93 84.74 -70.59
N ILE TC 116 26.87 84.05 -70.19
CA ILE TC 116 26.96 82.85 -69.37
C ILE TC 116 26.29 81.71 -70.14
N ASP TC 117 27.02 80.61 -70.32
CA ASP TC 117 26.51 79.48 -71.08
C ASP TC 117 25.96 78.36 -70.21
N ALA TC 118 26.39 78.26 -68.97
CA ALA TC 118 25.88 77.24 -68.06
C ALA TC 118 26.11 77.70 -66.63
N VAL TC 119 25.42 77.05 -65.71
CA VAL TC 119 25.46 77.41 -64.29
C VAL TC 119 25.49 76.13 -63.46
N ILE TC 120 26.28 76.13 -62.40
CA ILE TC 120 26.49 74.97 -61.54
C ILE TC 120 26.12 75.36 -60.12
N ALA TC 121 25.21 74.61 -59.51
CA ALA TC 121 24.74 74.88 -58.16
C ALA TC 121 25.33 73.84 -57.19
N ILE TC 122 25.92 74.31 -56.10
CA ILE TC 122 26.59 73.47 -55.12
C ILE TC 122 26.07 73.81 -53.73
N GLY TC 123 25.81 72.79 -52.93
CA GLY TC 123 25.33 73.01 -51.58
C GLY TC 123 25.18 71.70 -50.85
N VAL TC 124 24.81 71.81 -49.58
CA VAL TC 124 24.63 70.65 -48.71
C VAL TC 124 23.31 70.79 -47.99
N LEU TC 125 22.55 69.71 -47.93
CA LEU TC 125 21.23 69.68 -47.31
C LEU TC 125 21.27 68.76 -46.09
N ILE TC 126 20.57 69.15 -45.04
CA ILE TC 126 20.55 68.41 -43.78
C ILE TC 126 19.14 67.90 -43.51
N ARG TC 127 18.41 67.59 -44.59
CA ARG TC 127 17.04 67.14 -44.44
C ARG TC 127 16.96 65.83 -43.67
N GLY TC 128 15.86 65.67 -42.92
CA GLY TC 128 15.57 64.47 -42.16
C GLY TC 128 15.74 64.61 -40.66
N ALA TC 129 16.65 65.48 -40.22
CA ALA TC 129 16.91 65.62 -38.80
C ALA TC 129 15.71 66.21 -38.08
N THR TC 130 15.19 67.33 -38.57
CA THR TC 130 14.10 68.03 -37.91
C THR TC 130 13.36 68.85 -38.97
N PRO TC 131 12.18 69.40 -38.62
CA PRO TC 131 11.49 70.29 -39.55
C PRO TC 131 12.29 71.57 -39.80
N HIS TC 132 11.75 72.48 -40.61
CA HIS TC 132 12.38 73.72 -41.06
C HIS TC 132 13.42 73.44 -42.14
N PHE TC 133 13.68 72.18 -42.47
CA PHE TC 133 14.63 71.81 -43.51
C PHE TC 133 14.03 70.95 -44.60
N ASP TC 134 13.00 70.15 -44.30
CA ASP TC 134 12.29 69.44 -45.34
C ASP TC 134 11.63 70.41 -46.29
N TYR TC 135 11.08 71.50 -45.76
CA TYR TC 135 10.52 72.56 -46.60
C TYR TC 135 11.60 73.19 -47.46
N ILE TC 136 12.77 73.46 -46.87
CA ILE TC 136 13.84 74.10 -47.62
C ILE TC 136 14.30 73.21 -48.76
N ALA TC 137 14.47 71.92 -48.49
CA ALA TC 137 15.00 71.00 -49.50
C ALA TC 137 14.07 70.91 -50.70
N SER TC 138 12.76 70.87 -50.46
CA SER TC 138 11.82 70.71 -51.56
C SER TC 138 11.88 71.89 -52.52
N GLU TC 139 11.94 73.11 -51.98
CA GLU TC 139 11.83 74.29 -52.84
C GLU TC 139 13.10 74.53 -53.65
N VAL TC 140 14.25 74.08 -53.15
CA VAL TC 140 15.49 74.29 -53.89
C VAL TC 140 15.46 73.53 -55.21
N SER TC 141 14.99 72.28 -55.18
CA SER TC 141 14.87 71.50 -56.40
C SER TC 141 13.87 72.12 -57.37
N LYS TC 142 12.71 72.56 -56.85
CA LYS TC 142 11.69 73.14 -57.71
C LYS TC 142 12.21 74.39 -58.41
N GLY TC 143 12.86 75.30 -57.67
CA GLY TC 143 13.23 76.57 -58.24
C GLY TC 143 14.26 76.45 -59.34
N LEU TC 144 15.28 75.61 -59.13
CA LEU TC 144 16.32 75.46 -60.12
C LEU TC 144 15.78 74.84 -61.40
N ALA TC 145 14.88 73.86 -61.28
CA ALA TC 145 14.30 73.24 -62.45
C ALA TC 145 13.48 74.24 -63.26
N ASN TC 146 12.62 75.02 -62.58
CA ASN TC 146 11.78 75.96 -63.28
C ASN TC 146 12.59 77.02 -64.00
N LEU TC 147 13.67 77.49 -63.37
CA LEU TC 147 14.51 78.49 -64.00
C LEU TC 147 15.09 77.99 -65.31
N SER TC 148 15.46 76.71 -65.35
CA SER TC 148 16.12 76.16 -66.53
C SER TC 148 15.20 76.21 -67.74
N LEU TC 149 13.93 75.84 -67.56
CA LEU TC 149 12.99 75.83 -68.68
C LEU TC 149 12.61 77.24 -69.09
N GLU TC 150 12.40 78.14 -68.11
CA GLU TC 150 11.97 79.49 -68.44
C GLU TC 150 13.07 80.27 -69.15
N LEU TC 151 14.32 80.09 -68.73
CA LEU TC 151 15.43 80.83 -69.29
C LEU TC 151 16.16 80.10 -70.40
N ARG TC 152 15.99 78.78 -70.51
CA ARG TC 152 16.56 77.98 -71.60
C ARG TC 152 18.08 77.93 -71.52
N LYS TC 153 18.62 77.76 -70.32
CA LYS TC 153 20.03 77.52 -70.11
C LYS TC 153 20.20 76.32 -69.19
N PRO TC 154 21.13 75.42 -69.48
CA PRO TC 154 21.34 74.29 -68.57
C PRO TC 154 21.77 74.76 -67.19
N ILE TC 155 21.28 74.06 -66.16
CA ILE TC 155 21.59 74.40 -64.77
C ILE TC 155 21.77 73.10 -64.02
N THR TC 156 23.00 72.82 -63.60
CA THR TC 156 23.33 71.52 -63.03
C THR TC 156 23.09 71.52 -61.52
N PHE TC 157 22.86 70.32 -60.99
CA PHE TC 157 22.41 70.13 -59.62
C PHE TC 157 23.50 69.38 -58.86
N GLY TC 158 24.37 70.12 -58.19
CA GLY TC 158 25.42 69.55 -57.37
C GLY TC 158 25.07 69.39 -55.91
N VAL TC 159 23.81 69.59 -55.53
CA VAL TC 159 23.43 69.56 -54.12
C VAL TC 159 23.49 68.14 -53.61
N ILE TC 160 24.20 67.94 -52.51
CA ILE TC 160 24.32 66.63 -51.86
C ILE TC 160 23.57 66.68 -50.54
N THR TC 161 23.43 65.51 -49.92
CA THR TC 161 22.79 65.40 -48.62
C THR TC 161 23.67 64.55 -47.71
N ALA TC 162 23.79 64.98 -46.45
CA ALA TC 162 24.62 64.27 -45.48
C ALA TC 162 23.76 63.50 -44.50
N GLY UC 15 5.57 44.18 -73.65
CA GLY UC 15 6.35 44.65 -74.77
C GLY UC 15 7.16 45.89 -74.43
N ASN UC 16 7.84 46.45 -75.42
CA ASN UC 16 8.65 47.64 -75.20
C ASN UC 16 7.77 48.80 -74.78
N LYS UC 17 8.18 49.50 -73.73
CA LYS UC 17 7.53 50.75 -73.38
C LYS UC 17 7.89 51.85 -74.38
N GLY UC 18 8.97 51.67 -75.14
CA GLY UC 18 9.27 52.59 -76.21
C GLY UC 18 8.40 52.39 -77.42
N TRP UC 19 7.91 51.17 -77.64
CA TRP UC 19 6.93 50.95 -78.70
C TRP UC 19 5.62 51.67 -78.38
N GLU UC 20 5.16 51.57 -77.13
CA GLU UC 20 3.91 52.23 -76.74
C GLU UC 20 4.02 53.73 -76.85
N ALA UC 21 5.16 54.29 -76.45
CA ALA UC 21 5.31 55.74 -76.48
C ALA UC 21 5.25 56.27 -77.90
N ALA UC 22 5.70 55.49 -78.88
CA ALA UC 22 5.68 55.94 -80.27
C ALA UC 22 4.28 55.88 -80.87
N LEU UC 23 3.47 54.90 -80.46
CA LEU UC 23 2.08 54.87 -80.92
C LEU UC 23 1.32 56.11 -80.48
N SER UC 24 1.54 56.54 -79.25
CA SER UC 24 0.86 57.73 -78.74
C SER UC 24 1.30 58.98 -79.50
N ALA UC 25 2.54 59.03 -79.97
CA ALA UC 25 3.02 60.21 -80.67
C ALA UC 25 2.49 60.26 -82.10
N ILE UC 26 2.36 59.10 -82.74
CA ILE UC 26 1.76 59.07 -84.08
C ILE UC 26 0.31 59.52 -84.02
N GLU UC 27 -0.43 59.02 -83.03
CA GLU UC 27 -1.84 59.37 -82.91
C GLU UC 27 -2.04 60.84 -82.58
N MET UC 28 -1.24 61.36 -81.65
CA MET UC 28 -1.42 62.75 -81.23
C MET UC 28 -1.00 63.72 -82.33
N ALA UC 29 0.02 63.37 -83.10
CA ALA UC 29 0.45 64.24 -84.20
C ALA UC 29 -0.64 64.36 -85.26
N ASN UC 30 -1.31 63.25 -85.57
CA ASN UC 30 -2.39 63.30 -86.55
C ASN UC 30 -3.61 64.05 -86.02
N LEU UC 31 -3.90 63.90 -84.73
CA LEU UC 31 -5.04 64.57 -84.15
C LEU UC 31 -4.90 66.08 -84.25
N PHE UC 32 -3.73 66.61 -83.92
CA PHE UC 32 -3.54 68.05 -83.95
C PHE UC 32 -3.61 68.61 -85.35
N LYS UC 33 -3.41 67.78 -86.38
CA LYS UC 33 -3.53 68.23 -87.75
C LYS UC 33 -4.99 68.41 -88.17
N SER UC 34 -5.88 67.56 -87.66
CA SER UC 34 -7.30 67.70 -87.98
C SER UC 34 -7.92 68.88 -87.25
N LEU UC 35 -7.52 69.10 -85.99
CA LEU UC 35 -8.04 70.25 -85.25
C LEU UC 35 -7.65 71.56 -85.93
N ARG UC 36 -6.40 71.68 -86.36
CA ARG UC 36 -5.95 72.90 -87.02
C ARG UC 36 -6.66 73.13 -88.35
N GLY UC 37 -7.20 72.08 -88.96
CA GLY UC 37 -7.87 72.19 -90.24
C GLY UC 37 -9.33 72.53 -90.10
N THR UC 38 -10.01 72.55 -91.24
CA THR UC 38 -11.43 72.87 -91.26
C THR UC 38 -12.24 71.79 -90.57
N GLY UC 39 -13.38 72.19 -90.00
CA GLY UC 39 -14.25 71.28 -89.29
C GLY UC 39 -15.16 70.53 -90.24
N GLY UC 40 -16.16 69.87 -89.65
CA GLY UC 40 -17.11 69.09 -90.40
C GLY UC 40 -18.12 69.95 -91.12
N SER UC 41 -18.95 69.27 -91.93
CA SER UC 41 -19.98 69.96 -92.70
C SER UC 41 -21.13 70.46 -91.84
N GLY UC 42 -21.20 70.08 -90.57
CA GLY UC 42 -22.26 70.51 -89.69
C GLY UC 42 -23.47 69.60 -89.76
N SER UC 43 -24.50 70.00 -89.03
CA SER UC 43 -25.77 69.29 -88.90
C SER UC 43 -25.63 68.00 -88.09
N SER UC 44 -24.48 67.74 -87.49
CA SER UC 44 -24.28 66.55 -86.68
C SER UC 44 -23.10 66.79 -85.76
N MET UC 45 -22.95 65.89 -84.78
CA MET UC 45 -21.85 66.00 -83.83
C MET UC 45 -20.51 65.89 -84.54
N GLU UC 46 -19.58 66.78 -84.19
CA GLU UC 46 -18.25 66.79 -84.76
C GLU UC 46 -17.32 65.94 -83.91
N ILE UC 47 -16.76 64.90 -84.50
CA ILE UC 47 -15.85 63.99 -83.80
C ILE UC 47 -14.47 64.14 -84.43
N TYR UC 48 -13.47 64.35 -83.58
CA TYR UC 48 -12.08 64.46 -84.00
C TYR UC 48 -11.29 63.26 -83.49
N GLU UC 49 -10.45 62.71 -84.37
CA GLU UC 49 -9.85 61.41 -84.16
C GLU UC 49 -8.49 61.39 -84.82
N GLY UC 50 -7.58 60.56 -84.29
CA GLY UC 50 -6.24 60.43 -84.83
C GLY UC 50 -5.93 59.06 -85.37
N LYS UC 51 -5.45 59.00 -86.61
CA LYS UC 51 -5.13 57.73 -87.26
C LYS UC 51 -3.70 57.31 -86.95
N LEU UC 52 -3.44 56.01 -87.12
CA LEU UC 52 -2.11 55.45 -86.89
C LEU UC 52 -1.33 55.30 -88.21
N THR UC 53 -1.23 56.39 -88.97
CA THR UC 53 -0.45 56.43 -90.20
C THR UC 53 0.63 57.49 -90.04
N ALA UC 54 1.87 57.12 -90.35
CA ALA UC 54 3.05 57.92 -90.03
C ALA UC 54 3.81 58.33 -91.28
N GLU UC 55 3.11 58.76 -92.31
CA GLU UC 55 3.72 59.19 -93.55
C GLU UC 55 3.74 60.71 -93.58
N GLY UC 56 4.92 61.29 -93.78
CA GLY UC 56 5.07 62.72 -93.85
C GLY UC 56 5.26 63.42 -92.51
N LEU UC 57 5.40 62.67 -91.43
CA LEU UC 57 5.51 63.25 -90.08
C LEU UC 57 6.96 63.22 -89.62
N ARG UC 58 7.36 64.27 -88.91
CA ARG UC 58 8.71 64.43 -88.38
C ARG UC 58 8.69 64.22 -86.87
N PHE UC 59 9.66 63.46 -86.38
CA PHE UC 59 9.71 63.06 -84.98
C PHE UC 59 11.07 63.38 -84.39
N GLY UC 60 11.10 63.56 -83.07
CA GLY UC 60 12.33 63.75 -82.33
C GLY UC 60 12.35 62.91 -81.07
N ILE UC 61 13.50 62.33 -80.73
CA ILE UC 61 13.64 61.45 -79.58
C ILE UC 61 14.73 62.00 -78.68
N VAL UC 62 14.50 61.94 -77.37
CA VAL UC 62 15.46 62.39 -76.36
C VAL UC 62 15.66 61.23 -75.39
N ALA UC 63 16.91 60.76 -75.28
CA ALA UC 63 17.23 59.62 -74.45
C ALA UC 63 18.44 59.93 -73.58
N SER UC 64 18.48 59.29 -72.41
CA SER UC 64 19.57 59.44 -71.47
C SER UC 64 20.57 58.30 -71.63
N ARG UC 65 21.80 58.52 -71.14
CA ARG UC 65 22.87 57.54 -71.24
C ARG UC 65 23.02 56.69 -69.99
N PHE UC 66 22.19 56.88 -68.98
CA PHE UC 66 22.27 56.08 -67.77
C PHE UC 66 21.65 54.71 -68.01
N ASN UC 67 22.42 53.66 -67.71
CA ASN UC 67 22.01 52.27 -67.99
C ASN UC 67 21.70 52.09 -69.47
N HIS UC 68 22.73 52.26 -70.29
CA HIS UC 68 22.55 52.16 -71.74
C HIS UC 68 22.18 50.76 -72.18
N ALA UC 69 22.31 49.75 -71.31
CA ALA UC 69 21.85 48.42 -71.67
C ALA UC 69 20.34 48.41 -71.90
N LEU UC 70 19.57 48.93 -70.94
CA LEU UC 70 18.12 48.95 -71.07
C LEU UC 70 17.66 50.05 -72.04
N VAL UC 71 18.32 51.20 -72.02
CA VAL UC 71 17.83 52.35 -72.76
C VAL UC 71 17.91 52.10 -74.26
N ASP UC 72 19.00 51.50 -74.72
CA ASP UC 72 19.15 51.28 -76.16
C ASP UC 72 18.08 50.37 -76.72
N ARG UC 73 17.59 49.42 -75.92
CA ARG UC 73 16.48 48.57 -76.37
C ARG UC 73 15.22 49.40 -76.57
N LEU UC 74 14.95 50.34 -75.68
CA LEU UC 74 13.74 51.15 -75.79
C LEU UC 74 13.82 52.07 -77.01
N VAL UC 75 14.99 52.63 -77.29
CA VAL UC 75 15.12 53.51 -78.46
C VAL UC 75 14.90 52.73 -79.73
N GLU UC 76 15.40 51.49 -79.79
CA GLU UC 76 15.23 50.67 -80.98
C GLU UC 76 13.76 50.37 -81.23
N GLY UC 77 13.00 50.10 -80.17
CA GLY UC 77 11.58 49.83 -80.34
C GLY UC 77 10.81 50.99 -80.91
N ALA UC 78 11.15 52.21 -80.48
CA ALA UC 78 10.46 53.40 -80.99
C ALA UC 78 10.68 53.57 -82.48
N ILE UC 79 11.92 53.37 -82.95
CA ILE UC 79 12.20 53.55 -84.36
C ILE UC 79 11.53 52.46 -85.19
N ASP UC 80 11.48 51.24 -84.66
CA ASP UC 80 10.80 50.15 -85.38
C ASP UC 80 9.32 50.47 -85.57
N CYS UC 81 8.68 51.03 -84.56
CA CYS UC 81 7.25 51.35 -84.66
C CYS UC 81 7.00 52.36 -85.77
N ILE UC 82 7.84 53.38 -85.89
CA ILE UC 82 7.60 54.44 -86.86
C ILE UC 82 7.78 53.92 -88.28
N VAL UC 83 8.77 53.05 -88.50
CA VAL UC 83 9.01 52.54 -89.85
C VAL UC 83 7.90 51.61 -90.28
N ARG UC 84 7.41 50.77 -89.37
CA ARG UC 84 6.39 49.79 -89.73
C ARG UC 84 5.06 50.44 -90.07
N HIS UC 85 4.78 51.61 -89.49
CA HIS UC 85 3.56 52.35 -89.78
C HIS UC 85 3.75 53.37 -90.89
N GLY UC 86 4.75 53.18 -91.75
CA GLY UC 86 4.94 54.03 -92.90
C GLY UC 86 5.92 55.16 -92.71
N GLY UC 87 6.62 55.22 -91.58
CA GLY UC 87 7.55 56.30 -91.34
C GLY UC 87 8.84 56.14 -92.10
N ARG UC 88 9.51 57.27 -92.30
CA ARG UC 88 10.77 57.33 -93.03
C ARG UC 88 11.88 57.67 -92.05
N GLU UC 89 12.88 56.80 -91.96
CA GLU UC 89 13.92 56.97 -90.95
C GLU UC 89 14.76 58.23 -91.18
N GLU UC 90 14.67 58.83 -92.36
CA GLU UC 90 15.31 60.12 -92.61
C GLU UC 90 14.65 61.26 -91.86
N ASP UC 91 13.45 61.05 -91.31
CA ASP UC 91 12.70 62.08 -90.61
C ASP UC 91 12.66 61.84 -89.10
N ILE UC 92 13.76 61.36 -88.54
CA ILE UC 92 13.89 61.17 -87.10
C ILE UC 92 15.16 61.83 -86.63
N THR UC 93 15.08 62.62 -85.56
CA THR UC 93 16.22 63.29 -84.95
C THR UC 93 16.41 62.75 -83.54
N LEU UC 94 17.65 62.38 -83.20
CA LEU UC 94 17.95 61.75 -81.92
C LEU UC 94 18.93 62.62 -81.14
N VAL UC 95 18.62 62.84 -79.86
CA VAL UC 95 19.45 63.64 -78.95
C VAL UC 95 19.77 62.80 -77.73
N ARG UC 96 21.04 62.75 -77.34
CA ARG UC 96 21.49 61.99 -76.19
C ARG UC 96 21.97 62.95 -75.11
N VAL UC 97 21.57 62.69 -73.87
CA VAL UC 97 21.89 63.60 -72.75
C VAL UC 97 22.50 62.80 -71.62
N PRO UC 98 23.27 63.46 -70.75
CA PRO UC 98 23.92 62.76 -69.63
C PRO UC 98 22.98 62.00 -68.71
N GLY UC 99 22.02 62.68 -68.11
CA GLY UC 99 21.16 62.05 -67.13
C GLY UC 99 19.70 62.45 -67.23
N SER UC 100 18.89 62.01 -66.27
CA SER UC 100 17.47 62.32 -66.31
C SER UC 100 17.21 63.80 -66.06
N TRP UC 101 18.05 64.45 -65.27
CA TRP UC 101 17.84 65.85 -64.94
C TRP UC 101 17.85 66.74 -66.18
N GLU UC 102 18.43 66.29 -67.28
CA GLU UC 102 18.61 67.12 -68.46
C GLU UC 102 17.59 66.87 -69.55
N ILE UC 103 16.68 65.90 -69.39
CA ILE UC 103 15.72 65.58 -70.43
C ILE UC 103 14.77 66.75 -70.66
N PRO UC 104 14.16 67.35 -69.63
CA PRO UC 104 13.20 68.42 -69.90
C PRO UC 104 13.76 69.60 -70.69
N VAL UC 105 14.95 70.08 -70.33
CA VAL UC 105 15.48 71.25 -71.02
C VAL UC 105 15.87 70.90 -72.46
N ALA UC 106 16.38 69.70 -72.68
CA ALA UC 106 16.66 69.27 -74.04
C ALA UC 106 15.39 69.15 -74.85
N ALA UC 107 14.33 68.62 -74.25
CA ALA UC 107 13.05 68.49 -74.96
C ALA UC 107 12.49 69.85 -75.35
N GLY UC 108 12.86 70.91 -74.62
CA GLY UC 108 12.37 72.23 -74.98
C GLY UC 108 12.93 72.73 -76.30
N GLU UC 109 14.21 72.49 -76.55
CA GLU UC 109 14.81 72.98 -77.78
C GLU UC 109 14.24 72.27 -79.00
N LEU UC 110 14.03 70.95 -78.90
CA LEU UC 110 13.42 70.22 -80.00
C LEU UC 110 12.00 70.69 -80.26
N ALA UC 111 11.19 70.79 -79.21
CA ALA UC 111 9.79 71.13 -79.39
C ALA UC 111 9.59 72.50 -80.00
N ARG UC 112 10.56 73.39 -79.85
CA ARG UC 112 10.44 74.73 -80.42
C ARG UC 112 10.74 74.77 -81.92
N LYS UC 113 11.35 73.73 -82.47
CA LYS UC 113 11.63 73.71 -83.91
C LYS UC 113 10.36 73.42 -84.67
N GLU UC 114 10.10 74.23 -85.70
CA GLU UC 114 8.85 74.14 -86.45
C GLU UC 114 8.76 72.88 -87.30
N ASP UC 115 9.87 72.18 -87.55
CA ASP UC 115 9.87 70.97 -88.35
C ASP UC 115 9.72 69.71 -87.52
N ILE UC 116 9.19 69.82 -86.31
CA ILE UC 116 8.98 68.69 -85.42
C ILE UC 116 7.51 68.65 -85.05
N ASP UC 117 6.89 67.48 -85.18
CA ASP UC 117 5.48 67.31 -84.89
C ASP UC 117 5.21 66.67 -83.54
N ALA UC 118 6.13 65.89 -83.01
CA ALA UC 118 6.00 65.32 -81.68
C ALA UC 118 7.38 64.94 -81.16
N VAL UC 119 7.48 64.82 -79.85
CA VAL UC 119 8.74 64.50 -79.18
C VAL UC 119 8.50 63.33 -78.24
N ILE UC 120 9.42 62.36 -78.26
CA ILE UC 120 9.36 61.17 -77.44
C ILE UC 120 10.52 61.23 -76.46
N ALA UC 121 10.25 61.02 -75.18
CA ALA UC 121 11.25 61.12 -74.12
C ALA UC 121 11.44 59.75 -73.47
N ILE UC 122 12.64 59.20 -73.59
CA ILE UC 122 12.97 57.87 -73.08
C ILE UC 122 14.03 58.01 -72.00
N GLY UC 123 13.97 57.14 -71.01
CA GLY UC 123 14.94 57.17 -69.94
C GLY UC 123 14.58 56.16 -68.87
N VAL UC 124 15.51 55.99 -67.93
CA VAL UC 124 15.36 55.06 -66.82
C VAL UC 124 15.72 55.78 -65.53
N LEU UC 125 14.86 55.64 -64.52
CA LEU UC 125 15.09 56.23 -63.21
C LEU UC 125 15.67 55.19 -62.25
N ILE UC 126 16.19 55.69 -61.14
CA ILE UC 126 16.88 54.87 -60.15
C ILE UC 126 15.98 54.77 -58.93
N ARG UC 127 15.26 53.65 -58.80
CA ARG UC 127 14.51 53.40 -57.59
C ARG UC 127 15.47 53.14 -56.44
N GLY UC 128 15.13 53.65 -55.25
CA GLY UC 128 16.06 53.64 -54.15
C GLY UC 128 17.04 54.79 -54.25
N ALA UC 129 17.96 54.84 -53.29
CA ALA UC 129 18.92 55.94 -53.21
C ALA UC 129 18.18 57.28 -53.16
N THR UC 130 17.08 57.30 -52.39
CA THR UC 130 16.25 58.50 -52.31
C THR UC 130 16.99 59.77 -51.92
N PRO UC 131 17.93 59.76 -50.93
CA PRO UC 131 18.56 61.03 -50.49
C PRO UC 131 18.93 62.00 -51.61
N HIS UC 132 19.32 61.50 -52.78
CA HIS UC 132 19.68 62.35 -53.91
C HIS UC 132 18.73 62.22 -55.09
N PHE UC 133 18.47 61.00 -55.55
CA PHE UC 133 17.70 60.80 -56.78
C PHE UC 133 16.20 60.98 -56.58
N ASP UC 134 15.70 60.99 -55.35
CA ASP UC 134 14.27 61.17 -55.14
C ASP UC 134 13.80 62.54 -55.62
N TYR UC 135 14.67 63.55 -55.54
CA TYR UC 135 14.28 64.89 -55.96
C TYR UC 135 14.26 65.01 -57.48
N ILE UC 136 15.21 64.38 -58.16
CA ILE UC 136 15.21 64.40 -59.62
C ILE UC 136 14.00 63.67 -60.17
N ALA UC 137 13.47 62.70 -59.42
CA ALA UC 137 12.41 61.84 -59.96
C ALA UC 137 11.15 62.63 -60.27
N SER UC 138 10.65 63.40 -59.30
CA SER UC 138 9.42 64.14 -59.51
C SER UC 138 9.57 65.27 -60.52
N GLU UC 139 10.80 65.74 -60.73
CA GLU UC 139 11.01 66.90 -61.60
C GLU UC 139 10.87 66.53 -63.07
N VAL UC 140 11.15 65.29 -63.44
CA VAL UC 140 11.09 64.90 -64.84
C VAL UC 140 9.66 64.89 -65.34
N SER UC 141 8.74 64.29 -64.58
CA SER UC 141 7.35 64.26 -65.00
C SER UC 141 6.73 65.65 -64.98
N LYS UC 142 7.02 66.44 -63.94
CA LYS UC 142 6.45 67.76 -63.84
C LYS UC 142 6.92 68.66 -64.98
N GLY UC 143 8.20 68.57 -65.33
CA GLY UC 143 8.72 69.44 -66.38
C GLY UC 143 8.14 69.14 -67.74
N LEU UC 144 8.02 67.86 -68.09
CA LEU UC 144 7.49 67.49 -69.40
C LEU UC 144 6.03 67.90 -69.53
N ALA UC 145 5.25 67.74 -68.46
CA ALA UC 145 3.84 68.12 -68.52
C ALA UC 145 3.67 69.61 -68.77
N ASN UC 146 4.46 70.44 -68.10
CA ASN UC 146 4.33 71.88 -68.29
C ASN UC 146 4.75 72.32 -69.68
N LEU UC 147 5.73 71.63 -70.29
CA LEU UC 147 6.21 72.04 -71.60
C LEU UC 147 5.12 71.94 -72.65
N SER UC 148 4.37 70.83 -72.64
CA SER UC 148 3.38 70.61 -73.68
C SER UC 148 2.28 71.66 -73.62
N LEU UC 149 1.83 72.00 -72.40
CA LEU UC 149 0.79 73.01 -72.26
C LEU UC 149 1.28 74.38 -72.71
N GLU UC 150 2.54 74.71 -72.43
CA GLU UC 150 3.07 76.01 -72.78
C GLU UC 150 3.33 76.12 -74.29
N LEU UC 151 3.88 75.06 -74.89
CA LEU UC 151 4.20 75.08 -76.31
C LEU UC 151 3.06 74.57 -77.18
N ARG UC 152 2.00 74.01 -76.59
CA ARG UC 152 0.87 73.48 -77.33
C ARG UC 152 1.32 72.44 -78.36
N LYS UC 153 2.20 71.54 -77.93
CA LYS UC 153 2.75 70.49 -78.76
C LYS UC 153 2.77 69.21 -77.94
N PRO UC 154 2.47 68.06 -78.53
CA PRO UC 154 2.41 66.83 -77.74
C PRO UC 154 3.79 66.27 -77.44
N ILE UC 155 4.02 65.94 -76.17
CA ILE UC 155 5.23 65.27 -75.71
C ILE UC 155 4.82 64.03 -74.95
N THR UC 156 5.36 62.88 -75.33
CA THR UC 156 4.98 61.59 -74.76
C THR UC 156 5.99 61.15 -73.72
N PHE UC 157 5.52 60.34 -72.79
CA PHE UC 157 6.25 59.94 -71.60
C PHE UC 157 6.66 58.47 -71.75
N GLY UC 158 7.95 58.23 -71.91
CA GLY UC 158 8.46 56.89 -72.09
C GLY UC 158 9.50 56.52 -71.07
N VAL UC 159 9.31 56.97 -69.83
CA VAL UC 159 10.27 56.79 -68.76
C VAL UC 159 9.79 55.67 -67.84
N ILE UC 160 10.66 54.69 -67.59
CA ILE UC 160 10.34 53.58 -66.70
C ILE UC 160 11.29 53.60 -65.50
N THR UC 161 11.08 52.70 -64.55
CA THR UC 161 11.87 52.62 -63.34
C THR UC 161 12.54 51.26 -63.24
N ALA UC 162 13.68 51.23 -62.55
CA ALA UC 162 14.43 49.99 -62.35
C ALA UC 162 14.81 49.36 -63.68
N LYS VC 13 -27.74 56.90 -64.66
CA LYS VC 13 -28.07 58.13 -63.97
C LYS VC 13 -27.52 58.12 -62.55
N HIS VC 14 -27.10 59.31 -62.08
CA HIS VC 14 -26.55 59.46 -60.74
C HIS VC 14 -25.24 58.68 -60.61
N GLY VC 15 -25.33 57.36 -60.56
CA GLY VC 15 -24.12 56.55 -60.48
C GLY VC 15 -23.19 56.76 -61.65
N ASN VC 16 -23.75 56.94 -62.84
CA ASN VC 16 -22.95 57.17 -64.04
C ASN VC 16 -22.21 58.49 -63.90
N LYS VC 17 -20.88 58.42 -63.69
CA LYS VC 17 -20.10 59.61 -63.47
C LYS VC 17 -20.05 60.52 -64.68
N GLY VC 18 -20.42 60.03 -65.86
CA GLY VC 18 -20.54 60.90 -67.01
C GLY VC 18 -21.77 61.79 -66.95
N TRP VC 19 -22.80 61.33 -66.24
CA TRP VC 19 -23.98 62.15 -66.04
C TRP VC 19 -23.70 63.27 -65.03
N GLU VC 20 -22.99 62.96 -63.95
CA GLU VC 20 -22.69 63.97 -62.94
C GLU VC 20 -21.83 65.08 -63.51
N ALA VC 21 -20.81 64.72 -64.29
CA ALA VC 21 -19.90 65.74 -64.84
C ALA VC 21 -20.65 66.68 -65.78
N ALA VC 22 -21.54 66.15 -66.60
CA ALA VC 22 -22.32 67.01 -67.49
C ALA VC 22 -23.23 67.95 -66.71
N LEU VC 23 -23.83 67.46 -65.63
CA LEU VC 23 -24.69 68.32 -64.82
C LEU VC 23 -23.91 69.48 -64.23
N SER VC 24 -22.72 69.21 -63.70
CA SER VC 24 -21.90 70.28 -63.13
C SER VC 24 -21.52 71.30 -64.19
N ALA VC 25 -21.27 70.86 -65.42
CA ALA VC 25 -20.91 71.79 -66.48
C ALA VC 25 -22.05 72.74 -66.80
N ILE VC 26 -23.27 72.23 -66.88
CA ILE VC 26 -24.41 73.08 -67.21
C ILE VC 26 -24.61 74.15 -66.13
N GLU VC 27 -24.50 73.75 -64.87
CA GLU VC 27 -24.70 74.70 -63.78
C GLU VC 27 -23.65 75.81 -63.82
N MET VC 28 -22.40 75.44 -64.07
CA MET VC 28 -21.32 76.43 -64.01
C MET VC 28 -21.36 77.37 -65.20
N ALA VC 29 -21.70 76.87 -66.39
CA ALA VC 29 -21.75 77.72 -67.56
C ALA VC 29 -22.88 78.73 -67.46
N ASN VC 30 -23.95 78.40 -66.74
CA ASN VC 30 -25.02 79.37 -66.51
C ASN VC 30 -24.60 80.40 -65.47
N LEU VC 31 -23.90 79.97 -64.41
CA LEU VC 31 -23.49 80.87 -63.36
C LEU VC 31 -22.56 81.95 -63.90
N PHE VC 32 -21.61 81.56 -64.75
CA PHE VC 32 -20.68 82.53 -65.31
C PHE VC 32 -21.39 83.54 -66.19
N LYS VC 33 -22.40 83.10 -66.93
CA LYS VC 33 -23.16 84.02 -67.77
C LYS VC 33 -23.87 85.07 -66.91
N SER VC 34 -24.32 84.69 -65.72
CA SER VC 34 -24.97 85.64 -64.84
C SER VC 34 -23.98 86.62 -64.22
N LEU VC 35 -22.83 86.12 -63.76
CA LEU VC 35 -21.88 86.98 -63.07
C LEU VC 35 -21.29 88.03 -63.99
N ARG VC 36 -21.26 87.78 -65.29
CA ARG VC 36 -20.70 88.72 -66.25
C ARG VC 36 -21.73 89.68 -66.81
N GLY VC 37 -22.97 89.62 -66.34
CA GLY VC 37 -24.01 90.53 -66.76
C GLY VC 37 -24.30 91.60 -65.72
N THR VC 38 -25.36 92.35 -65.96
CA THR VC 38 -25.76 93.40 -65.03
C THR VC 38 -26.17 92.81 -63.69
N GLY VC 39 -25.90 93.55 -62.63
CA GLY VC 39 -26.21 93.11 -61.29
C GLY VC 39 -27.68 93.27 -60.95
N GLY VC 40 -28.02 92.88 -59.72
CA GLY VC 40 -29.38 92.95 -59.24
C GLY VC 40 -29.79 94.35 -58.87
N SER VC 41 -31.08 94.48 -58.52
CA SER VC 41 -31.62 95.78 -58.14
C SER VC 41 -31.03 96.29 -56.83
N GLY VC 42 -30.48 95.41 -56.01
CA GLY VC 42 -29.90 95.82 -54.74
C GLY VC 42 -30.88 95.74 -53.59
N SER VC 43 -30.43 96.29 -52.46
CA SER VC 43 -31.20 96.33 -51.22
C SER VC 43 -31.33 94.97 -50.56
N SER VC 44 -30.60 93.96 -51.05
CA SER VC 44 -30.66 92.63 -50.45
C SER VC 44 -29.38 91.90 -50.80
N MET VC 45 -29.08 90.86 -50.02
CA MET VC 45 -27.91 90.03 -50.27
C MET VC 45 -28.09 89.29 -51.59
N GLU VC 46 -27.41 89.76 -52.63
CA GLU VC 46 -27.49 89.09 -53.92
C GLU VC 46 -27.05 87.64 -53.79
N ILE VC 47 -27.83 86.72 -54.36
CA ILE VC 47 -27.48 85.31 -54.40
C ILE VC 47 -27.44 84.87 -55.85
N TYR VC 48 -26.34 84.23 -56.23
CA TYR VC 48 -26.13 83.74 -57.58
C TYR VC 48 -26.09 82.21 -57.55
N GLU VC 49 -26.82 81.59 -58.47
CA GLU VC 49 -26.76 80.15 -58.62
C GLU VC 49 -27.24 79.79 -60.02
N GLY VC 50 -26.82 78.62 -60.49
CA GLY VC 50 -27.06 78.20 -61.85
C GLY VC 50 -28.28 77.31 -61.99
N LYS VC 51 -28.89 77.36 -63.16
CA LYS VC 51 -30.08 76.60 -63.49
C LYS VC 51 -29.74 75.48 -64.47
N LEU VC 52 -30.50 74.39 -64.39
CA LEU VC 52 -30.24 73.22 -65.21
C LEU VC 52 -30.94 73.33 -66.56
N THR VC 53 -30.58 74.39 -67.29
CA THR VC 53 -31.05 74.63 -68.64
C THR VC 53 -29.83 74.76 -69.55
N ALA VC 54 -29.90 74.15 -70.73
CA ALA VC 54 -28.74 74.03 -71.61
C ALA VC 54 -29.11 74.39 -73.04
N GLU VC 55 -29.85 75.48 -73.22
CA GLU VC 55 -30.25 75.94 -74.54
C GLU VC 55 -29.37 77.11 -74.94
N GLY VC 56 -28.71 76.99 -76.08
CA GLY VC 56 -27.78 77.99 -76.57
C GLY VC 56 -26.34 77.79 -76.15
N LEU VC 57 -26.03 76.80 -75.33
CA LEU VC 57 -24.68 76.56 -74.87
C LEU VC 57 -23.96 75.59 -75.80
N ARG VC 58 -22.63 75.72 -75.83
CA ARG VC 58 -21.76 74.83 -76.61
C ARG VC 58 -20.81 74.13 -75.66
N PHE VC 59 -20.65 72.82 -75.86
CA PHE VC 59 -19.81 71.99 -74.99
C PHE VC 59 -18.72 71.31 -75.81
N GLY VC 60 -17.74 70.77 -75.09
CA GLY VC 60 -16.69 69.98 -75.69
C GLY VC 60 -16.24 68.88 -74.75
N ILE VC 61 -16.11 67.66 -75.26
CA ILE VC 61 -15.80 66.49 -74.44
C ILE VC 61 -14.48 65.90 -74.91
N VAL VC 62 -13.60 65.59 -73.96
CA VAL VC 62 -12.32 64.93 -74.21
C VAL VC 62 -12.31 63.63 -73.44
N ALA VC 63 -12.17 62.52 -74.14
CA ALA VC 63 -12.25 61.18 -73.54
C ALA VC 63 -11.11 60.32 -74.05
N SER VC 64 -10.69 59.38 -73.20
CA SER VC 64 -9.58 58.49 -73.51
C SER VC 64 -10.11 57.11 -73.90
N ARG VC 65 -9.19 56.15 -74.06
CA ARG VC 65 -9.55 54.82 -74.52
C ARG VC 65 -9.15 53.70 -73.56
N PHE VC 66 -8.23 53.94 -72.64
CA PHE VC 66 -7.86 52.93 -71.67
C PHE VC 66 -9.09 52.39 -70.98
N ASN VC 67 -9.31 51.07 -71.09
CA ASN VC 67 -10.53 50.45 -70.63
C ASN VC 67 -11.74 51.07 -71.32
N HIS VC 68 -11.75 50.97 -72.65
CA HIS VC 68 -12.79 51.62 -73.44
C HIS VC 68 -14.17 51.09 -73.13
N ALA VC 69 -14.28 49.90 -72.53
CA ALA VC 69 -15.59 49.40 -72.15
C ALA VC 69 -16.26 50.32 -71.15
N LEU VC 70 -15.54 50.69 -70.08
CA LEU VC 70 -16.08 51.64 -69.11
C LEU VC 70 -16.29 53.01 -69.73
N VAL VC 71 -15.35 53.45 -70.57
CA VAL VC 71 -15.39 54.82 -71.07
C VAL VC 71 -16.56 55.02 -72.02
N ASP VC 72 -16.81 54.06 -72.91
CA ASP VC 72 -17.91 54.22 -73.86
C ASP VC 72 -19.24 54.38 -73.15
N ARG VC 73 -19.39 53.77 -71.97
CA ARG VC 73 -20.61 53.95 -71.20
C ARG VC 73 -20.67 55.35 -70.61
N LEU VC 74 -19.58 55.82 -70.01
CA LEU VC 74 -19.56 57.14 -69.40
C LEU VC 74 -19.81 58.23 -70.43
N VAL VC 75 -19.19 58.12 -71.60
CA VAL VC 75 -19.30 59.18 -72.61
C VAL VC 75 -20.75 59.32 -73.07
N GLU VC 76 -21.44 58.20 -73.26
CA GLU VC 76 -22.83 58.27 -73.71
C GLU VC 76 -23.74 58.84 -72.65
N GLY VC 77 -23.38 58.69 -71.37
CA GLY VC 77 -24.14 59.34 -70.32
C GLY VC 77 -24.05 60.85 -70.38
N ALA VC 78 -22.90 61.37 -70.78
CA ALA VC 78 -22.72 62.82 -70.86
C ALA VC 78 -23.53 63.42 -72.00
N ILE VC 79 -23.55 62.76 -73.16
CA ILE VC 79 -24.30 63.30 -74.29
C ILE VC 79 -25.80 63.22 -74.04
N ASP VC 80 -26.25 62.21 -73.30
CA ASP VC 80 -27.66 62.12 -72.95
C ASP VC 80 -28.09 63.27 -72.04
N CYS VC 81 -27.25 63.61 -71.06
CA CYS VC 81 -27.62 64.64 -70.10
C CYS VC 81 -27.81 65.99 -70.78
N ILE VC 82 -26.97 66.31 -71.76
CA ILE VC 82 -27.05 67.59 -72.43
C ILE VC 82 -28.28 67.66 -73.33
N VAL VC 83 -28.56 66.60 -74.08
CA VAL VC 83 -29.66 66.64 -75.03
C VAL VC 83 -31.00 66.68 -74.31
N ARG VC 84 -31.12 65.97 -73.20
CA ARG VC 84 -32.36 65.92 -72.46
C ARG VC 84 -32.61 67.15 -71.59
N HIS VC 85 -31.64 68.06 -71.50
CA HIS VC 85 -31.80 69.32 -70.79
C HIS VC 85 -31.91 70.49 -71.75
N GLY VC 86 -32.22 70.23 -73.01
CA GLY VC 86 -32.47 71.28 -73.98
C GLY VC 86 -31.33 71.59 -74.95
N GLY VC 87 -30.26 70.80 -74.95
CA GLY VC 87 -29.12 71.06 -75.80
C GLY VC 87 -29.34 70.58 -77.22
N ARG VC 88 -28.29 70.72 -78.03
CA ARG VC 88 -28.27 70.25 -79.40
C ARG VC 88 -26.98 69.47 -79.65
N GLU VC 89 -27.09 68.43 -80.48
CA GLU VC 89 -25.90 67.67 -80.85
C GLU VC 89 -25.04 68.41 -81.87
N GLU VC 90 -25.60 69.39 -82.57
CA GLU VC 90 -24.82 70.24 -83.44
C GLU VC 90 -23.88 71.16 -82.67
N ASP VC 91 -24.02 71.22 -81.35
CA ASP VC 91 -23.21 72.08 -80.50
C ASP VC 91 -22.31 71.31 -79.53
N ILE VC 92 -22.03 70.04 -79.84
CA ILE VC 92 -21.11 69.23 -79.05
C ILE VC 92 -19.92 68.87 -79.92
N THR VC 93 -18.72 68.96 -79.36
CA THR VC 93 -17.48 68.60 -80.03
C THR VC 93 -16.75 67.55 -79.19
N LEU VC 94 -16.51 66.38 -79.78
CA LEU VC 94 -15.92 65.24 -79.09
C LEU VC 94 -14.51 64.99 -79.61
N VAL VC 95 -13.59 64.72 -78.70
CA VAL VC 95 -12.19 64.44 -79.02
C VAL VC 95 -11.77 63.19 -78.26
N ARG VC 96 -11.09 62.28 -78.96
CA ARG VC 96 -10.57 61.06 -78.37
C ARG VC 96 -9.04 61.12 -78.32
N VAL VC 97 -8.46 60.59 -77.25
CA VAL VC 97 -7.01 60.60 -77.07
C VAL VC 97 -6.56 59.21 -76.63
N PRO VC 98 -5.27 58.90 -76.80
CA PRO VC 98 -4.80 57.56 -76.42
C PRO VC 98 -4.96 57.22 -74.95
N GLY VC 99 -4.43 58.03 -74.05
CA GLY VC 99 -4.40 57.69 -72.64
C GLY VC 99 -4.65 58.91 -71.78
N SER VC 100 -4.57 58.68 -70.46
CA SER VC 100 -4.83 59.74 -69.50
C SER VC 100 -3.77 60.84 -69.56
N TRP VC 101 -2.52 60.47 -69.88
CA TRP VC 101 -1.47 61.47 -69.94
C TRP VC 101 -1.78 62.56 -70.97
N GLU VC 102 -2.54 62.23 -72.00
CA GLU VC 102 -2.77 63.15 -73.12
C GLU VC 102 -4.02 63.99 -72.96
N ILE VC 103 -4.81 63.79 -71.91
CA ILE VC 103 -6.04 64.57 -71.74
C ILE VC 103 -5.77 66.05 -71.60
N PRO VC 104 -4.84 66.50 -70.74
CA PRO VC 104 -4.67 67.96 -70.58
C PRO VC 104 -4.29 68.72 -71.83
N VAL VC 105 -3.41 68.19 -72.67
CA VAL VC 105 -2.98 68.94 -73.84
C VAL VC 105 -4.14 69.08 -74.83
N ALA VC 106 -5.02 68.07 -74.90
CA ALA VC 106 -6.17 68.14 -75.79
C ALA VC 106 -7.27 69.04 -75.23
N ALA VC 107 -7.42 69.09 -73.90
CA ALA VC 107 -8.42 69.98 -73.31
C ALA VC 107 -8.08 71.43 -73.57
N GLY VC 108 -6.80 71.78 -73.55
CA GLY VC 108 -6.40 73.16 -73.75
C GLY VC 108 -6.76 73.68 -75.13
N GLU VC 109 -6.67 72.83 -76.14
CA GLU VC 109 -7.04 73.25 -77.49
C GLU VC 109 -8.52 73.59 -77.57
N LEU VC 110 -9.37 72.80 -76.93
CA LEU VC 110 -10.79 73.09 -76.94
C LEU VC 110 -11.12 74.32 -76.10
N ALA VC 111 -10.46 74.46 -74.95
CA ALA VC 111 -10.77 75.57 -74.04
C ALA VC 111 -10.35 76.92 -74.59
N ARG VC 112 -9.58 76.96 -75.67
CA ARG VC 112 -9.13 78.22 -76.26
C ARG VC 112 -10.04 78.70 -77.38
N LYS VC 113 -11.12 78.00 -77.67
CA LYS VC 113 -12.05 78.39 -78.71
C LYS VC 113 -13.08 79.35 -78.15
N GLU VC 114 -13.40 80.38 -78.94
CA GLU VC 114 -14.38 81.38 -78.51
C GLU VC 114 -15.81 80.85 -78.50
N ASP VC 115 -16.04 79.66 -79.05
CA ASP VC 115 -17.39 79.11 -79.13
C ASP VC 115 -17.74 78.19 -77.98
N ILE VC 116 -16.76 77.55 -77.36
CA ILE VC 116 -17.04 76.59 -76.30
C ILE VC 116 -17.25 77.34 -74.99
N ASP VC 117 -18.17 76.84 -74.18
CA ASP VC 117 -18.49 77.41 -72.88
C ASP VC 117 -17.97 76.57 -71.71
N ALA VC 118 -17.97 75.25 -71.83
CA ALA VC 118 -17.46 74.39 -70.78
C ALA VC 118 -16.92 73.11 -71.40
N VAL VC 119 -16.04 72.44 -70.67
CA VAL VC 119 -15.34 71.25 -71.15
C VAL VC 119 -15.45 70.16 -70.10
N ILE VC 120 -15.63 68.92 -70.55
CA ILE VC 120 -15.76 67.75 -69.68
C ILE VC 120 -14.60 66.82 -69.97
N ALA VC 121 -14.01 66.28 -68.91
CA ALA VC 121 -12.91 65.33 -69.03
C ALA VC 121 -13.37 63.97 -68.48
N ILE VC 122 -13.21 62.93 -69.28
CA ILE VC 122 -13.61 61.58 -68.91
C ILE VC 122 -12.43 60.65 -69.16
N GLY VC 123 -12.09 59.85 -68.16
CA GLY VC 123 -10.94 58.97 -68.28
C GLY VC 123 -10.88 57.99 -67.15
N VAL VC 124 -9.98 57.03 -67.28
CA VAL VC 124 -9.80 55.95 -66.32
C VAL VC 124 -8.35 55.95 -65.87
N LEU VC 125 -8.13 55.88 -64.56
CA LEU VC 125 -6.81 55.89 -63.96
C LEU VC 125 -6.51 54.54 -63.32
N ILE VC 126 -5.21 54.30 -63.11
CA ILE VC 126 -4.73 53.15 -62.36
C ILE VC 126 -3.90 53.68 -61.20
N ARG VC 127 -4.27 53.30 -59.98
CA ARG VC 127 -3.64 53.82 -58.77
C ARG VC 127 -3.08 52.66 -57.96
N GLY VC 128 -1.86 52.83 -57.47
CA GLY VC 128 -1.24 51.88 -56.58
C GLY VC 128 -0.67 50.64 -57.24
N ALA VC 129 -0.71 50.54 -58.57
CA ALA VC 129 -0.21 49.35 -59.24
C ALA VC 129 1.31 49.34 -59.30
N THR VC 130 1.89 50.30 -60.02
CA THR VC 130 3.33 50.37 -60.20
C THR VC 130 3.69 51.81 -60.54
N PRO VC 131 4.96 52.20 -60.38
CA PRO VC 131 5.38 53.52 -60.86
C PRO VC 131 5.13 53.64 -62.35
N HIS VC 132 5.27 54.86 -62.86
CA HIS VC 132 4.89 55.28 -64.21
C HIS VC 132 3.39 55.52 -64.29
N PHE VC 133 2.63 55.26 -63.22
CA PHE VC 133 1.22 55.61 -63.17
C PHE VC 133 0.84 56.40 -61.92
N ASP VC 134 1.66 56.37 -60.86
CA ASP VC 134 1.49 57.33 -59.79
C ASP VC 134 1.99 58.71 -60.22
N TYR VC 135 3.06 58.74 -61.00
CA TYR VC 135 3.50 60.00 -61.59
C TYR VC 135 2.47 60.54 -62.56
N ILE VC 136 1.88 59.67 -63.38
CA ILE VC 136 0.90 60.13 -64.37
C ILE VC 136 -0.32 60.73 -63.67
N ALA VC 137 -0.84 60.03 -62.67
CA ALA VC 137 -2.08 60.45 -62.03
C ALA VC 137 -1.94 61.82 -61.38
N SER VC 138 -0.82 62.07 -60.70
CA SER VC 138 -0.64 63.34 -60.02
C SER VC 138 -0.56 64.52 -60.97
N GLU VC 139 -0.35 64.27 -62.27
CA GLU VC 139 -0.17 65.33 -63.23
C GLU VC 139 -1.43 65.59 -64.06
N VAL VC 140 -2.32 64.62 -64.20
CA VAL VC 140 -3.58 64.87 -64.87
C VAL VC 140 -4.44 65.83 -64.07
N SER VC 141 -4.52 65.61 -62.76
CA SER VC 141 -5.29 66.51 -61.90
C SER VC 141 -4.71 67.91 -61.89
N LYS VC 142 -3.39 68.02 -61.74
CA LYS VC 142 -2.76 69.33 -61.62
C LYS VC 142 -2.92 70.14 -62.90
N GLY VC 143 -2.79 69.50 -64.05
CA GLY VC 143 -2.87 70.23 -65.30
C GLY VC 143 -4.24 70.81 -65.57
N LEU VC 144 -5.29 70.04 -65.30
CA LEU VC 144 -6.65 70.51 -65.56
C LEU VC 144 -6.99 71.70 -64.68
N ALA VC 145 -6.54 71.67 -63.42
CA ALA VC 145 -6.82 72.77 -62.51
C ALA VC 145 -6.19 74.07 -62.99
N ASN VC 146 -4.99 74.01 -63.55
CA ASN VC 146 -4.34 75.23 -64.03
C ASN VC 146 -5.02 75.80 -65.26
N LEU VC 147 -5.53 74.95 -66.15
CA LEU VC 147 -6.20 75.43 -67.35
C LEU VC 147 -7.44 76.24 -67.00
N SER VC 148 -8.21 75.79 -66.02
CA SER VC 148 -9.42 76.50 -65.64
C SER VC 148 -9.11 77.93 -65.22
N LEU VC 149 -8.12 78.10 -64.33
CA LEU VC 149 -7.82 79.41 -63.79
C LEU VC 149 -7.17 80.32 -64.82
N GLU VC 150 -6.33 79.75 -65.69
CA GLU VC 150 -5.62 80.57 -66.67
C GLU VC 150 -6.55 81.09 -67.75
N LEU VC 151 -7.44 80.23 -68.26
CA LEU VC 151 -8.33 80.59 -69.35
C LEU VC 151 -9.71 81.04 -68.88
N ARG VC 152 -10.00 80.97 -67.58
CA ARG VC 152 -11.27 81.42 -67.03
C ARG VC 152 -12.45 80.71 -67.71
N LYS VC 153 -12.47 79.40 -67.55
CA LYS VC 153 -13.49 78.56 -68.16
C LYS VC 153 -13.60 77.30 -67.31
N PRO VC 154 -14.80 76.79 -67.07
CA PRO VC 154 -14.92 75.62 -66.18
C PRO VC 154 -14.61 74.32 -66.89
N ILE VC 155 -13.82 73.47 -66.23
CA ILE VC 155 -13.45 72.16 -66.73
C ILE VC 155 -13.78 71.13 -65.67
N THR VC 156 -14.68 70.22 -65.98
CA THR VC 156 -15.20 69.27 -65.01
C THR VC 156 -14.42 67.97 -65.06
N PHE VC 157 -14.36 67.30 -63.91
CA PHE VC 157 -13.47 66.18 -63.67
C PHE VC 157 -14.30 64.90 -63.57
N GLY VC 158 -14.53 64.26 -64.70
CA GLY VC 158 -15.27 63.01 -64.74
C GLY VC 158 -14.37 61.80 -64.72
N VAL VC 159 -13.13 61.99 -64.31
CA VAL VC 159 -12.14 60.92 -64.32
C VAL VC 159 -12.36 60.02 -63.12
N ILE VC 160 -12.47 58.72 -63.37
CA ILE VC 160 -12.71 57.73 -62.33
C ILE VC 160 -11.47 56.86 -62.14
N THR VC 161 -11.54 55.94 -61.19
CA THR VC 161 -10.43 55.06 -60.87
C THR VC 161 -10.91 53.62 -60.79
N ALA VC 162 -9.98 52.69 -60.93
CA ALA VC 162 -10.28 51.27 -60.87
C ALA VC 162 -11.33 50.90 -61.92
N GLY WC 15 85.64 36.93 -34.09
CA GLY WC 15 84.89 35.69 -34.17
C GLY WC 15 85.31 34.67 -33.13
N ASN WC 16 86.55 34.78 -32.66
CA ASN WC 16 87.08 33.87 -31.66
C ASN WC 16 88.00 34.64 -30.71
N LYS WC 17 88.06 34.17 -29.47
CA LYS WC 17 88.84 34.87 -28.45
C LYS WC 17 90.34 34.75 -28.67
N GLY WC 18 90.78 33.82 -29.50
CA GLY WC 18 92.20 33.75 -29.80
C GLY WC 18 92.67 34.97 -30.57
N TRP WC 19 91.88 35.41 -31.55
CA TRP WC 19 92.19 36.65 -32.27
C TRP WC 19 92.17 37.85 -31.32
N GLU WC 20 91.15 37.92 -30.45
CA GLU WC 20 91.04 39.07 -29.56
C GLU WC 20 92.19 39.13 -28.57
N ALA WC 21 92.60 37.99 -28.02
CA ALA WC 21 93.68 37.98 -27.04
C ALA WC 21 95.00 38.42 -27.66
N ALA WC 22 95.26 37.98 -28.90
CA ALA WC 22 96.49 38.37 -29.56
C ALA WC 22 96.53 39.85 -29.87
N LEU WC 23 95.38 40.46 -30.16
CA LEU WC 23 95.35 41.88 -30.48
C LEU WC 23 95.65 42.73 -29.26
N SER WC 24 95.16 42.33 -28.08
CA SER WC 24 95.50 43.05 -26.86
C SER WC 24 96.99 42.94 -26.57
N ALA WC 25 97.58 41.78 -26.84
CA ALA WC 25 98.99 41.59 -26.57
C ALA WC 25 99.85 42.53 -27.41
N ILE WC 26 99.50 42.71 -28.68
CA ILE WC 26 100.28 43.60 -29.55
C ILE WC 26 100.23 45.02 -29.01
N GLU WC 27 99.04 45.50 -28.65
CA GLU WC 27 98.91 46.86 -28.16
C GLU WC 27 99.66 47.06 -26.86
N MET WC 28 99.57 46.10 -25.95
CA MET WC 28 100.25 46.24 -24.66
C MET WC 28 101.77 46.21 -24.83
N ALA WC 29 102.27 45.40 -25.76
CA ALA WC 29 103.71 45.36 -26.00
C ALA WC 29 104.23 46.72 -26.49
N ASN WC 30 103.50 47.35 -27.41
CA ASN WC 30 103.93 48.64 -27.91
C ASN WC 30 103.76 49.75 -26.88
N LEU WC 31 102.77 49.62 -26.00
CA LEU WC 31 102.57 50.62 -24.95
C LEU WC 31 103.73 50.64 -23.97
N PHE WC 32 104.27 49.47 -23.63
CA PHE WC 32 105.33 49.40 -22.65
C PHE WC 32 106.66 49.89 -23.21
N LYS WC 33 106.81 49.96 -24.53
CA LYS WC 33 108.00 50.59 -25.09
C LYS WC 33 107.93 52.11 -24.97
N SER WC 34 106.74 52.69 -25.04
CA SER WC 34 106.61 54.14 -24.91
C SER WC 34 106.84 54.59 -23.47
N LEU WC 35 106.26 53.87 -22.51
CA LEU WC 35 106.42 54.26 -21.11
C LEU WC 35 107.88 54.20 -20.68
N ARG WC 36 108.61 53.18 -21.12
CA ARG WC 36 110.02 53.02 -20.78
C ARG WC 36 110.90 53.71 -21.82
N GLY WC 37 110.65 55.01 -22.00
CA GLY WC 37 111.38 55.80 -22.97
C GLY WC 37 111.52 57.23 -22.50
N THR WC 38 112.50 57.91 -23.09
CA THR WC 38 112.79 59.30 -22.75
C THR WC 38 113.00 60.10 -24.03
N GLY WC 39 112.72 61.39 -23.96
CA GLY WC 39 112.88 62.25 -25.12
C GLY WC 39 112.20 63.59 -24.86
N GLY WC 40 112.24 64.41 -25.91
CA GLY WC 40 111.63 65.72 -25.82
C GLY WC 40 110.11 65.63 -25.73
N SER WC 41 109.52 66.65 -25.10
CA SER WC 41 108.07 66.70 -24.93
C SER WC 41 107.64 68.16 -24.87
N GLY WC 42 106.36 68.39 -25.15
CA GLY WC 42 105.79 69.71 -25.13
C GLY WC 42 105.30 70.10 -23.75
N SER WC 43 104.65 71.27 -23.70
CA SER WC 43 104.11 71.81 -22.45
C SER WC 43 102.65 71.44 -22.24
N SER WC 44 102.07 70.61 -23.11
CA SER WC 44 100.68 70.23 -23.04
C SER WC 44 100.52 68.90 -22.31
N MET WC 45 99.31 68.35 -22.35
CA MET WC 45 99.04 67.06 -21.75
C MET WC 45 99.78 65.96 -22.49
N GLU WC 46 100.22 64.95 -21.74
CA GLU WC 46 100.97 63.82 -22.28
C GLU WC 46 100.08 62.60 -22.38
N ILE WC 47 100.04 61.99 -23.56
CA ILE WC 47 99.21 60.81 -23.82
C ILE WC 47 100.10 59.69 -24.30
N TYR WC 48 99.89 58.50 -23.74
CA TYR WC 48 100.58 57.28 -24.14
C TYR WC 48 99.58 56.31 -24.73
N GLU WC 49 99.82 55.87 -25.96
CA GLU WC 49 98.95 54.92 -26.64
C GLU WC 49 99.81 53.82 -27.25
N GLY WC 50 99.14 52.76 -27.68
CA GLY WC 50 99.81 51.64 -28.31
C GLY WC 50 99.38 51.43 -29.75
N LYS WC 51 100.35 51.38 -30.65
CA LYS WC 51 100.07 51.08 -32.05
C LYS WC 51 99.81 49.59 -32.23
N LEU WC 52 99.32 49.22 -33.40
CA LEU WC 52 99.01 47.85 -33.75
C LEU WC 52 99.95 47.33 -34.83
N THR WC 53 101.22 47.71 -34.77
CA THR WC 53 102.26 47.18 -35.63
C THR WC 53 103.04 46.12 -34.85
N ALA WC 54 103.10 44.91 -35.40
CA ALA WC 54 103.67 43.76 -34.72
C ALA WC 54 105.10 43.47 -35.14
N GLU WC 55 105.74 44.39 -35.86
CA GLU WC 55 107.08 44.15 -36.37
C GLU WC 55 108.11 44.27 -35.26
N GLY WC 56 108.98 43.26 -35.14
CA GLY WC 56 110.06 43.28 -34.19
C GLY WC 56 109.74 42.74 -32.81
N LEU WC 57 108.50 42.34 -32.55
CA LEU WC 57 108.10 41.84 -31.24
C LEU WC 57 108.17 40.31 -31.20
N ARG WC 58 108.25 39.78 -29.99
CA ARG WC 58 108.35 38.34 -29.75
C ARG WC 58 107.29 37.93 -28.74
N PHE WC 59 106.54 36.88 -29.07
CA PHE WC 59 105.35 36.50 -28.30
C PHE WC 59 105.50 35.09 -27.76
N GLY WC 60 104.62 34.78 -26.80
CA GLY WC 60 104.51 33.44 -26.25
C GLY WC 60 103.06 33.02 -26.08
N ILE WC 61 102.74 31.78 -26.44
CA ILE WC 61 101.39 31.25 -26.35
C ILE WC 61 101.41 30.00 -25.48
N VAL WC 62 100.42 29.87 -24.61
CA VAL WC 62 100.24 28.71 -23.75
C VAL WC 62 98.82 28.21 -23.94
N ALA WC 63 98.66 27.00 -24.45
CA ALA WC 63 97.36 26.46 -24.81
C ALA WC 63 97.17 25.09 -24.17
N SER WC 64 95.94 24.82 -23.74
CA SER WC 64 95.60 23.53 -23.16
C SER WC 64 94.99 22.62 -24.21
N ARG WC 65 94.93 21.32 -23.88
CA ARG WC 65 94.44 20.32 -24.81
C ARG WC 65 92.97 19.99 -24.62
N PHE WC 66 92.36 20.41 -23.51
CA PHE WC 66 90.98 20.05 -23.21
C PHE WC 66 90.05 20.38 -24.37
N ASN WC 67 88.89 19.73 -24.39
CA ASN WC 67 87.89 19.91 -25.43
C ASN WC 67 88.42 19.56 -26.82
N HIS WC 68 89.48 18.76 -26.88
CA HIS WC 68 89.91 18.15 -28.12
C HIS WC 68 90.40 19.18 -29.14
N ALA WC 69 89.56 19.55 -30.12
CA ALA WC 69 89.98 20.32 -31.27
C ALA WC 69 89.61 21.79 -31.20
N LEU WC 70 88.80 22.22 -30.22
CA LEU WC 70 88.36 23.61 -30.19
C LEU WC 70 89.53 24.54 -29.94
N VAL WC 71 90.51 24.10 -29.15
CA VAL WC 71 91.68 24.94 -28.88
C VAL WC 71 92.49 25.15 -30.16
N ASP WC 72 92.57 24.13 -31.01
CA ASP WC 72 93.30 24.28 -32.27
C ASP WC 72 92.72 25.40 -33.11
N ARG WC 73 91.40 25.60 -33.03
CA ARG WC 73 90.78 26.73 -33.72
C ARG WC 73 91.24 28.05 -33.12
N LEU WC 74 91.35 28.12 -31.79
CA LEU WC 74 91.77 29.35 -31.13
C LEU WC 74 93.23 29.64 -31.39
N VAL WC 75 94.09 28.63 -31.36
CA VAL WC 75 95.51 28.84 -31.62
C VAL WC 75 95.73 29.29 -33.06
N GLU WC 76 94.93 28.78 -33.99
CA GLU WC 76 95.05 29.21 -35.38
C GLU WC 76 94.74 30.70 -35.52
N GLY WC 77 93.72 31.18 -34.83
CA GLY WC 77 93.38 32.58 -34.88
C GLY WC 77 94.47 33.48 -34.32
N ALA WC 78 95.14 33.02 -33.26
CA ALA WC 78 96.18 33.83 -32.64
C ALA WC 78 97.33 34.08 -33.60
N ILE WC 79 97.80 33.03 -34.28
CA ILE WC 79 98.93 33.18 -35.17
C ILE WC 79 98.55 34.04 -36.38
N ASP WC 80 97.31 33.90 -36.85
CA ASP WC 80 96.88 34.70 -37.99
C ASP WC 80 96.95 36.19 -37.67
N CYS WC 81 96.60 36.56 -36.45
CA CYS WC 81 96.67 37.96 -36.05
C CYS WC 81 98.10 38.47 -36.08
N ILE WC 82 99.05 37.68 -35.58
CA ILE WC 82 100.43 38.15 -35.47
C ILE WC 82 101.07 38.27 -36.86
N VAL WC 83 100.82 37.31 -37.73
CA VAL WC 83 101.46 37.33 -39.04
C VAL WC 83 100.91 38.45 -39.90
N ARG WC 84 99.60 38.67 -39.86
CA ARG WC 84 98.98 39.65 -40.74
C ARG WC 84 99.18 41.08 -40.27
N HIS WC 85 99.57 41.30 -39.01
CA HIS WC 85 99.88 42.63 -38.52
C HIS WC 85 101.35 42.99 -38.63
N GLY WC 86 102.15 42.13 -39.25
CA GLY WC 86 103.56 42.42 -39.50
C GLY WC 86 104.55 41.53 -38.79
N GLY WC 87 104.10 40.62 -37.92
CA GLY WC 87 105.03 39.78 -37.20
C GLY WC 87 105.54 38.61 -38.01
N ARG WC 88 106.55 37.96 -37.47
CA ARG WC 88 107.20 36.81 -38.10
C ARG WC 88 106.93 35.56 -37.28
N GLU WC 89 106.64 34.46 -37.98
CA GLU WC 89 106.31 33.21 -37.31
C GLU WC 89 107.52 32.55 -36.63
N GLU WC 90 108.73 33.01 -36.91
CA GLU WC 90 109.91 32.53 -36.21
C GLU WC 90 110.03 33.12 -34.80
N ASP WC 91 109.19 34.08 -34.44
CA ASP WC 91 109.28 34.78 -33.17
C ASP WC 91 108.18 34.36 -32.19
N ILE WC 92 107.47 33.27 -32.45
CA ILE WC 92 106.43 32.75 -31.58
C ILE WC 92 106.97 31.50 -30.89
N THR WC 93 106.56 31.29 -29.64
CA THR WC 93 106.89 30.08 -28.88
C THR WC 93 105.61 29.48 -28.36
N LEU WC 94 105.39 28.20 -28.66
CA LEU WC 94 104.17 27.50 -28.29
C LEU WC 94 104.47 26.47 -27.22
N VAL WC 95 103.69 26.51 -26.13
CA VAL WC 95 103.80 25.56 -25.04
C VAL WC 95 102.41 24.95 -24.83
N ARG WC 96 102.34 23.63 -24.71
CA ARG WC 96 101.08 22.92 -24.57
C ARG WC 96 101.02 22.22 -23.22
N VAL WC 97 99.89 22.36 -22.53
CA VAL WC 97 99.71 21.82 -21.18
C VAL WC 97 98.49 20.91 -21.17
N PRO WC 98 98.38 19.99 -20.21
CA PRO WC 98 97.28 19.01 -20.26
C PRO WC 98 95.91 19.62 -20.02
N GLY WC 99 95.76 20.49 -19.03
CA GLY WC 99 94.45 21.04 -18.69
C GLY WC 99 94.55 22.49 -18.30
N SER WC 100 93.38 23.06 -17.99
CA SER WC 100 93.31 24.47 -17.63
C SER WC 100 94.01 24.74 -16.30
N TRP WC 101 93.95 23.77 -15.38
CA TRP WC 101 94.59 23.94 -14.07
C TRP WC 101 96.09 24.17 -14.19
N GLU WC 102 96.71 23.77 -15.30
CA GLU WC 102 98.15 23.83 -15.45
C GLU WC 102 98.64 25.09 -16.18
N ILE WC 103 97.73 25.96 -16.62
CA ILE WC 103 98.12 27.12 -17.41
C ILE WC 103 98.97 28.10 -16.61
N PRO WC 104 98.59 28.47 -15.37
CA PRO WC 104 99.38 29.48 -14.66
C PRO WC 104 100.83 29.10 -14.41
N VAL WC 105 101.12 27.85 -14.06
CA VAL WC 105 102.50 27.49 -13.77
C VAL WC 105 103.34 27.49 -15.03
N ALA WC 106 102.78 27.05 -16.15
CA ALA WC 106 103.50 27.08 -17.41
C ALA WC 106 103.73 28.51 -17.88
N ALA WC 107 102.75 29.39 -17.65
CA ALA WC 107 102.89 30.79 -18.07
C ALA WC 107 104.01 31.48 -17.31
N GLY WC 108 104.14 31.19 -16.01
CA GLY WC 108 105.19 31.83 -15.23
C GLY WC 108 106.58 31.51 -15.75
N GLU WC 109 106.82 30.26 -16.12
CA GLU WC 109 108.11 29.89 -16.68
C GLU WC 109 108.40 30.64 -17.98
N LEU WC 110 107.38 30.76 -18.83
CA LEU WC 110 107.53 31.39 -20.13
C LEU WC 110 107.65 32.91 -20.05
N ALA WC 111 107.16 33.53 -18.97
CA ALA WC 111 107.20 34.97 -18.81
C ALA WC 111 108.41 35.44 -18.01
N ARG WC 112 109.31 34.54 -17.63
CA ARG WC 112 110.49 34.89 -16.84
C ARG WC 112 111.75 34.97 -17.68
N LYS WC 113 111.65 34.86 -19.00
CA LYS WC 113 112.79 34.97 -19.89
C LYS WC 113 112.74 36.28 -20.66
N GLU WC 114 113.91 36.89 -20.83
CA GLU WC 114 113.98 38.27 -21.31
C GLU WC 114 113.62 38.41 -22.77
N ASP WC 115 113.62 37.32 -23.54
CA ASP WC 115 113.32 37.41 -24.96
C ASP WC 115 111.83 37.57 -25.23
N ILE WC 116 110.97 37.22 -24.30
CA ILE WC 116 109.53 37.29 -24.48
C ILE WC 116 109.04 38.68 -24.09
N ASP WC 117 108.12 39.22 -24.88
CA ASP WC 117 107.54 40.54 -24.62
C ASP WC 117 106.12 40.47 -24.08
N ALA WC 118 105.32 39.49 -24.50
CA ALA WC 118 103.99 39.31 -23.96
C ALA WC 118 103.59 37.84 -24.09
N VAL WC 119 102.65 37.43 -23.24
CA VAL WC 119 102.21 36.04 -23.16
C VAL WC 119 100.70 36.00 -23.36
N ILE WC 120 100.23 34.99 -24.09
CA ILE WC 120 98.81 34.80 -24.39
C ILE WC 120 98.38 33.45 -23.85
N ALA WC 121 97.27 33.42 -23.13
CA ALA WC 121 96.74 32.20 -22.53
C ALA WC 121 95.42 31.82 -23.17
N ILE WC 122 95.31 30.58 -23.63
CA ILE WC 122 94.14 30.09 -24.35
C ILE WC 122 93.72 28.76 -23.74
N GLY WC 123 92.41 28.55 -23.65
CA GLY WC 123 91.90 27.30 -23.13
C GLY WC 123 90.40 27.27 -23.12
N VAL WC 124 89.86 26.12 -22.75
CA VAL WC 124 88.43 25.88 -22.67
C VAL WC 124 88.10 25.32 -21.29
N LEU WC 125 87.07 25.86 -20.66
CA LEU WC 125 86.62 25.41 -19.35
C LEU WC 125 85.28 24.69 -19.46
N ILE WC 126 85.01 23.84 -18.49
CA ILE WC 126 83.80 23.04 -18.45
C ILE WC 126 82.82 23.67 -17.48
N ARG WC 127 81.53 23.47 -17.74
CA ARG WC 127 80.46 24.04 -16.94
C ARG WC 127 79.50 22.94 -16.48
N GLY WC 128 80.06 21.89 -15.89
CA GLY WC 128 79.28 20.75 -15.46
C GLY WC 128 78.48 20.97 -14.19
N ALA WC 129 78.51 22.18 -13.62
CA ALA WC 129 77.75 22.50 -12.41
C ALA WC 129 78.16 21.57 -11.26
N THR WC 130 79.46 21.40 -11.09
CA THR WC 130 80.03 20.57 -10.04
C THR WC 130 81.08 21.36 -9.29
N PRO WC 131 81.26 21.10 -7.99
CA PRO WC 131 82.36 21.77 -7.27
C PRO WC 131 83.73 21.50 -7.85
N HIS WC 132 83.92 20.35 -8.51
CA HIS WC 132 85.21 20.04 -9.09
C HIS WC 132 85.62 21.08 -10.13
N PHE WC 133 84.68 21.50 -10.98
CA PHE WC 133 84.98 22.48 -12.02
C PHE WC 133 84.83 23.92 -11.53
N ASP WC 134 83.94 24.18 -10.59
CA ASP WC 134 83.72 25.56 -10.13
C ASP WC 134 84.96 26.10 -9.43
N TYR WC 135 85.65 25.26 -8.67
CA TYR WC 135 86.85 25.71 -7.98
C TYR WC 135 88.02 25.86 -8.95
N ILE WC 136 88.16 24.94 -9.90
CA ILE WC 136 89.25 25.05 -10.87
C ILE WC 136 89.12 26.34 -11.67
N ALA WC 137 87.89 26.73 -11.99
CA ALA WC 137 87.71 27.90 -12.84
C ALA WC 137 88.25 29.16 -12.17
N SER WC 138 87.99 29.32 -10.87
CA SER WC 138 88.40 30.55 -10.19
C SER WC 138 89.92 30.68 -10.12
N GLU WC 139 90.62 29.58 -9.91
CA GLU WC 139 92.05 29.65 -9.67
C GLU WC 139 92.82 30.00 -10.94
N VAL WC 140 92.30 29.65 -12.11
CA VAL WC 140 92.99 29.98 -13.35
C VAL WC 140 93.08 31.48 -13.52
N SER WC 141 92.00 32.20 -13.23
CA SER WC 141 91.99 33.65 -13.40
C SER WC 141 92.89 34.34 -12.38
N LYS WC 142 92.83 33.90 -11.12
CA LYS WC 142 93.60 34.59 -10.08
C LYS WC 142 95.10 34.44 -10.29
N GLY WC 143 95.54 33.27 -10.74
CA GLY WC 143 96.97 33.07 -10.92
C GLY WC 143 97.55 33.94 -12.01
N LEU WC 144 96.86 34.02 -13.15
CA LEU WC 144 97.36 34.85 -14.25
C LEU WC 144 97.33 36.33 -13.88
N ALA WC 145 96.37 36.74 -13.06
CA ALA WC 145 96.30 38.13 -12.64
C ALA WC 145 97.48 38.49 -11.75
N ASN WC 146 97.78 37.65 -10.77
CA ASN WC 146 98.89 37.93 -9.86
C ASN WC 146 100.22 37.90 -10.59
N LEU WC 147 100.38 36.97 -11.53
CA LEU WC 147 101.66 36.79 -12.19
C LEU WC 147 102.05 38.00 -13.03
N SER WC 148 101.07 38.69 -13.61
CA SER WC 148 101.38 39.87 -14.41
C SER WC 148 101.82 41.04 -13.53
N LEU WC 149 101.29 41.12 -12.31
CA LEU WC 149 101.70 42.17 -11.38
C LEU WC 149 103.06 41.88 -10.75
N GLU WC 150 103.34 40.61 -10.46
CA GLU WC 150 104.63 40.26 -9.87
C GLU WC 150 105.78 40.52 -10.83
N LEU WC 151 105.63 40.12 -12.08
CA LEU WC 151 106.71 40.21 -13.06
C LEU WC 151 106.66 41.46 -13.92
N ARG WC 152 105.59 42.25 -13.84
CA ARG WC 152 105.46 43.48 -14.61
C ARG WC 152 105.56 43.20 -16.11
N LYS WC 153 104.78 42.22 -16.58
CA LYS WC 153 104.72 41.85 -17.99
C LYS WC 153 103.26 41.61 -18.34
N PRO WC 154 102.81 42.03 -19.53
CA PRO WC 154 101.40 41.84 -19.88
C PRO WC 154 101.08 40.40 -20.24
N ILE WC 155 100.01 39.88 -19.63
CA ILE WC 155 99.49 38.54 -19.91
C ILE WC 155 98.01 38.66 -20.21
N THR WC 156 97.57 38.07 -21.32
CA THR WC 156 96.23 38.25 -21.82
C THR WC 156 95.40 37.00 -21.59
N PHE WC 157 94.09 37.21 -21.38
CA PHE WC 157 93.16 36.17 -20.98
C PHE WC 157 92.30 35.79 -22.17
N GLY WC 158 92.41 34.54 -22.60
CA GLY WC 158 91.65 34.06 -23.73
C GLY WC 158 90.94 32.74 -23.48
N VAL WC 159 90.45 32.54 -22.26
CA VAL WC 159 89.81 31.29 -21.86
C VAL WC 159 88.30 31.44 -22.03
N ILE WC 160 87.70 30.49 -22.74
CA ILE WC 160 86.26 30.48 -22.97
C ILE WC 160 85.65 29.31 -22.20
N THR WC 161 84.33 29.22 -22.24
CA THR WC 161 83.58 28.16 -21.60
C THR WC 161 82.86 27.32 -22.64
N ALA WC 162 82.78 26.02 -22.38
CA ALA WC 162 82.09 25.09 -23.27
C ALA WC 162 82.68 25.13 -24.68
N GLY XC 15 75.61 62.96 -11.42
CA GLY XC 15 76.92 63.16 -12.01
C GLY XC 15 77.49 61.89 -12.61
N ASN XC 16 78.80 61.87 -12.79
CA ASN XC 16 79.50 60.74 -13.38
C ASN XC 16 80.69 60.36 -12.49
N LYS XC 17 81.01 59.06 -12.50
CA LYS XC 17 82.09 58.57 -11.66
C LYS XC 17 83.44 59.16 -12.03
N GLY XC 18 83.56 59.73 -13.22
CA GLY XC 18 84.80 60.43 -13.55
C GLY XC 18 85.04 61.62 -12.64
N TRP XC 19 83.99 62.40 -12.37
CA TRP XC 19 84.11 63.53 -11.47
C TRP XC 19 84.35 63.07 -10.04
N GLU XC 20 83.64 62.04 -9.60
CA GLU XC 20 83.78 61.56 -8.22
C GLU XC 20 85.16 60.99 -7.98
N ALA XC 21 85.70 60.25 -8.95
CA ALA XC 21 87.00 59.62 -8.78
C ALA XC 21 88.12 60.66 -8.72
N ALA XC 22 87.96 61.79 -9.40
CA ALA XC 22 88.97 62.84 -9.35
C ALA XC 22 88.90 63.63 -8.05
N LEU XC 23 87.71 63.81 -7.48
CA LEU XC 23 87.58 64.46 -6.19
C LEU XC 23 88.30 63.66 -5.09
N SER XC 24 88.09 62.34 -5.07
CA SER XC 24 88.73 61.52 -4.05
C SER XC 24 90.24 61.58 -4.18
N ALA XC 25 90.76 61.56 -5.41
CA ALA XC 25 92.20 61.61 -5.61
C ALA XC 25 92.78 62.93 -5.14
N ILE XC 26 92.08 64.04 -5.35
CA ILE XC 26 92.61 65.33 -4.94
C ILE XC 26 92.70 65.41 -3.42
N GLU XC 27 91.71 64.84 -2.72
CA GLU XC 27 91.70 64.94 -1.27
C GLU XC 27 92.75 64.04 -0.63
N MET XC 28 92.92 62.82 -1.15
CA MET XC 28 93.95 61.93 -0.60
C MET XC 28 95.35 62.43 -0.89
N ALA XC 29 95.56 63.09 -2.01
CA ALA XC 29 96.89 63.64 -2.30
C ALA XC 29 97.27 64.72 -1.30
N ASN XC 30 96.29 65.50 -0.86
CA ASN XC 30 96.55 66.53 0.15
C ASN XC 30 96.71 65.94 1.54
N LEU XC 31 95.98 64.86 1.83
CA LEU XC 31 96.06 64.23 3.15
C LEU XC 31 97.45 63.63 3.38
N PHE XC 32 98.05 63.05 2.34
CA PHE XC 32 99.34 62.41 2.50
C PHE XC 32 100.48 63.40 2.63
N LYS XC 33 100.27 64.66 2.24
CA LYS XC 33 101.30 65.67 2.45
C LYS XC 33 101.38 66.08 3.91
N SER XC 34 100.23 66.29 4.56
CA SER XC 34 100.22 66.70 5.94
C SER XC 34 100.55 65.54 6.88
N LEU XC 35 100.14 64.33 6.51
CA LEU XC 35 100.40 63.17 7.35
C LEU XC 35 101.87 62.78 7.35
N ARG XC 36 102.61 63.15 6.31
CA ARG XC 36 104.04 62.86 6.22
C ARG XC 36 104.91 64.03 6.66
N GLY XC 37 104.31 65.12 7.13
CA GLY XC 37 105.04 66.26 7.61
C GLY XC 37 105.20 66.24 9.12
N THR XC 38 105.54 67.41 9.67
CA THR XC 38 105.70 67.53 11.12
C THR XC 38 104.34 67.40 11.80
N GLY XC 39 104.34 66.71 12.94
CA GLY XC 39 103.12 66.53 13.70
C GLY XC 39 102.78 67.74 14.56
N GLY XC 40 101.60 67.67 15.18
CA GLY XC 40 101.17 68.75 16.05
C GLY XC 40 102.00 68.84 17.31
N SER XC 41 102.12 70.06 17.83
CA SER XC 41 102.89 70.27 19.05
C SER XC 41 102.28 69.54 20.23
N GLY XC 42 100.96 69.59 20.36
CA GLY XC 42 100.24 68.95 21.44
C GLY XC 42 99.15 69.86 21.96
N SER XC 43 98.68 69.56 23.16
CA SER XC 43 97.67 70.32 23.90
C SER XC 43 96.26 70.06 23.36
N SER XC 44 96.08 69.15 22.41
CA SER XC 44 94.75 68.83 21.91
C SER XC 44 94.87 67.60 21.02
N MET XC 45 93.71 67.02 20.71
CA MET XC 45 93.66 65.90 19.77
C MET XC 45 94.04 66.37 18.38
N GLU XC 46 94.80 65.54 17.67
CA GLU XC 46 95.29 65.88 16.33
C GLU XC 46 94.33 65.33 15.28
N ILE XC 47 93.89 66.20 14.37
CA ILE XC 47 92.97 65.83 13.30
C ILE XC 47 93.65 66.16 11.97
N TYR XC 48 93.64 65.19 11.06
CA TYR XC 48 94.19 65.36 9.72
C TYR XC 48 93.06 65.28 8.71
N GLU XC 49 92.99 66.27 7.82
CA GLU XC 49 91.96 66.35 6.80
C GLU XC 49 92.61 66.83 5.51
N GLY XC 50 91.92 66.57 4.40
CA GLY XC 50 92.40 66.95 3.07
C GLY XC 50 91.56 68.09 2.50
N LYS XC 51 92.27 69.12 2.05
CA LYS XC 51 91.63 70.24 1.37
C LYS XC 51 91.36 69.91 -0.09
N LEU XC 52 90.40 70.63 -0.67
CA LEU XC 52 90.04 70.45 -2.07
C LEU XC 52 90.69 71.54 -2.93
N THR XC 53 92.02 71.54 -2.92
CA THR XC 53 92.82 72.42 -3.75
C THR XC 53 93.87 71.58 -4.46
N ALA XC 54 94.02 71.80 -5.77
CA ALA XC 54 94.87 70.97 -6.62
C ALA XC 54 95.96 71.80 -7.27
N GLU XC 55 96.60 72.67 -6.52
CA GLU XC 55 97.65 73.55 -7.04
C GLU XC 55 99.00 72.95 -6.68
N GLY XC 56 99.72 72.47 -7.70
CA GLY XC 56 101.03 71.89 -7.51
C GLY XC 56 101.09 70.39 -7.41
N LEU XC 57 100.02 69.69 -7.78
CA LEU XC 57 99.96 68.23 -7.69
C LEU XC 57 99.92 67.62 -9.09
N ARG XC 58 100.51 66.44 -9.22
CA ARG XC 58 100.54 65.68 -10.46
C ARG XC 58 99.59 64.50 -10.36
N PHE XC 59 99.01 64.13 -11.50
CA PHE XC 59 98.02 63.06 -11.54
C PHE XC 59 98.28 62.16 -12.74
N GLY XC 60 97.86 60.91 -12.61
CA GLY XC 60 97.85 59.98 -13.74
C GLY XC 60 96.49 59.34 -13.87
N ILE XC 61 96.10 59.06 -15.11
CA ILE XC 61 94.81 58.47 -15.42
C ILE XC 61 95.01 57.26 -16.31
N VAL XC 62 94.35 56.15 -15.97
CA VAL XC 62 94.34 54.94 -16.78
C VAL XC 62 92.90 54.64 -17.15
N ALA XC 63 92.61 54.65 -18.44
CA ALA XC 63 91.26 54.46 -18.95
C ALA XC 63 91.27 53.43 -20.06
N SER XC 64 90.32 52.50 -20.00
CA SER XC 64 90.20 51.47 -21.03
C SER XC 64 89.50 52.04 -22.26
N ARG XC 65 89.25 51.18 -23.24
CA ARG XC 65 88.71 51.59 -24.52
C ARG XC 65 87.35 51.01 -24.83
N PHE XC 66 87.02 49.83 -24.33
CA PHE XC 66 85.73 49.22 -24.63
C PHE XC 66 84.61 50.18 -24.26
N ASN XC 67 83.48 50.03 -24.94
CA ASN XC 67 82.36 50.96 -24.84
C ASN XC 67 82.84 52.38 -25.20
N HIS XC 68 83.23 52.50 -26.47
CA HIS XC 68 83.87 53.68 -27.01
C HIS XC 68 83.28 54.99 -26.48
N ALA XC 69 81.95 55.10 -26.50
CA ALA XC 69 81.32 56.39 -26.17
C ALA XC 69 81.42 56.70 -24.68
N LEU XC 70 81.13 55.72 -23.82
CA LEU XC 70 81.02 56.00 -22.40
C LEU XC 70 82.33 56.50 -21.82
N VAL XC 71 83.41 55.76 -22.04
CA VAL XC 71 84.66 56.05 -21.33
C VAL XC 71 85.18 57.43 -21.68
N ASP XC 72 84.88 57.92 -22.88
CA ASP XC 72 85.34 59.24 -23.28
C ASP XC 72 84.66 60.33 -22.43
N ARG XC 73 83.40 60.11 -22.06
CA ARG XC 73 82.72 61.07 -21.18
C ARG XC 73 83.32 61.07 -19.79
N LEU XC 74 83.70 59.89 -19.28
CA LEU XC 74 84.29 59.81 -17.95
C LEU XC 74 85.64 60.51 -17.89
N VAL XC 75 86.45 60.36 -18.93
CA VAL XC 75 87.77 60.98 -18.92
C VAL XC 75 87.67 62.49 -18.98
N GLU XC 76 86.69 63.02 -19.72
CA GLU XC 76 86.49 64.46 -19.76
C GLU XC 76 86.06 64.99 -18.40
N GLY XC 77 85.22 64.24 -17.68
CA GLY XC 77 84.83 64.66 -16.35
C GLY XC 77 86.01 64.77 -15.41
N ALA XC 78 86.92 63.80 -15.45
CA ALA XC 78 88.05 63.81 -14.54
C ALA XC 78 88.98 65.00 -14.81
N ILE XC 79 89.22 65.32 -16.08
CA ILE XC 79 90.11 66.43 -16.39
C ILE XC 79 89.46 67.76 -16.01
N ASP XC 80 88.15 67.87 -16.20
CA ASP XC 80 87.45 69.10 -15.84
C ASP XC 80 87.54 69.36 -14.35
N CYS XC 81 87.43 68.31 -13.53
CA CYS XC 81 87.50 68.49 -12.09
C CYS XC 81 88.86 69.04 -11.67
N ILE XC 82 89.94 68.50 -12.23
CA ILE XC 82 91.28 68.91 -11.80
C ILE XC 82 91.55 70.35 -12.19
N VAL XC 83 91.21 70.72 -13.43
CA VAL XC 83 91.55 72.05 -13.93
C VAL XC 83 90.77 73.12 -13.19
N ARG XC 84 89.52 72.85 -12.86
CA ARG XC 84 88.69 73.85 -12.19
C ARG XC 84 88.98 73.97 -10.71
N HIS XC 85 89.81 73.10 -10.13
CA HIS XC 85 90.22 73.21 -8.74
C HIS XC 85 91.60 73.83 -8.59
N GLY XC 86 92.23 74.24 -9.69
CA GLY XC 86 93.52 74.89 -9.65
C GLY XC 86 94.65 74.12 -10.30
N GLY XC 87 94.39 72.91 -10.79
CA GLY XC 87 95.42 72.13 -11.43
C GLY XC 87 95.76 72.65 -12.81
N ARG XC 88 96.87 72.14 -13.34
CA ARG XC 88 97.36 72.48 -14.66
C ARG XC 88 97.25 71.27 -15.57
N GLU XC 89 96.78 71.50 -16.79
CA GLU XC 89 96.66 70.41 -17.75
C GLU XC 89 98.01 69.85 -18.13
N GLU XC 90 99.10 70.58 -17.88
CA GLU XC 90 100.43 70.08 -18.17
C GLU XC 90 100.89 69.04 -17.16
N ASP XC 91 100.21 68.93 -16.02
CA ASP XC 91 100.57 68.00 -14.96
C ASP XC 91 99.62 66.81 -14.88
N ILE XC 92 99.15 66.34 -16.04
CA ILE XC 92 98.30 65.16 -16.12
C ILE XC 92 98.90 64.21 -17.14
N THR XC 93 98.95 62.92 -16.80
CA THR XC 93 99.41 61.86 -17.69
C THR XC 93 98.24 60.94 -17.98
N LEU XC 94 98.06 60.57 -19.24
CA LEU XC 94 96.96 59.73 -19.67
C LEU XC 94 97.50 58.50 -20.39
N VAL XC 95 97.03 57.32 -20.00
CA VAL XC 95 97.42 56.05 -20.59
C VAL XC 95 96.15 55.30 -20.99
N ARG XC 96 96.11 54.83 -22.24
CA ARG XC 96 94.98 54.07 -22.76
C ARG XC 96 95.35 52.59 -22.87
N VAL XC 97 94.40 51.73 -22.55
CA VAL XC 97 94.60 50.28 -22.60
C VAL XC 97 93.42 49.65 -23.33
N PRO XC 98 93.60 48.44 -23.86
CA PRO XC 98 92.51 47.82 -24.64
C PRO XC 98 91.25 47.55 -23.84
N GLY XC 99 91.37 46.90 -22.69
CA GLY XC 99 90.20 46.49 -21.93
C GLY XC 99 90.39 46.61 -20.44
N SER XC 100 89.39 46.15 -19.67
CA SER XC 100 89.46 46.24 -18.22
C SER XC 100 90.51 45.31 -17.65
N TRP XC 101 90.73 44.16 -18.28
CA TRP XC 101 91.72 43.22 -17.79
C TRP XC 101 93.10 43.84 -17.70
N GLU XC 102 93.40 44.83 -18.54
CA GLU XC 102 94.72 45.41 -18.61
C GLU XC 102 94.92 46.60 -17.68
N ILE XC 103 93.87 47.09 -17.00
CA ILE XC 103 94.01 48.27 -16.16
C ILE XC 103 95.02 48.07 -15.04
N PRO XC 104 94.96 47.00 -14.23
CA PRO XC 104 95.88 46.91 -13.08
C PRO XC 104 97.35 46.91 -13.46
N VAL XC 105 97.71 46.28 -14.58
CA VAL XC 105 99.14 46.18 -14.92
C VAL XC 105 99.68 47.55 -15.31
N ALA XC 106 98.90 48.33 -16.04
CA ALA XC 106 99.34 49.67 -16.42
C ALA XC 106 99.39 50.60 -15.22
N ALA XC 107 98.46 50.45 -14.27
CA ALA XC 107 98.47 51.29 -13.08
C ALA XC 107 99.74 51.11 -12.27
N GLY XC 108 100.31 49.91 -12.28
CA GLY XC 108 101.55 49.68 -11.55
C GLY XC 108 102.69 50.52 -12.08
N GLU XC 109 102.80 50.65 -13.41
CA GLU XC 109 103.88 51.43 -13.99
C GLU XC 109 103.77 52.90 -13.62
N LEU XC 110 102.56 53.46 -13.68
CA LEU XC 110 102.39 54.86 -13.31
C LEU XC 110 102.66 55.10 -11.84
N ALA XC 111 102.20 54.19 -10.97
CA ALA XC 111 102.36 54.39 -9.54
C ALA XC 111 103.81 54.33 -9.10
N ARG XC 112 104.68 53.69 -9.86
CA ARG XC 112 106.08 53.54 -9.48
C ARG XC 112 106.93 54.73 -9.89
N LYS XC 113 106.36 55.72 -10.58
CA LYS XC 113 107.08 56.94 -10.88
C LYS XC 113 107.09 57.86 -9.66
N GLU XC 114 108.14 58.67 -9.55
CA GLU XC 114 108.35 59.53 -8.40
C GLU XC 114 107.78 60.93 -8.57
N ASP XC 115 107.11 61.21 -9.69
CA ASP XC 115 106.51 62.51 -9.95
C ASP XC 115 104.99 62.43 -10.08
N ILE XC 116 104.37 61.39 -9.53
CA ILE XC 116 102.92 61.24 -9.54
C ILE XC 116 102.43 61.08 -8.12
N ASP XC 117 101.38 61.83 -7.77
CA ASP XC 117 100.84 61.83 -6.42
C ASP XC 117 99.65 60.92 -6.24
N ALA XC 118 98.87 60.68 -7.30
CA ALA XC 118 97.73 59.77 -7.20
C ALA XC 118 97.38 59.29 -8.61
N VAL XC 119 96.64 58.19 -8.66
CA VAL XC 119 96.25 57.56 -9.91
C VAL XC 119 94.74 57.34 -9.90
N ILE XC 120 94.11 57.55 -11.05
CA ILE XC 120 92.67 57.40 -11.23
C ILE XC 120 92.45 56.32 -12.29
N ALA XC 121 91.64 55.31 -11.96
CA ALA XC 121 91.36 54.20 -12.86
C ALA XC 121 89.91 54.27 -13.32
N ILE XC 122 89.70 54.27 -14.65
CA ILE XC 122 88.39 54.38 -15.26
C ILE XC 122 88.20 53.24 -16.23
N GLY XC 123 86.95 52.80 -16.38
CA GLY XC 123 86.64 51.70 -17.27
C GLY XC 123 85.21 51.28 -17.12
N VAL XC 124 84.79 50.40 -18.03
CA VAL XC 124 83.42 49.89 -18.07
C VAL XC 124 83.49 48.37 -18.07
N LEU XC 125 82.78 47.74 -17.15
CA LEU XC 125 82.64 46.29 -17.09
C LEU XC 125 81.33 45.89 -17.74
N ILE XC 126 81.38 44.87 -18.60
CA ILE XC 126 80.23 44.50 -19.42
C ILE XC 126 79.61 43.21 -18.91
N ARG XC 127 79.70 42.99 -17.60
CA ARG XC 127 79.04 41.84 -16.99
C ARG XC 127 77.56 41.83 -17.36
N GLY XC 128 76.98 40.63 -17.38
CA GLY XC 128 75.60 40.46 -17.75
C GLY XC 128 75.33 39.17 -18.50
N ALA XC 129 76.39 38.60 -19.09
CA ALA XC 129 76.30 37.33 -19.80
C ALA XC 129 77.71 36.90 -20.14
N THR XC 130 77.83 35.80 -20.88
CA THR XC 130 79.14 35.34 -21.35
C THR XC 130 80.10 35.17 -20.17
N PRO XC 131 80.01 34.07 -19.40
CA PRO XC 131 80.81 33.92 -18.18
C PRO XC 131 82.30 34.24 -18.33
N HIS XC 132 82.79 34.34 -19.57
CA HIS XC 132 84.14 34.84 -19.80
C HIS XC 132 84.36 36.17 -19.09
N PHE XC 133 83.34 37.04 -19.09
CA PHE XC 133 83.47 38.37 -18.51
C PHE XC 133 83.13 38.42 -17.02
N ASP XC 134 82.60 37.35 -16.44
CA ASP XC 134 82.32 37.35 -15.01
C ASP XC 134 83.59 37.18 -14.18
N TYR XC 135 84.60 36.51 -14.73
CA TYR XC 135 85.86 36.34 -14.03
C TYR XC 135 86.71 37.60 -14.09
N ILE XC 136 86.66 38.32 -15.20
CA ILE XC 136 87.43 39.55 -15.34
C ILE XC 136 87.00 40.57 -14.30
N ALA XC 137 85.71 40.62 -13.99
CA ALA XC 137 85.19 41.65 -13.10
C ALA XC 137 85.83 41.54 -11.72
N SER XC 138 85.98 40.33 -11.20
CA SER XC 138 86.48 40.15 -9.84
C SER XC 138 87.97 40.44 -9.71
N GLU XC 139 88.72 40.37 -10.82
CA GLU XC 139 90.17 40.50 -10.73
C GLU XC 139 90.65 41.94 -10.82
N VAL XC 140 89.85 42.84 -11.39
CA VAL XC 140 90.28 44.24 -11.50
C VAL XC 140 90.31 44.90 -10.14
N SER XC 141 89.29 44.66 -9.31
CA SER XC 141 89.27 45.22 -7.97
C SER XC 141 90.42 44.69 -7.12
N LYS XC 142 90.67 43.38 -7.18
CA LYS XC 142 91.73 42.78 -6.37
C LYS XC 142 93.08 43.40 -6.70
N GLY XC 143 93.38 43.56 -7.98
CA GLY XC 143 94.68 44.09 -8.36
C GLY XC 143 94.88 45.52 -7.92
N LEU XC 144 93.86 46.37 -8.09
CA LEU XC 144 93.99 47.77 -7.72
C LEU XC 144 94.15 47.93 -6.21
N ALA XC 145 93.42 47.12 -5.43
CA ALA XC 145 93.51 47.22 -3.98
C ALA XC 145 94.90 46.84 -3.49
N ASN XC 146 95.47 45.77 -4.01
CA ASN XC 146 96.79 45.33 -3.55
C ASN XC 146 97.87 46.32 -3.93
N LEU XC 147 97.78 46.91 -5.12
CA LEU XC 147 98.78 47.87 -5.56
C LEU XC 147 98.84 49.08 -4.62
N SER XC 148 97.68 49.58 -4.20
CA SER XC 148 97.65 50.75 -3.32
C SER XC 148 98.37 50.45 -2.01
N LEU XC 149 98.12 49.29 -1.43
CA LEU XC 149 98.77 48.93 -0.17
C LEU XC 149 100.25 48.65 -0.36
N GLU XC 150 100.63 48.02 -1.47
CA GLU XC 150 102.03 47.67 -1.69
C GLU XC 150 102.88 48.91 -1.93
N LEU XC 151 102.43 49.80 -2.80
CA LEU XC 151 103.21 50.97 -3.18
C LEU XC 151 102.99 52.15 -2.25
N ARG XC 152 101.94 52.11 -1.43
CA ARG XC 152 101.64 53.20 -0.50
C ARG XC 152 101.32 54.49 -1.24
N LYS XC 153 100.44 54.38 -2.24
CA LYS XC 153 99.97 55.50 -3.01
C LYS XC 153 98.47 55.34 -3.21
N PRO XC 154 97.69 56.42 -3.19
CA PRO XC 154 96.23 56.27 -3.36
C PRO XC 154 95.87 56.03 -4.82
N ILE XC 155 95.09 54.98 -5.06
CA ILE XC 155 94.53 54.66 -6.37
C ILE XC 155 93.02 54.64 -6.23
N THR XC 156 92.34 55.44 -7.04
CA THR XC 156 90.90 55.61 -6.93
C THR XC 156 90.18 54.75 -7.98
N PHE XC 157 89.00 54.27 -7.60
CA PHE XC 157 88.22 53.33 -8.39
C PHE XC 157 87.11 54.06 -9.11
N GLY XC 158 87.17 54.08 -10.44
CA GLY XC 158 86.18 54.76 -11.25
C GLY XC 158 85.55 53.88 -12.31
N VAL XC 159 85.22 52.64 -11.96
CA VAL XC 159 84.76 51.64 -12.91
C VAL XC 159 83.27 51.41 -12.71
N ILE XC 160 82.50 51.50 -13.80
CA ILE XC 160 81.05 51.34 -13.76
C ILE XC 160 80.65 50.09 -14.52
N THR XC 161 79.37 49.76 -14.50
CA THR XC 161 78.83 48.57 -15.13
C THR XC 161 77.73 48.95 -16.10
N ALA XC 162 77.78 48.39 -17.31
CA ALA XC 162 76.80 48.69 -18.34
C ALA XC 162 75.68 47.67 -18.34
N GLY YC 15 75.77 49.65 23.20
CA GLY YC 15 75.88 50.94 22.54
C GLY YC 15 76.07 50.82 21.05
N ASN YC 16 76.54 51.89 20.43
CA ASN YC 16 76.79 51.88 18.99
C ASN YC 16 78.09 51.15 18.68
N LYS YC 17 78.26 50.79 17.41
CA LYS YC 17 79.41 49.99 17.01
C LYS YC 17 80.71 50.76 17.13
N GLY YC 18 80.67 52.09 17.22
CA GLY YC 18 81.88 52.82 17.56
C GLY YC 18 82.31 52.55 18.99
N TRP YC 19 81.34 52.36 19.89
CA TRP YC 19 81.64 51.95 21.25
C TRP YC 19 82.16 50.52 21.29
N GLU YC 20 81.47 49.61 20.61
CA GLU YC 20 81.89 48.21 20.63
C GLU YC 20 83.28 48.03 20.04
N ALA YC 21 83.58 48.74 18.96
CA ALA YC 21 84.88 48.59 18.32
C ALA YC 21 86.01 49.09 19.22
N ALA YC 22 85.78 50.18 19.94
CA ALA YC 22 86.84 50.76 20.75
C ALA YC 22 87.20 49.87 21.94
N LEU YC 23 86.24 49.13 22.49
CA LEU YC 23 86.56 48.23 23.59
C LEU YC 23 87.55 47.15 23.18
N SER YC 24 87.33 46.54 22.02
CA SER YC 24 88.21 45.47 21.57
C SER YC 24 89.63 45.96 21.38
N ALA YC 25 89.80 47.24 21.04
CA ALA YC 25 91.14 47.79 20.90
C ALA YC 25 91.81 47.95 22.25
N ILE YC 26 91.05 48.35 23.27
CA ILE YC 26 91.60 48.47 24.62
C ILE YC 26 92.04 47.11 25.13
N GLU YC 27 91.20 46.08 24.93
CA GLU YC 27 91.51 44.76 25.44
C GLU YC 27 92.70 44.15 24.69
N MET YC 28 92.72 44.28 23.36
CA MET YC 28 93.77 43.65 22.59
C MET YC 28 95.10 44.38 22.74
N ALA YC 29 95.09 45.69 22.95
CA ALA YC 29 96.34 46.40 23.16
C ALA YC 29 96.99 46.02 24.47
N ASN YC 30 96.19 45.69 25.49
CA ASN YC 30 96.75 45.23 26.76
C ASN YC 30 97.28 43.81 26.64
N LEU YC 31 96.58 42.96 25.91
CA LEU YC 31 96.99 41.56 25.78
C LEU YC 31 98.36 41.45 25.15
N PHE YC 32 98.63 42.27 24.13
CA PHE YC 32 99.93 42.19 23.46
C PHE YC 32 101.07 42.55 24.40
N LYS YC 33 100.92 43.63 25.18
CA LYS YC 33 101.98 44.01 26.10
C LYS YC 33 102.33 42.88 27.07
N SER YC 34 101.34 42.05 27.43
CA SER YC 34 101.63 40.93 28.31
C SER YC 34 102.36 39.82 27.58
N LEU YC 35 101.98 39.54 26.33
CA LEU YC 35 102.59 38.44 25.59
C LEU YC 35 104.07 38.70 25.35
N ARG YC 36 104.42 39.91 24.93
CA ARG YC 36 105.82 40.26 24.67
C ARG YC 36 106.39 41.00 25.88
N GLY YC 37 106.57 40.24 26.95
CA GLY YC 37 107.11 40.79 28.18
C GLY YC 37 107.54 39.67 29.11
N THR YC 38 107.41 39.92 30.40
CA THR YC 38 107.79 38.93 31.40
C THR YC 38 106.81 37.76 31.39
N GLY YC 39 107.30 36.61 31.86
CA GLY YC 39 106.48 35.42 31.92
C GLY YC 39 105.55 35.41 33.11
N GLY YC 40 104.75 34.34 33.20
CA GLY YC 40 103.79 34.17 34.26
C GLY YC 40 104.41 33.52 35.48
N SER YC 41 103.53 33.01 36.35
CA SER YC 41 103.99 32.36 37.57
C SER YC 41 104.81 31.11 37.25
N GLY YC 42 104.38 30.33 36.26
CA GLY YC 42 105.08 29.12 35.88
C GLY YC 42 104.61 27.91 36.66
N SER YC 43 105.10 26.75 36.21
CA SER YC 43 104.76 25.46 36.80
C SER YC 43 103.29 25.10 36.64
N SER YC 44 102.59 25.76 35.72
CA SER YC 44 101.19 25.49 35.47
C SER YC 44 100.80 26.19 34.17
N MET YC 45 99.56 25.96 33.74
CA MET YC 45 99.05 26.57 32.53
C MET YC 45 99.05 28.09 32.66
N GLU YC 46 99.41 28.78 31.58
CA GLU YC 46 99.40 30.23 31.52
C GLU YC 46 98.17 30.68 30.77
N ILE YC 47 97.29 31.43 31.44
CA ILE YC 47 96.09 31.99 30.84
C ILE YC 47 96.31 33.49 30.66
N TYR YC 48 96.01 33.98 29.46
CA TYR YC 48 96.21 35.38 29.11
C TYR YC 48 94.87 36.05 28.85
N GLU YC 49 94.82 37.35 29.14
CA GLU YC 49 93.61 38.14 29.00
C GLU YC 49 93.97 39.61 29.19
N GLY YC 50 93.19 40.48 28.58
CA GLY YC 50 93.42 41.92 28.63
C GLY YC 50 92.38 42.59 29.51
N LYS YC 51 92.81 43.56 30.30
CA LYS YC 51 91.92 44.34 31.12
C LYS YC 51 91.42 45.57 30.35
N LEU YC 52 90.42 46.23 30.91
CA LEU YC 52 89.77 47.36 30.25
C LEU YC 52 90.28 48.71 30.76
N THR YC 53 91.57 48.78 31.09
CA THR YC 53 92.24 50.02 31.39
C THR YC 53 92.87 50.58 30.11
N ALA YC 54 93.02 51.90 30.07
CA ALA YC 54 93.52 52.55 28.85
C ALA YC 54 94.49 53.68 29.14
N GLU YC 55 95.01 53.78 30.35
CA GLU YC 55 95.97 54.83 30.68
C GLU YC 55 97.34 54.46 30.12
N GLY YC 56 97.91 55.36 29.32
CA GLY YC 56 99.20 55.17 28.71
C GLY YC 56 99.17 54.65 27.28
N LEU YC 57 98.01 54.28 26.76
CA LEU YC 57 97.89 53.74 25.42
C LEU YC 57 97.66 54.85 24.40
N ARG YC 58 98.13 54.61 23.18
CA ARG YC 58 97.95 55.51 22.05
C ARG YC 58 97.07 54.83 21.01
N PHE YC 59 96.19 55.60 20.37
CA PHE YC 59 95.19 55.07 19.47
C PHE YC 59 95.13 55.89 18.18
N GLY YC 60 94.59 55.28 17.14
CA GLY YC 60 94.32 55.96 15.90
C GLY YC 60 92.98 55.56 15.32
N ILE YC 61 92.18 56.54 14.87
CA ILE YC 61 90.85 56.28 14.33
C ILE YC 61 90.83 56.76 12.89
N VAL YC 62 90.34 55.91 11.99
CA VAL YC 62 90.16 56.23 10.58
C VAL YC 62 88.68 56.11 10.25
N ALA YC 63 88.08 57.20 9.78
CA ALA YC 63 86.65 57.28 9.55
C ALA YC 63 86.37 57.84 8.16
N SER YC 64 85.30 57.33 7.54
CA SER YC 64 84.90 57.75 6.21
C SER YC 64 83.87 58.87 6.30
N ARG YC 65 83.29 59.25 5.16
CA ARG YC 65 82.28 60.30 5.10
C ARG YC 65 81.06 59.78 4.38
N PHE YC 66 79.91 59.88 5.05
CA PHE YC 66 78.62 59.45 4.51
C PHE YC 66 77.60 60.45 5.05
N ASN YC 67 77.00 61.24 4.16
CA ASN YC 67 76.34 62.49 4.55
C ASN YC 67 77.19 63.17 5.61
N HIS YC 68 76.57 63.74 6.64
CA HIS YC 68 77.35 64.36 7.72
C HIS YC 68 76.80 64.02 9.10
N ALA YC 69 76.04 62.93 9.24
CA ALA YC 69 75.37 62.65 10.50
C ALA YC 69 75.63 61.24 11.04
N LEU YC 70 75.59 60.21 10.20
CA LEU YC 70 75.54 58.84 10.69
C LEU YC 70 76.91 58.30 11.09
N VAL YC 71 78.00 58.94 10.69
CA VAL YC 71 79.34 58.49 11.03
C VAL YC 71 79.89 59.38 12.13
N ASP YC 72 79.38 60.61 12.22
CA ASP YC 72 79.76 61.47 13.33
C ASP YC 72 79.36 60.86 14.66
N ARG YC 73 78.20 60.19 14.71
CA ARG YC 73 77.79 59.53 15.93
C ARG YC 73 78.73 58.39 16.29
N LEU YC 74 79.13 57.58 15.31
CA LEU YC 74 79.99 56.44 15.61
C LEU YC 74 81.38 56.88 16.03
N VAL YC 75 81.88 57.99 15.50
CA VAL YC 75 83.18 58.50 15.92
C VAL YC 75 83.11 59.05 17.34
N GLU YC 76 82.02 59.73 17.69
CA GLU YC 76 81.89 60.26 19.04
C GLU YC 76 81.74 59.14 20.05
N GLY YC 77 81.03 58.07 19.69
CA GLY YC 77 80.95 56.93 20.59
C GLY YC 77 82.28 56.28 20.85
N ALA YC 78 83.17 56.30 19.85
CA ALA YC 78 84.50 55.70 20.03
C ALA YC 78 85.35 56.53 20.97
N ILE YC 79 85.39 57.85 20.77
CA ILE YC 79 86.24 58.69 21.61
C ILE YC 79 85.76 58.68 23.05
N ASP YC 80 84.45 58.58 23.27
CA ASP YC 80 83.92 58.53 24.62
C ASP YC 80 84.42 57.29 25.37
N CYS YC 81 84.49 56.15 24.69
CA CYS YC 81 84.92 54.92 25.33
C CYS YC 81 86.36 55.03 25.83
N ILE YC 82 87.24 55.61 25.03
CA ILE YC 82 88.64 55.70 25.39
C ILE YC 82 88.82 56.66 26.57
N VAL YC 83 88.18 57.82 26.52
CA VAL YC 83 88.40 58.83 27.55
C VAL YC 83 87.80 58.39 28.88
N ARG YC 84 86.63 57.77 28.86
CA ARG YC 84 86.01 57.34 30.11
C ARG YC 84 86.73 56.16 30.74
N HIS YC 85 87.30 55.27 29.93
CA HIS YC 85 88.06 54.13 30.45
C HIS YC 85 89.50 54.49 30.78
N GLY YC 86 89.84 55.78 30.84
CA GLY YC 86 91.09 56.24 31.40
C GLY YC 86 92.05 56.90 30.44
N GLY YC 87 91.75 56.93 29.14
CA GLY YC 87 92.69 57.44 28.18
C GLY YC 87 92.73 58.96 28.13
N ARG YC 88 93.74 59.46 27.43
CA ARG YC 88 93.94 60.89 27.24
C ARG YC 88 93.55 61.28 25.82
N GLU YC 89 93.03 62.49 25.68
CA GLU YC 89 92.74 63.02 24.35
C GLU YC 89 94.01 63.38 23.59
N GLU YC 90 95.09 63.68 24.30
CA GLU YC 90 96.36 63.96 23.65
C GLU YC 90 96.84 62.79 22.82
N ASP YC 91 96.42 61.58 23.16
CA ASP YC 91 96.93 60.34 22.60
C ASP YC 91 95.94 59.69 21.66
N ILE YC 92 95.20 60.49 20.90
CA ILE YC 92 94.31 59.99 19.85
C ILE YC 92 94.59 60.80 18.59
N THR YC 93 94.67 60.10 17.45
CA THR YC 93 94.82 60.71 16.14
C THR YC 93 93.63 60.30 15.30
N LEU YC 94 92.97 61.28 14.68
CA LEU YC 94 91.76 61.04 13.88
C LEU YC 94 92.04 61.45 12.43
N VAL YC 95 91.70 60.57 11.49
CA VAL YC 95 91.91 60.81 10.06
C VAL YC 95 90.58 60.60 9.34
N ARG YC 96 90.23 61.53 8.46
CA ARG YC 96 89.02 61.45 7.65
C ARG YC 96 89.38 61.18 6.19
N VAL YC 97 88.63 60.29 5.55
CA VAL YC 97 88.90 59.89 4.17
C VAL YC 97 87.61 59.98 3.36
N PRO YC 98 87.71 60.12 2.03
CA PRO YC 98 86.51 60.30 1.22
C PRO YC 98 85.49 59.19 1.30
N GLY YC 99 85.92 57.93 1.38
CA GLY YC 99 84.96 56.84 1.32
C GLY YC 99 85.55 55.54 1.83
N SER YC 100 84.73 54.50 1.75
CA SER YC 100 85.13 53.20 2.30
C SER YC 100 86.33 52.62 1.55
N TRP YC 101 86.36 52.81 0.23
CA TRP YC 101 87.45 52.25 -0.57
C TRP YC 101 88.81 52.75 -0.14
N GLU YC 102 88.88 53.92 0.49
CA GLU YC 102 90.14 54.55 0.84
C GLU YC 102 90.61 54.21 2.25
N ILE YC 103 89.84 53.45 3.02
CA ILE YC 103 90.22 53.17 4.40
C ILE YC 103 91.52 52.37 4.48
N PRO YC 104 91.69 51.24 3.78
CA PRO YC 104 92.90 50.43 3.98
C PRO YC 104 94.21 51.17 3.73
N VAL YC 105 94.27 52.04 2.72
CA VAL YC 105 95.52 52.75 2.47
C VAL YC 105 95.81 53.74 3.59
N ALA YC 106 94.77 54.34 4.17
CA ALA YC 106 94.97 55.28 5.28
C ALA YC 106 95.28 54.53 6.56
N ALA YC 107 94.69 53.35 6.76
CA ALA YC 107 95.00 52.56 7.94
C ALA YC 107 96.46 52.10 7.95
N GLY YC 108 97.02 51.86 6.77
CA GLY YC 108 98.40 51.41 6.70
C GLY YC 108 99.37 52.45 7.24
N GLU YC 109 99.14 53.72 6.93
CA GLU YC 109 100.06 54.76 7.35
C GLU YC 109 100.14 54.87 8.86
N LEU YC 110 99.00 54.79 9.54
CA LEU YC 110 98.99 54.88 10.99
C LEU YC 110 99.62 53.65 11.64
N ALA YC 111 99.28 52.46 11.14
CA ALA YC 111 99.77 51.23 11.77
C ALA YC 111 101.27 51.08 11.67
N ARG YC 112 101.92 51.80 10.74
CA ARG YC 112 103.37 51.75 10.62
C ARG YC 112 104.08 52.71 11.56
N LYS YC 113 103.36 53.55 12.28
CA LYS YC 113 103.98 54.49 13.21
C LYS YC 113 104.34 53.76 14.50
N GLU YC 114 105.53 54.04 15.02
CA GLU YC 114 106.03 53.34 16.19
C GLU YC 114 105.25 53.67 17.45
N ASP YC 115 104.50 54.78 17.46
CA ASP YC 115 103.82 55.27 18.65
C ASP YC 115 102.30 55.10 18.58
N ILE YC 116 101.84 54.03 17.95
CA ILE YC 116 100.42 53.68 17.90
C ILE YC 116 100.29 52.22 18.27
N ASP YC 117 99.31 51.90 19.11
CA ASP YC 117 99.15 50.56 19.66
C ASP YC 117 97.99 49.79 19.04
N ALA YC 118 96.96 50.47 18.55
CA ALA YC 118 95.87 49.83 17.83
C ALA YC 118 95.19 50.88 16.97
N VAL YC 119 94.37 50.41 16.03
CA VAL YC 119 93.70 51.26 15.06
C VAL YC 119 92.24 50.82 14.95
N ILE YC 120 91.33 51.80 14.95
CA ILE YC 120 89.90 51.56 14.81
C ILE YC 120 89.45 52.10 13.46
N ALA YC 121 88.71 51.29 12.70
CA ALA YC 121 88.20 51.66 11.39
C ALA YC 121 86.68 51.74 11.43
N ILE YC 122 86.14 52.88 11.03
CA ILE YC 122 84.71 53.13 11.08
C ILE YC 122 84.25 53.53 9.68
N GLY YC 123 83.16 52.93 9.22
CA GLY YC 123 82.68 53.24 7.88
C GLY YC 123 81.25 52.82 7.69
N VAL YC 124 80.75 53.08 6.49
CA VAL YC 124 79.38 52.77 6.09
C VAL YC 124 79.44 52.09 4.74
N LEU YC 125 78.93 50.86 4.66
CA LEU YC 125 78.79 50.14 3.40
C LEU YC 125 77.34 50.20 2.96
N ILE YC 126 77.13 50.67 1.73
CA ILE YC 126 75.78 50.88 1.22
C ILE YC 126 75.44 49.77 0.25
N ARG YC 127 76.02 48.59 0.47
CA ARG YC 127 75.79 47.45 -0.40
C ARG YC 127 74.29 47.14 -0.49
N GLY YC 128 73.94 46.37 -1.51
CA GLY YC 128 72.56 46.05 -1.78
C GLY YC 128 71.82 47.04 -2.63
N ALA YC 129 72.53 47.94 -3.32
CA ALA YC 129 71.91 48.98 -4.14
C ALA YC 129 72.23 48.81 -5.62
N THR YC 130 73.50 48.80 -5.98
CA THR YC 130 73.92 48.78 -7.38
C THR YC 130 75.34 48.27 -7.45
N PRO YC 131 75.74 47.66 -8.57
CA PRO YC 131 77.18 47.39 -8.75
C PRO YC 131 77.98 48.68 -8.66
N HIS YC 132 79.30 48.52 -8.61
CA HIS YC 132 80.28 49.52 -8.18
C HIS YC 132 80.35 49.59 -6.66
N PHE YC 133 79.44 48.94 -5.94
CA PHE YC 133 79.45 48.93 -4.49
C PHE YC 133 79.43 47.53 -3.90
N ASP YC 134 79.00 46.52 -4.65
CA ASP YC 134 79.19 45.14 -4.23
C ASP YC 134 80.64 44.70 -4.40
N TYR YC 135 81.43 45.44 -5.18
CA TYR YC 135 82.85 45.13 -5.33
C TYR YC 135 83.71 45.85 -4.32
N ILE YC 136 83.31 47.05 -3.90
CA ILE YC 136 84.09 47.79 -2.91
C ILE YC 136 84.03 47.10 -1.57
N ALA YC 137 82.87 46.55 -1.20
CA ALA YC 137 82.71 45.97 0.12
C ALA YC 137 83.66 44.80 0.34
N SER YC 138 83.82 43.94 -0.67
CA SER YC 138 84.63 42.74 -0.51
C SER YC 138 86.10 43.09 -0.32
N GLU YC 139 86.57 44.21 -0.86
CA GLU YC 139 87.98 44.56 -0.77
C GLU YC 139 88.33 45.28 0.53
N VAL YC 140 87.36 45.92 1.19
CA VAL YC 140 87.66 46.64 2.41
C VAL YC 140 87.97 45.67 3.55
N SER YC 141 87.22 44.58 3.65
CA SER YC 141 87.46 43.60 4.71
C SER YC 141 88.80 42.90 4.53
N LYS YC 142 89.16 42.58 3.28
CA LYS YC 142 90.41 41.86 3.04
C LYS YC 142 91.62 42.70 3.36
N GLY YC 143 91.60 43.99 3.05
CA GLY YC 143 92.76 44.82 3.28
C GLY YC 143 93.10 44.98 4.74
N LEU YC 144 92.08 45.21 5.57
CA LEU YC 144 92.33 45.33 7.00
C LEU YC 144 92.80 44.00 7.59
N ALA YC 145 92.24 42.88 7.12
CA ALA YC 145 92.69 41.58 7.61
C ALA YC 145 94.16 41.35 7.29
N ASN YC 146 94.58 41.66 6.07
CA ASN YC 146 95.96 41.43 5.69
C ASN YC 146 96.91 42.35 6.46
N LEU YC 147 96.51 43.59 6.68
CA LEU YC 147 97.41 44.55 7.32
C LEU YC 147 97.77 44.11 8.73
N SER YC 148 96.80 43.57 9.47
CA SER YC 148 97.08 43.15 10.83
C SER YC 148 98.07 41.98 10.87
N LEU YC 149 97.89 41.00 10.00
CA LEU YC 149 98.80 39.86 9.98
C LEU YC 149 100.16 40.21 9.42
N GLU YC 150 100.29 41.34 8.72
CA GLU YC 150 101.56 41.73 8.11
C GLU YC 150 102.34 42.70 8.96
N LEU YC 151 101.68 43.53 9.77
CA LEU YC 151 102.34 44.50 10.61
C LEU YC 151 102.31 44.12 12.09
N ARG YC 152 101.53 43.12 12.48
CA ARG YC 152 101.48 42.65 13.85
C ARG YC 152 100.97 43.74 14.80
N LYS YC 153 99.88 44.38 14.39
CA LYS YC 153 99.23 45.40 15.19
C LYS YC 153 97.73 45.18 15.00
N PRO YC 154 96.95 45.05 16.07
CA PRO YC 154 95.53 44.77 15.91
C PRO YC 154 94.78 45.94 15.26
N ILE YC 155 93.76 45.58 14.47
CA ILE YC 155 92.90 46.54 13.81
C ILE YC 155 91.47 46.03 13.96
N THR YC 156 90.56 46.90 14.40
CA THR YC 156 89.21 46.53 14.73
C THR YC 156 88.24 47.06 13.69
N PHE YC 157 87.15 46.33 13.48
CA PHE YC 157 86.23 46.54 12.38
C PHE YC 157 84.95 47.17 12.91
N GLY YC 158 84.61 48.35 12.39
CA GLY YC 158 83.49 49.12 12.89
C GLY YC 158 82.54 49.61 11.82
N VAL YC 159 82.24 48.80 10.82
CA VAL YC 159 81.47 49.22 9.66
C VAL YC 159 80.01 48.82 9.83
N ILE YC 160 79.11 49.74 9.48
CA ILE YC 160 77.68 49.50 9.49
C ILE YC 160 77.21 49.31 8.05
N THR YC 161 75.95 48.92 7.90
CA THR YC 161 75.30 48.82 6.60
C THR YC 161 74.16 49.83 6.54
N ALA YC 162 74.20 50.71 5.55
CA ALA YC 162 73.17 51.74 5.39
C ALA YC 162 71.82 51.10 5.10
N ASN ZC 16 82.90 17.88 21.91
CA ASN ZC 16 82.38 17.35 20.66
C ASN ZC 16 83.38 17.54 19.53
N LYS ZC 17 83.52 18.78 19.08
CA LYS ZC 17 84.47 19.13 18.03
C LYS ZC 17 85.74 19.75 18.58
N GLY ZC 18 85.94 19.69 19.89
CA GLY ZC 18 87.15 20.22 20.50
C GLY ZC 18 88.26 19.18 20.54
N TRP ZC 19 87.89 17.94 20.83
CA TRP ZC 19 88.89 16.87 20.84
C TRP ZC 19 89.35 16.53 19.43
N GLU ZC 20 88.46 16.65 18.44
CA GLU ZC 20 88.84 16.35 17.07
C GLU ZC 20 89.94 17.30 16.59
N ALA ZC 21 89.83 18.58 16.92
CA ALA ZC 21 90.91 19.51 16.62
C ALA ZC 21 92.19 19.11 17.34
N ALA ZC 22 92.08 18.66 18.59
CA ALA ZC 22 93.27 18.26 19.34
C ALA ZC 22 93.95 17.07 18.70
N LEU ZC 23 93.17 16.07 18.26
CA LEU ZC 23 93.77 14.90 17.62
C LEU ZC 23 94.59 15.30 16.40
N SER ZC 24 94.01 16.14 15.53
CA SER ZC 24 94.69 16.51 14.29
C SER ZC 24 95.99 17.24 14.57
N ALA ZC 25 96.01 18.07 15.61
CA ALA ZC 25 97.23 18.80 15.95
C ALA ZC 25 98.35 17.85 16.35
N ILE ZC 26 98.01 16.79 17.09
CA ILE ZC 26 99.03 15.84 17.54
C ILE ZC 26 99.64 15.10 16.35
N GLU ZC 27 98.78 14.58 15.48
CA GLU ZC 27 99.29 13.82 14.33
C GLU ZC 27 100.17 14.69 13.45
N MET ZC 28 99.72 15.89 13.13
CA MET ZC 28 100.49 16.77 12.26
C MET ZC 28 101.81 17.15 12.89
N ALA ZC 29 101.81 17.45 14.19
CA ALA ZC 29 103.05 17.85 14.85
C ALA ZC 29 104.08 16.74 14.79
N ASN ZC 30 103.65 15.50 15.02
CA ASN ZC 30 104.57 14.37 14.95
C ASN ZC 30 105.01 14.10 13.51
N LEU ZC 31 104.09 14.25 12.55
CA LEU ZC 31 104.40 13.96 11.15
C LEU ZC 31 105.56 14.83 10.68
N PHE ZC 32 105.60 16.09 11.10
CA PHE ZC 32 106.61 17.01 10.60
C PHE ZC 32 107.99 16.65 11.15
N LYS ZC 33 108.05 16.06 12.35
CA LYS ZC 33 109.33 15.58 12.86
C LYS ZC 33 109.89 14.48 11.97
N SER ZC 34 109.03 13.59 11.47
CA SER ZC 34 109.47 12.53 10.59
C SER ZC 34 110.06 13.09 9.30
N LEU ZC 35 109.35 14.02 8.67
CA LEU ZC 35 109.79 14.53 7.38
C LEU ZC 35 111.13 15.23 7.49
N ARG ZC 36 111.33 16.01 8.55
CA ARG ZC 36 112.57 16.77 8.70
C ARG ZC 36 113.77 15.85 8.79
N GLY ZC 37 113.60 14.63 9.30
CA GLY ZC 37 114.70 13.72 9.44
C GLY ZC 37 115.15 13.13 8.11
N THR ZC 38 116.28 12.43 8.16
CA THR ZC 38 116.84 11.83 6.97
C THR ZC 38 115.98 10.66 6.50
N GLY ZC 39 116.06 10.37 5.21
CA GLY ZC 39 115.28 9.29 4.65
C GLY ZC 39 115.79 7.92 5.08
N GLY ZC 40 114.94 6.92 4.88
CA GLY ZC 40 115.25 5.55 5.24
C GLY ZC 40 115.91 4.78 4.12
N SER ZC 41 115.78 3.46 4.20
CA SER ZC 41 116.36 2.58 3.20
C SER ZC 41 115.55 1.29 3.15
N GLY ZC 42 115.72 0.55 2.05
CA GLY ZC 42 115.00 -0.69 1.87
C GLY ZC 42 114.59 -0.92 0.42
N SER ZC 43 114.69 0.12 -0.41
CA SER ZC 43 114.34 0.03 -1.83
C SER ZC 43 112.87 -0.36 -2.00
N SER ZC 44 112.00 0.45 -1.40
CA SER ZC 44 110.56 0.23 -1.52
C SER ZC 44 109.86 1.55 -1.25
N MET ZC 45 108.55 1.56 -1.47
CA MET ZC 45 107.75 2.76 -1.24
C MET ZC 45 107.85 3.20 0.21
N GLU ZC 46 108.13 4.48 0.41
CA GLU ZC 46 108.28 5.05 1.74
C GLU ZC 46 106.96 5.70 2.14
N ILE ZC 47 106.31 5.14 3.15
CA ILE ZC 47 105.04 5.64 3.65
C ILE ZC 47 105.31 6.41 4.93
N TYR ZC 48 104.86 7.67 4.96
CA TYR ZC 48 104.98 8.52 6.14
C TYR ZC 48 103.62 8.67 6.80
N GLU ZC 49 103.62 8.71 8.14
CA GLU ZC 49 102.41 8.97 8.89
C GLU ZC 49 102.80 9.43 10.28
N GLY ZC 50 101.84 10.01 10.98
CA GLY ZC 50 102.07 10.58 12.30
C GLY ZC 50 101.52 9.68 13.40
N LYS ZC 51 102.24 9.67 14.53
CA LYS ZC 51 101.85 8.91 15.70
C LYS ZC 51 101.00 9.78 16.63
N LEU ZC 52 100.23 9.12 17.49
CA LEU ZC 52 99.28 9.79 18.36
C LEU ZC 52 99.85 10.09 19.75
N THR ZC 53 101.14 9.87 19.97
CA THR ZC 53 101.74 10.27 21.23
C THR ZC 53 101.79 11.79 21.33
N ALA ZC 54 101.77 12.29 22.56
CA ALA ZC 54 101.76 13.73 22.81
C ALA ZC 54 102.92 14.21 23.66
N GLU ZC 55 103.80 13.32 24.10
CA GLU ZC 55 104.84 13.71 25.05
C GLU ZC 55 105.87 14.62 24.38
N GLY ZC 56 106.32 15.61 25.13
CA GLY ZC 56 107.35 16.50 24.63
C GLY ZC 56 106.89 17.49 23.59
N LEU ZC 57 105.62 17.86 23.60
CA LEU ZC 57 105.04 18.78 22.63
C LEU ZC 57 104.42 19.96 23.33
N ARG ZC 58 104.63 21.15 22.76
CA ARG ZC 58 104.10 22.40 23.27
C ARG ZC 58 102.97 22.85 22.37
N PHE ZC 59 101.83 23.17 22.97
CA PHE ZC 59 100.63 23.53 22.24
C PHE ZC 59 100.22 24.96 22.56
N GLY ZC 60 99.25 25.46 21.79
CA GLY ZC 60 98.66 26.76 22.05
C GLY ZC 60 97.21 26.72 21.67
N ILE ZC 61 96.39 27.47 22.40
CA ILE ZC 61 94.97 27.55 22.14
C ILE ZC 61 94.54 29.01 22.16
N VAL ZC 62 93.74 29.41 21.17
CA VAL ZC 62 93.13 30.73 21.11
C VAL ZC 62 91.62 30.53 21.04
N ALA ZC 63 90.88 31.18 21.93
CA ALA ZC 63 89.44 31.03 22.03
C ALA ZC 63 88.78 32.40 22.17
N SER ZC 64 87.49 32.45 21.85
CA SER ZC 64 86.71 33.68 21.86
C SER ZC 64 85.65 33.64 22.94
N ARG ZC 65 85.26 34.82 23.42
CA ARG ZC 65 84.33 34.93 24.54
C ARG ZC 65 82.87 35.01 24.11
N PHE ZC 66 82.59 35.12 22.82
CA PHE ZC 66 81.20 35.14 22.36
C PHE ZC 66 80.56 33.79 22.61
N ASN ZC 67 79.32 33.81 23.09
CA ASN ZC 67 78.59 32.59 23.43
C ASN ZC 67 79.46 31.66 24.27
N HIS ZC 68 79.93 32.18 25.39
CA HIS ZC 68 80.92 31.47 26.20
C HIS ZC 68 80.38 30.15 26.74
N ALA ZC 69 79.06 29.96 26.74
CA ALA ZC 69 78.50 28.71 27.22
C ALA ZC 69 78.99 27.53 26.38
N LEU ZC 70 78.84 27.62 25.05
CA LEU ZC 70 79.27 26.55 24.18
C LEU ZC 70 80.78 26.50 24.01
N VAL ZC 71 81.44 27.66 24.06
CA VAL ZC 71 82.89 27.68 23.85
C VAL ZC 71 83.62 27.03 25.02
N ASP ZC 72 83.14 27.25 26.24
CA ASP ZC 72 83.82 26.70 27.41
C ASP ZC 72 83.88 25.18 27.35
N ARG ZC 73 82.81 24.55 26.90
CA ARG ZC 73 82.81 23.10 26.76
C ARG ZC 73 83.89 22.64 25.79
N LEU ZC 74 83.99 23.29 24.64
CA LEU ZC 74 84.96 22.88 23.63
C LEU ZC 74 86.39 23.05 24.12
N VAL ZC 75 86.67 24.15 24.82
CA VAL ZC 75 88.04 24.40 25.27
C VAL ZC 75 88.49 23.31 26.22
N GLU ZC 76 87.62 22.92 27.16
CA GLU ZC 76 87.99 21.88 28.11
C GLU ZC 76 88.29 20.57 27.39
N GLY ZC 77 87.46 20.20 26.41
CA GLY ZC 77 87.69 18.96 25.69
C GLY ZC 77 89.05 18.92 25.02
N ALA ZC 78 89.56 20.08 24.63
CA ALA ZC 78 90.88 20.13 24.00
C ALA ZC 78 91.96 19.64 24.97
N ILE ZC 79 91.94 20.13 26.21
CA ILE ZC 79 92.93 19.71 27.18
C ILE ZC 79 92.70 18.26 27.59
N ASP ZC 80 91.44 17.81 27.57
CA ASP ZC 80 91.14 16.43 27.94
C ASP ZC 80 91.86 15.45 27.03
N CYS ZC 81 91.86 15.71 25.73
CA CYS ZC 81 92.45 14.77 24.78
C CYS ZC 81 93.96 14.93 24.65
N ILE ZC 82 94.54 15.98 25.24
CA ILE ZC 82 95.99 16.12 25.21
C ILE ZC 82 96.62 15.33 26.36
N VAL ZC 83 96.04 15.42 27.55
CA VAL ZC 83 96.59 14.71 28.70
C VAL ZC 83 96.49 13.21 28.50
N ARG ZC 84 95.41 12.74 27.86
CA ARG ZC 84 95.22 11.30 27.69
C ARG ZC 84 96.37 10.69 26.89
N HIS ZC 85 96.80 11.36 25.83
CA HIS ZC 85 97.87 10.86 24.98
C HIS ZC 85 99.23 11.33 25.43
N GLY ZC 86 99.38 11.66 26.71
CA GLY ZC 86 100.65 12.13 27.23
C GLY ZC 86 100.63 13.62 27.48
N GLY ZC 87 101.77 14.28 27.29
CA GLY ZC 87 101.79 15.71 27.49
C GLY ZC 87 101.55 16.06 28.94
N ARG ZC 88 101.20 17.33 29.16
CA ARG ZC 88 100.98 17.84 30.50
C ARG ZC 88 100.51 19.28 30.40
N GLU ZC 89 99.90 19.76 31.48
CA GLU ZC 89 99.34 21.11 31.49
C GLU ZC 89 100.42 22.18 31.43
N GLU ZC 90 101.65 21.85 31.81
CA GLU ZC 90 102.72 22.85 31.84
C GLU ZC 90 103.18 23.26 30.44
N ASP ZC 91 102.81 22.51 29.41
CA ASP ZC 91 103.19 22.81 28.03
C ASP ZC 91 101.98 23.28 27.22
N ILE ZC 92 101.11 24.06 27.84
CA ILE ZC 92 99.96 24.65 27.17
C ILE ZC 92 99.90 26.13 27.51
N THR ZC 93 99.60 26.95 26.50
CA THR ZC 93 99.27 28.36 26.68
C THR ZC 93 97.87 28.60 26.13
N LEU ZC 94 97.07 29.38 26.86
CA LEU ZC 94 95.72 29.69 26.45
C LEU ZC 94 95.56 31.20 26.36
N VAL ZC 95 95.01 31.67 25.24
CA VAL ZC 95 94.77 33.08 24.98
C VAL ZC 95 93.29 33.26 24.65
N ARG ZC 96 92.68 34.28 25.24
CA ARG ZC 96 91.26 34.56 25.03
C ARG ZC 96 91.12 35.95 24.40
N VAL ZC 97 90.25 36.04 23.40
CA VAL ZC 97 90.11 37.27 22.62
C VAL ZC 97 88.64 37.68 22.60
N PRO ZC 98 88.36 38.96 22.35
CA PRO ZC 98 86.97 39.43 22.41
C PRO ZC 98 86.05 38.73 21.44
N GLY ZC 99 86.50 38.44 20.23
CA GLY ZC 99 85.61 37.91 19.21
C GLY ZC 99 86.38 37.21 18.11
N SER ZC 100 85.61 36.73 17.13
CA SER ZC 100 86.19 35.95 16.04
C SER ZC 100 87.17 36.77 15.21
N TRP ZC 101 86.84 38.03 14.96
CA TRP ZC 101 87.67 38.84 14.07
C TRP ZC 101 89.10 38.94 14.56
N GLU ZC 102 89.33 38.78 15.86
CA GLU ZC 102 90.63 38.96 16.45
C GLU ZC 102 91.45 37.67 16.58
N ILE ZC 103 90.91 36.52 16.18
CA ILE ZC 103 91.66 35.27 16.32
C ILE ZC 103 92.94 35.27 15.49
N PRO ZC 104 92.91 35.56 14.18
CA PRO ZC 104 94.12 35.35 13.38
C PRO ZC 104 95.33 36.15 13.83
N VAL ZC 105 95.16 37.38 14.31
CA VAL ZC 105 96.32 38.17 14.70
C VAL ZC 105 96.96 37.58 15.95
N ALA ZC 106 96.16 37.08 16.88
CA ALA ZC 106 96.70 36.43 18.07
C ALA ZC 106 97.37 35.11 17.72
N ALA ZC 107 96.70 34.28 16.91
CA ALA ZC 107 97.28 33.00 16.53
C ALA ZC 107 98.60 33.19 15.79
N GLY ZC 108 98.77 34.31 15.11
CA GLY ZC 108 100.05 34.60 14.49
C GLY ZC 108 101.14 34.84 15.51
N GLU ZC 109 100.81 35.54 16.61
CA GLU ZC 109 101.81 35.81 17.63
C GLU ZC 109 102.30 34.52 18.28
N LEU ZC 110 101.38 33.60 18.57
CA LEU ZC 110 101.77 32.34 19.18
C LEU ZC 110 102.65 31.51 18.24
N ALA ZC 111 102.29 31.42 16.96
CA ALA ZC 111 103.00 30.54 16.05
C ALA ZC 111 104.41 31.04 15.77
N ARG ZC 112 104.63 32.34 15.77
CA ARG ZC 112 105.97 32.87 15.50
C ARG ZC 112 106.96 32.60 16.61
N LYS ZC 113 106.51 32.10 17.75
CA LYS ZC 113 107.43 31.67 18.79
C LYS ZC 113 108.21 30.44 18.32
N GLU ZC 114 109.42 30.31 18.83
CA GLU ZC 114 110.29 29.19 18.46
C GLU ZC 114 110.08 27.98 19.37
N ASP ZC 115 109.14 28.05 20.30
CA ASP ZC 115 108.89 27.00 21.28
C ASP ZC 115 107.43 26.56 21.25
N ILE ZC 116 106.84 26.51 20.06
CA ILE ZC 116 105.47 26.06 19.86
C ILE ZC 116 105.46 25.10 18.68
N ASP ZC 117 104.63 24.06 18.77
CA ASP ZC 117 104.55 23.02 17.75
C ASP ZC 117 103.23 23.00 17.00
N ALA ZC 118 102.12 23.33 17.66
CA ALA ZC 118 100.83 23.40 16.99
C ALA ZC 118 99.98 24.46 17.66
N VAL ZC 119 98.99 24.95 16.92
CA VAL ZC 119 98.04 25.93 17.42
C VAL ZC 119 96.63 25.43 17.12
N ILE ZC 120 95.74 25.59 18.09
CA ILE ZC 120 94.34 25.18 17.97
C ILE ZC 120 93.48 26.42 18.12
N ALA ZC 121 92.54 26.59 17.19
CA ALA ZC 121 91.64 27.74 17.18
C ALA ZC 121 90.22 27.28 17.42
N ILE ZC 122 89.56 27.87 18.41
CA ILE ZC 122 88.19 27.51 18.79
C ILE ZC 122 87.35 28.78 18.80
N GLY ZC 123 86.14 28.68 18.26
CA GLY ZC 123 85.26 29.84 18.23
C GLY ZC 123 83.89 29.45 17.70
N VAL ZC 124 83.01 30.45 17.66
CA VAL ZC 124 81.64 30.28 17.18
C VAL ZC 124 81.33 31.40 16.19
N LEU ZC 125 80.67 31.03 15.10
CA LEU ZC 125 80.30 31.95 14.03
C LEU ZC 125 78.79 32.07 13.96
N ILE ZC 126 78.33 33.04 13.19
CA ILE ZC 126 76.91 33.30 12.97
C ILE ZC 126 76.64 33.24 11.48
N ARG ZC 127 75.65 32.43 11.08
CA ARG ZC 127 75.29 32.25 9.68
C ARG ZC 127 74.07 33.07 9.28
N GLY ZC 128 72.96 32.92 10.01
CA GLY ZC 128 71.74 33.63 9.69
C GLY ZC 128 71.72 35.04 10.25
N ALA ZC 129 72.47 35.94 9.64
CA ALA ZC 129 72.55 37.32 10.11
C ALA ZC 129 72.75 38.22 8.89
N THR ZC 130 73.05 39.50 9.15
CA THR ZC 130 73.25 40.46 8.08
C THR ZC 130 74.58 40.20 7.38
N PRO ZC 131 74.77 40.78 6.19
CA PRO ZC 131 76.04 40.58 5.48
C PRO ZC 131 77.26 41.05 6.26
N HIS ZC 132 77.08 41.88 7.29
CA HIS ZC 132 78.20 42.30 8.11
C HIS ZC 132 78.93 41.10 8.69
N PHE ZC 133 78.17 40.16 9.27
CA PHE ZC 133 78.79 38.95 9.80
C PHE ZC 133 79.36 38.07 8.68
N ASP ZC 134 78.79 38.17 7.47
CA ASP ZC 134 79.32 37.42 6.34
C ASP ZC 134 80.71 37.90 5.91
N TYR ZC 135 81.15 39.05 6.40
CA TYR ZC 135 82.50 39.53 6.14
C TYR ZC 135 83.50 39.02 7.16
N ILE ZC 136 83.13 39.04 8.45
CA ILE ZC 136 83.99 38.46 9.47
C ILE ZC 136 84.14 36.96 9.25
N ALA ZC 137 83.08 36.31 8.78
CA ALA ZC 137 83.10 34.86 8.63
C ALA ZC 137 84.14 34.41 7.63
N SER ZC 138 84.28 35.12 6.51
CA SER ZC 138 85.18 34.66 5.46
C SER ZC 138 86.64 34.90 5.83
N GLU ZC 139 86.93 36.04 6.44
CA GLU ZC 139 88.33 36.41 6.68
C GLU ZC 139 88.99 35.52 7.72
N VAL ZC 140 88.23 35.00 8.68
CA VAL ZC 140 88.83 34.18 9.73
C VAL ZC 140 89.39 32.89 9.14
N SER ZC 141 88.64 32.25 8.25
CA SER ZC 141 89.14 31.04 7.61
C SER ZC 141 90.34 31.33 6.72
N LYS ZC 142 90.29 32.41 5.96
CA LYS ZC 142 91.38 32.72 5.03
C LYS ZC 142 92.68 33.00 5.78
N GLY ZC 143 92.61 33.76 6.85
CA GLY ZC 143 93.82 34.16 7.54
C GLY ZC 143 94.58 32.99 8.14
N LEU ZC 144 93.85 32.06 8.76
CA LEU ZC 144 94.51 30.93 9.40
C LEU ZC 144 95.21 30.05 8.39
N ALA ZC 145 94.57 29.82 7.23
CA ALA ZC 145 95.19 28.99 6.20
C ALA ZC 145 96.48 29.62 5.69
N ASN ZC 146 96.47 30.94 5.47
CA ASN ZC 146 97.67 31.61 4.96
C ASN ZC 146 98.81 31.49 5.96
N LEU ZC 147 98.53 31.64 7.25
CA LEU ZC 147 99.58 31.54 8.26
C LEU ZC 147 100.20 30.16 8.29
N SER ZC 148 99.39 29.11 8.15
CA SER ZC 148 99.90 27.75 8.25
C SER ZC 148 100.93 27.47 7.16
N LEU ZC 149 100.88 28.19 6.05
CA LEU ZC 149 101.80 27.99 4.94
C LEU ZC 149 103.00 28.92 4.99
N GLU ZC 150 102.84 30.12 5.54
CA GLU ZC 150 103.97 31.05 5.62
C GLU ZC 150 104.95 30.63 6.70
N LEU ZC 151 104.44 30.19 7.85
CA LEU ZC 151 105.29 29.81 8.98
C LEU ZC 151 105.67 28.34 8.97
N ARG ZC 152 105.07 27.52 8.09
CA ARG ZC 152 105.35 26.10 8.04
C ARG ZC 152 105.11 25.44 9.40
N LYS ZC 153 103.89 25.60 9.90
CA LYS ZC 153 103.51 25.13 11.21
C LYS ZC 153 102.01 24.87 11.22
N PRO ZC 154 101.58 23.69 11.66
CA PRO ZC 154 100.13 23.40 11.60
C PRO ZC 154 99.31 24.30 12.50
N ILE ZC 155 98.10 24.61 12.04
CA ILE ZC 155 97.13 25.41 12.76
C ILE ZC 155 95.77 24.81 12.48
N THR ZC 156 95.20 24.10 13.45
CA THR ZC 156 93.95 23.38 13.23
C THR ZC 156 92.77 24.32 13.41
N PHE ZC 157 91.66 23.96 12.76
CA PHE ZC 157 90.50 24.84 12.60
C PHE ZC 157 89.30 24.17 13.27
N GLY ZC 158 89.03 24.54 14.51
CA GLY ZC 158 87.92 23.99 15.26
C GLY ZC 158 86.69 24.87 15.34
N VAL ZC 159 86.60 25.91 14.51
CA VAL ZC 159 85.46 26.81 14.57
C VAL ZC 159 84.19 26.07 14.18
N ILE ZC 160 83.09 26.41 14.84
CA ILE ZC 160 81.79 25.80 14.56
C ILE ZC 160 80.81 26.91 14.23
N THR ZC 161 79.55 26.55 13.96
CA THR ZC 161 78.51 27.48 13.62
C THR ZC 161 77.30 27.27 14.54
N ALA ZC 162 76.52 28.33 14.69
CA ALA ZC 162 75.33 28.27 15.54
C ALA ZC 162 74.15 27.69 14.77
N THR AD 12 93.88 7.33 -19.50
CA THR AD 12 93.94 6.57 -20.73
C THR AD 12 92.68 5.73 -20.90
N LYS AD 13 92.53 4.71 -20.06
CA LYS AD 13 91.38 3.81 -20.12
C LYS AD 13 90.67 3.63 -18.78
N HIS AD 14 91.40 3.62 -17.67
CA HIS AD 14 90.78 3.30 -16.38
C HIS AD 14 89.68 4.30 -16.03
N GLY AD 15 89.99 5.59 -16.06
CA GLY AD 15 89.02 6.64 -15.93
C GLY AD 15 88.89 7.26 -14.56
N ASN AD 16 89.21 6.51 -13.49
CA ASN AD 16 89.06 7.07 -12.16
C ASN AD 16 90.05 8.22 -11.95
N LYS AD 17 89.63 9.19 -11.13
CA LYS AD 17 90.37 10.44 -11.05
C LYS AD 17 91.80 10.26 -10.58
N GLY AD 18 92.13 9.15 -9.94
CA GLY AD 18 93.52 8.87 -9.64
C GLY AD 18 94.33 8.64 -10.90
N TRP AD 19 93.77 7.91 -11.86
CA TRP AD 19 94.45 7.69 -13.13
C TRP AD 19 94.65 9.01 -13.87
N GLU AD 20 93.59 9.81 -13.98
CA GLU AD 20 93.68 11.07 -14.71
C GLU AD 20 94.66 12.02 -14.03
N ALA AD 21 94.61 12.12 -12.71
CA ALA AD 21 95.50 13.03 -12.00
C ALA AD 21 96.96 12.64 -12.19
N ALA AD 22 97.25 11.35 -12.34
CA ALA AD 22 98.63 10.92 -12.54
C ALA AD 22 99.12 11.20 -13.96
N LEU AD 23 98.23 11.15 -14.95
CA LEU AD 23 98.64 11.45 -16.32
C LEU AD 23 99.12 12.88 -16.45
N SER AD 24 98.43 13.82 -15.81
CA SER AD 24 98.86 15.21 -15.84
C SER AD 24 100.25 15.36 -15.24
N ALA AD 25 100.49 14.69 -14.11
CA ALA AD 25 101.77 14.83 -13.43
C ALA AD 25 102.92 14.31 -14.30
N ILE AD 26 102.70 13.21 -15.01
CA ILE AD 26 103.75 12.66 -15.85
C ILE AD 26 104.07 13.60 -16.99
N GLU AD 27 103.06 14.28 -17.54
CA GLU AD 27 103.27 15.17 -18.66
C GLU AD 27 103.94 16.47 -18.23
N MET AD 28 103.51 17.02 -17.10
CA MET AD 28 104.09 18.29 -16.64
C MET AD 28 105.53 18.10 -16.19
N ALA AD 29 105.86 16.93 -15.61
CA ALA AD 29 107.24 16.65 -15.23
C ALA AD 29 108.15 16.58 -16.45
N ASN AD 30 107.64 16.02 -17.55
CA ASN AD 30 108.44 15.95 -18.78
C ASN AD 30 108.57 17.32 -19.44
N LEU AD 31 107.51 18.13 -19.38
CA LEU AD 31 107.53 19.43 -20.04
C LEU AD 31 108.61 20.33 -19.46
N PHE AD 32 108.77 20.31 -18.13
CA PHE AD 32 109.69 21.24 -17.49
C PHE AD 32 111.14 20.95 -17.86
N LYS AD 33 111.51 19.67 -18.00
CA LYS AD 33 112.86 19.37 -18.45
C LYS AD 33 113.11 19.92 -19.86
N SER AD 34 112.11 19.80 -20.74
CA SER AD 34 112.26 20.36 -22.07
C SER AD 34 112.49 21.87 -22.02
N LEU AD 35 111.74 22.57 -21.18
CA LEU AD 35 111.90 24.02 -21.08
C LEU AD 35 113.28 24.39 -20.55
N ARG AD 36 113.75 23.68 -19.53
CA ARG AD 36 115.03 24.02 -18.92
C ARG AD 36 116.21 23.62 -19.79
N GLY AD 37 116.02 22.74 -20.77
CA GLY AD 37 117.13 22.25 -21.55
C GLY AD 37 117.74 23.28 -22.47
N THR AD 38 117.02 23.65 -23.52
CA THR AD 38 117.52 24.59 -24.52
C THR AD 38 116.41 24.83 -25.54
N GLY AD 39 116.64 25.81 -26.41
CA GLY AD 39 115.72 26.09 -27.49
C GLY AD 39 115.93 25.18 -28.68
N GLY AD 40 115.11 25.39 -29.70
CA GLY AD 40 115.19 24.61 -30.91
C GLY AD 40 116.31 25.06 -31.81
N SER AD 41 116.44 24.38 -32.95
CA SER AD 41 117.49 24.72 -33.90
C SER AD 41 117.31 26.13 -34.43
N GLY AD 42 116.08 26.52 -34.74
CA GLY AD 42 115.76 27.84 -35.24
C GLY AD 42 115.16 27.79 -36.62
N SER AD 43 114.88 28.98 -37.15
CA SER AD 43 114.30 29.14 -38.48
C SER AD 43 112.92 28.49 -38.59
N SER AD 44 112.22 28.41 -37.46
CA SER AD 44 110.87 27.86 -37.43
C SER AD 44 110.27 28.14 -36.06
N MET AD 45 108.99 27.82 -35.92
CA MET AD 45 108.29 28.04 -34.66
C MET AD 45 108.71 26.99 -33.64
N GLU AD 46 109.06 27.45 -32.44
CA GLU AD 46 109.47 26.55 -31.38
C GLU AD 46 108.25 25.99 -30.67
N ILE AD 47 108.25 24.68 -30.42
CA ILE AD 47 107.15 24.00 -29.75
C ILE AD 47 107.72 23.19 -28.61
N TYR AD 48 107.11 23.30 -27.43
CA TYR AD 48 107.48 22.52 -26.26
C TYR AD 48 106.28 21.68 -25.83
N GLU AD 49 106.50 20.37 -25.69
CA GLU AD 49 105.46 19.46 -25.23
C GLU AD 49 106.09 18.42 -24.33
N GLY AD 50 105.26 17.78 -23.52
CA GLY AD 50 105.66 16.67 -22.67
C GLY AD 50 105.04 15.37 -23.14
N LYS AD 51 105.80 14.29 -23.06
CA LYS AD 51 105.34 12.96 -23.45
C LYS AD 51 104.96 12.15 -22.23
N LEU AD 52 104.32 11.00 -22.49
CA LEU AD 52 103.81 10.13 -21.42
C LEU AD 52 104.77 8.96 -21.18
N THR AD 53 105.97 9.30 -20.74
CA THR AD 53 106.97 8.33 -20.32
C THR AD 53 107.44 8.68 -18.92
N ALA AD 54 107.45 7.69 -18.03
CA ALA AD 54 107.77 7.88 -16.62
C ALA AD 54 109.06 7.16 -16.23
N GLU AD 55 110.05 7.19 -17.11
CA GLU AD 55 111.32 6.52 -16.87
C GLU AD 55 112.28 7.50 -16.20
N GLY AD 56 112.51 7.30 -14.90
CA GLY AD 56 113.46 8.11 -14.17
C GLY AD 56 112.87 9.33 -13.49
N LEU AD 57 111.61 9.30 -13.11
CA LEU AD 57 110.94 10.43 -12.46
C LEU AD 57 110.54 10.04 -11.04
N ARG AD 58 110.66 10.99 -10.12
CA ARG AD 58 110.28 10.81 -8.73
C ARG AD 58 108.97 11.55 -8.46
N PHE AD 59 108.06 10.88 -7.74
CA PHE AD 59 106.74 11.41 -7.49
C PHE AD 59 106.42 11.35 -6.01
N GLY AD 60 105.52 12.23 -5.59
CA GLY AD 60 105.01 12.21 -4.24
C GLY AD 60 103.51 12.36 -4.22
N ILE AD 61 102.86 11.66 -3.30
CA ILE AD 61 101.40 11.62 -3.21
C ILE AD 61 100.98 11.98 -1.78
N VAL AD 62 100.01 12.87 -1.66
CA VAL AD 62 99.42 13.26 -0.39
C VAL AD 62 97.94 12.92 -0.44
N ALA AD 63 97.47 12.14 0.52
CA ALA AD 63 96.09 11.65 0.52
C ALA AD 63 95.50 11.74 1.92
N SER AD 64 94.22 12.11 1.98
CA SER AD 64 93.50 12.21 3.24
C SER AD 64 92.87 10.87 3.61
N ARG AD 65 92.44 10.77 4.87
CA ARG AD 65 91.92 9.53 5.41
C ARG AD 65 90.40 9.49 5.50
N PHE AD 66 89.73 10.64 5.50
CA PHE AD 66 88.28 10.66 5.53
C PHE AD 66 87.73 9.93 4.31
N ASN AD 67 86.77 9.04 4.53
CA ASN AD 67 86.26 8.16 3.48
C ASN AD 67 87.39 7.35 2.84
N HIS AD 68 88.06 6.56 3.68
CA HIS AD 68 89.17 5.75 3.20
C HIS AD 68 88.72 4.68 2.21
N ALA AD 69 87.42 4.38 2.15
CA ALA AD 69 86.94 3.40 1.18
C ALA AD 69 87.11 3.91 -0.24
N LEU AD 70 86.69 5.14 -0.50
CA LEU AD 70 86.84 5.71 -1.85
C LEU AD 70 88.27 6.18 -2.10
N VAL AD 71 88.94 6.71 -1.07
CA VAL AD 71 90.29 7.21 -1.28
C VAL AD 71 91.24 6.07 -1.63
N ASP AD 72 91.03 4.89 -1.05
CA ASP AD 72 91.97 3.79 -1.25
C ASP AD 72 92.04 3.41 -2.72
N ARG AD 73 90.91 3.36 -3.40
CA ARG AD 73 90.91 3.05 -4.83
C ARG AD 73 91.64 4.12 -5.63
N LEU AD 74 91.42 5.38 -5.29
CA LEU AD 74 92.06 6.45 -6.05
C LEU AD 74 93.57 6.40 -5.91
N VAL AD 75 94.07 6.15 -4.70
CA VAL AD 75 95.52 6.06 -4.53
C VAL AD 75 96.07 4.86 -5.28
N GLU AD 76 95.31 3.77 -5.32
CA GLU AD 76 95.74 2.63 -6.12
C GLU AD 76 95.80 2.97 -7.59
N GLY AD 77 94.78 3.66 -8.10
CA GLY AD 77 94.75 4.00 -9.52
C GLY AD 77 95.94 4.84 -9.94
N ALA AD 78 96.32 5.81 -9.10
CA ALA AD 78 97.46 6.66 -9.44
C ALA AD 78 98.75 5.86 -9.49
N ILE AD 79 98.90 4.88 -8.60
CA ILE AD 79 100.12 4.08 -8.59
C ILE AD 79 100.17 3.16 -9.80
N ASP AD 80 99.03 2.57 -10.18
CA ASP AD 80 99.00 1.73 -11.36
C ASP AD 80 99.40 2.50 -12.61
N CYS AD 81 98.93 3.74 -12.74
CA CYS AD 81 99.25 4.52 -13.92
C CYS AD 81 100.75 4.73 -14.07
N ILE AD 82 101.43 5.00 -12.96
CA ILE AD 82 102.86 5.30 -13.04
C ILE AD 82 103.65 4.07 -13.48
N VAL AD 83 103.33 2.90 -12.95
CA VAL AD 83 104.08 1.70 -13.29
C VAL AD 83 103.83 1.27 -14.72
N ARG AD 84 102.59 1.41 -15.19
CA ARG AD 84 102.26 1.00 -16.56
C ARG AD 84 103.08 1.75 -17.60
N HIS AD 85 103.38 3.02 -17.34
CA HIS AD 85 104.08 3.87 -18.30
C HIS AD 85 105.59 3.82 -18.15
N GLY AD 86 106.12 2.96 -17.29
CA GLY AD 86 107.54 2.80 -17.13
C GLY AD 86 108.11 3.27 -15.81
N GLY AD 87 107.27 3.58 -14.83
CA GLY AD 87 107.73 4.04 -13.55
C GLY AD 87 108.27 2.91 -12.69
N ARG AD 88 108.64 3.27 -11.47
CA ARG AD 88 109.20 2.34 -10.50
C ARG AD 88 108.53 2.57 -9.16
N GLU AD 89 108.06 1.49 -8.53
CA GLU AD 89 107.32 1.61 -7.28
C GLU AD 89 108.19 2.16 -6.15
N GLU AD 90 109.51 2.07 -6.27
CA GLU AD 90 110.40 2.55 -5.23
C GLU AD 90 110.63 4.06 -5.30
N ASP AD 91 110.23 4.72 -6.38
CA ASP AD 91 110.37 6.16 -6.54
C ASP AD 91 109.07 6.91 -6.28
N ILE AD 92 108.25 6.41 -5.37
CA ILE AD 92 107.00 7.06 -4.99
C ILE AD 92 106.98 7.19 -3.48
N THR AD 93 106.66 8.39 -3.00
CA THR AD 93 106.52 8.67 -1.58
C THR AD 93 105.07 9.00 -1.28
N LEU AD 94 104.54 8.43 -0.21
CA LEU AD 94 103.16 8.62 0.18
C LEU AD 94 103.09 9.22 1.58
N VAL AD 95 102.18 10.19 1.75
CA VAL AD 95 101.95 10.84 3.04
C VAL AD 95 100.44 10.85 3.29
N ARG AD 96 100.04 10.51 4.51
CA ARG AD 96 98.65 10.52 4.91
C ARG AD 96 98.42 11.64 5.93
N VAL AD 97 97.26 12.28 5.83
CA VAL AD 97 96.93 13.42 6.68
C VAL AD 97 95.55 13.21 7.27
N PRO AD 98 95.23 13.77 8.45
CA PRO AD 98 93.92 13.50 9.05
C PRO AD 98 92.74 13.91 8.18
N GLY AD 99 92.83 15.04 7.48
CA GLY AD 99 91.67 15.55 6.76
C GLY AD 99 92.08 16.51 5.67
N SER AD 100 91.07 17.01 4.97
CA SER AD 100 91.31 17.85 3.81
C SER AD 100 91.96 19.17 4.18
N TRP AD 101 91.69 19.70 5.37
CA TRP AD 101 92.26 20.98 5.77
C TRP AD 101 93.78 20.93 5.82
N GLU AD 102 94.37 19.74 5.91
CA GLU AD 102 95.81 19.60 6.10
C GLU AD 102 96.56 19.24 4.83
N ILE AD 103 95.86 19.06 3.70
CA ILE AD 103 96.57 18.70 2.46
C ILE AD 103 97.53 19.80 2.03
N PRO AD 104 97.14 21.07 1.94
CA PRO AD 104 98.08 22.09 1.45
C PRO AD 104 99.35 22.20 2.26
N VAL AD 105 99.25 22.14 3.59
CA VAL AD 105 100.43 22.31 4.42
C VAL AD 105 101.37 21.12 4.26
N ALA AD 106 100.81 19.92 4.09
CA ALA AD 106 101.65 18.73 3.92
C ALA AD 106 102.34 18.73 2.57
N ALA AD 107 101.65 19.15 1.52
CA ALA AD 107 102.25 19.14 0.19
C ALA AD 107 103.41 20.12 0.09
N GLY AD 108 103.36 21.21 0.84
CA GLY AD 108 104.45 22.16 0.83
C GLY AD 108 105.77 21.56 1.28
N GLU AD 109 105.71 20.53 2.12
CA GLU AD 109 106.94 19.89 2.58
C GLU AD 109 107.53 19.01 1.48
N LEU AD 110 106.69 18.26 0.76
CA LEU AD 110 107.20 17.47 -0.35
C LEU AD 110 107.78 18.34 -1.44
N ALA AD 111 107.12 19.44 -1.77
CA ALA AD 111 107.53 20.25 -2.91
C ALA AD 111 108.92 20.82 -2.71
N ARG AD 112 109.32 21.10 -1.47
CA ARG AD 112 110.62 21.69 -1.22
C ARG AD 112 111.75 20.67 -1.28
N LYS AD 113 111.45 19.38 -1.36
CA LYS AD 113 112.49 18.38 -1.54
C LYS AD 113 113.17 18.56 -2.88
N GLU AD 114 114.48 18.31 -2.92
CA GLU AD 114 115.25 18.47 -4.14
C GLU AD 114 115.07 17.30 -5.10
N ASP AD 115 114.52 16.18 -4.65
CA ASP AD 115 114.36 15.00 -5.48
C ASP AD 115 113.01 14.93 -6.17
N ILE AD 116 111.93 15.25 -5.46
CA ILE AD 116 110.59 15.12 -6.03
C ILE AD 116 110.44 16.08 -7.21
N ASP AD 117 109.72 15.61 -8.25
CA ASP AD 117 109.49 16.37 -9.46
C ASP AD 117 108.04 16.79 -9.65
N ALA AD 118 107.09 16.02 -9.10
CA ALA AD 118 105.68 16.39 -9.18
C ALA AD 118 104.99 15.86 -7.93
N VAL AD 119 103.85 16.46 -7.62
CA VAL AD 119 103.08 16.13 -6.43
C VAL AD 119 101.63 15.96 -6.81
N ILE AD 120 100.98 14.95 -6.24
CA ILE AD 120 99.59 14.61 -6.53
C ILE AD 120 98.82 14.65 -5.23
N ALA AD 121 97.68 15.33 -5.24
CA ALA AD 121 96.82 15.45 -4.08
C ALA AD 121 95.51 14.71 -4.35
N ILE AD 122 95.12 13.85 -3.42
CA ILE AD 122 93.90 13.06 -3.54
C ILE AD 122 93.09 13.23 -2.26
N GLY AD 123 91.78 13.30 -2.40
CA GLY AD 123 90.91 13.45 -1.24
C GLY AD 123 89.47 13.43 -1.67
N VAL AD 124 88.59 13.45 -0.68
CA VAL AD 124 87.15 13.51 -0.89
C VAL AD 124 86.58 14.63 -0.03
N LEU AD 125 85.61 15.35 -0.58
CA LEU AD 125 84.99 16.49 0.08
C LEU AD 125 83.50 16.23 0.23
N ILE AD 126 82.97 16.50 1.41
CA ILE AD 126 81.54 16.37 1.69
C ILE AD 126 80.91 17.75 1.59
N ARG AD 127 80.02 17.93 0.63
CA ARG AD 127 79.36 19.21 0.39
C ARG AD 127 77.89 19.00 0.07
N GLY AD 128 77.23 18.11 0.82
CA GLY AD 128 75.83 17.82 0.56
C GLY AD 128 75.00 17.59 1.81
N ALA AD 129 75.61 17.73 2.99
CA ALA AD 129 74.92 17.50 4.26
C ALA AD 129 75.02 18.68 5.22
N THR AD 130 76.16 19.37 5.25
CA THR AD 130 76.40 20.46 6.19
C THR AD 130 76.61 21.76 5.43
N PRO AD 131 75.87 22.87 5.74
CA PRO AD 131 76.12 24.15 5.09
C PRO AD 131 77.24 24.96 5.74
N HIS AD 132 78.32 24.27 6.10
CA HIS AD 132 79.50 24.91 6.70
C HIS AD 132 80.81 24.47 6.07
N PHE AD 133 80.87 23.33 5.39
CA PHE AD 133 82.10 22.84 4.80
C PHE AD 133 82.59 23.69 3.65
N ASP AD 134 81.78 24.62 3.14
CA ASP AD 134 82.19 25.45 2.02
C ASP AD 134 83.46 26.22 2.34
N TYR AD 135 83.62 26.64 3.59
CA TYR AD 135 84.85 27.32 3.99
C TYR AD 135 86.05 26.40 3.86
N ILE AD 136 85.91 25.14 4.28
CA ILE AD 136 87.01 24.19 4.17
C ILE AD 136 87.33 23.93 2.70
N ALA AD 137 86.30 23.75 1.88
CA ALA AD 137 86.53 23.35 0.49
C ALA AD 137 87.28 24.43 -0.28
N SER AD 138 86.92 25.69 -0.06
CA SER AD 138 87.50 26.79 -0.83
C SER AD 138 88.99 26.95 -0.54
N GLU AD 139 89.43 26.68 0.68
CA GLU AD 139 90.83 26.90 1.04
C GLU AD 139 91.76 25.84 0.47
N VAL AD 140 91.25 24.65 0.16
CA VAL AD 140 92.09 23.62 -0.43
C VAL AD 140 92.54 24.05 -1.83
N SER AD 141 91.60 24.56 -2.62
CA SER AD 141 91.92 24.97 -3.99
C SER AD 141 92.88 26.15 -4.00
N LYS AD 142 92.69 27.10 -3.10
CA LYS AD 142 93.57 28.27 -3.05
C LYS AD 142 94.98 27.88 -2.66
N GLY AD 143 95.12 27.12 -1.57
CA GLY AD 143 96.44 26.83 -1.05
C GLY AD 143 97.30 26.04 -2.02
N LEU AD 144 96.69 25.05 -2.68
CA LEU AD 144 97.45 24.24 -3.63
C LEU AD 144 97.90 25.07 -4.82
N ALA AD 145 97.04 25.97 -5.29
CA ALA AD 145 97.37 26.78 -6.46
C ALA AD 145 98.48 27.79 -6.15
N ASN AD 146 98.45 28.40 -4.96
CA ASN AD 146 99.50 29.35 -4.61
C ASN AD 146 100.86 28.67 -4.48
N LEU AD 147 100.89 27.43 -4.01
CA LEU AD 147 102.16 26.74 -3.81
C LEU AD 147 102.89 26.51 -5.14
N SER AD 148 102.14 26.15 -6.18
CA SER AD 148 102.78 25.86 -7.47
C SER AD 148 103.52 27.09 -8.00
N LEU AD 149 102.89 28.26 -7.92
CA LEU AD 149 103.55 29.48 -8.37
C LEU AD 149 104.77 29.81 -7.52
N GLU AD 150 104.65 29.66 -6.20
CA GLU AD 150 105.73 30.06 -5.30
C GLU AD 150 106.95 29.18 -5.46
N LEU AD 151 106.76 27.86 -5.49
CA LEU AD 151 107.86 26.92 -5.58
C LEU AD 151 108.21 26.55 -7.01
N ARG AD 152 107.41 26.94 -7.99
CA ARG AD 152 107.69 26.67 -9.40
C ARG AD 152 107.84 25.17 -9.64
N LYS AD 153 106.82 24.42 -9.24
CA LYS AD 153 106.81 22.97 -9.31
C LYS AD 153 105.37 22.53 -9.55
N PRO AD 154 105.12 21.58 -10.45
CA PRO AD 154 103.73 21.20 -10.73
C PRO AD 154 103.10 20.42 -9.58
N ILE AD 155 101.87 20.80 -9.26
CA ILE AD 155 101.05 20.13 -8.25
C ILE AD 155 99.68 19.90 -8.87
N THR AD 156 99.22 18.65 -8.85
CA THR AD 156 98.01 18.26 -9.54
C THR AD 156 96.86 18.05 -8.56
N PHE AD 157 95.65 18.28 -9.06
CA PHE AD 157 94.42 18.24 -8.28
C PHE AD 157 93.70 16.92 -8.53
N GLY AD 158 93.45 16.17 -7.46
CA GLY AD 158 92.75 14.91 -7.55
C GLY AD 158 91.63 14.77 -6.55
N VAL AD 159 90.91 15.86 -6.29
CA VAL AD 159 89.93 15.94 -5.23
C VAL AD 159 88.54 15.63 -5.80
N ILE AD 160 87.86 14.67 -5.19
CA ILE AD 160 86.50 14.29 -5.53
C ILE AD 160 85.54 15.02 -4.61
N THR AD 161 84.34 15.27 -5.12
CA THR AD 161 83.25 15.84 -4.33
C THR AD 161 82.12 14.82 -4.28
N ALA AD 162 81.59 14.59 -3.09
CA ALA AD 162 80.53 13.60 -2.90
C ALA AD 162 79.16 14.25 -3.05
N ASN BD 16 55.87 -29.40 -59.84
CA ASN BD 16 56.80 -29.69 -58.75
C ASN BD 16 57.92 -28.65 -58.73
N LYS BD 17 58.63 -28.59 -57.60
CA LYS BD 17 59.74 -27.66 -57.42
C LYS BD 17 61.08 -28.27 -57.86
N GLY BD 18 61.04 -29.29 -58.71
CA GLY BD 18 62.26 -29.95 -59.14
C GLY BD 18 62.80 -29.40 -60.44
N TRP BD 19 61.92 -29.19 -61.42
CA TRP BD 19 62.37 -28.70 -62.72
C TRP BD 19 62.99 -27.32 -62.62
N GLU BD 20 62.57 -26.53 -61.62
CA GLU BD 20 63.22 -25.23 -61.42
C GLU BD 20 64.69 -25.41 -61.07
N ALA BD 21 64.99 -26.36 -60.19
CA ALA BD 21 66.39 -26.69 -59.93
C ALA BD 21 67.08 -27.17 -61.20
N ALA BD 22 66.34 -27.79 -62.11
CA ALA BD 22 66.94 -28.28 -63.34
C ALA BD 22 67.24 -27.13 -64.29
N LEU BD 23 66.30 -26.20 -64.47
CA LEU BD 23 66.51 -25.12 -65.43
C LEU BD 23 67.75 -24.33 -65.09
N SER BD 24 67.98 -24.06 -63.81
CA SER BD 24 69.16 -23.30 -63.41
C SER BD 24 70.44 -23.98 -63.88
N ALA BD 25 70.49 -25.32 -63.79
CA ALA BD 25 71.72 -26.03 -64.11
C ALA BD 25 72.10 -25.88 -65.58
N ILE BD 26 71.13 -26.04 -66.48
CA ILE BD 26 71.44 -25.93 -67.90
C ILE BD 26 71.89 -24.52 -68.25
N GLU BD 27 71.19 -23.51 -67.75
CA GLU BD 27 71.58 -22.13 -68.03
C GLU BD 27 73.01 -21.88 -67.61
N MET BD 28 73.34 -22.21 -66.36
CA MET BD 28 74.70 -21.97 -65.86
C MET BD 28 75.73 -22.81 -66.61
N ALA BD 29 75.37 -24.06 -66.91
CA ALA BD 29 76.31 -24.93 -67.61
C ALA BD 29 76.69 -24.37 -68.98
N ASN BD 30 75.71 -23.84 -69.71
CA ASN BD 30 76.00 -23.21 -71.00
C ASN BD 30 76.77 -21.91 -70.82
N LEU BD 31 76.41 -21.14 -69.79
CA LEU BD 31 77.07 -19.85 -69.56
C LEU BD 31 78.55 -20.03 -69.30
N PHE BD 32 78.90 -21.04 -68.49
CA PHE BD 32 80.30 -21.24 -68.15
C PHE BD 32 81.14 -21.61 -69.36
N LYS BD 33 80.53 -22.23 -70.38
CA LYS BD 33 81.26 -22.51 -71.60
C LYS BD 33 81.67 -21.24 -72.33
N SER BD 34 80.79 -20.23 -72.34
CA SER BD 34 81.09 -19.00 -73.05
C SER BD 34 82.30 -18.30 -72.46
N LEU BD 35 82.31 -18.09 -71.15
CA LEU BD 35 83.38 -17.30 -70.54
C LEU BD 35 84.73 -17.94 -70.76
N ARG BD 36 84.83 -19.26 -70.60
CA ARG BD 36 86.10 -19.95 -70.75
C ARG BD 36 86.64 -19.86 -72.18
N GLY BD 37 85.78 -19.57 -73.15
CA GLY BD 37 86.20 -19.46 -74.53
C GLY BD 37 86.81 -18.11 -74.84
N THR BD 38 87.08 -17.90 -76.12
CA THR BD 38 87.68 -16.66 -76.57
C THR BD 38 86.73 -15.49 -76.36
N GLY BD 39 87.31 -14.30 -76.18
CA GLY BD 39 86.53 -13.11 -75.95
C GLY BD 39 85.91 -12.57 -77.22
N GLY BD 40 85.19 -11.46 -77.07
CA GLY BD 40 84.49 -10.85 -78.17
C GLY BD 40 85.42 -10.04 -79.06
N SER BD 41 84.83 -9.48 -80.11
CA SER BD 41 85.57 -8.67 -81.07
C SER BD 41 85.72 -7.21 -80.63
N GLY BD 42 85.15 -6.84 -79.49
CA GLY BD 42 85.25 -5.47 -79.02
C GLY BD 42 84.32 -4.54 -79.78
N SER BD 43 84.53 -3.24 -79.55
CA SER BD 43 83.79 -2.15 -80.15
C SER BD 43 82.40 -1.98 -79.53
N SER BD 44 82.00 -2.85 -78.60
CA SER BD 44 80.70 -2.71 -77.94
C SER BD 44 80.74 -3.50 -76.64
N MET BD 45 79.78 -3.19 -75.77
CA MET BD 45 79.69 -3.91 -74.50
C MET BD 45 79.36 -5.38 -74.75
N GLU BD 46 80.05 -6.25 -74.03
CA GLU BD 46 79.87 -7.69 -74.17
C GLU BD 46 78.85 -8.16 -73.15
N ILE BD 47 77.74 -8.72 -73.62
CA ILE BD 47 76.72 -9.31 -72.77
C ILE BD 47 76.80 -10.82 -72.91
N TYR BD 48 77.12 -11.50 -71.81
CA TYR BD 48 77.14 -12.95 -71.76
C TYR BD 48 75.83 -13.43 -71.14
N GLU BD 49 75.16 -14.37 -71.79
CA GLU BD 49 73.98 -15.00 -71.23
C GLU BD 49 73.91 -16.43 -71.75
N GLY BD 50 73.49 -17.36 -70.88
CA GLY BD 50 73.48 -18.76 -71.23
C GLY BD 50 72.22 -19.20 -71.95
N LYS BD 51 72.36 -20.26 -72.73
CA LYS BD 51 71.27 -20.81 -73.51
C LYS BD 51 70.50 -21.84 -72.70
N LEU BD 52 69.45 -22.40 -73.31
CA LEU BD 52 68.65 -23.47 -72.71
C LEU BD 52 68.76 -24.77 -73.51
N THR BD 53 69.80 -24.92 -74.32
CA THR BD 53 70.04 -26.14 -75.06
C THR BD 53 70.82 -27.12 -74.19
N ALA BD 54 70.20 -28.24 -73.85
CA ALA BD 54 70.79 -29.20 -72.92
C ALA BD 54 71.72 -30.20 -73.61
N GLU BD 55 71.83 -30.17 -74.93
CA GLU BD 55 72.59 -31.18 -75.65
C GLU BD 55 74.07 -31.06 -75.33
N GLY BD 56 74.71 -32.20 -75.06
CA GLY BD 56 76.14 -32.25 -74.80
C GLY BD 56 76.54 -32.07 -73.36
N LEU BD 57 75.59 -31.89 -72.44
CA LEU BD 57 75.88 -31.61 -71.04
C LEU BD 57 75.71 -32.87 -70.21
N ARG BD 58 76.71 -33.16 -69.37
CA ARG BD 58 76.66 -34.27 -68.43
C ARG BD 58 76.22 -33.74 -67.07
N PHE BD 59 75.24 -34.40 -66.46
CA PHE BD 59 74.65 -33.97 -65.21
C PHE BD 59 74.80 -35.04 -64.15
N GLY BD 60 74.97 -34.59 -62.90
CA GLY BD 60 74.86 -35.46 -61.74
C GLY BD 60 73.72 -34.99 -60.86
N ILE BD 61 73.08 -35.94 -60.19
CA ILE BD 61 72.01 -35.64 -59.25
C ILE BD 61 72.27 -36.43 -57.97
N VAL BD 62 72.10 -35.75 -56.82
CA VAL BD 62 72.26 -36.37 -55.50
C VAL BD 62 70.96 -36.17 -54.74
N ALA BD 63 70.39 -37.27 -54.25
CA ALA BD 63 69.12 -37.23 -53.54
C ALA BD 63 69.21 -38.11 -52.30
N SER BD 64 68.37 -37.80 -51.31
CA SER BD 64 68.30 -38.54 -50.07
C SER BD 64 67.08 -39.45 -50.07
N ARG BD 65 67.03 -40.34 -49.07
CA ARG BD 65 65.98 -41.35 -49.01
C ARG BD 65 64.87 -41.03 -48.02
N PHE BD 66 65.14 -40.23 -46.99
CA PHE BD 66 64.10 -39.90 -46.02
C PHE BD 66 62.94 -39.20 -46.73
N ASN BD 67 61.72 -39.64 -46.42
CA ASN BD 67 60.52 -39.16 -47.09
C ASN BD 67 60.57 -39.48 -48.58
N HIS BD 68 60.67 -40.77 -48.89
CA HIS BD 68 60.81 -41.20 -50.27
C HIS BD 68 59.61 -40.82 -51.13
N ALA BD 69 58.45 -40.59 -50.52
CA ALA BD 69 57.28 -40.20 -51.29
C ALA BD 69 57.52 -38.88 -52.01
N LEU BD 70 57.98 -37.87 -51.27
CA LEU BD 70 58.20 -36.56 -51.88
C LEU BD 70 59.42 -36.57 -52.80
N VAL BD 71 60.52 -37.16 -52.35
CA VAL BD 71 61.74 -37.18 -53.15
C VAL BD 71 61.55 -37.96 -54.43
N ASP BD 72 60.61 -38.91 -54.46
CA ASP BD 72 60.39 -39.69 -55.66
C ASP BD 72 59.93 -38.81 -56.82
N ARG BD 73 59.03 -37.88 -56.56
CA ARG BD 73 58.52 -37.03 -57.64
C ARG BD 73 59.45 -35.87 -57.95
N LEU BD 74 60.19 -35.36 -56.95
CA LEU BD 74 61.15 -34.30 -57.23
C LEU BD 74 62.23 -34.77 -58.20
N VAL BD 75 62.76 -35.98 -58.00
CA VAL BD 75 63.81 -36.46 -58.89
C VAL BD 75 63.25 -36.74 -60.28
N GLU BD 76 62.07 -37.37 -60.35
CA GLU BD 76 61.49 -37.64 -61.66
C GLU BD 76 61.17 -36.35 -62.39
N GLY BD 77 60.61 -35.36 -61.70
CA GLY BD 77 60.35 -34.08 -62.33
C GLY BD 77 61.62 -33.44 -62.87
N ALA BD 78 62.73 -33.58 -62.13
CA ALA BD 78 63.99 -33.03 -62.59
C ALA BD 78 64.46 -33.74 -63.86
N ILE BD 79 64.30 -35.06 -63.93
CA ILE BD 79 64.75 -35.79 -65.10
C ILE BD 79 63.90 -35.46 -66.32
N ASP BD 80 62.62 -35.15 -66.11
CA ASP BD 80 61.73 -34.82 -67.21
C ASP BD 80 62.16 -33.56 -67.95
N CYS BD 81 62.98 -32.70 -67.33
CA CYS BD 81 63.31 -31.41 -67.91
C CYS BD 81 64.58 -31.44 -68.74
N ILE BD 82 65.57 -32.27 -68.39
CA ILE BD 82 66.75 -32.38 -69.21
C ILE BD 82 66.44 -33.07 -70.53
N VAL BD 83 65.60 -34.10 -70.48
CA VAL BD 83 65.26 -34.83 -71.69
C VAL BD 83 64.48 -33.93 -72.65
N ARG BD 84 63.53 -33.15 -72.13
CA ARG BD 84 62.70 -32.34 -73.01
C ARG BD 84 63.51 -31.24 -73.69
N HIS BD 85 64.48 -30.66 -73.00
CA HIS BD 85 65.33 -29.63 -73.57
C HIS BD 85 66.50 -30.21 -74.37
N GLY BD 86 66.40 -31.48 -74.78
CA GLY BD 86 67.41 -32.05 -75.65
C GLY BD 86 68.55 -32.72 -74.90
N GLY BD 87 68.23 -33.62 -73.97
CA GLY BD 87 69.23 -34.26 -73.15
C GLY BD 87 69.08 -35.77 -73.04
N ARG BD 88 70.13 -36.49 -73.38
CA ARG BD 88 70.12 -37.94 -73.29
C ARG BD 88 70.14 -38.38 -71.83
N GLU BD 89 69.34 -39.41 -71.51
CA GLU BD 89 69.41 -40.02 -70.19
C GLU BD 89 70.67 -40.84 -69.99
N GLU BD 90 71.44 -41.08 -71.05
CA GLU BD 90 72.70 -41.80 -70.94
C GLU BD 90 73.78 -40.99 -70.23
N ASP BD 91 73.54 -39.70 -69.98
CA ASP BD 91 74.52 -38.83 -69.35
C ASP BD 91 74.19 -38.47 -67.91
N ILE BD 92 72.96 -38.69 -67.46
CA ILE BD 92 72.60 -38.44 -66.07
C ILE BD 92 73.17 -39.54 -65.19
N THR BD 93 73.73 -39.14 -64.04
CA THR BD 93 74.19 -40.05 -63.01
C THR BD 93 73.44 -39.74 -61.72
N LEU BD 94 73.03 -40.78 -61.01
CA LEU BD 94 72.22 -40.63 -59.80
C LEU BD 94 72.92 -41.29 -58.63
N VAL BD 95 73.00 -40.56 -57.51
CA VAL BD 95 73.55 -41.06 -56.25
C VAL BD 95 72.49 -40.89 -55.18
N ARG BD 96 72.24 -41.94 -54.41
CA ARG BD 96 71.34 -41.90 -53.28
C ARG BD 96 72.13 -41.98 -51.98
N VAL BD 97 71.74 -41.17 -51.00
CA VAL BD 97 72.44 -41.09 -49.72
C VAL BD 97 71.43 -41.25 -48.61
N PRO BD 98 71.87 -41.70 -47.42
CA PRO BD 98 70.93 -41.93 -46.33
C PRO BD 98 70.11 -40.71 -45.92
N GLY BD 99 70.79 -39.64 -45.51
CA GLY BD 99 70.11 -38.46 -45.00
C GLY BD 99 70.70 -37.18 -45.56
N SER BD 100 70.13 -36.06 -45.11
CA SER BD 100 70.56 -34.77 -45.60
C SER BD 100 72.02 -34.48 -45.21
N TRP BD 101 72.46 -34.98 -44.07
CA TRP BD 101 73.81 -34.70 -43.60
C TRP BD 101 74.87 -35.15 -44.57
N GLU BD 102 74.55 -36.08 -45.47
CA GLU BD 102 75.53 -36.65 -46.39
C GLU BD 102 75.45 -36.04 -47.78
N ILE BD 103 74.56 -35.08 -48.02
CA ILE BD 103 74.48 -34.45 -49.34
C ILE BD 103 75.80 -33.78 -49.72
N PRO BD 104 76.40 -32.95 -48.86
CA PRO BD 104 77.60 -32.21 -49.31
C PRO BD 104 78.81 -33.08 -49.61
N VAL BD 105 79.08 -34.10 -48.81
CA VAL BD 105 80.26 -34.93 -49.06
C VAL BD 105 80.09 -35.72 -50.35
N ALA BD 106 78.88 -36.16 -50.64
CA ALA BD 106 78.63 -36.90 -51.87
C ALA BD 106 78.75 -36.00 -53.09
N ALA BD 107 78.26 -34.76 -52.99
CA ALA BD 107 78.33 -33.84 -54.10
C ALA BD 107 79.77 -33.51 -54.47
N GLY BD 108 80.68 -33.55 -53.49
CA GLY BD 108 82.07 -33.26 -53.79
C GLY BD 108 82.71 -34.28 -54.69
N GLU BD 109 82.46 -35.57 -54.42
CA GLU BD 109 83.05 -36.62 -55.26
C GLU BD 109 82.54 -36.52 -56.70
N LEU BD 110 81.25 -36.25 -56.88
CA LEU BD 110 80.70 -36.06 -58.21
C LEU BD 110 81.28 -34.81 -58.87
N ALA BD 111 81.30 -33.70 -58.15
CA ALA BD 111 81.75 -32.44 -58.72
C ALA BD 111 83.22 -32.44 -59.09
N ARG BD 112 84.00 -33.35 -58.51
CA ARG BD 112 85.42 -33.44 -58.83
C ARG BD 112 85.70 -34.31 -60.04
N LYS BD 113 84.69 -34.95 -60.61
CA LYS BD 113 84.87 -35.75 -61.81
C LYS BD 113 84.88 -34.83 -63.03
N GLU BD 114 85.85 -35.05 -63.91
CA GLU BD 114 86.02 -34.16 -65.06
C GLU BD 114 84.84 -34.24 -66.02
N ASP BD 115 84.19 -35.40 -66.12
CA ASP BD 115 83.12 -35.61 -67.07
C ASP BD 115 81.77 -35.10 -66.59
N ILE BD 116 81.74 -34.25 -65.57
CA ILE BD 116 80.51 -33.65 -65.07
C ILE BD 116 80.63 -32.14 -65.17
N ASP BD 117 79.51 -31.49 -65.49
CA ASP BD 117 79.48 -30.05 -65.65
C ASP BD 117 78.40 -29.36 -64.83
N ALA BD 118 77.60 -30.10 -64.07
CA ALA BD 118 76.60 -29.51 -63.22
C ALA BD 118 76.08 -30.58 -62.27
N VAL BD 119 75.83 -30.19 -61.02
CA VAL BD 119 75.30 -31.08 -60.00
C VAL BD 119 74.01 -30.48 -59.47
N ILE BD 120 73.01 -31.33 -59.27
CA ILE BD 120 71.72 -30.93 -58.72
C ILE BD 120 71.54 -31.65 -57.39
N ALA BD 121 71.18 -30.90 -56.36
CA ALA BD 121 70.99 -31.43 -55.02
C ALA BD 121 69.52 -31.37 -54.64
N ILE BD 122 68.98 -32.50 -54.22
CA ILE BD 122 67.56 -32.63 -53.89
C ILE BD 122 67.44 -33.28 -52.53
N GLY BD 123 66.54 -32.76 -51.70
CA GLY BD 123 66.33 -33.32 -50.38
C GLY BD 123 65.26 -32.54 -49.66
N VAL BD 124 64.90 -33.05 -48.49
CA VAL BD 124 63.87 -32.46 -47.65
C VAL BD 124 64.45 -32.22 -46.27
N LEU BD 125 64.32 -30.99 -45.77
CA LEU BD 125 64.76 -30.62 -44.44
C LEU BD 125 63.53 -30.38 -43.57
N ILE BD 126 63.45 -31.07 -42.45
CA ILE BD 126 62.31 -30.95 -41.54
C ILE BD 126 62.58 -29.84 -40.53
N ARG BD 127 61.54 -29.10 -40.19
CA ARG BD 127 61.62 -27.99 -39.25
C ARG BD 127 60.61 -28.20 -38.11
N GLY BD 128 60.59 -29.42 -37.58
CA GLY BD 128 59.67 -29.74 -36.50
C GLY BD 128 60.12 -29.16 -35.17
N ALA BD 129 59.23 -29.30 -34.18
CA ALA BD 129 59.52 -28.80 -32.85
C ALA BD 129 60.69 -29.52 -32.19
N THR BD 130 61.02 -30.71 -32.65
CA THR BD 130 62.13 -31.45 -32.06
C THR BD 130 63.44 -30.71 -32.33
N PRO BD 131 64.25 -30.43 -31.29
CA PRO BD 131 65.51 -29.71 -31.53
C PRO BD 131 66.60 -30.61 -32.08
N HIS BD 132 67.81 -30.07 -32.23
CA HIS BD 132 69.02 -30.73 -32.70
C HIS BD 132 69.03 -30.92 -34.22
N PHE BD 133 67.95 -30.57 -34.93
CA PHE BD 133 67.94 -30.67 -36.39
C PHE BD 133 68.41 -29.40 -37.07
N ASP BD 134 68.31 -28.25 -36.41
CA ASP BD 134 68.79 -27.01 -37.01
C ASP BD 134 70.27 -27.09 -37.31
N TYR BD 135 71.04 -27.83 -36.51
CA TYR BD 135 72.45 -28.01 -36.79
C TYR BD 135 72.66 -28.69 -38.13
N ILE BD 136 71.88 -29.73 -38.41
CA ILE BD 136 71.98 -30.39 -39.70
C ILE BD 136 71.49 -29.49 -40.82
N ALA BD 137 70.38 -28.78 -40.59
CA ALA BD 137 69.78 -27.99 -41.66
C ALA BD 137 70.71 -26.88 -42.12
N SER BD 138 71.28 -26.13 -41.18
CA SER BD 138 72.11 -24.99 -41.54
C SER BD 138 73.37 -25.43 -42.28
N GLU BD 139 74.00 -26.52 -41.83
CA GLU BD 139 75.26 -26.93 -42.41
C GLU BD 139 75.11 -27.39 -43.86
N VAL BD 140 73.92 -27.86 -44.24
CA VAL BD 140 73.74 -28.36 -45.60
C VAL BD 140 73.89 -27.23 -46.61
N SER BD 141 73.23 -26.10 -46.35
CA SER BD 141 73.31 -24.97 -47.26
C SER BD 141 74.74 -24.44 -47.36
N LYS BD 142 75.40 -24.24 -46.22
CA LYS BD 142 76.73 -23.66 -46.22
C LYS BD 142 77.72 -24.53 -46.97
N GLY BD 143 77.65 -25.85 -46.76
CA GLY BD 143 78.62 -26.73 -47.39
C GLY BD 143 78.54 -26.71 -48.90
N LEU BD 144 77.31 -26.75 -49.44
CA LEU BD 144 77.16 -26.74 -50.88
C LEU BD 144 77.71 -25.45 -51.49
N ALA BD 145 77.46 -24.31 -50.82
CA ALA BD 145 77.95 -23.04 -51.34
C ALA BD 145 79.46 -23.00 -51.39
N ASN BD 146 80.13 -23.51 -50.36
CA ASN BD 146 81.59 -23.49 -50.34
C ASN BD 146 82.18 -24.37 -51.44
N LEU BD 147 81.57 -25.53 -51.68
CA LEU BD 147 82.08 -26.42 -52.71
C LEU BD 147 82.11 -25.76 -54.07
N SER BD 148 81.06 -25.01 -54.41
CA SER BD 148 80.95 -24.42 -55.74
C SER BD 148 82.10 -23.47 -56.01
N LEU BD 149 82.46 -22.64 -55.01
CA LEU BD 149 83.53 -21.69 -55.20
C LEU BD 149 84.90 -22.36 -55.20
N GLU BD 150 85.08 -23.38 -54.36
CA GLU BD 150 86.38 -24.03 -54.25
C GLU BD 150 86.69 -24.83 -55.49
N LEU BD 151 85.67 -25.39 -56.15
CA LEU BD 151 85.85 -26.21 -57.34
C LEU BD 151 85.50 -25.49 -58.63
N ARG BD 152 84.83 -24.33 -58.56
CA ARG BD 152 84.44 -23.56 -59.74
C ARG BD 152 83.53 -24.38 -60.65
N LYS BD 153 82.36 -24.69 -60.13
CA LYS BD 153 81.37 -25.49 -60.84
C LYS BD 153 79.99 -25.23 -60.23
N PRO BD 154 78.96 -24.97 -61.04
CA PRO BD 154 77.65 -24.71 -60.44
C PRO BD 154 77.11 -25.91 -59.70
N ILE BD 155 76.47 -25.66 -58.56
CA ILE BD 155 75.79 -26.69 -57.80
C ILE BD 155 74.43 -26.16 -57.40
N THR BD 156 73.41 -26.48 -58.17
CA THR BD 156 72.09 -25.94 -57.92
C THR BD 156 71.52 -26.50 -56.62
N PHE BD 157 70.60 -25.74 -56.03
CA PHE BD 157 70.05 -26.03 -54.72
C PHE BD 157 68.57 -26.34 -54.89
N GLY BD 158 68.15 -27.53 -54.48
CA GLY BD 158 66.79 -27.95 -54.68
C GLY BD 158 66.16 -28.54 -53.43
N VAL BD 159 66.55 -28.04 -52.28
CA VAL BD 159 66.06 -28.56 -51.01
C VAL BD 159 64.73 -27.90 -50.67
N ILE BD 160 63.82 -28.68 -50.10
CA ILE BD 160 62.50 -28.21 -49.73
C ILE BD 160 62.30 -28.45 -48.24
N THR BD 161 61.42 -27.66 -47.63
CA THR BD 161 61.12 -27.76 -46.21
C THR BD 161 59.62 -28.01 -46.03
N ALA BD 162 59.29 -28.96 -45.17
CA ALA BD 162 57.89 -29.31 -44.92
C ALA BD 162 57.17 -28.15 -44.24
N GLY CD 15 71.47 9.21 -56.12
CA GLY CD 15 70.66 8.50 -57.10
C GLY CD 15 70.20 7.14 -56.59
N ASN CD 16 70.33 6.13 -57.44
CA ASN CD 16 69.95 4.77 -57.09
C ASN CD 16 71.15 4.00 -56.57
N LYS CD 17 70.87 2.84 -55.99
CA LYS CD 17 71.94 2.03 -55.40
C LYS CD 17 72.96 1.61 -56.45
N GLY CD 18 72.56 1.54 -57.71
CA GLY CD 18 73.52 1.21 -58.76
C GLY CD 18 74.56 2.30 -58.95
N TRP CD 19 74.12 3.55 -58.92
CA TRP CD 19 75.06 4.66 -59.01
C TRP CD 19 76.09 4.58 -57.89
N GLU CD 20 75.63 4.31 -56.66
CA GLU CD 20 76.53 4.26 -55.53
C GLU CD 20 77.55 3.14 -55.67
N ALA CD 21 77.13 1.97 -56.16
CA ALA CD 21 78.03 0.83 -56.28
C ALA CD 21 79.14 1.12 -57.27
N ALA CD 22 78.81 1.76 -58.40
CA ALA CD 22 79.83 2.07 -59.39
C ALA CD 22 80.86 3.04 -58.85
N LEU CD 23 80.43 4.02 -58.06
CA LEU CD 23 81.37 4.98 -57.49
C LEU CD 23 82.39 4.29 -56.60
N SER CD 24 81.94 3.37 -55.75
CA SER CD 24 82.85 2.67 -54.86
C SER CD 24 83.86 1.86 -55.65
N ALA CD 25 83.42 1.23 -56.74
CA ALA CD 25 84.30 0.42 -57.55
C ALA CD 25 85.41 1.27 -58.18
N ILE CD 26 85.07 2.47 -58.65
CA ILE CD 26 86.06 3.32 -59.30
C ILE CD 26 87.10 3.77 -58.29
N GLU CD 27 86.68 4.11 -57.08
CA GLU CD 27 87.64 4.59 -56.08
C GLU CD 27 88.53 3.48 -55.57
N MET CD 28 87.95 2.30 -55.30
CA MET CD 28 88.75 1.17 -54.84
C MET CD 28 89.73 0.72 -55.91
N ALA CD 29 89.31 0.71 -57.18
CA ALA CD 29 90.18 0.29 -58.26
C ALA CD 29 91.38 1.21 -58.38
N ASN CD 30 91.18 2.53 -58.21
CA ASN CD 30 92.29 3.46 -58.25
C ASN CD 30 93.15 3.34 -57.00
N LEU CD 31 92.53 3.05 -55.85
CA LEU CD 31 93.30 2.94 -54.61
C LEU CD 31 94.31 1.81 -54.69
N PHE CD 32 93.89 0.64 -55.19
CA PHE CD 32 94.79 -0.50 -55.25
C PHE CD 32 95.97 -0.21 -56.18
N LYS CD 33 95.75 0.59 -57.21
CA LYS CD 33 96.83 0.94 -58.13
C LYS CD 33 97.88 1.82 -57.48
N SER CD 34 97.53 2.52 -56.40
CA SER CD 34 98.47 3.38 -55.69
C SER CD 34 99.31 2.61 -54.68
N LEU CD 35 98.70 1.66 -53.96
CA LEU CD 35 99.45 0.89 -52.98
C LEU CD 35 100.56 0.09 -53.63
N ARG CD 36 100.30 -0.46 -54.80
CA ARG CD 36 101.29 -1.28 -55.51
C ARG CD 36 102.42 -0.39 -56.02
N GLY CD 37 102.24 0.95 -56.10
CA GLY CD 37 103.27 1.86 -56.54
C GLY CD 37 104.20 2.27 -55.42
N THR CD 38 105.13 3.16 -55.77
CA THR CD 38 106.12 3.62 -54.80
C THR CD 38 105.48 4.49 -53.74
N GLY CD 39 106.15 4.60 -52.60
CA GLY CD 39 105.66 5.39 -51.49
C GLY CD 39 105.91 6.88 -51.69
N GLY CD 40 105.53 7.65 -50.66
CA GLY CD 40 105.67 9.08 -50.70
C GLY CD 40 107.10 9.54 -50.45
N SER CD 41 107.29 10.86 -50.54
CA SER CD 41 108.61 11.43 -50.33
C SER CD 41 109.10 11.26 -48.90
N GLY CD 42 108.20 10.98 -47.95
CA GLY CD 42 108.59 10.79 -46.57
C GLY CD 42 108.56 12.07 -45.77
N SER CD 43 109.01 11.96 -44.52
CA SER CD 43 109.06 13.05 -43.55
C SER CD 43 107.69 13.48 -43.07
N SER CD 44 106.64 12.73 -43.39
CA SER CD 44 105.29 13.04 -42.94
C SER CD 44 104.42 11.81 -43.17
N MET CD 45 103.19 11.88 -42.66
CA MET CD 45 102.25 10.79 -42.87
C MET CD 45 102.00 10.59 -44.36
N GLU CD 46 101.94 9.32 -44.76
CA GLU CD 46 101.53 8.96 -46.12
C GLU CD 46 100.04 8.66 -46.10
N ILE CD 47 99.26 9.43 -46.86
CA ILE CD 47 97.83 9.20 -47.00
C ILE CD 47 97.58 8.64 -48.39
N TYR CD 48 96.99 7.45 -48.45
CA TYR CD 48 96.62 6.82 -49.71
C TYR CD 48 95.12 6.96 -49.90
N GLU CD 49 94.73 7.46 -51.07
CA GLU CD 49 93.32 7.63 -51.40
C GLU CD 49 93.14 7.38 -52.89
N GLY CD 50 91.90 7.11 -53.28
CA GLY CD 50 91.56 6.78 -54.65
C GLY CD 50 90.83 7.92 -55.33
N LYS CD 51 91.29 8.25 -56.54
CA LYS CD 51 90.63 9.26 -57.35
C LYS CD 51 89.33 8.71 -57.91
N LEU CD 52 88.64 9.52 -58.70
CA LEU CD 52 87.40 9.12 -59.36
C LEU CD 52 87.52 9.24 -60.88
N THR CD 53 88.73 9.11 -61.40
CA THR CD 53 88.96 9.05 -62.84
C THR CD 53 88.84 7.61 -63.30
N ALA CD 54 87.98 7.38 -64.30
CA ALA CD 54 87.65 6.05 -64.79
C ALA CD 54 88.17 5.81 -66.20
N GLU CD 55 89.35 6.34 -66.52
CA GLU CD 55 89.92 6.26 -67.85
C GLU CD 55 91.08 5.27 -67.83
N GLY CD 56 90.93 4.17 -68.56
CA GLY CD 56 91.90 3.09 -68.57
C GLY CD 56 91.55 1.91 -67.69
N LEU CD 57 90.36 1.87 -67.12
CA LEU CD 57 89.96 0.82 -66.20
C LEU CD 57 88.89 -0.06 -66.84
N ARG CD 58 88.93 -1.34 -66.52
CA ARG CD 58 87.99 -2.33 -67.03
C ARG CD 58 87.12 -2.84 -65.89
N PHE CD 59 85.84 -3.01 -66.17
CA PHE CD 59 84.85 -3.28 -65.14
C PHE CD 59 84.01 -4.50 -65.52
N GLY CD 60 83.33 -5.04 -64.51
CA GLY CD 60 82.42 -6.16 -64.72
C GLY CD 60 81.19 -6.05 -63.85
N ILE CD 61 80.04 -6.42 -64.39
CA ILE CD 61 78.76 -6.33 -63.70
C ILE CD 61 78.07 -7.68 -63.74
N VAL CD 62 77.50 -8.09 -62.62
CA VAL CD 62 76.77 -9.35 -62.50
C VAL CD 62 75.40 -9.03 -61.94
N ALA CD 63 74.35 -9.39 -62.68
CA ALA CD 63 72.98 -9.05 -62.29
C ALA CD 63 72.08 -10.25 -62.50
N SER CD 64 70.95 -10.25 -61.79
CA SER CD 64 69.99 -11.33 -61.80
C SER CD 64 68.74 -10.92 -62.57
N ARG CD 65 68.03 -11.94 -63.07
CA ARG CD 65 66.81 -11.70 -63.83
C ARG CD 65 65.62 -11.34 -62.95
N PHE CD 66 65.61 -11.79 -61.70
CA PHE CD 66 64.43 -11.63 -60.87
C PHE CD 66 64.05 -10.16 -60.72
N ASN CD 67 62.76 -9.87 -60.84
CA ASN CD 67 62.24 -8.50 -60.81
C ASN CD 67 62.99 -7.63 -61.81
N HIS CD 68 62.89 -8.02 -63.08
CA HIS CD 68 63.62 -7.32 -64.13
C HIS CD 68 63.22 -5.85 -64.22
N ALA CD 69 62.05 -5.48 -63.72
CA ALA CD 69 61.66 -4.07 -63.70
C ALA CD 69 62.64 -3.27 -62.86
N LEU CD 70 62.90 -3.71 -61.63
CA LEU CD 70 63.81 -2.98 -60.75
C LEU CD 70 65.26 -3.17 -61.17
N VAL CD 71 65.66 -4.38 -61.50
CA VAL CD 71 67.08 -4.67 -61.73
C VAL CD 71 67.59 -3.89 -62.92
N ASP CD 72 66.76 -3.72 -63.95
CA ASP CD 72 67.20 -3.00 -65.14
C ASP CD 72 67.56 -1.56 -64.80
N ARG CD 73 66.78 -0.92 -63.92
CA ARG CD 73 67.08 0.44 -63.53
C ARG CD 73 68.45 0.53 -62.87
N LEU CD 74 68.78 -0.45 -62.03
CA LEU CD 74 70.07 -0.42 -61.33
C LEU CD 74 71.22 -0.60 -62.29
N VAL CD 75 71.06 -1.46 -63.30
CA VAL CD 75 72.16 -1.68 -64.24
C VAL CD 75 72.38 -0.45 -65.11
N GLU CD 76 71.32 0.29 -65.43
CA GLU CD 76 71.49 1.53 -66.17
C GLU CD 76 72.28 2.54 -65.36
N GLY CD 77 72.02 2.61 -64.05
CA GLY CD 77 72.72 3.56 -63.21
C GLY CD 77 74.23 3.33 -63.20
N ALA CD 78 74.65 2.07 -63.08
CA ALA CD 78 76.07 1.78 -63.06
C ALA CD 78 76.74 2.16 -64.37
N ILE CD 79 76.08 1.90 -65.49
CA ILE CD 79 76.65 2.27 -66.79
C ILE CD 79 76.76 3.78 -66.90
N ASP CD 80 75.73 4.51 -66.46
CA ASP CD 80 75.78 5.97 -66.53
C ASP CD 80 76.95 6.51 -65.73
N CYS CD 81 77.15 6.01 -64.51
CA CYS CD 81 78.20 6.54 -63.65
C CYS CD 81 79.58 6.38 -64.27
N ILE CD 82 79.85 5.22 -64.86
CA ILE CD 82 81.18 4.97 -65.42
C ILE CD 82 81.41 5.86 -66.64
N VAL CD 83 80.38 6.06 -67.45
CA VAL CD 83 80.54 6.89 -68.65
C VAL CD 83 80.71 8.36 -68.27
N ARG CD 84 79.90 8.86 -67.35
CA ARG CD 84 80.00 10.26 -66.95
C ARG CD 84 81.38 10.58 -66.40
N HIS CD 85 82.04 9.61 -65.77
CA HIS CD 85 83.36 9.83 -65.19
C HIS CD 85 84.49 9.55 -66.16
N GLY CD 86 84.19 9.27 -67.43
CA GLY CD 86 85.20 9.18 -68.45
C GLY CD 86 85.63 7.78 -68.86
N GLY CD 87 84.73 6.81 -68.78
CA GLY CD 87 85.05 5.44 -69.15
C GLY CD 87 84.20 4.99 -70.33
N ARG CD 88 84.81 4.19 -71.20
CA ARG CD 88 84.12 3.73 -72.40
C ARG CD 88 83.22 2.54 -72.07
N GLU CD 89 82.22 2.34 -72.92
CA GLU CD 89 81.35 1.18 -72.81
C GLU CD 89 82.01 -0.09 -73.33
N GLU CD 90 83.10 0.02 -74.08
CA GLU CD 90 83.79 -1.15 -74.58
C GLU CD 90 84.64 -1.82 -73.51
N ASP CD 91 84.83 -1.18 -72.35
CA ASP CD 91 85.60 -1.73 -71.25
C ASP CD 91 84.70 -2.25 -70.12
N ILE CD 92 83.48 -2.65 -70.46
CA ILE CD 92 82.53 -3.18 -69.48
C ILE CD 92 82.06 -4.54 -69.96
N THR CD 93 82.08 -5.53 -69.07
CA THR CD 93 81.57 -6.87 -69.33
C THR CD 93 80.37 -7.12 -68.44
N LEU CD 94 79.26 -7.53 -69.03
CA LEU CD 94 78.01 -7.74 -68.32
C LEU CD 94 77.62 -9.22 -68.41
N VAL CD 95 77.33 -9.82 -67.26
CA VAL CD 95 76.96 -11.24 -67.18
C VAL CD 95 75.68 -11.35 -66.35
N ARG CD 96 74.72 -12.10 -66.85
CA ARG CD 96 73.42 -12.26 -66.21
C ARG CD 96 73.22 -13.72 -65.80
N VAL CD 97 72.54 -13.92 -64.67
CA VAL CD 97 72.41 -15.25 -64.08
C VAL CD 97 70.96 -15.44 -63.64
N PRO CD 98 70.52 -16.69 -63.49
CA PRO CD 98 69.10 -16.95 -63.20
C PRO CD 98 68.59 -16.32 -61.91
N GLY CD 99 69.41 -16.30 -60.86
CA GLY CD 99 68.91 -15.87 -59.56
C GLY CD 99 70.03 -15.46 -58.64
N SER CD 100 69.65 -15.07 -57.43
CA SER CD 100 70.61 -14.54 -56.47
C SER CD 100 71.63 -15.59 -56.06
N TRP CD 101 71.21 -16.85 -55.95
CA TRP CD 101 72.11 -17.90 -55.48
C TRP CD 101 73.32 -18.06 -56.39
N GLU CD 102 73.24 -17.64 -57.64
CA GLU CD 102 74.33 -17.85 -58.60
C GLU CD 102 75.22 -16.62 -58.77
N ILE CD 103 74.94 -15.52 -58.07
CA ILE CD 103 75.81 -14.35 -58.17
C ILE CD 103 77.24 -14.66 -57.73
N PRO CD 104 77.46 -15.29 -56.57
CA PRO CD 104 78.85 -15.46 -56.11
C PRO CD 104 79.70 -16.34 -57.01
N VAL CD 105 79.14 -17.44 -57.53
CA VAL CD 105 79.92 -18.30 -58.41
C VAL CD 105 80.22 -17.61 -59.73
N ALA CD 106 79.26 -16.81 -60.23
CA ALA CD 106 79.49 -16.04 -61.43
C ALA CD 106 80.55 -14.96 -61.21
N ALA CD 107 80.51 -14.30 -60.05
CA ALA CD 107 81.49 -13.25 -59.76
C ALA CD 107 82.90 -13.81 -59.63
N GLY CD 108 83.03 -15.09 -59.25
CA GLY CD 108 84.35 -15.67 -59.12
C GLY CD 108 85.08 -15.81 -60.43
N GLU CD 109 84.36 -16.17 -61.50
CA GLU CD 109 85.01 -16.33 -62.80
C GLU CD 109 85.56 -15.00 -63.31
N LEU CD 110 84.78 -13.93 -63.18
CA LEU CD 110 85.25 -12.62 -63.63
C LEU CD 110 86.47 -12.17 -62.85
N ALA CD 111 86.45 -12.35 -61.54
CA ALA CD 111 87.52 -11.83 -60.70
C ALA CD 111 88.86 -12.51 -60.96
N ARG CD 112 88.86 -13.72 -61.52
CA ARG CD 112 90.11 -14.42 -61.76
C ARG CD 112 90.82 -13.94 -63.03
N LYS CD 113 90.12 -13.24 -63.92
CA LYS CD 113 90.75 -12.72 -65.11
C LYS CD 113 91.70 -11.58 -64.77
N GLU CD 114 92.76 -11.46 -65.57
CA GLU CD 114 93.76 -10.42 -65.37
C GLU CD 114 93.43 -9.13 -66.10
N ASP CD 115 92.27 -9.05 -66.76
CA ASP CD 115 91.86 -7.85 -67.46
C ASP CD 115 90.66 -7.17 -66.81
N ILE CD 116 90.24 -7.61 -65.63
CA ILE CD 116 89.14 -7.00 -64.89
C ILE CD 116 89.69 -6.49 -63.57
N ASP CD 117 89.43 -5.22 -63.27
CA ASP CD 117 89.96 -4.56 -62.08
C ASP CD 117 88.92 -4.32 -61.00
N ALA CD 118 87.66 -4.66 -61.24
CA ALA CD 118 86.63 -4.49 -60.23
C ALA CD 118 85.38 -5.19 -60.70
N VAL CD 119 84.53 -5.57 -59.75
CA VAL CD 119 83.30 -6.30 -60.03
C VAL CD 119 82.19 -5.68 -59.21
N ILE CD 120 81.00 -5.58 -59.80
CA ILE CD 120 79.83 -4.99 -59.17
C ILE CD 120 78.71 -6.01 -59.23
N ALA CD 121 78.06 -6.22 -58.09
CA ALA CD 121 76.95 -7.17 -57.96
C ALA CD 121 75.65 -6.41 -57.79
N ILE CD 122 74.65 -6.76 -58.59
CA ILE CD 122 73.33 -6.13 -58.56
C ILE CD 122 72.30 -7.22 -58.38
N GLY CD 123 71.33 -6.99 -57.49
CA GLY CD 123 70.31 -7.99 -57.27
C GLY CD 123 69.24 -7.48 -56.34
N VAL CD 124 68.15 -8.24 -56.28
CA VAL CD 124 67.02 -7.94 -55.41
C VAL CD 124 66.56 -9.24 -54.76
N LEU CD 125 66.29 -9.19 -53.46
CA LEU CD 125 65.86 -10.35 -52.69
C LEU CD 125 64.47 -10.08 -52.12
N ILE CD 126 63.92 -11.12 -51.49
CA ILE CD 126 62.59 -11.02 -50.89
C ILE CD 126 62.60 -11.69 -49.52
N ARG CD 127 62.71 -10.90 -48.46
CA ARG CD 127 62.71 -11.45 -47.11
C ARG CD 127 61.38 -12.11 -46.79
N GLY CD 128 60.28 -11.48 -47.20
CA GLY CD 128 58.96 -12.05 -46.97
C GLY CD 128 58.61 -13.13 -47.97
N ALA CD 129 59.31 -14.26 -47.90
CA ALA CD 129 59.10 -15.37 -48.82
C ALA CD 129 59.10 -16.65 -48.01
N THR CD 130 59.14 -17.79 -48.71
CA THR CD 130 59.13 -19.08 -48.05
C THR CD 130 60.44 -19.28 -47.28
N PRO CD 131 60.45 -20.17 -46.29
CA PRO CD 131 61.69 -20.39 -45.53
C PRO CD 131 62.86 -20.83 -46.40
N HIS CD 132 62.59 -21.51 -47.51
CA HIS CD 132 63.68 -21.95 -48.38
C HIS CD 132 64.49 -20.78 -48.89
N PHE CD 133 63.86 -19.63 -49.11
CA PHE CD 133 64.55 -18.44 -49.59
C PHE CD 133 65.04 -17.58 -48.42
N ASP CD 134 65.71 -18.22 -47.48
CA ASP CD 134 66.39 -17.53 -46.37
C ASP CD 134 67.83 -17.98 -46.23
N TYR CD 135 68.12 -19.27 -46.44
CA TYR CD 135 69.50 -19.72 -46.50
C TYR CD 135 70.23 -19.04 -47.63
N ILE CD 136 69.54 -18.81 -48.75
CA ILE CD 136 70.15 -18.15 -49.90
C ILE CD 136 70.54 -16.72 -49.54
N ALA CD 137 69.66 -16.00 -48.83
CA ALA CD 137 69.86 -14.58 -48.60
C ALA CD 137 71.17 -14.32 -47.87
N SER CD 138 71.45 -15.10 -46.82
CA SER CD 138 72.66 -14.88 -46.05
C SER CD 138 73.90 -15.36 -46.79
N GLU CD 139 73.75 -16.35 -47.67
CA GLU CD 139 74.92 -16.93 -48.31
C GLU CD 139 75.50 -16.01 -49.37
N VAL CD 140 74.69 -15.13 -49.95
CA VAL CD 140 75.20 -14.19 -50.94
C VAL CD 140 76.23 -13.25 -50.31
N SER CD 141 75.92 -12.74 -49.13
CA SER CD 141 76.85 -11.85 -48.44
C SER CD 141 78.15 -12.57 -48.09
N LYS CD 142 78.04 -13.79 -47.56
CA LYS CD 142 79.25 -14.53 -47.18
C LYS CD 142 80.13 -14.81 -48.37
N GLY CD 143 79.54 -15.26 -49.47
CA GLY CD 143 80.34 -15.71 -50.61
C GLY CD 143 81.15 -14.59 -51.22
N LEU CD 144 80.53 -13.43 -51.43
CA LEU CD 144 81.23 -12.32 -52.04
C LEU CD 144 82.35 -11.80 -51.14
N ALA CD 145 82.12 -11.82 -49.82
CA ALA CD 145 83.14 -11.34 -48.89
C ALA CD 145 84.39 -12.22 -48.95
N ASN CD 146 84.22 -13.53 -48.99
CA ASN CD 146 85.37 -14.43 -48.99
C ASN CD 146 86.15 -14.33 -50.29
N LEU CD 147 85.49 -14.00 -51.40
CA LEU CD 147 86.19 -13.87 -52.67
C LEU CD 147 87.22 -12.76 -52.63
N SER CD 148 86.82 -11.59 -52.10
CA SER CD 148 87.69 -10.43 -52.13
C SER CD 148 89.00 -10.69 -51.40
N LEU CD 149 88.92 -11.25 -50.18
CA LEU CD 149 90.12 -11.53 -49.43
C LEU CD 149 90.95 -12.61 -50.11
N GLU CD 150 90.29 -13.61 -50.68
CA GLU CD 150 91.03 -14.70 -51.32
C GLU CD 150 91.77 -14.22 -52.56
N LEU CD 151 91.08 -13.51 -53.44
CA LEU CD 151 91.66 -13.06 -54.70
C LEU CD 151 92.34 -11.70 -54.59
N ARG CD 152 92.10 -10.95 -53.51
CA ARG CD 152 92.72 -9.65 -53.29
C ARG CD 152 92.36 -8.69 -54.42
N LYS CD 153 91.06 -8.44 -54.56
CA LYS CD 153 90.53 -7.64 -55.65
C LYS CD 153 89.17 -7.10 -55.24
N PRO CD 154 88.93 -5.78 -55.33
CA PRO CD 154 87.66 -5.24 -54.83
C PRO CD 154 86.45 -5.85 -55.51
N ILE CD 155 85.45 -6.18 -54.71
CA ILE CD 155 84.15 -6.60 -55.19
C ILE CD 155 83.10 -5.81 -54.42
N THR CD 156 82.25 -5.10 -55.15
CA THR CD 156 81.32 -4.15 -54.56
C THR CD 156 79.93 -4.76 -54.45
N PHE CD 157 79.16 -4.25 -53.50
CA PHE CD 157 77.88 -4.81 -53.11
C PHE CD 157 76.77 -3.86 -53.53
N GLY CD 158 75.78 -4.39 -54.25
CA GLY CD 158 74.66 -3.59 -54.69
C GLY CD 158 73.34 -4.33 -54.60
N VAL CD 159 73.23 -5.27 -53.66
CA VAL CD 159 72.06 -6.11 -53.55
C VAL CD 159 71.10 -5.47 -52.55
N ILE CD 160 69.88 -5.18 -53.00
CA ILE CD 160 68.87 -4.54 -52.18
C ILE CD 160 67.74 -5.52 -51.93
N THR CD 161 66.74 -5.09 -51.17
CA THR CD 161 65.59 -5.93 -50.85
C THR CD 161 64.31 -5.14 -51.07
N ALA CD 162 63.26 -5.86 -51.48
CA ALA CD 162 61.97 -5.25 -51.75
C ALA CD 162 61.08 -5.31 -50.52
N ALA DD 10 94.55 18.51 -33.45
CA ALA DD 10 93.46 18.08 -32.58
C ALA DD 10 93.88 16.90 -31.74
N GLY DD 11 92.95 16.33 -30.99
CA GLY DD 11 93.26 15.13 -30.23
C GLY DD 11 92.09 14.77 -29.33
N THR DD 12 92.30 13.74 -28.51
CA THR DD 12 91.31 13.36 -27.52
C THR DD 12 92.00 12.58 -26.41
N LYS DD 13 91.20 12.04 -25.49
CA LYS DD 13 91.65 11.24 -24.36
C LYS DD 13 90.59 10.18 -24.10
N HIS DD 14 90.58 9.60 -22.90
CA HIS DD 14 89.58 8.60 -22.57
C HIS DD 14 88.18 9.07 -22.96
N GLY DD 15 87.35 8.14 -23.46
CA GLY DD 15 85.97 8.44 -23.92
C GLY DD 15 85.81 8.14 -25.40
N ASN DD 16 86.70 8.66 -26.25
CA ASN DD 16 86.65 8.44 -27.72
C ASN DD 16 87.10 7.01 -28.01
N LYS DD 17 86.50 6.34 -29.00
CA LYS DD 17 86.84 4.93 -29.35
C LYS DD 17 88.14 4.87 -30.16
N GLY DD 18 88.58 5.99 -30.74
CA GLY DD 18 89.87 6.04 -31.45
C GLY DD 18 91.04 5.89 -30.48
N TRP DD 19 90.92 6.40 -29.24
CA TRP DD 19 91.99 6.37 -28.25
C TRP DD 19 92.14 4.98 -27.64
N GLU DD 20 91.03 4.34 -27.29
CA GLU DD 20 91.10 3.01 -26.70
C GLU DD 20 91.71 2.01 -27.68
N ALA DD 21 91.29 2.08 -28.95
CA ALA DD 21 91.80 1.15 -29.95
C ALA DD 21 93.31 1.29 -30.10
N ALA DD 22 93.80 2.52 -30.12
CA ALA DD 22 95.25 2.73 -30.25
C ALA DD 22 96.00 2.19 -29.04
N LEU DD 23 95.38 2.24 -27.87
CA LEU DD 23 96.03 1.69 -26.67
C LEU DD 23 96.27 0.19 -26.83
N SER DD 24 95.26 -0.54 -27.29
CA SER DD 24 95.39 -1.99 -27.43
C SER DD 24 96.49 -2.35 -28.42
N ALA DD 25 96.60 -1.59 -29.50
CA ALA DD 25 97.60 -1.87 -30.51
C ALA DD 25 99.01 -1.76 -29.95
N ILE DD 26 99.26 -0.73 -29.15
CA ILE DD 26 100.60 -0.55 -28.58
C ILE DD 26 100.94 -1.71 -27.65
N GLU DD 27 99.99 -2.08 -26.79
CA GLU DD 27 100.24 -3.18 -25.85
C GLU DD 27 100.47 -4.49 -26.59
N MET DD 28 99.65 -4.77 -27.61
CA MET DD 28 99.80 -6.01 -28.36
C MET DD 28 101.08 -6.02 -29.18
N ALA DD 29 101.45 -4.88 -29.76
CA ALA DD 29 102.65 -4.83 -30.58
C ALA DD 29 103.90 -5.08 -29.75
N ASN DD 30 103.93 -4.56 -28.52
CA ASN DD 30 105.07 -4.81 -27.64
C ASN DD 30 105.08 -6.25 -27.12
N LEU DD 31 103.90 -6.80 -26.86
CA LEU DD 31 103.81 -8.16 -26.33
C LEU DD 31 104.44 -9.17 -27.28
N PHE DD 32 104.15 -9.05 -28.58
CA PHE DD 32 104.66 -10.03 -29.53
C PHE DD 32 106.18 -10.01 -29.58
N LYS DD 33 106.77 -8.82 -29.54
CA LYS DD 33 108.23 -8.73 -29.55
C LYS DD 33 108.83 -9.45 -28.34
N SER DD 34 108.13 -9.43 -27.21
CA SER DD 34 108.61 -10.17 -26.04
C SER DD 34 108.49 -11.67 -26.24
N LEU DD 35 107.40 -12.13 -26.85
CA LEU DD 35 107.21 -13.56 -27.04
C LEU DD 35 108.25 -14.14 -27.98
N ARG DD 36 108.56 -13.44 -29.07
CA ARG DD 36 109.57 -13.91 -30.01
C ARG DD 36 110.98 -13.78 -29.48
N GLY DD 37 111.18 -13.13 -28.34
CA GLY DD 37 112.51 -12.92 -27.80
C GLY DD 37 113.08 -14.17 -27.17
N THR DD 38 114.33 -14.05 -26.74
CA THR DD 38 115.02 -15.18 -26.13
C THR DD 38 114.28 -15.64 -24.88
N GLY DD 39 114.19 -16.96 -24.70
CA GLY DD 39 113.49 -17.51 -23.56
C GLY DD 39 114.19 -17.19 -22.25
N GLY DD 40 113.42 -17.29 -21.18
CA GLY DD 40 113.94 -17.01 -19.85
C GLY DD 40 114.79 -18.15 -19.32
N SER DD 41 115.39 -17.89 -18.14
CA SER DD 41 116.25 -18.87 -17.49
C SER DD 41 115.46 -19.89 -16.68
N GLY DD 42 114.14 -19.79 -16.64
CA GLY DD 42 113.35 -20.73 -15.87
C GLY DD 42 113.41 -20.44 -14.38
N SER DD 43 113.20 -21.50 -13.59
CA SER DD 43 113.20 -21.49 -12.14
C SER DD 43 111.92 -20.89 -11.55
N SER DD 44 111.01 -20.37 -12.37
CA SER DD 44 109.74 -19.87 -11.87
C SER DD 44 108.81 -19.65 -13.05
N MET DD 45 107.56 -19.31 -12.72
CA MET DD 45 106.55 -19.03 -13.75
C MET DD 45 106.90 -17.73 -14.47
N GLU DD 46 106.70 -17.74 -15.78
CA GLU DD 46 106.96 -16.57 -16.61
C GLU DD 46 105.66 -15.86 -16.94
N ILE DD 47 105.60 -14.56 -16.67
CA ILE DD 47 104.44 -13.74 -16.94
C ILE DD 47 104.83 -12.76 -18.05
N TYR DD 48 104.07 -12.80 -19.15
CA TYR DD 48 104.29 -11.91 -20.28
C TYR DD 48 103.18 -10.87 -20.33
N GLU DD 49 103.56 -9.61 -20.46
CA GLU DD 49 102.59 -8.52 -20.54
C GLU DD 49 103.21 -7.39 -21.35
N GLY DD 50 102.36 -6.49 -21.84
CA GLY DD 50 102.79 -5.44 -22.73
C GLY DD 50 102.97 -4.10 -22.04
N LYS DD 51 103.91 -3.31 -22.56
CA LYS DD 51 104.20 -1.98 -22.06
C LYS DD 51 103.56 -0.93 -22.95
N LEU DD 52 103.17 0.19 -22.34
CA LEU DD 52 102.59 1.30 -23.07
C LEU DD 52 103.67 2.24 -23.58
N THR DD 53 104.63 1.69 -24.33
CA THR DD 53 105.67 2.46 -24.99
C THR DD 53 105.60 2.21 -26.49
N ALA DD 54 105.73 3.26 -27.28
CA ALA DD 54 105.57 3.18 -28.72
C ALA DD 54 106.83 3.52 -29.50
N GLU DD 55 107.97 3.59 -28.84
CA GLU DD 55 109.20 3.97 -29.52
C GLU DD 55 109.64 2.88 -30.49
N GLY DD 56 109.87 3.26 -31.74
CA GLY DD 56 110.33 2.33 -32.74
C GLY DD 56 109.27 1.47 -33.39
N LEU DD 57 108.00 1.77 -33.18
CA LEU DD 57 106.90 0.99 -33.72
C LEU DD 57 106.30 1.68 -34.94
N ARG DD 58 105.60 0.90 -35.75
CA ARG DD 58 104.97 1.37 -36.98
C ARG DD 58 103.53 0.87 -37.04
N PHE DD 59 102.63 1.72 -37.51
CA PHE DD 59 101.19 1.45 -37.45
C PHE DD 59 100.54 1.75 -38.79
N GLY DD 60 99.33 1.24 -38.93
CA GLY DD 60 98.49 1.57 -40.07
C GLY DD 60 97.05 1.76 -39.64
N ILE DD 61 96.38 2.69 -40.29
CA ILE DD 61 95.00 3.05 -39.93
C ILE DD 61 94.17 2.97 -41.20
N VAL DD 62 92.98 2.38 -41.08
CA VAL DD 62 92.02 2.27 -42.17
C VAL DD 62 90.72 2.89 -41.70
N ALA DD 63 90.24 3.89 -42.43
CA ALA DD 63 89.07 4.67 -42.03
C ALA DD 63 88.07 4.75 -43.16
N SER DD 64 86.79 4.81 -42.79
CA SER DD 64 85.69 4.95 -43.73
C SER DD 64 85.23 6.39 -43.79
N ARG DD 65 84.81 6.81 -44.99
CA ARG DD 65 84.42 8.19 -45.22
C ARG DD 65 83.00 8.50 -44.78
N PHE DD 66 82.18 7.48 -44.53
CA PHE DD 66 80.80 7.72 -44.12
C PHE DD 66 80.76 8.38 -42.75
N ASN DD 67 79.78 9.27 -42.57
CA ASN DD 67 79.59 10.00 -41.32
C ASN DD 67 80.86 10.78 -40.96
N HIS DD 68 81.15 11.78 -41.80
CA HIS DD 68 82.39 12.52 -41.68
C HIS DD 68 82.54 13.18 -40.31
N ALA DD 69 81.44 13.55 -39.67
CA ALA DD 69 81.53 14.21 -38.37
C ALA DD 69 82.10 13.27 -37.33
N LEU DD 70 81.54 12.06 -37.22
CA LEU DD 70 81.98 11.13 -36.19
C LEU DD 70 83.37 10.57 -36.50
N VAL DD 71 83.58 10.13 -37.73
CA VAL DD 71 84.81 9.39 -38.03
C VAL DD 71 86.02 10.29 -37.89
N ASP DD 72 85.88 11.57 -38.24
CA ASP DD 72 87.03 12.46 -38.23
C ASP DD 72 87.63 12.58 -36.83
N ARG DD 73 86.78 12.66 -35.80
CA ARG DD 73 87.29 12.82 -34.46
C ARG DD 73 87.88 11.52 -33.92
N LEU DD 74 87.42 10.36 -34.40
CA LEU DD 74 88.05 9.10 -34.00
C LEU DD 74 89.44 8.96 -34.59
N VAL DD 75 89.64 9.38 -35.84
CA VAL DD 75 90.97 9.27 -36.43
C VAL DD 75 91.95 10.19 -35.72
N GLU DD 76 91.49 11.36 -35.28
CA GLU DD 76 92.35 12.27 -34.53
C GLU DD 76 92.74 11.67 -33.18
N GLY DD 77 91.81 11.00 -32.52
CA GLY DD 77 92.15 10.34 -31.27
C GLY DD 77 93.21 9.28 -31.45
N ALA DD 78 93.08 8.46 -32.51
CA ALA DD 78 94.04 7.39 -32.75
C ALA DD 78 95.44 7.94 -32.98
N ILE DD 79 95.56 8.98 -33.80
CA ILE DD 79 96.88 9.54 -34.10
C ILE DD 79 97.45 10.22 -32.86
N ASP DD 80 96.58 10.81 -32.03
CA ASP DD 80 97.05 11.49 -30.83
C ASP DD 80 97.68 10.50 -29.85
N CYS DD 81 97.07 9.32 -29.69
CA CYS DD 81 97.58 8.34 -28.74
C CYS DD 81 98.98 7.89 -29.11
N ILE DD 82 99.23 7.65 -30.39
CA ILE DD 82 100.53 7.13 -30.81
C ILE DD 82 101.63 8.15 -30.57
N VAL DD 83 101.35 9.42 -30.85
CA VAL DD 83 102.37 10.46 -30.71
C VAL DD 83 102.69 10.70 -29.24
N ARG DD 84 101.66 10.76 -28.40
CA ARG DD 84 101.89 11.08 -26.99
C ARG DD 84 102.71 10.01 -26.29
N HIS DD 85 102.51 8.76 -26.67
CA HIS DD 85 103.18 7.63 -26.02
C HIS DD 85 104.52 7.30 -26.62
N GLY DD 86 105.06 8.16 -27.48
CA GLY DD 86 106.41 8.00 -28.01
C GLY DD 86 106.48 7.73 -29.49
N GLY DD 87 105.36 7.66 -30.20
CA GLY DD 87 105.40 7.36 -31.61
C GLY DD 87 106.03 8.48 -32.42
N ARG DD 88 106.22 8.20 -33.69
CA ARG DD 88 106.82 9.12 -34.63
C ARG DD 88 105.88 9.29 -35.81
N GLU DD 89 105.59 10.55 -36.17
CA GLU DD 89 104.57 10.81 -37.18
C GLU DD 89 104.92 10.18 -38.53
N GLU DD 90 106.22 10.07 -38.84
CA GLU DD 90 106.64 9.47 -40.09
C GLU DD 90 106.31 7.98 -40.19
N ASP DD 91 105.94 7.35 -39.09
CA ASP DD 91 105.67 5.90 -39.05
C ASP DD 91 104.19 5.60 -38.87
N ILE DD 92 103.33 6.37 -39.52
CA ILE DD 92 101.90 6.07 -39.56
C ILE DD 92 101.45 6.18 -41.02
N THR DD 93 100.69 5.19 -41.48
CA THR DD 93 100.11 5.18 -42.80
C THR DD 93 98.59 5.19 -42.66
N LEU DD 94 97.93 6.08 -43.38
CA LEU DD 94 96.48 6.22 -43.34
C LEU DD 94 95.89 5.86 -44.69
N VAL DD 95 94.75 5.19 -44.67
CA VAL DD 95 94.05 4.77 -45.88
C VAL DD 95 92.56 5.09 -45.71
N ARG DD 96 91.99 5.78 -46.69
CA ARG DD 96 90.57 6.08 -46.72
C ARG DD 96 89.87 5.17 -47.71
N VAL DD 97 88.64 4.77 -47.38
CA VAL DD 97 87.85 3.89 -48.24
C VAL DD 97 86.41 4.38 -48.25
N PRO DD 98 85.66 4.04 -49.30
CA PRO DD 98 84.26 4.50 -49.39
C PRO DD 98 83.43 4.20 -48.15
N GLY DD 99 83.35 2.94 -47.73
CA GLY DD 99 82.47 2.58 -46.65
C GLY DD 99 82.95 1.40 -45.84
N SER DD 100 82.10 0.91 -44.93
CA SER DD 100 82.50 -0.15 -44.03
C SER DD 100 82.72 -1.46 -44.77
N TRP DD 101 81.96 -1.72 -45.84
CA TRP DD 101 82.10 -2.98 -46.56
C TRP DD 101 83.50 -3.15 -47.14
N GLU DD 102 84.19 -2.06 -47.43
CA GLU DD 102 85.51 -2.14 -48.04
C GLU DD 102 86.65 -2.19 -47.03
N ILE DD 103 86.37 -2.04 -45.73
CA ILE DD 103 87.45 -2.01 -44.74
C ILE DD 103 88.26 -3.30 -44.75
N PRO DD 104 87.65 -4.49 -44.67
CA PRO DD 104 88.47 -5.71 -44.58
C PRO DD 104 89.45 -5.89 -45.72
N VAL DD 105 89.05 -5.57 -46.95
CA VAL DD 105 89.93 -5.82 -48.09
C VAL DD 105 91.14 -4.91 -48.03
N ALA DD 106 90.94 -3.64 -47.69
CA ALA DD 106 92.06 -2.72 -47.59
C ALA DD 106 92.98 -3.06 -46.43
N ALA DD 107 92.40 -3.51 -45.31
CA ALA DD 107 93.22 -3.87 -44.16
C ALA DD 107 94.18 -5.01 -44.51
N GLY DD 108 93.74 -5.93 -45.36
CA GLY DD 108 94.61 -7.03 -45.75
C GLY DD 108 95.83 -6.57 -46.51
N GLU DD 109 95.68 -5.55 -47.34
CA GLU DD 109 96.82 -5.03 -48.09
C GLU DD 109 97.87 -4.46 -47.16
N LEU DD 110 97.45 -3.79 -46.09
CA LEU DD 110 98.40 -3.21 -45.14
C LEU DD 110 99.09 -4.28 -44.32
N ALA DD 111 98.33 -5.26 -43.83
CA ALA DD 111 98.89 -6.26 -42.92
C ALA DD 111 100.02 -7.06 -43.55
N ARG DD 112 100.07 -7.14 -44.88
CA ARG DD 112 101.10 -7.93 -45.54
C ARG DD 112 102.42 -7.18 -45.68
N LYS DD 113 102.44 -5.87 -45.46
CA LYS DD 113 103.69 -5.14 -45.49
C LYS DD 113 104.63 -5.63 -44.41
N GLU DD 114 105.89 -5.84 -44.77
CA GLU DD 114 106.86 -6.33 -43.80
C GLU DD 114 107.23 -5.30 -42.75
N ASP DD 115 106.80 -4.04 -42.92
CA ASP DD 115 107.18 -2.96 -42.02
C ASP DD 115 105.96 -2.37 -41.31
N ILE DD 116 104.94 -3.18 -41.09
CA ILE DD 116 103.76 -2.78 -40.32
C ILE DD 116 103.63 -3.75 -39.15
N ASP DD 117 103.53 -3.21 -37.94
CA ASP DD 117 103.46 -4.01 -36.73
C ASP DD 117 102.05 -4.18 -36.20
N ALA DD 118 101.14 -3.26 -36.51
CA ALA DD 118 99.76 -3.37 -36.07
C ALA DD 118 98.89 -2.53 -37.00
N VAL DD 119 97.59 -2.78 -36.95
CA VAL DD 119 96.62 -2.13 -37.82
C VAL DD 119 95.38 -1.78 -37.00
N ILE DD 120 94.82 -0.61 -37.26
CA ILE DD 120 93.67 -0.09 -36.52
C ILE DD 120 92.56 0.19 -37.52
N ALA DD 121 91.38 -0.39 -37.29
CA ALA DD 121 90.23 -0.22 -38.16
C ALA DD 121 89.20 0.68 -37.51
N ILE DD 122 88.74 1.70 -38.23
CA ILE DD 122 87.82 2.70 -37.73
C ILE DD 122 86.65 2.83 -38.69
N GLY DD 123 85.44 2.91 -38.16
CA GLY DD 123 84.27 3.06 -39.00
C GLY DD 123 83.03 3.20 -38.15
N VAL DD 124 81.90 3.42 -38.83
CA VAL DD 124 80.61 3.59 -38.19
C VAL DD 124 79.60 2.70 -38.90
N LEU DD 125 78.78 2.00 -38.12
CA LEU DD 125 77.77 1.09 -38.62
C LEU DD 125 76.39 1.62 -38.27
N ILE DD 126 75.45 1.44 -39.21
CA ILE DD 126 74.09 1.94 -39.04
C ILE DD 126 73.11 0.77 -39.00
N ARG DD 127 73.58 -0.36 -38.46
CA ARG DD 127 72.75 -1.56 -38.42
C ARG DD 127 71.50 -1.34 -37.58
N GLY DD 128 70.42 -2.00 -37.98
CA GLY DD 128 69.16 -1.98 -37.26
C GLY DD 128 68.07 -1.19 -37.95
N ALA DD 129 68.45 -0.15 -38.70
CA ALA DD 129 67.44 0.71 -39.34
C ALA DD 129 66.68 -0.06 -40.42
N THR DD 130 67.39 -0.71 -41.32
CA THR DD 130 66.78 -1.39 -42.46
C THR DD 130 67.72 -2.48 -42.93
N PRO DD 131 67.26 -3.38 -43.81
CA PRO DD 131 68.17 -4.37 -44.39
C PRO DD 131 69.24 -3.73 -45.25
N HIS DD 132 70.11 -4.54 -45.85
CA HIS DD 132 71.27 -4.12 -46.64
C HIS DD 132 72.40 -3.64 -45.73
N PHE DD 133 72.20 -3.58 -44.42
CA PHE DD 133 73.22 -3.18 -43.47
C PHE DD 133 73.50 -4.23 -42.41
N ASP DD 134 72.51 -5.05 -42.04
CA ASP DD 134 72.77 -6.16 -41.14
C ASP DD 134 73.74 -7.14 -41.78
N TYR DD 135 73.59 -7.37 -43.09
CA TYR DD 135 74.56 -8.20 -43.80
C TYR DD 135 75.93 -7.57 -43.79
N ILE DD 136 76.02 -6.26 -44.01
CA ILE DD 136 77.32 -5.59 -44.05
C ILE DD 136 78.00 -5.69 -42.71
N ALA DD 137 77.26 -5.47 -41.62
CA ALA DD 137 77.85 -5.45 -40.29
C ALA DD 137 78.45 -6.80 -39.93
N SER DD 138 77.75 -7.88 -40.28
CA SER DD 138 78.23 -9.21 -39.91
C SER DD 138 79.55 -9.53 -40.56
N GLU DD 139 79.70 -9.20 -41.85
CA GLU DD 139 80.89 -9.64 -42.58
C GLU DD 139 82.12 -8.82 -42.20
N VAL DD 140 81.94 -7.58 -41.74
CA VAL DD 140 83.10 -6.78 -41.36
C VAL DD 140 83.80 -7.39 -40.16
N SER DD 141 83.04 -7.84 -39.17
CA SER DD 141 83.64 -8.50 -38.01
C SER DD 141 84.32 -9.80 -38.40
N LYS DD 142 83.68 -10.60 -39.25
CA LYS DD 142 84.27 -11.88 -39.65
C LYS DD 142 85.59 -11.68 -40.38
N GLY DD 143 85.64 -10.75 -41.33
CA GLY DD 143 86.82 -10.61 -42.16
C GLY DD 143 88.04 -10.16 -41.38
N LEU DD 144 87.86 -9.17 -40.51
CA LEU DD 144 88.99 -8.66 -39.74
C LEU DD 144 89.54 -9.71 -38.80
N ALA DD 145 88.66 -10.50 -38.17
CA ALA DD 145 89.12 -11.55 -37.28
C ALA DD 145 89.93 -12.60 -38.03
N ASN DD 146 89.40 -13.06 -39.17
CA ASN DD 146 90.09 -14.11 -39.93
C ASN DD 146 91.45 -13.64 -40.40
N LEU DD 147 91.56 -12.38 -40.83
CA LEU DD 147 92.83 -11.86 -41.30
C LEU DD 147 93.88 -11.90 -40.21
N SER DD 148 93.48 -11.63 -38.96
CA SER DD 148 94.42 -11.57 -37.86
C SER DD 148 95.09 -12.91 -37.62
N LEU DD 149 94.31 -13.98 -37.64
CA LEU DD 149 94.87 -15.31 -37.40
C LEU DD 149 95.70 -15.79 -38.57
N GLU DD 150 95.24 -15.53 -39.80
CA GLU DD 150 95.94 -16.02 -40.97
C GLU DD 150 97.29 -15.31 -41.14
N LEU DD 151 97.33 -14.01 -40.88
CA LEU DD 151 98.53 -13.22 -41.08
C LEU DD 151 99.37 -13.05 -39.82
N ARG DD 152 98.79 -13.31 -38.64
CA ARG DD 152 99.52 -13.27 -37.38
C ARG DD 152 100.01 -11.87 -37.03
N LYS DD 153 99.14 -10.87 -37.23
CA LYS DD 153 99.39 -9.52 -36.80
C LYS DD 153 98.17 -9.00 -36.06
N PRO DD 154 98.33 -8.32 -34.93
CA PRO DD 154 97.16 -7.79 -34.24
C PRO DD 154 96.41 -6.77 -35.11
N ILE DD 155 95.08 -6.80 -35.01
CA ILE DD 155 94.22 -5.93 -35.81
C ILE DD 155 93.08 -5.47 -34.90
N THR DD 156 93.07 -4.20 -34.54
CA THR DD 156 92.14 -3.69 -33.54
C THR DD 156 90.83 -3.26 -34.20
N PHE DD 157 89.77 -3.28 -33.40
CA PHE DD 157 88.40 -3.10 -33.87
C PHE DD 157 87.84 -1.81 -33.26
N GLY DD 158 87.97 -0.72 -33.99
CA GLY DD 158 87.44 0.56 -33.59
C GLY DD 158 86.04 0.87 -34.10
N VAL DD 159 85.37 -0.10 -34.71
CA VAL DD 159 84.07 0.15 -35.33
C VAL DD 159 83.03 0.39 -34.24
N ILE DD 160 82.31 1.50 -34.35
CA ILE DD 160 81.23 1.83 -33.43
C ILE DD 160 79.91 1.72 -34.16
N THR DD 161 78.83 1.83 -33.40
CA THR DD 161 77.48 1.80 -33.96
C THR DD 161 76.68 2.96 -33.37
N ALA DD 162 75.90 3.62 -34.21
CA ALA DD 162 75.10 4.77 -33.79
C ALA DD 162 73.63 4.38 -33.68
N GLY ED 15 81.81 -25.10 -8.83
CA GLY ED 15 83.24 -24.86 -8.64
C GLY ED 15 83.82 -23.94 -9.71
N ASN ED 16 85.13 -23.73 -9.65
CA ASN ED 16 85.78 -22.88 -10.63
C ASN ED 16 85.65 -23.46 -12.02
N LYS ED 17 85.26 -22.62 -12.97
CA LYS ED 17 85.31 -23.01 -14.37
C LYS ED 17 86.74 -23.08 -14.87
N GLY ED 18 87.67 -22.43 -14.17
CA GLY ED 18 89.08 -22.59 -14.50
C GLY ED 18 89.65 -23.91 -14.03
N TRP ED 19 89.09 -24.49 -12.97
CA TRP ED 19 89.49 -25.83 -12.56
C TRP ED 19 89.07 -26.85 -13.62
N GLU ED 20 87.84 -26.73 -14.12
CA GLU ED 20 87.36 -27.68 -15.13
C GLU ED 20 88.17 -27.58 -16.41
N ALA ED 21 88.52 -26.36 -16.83
CA ALA ED 21 89.27 -26.20 -18.06
C ALA ED 21 90.64 -26.84 -17.98
N ALA ED 22 91.24 -26.88 -16.80
CA ALA ED 22 92.56 -27.47 -16.66
C ALA ED 22 92.50 -28.99 -16.66
N LEU ED 23 91.43 -29.59 -16.13
CA LEU ED 23 91.28 -31.04 -16.22
C LEU ED 23 91.20 -31.50 -17.67
N SER ED 24 90.48 -30.75 -18.50
CA SER ED 24 90.36 -31.12 -19.90
C SER ED 24 91.70 -31.01 -20.63
N ALA ED 25 92.55 -30.08 -20.21
CA ALA ED 25 93.83 -29.92 -20.87
C ALA ED 25 94.83 -31.00 -20.46
N ILE ED 26 94.77 -31.44 -19.21
CA ILE ED 26 95.62 -32.54 -18.78
C ILE ED 26 95.25 -33.82 -19.52
N GLU ED 27 93.94 -34.08 -19.63
CA GLU ED 27 93.48 -35.30 -20.29
C GLU ED 27 93.80 -35.28 -21.78
N MET ED 28 93.58 -34.16 -22.45
CA MET ED 28 93.81 -34.10 -23.89
C MET ED 28 95.29 -34.16 -24.22
N ALA ED 29 96.14 -33.58 -23.38
CA ALA ED 29 97.57 -33.64 -23.62
C ALA ED 29 98.09 -35.06 -23.56
N ASN ED 30 97.60 -35.84 -22.58
CA ASN ED 30 98.02 -37.23 -22.47
C ASN ED 30 97.48 -38.07 -23.61
N LEU ED 31 96.25 -37.79 -24.06
CA LEU ED 31 95.66 -38.57 -25.14
C LEU ED 31 96.47 -38.43 -26.42
N PHE ED 32 96.88 -37.22 -26.76
CA PHE ED 32 97.63 -37.01 -27.99
C PHE ED 32 99.00 -37.66 -27.94
N LYS ED 33 99.53 -37.95 -26.75
CA LYS ED 33 100.80 -38.63 -26.64
C LYS ED 33 100.68 -40.12 -26.94
N SER ED 34 99.56 -40.73 -26.58
CA SER ED 34 99.36 -42.15 -26.88
C SER ED 34 99.07 -42.36 -28.37
N LEU ED 35 98.30 -41.45 -28.98
CA LEU ED 35 98.03 -41.57 -30.41
C LEU ED 35 99.30 -41.47 -31.23
N ARG ED 36 100.18 -40.52 -30.89
CA ARG ED 36 101.43 -40.36 -31.61
C ARG ED 36 102.35 -41.56 -31.44
N GLY ED 37 102.17 -42.34 -30.38
CA GLY ED 37 103.01 -43.48 -30.12
C GLY ED 37 102.51 -44.74 -30.80
N THR ED 38 103.19 -45.84 -30.51
CA THR ED 38 102.84 -47.12 -31.10
C THR ED 38 101.48 -47.59 -30.58
N GLY ED 39 100.78 -48.36 -31.41
CA GLY ED 39 99.48 -48.88 -31.07
C GLY ED 39 99.57 -50.13 -30.23
N GLY ED 40 98.42 -50.79 -30.10
CA GLY ED 40 98.33 -52.00 -29.30
C GLY ED 40 98.93 -53.20 -30.00
N SER ED 41 98.97 -54.31 -29.27
CA SER ED 41 99.53 -55.55 -29.79
C SER ED 41 98.64 -56.21 -30.83
N GLY ED 42 97.41 -55.73 -31.02
CA GLY ED 42 96.49 -56.31 -31.98
C GLY ED 42 95.69 -57.45 -31.40
N SER ED 43 94.89 -58.06 -32.27
CA SER ED 43 94.00 -59.17 -31.96
C SER ED 43 92.81 -58.75 -31.10
N SER ED 44 92.64 -57.45 -30.87
CA SER ED 44 91.51 -56.97 -30.09
C SER ED 44 91.30 -55.49 -30.41
N MET ED 45 90.17 -54.97 -29.97
CA MET ED 45 89.84 -53.57 -30.21
C MET ED 45 90.87 -52.66 -29.53
N GLU ED 46 91.33 -51.65 -30.26
CA GLU ED 46 92.29 -50.70 -29.75
C GLU ED 46 91.56 -49.50 -29.14
N ILE ED 47 91.76 -49.28 -27.84
CA ILE ED 47 91.14 -48.19 -27.11
C ILE ED 47 92.21 -47.21 -26.70
N TYR ED 48 91.99 -45.93 -27.00
CA TYR ED 48 92.90 -44.85 -26.64
C TYR ED 48 92.24 -43.96 -25.59
N GLU ED 49 93.00 -43.61 -24.57
CA GLU ED 49 92.46 -43.00 -23.36
C GLU ED 49 93.49 -42.05 -22.79
N GLY ED 50 93.02 -41.04 -22.06
CA GLY ED 50 93.90 -40.06 -21.45
C GLY ED 50 93.83 -40.04 -19.93
N LYS ED 51 94.98 -40.15 -19.28
CA LYS ED 51 95.06 -40.17 -17.83
C LYS ED 51 95.15 -38.76 -17.25
N LEU ED 52 94.78 -38.64 -15.98
CA LEU ED 52 94.84 -37.36 -15.27
C LEU ED 52 96.12 -37.23 -14.46
N THR ED 53 97.28 -37.44 -15.09
CA THR ED 53 98.58 -37.24 -14.47
C THR ED 53 99.32 -36.16 -15.25
N ALA ED 54 99.87 -35.19 -14.52
CA ALA ED 54 100.40 -33.96 -15.11
C ALA ED 54 101.88 -33.80 -14.81
N GLU ED 55 102.65 -34.87 -14.93
CA GLU ED 55 104.09 -34.83 -14.69
C GLU ED 55 104.81 -34.77 -16.03
N GLY ED 56 105.67 -33.78 -16.20
CA GLY ED 56 106.43 -33.62 -17.42
C GLY ED 56 105.73 -32.87 -18.53
N LEU ED 57 104.55 -32.29 -18.27
CA LEU ED 57 103.78 -31.61 -19.29
C LEU ED 57 103.92 -30.10 -19.14
N ARG ED 58 103.96 -29.40 -20.27
CA ARG ED 58 104.10 -27.96 -20.32
C ARG ED 58 102.78 -27.33 -20.74
N PHE ED 59 102.39 -26.26 -20.05
CA PHE ED 59 101.10 -25.63 -20.24
C PHE ED 59 101.27 -24.14 -20.46
N GLY ED 60 100.29 -23.55 -21.15
CA GLY ED 60 100.23 -22.12 -21.34
C GLY ED 60 98.84 -21.58 -21.10
N ILE ED 61 98.72 -20.42 -20.46
CA ILE ED 61 97.43 -19.83 -20.11
C ILE ED 61 97.36 -18.43 -20.71
N VAL ED 62 96.19 -18.09 -21.24
CA VAL ED 62 95.91 -16.78 -21.82
C VAL ED 62 94.69 -16.21 -21.13
N ALA ED 63 94.83 -15.05 -20.50
CA ALA ED 63 93.76 -14.44 -19.73
C ALA ED 63 93.65 -12.97 -20.08
N SER ED 64 92.43 -12.45 -19.99
CA SER ED 64 92.13 -11.05 -20.24
C SER ED 64 92.11 -10.25 -18.94
N ARG ED 65 92.28 -8.93 -19.07
CA ARG ED 65 92.31 -8.04 -17.92
C ARG ED 65 90.96 -7.39 -17.62
N PHE ED 66 89.91 -7.71 -18.38
CA PHE ED 66 88.60 -7.13 -18.14
C PHE ED 66 87.95 -7.83 -16.95
N ASN ED 67 87.52 -7.05 -15.97
CA ASN ED 67 86.97 -7.58 -14.72
C ASN ED 67 87.97 -8.51 -14.03
N HIS ED 68 89.10 -7.92 -13.63
CA HIS ED 68 90.16 -8.70 -13.00
C HIS ED 68 89.74 -9.26 -11.65
N ALA ED 69 88.63 -8.81 -11.08
CA ALA ED 69 88.14 -9.42 -9.85
C ALA ED 69 87.76 -10.87 -10.08
N LEU ED 70 86.95 -11.14 -11.09
CA LEU ED 70 86.52 -12.52 -11.38
C LEU ED 70 87.63 -13.31 -12.07
N VAL ED 71 88.39 -12.66 -12.96
CA VAL ED 71 89.33 -13.39 -13.80
C VAL ED 71 90.45 -13.97 -12.97
N ASP ED 72 90.96 -13.21 -11.99
CA ASP ED 72 92.09 -13.69 -11.20
C ASP ED 72 91.73 -14.92 -10.41
N ARG ED 73 90.47 -15.04 -9.98
CA ARG ED 73 90.04 -16.26 -9.29
C ARG ED 73 90.12 -17.46 -10.21
N LEU ED 74 89.72 -17.30 -11.47
CA LEU ED 74 89.73 -18.42 -12.41
C LEU ED 74 91.16 -18.85 -12.74
N VAL ED 75 92.08 -17.90 -12.86
CA VAL ED 75 93.47 -18.23 -13.15
C VAL ED 75 94.08 -19.01 -11.99
N GLU ED 76 93.74 -18.62 -10.76
CA GLU ED 76 94.27 -19.31 -9.60
C GLU ED 76 93.80 -20.76 -9.54
N GLY ED 77 92.53 -21.00 -9.89
CA GLY ED 77 92.03 -22.36 -9.89
C GLY ED 77 92.74 -23.26 -10.87
N ALA ED 78 93.07 -22.73 -12.05
CA ALA ED 78 93.75 -23.53 -13.06
C ALA ED 78 95.12 -23.97 -12.57
N ILE ED 79 95.87 -23.06 -11.94
CA ILE ED 79 97.21 -23.40 -11.47
C ILE ED 79 97.14 -24.40 -10.33
N ASP ED 80 96.14 -24.26 -9.44
CA ASP ED 80 95.98 -25.20 -8.35
C ASP ED 80 95.72 -26.62 -8.86
N CYS ED 81 94.92 -26.75 -9.92
CA CYS ED 81 94.63 -28.06 -10.47
C CYS ED 81 95.90 -28.74 -10.98
N ILE ED 82 96.76 -28.00 -11.66
CA ILE ED 82 97.94 -28.60 -12.27
C ILE ED 82 98.93 -29.06 -11.20
N VAL ED 83 99.07 -28.29 -10.12
CA VAL ED 83 100.02 -28.67 -9.09
C VAL ED 83 99.53 -29.89 -8.33
N ARG ED 84 98.24 -29.96 -8.05
CA ARG ED 84 97.72 -31.06 -7.25
C ARG ED 84 97.79 -32.39 -8.00
N HIS ED 85 97.75 -32.36 -9.32
CA HIS ED 85 97.87 -33.56 -10.13
C HIS ED 85 99.31 -33.83 -10.56
N GLY ED 86 100.28 -33.31 -9.83
CA GLY ED 86 101.67 -33.59 -10.08
C GLY ED 86 102.39 -32.60 -10.95
N GLY ED 87 101.75 -31.48 -11.30
CA GLY ED 87 102.39 -30.51 -12.15
C GLY ED 87 103.41 -29.68 -11.43
N ARG ED 88 104.34 -29.11 -12.21
CA ARG ED 88 105.42 -28.29 -11.70
C ARG ED 88 105.19 -26.87 -12.15
N GLU ED 89 105.09 -25.95 -11.20
CA GLU ED 89 104.74 -24.57 -11.52
C GLU ED 89 105.79 -23.87 -12.37
N GLU ED 90 107.00 -24.43 -12.45
CA GLU ED 90 108.02 -23.93 -13.35
C GLU ED 90 107.68 -24.17 -14.82
N ASP ED 91 106.70 -25.01 -15.11
CA ASP ED 91 106.33 -25.37 -16.48
C ASP ED 91 104.98 -24.77 -16.87
N ILE ED 92 104.71 -23.54 -16.42
CA ILE ED 92 103.50 -22.82 -16.80
C ILE ED 92 103.90 -21.44 -17.31
N THR ED 93 103.35 -21.04 -18.44
CA THR ED 93 103.58 -19.73 -19.04
C THR ED 93 102.26 -18.98 -19.08
N LEU ED 94 102.27 -17.73 -18.62
CA LEU ED 94 101.07 -16.92 -18.49
C LEU ED 94 101.18 -15.67 -19.36
N VAL ED 95 100.14 -15.40 -20.14
CA VAL ED 95 100.07 -14.24 -21.03
C VAL ED 95 98.81 -13.45 -20.70
N ARG ED 96 98.95 -12.14 -20.53
CA ARG ED 96 97.83 -11.26 -20.22
C ARG ED 96 97.56 -10.35 -21.40
N VAL ED 97 96.29 -10.18 -21.75
CA VAL ED 97 95.92 -9.39 -22.93
C VAL ED 97 94.86 -8.37 -22.54
N PRO ED 98 94.73 -7.28 -23.31
CA PRO ED 98 93.75 -6.24 -22.98
C PRO ED 98 92.31 -6.72 -22.87
N GLY ED 99 91.78 -7.32 -23.93
CA GLY ED 99 90.38 -7.69 -23.96
C GLY ED 99 90.10 -9.03 -24.59
N SER ED 100 88.83 -9.37 -24.75
CA SER ED 100 88.47 -10.66 -25.32
C SER ED 100 88.85 -10.75 -26.79
N TRP ED 101 88.80 -9.63 -27.50
CA TRP ED 101 89.10 -9.64 -28.94
C TRP ED 101 90.51 -10.12 -29.23
N GLU ED 102 91.41 -10.09 -28.26
CA GLU ED 102 92.81 -10.40 -28.50
C GLU ED 102 93.21 -11.81 -28.06
N ILE ED 103 92.30 -12.58 -27.46
CA ILE ED 103 92.66 -13.91 -26.97
C ILE ED 103 93.03 -14.83 -28.13
N PRO ED 104 92.23 -14.92 -29.20
CA PRO ED 104 92.58 -15.87 -30.27
C PRO ED 104 93.96 -15.66 -30.87
N VAL ED 105 94.33 -14.42 -31.19
CA VAL ED 105 95.61 -14.20 -31.84
C VAL ED 105 96.76 -14.49 -30.87
N ALA ED 106 96.58 -14.14 -29.60
CA ALA ED 106 97.59 -14.48 -28.61
C ALA ED 106 97.73 -16.00 -28.46
N ALA ED 107 96.60 -16.71 -28.46
CA ALA ED 107 96.65 -18.16 -28.35
C ALA ED 107 97.39 -18.80 -29.51
N GLY ED 108 97.41 -18.13 -30.67
CA GLY ED 108 98.12 -18.67 -31.81
C GLY ED 108 99.61 -18.73 -31.61
N GLU ED 109 100.19 -17.69 -31.02
CA GLU ED 109 101.63 -17.65 -30.84
C GLU ED 109 102.09 -18.71 -29.84
N LEU ED 110 101.33 -18.89 -28.75
CA LEU ED 110 101.68 -19.94 -27.79
C LEU ED 110 101.57 -21.31 -28.42
N ALA ED 111 100.47 -21.60 -29.10
CA ALA ED 111 100.24 -22.93 -29.63
C ALA ED 111 101.29 -23.32 -30.66
N ARG ED 112 101.93 -22.37 -31.31
CA ARG ED 112 102.95 -22.68 -32.29
C ARG ED 112 104.29 -23.05 -31.67
N LYS ED 113 104.50 -22.76 -30.39
CA LYS ED 113 105.75 -23.11 -29.73
C LYS ED 113 105.78 -24.61 -29.45
N GLU ED 114 106.89 -25.25 -29.82
CA GLU ED 114 106.99 -26.70 -29.71
C GLU ED 114 107.08 -27.19 -28.27
N ASP ED 115 107.37 -26.31 -27.31
CA ASP ED 115 107.48 -26.69 -25.91
C ASP ED 115 106.17 -26.52 -25.15
N ILE ED 116 105.05 -26.46 -25.85
CA ILE ED 116 103.74 -26.32 -25.24
C ILE ED 116 102.87 -27.49 -25.68
N ASP ED 117 102.22 -28.13 -24.71
CA ASP ED 117 101.38 -29.30 -24.99
C ASP ED 117 99.90 -28.98 -25.01
N ALA ED 118 99.46 -27.93 -24.32
CA ALA ED 118 98.07 -27.51 -24.38
C ALA ED 118 97.99 -26.06 -23.95
N VAL ED 119 96.91 -25.40 -24.33
CA VAL ED 119 96.69 -23.98 -24.04
C VAL ED 119 95.31 -23.83 -23.43
N ILE ED 120 95.23 -23.04 -22.36
CA ILE ED 120 93.98 -22.78 -21.64
C ILE ED 120 93.65 -21.31 -21.82
N ALA ED 121 92.42 -21.01 -22.21
CA ALA ED 121 91.97 -19.66 -22.50
C ALA ED 121 90.90 -19.25 -21.50
N ILE ED 122 91.19 -18.23 -20.70
CA ILE ED 122 90.29 -17.76 -19.65
C ILE ED 122 89.87 -16.33 -19.97
N GLY ED 123 88.65 -16.00 -19.60
CA GLY ED 123 88.15 -14.66 -19.85
C GLY ED 123 86.70 -14.55 -19.46
N VAL ED 124 86.20 -13.31 -19.46
CA VAL ED 124 84.83 -13.00 -19.11
C VAL ED 124 84.23 -12.11 -20.19
N LEU ED 125 83.03 -12.45 -20.64
CA LEU ED 125 82.32 -11.68 -21.65
C LEU ED 125 81.28 -10.77 -20.98
N ILE ED 126 80.80 -9.81 -21.76
CA ILE ED 126 79.89 -8.78 -21.27
C ILE ED 126 78.52 -9.08 -21.86
N ARG ED 127 77.65 -9.71 -21.08
CA ARG ED 127 76.26 -9.87 -21.50
C ARG ED 127 75.57 -8.52 -21.51
N GLY ED 128 74.72 -8.32 -22.51
CA GLY ED 128 74.15 -7.00 -22.74
C GLY ED 128 75.12 -6.13 -23.51
N ALA ED 129 74.71 -4.88 -23.73
CA ALA ED 129 75.48 -3.94 -24.55
C ALA ED 129 75.78 -4.55 -25.91
N THR ED 130 74.77 -5.20 -26.47
CA THR ED 130 74.93 -5.89 -27.76
C THR ED 130 75.46 -5.01 -28.89
N PRO ED 131 75.01 -3.73 -29.07
CA PRO ED 131 75.46 -2.95 -30.23
C PRO ED 131 76.94 -3.06 -30.57
N HIS ED 132 77.82 -3.23 -29.57
CA HIS ED 132 79.25 -3.36 -29.80
C HIS ED 132 79.79 -4.73 -29.43
N PHE ED 133 79.51 -5.20 -28.21
CA PHE ED 133 80.14 -6.42 -27.71
C PHE ED 133 79.51 -7.69 -28.27
N ASP ED 134 78.32 -7.61 -28.89
CA ASP ED 134 77.71 -8.81 -29.44
C ASP ED 134 78.55 -9.40 -30.57
N TYR ED 135 79.25 -8.54 -31.32
CA TYR ED 135 80.07 -9.03 -32.43
C TYR ED 135 81.34 -9.71 -31.94
N ILE ED 136 81.96 -9.15 -30.89
CA ILE ED 136 83.16 -9.78 -30.33
C ILE ED 136 82.83 -11.13 -29.72
N ALA ED 137 81.58 -11.31 -29.27
CA ALA ED 137 81.25 -12.52 -28.53
C ALA ED 137 81.38 -13.78 -29.39
N SER ED 138 80.76 -13.78 -30.57
CA SER ED 138 80.81 -14.97 -31.41
C SER ED 138 82.19 -15.22 -31.98
N GLU ED 139 83.04 -14.19 -32.04
CA GLU ED 139 84.34 -14.34 -32.69
C GLU ED 139 85.32 -15.11 -31.81
N VAL ED 140 85.15 -15.05 -30.48
CA VAL ED 140 86.09 -15.72 -29.59
C VAL ED 140 85.97 -17.23 -29.71
N SER ED 141 84.75 -17.75 -29.67
CA SER ED 141 84.56 -19.18 -29.78
C SER ED 141 84.93 -19.69 -31.16
N LYS ED 142 84.55 -18.97 -32.21
CA LYS ED 142 84.87 -19.40 -33.57
C LYS ED 142 86.37 -19.44 -33.80
N GLY ED 143 87.09 -18.43 -33.31
CA GLY ED 143 88.53 -18.38 -33.55
C GLY ED 143 89.28 -19.50 -32.87
N LEU ED 144 88.93 -19.79 -31.61
CA LEU ED 144 89.64 -20.84 -30.88
C LEU ED 144 89.41 -22.21 -31.51
N ALA ED 145 88.17 -22.46 -31.96
CA ALA ED 145 87.85 -23.75 -32.58
C ALA ED 145 88.68 -23.96 -33.85
N ASN ED 146 88.81 -22.93 -34.67
CA ASN ED 146 89.56 -23.09 -35.92
C ASN ED 146 91.04 -23.29 -35.66
N LEU ED 147 91.58 -22.69 -34.60
CA LEU ED 147 93.02 -22.80 -34.33
C LEU ED 147 93.41 -24.24 -34.06
N SER ED 148 92.64 -24.94 -33.24
CA SER ED 148 93.01 -26.29 -32.85
C SER ED 148 93.03 -27.23 -34.05
N LEU ED 149 92.04 -27.11 -34.92
CA LEU ED 149 91.99 -27.95 -36.12
C LEU ED 149 93.16 -27.65 -37.05
N GLU ED 150 93.55 -26.39 -37.17
CA GLU ED 150 94.62 -26.03 -38.08
C GLU ED 150 95.98 -26.43 -37.53
N LEU ED 151 96.20 -26.23 -36.23
CA LEU ED 151 97.48 -26.55 -35.61
C LEU ED 151 97.54 -27.96 -35.06
N ARG ED 152 96.40 -28.67 -35.01
CA ARG ED 152 96.34 -30.04 -34.50
C ARG ED 152 96.88 -30.10 -33.06
N LYS ED 153 96.44 -29.14 -32.24
CA LYS ED 153 96.85 -29.04 -30.86
C LYS ED 153 95.61 -28.71 -30.04
N PRO ED 154 95.46 -29.27 -28.84
CA PRO ED 154 94.23 -29.03 -28.06
C PRO ED 154 94.25 -27.65 -27.40
N ILE ED 155 93.14 -26.92 -27.56
CA ILE ED 155 92.92 -25.65 -26.88
C ILE ED 155 91.58 -25.74 -26.17
N THR ED 156 91.58 -25.44 -24.88
CA THR ED 156 90.40 -25.59 -24.04
C THR ED 156 89.72 -24.24 -23.84
N PHE ED 157 88.42 -24.29 -23.58
CA PHE ED 157 87.54 -23.12 -23.54
C PHE ED 157 87.15 -22.87 -22.09
N GLY ED 158 87.66 -21.78 -21.52
CA GLY ED 158 87.38 -21.44 -20.15
C GLY ED 158 86.77 -20.06 -20.00
N VAL ED 159 85.89 -19.69 -20.93
CA VAL ED 159 85.30 -18.37 -20.99
C VAL ED 159 83.87 -18.46 -20.46
N ILE ED 160 83.54 -17.59 -19.50
CA ILE ED 160 82.21 -17.53 -18.93
C ILE ED 160 81.60 -16.16 -19.23
N THR ED 161 80.34 -15.98 -18.84
CA THR ED 161 79.60 -14.73 -19.09
C THR ED 161 79.16 -14.13 -17.76
N ALA ED 162 79.00 -12.81 -17.77
CA ALA ED 162 78.56 -12.08 -16.58
C ALA ED 162 79.49 -12.33 -15.40
N LYS FD 13 67.99 -50.97 -31.01
CA LYS FD 13 67.87 -50.93 -32.46
C LYS FD 13 66.92 -49.83 -32.90
N HIS FD 14 67.23 -49.21 -34.04
CA HIS FD 14 66.40 -48.13 -34.59
C HIS FD 14 66.44 -46.92 -33.67
N GLY FD 15 65.77 -47.01 -32.52
CA GLY FD 15 65.78 -45.90 -31.59
C GLY FD 15 67.17 -45.56 -31.10
N ASN FD 16 68.01 -46.58 -30.90
CA ASN FD 16 69.38 -46.36 -30.45
C ASN FD 16 70.15 -45.59 -31.51
N LYS FD 17 70.43 -44.30 -31.25
CA LYS FD 17 71.07 -43.46 -32.24
C LYS FD 17 72.49 -43.91 -32.55
N GLY FD 18 73.09 -44.77 -31.72
CA GLY FD 18 74.37 -45.34 -32.07
C GLY FD 18 74.27 -46.39 -33.15
N TRP FD 19 73.11 -47.05 -33.25
CA TRP FD 19 72.87 -47.99 -34.32
C TRP FD 19 72.67 -47.29 -35.65
N GLU FD 20 71.91 -46.19 -35.65
CA GLU FD 20 71.66 -45.46 -36.90
C GLU FD 20 72.96 -44.88 -37.47
N ALA FD 21 73.80 -44.30 -36.62
CA ALA FD 21 75.03 -43.69 -37.11
C ALA FD 21 75.95 -44.73 -37.73
N ALA FD 22 76.05 -45.92 -37.13
CA ALA FD 22 76.87 -46.97 -37.71
C ALA FD 22 76.34 -47.43 -39.05
N LEU FD 23 75.01 -47.52 -39.18
CA LEU FD 23 74.42 -47.93 -40.46
C LEU FD 23 74.76 -46.93 -41.55
N SER FD 24 74.65 -45.64 -41.26
CA SER FD 24 74.97 -44.63 -42.27
C SER FD 24 76.43 -44.70 -42.68
N ALA FD 25 77.31 -45.02 -41.73
CA ALA FD 25 78.73 -45.12 -42.06
C ALA FD 25 79.01 -46.25 -43.03
N ILE FD 26 78.38 -47.41 -42.81
CA ILE FD 26 78.62 -48.56 -43.70
C ILE FD 26 78.16 -48.24 -45.10
N GLU FD 27 76.99 -47.62 -45.24
CA GLU FD 27 76.47 -47.30 -46.56
C GLU FD 27 77.39 -46.34 -47.30
N MET FD 28 77.89 -45.31 -46.60
CA MET FD 28 78.69 -44.29 -47.27
C MET FD 28 80.06 -44.80 -47.64
N ALA FD 29 80.67 -45.64 -46.80
CA ALA FD 29 81.99 -46.16 -47.10
C ALA FD 29 81.95 -47.11 -48.30
N ASN FD 30 80.82 -47.78 -48.52
CA ASN FD 30 80.67 -48.62 -49.70
C ASN FD 30 80.44 -47.76 -50.95
N LEU FD 31 79.66 -46.69 -50.82
CA LEU FD 31 79.36 -45.84 -51.96
C LEU FD 31 80.64 -45.20 -52.50
N PHE FD 32 81.51 -44.72 -51.61
CA PHE FD 32 82.74 -44.08 -52.04
C PHE FD 32 83.65 -45.08 -52.75
N LYS FD 33 83.68 -46.32 -52.28
CA LYS FD 33 84.49 -47.33 -52.94
C LYS FD 33 84.01 -47.57 -54.37
N SER FD 34 82.70 -47.48 -54.61
CA SER FD 34 82.19 -47.68 -55.95
C SER FD 34 82.49 -46.48 -56.84
N LEU FD 35 82.31 -45.26 -56.33
CA LEU FD 35 82.49 -44.08 -57.16
C LEU FD 35 83.93 -43.91 -57.61
N ARG FD 36 84.88 -44.44 -56.86
CA ARG FD 36 86.29 -44.32 -57.19
C ARG FD 36 86.81 -45.46 -58.05
N GLY FD 37 85.94 -46.39 -58.45
CA GLY FD 37 86.31 -47.48 -59.33
C GLY FD 37 85.84 -47.25 -60.74
N THR FD 38 85.99 -48.30 -61.56
CA THR FD 38 85.57 -48.24 -62.95
C THR FD 38 84.05 -48.05 -63.04
N GLY FD 39 83.62 -47.33 -64.08
CA GLY FD 39 82.22 -47.05 -64.28
C GLY FD 39 81.48 -48.23 -64.88
N GLY FD 40 80.18 -48.02 -65.09
CA GLY FD 40 79.32 -49.04 -65.64
C GLY FD 40 79.50 -49.21 -67.14
N SER FD 41 78.81 -50.22 -67.67
CA SER FD 41 78.88 -50.51 -69.09
C SER FD 41 78.27 -49.40 -69.94
N GLY FD 42 77.40 -48.57 -69.37
CA GLY FD 42 76.79 -47.49 -70.10
C GLY FD 42 75.46 -47.89 -70.71
N SER FD 43 74.95 -46.99 -71.55
CA SER FD 43 73.67 -47.14 -72.25
C SER FD 43 72.48 -47.02 -71.32
N SER FD 44 72.68 -46.62 -70.07
CA SER FD 44 71.58 -46.44 -69.14
C SER FD 44 72.00 -45.44 -68.07
N MET FD 45 71.01 -44.89 -67.39
CA MET FD 45 71.26 -43.96 -66.30
C MET FD 45 71.93 -44.72 -65.15
N GLU FD 46 73.24 -44.53 -65.00
CA GLU FD 46 73.95 -45.17 -63.90
C GLU FD 46 73.35 -44.76 -62.58
N ILE FD 47 73.12 -45.73 -61.70
CA ILE FD 47 72.63 -45.49 -60.35
C ILE FD 47 73.63 -46.08 -59.37
N TYR FD 48 74.05 -45.26 -58.42
CA TYR FD 48 75.01 -45.66 -57.39
C TYR FD 48 74.30 -45.68 -56.05
N GLU FD 49 74.51 -46.74 -55.27
CA GLU FD 49 73.99 -46.79 -53.91
C GLU FD 49 74.79 -47.84 -53.14
N GLY FD 50 74.78 -47.69 -51.83
CA GLY FD 50 75.61 -48.51 -50.96
C GLY FD 50 74.87 -49.69 -50.37
N LYS FD 51 75.63 -50.74 -50.09
CA LYS FD 51 75.11 -51.98 -49.54
C LYS FD 51 75.52 -52.12 -48.08
N LEU FD 52 74.69 -52.80 -47.30
CA LEU FD 52 74.91 -52.96 -45.86
C LEU FD 52 75.81 -54.17 -45.60
N THR FD 53 77.00 -54.13 -46.17
CA THR FD 53 78.03 -55.11 -45.93
C THR FD 53 79.29 -54.40 -45.44
N ALA FD 54 79.94 -54.98 -44.44
CA ALA FD 54 81.02 -54.32 -43.72
C ALA FD 54 82.21 -55.26 -43.55
N GLU FD 55 82.58 -55.96 -44.62
CA GLU FD 55 83.71 -56.88 -44.59
C GLU FD 55 84.89 -56.22 -45.28
N GLY FD 56 86.01 -56.12 -44.57
CA GLY FD 56 87.19 -55.45 -45.07
C GLY FD 56 87.30 -53.98 -44.74
N LEU FD 57 86.29 -53.39 -44.12
CA LEU FD 57 86.31 -51.97 -43.79
C LEU FD 57 86.89 -51.74 -42.40
N ARG FD 58 87.48 -50.56 -42.22
CA ARG FD 58 88.02 -50.12 -40.93
C ARG FD 58 87.28 -48.88 -40.47
N PHE FD 59 86.92 -48.85 -39.19
CA PHE FD 59 86.15 -47.76 -38.61
C PHE FD 59 86.90 -47.15 -37.45
N GLY FD 60 86.43 -45.98 -37.04
CA GLY FD 60 86.95 -45.30 -35.87
C GLY FD 60 85.86 -44.53 -35.16
N ILE FD 61 85.76 -44.66 -33.84
CA ILE FD 61 84.68 -44.06 -33.06
C ILE FD 61 85.28 -43.09 -32.06
N VAL FD 62 84.70 -41.90 -31.97
CA VAL FD 62 85.08 -40.88 -31.01
C VAL FD 62 83.86 -40.57 -30.15
N ALA FD 63 83.98 -40.79 -28.84
CA ALA FD 63 82.87 -40.64 -27.91
C ALA FD 63 83.29 -39.84 -26.70
N SER FD 64 82.34 -39.13 -26.10
CA SER FD 64 82.59 -38.28 -24.95
C SER FD 64 82.09 -38.98 -23.68
N ARG FD 65 82.13 -38.25 -22.56
CA ARG FD 65 81.76 -38.80 -21.26
C ARG FD 65 80.63 -38.07 -20.56
N PHE FD 66 80.33 -36.84 -20.95
CA PHE FD 66 79.22 -36.12 -20.34
C PHE FD 66 77.96 -36.95 -20.41
N ASN FD 67 77.38 -37.23 -19.25
CA ASN FD 67 76.26 -38.16 -19.13
C ASN FD 67 76.66 -39.53 -19.68
N HIS FD 68 77.69 -40.11 -19.06
CA HIS FD 68 78.25 -41.35 -19.55
C HIS FD 68 77.25 -42.50 -19.51
N ALA FD 69 76.18 -42.38 -18.71
CA ALA FD 69 75.16 -43.41 -18.70
C ALA FD 69 74.52 -43.56 -20.08
N LEU FD 70 74.08 -42.44 -20.66
CA LEU FD 70 73.52 -42.49 -22.00
C LEU FD 70 74.57 -42.91 -23.03
N VAL FD 71 75.80 -42.40 -22.88
CA VAL FD 71 76.81 -42.61 -23.92
C VAL FD 71 77.24 -44.06 -23.97
N ASP FD 72 77.43 -44.70 -22.81
CA ASP FD 72 77.87 -46.09 -22.82
C ASP FD 72 76.88 -46.98 -23.54
N ARG FD 73 75.59 -46.64 -23.49
CA ARG FD 73 74.59 -47.40 -24.23
C ARG FD 73 74.73 -47.17 -25.73
N LEU FD 74 74.86 -45.91 -26.13
CA LEU FD 74 74.97 -45.59 -27.55
C LEU FD 74 76.21 -46.22 -28.17
N VAL FD 75 77.34 -46.16 -27.47
CA VAL FD 75 78.59 -46.67 -28.03
C VAL FD 75 78.50 -48.16 -28.29
N GLU FD 76 77.88 -48.91 -27.37
CA GLU FD 76 77.78 -50.35 -27.55
C GLU FD 76 76.83 -50.71 -28.69
N GLY FD 77 75.86 -49.83 -28.98
CA GLY FD 77 75.02 -50.05 -30.14
C GLY FD 77 75.79 -49.96 -31.45
N ALA FD 78 76.78 -49.07 -31.50
CA ALA FD 78 77.56 -48.90 -32.72
C ALA FD 78 78.46 -50.10 -32.98
N ILE FD 79 79.09 -50.63 -31.94
CA ILE FD 79 79.98 -51.77 -32.14
C ILE FD 79 79.18 -53.03 -32.48
N ASP FD 80 77.95 -53.15 -31.97
CA ASP FD 80 77.11 -54.28 -32.34
C ASP FD 80 76.74 -54.24 -33.82
N CYS FD 81 76.41 -53.06 -34.33
CA CYS FD 81 75.96 -52.95 -35.72
C CYS FD 81 77.06 -53.37 -36.68
N ILE FD 82 78.30 -53.01 -36.39
CA ILE FD 82 79.40 -53.34 -37.30
C ILE FD 82 79.70 -54.83 -37.28
N VAL FD 83 79.73 -55.43 -36.08
CA VAL FD 83 80.12 -56.84 -35.98
C VAL FD 83 79.06 -57.73 -36.60
N ARG FD 84 77.79 -57.39 -36.44
CA ARG FD 84 76.70 -58.20 -36.95
C ARG FD 84 76.47 -58.02 -38.44
N HIS FD 85 77.16 -57.06 -39.08
CA HIS FD 85 77.10 -56.88 -40.52
C HIS FD 85 78.37 -57.35 -41.21
N GLY FD 86 79.16 -58.18 -40.54
CA GLY FD 86 80.33 -58.78 -41.14
C GLY FD 86 81.67 -58.16 -40.78
N GLY FD 87 81.70 -57.22 -39.85
CA GLY FD 87 82.94 -56.55 -39.50
C GLY FD 87 83.79 -57.37 -38.54
N ARG FD 88 84.90 -56.76 -38.13
CA ARG FD 88 85.81 -57.34 -37.15
C ARG FD 88 86.14 -56.31 -36.08
N GLU FD 89 86.30 -56.79 -34.84
CA GLU FD 89 86.70 -55.91 -33.75
C GLU FD 89 88.17 -55.54 -33.82
N GLU FD 90 88.98 -56.31 -34.54
CA GLU FD 90 90.36 -55.95 -34.78
C GLU FD 90 90.49 -54.75 -35.71
N ASP FD 91 89.40 -54.30 -36.32
CA ASP FD 91 89.40 -53.19 -37.25
C ASP FD 91 88.59 -51.99 -36.74
N ILE FD 92 88.37 -51.90 -35.43
CA ILE FD 92 87.71 -50.75 -34.82
C ILE FD 92 88.69 -50.06 -33.89
N THR FD 93 88.71 -48.73 -33.93
CA THR FD 93 89.55 -47.90 -33.08
C THR FD 93 88.67 -46.94 -32.32
N LEU FD 94 88.70 -47.00 -30.99
CA LEU FD 94 87.85 -46.20 -30.13
C LEU FD 94 88.67 -45.16 -29.37
N VAL FD 95 88.15 -43.94 -29.30
CA VAL FD 95 88.80 -42.83 -28.63
C VAL FD 95 87.78 -42.16 -27.71
N ARG FD 96 88.18 -41.87 -26.48
CA ARG FD 96 87.34 -41.18 -25.52
C ARG FD 96 87.89 -39.79 -25.25
N VAL FD 97 86.99 -38.82 -25.09
CA VAL FD 97 87.39 -37.43 -24.84
C VAL FD 97 86.57 -36.88 -23.69
N PRO FD 98 87.04 -35.78 -23.06
CA PRO FD 98 86.31 -35.24 -21.91
C PRO FD 98 84.89 -34.77 -22.22
N GLY FD 99 84.73 -33.88 -23.20
CA GLY FD 99 83.44 -33.26 -23.45
C GLY FD 99 83.20 -33.08 -24.93
N SER FD 100 82.06 -32.45 -25.23
CA SER FD 100 81.67 -32.25 -26.62
C SER FD 100 82.60 -31.28 -27.33
N TRP FD 101 83.15 -30.30 -26.62
CA TRP FD 101 84.06 -29.34 -27.25
C TRP FD 101 85.26 -30.04 -27.88
N GLU FD 102 85.67 -31.17 -27.34
CA GLU FD 102 86.90 -31.83 -27.76
C GLU FD 102 86.70 -32.87 -28.85
N ILE FD 103 85.46 -33.13 -29.27
CA ILE FD 103 85.23 -34.15 -30.29
C ILE FD 103 85.89 -33.81 -31.61
N PRO FD 104 85.73 -32.59 -32.15
CA PRO FD 104 86.31 -32.31 -33.48
C PRO FD 104 87.82 -32.49 -33.58
N VAL FD 105 88.58 -32.07 -32.57
CA VAL FD 105 90.03 -32.16 -32.68
C VAL FD 105 90.48 -33.62 -32.66
N ALA FD 106 89.75 -34.47 -31.93
CA ALA FD 106 90.08 -35.90 -31.90
C ALA FD 106 89.63 -36.63 -33.15
N ALA FD 107 88.52 -36.20 -33.76
CA ALA FD 107 88.07 -36.82 -35.00
C ALA FD 107 89.07 -36.57 -36.12
N GLY FD 108 89.68 -35.39 -36.16
CA GLY FD 108 90.61 -35.08 -37.23
C GLY FD 108 91.83 -35.98 -37.22
N GLU FD 109 92.30 -36.37 -36.04
CA GLU FD 109 93.46 -37.25 -35.96
C GLU FD 109 93.13 -38.62 -36.55
N LEU FD 110 91.93 -39.13 -36.28
CA LEU FD 110 91.54 -40.41 -36.84
C LEU FD 110 91.30 -40.31 -38.35
N ALA FD 111 90.67 -39.22 -38.80
CA ALA FD 111 90.34 -39.08 -40.20
C ALA FD 111 91.54 -38.89 -41.10
N ARG FD 112 92.73 -38.66 -40.54
CA ARG FD 112 93.93 -38.47 -41.33
C ARG FD 112 94.73 -39.75 -41.50
N LYS FD 113 94.23 -40.88 -41.01
CA LYS FD 113 94.93 -42.15 -41.15
C LYS FD 113 94.53 -42.82 -42.45
N GLU FD 114 95.51 -43.40 -43.13
CA GLU FD 114 95.26 -44.07 -44.40
C GLU FD 114 94.49 -45.38 -44.24
N ASP FD 115 94.29 -45.86 -43.01
CA ASP FD 115 93.62 -47.13 -42.79
C ASP FD 115 92.13 -46.98 -42.50
N ILE FD 116 91.71 -45.86 -41.96
CA ILE FD 116 90.31 -45.67 -41.59
C ILE FD 116 89.51 -45.29 -42.82
N ASP FD 117 88.28 -45.78 -42.90
CA ASP FD 117 87.36 -45.50 -43.99
C ASP FD 117 86.24 -44.56 -43.60
N ALA FD 118 85.73 -44.64 -42.37
CA ALA FD 118 84.67 -43.76 -41.92
C ALA FD 118 84.80 -43.58 -40.41
N VAL FD 119 84.23 -42.50 -39.91
CA VAL FD 119 84.33 -42.11 -38.51
C VAL FD 119 82.95 -41.78 -37.98
N ILE FD 120 82.68 -42.18 -36.73
CA ILE FD 120 81.41 -41.96 -36.08
C ILE FD 120 81.64 -41.06 -34.88
N ALA FD 121 80.77 -40.09 -34.68
CA ALA FD 121 80.82 -39.18 -33.54
C ALA FD 121 79.60 -39.39 -32.67
N ILE FD 122 79.84 -39.63 -31.38
CA ILE FD 122 78.77 -39.87 -30.41
C ILE FD 122 78.99 -38.93 -29.23
N GLY FD 123 77.95 -38.22 -28.84
CA GLY FD 123 78.07 -37.27 -27.75
C GLY FD 123 76.72 -36.76 -27.31
N VAL FD 124 76.74 -36.02 -26.20
CA VAL FD 124 75.54 -35.48 -25.59
C VAL FD 124 75.70 -33.99 -25.45
N LEU FD 125 74.69 -33.24 -25.87
CA LEU FD 125 74.69 -31.78 -25.82
C LEU FD 125 73.68 -31.28 -24.81
N ILE FD 126 73.88 -30.02 -24.41
CA ILE FD 126 72.93 -29.30 -23.56
C ILE FD 126 72.53 -28.04 -24.32
N ARG FD 127 71.24 -27.86 -24.55
CA ARG FD 127 70.71 -26.76 -25.36
C ARG FD 127 69.74 -25.95 -24.53
N GLY FD 128 69.86 -24.63 -24.60
CA GLY FD 128 68.94 -23.72 -23.97
C GLY FD 128 69.12 -23.53 -22.48
N ALA FD 129 70.15 -24.13 -21.88
CA ALA FD 129 70.34 -24.01 -20.44
C ALA FD 129 70.94 -22.66 -20.07
N THR FD 130 72.18 -22.41 -20.52
CA THR FD 130 72.89 -21.18 -20.20
C THR FD 130 73.94 -20.95 -21.27
N PRO FD 131 74.46 -19.73 -21.40
CA PRO FD 131 75.59 -19.52 -22.29
C PRO FD 131 76.78 -20.38 -21.86
N HIS FD 132 77.80 -20.43 -22.72
CA HIS FD 132 78.94 -21.33 -22.64
C HIS FD 132 78.56 -22.72 -23.14
N PHE FD 133 77.29 -22.95 -23.50
CA PHE FD 133 76.88 -24.19 -24.14
C PHE FD 133 76.10 -23.98 -25.42
N ASP FD 134 75.52 -22.80 -25.64
CA ASP FD 134 75.02 -22.46 -26.97
C ASP FD 134 76.17 -22.15 -27.90
N TYR FD 135 77.23 -21.51 -27.39
CA TYR FD 135 78.44 -21.32 -28.18
C TYR FD 135 79.09 -22.65 -28.50
N ILE FD 136 79.14 -23.58 -27.54
CA ILE FD 136 79.79 -24.86 -27.77
C ILE FD 136 79.04 -25.64 -28.84
N ALA FD 137 77.72 -25.71 -28.72
CA ALA FD 137 76.94 -26.55 -29.63
C ALA FD 137 77.09 -26.10 -31.08
N SER FD 138 77.06 -24.79 -31.32
CA SER FD 138 77.14 -24.30 -32.68
C SER FD 138 78.49 -24.60 -33.33
N GLU FD 139 79.50 -24.97 -32.55
CA GLU FD 139 80.83 -25.20 -33.08
C GLU FD 139 81.16 -26.67 -33.27
N VAL FD 140 80.49 -27.56 -32.53
CA VAL FD 140 80.71 -28.99 -32.75
C VAL FD 140 80.15 -29.40 -34.12
N SER FD 141 78.97 -28.90 -34.47
CA SER FD 141 78.40 -29.22 -35.78
C SER FD 141 79.24 -28.64 -36.90
N LYS FD 142 79.65 -27.38 -36.77
CA LYS FD 142 80.38 -26.72 -37.85
C LYS FD 142 81.73 -27.38 -38.10
N GLY FD 143 82.42 -27.78 -37.04
CA GLY FD 143 83.73 -28.36 -37.21
C GLY FD 143 83.70 -29.70 -37.92
N LEU FD 144 82.75 -30.56 -37.57
CA LEU FD 144 82.68 -31.88 -38.17
C LEU FD 144 82.37 -31.78 -39.66
N ALA FD 145 81.51 -30.83 -40.04
CA ALA FD 145 81.17 -30.67 -41.45
C ALA FD 145 82.37 -30.26 -42.27
N ASN FD 146 83.25 -29.42 -41.73
CA ASN FD 146 84.42 -29.00 -42.49
C ASN FD 146 85.44 -30.12 -42.65
N LEU FD 147 85.57 -30.99 -41.65
CA LEU FD 147 86.52 -32.10 -41.75
C LEU FD 147 86.15 -33.05 -42.88
N SER FD 148 84.86 -33.32 -43.04
CA SER FD 148 84.43 -34.24 -44.10
C SER FD 148 84.85 -33.73 -45.46
N LEU FD 149 84.57 -32.45 -45.75
CA LEU FD 149 84.84 -31.91 -47.08
C LEU FD 149 86.33 -31.74 -47.32
N GLU FD 150 87.09 -31.37 -46.29
CA GLU FD 150 88.51 -31.11 -46.47
C GLU FD 150 89.27 -32.41 -46.71
N LEU FD 151 88.97 -33.45 -45.94
CA LEU FD 151 89.70 -34.72 -46.03
C LEU FD 151 89.02 -35.75 -46.91
N ARG FD 152 87.81 -35.46 -47.41
CA ARG FD 152 87.10 -36.36 -48.32
C ARG FD 152 86.90 -37.73 -47.68
N LYS FD 153 86.16 -37.73 -46.57
CA LYS FD 153 85.91 -38.93 -45.80
C LYS FD 153 84.61 -38.70 -45.06
N PRO FD 154 83.73 -39.70 -44.94
CA PRO FD 154 82.44 -39.47 -44.29
C PRO FD 154 82.54 -39.52 -42.78
N ILE FD 155 81.91 -38.56 -42.12
CA ILE FD 155 81.87 -38.48 -40.65
C ILE FD 155 80.42 -38.35 -40.25
N THR FD 156 79.92 -39.33 -39.50
CA THR FD 156 78.51 -39.41 -39.16
C THR FD 156 78.24 -38.76 -37.81
N PHE FD 157 77.04 -38.24 -37.65
CA PHE FD 157 76.66 -37.36 -36.55
C PHE FD 157 75.69 -38.11 -35.64
N GLY FD 158 76.25 -38.82 -34.67
CA GLY FD 158 75.43 -39.55 -33.71
C GLY FD 158 75.19 -38.76 -32.45
N VAL FD 159 75.41 -37.45 -32.51
CA VAL FD 159 75.30 -36.60 -31.33
C VAL FD 159 73.84 -36.32 -31.05
N ILE FD 160 73.41 -36.56 -29.81
CA ILE FD 160 72.03 -36.35 -29.41
C ILE FD 160 71.94 -35.19 -28.44
N THR FD 161 70.72 -34.87 -28.00
CA THR FD 161 70.47 -33.75 -27.10
C THR FD 161 69.57 -34.21 -25.96
N ALA FD 162 69.61 -33.44 -24.88
CA ALA FD 162 68.81 -33.74 -23.69
C ALA FD 162 69.11 -35.14 -23.17
N GLY GD 15 -80.94 57.16 -6.61
CA GLY GD 15 -80.11 56.38 -7.49
C GLY GD 15 -79.02 57.18 -8.17
N ASN GD 16 -79.25 58.49 -8.31
CA ASN GD 16 -78.30 59.38 -8.94
C ASN GD 16 -78.32 60.73 -8.24
N LYS GD 17 -77.17 61.41 -8.24
CA LYS GD 17 -77.05 62.67 -7.52
C LYS GD 17 -77.82 63.80 -8.18
N GLY GD 18 -78.22 63.64 -9.44
CA GLY GD 18 -79.06 64.66 -10.06
C GLY GD 18 -80.41 64.77 -9.39
N TRP GD 19 -81.02 63.62 -9.08
CA TRP GD 19 -82.28 63.62 -8.34
C TRP GD 19 -82.08 64.21 -6.94
N GLU GD 20 -81.00 63.84 -6.26
CA GLU GD 20 -80.78 64.34 -4.90
C GLU GD 20 -80.56 65.84 -4.88
N ALA GD 21 -79.78 66.36 -5.84
CA ALA GD 21 -79.50 67.79 -5.85
C ALA GD 21 -80.77 68.61 -6.10
N ALA GD 22 -81.63 68.13 -6.98
CA ALA GD 22 -82.87 68.85 -7.28
C ALA GD 22 -83.80 68.86 -6.08
N LEU GD 23 -83.79 67.80 -5.27
CA LEU GD 23 -84.68 67.73 -4.11
C LEU GD 23 -84.26 68.73 -3.05
N SER GD 24 -82.95 68.90 -2.84
CA SER GD 24 -82.49 69.91 -1.90
C SER GD 24 -82.86 71.31 -2.37
N ALA GD 25 -82.80 71.55 -3.67
CA ALA GD 25 -83.13 72.87 -4.20
C ALA GD 25 -84.58 73.23 -3.93
N ILE GD 26 -85.50 72.26 -4.09
CA ILE GD 26 -86.91 72.54 -3.86
C ILE GD 26 -87.13 72.93 -2.41
N GLU GD 27 -86.54 72.17 -1.48
CA GLU GD 27 -86.73 72.45 -0.07
C GLU GD 27 -86.16 73.80 0.31
N MET GD 28 -84.96 74.12 -0.19
CA MET GD 28 -84.34 75.39 0.15
C MET GD 28 -85.11 76.57 -0.42
N ALA GD 29 -85.69 76.41 -1.61
CA ALA GD 29 -86.49 77.50 -2.19
C ALA GD 29 -87.71 77.80 -1.32
N ASN GD 30 -88.39 76.76 -0.84
CA ASN GD 30 -89.56 76.97 -0.01
C ASN GD 30 -89.19 77.50 1.36
N LEU GD 31 -88.02 77.12 1.88
CA LEU GD 31 -87.58 77.61 3.19
C LEU GD 31 -87.34 79.11 3.16
N PHE GD 32 -86.77 79.62 2.07
CA PHE GD 32 -86.45 81.04 1.99
C PHE GD 32 -87.69 81.91 1.82
N LYS GD 33 -88.81 81.33 1.38
CA LYS GD 33 -90.05 82.09 1.36
C LYS GD 33 -90.64 82.25 2.77
N SER GD 34 -90.42 81.27 3.64
CA SER GD 34 -90.93 81.37 5.00
C SER GD 34 -90.12 82.37 5.82
N LEU GD 35 -88.80 82.35 5.70
CA LEU GD 35 -87.96 83.26 6.47
C LEU GD 35 -88.25 84.70 6.10
N ARG GD 36 -88.44 84.98 4.81
CA ARG GD 36 -88.72 86.34 4.34
C ARG GD 36 -90.23 86.59 4.32
N GLY GD 37 -90.85 86.41 5.48
CA GLY GD 37 -92.28 86.58 5.61
C GLY GD 37 -92.64 87.09 6.98
N THR GD 38 -93.84 87.67 7.08
CA THR GD 38 -94.34 88.22 8.32
C THR GD 38 -95.78 87.78 8.52
N GLY GD 39 -96.20 87.72 9.78
CA GLY GD 39 -97.55 87.31 10.10
C GLY GD 39 -97.68 87.01 11.58
N GLY GD 40 -98.88 86.57 11.94
CA GLY GD 40 -99.14 86.23 13.33
C GLY GD 40 -98.36 85.00 13.77
N SER GD 41 -98.07 84.94 15.07
CA SER GD 41 -97.34 83.82 15.64
C SER GD 41 -97.76 83.64 17.08
N GLY GD 42 -97.53 82.43 17.60
CA GLY GD 42 -97.87 82.09 18.96
C GLY GD 42 -96.77 82.45 19.93
N SER GD 43 -96.97 82.06 21.19
CA SER GD 43 -96.02 82.32 22.26
C SER GD 43 -95.05 81.17 22.47
N SER GD 44 -95.09 80.14 21.63
CA SER GD 44 -94.24 78.97 21.77
C SER GD 44 -93.00 79.10 20.90
N MET GD 45 -92.25 78.02 20.79
CA MET GD 45 -91.08 77.98 19.94
C MET GD 45 -91.47 78.11 18.47
N GLU GD 46 -90.62 78.77 17.69
CA GLU GD 46 -90.86 79.00 16.27
C GLU GD 46 -89.97 78.07 15.44
N ILE GD 47 -90.59 77.35 14.51
CA ILE GD 47 -89.90 76.39 13.65
C ILE GD 47 -90.14 76.77 12.20
N TYR GD 48 -89.07 76.78 11.41
CA TYR GD 48 -89.13 77.03 9.98
C TYR GD 48 -88.69 75.78 9.24
N GLU GD 49 -89.55 75.28 8.37
CA GLU GD 49 -89.27 74.10 7.57
C GLU GD 49 -89.61 74.37 6.11
N GLY GD 50 -89.16 73.48 5.24
CA GLY GD 50 -89.43 73.60 3.82
C GLY GD 50 -90.25 72.45 3.29
N LYS GD 51 -91.36 72.77 2.62
CA LYS GD 51 -92.17 71.76 1.97
C LYS GD 51 -91.52 71.30 0.66
N LEU GD 52 -92.05 70.23 0.10
CA LEU GD 52 -91.55 69.64 -1.12
C LEU GD 52 -92.56 69.81 -2.26
N THR GD 53 -93.24 70.95 -2.30
CA THR GD 53 -94.12 71.31 -3.40
C THR GD 53 -93.38 72.27 -4.32
N ALA GD 54 -93.28 71.90 -5.60
CA ALA GD 54 -92.48 72.64 -6.56
C ALA GD 54 -93.30 73.60 -7.42
N GLU GD 55 -94.55 73.83 -7.07
CA GLU GD 55 -95.43 74.65 -7.88
C GLU GD 55 -95.08 76.13 -7.72
N GLY GD 56 -94.90 76.81 -8.85
CA GLY GD 56 -94.64 78.24 -8.86
C GLY GD 56 -93.19 78.66 -8.76
N LEU GD 57 -92.27 77.72 -8.63
CA LEU GD 57 -90.85 78.03 -8.50
C LEU GD 57 -90.15 77.95 -9.85
N ARG GD 58 -89.00 78.62 -9.93
CA ARG GD 58 -88.21 78.69 -11.15
C ARG GD 58 -86.77 78.30 -10.85
N PHE GD 59 -86.21 77.39 -11.64
CA PHE GD 59 -84.94 76.77 -11.34
C PHE GD 59 -83.92 77.05 -12.44
N GLY GD 60 -82.65 76.80 -12.11
CA GLY GD 60 -81.56 76.87 -13.07
C GLY GD 60 -80.62 75.70 -12.92
N ILE GD 61 -80.18 75.11 -14.02
CA ILE GD 61 -79.27 73.98 -14.04
C ILE GD 61 -78.04 74.34 -14.86
N VAL GD 62 -76.87 73.95 -14.35
CA VAL GD 62 -75.60 74.15 -15.03
C VAL GD 62 -74.89 72.81 -15.07
N ALA GD 63 -74.66 72.28 -16.28
CA ALA GD 63 -74.12 70.95 -16.46
C ALA GD 63 -72.92 70.98 -17.38
N SER GD 64 -71.92 70.17 -17.08
CA SER GD 64 -70.73 70.06 -17.91
C SER GD 64 -70.86 68.90 -18.89
N ARG GD 65 -69.98 68.90 -19.89
CA ARG GD 65 -70.02 67.90 -20.94
C ARG GD 65 -69.09 66.73 -20.70
N PHE GD 66 -68.15 66.85 -19.76
CA PHE GD 66 -67.15 65.81 -19.53
C PHE GD 66 -67.79 64.45 -19.33
N ASN GD 67 -67.00 63.40 -19.54
CA ASN GD 67 -67.45 62.02 -19.41
C ASN GD 67 -68.59 61.69 -20.37
N HIS GD 68 -68.75 62.47 -21.43
CA HIS GD 68 -69.62 62.10 -22.53
C HIS GD 68 -71.09 62.07 -22.13
N ALA GD 69 -71.64 60.89 -21.86
CA ALA GD 69 -73.07 60.71 -21.71
C ALA GD 69 -73.53 60.57 -20.27
N LEU GD 70 -72.60 60.45 -19.30
CA LEU GD 70 -73.02 60.23 -17.92
C LEU GD 70 -73.78 61.44 -17.38
N VAL GD 71 -73.40 62.65 -17.82
CA VAL GD 71 -74.08 63.85 -17.36
C VAL GD 71 -75.52 63.87 -17.86
N ASP GD 72 -75.75 63.39 -19.09
CA ASP GD 72 -77.10 63.34 -19.62
C ASP GD 72 -78.01 62.52 -18.73
N ARG GD 73 -77.48 61.46 -18.10
CA ARG GD 73 -78.24 60.68 -17.14
C ARG GD 73 -78.59 61.52 -15.92
N LEU GD 74 -77.64 62.33 -15.44
CA LEU GD 74 -77.88 63.15 -14.26
C LEU GD 74 -78.86 64.27 -14.56
N VAL GD 75 -78.74 64.91 -15.72
CA VAL GD 75 -79.67 65.99 -16.08
C VAL GD 75 -81.08 65.45 -16.24
N GLU GD 76 -81.21 64.23 -16.75
CA GLU GD 76 -82.54 63.63 -16.88
C GLU GD 76 -83.20 63.44 -15.52
N GLY GD 77 -82.42 62.99 -14.53
CA GLY GD 77 -82.97 62.81 -13.20
C GLY GD 77 -83.42 64.12 -12.57
N ALA GD 78 -82.68 65.20 -12.82
CA ALA GD 78 -83.03 66.49 -12.22
C ALA GD 78 -84.39 66.97 -12.71
N ILE GD 79 -84.64 66.89 -14.01
CA ILE GD 79 -85.90 67.38 -14.54
C ILE GD 79 -87.06 66.51 -14.09
N ASP GD 80 -86.82 65.20 -13.98
CA ASP GD 80 -87.87 64.30 -13.51
C ASP GD 80 -88.33 64.68 -12.12
N CYS GD 81 -87.41 65.08 -11.25
CA CYS GD 81 -87.77 65.48 -9.90
C CYS GD 81 -88.67 66.73 -9.92
N ILE GD 82 -88.34 67.70 -10.75
CA ILE GD 82 -89.07 68.96 -10.74
C ILE GD 82 -90.47 68.77 -11.31
N VAL GD 83 -90.60 68.00 -12.38
CA VAL GD 83 -91.90 67.84 -13.02
C VAL GD 83 -92.84 67.03 -12.14
N ARG GD 84 -92.34 65.97 -11.51
CA ARG GD 84 -93.18 65.08 -10.74
C ARG GD 84 -93.57 65.64 -9.39
N HIS GD 85 -92.87 66.66 -8.89
CA HIS GD 85 -93.23 67.31 -7.64
C HIS GD 85 -94.12 68.52 -7.84
N GLY GD 86 -94.57 68.79 -9.07
CA GLY GD 86 -95.51 69.85 -9.35
C GLY GD 86 -94.98 70.97 -10.21
N GLY GD 87 -93.71 70.98 -10.57
CA GLY GD 87 -93.16 72.06 -11.36
C GLY GD 87 -93.48 71.94 -12.83
N ARG GD 88 -93.21 73.02 -13.56
CA ARG GD 88 -93.46 73.11 -14.99
C ARG GD 88 -92.14 73.20 -15.74
N GLU GD 89 -92.04 72.48 -16.84
CA GLU GD 89 -90.81 72.44 -17.62
C GLU GD 89 -90.51 73.75 -18.35
N GLU GD 90 -91.47 74.66 -18.43
CA GLU GD 90 -91.21 75.98 -18.99
C GLU GD 90 -90.46 76.89 -18.03
N ASP GD 91 -90.26 76.47 -16.78
CA ASP GD 91 -89.62 77.29 -15.77
C ASP GD 91 -88.19 76.85 -15.46
N ILE GD 92 -87.59 76.01 -16.29
CA ILE GD 92 -86.22 75.56 -16.12
C ILE GD 92 -85.36 76.25 -17.16
N THR GD 93 -84.11 76.56 -16.78
CA THR GD 93 -83.12 77.13 -17.69
C THR GD 93 -81.87 76.26 -17.64
N LEU GD 94 -81.42 75.80 -18.80
CA LEU GD 94 -80.28 74.90 -18.90
C LEU GD 94 -79.11 75.63 -19.54
N VAL GD 95 -77.95 75.56 -18.89
CA VAL GD 95 -76.71 76.13 -19.39
C VAL GD 95 -75.67 75.03 -19.41
N ARG GD 96 -74.94 74.90 -20.52
CA ARG GD 96 -73.95 73.85 -20.69
C ARG GD 96 -72.56 74.46 -20.83
N VAL GD 97 -71.60 73.90 -20.10
CA VAL GD 97 -70.23 74.40 -20.08
C VAL GD 97 -69.26 73.29 -20.48
N PRO GD 98 -68.05 73.63 -20.93
CA PRO GD 98 -67.16 72.58 -21.45
C PRO GD 98 -66.65 71.61 -20.40
N GLY GD 99 -66.22 72.11 -19.24
CA GLY GD 99 -65.64 71.25 -18.23
C GLY GD 99 -66.04 71.67 -16.83
N SER GD 100 -65.55 70.92 -15.85
CA SER GD 100 -65.89 71.20 -14.46
C SER GD 100 -65.29 72.52 -14.00
N TRP GD 101 -64.11 72.86 -14.52
CA TRP GD 101 -63.46 74.11 -14.13
C TRP GD 101 -64.31 75.33 -14.45
N GLU GD 102 -65.25 75.23 -15.37
CA GLU GD 102 -66.04 76.36 -15.83
C GLU GD 102 -67.38 76.50 -15.13
N ILE GD 103 -67.73 75.59 -14.23
CA ILE GD 103 -69.05 75.61 -13.59
C ILE GD 103 -69.24 76.86 -12.72
N PRO GD 104 -68.29 77.23 -11.85
CA PRO GD 104 -68.54 78.37 -10.96
C PRO GD 104 -68.82 79.68 -11.68
N VAL GD 105 -68.10 79.98 -12.76
CA VAL GD 105 -68.32 81.27 -13.42
C VAL GD 105 -69.66 81.30 -14.13
N ALA GD 106 -70.08 80.18 -14.71
CA ALA GD 106 -71.38 80.12 -15.34
C ALA GD 106 -72.50 80.19 -14.32
N ALA GD 107 -72.29 79.59 -13.15
CA ALA GD 107 -73.32 79.61 -12.11
C ALA GD 107 -73.54 81.03 -11.59
N GLY GD 108 -72.46 81.81 -11.45
CA GLY GD 108 -72.61 83.16 -10.95
C GLY GD 108 -73.47 84.03 -11.85
N GLU GD 109 -73.30 83.90 -13.17
CA GLU GD 109 -74.13 84.66 -14.09
C GLU GD 109 -75.60 84.27 -13.97
N LEU GD 110 -75.87 82.97 -13.82
CA LEU GD 110 -77.23 82.47 -13.76
C LEU GD 110 -77.91 82.77 -12.43
N ALA GD 111 -77.15 82.98 -11.35
CA ALA GD 111 -77.69 83.26 -10.04
C ALA GD 111 -77.82 84.74 -9.74
N ARG GD 112 -77.52 85.61 -10.69
CA ARG GD 112 -77.59 87.04 -10.49
C ARG GD 112 -78.82 87.67 -11.11
N LYS GD 113 -79.75 86.86 -11.63
CA LYS GD 113 -80.99 87.36 -12.20
C LYS GD 113 -82.16 87.04 -11.29
N GLU GD 114 -83.09 87.99 -11.17
CA GLU GD 114 -84.12 87.93 -10.14
C GLU GD 114 -85.15 86.84 -10.40
N ASP GD 115 -85.26 86.35 -11.63
CA ASP GD 115 -86.26 85.34 -11.94
C ASP GD 115 -85.89 83.95 -11.41
N ILE GD 116 -84.62 83.70 -11.13
CA ILE GD 116 -84.18 82.39 -10.66
C ILE GD 116 -84.29 82.34 -9.15
N ASP GD 117 -84.74 81.19 -8.64
CA ASP GD 117 -84.90 80.97 -7.22
C ASP GD 117 -83.81 80.07 -6.63
N ALA GD 118 -83.35 79.08 -7.38
CA ALA GD 118 -82.26 78.22 -6.94
C ALA GD 118 -81.52 77.68 -8.14
N VAL GD 119 -80.26 77.30 -7.93
CA VAL GD 119 -79.37 76.84 -8.98
C VAL GD 119 -78.83 75.46 -8.60
N ILE GD 120 -78.73 74.57 -9.59
CA ILE GD 120 -78.26 73.21 -9.40
C ILE GD 120 -77.03 72.99 -10.28
N ALA GD 121 -75.97 72.45 -9.70
CA ALA GD 121 -74.71 72.21 -10.40
C ALA GD 121 -74.46 70.72 -10.53
N ILE GD 122 -74.20 70.26 -11.75
CA ILE GD 122 -74.02 68.85 -12.05
C ILE GD 122 -72.75 68.68 -12.88
N GLY GD 123 -72.01 67.62 -12.62
CA GLY GD 123 -70.81 67.36 -13.38
C GLY GD 123 -70.13 66.08 -12.92
N VAL GD 124 -69.08 65.72 -13.64
CA VAL GD 124 -68.28 64.54 -13.37
C VAL GD 124 -66.82 64.94 -13.30
N LEU GD 125 -66.12 64.47 -12.27
CA LEU GD 125 -64.71 64.75 -12.07
C LEU GD 125 -63.87 63.50 -12.31
N ILE GD 126 -62.62 63.71 -12.65
CA ILE GD 126 -61.69 62.63 -12.96
C ILE GD 126 -60.80 62.39 -11.76
N ARG GD 127 -60.34 61.15 -11.61
CA ARG GD 127 -59.51 60.72 -10.48
C ARG GD 127 -58.23 60.07 -10.99
N GLY GD 128 -57.54 60.75 -11.90
CA GLY GD 128 -56.34 60.21 -12.50
C GLY GD 128 -55.11 60.25 -11.62
N ALA GD 129 -55.24 60.69 -10.38
CA ALA GD 129 -54.12 60.74 -9.44
C ALA GD 129 -52.98 61.60 -9.99
N THR GD 130 -53.34 62.77 -10.51
CA THR GD 130 -52.40 63.72 -11.06
C THR GD 130 -52.64 65.09 -10.46
N PRO GD 131 -51.59 65.91 -10.29
CA PRO GD 131 -51.83 67.28 -9.79
C PRO GD 131 -52.76 68.09 -10.68
N HIS GD 132 -52.83 67.77 -11.98
CA HIS GD 132 -53.70 68.54 -12.87
C HIS GD 132 -55.15 68.42 -12.44
N PHE GD 133 -55.59 67.22 -12.05
CA PHE GD 133 -56.97 67.00 -11.63
C PHE GD 133 -57.19 67.29 -10.15
N ASP GD 134 -56.19 67.06 -9.31
CA ASP GD 134 -56.38 67.26 -7.87
C ASP GD 134 -56.62 68.73 -7.55
N TYR GD 135 -55.96 69.63 -8.25
CA TYR GD 135 -56.16 71.05 -8.00
C TYR GD 135 -57.48 71.54 -8.57
N ILE GD 136 -57.86 71.06 -9.76
CA ILE GD 136 -59.14 71.46 -10.33
C ILE GD 136 -60.29 71.05 -9.44
N ALA GD 137 -60.18 69.89 -8.80
CA ALA GD 137 -61.29 69.39 -8.00
C ALA GD 137 -61.59 70.32 -6.83
N SER GD 138 -60.55 70.82 -6.16
CA SER GD 138 -60.76 71.65 -4.97
C SER GD 138 -61.43 72.96 -5.32
N GLU GD 139 -61.06 73.56 -6.45
CA GLU GD 139 -61.55 74.90 -6.77
C GLU GD 139 -63.02 74.90 -7.14
N VAL GD 140 -63.53 73.79 -7.68
CA VAL GD 140 -64.95 73.75 -8.04
C VAL GD 140 -65.82 73.89 -6.79
N SER GD 141 -65.44 73.21 -5.71
CA SER GD 141 -66.24 73.25 -4.48
C SER GD 141 -66.15 74.61 -3.81
N LYS GD 142 -64.96 75.20 -3.75
CA LYS GD 142 -64.80 76.46 -3.04
C LYS GD 142 -65.55 77.59 -3.73
N GLY GD 143 -65.56 77.62 -5.06
CA GLY GD 143 -66.24 78.70 -5.75
C GLY GD 143 -67.74 78.68 -5.54
N LEU GD 144 -68.35 77.50 -5.64
CA LEU GD 144 -69.79 77.41 -5.43
C LEU GD 144 -70.18 77.73 -4.00
N ALA GD 145 -69.31 77.41 -3.04
CA ALA GD 145 -69.60 77.72 -1.65
C ALA GD 145 -69.59 79.22 -1.39
N ASN GD 146 -68.57 79.91 -1.90
CA ASN GD 146 -68.48 81.35 -1.70
C ASN GD 146 -69.63 82.08 -2.41
N LEU GD 147 -70.00 81.61 -3.60
CA LEU GD 147 -70.99 82.32 -4.40
C LEU GD 147 -72.35 82.32 -3.73
N SER GD 148 -72.70 81.25 -3.02
CA SER GD 148 -73.99 81.21 -2.34
C SER GD 148 -74.03 82.15 -1.15
N LEU GD 149 -72.90 82.37 -0.49
CA LEU GD 149 -72.84 83.31 0.62
C LEU GD 149 -72.82 84.76 0.14
N GLU GD 150 -72.13 85.03 -0.97
CA GLU GD 150 -72.08 86.40 -1.49
C GLU GD 150 -73.45 86.87 -1.96
N LEU GD 151 -74.17 86.03 -2.69
CA LEU GD 151 -75.43 86.42 -3.29
C LEU GD 151 -76.65 86.05 -2.46
N ARG GD 152 -76.48 85.27 -1.40
CA ARG GD 152 -77.59 84.86 -0.53
C ARG GD 152 -78.66 84.12 -1.33
N LYS GD 153 -78.23 83.13 -2.10
CA LYS GD 153 -79.11 82.29 -2.88
C LYS GD 153 -78.64 80.84 -2.75
N PRO GD 154 -79.56 79.88 -2.64
CA PRO GD 154 -79.13 78.48 -2.47
C PRO GD 154 -78.60 77.88 -3.77
N ILE GD 155 -77.43 77.25 -3.68
CA ILE GD 155 -76.79 76.54 -4.79
C ILE GD 155 -76.43 75.14 -4.30
N THR GD 156 -76.84 74.14 -5.06
CA THR GD 156 -76.72 72.74 -4.65
C THR GD 156 -75.60 72.05 -5.41
N PHE GD 157 -74.97 71.10 -4.74
CA PHE GD 157 -73.77 70.42 -5.22
C PHE GD 157 -74.13 69.03 -5.68
N GLY GD 158 -73.94 68.76 -6.97
CA GLY GD 158 -74.26 67.47 -7.54
C GLY GD 158 -73.15 66.89 -8.39
N VAL GD 159 -71.91 67.11 -8.00
CA VAL GD 159 -70.74 66.66 -8.75
C VAL GD 159 -70.28 65.31 -8.20
N ILE GD 160 -70.12 64.34 -9.08
CA ILE GD 160 -69.67 63.01 -8.72
C ILE GD 160 -68.27 62.79 -9.29
N THR GD 161 -67.68 61.65 -8.96
CA THR GD 161 -66.37 61.26 -9.43
C THR GD 161 -66.47 60.02 -10.30
N ALA GD 162 -65.65 59.97 -11.34
CA ALA GD 162 -65.60 58.82 -12.25
C ALA GD 162 -66.96 58.57 -12.88
N GLY HD 15 -70.92 63.44 27.34
CA GLY HD 15 -72.05 64.24 26.90
C GLY HD 15 -72.19 64.27 25.40
N ASN HD 16 -72.89 65.28 24.89
CA ASN HD 16 -73.13 65.44 23.46
C ASN HD 16 -72.79 66.86 23.05
N LYS HD 17 -72.35 67.00 21.80
CA LYS HD 17 -71.93 68.31 21.31
C LYS HD 17 -73.09 69.30 21.26
N GLY HD 18 -74.33 68.83 21.32
CA GLY HD 18 -75.45 69.76 21.44
C GLY HD 18 -75.40 70.56 22.72
N TRP HD 19 -75.08 69.90 23.84
CA TRP HD 19 -74.95 70.60 25.11
C TRP HD 19 -73.75 71.52 25.11
N GLU HD 20 -72.61 71.05 24.58
CA GLU HD 20 -71.40 71.86 24.57
C GLU HD 20 -71.57 73.10 23.72
N ALA HD 21 -72.20 72.96 22.55
CA ALA HD 21 -72.35 74.09 21.65
C ALA HD 21 -73.28 75.15 22.22
N ALA HD 22 -74.25 74.77 23.04
CA ALA HD 22 -75.13 75.75 23.67
C ALA HD 22 -74.46 76.46 24.82
N LEU HD 23 -73.58 75.78 25.56
CA LEU HD 23 -72.82 76.44 26.61
C LEU HD 23 -71.92 77.52 26.06
N SER HD 24 -71.21 77.24 24.96
CA SER HD 24 -70.33 78.25 24.38
C SER HD 24 -71.13 79.45 23.90
N ALA HD 25 -72.29 79.23 23.29
CA ALA HD 25 -73.10 80.33 22.81
C ALA HD 25 -73.59 81.21 23.95
N ILE HD 26 -73.96 80.61 25.08
CA ILE HD 26 -74.46 81.40 26.20
C ILE HD 26 -73.37 82.29 26.75
N GLU HD 27 -72.13 81.79 26.81
CA GLU HD 27 -71.05 82.56 27.40
C GLU HD 27 -70.61 83.69 26.48
N MET HD 28 -70.53 83.44 25.17
CA MET HD 28 -70.14 84.50 24.24
C MET HD 28 -71.21 85.59 24.14
N ALA HD 29 -72.48 85.23 24.27
CA ALA HD 29 -73.52 86.24 24.23
C ALA HD 29 -73.41 87.20 25.41
N ASN HD 30 -73.00 86.69 26.58
CA ASN HD 30 -72.81 87.54 27.73
C ASN HD 30 -71.54 88.36 27.63
N LEU HD 31 -70.48 87.80 27.02
CA LEU HD 31 -69.23 88.52 26.88
C LEU HD 31 -69.38 89.74 25.98
N PHE HD 32 -70.18 89.63 24.92
CA PHE HD 32 -70.32 90.75 23.99
C PHE HD 32 -71.18 91.87 24.55
N LYS HD 33 -71.97 91.61 25.59
CA LYS HD 33 -72.72 92.68 26.24
C LYS HD 33 -71.82 93.57 27.07
N SER HD 34 -70.91 92.97 27.84
CA SER HD 34 -70.02 93.75 28.68
C SER HD 34 -68.91 94.40 27.87
N LEU HD 35 -68.46 93.75 26.81
CA LEU HD 35 -67.40 94.30 25.99
C LEU HD 35 -67.86 95.49 25.17
N ARG HD 36 -69.16 95.60 24.90
CA ARG HD 36 -69.72 96.72 24.16
C ARG HD 36 -70.30 97.80 25.06
N GLY HD 37 -70.18 97.65 26.37
CA GLY HD 37 -70.65 98.64 27.32
C GLY HD 37 -69.54 99.57 27.77
N THR HD 38 -69.80 100.27 28.87
CA THR HD 38 -68.81 101.18 29.42
C THR HD 38 -67.62 100.41 29.98
N GLY HD 39 -66.42 100.94 29.76
CA GLY HD 39 -65.22 100.31 30.26
C GLY HD 39 -64.95 100.60 31.71
N GLY HD 40 -63.93 99.94 32.25
CA GLY HD 40 -63.56 100.14 33.63
C GLY HD 40 -62.99 101.53 33.88
N SER HD 41 -63.20 102.03 35.10
CA SER HD 41 -62.70 103.35 35.45
C SER HD 41 -61.18 103.39 35.40
N GLY HD 42 -60.52 102.36 35.91
CA GLY HD 42 -59.08 102.27 35.95
C GLY HD 42 -58.62 101.71 37.27
N SER HD 43 -57.34 101.94 37.57
CA SER HD 43 -56.68 101.56 38.82
C SER HD 43 -56.35 100.07 38.86
N SER HD 44 -56.60 99.32 37.79
CA SER HD 44 -56.25 97.90 37.75
C SER HD 44 -56.42 97.39 36.33
N MET HD 45 -55.89 96.21 36.08
CA MET HD 45 -56.08 95.55 34.79
C MET HD 45 -57.55 95.17 34.62
N GLU HD 46 -58.05 95.35 33.40
CA GLU HD 46 -59.45 95.08 33.09
C GLU HD 46 -59.59 93.66 32.54
N ILE HD 47 -60.49 92.89 33.14
CA ILE HD 47 -60.75 91.51 32.74
C ILE HD 47 -62.22 91.40 32.37
N TYR HD 48 -62.48 90.81 31.21
CA TYR HD 48 -63.83 90.57 30.72
C TYR HD 48 -64.08 89.06 30.67
N GLU HD 49 -65.20 88.64 31.26
CA GLU HD 49 -65.58 87.23 31.31
C GLU HD 49 -67.08 87.13 31.08
N GLY HD 50 -67.51 85.93 30.70
CA GLY HD 50 -68.91 85.66 30.44
C GLY HD 50 -69.52 84.78 31.51
N LYS HD 51 -70.65 85.22 32.04
CA LYS HD 51 -71.40 84.44 33.01
C LYS HD 51 -72.26 83.40 32.30
N LEU HD 52 -72.61 82.35 33.04
CA LEU HD 52 -73.46 81.29 32.53
C LEU HD 52 -74.90 81.48 33.00
N THR HD 53 -75.48 82.60 32.56
CA THR HD 53 -76.88 82.91 32.80
C THR HD 53 -77.51 83.33 31.49
N ALA HD 54 -78.69 82.79 31.19
CA ALA HD 54 -79.33 82.95 29.90
C ALA HD 54 -80.71 83.61 30.04
N GLU HD 55 -80.80 84.63 30.87
CA GLU HD 55 -82.07 85.31 31.13
C GLU HD 55 -82.11 86.59 30.29
N GLY HD 56 -82.98 86.59 29.29
CA GLY HD 56 -83.15 87.74 28.43
C GLY HD 56 -82.42 87.69 27.11
N LEU HD 57 -81.91 86.53 26.70
CA LEU HD 57 -81.15 86.38 25.47
C LEU HD 57 -81.93 85.54 24.47
N ARG HD 58 -81.75 85.86 23.19
CA ARG HD 58 -82.37 85.14 22.09
C ARG HD 58 -81.34 84.28 21.38
N PHE HD 59 -81.79 83.15 20.85
CA PHE HD 59 -80.91 82.19 20.20
C PHE HD 59 -81.54 81.67 18.92
N GLY HD 60 -80.68 81.27 17.99
CA GLY HD 60 -81.13 80.56 16.80
C GLY HD 60 -80.33 79.29 16.61
N ILE HD 61 -80.98 78.28 16.07
CA ILE HD 61 -80.39 76.96 15.86
C ILE HD 61 -80.62 76.54 14.42
N VAL HD 62 -79.57 76.06 13.77
CA VAL HD 62 -79.62 75.50 12.43
C VAL HD 62 -79.14 74.07 12.51
N ALA HD 63 -80.02 73.13 12.15
CA ALA HD 63 -79.72 71.71 12.24
C ALA HD 63 -80.12 71.02 10.95
N SER HD 64 -79.23 70.16 10.46
CA SER HD 64 -79.50 69.42 9.24
C SER HD 64 -80.40 68.22 9.54
N ARG HD 65 -80.66 67.40 8.53
CA ARG HD 65 -81.61 66.31 8.63
C ARG HD 65 -80.99 64.94 8.45
N PHE HD 66 -79.91 64.82 7.69
CA PHE HD 66 -79.30 63.52 7.45
C PHE HD 66 -78.95 62.87 8.79
N ASN HD 67 -78.92 61.54 8.78
CA ASN HD 67 -78.78 60.74 10.00
C ASN HD 67 -79.91 61.10 10.98
N HIS HD 68 -81.11 60.75 10.52
CA HIS HD 68 -82.36 61.12 11.18
C HIS HD 68 -82.30 61.03 12.71
N ALA HD 69 -81.78 59.92 13.23
CA ALA HD 69 -81.84 59.70 14.67
C ALA HD 69 -80.86 60.60 15.43
N LEU HD 70 -79.63 60.72 14.94
CA LEU HD 70 -78.61 61.42 15.71
C LEU HD 70 -78.96 62.88 15.94
N VAL HD 71 -79.27 63.61 14.86
CA VAL HD 71 -79.40 65.06 14.96
C VAL HD 71 -80.54 65.43 15.88
N ASP HD 72 -81.55 64.58 16.01
CA ASP HD 72 -82.66 64.89 16.91
C ASP HD 72 -82.21 64.88 18.37
N ARG HD 73 -81.27 64.00 18.71
CA ARG HD 73 -80.73 63.99 20.06
C ARG HD 73 -79.92 65.25 20.34
N LEU HD 74 -79.14 65.71 19.36
CA LEU HD 74 -78.34 66.91 19.55
C LEU HD 74 -79.21 68.15 19.76
N VAL HD 75 -80.31 68.26 19.01
CA VAL HD 75 -81.16 69.43 19.13
C VAL HD 75 -81.84 69.46 20.49
N GLU HD 76 -82.24 68.30 21.01
CA GLU HD 76 -82.83 68.25 22.34
C GLU HD 76 -81.84 68.67 23.41
N GLY HD 77 -80.58 68.28 23.26
CA GLY HD 77 -79.57 68.70 24.21
C GLY HD 77 -79.40 70.20 24.25
N ALA HD 78 -79.39 70.85 23.09
CA ALA HD 78 -79.20 72.30 23.04
C ALA HD 78 -80.34 73.04 23.71
N ILE HD 79 -81.58 72.60 23.48
CA ILE HD 79 -82.73 73.28 24.07
C ILE HD 79 -82.75 73.07 25.57
N ASP HD 80 -82.38 71.88 26.04
CA ASP HD 80 -82.36 71.61 27.46
C ASP HD 80 -81.36 72.51 28.18
N CYS HD 81 -80.19 72.74 27.57
CA CYS HD 81 -79.19 73.61 28.18
C CYS HD 81 -79.72 75.01 28.38
N ILE HD 82 -80.37 75.58 27.37
CA ILE HD 82 -80.81 76.97 27.45
C ILE HD 82 -81.90 77.13 28.50
N VAL HD 83 -82.88 76.21 28.51
CA VAL HD 83 -84.02 76.36 29.40
C VAL HD 83 -83.61 76.20 30.85
N ARG HD 84 -82.67 75.31 31.13
CA ARG HD 84 -82.25 75.07 32.51
C ARG HD 84 -81.28 76.12 33.03
N HIS HD 85 -80.80 77.03 32.18
CA HIS HD 85 -79.97 78.13 32.63
C HIS HD 85 -80.74 79.44 32.79
N GLY HD 86 -82.05 79.42 32.57
CA GLY HD 86 -82.89 80.59 32.75
C GLY HD 86 -83.53 81.10 31.49
N GLY HD 87 -83.24 80.51 30.33
CA GLY HD 87 -83.83 80.96 29.09
C GLY HD 87 -85.28 80.55 28.96
N ARG HD 88 -85.95 81.16 27.99
CA ARG HD 88 -87.34 80.89 27.69
C ARG HD 88 -87.44 80.19 26.34
N GLU HD 89 -88.29 79.16 26.28
CA GLU HD 89 -88.47 78.44 25.02
C GLU HD 89 -89.11 79.33 23.96
N GLU HD 90 -89.72 80.43 24.35
CA GLU HD 90 -90.31 81.36 23.38
C GLU HD 90 -89.24 82.18 22.66
N ASP HD 91 -88.01 82.21 23.16
CA ASP HD 91 -86.93 82.99 22.59
C ASP HD 91 -85.91 82.11 21.87
N ILE HD 92 -86.38 81.06 21.21
CA ILE HD 92 -85.53 80.18 20.41
C ILE HD 92 -86.15 80.05 19.03
N THR HD 93 -85.32 80.15 18.00
CA THR HD 93 -85.72 79.95 16.62
C THR HD 93 -85.01 78.72 16.07
N LEU HD 94 -85.74 77.87 15.37
CA LEU HD 94 -85.19 76.62 14.83
C LEU HD 94 -85.44 76.56 13.33
N VAL HD 95 -84.39 76.26 12.57
CA VAL HD 95 -84.43 76.16 11.12
C VAL HD 95 -83.85 74.80 10.72
N ARG HD 96 -84.57 74.06 9.89
CA ARG HD 96 -84.13 72.75 9.41
C ARG HD 96 -83.70 72.86 7.95
N VAL HD 97 -82.64 72.14 7.60
CA VAL HD 97 -82.10 72.15 6.23
C VAL HD 97 -81.87 70.71 5.81
N PRO HD 98 -81.80 70.46 4.50
CA PRO HD 98 -81.65 69.06 4.04
C PRO HD 98 -80.35 68.41 4.48
N GLY HD 99 -79.21 69.06 4.25
CA GLY HD 99 -77.92 68.45 4.54
C GLY HD 99 -76.90 69.41 5.08
N SER HD 100 -75.67 68.94 5.25
CA SER HD 100 -74.61 69.78 5.80
C SER HD 100 -74.21 70.88 4.84
N TRP HD 101 -74.26 70.61 3.54
CA TRP HD 101 -73.89 71.62 2.55
C TRP HD 101 -74.71 72.88 2.70
N GLU HD 102 -75.94 72.78 3.20
CA GLU HD 102 -76.84 73.91 3.26
C GLU HD 102 -76.76 74.70 4.57
N ILE HD 103 -75.98 74.22 5.56
CA ILE HD 103 -75.95 74.91 6.85
C ILE HD 103 -75.43 76.34 6.74
N PRO HD 104 -74.30 76.61 6.09
CA PRO HD 104 -73.77 77.98 6.09
C PRO HD 104 -74.71 79.01 5.50
N VAL HD 105 -75.44 78.67 4.43
CA VAL HD 105 -76.28 79.66 3.78
C VAL HD 105 -77.45 80.04 4.69
N ALA HD 106 -78.04 79.07 5.39
CA ALA HD 106 -79.13 79.37 6.29
C ALA HD 106 -78.64 80.16 7.51
N ALA HD 107 -77.43 79.86 7.99
CA ALA HD 107 -76.90 80.58 9.14
C ALA HD 107 -76.76 82.07 8.85
N GLY HD 108 -76.47 82.42 7.60
CA GLY HD 108 -76.35 83.83 7.26
C GLY HD 108 -77.64 84.59 7.45
N GLU HD 109 -78.77 83.98 7.07
CA GLU HD 109 -80.05 84.66 7.22
C GLU HD 109 -80.39 84.91 8.68
N LEU HD 110 -80.16 83.92 9.54
CA LEU HD 110 -80.45 84.09 10.96
C LEU HD 110 -79.53 85.15 11.59
N ALA HD 111 -78.25 85.14 11.22
CA ALA HD 111 -77.29 86.05 11.83
C ALA HD 111 -77.57 87.50 11.47
N ARG HD 112 -78.24 87.76 10.36
CA ARG HD 112 -78.50 89.12 9.92
C ARG HD 112 -79.73 89.73 10.55
N LYS HD 113 -80.46 88.99 11.37
CA LYS HD 113 -81.57 89.55 12.13
C LYS HD 113 -81.05 90.29 13.34
N GLU HD 114 -81.81 91.32 13.75
CA GLU HD 114 -81.39 92.19 14.84
C GLU HD 114 -81.92 91.75 16.20
N ASP HD 115 -82.63 90.63 16.28
CA ASP HD 115 -83.15 90.11 17.55
C ASP HD 115 -82.55 88.76 17.91
N ILE HD 116 -81.37 88.44 17.38
CA ILE HD 116 -80.69 87.19 17.70
C ILE HD 116 -79.29 87.53 18.21
N ASP HD 117 -78.90 86.91 19.31
CA ASP HD 117 -77.62 87.18 19.96
C ASP HD 117 -76.54 86.17 19.60
N ALA HD 118 -76.90 84.94 19.28
CA ALA HD 118 -75.93 83.95 18.87
C ALA HD 118 -76.63 82.86 18.08
N VAL HD 119 -75.84 82.10 17.33
CA VAL HD 119 -76.34 81.03 16.47
C VAL HD 119 -75.58 79.76 16.76
N ILE HD 120 -76.29 78.63 16.76
CA ILE HD 120 -75.72 77.31 17.02
C ILE HD 120 -75.95 76.45 15.79
N ALA HD 121 -74.89 75.85 15.27
CA ALA HD 121 -74.94 75.02 14.07
C ALA HD 121 -74.70 73.56 14.43
N ILE HD 122 -75.63 72.69 14.04
CA ILE HD 122 -75.58 71.27 14.37
C ILE HD 122 -75.72 70.47 13.07
N GLY HD 123 -75.09 69.30 13.04
CA GLY HD 123 -75.14 68.46 11.86
C GLY HD 123 -74.20 67.30 12.00
N VAL HD 124 -74.31 66.38 11.05
CA VAL HD 124 -73.51 65.16 11.02
C VAL HD 124 -72.85 65.05 9.66
N LEU HD 125 -71.53 64.90 9.65
CA LEU HD 125 -70.77 64.67 8.43
C LEU HD 125 -70.52 63.18 8.27
N ILE HD 126 -70.73 62.67 7.06
CA ILE HD 126 -70.70 61.22 6.82
C ILE HD 126 -69.43 60.85 6.06
N ARG HD 127 -68.36 61.61 6.28
CA ARG HD 127 -67.08 61.27 5.69
C ARG HD 127 -66.70 59.83 6.02
N GLY HD 128 -65.92 59.21 5.14
CA GLY HD 128 -65.51 57.84 5.31
C GLY HD 128 -65.39 57.08 3.99
N ALA HD 129 -66.04 57.59 2.95
CA ALA HD 129 -65.98 57.01 1.62
C ALA HD 129 -66.67 57.98 0.66
N THR HD 130 -66.78 57.57 -0.60
CA THR HD 130 -67.50 58.37 -1.58
C THR HD 130 -66.94 59.79 -1.64
N PRO HD 131 -65.80 60.02 -2.32
CA PRO HD 131 -65.15 61.34 -2.29
C PRO HD 131 -66.06 62.53 -2.54
N HIS HD 132 -67.28 62.29 -3.03
CA HIS HD 132 -68.28 63.35 -3.09
C HIS HD 132 -68.45 64.04 -1.75
N PHE HD 133 -68.39 63.29 -0.65
CA PHE HD 133 -68.59 63.82 0.68
C PHE HD 133 -67.33 64.34 1.33
N ASP HD 134 -66.15 64.11 0.76
CA ASP HD 134 -64.93 64.64 1.34
C ASP HD 134 -64.76 66.12 1.07
N TYR HD 135 -65.32 66.61 -0.05
CA TYR HD 135 -65.26 68.03 -0.35
C TYR HD 135 -66.26 68.84 0.47
N ILE HD 136 -67.43 68.27 0.74
CA ILE HD 136 -68.43 68.97 1.53
C ILE HD 136 -67.90 69.26 2.92
N ALA HD 137 -67.13 68.34 3.48
CA ALA HD 137 -66.68 68.48 4.87
C ALA HD 137 -65.85 69.75 5.04
N SER HD 138 -64.95 70.04 4.10
CA SER HD 138 -64.04 71.16 4.25
C SER HD 138 -64.72 72.51 4.06
N GLU HD 139 -65.88 72.54 3.38
CA GLU HD 139 -66.51 73.82 3.07
C GLU HD 139 -67.45 74.31 4.16
N VAL HD 140 -67.95 73.43 5.02
CA VAL HD 140 -68.86 73.86 6.07
C VAL HD 140 -68.13 74.69 7.11
N SER HD 141 -66.93 74.25 7.51
CA SER HD 141 -66.14 75.01 8.47
C SER HD 141 -65.74 76.36 7.93
N LYS HD 142 -65.31 76.42 6.66
CA LYS HD 142 -64.87 77.67 6.08
C LYS HD 142 -65.99 78.70 6.07
N GLY HD 143 -67.20 78.29 5.68
CA GLY HD 143 -68.29 79.23 5.60
C GLY HD 143 -68.69 79.77 6.95
N LEU HD 144 -68.77 78.91 7.96
CA LEU HD 144 -69.19 79.35 9.28
C LEU HD 144 -68.16 80.30 9.89
N ALA HD 145 -66.87 80.03 9.68
CA ALA HD 145 -65.83 80.89 10.23
C ALA HD 145 -65.88 82.29 9.63
N ASN HD 146 -66.05 82.39 8.31
CA ASN HD 146 -66.08 83.69 7.66
C ASN HD 146 -67.29 84.49 8.06
N LEU HD 147 -68.44 83.83 8.21
CA LEU HD 147 -69.66 84.54 8.58
C LEU HD 147 -69.51 85.21 9.94
N SER HD 148 -68.91 84.51 10.90
CA SER HD 148 -68.75 85.06 12.24
C SER HD 148 -67.92 86.35 12.21
N LEU HD 149 -66.83 86.34 11.44
CA LEU HD 149 -65.97 87.51 11.36
C LEU HD 149 -66.65 88.63 10.57
N GLU HD 150 -67.37 88.29 9.51
CA GLU HD 150 -68.01 89.31 8.67
C GLU HD 150 -69.13 90.03 9.42
N LEU HD 151 -70.02 89.26 10.05
CA LEU HD 151 -71.19 89.83 10.71
C LEU HD 151 -70.91 90.26 12.14
N ARG HD 152 -69.80 89.82 12.73
CA ARG HD 152 -69.44 90.16 14.10
C ARG HD 152 -70.47 89.62 15.09
N LYS HD 153 -70.80 88.35 14.94
CA LYS HD 153 -71.71 87.65 15.82
C LYS HD 153 -71.13 86.26 16.08
N PRO HD 154 -71.26 85.73 17.29
CA PRO HD 154 -70.70 84.40 17.57
C PRO HD 154 -71.55 83.28 16.98
N ILE HD 155 -70.90 82.40 16.22
CA ILE HD 155 -71.53 81.20 15.66
C ILE HD 155 -70.75 80.00 16.18
N THR HD 156 -71.45 79.08 16.83
CA THR HD 156 -70.80 77.94 17.48
C THR HD 156 -70.91 76.70 16.60
N PHE HD 157 -69.88 75.86 16.68
CA PHE HD 157 -69.71 74.70 15.82
C PHE HD 157 -70.12 73.45 16.59
N GLY HD 158 -71.19 72.79 16.13
CA GLY HD 158 -71.69 71.59 16.77
C GLY HD 158 -71.82 70.41 15.83
N VAL HD 159 -70.85 70.21 14.96
CA VAL HD 159 -70.92 69.21 13.90
C VAL HD 159 -70.00 68.04 14.25
N ILE HD 160 -70.55 66.83 14.20
CA ILE HD 160 -69.80 65.62 14.54
C ILE HD 160 -69.65 64.75 13.29
N THR HD 161 -68.92 63.64 13.43
CA THR HD 161 -68.62 62.74 12.32
C THR HD 161 -69.06 61.34 12.69
N ALA HD 162 -69.77 60.68 11.77
CA ALA HD 162 -70.27 59.34 11.99
C ALA HD 162 -69.31 58.29 11.45
N GLY ID 15 -38.13 80.78 27.34
CA GLY ID 15 -39.28 80.64 28.22
C GLY ID 15 -40.48 79.99 27.53
N ASN ID 16 -41.65 80.17 28.13
CA ASN ID 16 -42.86 79.60 27.55
C ASN ID 16 -43.34 80.46 26.37
N LYS ID 17 -44.23 79.88 25.57
CA LYS ID 17 -44.67 80.56 24.36
C LYS ID 17 -45.50 81.80 24.66
N GLY ID 18 -46.03 81.93 25.87
CA GLY ID 18 -46.63 83.19 26.26
C GLY ID 18 -45.59 84.30 26.37
N TRP ID 19 -44.38 83.94 26.82
CA TRP ID 19 -43.28 84.89 26.83
C TRP ID 19 -42.81 85.21 25.41
N GLU ID 20 -42.63 84.18 24.59
CA GLU ID 20 -42.15 84.39 23.23
C GLU ID 20 -43.14 85.23 22.42
N ALA ID 21 -44.43 84.98 22.58
CA ALA ID 21 -45.43 85.71 21.81
C ALA ID 21 -45.46 87.18 22.20
N ALA ID 22 -45.30 87.49 23.48
CA ALA ID 22 -45.40 88.87 23.93
C ALA ID 22 -44.23 89.72 23.44
N LEU ID 23 -43.06 89.13 23.27
CA LEU ID 23 -41.92 89.90 22.76
C LEU ID 23 -42.19 90.40 21.35
N SER ID 24 -42.71 89.54 20.48
CA SER ID 24 -42.95 89.94 19.10
C SER ID 24 -43.94 91.08 19.01
N ALA ID 25 -44.87 91.17 19.97
CA ALA ID 25 -45.81 92.27 19.98
C ALA ID 25 -45.13 93.57 20.37
N ILE ID 26 -44.19 93.51 21.32
CA ILE ID 26 -43.45 94.71 21.70
C ILE ID 26 -42.62 95.22 20.53
N GLU ID 27 -41.94 94.31 19.83
CA GLU ID 27 -41.08 94.71 18.73
C GLU ID 27 -41.90 95.24 17.56
N MET ID 28 -42.99 94.56 17.22
CA MET ID 28 -43.77 94.97 16.05
C MET ID 28 -44.57 96.24 16.32
N ALA ID 29 -45.00 96.47 17.56
CA ALA ID 29 -45.72 97.70 17.86
C ALA ID 29 -44.82 98.91 17.76
N ASN ID 30 -43.52 98.76 18.07
CA ASN ID 30 -42.58 99.86 17.92
C ASN ID 30 -42.25 100.10 16.45
N LEU ID 31 -42.11 99.03 15.68
CA LEU ID 31 -41.75 99.17 14.27
C LEU ID 31 -42.80 99.97 13.51
N PHE ID 32 -44.08 99.74 13.80
CA PHE ID 32 -45.14 100.46 13.10
C PHE ID 32 -45.06 101.96 13.37
N LYS ID 33 -44.89 102.36 14.63
CA LYS ID 33 -44.82 103.78 14.94
C LYS ID 33 -43.71 104.48 14.16
N SER ID 34 -42.63 103.76 13.87
CA SER ID 34 -41.55 104.35 13.09
C SER ID 34 -41.93 104.47 11.62
N LEU ID 35 -42.60 103.45 11.06
CA LEU ID 35 -42.94 103.47 9.65
C LEU ID 35 -43.89 104.60 9.32
N ARG ID 36 -44.92 104.80 10.14
CA ARG ID 36 -45.90 105.86 9.91
C ARG ID 36 -45.56 107.07 10.79
N GLY ID 37 -44.46 107.70 10.44
CA GLY ID 37 -43.99 108.87 11.16
C GLY ID 37 -42.96 109.62 10.35
N THR ID 38 -42.01 110.23 11.05
CA THR ID 38 -40.96 110.99 10.40
C THR ID 38 -39.99 110.05 9.67
N GLY ID 39 -39.32 110.58 8.66
CA GLY ID 39 -38.37 109.81 7.88
C GLY ID 39 -37.03 109.67 8.59
N GLY ID 40 -36.14 108.95 7.92
CA GLY ID 40 -34.81 108.69 8.44
C GLY ID 40 -33.83 109.80 8.09
N SER ID 41 -32.54 109.47 8.22
CA SER ID 41 -31.50 110.45 7.91
C SER ID 41 -31.54 110.84 6.44
N GLY ID 42 -31.76 109.89 5.55
CA GLY ID 42 -31.81 110.13 4.13
C GLY ID 42 -30.45 110.05 3.46
N SER ID 43 -30.48 110.10 2.13
CA SER ID 43 -29.28 110.01 1.30
C SER ID 43 -28.59 108.65 1.40
N SER ID 44 -29.29 107.64 1.90
CA SER ID 44 -28.75 106.29 2.02
C SER ID 44 -29.91 105.35 2.32
N MET ID 45 -29.59 104.06 2.37
CA MET ID 45 -30.59 103.04 2.66
C MET ID 45 -31.18 103.27 4.05
N GLU ID 46 -32.49 103.05 4.17
CA GLU ID 46 -33.20 103.16 5.44
C GLU ID 46 -33.44 101.76 5.98
N ILE ID 47 -32.88 101.46 7.15
CA ILE ID 47 -33.07 100.19 7.82
C ILE ID 47 -33.99 100.42 9.02
N TYR ID 48 -35.01 99.57 9.14
CA TYR ID 48 -36.02 99.68 10.18
C TYR ID 48 -35.93 98.50 11.13
N GLU ID 49 -36.28 98.73 12.39
CA GLU ID 49 -36.22 97.72 13.43
C GLU ID 49 -36.90 98.28 14.67
N GLY ID 50 -37.43 97.37 15.48
CA GLY ID 50 -38.14 97.73 16.70
C GLY ID 50 -37.32 97.40 17.92
N LYS ID 51 -37.35 98.28 18.91
CA LYS ID 51 -36.68 98.05 20.18
C LYS ID 51 -37.62 97.33 21.14
N LEU ID 52 -37.05 96.86 22.25
CA LEU ID 52 -37.79 96.08 23.23
C LEU ID 52 -38.23 96.92 24.42
N THR ID 53 -38.58 98.17 24.19
CA THR ID 53 -39.21 99.01 25.18
C THR ID 53 -40.72 98.92 25.03
N ALA ID 54 -41.43 99.14 26.14
CA ALA ID 54 -42.88 98.99 26.13
C ALA ID 54 -43.61 100.06 26.92
N GLU ID 55 -42.94 101.16 27.26
CA GLU ID 55 -43.60 102.24 27.99
C GLU ID 55 -44.47 103.05 27.03
N GLY ID 56 -45.75 103.20 27.38
CA GLY ID 56 -46.70 103.93 26.57
C GLY ID 56 -47.55 103.09 25.65
N LEU ID 57 -47.26 101.80 25.51
CA LEU ID 57 -48.00 100.93 24.62
C LEU ID 57 -49.20 100.30 25.33
N ARG ID 58 -50.24 100.02 24.54
CA ARG ID 58 -51.45 99.35 25.01
C ARG ID 58 -51.56 97.99 24.33
N PHE ID 59 -52.02 96.99 25.08
CA PHE ID 59 -52.03 95.60 24.63
C PHE ID 59 -53.37 94.95 24.94
N GLY ID 60 -53.66 93.89 24.22
CA GLY ID 60 -54.82 93.06 24.49
C GLY ID 60 -54.50 91.58 24.36
N ILE ID 61 -54.93 90.78 25.32
CA ILE ID 61 -54.65 89.34 25.35
C ILE ID 61 -55.98 88.60 25.28
N VAL ID 62 -56.06 87.62 24.38
CA VAL ID 62 -57.23 86.75 24.25
C VAL ID 62 -56.77 85.33 24.49
N ALA ID 63 -57.37 84.68 25.49
CA ALA ID 63 -56.95 83.35 25.94
C ALA ID 63 -58.16 82.43 26.05
N SER ID 64 -57.95 81.16 25.73
CA SER ID 64 -59.00 80.15 25.77
C SER ID 64 -58.98 79.44 27.13
N ARG ID 65 -59.79 78.39 27.26
CA ARG ID 65 -59.87 77.62 28.50
C ARG ID 65 -59.63 76.15 28.18
N PHE ID 66 -58.66 75.54 28.85
CA PHE ID 66 -58.33 74.14 28.71
C PHE ID 66 -57.92 73.67 30.10
N ASN ID 67 -58.71 72.77 30.69
CA ASN ID 67 -58.68 72.54 32.13
C ASN ID 67 -58.55 73.89 32.83
N HIS ID 68 -57.73 73.98 33.89
CA HIS ID 68 -57.53 75.26 34.54
C HIS ID 68 -56.06 75.52 34.90
N ALA ID 69 -55.13 74.84 34.23
CA ALA ID 69 -53.73 74.93 34.61
C ALA ID 69 -52.78 75.29 33.48
N LEU ID 70 -52.95 74.71 32.29
CA LEU ID 70 -51.91 74.80 31.26
C LEU ID 70 -51.95 76.11 30.48
N VAL ID 71 -53.04 76.87 30.56
CA VAL ID 71 -53.15 78.14 29.85
C VAL ID 71 -52.96 79.27 30.84
N ASP ID 72 -53.23 79.02 32.12
CA ASP ID 72 -52.93 80.01 33.14
C ASP ID 72 -51.45 80.32 33.18
N ARG ID 73 -50.60 79.31 32.98
CA ARG ID 73 -49.16 79.55 32.94
C ARG ID 73 -48.78 80.42 31.75
N LEU ID 74 -49.34 80.16 30.58
CA LEU ID 74 -48.97 80.93 29.40
C LEU ID 74 -49.45 82.37 29.49
N VAL ID 75 -50.59 82.61 30.13
CA VAL ID 75 -51.07 83.97 30.30
C VAL ID 75 -50.19 84.73 31.29
N GLU ID 76 -49.76 84.07 32.37
CA GLU ID 76 -48.90 84.73 33.34
C GLU ID 76 -47.53 85.04 32.74
N GLY ID 77 -47.02 84.15 31.90
CA GLY ID 77 -45.76 84.44 31.22
C GLY ID 77 -45.85 85.64 30.31
N ALA ID 78 -47.02 85.86 29.69
CA ALA ID 78 -47.18 87.00 28.81
C ALA ID 78 -47.22 88.30 29.58
N ILE ID 79 -48.00 88.36 30.67
CA ILE ID 79 -48.11 89.60 31.43
C ILE ID 79 -46.78 89.97 32.06
N ASP ID 80 -45.98 88.97 32.47
CA ASP ID 80 -44.68 89.24 33.05
C ASP ID 80 -43.76 89.94 32.06
N CYS ID 81 -43.80 89.52 30.79
CA CYS ID 81 -42.92 90.12 29.79
C CYS ID 81 -43.21 91.59 29.59
N ILE ID 82 -44.49 91.96 29.55
CA ILE ID 82 -44.86 93.35 29.32
C ILE ID 82 -44.48 94.22 30.49
N VAL ID 83 -44.75 93.76 31.71
CA VAL ID 83 -44.52 94.60 32.89
C VAL ID 83 -43.02 94.77 33.14
N ARG ID 84 -42.24 93.71 32.95
CA ARG ID 84 -40.81 93.82 33.20
C ARG ID 84 -40.10 94.65 32.14
N HIS ID 85 -40.57 94.60 30.90
CA HIS ID 85 -39.98 95.40 29.84
C HIS ID 85 -40.53 96.83 29.80
N GLY ID 86 -41.22 97.27 30.86
CA GLY ID 86 -41.54 98.67 31.05
C GLY ID 86 -43.01 99.02 31.00
N GLY ID 87 -43.89 98.08 30.67
CA GLY ID 87 -45.28 98.40 30.50
C GLY ID 87 -46.04 98.57 31.80
N ARG ID 88 -47.25 99.08 31.69
CA ARG ID 88 -48.14 99.29 32.83
C ARG ID 88 -49.24 98.24 32.81
N GLU ID 89 -49.68 97.85 34.00
CA GLU ID 89 -50.83 96.95 34.11
C GLU ID 89 -52.12 97.65 33.76
N GLU ID 90 -52.19 98.97 33.92
CA GLU ID 90 -53.39 99.71 33.54
C GLU ID 90 -53.70 99.55 32.06
N ASP ID 91 -52.69 99.26 31.25
CA ASP ID 91 -52.79 99.27 29.80
C ASP ID 91 -52.78 97.87 29.22
N ILE ID 92 -53.40 96.92 29.91
CA ILE ID 92 -53.60 95.56 29.40
C ILE ID 92 -55.07 95.20 29.58
N THR ID 93 -55.66 94.60 28.56
CA THR ID 93 -57.02 94.08 28.60
C THR ID 93 -56.96 92.59 28.33
N LEU ID 94 -57.60 91.80 29.19
CA LEU ID 94 -57.59 90.34 29.10
C LEU ID 94 -59.01 89.83 28.88
N VAL ID 95 -59.18 88.96 27.89
CA VAL ID 95 -60.48 88.39 27.54
C VAL ID 95 -60.37 86.87 27.54
N ARG ID 96 -61.33 86.20 28.17
CA ARG ID 96 -61.38 84.74 28.21
C ARG ID 96 -62.54 84.23 27.35
N VAL ID 97 -62.30 83.17 26.60
CA VAL ID 97 -63.30 82.62 25.69
C VAL ID 97 -63.40 81.12 25.90
N PRO ID 98 -64.54 80.51 25.54
CA PRO ID 98 -64.73 79.08 25.82
C PRO ID 98 -63.69 78.16 25.18
N GLY ID 99 -63.25 78.44 23.96
CA GLY ID 99 -62.39 77.50 23.28
C GLY ID 99 -61.65 78.14 22.13
N SER ID 100 -60.87 77.30 21.43
CA SER ID 100 -60.04 77.80 20.34
C SER ID 100 -60.87 78.35 19.20
N TRP ID 101 -61.99 77.69 18.89
CA TRP ID 101 -62.83 78.11 17.78
C TRP ID 101 -63.33 79.55 17.94
N GLU ID 102 -63.41 80.05 19.17
CA GLU ID 102 -63.97 81.36 19.44
C GLU ID 102 -62.94 82.47 19.47
N ILE ID 103 -61.65 82.17 19.30
CA ILE ID 103 -60.63 83.20 19.39
C ILE ID 103 -60.77 84.25 18.31
N PRO ID 104 -60.87 83.91 17.02
CA PRO ID 104 -60.88 84.95 15.98
C PRO ID 104 -61.99 85.99 16.13
N VAL ID 105 -63.19 85.60 16.53
CA VAL ID 105 -64.26 86.56 16.68
C VAL ID 105 -63.97 87.51 17.84
N ALA ID 106 -63.34 87.00 18.91
CA ALA ID 106 -63.00 87.85 20.04
C ALA ID 106 -61.80 88.74 19.73
N ALA ID 107 -60.85 88.23 18.94
CA ALA ID 107 -59.72 89.04 18.54
C ALA ID 107 -60.14 90.22 17.67
N GLY ID 108 -61.18 90.04 16.87
CA GLY ID 108 -61.64 91.12 16.01
C GLY ID 108 -62.13 92.32 16.79
N GLU ID 109 -62.85 92.09 17.89
CA GLU ID 109 -63.40 93.19 18.66
C GLU ID 109 -62.31 94.07 19.24
N LEU ID 110 -61.25 93.47 19.78
CA LEU ID 110 -60.16 94.26 20.35
C LEU ID 110 -59.38 95.00 19.28
N ALA ID 111 -59.06 94.34 18.17
CA ALA ID 111 -58.24 94.95 17.14
C ALA ID 111 -58.91 96.15 16.49
N ARG ID 112 -60.23 96.27 16.60
CA ARG ID 112 -60.94 97.42 16.05
C ARG ID 112 -60.97 98.62 16.99
N LYS ID 113 -60.49 98.47 18.22
CA LYS ID 113 -60.47 99.59 19.15
C LYS ID 113 -59.29 100.50 18.85
N GLU ID 114 -59.55 101.81 18.89
CA GLU ID 114 -58.54 102.79 18.51
C GLU ID 114 -57.37 102.84 19.49
N ASP ID 115 -57.54 102.33 20.70
CA ASP ID 115 -56.55 102.44 21.76
C ASP ID 115 -55.86 101.11 22.07
N ILE ID 116 -55.65 100.27 21.05
CA ILE ID 116 -54.91 99.02 21.18
C ILE ID 116 -53.90 98.96 20.06
N ASP ID 117 -52.67 98.56 20.38
CA ASP ID 117 -51.56 98.59 19.44
C ASP ID 117 -51.17 97.22 18.92
N ALA ID 118 -51.42 96.16 19.69
CA ALA ID 118 -51.20 94.79 19.22
C ALA ID 118 -52.04 93.87 20.07
N VAL ID 119 -52.19 92.63 19.59
CA VAL ID 119 -53.04 91.63 20.23
C VAL ID 119 -52.29 90.30 20.28
N ILE ID 120 -52.34 89.63 21.43
CA ILE ID 120 -51.70 88.34 21.64
C ILE ID 120 -52.80 87.29 21.79
N ALA ID 121 -52.69 86.19 21.06
CA ALA ID 121 -53.65 85.10 21.10
C ALA ID 121 -52.97 83.86 21.67
N ILE ID 122 -53.58 83.28 22.72
CA ILE ID 122 -53.02 82.13 23.41
C ILE ID 122 -54.08 81.05 23.44
N GLY ID 123 -53.70 79.82 23.10
CA GLY ID 123 -54.66 78.74 23.07
C GLY ID 123 -53.98 77.39 23.09
N VAL ID 124 -54.82 76.36 23.07
CA VAL ID 124 -54.37 74.97 23.09
C VAL ID 124 -55.14 74.22 22.01
N LEU ID 125 -54.41 73.63 21.07
CA LEU ID 125 -55.00 72.78 20.05
C LEU ID 125 -54.73 71.33 20.41
N ILE ID 126 -55.80 70.53 20.48
CA ILE ID 126 -55.70 69.16 20.93
C ILE ID 126 -55.81 68.23 19.72
N ARG ID 127 -55.34 68.73 18.57
CA ARG ID 127 -55.38 67.97 17.34
C ARG ID 127 -54.65 66.63 17.51
N GLY ID 128 -54.93 65.71 16.60
CA GLY ID 128 -54.39 64.37 16.66
C GLY ID 128 -55.18 63.39 17.49
N ALA ID 129 -56.44 63.70 17.82
CA ALA ID 129 -57.27 62.85 18.66
C ALA ID 129 -58.48 62.31 17.91
N THR ID 130 -59.31 63.19 17.36
CA THR ID 130 -60.57 62.78 16.74
C THR ID 130 -61.02 63.89 15.80
N PRO ID 131 -61.78 63.58 14.75
CA PRO ID 131 -62.42 64.65 13.99
C PRO ID 131 -63.30 65.50 14.90
N HIS ID 132 -63.76 66.63 14.36
CA HIS ID 132 -64.32 67.77 15.07
C HIS ID 132 -63.21 68.65 15.64
N PHE ID 133 -61.95 68.21 15.60
CA PHE ID 133 -60.83 68.99 16.08
C PHE ID 133 -59.73 69.16 15.05
N ASP ID 134 -59.65 68.29 14.04
CA ASP ID 134 -58.78 68.54 12.90
C ASP ID 134 -59.35 69.62 12.00
N TYR ID 135 -60.64 69.94 12.12
CA TYR ID 135 -61.24 71.00 11.35
C TYR ID 135 -61.16 72.35 12.05
N ILE ID 136 -61.21 72.36 13.39
CA ILE ID 136 -61.12 73.61 14.11
C ILE ID 136 -59.74 74.23 13.98
N ALA ID 137 -58.70 73.39 14.00
CA ALA ID 137 -57.34 73.90 13.98
C ALA ID 137 -57.06 74.70 12.72
N SER ID 138 -57.52 74.21 11.57
CA SER ID 138 -57.20 74.87 10.31
C SER ID 138 -57.85 76.23 10.20
N GLU ID 139 -58.99 76.44 10.86
CA GLU ID 139 -59.69 77.70 10.75
C GLU ID 139 -59.18 78.75 11.72
N VAL ID 140 -58.54 78.36 12.81
CA VAL ID 140 -58.05 79.35 13.78
C VAL ID 140 -56.86 80.12 13.21
N SER ID 141 -55.95 79.43 12.51
CA SER ID 141 -54.80 80.12 11.94
C SER ID 141 -55.21 81.07 10.83
N LYS ID 142 -56.19 80.67 10.01
CA LYS ID 142 -56.58 81.51 8.88
C LYS ID 142 -57.26 82.80 9.34
N GLY ID 143 -58.09 82.72 10.39
CA GLY ID 143 -58.79 83.91 10.83
C GLY ID 143 -57.88 84.99 11.36
N LEU ID 144 -56.90 84.61 12.17
CA LEU ID 144 -55.95 85.59 12.68
C LEU ID 144 -55.11 86.17 11.56
N ALA ID 145 -54.71 85.34 10.60
CA ALA ID 145 -53.92 85.84 9.47
C ALA ID 145 -54.70 86.89 8.68
N ASN ID 146 -55.98 86.62 8.40
CA ASN ID 146 -56.78 87.55 7.62
C ASN ID 146 -57.02 88.85 8.39
N LEU ID 147 -57.26 88.76 9.70
CA LEU ID 147 -57.58 89.94 10.48
C LEU ID 147 -56.45 90.96 10.45
N SER ID 148 -55.21 90.49 10.54
CA SER ID 148 -54.08 91.41 10.54
C SER ID 148 -53.95 92.15 9.22
N LEU ID 149 -54.10 91.43 8.09
CA LEU ID 149 -53.99 92.08 6.80
C LEU ID 149 -55.18 92.96 6.47
N GLU ID 150 -56.30 92.80 7.19
CA GLU ID 150 -57.50 93.57 6.92
C GLU ID 150 -57.64 94.78 7.83
N LEU ID 151 -57.10 94.74 9.04
CA LEU ID 151 -57.18 95.84 9.97
C LEU ID 151 -55.85 96.57 10.16
N ARG ID 152 -54.75 96.03 9.65
CA ARG ID 152 -53.45 96.68 9.72
C ARG ID 152 -52.99 96.86 11.16
N LYS ID 153 -53.12 95.79 11.95
CA LYS ID 153 -52.69 95.76 13.33
C LYS ID 153 -52.07 94.38 13.54
N PRO ID 154 -50.84 94.30 14.05
CA PRO ID 154 -50.22 92.98 14.21
C PRO ID 154 -50.92 92.12 15.25
N ILE ID 155 -50.93 90.82 14.99
CA ILE ID 155 -51.50 89.83 15.90
C ILE ID 155 -50.52 88.66 15.96
N THR ID 156 -50.18 88.23 17.17
CA THR ID 156 -49.16 87.22 17.39
C THR ID 156 -49.79 85.91 17.81
N PHE ID 157 -49.12 84.81 17.44
CA PHE ID 157 -49.67 83.46 17.54
C PHE ID 157 -48.99 82.74 18.70
N GLY ID 158 -49.78 82.30 19.67
CA GLY ID 158 -49.25 81.70 20.88
C GLY ID 158 -49.89 80.37 21.26
N VAL ID 159 -50.16 79.51 20.29
CA VAL ID 159 -50.91 78.28 20.51
C VAL ID 159 -49.95 77.11 20.69
N ILE ID 160 -50.26 76.26 21.67
CA ILE ID 160 -49.52 75.04 21.92
C ILE ID 160 -50.33 73.85 21.41
N THR ID 161 -49.72 72.67 21.42
CA THR ID 161 -50.38 71.42 21.10
C THR ID 161 -50.39 70.54 22.33
N ALA ID 162 -51.58 70.12 22.76
CA ALA ID 162 -51.72 69.28 23.93
C ALA ID 162 -51.05 67.93 23.71
N ASN JD 16 -27.72 82.96 -3.47
CA ASN JD 16 -28.22 81.80 -4.19
C ASN JD 16 -29.62 82.05 -4.73
N LYS JD 17 -30.60 82.06 -3.84
CA LYS JD 17 -31.99 82.32 -4.19
C LYS JD 17 -32.40 83.74 -3.86
N GLY JD 18 -31.45 84.61 -3.53
CA GLY JD 18 -31.76 85.99 -3.24
C GLY JD 18 -31.74 86.84 -4.49
N TRP JD 19 -30.77 86.57 -5.38
CA TRP JD 19 -30.72 87.31 -6.64
C TRP JD 19 -31.87 86.90 -7.56
N GLU JD 20 -32.29 85.64 -7.52
CA GLU JD 20 -33.39 85.21 -8.37
C GLU JD 20 -34.66 85.96 -8.05
N ALA JD 21 -34.94 86.17 -6.77
CA ALA JD 21 -36.08 87.00 -6.40
C ALA JD 21 -35.91 88.43 -6.91
N ALA JD 22 -34.68 88.96 -6.84
CA ALA JD 22 -34.44 90.31 -7.33
C ALA JD 22 -34.69 90.42 -8.83
N LEU JD 23 -34.24 89.44 -9.61
CA LEU JD 23 -34.46 89.49 -11.05
C LEU JD 23 -35.94 89.55 -11.37
N SER JD 24 -36.74 88.70 -10.74
CA SER JD 24 -38.16 88.64 -11.05
C SER JD 24 -38.85 89.96 -10.73
N ALA JD 25 -38.44 90.61 -9.65
CA ALA JD 25 -39.06 91.88 -9.28
C ALA JD 25 -38.79 92.95 -10.34
N ILE JD 26 -37.60 92.95 -10.92
CA ILE JD 26 -37.26 93.96 -11.93
C ILE JD 26 -38.11 93.76 -13.17
N GLU JD 27 -38.17 92.52 -13.67
CA GLU JD 27 -38.92 92.25 -14.89
C GLU JD 27 -40.40 92.60 -14.71
N MET JD 28 -40.99 92.18 -13.60
CA MET JD 28 -42.40 92.44 -13.37
C MET JD 28 -42.67 93.94 -13.25
N ALA JD 29 -41.81 94.66 -12.54
CA ALA JD 29 -42.02 96.08 -12.36
C ALA JD 29 -42.01 96.81 -13.69
N ASN JD 30 -41.07 96.45 -14.57
CA ASN JD 30 -41.02 97.07 -15.89
C ASN JD 30 -42.20 96.64 -16.75
N LEU JD 31 -42.60 95.37 -16.66
CA LEU JD 31 -43.69 94.87 -17.48
C LEU JD 31 -44.97 95.66 -17.26
N PHE JD 32 -45.23 96.04 -16.01
CA PHE JD 32 -46.47 96.73 -15.69
C PHE JD 32 -46.50 98.13 -16.25
N LYS JD 33 -45.33 98.76 -16.40
CA LYS JD 33 -45.28 100.07 -17.05
C LYS JD 33 -45.72 99.96 -18.51
N SER JD 34 -45.31 98.88 -19.19
CA SER JD 34 -45.70 98.68 -20.57
C SER JD 34 -47.21 98.53 -20.71
N LEU JD 35 -47.81 97.69 -19.87
CA LEU JD 35 -49.24 97.42 -20.00
C LEU JD 35 -50.07 98.67 -19.77
N ARG JD 36 -49.68 99.48 -18.78
CA ARG JD 36 -50.45 100.68 -18.46
C ARG JD 36 -50.51 101.65 -19.63
N GLY JD 37 -49.47 101.64 -20.48
CA GLY JD 37 -49.44 102.57 -21.60
C GLY JD 37 -50.38 102.17 -22.70
N THR JD 38 -50.52 103.09 -23.67
CA THR JD 38 -51.42 102.85 -24.79
C THR JD 38 -50.86 101.77 -25.70
N GLY JD 39 -51.76 101.11 -26.43
CA GLY JD 39 -51.36 100.06 -27.33
C GLY JD 39 -50.62 100.58 -28.55
N GLY JD 40 -49.95 99.66 -29.24
CA GLY JD 40 -49.18 99.98 -30.42
C GLY JD 40 -49.98 99.86 -31.68
N SER JD 41 -49.26 99.67 -32.80
CA SER JD 41 -49.89 99.52 -34.10
C SER JD 41 -48.98 98.69 -34.99
N GLY JD 42 -49.55 98.18 -36.08
CA GLY JD 42 -48.82 97.35 -37.01
C GLY JD 42 -49.66 96.21 -37.57
N SER JD 43 -50.82 95.95 -36.97
CA SER JD 43 -51.71 94.90 -37.41
C SER JD 43 -51.03 93.54 -37.35
N SER JD 44 -50.55 93.20 -36.15
CA SER JD 44 -49.91 91.92 -35.92
C SER JD 44 -49.99 91.59 -34.43
N MET JD 45 -49.59 90.37 -34.09
CA MET JD 45 -49.62 89.94 -32.70
C MET JD 45 -48.74 90.85 -31.84
N GLU JD 46 -49.30 91.32 -30.73
CA GLU JD 46 -48.60 92.21 -29.81
C GLU JD 46 -48.00 91.38 -28.69
N ILE JD 47 -46.67 91.32 -28.64
CA ILE JD 47 -45.96 90.57 -27.60
C ILE JD 47 -45.45 91.56 -26.58
N TYR JD 48 -45.79 91.32 -25.31
CA TYR JD 48 -45.33 92.13 -24.19
C TYR JD 48 -44.29 91.36 -23.41
N GLU JD 49 -43.28 92.07 -22.91
CA GLU JD 49 -42.29 91.48 -22.03
C GLU JD 49 -41.60 92.61 -21.27
N GLY JD 50 -40.89 92.23 -20.22
CA GLY JD 50 -40.23 93.19 -19.34
C GLY JD 50 -38.73 93.23 -19.58
N LYS JD 51 -38.17 94.42 -19.44
CA LYS JD 51 -36.75 94.65 -19.59
C LYS JD 51 -36.05 94.53 -18.23
N LEU JD 52 -34.74 94.27 -18.28
CA LEU JD 52 -33.96 94.01 -17.07
C LEU JD 52 -33.28 95.26 -16.52
N THR JD 53 -33.57 96.45 -17.05
CA THR JD 53 -33.05 97.66 -16.46
C THR JD 53 -33.69 97.90 -15.10
N ALA JD 54 -32.95 98.58 -14.23
CA ALA JD 54 -33.41 98.85 -12.87
C ALA JD 54 -33.48 100.33 -12.53
N GLU JD 55 -33.11 101.22 -13.45
CA GLU JD 55 -33.02 102.64 -13.11
C GLU JD 55 -34.40 103.23 -12.88
N GLY JD 56 -34.49 104.11 -11.88
CA GLY JD 56 -35.73 104.80 -11.60
C GLY JD 56 -36.78 103.95 -10.93
N LEU JD 57 -36.38 102.92 -10.19
CA LEU JD 57 -37.30 102.01 -9.53
C LEU JD 57 -37.03 101.97 -8.04
N ARG JD 58 -38.10 101.97 -7.26
CA ARG JD 58 -38.05 101.92 -5.80
C ARG JD 58 -38.46 100.54 -5.34
N PHE JD 59 -37.64 99.92 -4.49
CA PHE JD 59 -37.85 98.56 -4.04
C PHE JD 59 -38.07 98.54 -2.54
N GLY JD 60 -38.47 97.37 -2.06
CA GLY JD 60 -38.60 97.13 -0.62
C GLY JD 60 -38.24 95.70 -0.33
N ILE JD 61 -37.66 95.48 0.85
CA ILE JD 61 -37.27 94.15 1.30
C ILE JD 61 -37.74 93.96 2.72
N VAL JD 62 -38.33 92.79 2.99
CA VAL JD 62 -38.71 92.37 4.34
C VAL JD 62 -38.02 91.04 4.62
N ALA JD 63 -37.30 90.97 5.74
CA ALA JD 63 -36.52 89.80 6.10
C ALA JD 63 -36.76 89.45 7.57
N SER JD 64 -36.46 88.20 7.92
CA SER JD 64 -36.68 87.68 9.26
C SER JD 64 -35.35 87.35 9.92
N ARG JD 65 -35.34 87.40 11.27
CA ARG JD 65 -34.13 87.23 12.04
C ARG JD 65 -33.86 85.78 12.43
N PHE JD 66 -34.78 84.87 12.18
CA PHE JD 66 -34.54 83.47 12.49
C PHE JD 66 -33.44 82.93 11.59
N ASN JD 67 -32.53 82.14 12.16
CA ASN JD 67 -31.39 81.59 11.43
C ASN JD 67 -30.71 82.69 10.61
N HIS JD 68 -30.27 83.73 11.32
CA HIS JD 68 -29.76 84.91 10.64
C HIS JD 68 -28.50 84.62 9.83
N ALA JD 69 -27.83 83.50 10.09
CA ALA JD 69 -26.64 83.16 9.33
C ALA JD 69 -26.97 83.00 7.84
N LEU JD 70 -27.97 82.19 7.52
CA LEU JD 70 -28.35 81.97 6.14
C LEU JD 70 -29.11 83.15 5.55
N VAL JD 71 -29.91 83.85 6.37
CA VAL JD 71 -30.71 84.94 5.87
C VAL JD 71 -29.83 86.12 5.46
N ASP JD 72 -28.77 86.39 6.22
CA ASP JD 72 -27.92 87.54 5.91
C ASP JD 72 -27.29 87.41 4.53
N ARG JD 73 -26.88 86.19 4.16
CA ARG JD 73 -26.32 85.99 2.84
C ARG JD 73 -27.33 86.33 1.75
N LEU JD 74 -28.58 85.87 1.91
CA LEU JD 74 -29.59 86.09 0.88
C LEU JD 74 -29.91 87.57 0.74
N VAL JD 75 -30.00 88.30 1.86
CA VAL JD 75 -30.37 89.70 1.80
C VAL JD 75 -29.33 90.49 1.02
N GLU JD 76 -28.05 90.21 1.27
CA GLU JD 76 -27.00 90.93 0.55
C GLU JD 76 -27.08 90.67 -0.95
N GLY JD 77 -27.31 89.42 -1.34
CA GLY JD 77 -27.40 89.11 -2.75
C GLY JD 77 -28.50 89.87 -3.46
N ALA JD 78 -29.56 90.22 -2.72
CA ALA JD 78 -30.64 90.99 -3.33
C ALA JD 78 -30.15 92.36 -3.77
N ILE JD 79 -29.40 93.06 -2.91
CA ILE JD 79 -28.89 94.37 -3.26
C ILE JD 79 -27.81 94.24 -4.33
N ASP JD 80 -27.07 93.14 -4.33
CA ASP JD 80 -26.02 92.96 -5.33
C ASP JD 80 -26.59 92.98 -6.74
N CYS JD 81 -27.72 92.30 -6.96
CA CYS JD 81 -28.28 92.19 -8.29
C CYS JD 81 -29.11 93.41 -8.68
N ILE JD 82 -29.39 94.32 -7.74
CA ILE JD 82 -30.12 95.54 -8.09
C ILE JD 82 -29.15 96.60 -8.60
N VAL JD 83 -28.01 96.76 -7.92
CA VAL JD 83 -27.04 97.76 -8.33
C VAL JD 83 -26.46 97.43 -9.70
N ARG JD 84 -26.27 96.14 -9.99
CA ARG JD 84 -25.66 95.75 -11.25
C ARG JD 84 -26.50 96.22 -12.44
N HIS JD 85 -27.81 96.08 -12.34
CA HIS JD 85 -28.71 96.46 -13.42
C HIS JD 85 -29.17 97.90 -13.29
N GLY JD 86 -28.40 98.75 -12.60
CA GLY JD 86 -28.77 100.14 -12.42
C GLY JD 86 -29.26 100.39 -11.02
N GLY JD 87 -30.21 101.31 -10.86
CA GLY JD 87 -30.72 101.58 -9.54
C GLY JD 87 -29.65 102.19 -8.65
N ARG JD 88 -29.91 102.13 -7.34
CA ARG JD 88 -29.00 102.72 -6.37
C ARG JD 88 -29.54 102.42 -4.98
N GLU JD 89 -28.65 102.52 -3.98
CA GLU JD 89 -29.02 102.20 -2.61
C GLU JD 89 -30.03 103.17 -2.04
N GLU JD 90 -30.13 104.38 -2.58
CA GLU JD 90 -31.03 105.38 -2.04
C GLU JD 90 -32.49 105.05 -2.30
N ASP JD 91 -32.80 104.12 -3.21
CA ASP JD 91 -34.16 103.74 -3.53
C ASP JD 91 -34.48 102.34 -3.00
N ILE JD 92 -33.97 102.01 -1.81
CA ILE JD 92 -34.24 100.75 -1.16
C ILE JD 92 -34.64 101.02 0.29
N THR JD 93 -35.66 100.31 0.76
CA THR JD 93 -36.02 100.27 2.17
C THR JD 93 -35.94 98.83 2.65
N LEU JD 94 -35.39 98.63 3.83
CA LEU JD 94 -35.25 97.30 4.42
C LEU JD 94 -35.94 97.27 5.77
N VAL JD 95 -36.79 96.26 5.97
CA VAL JD 95 -37.53 96.05 7.21
C VAL JD 95 -37.20 94.66 7.73
N ARG JD 96 -36.95 94.56 9.03
CA ARG JD 96 -36.62 93.28 9.66
C ARG JD 96 -37.67 92.95 10.71
N VAL JD 97 -38.12 91.70 10.73
CA VAL JD 97 -39.22 91.28 11.59
C VAL JD 97 -38.77 90.09 12.42
N PRO JD 98 -39.43 89.85 13.56
CA PRO JD 98 -38.98 88.75 14.44
C PRO JD 98 -39.01 87.39 13.79
N GLY JD 99 -40.02 87.09 12.97
CA GLY JD 99 -40.16 85.75 12.44
C GLY JD 99 -41.04 85.74 11.21
N SER JD 100 -41.24 84.52 10.69
CA SER JD 100 -41.97 84.36 9.44
C SER JD 100 -43.42 84.81 9.58
N TRP JD 101 -44.06 84.52 10.71
CA TRP JD 101 -45.48 84.82 10.86
C TRP JD 101 -45.77 86.30 10.65
N GLU JD 102 -44.78 87.17 10.88
CA GLU JD 102 -45.00 88.59 10.82
C GLU JD 102 -44.66 89.22 9.47
N ILE JD 103 -44.21 88.44 8.49
CA ILE JD 103 -43.85 89.03 7.20
C ILE JD 103 -45.06 89.65 6.50
N PRO JD 104 -46.18 88.96 6.32
CA PRO JD 104 -47.25 89.52 5.47
C PRO JD 104 -47.80 90.86 5.94
N VAL JD 105 -47.91 91.09 7.25
CA VAL JD 105 -48.48 92.35 7.71
C VAL JD 105 -47.53 93.51 7.41
N ALA JD 106 -46.23 93.27 7.53
CA ALA JD 106 -45.25 94.30 7.20
C ALA JD 106 -45.20 94.54 5.70
N ALA JD 107 -45.15 93.47 4.90
CA ALA JD 107 -45.13 93.63 3.45
C ALA JD 107 -46.35 94.36 2.94
N GLY JD 108 -47.47 94.25 3.66
CA GLY JD 108 -48.65 95.02 3.29
C GLY JD 108 -48.44 96.50 3.49
N GLU JD 109 -47.77 96.88 4.59
CA GLU JD 109 -47.54 98.29 4.86
C GLU JD 109 -46.67 98.92 3.78
N LEU JD 110 -45.62 98.22 3.36
CA LEU JD 110 -44.74 98.75 2.33
C LEU JD 110 -45.47 98.91 1.00
N ALA JD 111 -46.26 97.90 0.60
CA ALA JD 111 -46.88 97.93 -0.73
C ALA JD 111 -47.94 99.01 -0.83
N ARG JD 112 -48.63 99.33 0.25
CA ARG JD 112 -49.68 100.35 0.20
C ARG JD 112 -49.13 101.75 0.02
N LYS JD 113 -47.82 101.95 0.12
CA LYS JD 113 -47.22 103.23 -0.21
C LYS JD 113 -47.37 103.51 -1.70
N GLU JD 114 -47.44 104.79 -2.04
CA GLU JD 114 -47.59 105.21 -3.43
C GLU JD 114 -46.25 105.40 -4.12
N ASP JD 115 -45.15 105.11 -3.44
CA ASP JD 115 -43.81 105.32 -3.96
C ASP JD 115 -42.99 104.04 -3.88
N ILE JD 116 -43.62 102.90 -4.14
CA ILE JD 116 -42.97 101.60 -4.17
C ILE JD 116 -43.43 100.87 -5.42
N ASP JD 117 -42.53 100.12 -6.04
CA ASP JD 117 -42.80 99.41 -7.28
C ASP JD 117 -42.79 97.89 -7.13
N ALA JD 118 -41.96 97.34 -6.26
CA ALA JD 118 -41.93 95.91 -6.01
C ALA JD 118 -41.52 95.66 -4.58
N VAL JD 119 -41.89 94.49 -4.07
CA VAL JD 119 -41.54 94.05 -2.73
C VAL JD 119 -40.92 92.66 -2.83
N ILE JD 120 -39.84 92.44 -2.08
CA ILE JD 120 -39.14 91.17 -2.03
C ILE JD 120 -39.21 90.64 -0.61
N ALA JD 121 -39.59 89.38 -0.46
CA ALA JD 121 -39.73 88.73 0.84
C ALA JD 121 -38.71 87.62 0.96
N ILE JD 122 -37.92 87.65 2.04
CA ILE JD 122 -36.87 86.67 2.29
C ILE JD 122 -37.07 86.10 3.68
N GLY JD 123 -36.91 84.78 3.81
CA GLY JD 123 -37.07 84.14 5.10
C GLY JD 123 -36.72 82.67 5.01
N VAL JD 124 -36.81 82.00 6.16
CA VAL JD 124 -36.51 80.59 6.29
C VAL JD 124 -37.65 79.90 7.02
N LEU JD 125 -38.03 78.73 6.55
CA LEU JD 125 -39.11 77.94 7.12
C LEU JD 125 -38.55 76.64 7.68
N ILE JD 126 -39.41 75.93 8.43
CA ILE JD 126 -39.06 74.65 9.03
C ILE JD 126 -40.07 73.62 8.55
N ARG JD 127 -39.57 72.51 8.03
CA ARG JD 127 -40.42 71.44 7.51
C ARG JD 127 -40.56 70.27 8.48
N GLY JD 128 -39.45 69.72 8.94
CA GLY JD 128 -39.48 68.60 9.87
C GLY JD 128 -39.68 69.02 11.31
N ALA JD 129 -40.90 69.41 11.66
CA ALA JD 129 -41.21 69.86 13.01
C ALA JD 129 -42.64 69.47 13.33
N THR JD 130 -43.16 69.99 14.45
CA THR JD 130 -44.51 69.67 14.87
C THR JD 130 -45.52 70.38 13.98
N PRO JD 131 -46.79 69.97 14.02
CA PRO JD 131 -47.81 70.64 13.19
C PRO JD 131 -47.95 72.12 13.48
N HIS JD 132 -47.46 72.60 14.63
CA HIS JD 132 -47.51 74.03 14.92
C HIS JD 132 -46.82 74.83 13.82
N PHE JD 133 -45.62 74.41 13.43
CA PHE JD 133 -44.92 75.08 12.33
C PHE JD 133 -45.64 74.88 11.01
N ASP JD 134 -46.38 73.78 10.87
CA ASP JD 134 -47.14 73.54 9.65
C ASP JD 134 -48.29 74.53 9.47
N TYR JD 135 -48.64 75.27 10.52
CA TYR JD 135 -49.66 76.31 10.42
C TYR JD 135 -49.07 77.65 10.00
N ILE JD 136 -47.92 78.02 10.56
CA ILE JD 136 -47.24 79.24 10.13
C ILE JD 136 -46.79 79.10 8.69
N ALA JD 137 -46.39 77.89 8.29
CA ALA JD 137 -45.85 77.68 6.96
C ALA JD 137 -46.87 77.99 5.88
N SER JD 138 -48.12 77.57 6.08
CA SER JD 138 -49.12 77.72 5.03
C SER JD 138 -49.58 79.16 4.89
N GLU JD 139 -49.77 79.85 6.01
CA GLU JD 139 -50.37 81.18 5.98
C GLU JD 139 -49.45 82.21 5.33
N VAL JD 140 -48.13 82.04 5.45
CA VAL JD 140 -47.20 83.02 4.89
C VAL JD 140 -47.32 83.05 3.37
N SER JD 141 -47.39 81.88 2.73
CA SER JD 141 -47.55 81.84 1.28
C SER JD 141 -48.89 82.41 0.85
N LYS JD 142 -49.96 82.05 1.56
CA LYS JD 142 -51.29 82.50 1.18
C LYS JD 142 -51.42 84.01 1.26
N GLY JD 143 -50.90 84.62 2.33
CA GLY JD 143 -51.09 86.04 2.51
C GLY JD 143 -50.42 86.88 1.45
N LEU JD 144 -49.19 86.51 1.07
CA LEU JD 144 -48.47 87.29 0.08
C LEU JD 144 -49.16 87.25 -1.27
N ALA JD 145 -49.67 86.07 -1.66
CA ALA JD 145 -50.36 85.96 -2.94
C ALA JD 145 -51.62 86.82 -2.97
N ASN JD 146 -52.38 86.84 -1.88
CA ASN JD 146 -53.59 87.64 -1.85
C ASN JD 146 -53.28 89.12 -1.98
N LEU JD 147 -52.22 89.58 -1.32
CA LEU JD 147 -51.86 90.99 -1.40
C LEU JD 147 -51.48 91.39 -2.81
N SER JD 148 -50.74 90.53 -3.51
CA SER JD 148 -50.27 90.88 -4.85
C SER JD 148 -51.43 91.14 -5.80
N LEU JD 149 -52.60 90.57 -5.52
CA LEU JD 149 -53.77 90.73 -6.38
C LEU JD 149 -54.69 91.85 -5.93
N GLU JD 150 -54.74 92.13 -4.62
CA GLU JD 150 -55.59 93.21 -4.14
C GLU JD 150 -55.00 94.57 -4.45
N LEU JD 151 -53.69 94.73 -4.29
CA LEU JD 151 -53.01 96.00 -4.51
C LEU JD 151 -52.50 96.17 -5.93
N ARG JD 152 -52.55 95.12 -6.76
CA ARG JD 152 -52.07 95.18 -8.14
C ARG JD 152 -50.61 95.64 -8.17
N LYS JD 153 -49.77 94.90 -7.46
CA LYS JD 153 -48.37 95.24 -7.31
C LYS JD 153 -47.58 93.97 -7.07
N PRO JD 154 -46.50 93.71 -7.82
CA PRO JD 154 -45.78 92.45 -7.64
C PRO JD 154 -45.15 92.33 -6.26
N ILE JD 155 -45.11 91.09 -5.77
CA ILE JD 155 -44.49 90.75 -4.49
C ILE JD 155 -43.84 89.39 -4.68
N THR JD 156 -42.52 89.37 -4.80
CA THR JD 156 -41.81 88.13 -5.10
C THR JD 156 -41.57 87.32 -3.84
N PHE JD 157 -41.43 86.02 -4.02
CA PHE JD 157 -41.44 85.04 -2.93
C PHE JD 157 -40.09 84.32 -2.91
N GLY JD 158 -39.18 84.79 -2.06
CA GLY JD 158 -37.86 84.22 -1.93
C GLY JD 158 -37.67 83.31 -0.74
N VAL JD 159 -38.75 82.90 -0.08
CA VAL JD 159 -38.61 82.06 1.11
C VAL JD 159 -38.01 80.71 0.72
N ILE JD 160 -37.18 80.17 1.60
CA ILE JD 160 -36.55 78.87 1.39
C ILE JD 160 -36.88 77.97 2.57
N THR JD 161 -36.37 76.74 2.55
CA THR JD 161 -36.60 75.77 3.61
C THR JD 161 -35.27 75.23 4.11
N ALA JD 162 -35.29 74.77 5.35
CA ALA JD 162 -34.08 74.21 5.97
C ALA JD 162 -33.90 72.75 5.58
N THR KD 12 -59.73 68.99 -30.43
CA THR KD 12 -60.37 68.31 -31.55
C THR KD 12 -59.56 67.07 -31.94
N LYS KD 13 -58.37 67.30 -32.51
CA LYS KD 13 -57.50 66.22 -32.95
C LYS KD 13 -56.08 66.31 -32.43
N HIS KD 14 -55.53 67.52 -32.29
CA HIS KD 14 -54.11 67.66 -31.94
C HIS KD 14 -53.82 67.01 -30.59
N GLY KD 15 -54.57 67.40 -29.55
CA GLY KD 15 -54.52 66.74 -28.26
C GLY KD 15 -53.68 67.43 -27.21
N ASN KD 16 -52.67 68.20 -27.60
CA ASN KD 16 -51.82 68.85 -26.61
C ASN KD 16 -52.62 69.90 -25.84
N LYS KD 17 -52.25 70.08 -24.58
CA LYS KD 17 -53.09 70.87 -23.66
C LYS KD 17 -53.27 72.31 -24.13
N GLY KD 18 -52.40 72.80 -25.00
CA GLY KD 18 -52.66 74.11 -25.60
C GLY KD 18 -53.88 74.09 -26.48
N TRP KD 19 -54.05 73.03 -27.28
CA TRP KD 19 -55.22 72.91 -28.12
C TRP KD 19 -56.49 72.81 -27.28
N GLU KD 20 -56.47 71.95 -26.27
CA GLU KD 20 -57.66 71.76 -25.44
C GLU KD 20 -58.00 73.03 -24.67
N ALA KD 21 -57.00 73.70 -24.12
CA ALA KD 21 -57.26 74.92 -23.35
C ALA KD 21 -57.87 76.01 -24.24
N ALA KD 22 -57.52 76.04 -25.52
CA ALA KD 22 -58.09 77.05 -26.40
C ALA KD 22 -59.52 76.72 -26.80
N LEU KD 23 -59.87 75.44 -26.90
CA LEU KD 23 -61.25 75.08 -27.24
C LEU KD 23 -62.22 75.56 -26.16
N SER KD 24 -61.84 75.41 -24.89
CA SER KD 24 -62.69 75.89 -23.81
C SER KD 24 -62.90 77.40 -23.92
N ALA KD 25 -61.84 78.14 -24.21
CA ALA KD 25 -61.94 79.59 -24.27
C ALA KD 25 -62.87 80.04 -25.39
N ILE KD 26 -62.83 79.37 -26.53
CA ILE KD 26 -63.69 79.75 -27.65
C ILE KD 26 -65.15 79.50 -27.30
N GLU KD 27 -65.43 78.43 -26.56
CA GLU KD 27 -66.81 78.09 -26.23
C GLU KD 27 -67.36 79.01 -25.15
N MET KD 28 -66.55 79.30 -24.13
CA MET KD 28 -67.02 80.17 -23.05
C MET KD 28 -67.22 81.60 -23.53
N ALA KD 29 -66.39 82.06 -24.46
CA ALA KD 29 -66.57 83.39 -25.02
C ALA KD 29 -67.88 83.49 -25.79
N ASN KD 30 -68.26 82.43 -26.50
CA ASN KD 30 -69.51 82.44 -27.23
C ASN KD 30 -70.71 82.33 -26.29
N LEU KD 31 -70.57 81.55 -25.22
CA LEU KD 31 -71.68 81.35 -24.30
C LEU KD 31 -72.12 82.64 -23.66
N PHE KD 32 -71.16 83.49 -23.27
CA PHE KD 32 -71.49 84.70 -22.52
C PHE KD 32 -72.28 85.69 -23.37
N LYS KD 33 -71.96 85.79 -24.66
CA LYS KD 33 -72.77 86.66 -25.52
C LYS KD 33 -74.22 86.17 -25.59
N SER KD 34 -74.41 84.86 -25.67
CA SER KD 34 -75.77 84.31 -25.68
C SER KD 34 -76.52 84.69 -24.41
N LEU KD 35 -75.85 84.57 -23.26
CA LEU KD 35 -76.50 84.90 -22.00
C LEU KD 35 -76.87 86.38 -21.94
N ARG KD 36 -75.97 87.26 -22.36
CA ARG KD 36 -76.21 88.69 -22.27
C ARG KD 36 -77.23 89.18 -23.29
N GLY KD 37 -77.49 88.40 -24.34
CA GLY KD 37 -78.36 88.86 -25.40
C GLY KD 37 -79.81 88.98 -25.00
N THR KD 38 -80.48 87.85 -24.80
CA THR KD 38 -81.90 87.83 -24.46
C THR KD 38 -82.31 86.39 -24.25
N GLY KD 39 -83.53 86.21 -23.75
CA GLY KD 39 -84.09 84.89 -23.57
C GLY KD 39 -84.68 84.34 -24.86
N GLY KD 40 -85.21 83.12 -24.75
CA GLY KD 40 -85.83 82.46 -25.87
C GLY KD 40 -87.22 82.97 -26.15
N SER KD 41 -87.84 82.39 -27.19
CA SER KD 41 -89.20 82.80 -27.55
C SER KD 41 -90.18 82.51 -26.42
N GLY KD 42 -90.05 81.35 -25.79
CA GLY KD 42 -90.90 80.95 -24.68
C GLY KD 42 -91.69 79.69 -25.01
N SER KD 43 -92.51 79.29 -24.04
CA SER KD 43 -93.37 78.11 -24.19
C SER KD 43 -92.53 76.84 -24.34
N SER KD 44 -91.31 76.84 -23.81
CA SER KD 44 -90.45 75.67 -23.85
C SER KD 44 -89.26 75.92 -22.95
N MET KD 45 -88.44 74.89 -22.77
CA MET KD 45 -87.27 75.01 -21.92
C MET KD 45 -86.18 75.79 -22.63
N GLU KD 46 -85.62 76.78 -21.93
CA GLU KD 46 -84.56 77.61 -22.50
C GLU KD 46 -83.22 76.91 -22.36
N ILE KD 47 -82.43 76.91 -23.43
CA ILE KD 47 -81.12 76.28 -23.44
C ILE KD 47 -80.11 77.29 -23.97
N TYR KD 48 -78.98 77.42 -23.27
CA TYR KD 48 -77.88 78.27 -23.66
C TYR KD 48 -76.65 77.41 -23.89
N GLU KD 49 -76.03 77.56 -25.05
CA GLU KD 49 -74.81 76.84 -25.38
C GLU KD 49 -73.91 77.75 -26.19
N GLY KD 50 -72.62 77.41 -26.22
CA GLY KD 50 -71.64 78.09 -27.04
C GLY KD 50 -71.14 77.19 -28.14
N LYS KD 51 -70.90 77.77 -29.31
CA LYS KD 51 -70.40 77.04 -30.46
C LYS KD 51 -68.91 77.30 -30.67
N LEU KD 52 -68.31 76.50 -31.55
CA LEU KD 52 -66.87 76.58 -31.79
C LEU KD 52 -66.56 77.38 -33.05
N THR KD 53 -66.89 78.67 -32.98
CA THR KD 53 -66.58 79.64 -34.02
C THR KD 53 -65.86 80.81 -33.38
N ALA KD 54 -64.72 81.20 -33.96
CA ALA KD 54 -63.86 82.24 -33.41
C ALA KD 54 -63.80 83.45 -34.33
N GLU KD 55 -64.93 83.82 -34.92
CA GLU KD 55 -64.99 84.96 -35.84
C GLU KD 55 -65.33 86.22 -35.05
N GLY KD 56 -64.35 87.08 -34.85
CA GLY KD 56 -64.58 88.35 -34.19
C GLY KD 56 -64.35 88.34 -32.69
N LEU KD 57 -63.48 87.47 -32.19
CA LEU KD 57 -63.20 87.37 -30.76
C LEU KD 57 -61.76 87.76 -30.49
N ARG KD 58 -61.53 88.45 -29.37
CA ARG KD 58 -60.20 88.85 -28.94
C ARG KD 58 -59.75 87.97 -27.78
N PHE KD 59 -58.51 87.52 -27.83
CA PHE KD 59 -57.97 86.59 -26.85
C PHE KD 59 -56.65 87.11 -26.29
N GLY KD 60 -56.34 86.67 -25.09
CA GLY KD 60 -55.05 86.97 -24.48
C GLY KD 60 -54.45 85.73 -23.86
N ILE KD 61 -53.13 85.61 -23.96
CA ILE KD 61 -52.40 84.43 -23.50
C ILE KD 61 -51.29 84.89 -22.56
N VAL KD 62 -51.16 84.21 -21.42
CA VAL KD 62 -50.11 84.44 -20.45
C VAL KD 62 -49.34 83.13 -20.29
N ALA KD 63 -48.03 83.18 -20.51
CA ALA KD 63 -47.21 81.98 -20.49
C ALA KD 63 -45.91 82.23 -19.74
N SER KD 64 -45.47 81.23 -18.99
CA SER KD 64 -44.23 81.31 -18.24
C SER KD 64 -43.05 80.86 -19.09
N ARG KD 65 -41.84 81.16 -18.61
CA ARG KD 65 -40.62 80.88 -19.37
C ARG KD 65 -39.87 79.65 -18.88
N PHE KD 66 -40.10 79.20 -17.65
CA PHE KD 66 -39.45 78.00 -17.16
C PHE KD 66 -39.82 76.82 -18.04
N ASN KD 67 -38.82 76.04 -18.45
CA ASN KD 67 -39.00 74.96 -19.42
C ASN KD 67 -39.62 75.50 -20.71
N HIS KD 68 -38.90 76.43 -21.35
CA HIS KD 68 -39.39 77.02 -22.58
C HIS KD 68 -39.47 76.00 -23.71
N ALA KD 69 -38.81 74.85 -23.58
CA ALA KD 69 -38.90 73.83 -24.62
C ALA KD 69 -40.31 73.28 -24.71
N LEU KD 70 -40.89 72.89 -23.58
CA LEU KD 70 -42.26 72.36 -23.58
C LEU KD 70 -43.29 73.48 -23.71
N VAL KD 71 -43.04 74.64 -23.11
CA VAL KD 71 -44.02 75.72 -23.17
C VAL KD 71 -44.18 76.21 -24.60
N ASP KD 72 -43.10 76.23 -25.37
CA ASP KD 72 -43.17 76.78 -26.72
C ASP KD 72 -44.16 76.04 -27.59
N ARG KD 73 -44.17 74.70 -27.50
CA ARG KD 73 -45.13 73.92 -28.26
C ARG KD 73 -46.56 74.21 -27.83
N LEU KD 74 -46.79 74.32 -26.52
CA LEU KD 74 -48.14 74.57 -26.03
C LEU KD 74 -48.67 75.90 -26.52
N VAL KD 75 -47.84 76.95 -26.49
CA VAL KD 75 -48.30 78.24 -26.97
C VAL KD 75 -48.57 78.18 -28.47
N GLU KD 76 -47.78 77.42 -29.21
CA GLU KD 76 -48.05 77.24 -30.63
C GLU KD 76 -49.39 76.54 -30.83
N GLY KD 77 -49.63 75.47 -30.08
CA GLY KD 77 -50.88 74.73 -30.25
C GLY KD 77 -52.11 75.58 -30.03
N ALA KD 78 -52.08 76.44 -29.01
CA ALA KD 78 -53.23 77.30 -28.75
C ALA KD 78 -53.46 78.28 -29.87
N ILE KD 79 -52.39 78.79 -30.49
CA ILE KD 79 -52.55 79.75 -31.58
C ILE KD 79 -53.09 79.05 -32.82
N ASP KD 80 -52.61 77.83 -33.10
CA ASP KD 80 -53.13 77.09 -34.25
C ASP KD 80 -54.62 76.83 -34.12
N CYS KD 81 -55.08 76.50 -32.91
CA CYS KD 81 -56.49 76.20 -32.73
C CYS KD 81 -57.36 77.40 -33.08
N ILE KD 82 -56.93 78.60 -32.68
CA ILE KD 82 -57.75 79.79 -32.90
C ILE KD 82 -57.88 80.08 -34.39
N VAL KD 83 -56.79 79.98 -35.14
CA VAL KD 83 -56.82 80.32 -36.56
C VAL KD 83 -57.64 79.30 -37.34
N ARG KD 84 -57.53 78.01 -36.98
CA ARG KD 84 -58.24 76.97 -37.71
C ARG KD 84 -59.76 77.18 -37.66
N HIS KD 85 -60.26 77.69 -36.54
CA HIS KD 85 -61.70 77.85 -36.35
C HIS KD 85 -62.23 79.19 -36.82
N GLY KD 86 -61.40 80.01 -37.46
CA GLY KD 86 -61.84 81.28 -38.00
C GLY KD 86 -61.27 82.51 -37.31
N GLY KD 87 -60.29 82.35 -36.45
CA GLY KD 87 -59.72 83.48 -35.75
C GLY KD 87 -58.76 84.26 -36.62
N ARG KD 88 -58.15 85.28 -36.01
CA ARG KD 88 -57.23 86.17 -36.68
C ARG KD 88 -55.99 86.35 -35.81
N GLU KD 89 -54.81 86.18 -36.40
CA GLU KD 89 -53.57 86.24 -35.63
C GLU KD 89 -53.33 87.62 -35.03
N GLU KD 90 -53.96 88.66 -35.59
CA GLU KD 90 -53.77 90.01 -35.07
C GLU KD 90 -54.61 90.32 -33.84
N ASP KD 91 -55.58 89.46 -33.50
CA ASP KD 91 -56.42 89.65 -32.34
C ASP KD 91 -56.00 88.77 -31.17
N ILE KD 92 -54.69 88.51 -31.04
CA ILE KD 92 -54.16 87.73 -29.94
C ILE KD 92 -53.04 88.54 -29.29
N THR KD 93 -53.07 88.64 -27.97
CA THR KD 93 -52.04 89.31 -27.19
C THR KD 93 -51.33 88.29 -26.33
N LEU KD 94 -50.00 88.36 -26.30
CA LEU KD 94 -49.18 87.43 -25.55
C LEU KD 94 -48.35 88.17 -24.52
N VAL KD 95 -48.26 87.61 -23.31
CA VAL KD 95 -47.45 88.15 -22.24
C VAL KD 95 -46.61 87.03 -21.65
N ARG KD 96 -45.33 87.32 -21.41
CA ARG KD 96 -44.41 86.36 -20.81
C ARG KD 96 -44.05 86.82 -19.40
N VAL KD 97 -43.90 85.87 -18.50
CA VAL KD 97 -43.62 86.14 -17.09
C VAL KD 97 -42.45 85.28 -16.64
N PRO KD 98 -41.67 85.71 -15.65
CA PRO KD 98 -40.50 84.90 -15.25
C PRO KD 98 -40.85 83.48 -14.82
N GLY KD 99 -41.94 83.29 -14.08
CA GLY KD 99 -42.22 81.99 -13.50
C GLY KD 99 -43.68 81.85 -13.16
N SER KD 100 -44.02 80.66 -12.64
CA SER KD 100 -45.41 80.33 -12.36
C SER KD 100 -46.01 81.21 -11.27
N TRP KD 101 -45.20 81.66 -10.32
CA TRP KD 101 -45.73 82.48 -9.24
C TRP KD 101 -46.34 83.78 -9.74
N GLU KD 102 -45.99 84.21 -10.95
CA GLU KD 102 -46.41 85.50 -11.47
C GLU KD 102 -47.56 85.41 -12.47
N ILE KD 103 -48.04 84.21 -12.79
CA ILE KD 103 -49.14 84.10 -13.75
C ILE KD 103 -50.40 84.79 -13.24
N PRO KD 104 -50.88 84.54 -12.01
CA PRO KD 104 -52.14 85.16 -11.59
C PRO KD 104 -52.12 86.68 -11.62
N VAL KD 105 -51.02 87.29 -11.19
CA VAL KD 105 -50.98 88.75 -11.13
C VAL KD 105 -50.97 89.33 -12.54
N ALA KD 106 -50.30 88.67 -13.47
CA ALA KD 106 -50.26 89.15 -14.85
C ALA KD 106 -51.62 89.02 -15.54
N ALA KD 107 -52.31 87.90 -15.31
CA ALA KD 107 -53.59 87.70 -15.97
C ALA KD 107 -54.63 88.72 -15.51
N GLY KD 108 -54.52 89.18 -14.26
CA GLY KD 108 -55.45 90.18 -13.78
C GLY KD 108 -55.40 91.47 -14.58
N GLU KD 109 -54.26 91.78 -15.18
CA GLU KD 109 -54.15 92.98 -15.99
C GLU KD 109 -54.86 92.81 -17.33
N LEU KD 110 -54.70 91.65 -17.96
CA LEU KD 110 -55.41 91.40 -19.21
C LEU KD 110 -56.92 91.39 -19.00
N ALA KD 111 -57.38 90.77 -17.92
CA ALA KD 111 -58.81 90.59 -17.73
C ALA KD 111 -59.54 91.92 -17.60
N ARG KD 112 -58.88 92.94 -17.06
CA ARG KD 112 -59.52 94.22 -16.87
C ARG KD 112 -59.60 95.05 -18.15
N LYS KD 113 -58.95 94.62 -19.22
CA LYS KD 113 -59.07 95.29 -20.51
C LYS KD 113 -60.49 95.17 -21.03
N GLU KD 114 -60.98 96.22 -21.67
CA GLU KD 114 -62.34 96.22 -22.19
C GLU KD 114 -62.48 95.46 -23.50
N ASP KD 115 -61.37 95.12 -24.16
CA ASP KD 115 -61.39 94.43 -25.44
C ASP KD 115 -61.31 92.91 -25.29
N ILE KD 116 -60.43 92.42 -24.43
CA ILE KD 116 -60.23 90.98 -24.30
C ILE KD 116 -61.51 90.31 -23.82
N ASP KD 117 -61.78 89.12 -24.36
CA ASP KD 117 -62.96 88.34 -24.01
C ASP KD 117 -62.66 87.06 -23.25
N ALA KD 118 -61.48 86.49 -23.44
CA ALA KD 118 -61.08 85.30 -22.68
C ALA KD 118 -59.58 85.34 -22.51
N VAL KD 119 -59.11 84.60 -21.50
CA VAL KD 119 -57.70 84.57 -21.15
C VAL KD 119 -57.27 83.13 -20.96
N ILE KD 120 -56.09 82.79 -21.45
CA ILE KD 120 -55.55 81.44 -21.41
C ILE KD 120 -54.22 81.48 -20.69
N ALA KD 121 -54.05 80.59 -19.72
CA ALA KD 121 -52.81 80.50 -18.94
C ALA KD 121 -52.11 79.18 -19.26
N ILE KD 122 -50.84 79.27 -19.59
CA ILE KD 122 -50.02 78.10 -19.93
C ILE KD 122 -48.77 78.13 -19.09
N GLY KD 123 -48.33 76.95 -18.64
CA GLY KD 123 -47.12 76.86 -17.85
C GLY KD 123 -46.81 75.43 -17.54
N VAL KD 124 -45.66 75.21 -16.91
CA VAL KD 124 -45.23 73.90 -16.47
C VAL KD 124 -44.82 73.99 -15.00
N LEU KD 125 -45.15 72.96 -14.24
CA LEU KD 125 -44.89 72.90 -12.80
C LEU KD 125 -44.00 71.70 -12.51
N ILE KD 126 -42.97 71.91 -11.69
CA ILE KD 126 -42.07 70.84 -11.27
C ILE KD 126 -42.50 70.41 -9.87
N ARG KD 127 -42.94 69.16 -9.75
CA ARG KD 127 -43.42 68.61 -8.49
C ARG KD 127 -42.92 67.17 -8.31
N GLY KD 128 -41.65 66.93 -8.64
CA GLY KD 128 -41.10 65.60 -8.53
C GLY KD 128 -39.67 65.55 -8.04
N ALA KD 129 -39.09 66.70 -7.71
CA ALA KD 129 -37.70 66.78 -7.26
C ALA KD 129 -37.54 67.50 -5.93
N THR KD 130 -38.33 68.54 -5.67
CA THR KD 130 -38.21 69.34 -4.46
C THR KD 130 -39.48 69.23 -3.64
N PRO KD 131 -39.43 68.90 -2.32
CA PRO KD 131 -40.63 68.88 -1.48
C PRO KD 131 -40.98 70.26 -0.90
N HIS KD 132 -40.86 71.29 -1.74
CA HIS KD 132 -41.21 72.65 -1.35
C HIS KD 132 -42.08 73.38 -2.37
N PHE KD 133 -42.10 72.95 -3.63
CA PHE KD 133 -42.87 73.61 -4.66
C PHE KD 133 -44.38 73.49 -4.46
N ASP KD 134 -44.83 72.63 -3.55
CA ASP KD 134 -46.26 72.46 -3.33
C ASP KD 134 -46.92 73.79 -2.94
N TYR KD 135 -46.22 74.62 -2.20
CA TYR KD 135 -46.76 75.93 -1.86
C TYR KD 135 -46.96 76.78 -3.11
N ILE KD 136 -46.00 76.77 -4.02
CA ILE KD 136 -46.13 77.53 -5.25
C ILE KD 136 -47.29 76.99 -6.09
N ALA KD 137 -47.39 75.67 -6.21
CA ALA KD 137 -48.38 75.09 -7.10
C ALA KD 137 -49.80 75.41 -6.65
N SER KD 138 -50.05 75.34 -5.34
CA SER KD 138 -51.41 75.54 -4.83
C SER KD 138 -51.92 76.94 -5.06
N GLU KD 139 -51.03 77.95 -5.02
CA GLU KD 139 -51.47 79.33 -5.15
C GLU KD 139 -51.83 79.71 -6.59
N VAL KD 140 -51.30 78.98 -7.58
CA VAL KD 140 -51.66 79.28 -8.96
C VAL KD 140 -53.13 78.95 -9.20
N SER KD 141 -53.57 77.79 -8.71
CA SER KD 141 -54.95 77.37 -8.93
C SER KD 141 -55.93 78.28 -8.19
N LYS KD 142 -55.57 78.71 -6.98
CA LYS KD 142 -56.46 79.57 -6.21
C LYS KD 142 -56.60 80.94 -6.87
N GLY KD 143 -55.47 81.56 -7.22
CA GLY KD 143 -55.52 82.92 -7.72
C GLY KD 143 -56.28 83.04 -9.03
N LEU KD 144 -56.07 82.09 -9.94
CA LEU KD 144 -56.76 82.14 -11.22
C LEU KD 144 -58.27 81.95 -11.04
N ALA KD 145 -58.67 81.06 -10.12
CA ALA KD 145 -60.08 80.81 -9.90
C ALA KD 145 -60.79 82.00 -9.27
N ASN KD 146 -60.14 82.66 -8.32
CA ASN KD 146 -60.77 83.83 -7.70
C ASN KD 146 -60.95 84.97 -8.68
N LEU KD 147 -60.03 85.13 -9.63
CA LEU KD 147 -60.12 86.23 -10.59
C LEU KD 147 -61.37 86.11 -11.46
N SER KD 148 -61.68 84.89 -11.91
CA SER KD 148 -62.82 84.71 -12.80
C SER KD 148 -64.12 85.17 -12.14
N LEU KD 149 -64.32 84.80 -10.87
CA LEU KD 149 -65.52 85.23 -10.16
C LEU KD 149 -65.54 86.74 -9.96
N GLU KD 150 -64.40 87.33 -9.61
CA GLU KD 150 -64.37 88.75 -9.29
C GLU KD 150 -64.63 89.61 -10.53
N LEU KD 151 -63.95 89.30 -11.64
CA LEU KD 151 -64.08 90.09 -12.85
C LEU KD 151 -65.17 89.58 -13.78
N ARG KD 152 -65.75 88.42 -13.51
CA ARG KD 152 -66.84 87.88 -14.32
C ARG KD 152 -66.41 87.72 -15.78
N LYS KD 153 -65.30 87.01 -15.99
CA LYS KD 153 -64.70 86.82 -17.28
C LYS KD 153 -64.05 85.45 -17.28
N PRO KD 154 -64.19 84.67 -18.35
CA PRO KD 154 -63.63 83.31 -18.34
C PRO KD 154 -62.11 83.32 -18.44
N ILE KD 155 -61.48 82.50 -17.59
CA ILE KD 155 -60.05 82.28 -17.58
C ILE KD 155 -59.81 80.78 -17.56
N THR KD 156 -59.02 80.28 -18.50
CA THR KD 156 -58.85 78.85 -18.70
C THR KD 156 -57.49 78.39 -18.19
N PHE KD 157 -57.46 77.13 -17.77
CA PHE KD 157 -56.28 76.52 -17.14
C PHE KD 157 -55.56 75.65 -18.15
N GLY KD 158 -54.28 75.93 -18.38
CA GLY KD 158 -53.47 75.17 -19.31
C GLY KD 158 -52.14 74.76 -18.71
N VAL KD 159 -52.12 74.40 -17.44
CA VAL KD 159 -50.91 74.15 -16.69
C VAL KD 159 -50.60 72.65 -16.71
N ILE KD 160 -49.38 72.31 -17.14
CA ILE KD 160 -48.88 70.95 -17.16
C ILE KD 160 -48.09 70.71 -15.89
N THR KD 161 -48.07 69.46 -15.45
CA THR KD 161 -47.24 69.01 -14.33
C THR KD 161 -46.24 67.99 -14.85
N ALA KD 162 -44.97 68.16 -14.48
CA ALA KD 162 -43.91 67.27 -14.95
C ALA KD 162 -43.72 66.10 -13.98
N ASN LD 16 -57.42 11.91 -64.46
CA ASN LD 16 -56.87 13.24 -64.65
C ASN LD 16 -57.81 14.30 -64.08
N LYS LD 17 -57.28 15.50 -63.87
CA LYS LD 17 -58.04 16.62 -63.35
C LYS LD 17 -58.70 17.44 -64.45
N GLY LD 18 -58.87 16.86 -65.63
CA GLY LD 18 -59.44 17.58 -66.76
C GLY LD 18 -60.93 17.40 -66.89
N TRP LD 19 -61.40 16.16 -66.76
CA TRP LD 19 -62.82 15.90 -66.92
C TRP LD 19 -63.65 16.61 -65.85
N GLU LD 20 -63.06 16.86 -64.69
CA GLU LD 20 -63.78 17.64 -63.67
C GLU LD 20 -64.07 19.03 -64.18
N ALA LD 21 -63.09 19.68 -64.82
CA ALA LD 21 -63.35 20.95 -65.47
C ALA LD 21 -64.41 20.81 -66.55
N ALA LD 22 -64.51 19.64 -67.17
CA ALA LD 22 -65.51 19.43 -68.21
C ALA LD 22 -66.90 19.30 -67.62
N LEU LD 23 -67.04 18.49 -66.56
CA LEU LD 23 -68.36 18.26 -65.99
C LEU LD 23 -69.02 19.57 -65.58
N SER LD 24 -68.26 20.47 -64.97
CA SER LD 24 -68.81 21.75 -64.55
C SER LD 24 -69.43 22.50 -65.72
N ALA LD 25 -68.77 22.47 -66.88
CA ALA LD 25 -69.23 23.27 -68.02
C ALA LD 25 -70.59 22.80 -68.51
N ILE LD 26 -70.80 21.49 -68.64
CA ILE LD 26 -72.08 21.00 -69.14
C ILE LD 26 -73.19 21.34 -68.15
N GLU LD 27 -72.95 21.11 -66.86
CA GLU LD 27 -73.98 21.42 -65.87
C GLU LD 27 -74.40 22.88 -65.96
N MET LD 28 -73.43 23.79 -65.93
CA MET LD 28 -73.75 25.22 -65.99
C MET LD 28 -74.39 25.59 -67.31
N ALA LD 29 -73.91 25.01 -68.41
CA ALA LD 29 -74.46 25.35 -69.72
C ALA LD 29 -75.93 24.99 -69.81
N ASN LD 30 -76.31 23.83 -69.28
CA ASN LD 30 -77.72 23.44 -69.26
C ASN LD 30 -78.51 24.31 -68.29
N LEU LD 31 -77.92 24.63 -67.14
CA LEU LD 31 -78.62 25.43 -66.13
C LEU LD 31 -78.98 26.81 -66.68
N PHE LD 32 -78.06 27.43 -67.41
CA PHE LD 32 -78.30 28.77 -67.92
C PHE LD 32 -79.45 28.79 -68.93
N LYS LD 33 -79.69 27.68 -69.62
CA LYS LD 33 -80.82 27.59 -70.53
C LYS LD 33 -82.14 27.68 -69.78
N SER LD 34 -82.23 27.04 -68.61
CA SER LD 34 -83.47 27.02 -67.86
C SER LD 34 -83.88 28.42 -67.43
N LEU LD 35 -82.96 29.16 -66.80
CA LEU LD 35 -83.31 30.46 -66.24
C LEU LD 35 -83.78 31.42 -67.32
N ARG LD 36 -83.10 31.45 -68.45
CA ARG LD 36 -83.47 32.37 -69.52
C ARG LD 36 -84.84 32.07 -70.10
N GLY LD 37 -85.35 30.86 -69.90
CA GLY LD 37 -86.64 30.48 -70.41
C GLY LD 37 -87.77 30.96 -69.51
N THR LD 38 -88.98 30.52 -69.86
CA THR LD 38 -90.16 30.91 -69.11
C THR LD 38 -90.12 30.34 -67.69
N GLY LD 39 -90.77 31.03 -66.77
CA GLY LD 39 -90.80 30.63 -65.39
C GLY LD 39 -91.75 29.47 -65.15
N GLY LD 40 -91.83 29.07 -63.89
CA GLY LD 40 -92.65 27.95 -63.50
C GLY LD 40 -94.12 28.33 -63.38
N SER LD 41 -94.93 27.33 -63.05
CA SER LD 41 -96.37 27.52 -62.90
C SER LD 41 -96.76 28.03 -61.52
N GLY LD 42 -95.80 28.19 -60.61
CA GLY LD 42 -96.11 28.65 -59.28
C GLY LD 42 -96.70 27.57 -58.41
N SER LD 43 -97.21 27.98 -57.25
CA SER LD 43 -97.86 27.16 -56.25
C SER LD 43 -96.84 26.34 -55.45
N SER LD 44 -95.55 26.40 -55.78
CA SER LD 44 -94.54 25.69 -55.01
C SER LD 44 -93.19 26.33 -55.27
N MET LD 45 -92.23 26.03 -54.40
CA MET LD 45 -90.89 26.56 -54.57
C MET LD 45 -90.26 26.00 -55.84
N GLU LD 46 -89.61 26.88 -56.60
CA GLU LD 46 -88.98 26.51 -57.86
C GLU LD 46 -87.53 26.16 -57.59
N ILE LD 47 -87.15 24.92 -57.90
CA ILE LD 47 -85.77 24.47 -57.80
C ILE LD 47 -85.23 24.30 -59.21
N TYR LD 48 -84.20 25.09 -59.53
CA TYR LD 48 -83.50 24.99 -60.80
C TYR LD 48 -82.22 24.18 -60.60
N GLU LD 49 -82.01 23.18 -61.44
CA GLU LD 49 -80.77 22.44 -61.43
C GLU LD 49 -80.48 21.95 -62.85
N GLY LD 50 -79.21 21.97 -63.23
CA GLY LD 50 -78.83 21.64 -64.59
C GLY LD 50 -78.64 20.16 -64.82
N LYS LD 51 -78.82 19.75 -66.07
CA LYS LD 51 -78.69 18.36 -66.48
C LYS LD 51 -77.24 18.05 -66.85
N LEU LD 52 -77.00 16.78 -67.22
CA LEU LD 52 -75.71 16.33 -67.71
C LEU LD 52 -75.76 15.87 -69.16
N THR LD 53 -76.78 16.30 -69.91
CA THR LD 53 -76.91 15.97 -71.32
C THR LD 53 -76.13 17.00 -72.12
N ALA LD 54 -75.07 16.56 -72.81
CA ALA LD 54 -74.18 17.45 -73.53
C ALA LD 54 -74.66 17.77 -74.94
N GLU LD 55 -75.74 17.16 -75.40
CA GLU LD 55 -76.17 17.31 -76.78
C GLU LD 55 -76.64 18.73 -77.05
N GLY LD 56 -76.19 19.30 -78.17
CA GLY LD 56 -76.59 20.64 -78.58
C GLY LD 56 -75.72 21.76 -78.05
N LEU LD 57 -74.68 21.47 -77.28
CA LEU LD 57 -73.86 22.49 -76.65
C LEU LD 57 -72.56 22.68 -77.42
N ARG LD 58 -72.22 23.93 -77.71
CA ARG LD 58 -70.96 24.28 -78.35
C ARG LD 58 -69.97 24.69 -77.29
N PHE LD 59 -68.76 24.13 -77.35
CA PHE LD 59 -67.73 24.35 -76.35
C PHE LD 59 -66.48 24.94 -76.99
N GLY LD 60 -65.80 25.79 -76.22
CA GLY LD 60 -64.47 26.23 -76.56
C GLY LD 60 -63.50 25.79 -75.48
N ILE LD 61 -62.26 25.52 -75.88
CA ILE LD 61 -61.20 25.16 -74.95
C ILE LD 61 -59.95 25.99 -75.29
N VAL LD 62 -59.31 26.53 -74.26
CA VAL LD 62 -58.08 27.30 -74.39
C VAL LD 62 -57.00 26.63 -73.54
N ALA LD 63 -55.87 26.31 -74.16
CA ALA LD 63 -54.79 25.63 -73.49
C ALA LD 63 -53.46 26.28 -73.87
N SER LD 64 -52.49 26.14 -72.99
CA SER LD 64 -51.14 26.67 -73.19
C SER LD 64 -50.19 25.55 -73.60
N ARG LD 65 -48.99 25.96 -74.03
CA ARG LD 65 -48.02 25.02 -74.56
C ARG LD 65 -46.91 24.64 -73.59
N PHE LD 66 -46.61 25.50 -72.62
CA PHE LD 66 -45.56 25.18 -71.67
C PHE LD 66 -45.90 23.90 -70.92
N ASN LD 67 -44.93 22.99 -70.81
CA ASN LD 67 -45.14 21.67 -70.23
C ASN LD 67 -46.18 20.89 -71.03
N HIS LD 68 -45.86 20.67 -72.31
CA HIS LD 68 -46.79 20.01 -73.21
C HIS LD 68 -47.10 18.58 -72.78
N ALA LD 69 -46.22 17.95 -71.99
CA ALA LD 69 -46.50 16.60 -71.54
C ALA LD 69 -47.76 16.55 -70.70
N LEU LD 70 -47.85 17.44 -69.70
CA LEU LD 70 -49.02 17.42 -68.82
C LEU LD 70 -50.25 17.94 -69.54
N VAL LD 71 -50.12 19.06 -70.26
CA VAL LD 71 -51.26 19.65 -70.93
C VAL LD 71 -51.82 18.73 -72.01
N ASP LD 72 -51.00 17.83 -72.55
CA ASP LD 72 -51.47 16.92 -73.59
C ASP LD 72 -52.57 16.01 -73.05
N ARG LD 73 -52.39 15.48 -71.84
CA ARG LD 73 -53.39 14.56 -71.30
C ARG LD 73 -54.57 15.29 -70.67
N LEU LD 74 -54.36 16.49 -70.12
CA LEU LD 74 -55.48 17.25 -69.60
C LEU LD 74 -56.50 17.59 -70.68
N VAL LD 75 -56.01 18.03 -71.85
CA VAL LD 75 -56.95 18.39 -72.92
C VAL LD 75 -57.65 17.15 -73.46
N GLU LD 76 -56.90 16.06 -73.67
CA GLU LD 76 -57.52 14.84 -74.17
C GLU LD 76 -58.56 14.31 -73.18
N GLY LD 77 -58.22 14.31 -71.88
CA GLY LD 77 -59.18 13.88 -70.89
C GLY LD 77 -60.43 14.72 -70.90
N ALA LD 78 -60.30 16.02 -71.13
CA ALA LD 78 -61.46 16.90 -71.22
C ALA LD 78 -62.31 16.54 -72.42
N ILE LD 79 -61.69 16.23 -73.56
CA ILE LD 79 -62.46 15.92 -74.75
C ILE LD 79 -63.18 14.58 -74.60
N ASP LD 80 -62.60 13.65 -73.84
CA ASP LD 80 -63.22 12.36 -73.65
C ASP LD 80 -64.55 12.44 -72.92
N CYS LD 81 -64.82 13.55 -72.21
CA CYS LD 81 -66.01 13.64 -71.38
C CYS LD 81 -67.20 14.25 -72.10
N ILE LD 82 -66.97 15.19 -73.02
CA ILE LD 82 -68.08 15.74 -73.78
C ILE LD 82 -68.65 14.70 -74.74
N VAL LD 83 -67.76 13.92 -75.36
CA VAL LD 83 -68.23 12.91 -76.31
C VAL LD 83 -69.04 11.84 -75.59
N ARG LD 84 -68.58 11.39 -74.42
CA ARG LD 84 -69.26 10.31 -73.74
C ARG LD 84 -70.65 10.73 -73.26
N HIS LD 85 -70.80 11.97 -72.82
CA HIS LD 85 -72.10 12.48 -72.38
C HIS LD 85 -72.96 12.97 -73.54
N GLY LD 86 -72.66 12.56 -74.76
CA GLY LD 86 -73.50 12.87 -75.90
C GLY LD 86 -73.12 14.16 -76.59
N GLY LD 87 -71.85 14.30 -76.97
CA GLY LD 87 -71.36 15.52 -77.58
C GLY LD 87 -70.52 15.31 -78.82
N ARG LD 88 -70.91 15.94 -79.92
CA ARG LD 88 -70.17 15.83 -81.16
C ARG LD 88 -68.86 16.58 -81.07
N GLU LD 89 -67.79 15.99 -81.61
CA GLU LD 89 -66.52 16.69 -81.72
C GLU LD 89 -66.54 17.79 -82.78
N GLU LD 90 -67.58 17.84 -83.60
CA GLU LD 90 -67.72 18.89 -84.60
C GLU LD 90 -68.02 20.25 -83.99
N ASP LD 91 -68.31 20.30 -82.68
CA ASP LD 91 -68.65 21.56 -82.02
C ASP LD 91 -67.55 22.08 -81.10
N ILE LD 92 -66.57 21.27 -80.75
CA ILE LD 92 -65.46 21.72 -79.94
C ILE LD 92 -64.52 22.58 -80.79
N THR LD 93 -64.07 23.69 -80.23
CA THR LD 93 -63.04 24.54 -80.83
C THR LD 93 -61.87 24.64 -79.86
N LEU LD 94 -60.65 24.56 -80.41
CA LEU LD 94 -59.44 24.54 -79.61
C LEU LD 94 -58.53 25.69 -80.02
N VAL LD 95 -58.04 26.43 -79.02
CA VAL LD 95 -57.08 27.52 -79.22
C VAL LD 95 -55.86 27.23 -78.35
N ARG LD 96 -54.67 27.32 -78.94
CA ARG LD 96 -53.42 27.17 -78.22
C ARG LD 96 -52.73 28.52 -78.11
N VAL LD 97 -52.17 28.80 -76.93
CA VAL LD 97 -51.54 30.08 -76.65
C VAL LD 97 -50.15 29.82 -76.08
N PRO LD 98 -49.23 30.77 -76.22
CA PRO LD 98 -47.85 30.54 -75.76
C PRO LD 98 -47.74 30.20 -74.28
N GLY LD 99 -48.22 31.08 -73.40
CA GLY LD 99 -48.05 30.91 -71.97
C GLY LD 99 -49.33 31.22 -71.23
N SER LD 100 -49.24 31.10 -69.90
CA SER LD 100 -50.41 31.33 -69.05
C SER LD 100 -50.88 32.77 -69.13
N TRP LD 101 -49.96 33.72 -69.34
CA TRP LD 101 -50.31 35.13 -69.35
C TRP LD 101 -51.33 35.45 -70.43
N GLU LD 102 -51.46 34.62 -71.46
CA GLU LD 102 -52.35 34.88 -72.57
C GLU LD 102 -53.66 34.15 -72.50
N ILE LD 103 -53.89 33.35 -71.45
CA ILE LD 103 -55.17 32.64 -71.33
C ILE LD 103 -56.34 33.61 -71.26
N PRO LD 104 -56.33 34.67 -70.44
CA PRO LD 104 -57.54 35.50 -70.32
C PRO LD 104 -57.90 36.27 -71.58
N VAL LD 105 -56.93 36.82 -72.30
CA VAL LD 105 -57.27 37.60 -73.49
C VAL LD 105 -57.83 36.69 -74.57
N ALA LD 106 -57.32 35.46 -74.68
CA ALA LD 106 -57.83 34.53 -75.67
C ALA LD 106 -59.23 34.08 -75.32
N ALA LD 107 -59.51 33.83 -74.04
CA ALA LD 107 -60.83 33.39 -73.63
C ALA LD 107 -61.89 34.44 -73.93
N GLY LD 108 -61.51 35.71 -73.93
CA GLY LD 108 -62.48 36.76 -74.21
C GLY LD 108 -62.99 36.71 -75.63
N GLU LD 109 -62.10 36.51 -76.59
CA GLU LD 109 -62.52 36.46 -77.99
C GLU LD 109 -63.44 35.27 -78.23
N LEU LD 110 -63.13 34.12 -77.64
CA LEU LD 110 -64.03 32.97 -77.75
C LEU LD 110 -65.35 33.23 -77.07
N ALA LD 111 -65.31 33.73 -75.83
CA ALA LD 111 -66.53 33.92 -75.06
C ALA LD 111 -67.45 34.96 -75.67
N ARG LD 112 -66.94 35.84 -76.52
CA ARG LD 112 -67.77 36.85 -77.17
C ARG LD 112 -68.43 36.35 -78.44
N LYS LD 113 -68.13 35.14 -78.87
CA LYS LD 113 -68.77 34.57 -80.04
C LYS LD 113 -70.14 34.02 -79.65
N GLU LD 114 -71.15 34.33 -80.46
CA GLU LD 114 -72.52 33.95 -80.12
C GLU LD 114 -72.71 32.44 -80.14
N ASP LD 115 -71.97 31.73 -80.98
CA ASP LD 115 -72.14 30.30 -81.16
C ASP LD 115 -71.41 29.48 -80.10
N ILE LD 116 -71.00 30.08 -78.99
CA ILE LD 116 -70.34 29.37 -77.90
C ILE LD 116 -71.17 29.56 -76.65
N ASP LD 117 -71.21 28.53 -75.81
CA ASP LD 117 -71.99 28.55 -74.58
C ASP LD 117 -71.20 28.14 -73.35
N ALA LD 118 -69.92 27.81 -73.50
CA ALA LD 118 -69.09 27.49 -72.35
C ALA LD 118 -67.64 27.45 -72.81
N VAL LD 119 -66.74 27.96 -71.97
CA VAL LD 119 -65.31 27.97 -72.23
C VAL LD 119 -64.61 27.22 -71.11
N ILE LD 120 -63.63 26.41 -71.47
CA ILE LD 120 -62.82 25.66 -70.52
C ILE LD 120 -61.38 26.15 -70.64
N ALA LD 121 -60.76 26.47 -69.51
CA ALA LD 121 -59.41 26.98 -69.46
C ALA LD 121 -58.49 25.95 -68.81
N ILE LD 122 -57.40 25.61 -69.49
CA ILE LD 122 -56.48 24.58 -69.04
C ILE LD 122 -55.07 25.15 -69.11
N GLY LD 123 -54.29 24.88 -68.08
CA GLY LD 123 -52.92 25.36 -68.06
C GLY LD 123 -52.24 24.93 -66.78
N VAL LD 124 -50.94 25.19 -66.71
CA VAL LD 124 -50.11 24.84 -65.56
C VAL LD 124 -49.41 26.09 -65.07
N LEU LD 125 -49.53 26.37 -63.78
CA LEU LD 125 -48.87 27.48 -63.13
C LEU LD 125 -47.77 26.94 -62.24
N ILE LD 126 -46.54 27.41 -62.44
CA ILE LD 126 -45.39 26.95 -61.66
C ILE LD 126 -45.24 27.82 -60.42
N ARG LD 127 -44.85 27.20 -59.32
CA ARG LD 127 -44.67 27.87 -58.03
C ARG LD 127 -43.25 27.63 -57.51
N GLY LD 128 -42.27 27.77 -58.40
CA GLY LD 128 -40.89 27.55 -58.02
C GLY LD 128 -40.32 28.69 -57.20
N ALA LD 129 -39.10 28.46 -56.70
CA ALA LD 129 -38.43 29.46 -55.89
C ALA LD 129 -38.12 30.73 -56.68
N THR LD 130 -38.07 30.64 -58.00
CA THR LD 130 -37.76 31.82 -58.80
C THR LD 130 -38.87 32.85 -58.66
N PRO LD 131 -38.56 34.11 -58.33
CA PRO LD 131 -39.64 35.11 -58.17
C PRO LD 131 -40.13 35.64 -59.51
N HIS LD 132 -41.02 36.63 -59.47
CA HIS LD 132 -41.61 37.33 -60.60
C HIS LD 132 -42.70 36.50 -61.28
N PHE LD 133 -42.93 35.26 -60.87
CA PHE LD 133 -44.00 34.46 -61.46
C PHE LD 133 -45.33 34.61 -60.72
N ASP LD 134 -45.30 34.99 -59.44
CA ASP LD 134 -46.54 35.19 -58.71
C ASP LD 134 -47.39 36.27 -59.34
N TYR LD 135 -46.76 37.26 -59.98
CA TYR LD 135 -47.52 38.30 -60.68
C TYR LD 135 -48.34 37.68 -61.81
N ILE LD 136 -47.73 36.77 -62.57
CA ILE LD 136 -48.47 36.10 -63.64
C ILE LD 136 -49.54 35.18 -63.06
N ALA LD 137 -49.19 34.44 -62.00
CA ALA LD 137 -50.12 33.44 -61.48
C ALA LD 137 -51.39 34.08 -60.95
N SER LD 138 -51.25 35.14 -60.15
CA SER LD 138 -52.43 35.75 -59.54
C SER LD 138 -53.35 36.37 -60.58
N GLU LD 139 -52.77 37.04 -61.58
CA GLU LD 139 -53.59 37.75 -62.56
C GLU LD 139 -54.43 36.80 -63.40
N VAL LD 140 -53.99 35.55 -63.56
CA VAL LD 140 -54.74 34.62 -64.41
C VAL LD 140 -56.10 34.32 -63.79
N SER LD 141 -56.13 34.02 -62.50
CA SER LD 141 -57.40 33.71 -61.85
C SER LD 141 -58.34 34.90 -61.87
N LYS LD 142 -57.82 36.09 -61.52
CA LYS LD 142 -58.67 37.26 -61.42
C LYS LD 142 -59.29 37.60 -62.78
N GLY LD 143 -58.50 37.53 -63.84
CA GLY LD 143 -59.01 37.92 -65.15
C GLY LD 143 -60.15 37.05 -65.62
N LEU LD 144 -60.01 35.73 -65.44
CA LEU LD 144 -61.07 34.83 -65.88
C LEU LD 144 -62.36 35.09 -65.13
N ALA LD 145 -62.26 35.35 -63.82
CA ALA LD 145 -63.45 35.60 -63.01
C ALA LD 145 -64.18 36.85 -63.49
N ASN LD 146 -63.44 37.92 -63.80
CA ASN LD 146 -64.07 39.16 -64.24
C ASN LD 146 -64.77 38.97 -65.58
N LEU LD 147 -64.17 38.22 -66.50
CA LEU LD 147 -64.78 38.01 -67.81
C LEU LD 147 -66.15 37.37 -67.68
N SER LD 148 -66.29 36.38 -66.80
CA SER LD 148 -67.54 35.65 -66.70
C SER LD 148 -68.69 36.56 -66.32
N LEU LD 149 -68.46 37.46 -65.37
CA LEU LD 149 -69.52 38.37 -64.92
C LEU LD 149 -69.80 39.44 -65.96
N GLU LD 150 -68.77 39.94 -66.64
CA GLU LD 150 -68.96 41.03 -67.59
C GLU LD 150 -69.70 40.54 -68.83
N LEU LD 151 -69.49 39.28 -69.21
CA LEU LD 151 -70.12 38.71 -70.39
C LEU LD 151 -71.30 37.81 -70.09
N ARG LD 152 -71.47 37.39 -68.84
CA ARG LD 152 -72.57 36.52 -68.44
C ARG LD 152 -72.50 35.18 -69.17
N LYS LD 153 -71.43 34.44 -68.89
CA LYS LD 153 -71.19 33.16 -69.52
C LYS LD 153 -70.23 32.35 -68.65
N PRO LD 154 -70.52 31.08 -68.35
CA PRO LD 154 -69.60 30.32 -67.49
C PRO LD 154 -68.24 30.15 -68.14
N ILE LD 155 -67.20 30.25 -67.32
CA ILE LD 155 -65.84 29.98 -67.76
C ILE LD 155 -65.17 29.11 -66.71
N THR LD 156 -65.17 27.81 -66.93
CA THR LD 156 -64.65 26.89 -65.94
C THR LD 156 -63.14 27.05 -65.82
N PHE LD 157 -62.62 26.67 -64.66
CA PHE LD 157 -61.23 26.88 -64.28
C PHE LD 157 -60.57 25.51 -64.13
N GLY LD 158 -59.53 25.27 -64.92
CA GLY LD 158 -58.89 23.97 -64.91
C GLY LD 158 -57.38 24.06 -64.82
N VAL LD 159 -56.88 25.05 -64.10
CA VAL LD 159 -55.45 25.26 -63.98
C VAL LD 159 -54.91 24.40 -62.85
N ILE LD 160 -53.72 23.86 -63.05
CA ILE LD 160 -53.06 22.98 -62.09
C ILE LD 160 -51.72 23.60 -61.73
N THR LD 161 -51.22 23.26 -60.54
CA THR LD 161 -49.94 23.76 -60.05
C THR LD 161 -49.04 22.58 -59.72
N ALA LD 162 -47.78 22.66 -60.16
CA ALA LD 162 -46.83 21.59 -59.94
C ALA LD 162 -46.51 21.45 -58.45
N GLY MD 15 -79.07 30.77 -34.07
CA GLY MD 15 -79.14 29.51 -34.77
C GLY MD 15 -77.93 29.26 -35.65
N ASN MD 16 -78.18 28.82 -36.88
CA ASN MD 16 -77.12 28.55 -37.83
C ASN MD 16 -76.89 29.76 -38.73
N LYS MD 17 -75.79 29.72 -39.47
CA LYS MD 17 -75.44 30.85 -40.32
C LYS MD 17 -76.50 31.11 -41.37
N GLY MD 18 -77.27 30.09 -41.75
CA GLY MD 18 -78.35 30.30 -42.70
C GLY MD 18 -79.45 31.17 -42.14
N TRP MD 19 -79.81 30.95 -40.87
CA TRP MD 19 -80.80 31.80 -40.22
C TRP MD 19 -80.35 33.26 -40.24
N GLU MD 20 -79.07 33.50 -39.92
CA GLU MD 20 -78.56 34.86 -39.87
C GLU MD 20 -78.62 35.53 -41.24
N ALA MD 21 -78.26 34.78 -42.29
CA ALA MD 21 -78.24 35.38 -43.63
C ALA MD 21 -79.63 35.80 -44.07
N ALA MD 22 -80.64 34.99 -43.79
CA ALA MD 22 -82.00 35.34 -44.18
C ALA MD 22 -82.48 36.59 -43.46
N LEU MD 23 -82.13 36.75 -42.19
CA LEU MD 23 -82.53 37.94 -41.45
C LEU MD 23 -81.99 39.20 -42.09
N SER MD 24 -80.71 39.19 -42.47
CA SER MD 24 -80.11 40.37 -43.07
C SER MD 24 -80.78 40.71 -44.39
N ALA MD 25 -81.14 39.69 -45.17
CA ALA MD 25 -81.79 39.92 -46.44
C ALA MD 25 -83.14 40.59 -46.27
N ILE MD 26 -83.91 40.17 -45.25
CA ILE MD 26 -85.24 40.75 -45.04
C ILE MD 26 -85.12 42.20 -44.64
N GLU MD 27 -84.15 42.53 -43.79
CA GLU MD 27 -84.02 43.91 -43.32
C GLU MD 27 -83.50 44.82 -44.43
N MET MD 28 -82.51 44.37 -45.18
CA MET MD 28 -82.00 45.18 -46.28
C MET MD 28 -83.04 45.39 -47.37
N ALA MD 29 -83.83 44.35 -47.66
CA ALA MD 29 -84.86 44.46 -48.69
C ALA MD 29 -85.90 45.50 -48.29
N ASN MD 30 -86.28 45.54 -47.02
CA ASN MD 30 -87.22 46.55 -46.55
C ASN MD 30 -86.58 47.93 -46.51
N LEU MD 31 -85.29 48.00 -46.18
CA LEU MD 31 -84.62 49.29 -46.09
C LEU MD 31 -84.61 49.99 -47.45
N PHE MD 32 -84.27 49.26 -48.51
CA PHE MD 32 -84.20 49.87 -49.83
C PHE MD 32 -85.56 50.38 -50.28
N LYS MD 33 -86.63 49.73 -49.84
CA LYS MD 33 -87.97 50.18 -50.20
C LYS MD 33 -88.33 51.49 -49.53
N SER MD 34 -87.66 51.85 -48.43
CA SER MD 34 -87.92 53.10 -47.74
C SER MD 34 -87.16 54.27 -48.34
N LEU MD 35 -85.91 54.05 -48.73
CA LEU MD 35 -85.12 55.13 -49.32
C LEU MD 35 -85.74 55.63 -50.61
N ARG MD 36 -86.27 54.73 -51.42
CA ARG MD 36 -86.89 55.10 -52.71
C ARG MD 36 -88.19 55.87 -52.44
N GLY MD 37 -88.78 55.80 -51.23
CA GLY MD 37 -89.99 56.52 -50.91
C GLY MD 37 -89.72 57.94 -50.46
N THR MD 38 -90.80 58.62 -50.09
CA THR MD 38 -90.70 60.02 -49.68
C THR MD 38 -90.00 60.12 -48.33
N GLY MD 39 -89.47 61.32 -48.06
CA GLY MD 39 -88.76 61.57 -46.82
C GLY MD 39 -89.70 61.82 -45.67
N GLY MD 40 -89.09 62.13 -44.52
CA GLY MD 40 -89.84 62.37 -43.31
C GLY MD 40 -90.47 63.75 -43.27
N SER MD 41 -91.23 63.98 -42.19
CA SER MD 41 -91.92 65.26 -42.03
C SER MD 41 -90.94 66.43 -41.86
N GLY MD 42 -89.69 66.16 -41.50
CA GLY MD 42 -88.71 67.20 -41.32
C GLY MD 42 -88.67 67.73 -39.91
N SER MD 43 -87.85 68.76 -39.72
CA SER MD 43 -87.62 69.43 -38.45
C SER MD 43 -86.84 68.57 -37.46
N SER MD 44 -86.28 67.45 -37.91
CA SER MD 44 -85.49 66.58 -37.04
C SER MD 44 -84.72 65.61 -37.92
N MET MD 45 -83.81 64.86 -37.30
CA MET MD 45 -83.07 63.86 -38.03
C MET MD 45 -84.01 62.83 -38.63
N GLU MD 46 -83.72 62.43 -39.86
CA GLU MD 46 -84.42 61.33 -40.51
C GLU MD 46 -83.60 60.06 -40.30
N ILE MD 47 -84.20 59.07 -39.64
CA ILE MD 47 -83.58 57.78 -39.42
C ILE MD 47 -84.30 56.78 -40.31
N TYR MD 48 -83.54 56.13 -41.20
CA TYR MD 48 -84.06 55.08 -42.07
C TYR MD 48 -83.62 53.73 -41.52
N GLU MD 49 -84.58 52.82 -41.36
CA GLU MD 49 -84.29 51.49 -40.87
C GLU MD 49 -85.25 50.51 -41.54
N GLY MD 50 -84.88 49.23 -41.51
CA GLY MD 50 -85.65 48.19 -42.16
C GLY MD 50 -86.37 47.32 -41.15
N LYS MD 51 -87.65 47.08 -41.41
CA LYS MD 51 -88.45 46.20 -40.59
C LYS MD 51 -88.06 44.75 -40.85
N LEU MD 52 -88.75 43.83 -40.18
CA LEU MD 52 -88.53 42.40 -40.37
C LEU MD 52 -89.81 41.71 -40.81
N THR MD 53 -90.68 42.43 -41.50
CA THR MD 53 -91.87 41.84 -42.11
C THR MD 53 -91.51 41.35 -43.51
N ALA MD 54 -91.81 40.08 -43.77
CA ALA MD 54 -91.43 39.42 -45.02
C ALA MD 54 -92.65 39.08 -45.87
N GLU MD 55 -93.65 39.94 -45.89
CA GLU MD 55 -94.89 39.70 -46.60
C GLU MD 55 -94.93 40.59 -47.84
N GLY MD 56 -94.92 39.96 -49.01
CA GLY MD 56 -94.87 40.67 -50.27
C GLY MD 56 -93.50 40.73 -50.91
N LEU MD 57 -92.51 40.03 -50.37
CA LEU MD 57 -91.14 40.08 -50.85
C LEU MD 57 -90.76 38.75 -51.50
N ARG MD 58 -89.95 38.84 -52.54
CA ARG MD 58 -89.48 37.68 -53.29
C ARG MD 58 -87.99 37.51 -53.08
N PHE MD 59 -87.55 36.26 -52.90
CA PHE MD 59 -86.19 35.96 -52.48
C PHE MD 59 -85.56 34.94 -53.41
N GLY MD 60 -84.24 34.84 -53.33
CA GLY MD 60 -83.49 33.86 -54.09
C GLY MD 60 -82.33 33.31 -53.32
N ILE MD 61 -82.06 32.01 -53.47
CA ILE MD 61 -81.02 31.32 -52.72
C ILE MD 61 -80.14 30.59 -53.72
N VAL MD 62 -78.82 30.67 -53.52
CA VAL MD 62 -77.84 29.99 -54.35
C VAL MD 62 -76.94 29.17 -53.44
N ALA MD 63 -76.88 27.86 -53.67
CA ALA MD 63 -76.15 26.96 -52.80
C ALA MD 63 -75.36 25.97 -53.65
N SER MD 64 -74.32 25.41 -53.03
CA SER MD 64 -73.41 24.48 -53.69
C SER MD 64 -73.64 23.06 -53.19
N ARG MD 65 -73.25 22.10 -54.03
CA ARG MD 65 -73.42 20.69 -53.69
C ARG MD 65 -72.37 20.21 -52.68
N PHE MD 66 -71.19 20.81 -52.65
CA PHE MD 66 -70.11 20.28 -51.85
C PHE MD 66 -70.50 20.19 -50.38
N ASN MD 67 -70.17 19.06 -49.75
CA ASN MD 67 -70.54 18.79 -48.37
C ASN MD 67 -72.04 18.96 -48.18
N HIS MD 68 -72.80 18.16 -48.92
CA HIS MD 68 -74.25 18.29 -48.89
C HIS MD 68 -74.83 18.05 -47.50
N ALA MD 69 -74.09 17.37 -46.63
CA ALA MD 69 -74.55 17.20 -45.25
C ALA MD 69 -74.69 18.54 -44.57
N LEU MD 70 -73.65 19.37 -44.62
CA LEU MD 70 -73.70 20.67 -43.97
C LEU MD 70 -74.58 21.65 -44.73
N VAL MD 71 -74.45 21.69 -46.07
CA VAL MD 71 -75.13 22.73 -46.84
C VAL MD 71 -76.63 22.60 -46.74
N ASP MD 72 -77.14 21.37 -46.67
CA ASP MD 72 -78.58 21.18 -46.57
C ASP MD 72 -79.13 21.79 -45.29
N ARG MD 73 -78.40 21.67 -44.19
CA ARG MD 73 -78.85 22.28 -42.94
C ARG MD 73 -78.98 23.78 -43.07
N LEU MD 74 -78.04 24.41 -43.76
CA LEU MD 74 -78.07 25.86 -43.91
C LEU MD 74 -79.24 26.30 -44.77
N VAL MD 75 -79.56 25.55 -45.82
CA VAL MD 75 -80.66 25.94 -46.68
C VAL MD 75 -82.00 25.79 -45.97
N GLU MD 76 -82.12 24.79 -45.09
CA GLU MD 76 -83.33 24.66 -44.29
C GLU MD 76 -83.51 25.87 -43.38
N GLY MD 77 -82.41 26.35 -42.79
CA GLY MD 77 -82.52 27.48 -41.89
C GLY MD 77 -83.06 28.73 -42.56
N ALA MD 78 -82.58 29.01 -43.77
CA ALA MD 78 -83.05 30.19 -44.49
C ALA MD 78 -84.53 30.10 -44.80
N ILE MD 79 -85.00 28.91 -45.21
CA ILE MD 79 -86.41 28.74 -45.50
C ILE MD 79 -87.24 28.91 -44.24
N ASP MD 80 -86.78 28.37 -43.12
CA ASP MD 80 -87.52 28.51 -41.87
C ASP MD 80 -87.67 29.98 -41.49
N CYS MD 81 -86.59 30.74 -41.59
CA CYS MD 81 -86.62 32.14 -41.16
C CYS MD 81 -87.63 32.95 -41.95
N ILE MD 82 -87.68 32.75 -43.28
CA ILE MD 82 -88.59 33.54 -44.10
C ILE MD 82 -90.03 33.17 -43.81
N VAL MD 83 -90.30 31.89 -43.57
CA VAL MD 83 -91.67 31.46 -43.30
C VAL MD 83 -92.13 31.95 -41.93
N ARG MD 84 -91.29 31.80 -40.91
CA ARG MD 84 -91.66 32.25 -39.57
C ARG MD 84 -91.99 33.73 -39.54
N HIS MD 85 -91.36 34.53 -40.40
CA HIS MD 85 -91.58 35.96 -40.44
C HIS MD 85 -92.71 36.37 -41.37
N GLY MD 86 -93.43 35.42 -41.95
CA GLY MD 86 -94.62 35.70 -42.71
C GLY MD 86 -94.47 35.71 -44.21
N GLY MD 87 -93.58 34.90 -44.77
CA GLY MD 87 -93.38 34.84 -46.21
C GLY MD 87 -93.71 33.45 -46.74
N ARG MD 88 -94.29 33.42 -47.93
CA ARG MD 88 -94.70 32.15 -48.52
C ARG MD 88 -93.51 31.45 -49.17
N GLU MD 89 -93.64 30.13 -49.32
CA GLU MD 89 -92.64 29.36 -50.03
C GLU MD 89 -92.74 29.51 -51.54
N GLU MD 90 -93.86 30.02 -52.04
CA GLU MD 90 -94.01 30.24 -53.47
C GLU MD 90 -93.25 31.45 -53.97
N ASP MD 91 -92.73 32.28 -53.07
CA ASP MD 91 -91.97 33.47 -53.43
C ASP MD 91 -90.47 33.27 -53.22
N ILE MD 92 -89.99 32.03 -53.30
CA ILE MD 92 -88.59 31.70 -53.12
C ILE MD 92 -88.13 30.91 -54.34
N THR MD 93 -87.00 31.32 -54.91
CA THR MD 93 -86.36 30.61 -56.02
C THR MD 93 -85.02 30.05 -55.55
N LEU MD 94 -84.82 28.76 -55.76
CA LEU MD 94 -83.60 28.08 -55.31
C LEU MD 94 -82.84 27.56 -56.52
N VAL MD 95 -81.55 27.87 -56.57
CA VAL MD 95 -80.67 27.47 -57.67
C VAL MD 95 -79.43 26.83 -57.09
N ARG MD 96 -79.04 25.68 -57.61
CA ARG MD 96 -77.90 24.91 -57.12
C ARG MD 96 -76.83 24.81 -58.19
N VAL MD 97 -75.56 24.83 -57.76
CA VAL MD 97 -74.44 24.91 -58.70
C VAL MD 97 -73.37 23.91 -58.26
N PRO MD 98 -72.49 23.50 -59.18
CA PRO MD 98 -71.54 22.44 -58.84
C PRO MD 98 -70.60 22.77 -57.69
N GLY MD 99 -70.15 24.01 -57.57
CA GLY MD 99 -69.12 24.33 -56.60
C GLY MD 99 -69.10 25.81 -56.27
N SER MD 100 -68.16 26.17 -55.39
CA SER MD 100 -68.09 27.54 -54.91
C SER MD 100 -67.75 28.51 -56.03
N TRP MD 101 -66.89 28.10 -56.96
CA TRP MD 101 -66.45 28.99 -58.02
C TRP MD 101 -67.61 29.51 -58.86
N GLU MD 102 -68.74 28.81 -58.89
CA GLU MD 102 -69.85 29.20 -59.75
C GLU MD 102 -70.94 29.97 -59.01
N ILE MD 103 -70.78 30.22 -57.71
CA ILE MD 103 -71.78 31.01 -56.99
C ILE MD 103 -71.92 32.42 -57.57
N PRO MD 104 -70.83 33.17 -57.79
CA PRO MD 104 -71.01 34.56 -58.24
C PRO MD 104 -71.67 34.70 -59.59
N VAL MD 105 -71.34 33.85 -60.56
CA VAL MD 105 -71.96 33.94 -61.87
C VAL MD 105 -73.42 33.55 -61.80
N ALA MD 106 -73.76 32.57 -60.97
CA ALA MD 106 -75.15 32.19 -60.78
C ALA MD 106 -75.93 33.31 -60.09
N ALA MD 107 -75.32 33.96 -59.10
CA ALA MD 107 -76.00 35.03 -58.38
C ALA MD 107 -76.26 36.23 -59.28
N GLY MD 108 -75.45 36.42 -60.32
CA GLY MD 108 -75.65 37.55 -61.21
C GLY MD 108 -76.93 37.44 -62.02
N GLU MD 109 -77.28 36.23 -62.47
CA GLU MD 109 -78.49 36.06 -63.26
C GLU MD 109 -79.73 36.38 -62.44
N LEU MD 110 -79.79 35.90 -61.20
CA LEU MD 110 -80.93 36.18 -60.35
C LEU MD 110 -81.08 37.67 -60.07
N ALA MD 111 -79.98 38.34 -59.78
CA ALA MD 111 -80.03 39.74 -59.37
C ALA MD 111 -80.51 40.65 -60.49
N ARG MD 112 -80.39 40.23 -61.75
CA ARG MD 112 -80.81 41.08 -62.85
C ARG MD 112 -82.31 41.05 -63.09
N LYS MD 113 -83.01 40.06 -62.55
CA LYS MD 113 -84.45 40.00 -62.70
C LYS MD 113 -85.13 41.09 -61.89
N GLU MD 114 -86.26 41.56 -62.38
CA GLU MD 114 -87.02 42.62 -61.73
C GLU MD 114 -88.03 42.07 -60.73
N ASP MD 115 -88.07 40.76 -60.51
CA ASP MD 115 -88.99 40.15 -59.55
C ASP MD 115 -88.27 39.57 -58.34
N ILE MD 116 -86.97 39.80 -58.19
CA ILE MD 116 -86.19 39.33 -57.05
C ILE MD 116 -85.64 40.55 -56.32
N ASP MD 117 -85.88 40.61 -55.02
CA ASP MD 117 -85.51 41.76 -54.20
C ASP MD 117 -84.31 41.49 -53.30
N ALA MD 118 -83.79 40.27 -53.27
CA ALA MD 118 -82.64 39.96 -52.44
C ALA MD 118 -82.12 38.59 -52.82
N VAL MD 119 -80.84 38.36 -52.57
CA VAL MD 119 -80.18 37.10 -52.91
C VAL MD 119 -79.34 36.65 -51.72
N ILE MD 120 -79.33 35.36 -51.46
CA ILE MD 120 -78.61 34.76 -50.34
C ILE MD 120 -77.69 33.70 -50.90
N ALA MD 121 -76.42 33.74 -50.49
CA ALA MD 121 -75.41 32.79 -50.94
C ALA MD 121 -75.04 31.86 -49.79
N ILE MD 122 -75.07 30.56 -50.05
CA ILE MD 122 -74.76 29.54 -49.06
C ILE MD 122 -73.66 28.66 -49.63
N GLY MD 123 -72.66 28.34 -48.82
CA GLY MD 123 -71.58 27.50 -49.29
C GLY MD 123 -70.62 27.15 -48.18
N VAL MD 124 -69.75 26.19 -48.49
CA VAL MD 124 -68.72 25.74 -47.56
C VAL MD 124 -67.42 25.58 -48.35
N LEU MD 125 -66.32 26.04 -47.77
CA LEU MD 125 -65.01 25.98 -48.38
C LEU MD 125 -64.07 25.16 -47.52
N ILE MD 126 -62.86 24.92 -48.04
CA ILE MD 126 -61.86 24.14 -47.33
C ILE MD 126 -60.50 24.81 -47.46
N ARG MD 127 -60.10 25.55 -46.42
CA ARG MD 127 -58.80 26.22 -46.45
C ARG MD 127 -57.67 25.21 -46.50
N GLY MD 128 -57.78 24.12 -45.73
CA GLY MD 128 -56.77 23.09 -45.73
C GLY MD 128 -56.90 22.16 -46.91
N ALA MD 129 -56.64 22.66 -48.11
CA ALA MD 129 -56.74 21.89 -49.33
C ALA MD 129 -55.53 22.20 -50.20
N THR MD 130 -55.57 21.74 -51.45
CA THR MD 130 -54.46 21.97 -52.37
C THR MD 130 -54.35 23.46 -52.70
N PRO MD 131 -53.18 23.90 -53.16
CA PRO MD 131 -53.04 25.33 -53.48
C PRO MD 131 -54.02 25.80 -54.54
N HIS MD 132 -54.45 24.92 -55.44
CA HIS MD 132 -55.40 25.32 -56.48
C HIS MD 132 -56.69 25.84 -55.87
N PHE MD 133 -57.10 25.31 -54.73
CA PHE MD 133 -58.33 25.76 -54.06
C PHE MD 133 -58.04 26.87 -53.06
N ASP MD 134 -57.31 27.89 -53.51
CA ASP MD 134 -57.07 29.11 -52.75
C ASP MD 134 -57.38 30.35 -53.56
N TYR MD 135 -57.08 30.34 -54.86
CA TYR MD 135 -57.52 31.43 -55.72
C TYR MD 135 -59.04 31.51 -55.75
N ILE MD 136 -59.70 30.35 -55.69
CA ILE MD 136 -61.16 30.33 -55.70
C ILE MD 136 -61.71 30.98 -54.44
N ALA MD 137 -61.10 30.68 -53.29
CA ALA MD 137 -61.66 31.11 -52.02
C ALA MD 137 -61.79 32.63 -51.95
N SER MD 138 -60.74 33.35 -52.38
CA SER MD 138 -60.78 34.81 -52.31
C SER MD 138 -61.68 35.40 -53.38
N GLU MD 139 -61.85 34.70 -54.51
CA GLU MD 139 -62.58 35.29 -55.61
C GLU MD 139 -64.08 35.30 -55.36
N VAL MD 140 -64.57 34.39 -54.50
CA VAL MD 140 -65.99 34.37 -54.18
C VAL MD 140 -66.39 35.68 -53.48
N SER MD 141 -65.56 36.11 -52.52
CA SER MD 141 -65.86 37.34 -51.79
C SER MD 141 -65.82 38.54 -52.71
N LYS MD 142 -64.81 38.62 -53.59
CA LYS MD 142 -64.70 39.76 -54.48
C LYS MD 142 -65.89 39.83 -55.44
N GLY MD 143 -66.28 38.70 -56.01
CA GLY MD 143 -67.29 38.73 -57.06
C GLY MD 143 -68.64 39.18 -56.54
N LEU MD 144 -69.05 38.67 -55.39
CA LEU MD 144 -70.35 39.04 -54.84
C LEU MD 144 -70.37 40.51 -54.43
N ALA MD 145 -69.25 41.02 -53.92
CA ALA MD 145 -69.20 42.41 -53.51
C ALA MD 145 -69.38 43.36 -54.70
N ASN MD 146 -68.74 43.06 -55.83
CA ASN MD 146 -68.85 43.93 -56.99
C ASN MD 146 -70.24 43.91 -57.60
N LEU MD 147 -70.95 42.79 -57.47
CA LEU MD 147 -72.30 42.71 -58.02
C LEU MD 147 -73.22 43.71 -57.34
N SER MD 148 -73.17 43.78 -56.01
CA SER MD 148 -74.12 44.60 -55.26
C SER MD 148 -74.01 46.07 -55.66
N LEU MD 149 -72.77 46.58 -55.71
CA LEU MD 149 -72.59 47.97 -56.10
C LEU MD 149 -72.99 48.20 -57.55
N GLU MD 150 -72.68 47.25 -58.42
CA GLU MD 150 -73.01 47.41 -59.84
C GLU MD 150 -74.50 47.43 -60.07
N LEU MD 151 -75.21 46.43 -59.52
CA LEU MD 151 -76.64 46.30 -59.74
C LEU MD 151 -77.48 47.06 -58.72
N ARG MD 152 -76.88 47.51 -57.62
CA ARG MD 152 -77.59 48.28 -56.59
C ARG MD 152 -78.74 47.46 -56.01
N LYS MD 153 -78.39 46.32 -55.43
CA LYS MD 153 -79.36 45.37 -54.91
C LYS MD 153 -78.70 44.49 -53.86
N PRO MD 154 -79.26 44.38 -52.65
CA PRO MD 154 -78.56 43.65 -51.59
C PRO MD 154 -78.28 42.21 -51.98
N ILE MD 155 -77.07 41.76 -51.67
CA ILE MD 155 -76.68 40.36 -51.79
C ILE MD 155 -75.99 39.97 -50.50
N THR MD 156 -76.50 38.94 -49.84
CA THR MD 156 -76.07 38.57 -48.51
C THR MD 156 -75.10 37.41 -48.56
N PHE MD 157 -74.27 37.32 -47.54
CA PHE MD 157 -73.15 36.40 -47.49
C PHE MD 157 -73.41 35.33 -46.44
N GLY MD 158 -73.30 34.07 -46.84
CA GLY MD 158 -73.50 32.96 -45.92
C GLY MD 158 -72.52 31.83 -46.13
N VAL MD 159 -71.32 32.15 -46.59
CA VAL MD 159 -70.32 31.15 -46.93
C VAL MD 159 -69.43 30.93 -45.71
N ILE MD 160 -69.38 29.70 -45.22
CA ILE MD 160 -68.59 29.35 -44.05
C ILE MD 160 -67.45 28.44 -44.46
N THR MD 161 -66.61 28.05 -43.51
CA THR MD 161 -65.48 27.18 -43.77
C THR MD 161 -65.45 26.06 -42.74
N ALA MD 162 -64.98 24.90 -43.18
CA ALA MD 162 -64.90 23.73 -42.32
C ALA MD 162 -63.53 23.63 -41.66
N ALA ND 10 -75.93 63.18 -25.53
CA ALA ND 10 -74.59 62.69 -25.25
C ALA ND 10 -73.58 63.38 -26.16
N GLY ND 11 -72.33 62.95 -26.10
CA GLY ND 11 -71.33 63.49 -26.99
C GLY ND 11 -69.96 62.96 -26.65
N THR ND 12 -68.94 63.48 -27.34
CA THR ND 12 -67.56 63.14 -27.01
C THR ND 12 -66.66 64.23 -27.55
N LYS ND 13 -65.35 63.99 -27.45
CA LYS ND 13 -64.31 64.89 -27.91
C LYS ND 13 -63.16 64.04 -28.42
N HIS ND 14 -61.96 64.62 -28.52
CA HIS ND 14 -60.80 63.87 -28.98
C HIS ND 14 -60.70 62.53 -28.26
N GLY ND 15 -60.31 61.46 -28.97
CA GLY ND 15 -60.19 60.10 -28.42
C GLY ND 15 -61.12 59.14 -29.14
N ASN ND 16 -62.41 59.49 -29.26
CA ASN ND 16 -63.42 58.63 -29.93
C ASN ND 16 -63.19 58.71 -31.44
N LYS ND 17 -63.39 57.62 -32.19
CA LYS ND 17 -63.15 57.57 -33.66
C LYS ND 17 -64.33 58.22 -34.40
N GLY ND 18 -65.48 58.40 -33.75
CA GLY ND 18 -66.63 59.11 -34.37
C GLY ND 18 -66.33 60.59 -34.53
N TRP ND 19 -65.54 61.20 -33.63
CA TRP ND 19 -65.24 62.63 -33.66
C TRP ND 19 -64.20 62.94 -34.73
N GLU ND 20 -63.14 62.13 -34.81
CA GLU ND 20 -62.10 62.38 -35.82
C GLU ND 20 -62.67 62.27 -37.22
N ALA ND 21 -63.50 61.24 -37.46
CA ALA ND 21 -64.07 61.05 -38.79
C ALA ND 21 -64.92 62.24 -39.20
N ALA ND 22 -65.72 62.77 -38.27
CA ALA ND 22 -66.55 63.93 -38.59
C ALA ND 22 -65.69 65.15 -38.90
N LEU ND 23 -64.53 65.27 -38.26
CA LEU ND 23 -63.64 66.40 -38.55
C LEU ND 23 -63.19 66.37 -40.00
N SER ND 24 -62.77 65.20 -40.49
CA SER ND 24 -62.26 65.10 -41.86
C SER ND 24 -63.34 65.46 -42.86
N ALA ND 25 -64.58 65.05 -42.59
CA ALA ND 25 -65.67 65.32 -43.51
C ALA ND 25 -65.91 66.81 -43.67
N ILE ND 26 -65.87 67.56 -42.58
CA ILE ND 26 -66.10 69.00 -42.65
C ILE ND 26 -65.00 69.67 -43.46
N GLU ND 27 -63.75 69.29 -43.20
CA GLU ND 27 -62.63 69.89 -43.93
C GLU ND 27 -62.70 69.56 -45.40
N MET ND 28 -63.00 68.31 -45.74
CA MET ND 28 -63.07 67.91 -47.14
C MET ND 28 -64.28 68.55 -47.84
N ALA ND 29 -65.40 68.65 -47.15
CA ALA ND 29 -66.59 69.23 -47.76
C ALA ND 29 -66.38 70.70 -48.10
N ASN ND 30 -65.68 71.44 -47.23
CA ASN ND 30 -65.39 72.84 -47.52
C ASN ND 30 -64.34 72.98 -48.61
N LEU ND 31 -63.36 72.07 -48.64
CA LEU ND 31 -62.29 72.14 -49.63
C LEU ND 31 -62.84 72.07 -51.04
N PHE ND 32 -63.76 71.14 -51.29
CA PHE ND 32 -64.28 70.96 -52.65
C PHE ND 32 -64.99 72.21 -53.13
N LYS ND 33 -65.77 72.85 -52.27
CA LYS ND 33 -66.45 74.08 -52.65
C LYS ND 33 -65.47 75.16 -53.07
N SER ND 34 -64.29 75.18 -52.44
CA SER ND 34 -63.26 76.14 -52.84
C SER ND 34 -62.67 75.78 -54.20
N LEU ND 35 -62.44 74.50 -54.46
CA LEU ND 35 -61.86 74.08 -55.74
C LEU ND 35 -62.78 74.40 -56.90
N ARG ND 36 -64.08 74.15 -56.75
CA ARG ND 36 -65.03 74.44 -57.81
C ARG ND 36 -65.30 75.93 -57.98
N GLY ND 37 -64.81 76.77 -57.06
CA GLY ND 37 -65.07 78.19 -57.13
C GLY ND 37 -64.25 78.88 -58.20
N THR ND 38 -64.53 80.19 -58.35
CA THR ND 38 -63.84 80.97 -59.36
C THR ND 38 -62.34 80.98 -59.11
N GLY ND 39 -61.57 80.87 -60.18
CA GLY ND 39 -60.12 80.84 -60.05
C GLY ND 39 -59.56 82.15 -59.56
N GLY ND 40 -58.34 82.08 -59.02
CA GLY ND 40 -57.67 83.25 -58.50
C GLY ND 40 -57.12 84.14 -59.58
N SER ND 41 -56.60 85.28 -59.15
CA SER ND 41 -56.02 86.26 -60.07
C SER ND 41 -54.58 85.93 -60.46
N GLY ND 42 -54.00 84.86 -59.92
CA GLY ND 42 -52.64 84.52 -60.23
C GLY ND 42 -51.64 85.39 -59.50
N SER ND 43 -50.46 85.53 -60.08
CA SER ND 43 -49.33 86.31 -59.58
C SER ND 43 -48.60 85.60 -58.44
N SER ND 44 -49.07 84.45 -57.97
CA SER ND 44 -48.35 83.71 -56.95
C SER ND 44 -48.96 82.31 -56.86
N MET ND 45 -48.31 81.47 -56.06
CA MET ND 45 -48.79 80.12 -55.83
C MET ND 45 -50.10 80.14 -55.04
N GLU ND 46 -51.02 79.28 -55.42
CA GLU ND 46 -52.32 79.16 -54.76
C GLU ND 46 -52.31 77.97 -53.82
N ILE ND 47 -52.68 78.19 -52.57
CA ILE ND 47 -52.76 77.15 -51.56
C ILE ND 47 -54.22 76.97 -51.20
N TYR ND 48 -54.73 75.75 -51.36
CA TYR ND 48 -56.11 75.40 -51.04
C TYR ND 48 -56.13 74.57 -49.78
N GLU ND 49 -56.98 74.94 -48.82
CA GLU ND 49 -57.11 74.18 -47.59
C GLU ND 49 -58.52 74.39 -47.06
N GLY ND 50 -58.94 73.50 -46.17
CA GLY ND 50 -60.30 73.48 -45.66
C GLY ND 50 -60.46 74.13 -44.31
N LYS ND 51 -61.64 74.72 -44.09
CA LYS ND 51 -61.99 75.37 -42.85
C LYS ND 51 -62.88 74.45 -42.01
N LEU ND 52 -62.74 74.57 -40.69
CA LEU ND 52 -63.56 73.79 -39.77
C LEU ND 52 -64.86 74.53 -39.47
N THR ND 53 -65.61 74.87 -40.50
CA THR ND 53 -66.93 75.47 -40.39
C THR ND 53 -67.93 74.58 -41.10
N ALA ND 54 -69.10 74.37 -40.48
CA ALA ND 54 -70.10 73.44 -40.99
C ALA ND 54 -71.41 74.13 -41.36
N GLU ND 55 -71.44 75.45 -41.44
CA GLU ND 55 -72.67 76.16 -41.73
C GLU ND 55 -73.11 75.90 -43.16
N GLY ND 56 -74.35 75.46 -43.33
CA GLY ND 56 -74.92 75.22 -44.64
C GLY ND 56 -74.55 73.91 -45.28
N LEU ND 57 -73.97 72.97 -44.53
CA LEU ND 57 -73.54 71.68 -45.06
C LEU ND 57 -74.55 70.60 -44.67
N ARG ND 58 -74.50 69.49 -45.42
CA ARG ND 58 -75.39 68.36 -45.20
C ARG ND 58 -74.58 67.08 -45.22
N PHE ND 59 -74.94 66.15 -44.33
CA PHE ND 59 -74.15 64.95 -44.09
C PHE ND 59 -75.02 63.71 -44.08
N GLY ND 60 -74.37 62.56 -44.18
CA GLY ND 60 -75.04 61.28 -44.02
C GLY ND 60 -74.14 60.34 -43.24
N ILE ND 61 -74.78 59.51 -42.42
CA ILE ND 61 -74.07 58.59 -41.54
C ILE ND 61 -74.64 57.19 -41.77
N VAL ND 62 -73.77 56.20 -41.88
CA VAL ND 62 -74.13 54.81 -42.04
C VAL ND 62 -73.48 54.02 -40.92
N ALA ND 63 -74.29 53.32 -40.12
CA ALA ND 63 -73.82 52.65 -38.93
C ALA ND 63 -74.30 51.20 -38.92
N SER ND 64 -73.48 50.34 -38.32
CA SER ND 64 -73.78 48.93 -38.18
C SER ND 64 -74.29 48.64 -36.77
N ARG ND 65 -75.23 47.69 -36.68
CA ARG ND 65 -75.87 47.38 -35.41
C ARG ND 65 -75.04 46.45 -34.53
N PHE ND 66 -74.03 45.79 -35.08
CA PHE ND 66 -73.20 44.88 -34.30
C PHE ND 66 -72.43 45.64 -33.23
N ASN ND 67 -72.26 45.00 -32.06
CA ASN ND 67 -71.55 45.59 -30.93
C ASN ND 67 -72.19 46.92 -30.53
N HIS ND 68 -73.42 46.81 -30.02
CA HIS ND 68 -74.22 47.99 -29.72
C HIS ND 68 -73.53 48.92 -28.73
N ALA ND 69 -72.71 48.36 -27.83
CA ALA ND 69 -72.06 49.20 -26.83
C ALA ND 69 -71.06 50.15 -27.48
N LEU ND 70 -70.18 49.62 -28.33
CA LEU ND 70 -69.15 50.45 -28.95
C LEU ND 70 -69.74 51.38 -29.99
N VAL ND 71 -70.59 50.87 -30.88
CA VAL ND 71 -71.02 51.66 -32.02
C VAL ND 71 -71.86 52.84 -31.57
N ASP ND 72 -72.65 52.66 -30.51
CA ASP ND 72 -73.56 53.73 -30.08
C ASP ND 72 -72.80 54.98 -29.69
N ARG ND 73 -71.66 54.83 -29.01
CA ARG ND 73 -70.91 56.00 -28.58
C ARG ND 73 -70.16 56.66 -29.72
N LEU ND 74 -69.81 55.89 -30.76
CA LEU ND 74 -69.19 56.51 -31.93
C LEU ND 74 -70.19 57.35 -32.72
N VAL ND 75 -71.44 56.90 -32.84
CA VAL ND 75 -72.44 57.68 -33.55
C VAL ND 75 -72.73 58.98 -32.82
N GLU ND 76 -72.73 58.94 -31.48
CA GLU ND 76 -72.95 60.15 -30.70
C GLU ND 76 -71.80 61.14 -30.90
N GLY ND 77 -70.58 60.65 -30.96
CA GLY ND 77 -69.46 61.54 -31.22
C GLY ND 77 -69.57 62.22 -32.57
N ALA ND 78 -69.96 61.47 -33.60
CA ALA ND 78 -70.07 62.04 -34.95
C ALA ND 78 -71.13 63.15 -34.99
N ILE ND 79 -72.29 62.91 -34.38
CA ILE ND 79 -73.35 63.91 -34.41
C ILE ND 79 -72.95 65.13 -33.58
N ASP ND 80 -72.20 64.90 -32.49
CA ASP ND 80 -71.78 66.00 -31.63
C ASP ND 80 -70.85 66.95 -32.36
N CYS ND 81 -69.93 66.41 -33.17
CA CYS ND 81 -68.96 67.25 -33.87
C CYS ND 81 -69.66 68.19 -34.85
N ILE ND 82 -70.65 67.69 -35.58
CA ILE ND 82 -71.31 68.50 -36.60
C ILE ND 82 -72.08 69.65 -35.96
N VAL ND 83 -72.75 69.39 -34.84
CA VAL ND 83 -73.57 70.42 -34.21
C VAL ND 83 -72.68 71.50 -33.59
N ARG ND 84 -71.60 71.09 -32.93
CA ARG ND 84 -70.76 72.07 -32.23
C ARG ND 84 -70.10 73.03 -33.21
N HIS ND 85 -69.72 72.54 -34.38
CA HIS ND 85 -68.99 73.33 -35.37
C HIS ND 85 -69.90 74.12 -36.29
N GLY ND 86 -71.19 74.19 -36.01
CA GLY ND 86 -72.12 75.02 -36.77
C GLY ND 86 -73.18 74.26 -37.53
N GLY ND 87 -73.20 72.94 -37.48
CA GLY ND 87 -74.17 72.18 -38.23
C GLY ND 87 -75.58 72.40 -37.72
N ARG ND 88 -76.52 71.83 -38.46
CA ARG ND 88 -77.95 71.94 -38.15
C ARG ND 88 -78.51 70.52 -38.11
N GLU ND 89 -79.24 70.21 -37.03
CA GLU ND 89 -79.70 68.84 -36.82
C GLU ND 89 -80.61 68.36 -37.93
N GLU ND 90 -81.36 69.27 -38.56
CA GLU ND 90 -82.24 68.90 -39.65
C GLU ND 90 -81.49 68.42 -40.89
N ASP ND 91 -80.18 68.63 -40.96
CA ASP ND 91 -79.38 68.28 -42.14
C ASP ND 91 -78.45 67.11 -41.88
N ILE ND 92 -78.92 66.11 -41.13
CA ILE ND 92 -78.20 64.86 -40.95
C ILE ND 92 -79.17 63.72 -41.21
N THR ND 93 -78.74 62.74 -42.00
CA THR ND 93 -79.50 61.54 -42.27
C THR ND 93 -78.73 60.35 -41.74
N LEU ND 94 -79.41 59.50 -40.98
CA LEU ND 94 -78.80 58.32 -40.37
C LEU ND 94 -79.43 57.06 -40.96
N VAL ND 95 -78.60 56.04 -41.18
CA VAL ND 95 -79.03 54.77 -41.74
C VAL ND 95 -78.40 53.65 -40.93
N ARG ND 96 -79.22 52.71 -40.47
CA ARG ND 96 -78.76 51.53 -39.76
C ARG ND 96 -78.79 50.32 -40.68
N VAL ND 97 -77.81 49.44 -40.53
CA VAL ND 97 -77.73 48.22 -41.34
C VAL ND 97 -77.34 47.05 -40.45
N PRO ND 98 -77.67 45.82 -40.86
CA PRO ND 98 -77.33 44.65 -40.05
C PRO ND 98 -75.87 44.59 -39.61
N GLY ND 99 -74.94 44.63 -40.55
CA GLY ND 99 -73.54 44.42 -40.22
C GLY ND 99 -72.58 45.14 -41.14
N SER ND 100 -71.29 44.86 -41.00
CA SER ND 100 -70.28 45.58 -41.76
C SER ND 100 -70.35 45.24 -43.25
N TRP ND 101 -70.72 44.01 -43.59
CA TRP ND 101 -70.77 43.62 -44.99
C TRP ND 101 -71.75 44.47 -45.79
N GLU ND 102 -72.77 45.00 -45.15
CA GLU ND 102 -73.79 45.78 -45.85
C GLU ND 102 -73.49 47.27 -45.91
N ILE ND 103 -72.43 47.74 -45.25
CA ILE ND 103 -72.16 49.17 -45.23
C ILE ND 103 -71.92 49.72 -46.63
N PRO ND 104 -71.06 49.14 -47.46
CA PRO ND 104 -70.78 49.76 -48.77
C PRO ND 104 -72.02 49.95 -49.63
N VAL ND 105 -72.93 48.99 -49.65
CA VAL ND 105 -74.08 49.09 -50.53
C VAL ND 105 -74.99 50.24 -50.11
N ALA ND 106 -75.22 50.37 -48.80
CA ALA ND 106 -76.07 51.45 -48.30
C ALA ND 106 -75.40 52.80 -48.51
N ALA ND 107 -74.08 52.88 -48.33
CA ALA ND 107 -73.38 54.14 -48.54
C ALA ND 107 -73.56 54.65 -49.96
N GLY ND 108 -73.60 53.74 -50.92
CA GLY ND 108 -73.78 54.15 -52.31
C GLY ND 108 -75.12 54.82 -52.55
N GLU ND 109 -76.17 54.34 -51.88
CA GLU ND 109 -77.48 54.95 -52.05
C GLU ND 109 -77.49 56.40 -51.57
N LEU ND 110 -76.77 56.67 -50.47
CA LEU ND 110 -76.73 58.03 -49.94
C LEU ND 110 -75.90 58.95 -50.82
N ALA ND 111 -74.73 58.48 -51.29
CA ALA ND 111 -73.83 59.33 -52.04
C ALA ND 111 -74.44 59.87 -53.32
N ARG ND 112 -75.45 59.19 -53.86
CA ARG ND 112 -76.06 59.62 -55.11
C ARG ND 112 -77.09 60.73 -54.93
N LYS ND 113 -77.53 61.00 -53.70
CA LYS ND 113 -78.45 62.10 -53.47
C LYS ND 113 -77.78 63.42 -53.83
N GLU ND 114 -78.53 64.27 -54.53
CA GLU ND 114 -77.98 65.54 -54.96
C GLU ND 114 -77.80 66.52 -53.80
N ASP ND 115 -78.31 66.20 -52.61
CA ASP ND 115 -78.29 67.10 -51.46
C ASP ND 115 -77.46 66.51 -50.31
N ILE ND 116 -76.47 65.69 -50.63
CA ILE ND 116 -75.54 65.15 -49.63
C ILE ND 116 -74.14 65.57 -50.05
N ASP ND 117 -73.42 66.19 -49.12
CA ASP ND 117 -72.07 66.69 -49.41
C ASP ND 117 -70.97 65.77 -48.91
N ALA ND 118 -71.24 64.94 -47.91
CA ALA ND 118 -70.24 64.01 -47.42
C ALA ND 118 -70.96 62.86 -46.71
N VAL ND 119 -70.23 61.77 -46.51
CA VAL ND 119 -70.77 60.56 -45.92
C VAL ND 119 -69.76 59.99 -44.93
N ILE ND 120 -70.25 59.49 -43.80
CA ILE ND 120 -69.41 58.97 -42.72
C ILE ND 120 -69.82 57.53 -42.47
N ALA ND 121 -68.85 56.62 -42.52
CA ALA ND 121 -69.10 55.20 -42.30
C ALA ND 121 -68.55 54.77 -40.95
N ILE ND 122 -69.38 54.10 -40.14
CA ILE ND 122 -69.04 53.70 -38.79
C ILE ND 122 -69.34 52.21 -38.64
N GLY ND 123 -68.43 51.49 -38.00
CA GLY ND 123 -68.64 50.08 -37.77
C GLY ND 123 -67.50 49.50 -36.96
N VAL ND 124 -67.64 48.22 -36.64
CA VAL ND 124 -66.65 47.49 -35.86
C VAL ND 124 -66.34 46.17 -36.56
N LEU ND 125 -65.06 45.83 -36.65
CA LEU ND 125 -64.59 44.63 -37.30
C LEU ND 125 -63.96 43.71 -36.28
N ILE ND 126 -64.19 42.40 -36.45
CA ILE ND 126 -63.68 41.40 -35.52
C ILE ND 126 -62.69 40.49 -36.23
N ARG ND 127 -61.96 41.06 -37.18
CA ARG ND 127 -61.02 40.26 -37.97
C ARG ND 127 -59.92 39.69 -37.08
N GLY ND 128 -59.45 38.50 -37.46
CA GLY ND 128 -58.34 37.82 -36.79
C GLY ND 128 -58.77 36.62 -35.98
N ALA ND 129 -59.99 36.63 -35.43
CA ALA ND 129 -60.43 35.54 -34.58
C ALA ND 129 -60.57 34.24 -35.37
N THR ND 130 -61.30 34.29 -36.49
CA THR ND 130 -61.59 33.10 -37.28
C THR ND 130 -61.86 33.54 -38.70
N PRO ND 131 -61.93 32.59 -39.65
CA PRO ND 131 -62.33 32.95 -41.02
C PRO ND 131 -63.77 33.44 -41.08
N HIS ND 132 -64.24 33.78 -42.28
CA HIS ND 132 -65.55 34.38 -42.55
C HIS ND 132 -65.56 35.85 -42.19
N PHE ND 133 -64.48 36.39 -41.62
CA PHE ND 133 -64.38 37.80 -41.27
C PHE ND 133 -63.21 38.50 -41.92
N ASP ND 134 -62.11 37.79 -42.20
CA ASP ND 134 -61.03 38.38 -42.96
C ASP ND 134 -61.50 38.75 -44.36
N TYR ND 135 -62.34 37.90 -44.96
CA TYR ND 135 -62.93 38.25 -46.25
C TYR ND 135 -63.82 39.47 -46.13
N ILE ND 136 -64.62 39.55 -45.07
CA ILE ND 136 -65.53 40.68 -44.91
C ILE ND 136 -64.74 41.97 -44.76
N ALA ND 137 -63.68 41.95 -43.95
CA ALA ND 137 -62.93 43.17 -43.67
C ALA ND 137 -62.29 43.72 -44.94
N SER ND 138 -61.76 42.85 -45.78
CA SER ND 138 -61.07 43.31 -46.99
C SER ND 138 -62.02 44.05 -47.92
N GLU ND 139 -63.23 43.51 -48.11
CA GLU ND 139 -64.10 44.08 -49.13
C GLU ND 139 -64.73 45.39 -48.68
N VAL ND 140 -64.87 45.61 -47.38
CA VAL ND 140 -65.45 46.86 -46.89
C VAL ND 140 -64.56 48.03 -47.25
N SER ND 141 -63.24 47.89 -47.07
CA SER ND 141 -62.31 48.94 -47.44
C SER ND 141 -62.31 49.18 -48.94
N LYS ND 142 -62.32 48.10 -49.74
CA LYS ND 142 -62.31 48.25 -51.20
C LYS ND 142 -63.54 49.01 -51.69
N GLY ND 143 -64.72 48.62 -51.21
CA GLY ND 143 -65.95 49.18 -51.76
C GLY ND 143 -66.08 50.66 -51.47
N LEU ND 144 -65.78 51.09 -50.24
CA LEU ND 144 -65.92 52.49 -49.89
C LEU ND 144 -64.95 53.35 -50.68
N ALA ND 145 -63.72 52.88 -50.88
CA ALA ND 145 -62.75 53.64 -51.65
C ALA ND 145 -63.20 53.80 -53.10
N ASN ND 146 -63.65 52.72 -53.72
CA ASN ND 146 -64.06 52.78 -55.12
C ASN ND 146 -65.24 53.72 -55.31
N LEU ND 147 -66.19 53.70 -54.38
CA LEU ND 147 -67.36 54.57 -54.49
C LEU ND 147 -66.94 56.03 -54.49
N SER ND 148 -65.93 56.38 -53.69
CA SER ND 148 -65.53 57.77 -53.56
C SER ND 148 -65.01 58.32 -54.88
N LEU ND 149 -64.19 57.55 -55.59
CA LEU ND 149 -63.64 58.02 -56.85
C LEU ND 149 -64.69 58.05 -57.95
N GLU ND 150 -65.56 57.03 -57.99
CA GLU ND 150 -66.55 56.94 -59.05
C GLU ND 150 -67.60 58.05 -58.91
N LEU ND 151 -68.00 58.35 -57.68
CA LEU ND 151 -69.05 59.33 -57.44
C LEU ND 151 -68.53 60.73 -57.14
N ARG ND 152 -67.25 60.85 -56.77
CA ARG ND 152 -66.60 62.15 -56.55
C ARG ND 152 -67.19 62.87 -55.33
N LYS ND 153 -67.42 62.13 -54.25
CA LYS ND 153 -67.82 62.71 -52.98
C LYS ND 153 -66.95 62.13 -51.89
N PRO ND 154 -66.46 62.93 -50.94
CA PRO ND 154 -65.66 62.37 -49.86
C PRO ND 154 -66.45 61.38 -49.03
N ILE ND 155 -65.79 60.32 -48.58
CA ILE ND 155 -66.42 59.25 -47.81
C ILE ND 155 -65.43 58.83 -46.74
N THR ND 156 -65.73 59.13 -45.48
CA THR ND 156 -64.79 58.93 -44.40
C THR ND 156 -64.90 57.53 -43.83
N PHE ND 157 -63.82 57.07 -43.23
CA PHE ND 157 -63.67 55.69 -42.79
C PHE ND 157 -63.54 55.67 -41.27
N GLY ND 158 -64.66 55.48 -40.59
CA GLY ND 158 -64.70 55.38 -39.15
C GLY ND 158 -64.63 53.97 -38.61
N VAL ND 159 -64.35 52.97 -39.46
CA VAL ND 159 -64.38 51.59 -39.02
C VAL ND 159 -63.19 51.31 -38.11
N ILE ND 160 -63.47 50.75 -36.94
CA ILE ND 160 -62.44 50.39 -35.98
C ILE ND 160 -62.37 48.87 -35.91
N THR ND 161 -61.35 48.37 -35.21
CA THR ND 161 -61.17 46.95 -34.98
C THR ND 161 -60.90 46.71 -33.51
N ALA ND 162 -61.52 45.67 -32.95
CA ALA ND 162 -61.37 45.33 -31.55
C ALA ND 162 -60.47 44.12 -31.37
N GLY OD 15 -31.35 61.39 -51.58
CA GLY OD 15 -31.94 62.71 -51.75
C GLY OD 15 -33.43 62.71 -51.49
N ASN OD 16 -34.06 63.86 -51.73
CA ASN OD 16 -35.50 63.97 -51.50
C ASN OD 16 -36.25 63.05 -52.45
N LYS OD 17 -37.20 62.30 -51.90
CA LYS OD 17 -38.11 61.56 -52.74
C LYS OD 17 -39.10 62.48 -53.44
N GLY OD 18 -39.27 63.71 -52.93
CA GLY OD 18 -40.07 64.70 -53.63
C GLY OD 18 -39.36 65.29 -54.82
N TRP OD 19 -38.03 65.34 -54.78
CA TRP OD 19 -37.27 65.75 -55.96
C TRP OD 19 -37.43 64.74 -57.09
N GLU OD 20 -37.34 63.46 -56.76
CA GLU OD 20 -37.47 62.42 -57.78
C GLU OD 20 -38.87 62.42 -58.39
N ALA OD 21 -39.89 62.62 -57.57
CA ALA OD 21 -41.26 62.59 -58.09
C ALA OD 21 -41.51 63.73 -59.07
N ALA OD 22 -40.83 64.86 -58.88
CA ALA OD 22 -41.04 65.98 -59.79
C ALA OD 22 -40.31 65.78 -61.12
N LEU OD 23 -39.16 65.10 -61.12
CA LEU OD 23 -38.50 64.79 -62.38
C LEU OD 23 -39.38 63.91 -63.26
N SER OD 24 -40.04 62.92 -62.65
CA SER OD 24 -40.90 62.04 -63.42
C SER OD 24 -42.10 62.79 -64.00
N ALA OD 25 -42.58 63.82 -63.31
CA ALA OD 25 -43.74 64.56 -63.80
C ALA OD 25 -43.36 65.50 -64.93
N ILE OD 26 -42.16 66.09 -64.87
CA ILE OD 26 -41.69 66.93 -65.99
C ILE OD 26 -41.52 66.09 -67.24
N GLU OD 27 -40.91 64.91 -67.09
CA GLU OD 27 -40.66 64.05 -68.24
C GLU OD 27 -41.97 63.53 -68.84
N MET OD 28 -42.90 63.09 -68.00
CA MET OD 28 -44.13 62.51 -68.51
C MET OD 28 -45.02 63.57 -69.16
N ALA OD 29 -45.00 64.79 -68.63
CA ALA OD 29 -45.79 65.86 -69.22
C ALA OD 29 -45.31 66.19 -70.62
N ASN OD 30 -44.00 66.22 -70.83
CA ASN OD 30 -43.45 66.49 -72.15
C ASN OD 30 -43.71 65.35 -73.11
N LEU OD 31 -43.65 64.11 -72.62
CA LEU OD 31 -43.88 62.96 -73.48
C LEU OD 31 -45.28 62.98 -74.06
N PHE OD 32 -46.28 63.25 -73.24
CA PHE OD 32 -47.66 63.25 -73.70
C PHE OD 32 -47.92 64.36 -74.71
N LYS OD 33 -47.10 65.41 -74.72
CA LYS OD 33 -47.26 66.47 -75.70
C LYS OD 33 -46.76 66.06 -77.08
N SER OD 34 -45.70 65.25 -77.14
CA SER OD 34 -45.21 64.77 -78.43
C SER OD 34 -46.13 63.73 -79.03
N LEU OD 35 -46.69 62.84 -78.19
CA LEU OD 35 -47.61 61.84 -78.70
C LEU OD 35 -48.85 62.49 -79.30
N ARG OD 36 -49.40 63.48 -78.62
CA ARG OD 36 -50.58 64.16 -79.12
C ARG OD 36 -50.32 64.91 -80.42
N GLY OD 37 -49.05 65.25 -80.69
CA GLY OD 37 -48.69 65.99 -81.88
C GLY OD 37 -48.43 65.08 -83.07
N THR OD 38 -48.01 65.70 -84.16
CA THR OD 38 -47.72 64.96 -85.38
C THR OD 38 -46.50 64.05 -85.18
N GLY OD 39 -46.50 62.94 -85.92
CA GLY OD 39 -45.42 61.98 -85.84
C GLY OD 39 -44.24 62.38 -86.69
N GLY OD 40 -43.32 61.43 -86.86
CA GLY OD 40 -42.11 61.65 -87.63
C GLY OD 40 -42.37 61.66 -89.13
N SER OD 41 -41.31 61.99 -89.87
CA SER OD 41 -41.40 62.05 -91.32
C SER OD 41 -41.51 60.68 -91.97
N GLY OD 42 -41.33 59.60 -91.21
CA GLY OD 42 -41.41 58.27 -91.76
C GLY OD 42 -40.09 57.78 -92.32
N SER OD 43 -40.14 56.58 -92.90
CA SER OD 43 -38.99 55.90 -93.49
C SER OD 43 -38.00 55.40 -92.44
N SER OD 44 -38.34 55.49 -91.16
CA SER OD 44 -37.46 55.02 -90.10
C SER OD 44 -38.29 54.82 -88.85
N MET OD 45 -37.69 54.16 -87.87
CA MET OD 45 -38.37 53.90 -86.61
C MET OD 45 -38.71 55.21 -85.91
N GLU OD 46 -39.94 55.30 -85.40
CA GLU OD 46 -40.41 56.48 -84.69
C GLU OD 46 -40.16 56.31 -83.20
N ILE OD 47 -39.35 57.19 -82.63
CA ILE OD 47 -39.00 57.16 -81.21
C ILE OD 47 -39.61 58.39 -80.55
N TYR OD 48 -40.33 58.17 -79.45
CA TYR OD 48 -40.94 59.22 -78.66
C TYR OD 48 -40.25 59.31 -77.31
N GLU OD 49 -39.96 60.53 -76.89
CA GLU OD 49 -39.07 60.79 -75.76
C GLU OD 49 -39.51 62.06 -75.06
N GLY OD 50 -39.20 62.15 -73.77
CA GLY OD 50 -39.57 63.31 -72.98
C GLY OD 50 -38.36 64.06 -72.43
N LYS OD 51 -38.32 65.36 -72.66
CA LYS OD 51 -37.22 66.21 -72.22
C LYS OD 51 -37.47 66.72 -70.80
N LEU OD 52 -36.37 67.11 -70.14
CA LEU OD 52 -36.44 67.67 -68.79
C LEU OD 52 -36.43 69.19 -68.80
N THR OD 53 -37.33 69.80 -69.58
CA THR OD 53 -37.52 71.24 -69.61
C THR OD 53 -38.93 71.57 -69.16
N ALA OD 54 -39.06 72.51 -68.22
CA ALA OD 54 -40.31 72.76 -67.52
C ALA OD 54 -40.81 74.18 -67.74
N GLU OD 55 -40.75 74.65 -68.97
CA GLU OD 55 -41.21 75.99 -69.31
C GLU OD 55 -42.58 75.89 -69.96
N GLY OD 56 -43.55 76.61 -69.41
CA GLY OD 56 -44.90 76.61 -69.93
C GLY OD 56 -45.79 75.51 -69.43
N LEU OD 57 -45.34 74.72 -68.45
CA LEU OD 57 -46.10 73.59 -67.94
C LEU OD 57 -46.74 73.93 -66.60
N ARG OD 58 -47.95 73.43 -66.39
CA ARG OD 58 -48.71 73.66 -65.17
C ARG OD 58 -48.74 72.40 -64.34
N PHE OD 59 -48.52 72.54 -63.04
CA PHE OD 59 -48.39 71.41 -62.13
C PHE OD 59 -49.33 71.58 -60.94
N GLY OD 60 -49.70 70.45 -60.34
CA GLY OD 60 -50.48 70.44 -59.11
C GLY OD 60 -49.92 69.45 -58.11
N ILE OD 61 -49.91 69.82 -56.84
CA ILE OD 61 -49.34 68.99 -55.77
C ILE OD 61 -50.41 68.73 -54.73
N VAL OD 62 -50.46 67.50 -54.22
CA VAL OD 62 -51.39 67.09 -53.18
C VAL OD 62 -50.58 66.48 -52.04
N ALA OD 63 -50.68 67.06 -50.86
CA ALA OD 63 -49.90 66.63 -49.71
C ALA OD 63 -50.79 66.48 -48.49
N SER OD 64 -50.42 65.57 -47.61
CA SER OD 64 -51.13 65.31 -46.37
C SER OD 64 -50.48 66.07 -45.21
N ARG OD 65 -51.26 66.28 -44.14
CA ARG OD 65 -50.79 66.99 -42.96
C ARG OD 65 -50.27 66.09 -41.86
N PHE OD 66 -50.26 64.78 -42.07
CA PHE OD 66 -49.74 63.87 -41.06
C PHE OD 66 -48.22 63.89 -41.06
N ASN OD 67 -47.63 64.13 -39.89
CA ASN OD 67 -46.18 64.28 -39.76
C ASN OD 67 -45.66 65.40 -40.66
N HIS OD 68 -46.11 66.62 -40.37
CA HIS OD 68 -45.74 67.76 -41.18
C HIS OD 68 -44.26 68.09 -41.08
N ALA OD 69 -43.54 67.50 -40.15
CA ALA OD 69 -42.10 67.68 -40.10
C ALA OD 69 -41.43 67.10 -41.35
N LEU OD 70 -41.74 65.85 -41.67
CA LEU OD 70 -41.15 65.21 -42.84
C LEU OD 70 -41.80 65.69 -44.12
N VAL OD 71 -43.12 65.91 -44.10
CA VAL OD 71 -43.85 66.18 -45.34
C VAL OD 71 -43.43 67.52 -45.93
N ASP OD 72 -43.26 68.54 -45.09
CA ASP OD 72 -42.92 69.87 -45.60
C ASP OD 72 -41.57 69.86 -46.31
N ARG OD 73 -40.63 69.02 -45.86
CA ARG OD 73 -39.36 68.92 -46.57
C ARG OD 73 -39.56 68.36 -47.97
N LEU OD 74 -40.43 67.37 -48.13
CA LEU OD 74 -40.65 66.78 -49.44
C LEU OD 74 -41.32 67.76 -50.38
N VAL OD 75 -42.27 68.55 -49.88
CA VAL OD 75 -42.94 69.53 -50.73
C VAL OD 75 -41.96 70.59 -51.21
N GLU OD 76 -41.04 71.00 -50.33
CA GLU OD 76 -40.06 72.01 -50.72
C GLU OD 76 -39.15 71.49 -51.83
N GLY OD 77 -38.75 70.22 -51.76
CA GLY OD 77 -37.90 69.66 -52.80
C GLY OD 77 -38.57 69.64 -54.16
N ALA OD 78 -39.86 69.34 -54.20
CA ALA OD 78 -40.57 69.30 -55.47
C ALA OD 78 -40.60 70.67 -56.13
N ILE OD 79 -40.86 71.72 -55.35
CA ILE OD 79 -40.92 73.06 -55.92
C ILE OD 79 -39.55 73.52 -56.38
N ASP OD 80 -38.50 73.16 -55.65
CA ASP OD 80 -37.15 73.52 -56.05
C ASP OD 80 -36.80 72.89 -57.40
N CYS OD 81 -37.19 71.64 -57.61
CA CYS OD 81 -36.89 70.97 -58.87
C CYS OD 81 -37.52 71.69 -60.04
N ILE OD 82 -38.77 72.12 -59.91
CA ILE OD 82 -39.49 72.73 -61.03
C ILE OD 82 -38.89 74.08 -61.38
N VAL OD 83 -38.47 74.86 -60.38
CA VAL OD 83 -37.91 76.18 -60.66
C VAL OD 83 -36.55 76.06 -61.33
N ARG OD 84 -35.73 75.11 -60.87
CA ARG OD 84 -34.38 74.99 -61.41
C ARG OD 84 -34.39 74.53 -62.86
N HIS OD 85 -35.40 73.79 -63.28
CA HIS OD 85 -35.53 73.34 -64.65
C HIS OD 85 -36.37 74.28 -65.50
N GLY OD 86 -36.47 75.54 -65.09
CA GLY OD 86 -37.14 76.54 -65.88
C GLY OD 86 -38.59 76.78 -65.53
N GLY OD 87 -39.09 76.17 -64.46
CA GLY OD 87 -40.48 76.34 -64.10
C GLY OD 87 -40.75 77.68 -63.44
N ARG OD 88 -42.01 78.09 -63.51
CA ARG OD 88 -42.47 79.35 -62.95
C ARG OD 88 -43.37 79.05 -61.77
N GLU OD 89 -43.01 79.57 -60.59
CA GLU OD 89 -43.73 79.23 -59.37
C GLU OD 89 -45.17 79.74 -59.39
N GLU OD 90 -45.51 80.65 -60.30
CA GLU OD 90 -46.90 81.07 -60.49
C GLU OD 90 -47.77 79.98 -61.10
N ASP OD 91 -47.17 78.92 -61.63
CA ASP OD 91 -47.90 77.83 -62.29
C ASP OD 91 -47.89 76.56 -61.46
N ILE OD 92 -47.98 76.68 -60.14
CA ILE OD 92 -48.07 75.55 -59.24
C ILE OD 92 -49.26 75.75 -58.32
N THR OD 93 -50.09 74.71 -58.18
CA THR OD 93 -51.25 74.72 -57.30
C THR OD 93 -51.05 73.66 -56.22
N LEU OD 94 -51.28 74.05 -54.96
CA LEU OD 94 -51.02 73.18 -53.82
C LEU OD 94 -52.31 72.93 -53.05
N VAL OD 95 -52.58 71.66 -52.73
CA VAL OD 95 -53.77 71.25 -52.00
C VAL OD 95 -53.32 70.44 -50.79
N ARG OD 96 -53.85 70.77 -49.61
CA ARG OD 96 -53.52 70.10 -48.37
C ARG OD 96 -54.73 69.33 -47.88
N VAL OD 97 -54.52 68.09 -47.45
CA VAL OD 97 -55.64 67.23 -47.03
C VAL OD 97 -55.33 66.64 -45.66
N PRO OD 98 -56.37 66.23 -44.91
CA PRO OD 98 -56.16 65.69 -43.57
C PRO OD 98 -55.23 64.48 -43.50
N GLY OD 99 -55.53 63.41 -44.22
CA GLY OD 99 -54.77 62.19 -44.10
C GLY OD 99 -54.53 61.50 -45.41
N SER OD 100 -53.93 60.31 -45.36
CA SER OD 100 -53.63 59.57 -46.58
C SER OD 100 -54.89 59.08 -47.28
N TRP OD 101 -55.94 58.78 -46.52
CA TRP OD 101 -57.16 58.26 -47.11
C TRP OD 101 -57.79 59.24 -48.10
N GLU OD 102 -57.45 60.52 -48.02
CA GLU OD 102 -58.11 61.54 -48.83
C GLU OD 102 -57.30 61.97 -50.05
N ILE OD 103 -56.09 61.46 -50.23
CA ILE OD 103 -55.26 61.89 -51.36
C ILE OD 103 -55.89 61.48 -52.68
N PRO OD 104 -56.33 60.23 -52.88
CA PRO OD 104 -56.87 59.86 -54.19
C PRO OD 104 -58.03 60.71 -54.65
N VAL OD 105 -59.01 60.97 -53.79
CA VAL OD 105 -60.19 61.73 -54.22
C VAL OD 105 -59.82 63.18 -54.51
N ALA OD 106 -58.90 63.75 -53.72
CA ALA OD 106 -58.43 65.09 -54.01
C ALA OD 106 -57.68 65.13 -55.33
N ALA OD 107 -56.86 64.12 -55.61
CA ALA OD 107 -56.13 64.08 -56.87
C ALA OD 107 -57.07 64.01 -58.07
N GLY OD 108 -58.27 63.47 -57.87
CA GLY OD 108 -59.22 63.41 -58.97
C GLY OD 108 -59.70 64.77 -59.43
N GLU OD 109 -59.96 65.67 -58.48
CA GLU OD 109 -60.47 66.99 -58.85
C GLU OD 109 -59.42 67.79 -59.59
N LEU OD 110 -58.16 67.71 -59.15
CA LEU OD 110 -57.09 68.42 -59.85
C LEU OD 110 -56.89 67.87 -61.25
N ALA OD 111 -56.81 66.54 -61.37
CA ALA OD 111 -56.52 65.93 -62.67
C ALA OD 111 -57.59 66.22 -63.71
N ARG OD 112 -58.81 66.52 -63.28
CA ARG OD 112 -59.88 66.82 -64.21
C ARG OD 112 -59.81 68.23 -64.77
N LYS OD 113 -59.05 69.13 -64.14
CA LYS OD 113 -58.93 70.49 -64.63
C LYS OD 113 -58.04 70.53 -65.87
N GLU OD 114 -58.51 71.19 -66.92
CA GLU OD 114 -57.81 71.19 -68.19
C GLU OD 114 -56.51 71.99 -68.16
N ASP OD 115 -56.30 72.83 -67.15
CA ASP OD 115 -55.10 73.64 -67.04
C ASP OD 115 -54.02 72.96 -66.21
N ILE OD 116 -54.08 71.65 -66.04
CA ILE OD 116 -53.10 70.89 -65.28
C ILE OD 116 -52.52 69.81 -66.19
N ASP OD 117 -51.20 69.71 -66.22
CA ASP OD 117 -50.51 68.76 -67.08
C ASP OD 117 -50.02 67.53 -66.33
N ALA OD 118 -49.77 67.63 -65.03
CA ALA OD 118 -49.41 66.48 -64.23
C ALA OD 118 -49.69 66.79 -62.77
N VAL OD 119 -49.82 65.73 -61.97
CA VAL OD 119 -50.15 65.84 -60.56
C VAL OD 119 -49.14 65.03 -59.77
N ILE OD 120 -48.64 65.60 -58.68
CA ILE OD 120 -47.66 64.98 -57.81
C ILE OD 120 -48.33 64.75 -56.46
N ALA OD 121 -48.22 63.52 -55.93
CA ALA OD 121 -48.87 63.13 -54.69
C ALA OD 121 -47.81 62.81 -53.65
N ILE OD 122 -47.79 63.58 -52.56
CA ILE OD 122 -46.80 63.44 -51.51
C ILE OD 122 -47.51 63.05 -50.22
N GLY OD 123 -46.84 62.25 -49.40
CA GLY OD 123 -47.43 61.84 -48.13
C GLY OD 123 -46.54 60.84 -47.44
N VAL OD 124 -46.90 60.54 -46.19
CA VAL OD 124 -46.15 59.61 -45.36
C VAL OD 124 -47.14 58.61 -44.76
N LEU OD 125 -46.81 57.32 -44.82
CA LEU OD 125 -47.62 56.27 -44.25
C LEU OD 125 -47.07 55.85 -42.90
N ILE OD 126 -47.89 55.12 -42.15
CA ILE OD 126 -47.59 54.72 -40.78
C ILE OD 126 -47.31 53.21 -40.81
N ARG OD 127 -46.02 52.85 -40.82
CA ARG OD 127 -45.67 51.44 -40.67
C ARG OD 127 -45.99 50.99 -39.26
N GLY OD 128 -46.49 49.77 -39.14
CA GLY OD 128 -47.01 49.29 -37.88
C GLY OD 128 -48.44 49.78 -37.67
N ALA OD 129 -49.00 49.43 -36.51
CA ALA OD 129 -50.39 49.75 -36.21
C ALA OD 129 -51.31 49.21 -37.31
N THR OD 130 -51.00 47.99 -37.76
CA THR OD 130 -51.75 47.37 -38.86
C THR OD 130 -53.25 47.30 -38.63
N PRO OD 131 -53.78 46.95 -37.42
CA PRO OD 131 -55.24 46.78 -37.28
C PRO OD 131 -56.11 47.83 -37.96
N HIS OD 132 -55.64 49.08 -38.04
CA HIS OD 132 -56.38 50.15 -38.70
C HIS OD 132 -55.71 50.67 -39.95
N PHE OD 133 -54.43 51.05 -39.86
CA PHE OD 133 -53.76 51.71 -40.98
C PHE OD 133 -53.34 50.76 -42.09
N ASP OD 134 -53.33 49.44 -41.85
CA ASP OD 134 -52.94 48.51 -42.90
C ASP OD 134 -53.91 48.56 -44.07
N TYR OD 135 -55.19 48.83 -43.81
CA TYR OD 135 -56.18 48.87 -44.87
C TYR OD 135 -56.05 50.14 -45.71
N ILE OD 136 -55.77 51.27 -45.07
CA ILE OD 136 -55.57 52.51 -45.80
C ILE OD 136 -54.34 52.43 -46.68
N ALA OD 137 -53.36 51.61 -46.30
CA ALA OD 137 -52.09 51.60 -47.00
C ALA OD 137 -52.23 51.15 -48.44
N SER OD 138 -52.87 49.99 -48.66
CA SER OD 138 -52.99 49.45 -50.01
C SER OD 138 -53.93 50.30 -50.87
N GLU OD 139 -54.82 51.07 -50.25
CA GLU OD 139 -55.82 51.80 -51.02
C GLU OD 139 -55.22 53.01 -51.71
N VAL OD 140 -54.15 53.59 -51.16
CA VAL OD 140 -53.57 54.79 -51.74
C VAL OD 140 -52.92 54.48 -53.08
N SER OD 141 -52.11 53.42 -53.13
CA SER OD 141 -51.46 53.06 -54.38
C SER OD 141 -52.46 52.59 -55.42
N LYS OD 142 -53.44 51.78 -55.01
CA LYS OD 142 -54.42 51.28 -55.97
C LYS OD 142 -55.25 52.41 -56.55
N GLY OD 143 -55.65 53.38 -55.73
CA GLY OD 143 -56.48 54.46 -56.22
C GLY OD 143 -55.77 55.35 -57.22
N LEU OD 144 -54.52 55.70 -56.94
CA LEU OD 144 -53.78 56.58 -57.85
C LEU OD 144 -53.54 55.91 -59.19
N ALA OD 145 -53.23 54.61 -59.17
CA ALA OD 145 -52.99 53.88 -60.42
C ALA OD 145 -54.22 53.88 -61.30
N ASN OD 146 -55.40 53.65 -60.72
CA ASN OD 146 -56.61 53.60 -61.52
C ASN OD 146 -56.98 54.96 -62.09
N LEU OD 147 -56.67 56.04 -61.37
CA LEU OD 147 -57.04 57.37 -61.84
C LEU OD 147 -56.34 57.72 -63.15
N SER OD 148 -55.04 57.43 -63.24
CA SER OD 148 -54.29 57.82 -64.42
C SER OD 148 -54.79 57.10 -65.66
N LEU OD 149 -55.10 55.81 -65.53
CA LEU OD 149 -55.61 55.05 -66.66
C LEU OD 149 -56.97 55.57 -67.10
N GLU OD 150 -57.82 55.94 -66.14
CA GLU OD 150 -59.16 56.39 -66.48
C GLU OD 150 -59.14 57.79 -67.09
N LEU OD 151 -58.33 58.70 -66.53
CA LEU OD 151 -58.27 60.06 -67.02
C LEU OD 151 -57.22 60.27 -68.09
N ARG OD 152 -56.37 59.28 -68.35
CA ARG OD 152 -55.30 59.37 -69.36
C ARG OD 152 -54.41 60.59 -69.10
N LYS OD 153 -54.02 60.75 -67.83
CA LYS OD 153 -53.18 61.84 -67.39
C LYS OD 153 -52.15 61.26 -66.42
N PRO OD 154 -50.90 61.73 -66.47
CA PRO OD 154 -49.87 61.14 -65.59
C PRO OD 154 -49.98 61.64 -64.16
N ILE OD 155 -49.97 60.70 -63.21
CA ILE OD 155 -49.93 60.99 -61.78
C ILE OD 155 -48.75 60.25 -61.19
N THR OD 156 -47.88 60.96 -60.48
CA THR OD 156 -46.65 60.41 -59.95
C THR OD 156 -46.81 60.08 -58.47
N PHE OD 157 -46.02 59.11 -58.02
CA PHE OD 157 -46.14 58.52 -56.69
C PHE OD 157 -44.96 59.00 -55.85
N GLY OD 158 -45.24 59.83 -54.85
CA GLY OD 158 -44.22 60.37 -53.99
C GLY OD 158 -44.47 60.06 -52.53
N VAL OD 159 -44.98 58.87 -52.25
CA VAL OD 159 -45.36 58.46 -50.89
C VAL OD 159 -44.28 57.55 -50.34
N ILE OD 160 -43.80 57.86 -49.14
CA ILE OD 160 -42.80 57.05 -48.45
C ILE OD 160 -43.38 56.52 -47.16
N THR OD 161 -42.61 55.69 -46.45
CA THR OD 161 -43.05 55.07 -45.21
C THR OD 161 -42.11 55.45 -44.08
N ALA OD 162 -42.64 55.45 -42.87
CA ALA OD 162 -41.86 55.79 -41.68
C ALA OD 162 -41.26 57.18 -41.80
N LYS PD 13 -30.59 35.39 -77.57
CA LYS PD 13 -31.67 34.51 -78.00
C LYS PD 13 -32.10 33.59 -76.87
N HIS PD 14 -33.41 33.29 -76.81
CA HIS PD 14 -33.96 32.42 -75.78
C HIS PD 14 -33.81 33.06 -74.41
N GLY PD 15 -32.59 33.09 -73.88
CA GLY PD 15 -32.37 33.72 -72.59
C GLY PD 15 -32.77 35.19 -72.56
N ASN PD 16 -32.52 35.88 -73.67
CA ASN PD 16 -32.88 37.30 -73.75
C ASN PD 16 -34.39 37.45 -73.68
N LYS PD 17 -34.89 37.95 -72.55
CA LYS PD 17 -36.33 38.05 -72.34
C LYS PD 17 -36.99 39.03 -73.31
N GLY PD 18 -36.22 39.88 -73.97
CA GLY PD 18 -36.79 40.73 -75.01
C GLY PD 18 -37.08 39.96 -76.27
N TRP PD 19 -36.36 38.87 -76.51
CA TRP PD 19 -36.66 38.00 -77.64
C TRP PD 19 -37.93 37.19 -77.40
N GLU PD 20 -38.09 36.66 -76.19
CA GLU PD 20 -39.28 35.86 -75.89
C GLU PD 20 -40.55 36.69 -76.00
N ALA PD 21 -40.52 37.91 -75.46
CA ALA PD 21 -41.72 38.75 -75.49
C ALA PD 21 -42.13 39.09 -76.91
N ALA PD 22 -41.17 39.37 -77.78
CA ALA PD 22 -41.50 39.65 -79.17
C ALA PD 22 -42.09 38.42 -79.87
N LEU PD 23 -41.56 37.24 -79.57
CA LEU PD 23 -42.10 36.03 -80.17
C LEU PD 23 -43.56 35.82 -79.77
N SER PD 24 -43.88 36.00 -78.49
CA SER PD 24 -45.26 35.84 -78.05
C SER PD 24 -46.18 36.84 -78.72
N ALA PD 25 -45.70 38.05 -78.97
CA ALA PD 25 -46.51 39.06 -79.61
C ALA PD 25 -46.88 38.66 -81.03
N ILE PD 26 -45.90 38.14 -81.79
CA ILE PD 26 -46.17 37.76 -83.17
C ILE PD 26 -47.20 36.65 -83.23
N GLU PD 27 -47.07 35.66 -82.35
CA GLU PD 27 -48.01 34.55 -82.36
C GLU PD 27 -49.43 35.01 -82.05
N MET PD 28 -49.57 35.90 -81.08
CA MET PD 28 -50.91 36.32 -80.65
C MET PD 28 -51.56 37.22 -81.67
N ALA PD 29 -50.80 38.10 -82.31
CA ALA PD 29 -51.38 38.99 -83.31
C ALA PD 29 -51.84 38.23 -84.53
N ASN PD 30 -51.21 37.10 -84.85
CA ASN PD 30 -51.68 36.27 -85.93
C ASN PD 30 -52.94 35.49 -85.53
N LEU PD 31 -52.98 35.01 -84.29
CA LEU PD 31 -54.13 34.23 -83.84
C LEU PD 31 -55.40 35.07 -83.86
N PHE PD 32 -55.31 36.32 -83.41
CA PHE PD 32 -56.48 37.18 -83.39
C PHE PD 32 -56.97 37.48 -84.80
N LYS PD 33 -56.04 37.63 -85.75
CA LYS PD 33 -56.45 37.86 -87.13
C LYS PD 33 -57.23 36.67 -87.68
N SER PD 34 -56.88 35.46 -87.25
CA SER PD 34 -57.61 34.28 -87.72
C SER PD 34 -58.98 34.17 -87.07
N LEU PD 35 -59.06 34.43 -85.76
CA LEU PD 35 -60.33 34.24 -85.06
C LEU PD 35 -61.38 35.23 -85.52
N ARG PD 36 -60.97 36.38 -86.04
CA ARG PD 36 -61.91 37.39 -86.50
C ARG PD 36 -62.28 37.25 -87.96
N GLY PD 37 -61.78 36.22 -88.64
CA GLY PD 37 -62.12 35.96 -90.02
C GLY PD 37 -63.11 34.82 -90.16
N THR PD 38 -63.32 34.41 -91.41
CA THR PD 38 -64.24 33.31 -91.69
C THR PD 38 -63.74 32.01 -91.07
N GLY PD 39 -64.68 31.18 -90.65
CA GLY PD 39 -64.36 29.92 -90.02
C GLY PD 39 -63.95 28.86 -91.03
N GLY PD 40 -63.64 27.67 -90.49
CA GLY PD 40 -63.22 26.56 -91.32
C GLY PD 40 -64.37 25.89 -92.03
N SER PD 41 -64.02 24.93 -92.88
CA SER PD 41 -65.03 24.20 -93.65
C SER PD 41 -65.91 23.34 -92.76
N GLY PD 42 -65.48 23.01 -91.55
CA GLY PD 42 -66.27 22.20 -90.66
C GLY PD 42 -65.97 20.72 -90.79
N SER PD 43 -66.80 19.93 -90.12
CA SER PD 43 -66.71 18.47 -90.09
C SER PD 43 -65.52 17.98 -89.28
N SER PD 44 -64.84 18.85 -88.55
CA SER PD 44 -63.71 18.45 -87.73
C SER PD 44 -63.52 19.46 -86.62
N MET PD 45 -62.82 19.05 -85.58
CA MET PD 45 -62.51 19.94 -84.47
C MET PD 45 -61.57 21.04 -84.96
N GLU PD 46 -62.12 22.24 -85.16
CA GLU PD 46 -61.29 23.37 -85.59
C GLU PD 46 -60.19 23.61 -84.57
N ILE PD 47 -58.96 23.78 -85.06
CA ILE PD 47 -57.82 24.12 -84.23
C ILE PD 47 -57.23 25.43 -84.73
N TYR PD 48 -57.05 26.38 -83.82
CA TYR PD 48 -56.49 27.68 -84.13
C TYR PD 48 -55.13 27.81 -83.45
N GLU PD 49 -54.14 28.29 -84.20
CA GLU PD 49 -52.84 28.58 -83.62
C GLU PD 49 -52.12 29.56 -84.53
N GLY PD 50 -51.16 30.27 -83.96
CA GLY PD 50 -50.49 31.35 -84.64
C GLY PD 50 -49.17 30.93 -85.26
N LYS PD 51 -48.80 31.60 -86.34
CA LYS PD 51 -47.57 31.35 -87.08
C LYS PD 51 -46.56 32.46 -86.83
N LEU PD 52 -45.29 32.10 -86.91
CA LEU PD 52 -44.20 33.05 -86.62
C LEU PD 52 -43.83 33.83 -87.88
N THR PD 53 -44.82 34.53 -88.42
CA THR PD 53 -44.64 35.43 -89.56
C THR PD 53 -45.13 36.81 -89.15
N ALA PD 54 -44.38 37.83 -89.53
CA ALA PD 54 -44.60 39.19 -89.05
C ALA PD 54 -44.56 40.18 -90.21
N GLU PD 55 -45.22 39.85 -91.30
CA GLU PD 55 -45.28 40.72 -92.47
C GLU PD 55 -46.64 41.42 -92.51
N GLY PD 56 -46.62 42.74 -92.52
CA GLY PD 56 -47.83 43.54 -92.49
C GLY PD 56 -48.30 43.95 -91.11
N LEU PD 57 -47.65 43.49 -90.05
CA LEU PD 57 -48.05 43.82 -88.70
C LEU PD 57 -47.34 45.08 -88.20
N ARG PD 58 -47.99 45.78 -87.28
CA ARG PD 58 -47.44 46.97 -86.64
C ARG PD 58 -47.32 46.72 -85.15
N PHE PD 59 -46.19 47.10 -84.56
CA PHE PD 59 -45.91 46.87 -83.16
C PHE PD 59 -45.61 48.18 -82.46
N GLY PD 60 -45.63 48.12 -81.13
CA GLY PD 60 -45.26 49.26 -80.30
C GLY PD 60 -44.59 48.80 -79.03
N ILE PD 61 -43.46 49.40 -78.66
CA ILE PD 61 -42.66 48.97 -77.52
C ILE PD 61 -42.60 50.11 -76.51
N VAL PD 62 -42.82 49.78 -75.24
CA VAL PD 62 -42.70 50.72 -74.13
C VAL PD 62 -41.64 50.18 -73.18
N ALA PD 63 -40.59 50.97 -72.96
CA ALA PD 63 -39.45 50.53 -72.16
C ALA PD 63 -39.06 51.63 -71.18
N SER PD 64 -38.51 51.22 -70.05
CA SER PD 64 -38.12 52.12 -68.98
C SER PD 64 -36.61 52.32 -69.00
N ARG PD 65 -36.08 53.02 -67.99
CA ARG PD 65 -34.67 53.35 -67.92
C ARG PD 65 -33.96 52.84 -66.67
N PHE PD 66 -34.69 52.51 -65.61
CA PHE PD 66 -34.07 51.97 -64.41
C PHE PD 66 -33.19 50.79 -64.77
N ASN PD 67 -31.89 50.90 -64.43
CA ASN PD 67 -30.89 49.94 -64.86
C ASN PD 67 -30.87 49.84 -66.38
N HIS PD 68 -30.58 50.98 -67.01
CA HIS PD 68 -30.64 51.06 -68.47
C HIS PD 68 -29.63 50.13 -69.14
N ALA PD 69 -28.60 49.68 -68.41
CA ALA PD 69 -27.67 48.72 -68.99
C ALA PD 69 -28.38 47.44 -69.39
N LEU PD 70 -29.16 46.87 -68.47
CA LEU PD 70 -29.93 45.67 -68.78
C LEU PD 70 -30.99 45.97 -69.83
N VAL PD 71 -31.65 47.12 -69.74
CA VAL PD 71 -32.80 47.40 -70.59
C VAL PD 71 -32.36 47.59 -72.04
N ASP PD 72 -31.27 48.31 -72.27
CA ASP PD 72 -30.82 48.53 -73.64
C ASP PD 72 -30.54 47.23 -74.35
N ARG PD 73 -30.09 46.21 -73.62
CA ARG PD 73 -29.87 44.90 -74.22
C ARG PD 73 -31.20 44.24 -74.58
N LEU PD 74 -32.15 44.25 -73.64
CA LEU PD 74 -33.44 43.61 -73.89
C LEU PD 74 -34.17 44.26 -75.05
N VAL PD 75 -34.16 45.59 -75.12
CA VAL PD 75 -34.90 46.29 -76.16
C VAL PD 75 -34.38 45.93 -77.54
N GLU PD 76 -33.06 45.83 -77.68
CA GLU PD 76 -32.49 45.50 -78.99
C GLU PD 76 -32.78 44.07 -79.39
N GLY PD 77 -33.00 43.19 -78.40
CA GLY PD 77 -33.43 41.84 -78.73
C GLY PD 77 -34.81 41.80 -79.34
N ALA PD 78 -35.70 42.69 -78.88
CA ALA PD 78 -37.06 42.70 -79.40
C ALA PD 78 -37.11 43.20 -80.83
N ILE PD 79 -36.34 44.23 -81.15
CA ILE PD 79 -36.35 44.77 -82.51
C ILE PD 79 -35.69 43.79 -83.48
N ASP PD 80 -34.71 43.01 -83.02
CA ASP PD 80 -34.11 42.00 -83.88
C ASP PD 80 -35.11 40.91 -84.23
N CYS PD 81 -35.89 40.46 -83.25
CA CYS PD 81 -36.82 39.35 -83.48
C CYS PD 81 -37.86 39.72 -84.54
N ILE PD 82 -38.34 40.96 -84.52
CA ILE PD 82 -39.37 41.36 -85.47
C ILE PD 82 -38.80 41.48 -86.88
N VAL PD 83 -37.62 42.08 -87.02
CA VAL PD 83 -37.07 42.33 -88.35
C VAL PD 83 -36.67 41.02 -89.01
N ARG PD 84 -36.14 40.07 -88.23
CA ARG PD 84 -35.69 38.81 -88.79
C ARG PD 84 -36.84 37.83 -89.05
N HIS PD 85 -38.06 38.16 -88.65
CA HIS PD 85 -39.23 37.36 -88.96
C HIS PD 85 -40.10 38.01 -90.03
N GLY PD 86 -39.56 38.95 -90.78
CA GLY PD 86 -40.27 39.55 -91.89
C GLY PD 86 -40.86 40.93 -91.65
N GLY PD 87 -40.58 41.55 -90.51
CA GLY PD 87 -41.16 42.84 -90.20
C GLY PD 87 -40.42 43.99 -90.86
N ARG PD 88 -40.87 45.20 -90.55
CA ARG PD 88 -40.24 46.42 -91.02
C ARG PD 88 -40.02 47.37 -89.84
N GLU PD 89 -38.92 48.13 -89.90
CA GLU PD 89 -38.66 49.12 -88.87
C GLU PD 89 -39.53 50.36 -89.04
N GLU PD 90 -40.09 50.57 -90.23
CA GLU PD 90 -41.05 51.66 -90.43
C GLU PD 90 -42.37 51.39 -89.73
N ASP PD 91 -42.56 50.18 -89.19
CA ASP PD 91 -43.80 49.79 -88.53
C ASP PD 91 -43.59 49.51 -87.03
N ILE PD 92 -42.53 50.03 -86.44
CA ILE PD 92 -42.29 49.91 -85.00
C ILE PD 92 -42.32 51.31 -84.40
N THR PD 93 -42.97 51.42 -83.24
CA THR PD 93 -43.05 52.67 -82.49
C THR PD 93 -42.52 52.43 -81.08
N LEU PD 94 -41.48 53.17 -80.71
CA LEU PD 94 -40.80 52.98 -79.43
C LEU PD 94 -41.06 54.19 -78.52
N VAL PD 95 -41.34 53.90 -77.25
CA VAL PD 95 -41.61 54.92 -76.24
C VAL PD 95 -40.76 54.61 -75.01
N ARG PD 96 -40.11 55.65 -74.47
CA ARG PD 96 -39.31 55.52 -73.25
C ARG PD 96 -39.99 56.26 -72.11
N VAL PD 97 -39.91 55.70 -70.91
CA VAL PD 97 -40.54 56.29 -69.73
C VAL PD 97 -39.53 56.28 -68.59
N PRO PD 98 -39.75 57.11 -67.56
CA PRO PD 98 -38.79 57.17 -66.45
C PRO PD 98 -38.63 55.86 -65.68
N GLY PD 99 -39.72 55.29 -65.18
CA GLY PD 99 -39.64 54.13 -64.31
C GLY PD 99 -40.75 53.15 -64.57
N SER PD 100 -40.77 52.10 -63.76
CA SER PD 100 -41.76 51.05 -63.92
C SER PD 100 -43.17 51.54 -63.61
N TRP PD 101 -43.31 52.48 -62.67
CA TRP PD 101 -44.63 53.00 -62.33
C TRP PD 101 -45.33 53.60 -63.54
N GLU PD 102 -44.57 54.13 -64.50
CA GLU PD 102 -45.13 54.87 -65.62
C GLU PD 102 -45.42 54.02 -66.85
N ILE PD 103 -45.07 52.73 -66.82
CA ILE PD 103 -45.30 51.88 -68.00
C ILE PD 103 -46.77 51.77 -68.35
N PRO PD 104 -47.67 51.46 -67.41
CA PRO PD 104 -49.09 51.27 -67.81
C PRO PD 104 -49.73 52.46 -68.48
N VAL PD 105 -49.49 53.68 -68.01
CA VAL PD 105 -50.17 54.84 -68.59
C VAL PD 105 -49.67 55.08 -70.02
N ALA PD 106 -48.41 54.77 -70.29
CA ALA PD 106 -47.87 54.92 -71.64
C ALA PD 106 -48.31 53.79 -72.56
N ALA PD 107 -48.49 52.59 -72.04
CA ALA PD 107 -48.97 51.49 -72.86
C ALA PD 107 -50.38 51.75 -73.36
N GLY PD 108 -51.22 52.36 -72.52
CA GLY PD 108 -52.59 52.60 -72.91
C GLY PD 108 -52.71 53.53 -74.09
N GLU PD 109 -51.84 54.53 -74.17
CA GLU PD 109 -51.87 55.45 -75.30
C GLU PD 109 -51.56 54.74 -76.60
N LEU PD 110 -50.59 53.82 -76.59
CA LEU PD 110 -50.27 53.05 -77.79
C LEU PD 110 -51.37 52.07 -78.13
N ALA PD 111 -51.94 51.40 -77.13
CA ALA PD 111 -52.94 50.38 -77.37
C ALA PD 111 -54.25 50.94 -77.90
N ARG PD 112 -54.45 52.25 -77.88
CA ARG PD 112 -55.67 52.87 -78.37
C ARG PD 112 -55.57 53.31 -79.82
N LYS PD 113 -54.46 53.06 -80.47
CA LYS PD 113 -54.28 53.44 -81.88
C LYS PD 113 -54.81 52.33 -82.79
N GLU PD 114 -55.50 52.74 -83.85
CA GLU PD 114 -56.06 51.78 -84.79
C GLU PD 114 -55.01 51.09 -85.65
N ASP PD 115 -53.75 51.54 -85.59
CA ASP PD 115 -52.71 50.97 -86.42
C ASP PD 115 -51.90 49.89 -85.71
N ILE PD 116 -51.80 49.94 -84.39
CA ILE PD 116 -50.99 48.97 -83.66
C ILE PD 116 -51.77 47.68 -83.48
N ASP PD 117 -51.06 46.56 -83.56
CA ASP PD 117 -51.63 45.24 -83.38
C ASP PD 117 -51.26 44.59 -82.05
N ALA PD 118 -50.06 44.82 -81.55
CA ALA PD 118 -49.64 44.26 -80.28
C ALA PD 118 -48.62 45.19 -79.64
N VAL PD 119 -48.47 45.08 -78.32
CA VAL PD 119 -47.62 45.96 -77.54
C VAL PD 119 -46.75 45.11 -76.64
N ILE PD 120 -45.49 45.52 -76.47
CA ILE PD 120 -44.51 44.82 -75.64
C ILE PD 120 -44.10 45.75 -74.52
N ALA PD 121 -44.01 45.21 -73.30
CA ALA PD 121 -43.58 45.95 -72.13
C ALA PD 121 -42.26 45.38 -71.63
N ILE PD 122 -41.26 46.24 -71.48
CA ILE PD 122 -39.94 45.84 -71.02
C ILE PD 122 -39.54 46.75 -69.86
N GLY PD 123 -39.11 46.15 -68.76
CA GLY PD 123 -38.76 46.93 -67.59
C GLY PD 123 -38.07 46.09 -66.56
N VAL PD 124 -37.55 46.76 -65.54
CA VAL PD 124 -36.80 46.12 -64.46
C VAL PD 124 -37.45 46.49 -63.14
N LEU PD 125 -37.67 45.50 -62.30
CA LEU PD 125 -38.31 45.66 -61.01
C LEU PD 125 -37.31 45.40 -59.88
N ILE PD 126 -37.65 45.91 -58.70
CA ILE PD 126 -36.91 45.63 -57.47
C ILE PD 126 -37.91 45.02 -56.48
N ARG PD 127 -37.59 43.82 -56.00
CA ARG PD 127 -38.49 43.06 -55.13
C ARG PD 127 -37.79 42.78 -53.81
N GLY PD 128 -38.51 42.97 -52.71
CA GLY PD 128 -38.03 42.61 -51.39
C GLY PD 128 -37.05 43.58 -50.78
N ALA PD 129 -36.76 44.71 -51.43
CA ALA PD 129 -35.78 45.65 -50.90
C ALA PD 129 -36.38 46.49 -49.77
N THR PD 130 -37.37 47.31 -50.10
CA THR PD 130 -38.01 48.19 -49.13
C THR PD 130 -39.40 48.54 -49.64
N PRO PD 131 -40.29 49.02 -48.77
CA PRO PD 131 -41.58 49.52 -49.25
C PRO PD 131 -41.37 50.66 -50.23
N HIS PD 132 -42.46 51.04 -50.90
CA HIS PD 132 -42.48 51.95 -52.04
C HIS PD 132 -42.07 51.23 -53.31
N PHE PD 133 -41.69 49.95 -53.23
CA PHE PD 133 -41.43 49.15 -54.42
C PHE PD 133 -42.18 47.83 -54.42
N ASP PD 134 -42.64 47.34 -53.26
CA ASP PD 134 -43.60 46.25 -53.26
C ASP PD 134 -44.97 46.75 -53.67
N TYR PD 135 -45.32 47.97 -53.27
CA TYR PD 135 -46.56 48.57 -53.76
C TYR PD 135 -46.48 48.82 -55.26
N ILE PD 136 -45.34 49.28 -55.75
CA ILE PD 136 -45.21 49.59 -57.18
C ILE PD 136 -45.35 48.31 -57.99
N ALA PD 137 -44.65 47.25 -57.59
CA ALA PD 137 -44.62 46.04 -58.39
C ALA PD 137 -46.01 45.43 -58.54
N SER PD 138 -46.79 45.40 -57.45
CA SER PD 138 -48.10 44.78 -57.51
C SER PD 138 -49.05 45.53 -58.42
N GLU PD 139 -48.72 46.77 -58.81
CA GLU PD 139 -49.62 47.58 -59.62
C GLU PD 139 -49.24 47.62 -61.09
N VAL PD 140 -47.97 47.36 -61.42
CA VAL PD 140 -47.58 47.27 -62.82
C VAL PD 140 -48.21 46.05 -63.47
N SER PD 141 -48.18 44.91 -62.77
CA SER PD 141 -48.80 43.70 -63.31
C SER PD 141 -50.30 43.86 -63.46
N LYS PD 142 -50.96 44.41 -62.44
CA LYS PD 142 -52.41 44.50 -62.45
C LYS PD 142 -52.89 45.44 -63.55
N GLY PD 143 -52.19 46.55 -63.76
CA GLY PD 143 -52.64 47.50 -64.76
C GLY PD 143 -52.56 46.96 -66.17
N LEU PD 144 -51.47 46.27 -66.51
CA LEU PD 144 -51.32 45.76 -67.86
C LEU PD 144 -52.37 44.71 -68.18
N ALA PD 145 -52.71 43.88 -67.20
CA ALA PD 145 -53.73 42.85 -67.41
C ALA PD 145 -55.09 43.46 -67.73
N ASN PD 146 -55.44 44.57 -67.08
CA ASN PD 146 -56.73 45.19 -67.34
C ASN PD 146 -56.78 45.85 -68.72
N LEU PD 147 -55.67 46.41 -69.18
CA LEU PD 147 -55.67 47.05 -70.49
C LEU PD 147 -55.94 46.04 -71.60
N SER PD 148 -55.37 44.84 -71.49
CA SER PD 148 -55.57 43.82 -72.52
C SER PD 148 -57.05 43.49 -72.67
N LEU PD 149 -57.74 43.23 -71.56
CA LEU PD 149 -59.12 42.80 -71.62
C LEU PD 149 -60.06 43.94 -72.02
N GLU PD 150 -59.75 45.16 -71.59
CA GLU PD 150 -60.64 46.27 -71.88
C GLU PD 150 -60.56 46.68 -73.36
N LEU PD 151 -59.35 46.73 -73.92
CA LEU PD 151 -59.16 47.16 -75.29
C LEU PD 151 -59.07 46.02 -76.28
N ARG PD 152 -59.07 44.77 -75.82
CA ARG PD 152 -59.05 43.60 -76.70
C ARG PD 152 -57.84 43.64 -77.62
N LYS PD 153 -56.66 43.61 -77.01
CA LYS PD 153 -55.40 43.69 -77.73
C LYS PD 153 -54.35 43.02 -76.84
N PRO PD 154 -53.43 42.25 -77.42
CA PRO PD 154 -52.46 41.53 -76.58
C PRO PD 154 -51.32 42.43 -76.15
N ILE PD 155 -50.96 42.34 -74.86
CA ILE PD 155 -49.86 43.10 -74.28
C ILE PD 155 -48.96 42.10 -73.56
N THR PD 156 -47.72 42.00 -74.01
CA THR PD 156 -46.80 40.99 -73.52
C THR PD 156 -45.93 41.55 -72.40
N PHE PD 157 -45.52 40.67 -71.50
CA PHE PD 157 -44.91 41.02 -70.22
C PHE PD 157 -43.44 40.63 -70.26
N GLY PD 158 -42.60 41.54 -70.74
CA GLY PD 158 -41.17 41.30 -70.79
C GLY PD 158 -40.44 41.86 -69.58
N VAL PD 159 -41.18 42.14 -68.52
CA VAL PD 159 -40.62 42.76 -67.33
C VAL PD 159 -39.88 41.70 -66.52
N ILE PD 160 -38.64 41.99 -66.17
CA ILE PD 160 -37.81 41.06 -65.40
C ILE PD 160 -37.55 41.63 -64.02
N THR PD 161 -36.83 40.87 -63.20
CA THR PD 161 -36.54 41.25 -61.82
C THR PD 161 -35.05 41.05 -61.54
N ALA PD 162 -34.57 41.75 -60.52
CA ALA PD 162 -33.18 41.67 -60.11
C ALA PD 162 -32.25 42.06 -61.27
#